data_7UA9
#
_entry.id   7UA9
#
_cell.length_a   1.00
_cell.length_b   1.00
_cell.length_c   1.00
_cell.angle_alpha   90.00
_cell.angle_beta   90.00
_cell.angle_gamma   90.00
#
_symmetry.space_group_name_H-M   'P 1'
#
loop_
_entity.id
_entity.type
_entity.pdbx_description
1 polymer 'Peptidyl-prolyl cis-trans isomerase FKBP1B'
2 polymer 'Ryanodine receptor 2'
3 non-polymer 'ZINC ION'
4 non-polymer "ADENOSINE-5'-TRIPHOSPHATE"
5 non-polymer 'CALCIUM ION'
6 non-polymer XANTHINE
#
loop_
_entity_poly.entity_id
_entity_poly.type
_entity_poly.pdbx_seq_one_letter_code
_entity_poly.pdbx_strand_id
1 'polypeptide(L)'
;MGVEIETISPGDGRTFPKKGQTCVVHYTGMLQNGKKFDSSRDRNKPFKFRIGKQEVIKGFEEGAAQMSLGQRAKLTCTPD
VAYGATGHPGVIPPNATLIFDVELLNLE
;
E,F,G,H
2 'polypeptide(L)'
;MADGGEGEDEIQFLRTDDEVVLQCTATIHKEQQKLCLAAEGFGNRLCFLESTSNSKNVPPDLSICTFVLEQSLSVRALQE
MLANTVEKSEGQVDVEKWKFMMKTAQGGGHRTLLYGHAILLRHSYSGMYLCCLSTSRSSTDKLAFDVGLQEDTTGEACWW
TIHPASKQRSEGEKVRVGDDLILVSVSSERYLHLSYGNGSLHVDAAFQQTLWSVAPISSGSEAAQGYLIGGDVLRLLHGH
MDECLTVPSGEHGEEQRRTVHYEGGAVSVHARSLWRLETLRVAWSGSHIRWGQPFRLRHVTTGKYLSLMEDKNLLLMDKE
KADVKSTAFTFRSSKEKLDVGVRKEVDGMGTSEIKYGDSVCYIQHVDTGLWLTYQSVDVKSVRMGSIQRKAIMHHEGHMD
DGISLSRSQHEESRTARVIRSTVFLFNRFIRGLDALSKKAKASTVDLPIESVSLSLQDLIGYFHPPDEHLEHEDKQNRLR
ALKNRQNLFQEEGMINLVLECIDRLHVYSSAAHFADVAGREAGESWKSILNSLYELLAALIRGNRKNCAQFSGSLDWLIS
RLERLEASSGILEVLHCVLVESPEALNIIKEGHIKSIISLLDKHGRNHKVLDVLCSLCVCHGVAVRSNQHLICDNLLPGR
DLLLQTRLVNHVSSMRPNIFLGVSEGSAQYKKWYYELMVDHTEPFVTAEATHLRVGWASTEGYSPYPGGGEEWGGNGVGD
DLFSYGFDGLHLWSGCIARTVSSPNQHLLRTDDVISCCLDLSAPSISFRINGQPVQGMFENFNIDGLFFPVVSFSAGIKV
RFLLGGRHGEFKFLPPPGYAPCYEAVLPKEKLKVEHSREYKQERTYTRDLLGPTVSLTQAAFTPIPVDTSQIVLPPHLER
IREKLAENIHELWVMNKIELGWQYGPVRDDNKRQHPCLVEFSKLPEQERNYNLQMSLETLKTLLALGCHVGISDEHAEDK
VKKMKLPKNYQLTSGYKPAPMDLSFIKLTPSQEAMVDKLAENAHNVWARDRIRQGWTYGIQQDVKNRRNPRLVPYTLLDD
RTKKSNKDSLREAVRTLLGYGYNLEAPDQDHAARAEVCSGTGERFRIFRAEKTYAVKAGRWYFEFETVTAGDMRVGWSRP
GCQPDQELGSDERAFAFDGFKAQRWHQGNEHYGRSWQAGDVVGCMVDMNEHTMMFTLNGEILLDDSGSELAFKDFDVGDG
FIPVCSLGVAQVGRMNFGKDVSTLKYFTICGLQEGYEPFAVNTNRDITMWLSKRLPQFLQVPSNHEHIEVTRIDGTIDSS
PCLKVTQKSFGSQNSNTDIMFYRLSMPIECAEVFSKTVAGGLPGAGLFGPKNDLEDYDADSDFEVLMKTAHGHLVPDRVD
KDKEATKPEFNNHKDYAQEKPSRLKQRFLLRRTKPDYSTSHSARLTEDVLADDRDDYDFLMQTSTYYYSVRIFPGQEPAN
VWVGWITSDFHQYDTGFDLDRVRTVTVTLGDEKGKVHESIKRSNCYMVCAGESMSPGQGRNNNGLEIGCVVDAASGLLTF
IANGKELSTYYQVEPSTKLFPAVFAQATSPNVFQFELGRIKNVMPLSAGLFKSEHKNPVPQCPPRLHVQFLSHVLWSRMP
NQFLKVDVSRISERQGWLVQCLDPLQFMSLHIPEENRSVDILELTEQEELLKFHYHTLRLYSAVCALGNHRVAHALCSHV
DEPQLLYAIENKYMPGLLRAGYYDLLIDIHLSSYATARLMMNNEYIVPMTEETKSITLFPDENKKHGLPGIGLSTSLRPR
MQFSSPSFVSISNECYQYSPEFPLDILKSKTIQMLTEAVKEGSLHARDPVGGTTEFLFVPLIKLFYTLLIMGIFHNEDLK
HILQLIEPSVFKEAATPEEESDTLEKELSVDDAKLQGAGEEEAKGGKRPKEGLLQMKLPEPVKLQMCLLLQYLCDCQVRH
RIEAIVAFSDDFVAKLQDNQRFRYNEVMQALNMSAALTARKTKEFRSPPQEQINMLLNFKDDKSECPCPEEIRDQLLDFH
EDLMTHCGIELDEDGSLDGNSDLTIRGRLLSLVEKVTYLKKKQAEKPVESDSKKSSTLQQLISETMVRWAQESVIEDPEL
VRAMFVLLHRQYDGIGGLVRALPKTYTINGVSVEDTINLLASLGQIRSLLSVRMGKEEEKLMIRGLGDIMNNKVFYQHPN
LMRALGMHETVMEVMVNVLGGGESKEITFPKMVANCCRFLCYFCRISRQNQKAMFDHLSYLLENSSVGLASPAMRGSTPL
DVAAASVMDNNELALALREPDLEKVVRYLAGCGLQSCQMLVSKGYPDIGWNPVEGERYLDFLRFAVFCNGESVEENANVV
VRLLIRRPECFGPALRGEGGNGLLAAMEEAIKIAEDPSRDGPSPNSGSSKTLDTEEEEDDTIHMGNAIMTFYSALIDLLG
RCAPEMHLIHAGKGEAIRIRSILRSLIPLGDLVGVISIAFQMPTIAKDGNVVEPDMSAGFCPDHKAAMVLFLDRVYGIEV
QDFLLHLLEVGFLPDLRAAASLDTAALSATDMALALNRYLCTAVLPLLTRCAPLFAGTEHHASLIDSLLHTVYRLSKGCS
LTKAQRDSIEVCLLSICGQLRPSMMQHLLRRLVFDVPLLNEHAKMPLKLLTNHYERCWKYYCLPGGWGNFGAASEEELHL
SRKLFWGIFDALSQKKYEQELFKLALPCLSAVAGALPPDYMESNYVSMMEKQSSMDSEGNFNPQPVDTSNITIPEKLEYF
INKYAEHSHDKWSMDKLANGWIYGEIYSDSSKVQPLMKPYKLLSEKEKEIYRWPIKESLKTMLAWGWRIERTREGDSMAL
YNRTRRISQTSQVSVDAAHGYSPRAIDMSNVTLSRDLHAMAEMMAENYHNIWAKKKKMELESKGGGNHPLLVPYDTLTAK
EKAKDREKAQDILKFLQINGYAVSRGFKDLELDTPSIEKRFAYSFLQQLIRYVDEAHQYILEFDGGSRGKGEHFPYEQEI
KFFAKVVLPLIDQYFKNHRLYFLSAASRPLCSGGHASNKEKEMVTSLFCKLGVLVRHRISLFGNDATSIVNCLHILGQTL
DARTVMKTGLESVKSALRAFLDNAAEDLEKTMENLKQGQFTHTRNQPKGVTQIINYTTVALLPMLSSLFEHIGQHQFGED
LILEDVQVSCYRILTSLYALGTSKSIYVERQRSALGECLAAFAGAFPVAFLETHLDKHNIYSIYNTKSSRERAALSLPTN
VEDVCPNIPSLEKLMEEIVELAESGIRYTQMPHVMEVILPMLCSYMSRWWEHGPENNPERAEMCCTALNSEHMNTLLGNI
LKIIYNNLGIDEGAWMKRLAVFSQPIINKVKPQLLKTHFLPLMEKLKKKAATVVSEEDHLKAEARGDMSEAELLILDEFT
TLARDLYAFYPLLIRFVDYNRAKWLKEPNPEAEELFRMVAEVFIYWSKSHNFKREEQNFVVQNEINNMSFLITDTKSKMS
KAAVSDQERKKMKRKGDRYSMQTSLIVAALKRLLPIGLNICAPGDQELIALAKNRFSLKDTEDEVRDIIRSNIHLQGKLE
DPAIRWQMALYKDLPNRTDDTSDPEKTVERVLDIANVLFHLEQKSKRVGRRHYCLVEHPQRSKKAVWHKLLSKQRKRAVV
ACFRMAPLYNLPRHRAVNLFLQGYEKSWIETEEHYFEDKLIEDLAKPGAEPPEEDEGTKRVDPLHQLILLFSRTALTEKC
KLEEDFLYMAYADIMAKSCHDEEDDDGEEEVKSFEEKEMEKQKLLYQQARLHDRGAAEMVLQTISASKGETGPMVAATLK
LGIAILNGGNSTVQQKMLDYLKEKKDVGFFQSLAGLMQSCSVLDLNAFERQNKAEGLGMVTEEGSGEKVLQDDEFTCDLF
RFLQLLCEGHNSDFQNYLRTQTGNNTTVNIIISTVDYLLRVQESISDFYWYYSGKDVIDEQGQRNFSKAIQVAKQVFNTL
TEYIQGPCTGNQQSLAHSRLWDAVVGFLHVFAHMQMKLSQDSSQIELLKELMDLQKDMVVMLLSMLEGNVVNGTIGKQMV
DMLVESSNNVEMILKFFDMFLKLKDLTSSDTFKEYDPDGKGVISKRDFHKAMESHKHYTQSETEFLLSCAETDENETLDY
EEFVKRFHEPAKDIGFNVAVLLTNLSEHMPNDTRLQTFLELAESVLNYFQPFLGRIEIMGSAKRIERVYFEISESSRTQW
EKPQVKESKRQFIFDVVNEGGEKEKMELFVNFCEDTIFEMQLAAQISESDLNERSANKEESEKERPEEQGPRMAFFSILT
VRSALFALRYNILTLMRMLSLKSLKKQMKKVKKMTVKDMVTAFFSSYWSIFMTLLHFVASVFRGFFRIICSLLLGGSLVE
GAKKIKVAELLANMPDPTQDEVRGDGEEGERKPLEAALPSEDLTDLKELTEESDLLSDIFGLDLKREGGQYKLIPHNPNA
GLSDLMSNPVPMPEVQEKFQEQKAKEEEKEEKEETKSEPEKAEGEDGEKEEKAKEDKGKQKLRQLHTHRYGEPEVPESAF
WKKIIAYQQKLLNYFARNFYNMRMLALFVAFAINFILLFYKVSTSSVVEGKELPTRSSSENAKVTSLDSSSHRIIAVHYV
LEESSGYMEPTLRILAILHTVISFFCIIGYYCLKVPLVIFKREKEVARKLEFDGLYITEQPSEDDIKGQWDRLVINTQSF
PNNYWDKFVKRKVMDKYGEFYGRDRISELLGMDKAALDFSDAREKKKPKKDSSLSAVLNSIDVKYQMWKLGVVFTDNSFL
YLAWYMTMSVLGHYNNFFFAAHLLDIAMGFKTLRTILSSVTHNGKQLVLTVGLLAVVVYLYTVVAFNFFRKFYNKSEDGD
TPDMKCDDMLTCYMFHMYVGVRAGGGIGDEIEDPAGDEYEIYRIIFDITFFFFVIVILLAIIQGLIIDAFGELRDQQEQV
KEDMETKCFICGIGNDYFDTVPHGFETHTLQEHNLANYLFFLMYLINKDETEHTGQESYVWKMYQERCWEFFPAGDCFRK
QYEDQLN
;
A,B,C,D
#
loop_
_chem_comp.id
_chem_comp.type
_chem_comp.name
_chem_comp.formula
ATP non-polymer ADENOSINE-5'-TRIPHOSPHATE 'C10 H16 N5 O13 P3'
CA non-polymer 'CALCIUM ION' 'Ca 2'
XAN non-polymer XANTHINE 'C5 H4 N4 O2'
ZN non-polymer 'ZINC ION' 'Zn 2'
#
# COMPACT_ATOMS: atom_id res chain seq x y z
N GLY A 2 -112.05 -24.86 -63.64
CA GLY A 2 -112.05 -23.48 -64.06
C GLY A 2 -110.90 -23.06 -64.96
N VAL A 3 -110.93 -23.62 -66.17
CA VAL A 3 -109.97 -23.37 -67.25
C VAL A 3 -110.80 -22.93 -68.46
N GLU A 4 -110.42 -21.80 -69.06
CA GLU A 4 -111.03 -21.35 -70.30
C GLU A 4 -110.09 -21.70 -71.44
N ILE A 5 -110.67 -22.17 -72.53
CA ILE A 5 -109.95 -22.58 -73.74
C ILE A 5 -110.33 -21.58 -74.82
N GLU A 6 -109.32 -20.98 -75.46
CA GLU A 6 -109.54 -20.12 -76.62
C GLU A 6 -108.70 -20.61 -77.78
N THR A 7 -109.37 -21.01 -78.86
CA THR A 7 -108.72 -21.69 -79.98
C THR A 7 -107.90 -20.69 -80.79
N ILE A 8 -106.58 -20.72 -80.62
CA ILE A 8 -105.71 -19.91 -81.46
C ILE A 8 -105.68 -20.47 -82.88
N SER A 9 -105.60 -21.79 -83.01
CA SER A 9 -105.66 -22.47 -84.30
C SER A 9 -106.56 -23.69 -84.16
N PRO A 10 -107.41 -23.95 -85.14
CA PRO A 10 -108.28 -25.13 -85.08
C PRO A 10 -107.50 -26.41 -85.31
N GLY A 11 -108.05 -27.50 -84.79
CA GLY A 11 -107.49 -28.82 -85.00
C GLY A 11 -108.36 -29.67 -85.90
N ASP A 12 -108.08 -30.97 -85.98
CA ASP A 12 -108.94 -31.86 -86.75
C ASP A 12 -110.37 -31.85 -86.20
N GLY A 13 -110.52 -31.72 -84.88
CA GLY A 13 -111.81 -31.62 -84.26
C GLY A 13 -112.53 -32.93 -83.99
N ARG A 14 -112.00 -34.06 -84.48
CA ARG A 14 -112.66 -35.34 -84.26
C ARG A 14 -112.02 -36.19 -83.17
N THR A 15 -110.71 -36.12 -83.01
CA THR A 15 -110.00 -36.95 -82.04
C THR A 15 -109.75 -36.16 -80.75
N PHE A 16 -110.12 -36.74 -79.61
CA PHE A 16 -109.94 -36.15 -78.30
C PHE A 16 -109.15 -37.09 -77.38
N PRO A 17 -108.41 -36.56 -76.41
CA PRO A 17 -107.67 -37.42 -75.48
C PRO A 17 -108.59 -38.23 -74.58
N LYS A 18 -108.16 -39.46 -74.24
CA LYS A 18 -108.94 -40.42 -73.48
C LYS A 18 -108.16 -40.95 -72.28
N LYS A 19 -108.72 -42.00 -71.67
CA LYS A 19 -108.02 -42.89 -70.77
C LYS A 19 -106.64 -43.28 -71.29
N GLY A 20 -105.64 -43.16 -70.43
CA GLY A 20 -104.38 -43.85 -70.57
C GLY A 20 -103.57 -43.54 -71.80
N GLN A 21 -103.89 -42.46 -72.50
CA GLN A 21 -103.25 -42.12 -73.76
C GLN A 21 -102.36 -40.91 -73.56
N THR A 22 -101.08 -41.07 -73.89
CA THR A 22 -100.11 -40.00 -73.66
C THR A 22 -100.34 -38.84 -74.63
N CYS A 23 -100.25 -37.63 -74.11
CA CYS A 23 -100.38 -36.41 -74.89
C CYS A 23 -99.00 -35.81 -75.13
N VAL A 24 -98.71 -35.50 -76.39
CA VAL A 24 -97.46 -34.86 -76.77
C VAL A 24 -97.77 -33.43 -77.17
N VAL A 25 -97.24 -32.47 -76.41
CA VAL A 25 -97.59 -31.08 -76.56
C VAL A 25 -96.36 -30.20 -76.43
N HIS A 26 -96.29 -29.15 -77.24
CA HIS A 26 -95.43 -28.00 -77.00
C HIS A 26 -96.27 -26.92 -76.33
N TYR A 27 -95.79 -26.42 -75.19
CA TYR A 27 -96.51 -25.43 -74.42
C TYR A 27 -95.59 -24.26 -74.08
N THR A 28 -96.19 -23.07 -73.97
CA THR A 28 -95.50 -21.88 -73.50
C THR A 28 -96.33 -21.25 -72.41
N GLY A 29 -95.80 -21.25 -71.18
CA GLY A 29 -96.50 -20.72 -70.03
C GLY A 29 -95.93 -19.38 -69.62
N MET A 30 -96.83 -18.40 -69.47
CA MET A 30 -96.47 -17.07 -69.01
C MET A 30 -97.42 -16.63 -67.91
N LEU A 31 -96.91 -15.79 -67.01
CA LEU A 31 -97.73 -15.21 -65.96
C LEU A 31 -98.73 -14.22 -66.57
N GLN A 32 -99.71 -13.83 -65.75
CA GLN A 32 -100.79 -12.98 -66.26
C GLN A 32 -100.27 -11.59 -66.63
N ASN A 33 -99.19 -11.14 -65.99
CA ASN A 33 -98.60 -9.85 -66.35
C ASN A 33 -97.92 -9.90 -67.71
N GLY A 34 -97.56 -11.10 -68.18
CA GLY A 34 -96.91 -11.26 -69.46
C GLY A 34 -95.53 -11.86 -69.40
N LYS A 35 -94.99 -12.11 -68.21
CA LYS A 35 -93.66 -12.68 -68.08
C LYS A 35 -93.71 -14.19 -68.29
N LYS A 36 -92.74 -14.70 -69.05
CA LYS A 36 -92.66 -16.11 -69.39
C LYS A 36 -91.80 -16.85 -68.37
N PHE A 37 -92.28 -18.01 -67.94
CA PHE A 37 -91.57 -18.82 -66.96
C PHE A 37 -91.20 -20.21 -67.48
N ASP A 38 -91.94 -20.74 -68.44
CA ASP A 38 -91.66 -22.07 -68.98
C ASP A 38 -91.96 -22.10 -70.47
N SER A 39 -91.17 -22.88 -71.21
CA SER A 39 -91.40 -23.09 -72.63
C SER A 39 -90.74 -24.38 -73.09
N SER A 40 -91.57 -25.39 -73.34
CA SER A 40 -91.07 -26.64 -73.91
C SER A 40 -90.51 -26.42 -75.30
N ARG A 41 -91.02 -25.41 -76.02
CA ARG A 41 -90.44 -25.06 -77.31
C ARG A 41 -89.02 -24.52 -77.15
N ASP A 42 -88.77 -23.77 -76.08
CA ASP A 42 -87.41 -23.36 -75.78
C ASP A 42 -86.51 -24.57 -75.54
N ARG A 43 -86.99 -25.53 -74.75
CA ARG A 43 -86.19 -26.73 -74.48
C ARG A 43 -86.07 -27.62 -75.71
N ASN A 44 -86.92 -27.40 -76.71
CA ASN A 44 -86.97 -28.16 -77.97
C ASN A 44 -87.35 -29.62 -77.75
N LYS A 45 -87.92 -29.95 -76.59
CA LYS A 45 -88.38 -31.30 -76.31
C LYS A 45 -89.88 -31.29 -76.11
N PRO A 46 -90.64 -32.01 -76.95
CA PRO A 46 -92.09 -32.06 -76.74
C PRO A 46 -92.44 -32.71 -75.41
N PHE A 47 -93.36 -32.08 -74.69
CA PHE A 47 -93.76 -32.58 -73.38
C PHE A 47 -94.72 -33.75 -73.54
N LYS A 48 -94.50 -34.79 -72.75
CA LYS A 48 -95.32 -36.00 -72.78
C LYS A 48 -95.96 -36.20 -71.42
N PHE A 49 -97.27 -36.43 -71.41
CA PHE A 49 -97.97 -36.69 -70.16
C PHE A 49 -99.24 -37.51 -70.43
N ARG A 50 -99.73 -38.15 -69.37
CA ARG A 50 -100.89 -39.05 -69.45
C ARG A 50 -102.05 -38.45 -68.67
N ILE A 51 -103.26 -38.58 -69.24
CA ILE A 51 -104.44 -38.04 -68.58
C ILE A 51 -104.82 -38.91 -67.38
N GLY A 52 -105.22 -38.27 -66.30
CA GLY A 52 -105.80 -38.96 -65.16
C GLY A 52 -104.82 -39.47 -64.13
N LYS A 53 -103.52 -39.28 -64.32
CA LYS A 53 -102.53 -39.73 -63.36
C LYS A 53 -102.06 -38.61 -62.43
N GLN A 54 -102.63 -37.42 -62.54
CA GLN A 54 -102.32 -36.28 -61.68
C GLN A 54 -100.82 -36.01 -61.62
N GLU A 55 -100.15 -36.16 -62.76
CA GLU A 55 -98.73 -35.83 -62.86
C GLU A 55 -98.52 -34.38 -63.30
N VAL A 56 -99.48 -33.81 -64.02
CA VAL A 56 -99.42 -32.42 -64.43
C VAL A 56 -100.43 -31.62 -63.61
N ILE A 57 -100.37 -30.29 -63.73
CA ILE A 57 -101.30 -29.46 -62.98
C ILE A 57 -102.72 -29.64 -63.54
N LYS A 58 -103.71 -29.44 -62.67
CA LYS A 58 -105.08 -29.78 -63.00
C LYS A 58 -105.61 -28.91 -64.14
N GLY A 59 -105.25 -27.64 -64.17
CA GLY A 59 -105.66 -26.78 -65.27
C GLY A 59 -105.13 -27.26 -66.61
N PHE A 60 -103.83 -27.61 -66.65
CA PHE A 60 -103.24 -28.15 -67.87
C PHE A 60 -103.94 -29.44 -68.28
N GLU A 61 -104.22 -30.32 -67.31
CA GLU A 61 -104.88 -31.59 -67.62
C GLU A 61 -106.27 -31.36 -68.22
N GLU A 62 -107.07 -30.49 -67.60
CA GLU A 62 -108.41 -30.22 -68.11
C GLU A 62 -108.36 -29.57 -69.48
N GLY A 63 -107.44 -28.63 -69.67
CA GLY A 63 -107.31 -28.00 -70.98
C GLY A 63 -106.95 -28.99 -72.06
N ALA A 64 -105.97 -29.86 -71.78
CA ALA A 64 -105.59 -30.88 -72.76
C ALA A 64 -106.75 -31.84 -73.05
N ALA A 65 -107.52 -32.18 -72.01
CA ALA A 65 -108.68 -33.05 -72.22
C ALA A 65 -109.70 -32.39 -73.14
N GLN A 66 -109.96 -31.09 -72.93
CA GLN A 66 -110.90 -30.39 -73.80
C GLN A 66 -110.33 -30.17 -75.19
N MET A 67 -109.01 -30.19 -75.33
CA MET A 67 -108.37 -29.94 -76.62
C MET A 67 -108.67 -31.07 -77.61
N SER A 68 -108.31 -30.83 -78.86
CA SER A 68 -108.42 -31.80 -79.93
C SER A 68 -107.08 -31.92 -80.64
N LEU A 69 -106.91 -33.00 -81.39
CA LEU A 69 -105.64 -33.27 -82.05
C LEU A 69 -105.31 -32.18 -83.05
N GLY A 70 -104.06 -31.71 -83.00
CA GLY A 70 -103.59 -30.69 -83.91
C GLY A 70 -104.07 -29.28 -83.62
N GLN A 71 -104.80 -29.09 -82.52
CA GLN A 71 -105.36 -27.79 -82.18
C GLN A 71 -104.37 -26.98 -81.36
N ARG A 72 -104.31 -25.68 -81.61
CA ARG A 72 -103.55 -24.75 -80.79
C ARG A 72 -104.51 -23.81 -80.08
N ALA A 73 -104.46 -23.80 -78.75
CA ALA A 73 -105.38 -22.99 -77.96
C ALA A 73 -104.66 -22.42 -76.75
N LYS A 74 -105.24 -21.37 -76.19
CA LYS A 74 -104.70 -20.68 -75.02
C LYS A 74 -105.45 -21.14 -73.78
N LEU A 75 -104.71 -21.50 -72.74
CA LEU A 75 -105.28 -22.01 -71.50
C LEU A 75 -105.08 -20.96 -70.40
N THR A 76 -106.17 -20.57 -69.75
CA THR A 76 -106.11 -19.69 -68.59
C THR A 76 -106.45 -20.51 -67.35
N CYS A 77 -105.53 -20.56 -66.40
CA CYS A 77 -105.68 -21.37 -65.20
C CYS A 77 -105.76 -20.47 -63.97
N THR A 78 -106.82 -20.64 -63.19
CA THR A 78 -106.97 -19.89 -61.95
C THR A 78 -105.95 -20.38 -60.93
N PRO A 79 -105.64 -19.57 -59.91
CA PRO A 79 -104.67 -20.02 -58.89
C PRO A 79 -105.08 -21.32 -58.22
N ASP A 80 -106.37 -21.53 -57.97
CA ASP A 80 -106.79 -22.75 -57.27
C ASP A 80 -106.51 -23.99 -58.10
N VAL A 81 -106.74 -23.93 -59.41
CA VAL A 81 -106.60 -25.12 -60.24
C VAL A 81 -105.14 -25.38 -60.57
N ALA A 82 -104.28 -24.38 -60.39
CA ALA A 82 -102.87 -24.49 -60.72
C ALA A 82 -102.03 -23.82 -59.64
N TYR A 83 -101.34 -24.63 -58.84
CA TYR A 83 -100.33 -24.27 -57.85
C TYR A 83 -100.92 -23.65 -56.58
N GLY A 84 -102.21 -23.40 -56.51
CA GLY A 84 -102.83 -22.97 -55.27
C GLY A 84 -102.28 -21.64 -54.77
N ALA A 85 -102.23 -21.50 -53.44
CA ALA A 85 -101.72 -20.30 -52.81
C ALA A 85 -100.28 -20.43 -52.33
N THR A 86 -99.76 -21.65 -52.17
CA THR A 86 -98.36 -21.83 -51.82
C THR A 86 -97.46 -21.34 -52.95
N GLY A 87 -97.82 -21.65 -54.19
CA GLY A 87 -97.02 -21.28 -55.33
C GLY A 87 -95.83 -22.22 -55.50
N HIS A 88 -95.12 -22.03 -56.61
CA HIS A 88 -93.92 -22.80 -56.89
C HIS A 88 -92.72 -22.02 -56.39
N PRO A 89 -91.94 -22.56 -55.45
CA PRO A 89 -90.86 -21.77 -54.84
C PRO A 89 -89.83 -21.32 -55.87
N GLY A 90 -89.72 -19.99 -56.00
CA GLY A 90 -88.74 -19.39 -56.87
C GLY A 90 -89.17 -19.18 -58.31
N VAL A 91 -90.35 -19.68 -58.70
CA VAL A 91 -90.81 -19.55 -60.07
C VAL A 91 -92.16 -18.85 -60.12
N ILE A 92 -93.16 -19.45 -59.49
CA ILE A 92 -94.54 -18.98 -59.55
C ILE A 92 -94.87 -18.29 -58.23
N PRO A 93 -95.20 -17.01 -58.23
CA PRO A 93 -95.58 -16.32 -56.99
C PRO A 93 -96.90 -16.85 -56.46
N PRO A 94 -97.17 -16.67 -55.17
CA PRO A 94 -98.45 -17.12 -54.60
C PRO A 94 -99.64 -16.43 -55.26
N ASN A 95 -100.73 -17.19 -55.43
CA ASN A 95 -101.98 -16.67 -55.98
C ASN A 95 -101.76 -16.03 -57.35
N ALA A 96 -101.22 -16.81 -58.28
CA ALA A 96 -100.88 -16.33 -59.61
C ALA A 96 -101.71 -17.07 -60.65
N THR A 97 -102.27 -16.31 -61.60
CA THR A 97 -102.99 -16.92 -62.71
C THR A 97 -102.02 -17.26 -63.84
N LEU A 98 -102.13 -18.48 -64.35
CA LEU A 98 -101.21 -19.00 -65.36
C LEU A 98 -101.91 -19.07 -66.71
N ILE A 99 -101.24 -18.59 -67.75
CA ILE A 99 -101.74 -18.62 -69.12
C ILE A 99 -100.78 -19.47 -69.94
N PHE A 100 -101.33 -20.47 -70.64
CA PHE A 100 -100.55 -21.43 -71.41
C PHE A 100 -100.96 -21.38 -72.87
N ASP A 101 -99.98 -21.42 -73.77
CA ASP A 101 -100.21 -21.61 -75.19
C ASP A 101 -99.77 -23.02 -75.57
N VAL A 102 -100.75 -23.90 -75.80
CA VAL A 102 -100.51 -25.33 -75.94
C VAL A 102 -100.93 -25.78 -77.34
N GLU A 103 -100.16 -26.71 -77.90
CA GLU A 103 -100.47 -27.34 -79.18
C GLU A 103 -100.44 -28.86 -78.99
N LEU A 104 -101.55 -29.52 -79.31
CA LEU A 104 -101.66 -30.97 -79.19
C LEU A 104 -101.02 -31.60 -80.43
N LEU A 105 -99.73 -31.91 -80.32
CA LEU A 105 -98.99 -32.42 -81.48
C LEU A 105 -99.46 -33.83 -81.86
N ASN A 106 -99.53 -34.73 -80.90
CA ASN A 106 -99.81 -36.13 -81.21
C ASN A 106 -100.31 -36.85 -79.96
N LEU A 107 -100.98 -37.98 -80.19
CA LEU A 107 -101.47 -38.83 -79.13
C LEU A 107 -100.92 -40.24 -79.32
N GLU A 108 -100.31 -40.78 -78.29
CA GLU A 108 -99.74 -42.12 -78.36
C GLU A 108 -100.44 -43.03 -77.35
N GLY B 2 -31.81 -104.23 73.33
CA GLY B 2 -32.88 -104.50 72.38
C GLY B 2 -32.45 -104.84 70.97
N VAL B 3 -31.81 -106.01 70.86
CA VAL B 3 -31.32 -106.61 69.63
C VAL B 3 -31.96 -108.00 69.55
N GLU B 4 -32.57 -108.31 68.41
CA GLU B 4 -33.08 -109.65 68.14
C GLU B 4 -32.10 -110.36 67.24
N ILE B 5 -31.85 -111.63 67.54
CA ILE B 5 -30.95 -112.49 66.80
C ILE B 5 -31.80 -113.53 66.11
N GLU B 6 -31.64 -113.69 64.79
CA GLU B 6 -32.28 -114.76 64.05
C GLU B 6 -31.22 -115.55 63.28
N THR B 7 -31.10 -116.83 63.61
CA THR B 7 -30.01 -117.67 63.11
C THR B 7 -30.25 -118.01 61.65
N ILE B 8 -29.52 -117.35 60.75
CA ILE B 8 -29.56 -117.71 59.34
C ILE B 8 -28.87 -119.05 59.12
N SER B 9 -27.72 -119.25 59.77
CA SER B 9 -27.01 -120.52 59.72
C SER B 9 -26.52 -120.85 61.13
N PRO B 10 -26.64 -122.10 61.55
CA PRO B 10 -26.16 -122.48 62.89
C PRO B 10 -24.64 -122.51 62.96
N GLY B 11 -24.14 -122.34 64.18
CA GLY B 11 -22.72 -122.42 64.43
C GLY B 11 -22.37 -123.66 65.22
N ASP B 12 -21.14 -123.73 65.74
CA ASP B 12 -20.77 -124.85 66.60
C ASP B 12 -21.65 -124.89 67.84
N GLY B 13 -22.03 -123.74 68.36
CA GLY B 13 -22.94 -123.65 69.49
C GLY B 13 -22.31 -123.79 70.85
N ARG B 14 -21.02 -124.14 70.93
CA ARG B 14 -20.37 -124.31 72.24
C ARG B 14 -19.49 -123.13 72.64
N THR B 15 -18.84 -122.46 71.69
CA THR B 15 -17.92 -121.38 71.99
C THR B 15 -18.63 -120.03 71.82
N PHE B 16 -18.54 -119.18 72.85
CA PHE B 16 -19.13 -117.84 72.86
C PHE B 16 -18.06 -116.78 73.15
N PRO B 17 -18.24 -115.56 72.64
CA PRO B 17 -17.27 -114.49 72.93
C PRO B 17 -17.26 -114.09 74.40
N LYS B 18 -16.08 -113.73 74.90
CA LYS B 18 -15.84 -113.41 76.30
C LYS B 18 -15.16 -112.05 76.47
N LYS B 19 -14.71 -111.81 77.70
CA LYS B 19 -13.73 -110.78 78.02
C LYS B 19 -12.57 -110.77 77.04
N GLY B 20 -12.24 -109.57 76.55
CA GLY B 20 -10.95 -109.27 75.96
C GLY B 20 -10.57 -110.06 74.74
N GLN B 21 -11.52 -110.74 74.10
CA GLN B 21 -11.25 -111.62 72.98
C GLN B 21 -11.78 -110.97 71.71
N THR B 22 -10.89 -110.81 70.73
CA THR B 22 -11.26 -110.12 69.49
C THR B 22 -12.18 -111.01 68.65
N CYS B 23 -13.21 -110.38 68.09
CA CYS B 23 -14.15 -111.05 67.20
C CYS B 23 -13.83 -110.69 65.76
N VAL B 24 -13.73 -111.70 64.90
CA VAL B 24 -13.50 -111.52 63.47
C VAL B 24 -14.78 -111.87 62.75
N VAL B 25 -15.39 -110.89 62.08
CA VAL B 25 -16.71 -111.03 61.49
C VAL B 25 -16.75 -110.37 60.13
N HIS B 26 -17.46 -111.00 59.19
CA HIS B 26 -17.96 -110.34 57.99
C HIS B 26 -19.40 -109.96 58.24
N TYR B 27 -19.72 -108.69 58.01
CA TYR B 27 -21.06 -108.17 58.26
C TYR B 27 -21.56 -107.40 57.05
N THR B 28 -22.87 -107.43 56.85
CA THR B 28 -23.54 -106.63 55.83
C THR B 28 -24.69 -105.88 56.49
N GLY B 29 -24.58 -104.56 56.55
CA GLY B 29 -25.58 -103.72 57.18
C GLY B 29 -26.43 -103.01 56.13
N MET B 30 -27.75 -103.13 56.31
CA MET B 30 -28.71 -102.45 55.44
C MET B 30 -29.78 -101.78 56.29
N LEU B 31 -30.31 -100.68 55.77
CA LEU B 31 -31.40 -99.99 56.42
C LEU B 31 -32.67 -100.84 56.38
N GLN B 32 -33.67 -100.45 57.18
CA GLN B 32 -34.88 -101.25 57.30
C GLN B 32 -35.67 -101.27 56.00
N ASN B 33 -35.54 -100.23 55.18
CA ASN B 33 -36.21 -100.23 53.88
C ASN B 33 -35.58 -101.20 52.91
N GLY B 34 -34.33 -101.61 53.15
CA GLY B 34 -33.64 -102.55 52.30
C GLY B 34 -32.39 -102.00 51.64
N LYS B 35 -32.08 -100.72 51.82
CA LYS B 35 -30.89 -100.14 51.21
C LYS B 35 -29.65 -100.47 52.03
N LYS B 36 -28.58 -100.85 51.32
CA LYS B 36 -27.33 -101.26 51.94
C LYS B 36 -26.40 -100.05 52.12
N PHE B 37 -25.79 -99.94 53.29
CA PHE B 37 -24.87 -98.84 53.57
C PHE B 37 -23.46 -99.28 53.91
N ASP B 38 -23.28 -100.51 54.40
CA ASP B 38 -21.96 -101.01 54.76
C ASP B 38 -21.88 -102.49 54.46
N SER B 39 -20.68 -102.93 54.05
CA SER B 39 -20.43 -104.35 53.82
C SER B 39 -18.93 -104.63 53.91
N SER B 40 -18.52 -105.26 55.01
CA SER B 40 -17.13 -105.70 55.12
C SER B 40 -16.78 -106.74 54.08
N ARG B 41 -17.78 -107.51 53.62
CA ARG B 41 -17.54 -108.44 52.52
C ARG B 41 -17.22 -107.70 51.24
N ASP B 42 -17.86 -106.55 51.01
CA ASP B 42 -17.49 -105.72 49.88
C ASP B 42 -16.05 -105.26 50.00
N ARG B 43 -15.65 -104.80 51.19
CA ARG B 43 -14.27 -104.35 51.37
C ARG B 43 -13.28 -105.51 51.35
N ASN B 44 -13.77 -106.74 51.48
CA ASN B 44 -12.98 -107.98 51.49
C ASN B 44 -12.04 -108.05 52.68
N LYS B 45 -12.26 -107.24 53.71
CA LYS B 45 -11.45 -107.26 54.92
C LYS B 45 -12.32 -107.66 56.11
N PRO B 46 -12.03 -108.79 56.76
CA PRO B 46 -12.83 -109.17 57.94
C PRO B 46 -12.70 -108.14 59.05
N PHE B 47 -13.83 -107.77 59.62
CA PHE B 47 -13.84 -106.77 60.68
C PHE B 47 -13.39 -107.38 62.00
N LYS B 48 -12.55 -106.66 62.72
CA LYS B 48 -12.00 -107.12 63.99
C LYS B 48 -12.41 -106.14 65.08
N PHE B 49 -12.95 -106.65 66.19
CA PHE B 49 -13.32 -105.80 67.30
C PHE B 49 -13.31 -106.60 68.60
N ARG B 50 -13.23 -105.89 69.72
CA ARG B 50 -13.12 -106.47 71.04
C ARG B 50 -14.37 -106.16 71.85
N ILE B 51 -14.86 -107.15 72.60
CA ILE B 51 -16.06 -106.97 73.42
C ILE B 51 -15.73 -106.09 74.63
N GLY B 52 -16.65 -105.19 74.95
CA GLY B 52 -16.58 -104.44 76.18
C GLY B 52 -15.79 -103.15 76.13
N LYS B 53 -15.19 -102.81 74.99
CA LYS B 53 -14.43 -101.58 74.86
C LYS B 53 -15.22 -100.45 74.21
N GLN B 54 -16.51 -100.67 73.93
CA GLN B 54 -17.39 -99.65 73.36
C GLN B 54 -16.79 -99.00 72.12
N GLU B 55 -16.12 -99.80 71.30
CA GLU B 55 -15.59 -99.31 70.03
C GLU B 55 -16.59 -99.51 68.90
N VAL B 56 -17.48 -100.49 69.02
CA VAL B 56 -18.51 -100.72 68.03
C VAL B 56 -19.85 -100.30 68.61
N ILE B 57 -20.89 -100.27 67.77
CA ILE B 57 -22.20 -99.87 68.25
C ILE B 57 -22.74 -100.95 69.20
N LYS B 58 -23.59 -100.51 70.12
CA LYS B 58 -24.04 -101.37 71.22
C LYS B 58 -24.86 -102.55 70.70
N GLY B 59 -25.69 -102.32 69.70
CA GLY B 59 -26.45 -103.42 69.11
C GLY B 59 -25.55 -104.48 68.50
N PHE B 60 -24.55 -104.06 67.73
CA PHE B 60 -23.58 -105.00 67.17
C PHE B 60 -22.84 -105.76 68.27
N GLU B 61 -22.44 -105.05 69.32
CA GLU B 61 -21.72 -105.70 70.41
C GLU B 61 -22.57 -106.76 71.09
N GLU B 62 -23.83 -106.42 71.42
CA GLU B 62 -24.72 -107.38 72.07
C GLU B 62 -25.01 -108.57 71.16
N GLY B 63 -25.25 -108.31 69.87
CA GLY B 63 -25.48 -109.40 68.94
C GLY B 63 -24.30 -110.34 68.85
N ALA B 64 -23.08 -109.80 68.73
CA ALA B 64 -21.89 -110.63 68.67
C ALA B 64 -21.71 -111.42 69.96
N ALA B 65 -22.01 -110.80 71.10
CA ALA B 65 -21.91 -111.51 72.37
C ALA B 65 -22.88 -112.69 72.42
N GLN B 66 -24.11 -112.49 71.94
CA GLN B 66 -25.07 -113.59 71.92
C GLN B 66 -24.71 -114.63 70.87
N MET B 67 -23.94 -114.25 69.86
CA MET B 67 -23.59 -115.16 68.77
C MET B 67 -22.68 -116.28 69.28
N SER B 68 -22.49 -117.28 68.41
CA SER B 68 -21.59 -118.39 68.67
C SER B 68 -20.64 -118.53 67.48
N LEU B 69 -19.55 -119.25 67.70
CA LEU B 69 -18.51 -119.38 66.68
C LEU B 69 -19.06 -120.08 65.44
N GLY B 70 -18.76 -119.51 64.28
CA GLY B 70 -19.20 -120.07 63.01
C GLY B 70 -20.66 -119.87 62.69
N GLN B 71 -21.39 -119.12 63.51
CA GLN B 71 -22.82 -118.92 63.30
C GLN B 71 -23.06 -117.71 62.42
N ARG B 72 -24.05 -117.80 61.55
CA ARG B 72 -24.52 -116.68 60.74
C ARG B 72 -25.94 -116.32 61.18
N ALA B 73 -26.12 -115.08 61.62
CA ALA B 73 -27.41 -114.65 62.12
C ALA B 73 -27.67 -113.20 61.72
N LYS B 74 -28.94 -112.82 61.74
CA LYS B 74 -29.38 -111.48 61.38
C LYS B 74 -29.62 -110.66 62.65
N LEU B 75 -29.07 -109.46 62.69
CA LEU B 75 -29.17 -108.58 63.84
C LEU B 75 -30.08 -107.41 63.50
N THR B 76 -31.12 -107.20 64.32
CA THR B 76 -31.98 -106.02 64.19
C THR B 76 -31.70 -105.09 65.37
N CYS B 77 -31.28 -103.87 65.06
CA CYS B 77 -30.89 -102.89 66.07
C CYS B 77 -31.86 -101.72 66.06
N THR B 78 -32.44 -101.43 67.22
CA THR B 78 -33.32 -100.28 67.36
C THR B 78 -32.52 -99.00 67.26
N PRO B 79 -33.18 -97.87 66.94
CA PRO B 79 -32.43 -96.61 66.86
C PRO B 79 -31.69 -96.24 68.14
N ASP B 80 -32.28 -96.53 69.30
CA ASP B 80 -31.62 -96.17 70.56
C ASP B 80 -30.32 -96.92 70.76
N VAL B 81 -30.29 -98.21 70.41
CA VAL B 81 -29.11 -99.02 70.69
C VAL B 81 -28.03 -98.78 69.64
N ALA B 82 -28.41 -98.20 68.50
CA ALA B 82 -27.49 -97.96 67.40
C ALA B 82 -27.74 -96.59 66.80
N TYR B 83 -26.82 -95.67 67.04
CA TYR B 83 -26.71 -94.33 66.45
C TYR B 83 -27.73 -93.34 66.99
N GLY B 84 -28.68 -93.76 67.84
CA GLY B 84 -29.56 -92.81 68.48
C GLY B 84 -30.42 -92.03 67.51
N ALA B 85 -30.72 -90.78 67.88
CA ALA B 85 -31.51 -89.89 67.05
C ALA B 85 -30.68 -88.90 66.24
N THR B 86 -29.42 -88.67 66.61
CA THR B 86 -28.56 -87.82 65.80
C THR B 86 -28.27 -88.46 64.46
N GLY B 87 -28.04 -89.77 64.44
CA GLY B 87 -27.70 -90.48 63.22
C GLY B 87 -26.26 -90.26 62.83
N HIS B 88 -25.85 -90.99 61.79
CA HIS B 88 -24.51 -90.84 61.24
C HIS B 88 -24.56 -89.85 60.09
N PRO B 89 -23.83 -88.74 60.17
CA PRO B 89 -23.97 -87.69 59.15
C PRO B 89 -23.62 -88.20 57.75
N GLY B 90 -24.62 -88.16 56.86
CA GLY B 90 -24.43 -88.53 55.48
C GLY B 90 -24.61 -90.00 55.16
N VAL B 91 -24.80 -90.85 56.17
CA VAL B 91 -24.94 -92.28 55.94
C VAL B 91 -26.25 -92.78 56.52
N ILE B 92 -26.42 -92.65 57.84
CA ILE B 92 -27.57 -93.19 58.55
C ILE B 92 -28.52 -92.05 58.89
N PRO B 93 -29.75 -92.07 58.40
CA PRO B 93 -30.71 -91.02 58.74
C PRO B 93 -31.09 -91.08 60.20
N PRO B 94 -31.59 -89.98 60.77
CA PRO B 94 -32.01 -90.01 62.18
C PRO B 94 -33.14 -91.00 62.42
N ASN B 95 -33.10 -91.64 63.59
CA ASN B 95 -34.13 -92.59 64.02
C ASN B 95 -34.32 -93.71 63.00
N ALA B 96 -33.23 -94.42 62.71
CA ALA B 96 -33.23 -95.47 61.69
C ALA B 96 -32.92 -96.81 62.35
N THR B 97 -33.70 -97.84 61.99
CA THR B 97 -33.44 -99.19 62.46
C THR B 97 -32.45 -99.87 61.53
N LEU B 98 -31.43 -100.50 62.11
CA LEU B 98 -30.33 -101.11 61.36
C LEU B 98 -30.45 -102.63 61.43
N ILE B 99 -30.32 -103.28 60.28
CA ILE B 99 -30.35 -104.73 60.17
C ILE B 99 -28.98 -105.19 59.65
N PHE B 100 -28.37 -106.13 60.37
CA PHE B 100 -27.03 -106.61 60.06
C PHE B 100 -27.08 -108.11 59.80
N ASP B 101 -26.36 -108.56 58.78
CA ASP B 101 -26.11 -109.98 58.53
C ASP B 101 -24.65 -110.27 58.88
N VAL B 102 -24.44 -110.94 60.01
CA VAL B 102 -23.12 -111.10 60.60
C VAL B 102 -22.76 -112.58 60.66
N GLU B 103 -21.49 -112.89 60.42
CA GLU B 103 -20.95 -114.23 60.54
C GLU B 103 -19.73 -114.18 61.44
N LEU B 104 -19.75 -114.96 62.52
CA LEU B 104 -18.63 -115.01 63.47
C LEU B 104 -17.58 -115.97 62.91
N LEU B 105 -16.62 -115.40 62.18
CA LEU B 105 -15.61 -116.21 61.50
C LEU B 105 -14.66 -116.87 62.50
N ASN B 106 -14.12 -116.09 63.43
CA ASN B 106 -13.07 -116.60 64.31
C ASN B 106 -12.96 -115.71 65.55
N LEU B 107 -12.37 -116.28 66.60
CA LEU B 107 -12.11 -115.57 67.85
C LEU B 107 -10.63 -115.67 68.16
N GLU B 108 -10.00 -114.52 68.40
CA GLU B 108 -8.59 -114.48 68.72
C GLU B 108 -8.39 -113.90 70.11
N GLY C 2 55.93 46.93 108.98
CA GLY C 2 55.70 45.63 109.60
C GLY C 2 56.45 44.48 108.96
N VAL C 3 57.77 44.52 109.12
CA VAL C 3 58.72 43.52 108.66
C VAL C 3 59.52 43.08 109.89
N GLU C 4 59.61 41.77 110.11
CA GLU C 4 60.46 41.23 111.16
C GLU C 4 61.73 40.71 110.51
N ILE C 5 62.85 40.97 111.16
CA ILE C 5 64.17 40.56 110.72
C ILE C 5 64.66 39.50 111.70
N GLU C 6 65.09 38.35 111.19
CA GLU C 6 65.72 37.34 112.02
C GLU C 6 67.07 36.97 111.41
N THR C 7 68.13 37.20 112.17
CA THR C 7 69.50 37.09 111.66
C THR C 7 69.87 35.62 111.51
N ILE C 8 69.87 35.13 110.27
CA ILE C 8 70.37 33.78 110.00
C ILE C 8 71.88 33.73 110.17
N SER C 9 72.59 34.75 109.67
CA SER C 9 74.02 34.89 109.85
C SER C 9 74.34 36.33 110.19
N PRO C 10 75.24 36.57 111.14
CA PRO C 10 75.60 37.95 111.48
C PRO C 10 76.46 38.59 110.41
N GLY C 11 76.40 39.92 110.38
CA GLY C 11 77.23 40.69 109.46
C GLY C 11 78.31 41.45 110.20
N ASP C 12 78.96 42.39 109.51
CA ASP C 12 79.95 43.22 110.19
C ASP C 12 79.31 44.02 111.31
N GLY C 13 78.07 44.46 111.12
CA GLY C 13 77.32 45.15 112.14
C GLY C 13 77.58 46.64 112.25
N ARG C 14 78.57 47.18 111.53
CA ARG C 14 78.85 48.61 111.61
C ARG C 14 78.32 49.41 110.43
N THR C 15 78.29 48.84 109.23
CA THR C 15 77.86 49.57 108.04
C THR C 15 76.39 49.26 107.74
N PHE C 16 75.59 50.31 107.55
CA PHE C 16 74.17 50.20 107.23
C PHE C 16 73.85 50.96 105.94
N PRO C 17 72.83 50.54 105.20
CA PRO C 17 72.45 51.26 103.97
C PRO C 17 71.89 52.65 104.26
N LYS C 18 72.18 53.59 103.35
CA LYS C 18 71.84 55.01 103.50
C LYS C 18 71.07 55.53 102.29
N LYS C 19 70.94 56.86 102.26
CA LYS C 19 70.60 57.61 101.06
C LYS C 19 71.38 57.16 99.84
N GLY C 20 70.66 56.93 98.74
CA GLY C 20 71.22 56.91 97.40
C GLY C 20 72.28 55.86 97.14
N GLN C 21 72.39 54.85 98.00
CA GLN C 21 73.44 53.85 97.90
C GLN C 21 72.83 52.53 97.46
N THR C 22 73.32 51.99 96.36
CA THR C 22 72.76 50.77 95.81
C THR C 22 73.10 49.57 96.67
N CYS C 23 72.11 48.70 96.88
CA CYS C 23 72.27 47.47 97.64
C CYS C 23 72.37 46.29 96.68
N VAL C 24 73.39 45.46 96.88
CA VAL C 24 73.59 44.25 96.08
C VAL C 24 73.28 43.06 96.97
N VAL C 25 72.24 42.31 96.62
CA VAL C 25 71.72 41.25 97.47
C VAL C 25 71.37 40.02 96.64
N HIS C 26 71.64 38.85 97.18
CA HIS C 26 71.01 37.61 96.74
C HIS C 26 69.85 37.31 97.67
N TYR C 27 68.67 37.09 97.11
CA TYR C 27 67.47 36.85 97.89
C TYR C 27 66.75 35.61 97.38
N THR C 28 66.08 34.93 98.29
CA THR C 28 65.21 33.81 97.96
C THR C 28 63.86 34.03 98.63
N GLY C 29 62.83 34.22 97.81
CA GLY C 29 61.49 34.50 98.30
C GLY C 29 60.60 33.27 98.15
N MET C 30 59.94 32.92 99.25
CA MET C 30 59.00 31.81 99.27
C MET C 30 57.71 32.25 99.96
N LEU C 31 56.60 31.65 99.55
CA LEU C 31 55.33 31.90 100.20
C LEU C 31 55.33 31.29 101.61
N GLN C 32 54.32 31.69 102.40
CA GLN C 32 54.29 31.26 103.80
C GLN C 32 54.07 29.77 103.93
N ASN C 33 53.42 29.15 102.94
CA ASN C 33 53.24 27.70 102.97
C ASN C 33 54.55 26.96 102.71
N GLY C 34 55.54 27.63 102.11
CA GLY C 34 56.82 27.03 101.83
C GLY C 34 57.17 26.95 100.35
N LYS C 35 56.26 27.35 99.46
CA LYS C 35 56.55 27.29 98.03
C LYS C 35 57.39 28.49 97.60
N LYS C 36 58.39 28.22 96.77
CA LYS C 36 59.33 29.23 96.30
C LYS C 36 58.83 29.83 95.00
N PHE C 37 58.89 31.17 94.89
CA PHE C 37 58.45 31.86 93.70
C PHE C 37 59.56 32.68 93.03
N ASP C 38 60.58 33.10 93.77
CA ASP C 38 61.67 33.89 93.21
C ASP C 38 62.97 33.52 93.88
N SER C 39 64.05 33.56 93.11
CA SER C 39 65.39 33.33 93.64
C SER C 39 66.44 33.95 92.73
N SER C 40 67.01 35.07 93.18
CA SER C 40 68.12 35.67 92.45
C SER C 40 69.33 34.75 92.42
N ARG C 41 69.48 33.89 93.43
CA ARG C 41 70.54 32.89 93.39
C ARG C 41 70.31 31.89 92.26
N ASP C 42 69.05 31.54 92.00
CA ASP C 42 68.75 30.70 90.84
C ASP C 42 69.16 31.41 89.56
N ARG C 43 68.83 32.69 89.43
CA ARG C 43 69.19 33.43 88.21
C ARG C 43 70.69 33.69 88.14
N ASN C 44 71.41 33.52 89.25
CA ASN C 44 72.86 33.72 89.38
C ASN C 44 73.25 35.17 89.15
N LYS C 45 72.31 36.11 89.22
CA LYS C 45 72.58 37.53 89.08
C LYS C 45 72.25 38.25 90.37
N PRO C 46 73.22 38.87 91.03
CA PRO C 46 72.91 39.61 92.26
C PRO C 46 71.97 40.78 91.97
N PHE C 47 70.94 40.90 92.81
CA PHE C 47 69.96 41.96 92.62
C PHE C 47 70.50 43.29 93.13
N LYS C 48 70.27 44.34 92.34
CA LYS C 48 70.75 45.68 92.66
C LYS C 48 69.55 46.60 92.80
N PHE C 49 69.50 47.36 93.88
CA PHE C 49 68.43 48.33 94.06
C PHE C 49 68.88 49.46 94.98
N ARG C 50 68.17 50.58 94.92
CA ARG C 50 68.51 51.80 95.65
C ARG C 50 67.43 52.09 96.68
N ILE C 51 67.85 52.50 97.88
CA ILE C 51 66.90 52.81 98.94
C ILE C 51 66.17 54.12 98.64
N GLY C 52 64.88 54.15 98.92
CA GLY C 52 64.11 55.37 98.89
C GLY C 52 63.52 55.73 97.55
N LYS C 53 63.73 54.94 96.51
CA LYS C 53 63.18 55.22 95.19
C LYS C 53 61.93 54.42 94.90
N GLN C 54 61.43 53.64 95.86
CA GLN C 54 60.20 52.87 95.74
C GLN C 54 60.19 52.01 94.48
N GLU C 55 61.35 51.44 94.15
CA GLU C 55 61.44 50.52 93.03
C GLU C 55 61.22 49.08 93.46
N VAL C 56 61.51 48.76 94.72
CA VAL C 56 61.28 47.45 95.27
C VAL C 56 60.09 47.51 96.22
N ILE C 57 59.63 46.34 96.66
CA ILE C 57 58.50 46.31 97.59
C ILE C 57 58.93 46.88 98.94
N LYS C 58 57.95 47.44 99.66
CA LYS C 58 58.25 48.21 100.86
C LYS C 58 58.83 47.32 101.96
N GLY C 59 58.34 46.10 102.08
CA GLY C 59 58.91 45.18 103.06
C GLY C 59 60.37 44.87 102.78
N PHE C 60 60.70 44.58 101.52
CA PHE C 60 62.08 44.35 101.14
C PHE C 60 62.94 45.58 101.43
N GLU C 61 62.43 46.76 101.10
CA GLU C 61 63.19 47.99 101.33
C GLU C 61 63.48 48.20 102.82
N GLU C 62 62.46 48.04 103.66
CA GLU C 62 62.65 48.22 105.10
C GLU C 62 63.59 47.17 105.66
N GLY C 63 63.46 45.92 105.22
CA GLY C 63 64.36 44.88 105.69
C GLY C 63 65.80 45.17 105.32
N ALA C 64 66.04 45.57 104.07
CA ALA C 64 67.40 45.90 103.65
C ALA C 64 67.94 47.09 104.42
N ALA C 65 67.08 48.08 104.71
CA ALA C 65 67.52 49.23 105.49
C ALA C 65 67.94 48.80 106.90
N GLN C 66 67.17 47.91 107.52
CA GLN C 66 67.53 47.43 108.85
C GLN C 66 68.75 46.51 108.80
N MET C 67 69.03 45.90 107.64
CA MET C 67 70.13 44.97 107.52
C MET C 67 71.48 45.69 107.67
N SER C 68 72.54 44.88 107.79
CA SER C 68 73.90 45.36 107.85
C SER C 68 74.72 44.62 106.80
N LEU C 69 75.89 45.18 106.49
CA LEU C 69 76.72 44.63 105.43
C LEU C 69 77.19 43.22 105.78
N GLY C 70 77.06 42.30 104.83
CA GLY C 70 77.48 40.93 105.01
C GLY C 70 76.56 40.09 105.85
N GLN C 71 75.42 40.62 106.27
CA GLN C 71 74.49 39.91 107.14
C GLN C 71 73.51 39.11 106.30
N ARG C 72 73.17 37.91 106.78
CA ARG C 72 72.11 37.09 106.19
C ARG C 72 70.97 36.98 107.19
N ALA C 73 69.77 37.42 106.78
CA ALA C 73 68.62 37.42 107.66
C ALA C 73 67.36 37.07 106.88
N LYS C 74 66.34 36.65 107.61
CA LYS C 74 65.06 36.26 107.03
C LYS C 74 64.06 37.40 107.21
N LEU C 75 63.38 37.75 106.13
CA LEU C 75 62.42 38.85 106.12
C LEU C 75 61.02 38.29 106.00
N THR C 76 60.14 38.66 106.93
CA THR C 76 58.73 38.32 106.86
C THR C 76 57.94 39.58 106.54
N CYS C 77 57.22 39.56 105.43
CA CYS C 77 56.48 40.73 104.95
C CYS C 77 54.98 40.44 104.98
N THR C 78 54.24 41.31 105.67
CA THR C 78 52.79 41.20 105.71
C THR C 78 52.20 41.53 104.34
N PRO C 79 50.97 41.08 104.07
CA PRO C 79 50.37 41.40 102.77
C PRO C 79 50.29 42.88 102.48
N ASP C 80 50.02 43.71 103.50
CA ASP C 80 49.88 45.14 103.26
C ASP C 80 51.18 45.76 102.80
N VAL C 81 52.32 45.35 103.39
CA VAL C 81 53.58 45.99 103.08
C VAL C 81 54.16 45.45 101.77
N ALA C 82 53.64 44.30 101.31
CA ALA C 82 54.14 43.67 100.09
C ALA C 82 52.98 43.13 99.28
N TYR C 83 52.69 43.78 98.15
CA TYR C 83 51.75 43.39 97.10
C TYR C 83 50.29 43.59 97.49
N GLY C 84 49.97 43.97 98.73
CA GLY C 84 48.60 44.31 99.08
C GLY C 84 47.64 43.15 98.91
N ALA C 85 46.40 43.48 98.54
CA ALA C 85 45.36 42.49 98.33
C ALA C 85 45.15 42.14 96.86
N THR C 86 45.60 42.99 95.93
CA THR C 86 45.51 42.65 94.52
C THR C 86 46.40 41.46 94.19
N GLY C 87 47.61 41.43 94.77
CA GLY C 87 48.55 40.37 94.48
C GLY C 87 49.24 40.58 93.15
N HIS C 88 50.22 39.72 92.88
CA HIS C 88 50.93 39.74 91.62
C HIS C 88 50.28 38.75 90.67
N PRO C 89 49.75 39.19 89.53
CA PRO C 89 48.99 38.29 88.66
C PRO C 89 49.81 37.09 88.20
N GLY C 90 49.38 35.90 88.59
CA GLY C 90 49.99 34.66 88.17
C GLY C 90 51.13 34.18 89.03
N VAL C 91 51.57 34.96 90.01
CA VAL C 91 52.70 34.57 90.85
C VAL C 91 52.29 34.57 92.32
N ILE C 92 51.88 35.72 92.84
CA ILE C 92 51.58 35.91 94.25
C ILE C 92 50.07 35.93 94.41
N PRO C 93 49.47 35.01 95.17
CA PRO C 93 48.02 35.05 95.39
C PRO C 93 47.64 36.24 96.25
N PRO C 94 46.38 36.68 96.19
CA PRO C 94 45.95 37.80 97.02
C PRO C 94 46.09 37.51 98.51
N ASN C 95 46.45 38.55 99.26
CA ASN C 95 46.59 38.48 100.72
C ASN C 95 47.55 37.36 101.13
N ALA C 96 48.79 37.45 100.63
CA ALA C 96 49.81 36.43 100.86
C ALA C 96 50.96 37.04 101.64
N THR C 97 51.42 36.33 102.66
CA THR C 97 52.60 36.74 103.40
C THR C 97 53.85 36.21 102.74
N LEU C 98 54.84 37.09 102.55
CA LEU C 98 56.06 36.76 101.83
C LEU C 98 57.22 36.64 102.80
N ILE C 99 58.01 35.59 102.66
CA ILE C 99 59.21 35.35 103.47
C ILE C 99 60.41 35.36 102.54
N PHE C 100 61.41 36.16 102.88
CA PHE C 100 62.61 36.35 102.06
C PHE C 100 63.84 35.97 102.85
N ASP C 101 64.76 35.27 102.20
CA ASP C 101 66.10 35.02 102.75
C ASP C 101 67.09 35.87 101.96
N VAL C 102 67.58 36.93 102.59
CA VAL C 102 68.35 37.97 101.92
C VAL C 102 69.76 38.04 102.52
N GLU C 103 70.74 38.27 101.67
CA GLU C 103 72.13 38.48 102.08
C GLU C 103 72.63 39.78 101.47
N LEU C 104 73.09 40.70 102.33
CA LEU C 104 73.60 41.99 101.87
C LEU C 104 75.04 41.80 101.43
N LEU C 105 75.23 41.54 100.14
CA LEU C 105 76.56 41.24 99.62
C LEU C 105 77.47 42.46 99.65
N ASN C 106 76.99 43.59 99.13
CA ASN C 106 77.85 44.76 98.98
C ASN C 106 77.00 46.01 98.83
N LEU C 107 77.62 47.16 99.10
CA LEU C 107 76.99 48.46 98.94
C LEU C 107 77.84 49.32 98.02
N GLU C 108 77.22 49.86 96.99
CA GLU C 108 77.92 50.71 96.03
C GLU C 108 77.34 52.11 96.05
N GLY D 2 -23.49 126.14 -28.26
CA GLY D 2 -22.63 126.48 -27.13
C GLY D 2 -21.18 126.06 -27.26
N VAL D 3 -20.51 126.73 -28.21
CA VAL D 3 -19.10 126.57 -28.52
C VAL D 3 -18.47 127.96 -28.40
N GLU D 4 -17.37 128.06 -27.65
CA GLU D 4 -16.60 129.29 -27.58
C GLU D 4 -15.39 129.14 -28.46
N ILE D 5 -15.07 130.20 -29.20
CA ILE D 5 -13.94 130.26 -30.11
C ILE D 5 -12.94 131.25 -29.51
N GLU D 6 -11.70 130.82 -29.37
CA GLU D 6 -10.62 131.72 -28.95
C GLU D 6 -9.48 131.64 -29.96
N THR D 7 -9.20 132.78 -30.59
CA THR D 7 -8.28 132.83 -31.73
C THR D 7 -6.84 132.69 -31.25
N ILE D 8 -6.27 131.50 -31.44
CA ILE D 8 -4.85 131.31 -31.15
C ILE D 8 -4.00 132.05 -32.17
N SER D 9 -4.37 131.96 -33.44
CA SER D 9 -3.71 132.70 -34.51
C SER D 9 -4.77 133.28 -35.43
N PRO D 10 -4.60 134.52 -35.87
CA PRO D 10 -5.59 135.12 -36.78
C PRO D 10 -5.48 134.53 -38.18
N GLY D 11 -6.60 134.61 -38.90
CA GLY D 11 -6.65 134.17 -40.28
C GLY D 11 -6.78 135.35 -41.23
N ASP D 12 -7.08 135.07 -42.50
CA ASP D 12 -7.33 136.16 -43.44
C ASP D 12 -8.50 137.03 -43.00
N GLY D 13 -9.51 136.41 -42.39
CA GLY D 13 -10.63 137.13 -41.85
C GLY D 13 -11.73 137.47 -42.84
N ARG D 14 -11.53 137.25 -44.13
CA ARG D 14 -12.55 137.60 -45.12
C ARG D 14 -13.34 136.38 -45.63
N THR D 15 -12.72 135.21 -45.73
CA THR D 15 -13.39 134.03 -46.27
C THR D 15 -13.90 133.15 -45.13
N PHE D 16 -15.18 132.78 -45.19
CA PHE D 16 -15.83 131.92 -44.21
C PHE D 16 -16.45 130.71 -44.88
N PRO D 17 -16.55 129.58 -44.18
CA PRO D 17 -17.19 128.39 -44.76
C PRO D 17 -18.68 128.58 -45.02
N LYS D 18 -19.17 127.96 -46.10
CA LYS D 18 -20.54 128.10 -46.58
C LYS D 18 -21.22 126.74 -46.77
N LYS D 19 -22.38 126.81 -47.42
CA LYS D 19 -23.02 125.64 -48.04
C LYS D 19 -22.03 124.79 -48.82
N GLY D 20 -22.10 123.48 -48.57
CA GLY D 20 -21.57 122.47 -49.48
C GLY D 20 -20.10 122.53 -49.76
N GLN D 21 -19.33 123.26 -48.97
CA GLN D 21 -17.91 123.48 -49.21
C GLN D 21 -17.10 122.69 -48.18
N THR D 22 -16.22 121.82 -48.66
CA THR D 22 -15.45 120.97 -47.77
C THR D 22 -14.41 121.77 -47.01
N CYS D 23 -14.28 121.49 -45.72
CA CYS D 23 -13.29 122.12 -44.86
C CYS D 23 -12.12 121.16 -44.64
N VAL D 24 -10.91 121.65 -44.84
CA VAL D 24 -9.70 120.88 -44.62
C VAL D 24 -9.01 121.45 -43.38
N VAL D 25 -8.92 120.65 -42.33
CA VAL D 25 -8.45 121.12 -41.03
C VAL D 25 -7.53 120.09 -40.39
N HIS D 26 -6.49 120.56 -39.73
CA HIS D 26 -5.76 119.79 -38.73
C HIS D 26 -6.28 120.18 -37.36
N TYR D 27 -6.67 119.18 -36.58
CA TYR D 27 -7.26 119.40 -35.27
C TYR D 27 -6.56 118.53 -34.24
N THR D 28 -6.50 119.03 -33.01
CA THR D 28 -6.01 118.28 -31.86
C THR D 28 -7.03 118.39 -30.74
N GLY D 29 -7.65 117.26 -30.40
CA GLY D 29 -8.69 117.22 -29.39
C GLY D 29 -8.16 116.61 -28.09
N MET D 30 -8.39 117.33 -26.99
CA MET D 30 -8.01 116.86 -25.66
C MET D 30 -9.17 117.06 -24.70
N LEU D 31 -9.24 116.19 -23.70
CA LEU D 31 -10.24 116.31 -22.65
C LEU D 31 -9.94 117.54 -21.79
N GLN D 32 -10.93 117.92 -20.98
CA GLN D 32 -10.80 119.14 -20.19
C GLN D 32 -9.71 119.02 -19.13
N ASN D 33 -9.42 117.80 -18.68
CA ASN D 33 -8.33 117.61 -17.73
C ASN D 33 -6.97 117.81 -18.36
N GLY D 34 -6.89 117.70 -19.69
CA GLY D 34 -5.64 117.87 -20.41
C GLY D 34 -5.18 116.66 -21.18
N LYS D 35 -5.87 115.53 -21.08
CA LYS D 35 -5.46 114.32 -21.78
C LYS D 35 -5.93 114.37 -23.23
N LYS D 36 -5.03 113.97 -24.14
CA LYS D 36 -5.28 114.01 -25.57
C LYS D 36 -5.87 112.68 -26.03
N PHE D 37 -6.90 112.75 -26.86
CA PHE D 37 -7.56 111.55 -27.38
C PHE D 37 -7.51 111.46 -28.90
N ASP D 38 -7.40 112.58 -29.61
CA ASP D 38 -7.37 112.56 -31.07
C ASP D 38 -6.44 113.65 -31.57
N SER D 39 -5.76 113.36 -32.69
CA SER D 39 -4.91 114.34 -33.34
C SER D 39 -4.72 113.97 -34.80
N SER D 40 -5.38 114.73 -35.69
CA SER D 40 -5.16 114.54 -37.12
C SER D 40 -3.73 114.90 -37.51
N ARG D 41 -3.09 115.79 -36.76
CA ARG D 41 -1.67 116.06 -36.99
C ARG D 41 -0.82 114.83 -36.68
N ASP D 42 -1.19 114.07 -35.65
CA ASP D 42 -0.50 112.81 -35.40
C ASP D 42 -0.67 111.86 -36.58
N ARG D 43 -1.89 111.74 -37.10
CA ARG D 43 -2.13 110.85 -38.24
C ARG D 43 -1.50 111.39 -39.52
N ASN D 44 -1.12 112.67 -39.53
CA ASN D 44 -0.50 113.36 -40.67
C ASN D 44 -1.45 113.46 -41.86
N LYS D 45 -2.75 113.26 -41.66
CA LYS D 45 -3.73 113.37 -42.72
C LYS D 45 -4.69 114.51 -42.39
N PRO D 46 -4.76 115.56 -43.20
CA PRO D 46 -5.71 116.63 -42.94
C PRO D 46 -7.15 116.13 -43.01
N PHE D 47 -7.93 116.51 -42.00
CA PHE D 47 -9.33 116.07 -41.94
C PHE D 47 -10.19 116.87 -42.90
N LYS D 48 -11.07 116.18 -43.62
CA LYS D 48 -11.95 116.79 -44.60
C LYS D 48 -13.39 116.54 -44.18
N PHE D 49 -14.20 117.59 -44.18
CA PHE D 49 -15.61 117.45 -43.85
C PHE D 49 -16.41 118.58 -44.48
N ARG D 50 -17.72 118.36 -44.61
CA ARG D 50 -18.64 119.29 -45.26
C ARG D 50 -19.62 119.85 -44.24
N ILE D 51 -19.90 121.14 -44.34
CA ILE D 51 -20.82 121.79 -43.42
C ILE D 51 -22.25 121.37 -43.73
N GLY D 52 -23.04 121.12 -42.68
CA GLY D 52 -24.46 120.92 -42.82
C GLY D 52 -24.90 119.50 -43.08
N LYS D 53 -23.97 118.55 -43.19
CA LYS D 53 -24.32 117.16 -43.43
C LYS D 53 -24.33 116.33 -42.16
N GLN D 54 -24.09 116.95 -41.00
CA GLN D 54 -24.12 116.27 -39.70
C GLN D 54 -23.25 115.02 -39.69
N GLU D 55 -22.09 115.10 -40.35
CA GLU D 55 -21.12 114.01 -40.32
C GLU D 55 -20.12 114.18 -39.18
N VAL D 56 -19.89 115.42 -38.75
CA VAL D 56 -19.00 115.69 -37.63
C VAL D 56 -19.85 116.11 -36.43
N ILE D 57 -19.21 116.22 -35.26
CA ILE D 57 -19.95 116.62 -34.08
C ILE D 57 -20.36 118.09 -34.20
N LYS D 58 -21.47 118.42 -33.54
CA LYS D 58 -22.11 119.72 -33.72
C LYS D 58 -21.21 120.86 -33.25
N GLY D 59 -20.48 120.66 -32.15
CA GLY D 59 -19.55 121.68 -31.69
C GLY D 59 -18.45 121.96 -32.69
N PHE D 60 -17.86 120.91 -33.25
CA PHE D 60 -16.85 121.07 -34.29
C PHE D 60 -17.42 121.78 -35.50
N GLU D 61 -18.63 121.41 -35.91
CA GLU D 61 -19.25 122.04 -37.08
C GLU D 61 -19.47 123.54 -36.84
N GLU D 62 -20.04 123.90 -35.69
CA GLU D 62 -20.28 125.31 -35.39
C GLU D 62 -18.98 126.09 -35.28
N GLY D 63 -17.96 125.50 -34.64
CA GLY D 63 -16.68 126.17 -34.56
C GLY D 63 -16.06 126.41 -35.92
N ALA D 64 -16.08 125.41 -36.79
CA ALA D 64 -15.54 125.58 -38.13
C ALA D 64 -16.33 126.62 -38.91
N ALA D 65 -17.65 126.65 -38.74
CA ALA D 65 -18.46 127.66 -39.40
C ALA D 65 -18.08 129.07 -38.95
N GLN D 66 -17.87 129.24 -37.65
CA GLN D 66 -17.45 130.56 -37.15
C GLN D 66 -16.02 130.89 -37.54
N MET D 67 -15.21 129.88 -37.84
CA MET D 67 -13.81 130.10 -38.18
C MET D 67 -13.67 130.82 -39.52
N SER D 68 -12.45 131.27 -39.80
CA SER D 68 -12.09 131.89 -41.06
C SER D 68 -10.88 131.18 -41.64
N LEU D 69 -10.66 131.40 -42.94
CA LEU D 69 -9.58 130.69 -43.63
C LEU D 69 -8.22 131.05 -43.05
N GLY D 70 -7.41 130.03 -42.81
CA GLY D 70 -6.07 130.23 -42.27
C GLY D 70 -6.01 130.55 -40.80
N GLN D 71 -7.15 130.54 -40.11
CA GLN D 71 -7.19 130.91 -38.70
C GLN D 71 -6.96 129.68 -37.83
N ARG D 72 -6.23 129.86 -36.74
CA ARG D 72 -6.07 128.83 -35.72
C ARG D 72 -6.75 129.28 -34.44
N ALA D 73 -7.70 128.49 -33.96
CA ALA D 73 -8.47 128.86 -32.77
C ALA D 73 -8.78 127.62 -31.95
N LYS D 74 -9.09 127.85 -30.67
CA LYS D 74 -9.40 126.79 -29.72
C LYS D 74 -10.91 126.68 -29.57
N LEU D 75 -11.43 125.46 -29.67
CA LEU D 75 -12.86 125.20 -29.58
C LEU D 75 -13.15 124.49 -28.27
N THR D 76 -14.08 125.03 -27.49
CA THR D 76 -14.56 124.39 -26.28
C THR D 76 -16.00 123.92 -26.53
N CYS D 77 -16.23 122.61 -26.40
CA CYS D 77 -17.51 122.02 -26.69
C CYS D 77 -18.11 121.44 -25.41
N THR D 78 -19.34 121.86 -25.10
CA THR D 78 -20.05 121.33 -23.95
C THR D 78 -20.45 119.88 -24.21
N PRO D 79 -20.73 119.11 -23.15
CA PRO D 79 -21.14 117.72 -23.37
C PRO D 79 -22.37 117.57 -24.25
N ASP D 80 -23.33 118.49 -24.14
CA ASP D 80 -24.56 118.37 -24.93
C ASP D 80 -24.27 118.51 -26.43
N VAL D 81 -23.40 119.45 -26.79
CA VAL D 81 -23.17 119.72 -28.21
C VAL D 81 -22.23 118.68 -28.82
N ALA D 82 -21.51 117.95 -27.97
CA ALA D 82 -20.53 116.97 -28.44
C ALA D 82 -20.62 115.71 -27.57
N TYR D 83 -21.16 114.64 -28.15
CA TYR D 83 -21.22 113.27 -27.64
C TYR D 83 -22.24 113.08 -26.52
N GLY D 84 -22.90 114.12 -26.05
CA GLY D 84 -23.98 113.95 -25.10
C GLY D 84 -23.54 113.31 -23.80
N ALA D 85 -24.45 112.53 -23.21
CA ALA D 85 -24.18 111.82 -21.96
C ALA D 85 -23.81 110.37 -22.15
N THR D 86 -24.12 109.77 -23.31
CA THR D 86 -23.68 108.41 -23.58
C THR D 86 -22.17 108.33 -23.70
N GLY D 87 -21.56 109.32 -24.35
CA GLY D 87 -20.13 109.32 -24.56
C GLY D 87 -19.73 108.38 -25.68
N HIS D 88 -18.44 108.43 -26.03
CA HIS D 88 -17.89 107.55 -27.04
C HIS D 88 -17.30 106.33 -26.35
N PRO D 89 -17.79 105.12 -26.64
CA PRO D 89 -17.35 103.95 -25.89
C PRO D 89 -15.85 103.71 -26.00
N GLY D 90 -15.17 103.78 -24.86
CA GLY D 90 -13.75 103.50 -24.78
C GLY D 90 -12.84 104.69 -25.03
N VAL D 91 -13.39 105.83 -25.43
CA VAL D 91 -12.57 107.00 -25.72
C VAL D 91 -12.99 108.19 -24.87
N ILE D 92 -14.23 108.61 -25.02
CA ILE D 92 -14.75 109.82 -24.38
C ILE D 92 -15.65 109.38 -23.22
N PRO D 93 -15.32 109.74 -21.98
CA PRO D 93 -16.18 109.40 -20.85
C PRO D 93 -17.49 110.16 -20.91
N PRO D 94 -18.54 109.66 -20.25
CA PRO D 94 -19.83 110.37 -20.25
C PRO D 94 -19.71 111.75 -19.63
N ASN D 95 -20.47 112.70 -20.20
CA ASN D 95 -20.54 114.07 -19.72
C ASN D 95 -19.15 114.71 -19.65
N ALA D 96 -18.47 114.74 -20.79
CA ALA D 96 -17.11 115.25 -20.88
C ALA D 96 -17.07 116.47 -21.79
N THR D 97 -16.37 117.51 -21.34
CA THR D 97 -16.17 118.69 -22.17
C THR D 97 -14.94 118.51 -23.04
N LEU D 98 -15.09 118.81 -24.33
CA LEU D 98 -14.05 118.58 -25.33
C LEU D 98 -13.45 119.91 -25.76
N ILE D 99 -12.12 119.98 -25.79
CA ILE D 99 -11.38 121.16 -26.24
C ILE D 99 -10.58 120.77 -27.48
N PHE D 100 -10.75 121.56 -28.54
CA PHE D 100 -10.12 121.29 -29.83
C PHE D 100 -9.24 122.46 -30.23
N ASP D 101 -8.06 122.14 -30.77
CA ASP D 101 -7.20 123.13 -31.41
C ASP D 101 -7.24 122.89 -32.91
N VAL D 102 -7.93 123.76 -33.63
CA VAL D 102 -8.25 123.55 -35.04
C VAL D 102 -7.63 124.65 -35.88
N GLU D 103 -7.15 124.28 -37.07
CA GLU D 103 -6.61 125.22 -38.04
C GLU D 103 -7.31 124.99 -39.38
N LEU D 104 -7.93 126.04 -39.90
CA LEU D 104 -8.65 125.95 -41.18
C LEU D 104 -7.63 126.10 -42.30
N LEU D 105 -7.13 124.95 -42.77
CA LEU D 105 -6.08 124.96 -43.79
C LEU D 105 -6.59 125.46 -45.12
N ASN D 106 -7.70 124.92 -45.61
CA ASN D 106 -8.16 125.24 -46.96
C ASN D 106 -9.64 124.90 -47.08
N LEU D 107 -10.27 125.50 -48.09
CA LEU D 107 -11.67 125.25 -48.41
C LEU D 107 -11.77 124.81 -49.87
N GLU D 108 -12.42 123.68 -50.10
CA GLU D 108 -12.59 123.17 -51.45
C GLU D 108 -14.07 123.11 -51.81
N GLU E 10 -15.10 17.38 -18.59
CA GLU E 10 -15.30 17.81 -19.97
C GLU E 10 -16.79 18.06 -20.21
N ILE E 11 -17.15 19.31 -20.49
CA ILE E 11 -18.54 19.66 -20.67
C ILE E 11 -19.08 19.01 -21.93
N GLN E 12 -20.26 18.41 -21.83
CA GLN E 12 -20.86 17.72 -22.96
C GLN E 12 -21.46 18.73 -23.94
N PHE E 13 -21.56 18.31 -25.21
CA PHE E 13 -22.17 19.11 -26.25
C PHE E 13 -23.34 18.33 -26.84
N LEU E 14 -24.50 18.97 -26.90
CA LEU E 14 -25.71 18.32 -27.40
C LEU E 14 -25.55 17.97 -28.87
N ARG E 15 -26.15 16.85 -29.28
CA ARG E 15 -26.01 16.40 -30.65
C ARG E 15 -27.20 15.54 -31.10
N THR E 16 -27.34 15.41 -32.42
CA THR E 16 -28.40 14.67 -33.07
C THR E 16 -28.40 13.21 -32.60
N ASP E 17 -29.52 12.53 -32.90
CA ASP E 17 -29.78 11.17 -32.46
C ASP E 17 -29.84 11.05 -30.94
N ASP E 18 -29.79 12.18 -30.24
CA ASP E 18 -29.99 12.24 -28.80
C ASP E 18 -31.39 12.77 -28.52
N GLU E 19 -31.94 12.38 -27.38
CA GLU E 19 -33.31 12.71 -27.01
C GLU E 19 -33.29 13.83 -26.00
N VAL E 20 -33.99 14.92 -26.30
CA VAL E 20 -33.93 16.14 -25.50
C VAL E 20 -35.34 16.66 -25.26
N VAL E 21 -35.49 17.47 -24.22
CA VAL E 21 -36.74 18.16 -23.91
C VAL E 21 -36.47 19.66 -23.93
N LEU E 22 -37.35 20.42 -24.56
CA LEU E 22 -37.22 21.86 -24.65
C LEU E 22 -37.98 22.49 -23.48
N GLN E 23 -37.25 23.12 -22.57
CA GLN E 23 -37.83 23.71 -21.38
C GLN E 23 -37.84 25.23 -21.46
N CYS E 24 -38.93 25.81 -20.98
CA CYS E 24 -39.07 27.26 -20.86
C CYS E 24 -39.58 27.59 -19.47
N THR E 25 -39.22 28.78 -18.99
CA THR E 25 -39.57 29.22 -17.65
C THR E 25 -40.81 30.12 -17.69
N ALA E 26 -41.68 29.95 -16.72
CA ALA E 26 -42.89 30.75 -16.58
C ALA E 26 -42.93 31.34 -15.18
N THR E 27 -43.05 32.67 -15.09
CA THR E 27 -43.09 33.36 -13.80
C THR E 27 -44.55 33.64 -13.44
N ILE E 28 -45.11 32.79 -12.59
CA ILE E 28 -46.47 32.93 -12.09
C ILE E 28 -46.42 33.06 -10.58
N HIS E 29 -47.14 34.03 -10.03
CA HIS E 29 -47.10 34.35 -8.61
C HIS E 29 -45.68 34.69 -8.15
N LYS E 30 -44.93 35.37 -9.02
CA LYS E 30 -43.53 35.74 -8.77
C LYS E 30 -42.67 34.49 -8.52
N GLU E 31 -43.11 33.35 -9.07
CA GLU E 31 -42.42 32.08 -8.88
C GLU E 31 -42.21 31.43 -10.25
N GLN E 32 -41.01 30.92 -10.49
CA GLN E 32 -40.68 30.36 -11.79
C GLN E 32 -41.07 28.88 -11.86
N GLN E 33 -41.83 28.52 -12.90
CA GLN E 33 -42.23 27.14 -13.15
C GLN E 33 -41.67 26.72 -14.49
N LYS E 34 -40.84 25.66 -14.49
CA LYS E 34 -40.28 25.15 -15.73
C LYS E 34 -41.31 24.27 -16.45
N LEU E 35 -41.43 24.47 -17.75
CA LEU E 35 -42.40 23.76 -18.58
C LEU E 35 -41.71 23.20 -19.81
N CYS E 36 -42.05 21.97 -20.17
CA CYS E 36 -41.54 21.35 -21.39
C CYS E 36 -42.60 21.42 -22.49
N LEU E 37 -42.13 21.69 -23.71
CA LEU E 37 -43.03 21.75 -24.85
C LEU E 37 -43.58 20.35 -25.14
N ALA E 38 -44.90 20.22 -25.08
CA ALA E 38 -45.56 18.93 -25.24
C ALA E 38 -46.58 19.00 -26.36
N ALA E 39 -46.78 17.86 -27.02
CA ALA E 39 -47.75 17.76 -28.09
C ALA E 39 -48.16 16.30 -28.30
N GLU E 40 -49.45 16.01 -28.13
CA GLU E 40 -49.96 14.66 -28.31
C GLU E 40 -50.12 14.39 -29.80
N GLY E 41 -49.50 13.32 -30.28
CA GLY E 41 -49.44 13.04 -31.70
C GLY E 41 -50.78 12.94 -32.40
N PHE E 42 -51.54 11.89 -32.10
CA PHE E 42 -52.87 11.75 -32.68
C PHE E 42 -53.87 12.56 -31.87
N GLY E 43 -54.76 13.26 -32.56
CA GLY E 43 -55.70 14.14 -31.91
C GLY E 43 -55.34 15.60 -32.04
N ASN E 44 -54.81 16.20 -30.98
CA ASN E 44 -54.49 17.63 -30.97
C ASN E 44 -53.08 17.85 -31.49
N ARG E 45 -52.97 18.32 -32.74
CA ARG E 45 -51.67 18.67 -33.29
C ARG E 45 -51.05 19.88 -32.60
N LEU E 46 -51.86 20.71 -31.95
CA LEU E 46 -51.35 21.91 -31.31
C LEU E 46 -50.48 21.55 -30.11
N CYS E 47 -49.36 22.25 -29.97
CA CYS E 47 -48.46 22.00 -28.85
C CYS E 47 -48.98 22.72 -27.60
N PHE E 48 -48.49 22.26 -26.45
CA PHE E 48 -48.85 22.86 -25.17
C PHE E 48 -47.70 22.66 -24.20
N LEU E 49 -47.95 22.99 -22.93
CA LEU E 49 -46.95 22.88 -21.88
C LEU E 49 -47.52 22.11 -20.70
N GLU E 50 -46.69 21.25 -20.12
CA GLU E 50 -47.02 20.54 -18.89
C GLU E 50 -45.92 20.81 -17.87
N SER E 51 -46.32 20.93 -16.60
CA SER E 51 -45.39 21.36 -15.56
C SER E 51 -44.35 20.29 -15.28
N THR E 52 -43.09 20.72 -15.14
CA THR E 52 -42.00 19.84 -14.74
C THR E 52 -41.38 20.25 -13.40
N SER E 53 -41.83 21.36 -12.83
CA SER E 53 -41.33 21.83 -11.54
C SER E 53 -42.02 21.15 -10.36
N ASN E 54 -43.22 20.63 -10.58
CA ASN E 54 -44.01 19.97 -9.53
C ASN E 54 -43.91 18.45 -9.59
N SER E 55 -42.73 17.93 -9.91
CA SER E 55 -42.56 16.49 -10.11
C SER E 55 -42.92 15.71 -8.85
N LYS E 56 -42.67 16.29 -7.68
CA LYS E 56 -42.97 15.59 -6.43
C LYS E 56 -44.46 15.32 -6.27
N ASN E 57 -45.30 16.31 -6.59
CA ASN E 57 -46.74 16.13 -6.41
C ASN E 57 -47.37 15.54 -7.66
N VAL E 58 -47.07 16.09 -8.83
CA VAL E 58 -47.67 15.66 -10.09
C VAL E 58 -46.56 15.16 -11.01
N PRO E 59 -46.57 13.89 -11.39
CA PRO E 59 -45.54 13.37 -12.31
C PRO E 59 -45.61 14.07 -13.65
N PRO E 60 -44.46 14.39 -14.25
CA PRO E 60 -44.47 14.95 -15.60
C PRO E 60 -44.50 13.85 -16.65
N ASP E 61 -45.26 14.09 -17.71
CA ASP E 61 -45.36 13.15 -18.82
C ASP E 61 -44.35 13.59 -19.89
N LEU E 62 -43.13 13.08 -19.79
CA LEU E 62 -42.04 13.46 -20.69
C LEU E 62 -42.10 12.73 -22.02
N SER E 63 -42.93 11.70 -22.15
CA SER E 63 -43.01 10.96 -23.40
C SER E 63 -43.49 11.84 -24.54
N ILE E 64 -44.21 12.92 -24.22
CA ILE E 64 -44.71 13.84 -25.23
C ILE E 64 -43.89 15.12 -25.22
N CYS E 65 -42.91 15.22 -24.31
CA CYS E 65 -42.02 16.36 -24.24
C CYS E 65 -40.65 16.08 -24.84
N THR E 66 -40.30 14.81 -25.07
CA THR E 66 -39.01 14.45 -25.64
C THR E 66 -39.03 14.62 -27.15
N PHE E 67 -37.95 15.20 -27.69
CA PHE E 67 -37.76 15.36 -29.11
C PHE E 67 -36.38 14.85 -29.52
N VAL E 68 -36.25 14.49 -30.79
CA VAL E 68 -35.00 13.96 -31.34
C VAL E 68 -34.48 14.93 -32.39
N LEU E 69 -33.20 15.26 -32.31
CA LEU E 69 -32.55 16.13 -33.29
C LEU E 69 -32.22 15.29 -34.51
N GLU E 70 -32.87 15.59 -35.63
CA GLU E 70 -32.67 14.82 -36.85
C GLU E 70 -31.42 15.25 -37.59
N GLN E 71 -31.40 16.51 -38.05
CA GLN E 71 -30.31 17.02 -38.88
C GLN E 71 -30.01 18.46 -38.50
N SER E 72 -28.74 18.83 -38.65
CA SER E 72 -28.27 20.20 -38.40
C SER E 72 -27.48 20.66 -39.63
N LEU E 73 -28.19 21.31 -40.55
CA LEU E 73 -27.56 21.77 -41.78
C LEU E 73 -27.32 23.27 -41.74
N SER E 74 -26.31 23.71 -42.49
CA SER E 74 -26.03 25.13 -42.62
C SER E 74 -27.13 25.81 -43.42
N VAL E 75 -27.20 27.14 -43.28
CA VAL E 75 -28.23 27.91 -43.97
C VAL E 75 -28.11 27.73 -45.48
N ARG E 76 -26.87 27.81 -45.99
CA ARG E 76 -26.64 27.67 -47.43
C ARG E 76 -27.05 26.28 -47.91
N ALA E 77 -26.67 25.23 -47.16
CA ALA E 77 -26.98 23.87 -47.58
C ALA E 77 -28.49 23.63 -47.58
N LEU E 78 -29.18 24.08 -46.52
CA LEU E 78 -30.62 23.90 -46.47
C LEU E 78 -31.34 24.69 -47.56
N GLN E 79 -30.91 25.93 -47.82
CA GLN E 79 -31.49 26.69 -48.92
C GLN E 79 -31.30 25.98 -50.25
N GLU E 80 -30.09 25.49 -50.51
CA GLU E 80 -29.82 24.82 -51.78
C GLU E 80 -30.65 23.54 -51.92
N MET E 81 -30.74 22.73 -50.87
CA MET E 81 -31.44 21.47 -50.99
C MET E 81 -32.94 21.68 -51.07
N LEU E 82 -33.45 22.68 -50.35
CA LEU E 82 -34.86 23.04 -50.49
C LEU E 82 -35.16 23.55 -51.90
N ALA E 83 -34.19 24.26 -52.50
CA ALA E 83 -34.35 24.64 -53.90
C ALA E 83 -34.37 23.42 -54.81
N ASN E 84 -33.56 22.41 -54.49
CA ASN E 84 -33.56 21.15 -55.23
C ASN E 84 -34.88 20.41 -55.02
N HIS E 110 -23.00 11.97 -37.90
CA HIS E 110 -23.06 12.39 -36.51
C HIS E 110 -22.08 13.55 -36.28
N ARG E 111 -22.49 14.72 -36.73
CA ARG E 111 -21.70 15.95 -36.71
C ARG E 111 -21.73 16.56 -35.30
N THR E 112 -21.42 17.85 -35.18
CA THR E 112 -21.54 18.59 -33.94
C THR E 112 -22.34 19.88 -34.16
N LEU E 113 -23.32 20.13 -33.28
CA LEU E 113 -24.08 21.37 -33.36
C LEU E 113 -23.20 22.59 -33.20
N LEU E 114 -23.50 23.62 -33.99
CA LEU E 114 -22.91 24.94 -33.85
C LEU E 114 -24.05 25.95 -33.90
N TYR E 115 -23.93 27.04 -33.14
CA TYR E 115 -24.94 28.09 -33.22
C TYR E 115 -24.94 28.70 -34.63
N GLY E 116 -26.13 29.02 -35.11
CA GLY E 116 -26.31 29.45 -36.48
C GLY E 116 -26.78 28.39 -37.44
N HIS E 117 -27.00 27.16 -36.97
CA HIS E 117 -27.54 26.09 -37.78
C HIS E 117 -29.07 26.08 -37.66
N ALA E 118 -29.69 25.26 -38.51
CA ALA E 118 -31.11 24.99 -38.42
C ALA E 118 -31.31 23.53 -38.04
N ILE E 119 -32.07 23.29 -36.98
CA ILE E 119 -32.24 21.96 -36.44
C ILE E 119 -33.63 21.43 -36.82
N LEU E 120 -33.71 20.13 -37.02
CA LEU E 120 -34.95 19.44 -37.32
C LEU E 120 -35.35 18.62 -36.10
N LEU E 121 -36.39 19.10 -35.40
CA LEU E 121 -36.87 18.41 -34.20
C LEU E 121 -38.00 17.46 -34.58
N ARG E 122 -37.83 16.19 -34.22
CA ARG E 122 -38.81 15.15 -34.48
C ARG E 122 -39.36 14.66 -33.14
N HIS E 123 -40.68 14.69 -33.01
CA HIS E 123 -41.32 14.25 -31.77
C HIS E 123 -41.15 12.75 -31.62
N SER E 124 -40.53 12.33 -30.51
CA SER E 124 -40.14 10.94 -30.36
C SER E 124 -41.33 9.99 -30.39
N TYR E 125 -42.42 10.37 -29.70
CA TYR E 125 -43.59 9.50 -29.63
C TYR E 125 -44.31 9.45 -30.98
N SER E 126 -44.75 10.60 -31.47
CA SER E 126 -45.60 10.61 -32.65
C SER E 126 -44.81 10.33 -33.93
N GLY E 127 -43.52 10.70 -33.94
CA GLY E 127 -42.73 10.62 -35.15
C GLY E 127 -42.95 11.77 -36.12
N MET E 128 -43.61 12.85 -35.69
CA MET E 128 -43.86 14.01 -36.51
C MET E 128 -42.96 15.18 -36.08
N TYR E 129 -42.78 16.13 -36.98
CA TYR E 129 -41.79 17.19 -36.80
C TYR E 129 -42.44 18.50 -36.34
N LEU E 130 -41.75 19.19 -35.44
CA LEU E 130 -42.19 20.50 -35.01
C LEU E 130 -42.18 21.48 -36.18
N CYS E 131 -43.17 22.36 -36.22
CA CYS E 131 -43.31 23.30 -37.33
C CYS E 131 -44.18 24.46 -36.89
N CYS E 132 -44.19 25.50 -37.71
CA CYS E 132 -45.16 26.57 -37.61
C CYS E 132 -46.36 26.22 -38.49
N LEU E 133 -47.54 26.16 -37.88
CA LEU E 133 -48.71 25.60 -38.56
C LEU E 133 -49.21 26.49 -39.70
N SER E 134 -48.74 27.74 -39.77
CA SER E 134 -49.14 28.77 -40.73
C SER E 134 -50.57 29.25 -40.46
N THR E 135 -51.29 28.65 -39.53
CA THR E 135 -52.57 29.15 -39.08
C THR E 135 -52.40 29.84 -37.73
N SER E 136 -53.42 30.61 -37.33
CA SER E 136 -53.32 31.39 -36.11
C SER E 136 -54.67 31.43 -35.42
N ARG E 137 -54.68 31.04 -34.14
CA ARG E 137 -55.85 31.29 -33.30
C ARG E 137 -56.03 32.78 -33.04
N SER E 138 -54.97 33.58 -33.20
CA SER E 138 -55.01 35.03 -33.08
C SER E 138 -55.60 35.47 -31.74
N SER E 139 -55.21 34.76 -30.67
CA SER E 139 -55.66 35.10 -29.33
C SER E 139 -55.07 36.40 -28.82
N THR E 140 -53.85 36.74 -29.21
CA THR E 140 -53.25 38.00 -28.79
C THR E 140 -53.16 38.97 -29.97
N ASP E 141 -52.50 38.56 -31.04
CA ASP E 141 -52.32 39.41 -32.21
C ASP E 141 -52.47 38.58 -33.48
N LYS E 142 -52.32 39.28 -34.61
CA LYS E 142 -52.52 38.65 -35.92
C LYS E 142 -51.21 38.15 -36.50
N LEU E 143 -50.08 38.67 -36.02
CA LEU E 143 -48.79 38.26 -36.55
C LEU E 143 -48.41 36.86 -36.08
N ALA E 144 -48.64 36.56 -34.80
CA ALA E 144 -48.21 35.28 -34.25
C ALA E 144 -48.98 34.13 -34.86
N PHE E 145 -48.28 33.03 -35.11
CA PHE E 145 -48.86 31.82 -35.65
C PHE E 145 -48.79 30.70 -34.62
N ASP E 146 -49.47 29.60 -34.92
CA ASP E 146 -49.49 28.44 -34.04
C ASP E 146 -48.32 27.51 -34.36
N VAL E 147 -47.90 26.76 -33.34
CA VAL E 147 -46.80 25.82 -33.45
C VAL E 147 -47.37 24.42 -33.22
N GLY E 148 -47.19 23.55 -34.20
CA GLY E 148 -47.70 22.19 -34.09
C GLY E 148 -46.74 21.15 -34.64
N LEU E 149 -47.27 20.01 -35.06
CA LEU E 149 -46.48 18.90 -35.58
C LEU E 149 -46.94 18.58 -36.99
N GLN E 150 -45.98 18.31 -37.88
CA GLN E 150 -46.25 18.11 -39.30
C GLN E 150 -45.71 16.76 -39.75
N GLU E 151 -46.48 16.06 -40.60
CA GLU E 151 -46.01 14.80 -41.17
C GLU E 151 -44.79 15.00 -42.06
N ASP E 152 -44.84 16.00 -42.94
CA ASP E 152 -43.88 16.12 -44.03
C ASP E 152 -42.77 17.10 -43.64
N THR E 153 -41.52 16.71 -43.92
CA THR E 153 -40.38 17.58 -43.67
C THR E 153 -40.23 18.68 -44.72
N THR E 154 -40.62 18.43 -45.96
CA THR E 154 -40.44 19.40 -47.04
C THR E 154 -41.16 20.70 -46.72
N GLY E 155 -40.48 21.81 -46.98
CA GLY E 155 -40.94 23.12 -46.60
C GLY E 155 -40.13 23.68 -45.44
N GLU E 156 -40.13 25.00 -45.32
CA GLU E 156 -39.33 25.70 -44.32
C GLU E 156 -40.00 25.75 -42.95
N ALA E 157 -41.23 25.24 -42.82
CA ALA E 157 -41.92 25.26 -41.54
C ALA E 157 -41.27 24.32 -40.53
N CYS E 158 -40.81 23.16 -40.99
CA CYS E 158 -40.28 22.16 -40.06
C CYS E 158 -38.93 22.58 -39.50
N TRP E 159 -38.11 23.26 -40.30
CA TRP E 159 -36.76 23.62 -39.87
C TRP E 159 -36.79 24.82 -38.95
N TRP E 160 -36.00 24.76 -37.88
CA TRP E 160 -35.87 25.84 -36.92
C TRP E 160 -34.40 26.17 -36.73
N THR E 161 -34.06 27.45 -36.87
CA THR E 161 -32.69 27.92 -36.74
C THR E 161 -32.35 28.15 -35.28
N ILE E 162 -31.22 27.60 -34.84
CA ILE E 162 -30.75 27.79 -33.47
C ILE E 162 -29.89 29.05 -33.42
N HIS E 163 -30.24 29.97 -32.52
CA HIS E 163 -29.48 31.18 -32.32
C HIS E 163 -29.00 31.27 -30.89
N PRO E 164 -27.77 31.73 -30.64
CA PRO E 164 -27.28 31.81 -29.27
C PRO E 164 -27.97 32.92 -28.48
N ALA E 165 -28.60 32.54 -27.38
CA ALA E 165 -29.28 33.48 -26.50
C ALA E 165 -28.34 34.10 -25.48
N SER E 166 -27.09 33.67 -25.44
CA SER E 166 -26.11 34.20 -24.49
C SER E 166 -25.02 34.94 -25.25
N LYS E 167 -24.65 36.12 -24.74
CA LYS E 167 -23.59 36.89 -25.38
C LYS E 167 -22.24 36.19 -25.29
N GLN E 168 -22.11 35.23 -24.39
CA GLN E 168 -20.92 34.40 -24.27
C GLN E 168 -20.84 33.33 -25.35
N ARG E 169 -21.83 33.31 -26.24
CA ARG E 169 -21.88 32.37 -27.34
C ARG E 169 -21.96 33.13 -28.65
N SER E 170 -21.25 32.64 -29.67
CA SER E 170 -21.24 33.26 -30.98
C SER E 170 -21.58 32.21 -32.03
N GLU E 171 -21.99 32.69 -33.21
CA GLU E 171 -22.33 31.80 -34.31
C GLU E 171 -21.13 30.92 -34.67
N GLY E 172 -21.35 29.61 -34.68
CA GLY E 172 -20.32 28.62 -34.92
C GLY E 172 -19.78 27.97 -33.67
N GLU E 173 -20.11 28.51 -32.49
CA GLU E 173 -19.67 27.91 -31.24
C GLU E 173 -20.43 26.61 -30.99
N LYS E 174 -19.81 25.72 -30.23
CA LYS E 174 -20.43 24.44 -29.90
C LYS E 174 -21.57 24.65 -28.92
N VAL E 175 -22.72 24.02 -29.20
CA VAL E 175 -23.89 24.16 -28.34
C VAL E 175 -23.64 23.42 -27.04
N ARG E 176 -23.86 24.11 -25.92
CA ARG E 176 -23.59 23.56 -24.60
C ARG E 176 -24.86 22.98 -23.99
N VAL E 177 -24.69 21.95 -23.16
CA VAL E 177 -25.83 21.34 -22.48
C VAL E 177 -26.52 22.32 -21.55
N GLY E 178 -25.76 23.05 -20.75
CA GLY E 178 -26.30 24.04 -19.85
C GLY E 178 -26.66 25.36 -20.48
N ASP E 179 -26.42 25.51 -21.79
CA ASP E 179 -26.70 26.77 -22.46
C ASP E 179 -28.21 26.99 -22.59
N ASP E 180 -28.57 28.27 -22.75
CA ASP E 180 -29.96 28.69 -22.93
C ASP E 180 -30.11 29.19 -24.36
N LEU E 181 -31.19 28.78 -25.02
CA LEU E 181 -31.32 28.93 -26.46
C LEU E 181 -32.54 29.78 -26.82
N ILE E 182 -32.47 30.37 -28.01
CA ILE E 182 -33.60 31.05 -28.65
C ILE E 182 -33.74 30.47 -30.05
N LEU E 183 -34.96 30.12 -30.43
CA LEU E 183 -35.22 29.47 -31.70
C LEU E 183 -35.98 30.40 -32.64
N VAL E 184 -35.60 30.36 -33.91
CA VAL E 184 -36.25 31.14 -34.96
C VAL E 184 -36.69 30.19 -36.07
N SER E 185 -37.95 30.27 -36.45
CA SER E 185 -38.52 29.43 -37.50
C SER E 185 -38.00 29.92 -38.85
N VAL E 186 -37.65 28.97 -39.73
CA VAL E 186 -37.14 29.33 -41.05
C VAL E 186 -38.24 29.96 -41.90
N SER E 187 -39.45 29.38 -41.85
CA SER E 187 -40.53 29.84 -42.71
C SER E 187 -41.10 31.16 -42.22
N SER E 188 -41.47 31.21 -40.93
CA SER E 188 -42.15 32.38 -40.39
C SER E 188 -41.21 33.48 -39.93
N GLU E 189 -39.96 33.15 -39.56
CA GLU E 189 -39.03 34.10 -38.95
C GLU E 189 -39.61 34.70 -37.67
N ARG E 190 -40.42 33.92 -36.97
CA ARG E 190 -40.87 34.25 -35.63
C ARG E 190 -40.01 33.48 -34.62
N TYR E 191 -40.09 33.91 -33.37
CA TYR E 191 -39.37 33.26 -32.28
C TYR E 191 -40.31 32.33 -31.53
N LEU E 192 -39.79 31.18 -31.12
CA LEU E 192 -40.57 30.27 -30.30
C LEU E 192 -40.85 30.93 -28.96
N HIS E 193 -42.09 31.39 -28.79
CA HIS E 193 -42.44 32.33 -27.73
C HIS E 193 -43.48 31.73 -26.81
N LEU E 194 -43.23 31.82 -25.50
CA LEU E 194 -44.24 31.47 -24.51
C LEU E 194 -45.03 32.73 -24.16
N SER E 195 -46.33 32.69 -24.41
CA SER E 195 -47.18 33.87 -24.30
C SER E 195 -47.88 33.89 -22.94
N TYR E 196 -47.60 34.94 -22.16
CA TYR E 196 -48.32 35.18 -20.91
C TYR E 196 -49.65 35.90 -21.11
N GLY E 197 -49.85 36.51 -22.28
CA GLY E 197 -51.05 37.30 -22.49
C GLY E 197 -52.32 36.49 -22.41
N ASN E 198 -52.28 35.24 -22.88
CA ASN E 198 -53.43 34.36 -22.77
C ASN E 198 -53.69 34.00 -21.33
N GLY E 199 -54.94 33.62 -21.04
CA GLY E 199 -55.28 33.19 -19.69
C GLY E 199 -54.48 31.99 -19.24
N SER E 200 -54.20 31.08 -20.16
CA SER E 200 -53.36 29.92 -19.90
C SER E 200 -52.05 30.07 -20.67
N LEU E 201 -50.96 29.57 -20.08
CA LEU E 201 -49.67 29.62 -20.73
C LEU E 201 -49.71 28.88 -22.06
N HIS E 202 -49.25 29.54 -23.12
CA HIS E 202 -49.35 29.03 -24.47
C HIS E 202 -48.03 29.22 -25.19
N VAL E 203 -47.77 28.39 -26.20
CA VAL E 203 -46.60 28.53 -27.05
C VAL E 203 -47.06 28.97 -28.43
N ASP E 204 -46.46 30.04 -28.94
CA ASP E 204 -46.78 30.58 -30.24
C ASP E 204 -45.50 31.07 -30.90
N ALA E 205 -45.53 31.15 -32.23
CA ALA E 205 -44.43 31.73 -32.99
C ALA E 205 -44.66 33.23 -33.09
N ALA E 206 -43.89 34.00 -32.32
CA ALA E 206 -44.05 35.45 -32.27
C ALA E 206 -42.69 36.11 -32.40
N PHE E 207 -42.72 37.40 -32.72
CA PHE E 207 -41.47 38.16 -32.88
C PHE E 207 -40.84 38.49 -31.54
N GLN E 208 -41.62 38.43 -30.46
CA GLN E 208 -41.04 38.43 -29.13
C GLN E 208 -40.32 37.12 -28.88
N GLN E 209 -39.18 37.20 -28.21
CA GLN E 209 -38.30 36.04 -28.04
C GLN E 209 -38.35 35.54 -26.60
N THR E 210 -38.28 34.23 -26.45
CA THR E 210 -38.30 33.57 -25.16
C THR E 210 -37.17 32.57 -25.06
N LEU E 211 -36.51 32.56 -23.91
CA LEU E 211 -35.33 31.74 -23.69
C LEU E 211 -35.77 30.29 -23.45
N TRP E 212 -35.24 29.37 -24.24
CA TRP E 212 -35.56 27.96 -24.13
C TRP E 212 -34.32 27.18 -23.70
N SER E 213 -34.44 26.48 -22.57
CA SER E 213 -33.37 25.60 -22.10
C SER E 213 -33.67 24.17 -22.51
N VAL E 214 -32.67 23.49 -23.05
CA VAL E 214 -32.83 22.13 -23.55
C VAL E 214 -31.99 21.21 -22.67
N ALA E 215 -32.63 20.19 -22.09
CA ALA E 215 -32.00 19.24 -21.17
C ALA E 215 -32.03 17.85 -21.76
N PRO E 216 -30.89 17.16 -21.82
CA PRO E 216 -30.84 15.84 -22.47
C PRO E 216 -31.66 14.81 -21.72
N ILE E 217 -32.25 13.89 -22.47
CA ILE E 217 -32.94 12.74 -21.88
C ILE E 217 -32.08 11.49 -21.96
N SER E 218 -31.55 11.20 -23.15
CA SER E 218 -30.66 10.07 -23.36
C SER E 218 -29.94 10.26 -24.69
N SER E 219 -28.87 9.50 -24.87
CA SER E 219 -28.11 9.50 -26.11
C SER E 219 -28.16 8.10 -26.71
N GLY E 220 -28.49 8.03 -28.00
CA GLY E 220 -28.70 6.72 -28.63
C GLY E 220 -27.43 5.90 -28.74
N SER E 221 -26.31 6.54 -29.06
CA SER E 221 -25.08 5.80 -29.31
C SER E 221 -24.59 5.09 -28.05
N GLU E 222 -24.65 5.76 -26.90
CA GLU E 222 -24.18 5.16 -25.65
C GLU E 222 -25.18 4.18 -25.06
N ALA E 223 -26.38 4.08 -25.61
CA ALA E 223 -27.35 3.11 -25.11
C ALA E 223 -26.86 1.68 -25.37
N ALA E 224 -27.08 0.82 -24.38
CA ALA E 224 -26.64 -0.57 -24.46
C ALA E 224 -27.85 -1.47 -24.71
N GLN E 225 -27.74 -2.32 -25.73
CA GLN E 225 -28.83 -3.22 -26.07
C GLN E 225 -29.05 -4.26 -24.98
N GLY E 226 -30.31 -4.57 -24.70
CA GLY E 226 -30.65 -5.60 -23.74
C GLY E 226 -30.58 -5.17 -22.29
N TYR E 227 -30.48 -3.88 -22.02
CA TYR E 227 -30.40 -3.38 -20.65
C TYR E 227 -31.49 -2.34 -20.42
N LEU E 228 -32.03 -2.33 -19.20
CA LEU E 228 -33.12 -1.43 -18.87
C LEU E 228 -32.64 0.02 -18.83
N ILE E 229 -33.37 0.90 -19.52
CA ILE E 229 -33.13 2.33 -19.47
C ILE E 229 -34.43 3.02 -19.07
N GLY E 230 -34.32 4.27 -18.64
CA GLY E 230 -35.49 5.01 -18.21
C GLY E 230 -36.44 5.27 -19.36
N GLY E 231 -37.74 5.30 -19.03
CA GLY E 231 -38.77 5.57 -20.01
C GLY E 231 -39.21 4.38 -20.84
N ASP E 232 -38.68 3.20 -20.58
CA ASP E 232 -39.06 2.02 -21.35
C ASP E 232 -40.46 1.57 -20.98
N VAL E 233 -41.14 0.95 -21.95
CA VAL E 233 -42.39 0.24 -21.70
C VAL E 233 -42.06 -1.24 -21.59
N LEU E 234 -42.32 -1.83 -20.44
CA LEU E 234 -41.83 -3.16 -20.11
C LEU E 234 -42.92 -3.98 -19.44
N ARG E 235 -42.65 -5.28 -19.33
CA ARG E 235 -43.57 -6.23 -18.72
C ARG E 235 -42.90 -6.87 -17.51
N LEU E 236 -43.62 -6.93 -16.39
CA LEU E 236 -43.13 -7.54 -15.17
C LEU E 236 -43.53 -9.01 -15.15
N LEU E 237 -42.59 -9.89 -15.48
CA LEU E 237 -42.84 -11.31 -15.60
C LEU E 237 -42.29 -12.07 -14.41
N HIS E 238 -43.13 -12.91 -13.82
CA HIS E 238 -42.80 -13.64 -12.60
C HIS E 238 -41.70 -14.67 -12.87
N GLY E 239 -41.34 -15.41 -11.82
CA GLY E 239 -40.21 -16.31 -11.92
C GLY E 239 -40.39 -17.39 -12.97
N HIS E 240 -41.62 -17.83 -13.19
CA HIS E 240 -41.85 -18.94 -14.12
C HIS E 240 -42.11 -18.44 -15.54
N MET E 241 -42.14 -17.12 -15.75
CA MET E 241 -42.48 -16.46 -17.01
C MET E 241 -43.97 -16.60 -17.29
N ASP E 242 -44.67 -17.39 -16.49
CA ASP E 242 -46.04 -17.78 -16.84
C ASP E 242 -47.06 -16.72 -16.47
N GLU E 243 -46.86 -16.00 -15.37
CA GLU E 243 -47.81 -15.00 -14.90
C GLU E 243 -47.16 -13.63 -14.92
N CYS E 244 -47.94 -12.61 -15.25
CA CYS E 244 -47.46 -11.24 -15.37
C CYS E 244 -48.34 -10.31 -14.54
N LEU E 245 -47.71 -9.32 -13.92
CA LEU E 245 -48.45 -8.34 -13.14
C LEU E 245 -49.32 -7.50 -14.07
N THR E 246 -50.62 -7.45 -13.77
CA THR E 246 -51.58 -6.80 -14.63
C THR E 246 -52.75 -6.28 -13.80
N VAL E 247 -53.72 -5.70 -14.48
CA VAL E 247 -54.94 -5.20 -13.85
C VAL E 247 -56.10 -6.06 -14.33
N PRO E 248 -57.26 -5.98 -13.69
CA PRO E 248 -58.42 -6.74 -14.17
C PRO E 248 -58.79 -6.38 -15.60
N SER E 249 -59.49 -7.30 -16.26
CA SER E 249 -59.92 -7.07 -17.63
C SER E 249 -60.93 -5.93 -17.68
N GLY E 250 -61.03 -5.30 -18.85
CA GLY E 250 -61.90 -4.15 -19.01
C GLY E 250 -63.38 -4.47 -18.98
N GLU E 251 -64.05 -4.10 -17.89
CA GLU E 251 -65.51 -4.13 -17.82
C GLU E 251 -66.09 -2.72 -17.77
N HIS E 252 -65.41 -1.75 -18.36
CA HIS E 252 -65.83 -0.35 -18.44
C HIS E 252 -65.89 0.34 -17.08
N GLY E 253 -65.17 -0.18 -16.08
CA GLY E 253 -65.10 0.51 -14.80
C GLY E 253 -63.70 0.69 -14.27
N GLU E 254 -63.25 1.94 -14.18
CA GLU E 254 -61.91 2.21 -13.69
C GLU E 254 -61.80 1.89 -12.19
N GLU E 255 -62.89 2.03 -11.45
CA GLU E 255 -62.87 1.74 -10.03
C GLU E 255 -62.50 0.29 -9.76
N GLN E 256 -62.88 -0.62 -10.66
CA GLN E 256 -62.50 -2.01 -10.50
C GLN E 256 -61.24 -2.35 -11.29
N ARG E 257 -60.91 -1.56 -12.32
CA ARG E 257 -59.62 -1.69 -12.99
C ARG E 257 -58.44 -1.26 -12.13
N ARG E 258 -58.71 -0.45 -11.09
CA ARG E 258 -57.66 0.12 -10.25
C ARG E 258 -56.82 -0.91 -9.50
N THR E 259 -57.35 -2.10 -9.25
CA THR E 259 -56.56 -3.11 -8.54
C THR E 259 -55.50 -3.70 -9.46
N VAL E 260 -54.52 -4.38 -8.86
CA VAL E 260 -53.42 -5.00 -9.58
C VAL E 260 -53.25 -6.42 -9.06
N HIS E 261 -52.90 -7.33 -9.96
CA HIS E 261 -52.76 -8.74 -9.61
C HIS E 261 -51.95 -9.45 -10.70
N TYR E 262 -51.82 -10.76 -10.55
CA TYR E 262 -51.07 -11.59 -11.49
C TYR E 262 -52.01 -12.44 -12.32
N GLU E 263 -51.79 -12.45 -13.63
CA GLU E 263 -52.51 -13.32 -14.56
C GLU E 263 -51.53 -13.89 -15.57
N GLY E 264 -51.95 -14.99 -16.21
CA GLY E 264 -51.12 -15.64 -17.21
C GLY E 264 -51.92 -15.98 -18.44
N GLY E 265 -51.20 -16.33 -19.49
CA GLY E 265 -51.82 -16.72 -20.76
C GLY E 265 -51.72 -15.61 -21.79
N ALA E 266 -52.84 -15.26 -22.41
CA ALA E 266 -52.83 -14.22 -23.43
C ALA E 266 -52.58 -12.84 -22.82
N VAL E 267 -52.73 -12.72 -21.50
CA VAL E 267 -52.48 -11.46 -20.82
C VAL E 267 -51.04 -10.99 -21.06
N SER E 268 -50.11 -11.95 -21.18
CA SER E 268 -48.71 -11.60 -21.38
C SER E 268 -48.49 -10.90 -22.71
N VAL E 269 -49.32 -11.20 -23.71
CA VAL E 269 -49.13 -10.64 -25.04
C VAL E 269 -50.15 -9.53 -25.28
N HIS E 270 -51.05 -9.34 -24.31
CA HIS E 270 -52.06 -8.30 -24.40
C HIS E 270 -51.46 -6.95 -24.00
N ALA E 271 -52.30 -5.91 -24.00
CA ALA E 271 -51.86 -4.56 -23.72
C ALA E 271 -52.22 -4.09 -22.31
N ARG E 272 -52.69 -5.00 -21.46
CA ARG E 272 -53.02 -4.68 -20.08
C ARG E 272 -51.86 -4.85 -19.12
N SER E 273 -50.75 -5.43 -19.58
CA SER E 273 -49.60 -5.69 -18.72
C SER E 273 -48.37 -4.91 -19.14
N LEU E 274 -48.57 -3.73 -19.72
CA LEU E 274 -47.49 -2.87 -20.16
C LEU E 274 -47.34 -1.73 -19.15
N TRP E 275 -46.13 -1.56 -18.62
CA TRP E 275 -45.83 -0.52 -17.66
C TRP E 275 -44.67 0.33 -18.14
N ARG E 276 -44.76 1.62 -17.86
CA ARG E 276 -43.69 2.57 -18.18
C ARG E 276 -42.93 2.92 -16.91
N LEU E 277 -41.62 2.71 -16.94
CA LEU E 277 -40.74 3.00 -15.80
C LEU E 277 -40.22 4.42 -15.98
N GLU E 278 -40.76 5.34 -15.19
CA GLU E 278 -40.42 6.76 -15.27
C GLU E 278 -39.52 7.12 -14.09
N THR E 279 -38.36 7.69 -14.38
CA THR E 279 -37.45 8.11 -13.33
C THR E 279 -37.92 9.41 -12.70
N LEU E 280 -37.36 9.73 -11.53
CA LEU E 280 -37.73 10.92 -10.78
C LEU E 280 -36.99 12.17 -11.23
N ARG E 281 -36.00 12.05 -12.12
CA ARG E 281 -35.23 13.19 -12.58
C ARG E 281 -35.69 13.59 -13.98
N VAL E 282 -35.75 14.91 -14.22
CA VAL E 282 -36.20 15.39 -15.52
C VAL E 282 -35.11 15.23 -16.56
N ALA E 283 -33.89 15.63 -16.24
CA ALA E 283 -32.77 15.55 -17.16
C ALA E 283 -32.06 14.21 -17.02
N TRP E 284 -31.63 13.65 -18.16
CA TRP E 284 -31.01 12.33 -18.20
C TRP E 284 -31.94 11.26 -17.64
N SER E 285 -33.23 11.38 -17.95
CA SER E 285 -34.21 10.39 -17.53
C SER E 285 -34.13 9.10 -18.32
N GLY E 286 -33.51 9.13 -19.50
CA GLY E 286 -33.32 7.95 -20.32
C GLY E 286 -32.03 7.20 -20.03
N SER E 287 -31.32 7.56 -18.98
CA SER E 287 -30.08 6.88 -18.62
C SER E 287 -30.35 5.46 -18.17
N HIS E 288 -29.29 4.63 -18.18
CA HIS E 288 -29.41 3.26 -17.73
C HIS E 288 -29.88 3.21 -16.28
N ILE E 289 -30.91 2.39 -16.02
CA ILE E 289 -31.42 2.25 -14.67
C ILE E 289 -30.42 1.47 -13.82
N ARG E 290 -30.31 1.86 -12.56
CA ARG E 290 -29.36 1.27 -11.63
C ARG E 290 -30.10 0.62 -10.48
N TRP E 291 -29.41 -0.29 -9.80
CA TRP E 291 -30.01 -0.94 -8.63
C TRP E 291 -30.27 0.08 -7.54
N GLY E 292 -31.44 -0.04 -6.90
CA GLY E 292 -31.83 0.92 -5.88
C GLY E 292 -32.06 2.32 -6.38
N GLN E 293 -32.62 2.46 -7.58
CA GLN E 293 -32.92 3.76 -8.15
C GLN E 293 -34.42 4.02 -8.07
N PRO E 294 -34.85 5.09 -7.40
CA PRO E 294 -36.29 5.38 -7.33
C PRO E 294 -36.89 5.61 -8.71
N PHE E 295 -38.07 5.02 -8.92
CA PHE E 295 -38.80 5.22 -10.17
C PHE E 295 -40.29 4.99 -9.91
N ARG E 296 -41.10 5.50 -10.83
CA ARG E 296 -42.55 5.36 -10.75
C ARG E 296 -43.04 4.53 -11.93
N LEU E 297 -44.00 3.65 -11.66
CA LEU E 297 -44.59 2.80 -12.67
C LEU E 297 -45.95 3.35 -13.09
N ARG E 298 -46.19 3.35 -14.39
CA ARG E 298 -47.44 3.87 -14.95
C ARG E 298 -48.01 2.82 -15.89
N HIS E 299 -49.26 2.43 -15.63
CA HIS E 299 -49.95 1.52 -16.54
C HIS E 299 -50.32 2.27 -17.82
N VAL E 300 -49.80 1.79 -18.95
CA VAL E 300 -49.94 2.52 -20.21
C VAL E 300 -51.40 2.61 -20.63
N THR E 301 -52.15 1.51 -20.49
CA THR E 301 -53.52 1.47 -20.97
C THR E 301 -54.42 2.40 -20.15
N THR E 302 -54.30 2.36 -18.83
CA THR E 302 -55.17 3.15 -17.97
C THR E 302 -54.60 4.52 -17.63
N GLY E 303 -53.27 4.66 -17.61
CA GLY E 303 -52.64 5.92 -17.26
C GLY E 303 -52.49 6.17 -15.78
N LYS E 304 -52.99 5.27 -14.93
CA LYS E 304 -52.86 5.42 -13.50
C LYS E 304 -51.49 4.94 -13.03
N TYR E 305 -51.03 5.50 -11.92
CA TYR E 305 -49.71 5.19 -11.38
C TYR E 305 -49.84 4.22 -10.21
N LEU E 306 -49.01 3.17 -10.23
CA LEU E 306 -49.00 2.20 -9.15
C LEU E 306 -48.62 2.87 -7.84
N SER E 307 -49.36 2.56 -6.78
CA SER E 307 -49.18 3.23 -5.50
C SER E 307 -49.61 2.31 -4.37
N LEU E 308 -49.23 2.70 -3.15
CA LEU E 308 -49.50 1.90 -1.95
C LEU E 308 -50.43 2.68 -1.03
N MET E 309 -51.54 2.05 -0.62
CA MET E 309 -52.43 2.71 0.33
C MET E 309 -52.02 2.37 1.77
N GLU E 310 -52.71 3.00 2.71
CA GLU E 310 -52.41 2.82 4.13
C GLU E 310 -52.68 1.41 4.62
N ASP E 311 -53.61 0.69 3.98
CA ASP E 311 -53.88 -0.70 4.33
C ASP E 311 -52.82 -1.66 3.81
N LYS E 312 -51.72 -1.14 3.26
CA LYS E 312 -50.61 -1.91 2.69
C LYS E 312 -51.02 -2.74 1.49
N ASN E 313 -52.08 -2.35 0.78
CA ASN E 313 -52.49 -3.02 -0.45
C ASN E 313 -52.31 -2.07 -1.63
N LEU E 314 -51.73 -2.58 -2.71
CA LEU E 314 -51.47 -1.75 -3.88
C LEU E 314 -52.77 -1.33 -4.55
N LEU E 315 -52.81 -0.11 -5.07
CA LEU E 315 -53.97 0.41 -5.76
C LEU E 315 -53.55 1.49 -6.74
N LEU E 316 -54.14 1.46 -7.93
CA LEU E 316 -53.86 2.49 -8.93
C LEU E 316 -54.60 3.78 -8.59
N MET E 317 -53.91 4.90 -8.70
CA MET E 317 -54.53 6.20 -8.48
C MET E 317 -54.13 7.16 -9.59
N ASP E 318 -54.84 8.29 -9.66
CA ASP E 318 -54.80 9.18 -10.80
C ASP E 318 -53.48 9.97 -10.84
N LYS E 319 -53.28 10.66 -11.96
CA LYS E 319 -52.06 11.43 -12.17
C LYS E 319 -51.94 12.58 -11.18
N GLU E 320 -53.05 13.26 -10.90
CA GLU E 320 -53.00 14.49 -10.10
C GLU E 320 -52.51 14.22 -8.68
N LYS E 321 -52.99 13.14 -8.06
CA LYS E 321 -52.69 12.84 -6.67
C LYS E 321 -51.61 11.77 -6.51
N ALA E 322 -50.78 11.57 -7.54
CA ALA E 322 -49.70 10.58 -7.50
C ALA E 322 -48.49 11.19 -6.82
N ASP E 323 -48.49 11.14 -5.50
CA ASP E 323 -47.39 11.68 -4.72
C ASP E 323 -46.17 10.76 -4.79
N VAL E 324 -44.99 11.36 -4.62
CA VAL E 324 -43.75 10.59 -4.66
C VAL E 324 -43.67 9.62 -3.49
N LYS E 325 -44.18 10.01 -2.33
CA LYS E 325 -44.14 9.17 -1.13
C LYS E 325 -45.04 7.94 -1.24
N SER E 326 -45.88 7.85 -2.27
CA SER E 326 -46.77 6.72 -2.44
C SER E 326 -46.54 5.94 -3.73
N THR E 327 -45.84 6.51 -4.71
CA THR E 327 -45.74 5.93 -6.04
C THR E 327 -44.31 5.57 -6.44
N ALA E 328 -43.35 5.64 -5.52
CA ALA E 328 -41.94 5.41 -5.85
C ALA E 328 -41.52 4.02 -5.42
N PHE E 329 -40.80 3.33 -6.30
CA PHE E 329 -40.32 1.98 -6.07
C PHE E 329 -38.87 1.84 -6.54
N THR E 330 -38.17 0.86 -5.99
CA THR E 330 -36.77 0.63 -6.31
C THR E 330 -36.51 -0.85 -6.57
N PHE E 331 -35.75 -1.12 -7.63
CA PHE E 331 -35.27 -2.47 -7.90
C PHE E 331 -34.02 -2.77 -7.09
N ARG E 332 -33.95 -3.98 -6.54
CA ARG E 332 -32.81 -4.41 -5.73
C ARG E 332 -32.34 -5.78 -6.17
N SER E 333 -31.03 -6.01 -6.10
CA SER E 333 -30.44 -7.22 -6.66
C SER E 333 -30.86 -8.46 -5.88
N SER E 334 -30.76 -8.42 -4.56
CA SER E 334 -31.03 -9.57 -3.72
C SER E 334 -32.18 -9.28 -2.77
N LYS E 335 -32.92 -10.33 -2.41
CA LYS E 335 -34.08 -10.16 -1.54
C LYS E 335 -33.66 -9.76 -0.13
N GLU E 336 -32.50 -10.23 0.32
CA GLU E 336 -32.02 -9.89 1.66
C GLU E 336 -31.71 -8.40 1.76
N LYS E 337 -31.68 -7.90 2.99
CA LYS E 337 -31.52 -6.46 3.22
C LYS E 337 -30.06 -6.02 3.09
N LEU E 338 -29.50 -6.11 1.89
CA LEU E 338 -28.16 -5.60 1.66
C LEU E 338 -28.19 -4.08 1.73
N ASP E 339 -27.06 -3.48 2.10
CA ASP E 339 -26.99 -2.02 2.18
C ASP E 339 -27.12 -1.41 0.79
N VAL E 340 -28.29 -0.85 0.49
CA VAL E 340 -28.49 -0.21 -0.80
C VAL E 340 -27.61 1.02 -0.92
N GLY E 341 -27.54 1.84 0.13
CA GLY E 341 -26.71 3.01 0.13
C GLY E 341 -27.27 4.13 -0.73
N VAL E 342 -26.55 5.23 -0.73
CA VAL E 342 -26.89 6.40 -1.54
C VAL E 342 -25.67 6.78 -2.37
N ARG E 343 -25.82 6.74 -3.69
CA ARG E 343 -24.79 7.18 -4.61
C ARG E 343 -25.30 8.46 -5.27
N LYS E 344 -24.42 9.43 -5.46
CA LYS E 344 -24.83 10.69 -6.06
C LYS E 344 -25.19 10.49 -7.52
N GLU E 345 -26.35 10.98 -7.92
CA GLU E 345 -26.81 10.80 -9.30
C GLU E 345 -25.93 11.60 -10.24
N VAL E 346 -25.60 10.99 -11.38
CA VAL E 346 -24.65 11.56 -12.33
C VAL E 346 -25.37 11.91 -13.62
N ASP E 347 -24.83 12.89 -14.35
CA ASP E 347 -25.40 13.33 -15.61
C ASP E 347 -24.76 12.54 -16.76
N GLY E 348 -25.24 11.31 -16.93
CA GLY E 348 -24.75 10.45 -17.98
C GLY E 348 -25.59 9.21 -18.09
N MET E 349 -25.33 8.43 -19.15
CA MET E 349 -26.07 7.20 -19.38
C MET E 349 -25.86 6.20 -18.24
N GLY E 350 -24.61 6.07 -17.79
CA GLY E 350 -24.32 5.25 -16.63
C GLY E 350 -24.14 3.78 -16.95
N THR E 351 -23.85 3.03 -15.89
CA THR E 351 -23.62 1.60 -16.00
C THR E 351 -24.93 0.86 -16.24
N SER E 352 -24.83 -0.24 -16.97
CA SER E 352 -25.99 -1.07 -17.31
C SER E 352 -26.16 -2.19 -16.29
N GLU E 353 -26.64 -1.82 -15.11
CA GLU E 353 -26.74 -2.77 -14.01
C GLU E 353 -27.86 -3.78 -14.19
N ILE E 354 -28.97 -3.41 -14.84
CA ILE E 354 -30.11 -4.28 -15.02
C ILE E 354 -30.18 -4.72 -16.48
N LYS E 355 -30.29 -6.03 -16.69
CA LYS E 355 -30.35 -6.62 -18.01
C LYS E 355 -31.73 -7.25 -18.23
N TYR E 356 -32.25 -7.10 -19.43
CA TYR E 356 -33.57 -7.63 -19.76
C TYR E 356 -33.54 -9.15 -19.76
N GLY E 357 -34.46 -9.76 -19.01
CA GLY E 357 -34.57 -11.20 -18.96
C GLY E 357 -33.55 -11.88 -18.06
N ASP E 358 -32.26 -11.60 -18.30
CA ASP E 358 -31.20 -12.26 -17.55
C ASP E 358 -31.22 -11.83 -16.09
N SER E 359 -31.30 -10.53 -15.84
CA SER E 359 -31.27 -10.03 -14.46
C SER E 359 -32.59 -10.33 -13.75
N VAL E 360 -32.48 -10.65 -12.46
CA VAL E 360 -33.63 -10.90 -11.60
C VAL E 360 -33.73 -9.73 -10.63
N CYS E 361 -34.91 -9.12 -10.57
CA CYS E 361 -35.11 -7.90 -9.80
C CYS E 361 -36.07 -8.15 -8.64
N TYR E 362 -35.83 -7.43 -7.54
CA TYR E 362 -36.72 -7.41 -6.40
C TYR E 362 -37.17 -5.98 -6.18
N ILE E 363 -38.48 -5.78 -6.09
CA ILE E 363 -39.08 -4.44 -6.05
C ILE E 363 -39.63 -4.17 -4.66
N GLN E 364 -39.40 -2.96 -4.17
CA GLN E 364 -39.96 -2.53 -2.90
C GLN E 364 -40.37 -1.08 -2.98
N HIS E 365 -41.27 -0.68 -2.09
CA HIS E 365 -41.57 0.73 -1.91
C HIS E 365 -40.39 1.44 -1.27
N VAL E 366 -40.19 2.71 -1.64
CA VAL E 366 -39.02 3.45 -1.18
C VAL E 366 -39.10 3.70 0.32
N ASP E 367 -40.30 3.97 0.84
CA ASP E 367 -40.45 4.37 2.24
C ASP E 367 -40.66 3.16 3.14
N THR E 368 -41.72 2.39 2.89
CA THR E 368 -42.05 1.28 3.78
C THR E 368 -41.01 0.17 3.71
N GLY E 369 -40.45 -0.08 2.52
CA GLY E 369 -39.48 -1.13 2.35
C GLY E 369 -40.06 -2.53 2.27
N LEU E 370 -41.39 -2.66 2.28
CA LEU E 370 -42.02 -3.96 2.12
C LEU E 370 -41.69 -4.51 0.74
N TRP E 371 -41.94 -5.79 0.50
CA TRP E 371 -41.67 -6.38 -0.80
C TRP E 371 -42.97 -6.81 -1.49
N LEU E 372 -43.07 -6.48 -2.78
CA LEU E 372 -44.22 -6.90 -3.58
C LEU E 372 -44.23 -8.42 -3.70
N THR E 373 -45.33 -9.04 -3.29
CA THR E 373 -45.42 -10.49 -3.29
C THR E 373 -46.88 -10.90 -3.44
N TYR E 374 -47.06 -12.15 -3.86
CA TYR E 374 -48.40 -12.70 -4.06
C TYR E 374 -48.99 -13.19 -2.74
N GLN E 375 -50.31 -13.38 -2.73
CA GLN E 375 -51.02 -13.74 -1.50
C GLN E 375 -50.64 -15.11 -0.97
N SER E 376 -50.05 -15.96 -1.81
CA SER E 376 -49.81 -17.39 -1.63
C SER E 376 -51.11 -18.18 -1.73
N VAL E 377 -52.25 -17.53 -1.97
CA VAL E 377 -53.52 -18.21 -2.21
C VAL E 377 -53.93 -17.91 -3.65
N ASP E 378 -53.95 -18.95 -4.48
CA ASP E 378 -54.27 -18.78 -5.90
C ASP E 378 -55.76 -19.00 -6.16
N SER E 386 -55.13 -18.04 -15.92
CA SER E 386 -56.09 -17.31 -15.10
C SER E 386 -55.88 -17.60 -13.62
N ILE E 387 -54.65 -17.39 -13.14
CA ILE E 387 -54.35 -17.62 -11.74
C ILE E 387 -55.12 -16.65 -10.86
N GLN E 388 -55.16 -15.37 -11.24
CA GLN E 388 -55.91 -14.34 -10.52
C GLN E 388 -55.47 -14.27 -9.05
N ARG E 389 -54.17 -14.34 -8.82
CA ARG E 389 -53.63 -14.18 -7.47
C ARG E 389 -53.37 -12.69 -7.22
N LYS E 390 -53.84 -12.19 -6.07
CA LYS E 390 -53.65 -10.79 -5.73
C LYS E 390 -52.21 -10.54 -5.29
N ALA E 391 -51.74 -9.31 -5.50
CA ALA E 391 -50.39 -8.92 -5.14
C ALA E 391 -50.43 -8.00 -3.94
N ILE E 392 -49.55 -8.23 -2.97
CA ILE E 392 -49.57 -7.50 -1.71
C ILE E 392 -48.18 -6.97 -1.39
N MET E 393 -48.12 -6.12 -0.37
CA MET E 393 -46.95 -5.35 0.00
C MET E 393 -46.54 -5.88 1.37
N HIS E 394 -45.52 -6.74 1.43
CA HIS E 394 -45.28 -7.51 2.64
C HIS E 394 -43.83 -7.32 3.12
N HIS E 395 -43.66 -7.35 4.44
CA HIS E 395 -42.40 -6.86 5.03
C HIS E 395 -41.23 -7.80 4.72
N GLU E 396 -41.40 -9.09 4.95
CA GLU E 396 -40.31 -10.02 4.69
C GLU E 396 -40.45 -10.70 3.34
N GLY E 397 -41.70 -10.87 2.88
CA GLY E 397 -41.96 -11.36 1.54
C GLY E 397 -41.64 -12.83 1.38
N HIS E 398 -42.27 -13.44 0.37
CA HIS E 398 -42.02 -14.83 0.05
C HIS E 398 -40.65 -14.98 -0.62
N MET E 399 -40.17 -16.22 -0.66
CA MET E 399 -38.86 -16.49 -1.25
C MET E 399 -38.90 -16.35 -2.76
N ASP E 400 -40.02 -16.72 -3.39
CA ASP E 400 -40.16 -16.66 -4.84
C ASP E 400 -40.91 -15.38 -5.27
N ASP E 401 -40.25 -14.24 -5.05
CA ASP E 401 -40.78 -12.94 -5.46
C ASP E 401 -39.97 -12.34 -6.60
N GLY E 402 -39.18 -13.15 -7.31
CA GLY E 402 -38.37 -12.63 -8.39
C GLY E 402 -39.20 -12.30 -9.62
N ILE E 403 -39.01 -11.10 -10.14
CA ILE E 403 -39.69 -10.64 -11.35
C ILE E 403 -38.61 -10.17 -12.32
N SER E 404 -38.58 -10.76 -13.51
CA SER E 404 -37.63 -10.29 -14.51
C SER E 404 -38.25 -9.16 -15.32
N LEU E 405 -37.54 -8.73 -16.35
CA LEU E 405 -37.97 -7.63 -17.20
C LEU E 405 -37.91 -8.05 -18.65
N SER E 406 -39.03 -7.88 -19.36
CA SER E 406 -39.11 -8.12 -20.79
C SER E 406 -39.53 -6.83 -21.49
N ARG E 407 -38.75 -6.44 -22.49
CA ARG E 407 -38.97 -5.17 -23.17
C ARG E 407 -40.05 -5.31 -24.24
N SER E 408 -40.89 -4.29 -24.35
CA SER E 408 -41.95 -4.25 -25.33
C SER E 408 -41.48 -3.51 -26.58
N GLN E 409 -42.10 -3.83 -27.71
CA GLN E 409 -41.75 -3.20 -28.97
C GLN E 409 -42.40 -1.83 -29.09
N HIS E 410 -41.80 -0.99 -29.94
CA HIS E 410 -42.28 0.38 -30.15
C HIS E 410 -43.69 0.38 -30.69
N GLU E 411 -43.98 -0.52 -31.63
CA GLU E 411 -45.33 -0.60 -32.19
C GLU E 411 -46.35 -0.93 -31.12
N GLU E 412 -46.04 -1.92 -30.26
CA GLU E 412 -46.98 -2.34 -29.24
C GLU E 412 -47.17 -1.28 -28.16
N SER E 413 -46.11 -0.54 -27.80
CA SER E 413 -46.25 0.56 -26.86
C SER E 413 -47.07 1.71 -27.45
N ARG E 414 -46.82 2.05 -28.71
CA ARG E 414 -47.57 3.11 -29.36
C ARG E 414 -49.04 2.75 -29.47
N THR E 415 -49.34 1.48 -29.74
CA THR E 415 -50.73 1.05 -29.82
C THR E 415 -51.44 1.23 -28.49
N ALA E 416 -50.79 0.89 -27.38
CA ALA E 416 -51.39 1.10 -26.06
C ALA E 416 -51.59 2.59 -25.77
N ARG E 417 -50.62 3.41 -26.13
CA ARG E 417 -50.77 4.85 -25.92
C ARG E 417 -51.95 5.41 -26.71
N VAL E 418 -52.07 4.99 -27.97
CA VAL E 418 -53.20 5.41 -28.80
C VAL E 418 -54.51 4.91 -28.22
N ILE E 419 -54.50 3.68 -27.69
CA ILE E 419 -55.71 3.13 -27.07
C ILE E 419 -56.16 3.99 -25.90
N ARG E 420 -55.23 4.38 -25.02
CA ARG E 420 -55.63 5.23 -23.89
C ARG E 420 -56.12 6.60 -24.36
N SER E 421 -55.38 7.23 -25.28
CA SER E 421 -55.77 8.55 -25.78
C SER E 421 -57.09 8.53 -26.54
N THR E 422 -57.49 7.37 -27.06
CA THR E 422 -58.79 7.25 -27.71
C THR E 422 -59.90 6.94 -26.71
N VAL E 423 -59.60 6.12 -25.70
CA VAL E 423 -60.58 5.83 -24.65
C VAL E 423 -61.01 7.11 -23.96
N PHE E 424 -60.03 7.96 -23.61
CA PHE E 424 -60.36 9.20 -22.90
C PHE E 424 -61.29 10.07 -23.73
N LEU E 425 -60.94 10.30 -25.00
CA LEU E 425 -61.71 11.19 -25.85
C LEU E 425 -63.11 10.62 -26.12
N PHE E 426 -63.21 9.32 -26.38
CA PHE E 426 -64.50 8.73 -26.68
C PHE E 426 -65.40 8.71 -25.46
N ASN E 427 -64.83 8.48 -24.27
CA ASN E 427 -65.62 8.60 -23.05
C ASN E 427 -66.10 10.02 -22.81
N ARG E 428 -65.26 11.02 -23.08
CA ARG E 428 -65.73 12.41 -22.99
C ARG E 428 -66.89 12.66 -23.95
N PHE E 429 -66.78 12.16 -25.18
CA PHE E 429 -67.83 12.36 -26.18
C PHE E 429 -69.13 11.69 -25.75
N ILE E 430 -69.04 10.47 -25.23
CA ILE E 430 -70.23 9.75 -24.77
C ILE E 430 -70.86 10.46 -23.59
N ARG E 431 -70.05 10.95 -22.65
CA ARG E 431 -70.59 11.68 -21.51
C ARG E 431 -71.29 12.96 -21.95
N GLY E 432 -70.71 13.67 -22.92
CA GLY E 432 -71.37 14.85 -23.44
C GLY E 432 -72.71 14.55 -24.09
N LEU E 433 -72.76 13.47 -24.89
CA LEU E 433 -74.03 13.08 -25.49
C LEU E 433 -75.05 12.67 -24.43
N ASP E 434 -74.60 11.98 -23.38
CA ASP E 434 -75.50 11.60 -22.30
C ASP E 434 -76.05 12.82 -21.56
N ALA E 435 -75.20 13.81 -21.32
CA ALA E 435 -75.68 15.05 -20.72
C ALA E 435 -76.70 15.74 -21.61
N LEU E 436 -76.43 15.78 -22.92
CA LEU E 436 -77.41 16.35 -23.85
C LEU E 436 -78.73 15.60 -23.81
N SER E 437 -78.68 14.26 -23.70
CA SER E 437 -79.89 13.47 -23.57
C SER E 437 -80.63 13.78 -22.28
N LYS E 438 -79.91 13.95 -21.16
CA LYS E 438 -80.53 14.32 -19.90
C LYS E 438 -80.80 15.81 -19.82
N LYS E 439 -80.65 16.50 -20.96
CA LYS E 439 -81.12 17.89 -21.12
C LYS E 439 -80.27 18.87 -20.33
N ALA E 440 -78.96 18.61 -20.26
CA ALA E 440 -78.05 19.58 -19.67
C ALA E 440 -77.94 20.80 -20.57
N LYS E 441 -77.52 21.92 -19.98
CA LYS E 441 -77.37 23.15 -20.74
C LYS E 441 -76.33 22.97 -21.84
N ALA E 442 -76.63 23.50 -23.02
CA ALA E 442 -75.75 23.33 -24.17
C ALA E 442 -74.38 23.94 -23.92
N SER E 443 -74.34 25.12 -23.30
CA SER E 443 -73.06 25.74 -22.94
C SER E 443 -72.31 24.88 -21.93
N THR E 444 -73.04 24.32 -20.96
CA THR E 444 -72.40 23.46 -19.97
C THR E 444 -71.90 22.17 -20.60
N VAL E 445 -72.58 21.69 -21.64
CA VAL E 445 -72.19 20.44 -22.28
C VAL E 445 -70.85 20.61 -22.96
N ASP E 446 -69.93 19.68 -22.70
CA ASP E 446 -68.60 19.67 -23.31
C ASP E 446 -68.60 18.58 -24.38
N LEU E 447 -68.76 18.99 -25.63
CA LEU E 447 -68.83 18.06 -26.75
C LEU E 447 -67.64 18.26 -27.67
N PRO E 448 -66.63 17.39 -27.61
CA PRO E 448 -65.36 17.61 -28.36
C PRO E 448 -65.48 17.22 -29.84
N ILE E 449 -66.29 18.01 -30.56
CA ILE E 449 -66.67 17.65 -31.93
C ILE E 449 -65.46 17.58 -32.86
N GLU E 450 -64.62 18.61 -32.86
CA GLU E 450 -63.48 18.66 -33.77
C GLU E 450 -62.46 17.57 -33.45
N SER E 451 -62.18 17.38 -32.16
CA SER E 451 -61.21 16.38 -31.75
C SER E 451 -61.68 14.97 -32.11
N VAL E 452 -62.98 14.70 -31.95
CA VAL E 452 -63.51 13.41 -32.36
C VAL E 452 -63.27 13.16 -33.84
N SER E 453 -63.57 14.13 -34.70
CA SER E 453 -63.39 13.95 -36.14
C SER E 453 -61.93 13.75 -36.49
N LEU E 454 -61.03 14.56 -35.91
CA LEU E 454 -59.63 14.46 -36.30
C LEU E 454 -59.00 13.17 -35.77
N SER E 455 -59.34 12.77 -34.55
CA SER E 455 -58.87 11.49 -34.02
C SER E 455 -59.44 10.31 -34.78
N LEU E 456 -60.68 10.40 -35.26
CA LEU E 456 -61.24 9.38 -36.15
C LEU E 456 -60.48 9.28 -37.47
N GLN E 457 -60.13 10.42 -38.06
CA GLN E 457 -59.26 10.40 -39.24
C GLN E 457 -57.92 9.74 -38.94
N ASP E 458 -57.31 10.09 -37.82
CA ASP E 458 -56.03 9.49 -37.44
C ASP E 458 -56.17 7.99 -37.22
N LEU E 459 -57.26 7.56 -36.56
CA LEU E 459 -57.46 6.13 -36.33
C LEU E 459 -57.68 5.37 -37.63
N ILE E 460 -58.45 5.93 -38.56
CA ILE E 460 -58.61 5.31 -39.86
C ILE E 460 -57.28 5.23 -40.61
N GLY E 461 -56.46 6.27 -40.54
CA GLY E 461 -55.13 6.22 -41.14
C GLY E 461 -54.25 5.15 -40.52
N TYR E 462 -54.35 5.01 -39.20
CA TYR E 462 -53.64 3.99 -38.45
C TYR E 462 -54.06 2.58 -38.83
N PHE E 463 -55.36 2.35 -39.09
CA PHE E 463 -55.86 1.03 -39.44
C PHE E 463 -56.01 0.86 -40.94
N HIS E 464 -55.49 1.78 -41.73
CA HIS E 464 -55.57 1.66 -43.19
C HIS E 464 -54.80 0.42 -43.66
N PRO E 465 -55.39 -0.38 -44.55
CA PRO E 465 -54.69 -1.59 -45.01
C PRO E 465 -53.49 -1.25 -45.87
N PRO E 466 -52.50 -2.12 -45.93
CA PRO E 466 -51.31 -1.83 -46.74
C PRO E 466 -51.63 -1.70 -48.22
N ASP E 467 -50.87 -0.85 -48.89
CA ASP E 467 -51.07 -0.62 -50.31
C ASP E 467 -50.40 -1.74 -51.11
N GLU E 468 -50.65 -1.73 -52.42
CA GLU E 468 -50.39 -2.91 -53.22
C GLU E 468 -49.04 -2.86 -53.94
N HIS E 469 -48.39 -1.69 -54.07
CA HIS E 469 -47.13 -1.73 -54.82
C HIS E 469 -46.18 -2.67 -54.14
N LEU E 470 -46.23 -2.69 -52.81
CA LEU E 470 -45.06 -2.87 -51.99
C LEU E 470 -44.42 -4.21 -52.28
N GLU E 471 -43.12 -4.28 -52.07
CA GLU E 471 -42.46 -5.57 -52.08
C GLU E 471 -43.14 -6.49 -51.07
N HIS E 472 -43.13 -7.79 -51.40
CA HIS E 472 -43.90 -8.77 -50.65
C HIS E 472 -43.58 -8.76 -49.17
N GLU E 473 -42.29 -8.69 -48.81
CA GLU E 473 -41.90 -8.76 -47.41
C GLU E 473 -42.36 -7.54 -46.63
N ASP E 474 -42.23 -6.34 -47.21
CA ASP E 474 -42.71 -5.13 -46.55
C ASP E 474 -44.23 -5.18 -46.38
N LYS E 475 -44.95 -5.65 -47.40
CA LYS E 475 -46.39 -5.80 -47.27
C LYS E 475 -46.75 -6.79 -46.16
N GLN E 476 -45.96 -7.87 -46.03
CA GLN E 476 -46.19 -8.84 -44.97
C GLN E 476 -45.99 -8.21 -43.60
N ASN E 477 -44.94 -7.39 -43.46
CA ASN E 477 -44.72 -6.71 -42.18
C ASN E 477 -45.87 -5.78 -41.85
N ARG E 478 -46.37 -5.04 -42.85
CA ARG E 478 -47.48 -4.12 -42.62
C ARG E 478 -48.74 -4.88 -42.23
N LEU E 479 -48.99 -6.02 -42.88
CA LEU E 479 -50.13 -6.84 -42.51
C LEU E 479 -50.01 -7.36 -41.08
N ARG E 480 -48.81 -7.79 -40.69
CA ARG E 480 -48.59 -8.25 -39.32
C ARG E 480 -48.86 -7.13 -38.31
N ALA E 481 -48.39 -5.92 -38.63
CA ALA E 481 -48.63 -4.78 -37.74
C ALA E 481 -50.11 -4.48 -37.62
N LEU E 482 -50.85 -4.55 -38.73
CA LEU E 482 -52.28 -4.33 -38.69
C LEU E 482 -52.99 -5.40 -37.87
N LYS E 483 -52.57 -6.65 -38.03
CA LYS E 483 -53.14 -7.73 -37.21
C LYS E 483 -52.92 -7.46 -35.73
N ASN E 484 -51.70 -7.08 -35.35
CA ASN E 484 -51.41 -6.82 -33.93
C ASN E 484 -52.21 -5.63 -33.42
N ARG E 485 -52.35 -4.58 -34.23
CA ARG E 485 -53.13 -3.42 -33.83
C ARG E 485 -54.58 -3.80 -33.58
N GLN E 486 -55.18 -4.56 -34.50
CA GLN E 486 -56.57 -4.98 -34.33
C GLN E 486 -56.74 -5.85 -33.11
N ASN E 487 -55.81 -6.78 -32.89
CA ASN E 487 -55.90 -7.67 -31.73
C ASN E 487 -55.81 -6.87 -30.42
N LEU E 488 -54.87 -5.92 -30.34
CA LEU E 488 -54.75 -5.11 -29.13
C LEU E 488 -56.00 -4.28 -28.90
N PHE E 489 -56.53 -3.66 -29.97
CA PHE E 489 -57.73 -2.85 -29.82
C PHE E 489 -58.90 -3.69 -29.32
N GLN E 490 -59.10 -4.88 -29.88
CA GLN E 490 -60.23 -5.70 -29.44
C GLN E 490 -60.02 -6.23 -28.03
N GLU E 491 -58.79 -6.63 -27.68
CA GLU E 491 -58.52 -7.08 -26.32
C GLU E 491 -58.72 -5.97 -25.30
N GLU E 492 -58.47 -4.72 -25.67
CA GLU E 492 -58.85 -3.59 -24.84
C GLU E 492 -60.33 -3.22 -25.03
N GLY E 493 -61.03 -3.91 -25.91
CA GLY E 493 -62.47 -3.74 -26.03
C GLY E 493 -62.87 -2.47 -26.74
N MET E 494 -62.19 -2.14 -27.83
CA MET E 494 -62.43 -0.90 -28.55
C MET E 494 -63.62 -0.97 -29.50
N ILE E 495 -64.13 -2.17 -29.77
CA ILE E 495 -65.32 -2.31 -30.61
C ILE E 495 -66.57 -1.83 -29.88
N ASN E 496 -66.73 -2.19 -28.60
CA ASN E 496 -67.91 -1.81 -27.84
C ASN E 496 -68.01 -0.30 -27.65
N LEU E 497 -66.88 0.38 -27.45
CA LEU E 497 -66.88 1.82 -27.30
C LEU E 497 -67.37 2.51 -28.59
N VAL E 498 -66.90 2.02 -29.73
CA VAL E 498 -67.35 2.54 -31.02
C VAL E 498 -68.84 2.28 -31.20
N LEU E 499 -69.30 1.08 -30.81
CA LEU E 499 -70.72 0.77 -30.91
C LEU E 499 -71.55 1.69 -30.03
N GLU E 500 -71.08 1.98 -28.81
CA GLU E 500 -71.78 2.92 -27.94
C GLU E 500 -71.84 4.31 -28.55
N CYS E 501 -70.74 4.79 -29.13
CA CYS E 501 -70.77 6.10 -29.79
C CYS E 501 -71.76 6.10 -30.95
N ILE E 502 -71.79 5.01 -31.72
CA ILE E 502 -72.71 4.91 -32.85
C ILE E 502 -74.16 4.95 -32.36
N ASP E 503 -74.45 4.24 -31.28
CA ASP E 503 -75.80 4.23 -30.73
C ASP E 503 -76.20 5.62 -30.22
N ARG E 504 -75.27 6.28 -29.51
CA ARG E 504 -75.57 7.60 -28.96
C ARG E 504 -75.76 8.64 -30.06
N LEU E 505 -75.10 8.44 -31.21
CA LEU E 505 -75.38 9.30 -32.35
C LEU E 505 -76.67 8.94 -33.06
N HIS E 506 -77.04 7.65 -33.09
CA HIS E 506 -78.24 7.21 -33.77
C HIS E 506 -79.51 7.50 -32.98
N VAL E 507 -79.42 7.80 -31.68
CA VAL E 507 -80.63 8.17 -30.95
C VAL E 507 -81.30 9.39 -31.57
N TYR E 508 -80.52 10.26 -32.21
CA TYR E 508 -81.09 11.40 -32.93
C TYR E 508 -81.44 10.99 -34.36
N SER E 509 -82.62 11.43 -34.82
CA SER E 509 -83.14 10.95 -36.10
C SER E 509 -82.38 11.54 -37.28
N SER E 510 -82.12 12.85 -37.26
CA SER E 510 -81.59 13.54 -38.43
C SER E 510 -80.53 14.54 -38.01
N ALA E 511 -79.76 15.00 -39.00
CA ALA E 511 -78.74 16.01 -38.78
C ALA E 511 -79.31 17.34 -38.32
N ALA E 512 -80.56 17.65 -38.68
CA ALA E 512 -81.24 18.82 -38.17
C ALA E 512 -81.78 18.63 -36.76
N HIS E 513 -82.28 17.45 -36.42
CA HIS E 513 -82.69 17.18 -35.05
C HIS E 513 -81.49 17.24 -34.11
N PHE E 514 -80.35 16.70 -34.53
CA PHE E 514 -79.14 16.81 -33.73
C PHE E 514 -78.65 18.25 -33.70
N ALA E 515 -78.78 18.97 -34.81
CA ALA E 515 -78.41 20.38 -34.84
C ALA E 515 -79.28 21.21 -33.89
N ASP E 516 -80.50 20.79 -33.63
CA ASP E 516 -81.38 21.48 -32.70
C ASP E 516 -81.08 21.11 -31.24
N VAL E 517 -80.93 19.81 -30.96
CA VAL E 517 -80.61 19.40 -29.59
C VAL E 517 -79.24 19.89 -29.17
N ALA E 518 -78.23 19.64 -30.00
CA ALA E 518 -76.87 20.16 -29.80
C ALA E 518 -76.73 21.49 -30.53
N GLY E 519 -75.50 21.97 -30.70
CA GLY E 519 -75.26 23.19 -31.41
C GLY E 519 -75.28 22.96 -32.91
N ARG E 520 -75.25 24.09 -33.65
CA ARG E 520 -75.10 24.03 -35.10
C ARG E 520 -74.10 22.99 -35.48
N GLU E 521 -72.89 23.16 -34.97
CA GLU E 521 -71.70 22.56 -35.54
C GLU E 521 -71.64 21.07 -35.25
N ALA E 522 -72.17 20.66 -34.10
CA ALA E 522 -72.45 19.25 -33.89
C ALA E 522 -73.44 18.75 -34.92
N GLY E 523 -74.46 19.55 -35.25
CA GLY E 523 -75.37 19.16 -36.31
C GLY E 523 -74.67 19.05 -37.66
N GLU E 524 -73.76 19.98 -37.95
CA GLU E 524 -73.04 19.99 -39.22
C GLU E 524 -72.18 18.75 -39.40
N SER E 525 -71.47 18.32 -38.36
CA SER E 525 -70.54 17.22 -38.45
C SER E 525 -71.12 15.88 -37.97
N TRP E 526 -72.40 15.85 -37.60
CA TRP E 526 -73.04 14.60 -37.20
C TRP E 526 -72.90 13.50 -38.25
N LYS E 527 -73.26 13.78 -39.50
CA LYS E 527 -73.18 12.79 -40.57
C LYS E 527 -71.75 12.31 -40.80
N SER E 528 -70.80 13.25 -40.83
CA SER E 528 -69.40 12.89 -41.04
C SER E 528 -68.88 12.01 -39.90
N ILE E 529 -69.24 12.34 -38.66
CA ILE E 529 -68.78 11.55 -37.52
C ILE E 529 -69.39 10.15 -37.56
N LEU E 530 -70.68 10.06 -37.90
CA LEU E 530 -71.30 8.73 -38.01
C LEU E 530 -70.64 7.88 -39.10
N ASN E 531 -70.41 8.47 -40.28
CA ASN E 531 -69.75 7.73 -41.35
C ASN E 531 -68.34 7.32 -40.97
N SER E 532 -67.60 8.21 -40.31
CA SER E 532 -66.24 7.89 -39.89
C SER E 532 -66.24 6.77 -38.85
N LEU E 533 -67.21 6.79 -37.95
CA LEU E 533 -67.29 5.72 -36.94
C LEU E 533 -67.58 4.38 -37.60
N TYR E 534 -68.50 4.35 -38.57
CA TYR E 534 -68.78 3.10 -39.26
C TYR E 534 -67.56 2.62 -40.05
N GLU E 535 -66.86 3.54 -40.70
CA GLU E 535 -65.64 3.18 -41.41
C GLU E 535 -64.58 2.64 -40.46
N LEU E 536 -64.46 3.23 -39.27
CA LEU E 536 -63.51 2.76 -38.28
C LEU E 536 -63.87 1.36 -37.80
N LEU E 537 -65.16 1.10 -37.57
CA LEU E 537 -65.57 -0.25 -37.18
C LEU E 537 -65.21 -1.26 -38.27
N ALA E 538 -65.48 -0.89 -39.53
CA ALA E 538 -65.13 -1.78 -40.63
C ALA E 538 -63.63 -2.03 -40.68
N ALA E 539 -62.82 -0.99 -40.47
CA ALA E 539 -61.37 -1.13 -40.44
C ALA E 539 -60.87 -2.01 -39.30
N LEU E 540 -61.44 -1.88 -38.11
CA LEU E 540 -61.06 -2.72 -36.97
C LEU E 540 -61.51 -4.16 -37.10
N ILE E 541 -62.57 -4.44 -37.85
CA ILE E 541 -63.02 -5.81 -38.03
C ILE E 541 -62.42 -6.49 -39.25
N ARG E 542 -62.00 -5.72 -40.27
CA ARG E 542 -61.65 -6.29 -41.55
C ARG E 542 -60.45 -7.23 -41.44
N GLY E 543 -60.57 -8.41 -42.03
CA GLY E 543 -59.46 -9.33 -42.16
C GLY E 543 -59.11 -10.11 -40.92
N ASN E 544 -59.83 -9.93 -39.82
CA ASN E 544 -59.50 -10.58 -38.55
C ASN E 544 -60.61 -11.59 -38.24
N ARG E 545 -60.24 -12.87 -38.32
CA ARG E 545 -61.18 -13.95 -38.04
C ARG E 545 -61.72 -13.90 -36.62
N LYS E 546 -60.90 -13.55 -35.64
CA LYS E 546 -61.43 -13.46 -34.28
C LYS E 546 -62.37 -12.25 -34.13
N ASN E 547 -61.97 -11.07 -34.62
CA ASN E 547 -62.81 -9.89 -34.45
C ASN E 547 -64.17 -10.08 -35.09
N CYS E 548 -64.20 -10.64 -36.30
CA CYS E 548 -65.46 -10.96 -36.95
C CYS E 548 -66.22 -12.08 -36.24
N ALA E 549 -65.57 -12.83 -35.34
CA ALA E 549 -66.23 -13.86 -34.56
C ALA E 549 -66.86 -13.34 -33.27
N GLN E 550 -66.18 -12.44 -32.55
CA GLN E 550 -66.82 -11.80 -31.41
C GLN E 550 -67.71 -10.63 -31.80
N PHE E 551 -67.75 -10.24 -33.07
CA PHE E 551 -68.80 -9.35 -33.54
C PHE E 551 -70.08 -10.08 -33.92
N SER E 552 -70.07 -11.41 -33.85
CA SER E 552 -71.24 -12.20 -34.24
C SER E 552 -72.43 -11.90 -33.34
N GLY E 553 -72.19 -11.76 -32.03
CA GLY E 553 -73.27 -11.48 -31.12
C GLY E 553 -73.95 -10.15 -31.39
N SER E 554 -73.15 -9.12 -31.68
CA SER E 554 -73.68 -7.80 -31.97
C SER E 554 -74.12 -7.63 -33.41
N LEU E 555 -73.90 -8.63 -34.26
CA LEU E 555 -74.36 -8.55 -35.65
C LEU E 555 -75.86 -8.27 -35.75
N ASP E 556 -76.66 -8.89 -34.89
CA ASP E 556 -78.12 -8.74 -34.99
C ASP E 556 -78.54 -7.29 -34.75
N TRP E 557 -77.94 -6.64 -33.75
CA TRP E 557 -78.26 -5.24 -33.50
C TRP E 557 -77.85 -4.34 -34.65
N LEU E 558 -76.75 -4.68 -35.34
CA LEU E 558 -76.27 -3.86 -36.44
C LEU E 558 -77.27 -3.84 -37.60
N ILE E 559 -77.83 -5.01 -37.94
CA ILE E 559 -78.70 -5.12 -39.10
C ILE E 559 -80.06 -4.51 -38.84
N SER E 560 -80.38 -4.20 -37.58
CA SER E 560 -81.66 -3.60 -37.23
C SER E 560 -81.78 -2.16 -37.72
N ARG E 561 -80.65 -1.46 -37.91
CA ARG E 561 -80.64 -0.08 -38.38
C ARG E 561 -80.24 0.02 -39.84
N LEU E 562 -80.38 -1.08 -40.60
CA LEU E 562 -79.96 -1.09 -42.00
C LEU E 562 -80.80 -0.15 -42.87
N GLU E 563 -82.09 0.00 -42.54
CA GLU E 563 -82.99 0.77 -43.39
C GLU E 563 -82.68 2.26 -43.34
N ARG E 564 -82.04 2.74 -42.29
CA ARG E 564 -81.77 4.17 -42.17
C ARG E 564 -80.79 4.64 -43.24
N LEU E 565 -81.08 5.79 -43.82
CA LEU E 565 -80.32 6.30 -44.96
C LEU E 565 -78.94 6.81 -44.57
N GLU E 566 -78.73 7.24 -43.33
CA GLU E 566 -77.46 7.81 -42.92
C GLU E 566 -76.43 6.76 -42.51
N ALA E 567 -76.79 5.48 -42.54
CA ALA E 567 -75.89 4.42 -42.10
C ALA E 567 -75.91 3.19 -43.00
N SER E 568 -76.64 3.23 -44.12
CA SER E 568 -76.80 2.03 -44.94
C SER E 568 -75.47 1.56 -45.51
N SER E 569 -74.66 2.49 -46.06
CA SER E 569 -73.42 2.09 -46.70
C SER E 569 -72.43 1.54 -45.69
N GLY E 570 -72.25 2.21 -44.56
CA GLY E 570 -71.35 1.72 -43.53
C GLY E 570 -71.78 0.39 -42.96
N ILE E 571 -73.09 0.24 -42.70
CA ILE E 571 -73.60 -1.02 -42.18
C ILE E 571 -73.38 -2.14 -43.20
N LEU E 572 -73.59 -1.85 -44.48
CA LEU E 572 -73.36 -2.85 -45.52
C LEU E 572 -71.89 -3.26 -45.57
N GLU E 573 -70.97 -2.29 -45.47
CA GLU E 573 -69.55 -2.61 -45.49
C GLU E 573 -69.17 -3.49 -44.29
N VAL E 574 -69.65 -3.12 -43.09
CA VAL E 574 -69.34 -3.90 -41.90
C VAL E 574 -69.92 -5.30 -42.01
N LEU E 575 -71.17 -5.42 -42.47
CA LEU E 575 -71.78 -6.74 -42.64
C LEU E 575 -71.04 -7.57 -43.67
N HIS E 576 -70.61 -6.97 -44.78
CA HIS E 576 -69.83 -7.68 -45.78
C HIS E 576 -68.53 -8.20 -45.21
N CYS E 577 -67.79 -7.38 -44.46
CA CYS E 577 -66.56 -7.85 -43.84
C CYS E 577 -66.81 -9.01 -42.88
N VAL E 578 -67.83 -8.88 -42.02
CA VAL E 578 -68.12 -9.93 -41.05
C VAL E 578 -68.50 -11.22 -41.75
N LEU E 579 -69.35 -11.14 -42.79
CA LEU E 579 -69.79 -12.35 -43.48
C LEU E 579 -68.66 -13.01 -44.25
N VAL E 580 -67.78 -12.22 -44.86
CA VAL E 580 -66.65 -12.79 -45.58
C VAL E 580 -65.68 -13.49 -44.62
N GLU E 581 -65.41 -12.87 -43.47
CA GLU E 581 -64.38 -13.43 -42.60
C GLU E 581 -64.89 -14.53 -41.68
N SER E 582 -66.04 -14.35 -41.03
CA SER E 582 -66.47 -15.26 -39.98
C SER E 582 -67.51 -16.24 -40.52
N PRO E 583 -67.26 -17.54 -40.48
CA PRO E 583 -68.30 -18.52 -40.84
C PRO E 583 -69.30 -18.73 -39.72
N GLU E 584 -69.08 -18.07 -38.59
CA GLU E 584 -69.96 -18.17 -37.42
C GLU E 584 -71.13 -17.20 -37.49
N ALA E 585 -70.93 -16.02 -38.05
CA ALA E 585 -72.02 -15.04 -38.15
C ALA E 585 -73.10 -15.54 -39.11
N LEU E 586 -72.72 -16.38 -40.07
CA LEU E 586 -73.70 -16.92 -41.01
C LEU E 586 -74.73 -17.80 -40.32
N ASN E 587 -74.32 -18.50 -39.26
CA ASN E 587 -75.27 -19.28 -38.48
C ASN E 587 -76.30 -18.36 -37.82
N ILE E 588 -75.85 -17.21 -37.32
CA ILE E 588 -76.76 -16.27 -36.65
C ILE E 588 -77.69 -15.62 -37.67
N ILE E 589 -77.19 -15.36 -38.89
CA ILE E 589 -78.03 -14.75 -39.91
C ILE E 589 -79.21 -15.66 -40.22
N LYS E 590 -80.42 -15.08 -40.20
CA LYS E 590 -81.65 -15.85 -40.34
C LYS E 590 -82.54 -15.23 -41.44
N GLU E 591 -83.76 -15.77 -41.54
CA GLU E 591 -84.70 -15.31 -42.56
C GLU E 591 -85.11 -13.86 -42.31
N GLY E 592 -85.30 -13.49 -41.04
CA GLY E 592 -85.64 -12.12 -40.72
C GLY E 592 -84.60 -11.10 -41.10
N HIS E 593 -83.34 -11.50 -41.19
CA HIS E 593 -82.28 -10.64 -41.68
C HIS E 593 -82.12 -10.69 -43.19
N ILE E 594 -82.26 -11.87 -43.80
CA ILE E 594 -82.22 -11.97 -45.25
C ILE E 594 -83.34 -11.18 -45.92
N LYS E 595 -84.57 -11.28 -45.41
CA LYS E 595 -85.67 -10.48 -45.93
C LYS E 595 -85.47 -8.98 -45.71
N SER E 596 -84.86 -8.58 -44.60
CA SER E 596 -84.53 -7.17 -44.40
C SER E 596 -83.51 -6.69 -45.42
N ILE E 597 -82.49 -7.51 -45.72
CA ILE E 597 -81.51 -7.13 -46.72
C ILE E 597 -82.17 -7.03 -48.10
N ILE E 598 -83.12 -7.92 -48.39
CA ILE E 598 -83.81 -7.85 -49.68
C ILE E 598 -84.71 -6.61 -49.75
N SER E 599 -85.39 -6.28 -48.66
CA SER E 599 -86.18 -5.05 -48.62
C SER E 599 -85.29 -3.83 -48.74
N LEU E 600 -84.04 -3.90 -48.30
CA LEU E 600 -83.09 -2.83 -48.55
C LEU E 600 -82.90 -2.58 -50.04
N LEU E 601 -82.71 -3.66 -50.81
CA LEU E 601 -82.62 -3.52 -52.26
C LEU E 601 -83.91 -3.00 -52.85
N ASP E 602 -85.06 -3.45 -52.34
CA ASP E 602 -86.35 -3.00 -52.85
C ASP E 602 -86.54 -1.51 -52.64
N LYS E 603 -86.14 -0.99 -51.47
CA LYS E 603 -86.41 0.39 -51.10
C LYS E 603 -85.36 1.37 -51.60
N HIS E 604 -84.08 1.07 -51.42
CA HIS E 604 -83.03 2.01 -51.77
C HIS E 604 -82.62 1.94 -53.24
N GLY E 605 -83.12 0.96 -53.98
CA GLY E 605 -82.85 0.87 -55.40
C GLY E 605 -81.82 -0.21 -55.71
N ARG E 606 -81.51 -0.29 -57.00
CA ARG E 606 -80.58 -1.28 -57.52
C ARG E 606 -79.14 -0.96 -57.11
N ASN E 607 -78.65 -1.63 -56.08
CA ASN E 607 -77.30 -1.43 -55.56
C ASN E 607 -76.56 -2.76 -55.56
N HIS E 608 -75.35 -2.75 -56.11
CA HIS E 608 -74.61 -4.00 -56.31
C HIS E 608 -73.98 -4.51 -55.01
N LYS E 609 -73.77 -3.65 -54.02
CA LYS E 609 -73.20 -4.11 -52.76
C LYS E 609 -74.16 -5.01 -51.99
N VAL E 610 -75.46 -4.73 -52.05
CA VAL E 610 -76.44 -5.64 -51.47
C VAL E 610 -76.38 -6.99 -52.15
N LEU E 611 -76.23 -7.00 -53.47
CA LEU E 611 -76.09 -8.26 -54.21
C LEU E 611 -74.84 -9.01 -53.77
N ASP E 612 -73.73 -8.29 -53.57
CA ASP E 612 -72.50 -8.93 -53.11
C ASP E 612 -72.66 -9.53 -51.72
N VAL E 613 -73.35 -8.81 -50.83
CA VAL E 613 -73.61 -9.35 -49.49
C VAL E 613 -74.47 -10.60 -49.59
N LEU E 614 -75.49 -10.58 -50.46
CA LEU E 614 -76.30 -11.77 -50.66
C LEU E 614 -75.50 -12.94 -51.21
N CYS E 615 -74.57 -12.68 -52.13
CA CYS E 615 -73.67 -13.72 -52.62
C CYS E 615 -72.81 -14.30 -51.51
N SER E 616 -72.23 -13.43 -50.67
CA SER E 616 -71.44 -13.89 -49.54
C SER E 616 -72.27 -14.69 -48.55
N LEU E 617 -73.57 -14.41 -48.45
CA LEU E 617 -74.43 -15.17 -47.55
C LEU E 617 -74.60 -16.62 -48.02
N CYS E 618 -74.40 -16.88 -49.31
CA CYS E 618 -74.61 -18.22 -49.84
C CYS E 618 -73.43 -19.14 -49.54
N VAL E 619 -72.24 -18.78 -50.04
CA VAL E 619 -71.06 -19.62 -49.95
C VAL E 619 -69.98 -18.86 -49.17
N CYS E 620 -69.40 -19.52 -48.17
CA CYS E 620 -68.30 -18.97 -47.39
C CYS E 620 -67.18 -20.00 -47.31
N HIS E 621 -65.98 -19.60 -47.73
CA HIS E 621 -64.79 -20.43 -47.65
C HIS E 621 -65.01 -21.79 -48.33
N GLY E 622 -65.75 -21.77 -49.44
CA GLY E 622 -66.03 -22.98 -50.19
C GLY E 622 -67.13 -23.85 -49.62
N VAL E 623 -67.92 -23.35 -48.68
CA VAL E 623 -69.01 -24.10 -48.07
C VAL E 623 -70.32 -23.40 -48.40
N ALA E 624 -71.27 -24.16 -48.94
CA ALA E 624 -72.55 -23.62 -49.37
C ALA E 624 -73.60 -23.85 -48.30
N VAL E 625 -74.35 -22.80 -47.97
CA VAL E 625 -75.42 -22.88 -46.98
C VAL E 625 -76.73 -23.06 -47.75
N ARG E 626 -77.27 -24.27 -47.69
CA ARG E 626 -78.49 -24.59 -48.43
C ARG E 626 -79.68 -23.74 -47.97
N SER E 627 -79.82 -23.54 -46.66
CA SER E 627 -80.92 -22.74 -46.16
C SER E 627 -80.85 -21.31 -46.66
N ASN E 628 -79.67 -20.70 -46.62
CA ASN E 628 -79.51 -19.33 -47.11
C ASN E 628 -79.77 -19.26 -48.61
N GLN E 629 -79.28 -20.25 -49.36
CA GLN E 629 -79.52 -20.27 -50.80
C GLN E 629 -81.00 -20.35 -51.10
N HIS E 630 -81.72 -21.25 -50.42
CA HIS E 630 -83.15 -21.41 -50.64
C HIS E 630 -83.91 -20.14 -50.26
N LEU E 631 -83.57 -19.53 -49.12
CA LEU E 631 -84.25 -18.31 -48.72
C LEU E 631 -84.03 -17.18 -49.71
N ILE E 632 -82.79 -16.96 -50.14
CA ILE E 632 -82.52 -15.90 -51.10
C ILE E 632 -83.26 -16.14 -52.40
N CYS E 633 -83.21 -17.37 -52.91
CA CYS E 633 -83.92 -17.68 -54.15
C CYS E 633 -85.42 -17.43 -54.03
N ASP E 634 -86.06 -18.05 -53.04
CA ASP E 634 -87.50 -17.99 -52.88
C ASP E 634 -88.00 -16.62 -52.43
N ASN E 635 -87.12 -15.76 -51.94
CA ASN E 635 -87.54 -14.43 -51.52
C ASN E 635 -87.20 -13.34 -52.54
N LEU E 636 -86.29 -13.62 -53.47
CA LEU E 636 -85.92 -12.61 -54.46
C LEU E 636 -86.39 -12.94 -55.88
N LEU E 637 -86.15 -14.15 -56.36
CA LEU E 637 -86.40 -14.48 -57.77
C LEU E 637 -87.87 -14.37 -58.20
N PRO E 638 -88.84 -14.95 -57.46
CA PRO E 638 -90.21 -15.01 -58.00
C PRO E 638 -90.83 -13.65 -58.27
N GLY E 639 -90.41 -12.60 -57.56
CA GLY E 639 -91.03 -11.30 -57.73
C GLY E 639 -90.87 -10.73 -59.12
N ARG E 640 -89.66 -10.86 -59.69
CA ARG E 640 -89.34 -10.29 -61.00
C ARG E 640 -89.66 -8.79 -61.05
N ASP E 641 -89.33 -8.09 -59.97
CA ASP E 641 -89.57 -6.66 -59.86
C ASP E 641 -88.33 -5.84 -59.54
N LEU E 642 -87.24 -6.45 -59.07
CA LEU E 642 -86.02 -5.74 -58.73
C LEU E 642 -84.89 -6.06 -59.70
N LEU E 643 -84.56 -7.33 -59.88
CA LEU E 643 -83.51 -7.71 -60.82
C LEU E 643 -84.01 -7.54 -62.25
N LEU E 644 -83.09 -7.15 -63.13
CA LEU E 644 -83.44 -6.95 -64.54
C LEU E 644 -83.81 -8.28 -65.18
N GLN E 645 -84.86 -8.26 -66.01
CA GLN E 645 -85.37 -9.45 -66.64
C GLN E 645 -84.93 -9.52 -68.10
N THR E 646 -84.79 -10.74 -68.60
CA THR E 646 -84.16 -11.00 -69.89
C THR E 646 -85.03 -11.95 -70.70
N ARG E 647 -85.02 -11.77 -72.02
CA ARG E 647 -85.72 -12.63 -72.95
C ARG E 647 -85.16 -12.45 -74.35
N LEU E 648 -85.29 -13.50 -75.16
CA LEU E 648 -84.92 -13.45 -76.57
C LEU E 648 -86.13 -13.04 -77.39
N VAL E 649 -86.02 -11.91 -78.09
CA VAL E 649 -87.14 -11.31 -78.81
C VAL E 649 -86.83 -11.30 -80.30
N ASN E 650 -87.78 -11.76 -81.10
CA ASN E 650 -87.63 -11.75 -82.56
C ASN E 650 -87.60 -10.32 -83.07
N HIS E 651 -86.73 -10.07 -84.06
CA HIS E 651 -86.71 -8.77 -84.71
C HIS E 651 -87.97 -8.58 -85.55
N VAL E 652 -88.49 -7.36 -85.57
CA VAL E 652 -89.72 -7.03 -86.28
C VAL E 652 -89.48 -5.85 -87.21
N SER E 653 -89.88 -6.00 -88.46
CA SER E 653 -89.76 -4.95 -89.46
C SER E 653 -91.14 -4.65 -90.04
N SER E 654 -91.25 -3.52 -90.74
CA SER E 654 -92.52 -3.05 -91.23
C SER E 654 -92.41 -2.62 -92.70
N MET E 655 -93.48 -2.86 -93.45
CA MET E 655 -93.56 -2.53 -94.87
C MET E 655 -94.63 -1.47 -95.03
N ARG E 656 -94.36 -0.45 -95.86
CA ARG E 656 -95.43 0.52 -96.11
C ARG E 656 -95.39 1.02 -97.56
N PRO E 657 -96.54 1.42 -98.09
CA PRO E 657 -96.57 2.05 -99.41
C PRO E 657 -96.21 3.54 -99.32
N ASN E 658 -96.11 4.15 -100.51
CA ASN E 658 -95.79 5.58 -100.58
C ASN E 658 -96.94 6.46 -100.10
N ILE E 659 -98.18 5.96 -100.22
CA ILE E 659 -99.35 6.81 -100.01
C ILE E 659 -99.36 7.38 -98.60
N PHE E 660 -99.59 8.68 -98.50
CA PHE E 660 -99.72 9.39 -97.23
C PHE E 660 -101.14 9.96 -97.18
N LEU E 661 -101.96 9.43 -96.28
CA LEU E 661 -103.37 9.77 -96.21
C LEU E 661 -103.62 10.69 -95.03
N GLY E 662 -104.12 11.90 -95.31
CA GLY E 662 -104.42 12.85 -94.26
C GLY E 662 -105.70 13.59 -94.54
N VAL E 663 -106.27 14.17 -93.49
CA VAL E 663 -107.51 14.93 -93.56
C VAL E 663 -107.32 16.25 -92.84
N SER E 664 -107.78 17.33 -93.46
CA SER E 664 -107.76 18.65 -92.86
C SER E 664 -108.86 19.48 -93.49
N GLU E 665 -109.26 20.54 -92.78
CA GLU E 665 -110.36 21.38 -93.25
C GLU E 665 -109.96 22.13 -94.52
N GLY E 666 -110.87 22.15 -95.49
CA GLY E 666 -110.63 22.85 -96.73
C GLY E 666 -109.49 22.26 -97.56
N SER E 667 -109.35 20.94 -97.56
CA SER E 667 -108.29 20.26 -98.28
C SER E 667 -108.87 19.14 -99.13
N ALA E 668 -108.26 18.89 -100.28
CA ALA E 668 -108.80 17.97 -101.28
C ALA E 668 -108.20 16.57 -101.15
N GLN E 669 -108.65 15.85 -100.12
CA GLN E 669 -108.31 14.45 -99.93
C GLN E 669 -109.57 13.67 -99.58
N TYR E 670 -109.79 12.55 -100.27
CA TYR E 670 -110.92 11.71 -99.96
C TYR E 670 -110.76 11.08 -98.59
N LYS E 671 -111.84 11.07 -97.82
CA LYS E 671 -111.79 10.67 -96.41
C LYS E 671 -111.95 9.18 -96.20
N LYS E 672 -112.19 8.40 -97.25
CA LYS E 672 -112.44 6.97 -97.13
C LYS E 672 -111.47 6.22 -98.02
N TRP E 673 -110.84 5.18 -97.46
CA TRP E 673 -109.83 4.42 -98.19
C TRP E 673 -109.95 2.94 -97.84
N TYR E 674 -109.45 2.10 -98.74
CA TYR E 674 -109.59 0.66 -98.62
C TYR E 674 -108.42 -0.03 -99.30
N TYR E 675 -107.91 -1.09 -98.67
CA TYR E 675 -106.83 -1.89 -99.23
C TYR E 675 -106.90 -3.29 -98.64
N GLU E 676 -106.19 -4.22 -99.28
CA GLU E 676 -106.23 -5.62 -98.89
C GLU E 676 -104.82 -6.18 -98.77
N LEU E 677 -104.65 -7.08 -97.81
CA LEU E 677 -103.43 -7.87 -97.65
C LEU E 677 -103.80 -9.34 -97.63
N MET E 678 -103.02 -10.15 -98.34
CA MET E 678 -103.25 -11.59 -98.41
C MET E 678 -101.96 -12.32 -98.04
N VAL E 679 -102.08 -13.32 -97.17
CA VAL E 679 -100.93 -14.08 -96.70
C VAL E 679 -100.75 -15.28 -97.63
N ASP E 680 -99.66 -15.27 -98.41
CA ASP E 680 -99.37 -16.40 -99.28
C ASP E 680 -98.84 -17.60 -98.48
N HIS E 681 -97.99 -17.33 -97.50
CA HIS E 681 -97.44 -18.39 -96.64
C HIS E 681 -96.88 -17.77 -95.38
N THR E 682 -97.02 -18.50 -94.27
CA THR E 682 -96.42 -18.09 -93.01
C THR E 682 -96.15 -19.33 -92.18
N GLU E 683 -95.10 -19.28 -91.37
CA GLU E 683 -94.74 -20.39 -90.48
C GLU E 683 -95.11 -20.04 -89.05
N PRO E 684 -95.97 -20.83 -88.40
CA PRO E 684 -96.39 -20.48 -87.04
C PRO E 684 -95.25 -20.35 -86.05
N PHE E 685 -94.21 -21.19 -86.19
CA PHE E 685 -93.06 -21.15 -85.27
C PHE E 685 -91.78 -21.39 -86.08
N VAL E 686 -91.16 -20.29 -86.53
CA VAL E 686 -89.84 -20.36 -87.14
C VAL E 686 -88.74 -20.43 -86.11
N THR E 687 -89.06 -20.22 -84.84
CA THR E 687 -88.09 -20.18 -83.75
C THR E 687 -88.81 -20.52 -82.46
N ALA E 688 -88.15 -20.24 -81.33
CA ALA E 688 -88.74 -20.55 -80.03
C ALA E 688 -90.04 -19.79 -79.82
N GLU E 689 -90.08 -18.51 -80.21
CA GLU E 689 -91.25 -17.68 -80.04
C GLU E 689 -92.11 -17.66 -81.30
N ALA E 690 -93.36 -17.26 -81.14
CA ALA E 690 -94.33 -17.28 -82.22
C ALA E 690 -94.01 -16.21 -83.26
N THR E 691 -94.40 -16.50 -84.50
CA THR E 691 -94.21 -15.54 -85.59
C THR E 691 -95.11 -14.33 -85.41
N HIS E 692 -94.56 -13.17 -85.71
CA HIS E 692 -95.27 -11.89 -85.61
C HIS E 692 -95.82 -11.54 -86.98
N LEU E 693 -97.11 -11.21 -87.05
CA LEU E 693 -97.77 -10.80 -88.29
C LEU E 693 -98.99 -9.95 -87.93
N ARG E 694 -98.85 -8.64 -88.09
CA ARG E 694 -99.94 -7.70 -87.82
C ARG E 694 -100.10 -6.77 -89.02
N VAL E 695 -101.36 -6.46 -89.34
CA VAL E 695 -101.68 -5.58 -90.46
C VAL E 695 -102.64 -4.50 -89.98
N GLY E 696 -102.55 -3.34 -90.61
CA GLY E 696 -103.42 -2.23 -90.28
C GLY E 696 -102.82 -0.93 -90.78
N TRP E 697 -103.27 0.16 -90.15
CA TRP E 697 -102.84 1.50 -90.50
C TRP E 697 -101.94 2.09 -89.41
N ALA E 698 -101.12 3.05 -89.82
CA ALA E 698 -100.27 3.78 -88.90
C ALA E 698 -100.32 5.26 -89.23
N SER E 699 -100.00 6.09 -88.24
CA SER E 699 -100.07 7.54 -88.38
C SER E 699 -98.73 8.16 -88.03
N THR E 700 -98.46 9.31 -88.64
CA THR E 700 -97.26 10.08 -88.40
C THR E 700 -97.57 11.30 -87.55
N GLU E 701 -96.65 11.66 -86.66
CA GLU E 701 -96.80 12.86 -85.85
C GLU E 701 -96.53 14.08 -86.72
N GLY E 702 -97.48 15.02 -86.74
CA GLY E 702 -97.36 16.18 -87.59
C GLY E 702 -97.40 15.82 -89.07
N TYR E 703 -96.75 16.65 -89.88
CA TYR E 703 -96.67 16.43 -91.32
C TYR E 703 -95.35 15.78 -91.74
N SER E 704 -94.50 15.41 -90.79
CA SER E 704 -93.27 14.72 -91.11
C SER E 704 -93.57 13.33 -91.66
N PRO E 705 -92.99 12.93 -92.79
CA PRO E 705 -93.25 11.60 -93.34
C PRO E 705 -92.72 10.47 -92.47
N TYR E 706 -91.85 10.76 -91.51
CA TYR E 706 -91.28 9.74 -90.65
C TYR E 706 -92.35 9.20 -89.70
N PRO E 707 -92.53 7.87 -89.63
CA PRO E 707 -93.50 7.31 -88.68
C PRO E 707 -93.16 7.69 -87.25
N GLY E 708 -94.19 7.98 -86.47
CA GLY E 708 -94.03 8.47 -85.11
C GLY E 708 -94.49 7.46 -84.07
N GLY E 709 -93.91 7.58 -82.88
CA GLY E 709 -94.34 6.82 -81.73
C GLY E 709 -93.66 5.48 -81.55
N GLY E 710 -92.94 4.99 -82.55
CA GLY E 710 -92.34 3.68 -82.50
C GLY E 710 -90.84 3.74 -82.63
N GLU E 711 -90.16 2.80 -81.97
CA GLU E 711 -88.71 2.68 -82.10
C GLU E 711 -88.34 2.21 -83.50
N GLU E 712 -87.19 2.66 -83.98
CA GLU E 712 -86.77 2.33 -85.34
C GLU E 712 -86.52 0.83 -85.50
N TRP E 713 -86.06 0.17 -84.45
CA TRP E 713 -85.76 -1.25 -84.50
C TRP E 713 -86.12 -1.90 -83.17
N GLY E 714 -86.33 -3.21 -83.21
CA GLY E 714 -86.68 -3.98 -82.03
C GLY E 714 -87.80 -4.95 -82.36
N GLY E 715 -88.51 -5.36 -81.31
CA GLY E 715 -89.61 -6.29 -81.47
C GLY E 715 -90.97 -5.62 -81.50
N ASN E 716 -90.99 -4.32 -81.79
CA ASN E 716 -92.22 -3.55 -81.82
C ASN E 716 -92.76 -3.48 -83.24
N GLY E 717 -94.07 -3.69 -83.38
CA GLY E 717 -94.74 -3.68 -84.66
C GLY E 717 -95.93 -2.75 -84.64
N VAL E 718 -96.92 -3.09 -85.47
CA VAL E 718 -98.12 -2.28 -85.58
C VAL E 718 -99.00 -2.51 -84.36
N GLY E 719 -99.44 -1.41 -83.74
CA GLY E 719 -100.26 -1.47 -82.55
C GLY E 719 -99.51 -1.40 -81.24
N ASP E 720 -98.18 -1.34 -81.27
CA ASP E 720 -97.37 -1.24 -80.07
C ASP E 720 -97.20 0.21 -79.61
N ASP E 721 -97.98 1.12 -80.16
CA ASP E 721 -97.98 2.52 -79.75
C ASP E 721 -99.30 3.13 -80.19
N LEU E 722 -99.57 4.34 -79.69
CA LEU E 722 -100.80 5.05 -79.98
C LEU E 722 -100.78 5.74 -81.34
N PHE E 723 -99.84 5.38 -82.21
CA PHE E 723 -99.78 5.90 -83.57
C PHE E 723 -100.05 4.82 -84.61
N SER E 724 -100.25 3.57 -84.19
CA SER E 724 -100.46 2.47 -85.11
C SER E 724 -101.66 1.66 -84.66
N TYR E 725 -102.33 1.02 -85.61
CA TYR E 725 -103.54 0.27 -85.36
C TYR E 725 -103.47 -1.02 -86.16
N GLY E 726 -103.49 -2.16 -85.46
CA GLY E 726 -103.15 -3.42 -86.09
C GLY E 726 -104.19 -4.49 -85.85
N PHE E 727 -104.05 -5.58 -86.61
CA PHE E 727 -104.91 -6.74 -86.53
C PHE E 727 -104.06 -7.99 -86.74
N ASP E 728 -104.28 -9.01 -85.92
CA ASP E 728 -103.51 -10.24 -85.98
C ASP E 728 -104.37 -11.46 -86.28
N GLY E 729 -105.68 -11.27 -86.48
CA GLY E 729 -106.57 -12.39 -86.72
C GLY E 729 -107.40 -12.74 -85.50
N LEU E 730 -106.89 -12.41 -84.32
CA LEU E 730 -107.57 -12.70 -83.06
C LEU E 730 -107.78 -11.48 -82.18
N HIS E 731 -106.87 -10.50 -82.21
CA HIS E 731 -106.95 -9.35 -81.33
C HIS E 731 -106.83 -8.07 -82.14
N LEU E 732 -107.27 -6.97 -81.53
CA LEU E 732 -107.08 -5.64 -82.07
C LEU E 732 -105.98 -4.95 -81.28
N TRP E 733 -104.94 -4.49 -81.97
CA TRP E 733 -103.72 -4.02 -81.32
C TRP E 733 -103.64 -2.49 -81.45
N SER E 734 -103.49 -1.82 -80.31
CA SER E 734 -103.27 -0.39 -80.27
C SER E 734 -102.75 -0.03 -78.89
N GLY E 735 -101.69 0.78 -78.84
CA GLY E 735 -101.08 1.14 -77.57
C GLY E 735 -100.42 -0.01 -76.84
N CYS E 736 -99.93 -1.01 -77.56
CA CYS E 736 -99.27 -2.19 -76.99
C CYS E 736 -100.21 -3.01 -76.10
N ILE E 737 -101.51 -2.82 -76.24
CA ILE E 737 -102.51 -3.56 -75.48
C ILE E 737 -103.49 -4.19 -76.47
N ALA E 738 -103.76 -5.49 -76.28
CA ALA E 738 -104.57 -6.26 -77.21
C ALA E 738 -105.90 -6.63 -76.58
N ARG E 739 -106.97 -6.51 -77.35
CA ARG E 739 -108.30 -6.98 -76.95
C ARG E 739 -108.81 -7.97 -77.97
N THR E 740 -109.32 -9.10 -77.48
CA THR E 740 -109.82 -10.15 -78.36
C THR E 740 -111.08 -9.70 -79.07
N VAL E 741 -111.12 -9.91 -80.38
CA VAL E 741 -112.26 -9.52 -81.22
C VAL E 741 -112.84 -10.79 -81.84
N SER E 742 -114.16 -10.92 -81.78
CA SER E 742 -114.82 -12.11 -82.31
C SER E 742 -114.96 -12.03 -83.83
N SER E 743 -114.93 -13.20 -84.45
CA SER E 743 -115.06 -13.31 -85.91
C SER E 743 -115.48 -14.74 -86.23
N PRO E 744 -116.09 -14.96 -87.39
CA PRO E 744 -116.43 -16.33 -87.79
C PRO E 744 -115.18 -17.16 -88.00
N ASN E 745 -115.10 -18.28 -87.29
CA ASN E 745 -113.93 -19.19 -87.35
C ASN E 745 -112.66 -18.44 -86.96
N GLN E 746 -112.59 -18.01 -85.70
CA GLN E 746 -111.43 -17.27 -85.21
C GLN E 746 -110.15 -18.08 -85.38
N HIS E 747 -109.11 -17.44 -85.90
CA HIS E 747 -107.81 -18.07 -86.06
C HIS E 747 -106.76 -16.99 -86.23
N LEU E 748 -105.54 -17.29 -85.77
CA LEU E 748 -104.41 -16.44 -86.08
C LEU E 748 -104.15 -16.46 -87.57
N LEU E 749 -103.72 -15.33 -88.11
CA LEU E 749 -103.52 -15.19 -89.55
C LEU E 749 -102.55 -16.25 -90.05
N ARG E 750 -102.98 -17.01 -91.06
CA ARG E 750 -102.19 -18.10 -91.60
C ARG E 750 -102.26 -18.08 -93.12
N THR E 751 -101.79 -19.17 -93.73
CA THR E 751 -101.71 -19.26 -95.18
C THR E 751 -103.10 -19.11 -95.82
N ASP E 752 -103.12 -18.40 -96.94
CA ASP E 752 -104.33 -18.21 -97.75
C ASP E 752 -105.41 -17.46 -96.97
N ASP E 753 -105.00 -16.44 -96.22
CA ASP E 753 -105.92 -15.57 -95.50
C ASP E 753 -105.84 -14.16 -96.10
N VAL E 754 -107.02 -13.57 -96.31
CA VAL E 754 -107.15 -12.28 -96.97
C VAL E 754 -107.71 -11.29 -95.96
N ILE E 755 -106.97 -10.21 -95.72
CA ILE E 755 -107.35 -9.20 -94.74
C ILE E 755 -107.65 -7.90 -95.48
N SER E 756 -108.84 -7.36 -95.25
CA SER E 756 -109.26 -6.10 -95.85
C SER E 756 -109.39 -5.04 -94.76
N CYS E 757 -108.73 -3.90 -94.95
CA CYS E 757 -108.71 -2.83 -93.97
C CYS E 757 -109.45 -1.63 -94.52
N CYS E 758 -110.23 -0.97 -93.65
CA CYS E 758 -111.02 0.19 -94.03
C CYS E 758 -110.70 1.34 -93.09
N LEU E 759 -110.43 2.51 -93.66
CA LEU E 759 -110.14 3.72 -92.88
C LEU E 759 -111.07 4.83 -93.34
N ASP E 760 -111.76 5.44 -92.38
CA ASP E 760 -112.67 6.56 -92.65
C ASP E 760 -112.21 7.74 -91.81
N LEU E 761 -111.65 8.75 -92.47
CA LEU E 761 -111.15 9.95 -91.79
C LEU E 761 -112.23 10.97 -91.51
N SER E 762 -113.42 10.83 -92.11
CA SER E 762 -114.50 11.75 -91.80
C SER E 762 -114.96 11.58 -90.35
N ALA E 763 -115.45 10.40 -90.01
CA ALA E 763 -115.66 10.00 -88.63
C ALA E 763 -114.59 8.97 -88.31
N PRO E 764 -113.62 9.29 -87.45
CA PRO E 764 -112.50 8.37 -87.21
C PRO E 764 -112.96 6.96 -86.84
N SER E 765 -112.66 6.00 -87.72
CA SER E 765 -113.08 4.62 -87.51
C SER E 765 -112.25 3.72 -88.43
N ILE E 766 -111.59 2.73 -87.88
CA ILE E 766 -110.81 1.75 -88.64
C ILE E 766 -111.46 0.39 -88.45
N SER E 767 -111.88 -0.23 -89.55
CA SER E 767 -112.59 -1.50 -89.52
C SER E 767 -111.89 -2.51 -90.43
N PHE E 768 -111.99 -3.78 -90.07
CA PHE E 768 -111.38 -4.86 -90.82
C PHE E 768 -112.43 -5.90 -91.21
N ARG E 769 -112.12 -6.66 -92.25
CA ARG E 769 -112.92 -7.83 -92.64
C ARG E 769 -111.97 -8.93 -93.05
N ILE E 770 -112.05 -10.08 -92.39
CA ILE E 770 -111.19 -11.23 -92.68
C ILE E 770 -111.93 -12.16 -93.62
N ASN E 771 -111.30 -12.48 -94.76
CA ASN E 771 -111.86 -13.39 -95.76
C ASN E 771 -113.26 -12.97 -96.18
N GLY E 772 -113.55 -11.67 -96.17
CA GLY E 772 -114.86 -11.17 -96.52
C GLY E 772 -115.85 -11.12 -95.37
N GLN E 773 -115.50 -11.66 -94.20
CA GLN E 773 -116.38 -11.60 -93.04
C GLN E 773 -115.93 -10.50 -92.08
N PRO E 774 -116.86 -9.67 -91.60
CA PRO E 774 -116.46 -8.52 -90.77
C PRO E 774 -116.06 -8.97 -89.37
N VAL E 775 -115.02 -8.32 -88.85
CA VAL E 775 -114.62 -8.53 -87.46
C VAL E 775 -115.46 -7.62 -86.58
N GLN E 776 -115.81 -8.09 -85.38
CA GLN E 776 -116.77 -7.39 -84.53
C GLN E 776 -116.06 -6.40 -83.61
N GLY E 777 -115.34 -5.48 -84.23
CA GLY E 777 -114.64 -4.44 -83.50
C GLY E 777 -114.01 -3.44 -84.44
N MET E 778 -113.77 -2.24 -83.94
CA MET E 778 -113.18 -1.18 -84.74
C MET E 778 -112.43 -0.20 -83.85
N PHE E 779 -111.47 0.50 -84.45
CA PHE E 779 -110.72 1.56 -83.80
C PHE E 779 -111.35 2.89 -84.20
N GLU E 780 -111.86 3.64 -83.22
CA GLU E 780 -112.54 4.89 -83.53
C GLU E 780 -112.05 6.00 -82.61
N ASN E 781 -112.38 7.24 -82.99
CA ASN E 781 -112.10 8.43 -82.19
C ASN E 781 -110.62 8.56 -81.87
N PHE E 782 -109.76 8.29 -82.85
CA PHE E 782 -108.33 8.48 -82.68
C PHE E 782 -107.93 9.86 -83.19
N ASN E 783 -106.66 10.19 -83.02
CA ASN E 783 -106.14 11.48 -83.48
C ASN E 783 -106.05 11.50 -84.99
N ILE E 784 -106.46 12.61 -85.60
CA ILE E 784 -106.45 12.77 -87.04
C ILE E 784 -105.59 13.97 -87.46
N ASP E 785 -104.66 14.39 -86.60
CA ASP E 785 -103.84 15.55 -86.93
C ASP E 785 -102.82 15.23 -88.01
N GLY E 786 -102.26 14.02 -88.00
CA GLY E 786 -101.19 13.65 -88.89
C GLY E 786 -101.67 12.89 -90.11
N LEU E 787 -100.70 12.30 -90.82
CA LEU E 787 -100.96 11.54 -92.02
C LEU E 787 -101.02 10.05 -91.71
N PHE E 788 -101.81 9.32 -92.50
CA PHE E 788 -102.01 7.90 -92.32
C PHE E 788 -101.48 7.12 -93.53
N PHE E 789 -101.17 5.85 -93.31
CA PHE E 789 -100.63 5.00 -94.36
C PHE E 789 -100.80 3.54 -93.94
N PRO E 790 -101.00 2.63 -94.89
CA PRO E 790 -101.03 1.20 -94.56
C PRO E 790 -99.66 0.72 -94.12
N VAL E 791 -99.67 -0.35 -93.30
CA VAL E 791 -98.44 -0.90 -92.74
C VAL E 791 -98.70 -2.34 -92.32
N VAL E 792 -97.70 -3.19 -92.49
CA VAL E 792 -97.72 -4.56 -92.01
C VAL E 792 -96.44 -4.81 -91.23
N SER E 793 -96.57 -5.46 -90.07
CA SER E 793 -95.43 -5.76 -89.21
C SER E 793 -95.24 -7.28 -89.15
N PHE E 794 -93.99 -7.71 -89.28
CA PHE E 794 -93.65 -9.11 -89.36
C PHE E 794 -92.29 -9.36 -88.71
N SER E 795 -92.03 -10.63 -88.37
CA SER E 795 -90.78 -11.00 -87.71
C SER E 795 -89.92 -11.87 -88.62
N ALA E 796 -90.42 -13.02 -89.07
CA ALA E 796 -89.64 -13.94 -89.89
C ALA E 796 -90.55 -15.04 -90.40
N GLY E 797 -90.22 -15.57 -91.58
CA GLY E 797 -90.96 -16.66 -92.15
C GLY E 797 -92.34 -16.31 -92.68
N ILE E 798 -92.52 -15.10 -93.20
CA ILE E 798 -93.81 -14.69 -93.76
C ILE E 798 -93.70 -14.66 -95.27
N LYS E 799 -94.85 -14.64 -95.93
CA LYS E 799 -94.96 -14.37 -97.37
C LYS E 799 -96.33 -13.77 -97.58
N VAL E 800 -96.40 -12.44 -97.63
CA VAL E 800 -97.66 -11.71 -97.80
C VAL E 800 -97.50 -10.74 -98.95
N ARG E 801 -98.61 -10.40 -99.59
CA ARG E 801 -98.62 -9.51 -100.73
C ARG E 801 -99.69 -8.43 -100.57
N PHE E 802 -99.29 -7.17 -100.80
CA PHE E 802 -100.20 -6.04 -100.78
C PHE E 802 -101.07 -6.08 -102.02
N LEU E 803 -102.38 -5.94 -101.83
CA LEU E 803 -103.33 -5.76 -102.91
C LEU E 803 -103.90 -4.36 -102.81
N LEU E 804 -103.30 -3.40 -103.50
CA LEU E 804 -103.66 -2.00 -103.40
C LEU E 804 -104.69 -1.58 -104.45
N GLY E 805 -105.09 -2.49 -105.33
CA GLY E 805 -106.12 -2.20 -106.30
C GLY E 805 -105.57 -1.55 -107.56
N GLY E 806 -106.41 -1.53 -108.60
CA GLY E 806 -106.01 -0.89 -109.85
C GLY E 806 -104.92 -1.65 -110.56
N ARG E 807 -103.82 -0.96 -110.85
CA ARG E 807 -102.68 -1.61 -111.50
C ARG E 807 -101.78 -2.28 -110.47
N HIS E 808 -101.72 -1.73 -109.26
CA HIS E 808 -100.79 -2.24 -108.26
C HIS E 808 -101.35 -3.48 -107.57
N GLY E 809 -102.64 -3.75 -107.78
CA GLY E 809 -103.26 -4.96 -107.28
C GLY E 809 -104.69 -5.03 -107.78
N GLU E 810 -105.45 -5.97 -107.22
CA GLU E 810 -106.90 -5.97 -107.38
C GLU E 810 -107.54 -6.57 -106.14
N PHE E 811 -108.84 -6.36 -106.00
CA PHE E 811 -109.54 -6.70 -104.78
C PHE E 811 -110.43 -7.92 -105.01
N LYS E 812 -110.07 -9.03 -104.36
CA LYS E 812 -110.91 -10.23 -104.48
C LYS E 812 -112.27 -10.00 -103.85
N PHE E 813 -112.32 -9.26 -102.75
CA PHE E 813 -113.57 -8.81 -102.18
C PHE E 813 -113.79 -7.35 -102.50
N LEU E 814 -115.00 -7.03 -102.96
CA LEU E 814 -115.30 -5.68 -103.42
C LEU E 814 -115.19 -4.68 -102.27
N PRO E 815 -114.65 -3.50 -102.54
CA PRO E 815 -114.54 -2.48 -101.48
C PRO E 815 -115.92 -2.09 -100.96
N PRO E 816 -116.03 -1.77 -99.67
CA PRO E 816 -117.30 -1.29 -99.15
C PRO E 816 -117.71 -0.02 -99.86
N PRO E 817 -119.01 0.23 -100.01
CA PRO E 817 -119.47 1.39 -100.75
C PRO E 817 -118.92 2.69 -100.17
N GLY E 818 -118.54 3.61 -101.05
CA GLY E 818 -117.94 4.86 -100.64
C GLY E 818 -116.43 4.79 -100.58
N TYR E 819 -115.90 3.74 -99.96
CA TYR E 819 -114.45 3.60 -99.81
C TYR E 819 -113.78 3.48 -101.17
N ALA E 820 -112.68 4.21 -101.35
CA ALA E 820 -111.92 4.22 -102.59
C ALA E 820 -110.66 3.40 -102.44
N PRO E 821 -110.17 2.80 -103.52
CA PRO E 821 -108.91 2.04 -103.46
C PRO E 821 -107.73 2.94 -103.14
N CYS E 822 -106.75 2.34 -102.46
CA CYS E 822 -105.62 3.11 -101.94
C CYS E 822 -104.65 3.57 -103.03
N TYR E 823 -104.66 2.95 -104.20
CA TYR E 823 -103.73 3.37 -105.25
C TYR E 823 -104.09 4.73 -105.80
N GLU E 824 -105.34 5.17 -105.62
CA GLU E 824 -105.83 6.43 -106.15
C GLU E 824 -105.29 7.64 -105.38
N ALA E 825 -104.59 7.42 -104.28
CA ALA E 825 -104.02 8.50 -103.48
C ALA E 825 -102.61 8.88 -103.91
N VAL E 826 -102.00 8.13 -104.84
CA VAL E 826 -100.65 8.43 -105.27
C VAL E 826 -100.64 9.75 -106.03
N LEU E 827 -99.69 10.63 -105.68
CA LEU E 827 -99.53 11.86 -106.43
C LEU E 827 -99.10 11.54 -107.87
N PRO E 828 -99.52 12.35 -108.83
CA PRO E 828 -99.34 11.96 -110.25
C PRO E 828 -97.90 11.70 -110.65
N LYS E 829 -96.95 12.49 -110.13
CA LYS E 829 -95.56 12.34 -110.57
C LYS E 829 -94.92 11.10 -109.98
N GLU E 830 -95.13 10.85 -108.70
CA GLU E 830 -94.48 9.72 -108.03
C GLU E 830 -95.11 8.40 -108.46
N LYS E 831 -94.32 7.33 -108.33
CA LYS E 831 -94.76 5.98 -108.59
C LYS E 831 -94.88 5.24 -107.27
N LEU E 832 -95.89 4.37 -107.17
CA LEU E 832 -96.13 3.68 -105.90
C LEU E 832 -95.11 2.57 -105.68
N LYS E 833 -94.44 2.61 -104.53
CA LYS E 833 -93.53 1.56 -104.12
C LYS E 833 -93.95 1.06 -102.74
N VAL E 834 -93.28 0.02 -102.27
CA VAL E 834 -93.44 -0.45 -100.90
C VAL E 834 -92.06 -0.46 -100.25
N GLU E 835 -91.81 0.49 -99.36
CA GLU E 835 -90.51 0.68 -98.74
C GLU E 835 -90.54 0.16 -97.31
N HIS E 836 -89.37 0.15 -96.69
CA HIS E 836 -89.30 0.02 -95.24
C HIS E 836 -89.85 1.28 -94.58
N SER E 837 -90.62 1.10 -93.51
CA SER E 837 -91.15 2.25 -92.79
C SER E 837 -90.03 3.06 -92.16
N ARG E 838 -89.00 2.39 -91.66
CA ARG E 838 -87.86 3.06 -91.06
C ARG E 838 -86.78 3.33 -92.10
N GLU E 839 -85.86 4.22 -91.74
CA GLU E 839 -84.92 4.75 -92.72
C GLU E 839 -83.86 3.72 -93.11
N TYR E 840 -83.30 3.01 -92.13
CA TYR E 840 -82.12 2.17 -92.34
C TYR E 840 -82.53 0.72 -92.57
N LYS E 841 -81.85 0.08 -93.53
CA LYS E 841 -82.14 -1.29 -93.94
C LYS E 841 -80.88 -2.13 -93.78
N GLN E 842 -80.96 -3.43 -94.06
CA GLN E 842 -79.77 -4.28 -94.07
C GLN E 842 -78.99 -4.04 -95.35
N GLU E 843 -77.72 -3.66 -95.20
CA GLU E 843 -76.84 -3.40 -96.34
C GLU E 843 -75.41 -3.30 -95.81
N ARG E 844 -74.48 -3.07 -96.72
CA ARG E 844 -73.07 -2.95 -96.36
C ARG E 844 -72.85 -1.72 -95.49
N THR E 845 -71.89 -1.83 -94.56
CA THR E 845 -71.65 -0.75 -93.60
C THR E 845 -71.19 0.53 -94.28
N TYR E 846 -70.24 0.44 -95.22
CA TYR E 846 -69.72 1.64 -95.87
C TYR E 846 -70.65 2.18 -96.96
N THR E 847 -71.59 1.36 -97.45
CA THR E 847 -72.60 1.83 -98.39
C THR E 847 -73.87 2.30 -97.70
N ARG E 848 -73.97 2.12 -96.39
CA ARG E 848 -75.15 2.57 -95.66
C ARG E 848 -75.23 4.08 -95.69
N ASP E 849 -76.32 4.60 -96.25
CA ASP E 849 -76.52 6.04 -96.38
C ASP E 849 -77.09 6.60 -95.09
N LEU E 850 -76.25 7.30 -94.32
CA LEU E 850 -76.70 7.95 -93.10
C LEU E 850 -77.60 9.12 -93.47
N LEU E 851 -78.77 9.20 -92.84
CA LEU E 851 -79.77 10.19 -93.17
C LEU E 851 -79.98 11.16 -92.02
N GLY E 852 -80.07 12.44 -92.35
CA GLY E 852 -80.38 13.46 -91.37
C GLY E 852 -81.88 13.65 -91.25
N PRO E 853 -82.30 14.67 -90.50
CA PRO E 853 -83.73 14.96 -90.41
C PRO E 853 -84.33 15.26 -91.77
N THR E 854 -85.52 14.72 -92.02
CA THR E 854 -86.18 14.91 -93.30
C THR E 854 -87.07 16.15 -93.27
N VAL E 855 -87.25 16.75 -94.45
CA VAL E 855 -88.14 17.88 -94.60
C VAL E 855 -89.57 17.43 -94.35
N SER E 856 -90.31 18.24 -93.59
CA SER E 856 -91.70 17.92 -93.30
C SER E 856 -92.52 17.88 -94.58
N LEU E 857 -93.30 16.82 -94.74
CA LEU E 857 -94.08 16.60 -95.95
C LEU E 857 -95.46 17.24 -95.82
N THR E 858 -95.48 18.56 -95.94
CA THR E 858 -96.71 19.34 -95.83
C THR E 858 -97.44 19.49 -97.16
N GLN E 859 -96.82 19.08 -98.27
CA GLN E 859 -97.44 19.25 -99.58
C GLN E 859 -98.53 18.23 -99.86
N ALA E 860 -98.66 17.19 -99.04
CA ALA E 860 -99.74 16.23 -99.22
C ALA E 860 -101.11 16.88 -99.04
N ALA E 861 -101.23 17.74 -98.02
CA ALA E 861 -102.48 18.45 -97.75
C ALA E 861 -102.50 19.71 -98.61
N PHE E 862 -103.11 19.60 -99.80
CA PHE E 862 -103.19 20.72 -100.73
C PHE E 862 -104.42 21.55 -100.35
N THR E 863 -104.21 22.54 -99.50
CA THR E 863 -105.27 23.47 -99.14
C THR E 863 -105.17 24.71 -100.03
N PRO E 864 -106.15 24.95 -100.91
CA PRO E 864 -106.08 26.12 -101.80
C PRO E 864 -106.27 27.40 -101.01
N ILE E 865 -105.18 28.14 -100.82
CA ILE E 865 -105.18 29.37 -100.03
C ILE E 865 -105.28 30.55 -101.01
N PRO E 866 -106.36 31.32 -100.97
CA PRO E 866 -106.45 32.52 -101.82
C PRO E 866 -105.87 33.72 -101.12
N VAL E 867 -105.29 34.64 -101.91
CA VAL E 867 -104.94 35.94 -101.37
C VAL E 867 -106.21 36.75 -101.17
N ASP E 868 -106.33 37.34 -99.98
CA ASP E 868 -107.56 38.07 -99.66
C ASP E 868 -107.60 39.41 -100.39
N THR E 869 -108.70 39.66 -101.09
CA THR E 869 -108.88 40.88 -101.85
C THR E 869 -110.17 41.62 -101.54
N SER E 870 -111.09 41.02 -100.80
CA SER E 870 -112.37 41.67 -100.52
C SER E 870 -112.17 42.96 -99.73
N GLN E 871 -111.14 43.02 -98.89
CA GLN E 871 -110.89 44.21 -98.09
C GLN E 871 -110.46 45.39 -98.96
N ILE E 872 -109.87 45.13 -100.12
CA ILE E 872 -109.34 46.20 -100.95
C ILE E 872 -110.46 46.76 -101.82
N VAL E 873 -110.47 48.09 -101.99
CA VAL E 873 -111.46 48.79 -102.78
C VAL E 873 -110.78 49.33 -104.03
N LEU E 874 -111.49 49.27 -105.16
CA LEU E 874 -110.93 49.71 -106.43
C LEU E 874 -110.55 51.18 -106.38
N PRO E 875 -109.33 51.54 -106.78
CA PRO E 875 -108.98 52.96 -106.87
C PRO E 875 -109.80 53.65 -107.95
N PRO E 876 -109.90 54.98 -107.91
CA PRO E 876 -110.82 55.67 -108.86
C PRO E 876 -110.50 55.42 -110.32
N HIS E 877 -109.23 55.29 -110.68
CA HIS E 877 -108.89 55.03 -112.08
C HIS E 877 -109.43 53.69 -112.53
N LEU E 878 -109.17 52.65 -111.75
CA LEU E 878 -109.70 51.33 -112.07
C LEU E 878 -111.22 51.35 -112.04
N GLU E 879 -111.81 52.17 -111.17
CA GLU E 879 -113.26 52.28 -111.10
C GLU E 879 -113.83 52.86 -112.39
N ARG E 880 -113.20 53.89 -112.98
CA ARG E 880 -113.82 54.42 -114.18
C ARG E 880 -113.47 53.55 -115.39
N ILE E 881 -112.39 52.76 -115.32
CA ILE E 881 -112.03 51.89 -116.44
C ILE E 881 -112.59 50.47 -116.26
N ARG E 882 -113.38 50.23 -115.22
CA ARG E 882 -114.02 48.93 -115.04
C ARG E 882 -114.86 48.52 -116.25
N GLU E 883 -115.59 49.48 -116.84
CA GLU E 883 -116.38 49.16 -118.02
C GLU E 883 -115.48 48.74 -119.19
N LYS E 884 -114.34 49.43 -119.34
CA LYS E 884 -113.41 49.05 -120.41
C LYS E 884 -112.76 47.70 -120.17
N LEU E 885 -112.50 47.34 -118.90
CA LEU E 885 -112.09 45.97 -118.62
C LEU E 885 -113.18 44.95 -118.93
N ALA E 886 -114.46 45.29 -118.65
CA ALA E 886 -115.54 44.38 -119.04
C ALA E 886 -115.58 44.19 -120.54
N GLU E 887 -115.43 45.28 -121.30
CA GLU E 887 -115.34 45.18 -122.75
C GLU E 887 -114.14 44.35 -123.17
N ASN E 888 -113.01 44.51 -122.49
CA ASN E 888 -111.79 43.78 -122.82
C ASN E 888 -111.99 42.28 -122.63
N ILE E 889 -112.58 41.88 -121.50
CA ILE E 889 -112.84 40.45 -121.28
C ILE E 889 -113.88 39.91 -122.26
N HIS E 890 -114.87 40.71 -122.64
CA HIS E 890 -115.79 40.26 -123.69
C HIS E 890 -115.03 40.03 -125.00
N GLU E 891 -114.14 40.95 -125.36
CA GLU E 891 -113.24 40.73 -126.48
C GLU E 891 -112.39 39.48 -126.31
N LEU E 892 -112.00 39.16 -125.07
CA LEU E 892 -111.25 37.93 -124.82
C LEU E 892 -112.07 36.68 -125.15
N TRP E 893 -113.32 36.61 -124.73
CA TRP E 893 -114.12 35.44 -125.15
C TRP E 893 -114.27 35.42 -126.66
N VAL E 894 -114.61 36.56 -127.26
CA VAL E 894 -114.94 36.56 -128.67
C VAL E 894 -113.71 36.37 -129.55
N MET E 895 -112.51 36.52 -129.02
CA MET E 895 -111.33 36.07 -129.75
C MET E 895 -111.01 34.61 -129.48
N ASN E 896 -110.99 34.18 -128.22
CA ASN E 896 -110.64 32.81 -127.86
C ASN E 896 -111.51 31.78 -128.55
N LYS E 897 -112.84 31.90 -128.40
CA LYS E 897 -113.72 30.95 -129.07
C LYS E 897 -113.67 31.12 -130.59
N ILE E 898 -113.31 32.31 -131.07
CA ILE E 898 -113.23 32.41 -132.52
C ILE E 898 -111.84 32.07 -133.05
N GLU E 899 -110.79 32.21 -132.24
CA GLU E 899 -109.47 31.80 -132.70
C GLU E 899 -109.33 30.28 -132.68
N LEU E 900 -110.16 29.59 -131.87
CA LEU E 900 -110.15 28.13 -131.92
C LEU E 900 -111.11 27.52 -132.94
N GLY E 901 -111.65 28.30 -133.88
CA GLY E 901 -112.53 27.75 -134.91
C GLY E 901 -113.95 27.45 -134.46
N TRP E 902 -114.34 27.94 -133.29
CA TRP E 902 -115.56 27.62 -132.55
C TRP E 902 -116.67 28.59 -132.96
N GLN E 903 -117.95 28.22 -132.77
CA GLN E 903 -119.03 29.13 -133.14
C GLN E 903 -120.01 29.34 -131.99
N TYR E 904 -121.10 30.05 -132.29
CA TYR E 904 -121.93 30.66 -131.28
C TYR E 904 -123.27 29.92 -131.12
N GLY E 905 -123.70 29.76 -129.87
CA GLY E 905 -125.00 29.20 -129.58
C GLY E 905 -125.33 29.25 -128.10
N PRO E 906 -126.62 29.03 -127.75
CA PRO E 906 -127.01 29.17 -126.34
C PRO E 906 -126.34 28.19 -125.41
N VAL E 907 -126.44 26.88 -125.69
CA VAL E 907 -125.89 25.89 -124.77
C VAL E 907 -124.40 25.72 -125.01
N ARG E 908 -123.64 25.73 -123.92
CA ARG E 908 -122.18 25.62 -123.98
C ARG E 908 -121.74 24.16 -124.16
N ASP E 909 -122.23 23.56 -125.25
CA ASP E 909 -121.95 22.16 -125.55
C ASP E 909 -120.85 22.10 -126.60
N ASP E 910 -119.81 21.32 -126.31
CA ASP E 910 -118.63 21.30 -127.19
C ASP E 910 -118.86 20.44 -128.44
N ASN E 911 -119.81 19.51 -128.40
CA ASN E 911 -120.02 18.62 -129.56
C ASN E 911 -120.72 19.33 -130.71
N LYS E 912 -121.84 20.02 -130.42
CA LYS E 912 -122.50 20.82 -131.44
C LYS E 912 -121.79 22.14 -131.68
N ARG E 913 -120.73 22.41 -130.91
CA ARG E 913 -119.87 23.58 -131.09
C ARG E 913 -120.64 24.90 -131.00
N GLN E 914 -121.41 25.09 -129.94
CA GLN E 914 -122.18 26.32 -129.76
C GLN E 914 -121.73 26.97 -128.45
N HIS E 915 -121.48 28.29 -128.49
CA HIS E 915 -121.10 29.07 -127.29
C HIS E 915 -121.67 30.50 -127.33
N PRO E 916 -122.29 30.96 -126.24
CA PRO E 916 -122.79 32.34 -126.21
C PRO E 916 -121.71 33.38 -125.99
N CYS E 917 -120.47 32.95 -125.71
CA CYS E 917 -119.41 33.90 -125.38
C CYS E 917 -118.98 34.73 -126.60
N LEU E 918 -119.21 34.21 -127.80
CA LEU E 918 -118.84 34.95 -129.01
C LEU E 918 -119.81 36.10 -129.28
N VAL E 919 -120.92 36.17 -128.54
CA VAL E 919 -121.95 37.17 -128.79
C VAL E 919 -121.88 38.20 -127.67
N GLU E 920 -122.62 39.31 -127.82
CA GLU E 920 -122.60 40.40 -126.86
C GLU E 920 -122.83 39.92 -125.43
N PHE E 921 -122.32 40.72 -124.49
CA PHE E 921 -122.49 40.40 -123.07
C PHE E 921 -123.96 40.43 -122.67
N SER E 922 -124.80 41.11 -123.46
CA SER E 922 -126.22 41.16 -123.16
C SER E 922 -126.86 39.78 -123.30
N LYS E 923 -126.64 39.10 -124.43
CA LYS E 923 -127.17 37.76 -124.61
C LYS E 923 -126.34 36.76 -123.82
N LEU E 924 -125.05 37.05 -123.65
CA LEU E 924 -124.20 36.23 -122.79
C LEU E 924 -124.76 36.25 -121.37
N PRO E 925 -124.74 35.10 -120.69
CA PRO E 925 -125.30 35.05 -119.33
C PRO E 925 -124.69 36.08 -118.40
N GLU E 926 -125.53 36.97 -117.88
CA GLU E 926 -125.04 38.07 -117.06
C GLU E 926 -124.30 37.58 -115.82
N GLN E 927 -124.70 36.42 -115.29
CA GLN E 927 -124.03 35.92 -114.08
C GLN E 927 -122.55 35.61 -114.36
N GLU E 928 -122.24 34.87 -115.42
CA GLU E 928 -120.85 34.57 -115.72
C GLU E 928 -120.13 35.79 -116.29
N ARG E 929 -120.86 36.66 -116.99
CA ARG E 929 -120.26 37.91 -117.45
C ARG E 929 -119.73 38.71 -116.27
N ASN E 930 -120.56 38.86 -115.23
CA ASN E 930 -120.13 39.58 -114.03
C ASN E 930 -119.09 38.79 -113.25
N TYR E 931 -119.21 37.45 -113.23
CA TYR E 931 -118.18 36.64 -112.58
C TYR E 931 -116.81 36.95 -113.15
N ASN E 932 -116.66 36.91 -114.48
CA ASN E 932 -115.39 37.24 -115.09
C ASN E 932 -115.06 38.73 -114.97
N LEU E 933 -116.08 39.59 -114.96
CA LEU E 933 -115.86 41.01 -114.73
C LEU E 933 -115.13 41.25 -113.43
N GLN E 934 -115.65 40.72 -112.33
CA GLN E 934 -114.96 40.95 -111.08
C GLN E 934 -113.77 40.01 -110.88
N MET E 935 -113.69 38.86 -111.52
CA MET E 935 -112.46 38.10 -111.27
C MET E 935 -111.30 38.73 -112.03
N SER E 936 -111.60 39.51 -113.08
CA SER E 936 -110.60 40.41 -113.64
C SER E 936 -110.36 41.62 -112.72
N LEU E 937 -111.42 42.08 -112.04
CA LEU E 937 -111.23 43.18 -111.09
C LEU E 937 -110.30 42.78 -109.95
N GLU E 938 -110.56 41.64 -109.31
CA GLU E 938 -109.60 41.14 -108.32
C GLU E 938 -108.35 40.55 -108.98
N THR E 939 -108.33 40.38 -110.31
CA THR E 939 -107.04 40.19 -110.96
C THR E 939 -106.16 41.42 -110.80
N LEU E 940 -106.68 42.59 -111.19
CA LEU E 940 -105.91 43.82 -111.01
C LEU E 940 -105.75 44.16 -109.53
N LYS E 941 -106.69 43.70 -108.70
CA LYS E 941 -106.61 43.95 -107.26
C LYS E 941 -105.58 43.05 -106.60
N THR E 942 -105.41 41.84 -107.13
CA THR E 942 -104.31 40.97 -106.70
C THR E 942 -102.99 41.53 -107.18
N LEU E 943 -102.98 42.18 -108.35
CA LEU E 943 -101.80 42.92 -108.76
C LEU E 943 -101.48 44.02 -107.76
N LEU E 944 -102.50 44.77 -107.32
CA LEU E 944 -102.29 45.82 -106.33
C LEU E 944 -101.80 45.28 -105.00
N ALA E 945 -102.43 44.22 -104.49
CA ALA E 945 -101.99 43.56 -103.27
C ALA E 945 -100.63 42.90 -103.41
N LEU E 946 -100.19 42.65 -104.64
CA LEU E 946 -98.85 42.17 -104.93
C LEU E 946 -97.88 43.32 -105.20
N GLY E 947 -98.37 44.56 -105.16
CA GLY E 947 -97.53 45.72 -105.37
C GLY E 947 -97.49 46.21 -106.81
N CYS E 948 -98.33 45.68 -107.69
CA CYS E 948 -98.38 46.12 -109.07
C CYS E 948 -99.28 47.35 -109.16
N HIS E 949 -98.70 48.45 -109.65
CA HIS E 949 -99.26 49.78 -109.47
C HIS E 949 -99.86 50.23 -110.80
N VAL E 950 -101.03 49.68 -111.12
CA VAL E 950 -101.64 49.81 -112.44
C VAL E 950 -102.26 51.20 -112.55
N GLY E 951 -101.55 52.13 -113.20
CA GLY E 951 -102.05 53.47 -113.47
C GLY E 951 -101.91 53.83 -114.94
N ILE E 952 -102.76 54.74 -115.41
CA ILE E 952 -102.76 55.12 -116.81
C ILE E 952 -101.46 55.85 -117.15
N SER E 953 -100.94 55.58 -118.35
CA SER E 953 -99.77 56.33 -118.82
C SER E 953 -100.17 57.70 -119.36
N ASP E 954 -101.07 57.73 -120.34
CA ASP E 954 -101.55 58.98 -120.92
C ASP E 954 -102.85 58.71 -121.67
N GLU E 955 -103.54 59.80 -122.04
CA GLU E 955 -104.80 59.62 -122.76
C GLU E 955 -104.58 59.16 -124.19
N HIS E 956 -103.35 59.29 -124.70
CA HIS E 956 -103.00 58.71 -125.99
C HIS E 956 -103.21 57.20 -126.00
N ALA E 957 -102.77 56.52 -124.96
CA ALA E 957 -102.79 55.06 -124.93
C ALA E 957 -104.20 54.49 -124.87
N GLU E 958 -105.19 55.33 -124.57
CA GLU E 958 -106.58 54.95 -124.65
C GLU E 958 -107.26 55.48 -125.91
N ASP E 959 -106.83 56.63 -126.42
CA ASP E 959 -107.45 57.19 -127.61
C ASP E 959 -107.03 56.44 -128.86
N LYS E 960 -105.82 55.87 -128.89
CA LYS E 960 -105.33 55.15 -130.06
C LYS E 960 -105.68 53.68 -129.89
N VAL E 961 -106.22 53.07 -130.93
CA VAL E 961 -106.45 51.63 -130.98
C VAL E 961 -106.02 51.13 -132.36
N LYS E 962 -105.28 50.02 -132.37
CA LYS E 962 -104.77 49.48 -133.63
C LYS E 962 -105.82 48.55 -134.23
N LYS E 963 -105.68 48.21 -135.51
CA LYS E 963 -106.66 47.38 -136.21
C LYS E 963 -106.02 46.06 -136.58
N MET E 964 -106.70 44.96 -136.25
CA MET E 964 -106.19 43.64 -136.56
C MET E 964 -106.83 43.09 -137.83
N LYS E 965 -106.12 42.14 -138.44
CA LYS E 965 -106.68 41.41 -139.57
C LYS E 965 -107.88 40.61 -139.10
N LEU E 966 -109.02 40.83 -139.74
CA LEU E 966 -110.29 40.26 -139.31
C LEU E 966 -110.93 39.54 -140.49
N PRO E 967 -110.44 38.34 -140.83
CA PRO E 967 -111.10 37.55 -141.88
C PRO E 967 -112.43 37.02 -141.39
N LYS E 968 -113.08 36.23 -142.26
CA LYS E 968 -114.36 35.64 -141.88
C LYS E 968 -114.18 34.60 -140.78
N ASN E 969 -113.09 33.85 -140.79
CA ASN E 969 -112.84 32.86 -139.74
C ASN E 969 -112.68 33.54 -138.38
N TYR E 970 -111.93 34.64 -138.34
CA TYR E 970 -111.72 35.40 -137.12
C TYR E 970 -112.89 36.33 -136.81
N GLN E 971 -113.86 36.44 -137.72
CA GLN E 971 -115.00 37.32 -137.54
C GLN E 971 -115.89 36.83 -136.40
N LEU E 972 -116.55 37.77 -135.75
CA LEU E 972 -117.40 37.54 -134.59
C LEU E 972 -118.82 38.00 -134.90
N THR E 973 -119.72 37.79 -133.94
CA THR E 973 -121.11 38.20 -134.10
C THR E 973 -121.47 39.41 -133.24
N SER E 974 -120.63 39.72 -132.25
CA SER E 974 -120.90 40.86 -131.39
C SER E 974 -120.20 42.11 -131.90
N GLY E 975 -120.62 43.26 -131.38
CA GLY E 975 -120.06 44.52 -131.85
C GLY E 975 -118.67 44.79 -131.30
N TYR E 976 -118.32 44.17 -130.19
CA TYR E 976 -117.02 44.39 -129.55
C TYR E 976 -115.95 43.68 -130.36
N LYS E 977 -115.42 44.37 -131.36
CA LYS E 977 -114.42 43.80 -132.25
C LYS E 977 -113.21 43.31 -131.45
N PRO E 978 -112.71 42.10 -131.72
CA PRO E 978 -111.52 41.62 -131.01
C PRO E 978 -110.23 42.09 -131.66
N ALA E 979 -110.14 43.37 -131.97
CA ALA E 979 -108.96 43.96 -132.61
C ALA E 979 -108.54 45.22 -131.87
N PRO E 980 -108.13 45.11 -130.60
CA PRO E 980 -107.66 46.30 -129.88
C PRO E 980 -106.32 46.80 -130.41
N MET E 981 -105.34 45.88 -130.45
CA MET E 981 -104.00 46.14 -130.97
C MET E 981 -103.26 44.81 -130.95
N ASP E 982 -102.28 44.68 -131.84
CA ASP E 982 -101.41 43.51 -131.80
C ASP E 982 -100.48 43.62 -130.60
N LEU E 983 -100.26 42.52 -129.89
CA LEU E 983 -99.56 42.63 -128.63
C LEU E 983 -98.06 42.46 -128.80
N SER E 984 -97.59 42.38 -130.05
CA SER E 984 -96.18 42.19 -130.32
C SER E 984 -95.33 43.36 -129.84
N PHE E 985 -95.79 44.59 -130.08
CA PHE E 985 -94.99 45.75 -129.67
C PHE E 985 -95.09 46.00 -128.18
N ILE E 986 -95.97 45.29 -127.47
CA ILE E 986 -96.14 45.44 -126.03
C ILE E 986 -95.40 44.31 -125.34
N LYS E 987 -94.44 44.67 -124.50
CA LYS E 987 -93.62 43.70 -123.79
C LYS E 987 -93.88 43.78 -122.29
N LEU E 988 -94.05 42.63 -121.67
CA LEU E 988 -94.27 42.53 -120.24
C LEU E 988 -92.93 42.19 -119.57
N THR E 989 -92.55 43.01 -118.60
CA THR E 989 -91.25 42.85 -117.96
C THR E 989 -91.16 41.49 -117.28
N PRO E 990 -89.95 40.92 -117.15
CA PRO E 990 -89.83 39.55 -116.62
C PRO E 990 -90.44 39.37 -115.23
N SER E 991 -90.26 40.35 -114.33
CA SER E 991 -90.90 40.27 -113.02
C SER E 991 -92.41 40.31 -113.15
N GLN E 992 -92.92 41.13 -114.08
CA GLN E 992 -94.35 41.19 -114.34
C GLN E 992 -94.88 39.86 -114.88
N GLU E 993 -94.11 39.19 -115.75
CA GLU E 993 -94.48 37.86 -116.22
C GLU E 993 -94.49 36.84 -115.10
N ALA E 994 -93.50 36.90 -114.20
CA ALA E 994 -93.49 36.02 -113.04
C ALA E 994 -94.72 36.25 -112.17
N MET E 995 -95.09 37.52 -111.98
CA MET E 995 -96.28 37.81 -111.18
C MET E 995 -97.56 37.41 -111.91
N VAL E 996 -97.54 37.42 -113.24
CA VAL E 996 -98.64 36.86 -114.02
C VAL E 996 -98.77 35.38 -113.73
N ASP E 997 -97.64 34.68 -113.68
CA ASP E 997 -97.64 33.26 -113.29
C ASP E 997 -98.21 33.08 -111.90
N LYS E 998 -97.80 33.94 -110.96
CA LYS E 998 -98.30 33.87 -109.59
C LYS E 998 -99.80 34.08 -109.53
N LEU E 999 -100.32 35.03 -110.31
CA LEU E 999 -101.75 35.32 -110.27
C LEU E 999 -102.55 34.23 -110.98
N ALA E 1000 -101.96 33.59 -111.99
CA ALA E 1000 -102.58 32.40 -112.57
C ALA E 1000 -102.65 31.27 -111.54
N GLU E 1001 -101.59 31.13 -110.74
CA GLU E 1001 -101.63 30.19 -109.62
C GLU E 1001 -102.75 30.55 -108.64
N ASN E 1002 -102.93 31.84 -108.38
CA ASN E 1002 -104.00 32.29 -107.49
C ASN E 1002 -105.37 31.96 -108.08
N ALA E 1003 -105.54 32.14 -109.39
CA ALA E 1003 -106.80 31.79 -110.03
C ALA E 1003 -107.06 30.30 -109.97
N HIS E 1004 -106.01 29.49 -110.14
CA HIS E 1004 -106.15 28.04 -109.96
C HIS E 1004 -106.56 27.72 -108.53
N ASN E 1005 -105.99 28.43 -107.56
CA ASN E 1005 -106.40 28.25 -106.17
C ASN E 1005 -107.87 28.61 -105.97
N VAL E 1006 -108.34 29.68 -106.63
CA VAL E 1006 -109.75 30.06 -106.53
C VAL E 1006 -110.64 28.96 -107.08
N TRP E 1007 -110.27 28.43 -108.24
CA TRP E 1007 -111.03 27.34 -108.85
C TRP E 1007 -111.08 26.12 -107.93
N ALA E 1008 -109.93 25.74 -107.38
CA ALA E 1008 -109.87 24.61 -106.47
C ALA E 1008 -110.70 24.85 -105.22
N ARG E 1009 -110.66 26.08 -104.69
CA ARG E 1009 -111.45 26.41 -103.51
C ARG E 1009 -112.94 26.30 -103.79
N ASP E 1010 -113.39 26.79 -104.96
CA ASP E 1010 -114.78 26.63 -105.31
C ASP E 1010 -115.16 25.16 -105.39
N ARG E 1011 -114.29 24.34 -105.97
CA ARG E 1011 -114.57 22.91 -106.04
C ARG E 1011 -114.62 22.28 -104.66
N ILE E 1012 -113.78 22.74 -103.73
CA ILE E 1012 -113.86 22.27 -102.36
C ILE E 1012 -115.19 22.67 -101.73
N ARG E 1013 -115.66 23.89 -102.00
CA ARG E 1013 -116.95 24.33 -101.48
C ARG E 1013 -118.08 23.46 -102.01
N GLN E 1014 -118.04 23.09 -103.29
CA GLN E 1014 -119.02 22.10 -103.76
C GLN E 1014 -118.73 20.71 -103.20
N GLY E 1015 -117.53 20.49 -102.64
CA GLY E 1015 -117.19 19.20 -102.06
C GLY E 1015 -116.29 18.33 -102.92
N TRP E 1016 -115.77 18.85 -104.02
CA TRP E 1016 -114.91 18.05 -104.89
C TRP E 1016 -113.65 17.62 -104.15
N THR E 1017 -113.23 16.38 -104.38
CA THR E 1017 -112.00 15.86 -103.80
C THR E 1017 -111.16 15.23 -104.90
N TYR E 1018 -109.86 15.17 -104.66
CA TYR E 1018 -108.92 14.76 -105.69
C TYR E 1018 -108.98 13.25 -105.94
N GLY E 1019 -108.88 12.87 -107.19
CA GLY E 1019 -108.68 11.48 -107.56
C GLY E 1019 -107.88 11.39 -108.83
N ILE E 1020 -107.06 10.34 -108.94
CA ILE E 1020 -106.19 10.20 -110.11
C ILE E 1020 -107.01 10.14 -111.38
N GLN E 1021 -108.06 9.33 -111.39
CA GLN E 1021 -109.02 9.35 -112.48
C GLN E 1021 -110.05 10.45 -112.25
N GLN E 1022 -110.81 10.77 -113.30
CA GLN E 1022 -111.84 11.80 -113.23
C GLN E 1022 -113.21 11.11 -113.15
N ASP E 1023 -114.01 11.50 -112.17
CA ASP E 1023 -115.34 10.96 -111.98
C ASP E 1023 -116.30 12.08 -111.63
N VAL E 1024 -117.56 11.91 -112.03
CA VAL E 1024 -118.62 12.85 -111.66
C VAL E 1024 -119.59 12.24 -110.66
N LYS E 1025 -119.71 10.91 -110.64
CA LYS E 1025 -120.52 10.25 -109.63
C LYS E 1025 -119.92 10.42 -108.25
N ASN E 1026 -118.69 9.93 -108.06
CA ASN E 1026 -117.91 10.30 -106.89
C ASN E 1026 -117.48 11.76 -106.92
N ARG E 1027 -117.59 12.40 -108.08
CA ARG E 1027 -117.38 13.84 -108.25
C ARG E 1027 -115.96 14.20 -107.83
N ARG E 1028 -115.01 13.59 -108.53
CA ARG E 1028 -113.59 13.63 -108.19
C ARG E 1028 -112.80 14.11 -109.40
N ASN E 1029 -111.79 14.95 -109.16
CA ASN E 1029 -111.04 15.57 -110.24
C ASN E 1029 -109.54 15.43 -110.01
N PRO E 1030 -108.80 14.91 -110.99
CA PRO E 1030 -107.33 15.01 -110.92
C PRO E 1030 -106.82 16.44 -111.07
N ARG E 1031 -107.64 17.35 -111.58
CA ARG E 1031 -107.23 18.74 -111.72
C ARG E 1031 -107.07 19.43 -110.37
N LEU E 1032 -107.62 18.85 -109.30
CA LEU E 1032 -107.51 19.42 -107.96
C LEU E 1032 -106.11 19.16 -107.42
N VAL E 1033 -105.13 19.87 -107.96
CA VAL E 1033 -103.73 19.73 -107.56
C VAL E 1033 -103.11 21.11 -107.44
N PRO E 1034 -102.02 21.27 -106.70
CA PRO E 1034 -101.32 22.56 -106.70
C PRO E 1034 -100.79 22.90 -108.08
N TYR E 1035 -100.64 24.20 -108.34
CA TYR E 1035 -100.25 24.67 -109.67
C TYR E 1035 -98.93 24.05 -110.11
N THR E 1036 -98.01 23.83 -109.17
CA THR E 1036 -96.76 23.17 -109.50
C THR E 1036 -97.00 21.76 -110.02
N LEU E 1037 -97.97 21.05 -109.44
CA LEU E 1037 -98.29 19.70 -109.87
C LEU E 1037 -99.32 19.67 -111.00
N LEU E 1038 -99.82 20.84 -111.41
CA LEU E 1038 -100.78 20.89 -112.49
C LEU E 1038 -100.15 20.47 -113.80
N ASP E 1039 -100.95 19.93 -114.71
CA ASP E 1039 -100.42 19.49 -116.00
C ASP E 1039 -100.13 20.68 -116.92
N ASP E 1040 -99.12 20.49 -117.77
CA ASP E 1040 -98.61 21.59 -118.60
C ASP E 1040 -99.68 22.12 -119.54
N ARG E 1041 -100.62 21.27 -119.96
CA ARG E 1041 -101.66 21.67 -120.89
C ARG E 1041 -102.62 22.70 -120.27
N THR E 1042 -103.12 22.42 -119.06
CA THR E 1042 -103.94 23.41 -118.37
C THR E 1042 -103.11 24.62 -117.95
N LYS E 1043 -101.84 24.38 -117.58
CA LYS E 1043 -100.92 25.48 -117.32
C LYS E 1043 -100.90 26.45 -118.48
N LYS E 1044 -100.73 25.92 -119.70
CA LYS E 1044 -100.59 26.79 -120.86
C LYS E 1044 -101.90 27.43 -121.25
N SER E 1045 -103.03 26.72 -121.06
CA SER E 1045 -104.31 27.35 -121.35
C SER E 1045 -104.55 28.56 -120.46
N ASN E 1046 -104.45 28.38 -119.14
CA ASN E 1046 -104.62 29.50 -118.22
C ASN E 1046 -103.55 30.56 -118.47
N LYS E 1047 -102.34 30.12 -118.80
CA LYS E 1047 -101.23 31.03 -119.04
C LYS E 1047 -101.54 31.95 -120.21
N ASP E 1048 -101.91 31.38 -121.35
CA ASP E 1048 -102.17 32.21 -122.52
C ASP E 1048 -103.35 33.14 -122.28
N SER E 1049 -104.42 32.64 -121.66
CA SER E 1049 -105.57 33.50 -121.39
C SER E 1049 -105.17 34.70 -120.53
N LEU E 1050 -104.50 34.44 -119.40
CA LEU E 1050 -104.25 35.51 -118.45
C LEU E 1050 -103.15 36.45 -118.94
N ARG E 1051 -102.15 35.91 -119.63
CA ARG E 1051 -101.12 36.74 -120.24
C ARG E 1051 -101.70 37.65 -121.31
N GLU E 1052 -102.60 37.12 -122.13
CA GLU E 1052 -103.25 37.96 -123.14
C GLU E 1052 -104.08 39.05 -122.47
N ALA E 1053 -104.77 38.70 -121.38
CA ALA E 1053 -105.54 39.70 -120.65
C ALA E 1053 -104.65 40.82 -120.08
N VAL E 1054 -103.55 40.46 -119.43
CA VAL E 1054 -102.66 41.47 -118.86
C VAL E 1054 -102.00 42.29 -119.95
N ARG E 1055 -101.64 41.65 -121.06
CA ARG E 1055 -101.08 42.36 -122.20
C ARG E 1055 -102.05 43.38 -122.75
N THR E 1056 -103.33 43.01 -122.86
CA THR E 1056 -104.32 43.95 -123.37
C THR E 1056 -104.59 45.08 -122.37
N LEU E 1057 -104.56 44.77 -121.07
CA LEU E 1057 -104.62 45.82 -120.06
C LEU E 1057 -103.47 46.82 -120.19
N LEU E 1058 -102.25 46.34 -120.44
CA LEU E 1058 -101.15 47.23 -120.76
C LEU E 1058 -101.39 48.01 -122.05
N GLY E 1059 -101.97 47.37 -123.06
CA GLY E 1059 -102.31 48.07 -124.29
C GLY E 1059 -103.31 49.19 -124.07
N TYR E 1060 -104.17 49.05 -123.06
CA TYR E 1060 -105.04 50.15 -122.65
C TYR E 1060 -104.27 51.30 -122.04
N GLY E 1061 -102.95 51.16 -121.87
CA GLY E 1061 -102.11 52.22 -121.37
C GLY E 1061 -102.00 52.32 -119.87
N TYR E 1062 -102.72 51.48 -119.13
CA TYR E 1062 -102.57 51.47 -117.69
C TYR E 1062 -101.30 50.72 -117.32
N ASN E 1063 -100.14 51.37 -117.53
CA ASN E 1063 -98.87 50.73 -117.23
C ASN E 1063 -98.74 50.49 -115.73
N LEU E 1064 -98.18 49.35 -115.38
CA LEU E 1064 -98.01 48.94 -113.99
C LEU E 1064 -96.52 48.84 -113.70
N GLU E 1065 -96.00 49.79 -112.92
CA GLU E 1065 -94.61 49.74 -112.49
C GLU E 1065 -94.46 48.60 -111.48
N ALA E 1066 -93.79 47.55 -111.95
CA ALA E 1066 -93.70 46.26 -111.27
C ALA E 1066 -93.03 46.40 -109.90
N PRO E 1067 -93.61 45.80 -108.86
CA PRO E 1067 -92.95 45.77 -107.56
C PRO E 1067 -91.64 45.00 -107.65
N ASP E 1068 -90.70 45.39 -106.79
CA ASP E 1068 -89.34 44.87 -106.85
C ASP E 1068 -89.31 43.36 -106.62
N GLN E 1069 -88.24 42.73 -107.10
CA GLN E 1069 -87.96 41.32 -106.81
C GLN E 1069 -87.47 41.20 -105.38
N ASP E 1070 -88.42 41.14 -104.45
CA ASP E 1070 -88.07 40.93 -103.05
C ASP E 1070 -87.55 39.52 -102.86
N HIS E 1071 -86.25 39.41 -102.62
CA HIS E 1071 -85.64 38.10 -102.46
C HIS E 1071 -86.13 37.42 -101.19
N ALA E 1072 -86.44 36.14 -101.30
CA ALA E 1072 -86.98 35.36 -100.19
C ALA E 1072 -85.93 34.37 -99.69
N ALA E 1073 -85.86 34.21 -98.37
CA ALA E 1073 -84.94 33.28 -97.75
C ALA E 1073 -85.76 32.20 -97.05
N ARG E 1074 -85.81 31.02 -97.67
CA ARG E 1074 -86.58 29.91 -97.15
C ARG E 1074 -86.02 29.39 -95.83
N ALA E 1075 -84.77 29.71 -95.51
CA ALA E 1075 -84.15 29.45 -94.21
C ALA E 1075 -83.97 27.96 -93.93
N GLU E 1076 -84.33 27.12 -94.90
CA GLU E 1076 -84.16 25.66 -94.86
C GLU E 1076 -84.62 25.05 -93.54
N VAL E 1077 -85.55 25.71 -92.85
CA VAL E 1077 -86.06 25.18 -91.58
C VAL E 1077 -87.46 24.59 -91.78
N CYS E 1078 -87.49 23.31 -92.14
CA CYS E 1078 -88.75 22.57 -92.28
C CYS E 1078 -88.64 21.16 -91.73
N SER E 1079 -87.74 20.93 -90.77
CA SER E 1079 -87.53 19.59 -90.24
C SER E 1079 -88.72 19.15 -89.40
N GLY E 1080 -89.11 17.88 -89.58
CA GLY E 1080 -90.12 17.30 -88.71
C GLY E 1080 -89.64 17.29 -87.28
N THR E 1081 -90.49 17.74 -86.36
CA THR E 1081 -90.16 17.90 -84.95
C THR E 1081 -89.02 18.89 -84.76
N GLY E 1082 -88.60 19.10 -83.51
CA GLY E 1082 -87.58 20.08 -83.22
C GLY E 1082 -86.17 19.66 -83.56
N GLU E 1083 -85.97 18.41 -84.02
CA GLU E 1083 -84.65 17.92 -84.37
C GLU E 1083 -84.07 18.69 -85.55
N ARG E 1084 -82.89 19.28 -85.36
CA ARG E 1084 -82.21 20.02 -86.41
C ARG E 1084 -81.10 19.23 -87.08
N PHE E 1085 -80.45 18.31 -86.37
CA PHE E 1085 -79.35 17.55 -86.93
C PHE E 1085 -79.32 16.18 -86.28
N ARG E 1086 -78.77 15.21 -87.01
CA ARG E 1086 -78.61 13.84 -86.55
C ARG E 1086 -77.11 13.56 -86.43
N ILE E 1087 -76.67 13.14 -85.24
CA ILE E 1087 -75.26 12.92 -84.99
C ILE E 1087 -74.98 11.42 -84.98
N PHE E 1088 -74.04 10.99 -85.82
CA PHE E 1088 -73.61 9.60 -85.90
C PHE E 1088 -72.19 9.49 -85.39
N ARG E 1089 -71.93 8.48 -84.57
CA ARG E 1089 -70.59 8.23 -84.04
C ARG E 1089 -70.41 6.74 -83.83
N ALA E 1090 -69.15 6.32 -83.74
CA ALA E 1090 -68.84 4.94 -83.42
C ALA E 1090 -68.94 4.72 -81.91
N GLU E 1091 -68.85 3.46 -81.51
CA GLU E 1091 -68.98 3.11 -80.10
C GLU E 1091 -67.83 3.68 -79.29
N LYS E 1092 -68.11 4.01 -78.02
CA LYS E 1092 -67.09 4.60 -77.15
C LYS E 1092 -65.92 3.66 -76.90
N THR E 1093 -66.12 2.35 -77.04
CA THR E 1093 -65.05 1.39 -76.80
C THR E 1093 -63.94 1.44 -77.83
N TYR E 1094 -64.23 1.99 -79.02
CA TYR E 1094 -63.24 2.11 -80.08
C TYR E 1094 -62.43 3.40 -80.02
N ALA E 1095 -62.46 4.11 -78.89
CA ALA E 1095 -61.70 5.34 -78.76
C ALA E 1095 -60.21 5.07 -78.88
N VAL E 1096 -59.51 5.99 -79.55
CA VAL E 1096 -58.08 5.84 -79.83
C VAL E 1096 -57.31 6.84 -78.98
N LYS E 1097 -56.27 6.36 -78.30
CA LYS E 1097 -55.39 7.22 -77.51
C LYS E 1097 -54.02 7.41 -78.14
N ALA E 1098 -53.64 6.57 -79.10
CA ALA E 1098 -52.33 6.65 -79.72
C ALA E 1098 -52.43 6.19 -81.16
N GLY E 1099 -51.44 6.58 -81.95
CA GLY E 1099 -51.33 6.14 -83.34
C GLY E 1099 -51.87 7.16 -84.32
N ARG E 1100 -51.76 6.78 -85.59
CA ARG E 1100 -52.22 7.59 -86.72
C ARG E 1100 -53.46 6.93 -87.31
N TRP E 1101 -54.57 7.66 -87.35
CA TRP E 1101 -55.84 7.09 -87.75
C TRP E 1101 -56.48 7.92 -88.85
N TYR E 1102 -57.18 7.23 -89.76
CA TYR E 1102 -57.76 7.82 -90.95
C TYR E 1102 -59.10 7.18 -91.26
N PHE E 1103 -60.05 8.01 -91.69
CA PHE E 1103 -61.35 7.51 -92.13
C PHE E 1103 -61.94 8.52 -93.10
N GLU E 1104 -62.87 8.05 -93.92
CA GLU E 1104 -63.43 8.83 -95.03
C GLU E 1104 -64.90 9.12 -94.78
N PHE E 1105 -65.32 10.32 -95.16
CA PHE E 1105 -66.72 10.73 -95.12
C PHE E 1105 -67.14 11.15 -96.53
N GLU E 1106 -68.07 10.41 -97.11
CA GLU E 1106 -68.56 10.67 -98.47
C GLU E 1106 -69.85 11.46 -98.37
N THR E 1107 -69.88 12.62 -99.00
CA THR E 1107 -71.06 13.49 -98.96
C THR E 1107 -71.93 13.23 -100.20
N VAL E 1108 -73.06 12.55 -99.99
CA VAL E 1108 -74.00 12.34 -101.08
C VAL E 1108 -74.57 13.67 -101.57
N THR E 1109 -74.95 14.54 -100.63
CA THR E 1109 -75.46 15.87 -100.94
C THR E 1109 -74.54 16.93 -100.34
N ALA E 1110 -74.83 18.18 -100.66
CA ALA E 1110 -74.11 19.32 -100.10
C ALA E 1110 -75.05 20.13 -99.21
N GLY E 1111 -74.62 20.38 -97.99
CA GLY E 1111 -75.46 21.09 -97.03
C GLY E 1111 -74.79 21.14 -95.67
N ASP E 1112 -75.63 21.30 -94.64
CA ASP E 1112 -75.17 21.45 -93.27
C ASP E 1112 -74.72 20.09 -92.74
N MET E 1113 -73.46 19.77 -93.00
CA MET E 1113 -72.83 18.56 -92.50
C MET E 1113 -71.55 18.91 -91.76
N ARG E 1114 -71.23 18.14 -90.74
CA ARG E 1114 -69.98 18.26 -90.01
C ARG E 1114 -69.38 16.88 -89.77
N VAL E 1115 -68.08 16.74 -90.03
CA VAL E 1115 -67.37 15.50 -89.77
C VAL E 1115 -66.10 15.85 -89.01
N GLY E 1116 -65.62 14.90 -88.22
CA GLY E 1116 -64.44 15.10 -87.42
C GLY E 1116 -64.33 14.03 -86.35
N TRP E 1117 -63.63 14.39 -85.28
CA TRP E 1117 -63.37 13.48 -84.17
C TRP E 1117 -63.98 14.05 -82.90
N SER E 1118 -64.66 13.20 -82.14
CA SER E 1118 -65.34 13.62 -80.92
C SER E 1118 -64.90 12.77 -79.74
N ARG E 1119 -64.99 13.37 -78.56
CA ARG E 1119 -64.68 12.69 -77.32
C ARG E 1119 -65.87 11.82 -76.89
N PRO E 1120 -65.64 10.81 -76.04
CA PRO E 1120 -66.74 9.95 -75.61
C PRO E 1120 -67.84 10.68 -74.85
N GLY E 1121 -67.58 11.86 -74.33
CA GLY E 1121 -68.57 12.66 -73.64
C GLY E 1121 -69.39 13.58 -74.51
N CYS E 1122 -69.37 13.39 -75.83
CA CYS E 1122 -70.11 14.26 -76.74
C CYS E 1122 -71.61 14.13 -76.49
N GLN E 1123 -72.29 15.27 -76.44
CA GLN E 1123 -73.73 15.31 -76.20
C GLN E 1123 -74.49 15.23 -77.52
N PRO E 1124 -75.45 14.31 -77.64
CA PRO E 1124 -76.17 14.15 -78.92
C PRO E 1124 -77.05 15.33 -79.29
N ASP E 1125 -77.39 16.20 -78.35
CA ASP E 1125 -78.29 17.32 -78.64
C ASP E 1125 -77.56 18.57 -79.09
N GLN E 1126 -76.38 18.84 -78.56
CA GLN E 1126 -75.60 20.00 -78.98
C GLN E 1126 -74.92 19.72 -80.33
N GLU E 1127 -74.73 20.80 -81.09
CA GLU E 1127 -74.14 20.67 -82.41
C GLU E 1127 -72.62 20.47 -82.30
N LEU E 1128 -72.07 19.72 -83.25
CA LEU E 1128 -70.66 19.37 -83.19
C LEU E 1128 -69.77 20.61 -83.28
N GLY E 1129 -68.74 20.65 -82.43
CA GLY E 1129 -67.77 21.72 -82.46
C GLY E 1129 -68.20 22.99 -81.75
N SER E 1130 -69.46 23.08 -81.31
CA SER E 1130 -69.89 24.25 -80.56
C SER E 1130 -69.15 24.36 -79.23
N ASP E 1131 -68.88 23.21 -78.60
CA ASP E 1131 -68.15 23.14 -77.35
C ASP E 1131 -66.97 22.17 -77.50
N GLU E 1132 -66.31 21.86 -76.39
CA GLU E 1132 -65.00 21.22 -76.39
C GLU E 1132 -65.02 19.74 -76.75
N ARG E 1133 -66.18 19.08 -76.68
CA ARG E 1133 -66.19 17.63 -76.83
C ARG E 1133 -65.83 17.19 -78.24
N ALA E 1134 -66.11 18.01 -79.24
CA ALA E 1134 -65.97 17.62 -80.63
C ALA E 1134 -65.02 18.54 -81.37
N PHE E 1135 -64.27 17.96 -82.31
CA PHE E 1135 -63.44 18.69 -83.26
C PHE E 1135 -63.95 18.33 -84.65
N ALA E 1136 -64.73 19.23 -85.26
CA ALA E 1136 -65.42 18.94 -86.50
C ALA E 1136 -65.03 19.94 -87.58
N PHE E 1137 -65.34 19.58 -88.81
CA PHE E 1137 -65.09 20.41 -89.99
C PHE E 1137 -66.42 20.63 -90.70
N ASP E 1138 -66.83 21.89 -90.81
CA ASP E 1138 -68.05 22.24 -91.55
C ASP E 1138 -67.65 22.90 -92.86
N GLY E 1139 -67.88 22.19 -93.96
CA GLY E 1139 -67.49 22.72 -95.26
C GLY E 1139 -68.55 23.61 -95.88
N PHE E 1140 -69.79 23.50 -95.40
CA PHE E 1140 -70.87 24.32 -95.95
C PHE E 1140 -70.58 25.81 -95.76
N LYS E 1141 -70.13 26.18 -94.56
CA LYS E 1141 -69.58 27.51 -94.33
C LYS E 1141 -68.06 27.55 -94.38
N ALA E 1142 -67.41 26.42 -94.68
CA ALA E 1142 -65.95 26.32 -94.75
C ALA E 1142 -65.31 26.78 -93.45
N GLN E 1143 -65.73 26.15 -92.36
CA GLN E 1143 -65.29 26.55 -91.03
C GLN E 1143 -64.97 25.31 -90.20
N ARG E 1144 -63.89 25.41 -89.41
CA ARG E 1144 -63.55 24.39 -88.44
C ARG E 1144 -64.19 24.72 -87.10
N TRP E 1145 -64.65 23.71 -86.39
CA TRP E 1145 -65.44 23.90 -85.18
C TRP E 1145 -64.81 23.18 -83.99
N HIS E 1146 -64.33 23.97 -83.02
CA HIS E 1146 -63.96 23.49 -81.70
C HIS E 1146 -64.07 24.64 -80.70
N GLN E 1147 -65.15 24.65 -79.92
CA GLN E 1147 -65.53 25.72 -79.01
C GLN E 1147 -65.85 27.01 -79.77
N GLY E 1148 -65.87 26.97 -81.10
CA GLY E 1148 -66.12 28.15 -81.88
C GLY E 1148 -66.11 27.81 -83.35
N ASN E 1149 -65.92 28.84 -84.18
CA ASN E 1149 -65.84 28.63 -85.62
C ASN E 1149 -64.84 29.61 -86.23
N GLU E 1150 -63.89 29.08 -86.99
CA GLU E 1150 -62.91 29.88 -87.71
C GLU E 1150 -62.85 29.39 -89.15
N HIS E 1151 -62.59 30.32 -90.07
CA HIS E 1151 -62.53 29.95 -91.48
C HIS E 1151 -61.42 28.94 -91.73
N TYR E 1152 -61.75 27.88 -92.46
CA TYR E 1152 -60.82 26.80 -92.73
C TYR E 1152 -61.23 26.07 -93.99
N GLY E 1153 -60.27 25.86 -94.89
CA GLY E 1153 -60.52 25.09 -96.09
C GLY E 1153 -61.50 25.77 -97.04
N ARG E 1154 -62.12 24.94 -97.86
CA ARG E 1154 -63.08 25.35 -98.87
C ARG E 1154 -64.42 24.65 -98.64
N SER E 1155 -65.34 24.85 -99.57
CA SER E 1155 -66.65 24.20 -99.53
C SER E 1155 -66.69 23.05 -100.54
N TRP E 1156 -67.35 21.97 -100.13
CA TRP E 1156 -67.47 20.79 -100.99
C TRP E 1156 -68.69 20.90 -101.89
N GLN E 1157 -68.83 19.91 -102.75
CA GLN E 1157 -70.00 19.74 -103.60
C GLN E 1157 -70.54 18.33 -103.43
N ALA E 1158 -71.62 18.02 -104.14
CA ALA E 1158 -72.19 16.69 -104.08
C ALA E 1158 -71.20 15.66 -104.63
N GLY E 1159 -70.99 14.59 -103.88
CA GLY E 1159 -70.06 13.54 -104.24
C GLY E 1159 -68.65 13.73 -103.70
N ASP E 1160 -68.34 14.90 -103.15
CA ASP E 1160 -67.01 15.12 -102.58
C ASP E 1160 -66.82 14.23 -101.35
N VAL E 1161 -65.59 13.74 -101.19
CA VAL E 1161 -65.24 12.79 -100.13
C VAL E 1161 -64.24 13.48 -99.21
N VAL E 1162 -64.61 13.58 -97.93
CA VAL E 1162 -63.73 14.18 -96.94
C VAL E 1162 -62.96 13.08 -96.20
N GLY E 1163 -61.65 13.28 -96.11
CA GLY E 1163 -60.80 12.34 -95.40
C GLY E 1163 -60.23 12.94 -94.13
N CYS E 1164 -60.57 12.37 -92.98
CA CYS E 1164 -60.15 12.88 -91.68
C CYS E 1164 -58.95 12.12 -91.18
N MET E 1165 -57.92 12.85 -90.72
CA MET E 1165 -56.72 12.25 -90.15
C MET E 1165 -56.47 12.82 -88.76
N VAL E 1166 -55.96 11.97 -87.87
CA VAL E 1166 -55.61 12.35 -86.51
C VAL E 1166 -54.24 11.77 -86.16
N ASP E 1167 -53.39 12.58 -85.55
CA ASP E 1167 -52.15 12.12 -84.94
C ASP E 1167 -52.29 12.26 -83.43
N MET E 1168 -52.41 11.13 -82.74
CA MET E 1168 -52.56 11.13 -81.30
C MET E 1168 -51.24 11.37 -80.58
N ASN E 1169 -50.12 11.17 -81.27
CA ASN E 1169 -48.79 11.39 -80.71
C ASN E 1169 -48.28 12.80 -80.98
N GLU E 1170 -48.41 13.28 -82.21
CA GLU E 1170 -48.03 14.65 -82.55
C GLU E 1170 -49.09 15.66 -82.17
N HIS E 1171 -50.27 15.21 -81.75
CA HIS E 1171 -51.37 16.07 -81.33
C HIS E 1171 -51.76 17.05 -82.44
N THR E 1172 -51.83 16.54 -83.66
CA THR E 1172 -52.22 17.30 -84.83
C THR E 1172 -53.38 16.61 -85.54
N MET E 1173 -54.16 17.39 -86.29
CA MET E 1173 -55.33 16.89 -86.99
C MET E 1173 -55.57 17.73 -88.23
N MET E 1174 -55.91 17.07 -89.33
CA MET E 1174 -56.12 17.75 -90.61
C MET E 1174 -57.07 16.92 -91.48
N PHE E 1175 -57.56 17.54 -92.54
CA PHE E 1175 -58.61 16.97 -93.38
C PHE E 1175 -58.19 17.05 -94.85
N THR E 1176 -58.90 16.29 -95.68
CA THR E 1176 -58.66 16.31 -97.13
C THR E 1176 -59.99 16.43 -97.86
N LEU E 1177 -59.98 17.10 -99.00
CA LEU E 1177 -61.13 17.15 -99.91
C LEU E 1177 -60.72 16.57 -101.25
N ASN E 1178 -61.19 15.36 -101.54
CA ASN E 1178 -60.86 14.64 -102.76
C ASN E 1178 -59.36 14.38 -102.89
N GLY E 1179 -58.63 14.41 -101.77
CA GLY E 1179 -57.21 14.10 -101.73
C GLY E 1179 -56.33 15.26 -101.29
N GLU E 1180 -56.61 16.46 -101.78
CA GLU E 1180 -55.78 17.61 -101.43
C GLU E 1180 -56.00 18.00 -99.98
N ILE E 1181 -54.91 18.41 -99.32
CA ILE E 1181 -54.97 18.81 -97.91
C ILE E 1181 -55.63 20.18 -97.83
N LEU E 1182 -56.66 20.30 -96.99
CA LEU E 1182 -57.29 21.59 -96.78
C LEU E 1182 -56.35 22.52 -96.03
N LEU E 1183 -56.34 23.80 -96.42
CA LEU E 1183 -55.46 24.80 -95.84
C LEU E 1183 -56.24 25.70 -94.89
N ASP E 1184 -55.57 26.11 -93.81
CA ASP E 1184 -56.13 27.10 -92.90
C ASP E 1184 -56.03 28.48 -93.54
N ASP E 1185 -56.49 29.50 -92.80
CA ASP E 1185 -56.26 30.87 -93.24
C ASP E 1185 -54.76 31.16 -93.37
N SER E 1186 -53.98 30.67 -92.42
CA SER E 1186 -52.53 30.64 -92.57
C SER E 1186 -52.13 29.44 -93.43
N GLY E 1187 -50.85 29.41 -93.81
CA GLY E 1187 -50.36 28.37 -94.70
C GLY E 1187 -50.25 27.01 -94.05
N SER E 1188 -50.47 26.95 -92.73
CA SER E 1188 -50.34 25.68 -92.01
C SER E 1188 -51.43 24.70 -92.43
N GLU E 1189 -51.07 23.42 -92.45
CA GLU E 1189 -51.96 22.36 -92.88
C GLU E 1189 -52.71 21.68 -91.74
N LEU E 1190 -52.49 22.11 -90.49
CA LEU E 1190 -53.11 21.47 -89.34
C LEU E 1190 -54.45 22.16 -89.08
N ALA E 1191 -55.53 21.37 -89.07
CA ALA E 1191 -56.85 21.92 -88.78
C ALA E 1191 -56.92 22.42 -87.34
N PHE E 1192 -56.35 21.67 -86.41
CA PHE E 1192 -56.34 22.03 -84.99
C PHE E 1192 -54.91 21.89 -84.48
N LYS E 1193 -54.37 22.99 -83.95
CA LYS E 1193 -52.95 23.07 -83.67
C LYS E 1193 -52.52 22.05 -82.61
N ASP E 1194 -53.19 22.05 -81.46
CA ASP E 1194 -52.79 21.18 -80.37
C ASP E 1194 -54.00 20.93 -79.48
N PHE E 1195 -53.99 19.80 -78.79
CA PHE E 1195 -55.07 19.40 -77.90
C PHE E 1195 -54.51 18.41 -76.89
N ASP E 1196 -55.39 17.83 -76.07
CA ASP E 1196 -54.99 16.88 -75.04
C ASP E 1196 -55.56 15.51 -75.40
N VAL E 1197 -54.79 14.45 -75.09
CA VAL E 1197 -55.23 13.09 -75.38
C VAL E 1197 -56.52 12.79 -74.64
N GLY E 1198 -56.55 13.06 -73.34
CA GLY E 1198 -57.76 12.85 -72.56
C GLY E 1198 -58.20 11.40 -72.56
N ASP E 1199 -59.47 11.19 -72.88
CA ASP E 1199 -60.08 9.86 -72.90
C ASP E 1199 -60.17 9.26 -74.30
N GLY E 1200 -59.54 9.89 -75.29
CA GLY E 1200 -59.52 9.37 -76.64
C GLY E 1200 -60.56 10.02 -77.54
N PHE E 1201 -60.39 9.79 -78.83
CA PHE E 1201 -61.26 10.34 -79.86
C PHE E 1201 -61.96 9.22 -80.62
N ILE E 1202 -63.16 9.53 -81.12
CA ILE E 1202 -63.97 8.59 -81.88
C ILE E 1202 -64.49 9.32 -83.12
N PRO E 1203 -64.59 8.67 -84.27
CA PRO E 1203 -65.19 9.33 -85.44
C PRO E 1203 -66.62 9.75 -85.18
N VAL E 1204 -67.00 10.90 -85.72
CA VAL E 1204 -68.32 11.48 -85.50
C VAL E 1204 -68.76 12.18 -86.77
N CYS E 1205 -70.08 12.30 -86.95
CA CYS E 1205 -70.65 13.03 -88.07
C CYS E 1205 -72.03 13.54 -87.69
N SER E 1206 -72.33 14.78 -88.11
CA SER E 1206 -73.64 15.38 -87.92
C SER E 1206 -74.21 15.73 -89.28
N LEU E 1207 -75.49 15.41 -89.48
CA LEU E 1207 -76.16 15.63 -90.76
C LEU E 1207 -77.36 16.55 -90.55
N GLY E 1208 -77.48 17.57 -91.39
CA GLY E 1208 -78.55 18.54 -91.29
C GLY E 1208 -79.83 18.05 -91.94
N VAL E 1209 -80.72 19.01 -92.22
CA VAL E 1209 -82.01 18.68 -92.81
C VAL E 1209 -81.82 18.20 -94.24
N ALA E 1210 -82.43 17.05 -94.56
CA ALA E 1210 -82.38 16.48 -95.91
C ALA E 1210 -80.94 16.27 -96.37
N GLN E 1211 -80.13 15.67 -95.51
CA GLN E 1211 -78.72 15.42 -95.80
C GLN E 1211 -78.42 13.94 -95.75
N VAL E 1212 -77.63 13.48 -96.73
CA VAL E 1212 -77.24 12.09 -96.86
C VAL E 1212 -75.73 12.00 -96.87
N GLY E 1213 -75.18 11.16 -95.99
CA GLY E 1213 -73.74 11.00 -95.88
C GLY E 1213 -73.37 9.54 -95.68
N ARG E 1214 -72.11 9.24 -95.98
CA ARG E 1214 -71.57 7.90 -95.85
C ARG E 1214 -70.23 7.97 -95.13
N MET E 1215 -70.06 7.11 -94.15
CA MET E 1215 -68.85 7.07 -93.34
C MET E 1215 -68.18 5.73 -93.58
N ASN E 1216 -66.95 5.76 -94.07
CA ASN E 1216 -66.17 4.56 -94.36
C ASN E 1216 -65.02 4.45 -93.37
N PHE E 1217 -65.12 3.49 -92.46
CA PHE E 1217 -64.07 3.24 -91.46
C PHE E 1217 -62.87 2.52 -92.04
N GLY E 1218 -62.90 2.17 -93.33
CA GLY E 1218 -61.77 1.51 -93.96
C GLY E 1218 -61.53 0.11 -93.45
N LYS E 1219 -62.60 -0.64 -93.19
CA LYS E 1219 -62.45 -2.06 -92.91
C LYS E 1219 -61.87 -2.77 -94.13
N ASP E 1220 -62.37 -2.44 -95.32
CA ASP E 1220 -61.75 -2.85 -96.57
C ASP E 1220 -60.96 -1.67 -97.12
N VAL E 1221 -59.63 -1.83 -97.17
CA VAL E 1221 -58.77 -0.73 -97.61
C VAL E 1221 -59.04 -0.33 -99.04
N SER E 1222 -59.40 -1.29 -99.90
CA SER E 1222 -59.68 -0.97 -101.30
C SER E 1222 -60.87 -0.02 -101.43
N THR E 1223 -61.86 -0.13 -100.54
CA THR E 1223 -63.03 0.72 -100.62
C THR E 1223 -62.70 2.19 -100.36
N LEU E 1224 -61.62 2.47 -99.65
CA LEU E 1224 -61.20 3.85 -99.45
C LEU E 1224 -60.73 4.44 -100.78
N LYS E 1225 -61.22 5.64 -101.11
CA LYS E 1225 -61.03 6.17 -102.46
C LYS E 1225 -59.80 7.06 -102.58
N TYR E 1226 -59.47 7.83 -101.54
CA TYR E 1226 -58.36 8.78 -101.61
C TYR E 1226 -57.26 8.42 -100.62
N PHE E 1227 -57.36 7.26 -99.98
CA PHE E 1227 -56.34 6.84 -99.02
C PHE E 1227 -54.99 6.65 -99.71
N THR E 1228 -54.98 6.12 -100.93
CA THR E 1228 -53.72 5.89 -101.62
C THR E 1228 -52.99 7.20 -101.90
N ILE E 1229 -53.70 8.20 -102.42
CA ILE E 1229 -53.05 9.46 -102.78
C ILE E 1229 -52.72 10.26 -101.53
N CYS E 1230 -53.54 10.18 -100.49
CA CYS E 1230 -53.26 10.88 -99.25
C CYS E 1230 -53.59 9.99 -98.07
N GLY E 1231 -52.63 9.86 -97.14
CA GLY E 1231 -52.86 9.07 -95.94
C GLY E 1231 -51.99 7.83 -95.85
N LEU E 1232 -51.78 7.15 -96.98
CA LEU E 1232 -51.01 5.92 -96.98
C LEU E 1232 -49.52 6.19 -96.80
N GLN E 1233 -49.00 7.18 -97.51
CA GLN E 1233 -47.57 7.51 -97.40
C GLN E 1233 -47.24 8.07 -96.02
N GLU E 1234 -48.14 8.88 -95.46
CA GLU E 1234 -47.90 9.49 -94.16
C GLU E 1234 -47.95 8.49 -93.01
N GLY E 1235 -48.36 7.25 -93.26
CA GLY E 1235 -48.41 6.26 -92.22
C GLY E 1235 -49.72 6.20 -91.46
N TYR E 1236 -50.73 6.95 -91.89
CA TYR E 1236 -52.02 6.91 -91.23
C TYR E 1236 -52.69 5.56 -91.44
N GLU E 1237 -53.35 5.08 -90.39
CA GLU E 1237 -54.02 3.79 -90.52
C GLU E 1237 -55.53 3.99 -90.63
N PRO E 1238 -56.22 3.15 -91.38
CA PRO E 1238 -57.69 3.16 -91.35
C PRO E 1238 -58.19 2.88 -89.94
N PHE E 1239 -59.31 3.49 -89.58
CA PHE E 1239 -59.82 3.35 -88.23
C PHE E 1239 -60.19 1.89 -87.94
N ALA E 1240 -60.69 1.18 -88.94
CA ALA E 1240 -61.00 -0.25 -88.83
C ALA E 1240 -59.99 -1.10 -89.60
N VAL E 1241 -58.70 -0.72 -89.56
CA VAL E 1241 -57.69 -1.42 -90.35
C VAL E 1241 -57.54 -2.87 -89.90
N ASN E 1242 -57.58 -3.11 -88.58
CA ASN E 1242 -57.44 -4.45 -88.02
C ASN E 1242 -58.64 -4.74 -87.13
N THR E 1243 -59.73 -5.19 -87.76
CA THR E 1243 -60.97 -5.53 -87.07
C THR E 1243 -61.62 -6.70 -87.80
N ASN E 1244 -62.04 -7.72 -87.04
CA ASN E 1244 -62.73 -8.85 -87.64
C ASN E 1244 -64.22 -8.58 -87.80
N ARG E 1245 -64.77 -7.70 -86.96
CA ARG E 1245 -66.18 -7.34 -86.98
C ARG E 1245 -66.35 -5.89 -87.43
N ASP E 1246 -67.52 -5.60 -87.98
CA ASP E 1246 -67.84 -4.23 -88.34
C ASP E 1246 -68.02 -3.37 -87.10
N ILE E 1247 -67.75 -2.08 -87.23
CA ILE E 1247 -67.76 -1.17 -86.10
C ILE E 1247 -69.21 -0.82 -85.77
N THR E 1248 -69.60 -1.03 -84.52
CA THR E 1248 -70.93 -0.66 -84.06
C THR E 1248 -71.06 0.86 -84.07
N MET E 1249 -72.16 1.36 -84.62
CA MET E 1249 -72.35 2.78 -84.87
C MET E 1249 -73.51 3.30 -84.03
N TRP E 1250 -73.25 4.32 -83.22
CA TRP E 1250 -74.25 4.88 -82.32
C TRP E 1250 -74.74 6.23 -82.84
N LEU E 1251 -76.03 6.48 -82.67
CA LEU E 1251 -76.71 7.65 -83.20
C LEU E 1251 -77.53 8.33 -82.11
N SER E 1252 -77.81 9.62 -82.34
CA SER E 1252 -78.65 10.38 -81.42
C SER E 1252 -80.09 9.89 -81.49
N LYS E 1253 -80.67 9.63 -80.32
CA LYS E 1253 -82.01 9.08 -80.24
C LYS E 1253 -83.05 10.12 -80.60
N ARG E 1254 -83.93 9.79 -81.55
CA ARG E 1254 -85.04 10.66 -81.90
C ARG E 1254 -86.08 10.78 -80.80
N LEU E 1255 -86.42 9.66 -80.17
CA LEU E 1255 -87.57 9.64 -79.27
C LEU E 1255 -87.13 9.95 -77.84
N PRO E 1256 -87.64 11.01 -77.23
CA PRO E 1256 -87.20 11.36 -75.87
C PRO E 1256 -87.65 10.32 -74.85
N GLN E 1257 -86.86 10.19 -73.79
CA GLN E 1257 -87.14 9.29 -72.68
C GLN E 1257 -86.99 10.02 -71.36
N PHE E 1258 -87.58 9.44 -70.33
CA PHE E 1258 -87.50 9.99 -68.98
C PHE E 1258 -86.27 9.45 -68.26
N LEU E 1259 -85.52 10.34 -67.61
CA LEU E 1259 -84.36 9.97 -66.82
C LEU E 1259 -84.30 10.88 -65.60
N GLN E 1260 -83.56 10.42 -64.58
CA GLN E 1260 -83.44 11.15 -63.34
C GLN E 1260 -82.78 12.52 -63.57
N VAL E 1261 -83.28 13.53 -62.88
CA VAL E 1261 -82.79 14.90 -63.04
C VAL E 1261 -81.36 14.98 -62.55
N PRO E 1262 -80.41 15.39 -63.38
CA PRO E 1262 -79.02 15.50 -62.94
C PRO E 1262 -78.85 16.59 -61.89
N SER E 1263 -77.86 16.38 -61.01
CA SER E 1263 -77.56 17.38 -60.00
C SER E 1263 -76.91 18.62 -60.61
N ASN E 1264 -76.28 18.48 -61.78
CA ASN E 1264 -75.60 19.57 -62.45
C ASN E 1264 -76.44 20.23 -63.53
N HIS E 1265 -77.74 19.95 -63.58
CA HIS E 1265 -78.59 20.53 -64.61
C HIS E 1265 -78.59 22.05 -64.51
N GLU E 1266 -78.48 22.71 -65.67
CA GLU E 1266 -78.32 24.15 -65.70
C GLU E 1266 -79.63 24.91 -65.55
N HIS E 1267 -80.77 24.22 -65.56
CA HIS E 1267 -82.06 24.88 -65.38
C HIS E 1267 -82.94 24.26 -64.31
N ILE E 1268 -82.85 22.95 -64.06
CA ILE E 1268 -83.74 22.25 -63.15
C ILE E 1268 -82.95 21.81 -61.93
N GLU E 1269 -83.50 22.07 -60.74
CA GLU E 1269 -82.93 21.62 -59.48
C GLU E 1269 -84.06 21.08 -58.61
N VAL E 1270 -83.84 19.92 -58.01
CA VAL E 1270 -84.85 19.22 -57.21
C VAL E 1270 -84.31 19.02 -55.81
N THR E 1271 -85.11 19.37 -54.81
CA THR E 1271 -84.76 19.19 -53.41
C THR E 1271 -85.71 18.17 -52.78
N ARG E 1272 -85.18 17.39 -51.85
CA ARG E 1272 -85.96 16.36 -51.15
C ARG E 1272 -86.19 16.83 -49.71
N ILE E 1273 -87.44 17.14 -49.38
CA ILE E 1273 -87.81 17.59 -48.05
C ILE E 1273 -88.32 16.37 -47.28
N ASP E 1274 -87.65 16.06 -46.16
CA ASP E 1274 -88.08 14.96 -45.32
C ASP E 1274 -89.41 15.29 -44.65
N GLY E 1275 -90.21 14.25 -44.42
CA GLY E 1275 -91.49 14.43 -43.76
C GLY E 1275 -91.34 14.60 -42.27
N THR E 1276 -91.84 15.71 -41.73
CA THR E 1276 -91.75 15.98 -40.30
C THR E 1276 -92.96 15.35 -39.61
N ILE E 1277 -93.18 15.69 -38.34
CA ILE E 1277 -94.30 15.11 -37.60
C ILE E 1277 -95.64 15.61 -38.16
N ASP E 1278 -95.67 16.85 -38.65
CA ASP E 1278 -96.90 17.45 -39.15
C ASP E 1278 -96.90 17.63 -40.66
N SER E 1279 -95.78 17.39 -41.33
CA SER E 1279 -95.67 17.59 -42.78
C SER E 1279 -95.30 16.27 -43.44
N SER E 1280 -95.97 15.96 -44.54
CA SER E 1280 -95.65 14.78 -45.32
C SER E 1280 -94.34 14.98 -46.07
N PRO E 1281 -93.63 13.91 -46.41
CA PRO E 1281 -92.44 14.06 -47.25
C PRO E 1281 -92.78 14.69 -48.59
N CYS E 1282 -91.89 15.56 -49.05
CA CYS E 1282 -92.15 16.36 -50.24
C CYS E 1282 -90.95 16.32 -51.19
N LEU E 1283 -91.25 16.46 -52.48
CA LEU E 1283 -90.24 16.66 -53.51
C LEU E 1283 -90.51 18.00 -54.18
N LYS E 1284 -89.52 18.89 -54.13
CA LYS E 1284 -89.68 20.27 -54.56
C LYS E 1284 -88.87 20.52 -55.82
N VAL E 1285 -89.50 21.07 -56.85
CA VAL E 1285 -88.87 21.35 -58.12
C VAL E 1285 -88.65 22.85 -58.23
N THR E 1286 -87.41 23.27 -58.47
CA THR E 1286 -87.06 24.67 -58.60
C THR E 1286 -86.23 24.87 -59.86
N GLN E 1287 -86.27 26.08 -60.40
CA GLN E 1287 -85.46 26.46 -61.54
C GLN E 1287 -84.40 27.46 -61.10
N LYS E 1288 -83.14 27.13 -61.35
CA LYS E 1288 -82.04 28.03 -61.08
C LYS E 1288 -81.81 29.03 -62.21
N SER E 1289 -82.41 28.78 -63.39
CA SER E 1289 -82.20 29.68 -64.52
C SER E 1289 -82.96 30.99 -64.35
N PHE E 1290 -84.05 30.98 -63.57
CA PHE E 1290 -84.83 32.19 -63.38
C PHE E 1290 -84.02 33.25 -62.64
N GLY E 1291 -84.30 34.51 -62.97
CA GLY E 1291 -83.49 35.61 -62.50
C GLY E 1291 -82.25 35.87 -63.35
N SER E 1292 -82.09 35.13 -64.45
CA SER E 1292 -80.94 35.28 -65.33
C SER E 1292 -81.34 34.92 -66.75
N GLN E 1293 -80.53 35.36 -67.70
CA GLN E 1293 -80.78 35.03 -69.10
C GLN E 1293 -80.47 33.56 -69.35
N ASN E 1294 -80.98 33.05 -70.47
CA ASN E 1294 -80.96 31.65 -70.92
C ASN E 1294 -82.02 30.82 -70.20
N SER E 1295 -82.89 31.43 -69.40
CA SER E 1295 -83.98 30.68 -68.78
C SER E 1295 -84.94 30.20 -69.86
N ASN E 1296 -85.12 28.88 -69.93
CA ASN E 1296 -85.91 28.26 -70.98
C ASN E 1296 -87.39 28.38 -70.63
N THR E 1297 -88.12 29.15 -71.43
CA THR E 1297 -89.57 29.30 -71.27
C THR E 1297 -90.28 28.22 -72.09
N ASP E 1298 -89.97 26.97 -71.75
CA ASP E 1298 -90.52 25.81 -72.43
C ASP E 1298 -91.14 24.88 -71.40
N ILE E 1299 -92.17 24.14 -71.82
CA ILE E 1299 -92.90 23.27 -70.91
C ILE E 1299 -92.04 22.05 -70.59
N MET E 1300 -91.51 22.01 -69.37
CA MET E 1300 -90.80 20.84 -68.88
C MET E 1300 -91.79 19.76 -68.46
N PHE E 1301 -91.45 18.51 -68.77
CA PHE E 1301 -92.27 17.36 -68.42
C PHE E 1301 -91.60 16.60 -67.28
N TYR E 1302 -92.31 16.45 -66.17
CA TYR E 1302 -91.78 15.77 -65.00
C TYR E 1302 -92.64 14.55 -64.68
N ARG E 1303 -92.03 13.54 -64.08
CA ARG E 1303 -92.75 12.36 -63.65
C ARG E 1303 -92.01 11.72 -62.49
N LEU E 1304 -92.71 10.86 -61.75
CA LEU E 1304 -92.08 10.09 -60.70
C LEU E 1304 -91.55 8.77 -61.25
N SER E 1305 -90.50 8.25 -60.62
CA SER E 1305 -89.76 7.13 -61.18
C SER E 1305 -90.46 5.79 -61.02
N MET E 1306 -91.51 5.70 -60.21
CA MET E 1306 -92.07 4.38 -59.93
C MET E 1306 -93.59 4.39 -60.10
N PRO E 1307 -94.14 3.35 -60.76
CA PRO E 1307 -95.56 3.39 -61.14
C PRO E 1307 -96.50 2.69 -60.18
N ILE E 1308 -97.80 2.94 -60.34
CA ILE E 1308 -98.84 2.20 -59.63
C ILE E 1308 -99.43 1.16 -60.58
N GLU E 1309 -99.58 -0.07 -60.09
CA GLU E 1309 -100.14 -1.16 -60.86
C GLU E 1309 -101.63 -1.29 -60.53
N CYS E 1310 -102.48 -1.12 -61.55
CA CYS E 1310 -103.89 -1.39 -61.37
C CYS E 1310 -104.14 -2.89 -61.26
N ALA E 1311 -105.29 -3.25 -60.70
CA ALA E 1311 -105.62 -4.64 -60.48
C ALA E 1311 -105.69 -5.40 -61.81
N GLU E 1312 -105.25 -6.65 -61.77
CA GLU E 1312 -105.26 -7.48 -62.96
C GLU E 1312 -106.68 -7.74 -63.45
N VAL E 1313 -107.63 -7.87 -62.53
CA VAL E 1313 -109.05 -8.02 -62.84
C VAL E 1313 -109.81 -6.95 -62.08
N PHE E 1314 -110.77 -6.31 -62.74
CA PHE E 1314 -111.59 -5.29 -62.12
C PHE E 1314 -112.85 -5.91 -61.53
N SER E 1315 -113.13 -5.63 -60.27
CA SER E 1315 -114.34 -6.10 -59.64
C SER E 1315 -115.56 -5.43 -60.27
N LYS E 1316 -116.62 -6.23 -60.44
CA LYS E 1316 -117.84 -5.72 -61.08
C LYS E 1316 -118.77 -5.11 -60.04
N ARG E 1414 -111.34 9.41 -36.73
CA ARG E 1414 -110.22 8.79 -37.43
C ARG E 1414 -110.73 7.82 -38.48
N ASP E 1415 -109.99 7.70 -39.59
CA ASP E 1415 -110.36 6.74 -40.63
C ASP E 1415 -110.28 5.32 -40.10
N ASP E 1416 -111.17 4.46 -40.60
CA ASP E 1416 -111.25 3.09 -40.11
C ASP E 1416 -109.96 2.32 -40.45
N TYR E 1417 -109.41 1.66 -39.44
CA TYR E 1417 -108.18 0.89 -39.63
C TYR E 1417 -108.48 -0.48 -40.23
N ASP E 1418 -109.72 -0.66 -40.69
CA ASP E 1418 -110.10 -1.84 -41.46
C ASP E 1418 -110.40 -1.48 -42.91
N PHE E 1419 -111.15 -0.40 -43.12
CA PHE E 1419 -111.33 0.13 -44.47
C PHE E 1419 -109.99 0.55 -45.06
N LEU E 1420 -109.14 1.23 -44.28
CA LEU E 1420 -107.82 1.63 -44.75
C LEU E 1420 -106.91 0.47 -45.02
N MET E 1421 -107.10 -0.68 -44.36
CA MET E 1421 -106.31 -1.86 -44.63
C MET E 1421 -106.82 -2.69 -45.80
N GLN E 1422 -108.12 -2.70 -46.06
CA GLN E 1422 -108.68 -3.42 -47.20
C GLN E 1422 -108.74 -2.58 -48.47
N THR E 1423 -108.51 -1.27 -48.38
CA THR E 1423 -108.66 -0.41 -49.54
C THR E 1423 -107.45 -0.52 -50.47
N SER E 1424 -107.65 -0.10 -51.72
CA SER E 1424 -106.60 -0.07 -52.73
C SER E 1424 -106.57 1.29 -53.42
N THR E 1425 -106.89 2.35 -52.70
CA THR E 1425 -106.99 3.68 -53.28
C THR E 1425 -105.87 4.56 -52.74
N TYR E 1426 -105.06 5.11 -53.65
CA TYR E 1426 -103.85 5.82 -53.29
C TYR E 1426 -103.93 7.28 -53.75
N TYR E 1427 -103.14 8.12 -53.08
CA TYR E 1427 -103.26 9.57 -53.20
C TYR E 1427 -101.89 10.22 -53.17
N TYR E 1428 -101.70 11.21 -54.05
CA TYR E 1428 -100.61 12.17 -53.92
C TYR E 1428 -101.15 13.54 -54.28
N SER E 1429 -100.52 14.58 -53.74
CA SER E 1429 -100.96 15.94 -53.96
C SER E 1429 -99.81 16.78 -54.49
N VAL E 1430 -100.16 17.79 -55.29
CA VAL E 1430 -99.19 18.71 -55.86
C VAL E 1430 -99.62 20.13 -55.52
N ARG E 1431 -98.75 20.89 -54.87
CA ARG E 1431 -99.01 22.26 -54.49
C ARG E 1431 -98.30 23.19 -55.45
N ILE E 1432 -99.06 24.05 -56.12
CA ILE E 1432 -98.47 25.04 -57.02
C ILE E 1432 -98.07 26.26 -56.21
N PHE E 1433 -96.78 26.59 -56.25
CA PHE E 1433 -96.27 27.68 -55.44
C PHE E 1433 -96.81 29.01 -55.95
N PRO E 1434 -97.09 29.95 -55.04
CA PRO E 1434 -97.68 31.23 -55.46
C PRO E 1434 -96.78 31.97 -56.42
N GLY E 1435 -97.40 32.65 -57.39
CA GLY E 1435 -96.69 33.36 -58.43
C GLY E 1435 -96.39 32.53 -59.66
N GLN E 1436 -96.47 31.21 -59.55
CA GLN E 1436 -96.38 30.32 -60.71
C GLN E 1436 -97.76 30.26 -61.35
N GLU E 1437 -97.82 30.55 -62.64
CA GLU E 1437 -99.11 30.64 -63.32
C GLU E 1437 -99.75 29.26 -63.36
N PRO E 1438 -100.99 29.12 -62.88
CA PRO E 1438 -101.59 27.78 -62.77
C PRO E 1438 -101.99 27.14 -64.08
N ALA E 1439 -102.47 27.91 -65.06
CA ALA E 1439 -102.83 27.35 -66.35
C ALA E 1439 -101.63 26.82 -67.12
N ASN E 1440 -100.42 27.17 -66.70
CA ASN E 1440 -99.19 26.64 -67.29
C ASN E 1440 -98.74 25.34 -66.67
N VAL E 1441 -99.50 24.80 -65.70
CA VAL E 1441 -99.14 23.60 -64.98
C VAL E 1441 -100.26 22.59 -65.11
N TRP E 1442 -99.90 21.35 -65.45
CA TRP E 1442 -100.86 20.25 -65.55
C TRP E 1442 -100.44 19.13 -64.60
N VAL E 1443 -101.43 18.52 -63.94
CA VAL E 1443 -101.18 17.48 -62.95
C VAL E 1443 -102.05 16.27 -63.29
N GLY E 1444 -101.46 15.09 -63.13
CA GLY E 1444 -102.18 13.84 -63.34
C GLY E 1444 -101.21 12.68 -63.46
N TRP E 1445 -101.62 11.67 -64.22
CA TRP E 1445 -100.85 10.45 -64.40
C TRP E 1445 -100.50 10.25 -65.87
N ILE E 1446 -99.36 9.61 -66.13
CA ILE E 1446 -98.96 9.23 -67.47
C ILE E 1446 -98.54 7.77 -67.45
N THR E 1447 -98.62 7.13 -68.62
CA THR E 1447 -98.21 5.75 -68.77
C THR E 1447 -96.76 5.69 -69.29
N SER E 1448 -96.28 4.47 -69.54
CA SER E 1448 -94.92 4.30 -70.04
C SER E 1448 -94.80 4.72 -71.50
N ASP E 1449 -95.93 4.80 -72.22
CA ASP E 1449 -95.89 5.11 -73.65
C ASP E 1449 -95.73 6.58 -73.94
N PHE E 1450 -95.78 7.44 -72.92
CA PHE E 1450 -95.72 8.89 -73.15
C PHE E 1450 -94.31 9.26 -73.60
N HIS E 1451 -94.16 9.56 -74.90
CA HIS E 1451 -92.90 9.96 -75.49
C HIS E 1451 -93.08 11.21 -76.35
N GLN E 1452 -94.03 12.06 -75.99
CA GLN E 1452 -94.37 13.24 -76.80
C GLN E 1452 -93.71 14.47 -76.18
N TYR E 1453 -92.85 15.13 -76.94
CA TYR E 1453 -92.19 16.35 -76.53
C TYR E 1453 -92.61 17.47 -77.49
N ASP E 1454 -93.56 18.28 -77.06
CA ASP E 1454 -94.04 19.42 -77.83
C ASP E 1454 -93.84 20.69 -77.02
N THR E 1455 -93.34 21.74 -77.67
CA THR E 1455 -93.17 23.03 -77.00
C THR E 1455 -94.51 23.57 -76.53
N GLY E 1456 -95.59 23.27 -77.23
CA GLY E 1456 -96.92 23.65 -76.80
C GLY E 1456 -97.76 22.43 -76.45
N PHE E 1457 -98.21 22.36 -75.20
CA PHE E 1457 -98.98 21.23 -74.71
C PHE E 1457 -100.42 21.64 -74.40
N ASP E 1458 -101.36 20.79 -74.81
CA ASP E 1458 -102.76 20.97 -74.48
C ASP E 1458 -103.38 19.60 -74.25
N LEU E 1459 -104.40 19.56 -73.40
CA LEU E 1459 -105.10 18.31 -73.12
C LEU E 1459 -105.89 17.79 -74.31
N ASP E 1460 -106.17 18.64 -75.30
CA ASP E 1460 -106.86 18.18 -76.50
C ASP E 1460 -105.93 17.45 -77.46
N ARG E 1461 -104.63 17.67 -77.33
CA ARG E 1461 -103.64 17.09 -78.24
C ARG E 1461 -103.17 15.71 -77.80
N VAL E 1462 -103.57 15.25 -76.61
CA VAL E 1462 -103.08 13.98 -76.10
C VAL E 1462 -103.55 12.84 -77.02
N ARG E 1463 -102.73 11.79 -77.08
CA ARG E 1463 -103.00 10.65 -77.93
C ARG E 1463 -104.08 9.78 -77.32
N THR E 1464 -105.17 9.58 -78.06
CA THR E 1464 -106.29 8.79 -77.57
C THR E 1464 -106.76 7.85 -78.67
N VAL E 1465 -107.41 6.75 -78.24
CA VAL E 1465 -108.06 5.81 -79.14
C VAL E 1465 -109.22 5.19 -78.38
N THR E 1466 -110.28 4.85 -79.13
CA THR E 1466 -111.51 4.28 -78.56
C THR E 1466 -111.74 2.93 -79.20
N VAL E 1467 -111.33 1.86 -78.50
CA VAL E 1467 -111.56 0.50 -78.99
C VAL E 1467 -112.96 0.07 -78.59
N THR E 1468 -113.80 -0.20 -79.59
CA THR E 1468 -115.18 -0.64 -79.37
C THR E 1468 -115.32 -2.07 -79.85
N LEU E 1469 -115.71 -2.96 -78.94
CA LEU E 1469 -115.95 -4.37 -79.26
C LEU E 1469 -117.45 -4.63 -79.21
N GLY E 1470 -117.98 -5.24 -80.26
CA GLY E 1470 -119.41 -5.44 -80.37
C GLY E 1470 -119.77 -6.90 -80.55
N ASP E 1471 -121.03 -7.20 -80.27
CA ASP E 1471 -121.55 -8.55 -80.50
C ASP E 1471 -121.88 -8.73 -81.98
N GLU E 1472 -122.55 -9.85 -82.30
CA GLU E 1472 -122.59 -10.30 -83.68
C GLU E 1472 -123.51 -9.47 -84.58
N LYS E 1473 -124.57 -8.86 -84.04
CA LYS E 1473 -125.36 -7.97 -84.90
C LYS E 1473 -124.59 -6.70 -85.23
N GLY E 1474 -123.84 -6.18 -84.26
CA GLY E 1474 -123.21 -4.89 -84.36
C GLY E 1474 -123.43 -3.97 -83.17
N LYS E 1475 -124.09 -4.46 -82.12
CA LYS E 1475 -124.31 -3.65 -80.92
C LYS E 1475 -123.00 -3.51 -80.16
N VAL E 1476 -122.68 -2.28 -79.75
CA VAL E 1476 -121.43 -2.01 -79.05
C VAL E 1476 -121.59 -2.38 -77.58
N HIS E 1477 -121.22 -3.61 -77.22
CA HIS E 1477 -121.39 -4.06 -75.84
C HIS E 1477 -120.30 -3.52 -74.93
N GLU E 1478 -119.18 -3.07 -75.49
CA GLU E 1478 -118.06 -2.58 -74.69
C GLU E 1478 -117.31 -1.51 -75.46
N SER E 1479 -117.00 -0.40 -74.78
CA SER E 1479 -116.21 0.67 -75.35
C SER E 1479 -115.07 1.00 -74.40
N ILE E 1480 -113.85 0.97 -74.92
CA ILE E 1480 -112.65 1.26 -74.14
C ILE E 1480 -111.92 2.42 -74.77
N LYS E 1481 -111.57 3.42 -73.97
CA LYS E 1481 -110.75 4.54 -74.42
C LYS E 1481 -109.38 4.44 -73.80
N ARG E 1482 -108.35 4.42 -74.65
CA ARG E 1482 -106.97 4.28 -74.23
C ARG E 1482 -106.24 5.60 -74.46
N SER E 1483 -105.42 5.99 -73.50
CA SER E 1483 -104.62 7.20 -73.61
C SER E 1483 -103.36 7.04 -72.79
N ASN E 1484 -102.30 7.75 -73.19
CA ASN E 1484 -101.06 7.70 -72.44
C ASN E 1484 -100.99 8.80 -71.38
N CYS E 1485 -101.85 9.81 -71.48
CA CYS E 1485 -101.86 10.94 -70.57
C CYS E 1485 -103.24 11.10 -69.95
N TYR E 1486 -103.29 11.04 -68.62
CA TYR E 1486 -104.52 11.29 -67.85
C TYR E 1486 -104.20 12.40 -66.87
N MET E 1487 -104.34 13.65 -67.31
CA MET E 1487 -103.92 14.79 -66.53
C MET E 1487 -104.91 15.93 -66.68
N VAL E 1488 -104.87 16.86 -65.72
CA VAL E 1488 -105.79 17.99 -65.67
C VAL E 1488 -104.99 19.27 -65.51
N CYS E 1489 -105.61 20.38 -65.88
CA CYS E 1489 -104.98 21.69 -65.79
C CYS E 1489 -105.38 22.37 -64.49
N ALA E 1490 -104.40 23.04 -63.86
CA ALA E 1490 -104.65 23.75 -62.62
C ALA E 1490 -105.45 25.02 -62.82
N GLY E 1491 -105.26 25.72 -63.94
CA GLY E 1491 -106.00 26.94 -64.18
C GLY E 1491 -107.50 26.72 -64.27
N GLU E 1492 -107.91 25.63 -64.91
CA GLU E 1492 -109.33 25.30 -64.97
C GLU E 1492 -109.81 24.71 -63.64
N SER E 1493 -108.95 23.99 -62.93
CA SER E 1493 -109.36 23.41 -61.65
C SER E 1493 -109.66 24.49 -60.63
N MET E 1494 -108.88 25.57 -60.64
CA MET E 1494 -109.05 26.66 -59.69
C MET E 1494 -110.31 27.46 -60.04
N SER E 1495 -111.15 27.72 -59.03
CA SER E 1495 -112.34 28.53 -59.25
C SER E 1495 -112.07 30.04 -59.19
N PRO E 1496 -111.36 30.59 -58.18
CA PRO E 1496 -111.42 32.05 -57.96
C PRO E 1496 -110.71 32.88 -59.01
N GLY E 1497 -110.00 32.25 -59.93
CA GLY E 1497 -109.32 33.01 -60.97
C GLY E 1497 -108.21 33.89 -60.42
N GLN E 1498 -107.96 35.00 -61.11
CA GLN E 1498 -106.78 35.82 -60.80
C GLN E 1498 -106.81 36.38 -59.39
N GLY E 1499 -107.97 36.45 -58.74
CA GLY E 1499 -108.03 36.82 -57.34
C GLY E 1499 -107.29 35.86 -56.41
N ARG E 1500 -107.02 34.64 -56.89
CA ARG E 1500 -106.25 33.65 -56.16
C ARG E 1500 -104.79 33.88 -56.54
N ASN E 1501 -103.93 32.89 -56.29
CA ASN E 1501 -102.46 32.95 -56.40
C ASN E 1501 -101.93 33.60 -55.14
N ASN E 1502 -102.81 33.75 -54.16
CA ASN E 1502 -102.42 34.20 -52.84
C ASN E 1502 -101.62 33.14 -52.10
N ASN E 1503 -102.10 31.89 -52.12
CA ASN E 1503 -101.39 30.76 -51.54
C ASN E 1503 -102.15 29.48 -51.86
N GLY E 1504 -101.43 28.36 -51.89
CA GLY E 1504 -102.11 27.07 -51.92
C GLY E 1504 -102.15 26.46 -53.31
N LEU E 1505 -103.36 26.25 -53.81
CA LEU E 1505 -103.63 25.46 -55.01
C LEU E 1505 -103.01 24.07 -54.89
N GLU E 1506 -103.50 23.28 -53.95
CA GLU E 1506 -103.05 21.90 -53.77
C GLU E 1506 -103.95 21.00 -54.60
N ILE E 1507 -103.44 20.53 -55.73
CA ILE E 1507 -104.19 19.59 -56.56
C ILE E 1507 -104.00 18.18 -56.04
N GLY E 1508 -105.11 17.49 -55.82
CA GLY E 1508 -105.07 16.13 -55.29
C GLY E 1508 -105.47 15.12 -56.34
N CYS E 1509 -104.67 14.06 -56.45
CA CYS E 1509 -104.92 12.98 -57.39
C CYS E 1509 -105.26 11.72 -56.63
N VAL E 1510 -106.39 11.11 -56.97
CA VAL E 1510 -106.89 9.90 -56.32
C VAL E 1510 -107.02 8.81 -57.37
N VAL E 1511 -106.40 7.66 -57.09
CA VAL E 1511 -106.41 6.53 -58.01
C VAL E 1511 -106.99 5.33 -57.28
N ASP E 1512 -107.91 4.62 -57.94
CA ASP E 1512 -108.51 3.40 -57.40
C ASP E 1512 -107.94 2.22 -58.18
N ALA E 1513 -106.94 1.55 -57.60
CA ALA E 1513 -106.28 0.44 -58.28
C ALA E 1513 -107.19 -0.75 -58.51
N ALA E 1514 -108.31 -0.86 -57.78
CA ALA E 1514 -109.22 -1.98 -57.94
C ALA E 1514 -110.27 -1.75 -59.02
N SER E 1515 -110.59 -0.49 -59.32
CA SER E 1515 -111.58 -0.16 -60.32
C SER E 1515 -111.05 0.68 -61.47
N GLY E 1516 -109.84 1.24 -61.35
CA GLY E 1516 -109.29 2.05 -62.42
C GLY E 1516 -109.91 3.42 -62.57
N LEU E 1517 -110.49 3.96 -61.50
CA LEU E 1517 -111.13 5.27 -61.54
C LEU E 1517 -110.13 6.33 -61.08
N LEU E 1518 -109.91 7.33 -61.92
CA LEU E 1518 -109.00 8.44 -61.61
C LEU E 1518 -109.84 9.68 -61.32
N THR E 1519 -109.84 10.10 -60.06
CA THR E 1519 -110.60 11.27 -59.62
C THR E 1519 -109.64 12.32 -59.07
N PHE E 1520 -109.87 13.58 -59.43
CA PHE E 1520 -109.01 14.68 -59.02
C PHE E 1520 -109.79 15.60 -58.08
N ILE E 1521 -109.11 16.05 -57.01
CA ILE E 1521 -109.67 17.01 -56.07
C ILE E 1521 -108.78 18.24 -56.07
N ALA E 1522 -109.41 19.41 -55.91
CA ALA E 1522 -108.70 20.68 -55.89
C ALA E 1522 -109.25 21.54 -54.77
N ASN E 1523 -108.42 21.79 -53.75
CA ASN E 1523 -108.80 22.60 -52.59
C ASN E 1523 -110.05 22.04 -51.91
N GLY E 1524 -110.14 20.72 -51.84
CA GLY E 1524 -111.20 20.07 -51.10
C GLY E 1524 -112.50 19.84 -51.85
N LYS E 1525 -112.55 20.13 -53.14
CA LYS E 1525 -113.73 19.89 -53.96
C LYS E 1525 -113.42 18.87 -55.04
N GLU E 1526 -114.37 17.99 -55.32
CA GLU E 1526 -114.19 16.96 -56.34
C GLU E 1526 -114.34 17.57 -57.73
N LEU E 1527 -113.27 17.51 -58.52
CA LEU E 1527 -113.30 18.06 -59.86
C LEU E 1527 -114.18 17.21 -60.77
N SER E 1528 -114.76 17.86 -61.79
CA SER E 1528 -115.66 17.17 -62.69
C SER E 1528 -114.95 16.13 -63.56
N THR E 1529 -113.73 16.43 -64.00
CA THR E 1529 -113.02 15.51 -64.89
C THR E 1529 -112.64 14.23 -64.17
N TYR E 1530 -112.89 13.10 -64.82
CA TYR E 1530 -112.53 11.79 -64.29
C TYR E 1530 -112.13 10.89 -65.44
N TYR E 1531 -111.18 9.99 -65.19
CA TYR E 1531 -110.67 9.08 -66.21
C TYR E 1531 -110.84 7.65 -65.74
N GLN E 1532 -111.37 6.80 -66.63
CA GLN E 1532 -111.50 5.38 -66.37
C GLN E 1532 -110.45 4.64 -67.18
N VAL E 1533 -109.55 3.93 -66.50
CA VAL E 1533 -108.45 3.27 -67.17
C VAL E 1533 -108.70 1.77 -67.23
N GLU E 1534 -108.04 1.09 -68.14
CA GLU E 1534 -108.01 -0.32 -68.48
C GLU E 1534 -107.25 -1.11 -67.43
N PRO E 1535 -107.63 -2.35 -67.17
CA PRO E 1535 -106.94 -3.15 -66.14
C PRO E 1535 -105.45 -3.34 -66.46
N SER E 1536 -104.66 -3.45 -65.40
CA SER E 1536 -103.21 -3.67 -65.44
C SER E 1536 -102.44 -2.49 -66.02
N THR E 1537 -103.02 -1.29 -66.02
CA THR E 1537 -102.32 -0.12 -66.51
C THR E 1537 -101.33 0.38 -65.46
N LYS E 1538 -100.13 0.71 -65.90
CA LYS E 1538 -99.09 1.26 -65.04
C LYS E 1538 -99.13 2.78 -65.15
N LEU E 1539 -99.45 3.45 -64.05
CA LEU E 1539 -99.63 4.90 -64.03
C LEU E 1539 -98.47 5.56 -63.29
N PHE E 1540 -97.82 6.51 -63.94
CA PHE E 1540 -96.72 7.26 -63.35
C PHE E 1540 -97.22 8.63 -62.92
N PRO E 1541 -97.09 8.99 -61.64
CA PRO E 1541 -97.41 10.38 -61.24
C PRO E 1541 -96.56 11.37 -62.00
N ALA E 1542 -97.19 12.34 -62.67
CA ALA E 1542 -96.49 13.26 -63.54
C ALA E 1542 -97.09 14.65 -63.42
N VAL E 1543 -96.25 15.67 -63.64
CA VAL E 1543 -96.66 17.06 -63.64
C VAL E 1543 -95.91 17.77 -64.75
N PHE E 1544 -96.64 18.39 -65.68
CA PHE E 1544 -96.05 19.19 -66.74
C PHE E 1544 -96.27 20.66 -66.43
N ALA E 1545 -95.21 21.45 -66.51
CA ALA E 1545 -95.30 22.85 -66.11
C ALA E 1545 -94.33 23.69 -66.94
N GLN E 1546 -94.81 24.86 -67.34
CA GLN E 1546 -93.95 25.92 -67.88
C GLN E 1546 -93.69 26.90 -66.76
N ALA E 1547 -92.42 27.04 -66.39
CA ALA E 1547 -92.06 27.74 -65.16
C ALA E 1547 -92.10 29.25 -65.38
N THR E 1548 -92.99 29.93 -64.65
CA THR E 1548 -93.06 31.38 -64.64
C THR E 1548 -92.56 31.97 -63.33
N SER E 1549 -92.08 31.12 -62.41
CA SER E 1549 -91.60 31.55 -61.10
C SER E 1549 -90.36 30.73 -60.77
N PRO E 1550 -89.47 31.26 -59.92
CA PRO E 1550 -88.32 30.44 -59.49
C PRO E 1550 -88.73 29.16 -58.78
N ASN E 1551 -89.84 29.18 -58.06
CA ASN E 1551 -90.38 28.02 -57.37
C ASN E 1551 -91.65 27.58 -58.10
N VAL E 1552 -91.59 26.43 -58.77
CA VAL E 1552 -92.71 25.90 -59.53
C VAL E 1552 -93.04 24.51 -59.00
N PHE E 1553 -94.24 24.37 -58.44
CA PHE E 1553 -94.87 23.15 -57.92
C PHE E 1553 -94.00 22.30 -57.01
N GLN E 1554 -94.63 21.36 -56.29
CA GLN E 1554 -93.90 20.49 -55.37
C GLN E 1554 -94.74 19.25 -55.14
N PHE E 1555 -94.12 18.08 -55.23
CA PHE E 1555 -94.83 16.84 -54.93
C PHE E 1555 -94.99 16.68 -53.43
N GLU E 1556 -96.21 16.40 -52.99
CA GLU E 1556 -96.49 16.07 -51.59
C GLU E 1556 -97.03 14.65 -51.55
N LEU E 1557 -96.28 13.76 -50.89
CA LEU E 1557 -96.61 12.33 -50.85
C LEU E 1557 -97.46 12.03 -49.60
N GLY E 1558 -98.52 12.81 -49.45
CA GLY E 1558 -99.38 12.74 -48.28
C GLY E 1558 -100.54 11.78 -48.46
N ARG E 1559 -101.54 11.95 -47.60
CA ARG E 1559 -102.75 11.11 -47.64
C ARG E 1559 -103.91 11.91 -47.07
N ILE E 1560 -105.12 11.50 -47.47
CA ILE E 1560 -106.34 12.09 -46.93
C ILE E 1560 -107.13 11.00 -46.24
N LYS E 1561 -108.28 11.35 -45.67
CA LYS E 1561 -109.08 10.38 -44.92
C LYS E 1561 -109.52 9.23 -45.81
N ASN E 1562 -109.34 8.01 -45.29
CA ASN E 1562 -109.75 6.75 -45.92
C ASN E 1562 -109.05 6.48 -47.25
N VAL E 1563 -107.93 7.13 -47.52
CA VAL E 1563 -107.21 6.94 -48.78
C VAL E 1563 -105.76 6.57 -48.46
N MET E 1564 -105.29 5.48 -49.07
CA MET E 1564 -103.98 4.91 -48.77
C MET E 1564 -102.90 5.86 -49.30
N PRO E 1565 -101.74 5.92 -48.64
CA PRO E 1565 -100.64 6.74 -49.14
C PRO E 1565 -100.03 6.16 -50.41
N LEU E 1566 -99.32 7.04 -51.13
CA LEU E 1566 -98.73 6.68 -52.41
C LEU E 1566 -97.65 5.62 -52.28
N SER E 1567 -96.81 5.72 -51.24
CA SER E 1567 -95.76 4.74 -51.02
C SER E 1567 -96.30 3.34 -50.80
N ALA E 1568 -97.48 3.20 -50.20
CA ALA E 1568 -98.08 1.88 -50.03
C ALA E 1568 -98.39 1.22 -51.37
N GLY E 1569 -98.93 1.99 -52.32
CA GLY E 1569 -99.16 1.46 -53.64
C GLY E 1569 -97.86 1.19 -54.38
N LEU E 1570 -96.89 2.10 -54.24
CA LEU E 1570 -95.65 2.00 -55.00
C LEU E 1570 -94.82 0.79 -54.56
N PHE E 1571 -94.64 0.62 -53.26
CA PHE E 1571 -93.79 -0.44 -52.73
C PHE E 1571 -94.63 -1.57 -52.15
N LYS E 1572 -94.07 -2.77 -52.19
CA LYS E 1572 -94.72 -3.96 -51.67
C LYS E 1572 -94.39 -4.25 -50.22
N SER E 1573 -93.20 -3.87 -49.75
CA SER E 1573 -92.87 -4.02 -48.34
C SER E 1573 -93.66 -3.07 -47.45
N GLU E 1574 -94.18 -1.98 -48.02
CA GLU E 1574 -94.97 -0.99 -47.30
C GLU E 1574 -96.44 -1.06 -47.72
N HIS E 1575 -96.88 -2.24 -48.16
CA HIS E 1575 -98.22 -2.36 -48.72
C HIS E 1575 -99.30 -2.07 -47.68
N LYS E 1576 -99.05 -2.46 -46.42
CA LYS E 1576 -100.01 -2.26 -45.34
C LYS E 1576 -99.54 -1.19 -44.36
N ASN E 1577 -98.67 -0.27 -44.80
CA ASN E 1577 -98.17 0.78 -43.92
C ASN E 1577 -98.91 2.08 -44.21
N PRO E 1578 -99.77 2.56 -43.32
CA PRO E 1578 -100.50 3.80 -43.61
C PRO E 1578 -99.64 5.05 -43.51
N VAL E 1579 -98.49 4.97 -42.84
CA VAL E 1579 -97.64 6.16 -42.69
C VAL E 1579 -97.01 6.51 -44.02
N PRO E 1580 -97.18 7.74 -44.51
CA PRO E 1580 -96.54 8.12 -45.78
C PRO E 1580 -95.03 8.07 -45.68
N GLN E 1581 -94.39 7.62 -46.77
CA GLN E 1581 -92.94 7.51 -46.82
C GLN E 1581 -92.44 7.90 -48.20
N CYS E 1582 -91.18 8.33 -48.25
CA CYS E 1582 -90.51 8.68 -49.50
C CYS E 1582 -89.16 7.98 -49.56
N PRO E 1583 -89.15 6.71 -49.93
CA PRO E 1583 -87.88 5.96 -50.01
C PRO E 1583 -86.97 6.53 -51.09
N PRO E 1584 -85.66 6.31 -50.97
CA PRO E 1584 -84.73 6.93 -51.92
C PRO E 1584 -84.93 6.48 -53.36
N ARG E 1585 -85.58 5.35 -53.60
CA ARG E 1585 -85.81 4.89 -54.97
C ARG E 1585 -86.66 5.89 -55.74
N LEU E 1586 -87.70 6.42 -55.11
CA LEU E 1586 -88.55 7.41 -55.75
C LEU E 1586 -87.79 8.71 -55.94
N HIS E 1587 -87.76 9.21 -57.18
CA HIS E 1587 -87.08 10.45 -57.49
C HIS E 1587 -87.71 11.07 -58.72
N VAL E 1588 -87.54 12.39 -58.87
CA VAL E 1588 -88.16 13.10 -59.97
C VAL E 1588 -87.39 12.80 -61.26
N GLN E 1589 -88.13 12.51 -62.32
CA GLN E 1589 -87.56 12.26 -63.64
C GLN E 1589 -88.15 13.25 -64.63
N PHE E 1590 -87.35 13.63 -65.62
CA PHE E 1590 -87.75 14.64 -66.60
C PHE E 1590 -87.45 14.16 -68.01
N LEU E 1591 -88.26 14.65 -68.94
CA LEU E 1591 -88.11 14.28 -70.35
C LEU E 1591 -87.01 15.12 -71.00
N SER E 1592 -86.10 14.45 -71.72
CA SER E 1592 -85.05 15.14 -72.44
C SER E 1592 -84.67 14.33 -73.68
N HIS E 1593 -83.86 14.95 -74.53
CA HIS E 1593 -83.41 14.33 -75.77
C HIS E 1593 -81.93 13.94 -75.73
N VAL E 1594 -81.26 14.08 -74.60
CA VAL E 1594 -79.84 13.78 -74.53
C VAL E 1594 -79.65 12.30 -74.21
N LEU E 1595 -79.74 11.46 -75.24
CA LEU E 1595 -79.56 10.02 -75.13
C LEU E 1595 -79.10 9.48 -76.48
N TRP E 1596 -78.22 8.48 -76.44
CA TRP E 1596 -77.75 7.85 -77.66
C TRP E 1596 -78.52 6.55 -77.91
N SER E 1597 -78.60 6.18 -79.19
CA SER E 1597 -79.23 4.93 -79.60
C SER E 1597 -78.26 4.12 -80.42
N ARG E 1598 -78.34 2.80 -80.27
CA ARG E 1598 -77.41 1.88 -80.93
C ARG E 1598 -78.06 1.29 -82.17
N MET E 1599 -77.42 1.52 -83.32
CA MET E 1599 -77.86 0.90 -84.57
C MET E 1599 -77.52 -0.59 -84.56
N PRO E 1600 -78.47 -1.47 -84.82
CA PRO E 1600 -78.18 -2.91 -84.80
C PRO E 1600 -77.11 -3.28 -85.82
N ASN E 1601 -76.28 -4.25 -85.43
CA ASN E 1601 -75.22 -4.72 -86.33
C ASN E 1601 -75.78 -5.42 -87.55
N GLN E 1602 -76.93 -6.07 -87.41
CA GLN E 1602 -77.56 -6.80 -88.50
C GLN E 1602 -79.05 -6.50 -88.51
N PHE E 1603 -79.63 -6.50 -89.71
CA PHE E 1603 -81.05 -6.25 -89.90
C PHE E 1603 -81.67 -7.45 -90.62
N LEU E 1604 -82.99 -7.50 -90.61
CA LEU E 1604 -83.71 -8.58 -91.27
C LEU E 1604 -83.54 -8.49 -92.78
N LYS E 1605 -83.46 -9.65 -93.43
CA LYS E 1605 -83.37 -9.74 -94.88
C LYS E 1605 -84.78 -9.74 -95.46
N VAL E 1606 -85.21 -8.59 -95.97
CA VAL E 1606 -86.54 -8.42 -96.53
C VAL E 1606 -86.39 -7.96 -97.98
N ASP E 1607 -87.09 -8.65 -98.89
CA ASP E 1607 -87.12 -8.27 -100.30
C ASP E 1607 -88.54 -7.89 -100.69
N VAL E 1608 -88.68 -6.86 -101.51
CA VAL E 1608 -89.97 -6.37 -101.96
C VAL E 1608 -89.91 -6.18 -103.47
N SER E 1609 -90.93 -6.66 -104.18
CA SER E 1609 -91.00 -6.54 -105.62
C SER E 1609 -92.44 -6.66 -106.08
N ARG E 1610 -92.71 -6.16 -107.28
CA ARG E 1610 -94.03 -6.31 -107.90
C ARG E 1610 -94.04 -7.64 -108.66
N ILE E 1611 -94.84 -8.59 -108.17
CA ILE E 1611 -94.99 -9.86 -108.89
C ILE E 1611 -95.60 -9.62 -110.27
N SER E 1612 -96.67 -8.84 -110.30
CA SER E 1612 -97.37 -8.49 -111.54
C SER E 1612 -98.47 -7.51 -111.20
N GLU E 1613 -99.09 -6.95 -112.24
CA GLU E 1613 -100.35 -6.24 -112.07
C GLU E 1613 -101.42 -7.19 -111.56
N ARG E 1614 -101.33 -8.46 -111.94
CA ARG E 1614 -102.30 -9.46 -111.51
C ARG E 1614 -102.17 -9.76 -110.02
N GLN E 1615 -100.94 -9.75 -109.50
CA GLN E 1615 -100.70 -10.27 -108.16
C GLN E 1615 -100.31 -9.21 -107.14
N GLY E 1616 -99.73 -8.09 -107.57
CA GLY E 1616 -99.40 -7.06 -106.61
C GLY E 1616 -97.95 -7.09 -106.15
N TRP E 1617 -97.71 -6.44 -105.02
CA TRP E 1617 -96.37 -6.31 -104.44
C TRP E 1617 -96.15 -7.39 -103.39
N LEU E 1618 -95.02 -8.09 -103.50
CA LEU E 1618 -94.68 -9.18 -102.62
C LEU E 1618 -93.58 -8.74 -101.67
N VAL E 1619 -93.76 -9.01 -100.38
CA VAL E 1619 -92.72 -8.83 -99.37
C VAL E 1619 -92.51 -10.18 -98.69
N GLN E 1620 -91.25 -10.48 -98.37
CA GLN E 1620 -90.88 -11.82 -97.91
C GLN E 1620 -89.66 -11.74 -97.02
N CYS E 1621 -89.82 -12.17 -95.77
CA CYS E 1621 -88.70 -12.31 -94.83
C CYS E 1621 -88.68 -13.77 -94.38
N LEU E 1622 -87.54 -14.44 -94.57
CA LEU E 1622 -87.43 -15.86 -94.30
C LEU E 1622 -86.26 -16.22 -93.37
N ASP E 1623 -85.56 -15.23 -92.82
CA ASP E 1623 -84.45 -15.51 -91.92
C ASP E 1623 -84.77 -15.03 -90.52
N PRO E 1624 -84.61 -15.88 -89.50
CA PRO E 1624 -84.93 -15.46 -88.13
C PRO E 1624 -83.76 -14.78 -87.44
N LEU E 1625 -84.03 -13.61 -86.89
CA LEU E 1625 -83.08 -12.88 -86.06
C LEU E 1625 -83.69 -12.61 -84.70
N GLN E 1626 -82.87 -12.74 -83.66
CA GLN E 1626 -83.33 -12.55 -82.29
C GLN E 1626 -82.31 -11.72 -81.54
N PHE E 1627 -82.76 -11.03 -80.50
CA PHE E 1627 -81.90 -10.22 -79.65
C PHE E 1627 -82.38 -10.31 -78.21
N MET E 1628 -81.43 -10.22 -77.28
CA MET E 1628 -81.75 -10.17 -75.87
C MET E 1628 -82.34 -8.81 -75.53
N SER E 1629 -83.42 -8.79 -74.76
CA SER E 1629 -84.03 -7.55 -74.31
C SER E 1629 -83.92 -7.49 -72.79
N LEU E 1630 -83.22 -6.47 -72.29
CA LEU E 1630 -83.10 -6.24 -70.86
C LEU E 1630 -84.28 -5.39 -70.40
N HIS E 1631 -85.16 -5.99 -69.62
CA HIS E 1631 -86.39 -5.35 -69.18
C HIS E 1631 -86.17 -4.73 -67.81
N ILE E 1632 -86.25 -3.40 -67.74
CA ILE E 1632 -86.20 -2.70 -66.46
C ILE E 1632 -87.59 -2.81 -65.83
N PRO E 1633 -87.72 -3.45 -64.67
CA PRO E 1633 -89.06 -3.70 -64.12
C PRO E 1633 -89.79 -2.45 -63.67
N GLU E 1634 -89.08 -1.52 -63.03
CA GLU E 1634 -89.74 -0.34 -62.47
C GLU E 1634 -90.28 0.57 -63.57
N GLU E 1635 -89.51 0.81 -64.62
CA GLU E 1635 -89.88 1.76 -65.65
C GLU E 1635 -90.70 1.16 -66.78
N ASN E 1636 -90.96 -0.16 -66.74
CA ASN E 1636 -91.80 -0.84 -67.72
C ASN E 1636 -91.31 -0.61 -69.15
N ARG E 1637 -89.98 -0.61 -69.31
CA ARG E 1637 -89.36 -0.49 -70.62
C ARG E 1637 -88.25 -1.51 -70.77
N SER E 1638 -87.96 -1.87 -72.01
CA SER E 1638 -86.94 -2.87 -72.30
C SER E 1638 -85.98 -2.33 -73.34
N VAL E 1639 -84.69 -2.63 -73.16
CA VAL E 1639 -83.65 -2.22 -74.08
C VAL E 1639 -82.83 -3.44 -74.47
N ASP E 1640 -82.19 -3.34 -75.64
CA ASP E 1640 -81.28 -4.40 -76.08
C ASP E 1640 -80.08 -4.47 -75.15
N ILE E 1641 -79.67 -5.69 -74.82
CA ILE E 1641 -78.59 -5.87 -73.85
C ILE E 1641 -77.27 -5.35 -74.41
N LEU E 1642 -77.13 -5.29 -75.73
CA LEU E 1642 -75.90 -4.79 -76.33
C LEU E 1642 -75.71 -3.29 -76.10
N GLU E 1643 -76.76 -2.59 -75.66
CA GLU E 1643 -76.66 -1.19 -75.29
C GLU E 1643 -75.98 -0.97 -73.94
N LEU E 1644 -75.76 -2.04 -73.17
CA LEU E 1644 -75.11 -1.92 -71.87
C LEU E 1644 -73.61 -1.64 -71.98
N THR E 1645 -73.05 -1.69 -73.20
CA THR E 1645 -71.66 -1.30 -73.39
C THR E 1645 -71.44 0.16 -73.01
N GLU E 1646 -72.47 0.99 -73.15
CA GLU E 1646 -72.38 2.41 -72.85
C GLU E 1646 -73.16 2.79 -71.58
N GLN E 1647 -73.83 1.85 -70.94
CA GLN E 1647 -74.51 2.07 -69.67
C GLN E 1647 -73.78 1.25 -68.60
N GLU E 1648 -72.91 1.93 -67.85
CA GLU E 1648 -72.01 1.22 -66.94
C GLU E 1648 -72.73 0.70 -65.70
N GLU E 1649 -73.63 1.51 -65.14
CA GLU E 1649 -74.30 1.10 -63.91
C GLU E 1649 -75.15 -0.15 -64.12
N LEU E 1650 -75.92 -0.18 -65.21
CA LEU E 1650 -76.72 -1.36 -65.53
C LEU E 1650 -75.82 -2.57 -65.80
N LEU E 1651 -74.70 -2.34 -66.48
CA LEU E 1651 -73.77 -3.44 -66.76
C LEU E 1651 -73.25 -4.06 -65.47
N LYS E 1652 -72.79 -3.23 -64.54
CA LYS E 1652 -72.27 -3.76 -63.27
C LYS E 1652 -73.37 -4.44 -62.47
N PHE E 1653 -74.55 -3.85 -62.41
CA PHE E 1653 -75.64 -4.45 -61.63
C PHE E 1653 -76.03 -5.80 -62.21
N HIS E 1654 -76.11 -5.91 -63.54
CA HIS E 1654 -76.45 -7.18 -64.16
C HIS E 1654 -75.34 -8.21 -64.03
N TYR E 1655 -74.07 -7.80 -64.08
CA TYR E 1655 -72.97 -8.74 -63.84
C TYR E 1655 -73.03 -9.31 -62.43
N HIS E 1656 -73.28 -8.46 -61.44
CA HIS E 1656 -73.43 -8.96 -60.08
C HIS E 1656 -74.72 -9.76 -59.87
N THR E 1657 -75.78 -9.46 -60.62
CA THR E 1657 -76.96 -10.32 -60.61
C THR E 1657 -76.63 -11.71 -61.15
N LEU E 1658 -75.85 -11.78 -62.23
CA LEU E 1658 -75.41 -13.07 -62.76
C LEU E 1658 -74.56 -13.81 -61.74
N ARG E 1659 -73.67 -13.10 -61.05
CA ARG E 1659 -72.87 -13.75 -60.01
C ARG E 1659 -73.75 -14.25 -58.86
N LEU E 1660 -74.79 -13.51 -58.50
CA LEU E 1660 -75.74 -14.00 -57.51
C LEU E 1660 -76.47 -15.25 -57.99
N TYR E 1661 -76.84 -15.27 -59.28
CA TYR E 1661 -77.45 -16.45 -59.86
C TYR E 1661 -76.53 -17.65 -59.75
N SER E 1662 -75.23 -17.45 -60.02
CA SER E 1662 -74.26 -18.54 -59.84
C SER E 1662 -74.15 -18.96 -58.38
N ALA E 1663 -74.09 -18.00 -57.47
CA ALA E 1663 -73.90 -18.30 -56.05
C ALA E 1663 -75.07 -19.05 -55.43
N VAL E 1664 -76.31 -18.72 -55.81
CA VAL E 1664 -77.46 -19.38 -55.19
C VAL E 1664 -77.52 -20.85 -55.60
N CYS E 1665 -77.01 -21.19 -56.78
CA CYS E 1665 -77.01 -22.57 -57.26
C CYS E 1665 -75.64 -23.24 -57.15
N ALA E 1666 -74.68 -22.56 -56.51
CA ALA E 1666 -73.35 -23.11 -56.35
C ALA E 1666 -73.36 -24.38 -55.51
N LEU E 1667 -72.40 -25.26 -55.80
CA LEU E 1667 -72.20 -26.51 -55.08
C LEU E 1667 -73.44 -27.41 -55.13
N GLY E 1668 -73.96 -27.59 -56.34
CA GLY E 1668 -74.98 -28.60 -56.58
C GLY E 1668 -76.32 -28.37 -55.93
N ASN E 1669 -76.82 -27.12 -55.93
CA ASN E 1669 -78.19 -26.85 -55.50
C ASN E 1669 -79.10 -27.06 -56.70
N HIS E 1670 -79.52 -28.32 -56.87
CA HIS E 1670 -80.23 -28.71 -58.09
C HIS E 1670 -81.62 -28.08 -58.17
N ARG E 1671 -82.30 -27.96 -57.03
CA ARG E 1671 -83.61 -27.30 -57.02
C ARG E 1671 -83.49 -25.83 -57.42
N VAL E 1672 -82.46 -25.15 -56.91
CA VAL E 1672 -82.22 -23.76 -57.29
C VAL E 1672 -81.84 -23.67 -58.76
N ALA E 1673 -81.11 -24.67 -59.27
CA ALA E 1673 -80.79 -24.68 -60.70
C ALA E 1673 -82.04 -24.82 -61.55
N HIS E 1674 -82.96 -25.69 -61.15
CA HIS E 1674 -84.24 -25.80 -61.86
C HIS E 1674 -85.02 -24.49 -61.79
N ALA E 1675 -85.01 -23.84 -60.62
CA ALA E 1675 -85.69 -22.55 -60.49
C ALA E 1675 -85.08 -21.51 -61.41
N LEU E 1676 -83.74 -21.47 -61.50
CA LEU E 1676 -83.04 -20.51 -62.33
C LEU E 1676 -83.19 -20.81 -63.82
N CYS E 1677 -83.50 -22.05 -64.18
CA CYS E 1677 -83.78 -22.35 -65.58
C CYS E 1677 -84.99 -21.57 -66.09
N SER E 1678 -85.90 -21.18 -65.19
CA SER E 1678 -87.03 -20.37 -65.59
C SER E 1678 -86.61 -18.93 -65.89
N HIS E 1679 -85.68 -18.38 -65.11
CA HIS E 1679 -85.27 -16.99 -65.24
C HIS E 1679 -84.26 -16.79 -66.37
N VAL E 1680 -83.25 -17.65 -66.45
CA VAL E 1680 -82.27 -17.62 -67.53
C VAL E 1680 -82.52 -18.87 -68.36
N ASP E 1681 -82.95 -18.68 -69.61
CA ASP E 1681 -83.41 -19.78 -70.42
C ASP E 1681 -82.27 -20.36 -71.27
N GLU E 1682 -82.51 -21.58 -71.75
CA GLU E 1682 -81.56 -22.22 -72.66
C GLU E 1682 -81.28 -21.42 -73.92
N PRO E 1683 -82.27 -20.92 -74.67
CA PRO E 1683 -81.95 -20.08 -75.83
C PRO E 1683 -81.20 -18.81 -75.47
N GLN E 1684 -81.52 -18.18 -74.35
CA GLN E 1684 -80.77 -17.00 -73.90
C GLN E 1684 -79.32 -17.32 -73.60
N LEU E 1685 -79.05 -18.45 -72.94
CA LEU E 1685 -77.67 -18.86 -72.73
C LEU E 1685 -76.96 -19.18 -74.04
N LEU E 1686 -77.60 -19.92 -74.93
CA LEU E 1686 -77.01 -20.30 -76.21
C LEU E 1686 -76.74 -19.10 -77.12
N TYR E 1687 -77.52 -18.04 -77.01
CA TYR E 1687 -77.28 -16.80 -77.74
C TYR E 1687 -76.16 -15.97 -77.11
N ALA E 1688 -76.14 -15.86 -75.78
CA ALA E 1688 -75.09 -15.11 -75.11
C ALA E 1688 -73.74 -15.76 -75.29
N ILE E 1689 -73.71 -17.09 -75.45
CA ILE E 1689 -72.44 -17.78 -75.68
C ILE E 1689 -71.83 -17.36 -77.02
N GLU E 1690 -72.66 -17.30 -78.07
CA GLU E 1690 -72.14 -17.07 -79.41
C GLU E 1690 -72.01 -15.60 -79.82
N ASN E 1691 -72.88 -14.72 -79.34
CA ASN E 1691 -72.90 -13.37 -79.86
C ASN E 1691 -71.55 -12.68 -79.65
N LYS E 1692 -71.00 -12.12 -80.73
CA LYS E 1692 -69.69 -11.52 -80.71
C LYS E 1692 -69.68 -10.11 -80.12
N TYR E 1693 -70.83 -9.43 -80.12
CA TYR E 1693 -70.95 -8.11 -79.53
C TYR E 1693 -71.36 -8.19 -78.07
N MET E 1694 -71.37 -9.40 -77.52
CA MET E 1694 -71.55 -9.60 -76.08
C MET E 1694 -70.52 -8.79 -75.31
N PRO E 1695 -70.96 -7.99 -74.35
CA PRO E 1695 -70.00 -7.32 -73.46
C PRO E 1695 -69.18 -8.36 -72.70
N GLY E 1696 -67.95 -8.00 -72.35
CA GLY E 1696 -67.04 -8.97 -71.76
C GLY E 1696 -67.49 -9.47 -70.41
N LEU E 1697 -67.90 -8.57 -69.52
CA LEU E 1697 -68.30 -8.97 -68.17
C LEU E 1697 -69.54 -9.84 -68.21
N LEU E 1698 -70.56 -9.43 -68.98
CA LEU E 1698 -71.78 -10.20 -69.09
C LEU E 1698 -71.52 -11.54 -69.77
N ARG E 1699 -70.61 -11.55 -70.75
CA ARG E 1699 -70.22 -12.79 -71.41
C ARG E 1699 -69.61 -13.78 -70.43
N ALA E 1700 -68.66 -13.32 -69.62
CA ALA E 1700 -68.06 -14.19 -68.61
C ALA E 1700 -69.09 -14.66 -67.60
N GLY E 1701 -69.99 -13.77 -67.18
CA GLY E 1701 -71.05 -14.14 -66.27
C GLY E 1701 -71.97 -15.20 -66.83
N TYR E 1702 -72.30 -15.10 -68.12
CA TYR E 1702 -73.21 -16.07 -68.72
C TYR E 1702 -72.52 -17.41 -68.94
N TYR E 1703 -71.25 -17.41 -69.32
CA TYR E 1703 -70.50 -18.67 -69.37
C TYR E 1703 -70.45 -19.35 -68.01
N ASP E 1704 -70.13 -18.58 -66.97
CA ASP E 1704 -70.10 -19.13 -65.62
C ASP E 1704 -71.48 -19.62 -65.17
N LEU E 1705 -72.55 -18.90 -65.49
CA LEU E 1705 -73.89 -19.33 -65.12
C LEU E 1705 -74.27 -20.62 -65.82
N LEU E 1706 -73.95 -20.74 -67.12
CA LEU E 1706 -74.23 -21.98 -67.83
C LEU E 1706 -73.48 -23.15 -67.21
N ILE E 1707 -72.19 -22.94 -66.91
CA ILE E 1707 -71.40 -24.00 -66.30
C ILE E 1707 -71.97 -24.40 -64.95
N ASP E 1708 -72.37 -23.42 -64.14
CA ASP E 1708 -72.88 -23.71 -62.80
C ASP E 1708 -74.21 -24.45 -62.86
N ILE E 1709 -75.16 -23.96 -63.67
CA ILE E 1709 -76.48 -24.56 -63.71
C ILE E 1709 -76.47 -25.94 -64.37
N HIS E 1710 -75.69 -26.13 -65.42
CA HIS E 1710 -75.92 -27.37 -66.17
C HIS E 1710 -74.79 -28.38 -66.07
N LEU E 1711 -73.57 -27.94 -65.78
CA LEU E 1711 -72.40 -28.82 -65.92
C LEU E 1711 -71.58 -28.98 -64.65
N SER E 1712 -71.73 -28.07 -63.68
CA SER E 1712 -70.81 -28.02 -62.54
C SER E 1712 -70.88 -29.28 -61.70
N SER E 1713 -72.09 -29.79 -61.43
CA SER E 1713 -72.23 -30.93 -60.53
C SER E 1713 -71.54 -32.17 -61.08
N TYR E 1714 -71.87 -32.53 -62.32
CA TYR E 1714 -71.23 -33.70 -62.92
C TYR E 1714 -69.74 -33.50 -63.10
N ALA E 1715 -69.32 -32.29 -63.48
CA ALA E 1715 -67.89 -32.03 -63.64
C ALA E 1715 -67.15 -32.26 -62.33
N THR E 1716 -67.68 -31.71 -61.23
CA THR E 1716 -67.06 -31.87 -59.93
C THR E 1716 -67.00 -33.32 -59.47
N ALA E 1717 -68.10 -34.06 -59.62
CA ALA E 1717 -68.09 -35.46 -59.22
C ALA E 1717 -67.07 -36.26 -60.02
N ARG E 1718 -67.11 -36.12 -61.34
CA ARG E 1718 -66.22 -36.88 -62.22
C ARG E 1718 -64.78 -36.43 -62.04
N LEU E 1719 -64.57 -35.24 -61.52
CA LEU E 1719 -63.23 -34.76 -61.26
C LEU E 1719 -62.68 -35.30 -59.95
N MET E 1720 -63.45 -35.27 -58.88
CA MET E 1720 -62.82 -35.70 -57.65
C MET E 1720 -62.78 -37.21 -57.57
N MET E 1721 -63.56 -37.89 -58.42
CA MET E 1721 -63.45 -39.33 -58.62
C MET E 1721 -62.37 -39.68 -59.65
N ASN E 1722 -61.38 -38.80 -59.84
CA ASN E 1722 -60.42 -39.01 -60.93
C ASN E 1722 -59.27 -39.92 -60.52
N ASN E 1723 -58.66 -39.68 -59.37
CA ASN E 1723 -57.45 -40.36 -58.96
C ASN E 1723 -57.71 -41.79 -58.47
N GLU E 1724 -58.93 -42.30 -58.62
CA GLU E 1724 -59.25 -43.67 -58.25
C GLU E 1724 -59.55 -44.46 -59.51
N TYR E 1725 -58.83 -45.56 -59.71
CA TYR E 1725 -58.95 -46.37 -60.92
C TYR E 1725 -59.52 -47.73 -60.52
N ILE E 1726 -60.82 -47.91 -60.69
CA ILE E 1726 -61.50 -49.18 -60.46
C ILE E 1726 -61.81 -49.75 -61.83
N VAL E 1727 -61.01 -50.74 -62.25
CA VAL E 1727 -61.09 -51.28 -63.60
C VAL E 1727 -61.69 -52.69 -63.51
N PRO E 1728 -62.76 -52.99 -64.26
CA PRO E 1728 -63.36 -54.33 -64.19
C PRO E 1728 -62.52 -55.35 -64.93
N MET E 1729 -62.81 -56.63 -64.67
CA MET E 1729 -62.12 -57.71 -65.37
C MET E 1729 -62.96 -58.22 -66.55
N THR E 1730 -62.97 -57.43 -67.61
CA THR E 1730 -63.78 -57.70 -68.78
C THR E 1730 -62.89 -58.01 -69.99
N GLU E 1731 -63.49 -58.55 -71.05
CA GLU E 1731 -62.75 -58.89 -72.26
C GLU E 1731 -62.24 -57.63 -72.97
N GLU E 1732 -63.06 -56.58 -72.99
CA GLU E 1732 -62.61 -55.31 -73.55
C GLU E 1732 -61.46 -54.73 -72.74
N THR E 1733 -61.43 -55.02 -71.43
CA THR E 1733 -60.26 -54.65 -70.63
C THR E 1733 -59.03 -55.45 -71.02
N LYS E 1734 -59.19 -56.75 -71.29
CA LYS E 1734 -58.08 -57.57 -71.75
C LYS E 1734 -57.54 -57.09 -73.09
N SER E 1735 -58.42 -56.55 -73.94
CA SER E 1735 -58.01 -56.11 -75.26
C SER E 1735 -57.10 -54.89 -75.20
N ILE E 1736 -57.09 -54.15 -74.09
CA ILE E 1736 -56.32 -52.92 -74.01
C ILE E 1736 -54.83 -53.23 -74.05
N THR E 1737 -54.08 -52.39 -74.77
CA THR E 1737 -52.63 -52.51 -74.88
C THR E 1737 -51.99 -51.14 -74.69
N LEU E 1738 -50.70 -51.16 -74.34
CA LEU E 1738 -49.96 -49.92 -74.16
C LEU E 1738 -49.87 -49.10 -75.44
N PHE E 1739 -49.61 -49.76 -76.58
CA PHE E 1739 -49.35 -49.06 -77.82
C PHE E 1739 -50.32 -49.53 -78.90
N PRO E 1740 -50.76 -48.66 -79.80
CA PRO E 1740 -51.76 -49.08 -80.81
C PRO E 1740 -51.26 -50.19 -81.72
N ASP E 1741 -49.99 -50.21 -82.06
CA ASP E 1741 -49.44 -51.18 -83.02
C ASP E 1741 -48.00 -51.50 -82.67
N GLU E 1742 -47.30 -52.11 -83.64
CA GLU E 1742 -45.91 -52.49 -83.43
C GLU E 1742 -45.04 -51.25 -83.23
N ASN E 1743 -45.28 -50.19 -84.00
CA ASN E 1743 -44.55 -48.95 -83.82
C ASN E 1743 -44.83 -48.38 -82.44
N LYS E 1744 -43.77 -48.08 -81.70
CA LYS E 1744 -43.89 -47.59 -80.33
C LYS E 1744 -44.13 -46.07 -80.35
N LYS E 1745 -45.17 -45.69 -81.08
CA LYS E 1745 -45.61 -44.31 -81.19
C LYS E 1745 -46.85 -44.11 -80.34
N HIS E 1746 -46.79 -43.13 -79.45
CA HIS E 1746 -47.92 -42.82 -78.59
C HIS E 1746 -49.13 -42.40 -79.42
N GLY E 1747 -50.28 -42.99 -79.11
CA GLY E 1747 -51.53 -42.49 -79.65
C GLY E 1747 -51.88 -41.15 -79.04
N LEU E 1748 -52.79 -40.45 -79.70
CA LEU E 1748 -53.23 -39.16 -79.20
C LEU E 1748 -53.92 -39.36 -77.85
N PRO E 1749 -53.67 -38.49 -76.87
CA PRO E 1749 -54.34 -38.63 -75.57
C PRO E 1749 -55.86 -38.56 -75.72
N GLY E 1750 -56.56 -39.34 -74.89
CA GLY E 1750 -58.00 -39.39 -74.95
C GLY E 1750 -58.59 -40.52 -75.76
N ILE E 1751 -58.06 -40.78 -76.95
CA ILE E 1751 -58.62 -41.82 -77.81
C ILE E 1751 -58.31 -43.18 -77.17
N GLY E 1752 -59.17 -44.16 -77.43
CA GLY E 1752 -58.91 -45.51 -77.00
C GLY E 1752 -60.11 -46.08 -76.28
N LEU E 1753 -59.95 -47.33 -75.84
CA LEU E 1753 -60.98 -48.05 -75.09
C LEU E 1753 -60.62 -47.98 -73.60
N SER E 1754 -61.26 -47.06 -72.89
CA SER E 1754 -61.06 -46.89 -71.45
C SER E 1754 -62.19 -47.60 -70.72
N THR E 1755 -61.83 -48.61 -69.93
CA THR E 1755 -62.82 -49.45 -69.26
C THR E 1755 -62.94 -49.16 -67.77
N SER E 1756 -62.17 -48.20 -67.25
CA SER E 1756 -62.23 -47.88 -65.83
C SER E 1756 -63.59 -47.32 -65.47
N LEU E 1757 -64.09 -47.72 -64.30
CA LEU E 1757 -65.40 -47.27 -63.85
C LEU E 1757 -65.37 -45.79 -63.50
N ARG E 1758 -66.33 -45.05 -64.05
CA ARG E 1758 -66.52 -43.64 -63.76
C ARG E 1758 -67.99 -43.40 -63.46
N PRO E 1759 -68.31 -42.33 -62.73
CA PRO E 1759 -69.72 -42.08 -62.36
C PRO E 1759 -70.62 -41.96 -63.58
N ARG E 1760 -71.91 -42.12 -63.32
CA ARG E 1760 -72.93 -42.23 -64.36
C ARG E 1760 -73.56 -40.87 -64.62
N MET E 1761 -73.73 -40.55 -65.91
CA MET E 1761 -74.31 -39.28 -66.32
C MET E 1761 -75.83 -39.36 -66.24
N GLN E 1762 -76.44 -38.43 -65.50
CA GLN E 1762 -77.88 -38.37 -65.38
C GLN E 1762 -78.33 -36.92 -65.28
N PHE E 1763 -79.43 -36.60 -65.97
CA PHE E 1763 -80.00 -35.26 -65.98
C PHE E 1763 -81.52 -35.36 -65.86
N SER E 1764 -82.13 -34.27 -65.40
CA SER E 1764 -83.57 -34.20 -65.22
C SER E 1764 -84.16 -33.11 -66.10
N SER E 1765 -85.40 -33.34 -66.53
CA SER E 1765 -86.08 -32.37 -67.38
C SER E 1765 -86.54 -31.17 -66.55
N PRO E 1766 -86.18 -29.95 -66.96
CA PRO E 1766 -86.61 -28.77 -66.20
C PRO E 1766 -87.98 -28.27 -66.61
N SER E 1767 -89.03 -28.94 -66.14
CA SER E 1767 -90.40 -28.56 -66.44
C SER E 1767 -91.06 -27.95 -65.20
N PHE E 1768 -92.11 -27.17 -65.43
CA PHE E 1768 -92.84 -26.52 -64.36
C PHE E 1768 -94.35 -26.78 -64.39
N VAL E 1769 -94.82 -27.60 -65.32
CA VAL E 1769 -96.22 -27.99 -65.32
C VAL E 1769 -96.43 -29.33 -64.61
N SER E 1770 -95.35 -30.04 -64.31
CA SER E 1770 -95.46 -31.34 -63.66
C SER E 1770 -95.42 -31.19 -62.14
N ILE E 1771 -96.32 -31.89 -61.46
CA ILE E 1771 -96.34 -31.87 -60.00
C ILE E 1771 -95.25 -32.75 -59.41
N SER E 1772 -94.67 -33.66 -60.20
CA SER E 1772 -93.63 -34.53 -59.70
C SER E 1772 -92.42 -33.73 -59.23
N ASN E 1773 -92.00 -33.97 -57.99
CA ASN E 1773 -90.90 -33.25 -57.38
C ASN E 1773 -89.63 -34.09 -57.25
N GLU E 1774 -89.66 -35.35 -57.66
CA GLU E 1774 -88.46 -36.17 -57.60
C GLU E 1774 -87.43 -35.72 -58.63
N CYS E 1775 -87.87 -34.97 -59.63
CA CYS E 1775 -86.98 -34.46 -60.67
C CYS E 1775 -86.03 -33.39 -60.16
N TYR E 1776 -86.22 -32.88 -58.94
CA TYR E 1776 -85.29 -31.89 -58.41
C TYR E 1776 -83.89 -32.48 -58.28
N GLN E 1777 -83.79 -33.75 -57.90
CA GLN E 1777 -82.49 -34.42 -57.93
C GLN E 1777 -82.00 -34.48 -59.37
N TYR E 1778 -80.66 -34.41 -59.53
CA TYR E 1778 -79.98 -34.35 -60.82
C TYR E 1778 -80.10 -32.96 -61.42
N SER E 1779 -78.99 -32.45 -61.99
CA SER E 1779 -78.96 -31.12 -62.59
C SER E 1779 -79.81 -31.09 -63.86
N PRO E 1780 -80.26 -29.91 -64.29
CA PRO E 1780 -81.16 -29.82 -65.43
C PRO E 1780 -80.51 -30.32 -66.72
N GLU E 1781 -81.34 -30.50 -67.74
CA GLU E 1781 -80.89 -31.09 -68.99
C GLU E 1781 -80.46 -30.00 -69.97
N PHE E 1782 -79.40 -30.28 -70.72
CA PHE E 1782 -78.84 -29.36 -71.69
C PHE E 1782 -78.22 -30.13 -72.83
N PRO E 1783 -78.34 -29.62 -74.06
CA PRO E 1783 -77.82 -30.34 -75.23
C PRO E 1783 -76.30 -30.32 -75.31
N LEU E 1784 -75.68 -31.44 -74.96
CA LEU E 1784 -74.24 -31.55 -74.90
C LEU E 1784 -73.61 -31.85 -76.26
N ASP E 1785 -74.43 -32.02 -77.29
CA ASP E 1785 -73.93 -32.10 -78.67
C ASP E 1785 -73.99 -30.76 -79.38
N ILE E 1786 -75.08 -30.01 -79.22
CA ILE E 1786 -75.11 -28.64 -79.70
C ILE E 1786 -74.04 -27.80 -79.00
N LEU E 1787 -73.93 -27.94 -77.68
CA LEU E 1787 -72.89 -27.20 -76.95
C LEU E 1787 -71.50 -27.62 -77.43
N LYS E 1788 -71.30 -28.92 -77.65
CA LYS E 1788 -70.00 -29.40 -78.13
C LYS E 1788 -69.63 -28.81 -79.47
N SER E 1789 -70.54 -28.90 -80.45
CA SER E 1789 -70.27 -28.37 -81.79
C SER E 1789 -70.04 -26.86 -81.75
N LYS E 1790 -70.86 -26.14 -80.99
CA LYS E 1790 -70.70 -24.69 -80.88
C LYS E 1790 -69.35 -24.33 -80.26
N THR E 1791 -68.96 -25.04 -79.19
CA THR E 1791 -67.68 -24.78 -78.56
C THR E 1791 -66.53 -25.02 -79.51
N ILE E 1792 -66.57 -26.12 -80.26
CA ILE E 1792 -65.50 -26.41 -81.21
C ILE E 1792 -65.43 -25.34 -82.29
N GLN E 1793 -66.58 -24.95 -82.85
CA GLN E 1793 -66.59 -23.97 -83.93
C GLN E 1793 -66.09 -22.61 -83.44
N MET E 1794 -66.55 -22.18 -82.27
CA MET E 1794 -66.12 -20.90 -81.70
C MET E 1794 -64.62 -20.90 -81.37
N LEU E 1795 -64.11 -21.99 -80.80
CA LEU E 1795 -62.68 -22.06 -80.55
C LEU E 1795 -61.89 -22.04 -81.84
N THR E 1796 -62.38 -22.71 -82.87
CA THR E 1796 -61.71 -22.69 -84.17
C THR E 1796 -61.65 -21.28 -84.73
N GLU E 1797 -62.74 -20.53 -84.62
CA GLU E 1797 -62.70 -19.13 -85.04
C GLU E 1797 -61.72 -18.31 -84.20
N ALA E 1798 -61.73 -18.52 -82.89
CA ALA E 1798 -60.93 -17.70 -82.00
C ALA E 1798 -59.44 -17.92 -82.23
N VAL E 1799 -59.05 -19.17 -82.53
CA VAL E 1799 -57.63 -19.47 -82.74
C VAL E 1799 -57.10 -18.69 -83.93
N LYS E 1800 -57.84 -18.69 -85.04
CA LYS E 1800 -57.36 -18.02 -86.24
C LYS E 1800 -57.49 -16.50 -86.13
N GLU E 1801 -58.51 -16.02 -85.40
CA GLU E 1801 -58.69 -14.57 -85.28
C GLU E 1801 -57.67 -13.96 -84.33
N GLY E 1802 -57.35 -14.64 -83.24
CA GLY E 1802 -56.41 -14.08 -82.28
C GLY E 1802 -55.00 -13.98 -82.83
N SER E 1803 -54.61 -14.93 -83.68
CA SER E 1803 -53.25 -14.91 -84.24
C SER E 1803 -53.02 -13.67 -85.09
N LEU E 1804 -54.06 -13.17 -85.75
CA LEU E 1804 -53.93 -11.94 -86.51
C LEU E 1804 -53.74 -10.73 -85.61
N HIS E 1805 -54.04 -10.88 -84.31
CA HIS E 1805 -53.89 -9.83 -83.32
C HIS E 1805 -54.68 -8.58 -83.71
N ALA E 1806 -55.98 -8.72 -83.86
CA ALA E 1806 -56.84 -7.59 -84.18
C ALA E 1806 -57.05 -6.71 -82.96
N ARG E 1807 -57.78 -5.61 -83.13
CA ARG E 1807 -58.06 -4.67 -82.06
C ARG E 1807 -59.48 -4.79 -81.52
N ASP E 1808 -60.22 -5.81 -81.95
CA ASP E 1808 -61.60 -6.00 -81.51
C ASP E 1808 -61.83 -7.44 -81.08
N PRO E 1809 -61.22 -7.85 -79.96
CA PRO E 1809 -61.53 -9.19 -79.41
C PRO E 1809 -62.98 -9.23 -78.92
N VAL E 1810 -63.56 -10.43 -78.96
CA VAL E 1810 -64.91 -10.60 -78.44
C VAL E 1810 -64.90 -10.33 -76.94
N GLY E 1811 -65.70 -9.37 -76.52
CA GLY E 1811 -65.69 -8.90 -75.15
C GLY E 1811 -64.76 -7.74 -74.88
N GLY E 1812 -63.94 -7.35 -75.85
CA GLY E 1812 -63.08 -6.20 -75.72
C GLY E 1812 -61.64 -6.50 -75.33
N THR E 1813 -61.38 -7.65 -74.72
CA THR E 1813 -60.02 -8.02 -74.32
C THR E 1813 -59.78 -9.49 -74.65
N THR E 1814 -58.50 -9.82 -74.79
CA THR E 1814 -58.12 -11.21 -75.05
C THR E 1814 -58.54 -12.12 -73.90
N GLU E 1815 -58.42 -11.64 -72.65
CA GLU E 1815 -58.88 -12.43 -71.52
C GLU E 1815 -60.37 -12.72 -71.60
N PHE E 1816 -61.17 -11.69 -71.88
CA PHE E 1816 -62.61 -11.88 -71.99
C PHE E 1816 -62.96 -12.80 -73.15
N LEU E 1817 -62.17 -12.75 -74.22
CA LEU E 1817 -62.43 -13.61 -75.37
C LEU E 1817 -62.12 -15.07 -75.05
N PHE E 1818 -61.00 -15.34 -74.38
CA PHE E 1818 -60.50 -16.70 -74.26
C PHE E 1818 -60.87 -17.41 -72.96
N VAL E 1819 -60.79 -16.74 -71.81
CA VAL E 1819 -60.95 -17.43 -70.53
C VAL E 1819 -62.31 -18.12 -70.41
N PRO E 1820 -63.44 -17.47 -70.68
CA PRO E 1820 -64.71 -18.21 -70.58
C PRO E 1820 -64.83 -19.37 -71.56
N LEU E 1821 -64.38 -19.18 -72.80
CA LEU E 1821 -64.45 -20.24 -73.80
C LEU E 1821 -63.58 -21.43 -73.39
N ILE E 1822 -62.36 -21.17 -72.97
CA ILE E 1822 -61.46 -22.26 -72.58
C ILE E 1822 -61.98 -22.93 -71.31
N LYS E 1823 -62.59 -22.17 -70.41
CA LYS E 1823 -63.18 -22.77 -69.22
C LYS E 1823 -64.33 -23.70 -69.58
N LEU E 1824 -65.20 -23.30 -70.49
CA LEU E 1824 -66.28 -24.18 -70.93
C LEU E 1824 -65.74 -25.42 -71.63
N PHE E 1825 -64.72 -25.25 -72.47
CA PHE E 1825 -64.08 -26.38 -73.12
C PHE E 1825 -63.50 -27.35 -72.08
N TYR E 1826 -62.84 -26.81 -71.06
CA TYR E 1826 -62.27 -27.64 -70.02
C TYR E 1826 -63.34 -28.40 -69.25
N THR E 1827 -64.46 -27.73 -68.94
CA THR E 1827 -65.57 -28.42 -68.27
C THR E 1827 -66.13 -29.55 -69.12
N LEU E 1828 -66.32 -29.30 -70.42
CA LEU E 1828 -66.81 -30.36 -71.31
C LEU E 1828 -65.81 -31.51 -71.39
N LEU E 1829 -64.52 -31.20 -71.45
CA LEU E 1829 -63.50 -32.24 -71.51
C LEU E 1829 -63.48 -33.08 -70.24
N ILE E 1830 -63.59 -32.42 -69.08
CA ILE E 1830 -63.62 -33.14 -67.81
C ILE E 1830 -64.83 -34.06 -67.75
N MET E 1831 -65.99 -33.55 -68.16
CA MET E 1831 -67.20 -34.38 -68.15
C MET E 1831 -67.12 -35.49 -69.19
N GLY E 1832 -66.26 -35.33 -70.19
CA GLY E 1832 -66.00 -36.39 -71.15
C GLY E 1832 -66.92 -36.46 -72.35
N ILE E 1833 -67.60 -35.36 -72.68
CA ILE E 1833 -68.51 -35.37 -73.84
C ILE E 1833 -67.73 -35.59 -75.12
N PHE E 1834 -66.57 -34.94 -75.24
CA PHE E 1834 -65.76 -35.05 -76.44
C PHE E 1834 -65.31 -36.49 -76.66
N HIS E 1835 -65.42 -36.95 -77.91
CA HIS E 1835 -65.07 -38.32 -78.25
C HIS E 1835 -64.53 -38.39 -79.66
N ASN E 1836 -63.39 -39.05 -79.83
CA ASN E 1836 -62.84 -39.41 -81.13
C ASN E 1836 -62.49 -38.18 -81.97
N GLU E 1837 -63.24 -37.95 -83.05
CA GLU E 1837 -62.94 -36.88 -83.99
C GLU E 1837 -62.98 -35.51 -83.32
N ASP E 1838 -63.87 -35.31 -82.36
CA ASP E 1838 -63.91 -34.06 -81.61
C ASP E 1838 -62.59 -33.84 -80.89
N LEU E 1839 -62.08 -34.89 -80.23
CA LEU E 1839 -60.80 -34.80 -79.55
C LEU E 1839 -59.67 -34.53 -80.54
N LYS E 1840 -59.70 -35.20 -81.69
CA LYS E 1840 -58.66 -34.98 -82.70
C LYS E 1840 -58.64 -33.53 -83.16
N HIS E 1841 -59.81 -32.99 -83.51
CA HIS E 1841 -59.87 -31.61 -83.97
C HIS E 1841 -59.45 -30.63 -82.88
N ILE E 1842 -59.90 -30.86 -81.64
CA ILE E 1842 -59.62 -29.89 -80.60
C ILE E 1842 -58.16 -29.98 -80.15
N LEU E 1843 -57.52 -31.14 -80.33
CA LEU E 1843 -56.09 -31.24 -80.09
C LEU E 1843 -55.28 -30.63 -81.21
N GLN E 1844 -55.76 -30.73 -82.46
CA GLN E 1844 -55.14 -30.01 -83.56
C GLN E 1844 -55.18 -28.51 -83.32
N LEU E 1845 -56.31 -28.01 -82.80
CA LEU E 1845 -56.40 -26.59 -82.47
C LEU E 1845 -55.40 -26.21 -81.38
N ILE E 1846 -55.25 -27.06 -80.37
CA ILE E 1846 -54.31 -26.75 -79.29
C ILE E 1846 -52.87 -26.73 -79.82
N GLU E 1847 -52.49 -27.76 -80.56
CA GLU E 1847 -51.17 -27.82 -81.17
C GLU E 1847 -51.21 -28.72 -82.40
N PRO E 1848 -51.00 -28.15 -83.60
CA PRO E 1848 -51.15 -28.97 -84.81
C PRO E 1848 -50.01 -29.95 -85.02
N SER E 1849 -48.76 -29.53 -84.79
CA SER E 1849 -47.61 -30.37 -85.11
C SER E 1849 -47.53 -31.58 -84.20
N VAL E 1850 -47.70 -31.37 -82.89
CA VAL E 1850 -47.54 -32.46 -81.94
C VAL E 1850 -48.63 -33.51 -82.13
N PHE E 1851 -49.88 -33.07 -82.23
CA PHE E 1851 -51.01 -33.98 -82.43
C PHE E 1851 -51.33 -34.13 -83.92
N LYS E 1852 -50.34 -34.61 -84.68
CA LYS E 1852 -50.53 -34.80 -86.11
C LYS E 1852 -51.02 -36.20 -86.40
N GLU E 1853 -52.10 -36.30 -87.19
CA GLU E 1853 -52.68 -37.57 -87.54
C GLU E 1853 -51.93 -38.18 -88.73
N ALA E 1854 -51.49 -39.42 -88.57
CA ALA E 1854 -50.75 -40.11 -89.62
C ALA E 1854 -50.91 -41.62 -89.49
N PRO E 1889 -47.76 -19.84 -91.36
CA PRO E 1889 -47.79 -20.99 -90.46
C PRO E 1889 -48.97 -20.96 -89.49
N LYS E 1890 -49.50 -22.13 -89.15
CA LYS E 1890 -50.63 -22.23 -88.23
C LYS E 1890 -50.08 -22.43 -86.83
N GLU E 1891 -50.25 -21.42 -85.98
CA GLU E 1891 -49.75 -21.43 -84.61
C GLU E 1891 -50.91 -21.71 -83.66
N GLY E 1892 -50.69 -22.65 -82.74
CA GLY E 1892 -51.73 -23.02 -81.80
C GLY E 1892 -51.85 -22.06 -80.63
N LEU E 1893 -52.79 -22.38 -79.74
CA LEU E 1893 -52.98 -21.57 -78.54
C LEU E 1893 -51.73 -21.55 -77.67
N LEU E 1894 -51.05 -22.70 -77.56
CA LEU E 1894 -49.85 -22.78 -76.73
C LEU E 1894 -48.76 -21.84 -77.23
N GLN E 1895 -48.80 -21.46 -78.51
CA GLN E 1895 -47.79 -20.59 -79.10
C GLN E 1895 -48.34 -19.22 -79.51
N MET E 1896 -49.59 -18.92 -79.20
CA MET E 1896 -50.19 -17.66 -79.63
C MET E 1896 -49.95 -16.53 -78.62
N LYS E 1897 -49.11 -16.77 -77.61
CA LYS E 1897 -48.69 -15.73 -76.66
C LYS E 1897 -49.90 -15.16 -75.91
N LEU E 1898 -50.49 -16.02 -75.07
CA LEU E 1898 -51.69 -15.88 -74.26
C LEU E 1898 -51.41 -15.08 -72.99
N PRO E 1899 -52.44 -14.43 -72.44
CA PRO E 1899 -52.30 -13.80 -71.12
C PRO E 1899 -52.18 -14.86 -70.02
N GLU E 1900 -51.91 -14.37 -68.81
CA GLU E 1900 -51.65 -15.28 -67.69
C GLU E 1900 -52.85 -16.16 -67.31
N PRO E 1901 -54.08 -15.64 -67.18
CA PRO E 1901 -55.21 -16.56 -66.90
C PRO E 1901 -55.40 -17.61 -67.99
N VAL E 1902 -55.21 -17.22 -69.25
CA VAL E 1902 -55.36 -18.16 -70.34
C VAL E 1902 -54.28 -19.23 -70.27
N LYS E 1903 -53.07 -18.83 -69.88
CA LYS E 1903 -51.99 -19.78 -69.63
C LYS E 1903 -52.33 -20.74 -68.49
N LEU E 1904 -52.96 -20.24 -67.42
CA LEU E 1904 -53.40 -21.12 -66.34
C LEU E 1904 -54.42 -22.14 -66.83
N GLN E 1905 -55.39 -21.71 -67.63
CA GLN E 1905 -56.35 -22.65 -68.21
C GLN E 1905 -55.69 -23.67 -69.15
N MET E 1906 -54.71 -23.23 -69.95
CA MET E 1906 -53.95 -24.15 -70.78
C MET E 1906 -53.21 -25.18 -69.93
N CYS E 1907 -52.65 -24.73 -68.80
CA CYS E 1907 -52.01 -25.66 -67.88
C CYS E 1907 -52.99 -26.68 -67.34
N LEU E 1908 -54.21 -26.24 -67.01
CA LEU E 1908 -55.24 -27.18 -66.57
C LEU E 1908 -55.55 -28.21 -67.64
N LEU E 1909 -55.68 -27.77 -68.89
CA LEU E 1909 -55.98 -28.70 -69.99
C LEU E 1909 -54.85 -29.72 -70.17
N LEU E 1910 -53.60 -29.26 -70.13
CA LEU E 1910 -52.47 -30.16 -70.25
C LEU E 1910 -52.41 -31.14 -69.07
N GLN E 1911 -52.75 -30.68 -67.86
CA GLN E 1911 -52.86 -31.56 -66.71
C GLN E 1911 -53.89 -32.66 -66.94
N TYR E 1912 -55.05 -32.30 -67.49
CA TYR E 1912 -56.06 -33.32 -67.79
C TYR E 1912 -55.55 -34.33 -68.82
N LEU E 1913 -54.85 -33.85 -69.85
CA LEU E 1913 -54.31 -34.76 -70.86
C LEU E 1913 -53.31 -35.74 -70.24
N CYS E 1914 -52.45 -35.24 -69.36
CA CYS E 1914 -51.50 -36.12 -68.68
C CYS E 1914 -52.23 -37.13 -67.80
N ASP E 1915 -53.30 -36.70 -67.14
CA ASP E 1915 -54.09 -37.63 -66.33
C ASP E 1915 -54.71 -38.72 -67.19
N CYS E 1916 -55.19 -38.37 -68.39
CA CYS E 1916 -55.73 -39.37 -69.30
C CYS E 1916 -54.65 -40.37 -69.70
N GLN E 1917 -53.45 -39.90 -69.98
CA GLN E 1917 -52.35 -40.81 -70.31
C GLN E 1917 -52.06 -41.75 -69.15
N VAL E 1918 -52.05 -41.22 -67.92
CA VAL E 1918 -51.80 -42.04 -66.74
C VAL E 1918 -52.85 -43.13 -66.59
N ARG E 1919 -54.13 -42.77 -66.78
CA ARG E 1919 -55.18 -43.78 -66.66
C ARG E 1919 -55.06 -44.85 -67.74
N HIS E 1920 -54.71 -44.45 -68.97
CA HIS E 1920 -54.48 -45.43 -70.02
C HIS E 1920 -53.36 -46.39 -69.64
N ARG E 1921 -52.28 -45.84 -69.07
CA ARG E 1921 -51.17 -46.70 -68.62
C ARG E 1921 -51.65 -47.69 -67.57
N ILE E 1922 -52.44 -47.22 -66.59
CA ILE E 1922 -52.92 -48.09 -65.53
C ILE E 1922 -53.77 -49.21 -66.09
N GLU E 1923 -54.69 -48.89 -67.01
CA GLU E 1923 -55.51 -49.92 -67.63
C GLU E 1923 -54.69 -50.92 -68.42
N ALA E 1924 -53.66 -50.47 -69.14
CA ALA E 1924 -52.80 -51.41 -69.85
C ALA E 1924 -52.05 -52.34 -68.90
N ILE E 1925 -51.55 -51.81 -67.79
CA ILE E 1925 -50.91 -52.67 -66.78
C ILE E 1925 -51.88 -53.70 -66.24
N VAL E 1926 -53.11 -53.29 -65.90
CA VAL E 1926 -54.11 -54.26 -65.46
C VAL E 1926 -54.42 -55.30 -66.53
N ALA E 1927 -54.47 -54.91 -67.80
CA ALA E 1927 -54.69 -55.86 -68.90
C ALA E 1927 -53.58 -56.91 -68.96
N PHE E 1928 -52.32 -56.48 -68.81
CA PHE E 1928 -51.22 -57.44 -68.77
C PHE E 1928 -51.34 -58.36 -67.56
N SER E 1929 -51.78 -57.79 -66.43
CA SER E 1929 -51.82 -58.52 -65.16
C SER E 1929 -52.61 -59.83 -65.27
N ASP E 1930 -53.71 -59.81 -66.03
CA ASP E 1930 -54.56 -61.00 -66.09
C ASP E 1930 -53.80 -62.21 -66.63
N ASP E 1931 -53.19 -62.06 -67.80
CA ASP E 1931 -52.47 -63.17 -68.42
C ASP E 1931 -51.23 -63.54 -67.59
N PHE E 1932 -50.51 -62.53 -67.09
CA PHE E 1932 -49.29 -62.83 -66.35
C PHE E 1932 -49.59 -63.62 -65.09
N VAL E 1933 -50.55 -63.15 -64.29
CA VAL E 1933 -50.92 -63.84 -63.05
C VAL E 1933 -51.58 -65.18 -63.30
N ALA E 1934 -52.32 -65.34 -64.40
CA ALA E 1934 -52.90 -66.64 -64.72
C ALA E 1934 -51.83 -67.68 -65.04
N LYS E 1935 -50.86 -67.33 -65.89
CA LYS E 1935 -49.77 -68.27 -66.17
C LYS E 1935 -48.95 -68.53 -64.92
N LEU E 1936 -48.74 -67.49 -64.10
CA LEU E 1936 -48.01 -67.68 -62.85
C LEU E 1936 -48.74 -68.66 -61.93
N GLN E 1937 -50.06 -68.53 -61.81
CA GLN E 1937 -50.84 -69.43 -60.96
C GLN E 1937 -50.80 -70.86 -61.48
N ASP E 1938 -50.93 -71.05 -62.80
CA ASP E 1938 -50.85 -72.39 -63.36
C ASP E 1938 -49.48 -73.02 -63.11
N ASN E 1939 -48.41 -72.25 -63.33
CA ASN E 1939 -47.07 -72.80 -63.15
C ASN E 1939 -46.79 -73.06 -61.67
N GLN E 1940 -47.35 -72.24 -60.78
CA GLN E 1940 -47.21 -72.49 -59.35
C GLN E 1940 -47.94 -73.75 -58.90
N ARG E 1941 -49.14 -74.02 -59.45
CA ARG E 1941 -49.79 -75.29 -59.21
C ARG E 1941 -48.97 -76.48 -59.70
N PHE E 1942 -48.42 -76.37 -60.92
CA PHE E 1942 -47.53 -77.40 -61.42
C PHE E 1942 -46.34 -77.63 -60.49
N ARG E 1943 -45.64 -76.55 -60.13
CA ARG E 1943 -44.50 -76.68 -59.24
C ARG E 1943 -44.91 -77.31 -57.91
N TYR E 1944 -46.09 -76.99 -57.41
CA TYR E 1944 -46.60 -77.63 -56.19
C TYR E 1944 -46.73 -79.14 -56.39
N ASN E 1945 -47.25 -79.55 -57.55
CA ASN E 1945 -47.40 -80.97 -57.83
C ASN E 1945 -46.05 -81.69 -57.80
N GLU E 1946 -45.05 -81.15 -58.51
CA GLU E 1946 -43.74 -81.80 -58.49
C GLU E 1946 -43.05 -81.66 -57.12
N VAL E 1947 -43.36 -80.61 -56.36
CA VAL E 1947 -42.79 -80.50 -55.02
C VAL E 1947 -43.27 -81.63 -54.13
N MET E 1948 -44.56 -81.90 -54.10
CA MET E 1948 -45.00 -82.96 -53.20
C MET E 1948 -45.33 -84.28 -53.91
N GLN E 1949 -44.75 -84.53 -55.09
CA GLN E 1949 -44.73 -85.90 -55.60
C GLN E 1949 -44.08 -86.88 -54.63
N ALA E 1950 -42.77 -86.72 -54.37
CA ALA E 1950 -42.05 -87.66 -53.52
C ALA E 1950 -40.66 -87.12 -53.20
N LEU E 1951 -40.17 -87.47 -52.01
CA LEU E 1951 -38.78 -87.24 -51.59
C LEU E 1951 -38.24 -88.49 -50.91
N ASN E 1952 -38.44 -89.65 -51.55
CA ASN E 1952 -38.07 -90.91 -50.93
C ASN E 1952 -36.56 -91.02 -50.73
N MET E 1953 -35.78 -90.39 -51.59
CA MET E 1953 -34.33 -90.36 -51.41
C MET E 1953 -33.96 -89.72 -50.08
N SER E 1954 -34.52 -88.55 -49.80
CA SER E 1954 -34.30 -87.85 -48.54
C SER E 1954 -35.37 -86.79 -48.34
N ALA E 1955 -35.99 -86.77 -47.16
CA ALA E 1955 -37.10 -85.87 -46.88
C ALA E 1955 -36.72 -84.74 -45.93
N ALA E 1956 -35.43 -84.48 -45.74
CA ALA E 1956 -35.02 -83.39 -44.87
C ALA E 1956 -35.20 -82.03 -45.54
N LEU E 1957 -35.37 -82.00 -46.86
CA LEU E 1957 -35.48 -80.77 -47.62
C LEU E 1957 -36.92 -80.32 -47.83
N THR E 1958 -37.89 -81.03 -47.22
CA THR E 1958 -39.29 -80.69 -47.43
C THR E 1958 -39.60 -79.29 -46.90
N ALA E 1959 -39.01 -78.92 -45.77
CA ALA E 1959 -39.27 -77.60 -45.20
C ALA E 1959 -38.85 -76.50 -46.16
N ARG E 1960 -37.65 -76.59 -46.72
CA ARG E 1960 -37.19 -75.55 -47.62
C ARG E 1960 -37.96 -75.58 -48.93
N LYS E 1961 -38.34 -76.78 -49.40
CA LYS E 1961 -39.03 -76.84 -50.69
C LYS E 1961 -40.45 -76.32 -50.59
N THR E 1962 -41.09 -76.44 -49.42
CA THR E 1962 -42.47 -76.01 -49.27
C THR E 1962 -42.62 -74.71 -48.48
N LYS E 1963 -41.52 -74.09 -48.06
CA LYS E 1963 -41.63 -72.78 -47.43
C LYS E 1963 -42.25 -71.77 -48.38
N GLU E 1964 -41.99 -71.91 -49.68
CA GLU E 1964 -42.67 -71.11 -50.70
C GLU E 1964 -44.19 -71.16 -50.52
N PHE E 1965 -44.74 -72.37 -50.46
CA PHE E 1965 -46.17 -72.55 -50.37
C PHE E 1965 -46.70 -72.31 -48.96
N ARG E 1966 -45.81 -72.26 -47.98
CA ARG E 1966 -46.19 -71.92 -46.61
C ARG E 1966 -46.15 -70.41 -46.34
N SER E 1967 -45.54 -69.63 -47.22
CA SER E 1967 -45.52 -68.18 -47.05
C SER E 1967 -46.83 -67.56 -47.53
N PRO E 1968 -47.30 -66.52 -46.85
CA PRO E 1968 -48.60 -65.94 -47.21
C PRO E 1968 -48.56 -65.31 -48.59
N PRO E 1969 -49.73 -65.08 -49.20
CA PRO E 1969 -49.74 -64.69 -50.63
C PRO E 1969 -48.99 -63.41 -50.95
N GLN E 1970 -48.97 -62.44 -50.04
CA GLN E 1970 -48.25 -61.20 -50.31
C GLN E 1970 -46.76 -61.46 -50.52
N GLU E 1971 -46.13 -62.14 -49.57
CA GLU E 1971 -44.73 -62.55 -49.75
C GLU E 1971 -44.56 -63.53 -50.91
N GLN E 1972 -45.56 -64.37 -51.18
CA GLN E 1972 -45.48 -65.26 -52.34
C GLN E 1972 -45.30 -64.46 -53.63
N ILE E 1973 -46.16 -63.48 -53.87
CA ILE E 1973 -46.05 -62.70 -55.09
C ILE E 1973 -44.79 -61.84 -55.07
N ASN E 1974 -44.43 -61.32 -53.89
CA ASN E 1974 -43.21 -60.51 -53.79
C ASN E 1974 -41.98 -61.31 -54.21
N MET E 1975 -41.88 -62.57 -53.77
CA MET E 1975 -40.69 -63.36 -54.07
C MET E 1975 -40.79 -64.05 -55.42
N LEU E 1976 -42.00 -64.19 -55.97
CA LEU E 1976 -42.14 -64.62 -57.34
C LEU E 1976 -41.77 -63.49 -58.29
N LEU E 1977 -41.78 -62.26 -57.78
CA LEU E 1977 -41.47 -61.09 -58.60
C LEU E 1977 -40.07 -60.53 -58.38
N ASN E 1978 -39.13 -61.33 -57.87
CA ASN E 1978 -37.75 -60.90 -57.71
C ASN E 1978 -36.83 -61.38 -58.81
N PHE E 1979 -37.30 -61.48 -60.06
CA PHE E 1979 -36.37 -61.75 -61.14
C PHE E 1979 -35.80 -60.47 -61.75
N LYS E 1980 -36.12 -59.31 -61.20
CA LYS E 1980 -35.44 -58.09 -61.60
C LYS E 1980 -33.97 -58.17 -61.21
N ASP E 1981 -33.13 -57.44 -61.95
CA ASP E 1981 -31.68 -57.54 -61.83
C ASP E 1981 -31.23 -58.96 -62.15
N ASP E 1982 -30.18 -59.44 -61.48
CA ASP E 1982 -29.68 -60.78 -61.74
C ASP E 1982 -29.48 -61.61 -60.47
N LYS E 1983 -30.16 -61.25 -59.37
CA LYS E 1983 -30.08 -62.06 -58.17
C LYS E 1983 -30.63 -63.46 -58.38
N SER E 1984 -31.78 -63.58 -59.06
CA SER E 1984 -32.25 -64.84 -59.63
C SER E 1984 -32.43 -65.94 -58.58
N GLU E 1985 -32.89 -65.57 -57.38
CA GLU E 1985 -33.29 -66.58 -56.40
C GLU E 1985 -34.76 -66.94 -56.50
N CYS E 1986 -35.53 -66.25 -57.34
CA CYS E 1986 -36.95 -66.54 -57.47
C CYS E 1986 -37.15 -67.83 -58.25
N PRO E 1987 -38.22 -68.57 -57.97
CA PRO E 1987 -38.54 -69.77 -58.75
C PRO E 1987 -39.27 -69.51 -60.06
N CYS E 1988 -39.33 -68.26 -60.51
CA CYS E 1988 -40.05 -67.93 -61.72
C CYS E 1988 -39.34 -68.51 -62.95
N PRO E 1989 -40.06 -69.18 -63.84
CA PRO E 1989 -39.43 -69.73 -65.04
C PRO E 1989 -39.01 -68.63 -66.01
N GLU E 1990 -38.11 -69.00 -66.93
CA GLU E 1990 -37.47 -68.01 -67.80
C GLU E 1990 -38.46 -67.32 -68.72
N GLU E 1991 -39.41 -68.06 -69.31
CA GLU E 1991 -40.38 -67.43 -70.21
C GLU E 1991 -41.27 -66.44 -69.48
N ILE E 1992 -41.72 -66.79 -68.27
CA ILE E 1992 -42.54 -65.88 -67.48
C ILE E 1992 -41.74 -64.66 -67.08
N ARG E 1993 -40.45 -64.86 -66.77
CA ARG E 1993 -39.57 -63.73 -66.50
C ARG E 1993 -39.46 -62.81 -67.70
N ASP E 1994 -39.27 -63.39 -68.89
CA ASP E 1994 -39.07 -62.59 -70.09
C ASP E 1994 -40.32 -61.82 -70.48
N GLN E 1995 -41.51 -62.39 -70.25
CA GLN E 1995 -42.73 -61.66 -70.57
C GLN E 1995 -42.81 -60.35 -69.79
N LEU E 1996 -42.58 -60.41 -68.48
CA LEU E 1996 -42.61 -59.19 -67.68
C LEU E 1996 -41.42 -58.29 -68.00
N LEU E 1997 -40.27 -58.88 -68.33
CA LEU E 1997 -39.11 -58.07 -68.71
C LEU E 1997 -39.36 -57.28 -69.98
N ASP E 1998 -40.22 -57.79 -70.88
CA ASP E 1998 -40.58 -57.05 -72.08
C ASP E 1998 -41.69 -56.03 -71.79
N PHE E 1999 -42.69 -56.42 -71.00
CA PHE E 1999 -43.77 -55.50 -70.68
C PHE E 1999 -43.26 -54.29 -69.92
N HIS E 2000 -42.32 -54.50 -69.00
CA HIS E 2000 -41.75 -53.39 -68.24
C HIS E 2000 -40.98 -52.42 -69.12
N GLU E 2001 -40.20 -52.92 -70.08
CA GLU E 2001 -39.53 -52.03 -71.03
C GLU E 2001 -40.54 -51.26 -71.88
N ASP E 2002 -41.60 -51.91 -72.34
CA ASP E 2002 -42.64 -51.19 -73.08
C ASP E 2002 -43.28 -50.10 -72.23
N LEU E 2003 -43.57 -50.42 -70.96
CA LEU E 2003 -44.18 -49.44 -70.06
C LEU E 2003 -43.25 -48.28 -69.79
N MET E 2004 -41.94 -48.54 -69.60
CA MET E 2004 -40.99 -47.46 -69.44
C MET E 2004 -40.86 -46.61 -70.68
N THR E 2005 -40.89 -47.22 -71.87
CA THR E 2005 -40.87 -46.45 -73.11
C THR E 2005 -42.10 -45.55 -73.20
N HIS E 2006 -43.27 -46.08 -72.81
CA HIS E 2006 -44.48 -45.27 -72.79
C HIS E 2006 -44.36 -44.12 -71.80
N CYS E 2007 -43.82 -44.39 -70.61
CA CYS E 2007 -43.63 -43.37 -69.59
C CYS E 2007 -42.54 -42.37 -69.94
N GLY E 2008 -41.71 -42.66 -70.93
CA GLY E 2008 -40.70 -41.71 -71.36
C GLY E 2008 -39.37 -41.84 -70.66
N ILE E 2009 -39.11 -42.95 -69.99
CA ILE E 2009 -37.84 -43.19 -69.32
C ILE E 2009 -36.98 -44.01 -70.27
N GLU E 2010 -35.99 -43.37 -70.88
CA GLU E 2010 -35.11 -44.04 -71.83
C GLU E 2010 -33.96 -44.72 -71.10
N LYS E 2053 -36.64 -31.21 -84.10
CA LYS E 2053 -37.22 -29.93 -83.73
C LYS E 2053 -38.61 -30.10 -83.11
N LYS E 2054 -39.43 -30.95 -83.72
CA LYS E 2054 -40.75 -31.22 -83.19
C LYS E 2054 -40.66 -32.12 -81.97
N SER E 2055 -41.40 -31.77 -80.92
CA SER E 2055 -41.37 -32.54 -79.68
C SER E 2055 -41.85 -33.97 -79.91
N SER E 2056 -42.92 -34.12 -80.69
CA SER E 2056 -43.53 -35.38 -81.11
C SER E 2056 -44.19 -36.14 -79.97
N THR E 2057 -44.07 -35.67 -78.73
CA THR E 2057 -44.75 -36.27 -77.59
C THR E 2057 -45.31 -35.18 -76.70
N LEU E 2058 -46.38 -35.52 -75.98
CA LEU E 2058 -46.99 -34.56 -75.06
C LEU E 2058 -46.01 -34.18 -73.95
N GLN E 2059 -45.26 -35.15 -73.45
CA GLN E 2059 -44.27 -34.85 -72.40
C GLN E 2059 -43.23 -33.84 -72.87
N GLN E 2060 -42.65 -34.07 -74.05
CA GLN E 2060 -41.64 -33.14 -74.57
C GLN E 2060 -42.27 -31.78 -74.85
N LEU E 2061 -43.49 -31.74 -75.41
CA LEU E 2061 -44.12 -30.47 -75.71
C LEU E 2061 -44.37 -29.66 -74.44
N ILE E 2062 -44.88 -30.30 -73.39
CA ILE E 2062 -45.15 -29.59 -72.15
C ILE E 2062 -43.84 -29.15 -71.50
N SER E 2063 -42.82 -30.01 -71.52
CA SER E 2063 -41.53 -29.66 -70.94
C SER E 2063 -40.93 -28.45 -71.64
N GLU E 2064 -41.07 -28.38 -72.96
CA GLU E 2064 -40.58 -27.20 -73.68
C GLU E 2064 -41.41 -25.97 -73.35
N THR E 2065 -42.73 -26.08 -73.35
CA THR E 2065 -43.57 -24.88 -73.26
C THR E 2065 -43.53 -24.27 -71.86
N MET E 2066 -43.42 -25.11 -70.82
CA MET E 2066 -43.33 -24.57 -69.46
C MET E 2066 -42.10 -23.68 -69.29
N VAL E 2067 -40.93 -24.22 -69.65
CA VAL E 2067 -39.68 -23.47 -69.57
C VAL E 2067 -39.73 -22.25 -70.49
N ARG E 2068 -40.33 -22.41 -71.67
CA ARG E 2068 -40.40 -21.28 -72.60
C ARG E 2068 -41.21 -20.14 -72.02
N TRP E 2069 -42.38 -20.44 -71.44
CA TRP E 2069 -43.18 -19.40 -70.80
C TRP E 2069 -42.43 -18.77 -69.63
N ALA E 2070 -41.81 -19.62 -68.79
CA ALA E 2070 -41.15 -19.12 -67.59
C ALA E 2070 -40.01 -18.18 -67.94
N GLN E 2071 -39.23 -18.52 -68.98
CA GLN E 2071 -38.13 -17.65 -69.35
C GLN E 2071 -38.59 -16.51 -70.26
N GLU E 2072 -39.80 -16.62 -70.81
CA GLU E 2072 -40.34 -15.53 -71.62
C GLU E 2072 -40.86 -14.39 -70.76
N SER E 2073 -41.54 -14.71 -69.66
CA SER E 2073 -42.15 -13.66 -68.85
C SER E 2073 -41.89 -13.91 -67.38
N VAL E 2074 -41.85 -12.82 -66.62
CA VAL E 2074 -41.82 -12.89 -65.16
C VAL E 2074 -43.26 -13.07 -64.68
N ILE E 2075 -43.64 -14.31 -64.37
CA ILE E 2075 -45.03 -14.60 -64.06
C ILE E 2075 -45.37 -13.99 -62.70
N GLU E 2076 -46.43 -13.17 -62.67
CA GLU E 2076 -46.83 -12.50 -61.45
C GLU E 2076 -47.81 -13.33 -60.61
N ASP E 2077 -48.39 -14.38 -61.18
CA ASP E 2077 -49.38 -15.16 -60.47
C ASP E 2077 -48.72 -16.34 -59.77
N PRO E 2078 -48.74 -16.40 -58.43
CA PRO E 2078 -48.19 -17.58 -57.74
C PRO E 2078 -48.88 -18.86 -58.13
N GLU E 2079 -50.19 -18.84 -58.36
CA GLU E 2079 -50.90 -20.02 -58.81
C GLU E 2079 -50.43 -20.47 -60.18
N LEU E 2080 -50.20 -19.53 -61.10
CA LEU E 2080 -49.68 -19.89 -62.42
C LEU E 2080 -48.29 -20.50 -62.30
N VAL E 2081 -47.43 -19.91 -61.47
CA VAL E 2081 -46.08 -20.43 -61.29
C VAL E 2081 -46.14 -21.86 -60.74
N ARG E 2082 -46.97 -22.06 -59.73
CA ARG E 2082 -47.11 -23.38 -59.13
C ARG E 2082 -47.62 -24.41 -60.13
N ALA E 2083 -48.62 -24.03 -60.93
CA ALA E 2083 -49.16 -24.97 -61.92
C ALA E 2083 -48.12 -25.31 -62.98
N MET E 2084 -47.40 -24.30 -63.48
CA MET E 2084 -46.36 -24.55 -64.47
C MET E 2084 -45.30 -25.50 -63.93
N PHE E 2085 -44.81 -25.26 -62.71
CA PHE E 2085 -43.72 -26.09 -62.20
C PHE E 2085 -44.21 -27.49 -61.82
N VAL E 2086 -45.44 -27.62 -61.32
CA VAL E 2086 -45.94 -28.95 -61.00
C VAL E 2086 -46.17 -29.74 -62.28
N LEU E 2087 -46.61 -29.09 -63.35
CA LEU E 2087 -46.75 -29.78 -64.62
C LEU E 2087 -45.39 -30.22 -65.17
N LEU E 2088 -44.38 -29.35 -65.06
CA LEU E 2088 -43.04 -29.73 -65.49
C LEU E 2088 -42.50 -30.91 -64.68
N HIS E 2089 -42.72 -30.89 -63.36
CA HIS E 2089 -42.28 -31.99 -62.52
C HIS E 2089 -43.01 -33.28 -62.86
N ARG E 2090 -44.31 -33.20 -63.16
CA ARG E 2090 -45.03 -34.39 -63.60
C ARG E 2090 -44.49 -34.93 -64.91
N GLN E 2091 -44.15 -34.06 -65.85
CA GLN E 2091 -43.55 -34.52 -67.10
C GLN E 2091 -42.22 -35.22 -66.86
N TYR E 2092 -41.36 -34.66 -66.01
CA TYR E 2092 -40.05 -35.25 -65.81
C TYR E 2092 -40.11 -36.53 -64.99
N ASP E 2093 -40.89 -36.53 -63.91
CA ASP E 2093 -41.05 -37.72 -63.06
C ASP E 2093 -42.24 -38.54 -63.55
N GLY E 2094 -42.06 -39.18 -64.70
CA GLY E 2094 -43.12 -39.97 -65.27
C GLY E 2094 -43.48 -41.17 -64.42
N ILE E 2095 -42.48 -41.82 -63.82
CA ILE E 2095 -42.73 -43.00 -63.00
C ILE E 2095 -43.50 -42.65 -61.73
N GLY E 2096 -43.42 -41.41 -61.27
CA GLY E 2096 -44.16 -40.99 -60.09
C GLY E 2096 -45.66 -41.10 -60.23
N GLY E 2097 -46.19 -40.85 -61.44
CA GLY E 2097 -47.61 -41.06 -61.67
C GLY E 2097 -48.02 -42.49 -61.41
N LEU E 2098 -47.25 -43.45 -61.91
CA LEU E 2098 -47.54 -44.86 -61.62
C LEU E 2098 -47.35 -45.18 -60.14
N VAL E 2099 -46.31 -44.63 -59.52
CA VAL E 2099 -46.07 -44.86 -58.10
C VAL E 2099 -47.26 -44.41 -57.26
N ARG E 2100 -47.88 -43.28 -57.60
CA ARG E 2100 -49.06 -42.79 -56.91
C ARG E 2100 -50.34 -43.52 -57.31
N ALA E 2101 -50.45 -43.96 -58.56
CA ALA E 2101 -51.72 -44.50 -59.05
C ALA E 2101 -51.90 -45.96 -58.65
N LEU E 2102 -50.81 -46.74 -58.65
CA LEU E 2102 -50.93 -48.17 -58.34
C LEU E 2102 -51.55 -48.46 -56.97
N PRO E 2103 -51.23 -47.73 -55.89
CA PRO E 2103 -51.93 -47.97 -54.63
C PRO E 2103 -53.43 -47.76 -54.71
N LYS E 2104 -53.89 -46.86 -55.57
CA LYS E 2104 -55.32 -46.57 -55.71
C LYS E 2104 -55.96 -47.31 -56.88
N THR E 2105 -55.33 -48.39 -57.34
CA THR E 2105 -55.86 -49.21 -58.42
C THR E 2105 -56.43 -50.50 -57.84
N TYR E 2106 -57.70 -50.76 -58.12
CA TYR E 2106 -58.37 -51.99 -57.68
C TYR E 2106 -59.08 -52.61 -58.86
N THR E 2107 -59.14 -53.94 -58.87
CA THR E 2107 -59.75 -54.68 -59.96
C THR E 2107 -60.86 -55.56 -59.41
N ILE E 2108 -61.99 -55.59 -60.12
CA ILE E 2108 -63.17 -56.33 -59.68
C ILE E 2108 -63.62 -57.25 -60.80
N ASN E 2109 -64.34 -58.30 -60.42
CA ASN E 2109 -64.96 -59.18 -61.41
C ASN E 2109 -66.14 -58.47 -62.08
N GLY E 2110 -66.51 -58.98 -63.26
CA GLY E 2110 -67.62 -58.40 -63.99
C GLY E 2110 -68.97 -58.57 -63.29
N VAL E 2111 -69.09 -59.55 -62.40
CA VAL E 2111 -70.35 -59.76 -61.70
C VAL E 2111 -70.63 -58.63 -60.71
N SER E 2112 -69.58 -57.98 -60.19
CA SER E 2112 -69.72 -56.95 -59.19
C SER E 2112 -69.72 -55.54 -59.76
N VAL E 2113 -69.82 -55.39 -61.08
CA VAL E 2113 -69.75 -54.07 -61.69
C VAL E 2113 -70.89 -53.19 -61.20
N GLU E 2114 -72.11 -53.75 -61.16
CA GLU E 2114 -73.28 -52.93 -60.83
C GLU E 2114 -73.25 -52.47 -59.38
N ASP E 2115 -72.91 -53.36 -58.45
CA ASP E 2115 -72.91 -52.96 -57.05
C ASP E 2115 -71.70 -52.09 -56.72
N THR E 2116 -70.59 -52.28 -57.43
CA THR E 2116 -69.48 -51.34 -57.30
C THR E 2116 -69.88 -49.95 -57.78
N ILE E 2117 -70.64 -49.87 -58.88
CA ILE E 2117 -71.12 -48.58 -59.36
C ILE E 2117 -72.07 -47.95 -58.34
N ASN E 2118 -72.94 -48.75 -57.74
CA ASN E 2118 -73.86 -48.23 -56.73
C ASN E 2118 -73.10 -47.69 -55.52
N LEU E 2119 -72.10 -48.44 -55.04
CA LEU E 2119 -71.30 -47.95 -53.90
C LEU E 2119 -70.51 -46.71 -54.26
N LEU E 2120 -69.98 -46.64 -55.49
CA LEU E 2120 -69.29 -45.43 -55.93
C LEU E 2120 -70.21 -44.22 -55.96
N ALA E 2121 -71.46 -44.39 -56.42
CA ALA E 2121 -72.41 -43.29 -56.38
C ALA E 2121 -72.73 -42.88 -54.94
N SER E 2122 -72.90 -43.85 -54.04
CA SER E 2122 -73.18 -43.52 -52.64
C SER E 2122 -72.00 -42.76 -52.02
N LEU E 2123 -70.78 -43.22 -52.30
CA LEU E 2123 -69.59 -42.54 -51.80
C LEU E 2123 -69.46 -41.14 -52.41
N GLY E 2124 -69.84 -40.98 -53.68
CA GLY E 2124 -69.84 -39.65 -54.27
C GLY E 2124 -70.81 -38.72 -53.58
N GLN E 2125 -72.01 -39.22 -53.25
CA GLN E 2125 -72.96 -38.40 -52.50
C GLN E 2125 -72.39 -38.01 -51.14
N ILE E 2126 -71.82 -38.98 -50.42
CA ILE E 2126 -71.29 -38.68 -49.08
C ILE E 2126 -70.15 -37.67 -49.18
N ARG E 2127 -69.25 -37.84 -50.15
CA ARG E 2127 -68.13 -36.93 -50.32
C ARG E 2127 -68.57 -35.53 -50.72
N SER E 2128 -69.52 -35.43 -51.65
CA SER E 2128 -70.05 -34.13 -52.07
C SER E 2128 -70.82 -33.42 -50.96
N LEU E 2129 -71.42 -34.16 -50.03
CA LEU E 2129 -72.09 -33.52 -48.92
C LEU E 2129 -71.12 -32.90 -47.92
N LEU E 2130 -69.82 -33.16 -48.06
CA LEU E 2130 -68.84 -32.50 -47.21
C LEU E 2130 -68.72 -31.02 -47.53
N SER E 2131 -68.85 -30.66 -48.82
CA SER E 2131 -68.67 -29.28 -49.23
C SER E 2131 -69.80 -28.37 -48.80
N VAL E 2132 -70.89 -28.92 -48.29
CA VAL E 2132 -72.01 -28.12 -47.82
C VAL E 2132 -72.01 -28.08 -46.30
N ARG E 2133 -72.82 -27.18 -45.74
CA ARG E 2133 -72.83 -26.97 -44.30
C ARG E 2133 -73.73 -27.99 -43.61
N MET E 2134 -73.35 -28.38 -42.40
CA MET E 2134 -74.12 -29.36 -41.63
C MET E 2134 -75.52 -28.84 -41.37
N GLY E 2135 -76.52 -29.71 -41.58
CA GLY E 2135 -77.91 -29.34 -41.41
C GLY E 2135 -78.80 -30.56 -41.30
N LYS E 2136 -80.10 -30.28 -41.18
CA LYS E 2136 -81.09 -31.33 -40.97
C LYS E 2136 -81.16 -32.25 -42.18
N GLU E 2137 -81.35 -31.66 -43.36
CA GLU E 2137 -81.48 -32.44 -44.59
C GLU E 2137 -80.18 -33.15 -44.93
N GLU E 2138 -79.04 -32.49 -44.70
CA GLU E 2138 -77.74 -33.13 -44.96
C GLU E 2138 -77.52 -34.32 -44.03
N GLU E 2139 -77.95 -34.18 -42.77
CA GLU E 2139 -77.88 -35.30 -41.83
C GLU E 2139 -78.72 -36.47 -42.34
N LYS E 2140 -79.94 -36.19 -42.79
CA LYS E 2140 -80.78 -37.24 -43.36
C LYS E 2140 -80.10 -37.89 -44.57
N LEU E 2141 -79.51 -37.07 -45.44
CA LEU E 2141 -78.92 -37.57 -46.67
C LEU E 2141 -77.73 -38.49 -46.39
N MET E 2142 -76.84 -38.07 -45.48
CA MET E 2142 -75.70 -38.93 -45.17
C MET E 2142 -76.12 -40.15 -44.36
N ILE E 2143 -77.19 -40.06 -43.57
CA ILE E 2143 -77.71 -41.26 -42.92
C ILE E 2143 -78.14 -42.29 -43.96
N ARG E 2144 -78.91 -41.86 -44.95
CA ARG E 2144 -79.34 -42.77 -46.02
C ARG E 2144 -78.15 -43.29 -46.82
N GLY E 2145 -77.21 -42.41 -47.16
CA GLY E 2145 -76.03 -42.81 -47.90
C GLY E 2145 -75.10 -43.75 -47.19
N LEU E 2146 -74.96 -43.64 -45.87
CA LEU E 2146 -74.20 -44.58 -45.08
C LEU E 2146 -74.95 -45.88 -44.85
N GLY E 2147 -76.28 -45.85 -44.86
CA GLY E 2147 -77.04 -47.09 -44.84
C GLY E 2147 -76.86 -47.89 -46.11
N ASP E 2148 -76.90 -47.20 -47.26
CA ASP E 2148 -76.70 -47.88 -48.53
C ASP E 2148 -75.35 -48.57 -48.58
N ILE E 2149 -74.32 -47.88 -48.10
CA ILE E 2149 -72.95 -48.38 -48.16
C ILE E 2149 -72.82 -49.66 -47.34
N MET E 2150 -73.40 -49.67 -46.14
CA MET E 2150 -73.44 -50.90 -45.36
C MET E 2150 -74.20 -52.00 -46.07
N ASN E 2151 -75.34 -51.68 -46.68
CA ASN E 2151 -76.16 -52.69 -47.33
C ASN E 2151 -75.45 -53.29 -48.54
N ASN E 2152 -74.53 -52.55 -49.16
CA ASN E 2152 -73.80 -53.07 -50.30
C ASN E 2152 -72.86 -54.20 -49.87
N LYS E 2153 -72.79 -55.24 -50.70
CA LYS E 2153 -72.02 -56.43 -50.34
C LYS E 2153 -70.52 -56.24 -50.56
N VAL E 2154 -70.13 -55.38 -51.50
CA VAL E 2154 -68.70 -55.17 -51.74
C VAL E 2154 -68.04 -54.50 -50.56
N PHE E 2155 -68.82 -53.82 -49.71
CA PHE E 2155 -68.29 -53.28 -48.46
C PHE E 2155 -67.70 -54.40 -47.61
N TYR E 2156 -68.29 -55.60 -47.68
CA TYR E 2156 -67.75 -56.75 -46.96
C TYR E 2156 -66.71 -57.47 -47.81
N GLN E 2157 -67.00 -57.66 -49.10
CA GLN E 2157 -66.19 -58.54 -49.93
C GLN E 2157 -64.81 -57.94 -50.23
N HIS E 2158 -64.74 -56.62 -50.37
CA HIS E 2158 -63.51 -55.93 -50.79
C HIS E 2158 -63.19 -54.84 -49.78
N PRO E 2159 -62.69 -55.20 -48.60
CA PRO E 2159 -62.25 -54.15 -47.65
C PRO E 2159 -61.08 -53.33 -48.17
N ASN E 2160 -60.20 -53.93 -48.99
CA ASN E 2160 -59.07 -53.19 -49.53
C ASN E 2160 -59.55 -52.07 -50.46
N LEU E 2161 -60.55 -52.34 -51.30
CA LEU E 2161 -61.14 -51.29 -52.11
C LEU E 2161 -61.75 -50.21 -51.22
N MET E 2162 -62.41 -50.62 -50.13
CA MET E 2162 -63.06 -49.65 -49.25
C MET E 2162 -62.03 -48.72 -48.63
N ARG E 2163 -60.89 -49.26 -48.21
CA ARG E 2163 -59.80 -48.45 -47.65
C ARG E 2163 -59.09 -47.62 -48.70
N ALA E 2164 -58.93 -48.13 -49.92
CA ALA E 2164 -58.27 -47.38 -50.98
C ALA E 2164 -59.12 -46.20 -51.44
N LEU E 2165 -60.43 -46.37 -51.48
CA LEU E 2165 -61.32 -45.27 -51.84
C LEU E 2165 -61.35 -44.21 -50.75
N GLY E 2166 -60.76 -44.52 -49.60
CA GLY E 2166 -60.63 -43.56 -48.52
C GLY E 2166 -61.94 -43.13 -47.90
N MET E 2167 -62.75 -44.11 -47.51
CA MET E 2167 -64.05 -43.81 -46.91
C MET E 2167 -63.92 -43.55 -45.42
N HIS E 2168 -63.00 -44.24 -44.76
CA HIS E 2168 -62.86 -44.10 -43.32
C HIS E 2168 -62.48 -42.68 -42.92
N GLU E 2169 -61.54 -42.05 -43.63
CA GLU E 2169 -61.20 -40.68 -43.28
C GLU E 2169 -62.27 -39.69 -43.72
N THR E 2170 -63.07 -40.01 -44.74
CA THR E 2170 -64.22 -39.16 -45.06
C THR E 2170 -65.21 -39.13 -43.92
N VAL E 2171 -65.56 -40.31 -43.39
CA VAL E 2171 -66.44 -40.37 -42.23
C VAL E 2171 -65.78 -39.73 -41.01
N MET E 2172 -64.47 -39.89 -40.88
CA MET E 2172 -63.71 -39.24 -39.81
C MET E 2172 -63.86 -37.73 -39.89
N GLU E 2173 -63.71 -37.16 -41.08
CA GLU E 2173 -63.84 -35.72 -41.29
C GLU E 2173 -65.26 -35.24 -41.04
N VAL E 2174 -66.26 -36.01 -41.45
CA VAL E 2174 -67.64 -35.63 -41.15
C VAL E 2174 -67.85 -35.57 -39.64
N MET E 2175 -67.37 -36.59 -38.91
CA MET E 2175 -67.48 -36.55 -37.46
C MET E 2175 -66.71 -35.39 -36.86
N VAL E 2176 -65.54 -35.07 -37.40
CA VAL E 2176 -64.77 -33.94 -36.90
C VAL E 2176 -65.56 -32.65 -37.08
N ASN E 2177 -66.17 -32.46 -38.25
CA ASN E 2177 -66.98 -31.27 -38.48
C ASN E 2177 -68.13 -31.17 -37.49
N VAL E 2178 -68.88 -32.27 -37.32
CA VAL E 2178 -70.04 -32.23 -36.42
C VAL E 2178 -69.61 -31.99 -34.98
N LEU E 2179 -68.53 -32.64 -34.53
CA LEU E 2179 -68.09 -32.52 -33.15
C LEU E 2179 -67.33 -31.23 -32.88
N GLY E 2180 -66.85 -30.55 -33.92
CA GLY E 2180 -66.17 -29.29 -33.74
C GLY E 2180 -67.10 -28.11 -33.83
N GLY E 2181 -68.18 -28.24 -34.60
CA GLY E 2181 -69.18 -27.20 -34.65
C GLY E 2181 -69.87 -27.02 -33.32
N GLY E 2182 -69.59 -25.91 -32.64
CA GLY E 2182 -70.18 -25.65 -31.34
C GLY E 2182 -69.74 -26.60 -30.25
N GLU E 2183 -68.42 -26.73 -30.05
CA GLU E 2183 -67.92 -27.59 -28.99
C GLU E 2183 -68.41 -27.11 -27.63
N SER E 2184 -68.48 -25.80 -27.43
CA SER E 2184 -68.93 -25.26 -26.14
C SER E 2184 -70.39 -25.61 -25.87
N LYS E 2185 -71.25 -25.57 -26.88
CA LYS E 2185 -72.68 -25.85 -26.71
C LYS E 2185 -73.00 -27.33 -26.83
N GLU E 2186 -72.28 -28.17 -26.08
CA GLU E 2186 -72.48 -29.63 -26.04
C GLU E 2186 -72.32 -30.15 -27.47
N ILE E 2187 -73.23 -30.98 -27.97
CA ILE E 2187 -73.13 -31.59 -29.29
C ILE E 2187 -74.38 -31.27 -30.08
N THR E 2188 -74.20 -30.79 -31.30
CA THR E 2188 -75.29 -30.61 -32.25
C THR E 2188 -75.34 -31.79 -33.22
N PHE E 2189 -76.54 -32.10 -33.68
CA PHE E 2189 -76.79 -33.27 -34.52
C PHE E 2189 -76.24 -34.54 -33.87
N PRO E 2190 -76.85 -35.02 -32.80
CA PRO E 2190 -76.33 -36.19 -32.09
C PRO E 2190 -76.54 -37.51 -32.83
N LYS E 2191 -77.18 -37.48 -33.99
CA LYS E 2191 -77.39 -38.68 -34.79
C LYS E 2191 -76.33 -38.85 -35.87
N MET E 2192 -75.78 -37.74 -36.37
CA MET E 2192 -74.64 -37.77 -37.26
C MET E 2192 -73.50 -38.54 -36.63
N VAL E 2193 -73.17 -38.18 -35.38
CA VAL E 2193 -72.08 -38.83 -34.65
C VAL E 2193 -72.37 -40.32 -34.43
N ALA E 2194 -73.60 -40.65 -34.04
CA ALA E 2194 -73.95 -42.04 -33.78
C ALA E 2194 -73.81 -42.90 -35.04
N ASN E 2195 -74.33 -42.41 -36.17
CA ASN E 2195 -74.20 -43.15 -37.41
C ASN E 2195 -72.74 -43.27 -37.83
N CYS E 2196 -71.96 -42.19 -37.70
CA CYS E 2196 -70.56 -42.24 -38.08
C CYS E 2196 -69.79 -43.24 -37.23
N CYS E 2197 -70.04 -43.24 -35.93
CA CYS E 2197 -69.33 -44.16 -35.03
C CYS E 2197 -69.72 -45.61 -35.30
N ARG E 2198 -71.01 -45.86 -35.56
CA ARG E 2198 -71.44 -47.21 -35.91
C ARG E 2198 -70.76 -47.67 -37.20
N PHE E 2199 -70.69 -46.78 -38.20
CA PHE E 2199 -70.06 -47.13 -39.46
C PHE E 2199 -68.58 -47.44 -39.26
N LEU E 2200 -67.89 -46.63 -38.46
CA LEU E 2200 -66.47 -46.88 -38.25
C LEU E 2200 -66.23 -48.15 -37.43
N CYS E 2201 -67.09 -48.45 -36.46
CA CYS E 2201 -66.97 -49.70 -35.73
C CYS E 2201 -67.14 -50.89 -36.67
N TYR E 2202 -68.14 -50.83 -37.56
CA TYR E 2202 -68.33 -51.90 -38.53
C TYR E 2202 -67.14 -52.02 -39.48
N PHE E 2203 -66.59 -50.88 -39.91
CA PHE E 2203 -65.40 -50.89 -40.75
C PHE E 2203 -64.22 -51.54 -40.04
N CYS E 2204 -64.07 -51.27 -38.74
CA CYS E 2204 -63.06 -51.95 -37.94
C CYS E 2204 -63.30 -53.46 -37.94
N ARG E 2205 -64.54 -53.89 -37.70
CA ARG E 2205 -64.82 -55.31 -37.59
C ARG E 2205 -64.66 -56.02 -38.93
N ILE E 2206 -64.75 -55.30 -40.05
CA ILE E 2206 -64.65 -55.94 -41.36
C ILE E 2206 -63.28 -56.62 -41.54
N SER E 2207 -62.20 -55.89 -41.29
CA SER E 2207 -60.87 -56.41 -41.59
C SER E 2207 -59.88 -55.97 -40.53
N ARG E 2208 -58.79 -56.72 -40.41
CA ARG E 2208 -57.75 -56.39 -39.44
C ARG E 2208 -56.91 -55.20 -39.89
N GLN E 2209 -56.63 -55.09 -41.19
CA GLN E 2209 -55.95 -53.91 -41.71
C GLN E 2209 -56.78 -52.65 -41.56
N ASN E 2210 -58.11 -52.77 -41.62
CA ASN E 2210 -58.97 -51.63 -41.35
C ASN E 2210 -58.81 -51.16 -39.92
N GLN E 2211 -58.62 -52.09 -38.98
CA GLN E 2211 -58.34 -51.70 -37.60
C GLN E 2211 -57.01 -50.94 -37.51
N LYS E 2212 -56.00 -51.37 -38.26
CA LYS E 2212 -54.73 -50.66 -38.24
C LYS E 2212 -54.88 -49.26 -38.82
N ALA E 2213 -55.68 -49.11 -39.89
CA ALA E 2213 -55.93 -47.80 -40.44
C ALA E 2213 -56.67 -46.91 -39.45
N MET E 2214 -57.64 -47.49 -38.73
CA MET E 2214 -58.41 -46.74 -37.74
C MET E 2214 -57.58 -46.36 -36.52
N PHE E 2215 -56.57 -47.17 -36.18
CA PHE E 2215 -55.83 -46.96 -34.94
C PHE E 2215 -55.04 -45.66 -34.96
N ASP E 2216 -54.73 -45.13 -36.15
CA ASP E 2216 -54.01 -43.87 -36.25
C ASP E 2216 -54.84 -42.67 -35.80
N HIS E 2217 -56.16 -42.84 -35.63
CA HIS E 2217 -57.03 -41.78 -35.14
C HIS E 2217 -57.39 -41.97 -33.67
N LEU E 2218 -56.61 -42.78 -32.95
CA LEU E 2218 -56.93 -43.06 -31.54
C LEU E 2218 -56.85 -41.80 -30.69
N SER E 2219 -55.87 -40.93 -30.96
CA SER E 2219 -55.66 -39.75 -30.14
C SER E 2219 -56.87 -38.82 -30.16
N TYR E 2220 -57.39 -38.53 -31.35
CA TYR E 2220 -58.53 -37.61 -31.45
C TYR E 2220 -59.80 -38.27 -30.90
N LEU E 2221 -59.97 -39.56 -31.18
CA LEU E 2221 -61.14 -40.27 -30.66
C LEU E 2221 -61.13 -40.29 -29.13
N LEU E 2222 -59.97 -40.54 -28.53
CA LEU E 2222 -59.87 -40.50 -27.08
C LEU E 2222 -60.07 -39.09 -26.55
N GLU E 2223 -59.66 -38.07 -27.33
CA GLU E 2223 -59.91 -36.69 -26.94
C GLU E 2223 -61.41 -36.40 -26.90
N ASN E 2224 -62.15 -36.92 -27.87
CA ASN E 2224 -63.60 -36.73 -27.95
C ASN E 2224 -64.38 -37.92 -27.39
N SER E 2225 -63.76 -38.71 -26.52
CA SER E 2225 -64.43 -39.89 -25.96
C SER E 2225 -65.62 -39.54 -25.07
N SER E 2226 -65.73 -38.29 -24.64
CA SER E 2226 -66.79 -37.89 -23.71
C SER E 2226 -68.04 -37.36 -24.41
N VAL E 2227 -68.24 -37.68 -25.69
CA VAL E 2227 -69.34 -37.12 -26.46
C VAL E 2227 -70.67 -37.68 -25.99
N GLY E 2228 -70.84 -39.01 -26.09
CA GLY E 2228 -72.14 -39.61 -25.81
C GLY E 2228 -72.10 -40.79 -24.87
N LEU E 2229 -71.12 -40.80 -23.96
CA LEU E 2229 -71.01 -41.89 -23.00
C LEU E 2229 -72.17 -41.92 -22.00
N ALA E 2230 -72.62 -40.76 -21.52
CA ALA E 2230 -73.62 -40.72 -20.48
C ALA E 2230 -74.97 -41.23 -20.98
N SER E 2231 -75.37 -40.83 -22.18
CA SER E 2231 -76.68 -41.18 -22.68
C SER E 2231 -76.69 -42.64 -23.14
N PRO E 2232 -77.54 -43.49 -22.55
CA PRO E 2232 -77.65 -44.88 -23.03
C PRO E 2232 -78.39 -44.96 -24.35
N ALA E 2233 -78.54 -46.18 -24.88
CA ALA E 2233 -79.08 -46.44 -26.21
C ALA E 2233 -78.13 -45.93 -27.29
N MET E 2234 -77.04 -45.29 -26.86
CA MET E 2234 -75.93 -44.94 -27.73
C MET E 2234 -74.76 -45.93 -27.58
N ARG E 2235 -74.98 -47.04 -26.86
CA ARG E 2235 -73.90 -47.99 -26.58
C ARG E 2235 -73.42 -48.65 -27.86
N GLY E 2236 -72.11 -48.66 -28.07
CA GLY E 2236 -71.54 -49.14 -29.32
C GLY E 2236 -71.47 -48.10 -30.44
N SER E 2237 -71.95 -46.88 -30.20
CA SER E 2237 -71.92 -45.83 -31.21
C SER E 2237 -71.30 -44.55 -30.69
N THR E 2238 -70.31 -44.64 -29.80
CA THR E 2238 -69.56 -43.48 -29.34
C THR E 2238 -68.14 -43.54 -29.88
N PRO E 2239 -67.44 -42.41 -29.95
CA PRO E 2239 -66.02 -42.46 -30.38
C PRO E 2239 -65.17 -43.36 -29.50
N LEU E 2240 -65.52 -43.47 -28.22
CA LEU E 2240 -64.84 -44.44 -27.36
C LEU E 2240 -65.08 -45.86 -27.84
N ASP E 2241 -66.30 -46.15 -28.32
CA ASP E 2241 -66.56 -47.47 -28.90
C ASP E 2241 -65.76 -47.69 -30.17
N VAL E 2242 -65.58 -46.65 -30.98
CA VAL E 2242 -64.74 -46.78 -32.17
C VAL E 2242 -63.30 -47.09 -31.78
N ALA E 2243 -62.80 -46.41 -30.75
CA ALA E 2243 -61.45 -46.69 -30.26
C ALA E 2243 -61.35 -48.13 -29.75
N ALA E 2244 -62.35 -48.58 -29.00
CA ALA E 2244 -62.35 -49.94 -28.48
C ALA E 2244 -62.36 -50.96 -29.62
N ALA E 2245 -63.17 -50.71 -30.66
CA ALA E 2245 -63.20 -51.59 -31.82
C ALA E 2245 -61.89 -51.57 -32.60
N SER E 2246 -61.21 -50.43 -32.68
CA SER E 2246 -59.90 -50.38 -33.33
C SER E 2246 -58.88 -51.19 -32.56
N VAL E 2247 -58.89 -51.11 -31.23
CA VAL E 2247 -57.94 -51.86 -30.41
C VAL E 2247 -58.46 -53.23 -30.01
N MET E 2248 -59.58 -53.67 -30.58
CA MET E 2248 -60.24 -54.90 -30.14
C MET E 2248 -59.60 -56.15 -30.72
N ASP E 2249 -59.17 -57.06 -29.83
CA ASP E 2249 -58.68 -58.39 -30.21
C ASP E 2249 -57.57 -58.30 -31.26
N ASN E 2250 -56.65 -57.37 -31.06
CA ASN E 2250 -55.51 -57.19 -31.94
C ASN E 2250 -54.29 -56.99 -31.05
N ASN E 2251 -53.49 -58.05 -30.86
CA ASN E 2251 -52.32 -57.95 -30.01
C ASN E 2251 -51.32 -56.93 -30.54
N GLU E 2252 -51.19 -56.84 -31.86
CA GLU E 2252 -50.25 -55.90 -32.46
C GLU E 2252 -50.62 -54.46 -32.09
N LEU E 2253 -51.88 -54.08 -32.30
CA LEU E 2253 -52.34 -52.74 -31.94
C LEU E 2253 -52.34 -52.51 -30.44
N ALA E 2254 -52.68 -53.53 -29.64
CA ALA E 2254 -52.63 -53.38 -28.20
C ALA E 2254 -51.21 -53.11 -27.71
N LEU E 2255 -50.23 -53.81 -28.28
CA LEU E 2255 -48.84 -53.59 -27.91
C LEU E 2255 -48.33 -52.24 -28.41
N ALA E 2256 -48.76 -51.83 -29.62
CA ALA E 2256 -48.33 -50.54 -30.15
C ALA E 2256 -49.00 -49.38 -29.43
N LEU E 2257 -50.10 -49.64 -28.73
CA LEU E 2257 -50.78 -48.60 -27.96
C LEU E 2257 -49.84 -47.99 -26.94
N ARG E 2258 -49.81 -46.66 -26.88
CA ARG E 2258 -48.83 -45.93 -26.09
C ARG E 2258 -49.36 -45.68 -24.67
N GLU E 2259 -48.47 -45.15 -23.82
CA GLU E 2259 -48.77 -44.87 -22.43
C GLU E 2259 -49.59 -43.59 -22.24
N PRO E 2260 -49.28 -42.49 -22.94
CA PRO E 2260 -50.15 -41.30 -22.80
C PRO E 2260 -51.60 -41.54 -23.19
N ASP E 2261 -51.84 -42.44 -24.14
CA ASP E 2261 -53.20 -42.79 -24.51
C ASP E 2261 -53.94 -43.40 -23.32
N LEU E 2262 -53.27 -44.30 -22.58
CA LEU E 2262 -53.84 -44.82 -21.35
C LEU E 2262 -53.98 -43.75 -20.28
N GLU E 2263 -53.02 -42.83 -20.19
CA GLU E 2263 -53.08 -41.76 -19.20
C GLU E 2263 -54.29 -40.87 -19.40
N LYS E 2264 -54.65 -40.59 -20.67
CA LYS E 2264 -55.82 -39.77 -20.94
C LYS E 2264 -57.09 -40.42 -20.39
N VAL E 2265 -57.24 -41.72 -20.64
CA VAL E 2265 -58.40 -42.45 -20.13
C VAL E 2265 -58.38 -42.49 -18.61
N VAL E 2266 -57.19 -42.63 -18.02
CA VAL E 2266 -57.08 -42.65 -16.57
C VAL E 2266 -57.52 -41.31 -15.98
N ARG E 2267 -57.11 -40.20 -16.59
CA ARG E 2267 -57.55 -38.90 -16.12
C ARG E 2267 -59.05 -38.72 -16.27
N TYR E 2268 -59.62 -39.19 -17.39
CA TYR E 2268 -61.07 -39.13 -17.55
C TYR E 2268 -61.79 -39.92 -16.46
N LEU E 2269 -61.29 -41.12 -16.16
CA LEU E 2269 -61.89 -41.93 -15.10
C LEU E 2269 -61.76 -41.28 -13.74
N ALA E 2270 -60.61 -40.65 -13.46
CA ALA E 2270 -60.43 -39.95 -12.19
C ALA E 2270 -61.40 -38.79 -12.06
N GLY E 2271 -61.56 -38.01 -13.13
CA GLY E 2271 -62.52 -36.92 -13.10
C GLY E 2271 -63.95 -37.43 -12.91
N CYS E 2272 -64.29 -38.53 -13.57
CA CYS E 2272 -65.60 -39.12 -13.44
C CYS E 2272 -65.86 -39.68 -12.04
N GLY E 2273 -64.83 -40.19 -11.37
CA GLY E 2273 -64.98 -40.67 -10.01
C GLY E 2273 -65.06 -39.54 -9.00
N LEU E 2274 -64.34 -38.44 -9.27
CA LEU E 2274 -64.39 -37.31 -8.36
C LEU E 2274 -65.71 -36.56 -8.46
N GLN E 2275 -66.16 -36.28 -9.68
CA GLN E 2275 -67.31 -35.43 -9.91
C GLN E 2275 -68.54 -36.25 -10.27
N SER E 2276 -69.71 -35.60 -10.19
CA SER E 2276 -70.97 -36.20 -10.57
C SER E 2276 -71.32 -35.85 -12.00
N CYS E 2277 -72.29 -36.55 -12.56
CA CYS E 2277 -72.75 -36.27 -13.91
C CYS E 2277 -73.62 -35.01 -13.93
N GLN E 2278 -73.39 -34.17 -14.92
CA GLN E 2278 -74.16 -32.92 -15.02
C GLN E 2278 -75.52 -33.13 -15.68
N MET E 2279 -75.57 -33.90 -16.77
CA MET E 2279 -76.85 -34.08 -17.45
C MET E 2279 -77.84 -34.88 -16.61
N LEU E 2280 -77.36 -35.85 -15.81
CA LEU E 2280 -78.28 -36.63 -14.99
C LEU E 2280 -78.93 -35.76 -13.92
N VAL E 2281 -78.13 -34.94 -13.22
CA VAL E 2281 -78.69 -34.06 -12.21
C VAL E 2281 -79.55 -32.98 -12.86
N SER E 2282 -79.22 -32.58 -14.09
CA SER E 2282 -80.09 -31.65 -14.82
C SER E 2282 -81.42 -32.27 -15.19
N LYS E 2283 -81.45 -33.54 -15.56
CA LYS E 2283 -82.68 -34.27 -15.85
C LYS E 2283 -83.41 -34.70 -14.59
N GLY E 2284 -82.77 -34.57 -13.42
CA GLY E 2284 -83.43 -34.80 -12.16
C GLY E 2284 -82.92 -35.98 -11.35
N TYR E 2285 -81.90 -36.68 -11.80
CA TYR E 2285 -81.39 -37.81 -11.06
C TYR E 2285 -80.75 -37.34 -9.76
N PRO E 2286 -80.82 -38.15 -8.70
CA PRO E 2286 -80.17 -37.77 -7.43
C PRO E 2286 -78.67 -37.63 -7.62
N ASP E 2287 -78.10 -36.64 -6.93
CA ASP E 2287 -76.71 -36.24 -7.11
C ASP E 2287 -75.83 -36.99 -6.12
N ILE E 2288 -75.36 -38.16 -6.54
CA ILE E 2288 -74.30 -38.84 -5.81
C ILE E 2288 -72.96 -38.18 -6.14
N GLY E 2289 -71.93 -38.55 -5.38
CA GLY E 2289 -70.64 -37.91 -5.55
C GLY E 2289 -69.99 -38.22 -6.89
N TRP E 2290 -70.19 -39.43 -7.40
CA TRP E 2290 -69.42 -39.92 -8.53
C TRP E 2290 -70.33 -40.30 -9.70
N ASN E 2291 -69.70 -40.76 -10.79
CA ASN E 2291 -70.35 -40.93 -12.08
C ASN E 2291 -70.21 -42.36 -12.61
N PRO E 2292 -71.11 -43.26 -12.21
CA PRO E 2292 -70.95 -44.67 -12.63
C PRO E 2292 -71.12 -44.90 -14.11
N VAL E 2293 -72.10 -44.23 -14.73
CA VAL E 2293 -72.38 -44.47 -16.15
C VAL E 2293 -71.19 -44.07 -17.01
N GLU E 2294 -70.62 -42.90 -16.73
CA GLU E 2294 -69.38 -42.50 -17.42
C GLU E 2294 -68.22 -43.42 -17.07
N GLY E 2295 -68.09 -43.81 -15.80
CA GLY E 2295 -66.94 -44.60 -15.40
C GLY E 2295 -66.89 -45.97 -16.06
N GLU E 2296 -68.05 -46.61 -16.21
CA GLU E 2296 -68.09 -47.96 -16.78
C GLU E 2296 -67.59 -47.97 -18.23
N ARG E 2297 -68.00 -46.97 -19.01
CA ARG E 2297 -67.59 -46.93 -20.41
C ARG E 2297 -66.07 -46.79 -20.54
N TYR E 2298 -65.47 -45.92 -19.71
CA TYR E 2298 -64.03 -45.80 -19.68
C TYR E 2298 -63.34 -47.08 -19.20
N LEU E 2299 -63.94 -47.76 -18.23
CA LEU E 2299 -63.35 -49.02 -17.75
C LEU E 2299 -63.37 -50.09 -18.82
N ASP E 2300 -64.40 -50.12 -19.67
CA ASP E 2300 -64.46 -51.12 -20.72
C ASP E 2300 -63.31 -50.97 -21.70
N PHE E 2301 -62.97 -49.74 -22.07
CA PHE E 2301 -61.85 -49.51 -22.98
C PHE E 2301 -60.54 -49.96 -22.37
N LEU E 2302 -60.35 -49.68 -21.07
CA LEU E 2302 -59.13 -50.14 -20.39
C LEU E 2302 -59.07 -51.66 -20.34
N ARG E 2303 -60.21 -52.32 -20.09
CA ARG E 2303 -60.27 -53.78 -20.16
C ARG E 2303 -59.87 -54.31 -21.53
N PHE E 2304 -60.42 -53.73 -22.60
CA PHE E 2304 -60.07 -54.14 -23.95
C PHE E 2304 -58.61 -53.88 -24.29
N ALA E 2305 -58.01 -52.83 -23.71
CA ALA E 2305 -56.61 -52.54 -23.96
C ALA E 2305 -55.69 -53.50 -23.22
N VAL E 2306 -56.03 -53.84 -21.98
CA VAL E 2306 -55.12 -54.66 -21.17
C VAL E 2306 -55.28 -56.13 -21.49
N PHE E 2307 -56.46 -56.55 -21.91
CA PHE E 2307 -56.78 -57.97 -22.09
C PHE E 2307 -57.14 -58.21 -23.54
N CYS E 2308 -56.47 -59.18 -24.18
CA CYS E 2308 -56.71 -59.47 -25.58
C CYS E 2308 -56.48 -60.95 -25.86
N ASN E 2309 -57.47 -61.57 -26.52
CA ASN E 2309 -57.38 -62.96 -27.00
C ASN E 2309 -57.15 -63.95 -25.86
N GLY E 2310 -57.72 -63.67 -24.68
CA GLY E 2310 -57.66 -64.62 -23.58
C GLY E 2310 -56.43 -64.44 -22.70
N GLU E 2311 -55.41 -63.77 -23.22
CA GLU E 2311 -54.17 -63.58 -22.48
C GLU E 2311 -53.99 -62.10 -22.16
N SER E 2312 -53.46 -61.80 -20.98
CA SER E 2312 -53.38 -60.44 -20.46
C SER E 2312 -52.09 -59.79 -20.93
N VAL E 2313 -52.22 -58.67 -21.64
CA VAL E 2313 -51.06 -57.92 -22.11
C VAL E 2313 -50.38 -57.30 -20.90
N GLU E 2314 -49.22 -57.84 -20.53
CA GLU E 2314 -48.54 -57.43 -19.30
C GLU E 2314 -48.09 -55.98 -19.36
N GLU E 2315 -47.56 -55.54 -20.50
CA GLU E 2315 -47.07 -54.16 -20.63
C GLU E 2315 -48.20 -53.16 -20.44
N ASN E 2316 -49.36 -53.40 -21.06
CA ASN E 2316 -50.50 -52.51 -20.91
C ASN E 2316 -51.24 -52.71 -19.60
N ALA E 2317 -51.01 -53.82 -18.90
CA ALA E 2317 -51.65 -54.03 -17.61
C ALA E 2317 -50.89 -53.34 -16.48
N ASN E 2318 -49.54 -53.41 -16.51
CA ASN E 2318 -48.74 -52.76 -15.49
C ASN E 2318 -48.92 -51.25 -15.51
N VAL E 2319 -48.95 -50.64 -16.69
CA VAL E 2319 -49.12 -49.20 -16.79
C VAL E 2319 -50.47 -48.79 -16.24
N VAL E 2320 -51.52 -49.54 -16.60
CA VAL E 2320 -52.87 -49.21 -16.14
C VAL E 2320 -52.97 -49.32 -14.63
N VAL E 2321 -52.42 -50.41 -14.06
CA VAL E 2321 -52.53 -50.56 -12.61
C VAL E 2321 -51.74 -49.47 -11.90
N ARG E 2322 -50.55 -49.12 -12.42
CA ARG E 2322 -49.80 -48.03 -11.82
C ARG E 2322 -50.54 -46.71 -11.89
N LEU E 2323 -51.19 -46.40 -13.02
CA LEU E 2323 -51.88 -45.13 -13.13
C LEU E 2323 -53.10 -45.07 -12.21
N LEU E 2324 -53.93 -46.13 -12.23
CA LEU E 2324 -55.10 -46.17 -11.35
C LEU E 2324 -54.71 -46.24 -9.88
N ILE E 2325 -53.48 -46.63 -9.55
CA ILE E 2325 -53.09 -46.62 -8.15
C ILE E 2325 -52.41 -45.32 -7.77
N ARG E 2326 -51.79 -44.62 -8.74
CA ARG E 2326 -51.33 -43.26 -8.48
C ARG E 2326 -52.51 -42.34 -8.23
N ARG E 2327 -53.60 -42.51 -8.99
CA ARG E 2327 -54.82 -41.76 -8.77
C ARG E 2327 -55.89 -42.69 -8.21
N PRO E 2328 -55.96 -42.87 -6.89
CA PRO E 2328 -56.87 -43.88 -6.32
C PRO E 2328 -58.33 -43.51 -6.35
N GLU E 2329 -58.68 -42.28 -6.70
CA GLU E 2329 -60.10 -41.91 -6.76
C GLU E 2329 -60.81 -42.60 -7.92
N CYS E 2330 -60.05 -43.20 -8.84
CA CYS E 2330 -60.63 -43.97 -9.93
C CYS E 2330 -61.37 -45.21 -9.45
N PHE E 2331 -61.15 -45.64 -8.22
CA PHE E 2331 -61.65 -46.91 -7.73
C PHE E 2331 -63.05 -46.82 -7.13
N GLY E 2332 -63.67 -45.63 -7.17
CA GLY E 2332 -64.96 -45.43 -6.57
C GLY E 2332 -64.84 -45.01 -5.12
N PRO E 2333 -65.90 -44.38 -4.58
CA PRO E 2333 -65.84 -43.95 -3.17
C PRO E 2333 -65.66 -45.08 -2.19
N ALA E 2334 -66.22 -46.25 -2.48
CA ALA E 2334 -66.15 -47.37 -1.54
C ALA E 2334 -64.72 -47.90 -1.41
N LEU E 2335 -64.05 -48.12 -2.54
CA LEU E 2335 -62.69 -48.64 -2.57
C LEU E 2335 -61.65 -47.53 -2.54
N ARG E 2336 -62.07 -46.27 -2.43
CA ARG E 2336 -61.13 -45.16 -2.39
C ARG E 2336 -60.23 -45.24 -1.18
N GLY E 2337 -60.79 -45.54 -0.01
CA GLY E 2337 -60.00 -45.87 1.17
C GLY E 2337 -59.75 -44.77 2.17
N GLU E 2338 -60.42 -43.61 2.06
CA GLU E 2338 -60.27 -42.57 3.07
C GLU E 2338 -61.43 -42.66 4.07
N GLY E 2339 -61.94 -43.89 4.19
CA GLY E 2339 -63.12 -44.14 4.99
C GLY E 2339 -64.26 -44.78 4.22
N GLY E 2340 -63.98 -45.33 3.05
CA GLY E 2340 -65.01 -46.00 2.30
C GLY E 2340 -65.49 -47.26 3.01
N ASN E 2341 -66.78 -47.57 2.85
CA ASN E 2341 -67.37 -48.71 3.53
C ASN E 2341 -66.74 -50.02 3.06
N GLY E 2342 -66.50 -50.15 1.76
CA GLY E 2342 -65.94 -51.37 1.21
C GLY E 2342 -66.71 -51.88 0.01
N LEU E 2343 -66.13 -52.83 -0.72
CA LEU E 2343 -66.75 -53.34 -1.93
C LEU E 2343 -68.08 -54.02 -1.61
N LEU E 2344 -68.08 -54.92 -0.61
CA LEU E 2344 -69.30 -55.61 -0.24
C LEU E 2344 -70.36 -54.65 0.30
N ALA E 2345 -69.96 -53.74 1.18
CA ALA E 2345 -70.91 -52.80 1.76
C ALA E 2345 -71.54 -51.93 0.68
N ALA E 2346 -70.72 -51.47 -0.28
CA ALA E 2346 -71.27 -50.74 -1.42
C ALA E 2346 -72.17 -51.63 -2.26
N MET E 2347 -71.88 -52.93 -2.31
CA MET E 2347 -72.71 -53.85 -3.08
C MET E 2347 -74.12 -53.90 -2.52
N GLU E 2348 -74.26 -54.14 -1.20
CA GLU E 2348 -75.61 -54.13 -0.64
C GLU E 2348 -76.21 -52.72 -0.60
N GLU E 2349 -75.39 -51.67 -0.51
CA GLU E 2349 -75.93 -50.32 -0.56
C GLU E 2349 -76.57 -50.05 -1.93
N ALA E 2350 -75.91 -50.50 -3.00
CA ALA E 2350 -76.50 -50.38 -4.32
C ALA E 2350 -77.72 -51.27 -4.49
N ILE E 2351 -77.75 -52.42 -3.82
CA ILE E 2351 -79.00 -53.18 -3.73
C ILE E 2351 -80.11 -52.32 -3.13
N LYS E 2352 -79.82 -51.66 -2.01
CA LYS E 2352 -80.79 -50.79 -1.34
C LYS E 2352 -81.29 -49.71 -2.28
N ILE E 2353 -80.36 -49.06 -2.99
CA ILE E 2353 -80.71 -48.02 -3.95
C ILE E 2353 -81.57 -48.59 -5.08
N ALA E 2354 -81.27 -49.80 -5.52
CA ALA E 2354 -82.04 -50.48 -6.56
C ALA E 2354 -83.48 -50.74 -6.13
N GLU E 2355 -83.71 -51.20 -4.91
CA GLU E 2355 -85.10 -51.32 -4.45
C GLU E 2355 -85.78 -49.99 -4.21
N ASP E 2356 -85.05 -48.98 -3.71
CA ASP E 2356 -85.70 -47.70 -3.45
C ASP E 2356 -85.93 -46.96 -4.76
N PRO E 2357 -87.18 -46.56 -5.06
CA PRO E 2357 -87.44 -45.87 -6.34
C PRO E 2357 -86.86 -44.47 -6.40
N SER E 2358 -86.87 -43.76 -5.26
CA SER E 2358 -86.43 -42.37 -5.24
C SER E 2358 -84.95 -42.25 -5.57
N ARG E 2359 -84.12 -43.12 -4.97
CA ARG E 2359 -82.68 -43.05 -5.20
C ARG E 2359 -82.31 -43.60 -6.57
N ASP E 2360 -83.19 -44.41 -7.17
CA ASP E 2360 -82.87 -45.06 -8.43
C ASP E 2360 -83.24 -44.19 -9.63
N GLY E 2361 -84.49 -43.78 -9.72
CA GLY E 2361 -84.94 -42.94 -10.81
C GLY E 2361 -84.82 -41.47 -10.49
N PRO E 2362 -84.94 -40.62 -11.52
CA PRO E 2362 -84.86 -39.17 -11.30
C PRO E 2362 -85.94 -38.66 -10.36
N SER E 2363 -87.15 -39.20 -10.45
CA SER E 2363 -88.29 -38.78 -9.63
C SER E 2363 -88.50 -37.26 -9.69
N PRO E 2364 -88.98 -36.72 -10.82
CA PRO E 2364 -89.18 -35.28 -10.99
C PRO E 2364 -90.23 -34.72 -10.03
N GLU E 2377 -86.89 -46.07 -21.36
CA GLU E 2377 -86.57 -47.34 -20.71
C GLU E 2377 -85.37 -47.19 -19.79
N GLU E 2378 -84.36 -48.04 -19.97
CA GLU E 2378 -83.17 -47.98 -19.13
C GLU E 2378 -82.39 -46.69 -19.37
N ASP E 2379 -82.66 -46.02 -20.49
CA ASP E 2379 -82.04 -44.71 -20.73
C ASP E 2379 -82.86 -43.60 -20.10
N ASP E 2380 -84.20 -43.69 -20.17
CA ASP E 2380 -85.04 -42.72 -19.50
C ASP E 2380 -85.08 -42.94 -17.99
N THR E 2381 -84.92 -44.20 -17.56
CA THR E 2381 -85.00 -44.59 -16.17
C THR E 2381 -83.69 -45.23 -15.72
N ILE E 2382 -82.57 -44.57 -16.02
CA ILE E 2382 -81.24 -45.08 -15.67
C ILE E 2382 -81.22 -45.47 -14.20
N HIS E 2383 -81.03 -46.75 -13.94
CA HIS E 2383 -81.14 -47.29 -12.59
C HIS E 2383 -79.81 -47.07 -11.87
N MET E 2384 -79.80 -46.12 -10.95
CA MET E 2384 -78.56 -45.70 -10.29
C MET E 2384 -77.90 -46.87 -9.58
N GLY E 2385 -78.70 -47.73 -8.94
CA GLY E 2385 -78.15 -48.93 -8.33
C GLY E 2385 -77.42 -49.80 -9.34
N ASN E 2386 -78.11 -50.18 -10.42
CA ASN E 2386 -77.49 -51.03 -11.43
C ASN E 2386 -76.24 -50.37 -12.02
N ALA E 2387 -76.26 -49.04 -12.15
CA ALA E 2387 -75.09 -48.33 -12.68
C ALA E 2387 -73.90 -48.46 -11.73
N ILE E 2388 -74.12 -48.24 -10.43
CA ILE E 2388 -73.06 -48.40 -9.44
C ILE E 2388 -72.53 -49.83 -9.49
N MET E 2389 -73.45 -50.79 -9.56
CA MET E 2389 -73.12 -52.20 -9.51
C MET E 2389 -72.30 -52.61 -10.74
N THR E 2390 -72.70 -52.11 -11.90
CA THR E 2390 -71.96 -52.39 -13.13
C THR E 2390 -70.59 -51.74 -13.11
N PHE E 2391 -70.49 -50.52 -12.56
CA PHE E 2391 -69.20 -49.88 -12.41
C PHE E 2391 -68.26 -50.72 -11.56
N TYR E 2392 -68.74 -51.19 -10.41
CA TYR E 2392 -67.88 -51.98 -9.53
C TYR E 2392 -67.52 -53.32 -10.19
N SER E 2393 -68.46 -53.94 -10.89
CA SER E 2393 -68.16 -55.18 -11.60
C SER E 2393 -67.11 -54.95 -12.68
N ALA E 2394 -67.23 -53.85 -13.43
CA ALA E 2394 -66.25 -53.52 -14.45
C ALA E 2394 -64.87 -53.26 -13.87
N LEU E 2395 -64.81 -52.55 -12.74
CA LEU E 2395 -63.52 -52.30 -12.10
C LEU E 2395 -62.89 -53.62 -11.64
N ILE E 2396 -63.69 -54.49 -11.04
CA ILE E 2396 -63.19 -55.78 -10.57
C ILE E 2396 -62.70 -56.61 -11.76
N ASP E 2397 -63.46 -56.61 -12.85
CA ASP E 2397 -63.06 -57.35 -14.04
C ASP E 2397 -61.76 -56.80 -14.63
N LEU E 2398 -61.63 -55.47 -14.68
CA LEU E 2398 -60.41 -54.87 -15.21
C LEU E 2398 -59.21 -55.24 -14.36
N LEU E 2399 -59.35 -55.21 -13.03
CA LEU E 2399 -58.25 -55.60 -12.16
C LEU E 2399 -57.88 -57.07 -12.36
N GLY E 2400 -58.90 -57.93 -12.42
CA GLY E 2400 -58.63 -59.36 -12.60
C GLY E 2400 -57.96 -59.65 -13.94
N ARG E 2401 -58.35 -58.94 -14.98
CA ARG E 2401 -57.71 -59.11 -16.28
C ARG E 2401 -56.29 -58.55 -16.28
N CYS E 2402 -56.07 -57.47 -15.52
CA CYS E 2402 -54.72 -56.92 -15.38
C CYS E 2402 -53.83 -57.82 -14.54
N ALA E 2403 -54.42 -58.76 -13.79
CA ALA E 2403 -53.61 -59.69 -13.01
C ALA E 2403 -52.70 -60.52 -13.92
N PRO E 2404 -51.47 -60.79 -13.50
CA PRO E 2404 -50.55 -61.54 -14.37
C PRO E 2404 -50.93 -63.02 -14.46
N GLU E 2405 -50.35 -63.68 -15.46
CA GLU E 2405 -50.62 -65.10 -15.67
C GLU E 2405 -49.92 -65.96 -14.63
N MET E 2406 -50.34 -67.24 -14.56
CA MET E 2406 -49.79 -68.15 -13.56
C MET E 2406 -48.35 -68.55 -13.88
N HIS E 2407 -47.98 -68.55 -15.16
CA HIS E 2407 -46.64 -68.98 -15.53
C HIS E 2407 -45.58 -67.97 -15.11
N LEU E 2408 -45.91 -66.67 -15.17
CA LEU E 2408 -44.99 -65.65 -14.67
C LEU E 2408 -44.77 -65.77 -13.17
N ILE E 2409 -45.82 -66.07 -12.40
CA ILE E 2409 -45.66 -66.27 -10.97
C ILE E 2409 -44.86 -67.54 -10.69
N HIS E 2410 -45.05 -68.59 -11.49
CA HIS E 2410 -44.19 -69.77 -11.34
C HIS E 2410 -42.73 -69.42 -11.59
N ALA E 2411 -42.47 -68.66 -12.65
CA ALA E 2411 -41.10 -68.23 -12.95
C ALA E 2411 -40.55 -67.33 -11.86
N GLY E 2412 -41.43 -66.67 -11.10
CA GLY E 2412 -41.00 -65.82 -10.02
C GLY E 2412 -40.68 -64.39 -10.41
N LYS E 2413 -41.33 -63.86 -11.44
CA LYS E 2413 -41.06 -62.49 -11.86
C LYS E 2413 -41.44 -61.52 -10.76
N GLY E 2414 -40.48 -60.70 -10.35
CA GLY E 2414 -40.70 -59.80 -9.23
C GLY E 2414 -41.82 -58.82 -9.49
N GLU E 2415 -41.87 -58.27 -10.71
CA GLU E 2415 -42.93 -57.32 -11.05
C GLU E 2415 -44.30 -57.98 -11.02
N ALA E 2416 -44.40 -59.21 -11.54
CA ALA E 2416 -45.69 -59.91 -11.53
C ALA E 2416 -46.14 -60.21 -10.11
N ILE E 2417 -45.22 -60.69 -9.27
CA ILE E 2417 -45.56 -60.97 -7.88
C ILE E 2417 -46.00 -59.68 -7.17
N ARG E 2418 -45.28 -58.59 -7.45
CA ARG E 2418 -45.64 -57.29 -6.89
C ARG E 2418 -47.02 -56.85 -7.30
N ILE E 2419 -47.35 -56.99 -8.59
CA ILE E 2419 -48.66 -56.56 -9.08
C ILE E 2419 -49.76 -57.39 -8.45
N ARG E 2420 -49.54 -58.70 -8.34
CA ARG E 2420 -50.51 -59.56 -7.66
C ARG E 2420 -50.70 -59.19 -6.20
N SER E 2421 -49.62 -58.89 -5.49
CA SER E 2421 -49.74 -58.47 -4.09
C SER E 2421 -50.50 -57.15 -3.98
N ILE E 2422 -50.23 -56.20 -4.87
CA ILE E 2422 -50.98 -54.93 -4.87
C ILE E 2422 -52.45 -55.19 -5.12
N LEU E 2423 -52.77 -56.07 -6.07
CA LEU E 2423 -54.17 -56.35 -6.37
C LEU E 2423 -54.88 -56.98 -5.17
N ARG E 2424 -54.20 -57.90 -4.48
CA ARG E 2424 -54.80 -58.47 -3.27
C ARG E 2424 -54.96 -57.43 -2.18
N SER E 2425 -54.06 -56.44 -2.12
CA SER E 2425 -54.23 -55.34 -1.17
C SER E 2425 -55.45 -54.51 -1.53
N LEU E 2426 -55.65 -54.25 -2.82
CA LEU E 2426 -56.83 -53.50 -3.27
C LEU E 2426 -58.13 -54.22 -2.92
N ILE E 2427 -58.18 -55.52 -3.16
CA ILE E 2427 -59.42 -56.27 -2.99
C ILE E 2427 -59.20 -57.33 -1.92
N PRO E 2428 -59.81 -57.20 -0.74
CA PRO E 2428 -59.74 -58.29 0.25
C PRO E 2428 -60.52 -59.51 -0.24
N LEU E 2429 -60.07 -60.68 0.22
CA LEU E 2429 -60.74 -61.93 -0.15
C LEU E 2429 -62.15 -61.99 0.42
N GLY E 2430 -62.33 -61.50 1.65
CA GLY E 2430 -63.62 -61.58 2.30
C GLY E 2430 -64.70 -60.82 1.56
N ASP E 2431 -64.36 -59.66 0.99
CA ASP E 2431 -65.32 -58.91 0.20
C ASP E 2431 -65.75 -59.70 -1.04
N LEU E 2432 -64.78 -60.32 -1.73
CA LEU E 2432 -65.11 -61.17 -2.86
C LEU E 2432 -66.05 -62.29 -2.46
N VAL E 2433 -65.75 -62.98 -1.35
CA VAL E 2433 -66.57 -64.08 -0.90
C VAL E 2433 -67.98 -63.59 -0.54
N GLY E 2434 -68.09 -62.43 0.10
CA GLY E 2434 -69.41 -61.92 0.44
C GLY E 2434 -70.24 -61.56 -0.77
N VAL E 2435 -69.63 -60.88 -1.73
CA VAL E 2435 -70.36 -60.50 -2.95
C VAL E 2435 -70.79 -61.75 -3.71
N ILE E 2436 -69.95 -62.79 -3.71
CA ILE E 2436 -70.37 -64.06 -4.30
C ILE E 2436 -71.51 -64.67 -3.49
N SER E 2437 -71.49 -64.48 -2.18
CA SER E 2437 -72.51 -65.07 -1.32
C SER E 2437 -73.86 -64.41 -1.52
N ILE E 2438 -73.88 -63.14 -1.93
CA ILE E 2438 -75.15 -62.48 -2.22
C ILE E 2438 -75.88 -63.24 -3.32
N ALA E 2439 -77.18 -63.45 -3.13
CA ALA E 2439 -78.00 -64.25 -4.02
C ALA E 2439 -78.93 -63.37 -4.85
N PHE E 2440 -79.69 -64.03 -5.72
CA PHE E 2440 -80.60 -63.38 -6.65
C PHE E 2440 -82.05 -63.53 -6.19
N GLN E 2441 -82.93 -62.70 -6.75
CA GLN E 2441 -84.36 -62.94 -6.62
C GLN E 2441 -84.88 -63.53 -7.92
N MET E 2442 -85.61 -64.63 -7.81
CA MET E 2442 -85.94 -65.21 -9.11
C MET E 2442 -87.40 -64.97 -9.45
N PRO E 2443 -87.72 -64.95 -10.75
CA PRO E 2443 -89.11 -64.77 -11.16
C PRO E 2443 -89.97 -65.91 -10.63
N THR E 2444 -91.21 -65.56 -10.26
CA THR E 2444 -92.18 -66.54 -9.82
C THR E 2444 -93.46 -66.37 -10.63
N ILE E 2445 -94.22 -67.45 -10.74
CA ILE E 2445 -95.50 -67.37 -11.44
C ILE E 2445 -96.50 -66.63 -10.57
N ALA E 2446 -97.15 -65.62 -11.14
CA ALA E 2446 -98.15 -64.87 -10.39
C ALA E 2446 -99.43 -65.70 -10.27
N LYS E 2447 -100.41 -65.14 -9.59
CA LYS E 2447 -101.59 -65.92 -9.24
C LYS E 2447 -102.45 -66.18 -10.47
N ASP E 2448 -102.42 -65.26 -11.44
CA ASP E 2448 -103.15 -65.47 -12.69
C ASP E 2448 -102.50 -66.55 -13.56
N GLY E 2449 -101.24 -66.89 -13.29
CA GLY E 2449 -100.51 -67.83 -14.10
C GLY E 2449 -99.40 -67.21 -14.93
N ASN E 2450 -99.15 -65.91 -14.78
CA ASN E 2450 -98.08 -65.21 -15.49
C ASN E 2450 -96.86 -65.12 -14.57
N VAL E 2451 -95.69 -65.49 -15.11
CA VAL E 2451 -94.46 -65.36 -14.33
C VAL E 2451 -94.05 -63.90 -14.29
N VAL E 2452 -94.04 -63.31 -13.10
CA VAL E 2452 -93.58 -61.94 -12.94
C VAL E 2452 -92.10 -61.90 -13.25
N GLU E 2453 -91.69 -60.97 -14.11
CA GLU E 2453 -90.31 -60.92 -14.57
C GLU E 2453 -89.62 -59.71 -13.97
N PRO E 2454 -88.83 -59.87 -12.91
CA PRO E 2454 -88.08 -58.73 -12.38
C PRO E 2454 -87.05 -58.23 -13.39
N ASP E 2455 -87.18 -56.96 -13.75
CA ASP E 2455 -86.28 -56.34 -14.71
C ASP E 2455 -84.86 -56.37 -14.18
N MET E 2456 -83.96 -57.02 -14.93
CA MET E 2456 -82.58 -57.15 -14.47
C MET E 2456 -81.77 -55.91 -14.81
N SER E 2457 -82.31 -55.00 -15.62
CA SER E 2457 -81.67 -53.72 -15.82
C SER E 2457 -81.77 -52.84 -14.60
N ALA E 2458 -82.63 -53.19 -13.64
CA ALA E 2458 -82.75 -52.47 -12.37
C ALA E 2458 -82.42 -53.34 -11.18
N GLY E 2459 -81.75 -54.48 -11.38
CA GLY E 2459 -81.46 -55.41 -10.31
C GLY E 2459 -80.11 -56.07 -10.48
N PHE E 2460 -79.72 -56.79 -9.43
CA PHE E 2460 -78.46 -57.52 -9.42
C PHE E 2460 -78.48 -58.65 -10.45
N CYS E 2461 -77.45 -58.69 -11.29
CA CYS E 2461 -77.39 -59.61 -12.41
C CYS E 2461 -76.21 -60.56 -12.29
N PRO E 2462 -76.32 -61.77 -12.86
CA PRO E 2462 -75.22 -62.73 -12.77
C PRO E 2462 -73.91 -62.26 -13.39
N ASP E 2463 -73.97 -61.36 -14.38
CA ASP E 2463 -72.75 -60.83 -14.96
C ASP E 2463 -71.94 -60.06 -13.93
N HIS E 2464 -72.62 -59.49 -12.92
CA HIS E 2464 -71.90 -58.80 -11.85
C HIS E 2464 -71.04 -59.76 -11.04
N LYS E 2465 -71.57 -60.95 -10.73
CA LYS E 2465 -70.77 -61.96 -10.05
C LYS E 2465 -69.76 -62.63 -10.96
N ALA E 2466 -69.97 -62.56 -12.28
CA ALA E 2466 -68.99 -63.13 -13.20
C ALA E 2466 -67.62 -62.47 -13.02
N ALA E 2467 -67.59 -61.13 -12.90
CA ALA E 2467 -66.35 -60.43 -12.65
C ALA E 2467 -65.76 -60.78 -11.28
N MET E 2468 -66.62 -60.94 -10.27
CA MET E 2468 -66.17 -61.35 -8.96
C MET E 2468 -65.43 -62.68 -9.03
N VAL E 2469 -66.03 -63.65 -9.73
CA VAL E 2469 -65.41 -64.96 -9.90
C VAL E 2469 -64.12 -64.88 -10.70
N LEU E 2470 -64.11 -64.05 -11.75
CA LEU E 2470 -62.89 -63.90 -12.55
C LEU E 2470 -61.75 -63.35 -11.71
N PHE E 2471 -62.01 -62.32 -10.92
CA PHE E 2471 -60.97 -61.80 -10.03
C PHE E 2471 -60.56 -62.84 -9.00
N LEU E 2472 -61.53 -63.60 -8.49
CA LEU E 2472 -61.22 -64.63 -7.49
C LEU E 2472 -60.26 -65.67 -8.05
N ASP E 2473 -60.50 -66.11 -9.29
CA ASP E 2473 -59.66 -67.18 -9.83
C ASP E 2473 -58.35 -66.65 -10.40
N ARG E 2474 -58.29 -65.38 -10.82
CA ARG E 2474 -57.08 -64.87 -11.44
C ARG E 2474 -56.12 -64.20 -10.45
N VAL E 2475 -56.63 -63.64 -9.35
CA VAL E 2475 -55.77 -62.91 -8.44
C VAL E 2475 -55.51 -63.75 -7.19
N TYR E 2476 -56.59 -64.04 -6.45
CA TYR E 2476 -56.43 -64.80 -5.21
C TYR E 2476 -56.17 -66.28 -5.50
N GLY E 2477 -56.91 -66.84 -6.46
CA GLY E 2477 -56.73 -68.24 -6.82
C GLY E 2477 -57.33 -69.18 -5.80
N ILE E 2478 -57.76 -70.37 -6.25
CA ILE E 2478 -58.29 -71.38 -5.34
C ILE E 2478 -57.19 -72.44 -5.22
N GLU E 2479 -56.41 -72.33 -4.15
CA GLU E 2479 -55.30 -73.23 -3.89
C GLU E 2479 -55.52 -74.11 -2.68
N VAL E 2480 -56.50 -73.79 -1.84
CA VAL E 2480 -56.76 -74.50 -0.59
C VAL E 2480 -58.04 -75.31 -0.76
N GLN E 2481 -58.00 -76.58 -0.38
CA GLN E 2481 -59.18 -77.43 -0.40
C GLN E 2481 -60.28 -76.91 0.52
N ASP E 2482 -59.91 -76.53 1.75
CA ASP E 2482 -60.88 -75.96 2.69
C ASP E 2482 -61.47 -74.67 2.15
N PHE E 2483 -60.64 -73.80 1.57
CA PHE E 2483 -61.14 -72.58 0.95
C PHE E 2483 -62.10 -72.89 -0.20
N LEU E 2484 -61.78 -73.91 -0.99
CA LEU E 2484 -62.64 -74.28 -2.11
C LEU E 2484 -64.03 -74.68 -1.62
N LEU E 2485 -64.09 -75.61 -0.66
CA LEU E 2485 -65.41 -76.03 -0.19
C LEU E 2485 -66.12 -74.91 0.58
N HIS E 2486 -65.38 -74.06 1.28
CA HIS E 2486 -66.02 -72.94 1.96
C HIS E 2486 -66.68 -71.99 0.97
N LEU E 2487 -65.94 -71.55 -0.06
CA LEU E 2487 -66.51 -70.64 -1.04
C LEU E 2487 -67.66 -71.31 -1.79
N LEU E 2488 -67.51 -72.58 -2.13
CA LEU E 2488 -68.59 -73.31 -2.78
C LEU E 2488 -69.84 -73.31 -1.93
N GLU E 2489 -69.73 -73.73 -0.67
CA GLU E 2489 -70.89 -73.83 0.21
C GLU E 2489 -71.54 -72.47 0.42
N VAL E 2490 -70.76 -71.41 0.60
CA VAL E 2490 -71.35 -70.12 0.90
C VAL E 2490 -72.04 -69.54 -0.33
N GLY E 2491 -71.40 -69.64 -1.51
CA GLY E 2491 -71.93 -68.89 -2.64
C GLY E 2491 -72.40 -69.64 -3.87
N PHE E 2492 -71.76 -70.77 -4.20
CA PHE E 2492 -72.01 -71.40 -5.50
C PHE E 2492 -73.15 -72.41 -5.42
N LEU E 2493 -73.15 -73.24 -4.38
CA LEU E 2493 -74.22 -74.25 -4.24
C LEU E 2493 -75.60 -73.62 -4.18
N PRO E 2494 -75.83 -72.53 -3.43
CA PRO E 2494 -77.14 -71.86 -3.52
C PRO E 2494 -77.50 -71.41 -4.92
N ASP E 2495 -76.53 -70.91 -5.69
CA ASP E 2495 -76.80 -70.50 -7.07
C ASP E 2495 -77.21 -71.70 -7.92
N LEU E 2496 -76.51 -72.82 -7.75
CA LEU E 2496 -76.85 -74.03 -8.48
C LEU E 2496 -78.24 -74.53 -8.10
N ARG E 2497 -78.58 -74.44 -6.81
CA ARG E 2497 -79.90 -74.85 -6.36
C ARG E 2497 -80.99 -73.96 -6.96
N ALA E 2498 -80.72 -72.65 -7.04
CA ALA E 2498 -81.65 -71.73 -7.70
C ALA E 2498 -81.82 -72.05 -9.17
N ALA E 2499 -80.73 -72.34 -9.87
CA ALA E 2499 -80.82 -72.72 -11.28
C ALA E 2499 -81.62 -74.00 -11.44
N ALA E 2500 -81.42 -74.97 -10.55
CA ALA E 2500 -82.19 -76.21 -10.54
C ALA E 2500 -83.67 -75.99 -10.28
N SER E 2501 -84.03 -75.08 -9.38
CA SER E 2501 -85.42 -74.71 -9.18
C SER E 2501 -86.00 -73.94 -10.35
N LEU E 2502 -85.15 -73.34 -11.19
CA LEU E 2502 -85.61 -72.73 -12.44
C LEU E 2502 -85.69 -73.72 -13.61
N ASP E 2503 -85.83 -75.02 -13.34
CA ASP E 2503 -85.71 -76.01 -14.41
C ASP E 2503 -86.99 -76.17 -15.20
N THR E 2504 -88.14 -75.86 -14.60
CA THR E 2504 -89.41 -76.05 -15.30
C THR E 2504 -89.49 -75.16 -16.52
N ALA E 2505 -90.11 -75.68 -17.58
CA ALA E 2505 -90.01 -75.06 -18.90
C ALA E 2505 -90.52 -73.64 -18.91
N ALA E 2506 -91.70 -73.41 -18.32
CA ALA E 2506 -92.26 -72.06 -18.28
C ALA E 2506 -91.35 -71.13 -17.48
N LEU E 2507 -90.83 -71.62 -16.35
CA LEU E 2507 -89.92 -70.82 -15.54
C LEU E 2507 -88.54 -70.74 -16.18
N SER E 2508 -88.17 -71.77 -16.96
CA SER E 2508 -86.88 -71.74 -17.65
C SER E 2508 -86.88 -70.72 -18.78
N ALA E 2509 -88.06 -70.44 -19.35
CA ALA E 2509 -88.15 -69.53 -20.49
C ALA E 2509 -87.78 -68.11 -20.10
N THR E 2510 -87.76 -67.79 -18.80
CA THR E 2510 -87.40 -66.45 -18.36
C THR E 2510 -85.96 -66.13 -18.71
N ASP E 2511 -85.73 -64.91 -19.20
CA ASP E 2511 -84.37 -64.47 -19.51
C ASP E 2511 -83.49 -64.41 -18.27
N MET E 2512 -84.10 -64.27 -17.09
CA MET E 2512 -83.35 -64.37 -15.84
C MET E 2512 -82.69 -65.75 -15.71
N ALA E 2513 -83.44 -66.81 -16.01
CA ALA E 2513 -82.87 -68.16 -15.99
C ALA E 2513 -81.77 -68.30 -17.03
N LEU E 2514 -81.97 -67.70 -18.22
CA LEU E 2514 -80.95 -67.78 -19.26
C LEU E 2514 -79.66 -67.11 -18.82
N ALA E 2515 -79.77 -65.91 -18.22
CA ALA E 2515 -78.58 -65.22 -17.75
C ALA E 2515 -77.89 -65.99 -16.63
N LEU E 2516 -78.68 -66.58 -15.72
CA LEU E 2516 -78.08 -67.36 -14.64
C LEU E 2516 -77.33 -68.57 -15.19
N ASN E 2517 -77.93 -69.28 -16.15
CA ASN E 2517 -77.25 -70.42 -16.76
C ASN E 2517 -75.99 -69.99 -17.48
N ARG E 2518 -76.06 -68.86 -18.20
CA ARG E 2518 -74.88 -68.33 -18.86
C ARG E 2518 -73.76 -68.06 -17.88
N TYR E 2519 -74.06 -67.38 -16.77
CA TYR E 2519 -73.06 -67.12 -15.74
C TYR E 2519 -72.47 -68.39 -15.19
N LEU E 2520 -73.32 -69.35 -14.82
CA LEU E 2520 -72.80 -70.59 -14.23
C LEU E 2520 -71.89 -71.32 -15.21
N CYS E 2521 -72.37 -71.58 -16.42
CA CYS E 2521 -71.58 -72.33 -17.40
C CYS E 2521 -70.39 -71.54 -17.93
N THR E 2522 -70.33 -70.22 -17.70
CA THR E 2522 -69.19 -69.44 -18.14
C THR E 2522 -68.11 -69.36 -17.06
N ALA E 2523 -68.51 -69.21 -15.80
CA ALA E 2523 -67.55 -68.97 -14.72
C ALA E 2523 -67.43 -70.13 -13.76
N VAL E 2524 -68.54 -70.60 -13.19
CA VAL E 2524 -68.49 -71.50 -12.04
C VAL E 2524 -68.01 -72.88 -12.48
N LEU E 2525 -68.67 -73.45 -13.49
CA LEU E 2525 -68.31 -74.78 -13.97
C LEU E 2525 -66.89 -74.86 -14.50
N PRO E 2526 -66.41 -73.93 -15.34
CA PRO E 2526 -64.98 -73.95 -15.69
C PRO E 2526 -64.07 -73.82 -14.48
N LEU E 2527 -64.45 -73.00 -13.50
CA LEU E 2527 -63.62 -72.85 -12.30
C LEU E 2527 -63.54 -74.16 -11.52
N LEU E 2528 -64.68 -74.84 -11.35
CA LEU E 2528 -64.71 -76.13 -10.67
C LEU E 2528 -64.01 -77.22 -11.46
N THR E 2529 -63.97 -77.10 -12.79
CA THR E 2529 -63.23 -78.04 -13.62
C THR E 2529 -61.72 -77.85 -13.50
N ARG E 2530 -61.27 -76.60 -13.47
CA ARG E 2530 -59.85 -76.31 -13.24
C ARG E 2530 -59.42 -76.63 -11.82
N CYS E 2531 -60.31 -76.52 -10.83
CA CYS E 2531 -60.01 -76.87 -9.45
C CYS E 2531 -60.48 -78.28 -9.10
N ALA E 2532 -60.71 -79.12 -10.10
CA ALA E 2532 -61.17 -80.48 -9.86
C ALA E 2532 -60.21 -81.31 -9.01
N PRO E 2533 -58.88 -81.28 -9.22
CA PRO E 2533 -58.00 -82.12 -8.39
C PRO E 2533 -58.09 -81.84 -6.89
N LEU E 2534 -58.50 -80.64 -6.50
CA LEU E 2534 -58.62 -80.31 -5.09
C LEU E 2534 -59.80 -81.04 -4.44
N PHE E 2535 -60.64 -81.69 -5.25
CA PHE E 2535 -61.82 -82.39 -4.74
C PHE E 2535 -61.46 -83.77 -4.23
N ALA E 2536 -60.17 -84.01 -3.94
CA ALA E 2536 -59.71 -85.35 -3.58
C ALA E 2536 -60.36 -85.83 -2.28
N GLY E 2537 -60.27 -85.03 -1.22
CA GLY E 2537 -60.75 -85.42 0.09
C GLY E 2537 -61.91 -84.54 0.54
N THR E 2538 -63.10 -85.14 0.59
CA THR E 2538 -64.31 -84.46 1.04
C THR E 2538 -65.10 -85.29 2.05
N GLU E 2539 -64.43 -86.14 2.84
CA GLU E 2539 -65.14 -87.00 3.76
C GLU E 2539 -65.81 -86.21 4.89
N HIS E 2540 -65.39 -84.96 5.08
CA HIS E 2540 -65.91 -84.16 6.17
C HIS E 2540 -67.08 -83.27 5.74
N HIS E 2541 -67.23 -83.06 4.43
CA HIS E 2541 -68.46 -82.49 3.85
C HIS E 2541 -68.95 -83.39 2.71
N ALA E 2542 -69.05 -84.68 3.01
CA ALA E 2542 -69.59 -85.64 2.04
C ALA E 2542 -71.01 -85.27 1.64
N SER E 2543 -71.83 -84.82 2.60
CA SER E 2543 -73.17 -84.38 2.27
C SER E 2543 -73.15 -83.17 1.34
N LEU E 2544 -72.22 -82.24 1.59
CA LEU E 2544 -72.11 -81.05 0.74
C LEU E 2544 -71.72 -81.42 -0.70
N ILE E 2545 -70.75 -82.32 -0.86
CA ILE E 2545 -70.33 -82.68 -2.21
C ILE E 2545 -71.40 -83.52 -2.90
N ASP E 2546 -72.14 -84.33 -2.14
CA ASP E 2546 -73.27 -85.05 -2.71
C ASP E 2546 -74.35 -84.08 -3.19
N SER E 2547 -74.63 -83.04 -2.42
CA SER E 2547 -75.56 -82.00 -2.86
C SER E 2547 -75.08 -81.31 -4.12
N LEU E 2548 -73.77 -81.02 -4.21
CA LEU E 2548 -73.22 -80.47 -5.44
C LEU E 2548 -73.48 -81.39 -6.63
N LEU E 2549 -73.16 -82.68 -6.48
CA LEU E 2549 -73.36 -83.61 -7.58
C LEU E 2549 -74.82 -83.69 -7.99
N HIS E 2550 -75.72 -83.72 -7.01
CA HIS E 2550 -77.14 -83.80 -7.30
C HIS E 2550 -77.63 -82.57 -8.05
N THR E 2551 -77.23 -81.37 -7.60
CA THR E 2551 -77.62 -80.14 -8.28
C THR E 2551 -77.04 -80.07 -9.69
N VAL E 2552 -75.77 -80.46 -9.86
CA VAL E 2552 -75.14 -80.44 -11.17
C VAL E 2552 -75.84 -81.40 -12.12
N TYR E 2553 -76.19 -82.60 -11.65
CA TYR E 2553 -76.90 -83.54 -12.51
C TYR E 2553 -78.31 -83.07 -12.82
N ARG E 2554 -78.95 -82.37 -11.90
CA ARG E 2554 -80.25 -81.76 -12.20
C ARG E 2554 -80.13 -80.70 -13.29
N LEU E 2555 -79.11 -79.84 -13.20
CA LEU E 2555 -78.88 -78.85 -14.25
C LEU E 2555 -78.60 -79.52 -15.59
N SER E 2556 -77.81 -80.59 -15.57
CA SER E 2556 -77.53 -81.37 -16.77
C SER E 2556 -78.79 -81.97 -17.37
N LYS E 2557 -79.68 -82.54 -16.56
CA LYS E 2557 -80.96 -83.02 -17.06
C LYS E 2557 -81.86 -81.90 -17.56
N GLY E 2558 -81.66 -80.68 -17.07
CA GLY E 2558 -82.40 -79.55 -17.61
C GLY E 2558 -82.12 -79.37 -19.09
N CYS E 2559 -83.15 -78.91 -19.81
CA CYS E 2559 -83.10 -78.87 -21.27
C CYS E 2559 -83.01 -77.46 -21.84
N SER E 2560 -83.11 -76.42 -21.00
CA SER E 2560 -83.05 -75.06 -21.51
C SER E 2560 -81.65 -74.62 -21.91
N LEU E 2561 -80.63 -75.40 -21.59
CA LEU E 2561 -79.26 -75.01 -21.85
C LEU E 2561 -78.92 -75.15 -23.33
N THR E 2562 -77.98 -74.32 -23.79
CA THR E 2562 -77.48 -74.42 -25.15
C THR E 2562 -76.57 -75.64 -25.30
N LYS E 2563 -76.14 -75.89 -26.54
CA LYS E 2563 -75.25 -77.02 -26.78
C LYS E 2563 -73.91 -76.82 -26.08
N ALA E 2564 -73.36 -75.61 -26.15
CA ALA E 2564 -72.11 -75.32 -25.45
C ALA E 2564 -72.28 -75.43 -23.94
N GLN E 2565 -73.43 -74.98 -23.42
CA GLN E 2565 -73.69 -75.10 -21.99
C GLN E 2565 -73.77 -76.56 -21.57
N ARG E 2566 -74.42 -77.40 -22.39
CA ARG E 2566 -74.47 -78.82 -22.11
C ARG E 2566 -73.08 -79.44 -22.14
N ASP E 2567 -72.26 -79.05 -23.11
CA ASP E 2567 -70.89 -79.56 -23.16
C ASP E 2567 -70.12 -79.17 -21.91
N SER E 2568 -70.25 -77.92 -21.47
CA SER E 2568 -69.53 -77.46 -20.28
C SER E 2568 -69.99 -78.21 -19.04
N ILE E 2569 -71.30 -78.38 -18.87
CA ILE E 2569 -71.80 -79.08 -17.69
C ILE E 2569 -71.38 -80.54 -17.70
N GLU E 2570 -71.39 -81.17 -18.89
CA GLU E 2570 -70.92 -82.55 -18.98
C GLU E 2570 -69.45 -82.68 -18.63
N VAL E 2571 -68.61 -81.80 -19.15
CA VAL E 2571 -67.18 -81.87 -18.84
C VAL E 2571 -66.94 -81.64 -17.36
N CYS E 2572 -67.61 -80.64 -16.78
CA CYS E 2572 -67.43 -80.35 -15.36
C CYS E 2572 -67.86 -81.53 -14.49
N LEU E 2573 -69.02 -82.11 -14.80
CA LEU E 2573 -69.51 -83.23 -13.99
C LEU E 2573 -68.60 -84.45 -14.13
N LEU E 2574 -68.18 -84.77 -15.36
CA LEU E 2574 -67.33 -85.95 -15.54
C LEU E 2574 -65.96 -85.75 -14.89
N SER E 2575 -65.45 -84.53 -14.86
CA SER E 2575 -64.21 -84.25 -14.16
C SER E 2575 -64.38 -84.40 -12.64
N ILE E 2576 -65.41 -83.75 -12.08
CA ILE E 2576 -65.59 -83.78 -10.63
C ILE E 2576 -65.80 -85.21 -10.16
N CYS E 2577 -66.65 -85.97 -10.87
CA CYS E 2577 -66.84 -87.37 -10.52
C CYS E 2577 -65.60 -88.19 -10.83
N GLY E 2578 -64.84 -87.81 -11.87
CA GLY E 2578 -63.67 -88.56 -12.24
CA GLY E 2578 -63.67 -88.56 -12.24
C GLY E 2578 -62.60 -88.55 -11.16
N GLN E 2579 -62.30 -87.37 -10.61
CA GLN E 2579 -61.36 -87.33 -9.49
C GLN E 2579 -62.07 -87.53 -8.14
N LEU E 2580 -63.39 -87.71 -8.15
CA LEU E 2580 -64.13 -87.82 -6.90
C LEU E 2580 -63.86 -89.16 -6.21
N ARG E 2581 -63.92 -89.14 -4.88
CA ARG E 2581 -63.62 -90.33 -4.08
C ARG E 2581 -64.73 -91.38 -4.30
N PRO E 2582 -64.36 -92.64 -4.57
CA PRO E 2582 -65.35 -93.59 -5.12
C PRO E 2582 -66.56 -93.86 -4.25
N SER E 2583 -66.43 -93.84 -2.92
CA SER E 2583 -67.57 -94.23 -2.10
C SER E 2583 -68.63 -93.13 -2.05
N MET E 2584 -68.23 -91.88 -2.27
CA MET E 2584 -69.13 -90.75 -2.05
C MET E 2584 -70.24 -90.66 -3.10
N MET E 2585 -70.03 -91.26 -4.28
CA MET E 2585 -70.93 -91.16 -5.41
C MET E 2585 -72.11 -92.12 -5.34
N GLN E 2586 -72.42 -92.68 -4.17
CA GLN E 2586 -73.48 -93.68 -4.08
C GLN E 2586 -74.85 -93.06 -4.37
N HIS E 2587 -75.13 -91.91 -3.76
CA HIS E 2587 -76.41 -91.24 -4.00
C HIS E 2587 -76.56 -90.83 -5.46
N LEU E 2588 -75.47 -90.37 -6.08
CA LEU E 2588 -75.53 -90.02 -7.49
C LEU E 2588 -75.75 -91.25 -8.37
N LEU E 2589 -75.14 -92.40 -8.03
CA LEU E 2589 -75.46 -93.61 -8.78
C LEU E 2589 -76.94 -93.91 -8.68
N ARG E 2590 -77.48 -93.92 -7.46
CA ARG E 2590 -78.86 -94.38 -7.28
C ARG E 2590 -79.86 -93.39 -7.86
N ARG E 2591 -79.48 -92.12 -8.00
CA ARG E 2591 -80.30 -91.21 -8.79
C ARG E 2591 -80.19 -91.52 -10.29
N LEU E 2592 -78.99 -91.88 -10.75
CA LEU E 2592 -78.81 -92.18 -12.17
C LEU E 2592 -79.46 -93.49 -12.57
N VAL E 2593 -79.74 -94.36 -11.59
CA VAL E 2593 -80.10 -95.74 -11.88
C VAL E 2593 -81.34 -95.82 -12.77
N PHE E 2594 -82.37 -95.03 -12.46
CA PHE E 2594 -83.59 -95.10 -13.25
C PHE E 2594 -83.56 -94.21 -14.48
N ASP E 2595 -82.71 -93.18 -14.51
CA ASP E 2595 -82.61 -92.30 -15.66
C ASP E 2595 -81.76 -92.86 -16.79
N VAL E 2596 -80.80 -93.72 -16.50
CA VAL E 2596 -79.97 -94.32 -17.54
C VAL E 2596 -80.79 -95.17 -18.51
N PRO E 2597 -81.67 -96.08 -18.06
CA PRO E 2597 -82.35 -96.96 -19.02
C PRO E 2597 -83.26 -96.24 -20.01
N LEU E 2598 -83.59 -94.98 -19.77
CA LEU E 2598 -84.40 -94.22 -20.73
C LEU E 2598 -83.69 -94.13 -22.08
N LEU E 2599 -82.36 -93.97 -22.06
CA LEU E 2599 -81.55 -93.81 -23.28
C LEU E 2599 -82.09 -92.69 -24.15
N ASN E 2600 -82.46 -91.58 -23.52
CA ASN E 2600 -82.90 -90.39 -24.26
C ASN E 2600 -81.68 -89.64 -24.77
N GLU E 2601 -81.89 -88.42 -25.27
CA GLU E 2601 -80.77 -87.59 -25.71
C GLU E 2601 -79.86 -87.24 -24.54
N HIS E 2602 -80.43 -87.13 -23.33
CA HIS E 2602 -79.67 -86.73 -22.16
C HIS E 2602 -78.78 -87.86 -21.65
N ALA E 2603 -78.99 -89.08 -22.14
CA ALA E 2603 -78.44 -90.27 -21.52
C ALA E 2603 -76.98 -90.55 -21.89
N LYS E 2604 -76.43 -89.88 -22.90
CA LYS E 2604 -75.03 -90.10 -23.26
C LYS E 2604 -74.10 -89.72 -22.12
N MET E 2605 -74.41 -88.62 -21.43
CA MET E 2605 -73.61 -88.23 -20.27
C MET E 2605 -73.67 -89.25 -19.15
N PRO E 2606 -74.84 -89.77 -18.74
CA PRO E 2606 -74.82 -90.90 -17.79
C PRO E 2606 -74.05 -92.11 -18.28
N LEU E 2607 -74.15 -92.44 -19.57
CA LEU E 2607 -73.40 -93.60 -20.07
C LEU E 2607 -71.89 -93.37 -19.96
N LYS E 2608 -71.41 -92.18 -20.35
CA LYS E 2608 -69.99 -91.89 -20.23
C LYS E 2608 -69.54 -91.88 -18.78
N LEU E 2609 -70.34 -91.28 -17.88
CA LEU E 2609 -69.99 -91.29 -16.47
C LEU E 2609 -69.91 -92.70 -15.92
N LEU E 2610 -70.91 -93.54 -16.25
CA LEU E 2610 -70.87 -94.94 -15.84
C LEU E 2610 -69.59 -95.61 -16.31
N THR E 2611 -69.28 -95.46 -17.61
CA THR E 2611 -68.09 -96.09 -18.18
C THR E 2611 -66.83 -95.65 -17.43
N ASN E 2612 -66.62 -94.34 -17.31
CA ASN E 2612 -65.34 -93.87 -16.77
C ASN E 2612 -65.19 -94.21 -15.30
N HIS E 2613 -66.24 -94.02 -14.49
CA HIS E 2613 -66.05 -94.23 -13.06
C HIS E 2613 -65.95 -95.72 -12.74
N TYR E 2614 -66.69 -96.57 -13.49
CA TYR E 2614 -66.53 -98.00 -13.28
C TYR E 2614 -65.15 -98.51 -13.75
N GLU E 2615 -64.65 -98.01 -14.88
CA GLU E 2615 -63.31 -98.35 -15.29
C GLU E 2615 -62.25 -97.88 -14.29
N ARG E 2616 -62.45 -96.71 -13.68
CA ARG E 2616 -61.57 -96.29 -12.60
C ARG E 2616 -61.65 -97.25 -11.42
N CYS E 2617 -62.86 -97.60 -10.99
CA CYS E 2617 -63.06 -98.58 -9.92
C CYS E 2617 -63.25 -99.99 -10.46
N TRP E 2618 -62.39 -100.41 -11.39
CA TRP E 2618 -62.34 -101.81 -11.80
C TRP E 2618 -61.77 -102.70 -10.70
N LYS E 2619 -60.64 -102.28 -10.11
CA LYS E 2619 -60.06 -103.03 -9.00
C LYS E 2619 -60.97 -103.03 -7.77
N TYR E 2620 -61.56 -101.87 -7.47
CA TYR E 2620 -62.17 -101.64 -6.18
C TYR E 2620 -63.36 -102.57 -5.92
N TYR E 2621 -64.31 -102.60 -6.86
CA TYR E 2621 -65.56 -103.30 -6.60
C TYR E 2621 -65.40 -104.81 -6.77
N CYS E 2622 -64.36 -105.23 -7.49
CA CYS E 2622 -64.11 -106.65 -7.69
C CYS E 2622 -63.40 -107.26 -6.49
N LEU E 2623 -62.34 -106.61 -6.04
CA LEU E 2623 -61.57 -107.12 -4.91
C LEU E 2623 -62.43 -107.10 -3.65
N PRO E 2624 -62.52 -108.21 -2.91
CA PRO E 2624 -63.25 -108.16 -1.64
C PRO E 2624 -62.67 -107.15 -0.66
N GLY E 2625 -61.36 -106.94 -0.70
CA GLY E 2625 -60.77 -105.88 0.10
C GLY E 2625 -60.86 -104.52 -0.56
N GLY E 2626 -60.97 -104.50 -1.90
CA GLY E 2626 -60.97 -103.23 -2.62
C GLY E 2626 -59.62 -102.55 -2.49
N TRP E 2627 -59.63 -101.23 -2.60
CA TRP E 2627 -58.46 -100.44 -2.24
C TRP E 2627 -58.48 -100.20 -0.74
N GLY E 2628 -57.41 -100.58 -0.05
CA GLY E 2628 -57.39 -100.56 1.40
C GLY E 2628 -57.68 -99.19 2.00
N ASN E 2629 -57.15 -98.15 1.35
CA ASN E 2629 -57.40 -96.80 1.85
C ASN E 2629 -58.85 -96.40 1.61
N PHE E 2630 -59.40 -96.77 0.44
CA PHE E 2630 -60.78 -96.48 0.09
C PHE E 2630 -61.75 -97.58 0.51
N GLY E 2631 -61.26 -98.63 1.15
CA GLY E 2631 -62.16 -99.67 1.64
C GLY E 2631 -62.60 -100.61 0.53
N ALA E 2632 -63.86 -101.02 0.58
CA ALA E 2632 -64.37 -102.00 -0.36
C ALA E 2632 -65.85 -101.71 -0.63
N ALA E 2633 -66.51 -102.66 -1.30
CA ALA E 2633 -67.91 -102.49 -1.68
C ALA E 2633 -68.83 -102.67 -0.48
N SER E 2634 -70.03 -102.12 -0.60
CA SER E 2634 -71.07 -102.24 0.41
C SER E 2634 -72.17 -103.22 0.02
N GLU E 2635 -72.15 -103.69 -1.23
CA GLU E 2635 -73.09 -104.66 -1.81
C GLU E 2635 -74.47 -104.05 -2.07
N GLU E 2636 -74.74 -102.88 -1.49
CA GLU E 2636 -75.95 -102.15 -1.87
C GLU E 2636 -75.79 -101.54 -3.25
N GLU E 2637 -74.64 -100.90 -3.48
CA GLU E 2637 -74.30 -100.42 -4.81
C GLU E 2637 -74.13 -101.58 -5.79
N LEU E 2638 -73.75 -102.76 -5.28
CA LEU E 2638 -73.64 -103.92 -6.14
C LEU E 2638 -75.01 -104.39 -6.61
N HIS E 2639 -75.98 -104.46 -5.70
CA HIS E 2639 -77.35 -104.75 -6.09
C HIS E 2639 -77.91 -103.70 -7.03
N LEU E 2640 -77.59 -102.43 -6.81
CA LEU E 2640 -77.98 -101.37 -7.74
C LEU E 2640 -77.33 -101.52 -9.11
N SER E 2641 -76.06 -101.93 -9.13
CA SER E 2641 -75.33 -102.00 -10.40
C SER E 2641 -75.74 -103.20 -11.23
N ARG E 2642 -76.13 -104.30 -10.56
CA ARG E 2642 -76.69 -105.42 -11.32
C ARG E 2642 -77.99 -105.02 -11.99
N LYS E 2643 -78.83 -104.25 -11.28
CA LYS E 2643 -80.04 -103.71 -11.89
C LYS E 2643 -79.69 -102.77 -13.04
N LEU E 2644 -78.65 -101.96 -12.87
CA LEU E 2644 -78.17 -101.11 -13.96
C LEU E 2644 -77.85 -101.94 -15.19
N PHE E 2645 -77.01 -102.97 -15.01
CA PHE E 2645 -76.58 -103.79 -16.14
C PHE E 2645 -77.75 -104.46 -16.82
N TRP E 2646 -78.65 -105.06 -16.03
CA TRP E 2646 -79.79 -105.76 -16.61
C TRP E 2646 -80.74 -104.80 -17.33
N GLY E 2647 -81.07 -103.69 -16.70
CA GLY E 2647 -81.96 -102.73 -17.35
C GLY E 2647 -81.38 -102.21 -18.64
N ILE E 2648 -80.11 -101.79 -18.62
CA ILE E 2648 -79.48 -101.27 -19.82
C ILE E 2648 -79.44 -102.34 -20.91
N PHE E 2649 -79.01 -103.55 -20.55
CA PHE E 2649 -78.84 -104.61 -21.54
C PHE E 2649 -80.17 -104.98 -22.18
N ASP E 2650 -81.19 -105.22 -21.36
CA ASP E 2650 -82.50 -105.61 -21.91
C ASP E 2650 -83.12 -104.48 -22.71
N ALA E 2651 -83.02 -103.23 -22.23
CA ALA E 2651 -83.57 -102.12 -23.00
C ALA E 2651 -82.89 -102.03 -24.36
N LEU E 2652 -81.55 -101.98 -24.37
CA LEU E 2652 -80.81 -101.91 -25.62
C LEU E 2652 -81.15 -103.08 -26.54
N SER E 2653 -81.40 -104.26 -25.97
CA SER E 2653 -81.79 -105.40 -26.78
C SER E 2653 -83.15 -105.17 -27.45
N GLN E 2654 -84.12 -104.64 -26.70
CA GLN E 2654 -85.47 -104.50 -27.27
C GLN E 2654 -85.65 -103.26 -28.12
N LYS E 2655 -84.74 -102.28 -28.07
CA LYS E 2655 -85.02 -101.02 -28.74
C LYS E 2655 -83.95 -100.65 -29.77
N LYS E 2656 -84.34 -99.77 -30.69
CA LYS E 2656 -83.79 -99.73 -32.04
C LYS E 2656 -82.30 -99.41 -32.06
N TYR E 2657 -81.61 -100.01 -33.05
CA TYR E 2657 -80.16 -99.88 -33.17
C TYR E 2657 -79.76 -98.49 -33.66
N GLU E 2658 -79.09 -97.74 -32.78
CA GLU E 2658 -78.44 -96.48 -33.16
C GLU E 2658 -76.94 -96.72 -32.98
N GLN E 2659 -76.18 -96.54 -34.05
CA GLN E 2659 -74.77 -96.92 -34.07
C GLN E 2659 -73.95 -96.15 -33.03
N GLU E 2660 -74.10 -94.83 -32.98
CA GLU E 2660 -73.31 -94.02 -32.06
C GLU E 2660 -73.69 -94.32 -30.61
N LEU E 2661 -74.98 -94.34 -30.31
CA LEU E 2661 -75.42 -94.55 -28.94
C LEU E 2661 -74.99 -95.92 -28.44
N PHE E 2662 -75.05 -96.93 -29.32
CA PHE E 2662 -74.70 -98.26 -28.84
C PHE E 2662 -73.20 -98.55 -28.90
N LYS E 2663 -72.41 -97.78 -29.65
CA LYS E 2663 -70.98 -97.91 -29.41
C LYS E 2663 -70.55 -97.14 -28.17
N LEU E 2664 -71.35 -96.16 -27.75
CA LEU E 2664 -71.07 -95.47 -26.50
C LEU E 2664 -71.51 -96.29 -25.29
N ALA E 2665 -72.60 -97.04 -25.43
CA ALA E 2665 -73.14 -97.80 -24.30
C ALA E 2665 -72.43 -99.13 -24.10
N LEU E 2666 -71.80 -99.67 -25.15
CA LEU E 2666 -71.09 -100.94 -25.06
C LEU E 2666 -69.96 -100.89 -24.01
N PRO E 2667 -69.08 -99.86 -24.00
CA PRO E 2667 -68.07 -99.80 -22.93
C PRO E 2667 -68.69 -99.66 -21.55
N CYS E 2668 -69.86 -99.02 -21.47
CA CYS E 2668 -70.57 -98.94 -20.19
C CYS E 2668 -70.96 -100.32 -19.69
N LEU E 2669 -71.55 -101.13 -20.57
CA LEU E 2669 -71.88 -102.50 -20.22
C LEU E 2669 -70.64 -103.30 -19.85
N SER E 2670 -69.55 -103.11 -20.60
CA SER E 2670 -68.31 -103.83 -20.29
C SER E 2670 -67.81 -103.46 -18.89
N ALA E 2671 -67.81 -102.16 -18.58
CA ALA E 2671 -67.32 -101.70 -17.29
C ALA E 2671 -68.19 -102.23 -16.15
N VAL E 2672 -69.51 -102.17 -16.32
CA VAL E 2672 -70.40 -102.67 -15.27
C VAL E 2672 -70.22 -104.17 -15.08
N ALA E 2673 -70.15 -104.92 -16.18
CA ALA E 2673 -69.99 -106.37 -16.09
C ALA E 2673 -68.68 -106.75 -15.43
N GLY E 2674 -67.60 -106.04 -15.78
CA GLY E 2674 -66.32 -106.30 -15.14
C GLY E 2674 -66.34 -105.97 -13.66
N ALA E 2675 -66.87 -104.79 -13.31
CA ALA E 2675 -66.87 -104.34 -11.92
C ALA E 2675 -67.70 -105.27 -11.04
N LEU E 2676 -68.83 -105.74 -11.55
CA LEU E 2676 -69.66 -106.67 -10.79
C LEU E 2676 -68.90 -107.97 -10.59
N PRO E 2677 -68.73 -108.43 -9.36
CA PRO E 2677 -68.07 -109.71 -9.12
C PRO E 2677 -68.90 -110.85 -9.69
N PRO E 2678 -68.33 -111.66 -10.58
CA PRO E 2678 -69.08 -112.82 -11.10
C PRO E 2678 -69.48 -113.79 -10.01
N ASP E 2679 -68.63 -113.93 -8.99
CA ASP E 2679 -68.93 -114.82 -7.88
C ASP E 2679 -70.02 -114.29 -6.96
N TYR E 2680 -70.48 -113.05 -7.16
CA TYR E 2680 -71.41 -112.39 -6.24
C TYR E 2680 -72.67 -113.17 -5.96
N MET E 2681 -73.03 -113.29 -4.70
CA MET E 2681 -74.21 -114.02 -4.26
C MET E 2681 -75.41 -113.08 -4.27
N GLU E 2682 -76.32 -113.28 -5.22
CA GLU E 2682 -77.56 -112.51 -5.16
C GLU E 2682 -78.34 -112.94 -3.93
N SER E 2683 -78.28 -112.11 -2.89
CA SER E 2683 -78.93 -112.43 -1.63
C SER E 2683 -80.44 -112.48 -1.81
N ASN E 2684 -81.08 -113.42 -1.12
CA ASN E 2684 -82.54 -113.45 -1.08
C ASN E 2684 -83.07 -112.22 -0.35
N TYR E 2685 -82.25 -111.63 0.51
CA TYR E 2685 -82.58 -110.38 1.20
C TYR E 2685 -81.75 -109.26 0.57
N VAL E 2686 -82.42 -108.38 -0.18
CA VAL E 2686 -81.74 -107.29 -0.88
C VAL E 2686 -82.29 -105.98 -0.37
N SER E 2687 -81.87 -104.87 -0.98
CA SER E 2687 -82.36 -103.56 -0.61
C SER E 2687 -83.84 -103.43 -0.94
N MET E 2688 -84.63 -103.09 0.07
CA MET E 2688 -86.08 -103.01 -0.06
C MET E 2688 -86.58 -101.72 0.58
N MET E 2689 -87.91 -101.53 0.55
CA MET E 2689 -88.55 -100.23 0.82
C MET E 2689 -87.87 -99.10 0.04
N GLU E 2690 -87.73 -99.24 -1.27
CA GLU E 2690 -87.00 -98.26 -2.05
C GLU E 2690 -87.58 -96.87 -1.96
N LYS E 2691 -86.79 -96.00 -1.35
CA LYS E 2691 -87.07 -94.57 -1.25
C LYS E 2691 -87.50 -94.01 -2.60
N GLN E 2692 -88.77 -93.59 -2.66
CA GLN E 2692 -89.45 -93.25 -3.90
C GLN E 2692 -89.38 -91.77 -4.23
N SER E 2693 -88.88 -90.94 -3.31
CA SER E 2693 -88.75 -89.51 -3.58
C SER E 2693 -87.91 -89.29 -4.83
N SER E 2694 -86.80 -90.01 -4.95
CA SER E 2694 -86.01 -89.98 -6.18
C SER E 2694 -86.70 -90.70 -7.33
N MET E 2695 -87.69 -91.55 -7.05
CA MET E 2695 -88.45 -92.27 -8.07
C MET E 2695 -89.64 -91.49 -8.62
N ASP E 2696 -89.68 -90.17 -8.42
CA ASP E 2696 -90.68 -89.37 -9.12
C ASP E 2696 -90.29 -89.27 -10.58
N SER E 2697 -91.27 -89.52 -11.47
CA SER E 2697 -90.96 -89.62 -12.89
C SER E 2697 -90.44 -88.29 -13.45
N GLU E 2698 -90.89 -87.18 -12.88
CA GLU E 2698 -90.45 -85.86 -13.30
C GLU E 2698 -89.91 -85.10 -12.10
N GLY E 2699 -88.70 -84.57 -12.22
CA GLY E 2699 -88.09 -83.81 -11.15
C GLY E 2699 -87.62 -84.61 -9.96
N ASN E 2700 -87.66 -85.95 -10.05
CA ASN E 2700 -87.15 -86.88 -9.03
C ASN E 2700 -87.43 -86.42 -7.60
N PHE E 2701 -88.65 -85.92 -7.37
CA PHE E 2701 -89.06 -85.49 -6.03
C PHE E 2701 -90.54 -85.79 -5.84
N ASN E 2702 -90.83 -86.95 -5.24
CA ASN E 2702 -92.17 -87.28 -4.77
C ASN E 2702 -92.04 -87.73 -3.32
N PRO E 2703 -92.14 -86.83 -2.35
CA PRO E 2703 -91.76 -87.14 -0.96
C PRO E 2703 -92.90 -87.73 -0.13
N GLN E 2704 -93.52 -88.80 -0.61
CA GLN E 2704 -94.56 -89.43 0.19
C GLN E 2704 -93.89 -90.26 1.29
N PRO E 2705 -94.28 -90.09 2.54
CA PRO E 2705 -93.73 -90.91 3.62
C PRO E 2705 -94.52 -92.21 3.76
N VAL E 2706 -94.07 -93.05 4.67
CA VAL E 2706 -94.75 -94.30 4.98
C VAL E 2706 -95.87 -94.03 5.97
N ASP E 2707 -97.11 -94.33 5.55
CA ASP E 2707 -98.26 -94.09 6.41
C ASP E 2707 -98.21 -94.97 7.65
N THR E 2708 -98.58 -94.37 8.78
CA THR E 2708 -98.51 -95.08 10.06
C THR E 2708 -99.78 -94.95 10.91
N SER E 2709 -100.88 -94.45 10.35
CA SER E 2709 -102.10 -94.29 11.14
C SER E 2709 -102.68 -95.65 11.53
N ASN E 2710 -102.44 -96.67 10.71
CA ASN E 2710 -103.02 -97.99 10.96
C ASN E 2710 -102.47 -98.61 12.24
N ILE E 2711 -101.17 -98.47 12.48
CA ILE E 2711 -100.52 -99.12 13.63
C ILE E 2711 -100.84 -98.32 14.89
N THR E 2712 -100.69 -98.96 16.05
CA THR E 2712 -100.99 -98.33 17.32
C THR E 2712 -99.88 -98.64 18.32
N ILE E 2713 -99.47 -97.61 19.07
CA ILE E 2713 -98.43 -97.73 20.09
C ILE E 2713 -98.93 -98.64 21.20
N PRO E 2714 -98.08 -99.53 21.75
CA PRO E 2714 -98.52 -100.38 22.86
C PRO E 2714 -98.44 -99.71 24.21
N GLU E 2715 -98.74 -100.45 25.28
CA GLU E 2715 -98.97 -99.84 26.59
C GLU E 2715 -97.68 -99.63 27.38
N LYS E 2716 -96.66 -100.47 27.19
CA LYS E 2716 -95.44 -100.33 27.97
C LYS E 2716 -94.69 -99.05 27.61
N LEU E 2717 -95.04 -98.44 26.47
CA LEU E 2717 -94.36 -97.24 26.02
C LEU E 2717 -94.87 -95.97 26.70
N GLU E 2718 -95.89 -96.06 27.56
CA GLU E 2718 -96.43 -94.85 28.16
C GLU E 2718 -95.44 -94.24 29.14
N TYR E 2719 -94.67 -95.06 29.84
CA TYR E 2719 -93.65 -94.53 30.75
C TYR E 2719 -92.53 -93.86 29.97
N PHE E 2720 -92.13 -94.46 28.84
CA PHE E 2720 -91.23 -93.78 27.92
C PHE E 2720 -91.79 -92.45 27.44
N ILE E 2721 -93.09 -92.41 27.14
CA ILE E 2721 -93.73 -91.19 26.70
C ILE E 2721 -93.66 -90.12 27.78
N ASN E 2722 -93.97 -90.49 29.02
CA ASN E 2722 -93.90 -89.54 30.12
C ASN E 2722 -92.49 -89.02 30.34
N LYS E 2723 -91.50 -89.91 30.27
CA LYS E 2723 -90.12 -89.48 30.51
C LYS E 2723 -89.61 -88.60 29.38
N TYR E 2724 -89.98 -88.91 28.14
CA TYR E 2724 -89.51 -88.11 27.01
C TYR E 2724 -90.24 -86.76 26.96
N ALA E 2725 -91.49 -86.73 27.39
CA ALA E 2725 -92.19 -85.45 27.54
C ALA E 2725 -91.61 -84.65 28.70
N GLU E 2726 -91.11 -85.35 29.74
CA GLU E 2726 -90.35 -84.67 30.78
C GLU E 2726 -89.12 -84.01 30.21
N HIS E 2727 -88.37 -84.73 29.37
CA HIS E 2727 -87.21 -84.14 28.69
C HIS E 2727 -87.61 -82.96 27.81
N SER E 2728 -88.72 -83.06 27.10
CA SER E 2728 -89.18 -81.94 26.27
C SER E 2728 -89.54 -80.72 27.12
N HIS E 2729 -90.26 -80.93 28.23
CA HIS E 2729 -90.57 -79.83 29.13
C HIS E 2729 -89.30 -79.24 29.74
N ASP E 2730 -88.31 -80.08 30.01
CA ASP E 2730 -87.04 -79.57 30.50
C ASP E 2730 -86.31 -78.70 29.49
N LYS E 2731 -86.15 -79.18 28.26
CA LYS E 2731 -85.44 -78.37 27.28
C LYS E 2731 -86.23 -77.12 26.94
N TRP E 2732 -87.55 -77.09 27.14
CA TRP E 2732 -88.23 -75.82 26.92
C TRP E 2732 -88.20 -74.95 28.19
N SER E 2733 -88.00 -75.56 29.36
CA SER E 2733 -87.61 -74.75 30.52
C SER E 2733 -86.32 -73.98 30.24
N MET E 2734 -85.33 -74.69 29.68
CA MET E 2734 -84.11 -74.01 29.27
C MET E 2734 -84.35 -73.04 28.11
N ASP E 2735 -85.25 -73.36 27.18
CA ASP E 2735 -85.50 -72.44 26.07
C ASP E 2735 -86.12 -71.13 26.57
N LYS E 2736 -87.11 -71.22 27.46
CA LYS E 2736 -87.73 -70.01 27.99
C LYS E 2736 -86.75 -69.23 28.84
N LEU E 2737 -85.91 -69.92 29.61
CA LEU E 2737 -84.90 -69.20 30.38
C LEU E 2737 -83.90 -68.51 29.46
N ALA E 2738 -83.54 -69.15 28.34
CA ALA E 2738 -82.51 -68.61 27.47
C ALA E 2738 -83.00 -67.38 26.71
N ASN E 2739 -84.18 -67.45 26.10
CA ASN E 2739 -84.69 -66.30 25.40
C ASN E 2739 -85.35 -65.29 26.34
N GLY E 2740 -85.46 -65.61 27.63
CA GLY E 2740 -85.72 -64.59 28.63
C GLY E 2740 -87.04 -64.68 29.36
N TRP E 2741 -87.93 -65.60 28.96
CA TRP E 2741 -89.26 -65.62 29.53
C TRP E 2741 -89.26 -66.17 30.97
N ILE E 2742 -90.07 -65.57 31.84
CA ILE E 2742 -90.16 -65.98 33.25
C ILE E 2742 -91.62 -66.22 33.64
N TYR E 2743 -91.82 -66.72 34.86
CA TYR E 2743 -93.17 -67.07 35.34
C TYR E 2743 -94.07 -65.86 35.46
N GLY E 2744 -95.36 -66.06 35.16
CA GLY E 2744 -96.37 -65.03 35.30
C GLY E 2744 -97.76 -65.61 35.15
N GLU E 2745 -98.73 -64.69 34.99
CA GLU E 2745 -100.12 -65.10 34.89
C GLU E 2745 -100.45 -65.69 33.51
N ILE E 2746 -100.03 -65.01 32.45
CA ILE E 2746 -100.38 -65.38 31.08
C ILE E 2746 -99.13 -65.24 30.20
N TYR E 2747 -99.15 -65.86 29.02
CA TYR E 2747 -97.95 -65.88 28.19
C TYR E 2747 -97.83 -64.59 27.39
N SER E 2748 -96.63 -64.01 27.35
CA SER E 2748 -96.41 -62.71 26.73
C SER E 2748 -95.00 -62.63 26.18
N ASP E 2749 -94.87 -62.31 24.88
CA ASP E 2749 -93.56 -62.06 24.31
C ASP E 2749 -93.10 -60.64 24.58
N SER E 2750 -93.99 -59.80 25.10
CA SER E 2750 -93.65 -58.39 25.30
C SER E 2750 -92.69 -58.20 26.47
N SER E 2751 -93.10 -58.65 27.66
CA SER E 2751 -92.33 -58.45 28.88
C SER E 2751 -91.60 -59.70 29.34
N LYS E 2752 -91.52 -60.72 28.48
CA LYS E 2752 -90.83 -61.98 28.81
C LYS E 2752 -91.38 -62.58 30.09
N VAL E 2753 -92.71 -62.65 30.14
CA VAL E 2753 -93.46 -63.20 31.27
C VAL E 2753 -94.34 -64.33 30.73
N GLN E 2754 -94.26 -65.51 31.36
CA GLN E 2754 -94.59 -66.73 30.61
C GLN E 2754 -94.79 -67.90 31.58
N PRO E 2755 -95.99 -68.46 31.66
CA PRO E 2755 -96.49 -69.07 32.91
C PRO E 2755 -96.15 -70.54 33.11
N LEU E 2756 -95.32 -71.12 32.26
CA LEU E 2756 -95.09 -72.55 32.22
C LEU E 2756 -94.04 -73.01 33.21
N MET E 2757 -93.77 -72.21 34.23
CA MET E 2757 -92.88 -72.63 35.29
C MET E 2757 -93.39 -73.88 36.01
N LYS E 2758 -94.69 -74.13 35.95
CA LYS E 2758 -95.31 -75.23 36.65
C LYS E 2758 -94.75 -76.58 36.14
N PRO E 2759 -94.64 -77.57 37.03
CA PRO E 2759 -94.02 -78.85 36.63
C PRO E 2759 -94.87 -79.69 35.70
N TYR E 2760 -94.19 -80.66 35.10
CA TYR E 2760 -94.81 -81.62 34.19
C TYR E 2760 -95.89 -82.46 34.87
N LYS E 2761 -95.67 -82.82 36.14
CA LYS E 2761 -96.63 -83.64 36.87
C LYS E 2761 -98.01 -82.99 36.88
N LEU E 2762 -98.04 -81.68 37.18
CA LEU E 2762 -99.30 -80.94 37.23
C LEU E 2762 -99.63 -80.20 35.94
N LEU E 2763 -98.85 -80.34 34.88
CA LEU E 2763 -99.22 -79.64 33.65
C LEU E 2763 -100.50 -80.23 33.05
N SER E 2764 -101.31 -79.33 32.49
CA SER E 2764 -102.58 -79.69 31.90
C SER E 2764 -102.39 -80.59 30.69
N GLU E 2765 -103.28 -81.58 30.56
CA GLU E 2765 -103.04 -82.65 29.60
C GLU E 2765 -103.29 -82.19 28.18
N LYS E 2766 -104.16 -81.18 28.00
CA LYS E 2766 -104.22 -80.50 26.71
C LYS E 2766 -102.86 -79.93 26.32
N GLU E 2767 -102.25 -79.14 27.20
CA GLU E 2767 -100.93 -78.61 26.93
C GLU E 2767 -99.89 -79.74 26.91
N LYS E 2768 -100.15 -80.81 27.65
CA LYS E 2768 -99.32 -82.00 27.52
C LYS E 2768 -99.53 -82.65 26.17
N GLU E 2769 -100.77 -82.67 25.66
CA GLU E 2769 -101.03 -83.33 24.39
C GLU E 2769 -100.37 -82.58 23.23
N ILE E 2770 -100.15 -81.27 23.41
CA ILE E 2770 -99.40 -80.49 22.45
C ILE E 2770 -98.00 -81.07 22.31
N TYR E 2771 -97.44 -81.57 23.43
CA TYR E 2771 -96.15 -82.24 23.36
C TYR E 2771 -96.30 -83.67 22.85
N ARG E 2772 -97.40 -84.36 23.18
CA ARG E 2772 -97.60 -85.72 22.68
C ARG E 2772 -97.58 -85.76 21.16
N TRP E 2773 -98.31 -84.85 20.51
CA TRP E 2773 -98.70 -85.08 19.13
C TRP E 2773 -97.48 -85.25 18.22
N PRO E 2774 -96.47 -84.37 18.30
CA PRO E 2774 -95.21 -84.69 17.61
C PRO E 2774 -94.57 -85.98 18.10
N ILE E 2775 -94.53 -86.18 19.42
CA ILE E 2775 -93.97 -87.41 19.97
C ILE E 2775 -94.80 -88.62 19.53
N LYS E 2776 -96.13 -88.48 19.56
CA LYS E 2776 -97.00 -89.57 19.15
C LYS E 2776 -96.78 -89.96 17.69
N GLU E 2777 -96.71 -88.95 16.81
CA GLU E 2777 -96.47 -89.24 15.40
C GLU E 2777 -95.08 -89.83 15.17
N SER E 2778 -94.07 -89.33 15.89
CA SER E 2778 -92.73 -89.88 15.75
C SER E 2778 -92.70 -91.34 16.18
N LEU E 2779 -93.36 -91.66 17.29
CA LEU E 2779 -93.38 -93.05 17.77
C LEU E 2779 -94.18 -93.94 16.82
N LYS E 2780 -95.26 -93.42 16.25
CA LYS E 2780 -96.04 -94.20 15.28
C LYS E 2780 -95.22 -94.49 14.03
N THR E 2781 -94.51 -93.49 13.51
CA THR E 2781 -93.64 -93.71 12.37
C THR E 2781 -92.48 -94.66 12.71
N MET E 2782 -91.99 -94.59 13.94
CA MET E 2782 -90.99 -95.55 14.40
C MET E 2782 -91.53 -96.98 14.39
N LEU E 2783 -92.76 -97.16 14.86
CA LEU E 2783 -93.30 -98.51 14.98
C LEU E 2783 -93.72 -99.07 13.63
N ALA E 2784 -94.18 -98.23 12.72
CA ALA E 2784 -94.62 -98.73 11.41
C ALA E 2784 -93.45 -99.25 10.59
N TRP E 2785 -92.26 -98.67 10.77
CA TRP E 2785 -91.10 -99.13 10.02
C TRP E 2785 -90.75 -100.54 10.44
N GLY E 2786 -91.26 -100.98 11.59
CA GLY E 2786 -91.06 -102.33 12.08
C GLY E 2786 -89.98 -102.50 13.12
N TRP E 2787 -89.42 -101.42 13.65
CA TRP E 2787 -88.22 -101.53 14.48
C TRP E 2787 -88.59 -102.26 15.76
N ARG E 2788 -87.91 -103.38 16.04
CA ARG E 2788 -88.17 -104.10 17.28
C ARG E 2788 -87.63 -103.30 18.46
N ILE E 2789 -88.45 -103.14 19.50
CA ILE E 2789 -88.07 -102.41 20.70
C ILE E 2789 -88.08 -103.37 21.88
N GLU E 2790 -86.95 -103.48 22.58
CA GLU E 2790 -86.79 -104.41 23.69
C GLU E 2790 -86.48 -103.67 24.98
N ARG E 2791 -86.96 -104.23 26.09
CA ARG E 2791 -86.99 -103.56 27.39
C ARG E 2791 -85.95 -104.20 28.31
N THR E 2792 -85.21 -103.34 29.02
CA THR E 2792 -84.11 -103.77 29.87
C THR E 2792 -84.44 -103.52 31.34
N ARG E 2793 -83.51 -103.90 32.22
CA ARG E 2793 -83.74 -103.77 33.66
C ARG E 2793 -83.47 -102.34 34.14
N GLU E 2794 -82.69 -101.58 33.39
CA GLU E 2794 -82.50 -100.17 33.73
C GLU E 2794 -83.83 -99.43 33.78
N GLY E 2795 -84.83 -99.88 33.02
CA GLY E 2795 -86.14 -99.27 33.09
C GLY E 2795 -86.81 -99.45 34.43
N ASP E 2796 -86.80 -100.68 34.96
CA ASP E 2796 -87.40 -100.88 36.27
C ASP E 2796 -86.52 -100.35 37.39
N SER E 2797 -85.26 -100.03 37.08
CA SER E 2797 -84.45 -99.28 38.02
C SER E 2797 -85.16 -97.97 38.35
N MET E 2798 -85.71 -97.32 37.31
CA MET E 2798 -86.47 -96.09 37.50
C MET E 2798 -87.68 -96.32 38.39
N ALA E 2799 -88.41 -97.44 38.17
CA ALA E 2799 -89.58 -97.73 38.97
C ALA E 2799 -89.23 -97.93 40.43
N LEU E 2800 -88.12 -98.63 40.71
CA LEU E 2800 -87.68 -98.78 42.09
C LEU E 2800 -87.23 -97.44 42.67
N TYR E 2801 -86.65 -96.57 41.83
CA TYR E 2801 -86.24 -95.25 42.30
C TYR E 2801 -87.44 -94.44 42.75
N ASN E 2802 -88.53 -94.50 41.98
CA ASN E 2802 -89.77 -93.81 42.35
C ASN E 2802 -90.40 -94.45 43.58
N GLY E 2820 -92.66 -74.94 41.73
CA GLY E 2820 -92.32 -76.06 40.87
C GLY E 2820 -90.89 -76.53 41.07
N TYR E 2821 -90.25 -77.00 40.00
CA TYR E 2821 -88.86 -77.40 40.07
C TYR E 2821 -88.10 -76.77 38.91
N SER E 2822 -86.79 -76.74 39.04
CA SER E 2822 -85.90 -76.34 37.97
C SER E 2822 -85.32 -77.60 37.33
N PRO E 2823 -85.58 -77.87 36.06
CA PRO E 2823 -84.88 -78.98 35.40
C PRO E 2823 -83.38 -78.76 35.48
N ARG E 2824 -82.71 -79.60 36.25
CA ARG E 2824 -81.33 -79.31 36.62
C ARG E 2824 -80.39 -79.94 35.60
N ALA E 2825 -79.17 -79.38 35.54
CA ALA E 2825 -78.24 -79.61 34.44
C ALA E 2825 -78.09 -81.09 34.11
N ILE E 2826 -78.55 -81.44 32.91
CA ILE E 2826 -78.32 -82.74 32.29
C ILE E 2826 -77.23 -82.58 31.24
N ASP E 2827 -76.58 -83.70 30.89
CA ASP E 2827 -75.42 -83.68 30.01
C ASP E 2827 -75.67 -84.61 28.82
N MET E 2828 -76.09 -84.05 27.68
CA MET E 2828 -76.48 -84.88 26.55
C MET E 2828 -75.27 -85.44 25.81
N SER E 2829 -74.28 -84.59 25.53
CA SER E 2829 -73.48 -84.73 24.32
C SER E 2829 -72.47 -85.87 24.41
N ASN E 2830 -72.21 -86.37 25.62
CA ASN E 2830 -71.08 -87.29 25.79
C ASN E 2830 -71.35 -88.66 25.18
N VAL E 2831 -72.61 -89.09 25.12
CA VAL E 2831 -72.94 -90.40 24.57
C VAL E 2831 -72.78 -90.38 23.05
N THR E 2832 -72.66 -91.57 22.47
CA THR E 2832 -72.46 -91.74 21.04
C THR E 2832 -73.21 -92.98 20.56
N LEU E 2833 -73.63 -92.96 19.30
CA LEU E 2833 -74.37 -94.06 18.69
C LEU E 2833 -73.44 -94.99 17.92
N SER E 2834 -74.03 -96.00 17.30
CA SER E 2834 -73.32 -96.94 16.45
C SER E 2834 -73.60 -96.63 14.97
N ARG E 2835 -72.81 -97.25 14.09
CA ARG E 2835 -72.89 -96.95 12.66
C ARG E 2835 -74.18 -97.49 12.04
N ASP E 2836 -74.61 -98.70 12.43
CA ASP E 2836 -75.87 -99.24 11.93
C ASP E 2836 -77.03 -98.36 12.36
N LEU E 2837 -77.03 -97.93 13.63
CA LEU E 2837 -78.06 -97.00 14.09
C LEU E 2837 -77.93 -95.65 13.40
N HIS E 2838 -76.73 -95.28 12.94
CA HIS E 2838 -76.57 -94.04 12.20
CA HIS E 2838 -76.58 -94.05 12.20
C HIS E 2838 -77.25 -94.12 10.84
N ALA E 2839 -77.07 -95.22 10.12
CA ALA E 2839 -77.79 -95.37 8.86
C ALA E 2839 -79.29 -95.43 9.11
N MET E 2840 -79.67 -96.13 10.19
CA MET E 2840 -81.06 -96.23 10.60
C MET E 2840 -81.66 -94.84 10.81
N ALA E 2841 -80.93 -94.00 11.55
CA ALA E 2841 -81.37 -92.65 11.83
C ALA E 2841 -81.28 -91.74 10.60
N GLU E 2842 -80.39 -92.05 9.67
CA GLU E 2842 -80.34 -91.29 8.43
C GLU E 2842 -81.62 -91.49 7.65
N MET E 2843 -82.09 -92.73 7.56
CA MET E 2843 -83.37 -92.97 6.92
C MET E 2843 -84.55 -92.41 7.72
N MET E 2844 -84.51 -92.45 9.06
CA MET E 2844 -85.63 -91.81 9.75
C MET E 2844 -85.63 -90.30 9.50
N ALA E 2845 -84.45 -89.66 9.48
CA ALA E 2845 -84.38 -88.23 9.15
C ALA E 2845 -84.88 -87.96 7.74
N GLU E 2846 -84.52 -88.83 6.79
CA GLU E 2846 -85.07 -88.68 5.44
C GLU E 2846 -86.60 -88.81 5.45
N ASN E 2847 -87.13 -89.73 6.25
CA ASN E 2847 -88.58 -89.86 6.38
C ASN E 2847 -89.22 -88.59 6.94
N TYR E 2848 -88.56 -87.99 7.93
CA TYR E 2848 -89.11 -86.77 8.54
C TYR E 2848 -89.05 -85.62 7.55
N HIS E 2849 -87.97 -85.55 6.75
CA HIS E 2849 -87.90 -84.57 5.66
C HIS E 2849 -88.99 -84.83 4.62
N ASN E 2850 -89.32 -86.09 4.38
CA ASN E 2850 -90.41 -86.41 3.47
C ASN E 2850 -91.76 -85.96 4.01
N ILE E 2851 -91.99 -86.09 5.32
CA ILE E 2851 -93.22 -85.58 5.91
C ILE E 2851 -93.27 -84.05 5.80
N TRP E 2852 -92.15 -83.39 6.13
CA TRP E 2852 -92.05 -81.95 6.01
C TRP E 2852 -92.27 -81.51 4.57
N ALA E 2853 -91.74 -82.27 3.61
CA ALA E 2853 -91.87 -81.92 2.20
C ALA E 2853 -93.28 -82.16 1.69
N LYS E 2854 -93.96 -83.19 2.20
CA LYS E 2854 -95.39 -83.31 1.91
C LYS E 2854 -96.17 -82.10 2.40
N LYS E 2855 -95.93 -81.68 3.65
CA LYS E 2855 -96.63 -80.50 4.17
C LYS E 2855 -96.34 -79.29 3.31
N LYS E 2856 -95.08 -79.14 2.88
CA LYS E 2856 -94.72 -78.01 2.04
C LYS E 2856 -95.34 -78.14 0.65
N LYS E 2857 -95.52 -79.36 0.15
CA LYS E 2857 -96.20 -79.54 -1.13
C LYS E 2857 -97.66 -79.16 -1.05
N MET E 2858 -98.35 -79.56 0.03
CA MET E 2858 -99.73 -79.11 0.19
C MET E 2858 -99.81 -77.59 0.30
N GLU E 2859 -98.94 -76.96 1.10
CA GLU E 2859 -99.05 -75.51 1.26
C GLU E 2859 -98.68 -74.79 -0.03
N LEU E 2860 -97.72 -75.32 -0.79
CA LEU E 2860 -97.33 -74.72 -2.06
C LEU E 2860 -98.39 -74.90 -3.14
N GLU E 2861 -99.07 -76.04 -3.19
CA GLU E 2861 -100.19 -76.20 -4.11
C GLU E 2861 -101.39 -75.35 -3.72
N SER E 2862 -101.63 -75.18 -2.41
CA SER E 2862 -102.66 -74.24 -1.98
C SER E 2862 -102.31 -72.81 -2.38
N LYS E 2863 -101.03 -72.46 -2.28
CA LYS E 2863 -100.57 -71.15 -2.76
C LYS E 2863 -100.79 -71.02 -4.26
N GLY E 2864 -100.47 -72.07 -5.02
CA GLY E 2864 -100.64 -72.06 -6.45
C GLY E 2864 -99.40 -71.79 -7.27
N GLY E 2865 -98.29 -71.42 -6.64
CA GLY E 2865 -97.07 -71.14 -7.37
C GLY E 2865 -95.89 -70.74 -6.51
N GLY E 2866 -94.69 -71.08 -6.96
CA GLY E 2866 -93.47 -70.71 -6.28
C GLY E 2866 -92.58 -71.92 -6.07
N ASN E 2867 -91.44 -71.68 -5.44
CA ASN E 2867 -90.48 -72.74 -5.14
C ASN E 2867 -89.82 -72.41 -3.81
N HIS E 2868 -89.23 -73.43 -3.20
CA HIS E 2868 -88.54 -73.27 -1.93
C HIS E 2868 -87.13 -73.82 -2.03
N PRO E 2869 -86.16 -73.19 -1.36
CA PRO E 2869 -84.76 -73.68 -1.45
C PRO E 2869 -84.60 -75.11 -0.99
N LEU E 2870 -85.38 -75.54 -0.01
CA LEU E 2870 -85.29 -76.90 0.53
C LEU E 2870 -86.20 -77.88 -0.18
N LEU E 2871 -86.85 -77.47 -1.29
CA LEU E 2871 -87.73 -78.36 -2.02
C LEU E 2871 -87.00 -79.55 -2.61
N VAL E 2872 -85.68 -79.46 -2.77
CA VAL E 2872 -84.88 -80.57 -3.31
C VAL E 2872 -84.91 -81.73 -2.31
N PRO E 2873 -84.74 -82.96 -2.76
CA PRO E 2873 -84.82 -84.10 -1.83
C PRO E 2873 -83.77 -84.03 -0.73
N TYR E 2874 -83.94 -84.90 0.26
CA TYR E 2874 -83.07 -84.87 1.43
C TYR E 2874 -81.62 -85.18 1.05
N ASP E 2875 -81.42 -86.14 0.14
CA ASP E 2875 -80.08 -86.43 -0.34
C ASP E 2875 -79.49 -85.24 -1.10
N THR E 2876 -80.36 -84.47 -1.77
CA THR E 2876 -79.89 -83.27 -2.45
C THR E 2876 -79.63 -82.12 -1.47
N LEU E 2877 -80.16 -82.24 -0.25
CA LEU E 2877 -80.00 -81.16 0.73
C LEU E 2877 -78.56 -80.98 1.15
N THR E 2878 -78.32 -79.89 1.88
CA THR E 2878 -77.01 -79.53 2.43
C THR E 2878 -77.02 -79.76 3.94
N ALA E 2879 -75.82 -79.83 4.51
CA ALA E 2879 -75.69 -80.22 5.92
C ALA E 2879 -76.42 -79.27 6.86
N LYS E 2880 -76.47 -77.97 6.52
CA LYS E 2880 -77.04 -77.01 7.46
C LYS E 2880 -78.52 -77.28 7.73
N GLU E 2881 -79.28 -77.62 6.69
CA GLU E 2881 -80.70 -77.93 6.91
C GLU E 2881 -80.88 -79.37 7.36
N LYS E 2882 -79.91 -80.24 7.05
CA LYS E 2882 -79.90 -81.58 7.62
C LYS E 2882 -79.67 -81.57 9.12
N ALA E 2883 -79.12 -80.48 9.66
CA ALA E 2883 -78.72 -80.43 11.06
C ALA E 2883 -79.91 -80.58 11.99
N LYS E 2884 -81.03 -79.93 11.67
CA LYS E 2884 -82.20 -79.99 12.55
C LYS E 2884 -82.75 -81.41 12.65
N ASP E 2885 -82.94 -82.06 11.50
CA ASP E 2885 -83.40 -83.45 11.52
C ASP E 2885 -82.39 -84.34 12.24
N ARG E 2886 -81.10 -84.13 11.97
CA ARG E 2886 -80.08 -84.96 12.58
C ARG E 2886 -80.10 -84.85 14.10
N GLU E 2887 -80.09 -83.61 14.62
CA GLU E 2887 -80.09 -83.41 16.06
C GLU E 2887 -81.36 -83.92 16.72
N LYS E 2888 -82.52 -83.71 16.10
CA LYS E 2888 -83.76 -84.12 16.77
C LYS E 2888 -83.91 -85.64 16.75
N ALA E 2889 -83.29 -86.31 15.77
CA ALA E 2889 -83.24 -87.77 15.81
C ALA E 2889 -82.25 -88.24 16.87
N GLN E 2890 -81.05 -87.63 16.88
CA GLN E 2890 -80.07 -87.93 17.91
C GLN E 2890 -80.69 -87.91 19.30
N ASP E 2891 -81.37 -86.80 19.65
CA ASP E 2891 -81.84 -86.60 21.01
C ASP E 2891 -82.77 -87.72 21.46
N ILE E 2892 -83.77 -88.05 20.64
CA ILE E 2892 -84.69 -89.11 21.01
C ILE E 2892 -83.96 -90.44 21.11
N LEU E 2893 -82.98 -90.67 20.23
CA LEU E 2893 -82.24 -91.93 20.31
C LEU E 2893 -81.45 -92.04 21.62
N LYS E 2894 -80.68 -91.01 21.97
CA LYS E 2894 -79.85 -91.09 23.16
C LYS E 2894 -80.70 -91.22 24.41
N PHE E 2895 -81.84 -90.54 24.43
CA PHE E 2895 -82.73 -90.69 25.58
C PHE E 2895 -83.34 -92.09 25.59
N LEU E 2896 -83.44 -92.72 24.42
CA LEU E 2896 -83.88 -94.11 24.36
C LEU E 2896 -82.83 -95.07 24.93
N GLN E 2897 -81.54 -94.89 24.62
CA GLN E 2897 -80.56 -95.67 25.39
C GLN E 2897 -80.68 -95.42 26.89
N ILE E 2898 -80.72 -94.15 27.30
CA ILE E 2898 -80.77 -93.86 28.74
C ILE E 2898 -82.00 -94.48 29.37
N ASN E 2899 -83.10 -94.60 28.62
CA ASN E 2899 -84.31 -95.25 29.11
C ASN E 2899 -84.21 -96.77 29.04
N GLY E 2900 -83.27 -97.29 28.26
CA GLY E 2900 -82.96 -98.70 28.24
C GLY E 2900 -83.56 -99.53 27.13
N TYR E 2901 -84.40 -98.95 26.27
CA TYR E 2901 -84.93 -99.72 25.15
C TYR E 2901 -83.82 -100.09 24.17
N ALA E 2902 -84.04 -101.19 23.46
CA ALA E 2902 -83.11 -101.62 22.42
C ALA E 2902 -83.82 -101.62 21.08
N VAL E 2903 -83.44 -100.70 20.21
CA VAL E 2903 -84.01 -100.63 18.87
C VAL E 2903 -83.13 -101.46 17.95
N SER E 2904 -83.77 -102.13 17.00
CA SER E 2904 -83.11 -103.08 16.10
C SER E 2904 -83.52 -102.71 14.68
N ARG E 2905 -83.37 -103.63 13.75
CA ARG E 2905 -83.78 -103.37 12.37
C ARG E 2905 -85.28 -103.60 12.21
N GLY E 2906 -85.83 -103.17 11.07
CA GLY E 2906 -87.26 -103.26 10.85
C GLY E 2906 -87.78 -104.68 10.74
N PHE E 2907 -87.07 -105.55 10.03
CA PHE E 2907 -87.56 -106.91 9.80
C PHE E 2907 -86.39 -107.88 9.72
N LYS E 2908 -86.58 -109.07 10.28
CA LYS E 2908 -85.54 -110.09 10.25
C LYS E 2908 -85.36 -110.62 8.83
N ASP E 2909 -84.19 -111.22 8.58
CA ASP E 2909 -83.93 -111.86 7.29
C ASP E 2909 -84.90 -112.99 7.05
N LEU E 2910 -85.39 -113.10 5.81
CA LEU E 2910 -86.42 -114.09 5.50
C LEU E 2910 -85.80 -115.43 5.12
N GLU E 2911 -84.77 -115.40 4.27
CA GLU E 2911 -84.15 -116.63 3.78
C GLU E 2911 -82.87 -116.23 3.06
N LEU E 2912 -82.01 -117.21 2.82
CA LEU E 2912 -80.73 -116.99 2.16
C LEU E 2912 -80.71 -117.77 0.84
N ASP E 2913 -80.41 -117.06 -0.25
CA ASP E 2913 -80.24 -117.68 -1.57
C ASP E 2913 -78.80 -117.99 -1.88
N THR E 2914 -77.91 -117.88 -0.90
CA THR E 2914 -76.50 -118.20 -1.12
C THR E 2914 -76.23 -119.68 -1.38
N PRO E 2915 -76.97 -120.66 -0.82
CA PRO E 2915 -76.65 -122.06 -1.14
C PRO E 2915 -76.74 -122.39 -2.63
N SER E 2916 -77.67 -121.77 -3.36
CA SER E 2916 -77.81 -122.07 -4.78
C SER E 2916 -76.77 -121.31 -5.58
N ILE E 2917 -76.08 -122.03 -6.48
CA ILE E 2917 -75.12 -121.37 -7.38
C ILE E 2917 -75.85 -120.62 -8.48
N GLU E 2918 -77.16 -120.81 -8.59
CA GLU E 2918 -77.94 -120.07 -9.58
C GLU E 2918 -77.92 -118.57 -9.28
N LYS E 2919 -77.98 -118.20 -8.01
CA LYS E 2919 -78.03 -116.78 -7.65
C LYS E 2919 -76.67 -116.10 -7.85
N ARG E 2920 -75.62 -116.89 -8.11
CA ARG E 2920 -74.33 -116.30 -8.43
C ARG E 2920 -74.46 -115.43 -9.67
N PHE E 2921 -73.89 -114.22 -9.60
CA PHE E 2921 -74.15 -113.22 -10.64
C PHE E 2921 -73.73 -113.72 -12.01
N ALA E 2922 -72.57 -114.38 -12.09
CA ALA E 2922 -72.12 -114.92 -13.37
C ALA E 2922 -73.07 -115.99 -13.87
N TYR E 2923 -73.66 -116.76 -12.96
CA TYR E 2923 -74.56 -117.83 -13.38
C TYR E 2923 -75.78 -117.26 -14.09
N SER E 2924 -76.44 -116.26 -13.50
CA SER E 2924 -77.59 -115.65 -14.16
C SER E 2924 -77.18 -114.86 -15.40
N PHE E 2925 -76.02 -114.18 -15.34
CA PHE E 2925 -75.56 -113.44 -16.49
C PHE E 2925 -75.40 -114.35 -17.70
N LEU E 2926 -74.65 -115.44 -17.55
CA LEU E 2926 -74.47 -116.38 -18.66
C LEU E 2926 -75.73 -117.20 -18.90
N GLN E 2927 -76.67 -117.25 -17.95
CA GLN E 2927 -77.99 -117.82 -18.22
C GLN E 2927 -78.73 -117.04 -19.30
N GLN E 2928 -79.04 -115.78 -19.01
CA GLN E 2928 -79.69 -114.99 -20.06
C GLN E 2928 -78.78 -114.83 -21.28
N LEU E 2929 -77.47 -114.94 -21.08
CA LEU E 2929 -76.54 -114.85 -22.20
C LEU E 2929 -76.67 -116.05 -23.13
N ILE E 2930 -76.88 -117.25 -22.57
CA ILE E 2930 -77.00 -118.43 -23.42
C ILE E 2930 -78.39 -118.50 -24.04
N ARG E 2931 -79.41 -117.98 -23.34
CA ARG E 2931 -80.69 -117.82 -24.02
C ARG E 2931 -80.58 -116.87 -25.21
N TYR E 2932 -79.89 -115.74 -25.03
CA TYR E 2932 -79.74 -114.81 -26.16
C TYR E 2932 -78.89 -115.41 -27.27
N VAL E 2933 -77.85 -116.17 -26.91
CA VAL E 2933 -77.01 -116.81 -27.91
C VAL E 2933 -77.77 -117.87 -28.69
N ASP E 2934 -78.58 -118.70 -28.01
CA ASP E 2934 -79.37 -119.69 -28.70
C ASP E 2934 -80.45 -119.04 -29.55
N GLU E 2935 -81.02 -117.94 -29.08
CA GLU E 2935 -81.97 -117.19 -29.89
C GLU E 2935 -81.30 -116.67 -31.17
N ALA E 2936 -80.09 -116.13 -31.04
CA ALA E 2936 -79.38 -115.65 -32.22
C ALA E 2936 -79.02 -116.80 -33.16
N HIS E 2937 -78.68 -117.96 -32.59
CA HIS E 2937 -78.34 -119.12 -33.42
C HIS E 2937 -79.56 -119.62 -34.19
N GLN E 2938 -80.73 -119.65 -33.54
CA GLN E 2938 -81.91 -120.06 -34.29
C GLN E 2938 -82.34 -118.98 -35.29
N TYR E 2939 -82.14 -117.70 -34.98
CA TYR E 2939 -82.38 -116.67 -35.99
C TYR E 2939 -81.49 -116.85 -37.21
N ILE E 2940 -80.21 -117.16 -37.00
CA ILE E 2940 -79.34 -117.39 -38.16
C ILE E 2940 -79.67 -118.71 -38.85
N LEU E 2941 -80.28 -119.67 -38.14
CA LEU E 2941 -80.79 -120.86 -38.81
C LEU E 2941 -81.95 -120.53 -39.76
N GLU E 2942 -82.96 -119.81 -39.28
CA GLU E 2942 -84.03 -119.41 -40.18
C GLU E 2942 -83.54 -118.44 -41.25
N PHE E 2943 -82.42 -117.75 -41.01
CA PHE E 2943 -81.84 -116.98 -42.09
C PHE E 2943 -81.10 -117.82 -43.11
N ASP E 2944 -80.46 -118.91 -42.70
CA ASP E 2944 -79.94 -119.85 -43.69
C ASP E 2944 -81.09 -120.42 -44.51
N GLY E 2945 -82.24 -120.64 -43.87
CA GLY E 2945 -83.41 -121.11 -44.59
C GLY E 2945 -83.96 -120.09 -45.57
N GLY E 2946 -84.08 -118.83 -45.14
CA GLY E 2946 -84.78 -117.84 -45.95
C GLY E 2946 -83.86 -117.01 -46.82
N SER E 2947 -82.55 -117.21 -46.69
CA SER E 2947 -81.56 -116.47 -47.45
C SER E 2947 -81.53 -116.88 -48.92
N ARG E 2948 -82.10 -118.03 -49.25
CA ARG E 2948 -82.36 -118.39 -50.64
C ARG E 2948 -83.57 -117.68 -51.21
N GLY E 2949 -84.38 -117.06 -50.36
CA GLY E 2949 -85.45 -116.20 -50.84
C GLY E 2949 -84.90 -114.85 -51.23
N LYS E 2950 -85.63 -114.14 -52.10
CA LYS E 2950 -85.16 -112.86 -52.60
C LYS E 2950 -84.98 -111.85 -51.48
N GLY E 2951 -85.95 -111.78 -50.56
CA GLY E 2951 -85.88 -110.82 -49.47
C GLY E 2951 -84.73 -111.06 -48.53
N GLU E 2952 -83.70 -110.22 -48.62
CA GLU E 2952 -82.55 -110.33 -47.74
C GLU E 2952 -82.68 -109.44 -46.51
N HIS E 2953 -83.81 -108.76 -46.35
CA HIS E 2953 -84.00 -107.87 -45.21
C HIS E 2953 -84.04 -108.66 -43.92
N PHE E 2954 -83.63 -108.01 -42.83
CA PHE E 2954 -83.56 -108.65 -41.53
C PHE E 2954 -84.69 -108.15 -40.65
N PRO E 2955 -85.74 -108.94 -40.42
CA PRO E 2955 -86.74 -108.55 -39.41
C PRO E 2955 -86.14 -108.43 -38.02
N TYR E 2956 -85.15 -109.26 -37.72
CA TYR E 2956 -84.38 -109.24 -36.48
C TYR E 2956 -83.04 -108.52 -36.65
N GLU E 2957 -83.02 -107.51 -37.51
CA GLU E 2957 -81.80 -106.74 -37.79
C GLU E 2957 -81.12 -106.26 -36.52
N GLN E 2958 -81.83 -105.47 -35.71
CA GLN E 2958 -81.21 -104.91 -34.52
C GLN E 2958 -80.89 -106.01 -33.53
N GLU E 2959 -81.65 -107.11 -33.55
CA GLU E 2959 -81.31 -108.26 -32.71
C GLU E 2959 -79.89 -108.75 -32.99
N ILE E 2960 -79.57 -109.06 -34.24
CA ILE E 2960 -78.27 -109.67 -34.52
C ILE E 2960 -77.14 -108.64 -34.50
N LYS E 2961 -77.42 -107.40 -34.91
CA LYS E 2961 -76.36 -106.39 -34.79
C LYS E 2961 -76.04 -106.08 -33.33
N PHE E 2962 -77.07 -105.95 -32.49
CA PHE E 2962 -76.84 -105.83 -31.06
C PHE E 2962 -76.05 -107.02 -30.54
N PHE E 2963 -76.45 -108.23 -30.93
CA PHE E 2963 -75.72 -109.42 -30.51
C PHE E 2963 -74.25 -109.33 -30.89
N ALA E 2964 -73.97 -109.30 -32.19
CA ALA E 2964 -72.60 -109.37 -32.69
C ALA E 2964 -71.72 -108.23 -32.18
N LYS E 2965 -72.26 -107.02 -32.02
CA LYS E 2965 -71.37 -105.90 -31.69
C LYS E 2965 -71.53 -105.41 -30.27
N VAL E 2966 -72.34 -106.09 -29.44
CA VAL E 2966 -72.39 -105.78 -28.02
C VAL E 2966 -72.16 -107.05 -27.21
N VAL E 2967 -73.02 -108.06 -27.45
CA VAL E 2967 -73.01 -109.27 -26.66
C VAL E 2967 -71.68 -110.00 -26.83
N LEU E 2968 -71.26 -110.18 -28.08
CA LEU E 2968 -69.98 -110.83 -28.35
C LEU E 2968 -68.83 -110.01 -27.78
N PRO E 2969 -68.75 -108.69 -27.98
CA PRO E 2969 -67.76 -107.90 -27.22
C PRO E 2969 -67.99 -107.97 -25.72
N LEU E 2970 -69.25 -108.06 -25.27
CA LEU E 2970 -69.51 -108.21 -23.85
C LEU E 2970 -68.93 -109.51 -23.32
N ILE E 2971 -69.14 -110.60 -24.05
CA ILE E 2971 -68.57 -111.89 -23.66
C ILE E 2971 -67.05 -111.80 -23.64
N ASP E 2972 -66.47 -111.19 -24.66
CA ASP E 2972 -65.02 -111.06 -24.75
C ASP E 2972 -64.45 -110.30 -23.55
N GLN E 2973 -65.00 -109.12 -23.28
CA GLN E 2973 -64.50 -108.32 -22.17
C GLN E 2973 -64.75 -109.01 -20.83
N TYR E 2974 -65.88 -109.69 -20.68
CA TYR E 2974 -66.19 -110.38 -19.43
C TYR E 2974 -65.16 -111.48 -19.17
N PHE E 2975 -64.94 -112.34 -20.15
CA PHE E 2975 -63.98 -113.43 -19.95
C PHE E 2975 -62.54 -112.94 -19.86
N LYS E 2976 -62.21 -111.80 -20.50
CA LYS E 2976 -60.90 -111.20 -20.31
C LYS E 2976 -60.71 -110.65 -18.90
N ASN E 2977 -61.72 -109.93 -18.40
CA ASN E 2977 -61.66 -109.39 -17.04
C ASN E 2977 -61.62 -110.51 -16.02
N HIS E 2978 -62.24 -111.65 -16.34
CA HIS E 2978 -62.30 -112.80 -15.43
C HIS E 2978 -61.57 -114.00 -15.99
N ARG E 2979 -60.40 -113.78 -16.60
CA ARG E 2979 -59.45 -114.85 -16.90
C ARG E 2979 -59.37 -115.86 -15.76
N LEU E 2980 -59.01 -115.39 -14.56
CA LEU E 2980 -58.73 -116.31 -13.47
C LEU E 2980 -60.02 -116.80 -12.82
N TYR E 2981 -61.07 -115.98 -12.82
CA TYR E 2981 -62.31 -116.39 -12.17
C TYR E 2981 -62.91 -117.62 -12.85
N PHE E 2982 -63.02 -117.59 -14.17
CA PHE E 2982 -63.57 -118.74 -14.88
C PHE E 2982 -62.68 -119.96 -14.72
N LEU E 2983 -61.36 -119.74 -14.63
CA LEU E 2983 -60.45 -120.84 -14.34
C LEU E 2983 -60.50 -121.22 -12.87
N SER E 2984 -61.06 -120.36 -12.02
CA SER E 2984 -61.08 -120.62 -10.58
C SER E 2984 -62.17 -121.62 -10.24
N ALA E 2985 -61.79 -122.68 -9.53
CA ALA E 2985 -62.74 -123.64 -8.98
C ALA E 2985 -62.54 -123.83 -7.49
N ALA E 2986 -61.96 -122.83 -6.80
CA ALA E 2986 -61.62 -122.90 -5.39
C ALA E 2986 -60.61 -124.01 -5.12
N SER E 2987 -60.02 -124.56 -6.19
CA SER E 2987 -59.04 -125.62 -6.08
C SER E 2987 -57.63 -125.09 -6.29
N ARG E 2988 -57.43 -123.80 -5.94
CA ARG E 2988 -56.21 -122.98 -5.88
C ARG E 2988 -56.15 -121.90 -6.98
N PRO E 2989 -56.70 -122.11 -8.17
CA PRO E 2989 -56.91 -120.96 -9.07
C PRO E 2989 -57.77 -119.91 -8.40
N LEU E 2990 -57.23 -118.70 -8.28
CA LEU E 2990 -57.82 -117.63 -7.47
C LEU E 2990 -58.15 -118.19 -6.09
N CYS E 2991 -57.11 -118.57 -5.35
CA CYS E 2991 -57.32 -119.23 -4.06
C CYS E 2991 -57.95 -118.31 -3.03
N SER E 2992 -57.95 -116.99 -3.30
CA SER E 2992 -58.60 -116.06 -2.39
C SER E 2992 -60.10 -116.31 -2.28
N GLY E 2993 -60.68 -116.96 -3.28
CA GLY E 2993 -62.09 -117.27 -3.31
C GLY E 2993 -62.64 -116.98 -4.69
N GLY E 2994 -63.95 -116.77 -4.75
CA GLY E 2994 -64.60 -116.40 -5.99
C GLY E 2994 -64.39 -117.39 -7.12
N HIS E 2995 -64.97 -118.58 -6.99
CA HIS E 2995 -64.78 -119.61 -8.00
C HIS E 2995 -65.96 -119.63 -8.96
N ALA E 2996 -65.65 -119.81 -10.25
CA ALA E 2996 -66.69 -120.18 -11.20
C ALA E 2996 -67.15 -121.59 -10.91
N SER E 2997 -68.46 -121.77 -10.76
CA SER E 2997 -68.99 -123.07 -10.37
C SER E 2997 -68.74 -124.11 -11.46
N ASN E 2998 -68.80 -125.38 -11.07
CA ASN E 2998 -68.65 -126.44 -12.05
C ASN E 2998 -69.73 -126.38 -13.11
N LYS E 2999 -70.98 -126.09 -12.72
CA LYS E 2999 -72.04 -125.92 -13.68
C LYS E 2999 -71.79 -124.68 -14.53
N GLU E 3000 -71.22 -123.63 -13.93
CA GLU E 3000 -70.87 -122.43 -14.71
C GLU E 3000 -69.85 -122.74 -15.78
N LYS E 3001 -68.86 -123.58 -15.48
CA LYS E 3001 -67.87 -123.91 -16.49
C LYS E 3001 -68.42 -124.88 -17.52
N GLU E 3002 -69.36 -125.74 -17.10
CA GLU E 3002 -70.11 -126.57 -18.06
C GLU E 3002 -70.84 -125.70 -19.06
N MET E 3003 -71.52 -124.67 -18.57
CA MET E 3003 -72.30 -123.76 -19.41
C MET E 3003 -71.42 -122.77 -20.16
N VAL E 3004 -70.19 -122.51 -19.68
CA VAL E 3004 -69.18 -121.85 -20.49
C VAL E 3004 -68.81 -122.71 -21.70
N THR E 3005 -68.59 -124.01 -21.46
CA THR E 3005 -68.29 -124.92 -22.56
C THR E 3005 -69.45 -125.00 -23.55
N SER E 3006 -70.68 -125.02 -23.06
CA SER E 3006 -71.83 -125.00 -23.94
C SER E 3006 -71.90 -123.70 -24.74
N LEU E 3007 -71.51 -122.58 -24.13
CA LEU E 3007 -71.42 -121.32 -24.87
C LEU E 3007 -70.37 -121.42 -25.97
N PHE E 3008 -69.24 -122.06 -25.69
CA PHE E 3008 -68.22 -122.30 -26.72
C PHE E 3008 -68.78 -123.13 -27.87
N CYS E 3009 -69.51 -124.19 -27.53
CA CYS E 3009 -70.12 -125.03 -28.56
C CYS E 3009 -71.12 -124.24 -29.40
N LYS E 3010 -71.93 -123.40 -28.74
CA LYS E 3010 -72.90 -122.59 -29.46
C LYS E 3010 -72.22 -121.58 -30.37
N LEU E 3011 -71.13 -120.97 -29.90
CA LEU E 3011 -70.37 -120.05 -30.75
C LEU E 3011 -69.80 -120.77 -31.96
N GLY E 3012 -69.25 -121.98 -31.75
CA GLY E 3012 -68.75 -122.75 -32.88
C GLY E 3012 -69.84 -123.04 -33.91
N VAL E 3013 -70.95 -123.62 -33.46
CA VAL E 3013 -72.01 -123.97 -34.41
C VAL E 3013 -72.64 -122.70 -35.00
N LEU E 3014 -72.46 -121.56 -34.34
CA LEU E 3014 -72.89 -120.28 -34.91
C LEU E 3014 -71.94 -119.81 -36.00
N VAL E 3015 -70.66 -120.18 -35.90
CA VAL E 3015 -69.64 -119.65 -36.80
C VAL E 3015 -69.32 -120.62 -37.95
N ARG E 3016 -69.88 -121.84 -37.91
CA ARG E 3016 -69.65 -122.75 -39.05
C ARG E 3016 -70.22 -122.17 -40.34
N HIS E 3017 -69.34 -121.73 -41.23
CA HIS E 3017 -69.68 -121.39 -42.62
C HIS E 3017 -70.70 -120.25 -42.70
N ARG E 3018 -70.49 -119.21 -41.88
CA ARG E 3018 -71.28 -117.99 -41.94
C ARG E 3018 -70.42 -116.74 -42.06
N ILE E 3019 -69.17 -116.87 -42.49
CA ILE E 3019 -68.27 -115.73 -42.58
C ILE E 3019 -68.80 -114.69 -43.57
N SER E 3020 -69.27 -115.16 -44.73
CA SER E 3020 -69.82 -114.24 -45.73
C SER E 3020 -71.06 -113.54 -45.21
N LEU E 3021 -71.90 -114.25 -44.44
CA LEU E 3021 -73.07 -113.64 -43.84
C LEU E 3021 -72.71 -112.64 -42.74
N PHE E 3022 -71.57 -112.81 -42.10
CA PHE E 3022 -71.09 -111.82 -41.14
C PHE E 3022 -70.59 -110.58 -41.88
N GLY E 3023 -70.92 -109.41 -41.37
CA GLY E 3023 -70.48 -108.17 -41.97
C GLY E 3023 -69.09 -107.75 -41.52
N ASN E 3024 -68.10 -108.60 -41.81
CA ASN E 3024 -66.70 -108.48 -41.41
C ASN E 3024 -66.51 -108.64 -39.91
N ASP E 3025 -67.58 -108.86 -39.14
CA ASP E 3025 -67.45 -109.14 -37.71
C ASP E 3025 -66.97 -110.56 -37.45
N ALA E 3026 -66.68 -111.33 -38.50
CA ALA E 3026 -66.13 -112.66 -38.32
C ALA E 3026 -64.78 -112.63 -37.60
N THR E 3027 -64.00 -111.57 -37.79
CA THR E 3027 -62.77 -111.42 -37.01
C THR E 3027 -63.09 -111.27 -35.52
N SER E 3028 -64.10 -110.46 -35.20
CA SER E 3028 -64.54 -110.35 -33.82
C SER E 3028 -64.97 -111.71 -33.29
N ILE E 3029 -65.66 -112.50 -34.11
CA ILE E 3029 -66.11 -113.81 -33.67
C ILE E 3029 -64.95 -114.77 -33.45
N VAL E 3030 -63.92 -114.71 -34.30
CA VAL E 3030 -62.77 -115.60 -34.08
C VAL E 3030 -62.01 -115.20 -32.82
N ASN E 3031 -61.93 -113.90 -32.52
CA ASN E 3031 -61.39 -113.49 -31.22
C ASN E 3031 -62.27 -113.99 -30.08
N CYS E 3032 -63.59 -113.99 -30.27
CA CYS E 3032 -64.49 -114.53 -29.24
C CYS E 3032 -64.21 -116.01 -28.99
N LEU E 3033 -64.07 -116.78 -30.07
CA LEU E 3033 -63.76 -118.20 -29.92
C LEU E 3033 -62.40 -118.40 -29.28
N HIS E 3034 -61.43 -117.55 -29.62
CA HIS E 3034 -60.13 -117.60 -28.96
C HIS E 3034 -60.26 -117.41 -27.45
N ILE E 3035 -60.98 -116.38 -27.03
CA ILE E 3035 -61.13 -116.07 -25.61
C ILE E 3035 -61.87 -117.21 -24.89
N LEU E 3036 -62.93 -117.73 -25.50
CA LEU E 3036 -63.65 -118.86 -24.91
C LEU E 3036 -62.77 -120.10 -24.86
N GLY E 3037 -61.83 -120.23 -25.79
CA GLY E 3037 -60.83 -121.28 -25.72
C GLY E 3037 -59.87 -121.14 -24.57
N GLN E 3038 -59.42 -119.91 -24.28
CA GLN E 3038 -58.62 -119.70 -23.07
C GLN E 3038 -59.43 -120.03 -21.81
N THR E 3039 -60.74 -119.73 -21.82
CA THR E 3039 -61.57 -120.01 -20.66
C THR E 3039 -62.17 -121.41 -20.75
N LEU E 3040 -61.44 -122.39 -20.20
CA LEU E 3040 -61.88 -123.78 -20.16
C LEU E 3040 -61.30 -124.46 -18.91
N ASP E 3041 -61.99 -125.49 -18.42
CA ASP E 3041 -61.55 -126.28 -17.26
C ASP E 3041 -61.99 -127.74 -17.45
N ALA E 3042 -61.08 -128.53 -18.01
CA ALA E 3042 -61.42 -129.87 -18.48
C ALA E 3042 -61.74 -130.82 -17.33
N ARG E 3043 -60.89 -130.87 -16.30
CA ARG E 3043 -61.15 -131.68 -15.12
C ARG E 3043 -62.55 -131.43 -14.59
N THR E 3044 -62.92 -130.16 -14.42
CA THR E 3044 -64.23 -129.84 -13.87
C THR E 3044 -65.34 -130.32 -14.80
N VAL E 3045 -65.19 -130.06 -16.10
CA VAL E 3045 -66.21 -130.48 -17.04
C VAL E 3045 -66.39 -131.99 -17.02
N MET E 3046 -65.29 -132.75 -16.99
CA MET E 3046 -65.43 -134.21 -17.03
C MET E 3046 -65.98 -134.78 -15.74
N LYS E 3047 -65.42 -134.39 -14.57
CA LYS E 3047 -65.87 -135.01 -13.33
C LYS E 3047 -67.27 -134.56 -12.96
N THR E 3048 -67.66 -133.34 -13.34
CA THR E 3048 -69.02 -132.88 -13.14
C THR E 3048 -69.48 -132.21 -14.43
N GLY E 3049 -70.34 -132.87 -15.18
CA GLY E 3049 -70.80 -132.33 -16.44
C GLY E 3049 -72.11 -132.97 -16.87
N LEU E 3050 -73.06 -132.10 -17.22
CA LEU E 3050 -74.33 -132.58 -17.74
C LEU E 3050 -74.11 -133.28 -19.08
N GLU E 3051 -74.84 -134.38 -19.28
CA GLU E 3051 -74.60 -135.21 -20.45
C GLU E 3051 -74.89 -134.46 -21.75
N SER E 3052 -75.86 -133.53 -21.71
CA SER E 3052 -76.13 -132.73 -22.89
C SER E 3052 -74.92 -131.87 -23.27
N VAL E 3053 -74.29 -131.23 -22.28
CA VAL E 3053 -73.12 -130.41 -22.56
C VAL E 3053 -71.95 -131.29 -22.98
N LYS E 3054 -71.83 -132.47 -22.38
CA LYS E 3054 -70.78 -133.41 -22.77
C LYS E 3054 -70.92 -133.80 -24.24
N SER E 3055 -72.14 -134.15 -24.65
CA SER E 3055 -72.39 -134.49 -26.04
C SER E 3055 -72.19 -133.27 -26.94
N ALA E 3056 -72.51 -132.08 -26.44
CA ALA E 3056 -72.28 -130.87 -27.22
C ALA E 3056 -70.80 -130.68 -27.51
N LEU E 3057 -69.94 -130.84 -26.50
CA LEU E 3057 -68.50 -130.73 -26.71
C LEU E 3057 -67.95 -131.84 -27.60
N ARG E 3058 -68.43 -133.08 -27.43
CA ARG E 3058 -67.99 -134.17 -28.29
C ARG E 3058 -68.38 -133.92 -29.74
N ALA E 3059 -69.64 -133.52 -29.98
CA ALA E 3059 -70.08 -133.19 -31.32
C ALA E 3059 -69.33 -131.99 -31.88
N PHE E 3060 -68.98 -131.03 -31.02
CA PHE E 3060 -68.06 -129.96 -31.38
C PHE E 3060 -66.76 -130.48 -31.97
N LEU E 3061 -66.01 -131.26 -31.22
CA LEU E 3061 -64.72 -131.76 -31.68
C LEU E 3061 -64.86 -132.63 -32.92
N ASP E 3062 -65.86 -133.50 -32.97
CA ASP E 3062 -66.13 -134.34 -34.14
C ASP E 3062 -66.48 -133.52 -35.37
N ASN E 3063 -67.31 -132.48 -35.22
CA ASN E 3063 -67.67 -131.63 -36.36
C ASN E 3063 -66.48 -130.83 -36.85
N ALA E 3064 -65.64 -130.33 -35.94
CA ALA E 3064 -64.45 -129.63 -36.38
C ALA E 3064 -63.51 -130.56 -37.15
N ALA E 3065 -63.34 -131.79 -36.64
CA ALA E 3065 -62.52 -132.76 -37.35
C ALA E 3065 -63.10 -133.08 -38.73
N GLU E 3066 -64.42 -133.25 -38.81
CA GLU E 3066 -65.05 -133.56 -40.09
C GLU E 3066 -64.93 -132.40 -41.07
N ASP E 3067 -65.09 -131.16 -40.59
CA ASP E 3067 -64.93 -130.01 -41.46
C ASP E 3067 -63.51 -129.96 -42.02
N LEU E 3068 -62.51 -130.21 -41.18
CA LEU E 3068 -61.14 -130.27 -41.68
C LEU E 3068 -60.92 -131.44 -42.63
N GLU E 3069 -61.57 -132.58 -42.38
CA GLU E 3069 -61.38 -133.72 -43.29
C GLU E 3069 -61.97 -133.45 -44.66
N LYS E 3070 -63.12 -132.76 -44.72
CA LYS E 3070 -63.70 -132.42 -46.01
C LYS E 3070 -62.88 -131.36 -46.73
N THR E 3071 -62.28 -130.42 -45.98
CA THR E 3071 -61.40 -129.44 -46.64
C THR E 3071 -60.10 -130.09 -47.14
N MET E 3072 -59.51 -131.02 -46.37
CA MET E 3072 -58.44 -131.88 -46.91
C MET E 3072 -58.85 -132.64 -48.17
N GLU E 3073 -60.03 -133.28 -48.20
CA GLU E 3073 -60.37 -134.04 -49.40
C GLU E 3073 -60.64 -133.13 -50.60
N ASN E 3074 -61.28 -131.98 -50.39
CA ASN E 3074 -61.50 -131.04 -51.49
C ASN E 3074 -60.20 -130.35 -51.92
N LEU E 3075 -59.18 -130.31 -51.07
CA LEU E 3075 -57.89 -129.80 -51.48
C LEU E 3075 -57.02 -130.83 -52.19
N LYS E 3076 -57.14 -132.12 -51.86
CA LYS E 3076 -56.50 -133.11 -52.74
C LYS E 3076 -57.16 -133.11 -54.11
N GLN E 3077 -58.50 -133.20 -54.14
CA GLN E 3077 -59.18 -133.17 -55.44
C GLN E 3077 -59.01 -131.82 -56.12
N GLY E 3078 -59.00 -130.75 -55.32
CA GLY E 3078 -58.67 -129.43 -55.82
C GLY E 3078 -57.21 -129.08 -55.62
N GLN E 3079 -56.31 -130.00 -55.98
CA GLN E 3079 -54.88 -129.72 -55.85
C GLN E 3079 -54.49 -128.53 -56.72
N PHE E 3080 -55.04 -128.46 -57.93
CA PHE E 3080 -54.87 -127.27 -58.76
C PHE E 3080 -55.54 -126.07 -58.10
N THR E 3081 -54.82 -124.97 -58.03
CA THR E 3081 -55.33 -123.75 -57.41
C THR E 3081 -55.08 -122.54 -58.30
N LYS E 3088 -65.10 -119.79 -56.28
CA LYS E 3088 -66.51 -120.11 -56.02
C LYS E 3088 -66.74 -120.43 -54.54
N GLY E 3089 -67.71 -121.31 -54.27
CA GLY E 3089 -68.02 -121.65 -52.89
C GLY E 3089 -66.86 -122.31 -52.17
N VAL E 3090 -66.03 -123.05 -52.91
CA VAL E 3090 -64.89 -123.71 -52.29
C VAL E 3090 -63.90 -122.68 -51.76
N THR E 3091 -63.77 -121.55 -52.45
CA THR E 3091 -62.92 -120.47 -51.95
C THR E 3091 -63.44 -119.92 -50.64
N GLN E 3092 -64.77 -119.73 -50.54
CA GLN E 3092 -65.35 -119.27 -49.29
C GLN E 3092 -65.14 -120.29 -48.18
N ILE E 3093 -65.25 -121.58 -48.51
CA ILE E 3093 -65.06 -122.63 -47.51
C ILE E 3093 -63.63 -122.63 -46.98
N ILE E 3094 -62.65 -122.55 -47.89
CA ILE E 3094 -61.26 -122.60 -47.44
C ILE E 3094 -60.88 -121.33 -46.69
N ASN E 3095 -61.42 -120.18 -47.10
CA ASN E 3095 -61.18 -118.96 -46.33
C ASN E 3095 -61.81 -119.05 -44.95
N TYR E 3096 -63.05 -119.55 -44.84
CA TYR E 3096 -63.63 -119.81 -43.53
C TYR E 3096 -62.72 -120.70 -42.69
N THR E 3097 -62.25 -121.80 -43.27
CA THR E 3097 -61.35 -122.69 -42.54
C THR E 3097 -60.14 -121.93 -42.01
N THR E 3098 -59.34 -121.37 -42.92
CA THR E 3098 -58.07 -120.75 -42.56
C THR E 3098 -58.22 -119.50 -41.69
N VAL E 3099 -59.39 -118.88 -41.66
CA VAL E 3099 -59.56 -117.67 -40.86
C VAL E 3099 -60.18 -117.98 -39.50
N ALA E 3100 -61.09 -118.95 -39.42
CA ALA E 3100 -61.76 -119.23 -38.16
C ALA E 3100 -61.37 -120.58 -37.59
N LEU E 3101 -61.58 -121.64 -38.37
CA LEU E 3101 -61.56 -122.99 -37.82
C LEU E 3101 -60.17 -123.38 -37.35
N LEU E 3102 -59.16 -123.20 -38.21
CA LEU E 3102 -57.79 -123.52 -37.81
C LEU E 3102 -57.31 -122.66 -36.65
N PRO E 3103 -57.49 -121.33 -36.67
CA PRO E 3103 -57.07 -120.54 -35.49
C PRO E 3103 -57.76 -120.92 -34.19
N MET E 3104 -59.05 -121.26 -34.23
CA MET E 3104 -59.76 -121.55 -32.98
C MET E 3104 -59.39 -122.92 -32.44
N LEU E 3105 -59.23 -123.91 -33.33
CA LEU E 3105 -58.68 -125.19 -32.89
C LEU E 3105 -57.29 -125.01 -32.32
N SER E 3106 -56.45 -124.19 -32.97
CA SER E 3106 -55.13 -123.90 -32.45
C SER E 3106 -55.18 -123.25 -31.08
N SER E 3107 -56.12 -122.34 -30.86
CA SER E 3107 -56.27 -121.72 -29.53
C SER E 3107 -56.69 -122.75 -28.49
N LEU E 3108 -57.63 -123.62 -28.84
CA LEU E 3108 -58.01 -124.72 -27.95
C LEU E 3108 -56.79 -125.55 -27.58
N PHE E 3109 -55.97 -125.86 -28.58
CA PHE E 3109 -54.82 -126.73 -28.41
C PHE E 3109 -53.77 -126.06 -27.52
N GLU E 3110 -53.49 -124.78 -27.77
CA GLU E 3110 -52.56 -124.02 -26.95
C GLU E 3110 -53.04 -123.96 -25.50
N HIS E 3111 -54.31 -123.60 -25.29
CA HIS E 3111 -54.82 -123.53 -23.93
C HIS E 3111 -54.74 -124.87 -23.23
N ILE E 3112 -55.15 -125.95 -23.91
CA ILE E 3112 -55.24 -127.24 -23.24
C ILE E 3112 -53.84 -127.75 -22.89
N GLY E 3113 -52.90 -127.62 -23.83
CA GLY E 3113 -51.53 -128.04 -23.55
C GLY E 3113 -50.86 -127.21 -22.48
N GLN E 3114 -51.01 -125.89 -22.55
CA GLN E 3114 -50.42 -125.01 -21.54
C GLN E 3114 -51.01 -125.24 -20.16
N HIS E 3115 -52.31 -125.52 -20.10
CA HIS E 3115 -52.98 -125.61 -18.81
C HIS E 3115 -53.07 -127.06 -18.35
N GLN E 3116 -52.36 -127.95 -19.04
CA GLN E 3116 -51.91 -129.28 -18.64
C GLN E 3116 -53.04 -130.29 -18.78
N PHE E 3117 -54.26 -129.84 -19.02
CA PHE E 3117 -55.41 -130.72 -19.22
C PHE E 3117 -55.49 -131.35 -20.60
N GLY E 3118 -54.43 -131.33 -21.40
CA GLY E 3118 -54.46 -132.08 -22.66
C GLY E 3118 -54.64 -133.57 -22.46
N GLU E 3119 -53.76 -134.18 -21.67
CA GLU E 3119 -53.77 -135.63 -21.49
C GLU E 3119 -55.08 -136.13 -20.91
N ASP E 3120 -55.74 -135.32 -20.08
CA ASP E 3120 -56.96 -135.81 -19.44
C ASP E 3120 -58.23 -135.30 -20.10
N LEU E 3121 -58.16 -134.24 -20.90
CA LEU E 3121 -59.24 -134.00 -21.85
C LEU E 3121 -59.28 -135.09 -22.91
N ILE E 3122 -58.12 -135.71 -23.16
CA ILE E 3122 -58.02 -136.72 -24.20
C ILE E 3122 -58.04 -138.11 -23.53
N LEU E 3123 -59.22 -138.70 -23.41
CA LEU E 3123 -59.26 -140.10 -22.95
C LEU E 3123 -59.78 -141.08 -23.99
N GLU E 3124 -61.01 -140.94 -24.45
CA GLU E 3124 -61.59 -142.05 -25.20
C GLU E 3124 -62.55 -141.52 -26.26
N ASP E 3125 -62.25 -141.90 -27.52
CA ASP E 3125 -62.92 -141.53 -28.76
C ASP E 3125 -62.67 -140.07 -29.09
N VAL E 3126 -62.26 -139.30 -28.08
CA VAL E 3126 -61.67 -138.01 -28.35
C VAL E 3126 -60.26 -138.22 -28.86
N GLN E 3127 -59.64 -139.33 -28.47
CA GLN E 3127 -58.35 -139.72 -29.04
C GLN E 3127 -58.44 -140.05 -30.52
N VAL E 3128 -59.48 -140.78 -30.96
CA VAL E 3128 -59.59 -141.03 -32.39
C VAL E 3128 -60.01 -139.76 -33.13
N SER E 3129 -60.82 -138.89 -32.50
CA SER E 3129 -61.10 -137.60 -33.10
C SER E 3129 -59.82 -136.80 -33.32
N CYS E 3130 -58.93 -136.76 -32.32
CA CYS E 3130 -57.69 -136.02 -32.48
C CYS E 3130 -56.72 -136.75 -33.40
N TYR E 3131 -56.85 -138.07 -33.54
CA TYR E 3131 -56.10 -138.78 -34.58
C TYR E 3131 -56.52 -138.30 -35.97
N ARG E 3132 -57.83 -138.14 -36.18
CA ARG E 3132 -58.32 -137.60 -37.45
C ARG E 3132 -57.80 -136.17 -37.66
N ILE E 3133 -57.86 -135.35 -36.62
CA ILE E 3133 -57.35 -133.97 -36.73
C ILE E 3133 -55.86 -133.97 -37.03
N LEU E 3134 -55.11 -134.89 -36.42
CA LEU E 3134 -53.67 -134.97 -36.69
C LEU E 3134 -53.41 -135.37 -38.14
N THR E 3135 -54.18 -136.33 -38.66
CA THR E 3135 -54.01 -136.71 -40.06
C THR E 3135 -54.30 -135.53 -40.99
N SER E 3136 -55.39 -134.80 -40.71
CA SER E 3136 -55.71 -133.63 -41.52
C SER E 3136 -54.64 -132.55 -41.41
N LEU E 3137 -54.13 -132.31 -40.20
CA LEU E 3137 -53.14 -131.27 -40.00
C LEU E 3137 -51.82 -131.62 -40.67
N TYR E 3138 -51.42 -132.89 -40.61
CA TYR E 3138 -50.22 -133.31 -41.33
C TYR E 3138 -50.41 -133.26 -42.83
N ALA E 3139 -51.62 -133.55 -43.33
CA ALA E 3139 -51.90 -133.33 -44.75
C ALA E 3139 -51.82 -131.86 -45.12
N LEU E 3140 -52.25 -130.97 -44.23
CA LEU E 3140 -52.08 -129.54 -44.44
C LEU E 3140 -50.60 -129.18 -44.52
N GLY E 3141 -49.80 -129.70 -43.60
CA GLY E 3141 -48.38 -129.47 -43.61
C GLY E 3141 -47.66 -129.99 -44.82
N THR E 3142 -48.15 -131.08 -45.41
CA THR E 3142 -47.60 -131.61 -46.65
C THR E 3142 -48.24 -131.03 -47.91
N SER E 3143 -49.29 -130.25 -47.79
CA SER E 3143 -49.92 -129.61 -48.94
C SER E 3143 -49.22 -128.30 -49.26
N LYS E 3144 -49.15 -127.97 -50.56
CA LYS E 3144 -48.27 -126.92 -51.06
C LYS E 3144 -49.00 -126.12 -52.14
N SER E 3145 -49.34 -124.87 -51.83
CA SER E 3145 -49.98 -123.98 -52.80
C SER E 3145 -49.60 -122.54 -52.48
N ILE E 3146 -49.98 -121.63 -53.39
CA ILE E 3146 -49.67 -120.21 -53.19
C ILE E 3146 -50.52 -119.64 -52.06
N TYR E 3147 -51.80 -119.98 -52.02
CA TYR E 3147 -52.64 -119.56 -50.89
C TYR E 3147 -52.21 -120.25 -49.61
N VAL E 3148 -51.73 -121.48 -49.71
CA VAL E 3148 -51.12 -122.15 -48.56
C VAL E 3148 -49.91 -121.39 -48.04
N GLU E 3149 -49.04 -120.89 -48.93
CA GLU E 3149 -47.92 -120.06 -48.52
C GLU E 3149 -48.39 -118.75 -47.89
N ARG E 3150 -49.44 -118.14 -48.44
CA ARG E 3150 -49.94 -116.88 -47.89
C ARG E 3150 -50.48 -117.07 -46.47
N GLN E 3151 -51.26 -118.13 -46.26
CA GLN E 3151 -51.82 -118.44 -44.94
C GLN E 3151 -50.96 -119.43 -44.16
N ARG E 3152 -49.68 -119.52 -44.51
CA ARG E 3152 -48.81 -120.55 -43.95
C ARG E 3152 -48.52 -120.35 -42.47
N SER E 3153 -48.44 -119.10 -42.02
CA SER E 3153 -48.16 -118.85 -40.61
C SER E 3153 -49.27 -119.39 -39.72
N ALA E 3154 -50.52 -119.20 -40.11
CA ALA E 3154 -51.64 -119.78 -39.37
C ALA E 3154 -51.56 -121.31 -39.38
N LEU E 3155 -51.22 -121.89 -40.54
CA LEU E 3155 -51.03 -123.32 -40.61
C LEU E 3155 -49.96 -123.78 -39.63
N GLY E 3156 -48.78 -123.14 -39.67
CA GLY E 3156 -47.68 -123.52 -38.80
C GLY E 3156 -47.98 -123.38 -37.33
N GLU E 3157 -48.64 -122.30 -36.93
CA GLU E 3157 -49.02 -122.18 -35.53
C GLU E 3157 -50.06 -123.22 -35.14
N CYS E 3158 -50.94 -123.60 -36.06
CA CYS E 3158 -51.87 -124.69 -35.77
C CYS E 3158 -51.12 -126.00 -35.57
N LEU E 3159 -50.10 -126.24 -36.39
CA LEU E 3159 -49.27 -127.44 -36.24
C LEU E 3159 -48.60 -127.47 -34.86
N ALA E 3160 -47.94 -126.37 -34.50
CA ALA E 3160 -47.27 -126.28 -33.20
C ALA E 3160 -48.23 -126.40 -32.03
N ALA E 3161 -49.40 -125.76 -32.10
CA ALA E 3161 -50.41 -125.91 -31.07
C ALA E 3161 -50.90 -127.34 -30.92
N PHE E 3162 -51.20 -128.02 -32.02
CA PHE E 3162 -51.73 -129.38 -31.93
C PHE E 3162 -50.68 -130.37 -31.47
N ALA E 3163 -49.42 -130.14 -31.80
CA ALA E 3163 -48.40 -131.07 -31.31
C ALA E 3163 -48.42 -131.09 -29.79
N GLY E 3164 -48.51 -129.91 -29.18
CA GLY E 3164 -48.63 -129.83 -27.74
C GLY E 3164 -49.92 -130.46 -27.22
N ALA E 3165 -51.02 -130.28 -27.94
CA ALA E 3165 -52.30 -130.84 -27.46
C ALA E 3165 -52.33 -132.36 -27.55
N PHE E 3166 -51.72 -132.92 -28.57
CA PHE E 3166 -51.85 -134.34 -28.90
C PHE E 3166 -51.06 -135.19 -27.92
N PRO E 3167 -51.65 -136.23 -27.32
CA PRO E 3167 -51.01 -136.92 -26.20
C PRO E 3167 -50.07 -138.05 -26.57
N VAL E 3168 -49.99 -138.42 -27.85
CA VAL E 3168 -49.26 -139.62 -28.28
C VAL E 3168 -48.01 -139.18 -29.02
N ALA E 3169 -46.89 -139.84 -28.74
CA ALA E 3169 -45.62 -139.55 -29.40
C ALA E 3169 -45.68 -140.14 -30.81
N PHE E 3170 -46.58 -139.59 -31.62
CA PHE E 3170 -46.90 -140.21 -32.90
C PHE E 3170 -45.66 -140.33 -33.79
N LEU E 3171 -44.70 -139.44 -33.60
CA LEU E 3171 -43.41 -139.60 -34.27
C LEU E 3171 -42.72 -140.88 -33.82
N GLU E 3172 -42.80 -141.20 -32.53
CA GLU E 3172 -42.06 -142.34 -31.97
C GLU E 3172 -42.72 -143.65 -32.39
N THR E 3173 -42.52 -143.97 -33.67
CA THR E 3173 -43.16 -145.14 -34.27
C THR E 3173 -42.87 -146.42 -33.49
N HIS E 3174 -41.61 -146.64 -33.12
CA HIS E 3174 -41.28 -147.87 -32.40
C HIS E 3174 -41.88 -147.86 -30.99
N LEU E 3175 -41.71 -146.77 -30.24
CA LEU E 3175 -42.28 -146.67 -28.91
C LEU E 3175 -43.55 -145.80 -28.91
N ASP E 3176 -44.56 -146.25 -29.65
CA ASP E 3176 -45.94 -145.79 -29.45
C ASP E 3176 -46.79 -146.77 -28.65
N LYS E 3177 -46.75 -148.06 -29.00
CA LYS E 3177 -47.79 -149.00 -28.58
C LYS E 3177 -47.82 -149.21 -27.07
N HIS E 3178 -46.65 -149.26 -26.43
CA HIS E 3178 -46.54 -149.79 -25.07
C HIS E 3178 -47.26 -148.95 -24.02
N ASN E 3179 -47.63 -147.72 -24.37
CA ASN E 3179 -48.26 -146.81 -23.42
C ASN E 3179 -49.68 -147.29 -23.11
N ILE E 3180 -49.90 -147.70 -21.86
CA ILE E 3180 -51.22 -148.21 -21.47
C ILE E 3180 -52.24 -147.08 -21.43
N TYR E 3181 -51.77 -145.84 -21.40
CA TYR E 3181 -52.64 -144.67 -21.24
C TYR E 3181 -53.40 -144.34 -22.52
N SER E 3182 -53.22 -145.09 -23.59
CA SER E 3182 -53.80 -144.75 -24.88
C SER E 3182 -55.06 -145.56 -25.17
N ILE E 3183 -55.85 -145.05 -26.12
CA ILE E 3183 -57.01 -145.78 -26.62
C ILE E 3183 -56.57 -147.12 -27.19
N TYR E 3184 -55.37 -147.18 -27.76
CA TYR E 3184 -54.92 -148.40 -28.43
C TYR E 3184 -54.60 -149.49 -27.42
N ASN E 3185 -54.58 -149.12 -26.13
CA ASN E 3185 -54.46 -150.13 -25.08
C ASN E 3185 -55.79 -150.34 -24.36
N THR E 3186 -56.55 -149.27 -24.16
CA THR E 3186 -57.84 -149.41 -23.48
C THR E 3186 -58.92 -149.93 -24.42
N LYS E 3187 -58.54 -150.33 -25.64
CA LYS E 3187 -59.52 -150.48 -26.70
C LYS E 3187 -60.22 -151.83 -26.66
N SER E 3188 -59.88 -152.67 -25.66
CA SER E 3188 -60.46 -154.01 -25.45
C SER E 3188 -60.23 -154.81 -26.74
N SER E 3189 -61.13 -155.72 -27.12
CA SER E 3189 -61.09 -156.34 -28.44
C SER E 3189 -62.43 -156.28 -29.16
N ARG E 3190 -63.51 -156.55 -28.42
CA ARG E 3190 -64.86 -156.50 -29.00
C ARG E 3190 -65.09 -155.16 -29.68
N GLU E 3191 -64.53 -154.08 -29.12
CA GLU E 3191 -64.82 -152.79 -29.74
C GLU E 3191 -63.65 -152.28 -30.59
N ARG E 3192 -62.49 -152.97 -30.60
CA ARG E 3192 -61.76 -152.91 -31.86
C ARG E 3192 -62.71 -153.26 -33.00
N ALA E 3193 -63.27 -154.47 -32.93
CA ALA E 3193 -64.10 -154.95 -34.04
C ALA E 3193 -65.31 -154.06 -34.26
N ALA E 3194 -65.88 -153.51 -33.18
CA ALA E 3194 -66.99 -152.57 -33.31
C ALA E 3194 -66.58 -151.33 -34.09
N LEU E 3195 -65.43 -150.73 -33.77
CA LEU E 3195 -64.99 -149.59 -34.56
C LEU E 3195 -64.28 -150.05 -35.84
N SER E 3196 -63.98 -149.09 -36.71
CA SER E 3196 -63.22 -149.34 -37.92
C SER E 3196 -61.80 -148.82 -37.72
N LEU E 3197 -60.85 -149.73 -37.56
CA LEU E 3197 -59.50 -149.37 -37.18
C LEU E 3197 -58.50 -150.08 -38.10
N PRO E 3198 -57.40 -149.40 -38.44
CA PRO E 3198 -56.31 -150.09 -39.16
C PRO E 3198 -55.49 -151.03 -38.28
N THR E 3199 -55.83 -151.17 -37.00
CA THR E 3199 -55.31 -152.13 -36.03
C THR E 3199 -53.90 -151.76 -35.57
N ASN E 3200 -53.28 -150.74 -36.17
CA ASN E 3200 -51.94 -150.32 -35.79
C ASN E 3200 -51.91 -148.82 -35.61
N VAL E 3201 -51.17 -148.37 -34.59
CA VAL E 3201 -50.95 -146.94 -34.38
C VAL E 3201 -50.25 -146.29 -35.56
N GLU E 3202 -49.49 -147.06 -36.33
CA GLU E 3202 -48.86 -146.51 -37.52
C GLU E 3202 -49.71 -146.70 -38.77
N ASP E 3203 -50.56 -147.73 -38.80
CA ASP E 3203 -51.43 -147.92 -39.95
C ASP E 3203 -52.60 -146.94 -39.93
N VAL E 3204 -52.97 -146.46 -38.74
CA VAL E 3204 -54.01 -145.44 -38.64
C VAL E 3204 -53.48 -144.10 -39.15
N CYS E 3205 -52.17 -143.88 -39.05
CA CYS E 3205 -51.52 -142.67 -39.55
C CYS E 3205 -50.36 -143.11 -40.44
N PRO E 3206 -50.66 -143.64 -41.63
CA PRO E 3206 -49.57 -144.18 -42.46
C PRO E 3206 -48.56 -143.15 -42.91
N ASN E 3207 -49.00 -141.90 -43.14
CA ASN E 3207 -48.15 -140.93 -43.82
C ASN E 3207 -47.12 -140.35 -42.86
N ILE E 3208 -47.48 -140.23 -41.58
CA ILE E 3208 -46.55 -139.63 -40.60
C ILE E 3208 -45.29 -140.48 -40.50
N PRO E 3209 -44.10 -139.89 -40.50
CA PRO E 3209 -42.87 -140.69 -40.49
C PRO E 3209 -42.42 -141.03 -39.08
N SER E 3210 -41.48 -141.97 -39.01
CA SER E 3210 -40.89 -142.39 -37.75
C SER E 3210 -39.91 -141.34 -37.23
N LEU E 3211 -39.91 -141.16 -35.90
CA LEU E 3211 -39.20 -140.03 -35.29
C LEU E 3211 -37.73 -140.02 -35.68
N GLU E 3212 -37.07 -141.18 -35.62
CA GLU E 3212 -35.67 -141.25 -36.00
C GLU E 3212 -35.47 -140.96 -37.48
N LYS E 3213 -36.49 -141.24 -38.30
CA LYS E 3213 -36.37 -140.94 -39.72
C LYS E 3213 -36.50 -139.43 -39.96
N LEU E 3214 -37.43 -138.77 -39.28
CA LEU E 3214 -37.46 -137.31 -39.35
C LEU E 3214 -36.20 -136.69 -38.77
N MET E 3215 -35.58 -137.32 -37.78
CA MET E 3215 -34.36 -136.74 -37.22
C MET E 3215 -33.17 -136.97 -38.15
N GLU E 3216 -33.18 -138.08 -38.90
CA GLU E 3216 -32.26 -138.22 -40.03
C GLU E 3216 -32.51 -137.10 -41.04
N GLU E 3217 -33.79 -136.80 -41.32
CA GLU E 3217 -34.12 -135.70 -42.21
C GLU E 3217 -33.57 -134.39 -41.67
N ILE E 3218 -33.69 -134.18 -40.36
CA ILE E 3218 -33.26 -132.92 -39.75
C ILE E 3218 -31.74 -132.79 -39.82
N VAL E 3219 -31.02 -133.88 -39.57
CA VAL E 3219 -29.56 -133.79 -39.67
C VAL E 3219 -29.13 -133.59 -41.12
N GLU E 3220 -29.75 -134.29 -42.08
CA GLU E 3220 -29.33 -134.11 -43.47
C GLU E 3220 -29.64 -132.70 -43.95
N LEU E 3221 -30.72 -132.10 -43.45
CA LEU E 3221 -30.97 -130.70 -43.79
C LEU E 3221 -29.99 -129.79 -43.04
N ALA E 3222 -29.37 -130.27 -41.95
CA ALA E 3222 -28.20 -129.57 -41.43
C ALA E 3222 -27.08 -129.52 -42.44
N GLU E 3223 -26.64 -130.68 -42.95
CA GLU E 3223 -25.51 -130.64 -43.88
C GLU E 3223 -25.92 -129.99 -45.21
N SER E 3224 -27.22 -129.87 -45.47
CA SER E 3224 -27.65 -129.23 -46.71
C SER E 3224 -27.63 -127.71 -46.57
N GLY E 3225 -28.27 -127.17 -45.53
CA GLY E 3225 -28.38 -125.73 -45.39
C GLY E 3225 -29.19 -125.11 -46.51
N ILE E 3226 -30.33 -125.74 -46.80
CA ILE E 3226 -31.16 -125.32 -47.93
C ILE E 3226 -31.72 -123.91 -47.74
N ARG E 3227 -31.97 -123.24 -48.86
CA ARG E 3227 -32.35 -121.84 -48.86
C ARG E 3227 -33.83 -121.67 -48.52
N TYR E 3228 -34.16 -120.56 -47.86
CA TYR E 3228 -35.54 -120.28 -47.48
C TYR E 3228 -36.41 -119.89 -48.67
N THR E 3229 -35.81 -119.52 -49.80
CA THR E 3229 -36.63 -119.26 -50.98
C THR E 3229 -36.57 -120.37 -52.00
N GLN E 3230 -35.61 -121.29 -51.88
CA GLN E 3230 -35.50 -122.43 -52.79
C GLN E 3230 -36.28 -123.63 -52.29
N MET E 3231 -36.08 -124.03 -51.03
CA MET E 3231 -36.64 -125.27 -50.50
C MET E 3231 -37.26 -124.98 -49.13
N PRO E 3232 -38.32 -124.15 -49.08
CA PRO E 3232 -38.82 -123.72 -47.76
C PRO E 3232 -39.85 -124.64 -47.14
N HIS E 3233 -40.56 -125.47 -47.91
CA HIS E 3233 -41.75 -126.14 -47.41
C HIS E 3233 -41.46 -127.11 -46.27
N VAL E 3234 -40.73 -128.19 -46.54
CA VAL E 3234 -40.49 -129.19 -45.50
C VAL E 3234 -39.73 -128.57 -44.33
N MET E 3235 -38.79 -127.69 -44.66
CA MET E 3235 -37.82 -127.20 -43.70
C MET E 3235 -38.47 -126.18 -42.74
N GLU E 3236 -39.52 -125.47 -43.18
CA GLU E 3236 -40.27 -124.60 -42.26
C GLU E 3236 -41.46 -125.32 -41.65
N VAL E 3237 -41.98 -126.39 -42.27
CA VAL E 3237 -43.12 -127.06 -41.67
C VAL E 3237 -42.69 -127.97 -40.54
N ILE E 3238 -41.49 -128.56 -40.63
CA ILE E 3238 -41.12 -129.61 -39.69
C ILE E 3238 -40.59 -129.00 -38.40
N LEU E 3239 -39.88 -127.88 -38.51
CA LEU E 3239 -39.18 -127.32 -37.36
C LEU E 3239 -40.12 -126.90 -36.22
N PRO E 3240 -41.18 -126.12 -36.46
CA PRO E 3240 -42.17 -125.91 -35.37
C PRO E 3240 -42.80 -127.19 -34.87
N MET E 3241 -43.09 -128.12 -35.77
CA MET E 3241 -43.58 -129.43 -35.35
C MET E 3241 -42.68 -130.05 -34.29
N LEU E 3242 -41.40 -130.25 -34.60
CA LEU E 3242 -40.51 -130.94 -33.68
C LEU E 3242 -40.31 -130.12 -32.41
N CYS E 3243 -40.19 -128.79 -32.56
CA CYS E 3243 -39.99 -127.97 -31.39
C CYS E 3243 -41.16 -128.07 -30.42
N SER E 3244 -42.40 -128.01 -30.93
CA SER E 3244 -43.56 -128.14 -30.07
C SER E 3244 -43.69 -129.54 -29.50
N TYR E 3245 -43.26 -130.55 -30.25
CA TYR E 3245 -43.12 -131.90 -29.70
C TYR E 3245 -42.18 -131.92 -28.51
N MET E 3246 -40.89 -131.76 -28.78
CA MET E 3246 -39.91 -132.04 -27.74
C MET E 3246 -40.03 -131.07 -26.57
N SER E 3247 -40.62 -129.88 -26.79
CA SER E 3247 -40.85 -128.96 -25.66
C SER E 3247 -41.59 -129.65 -24.52
N ARG E 3248 -42.56 -130.50 -24.84
CA ARG E 3248 -43.32 -131.17 -23.80
C ARG E 3248 -42.83 -132.59 -23.57
N TRP E 3249 -42.42 -133.30 -24.64
CA TRP E 3249 -41.98 -134.69 -24.41
C TRP E 3249 -40.51 -134.82 -24.00
N TRP E 3250 -39.77 -133.73 -23.83
CA TRP E 3250 -38.57 -133.85 -23.00
C TRP E 3250 -38.94 -134.06 -21.55
N GLU E 3251 -39.71 -133.15 -20.97
CA GLU E 3251 -40.13 -133.32 -19.59
C GLU E 3251 -41.07 -134.52 -19.45
N HIS E 3252 -41.60 -135.01 -20.57
CA HIS E 3252 -42.18 -136.35 -20.62
C HIS E 3252 -41.19 -137.42 -21.11
N GLY E 3253 -39.89 -137.14 -21.14
CA GLY E 3253 -38.91 -138.09 -21.62
C GLY E 3253 -38.53 -139.14 -20.60
N PRO E 3254 -37.52 -139.96 -20.95
CA PRO E 3254 -37.16 -141.10 -20.09
C PRO E 3254 -36.32 -140.73 -18.88
N GLU E 3255 -35.57 -139.64 -18.97
CA GLU E 3255 -34.82 -139.17 -17.80
C GLU E 3255 -35.66 -138.22 -16.96
N ASN E 3256 -36.60 -137.53 -17.61
CA ASN E 3256 -37.43 -136.57 -16.89
C ASN E 3256 -38.55 -137.26 -16.12
N ASN E 3257 -38.96 -138.44 -16.59
CA ASN E 3257 -39.85 -139.30 -15.81
C ASN E 3257 -39.02 -140.41 -15.19
N PRO E 3258 -38.58 -140.29 -13.94
CA PRO E 3258 -37.84 -141.39 -13.32
C PRO E 3258 -38.64 -142.68 -13.25
N GLU E 3259 -39.95 -142.58 -13.04
CA GLU E 3259 -40.81 -143.75 -13.04
C GLU E 3259 -40.99 -144.24 -14.47
N ARG E 3260 -40.83 -145.57 -14.65
CA ARG E 3260 -40.99 -146.22 -15.94
C ARG E 3260 -40.01 -145.64 -16.97
N ALA E 3261 -38.75 -145.46 -16.55
CA ALA E 3261 -37.74 -144.82 -17.37
C ALA E 3261 -37.41 -145.67 -18.61
N GLU E 3262 -37.37 -145.00 -19.77
CA GLU E 3262 -37.11 -145.62 -21.06
C GLU E 3262 -38.24 -146.58 -21.45
N MET E 3263 -39.22 -146.72 -20.56
CA MET E 3263 -40.45 -147.44 -20.83
C MET E 3263 -41.65 -146.51 -20.84
N CYS E 3264 -41.44 -145.24 -20.48
CA CYS E 3264 -42.49 -144.23 -20.41
C CYS E 3264 -42.83 -143.69 -21.79
N CYS E 3265 -43.53 -142.56 -21.83
CA CYS E 3265 -44.13 -142.06 -23.06
C CYS E 3265 -43.09 -141.89 -24.18
N THR E 3266 -41.92 -141.36 -23.85
CA THR E 3266 -40.96 -141.03 -24.90
C THR E 3266 -39.55 -141.44 -24.47
N ALA E 3267 -38.61 -141.22 -25.38
CA ALA E 3267 -37.20 -141.52 -25.20
C ALA E 3267 -36.31 -140.33 -25.53
N LEU E 3268 -36.91 -139.17 -25.79
CA LEU E 3268 -36.17 -137.99 -26.22
C LEU E 3268 -35.47 -137.32 -25.05
N ASN E 3269 -34.18 -137.01 -25.21
CA ASN E 3269 -33.35 -136.57 -24.10
C ASN E 3269 -32.59 -135.29 -24.44
N SER E 3270 -31.90 -134.77 -23.41
CA SER E 3270 -31.20 -133.49 -23.46
C SER E 3270 -30.10 -133.46 -24.51
N GLU E 3271 -29.27 -134.51 -24.61
CA GLU E 3271 -28.23 -134.54 -25.63
C GLU E 3271 -28.83 -134.49 -27.03
N HIS E 3272 -29.91 -135.24 -27.25
CA HIS E 3272 -30.52 -135.26 -28.57
C HIS E 3272 -31.14 -133.92 -28.94
N MET E 3273 -31.85 -133.28 -28.01
CA MET E 3273 -32.38 -131.96 -28.35
C MET E 3273 -31.27 -130.95 -28.49
N ASN E 3274 -30.15 -131.14 -27.80
CA ASN E 3274 -29.03 -130.21 -27.94
C ASN E 3274 -28.43 -130.33 -29.35
N THR E 3275 -28.34 -131.56 -29.85
CA THR E 3275 -27.97 -131.76 -31.24
C THR E 3275 -28.97 -131.10 -32.18
N LEU E 3276 -30.26 -131.17 -31.83
CA LEU E 3276 -31.26 -130.52 -32.67
C LEU E 3276 -31.14 -128.99 -32.62
N LEU E 3277 -30.78 -128.43 -31.46
CA LEU E 3277 -30.48 -127.01 -31.37
C LEU E 3277 -29.32 -126.61 -32.29
N GLY E 3278 -28.18 -127.28 -32.15
CA GLY E 3278 -27.06 -127.01 -33.02
C GLY E 3278 -27.39 -127.20 -34.48
N ASN E 3279 -28.21 -128.19 -34.78
CA ASN E 3279 -28.69 -128.45 -36.13
C ASN E 3279 -29.48 -127.26 -36.70
N ILE E 3280 -30.53 -126.82 -36.01
CA ILE E 3280 -31.33 -125.71 -36.52
C ILE E 3280 -30.46 -124.46 -36.66
N LEU E 3281 -29.59 -124.25 -35.69
CA LEU E 3281 -28.76 -123.06 -35.68
C LEU E 3281 -27.60 -123.16 -36.68
N LYS E 3282 -27.38 -124.36 -37.20
CA LYS E 3282 -26.47 -124.57 -38.32
C LYS E 3282 -27.13 -124.31 -39.66
N ILE E 3283 -28.40 -124.71 -39.82
CA ILE E 3283 -29.12 -124.32 -41.03
C ILE E 3283 -29.27 -122.82 -41.15
N ILE E 3284 -29.60 -122.12 -40.06
CA ILE E 3284 -29.77 -120.67 -40.18
C ILE E 3284 -28.48 -120.01 -40.67
N TYR E 3285 -27.34 -120.64 -40.43
CA TYR E 3285 -26.06 -120.11 -40.92
C TYR E 3285 -26.05 -120.01 -42.43
N ASN E 3286 -26.51 -121.06 -43.12
CA ASN E 3286 -26.64 -120.98 -44.57
C ASN E 3286 -27.83 -120.13 -44.97
N ASN E 3287 -28.84 -120.07 -44.10
CA ASN E 3287 -30.06 -119.33 -44.43
C ASN E 3287 -29.82 -117.82 -44.41
N LEU E 3288 -28.75 -117.38 -43.75
CA LEU E 3288 -28.43 -115.96 -43.72
C LEU E 3288 -28.18 -115.40 -45.13
N GLY E 3289 -27.79 -116.26 -46.07
CA GLY E 3289 -27.48 -115.80 -47.41
C GLY E 3289 -28.68 -115.27 -48.18
N ILE E 3290 -29.89 -115.61 -47.74
CA ILE E 3290 -31.10 -115.16 -48.43
C ILE E 3290 -31.86 -114.22 -47.49
N ASP E 3291 -31.15 -113.65 -46.52
CA ASP E 3291 -31.66 -112.65 -45.59
C ASP E 3291 -32.71 -113.20 -44.65
N GLU E 3292 -32.99 -114.50 -44.75
CA GLU E 3292 -33.82 -115.21 -43.78
C GLU E 3292 -35.25 -114.70 -43.76
N GLY E 3293 -36.05 -115.20 -42.81
CA GLY E 3293 -37.44 -114.82 -42.67
C GLY E 3293 -37.89 -114.77 -41.22
N ALA E 3294 -39.10 -114.27 -40.98
CA ALA E 3294 -39.58 -114.04 -39.63
C ALA E 3294 -39.95 -115.31 -38.87
N TRP E 3295 -40.20 -116.42 -39.58
CA TRP E 3295 -40.78 -117.56 -38.88
C TRP E 3295 -39.74 -118.23 -37.99
N MET E 3296 -38.44 -118.09 -38.34
CA MET E 3296 -37.42 -118.56 -37.40
C MET E 3296 -37.25 -117.63 -36.21
N LYS E 3297 -37.59 -116.34 -36.35
CA LYS E 3297 -37.74 -115.54 -35.15
C LYS E 3297 -38.90 -116.05 -34.30
N ARG E 3298 -39.96 -116.52 -34.95
CA ARG E 3298 -41.02 -117.19 -34.20
C ARG E 3298 -40.51 -118.48 -33.54
N LEU E 3299 -39.64 -119.23 -34.22
CA LEU E 3299 -38.99 -120.37 -33.56
C LEU E 3299 -38.16 -119.95 -32.36
N ALA E 3300 -37.41 -118.85 -32.48
CA ALA E 3300 -36.66 -118.35 -31.33
C ALA E 3300 -37.62 -118.03 -30.19
N VAL E 3301 -38.78 -117.47 -30.52
CA VAL E 3301 -39.82 -117.22 -29.51
C VAL E 3301 -40.26 -118.52 -28.86
N PHE E 3302 -40.47 -119.57 -29.67
CA PHE E 3302 -40.82 -120.87 -29.13
C PHE E 3302 -39.70 -121.44 -28.26
N SER E 3303 -38.45 -121.09 -28.58
CA SER E 3303 -37.30 -121.78 -28.02
C SER E 3303 -36.69 -121.09 -26.80
N GLN E 3304 -37.04 -119.83 -26.50
CA GLN E 3304 -36.55 -119.36 -25.20
C GLN E 3304 -37.08 -120.25 -24.08
N PRO E 3305 -38.34 -120.71 -24.12
CA PRO E 3305 -38.73 -121.76 -23.18
C PRO E 3305 -37.84 -122.99 -23.27
N ILE E 3306 -37.45 -123.40 -24.49
CA ILE E 3306 -36.52 -124.51 -24.64
C ILE E 3306 -35.19 -124.20 -23.97
N ILE E 3307 -34.67 -122.99 -24.20
CA ILE E 3307 -33.37 -122.64 -23.64
C ILE E 3307 -33.43 -122.63 -22.12
N ASN E 3308 -34.50 -122.07 -21.56
CA ASN E 3308 -34.68 -122.07 -20.10
C ASN E 3308 -34.81 -123.47 -19.52
N LYS E 3309 -35.56 -124.36 -20.17
CA LYS E 3309 -35.81 -125.67 -19.58
C LYS E 3309 -34.65 -126.62 -19.83
N VAL E 3310 -33.77 -126.30 -20.79
CA VAL E 3310 -32.49 -127.01 -20.89
C VAL E 3310 -31.56 -126.56 -19.78
N LYS E 3311 -30.78 -127.52 -19.27
CA LYS E 3311 -29.94 -127.27 -18.11
C LYS E 3311 -28.89 -126.21 -18.43
N PRO E 3312 -28.58 -125.31 -17.49
CA PRO E 3312 -27.57 -124.27 -17.76
C PRO E 3312 -26.18 -124.82 -18.05
N GLN E 3313 -25.90 -126.05 -17.63
CA GLN E 3313 -24.62 -126.66 -17.97
C GLN E 3313 -24.48 -126.80 -19.48
N LEU E 3314 -25.55 -127.23 -20.15
CA LEU E 3314 -25.55 -127.27 -21.61
C LEU E 3314 -25.45 -125.87 -22.20
N LEU E 3315 -25.92 -124.85 -21.48
CA LEU E 3315 -25.71 -123.48 -21.94
C LEU E 3315 -24.22 -123.14 -21.94
N LYS E 3316 -23.55 -123.29 -20.80
CA LYS E 3316 -22.11 -123.07 -20.77
C LYS E 3316 -21.39 -124.01 -21.75
N THR E 3317 -20.47 -123.43 -22.51
CA THR E 3317 -19.51 -124.11 -23.40
C THR E 3317 -20.14 -124.66 -24.67
N HIS E 3318 -21.47 -124.61 -24.81
CA HIS E 3318 -22.05 -124.97 -26.10
C HIS E 3318 -22.94 -123.86 -26.64
N PHE E 3319 -23.83 -123.34 -25.80
CA PHE E 3319 -24.77 -122.29 -26.19
C PHE E 3319 -24.15 -120.91 -26.06
N LEU E 3320 -23.19 -120.74 -25.13
CA LEU E 3320 -22.36 -119.53 -25.12
C LEU E 3320 -21.54 -119.37 -26.40
N PRO E 3321 -20.84 -120.38 -26.90
CA PRO E 3321 -20.29 -120.26 -28.26
C PRO E 3321 -21.37 -120.00 -29.29
N LEU E 3322 -22.60 -120.42 -29.05
CA LEU E 3322 -23.69 -120.01 -29.92
C LEU E 3322 -24.01 -118.53 -29.82
N MET E 3323 -23.97 -117.95 -28.61
CA MET E 3323 -24.10 -116.51 -28.43
C MET E 3323 -22.98 -115.74 -29.12
N GLU E 3324 -21.76 -116.28 -29.14
CA GLU E 3324 -20.70 -115.59 -29.87
C GLU E 3324 -20.84 -115.82 -31.38
N LYS E 3325 -21.34 -117.00 -31.78
CA LYS E 3325 -21.61 -117.26 -33.19
C LYS E 3325 -22.74 -116.39 -33.72
N LEU E 3326 -23.81 -116.25 -32.94
CA LEU E 3326 -24.89 -115.31 -33.21
C LEU E 3326 -24.44 -113.86 -33.04
N LYS E 3327 -23.39 -113.62 -32.27
CA LYS E 3327 -22.70 -112.34 -32.27
C LYS E 3327 -22.06 -112.07 -33.64
N LYS E 3328 -21.53 -113.10 -34.31
CA LYS E 3328 -21.22 -112.90 -35.72
C LYS E 3328 -22.48 -112.62 -36.52
N LYS E 3329 -23.58 -113.32 -36.20
CA LYS E 3329 -24.83 -113.15 -36.93
C LYS E 3329 -25.49 -111.80 -36.69
N ALA E 3330 -24.98 -111.02 -35.73
CA ALA E 3330 -25.51 -109.69 -35.46
C ALA E 3330 -25.31 -108.73 -36.62
N ALA E 3331 -24.66 -109.14 -37.70
CA ALA E 3331 -24.53 -108.28 -38.87
C ALA E 3331 -25.89 -107.99 -39.49
N THR E 3332 -26.80 -108.97 -39.45
CA THR E 3332 -28.14 -108.78 -39.96
C THR E 3332 -28.89 -107.73 -39.14
N VAL E 3333 -29.74 -106.95 -39.81
CA VAL E 3333 -30.48 -105.89 -39.13
C VAL E 3333 -31.47 -106.48 -38.14
N VAL E 3334 -31.94 -107.70 -38.38
CA VAL E 3334 -32.92 -108.33 -37.51
C VAL E 3334 -32.33 -108.53 -36.13
N SER E 3335 -33.18 -108.50 -35.11
CA SER E 3335 -32.77 -108.68 -33.73
C SER E 3335 -32.53 -110.16 -33.45
N GLU E 3336 -31.32 -110.48 -33.02
CA GLU E 3336 -30.90 -111.85 -32.79
C GLU E 3336 -31.13 -112.21 -31.32
N GLU E 3337 -32.25 -112.88 -31.04
CA GLU E 3337 -32.62 -113.27 -29.68
C GLU E 3337 -32.63 -112.07 -28.73
N VAL E 3599 -47.40 -76.07 -38.94
CA VAL E 3599 -47.69 -77.16 -39.85
C VAL E 3599 -49.11 -77.03 -40.39
N VAL E 3600 -50.09 -77.45 -39.59
CA VAL E 3600 -51.47 -77.40 -40.04
C VAL E 3600 -51.88 -75.97 -40.39
N ALA E 3601 -51.35 -74.98 -39.68
CA ALA E 3601 -51.69 -73.59 -39.98
C ALA E 3601 -51.24 -73.19 -41.37
N CYS E 3602 -50.01 -73.56 -41.75
CA CYS E 3602 -49.49 -73.15 -43.05
C CYS E 3602 -50.05 -74.00 -44.18
N PHE E 3603 -50.42 -75.24 -43.89
CA PHE E 3603 -51.14 -76.02 -44.91
C PHE E 3603 -52.57 -75.51 -45.10
N ARG E 3604 -53.21 -75.01 -44.04
CA ARG E 3604 -54.58 -74.51 -44.16
C ARG E 3604 -54.60 -73.12 -44.78
N MET E 3605 -53.44 -72.48 -44.91
CA MET E 3605 -53.30 -71.29 -45.73
C MET E 3605 -53.23 -71.71 -47.21
N ALA E 3606 -54.20 -71.25 -48.01
CA ALA E 3606 -54.24 -71.64 -49.41
C ALA E 3606 -53.14 -70.94 -50.20
N PRO E 3607 -52.36 -71.67 -51.00
CA PRO E 3607 -51.35 -71.01 -51.84
C PRO E 3607 -51.97 -70.08 -52.86
N LEU E 3608 -51.10 -69.31 -53.52
CA LEU E 3608 -51.55 -68.26 -54.43
C LEU E 3608 -52.41 -68.81 -55.58
N TYR E 3609 -52.18 -70.05 -55.99
CA TYR E 3609 -52.90 -70.58 -57.14
C TYR E 3609 -54.36 -70.86 -56.80
N ASN E 3610 -54.66 -71.12 -55.52
CA ASN E 3610 -56.04 -71.38 -55.13
C ASN E 3610 -56.87 -70.11 -55.09
N LEU E 3611 -56.22 -68.96 -54.90
CA LEU E 3611 -56.96 -67.71 -54.75
C LEU E 3611 -57.68 -67.36 -56.05
N PRO E 3612 -58.82 -66.68 -55.98
CA PRO E 3612 -59.48 -66.21 -57.21
C PRO E 3612 -58.58 -65.25 -57.97
N ARG E 3613 -58.76 -65.24 -59.30
CA ARG E 3613 -57.78 -64.59 -60.16
C ARG E 3613 -57.74 -63.08 -59.94
N HIS E 3614 -58.88 -62.46 -59.60
CA HIS E 3614 -58.89 -61.01 -59.39
C HIS E 3614 -58.10 -60.63 -58.13
N ARG E 3615 -58.20 -61.44 -57.08
CA ARG E 3615 -57.39 -61.19 -55.89
C ARG E 3615 -55.91 -61.33 -56.21
N ALA E 3616 -55.55 -62.32 -57.02
CA ALA E 3616 -54.16 -62.47 -57.46
C ALA E 3616 -53.72 -61.27 -58.29
N VAL E 3617 -54.63 -60.72 -59.10
CA VAL E 3617 -54.31 -59.52 -59.87
C VAL E 3617 -54.01 -58.35 -58.95
N ASN E 3618 -54.83 -58.16 -57.93
CA ASN E 3618 -54.58 -57.05 -56.99
C ASN E 3618 -53.25 -57.24 -56.27
N LEU E 3619 -52.99 -58.46 -55.80
CA LEU E 3619 -51.72 -58.73 -55.12
C LEU E 3619 -50.54 -58.51 -56.05
N PHE E 3620 -50.67 -58.93 -57.32
CA PHE E 3620 -49.59 -58.73 -58.29
C PHE E 3620 -49.39 -57.25 -58.57
N LEU E 3621 -50.47 -56.48 -58.63
CA LEU E 3621 -50.32 -55.03 -58.84
C LEU E 3621 -49.53 -54.40 -57.70
N GLN E 3622 -49.89 -54.73 -56.46
CA GLN E 3622 -49.15 -54.17 -55.32
C GLN E 3622 -47.68 -54.61 -55.33
N GLY E 3623 -47.45 -55.90 -55.57
CA GLY E 3623 -46.08 -56.40 -55.57
C GLY E 3623 -45.26 -55.83 -56.72
N TYR E 3624 -45.86 -55.71 -57.90
CA TYR E 3624 -45.21 -55.09 -59.04
C TYR E 3624 -44.82 -53.66 -58.73
N GLU E 3625 -45.75 -52.87 -58.19
CA GLU E 3625 -45.41 -51.53 -57.73
C GLU E 3625 -44.17 -51.57 -56.86
N LYS E 3626 -44.28 -52.24 -55.70
CA LYS E 3626 -43.22 -52.17 -54.70
C LYS E 3626 -41.89 -52.67 -55.23
N SER E 3627 -41.91 -53.68 -56.11
CA SER E 3627 -40.67 -54.34 -56.48
C SER E 3627 -40.00 -53.71 -57.69
N TRP E 3628 -40.79 -53.12 -58.60
CA TRP E 3628 -40.25 -52.62 -59.87
C TRP E 3628 -40.42 -51.12 -59.97
N ILE E 3629 -41.63 -50.59 -59.76
CA ILE E 3629 -41.89 -49.19 -60.08
C ILE E 3629 -41.17 -48.27 -59.08
N GLU E 3630 -41.22 -48.64 -57.81
CA GLU E 3630 -40.49 -47.87 -56.79
C GLU E 3630 -38.99 -48.00 -56.96
N THR E 3631 -38.52 -49.20 -57.33
CA THR E 3631 -37.08 -49.43 -57.43
C THR E 3631 -36.49 -48.81 -58.70
N GLU E 3632 -37.33 -48.50 -59.69
CA GLU E 3632 -36.83 -47.88 -60.91
C GLU E 3632 -36.20 -46.52 -60.60
N GLU E 3633 -35.03 -46.28 -61.18
CA GLU E 3633 -34.23 -45.11 -60.85
C GLU E 3633 -33.74 -44.45 -62.14
N HIS E 3634 -33.74 -43.12 -62.17
CA HIS E 3634 -33.28 -42.36 -63.33
C HIS E 3634 -32.75 -41.02 -62.87
N TYR E 3635 -31.71 -40.54 -63.58
CA TYR E 3635 -30.96 -39.36 -63.19
C TYR E 3635 -31.24 -38.24 -64.20
N PHE E 3636 -32.11 -37.31 -63.82
CA PHE E 3636 -32.49 -36.17 -64.65
C PHE E 3636 -32.27 -34.84 -63.96
N GLU E 3637 -31.86 -34.86 -62.70
CA GLU E 3637 -31.91 -33.66 -61.86
C GLU E 3637 -30.97 -32.58 -62.39
N ASP E 3638 -29.76 -32.96 -62.76
CA ASP E 3638 -28.79 -31.99 -63.25
C ASP E 3638 -29.25 -31.35 -64.56
N LYS E 3639 -29.75 -32.17 -65.48
CA LYS E 3639 -30.29 -31.63 -66.74
C LYS E 3639 -31.44 -30.67 -66.48
N LEU E 3640 -32.37 -31.05 -65.60
CA LEU E 3640 -33.52 -30.19 -65.32
C LEU E 3640 -33.09 -28.88 -64.70
N ILE E 3641 -32.17 -28.94 -63.73
CA ILE E 3641 -31.74 -27.71 -63.06
C ILE E 3641 -30.97 -26.81 -64.01
N GLU E 3642 -30.12 -27.38 -64.86
CA GLU E 3642 -29.39 -26.57 -65.83
C GLU E 3642 -30.35 -25.91 -66.83
N ASP E 3643 -31.33 -26.67 -67.32
CA ASP E 3643 -32.30 -26.11 -68.25
C ASP E 3643 -33.13 -24.99 -67.62
N LEU E 3644 -33.53 -25.16 -66.35
CA LEU E 3644 -34.23 -24.08 -65.67
C LEU E 3644 -33.33 -22.89 -65.40
N ALA E 3645 -32.04 -23.12 -65.15
CA ALA E 3645 -31.14 -22.02 -64.81
C ALA E 3645 -30.72 -21.24 -66.04
N LYS E 3646 -30.83 -21.85 -67.22
CA LYS E 3646 -30.43 -21.17 -68.46
C LYS E 3646 -31.29 -19.93 -68.69
N PRO E 3647 -30.68 -18.75 -68.82
CA PRO E 3647 -31.45 -17.55 -69.22
C PRO E 3647 -31.75 -17.62 -70.71
N GLY E 3648 -33.03 -17.76 -71.05
CA GLY E 3648 -33.41 -18.02 -72.41
C GLY E 3648 -33.75 -16.80 -73.26
N ALA E 3649 -33.00 -16.62 -74.34
CA ALA E 3649 -33.28 -15.59 -75.35
C ALA E 3649 -33.41 -14.20 -74.72
N GLU E 3650 -32.50 -13.88 -73.81
CA GLU E 3650 -32.56 -12.60 -73.12
C GLU E 3650 -32.51 -11.40 -74.08
N PRO E 3651 -31.65 -11.40 -75.10
CA PRO E 3651 -31.72 -10.30 -76.09
C PRO E 3651 -33.03 -10.27 -76.84
N PRO E 3652 -33.61 -11.42 -77.24
CA PRO E 3652 -34.98 -11.36 -77.80
C PRO E 3652 -36.04 -10.78 -76.88
N GLU E 3653 -36.04 -11.07 -75.58
CA GLU E 3653 -36.93 -10.32 -74.69
C GLU E 3653 -36.22 -9.09 -74.16
N GLU E 3654 -36.41 -7.96 -74.85
CA GLU E 3654 -35.87 -6.67 -74.46
C GLU E 3654 -36.71 -6.12 -73.30
N ASP E 3655 -36.13 -6.18 -72.10
CA ASP E 3655 -36.78 -5.60 -70.93
C ASP E 3655 -36.41 -4.14 -70.74
N GLU E 3656 -35.30 -3.69 -71.35
CA GLU E 3656 -34.78 -2.34 -71.18
C GLU E 3656 -34.62 -1.98 -69.70
N GLY E 3657 -34.08 -2.91 -68.93
CA GLY E 3657 -33.91 -2.68 -67.52
C GLY E 3657 -32.98 -3.70 -66.89
N THR E 3658 -33.33 -4.09 -65.67
CA THR E 3658 -32.51 -5.06 -64.93
C THR E 3658 -32.59 -6.43 -65.59
N LYS E 3659 -31.62 -7.29 -65.25
CA LYS E 3659 -31.56 -8.63 -65.81
C LYS E 3659 -32.80 -9.43 -65.40
N ARG E 3660 -33.28 -10.25 -66.33
CA ARG E 3660 -34.54 -10.94 -66.14
C ARG E 3660 -34.35 -12.22 -65.34
N VAL E 3661 -35.27 -12.46 -64.41
CA VAL E 3661 -35.17 -13.61 -63.52
C VAL E 3661 -35.36 -14.90 -64.31
N ASP E 3662 -34.45 -15.85 -64.09
CA ASP E 3662 -34.54 -17.16 -64.73
C ASP E 3662 -35.65 -17.99 -64.08
N PRO E 3663 -36.13 -19.04 -64.76
CA PRO E 3663 -37.18 -19.87 -64.17
C PRO E 3663 -36.81 -20.48 -62.82
N LEU E 3664 -35.57 -20.92 -62.65
CA LEU E 3664 -35.15 -21.44 -61.35
C LEU E 3664 -35.22 -20.35 -60.28
N HIS E 3665 -34.78 -19.14 -60.63
CA HIS E 3665 -34.86 -18.03 -59.68
C HIS E 3665 -36.30 -17.71 -59.32
N GLN E 3666 -37.21 -17.79 -60.30
CA GLN E 3666 -38.63 -17.61 -60.04
C GLN E 3666 -39.20 -18.68 -59.11
N LEU E 3667 -38.82 -19.94 -59.31
CA LEU E 3667 -39.27 -21.00 -58.43
C LEU E 3667 -38.77 -20.77 -57.00
N ILE E 3668 -37.49 -20.40 -56.86
CA ILE E 3668 -36.95 -20.08 -55.54
C ILE E 3668 -37.63 -18.90 -54.89
N LEU E 3669 -37.93 -17.84 -55.65
CA LEU E 3669 -38.70 -16.72 -55.13
C LEU E 3669 -40.10 -17.11 -54.70
N LEU E 3670 -40.78 -17.96 -55.47
CA LEU E 3670 -42.10 -18.43 -55.06
C LEU E 3670 -42.02 -19.17 -53.73
N PHE E 3671 -41.08 -20.10 -53.61
CA PHE E 3671 -40.94 -20.83 -52.35
C PHE E 3671 -40.56 -19.92 -51.19
N SER E 3672 -39.67 -18.95 -51.42
CA SER E 3672 -39.27 -18.03 -50.36
C SER E 3672 -40.43 -17.16 -49.90
N ARG E 3673 -41.24 -16.67 -50.84
CA ARG E 3673 -42.42 -15.89 -50.48
C ARG E 3673 -43.43 -16.73 -49.71
N THR E 3674 -43.62 -17.98 -50.13
CA THR E 3674 -44.53 -18.87 -49.40
C THR E 3674 -44.03 -19.10 -47.98
N ALA E 3675 -42.72 -19.28 -47.82
CA ALA E 3675 -42.15 -19.47 -46.47
C ALA E 3675 -42.32 -18.21 -45.63
N LEU E 3676 -42.09 -17.04 -46.23
CA LEU E 3676 -42.17 -15.79 -45.48
C LEU E 3676 -43.60 -15.38 -45.16
N THR E 3677 -44.58 -15.91 -45.89
CA THR E 3677 -45.97 -15.62 -45.56
C THR E 3677 -46.30 -16.10 -44.16
N GLU E 3678 -46.92 -15.24 -43.37
CA GLU E 3678 -47.18 -15.56 -41.96
C GLU E 3678 -48.29 -16.60 -41.84
N LYS E 3679 -47.94 -17.75 -41.28
CA LYS E 3679 -48.90 -18.81 -41.01
C LYS E 3679 -48.58 -19.43 -39.67
N CYS E 3680 -49.61 -19.95 -39.00
CA CYS E 3680 -49.44 -20.57 -37.70
C CYS E 3680 -48.73 -21.93 -37.78
N LYS E 3681 -48.74 -22.57 -38.96
CA LYS E 3681 -48.13 -23.87 -39.13
C LYS E 3681 -47.53 -23.95 -40.53
N LEU E 3682 -46.45 -24.72 -40.65
CA LEU E 3682 -45.80 -24.97 -41.93
C LEU E 3682 -46.60 -26.03 -42.68
N GLU E 3683 -47.45 -25.59 -43.60
CA GLU E 3683 -48.30 -26.51 -44.35
C GLU E 3683 -47.47 -27.28 -45.36
N GLU E 3684 -47.71 -28.60 -45.42
CA GLU E 3684 -46.95 -29.47 -46.32
C GLU E 3684 -47.20 -29.07 -47.76
N ASP E 3685 -46.13 -28.97 -48.55
CA ASP E 3685 -46.20 -28.61 -49.95
C ASP E 3685 -45.49 -29.67 -50.78
N PHE E 3686 -46.25 -30.38 -51.62
CA PHE E 3686 -45.68 -31.41 -52.47
C PHE E 3686 -44.67 -30.82 -53.46
N LEU E 3687 -44.98 -29.65 -54.00
CA LEU E 3687 -44.05 -28.99 -54.91
C LEU E 3687 -42.71 -28.73 -54.24
N TYR E 3688 -42.75 -28.28 -52.97
CA TYR E 3688 -41.51 -28.05 -52.25
C TYR E 3688 -40.78 -29.37 -51.98
N MET E 3689 -41.48 -30.39 -51.46
CA MET E 3689 -40.80 -31.65 -51.21
C MET E 3689 -40.22 -32.28 -52.46
N ALA E 3690 -40.75 -31.97 -53.64
CA ALA E 3690 -40.20 -32.52 -54.86
C ALA E 3690 -39.03 -31.69 -55.38
N TYR E 3691 -39.21 -30.37 -55.51
CA TYR E 3691 -38.18 -29.55 -56.13
C TYR E 3691 -36.99 -29.33 -55.21
N ALA E 3692 -37.18 -29.29 -53.89
CA ALA E 3692 -36.05 -29.22 -52.99
C ALA E 3692 -35.19 -30.48 -53.10
N ASP E 3693 -35.82 -31.65 -53.21
CA ASP E 3693 -35.08 -32.89 -53.42
C ASP E 3693 -34.34 -32.87 -54.74
N ILE E 3694 -34.98 -32.36 -55.80
CA ILE E 3694 -34.32 -32.26 -57.10
C ILE E 3694 -33.08 -31.37 -56.99
N MET E 3695 -33.22 -30.20 -56.37
CA MET E 3695 -32.09 -29.31 -56.18
C MET E 3695 -30.98 -29.95 -55.34
N ALA E 3696 -31.36 -30.66 -54.28
CA ALA E 3696 -30.37 -31.30 -53.42
C ALA E 3696 -29.58 -32.37 -54.15
N LYS E 3697 -30.24 -33.18 -54.99
CA LYS E 3697 -29.49 -34.16 -55.77
C LYS E 3697 -28.67 -33.51 -56.86
N SER E 3698 -29.12 -32.37 -57.39
CA SER E 3698 -28.35 -31.66 -58.41
C SER E 3698 -27.03 -31.15 -57.84
N CYS E 3699 -27.01 -30.79 -56.56
CA CYS E 3699 -25.78 -30.30 -55.94
C CYS E 3699 -24.70 -31.37 -55.86
N HIS E 3700 -25.07 -32.63 -55.59
CA HIS E 3700 -24.05 -33.65 -55.40
C HIS E 3700 -23.75 -34.42 -56.69
N ASP E 3701 -24.78 -34.90 -57.40
CA ASP E 3701 -24.62 -35.60 -58.68
C ASP E 3701 -23.43 -36.56 -58.70
N GLU E 3702 -23.50 -37.59 -57.86
CA GLU E 3702 -22.53 -38.69 -57.98
C GLU E 3702 -23.25 -39.98 -58.36
N GLU E 3710 -8.61 -46.93 -55.76
CA GLU E 3710 -9.49 -46.00 -56.46
C GLU E 3710 -9.29 -44.58 -55.96
N VAL E 3711 -8.17 -44.35 -55.27
CA VAL E 3711 -7.88 -43.03 -54.73
C VAL E 3711 -7.69 -42.04 -55.87
N LYS E 3712 -8.56 -41.04 -55.92
CA LYS E 3712 -8.48 -40.03 -56.97
C LYS E 3712 -7.22 -39.20 -56.81
N SER E 3713 -6.63 -38.82 -57.95
CA SER E 3713 -5.45 -37.99 -57.94
C SER E 3713 -5.81 -36.56 -57.51
N PHE E 3714 -4.77 -35.75 -57.31
CA PHE E 3714 -4.97 -34.35 -56.93
C PHE E 3714 -5.78 -33.59 -57.97
N GLU E 3715 -5.51 -33.82 -59.25
CA GLU E 3715 -6.27 -33.17 -60.31
C GLU E 3715 -7.73 -33.55 -60.24
N GLU E 3716 -8.02 -34.84 -60.04
CA GLU E 3716 -9.41 -35.29 -59.94
C GLU E 3716 -10.11 -34.67 -58.75
N LYS E 3717 -9.43 -34.63 -57.59
CA LYS E 3717 -10.03 -34.04 -56.40
C LYS E 3717 -10.33 -32.56 -56.60
N GLU E 3718 -9.38 -31.81 -57.16
CA GLU E 3718 -9.60 -30.39 -57.37
C GLU E 3718 -10.69 -30.15 -58.41
N MET E 3719 -10.73 -30.98 -59.47
CA MET E 3719 -11.75 -30.90 -60.49
C MET E 3719 -13.14 -31.17 -59.93
N GLU E 3720 -13.28 -32.13 -59.03
CA GLU E 3720 -14.54 -32.39 -58.35
C GLU E 3720 -14.94 -31.29 -57.38
N LYS E 3721 -13.98 -30.73 -56.63
CA LYS E 3721 -14.30 -29.60 -55.76
C LYS E 3721 -14.80 -28.40 -56.56
N GLN E 3722 -14.13 -28.09 -57.68
CA GLN E 3722 -14.57 -26.99 -58.52
C GLN E 3722 -15.96 -27.21 -59.10
N LYS E 3723 -16.26 -28.42 -59.57
CA LYS E 3723 -17.59 -28.74 -60.09
C LYS E 3723 -18.66 -28.68 -59.00
N LEU E 3724 -18.35 -29.15 -57.80
CA LEU E 3724 -19.27 -29.01 -56.67
C LEU E 3724 -19.54 -27.54 -56.37
N LEU E 3725 -18.49 -26.71 -56.39
CA LEU E 3725 -18.67 -25.29 -56.15
C LEU E 3725 -19.55 -24.65 -57.22
N TYR E 3726 -19.35 -25.03 -58.49
CA TYR E 3726 -20.19 -24.51 -59.56
C TYR E 3726 -21.64 -24.93 -59.40
N GLN E 3727 -21.87 -26.20 -59.05
CA GLN E 3727 -23.23 -26.68 -58.85
C GLN E 3727 -23.92 -26.01 -57.67
N GLN E 3728 -23.17 -25.73 -56.60
CA GLN E 3728 -23.73 -24.98 -55.48
C GLN E 3728 -23.96 -23.51 -55.79
N ALA E 3729 -23.13 -22.93 -56.65
CA ALA E 3729 -23.36 -21.58 -57.16
C ALA E 3729 -24.63 -21.49 -57.99
N ARG E 3730 -24.88 -22.48 -58.85
CA ARG E 3730 -26.10 -22.51 -59.64
C ARG E 3730 -27.36 -22.42 -58.79
N LEU E 3731 -27.27 -22.64 -57.48
CA LEU E 3731 -28.42 -22.50 -56.60
C LEU E 3731 -28.32 -21.27 -55.69
N HIS E 3732 -27.21 -21.09 -54.95
CA HIS E 3732 -27.20 -20.02 -53.97
C HIS E 3732 -26.96 -18.67 -54.64
N ASP E 3733 -26.64 -18.66 -55.93
CA ASP E 3733 -26.63 -17.41 -56.68
C ASP E 3733 -28.04 -16.89 -56.87
N ARG E 3734 -29.03 -17.79 -56.87
CA ARG E 3734 -30.42 -17.43 -57.07
C ARG E 3734 -31.19 -17.26 -55.76
N GLY E 3735 -30.52 -17.39 -54.62
CA GLY E 3735 -31.16 -17.12 -53.34
C GLY E 3735 -31.76 -18.33 -52.64
N ALA E 3736 -31.02 -19.44 -52.60
CA ALA E 3736 -31.52 -20.65 -51.97
C ALA E 3736 -31.20 -20.73 -50.49
N ALA E 3737 -30.08 -20.15 -50.04
CA ALA E 3737 -29.73 -20.19 -48.63
C ALA E 3737 -30.76 -19.44 -47.78
N GLU E 3738 -31.22 -18.29 -48.27
CA GLU E 3738 -32.25 -17.54 -47.56
C GLU E 3738 -33.55 -18.32 -47.48
N MET E 3739 -33.94 -19.02 -48.55
CA MET E 3739 -35.09 -19.91 -48.50
C MET E 3739 -34.91 -21.01 -47.47
N VAL E 3740 -33.73 -21.62 -47.43
CA VAL E 3740 -33.48 -22.72 -46.50
C VAL E 3740 -33.59 -22.23 -45.06
N LEU E 3741 -33.07 -21.04 -44.78
CA LEU E 3741 -33.23 -20.47 -43.46
C LEU E 3741 -34.69 -20.13 -43.16
N GLN E 3742 -35.40 -19.57 -44.15
CA GLN E 3742 -36.78 -19.14 -43.93
C GLN E 3742 -37.69 -20.32 -43.64
N THR E 3743 -37.52 -21.43 -44.36
CA THR E 3743 -38.37 -22.59 -44.14
C THR E 3743 -38.15 -23.17 -42.74
N ILE E 3744 -36.88 -23.26 -42.32
CA ILE E 3744 -36.59 -23.74 -40.98
C ILE E 3744 -37.18 -22.82 -39.93
N SER E 3745 -37.07 -21.49 -40.13
CA SER E 3745 -37.66 -20.55 -39.18
C SER E 3745 -39.17 -20.68 -39.12
N ALA E 3746 -39.84 -20.86 -40.27
CA ALA E 3746 -41.29 -20.97 -40.28
C ALA E 3746 -41.76 -22.33 -39.76
N SER E 3747 -40.88 -23.33 -39.76
CA SER E 3747 -41.25 -24.64 -39.23
C SER E 3747 -41.61 -24.59 -37.76
N LYS E 3748 -41.06 -23.62 -37.01
CA LYS E 3748 -41.38 -23.43 -35.58
C LYS E 3748 -41.09 -24.69 -34.77
N GLY E 3749 -40.01 -25.38 -35.11
CA GLY E 3749 -39.59 -26.55 -34.36
C GLY E 3749 -40.53 -27.72 -34.40
N GLU E 3750 -41.08 -28.05 -35.57
CA GLU E 3750 -41.94 -29.20 -35.75
C GLU E 3750 -41.31 -30.10 -36.80
N THR E 3751 -40.89 -31.29 -36.38
CA THR E 3751 -40.24 -32.23 -37.31
C THR E 3751 -41.23 -32.71 -38.35
N GLY E 3752 -40.83 -32.67 -39.61
CA GLY E 3752 -41.69 -33.07 -40.71
C GLY E 3752 -40.94 -33.23 -42.01
N PRO E 3753 -41.66 -33.69 -43.05
CA PRO E 3753 -41.02 -33.87 -44.36
C PRO E 3753 -40.46 -32.58 -44.95
N MET E 3754 -41.13 -31.44 -44.76
CA MET E 3754 -40.59 -30.18 -45.23
C MET E 3754 -39.28 -29.84 -44.53
N VAL E 3755 -39.21 -30.07 -43.21
CA VAL E 3755 -37.99 -29.79 -42.48
C VAL E 3755 -36.87 -30.72 -42.94
N ALA E 3756 -37.19 -32.00 -43.17
CA ALA E 3756 -36.19 -32.94 -43.65
C ALA E 3756 -35.66 -32.55 -45.01
N ALA E 3757 -36.55 -32.18 -45.94
CA ALA E 3757 -36.12 -31.73 -47.26
C ALA E 3757 -35.31 -30.45 -47.21
N THR E 3758 -35.71 -29.48 -46.37
CA THR E 3758 -34.94 -28.26 -46.23
C THR E 3758 -33.56 -28.52 -45.67
N LEU E 3759 -33.45 -29.41 -44.68
CA LEU E 3759 -32.15 -29.77 -44.13
C LEU E 3759 -31.28 -30.46 -45.18
N LYS E 3760 -31.87 -31.35 -45.97
CA LYS E 3760 -31.11 -32.01 -47.03
C LYS E 3760 -30.61 -31.00 -48.06
N LEU E 3761 -31.47 -30.04 -48.45
CA LEU E 3761 -31.04 -29.02 -49.40
C LEU E 3761 -29.95 -28.14 -48.82
N GLY E 3762 -30.06 -27.79 -47.53
CA GLY E 3762 -29.01 -27.01 -46.90
C GLY E 3762 -27.69 -27.74 -46.85
N ILE E 3763 -27.73 -29.04 -46.54
CA ILE E 3763 -26.52 -29.85 -46.58
C ILE E 3763 -25.94 -29.89 -47.99
N ALA E 3764 -26.80 -30.03 -48.99
CA ALA E 3764 -26.34 -30.08 -50.37
C ALA E 3764 -25.64 -28.78 -50.77
N ILE E 3765 -26.20 -27.64 -50.36
CA ILE E 3765 -25.61 -26.37 -50.79
C ILE E 3765 -24.40 -26.00 -49.93
N LEU E 3766 -24.32 -26.50 -48.71
CA LEU E 3766 -23.21 -26.18 -47.81
C LEU E 3766 -22.14 -27.26 -47.76
N ASN E 3767 -22.28 -28.32 -48.54
CA ASN E 3767 -21.34 -29.43 -48.46
C ASN E 3767 -19.95 -29.00 -48.89
N GLY E 3768 -18.94 -29.48 -48.13
CA GLY E 3768 -17.57 -29.10 -48.36
C GLY E 3768 -17.12 -27.85 -47.62
N GLY E 3769 -18.02 -27.17 -46.92
CA GLY E 3769 -17.67 -25.96 -46.21
C GLY E 3769 -17.71 -24.73 -47.09
N ASN E 3770 -18.86 -24.47 -47.69
CA ASN E 3770 -18.99 -23.33 -48.60
C ASN E 3770 -18.98 -22.03 -47.83
N SER E 3771 -17.86 -21.31 -47.91
CA SER E 3771 -17.71 -20.03 -47.24
C SER E 3771 -18.68 -18.97 -47.75
N THR E 3772 -18.92 -18.94 -49.07
CA THR E 3772 -19.86 -17.97 -49.62
C THR E 3772 -21.27 -18.19 -49.07
N VAL E 3773 -21.72 -19.45 -49.04
CA VAL E 3773 -23.03 -19.76 -48.50
C VAL E 3773 -23.10 -19.49 -47.01
N GLN E 3774 -22.04 -19.80 -46.26
CA GLN E 3774 -22.01 -19.46 -44.84
C GLN E 3774 -22.14 -17.97 -44.61
N GLN E 3775 -21.40 -17.17 -45.40
CA GLN E 3775 -21.49 -15.71 -45.28
C GLN E 3775 -22.88 -15.22 -45.62
N LYS E 3776 -23.48 -15.76 -46.69
CA LYS E 3776 -24.83 -15.35 -47.06
C LYS E 3776 -25.83 -15.65 -45.95
N MET E 3777 -25.75 -16.85 -45.38
CA MET E 3777 -26.69 -17.23 -44.33
C MET E 3777 -26.52 -16.36 -43.08
N LEU E 3778 -25.28 -16.15 -42.65
CA LEU E 3778 -25.05 -15.33 -41.47
C LEU E 3778 -25.49 -13.88 -41.69
N ASP E 3779 -25.17 -13.32 -42.85
CA ASP E 3779 -25.59 -11.95 -43.15
C ASP E 3779 -27.11 -11.84 -43.17
N TYR E 3780 -27.79 -12.84 -43.77
CA TYR E 3780 -29.24 -12.80 -43.82
C TYR E 3780 -29.84 -12.84 -42.42
N LEU E 3781 -29.31 -13.71 -41.56
CA LEU E 3781 -29.84 -13.79 -40.19
C LEU E 3781 -29.65 -12.48 -39.44
N LYS E 3782 -28.41 -11.96 -39.48
CA LYS E 3782 -28.11 -10.72 -38.75
C LYS E 3782 -28.95 -9.56 -39.25
N GLU E 3783 -29.17 -9.49 -40.57
CA GLU E 3783 -30.02 -8.45 -41.12
C GLU E 3783 -31.47 -8.65 -40.69
N LYS E 3784 -31.93 -9.91 -40.66
CA LYS E 3784 -33.36 -10.17 -40.49
C LYS E 3784 -33.80 -10.07 -39.03
N LYS E 3785 -32.88 -10.04 -38.07
CA LYS E 3785 -33.25 -9.76 -36.67
C LYS E 3785 -34.06 -10.91 -36.06
N ASP E 3786 -33.79 -12.12 -36.54
CA ASP E 3786 -34.70 -13.23 -36.28
C ASP E 3786 -34.22 -14.08 -35.12
N VAL E 3787 -35.15 -14.39 -34.20
CA VAL E 3787 -34.94 -15.40 -33.16
C VAL E 3787 -35.65 -16.70 -33.48
N GLY E 3788 -36.60 -16.68 -34.43
CA GLY E 3788 -37.36 -17.87 -34.78
C GLY E 3788 -36.54 -18.99 -35.36
N PHE E 3789 -35.49 -18.67 -36.14
CA PHE E 3789 -34.62 -19.71 -36.66
C PHE E 3789 -33.99 -20.52 -35.53
N PHE E 3790 -33.41 -19.84 -34.54
CA PHE E 3790 -32.75 -20.53 -33.45
C PHE E 3790 -33.77 -21.23 -32.54
N GLN E 3791 -34.94 -20.61 -32.34
CA GLN E 3791 -35.99 -21.26 -31.55
C GLN E 3791 -36.46 -22.55 -32.23
N SER E 3792 -36.63 -22.52 -33.55
CA SER E 3792 -37.03 -23.71 -34.28
C SER E 3792 -35.93 -24.77 -34.25
N LEU E 3793 -34.67 -24.36 -34.33
CA LEU E 3793 -33.57 -25.31 -34.19
C LEU E 3793 -33.60 -25.99 -32.83
N ALA E 3794 -33.80 -25.21 -31.76
CA ALA E 3794 -33.89 -25.80 -30.43
C ALA E 3794 -35.08 -26.75 -30.31
N GLY E 3795 -36.23 -26.37 -30.86
CA GLY E 3795 -37.39 -27.24 -30.82
C GLY E 3795 -37.16 -28.55 -31.54
N LEU E 3796 -36.58 -28.49 -32.74
CA LEU E 3796 -36.30 -29.72 -33.49
C LEU E 3796 -35.28 -30.58 -32.76
N MET E 3797 -34.25 -29.97 -32.19
CA MET E 3797 -33.23 -30.74 -31.48
C MET E 3797 -33.81 -31.41 -30.24
N GLN E 3798 -34.73 -30.74 -29.55
CA GLN E 3798 -35.42 -31.37 -28.44
C GLN E 3798 -36.32 -32.50 -28.93
N SER E 3799 -36.95 -32.31 -30.09
CA SER E 3799 -37.87 -33.31 -30.62
C SER E 3799 -37.14 -34.52 -31.22
N CYS E 3800 -35.83 -34.42 -31.42
CA CYS E 3800 -35.08 -35.56 -31.94
C CYS E 3800 -35.15 -36.74 -30.96
N SER E 3801 -35.23 -37.95 -31.51
CA SER E 3801 -35.53 -39.14 -30.74
C SER E 3801 -34.26 -39.89 -30.35
N VAL E 3802 -34.41 -40.85 -29.44
CA VAL E 3802 -33.34 -41.72 -28.99
C VAL E 3802 -33.83 -43.15 -28.93
N LEU E 3803 -32.98 -44.07 -28.46
CA LEU E 3803 -33.33 -45.47 -28.28
C LEU E 3803 -34.45 -45.58 -27.28
N ASP E 3804 -35.47 -46.39 -27.59
CA ASP E 3804 -36.60 -46.62 -26.70
C ASP E 3804 -36.65 -48.11 -26.36
N LEU E 3805 -36.16 -48.46 -25.18
CA LEU E 3805 -36.07 -49.87 -24.79
C LEU E 3805 -37.45 -50.48 -24.61
N ASN E 3806 -38.43 -49.69 -24.18
CA ASN E 3806 -39.79 -50.20 -24.05
C ASN E 3806 -40.36 -50.60 -25.41
N ALA E 3807 -40.17 -49.75 -26.42
CA ALA E 3807 -40.62 -50.08 -27.77
C ALA E 3807 -39.87 -51.28 -28.30
N PHE E 3808 -38.56 -51.37 -28.04
CA PHE E 3808 -37.82 -52.53 -28.48
C PHE E 3808 -38.33 -53.81 -27.84
N GLU E 3809 -38.62 -53.78 -26.54
CA GLU E 3809 -39.14 -54.96 -25.86
C GLU E 3809 -40.51 -55.34 -26.41
N ARG E 3810 -41.36 -54.37 -26.69
CA ARG E 3810 -42.67 -54.68 -27.27
C ARG E 3810 -42.52 -55.31 -28.66
N GLN E 3811 -41.65 -54.75 -29.50
CA GLN E 3811 -41.42 -55.32 -30.82
C GLN E 3811 -40.82 -56.72 -30.76
N ASN E 3812 -39.88 -56.96 -29.84
CA ASN E 3812 -39.33 -58.30 -29.67
C ASN E 3812 -40.37 -59.28 -29.15
N LYS E 3813 -41.24 -58.85 -28.23
CA LYS E 3813 -42.29 -59.72 -27.73
C LYS E 3813 -43.29 -60.07 -28.82
N ALA E 3814 -43.53 -59.14 -29.75
CA ALA E 3814 -44.40 -59.47 -30.88
C ALA E 3814 -43.86 -60.65 -31.68
N GLU E 3815 -42.58 -60.58 -32.06
CA GLU E 3815 -41.97 -61.68 -32.81
C GLU E 3815 -41.86 -62.95 -31.98
N GLY E 3816 -41.63 -62.82 -30.67
CA GLY E 3816 -41.60 -64.00 -29.81
C GLY E 3816 -42.95 -64.69 -29.75
N LEU E 3817 -44.02 -63.91 -29.65
CA LEU E 3817 -45.37 -64.47 -29.81
C LEU E 3817 -45.58 -65.02 -31.20
N GLY E 3818 -44.83 -64.53 -32.18
CA GLY E 3818 -44.90 -65.04 -33.53
C GLY E 3818 -45.72 -64.22 -34.50
N MET E 3819 -46.17 -63.03 -34.11
CA MET E 3819 -46.96 -62.21 -35.03
C MET E 3819 -46.15 -61.80 -36.24
N VAL E 3820 -46.85 -61.72 -37.37
CA VAL E 3820 -46.24 -61.24 -38.62
C VAL E 3820 -45.74 -59.82 -38.44
N THR E 3821 -44.54 -59.55 -38.92
CA THR E 3821 -43.96 -58.22 -38.80
C THR E 3821 -44.74 -57.24 -39.67
N GLU E 3822 -45.01 -56.06 -39.11
CA GLU E 3822 -45.68 -55.01 -39.86
C GLU E 3822 -44.70 -54.28 -40.75
N GLU E 3823 -43.67 -53.68 -40.14
CA GLU E 3823 -42.62 -53.03 -40.90
C GLU E 3823 -41.32 -53.81 -40.76
N GLY E 3824 -40.69 -54.11 -41.89
CA GLY E 3824 -39.44 -54.87 -41.84
C GLY E 3824 -38.35 -54.15 -41.09
N SER E 3825 -38.26 -52.82 -41.26
CA SER E 3825 -37.28 -52.04 -40.53
C SER E 3825 -37.54 -52.04 -39.04
N GLY E 3826 -38.80 -51.95 -38.63
CA GLY E 3826 -39.13 -51.83 -37.22
C GLY E 3826 -38.56 -50.55 -36.64
N GLU E 3827 -38.76 -49.44 -37.35
CA GLU E 3827 -38.13 -48.17 -37.03
C GLU E 3827 -38.81 -47.45 -35.87
N LYS E 3828 -39.68 -48.12 -35.12
CA LYS E 3828 -40.27 -47.50 -33.94
C LYS E 3828 -39.20 -47.13 -32.93
N VAL E 3829 -38.22 -48.00 -32.73
CA VAL E 3829 -37.03 -47.64 -31.96
C VAL E 3829 -36.15 -46.75 -32.82
N LEU E 3830 -35.73 -45.62 -32.24
CA LEU E 3830 -34.97 -44.62 -32.99
C LEU E 3830 -35.78 -44.16 -34.21
N GLN E 3831 -36.92 -43.52 -33.95
CA GLN E 3831 -37.93 -43.21 -34.96
C GLN E 3831 -37.34 -42.52 -36.18
N ASP E 3832 -36.56 -41.46 -35.97
CA ASP E 3832 -35.94 -40.72 -37.06
C ASP E 3832 -34.44 -40.61 -36.79
N ASP E 3833 -33.65 -41.38 -37.53
CA ASP E 3833 -32.20 -41.33 -37.44
C ASP E 3833 -31.56 -40.64 -38.64
N GLU E 3834 -32.23 -40.62 -39.78
CA GLU E 3834 -31.79 -39.86 -40.94
C GLU E 3834 -32.03 -38.37 -40.74
N PHE E 3835 -33.17 -38.01 -40.15
CA PHE E 3835 -33.47 -36.61 -39.87
C PHE E 3835 -32.51 -36.02 -38.86
N THR E 3836 -32.23 -36.75 -37.77
CA THR E 3836 -31.31 -36.25 -36.75
C THR E 3836 -29.90 -36.08 -37.32
N CYS E 3837 -29.45 -37.07 -38.10
CA CYS E 3837 -28.15 -36.98 -38.75
C CYS E 3837 -28.10 -35.80 -39.71
N ASP E 3838 -29.16 -35.56 -40.49
CA ASP E 3838 -29.19 -34.41 -41.37
C ASP E 3838 -29.15 -33.10 -40.60
N LEU E 3839 -29.89 -33.01 -39.51
CA LEU E 3839 -29.91 -31.79 -38.70
C LEU E 3839 -28.54 -31.48 -38.12
N PHE E 3840 -27.86 -32.48 -37.54
CA PHE E 3840 -26.54 -32.21 -36.98
C PHE E 3840 -25.47 -32.05 -38.06
N ARG E 3841 -25.63 -32.71 -39.22
CA ARG E 3841 -24.74 -32.43 -40.34
C ARG E 3841 -24.89 -31.00 -40.82
N PHE E 3842 -26.12 -30.49 -40.85
CA PHE E 3842 -26.35 -29.08 -41.18
C PHE E 3842 -25.69 -28.16 -40.16
N LEU E 3843 -25.89 -28.45 -38.87
CA LEU E 3843 -25.30 -27.64 -37.81
C LEU E 3843 -23.77 -27.71 -37.82
N GLN E 3844 -23.18 -28.78 -38.34
CA GLN E 3844 -21.74 -28.90 -38.50
C GLN E 3844 -21.22 -28.18 -39.73
N LEU E 3845 -21.87 -28.38 -40.87
CA LEU E 3845 -21.47 -27.68 -42.10
C LEU E 3845 -21.64 -26.18 -41.95
N LEU E 3846 -22.52 -25.74 -41.06
CA LEU E 3846 -22.67 -24.32 -40.80
C LEU E 3846 -21.41 -23.72 -40.19
N CYS E 3847 -20.64 -24.52 -39.46
CA CYS E 3847 -19.40 -24.05 -38.83
C CYS E 3847 -18.15 -24.67 -39.47
N GLU E 3848 -18.33 -25.45 -40.54
CA GLU E 3848 -17.20 -26.08 -41.21
C GLU E 3848 -16.22 -25.03 -41.74
N GLY E 3849 -14.93 -25.34 -41.63
CA GLY E 3849 -13.89 -24.41 -42.00
C GLY E 3849 -13.52 -23.40 -40.94
N HIS E 3850 -13.91 -23.64 -39.68
CA HIS E 3850 -13.63 -22.73 -38.57
C HIS E 3850 -14.20 -21.34 -38.83
N ASN E 3851 -15.52 -21.27 -39.03
CA ASN E 3851 -16.20 -19.99 -39.22
C ASN E 3851 -16.49 -19.41 -37.83
N SER E 3852 -15.44 -18.85 -37.23
CA SER E 3852 -15.44 -18.41 -35.84
C SER E 3852 -16.59 -17.46 -35.53
N ASP E 3853 -16.85 -16.52 -36.44
CA ASP E 3853 -17.95 -15.58 -36.24
C ASP E 3853 -19.28 -16.32 -36.15
N PHE E 3854 -19.49 -17.33 -37.00
CA PHE E 3854 -20.76 -18.05 -36.98
C PHE E 3854 -20.86 -18.95 -35.76
N GLN E 3855 -19.73 -19.51 -35.32
CA GLN E 3855 -19.73 -20.27 -34.06
C GLN E 3855 -20.12 -19.38 -32.88
N ASN E 3856 -19.56 -18.16 -32.84
CA ASN E 3856 -19.93 -17.24 -31.77
C ASN E 3856 -21.39 -16.85 -31.86
N TYR E 3857 -21.90 -16.65 -33.08
CA TYR E 3857 -23.32 -16.37 -33.25
C TYR E 3857 -24.20 -17.51 -32.76
N LEU E 3858 -23.82 -18.74 -33.07
CA LEU E 3858 -24.57 -19.90 -32.59
C LEU E 3858 -24.55 -19.99 -31.07
N ARG E 3859 -23.40 -19.75 -30.45
CA ARG E 3859 -23.33 -19.79 -29.00
C ARG E 3859 -24.20 -18.70 -28.38
N THR E 3860 -24.01 -17.45 -28.79
CA THR E 3860 -24.77 -16.31 -28.27
C THR E 3860 -25.11 -15.41 -29.45
N GLN E 3861 -26.41 -15.31 -29.76
CA GLN E 3861 -26.86 -14.37 -30.78
C GLN E 3861 -26.87 -12.95 -30.22
N THR E 3862 -25.89 -12.15 -30.64
CA THR E 3862 -25.69 -10.82 -30.07
C THR E 3862 -26.84 -9.87 -30.39
N GLY E 3863 -27.08 -9.65 -31.69
CA GLY E 3863 -28.10 -8.71 -32.11
C GLY E 3863 -29.51 -9.09 -31.73
N ASN E 3864 -29.80 -10.39 -31.73
CA ASN E 3864 -31.14 -10.86 -31.44
C ASN E 3864 -31.55 -10.51 -30.01
N ASN E 3865 -32.84 -10.19 -29.83
CA ASN E 3865 -33.36 -9.85 -28.51
C ASN E 3865 -33.25 -11.02 -27.55
N THR E 3866 -33.58 -12.22 -28.00
CA THR E 3866 -33.52 -13.42 -27.18
C THR E 3866 -32.55 -14.41 -27.82
N THR E 3867 -31.65 -14.96 -27.02
CA THR E 3867 -30.63 -15.88 -27.51
C THR E 3867 -30.89 -17.30 -27.04
N VAL E 3868 -30.52 -18.26 -27.89
CA VAL E 3868 -30.65 -19.68 -27.60
C VAL E 3868 -29.29 -20.32 -27.81
N ASN E 3869 -28.86 -21.16 -26.86
CA ASN E 3869 -27.50 -21.71 -26.90
C ASN E 3869 -27.56 -23.11 -27.52
N ILE E 3870 -27.43 -23.15 -28.84
CA ILE E 3870 -27.37 -24.41 -29.57
C ILE E 3870 -26.19 -25.25 -29.10
N ILE E 3871 -25.11 -24.61 -28.63
CA ILE E 3871 -23.96 -25.34 -28.12
C ILE E 3871 -24.36 -26.21 -26.94
N ILE E 3872 -25.12 -25.65 -25.99
CA ILE E 3872 -25.58 -26.44 -24.85
C ILE E 3872 -26.66 -27.42 -25.25
N SER E 3873 -27.54 -27.05 -26.20
CA SER E 3873 -28.56 -27.99 -26.64
C SER E 3873 -27.92 -29.24 -27.25
N THR E 3874 -26.82 -29.06 -27.99
CA THR E 3874 -26.16 -30.20 -28.63
C THR E 3874 -25.61 -31.17 -27.61
N VAL E 3875 -24.94 -30.67 -26.56
CA VAL E 3875 -24.42 -31.55 -25.52
C VAL E 3875 -25.54 -32.18 -24.69
N ASP E 3876 -26.67 -31.49 -24.52
CA ASP E 3876 -27.82 -32.11 -23.88
C ASP E 3876 -28.33 -33.30 -24.69
N TYR E 3877 -28.45 -33.14 -26.01
CA TYR E 3877 -28.86 -34.27 -26.85
C TYR E 3877 -27.83 -35.39 -26.82
N LEU E 3878 -26.55 -35.03 -26.78
CA LEU E 3878 -25.50 -36.05 -26.68
C LEU E 3878 -25.63 -36.85 -25.39
N LEU E 3879 -25.91 -36.19 -24.28
CA LEU E 3879 -26.17 -36.88 -23.02
C LEU E 3879 -27.40 -37.78 -23.08
N ARG E 3880 -28.48 -37.33 -23.71
CA ARG E 3880 -29.64 -38.19 -23.90
C ARG E 3880 -29.32 -39.44 -24.71
N VAL E 3881 -28.59 -39.28 -25.81
CA VAL E 3881 -28.18 -40.43 -26.61
C VAL E 3881 -27.30 -41.37 -25.81
N GLN E 3882 -26.38 -40.81 -25.02
CA GLN E 3882 -25.53 -41.63 -24.17
C GLN E 3882 -26.35 -42.45 -23.19
N GLU E 3883 -27.34 -41.82 -22.55
CA GLU E 3883 -28.19 -42.56 -21.62
C GLU E 3883 -28.95 -43.68 -22.31
N SER E 3884 -29.49 -43.39 -23.50
CA SER E 3884 -30.22 -44.43 -24.24
C SER E 3884 -29.30 -45.60 -24.59
N ILE E 3885 -28.09 -45.31 -25.06
CA ILE E 3885 -27.16 -46.37 -25.42
C ILE E 3885 -26.75 -47.18 -24.19
N SER E 3886 -26.53 -46.50 -23.06
CA SER E 3886 -26.16 -47.21 -21.84
C SER E 3886 -27.28 -48.15 -21.40
N ASP E 3887 -28.54 -47.68 -21.46
CA ASP E 3887 -29.64 -48.55 -21.09
C ASP E 3887 -29.76 -49.75 -22.04
N PHE E 3888 -29.58 -49.52 -23.34
CA PHE E 3888 -29.69 -50.61 -24.30
C PHE E 3888 -28.59 -51.64 -24.09
N TYR E 3889 -27.36 -51.18 -23.84
CA TYR E 3889 -26.28 -52.10 -23.49
C TYR E 3889 -26.58 -52.86 -22.22
N TRP E 3890 -27.15 -52.19 -21.22
CA TRP E 3890 -27.50 -52.87 -19.98
C TRP E 3890 -28.52 -53.98 -20.24
N TYR E 3891 -29.46 -53.73 -21.16
CA TYR E 3891 -30.44 -54.76 -21.49
C TYR E 3891 -29.78 -55.93 -22.21
N TYR E 3892 -28.74 -55.67 -23.01
CA TYR E 3892 -27.95 -56.74 -23.60
C TYR E 3892 -26.79 -57.23 -22.74
N SER E 3893 -26.66 -56.79 -21.49
CA SER E 3893 -25.50 -57.16 -20.69
C SER E 3893 -25.49 -58.66 -20.39
N GLY E 3894 -26.61 -59.18 -19.89
CA GLY E 3894 -26.67 -60.59 -19.53
C GLY E 3894 -26.62 -61.52 -20.73
N LYS E 3895 -27.27 -61.13 -21.82
CA LYS E 3895 -27.41 -62.02 -22.98
C LYS E 3895 -26.06 -62.32 -23.61
N ASP E 3896 -25.85 -63.58 -23.97
CA ASP E 3896 -24.56 -64.00 -24.52
C ASP E 3896 -24.33 -63.46 -25.93
N VAL E 3897 -25.37 -63.50 -26.77
CA VAL E 3897 -25.25 -63.14 -28.18
C VAL E 3897 -26.17 -61.96 -28.45
N ILE E 3898 -25.69 -61.04 -29.29
CA ILE E 3898 -26.49 -59.86 -29.65
C ILE E 3898 -27.35 -60.20 -30.85
N ASP E 3899 -28.64 -59.90 -30.76
CA ASP E 3899 -29.57 -60.17 -31.85
C ASP E 3899 -29.31 -59.22 -33.01
N GLU E 3900 -29.76 -59.63 -34.20
CA GLU E 3900 -29.51 -58.84 -35.41
C GLU E 3900 -30.20 -57.47 -35.32
N GLN E 3901 -31.43 -57.45 -34.82
CA GLN E 3901 -32.12 -56.17 -34.66
C GLN E 3901 -31.40 -55.27 -33.67
N GLY E 3902 -30.87 -55.83 -32.59
CA GLY E 3902 -30.08 -55.05 -31.66
C GLY E 3902 -28.80 -54.52 -32.28
N GLN E 3903 -28.16 -55.32 -33.12
CA GLN E 3903 -26.98 -54.84 -33.84
C GLN E 3903 -27.34 -53.68 -34.76
N ARG E 3904 -28.48 -53.77 -35.43
CA ARG E 3904 -28.95 -52.68 -36.27
C ARG E 3904 -29.19 -51.42 -35.45
N ASN E 3905 -29.84 -51.56 -34.29
CA ASN E 3905 -30.10 -50.41 -33.43
C ASN E 3905 -28.80 -49.79 -32.92
N PHE E 3906 -27.84 -50.63 -32.52
CA PHE E 3906 -26.54 -50.12 -32.12
C PHE E 3906 -25.85 -49.37 -33.25
N SER E 3907 -25.91 -49.91 -34.47
CA SER E 3907 -25.30 -49.21 -35.60
C SER E 3907 -25.93 -47.85 -35.82
N LYS E 3908 -27.27 -47.78 -35.78
CA LYS E 3908 -27.95 -46.50 -35.96
C LYS E 3908 -27.61 -45.50 -34.86
N ALA E 3909 -27.66 -45.93 -33.59
CA ALA E 3909 -27.30 -45.05 -32.48
C ALA E 3909 -25.85 -44.63 -32.52
N ILE E 3910 -24.94 -45.51 -32.94
CA ILE E 3910 -23.53 -45.16 -33.06
C ILE E 3910 -23.34 -44.12 -34.15
N GLN E 3911 -24.05 -44.26 -35.28
CA GLN E 3911 -23.97 -43.22 -36.31
C GLN E 3911 -24.47 -41.88 -35.78
N VAL E 3912 -25.58 -41.89 -35.04
CA VAL E 3912 -26.12 -40.63 -34.50
C VAL E 3912 -25.12 -40.00 -33.54
N ALA E 3913 -24.55 -40.79 -32.64
CA ALA E 3913 -23.58 -40.27 -31.67
C ALA E 3913 -22.32 -39.79 -32.37
N LYS E 3914 -21.90 -40.48 -33.43
CA LYS E 3914 -20.75 -40.05 -34.22
C LYS E 3914 -21.00 -38.68 -34.84
N GLN E 3915 -22.17 -38.49 -35.43
CA GLN E 3915 -22.49 -37.19 -36.01
C GLN E 3915 -22.57 -36.09 -34.96
N VAL E 3916 -23.15 -36.37 -33.80
CA VAL E 3916 -23.19 -35.36 -32.74
C VAL E 3916 -21.78 -35.03 -32.26
N PHE E 3917 -20.92 -36.02 -32.09
CA PHE E 3917 -19.55 -35.77 -31.68
C PHE E 3917 -18.80 -34.94 -32.72
N ASN E 3918 -19.03 -35.23 -34.00
CA ASN E 3918 -18.41 -34.43 -35.06
C ASN E 3918 -18.91 -33.00 -35.04
N THR E 3919 -20.21 -32.80 -34.80
CA THR E 3919 -20.75 -31.44 -34.71
C THR E 3919 -20.12 -30.68 -33.55
N LEU E 3920 -19.98 -31.34 -32.39
CA LEU E 3920 -19.30 -30.70 -31.27
C LEU E 3920 -17.85 -30.39 -31.61
N THR E 3921 -17.16 -31.32 -32.28
CA THR E 3921 -15.77 -31.12 -32.64
C THR E 3921 -15.63 -29.92 -33.58
N GLU E 3922 -16.59 -29.74 -34.49
CA GLU E 3922 -16.54 -28.59 -35.38
C GLU E 3922 -16.90 -27.30 -34.66
N TYR E 3923 -17.75 -27.38 -33.63
CA TYR E 3923 -17.94 -26.23 -32.75
C TYR E 3923 -16.64 -25.83 -32.08
N ILE E 3924 -15.84 -26.83 -31.69
CA ILE E 3924 -14.71 -26.55 -30.81
C ILE E 3924 -13.46 -26.17 -31.61
N GLN E 3925 -13.24 -26.82 -32.75
CA GLN E 3925 -12.00 -26.67 -33.50
C GLN E 3925 -11.81 -25.23 -33.98
N GLY E 3926 -10.55 -24.80 -33.93
CA GLY E 3926 -10.23 -23.39 -34.00
C GLY E 3926 -10.43 -22.83 -32.60
N PRO E 3927 -9.45 -22.11 -32.08
CA PRO E 3927 -9.47 -21.77 -30.65
C PRO E 3927 -10.63 -20.86 -30.30
N CYS E 3928 -11.84 -21.43 -30.31
CA CYS E 3928 -13.07 -20.73 -29.95
C CYS E 3928 -13.23 -20.86 -28.44
N THR E 3929 -12.67 -19.87 -27.73
CA THR E 3929 -12.61 -19.94 -26.27
C THR E 3929 -14.01 -19.95 -25.66
N GLY E 3930 -14.94 -19.21 -26.25
CA GLY E 3930 -16.30 -19.18 -25.73
C GLY E 3930 -16.97 -20.55 -25.76
N ASN E 3931 -16.91 -21.22 -26.90
CA ASN E 3931 -17.48 -22.56 -26.99
C ASN E 3931 -16.73 -23.55 -26.10
N GLN E 3932 -15.40 -23.42 -26.04
CA GLN E 3932 -14.60 -24.30 -25.18
C GLN E 3932 -14.97 -24.15 -23.71
N GLN E 3933 -15.22 -22.92 -23.25
CA GLN E 3933 -15.64 -22.67 -21.89
C GLN E 3933 -17.07 -23.14 -21.62
N SER E 3934 -17.97 -22.89 -22.57
CA SER E 3934 -19.36 -23.30 -22.40
C SER E 3934 -19.47 -24.82 -22.29
N LEU E 3935 -18.77 -25.54 -23.17
CA LEU E 3935 -18.81 -27.00 -23.10
C LEU E 3935 -18.07 -27.52 -21.87
N ALA E 3936 -17.03 -26.82 -21.43
CA ALA E 3936 -16.33 -27.21 -20.22
C ALA E 3936 -17.23 -27.11 -19.01
N HIS E 3937 -18.02 -26.04 -18.92
CA HIS E 3937 -18.96 -25.88 -17.82
C HIS E 3937 -20.25 -26.65 -18.01
N SER E 3938 -20.50 -27.18 -19.21
CA SER E 3938 -21.68 -28.00 -19.46
C SER E 3938 -21.51 -29.41 -18.93
N ARG E 3939 -22.44 -30.30 -19.31
CA ARG E 3939 -22.42 -31.69 -18.88
C ARG E 3939 -21.79 -32.63 -19.90
N LEU E 3940 -20.81 -32.14 -20.65
CA LEU E 3940 -20.09 -32.98 -21.60
C LEU E 3940 -19.32 -34.08 -20.88
N TRP E 3941 -18.80 -33.78 -19.70
CA TRP E 3941 -17.97 -34.75 -18.97
C TRP E 3941 -18.77 -35.98 -18.58
N ASP E 3942 -20.03 -35.82 -18.19
CA ASP E 3942 -20.88 -36.97 -17.87
C ASP E 3942 -21.09 -37.86 -19.09
N ALA E 3943 -21.36 -37.27 -20.24
CA ALA E 3943 -21.50 -38.06 -21.46
C ALA E 3943 -20.22 -38.80 -21.79
N VAL E 3944 -19.07 -38.12 -21.66
CA VAL E 3944 -17.80 -38.77 -21.97
C VAL E 3944 -17.53 -39.93 -21.03
N VAL E 3945 -17.75 -39.72 -19.72
CA VAL E 3945 -17.50 -40.79 -18.76
C VAL E 3945 -18.47 -41.95 -18.94
N GLY E 3946 -19.68 -41.68 -19.42
CA GLY E 3946 -20.59 -42.77 -19.73
C GLY E 3946 -20.18 -43.57 -20.96
N PHE E 3947 -19.82 -42.85 -22.04
CA PHE E 3947 -19.32 -43.54 -23.22
C PHE E 3947 -18.06 -44.32 -22.93
N LEU E 3948 -17.23 -43.85 -21.99
CA LEU E 3948 -16.02 -44.60 -21.63
C LEU E 3948 -16.37 -45.96 -21.04
N HIS E 3949 -17.33 -46.00 -20.12
CA HIS E 3949 -17.80 -47.26 -19.55
C HIS E 3949 -18.40 -48.16 -20.63
N VAL E 3950 -19.22 -47.55 -21.50
CA VAL E 3950 -19.85 -48.32 -22.57
C VAL E 3950 -18.80 -48.94 -23.48
N PHE E 3951 -17.79 -48.16 -23.87
CA PHE E 3951 -16.71 -48.68 -24.70
C PHE E 3951 -15.90 -49.75 -24.00
N ALA E 3952 -15.60 -49.56 -22.71
CA ALA E 3952 -14.79 -50.50 -21.96
C ALA E 3952 -15.46 -51.86 -21.82
N HIS E 3953 -16.78 -51.89 -21.60
CA HIS E 3953 -17.46 -53.19 -21.48
C HIS E 3953 -17.91 -53.76 -22.82
N MET E 3954 -18.36 -52.89 -23.72
CA MET E 3954 -18.82 -53.28 -25.05
C MET E 3954 -17.72 -54.00 -25.81
N GLN E 3955 -16.54 -53.40 -25.86
CA GLN E 3955 -15.41 -53.99 -26.59
C GLN E 3955 -15.01 -55.32 -26.01
N MET E 3956 -14.99 -55.43 -24.68
CA MET E 3956 -14.68 -56.69 -24.02
C MET E 3956 -15.67 -57.78 -24.37
N LYS E 3957 -16.96 -57.47 -24.41
CA LYS E 3957 -17.96 -58.49 -24.71
C LYS E 3957 -17.93 -58.89 -26.18
N LEU E 3958 -17.86 -57.90 -27.09
CA LEU E 3958 -18.01 -58.20 -28.51
C LEU E 3958 -16.78 -58.88 -29.09
N SER E 3959 -15.61 -58.68 -28.49
CA SER E 3959 -14.38 -59.22 -29.06
C SER E 3959 -14.40 -60.74 -29.10
N GLN E 3960 -14.89 -61.38 -28.04
CA GLN E 3960 -14.92 -62.84 -28.00
C GLN E 3960 -15.81 -63.41 -29.09
N ASP E 3961 -16.98 -62.81 -29.31
CA ASP E 3961 -17.88 -63.28 -30.35
C ASP E 3961 -17.36 -62.87 -31.72
N SER E 3962 -17.64 -63.70 -32.73
CA SER E 3962 -17.13 -63.48 -34.08
C SER E 3962 -18.15 -62.87 -35.02
N SER E 3963 -19.40 -62.67 -34.59
CA SER E 3963 -20.43 -62.18 -35.50
C SER E 3963 -20.52 -60.65 -35.47
N GLN E 3964 -19.99 -60.03 -34.43
CA GLN E 3964 -20.09 -58.58 -34.26
C GLN E 3964 -18.79 -57.84 -34.55
N ILE E 3965 -18.03 -58.29 -35.55
CA ILE E 3965 -16.80 -57.60 -35.92
C ILE E 3965 -17.11 -56.20 -36.42
N GLU E 3966 -18.12 -56.06 -37.29
CA GLU E 3966 -18.50 -54.75 -37.79
C GLU E 3966 -19.03 -53.85 -36.69
N LEU E 3967 -19.78 -54.39 -35.73
CA LEU E 3967 -20.25 -53.59 -34.60
C LEU E 3967 -19.10 -53.11 -33.74
N LEU E 3968 -18.12 -53.98 -33.47
CA LEU E 3968 -16.94 -53.57 -32.72
C LEU E 3968 -16.16 -52.48 -33.46
N LYS E 3969 -16.02 -52.61 -34.78
CA LYS E 3969 -15.38 -51.58 -35.58
C LYS E 3969 -16.11 -50.24 -35.52
N GLU E 3970 -17.44 -50.25 -35.63
CA GLU E 3970 -18.21 -49.02 -35.50
C GLU E 3970 -18.04 -48.40 -34.12
N LEU E 3971 -18.05 -49.24 -33.08
CA LEU E 3971 -17.87 -48.73 -31.72
C LEU E 3971 -16.50 -48.07 -31.55
N MET E 3972 -15.45 -48.70 -32.07
CA MET E 3972 -14.13 -48.11 -31.93
C MET E 3972 -13.97 -46.87 -32.80
N ASP E 3973 -14.72 -46.80 -33.91
CA ASP E 3973 -14.78 -45.57 -34.68
C ASP E 3973 -15.39 -44.43 -33.86
N LEU E 3974 -16.47 -44.74 -33.14
CA LEU E 3974 -17.08 -43.75 -32.25
C LEU E 3974 -16.10 -43.35 -31.15
N GLN E 3975 -15.34 -44.31 -30.63
CA GLN E 3975 -14.32 -44.00 -29.63
C GLN E 3975 -13.27 -43.06 -30.20
N LYS E 3976 -12.84 -43.30 -31.43
CA LYS E 3976 -11.87 -42.42 -32.08
C LYS E 3976 -12.42 -41.01 -32.21
N ASP E 3977 -13.70 -40.89 -32.60
CA ASP E 3977 -14.29 -39.56 -32.71
C ASP E 3977 -14.38 -38.86 -31.36
N MET E 3978 -14.68 -39.62 -30.30
CA MET E 3978 -14.71 -39.03 -28.96
C MET E 3978 -13.34 -38.51 -28.55
N VAL E 3979 -12.28 -39.30 -28.81
CA VAL E 3979 -10.94 -38.84 -28.48
C VAL E 3979 -10.56 -37.63 -29.32
N VAL E 3980 -11.02 -37.58 -30.57
CA VAL E 3980 -10.79 -36.41 -31.41
C VAL E 3980 -11.44 -35.18 -30.78
N MET E 3981 -12.68 -35.31 -30.29
CA MET E 3981 -13.35 -34.16 -29.70
C MET E 3981 -12.63 -33.72 -28.43
N LEU E 3982 -12.08 -34.69 -27.68
CA LEU E 3982 -11.31 -34.34 -26.49
C LEU E 3982 -10.04 -33.60 -26.87
N LEU E 3983 -9.36 -34.04 -27.93
CA LEU E 3983 -8.19 -33.30 -28.40
C LEU E 3983 -8.56 -31.90 -28.84
N SER E 3984 -9.75 -31.73 -29.43
CA SER E 3984 -10.23 -30.41 -29.82
C SER E 3984 -10.50 -29.53 -28.59
N MET E 3985 -11.18 -30.09 -27.58
CA MET E 3985 -11.20 -29.55 -26.21
C MET E 3985 -9.83 -29.07 -25.73
N LEU E 3986 -8.77 -29.79 -26.06
CA LEU E 3986 -7.43 -29.44 -25.59
C LEU E 3986 -6.65 -28.56 -26.58
N GLU E 3987 -7.30 -27.63 -27.27
CA GLU E 3987 -6.60 -26.70 -28.14
C GLU E 3987 -6.46 -25.36 -27.42
N GLY E 3988 -5.23 -24.84 -27.41
CA GLY E 3988 -4.93 -23.61 -26.72
C GLY E 3988 -4.69 -23.76 -25.24
N ASN E 3989 -4.66 -24.97 -24.71
CA ASN E 3989 -4.48 -25.17 -23.28
C ASN E 3989 -3.07 -24.79 -22.85
N VAL E 3990 -2.97 -23.98 -21.81
CA VAL E 3990 -1.69 -23.61 -21.21
C VAL E 3990 -1.31 -24.71 -20.22
N VAL E 3991 -0.06 -24.68 -19.76
CA VAL E 3991 0.37 -25.63 -18.74
C VAL E 3991 -0.44 -25.42 -17.47
N ASN E 3992 -0.91 -26.52 -16.91
CA ASN E 3992 -1.80 -26.52 -15.74
C ASN E 3992 -3.07 -25.72 -16.03
N GLY E 3993 -3.70 -26.07 -17.15
CA GLY E 3993 -4.92 -25.41 -17.55
C GLY E 3993 -6.16 -26.01 -16.90
N THR E 3994 -7.22 -25.18 -16.83
CA THR E 3994 -8.47 -25.61 -16.20
C THR E 3994 -9.09 -26.76 -16.97
N ILE E 3995 -9.08 -26.68 -18.30
CA ILE E 3995 -9.65 -27.75 -19.11
C ILE E 3995 -8.88 -29.04 -18.93
N GLY E 3996 -7.56 -28.96 -18.89
CA GLY E 3996 -6.76 -30.15 -18.65
C GLY E 3996 -7.01 -30.74 -17.27
N LYS E 3997 -7.15 -29.88 -16.26
CA LYS E 3997 -7.48 -30.37 -14.92
C LYS E 3997 -8.83 -31.08 -14.90
N GLN E 3998 -9.83 -30.50 -15.56
CA GLN E 3998 -11.14 -31.15 -15.63
C GLN E 3998 -11.05 -32.48 -16.37
N MET E 3999 -10.23 -32.54 -17.41
CA MET E 3999 -10.03 -33.79 -18.14
C MET E 3999 -9.41 -34.86 -17.27
N VAL E 4000 -8.37 -34.51 -16.51
CA VAL E 4000 -7.74 -35.50 -15.65
C VAL E 4000 -8.70 -35.94 -14.56
N ASP E 4001 -9.55 -35.02 -14.09
CA ASP E 4001 -10.61 -35.40 -13.16
C ASP E 4001 -11.57 -36.40 -13.77
N MET E 4002 -11.95 -36.18 -15.04
CA MET E 4002 -12.85 -37.11 -15.72
C MET E 4002 -12.19 -38.48 -15.88
N LEU E 4003 -10.90 -38.51 -16.23
CA LEU E 4003 -10.19 -39.77 -16.35
C LEU E 4003 -10.09 -40.47 -15.00
N VAL E 4004 -9.86 -39.71 -13.93
CA VAL E 4004 -9.84 -40.30 -12.58
C VAL E 4004 -11.18 -40.91 -12.24
N GLU E 4005 -12.27 -40.21 -12.58
CA GLU E 4005 -13.61 -40.76 -12.34
C GLU E 4005 -13.83 -42.04 -13.14
N SER E 4006 -13.34 -42.07 -14.38
CA SER E 4006 -13.46 -43.23 -15.25
C SER E 4006 -12.20 -44.08 -15.25
N SER E 4007 -11.50 -44.17 -14.12
CA SER E 4007 -10.21 -44.86 -14.07
C SER E 4007 -10.32 -46.31 -14.52
N ASN E 4008 -11.30 -47.05 -13.98
CA ASN E 4008 -11.41 -48.48 -14.29
C ASN E 4008 -11.66 -48.72 -15.77
N ASN E 4009 -12.57 -47.95 -16.37
CA ASN E 4009 -12.86 -48.12 -17.80
C ASN E 4009 -11.64 -47.78 -18.64
N VAL E 4010 -10.91 -46.72 -18.26
CA VAL E 4010 -9.67 -46.39 -18.97
C VAL E 4010 -8.65 -47.52 -18.83
N GLU E 4011 -8.54 -48.10 -17.63
CA GLU E 4011 -7.64 -49.23 -17.44
C GLU E 4011 -8.01 -50.40 -18.35
N MET E 4012 -9.29 -50.73 -18.43
CA MET E 4012 -9.74 -51.88 -19.20
C MET E 4012 -9.55 -51.67 -20.70
N ILE E 4013 -9.84 -50.45 -21.18
CA ILE E 4013 -9.58 -50.11 -22.58
C ILE E 4013 -8.10 -50.20 -22.89
N LEU E 4014 -7.24 -49.71 -21.97
CA LEU E 4014 -5.81 -49.76 -22.20
C LEU E 4014 -5.30 -51.20 -22.26
N LYS E 4015 -5.84 -52.07 -21.40
CA LYS E 4015 -5.49 -53.49 -21.48
C LYS E 4015 -5.92 -54.12 -22.80
N PHE E 4016 -7.14 -53.82 -23.23
CA PHE E 4016 -7.60 -54.29 -24.55
C PHE E 4016 -6.60 -53.88 -25.64
N PHE E 4017 -6.24 -52.61 -25.67
CA PHE E 4017 -5.33 -52.12 -26.70
C PHE E 4017 -3.94 -52.74 -26.58
N ASP E 4018 -3.43 -52.92 -25.35
CA ASP E 4018 -2.06 -53.39 -25.22
C ASP E 4018 -1.94 -54.84 -25.65
N MET E 4019 -2.93 -55.69 -25.31
CA MET E 4019 -2.87 -57.07 -25.79
C MET E 4019 -3.03 -57.13 -27.30
N PHE E 4020 -3.99 -56.39 -27.86
CA PHE E 4020 -4.16 -56.48 -29.31
C PHE E 4020 -3.10 -55.71 -30.08
N LEU E 4021 -2.22 -54.97 -29.40
CA LEU E 4021 -1.03 -54.42 -30.04
C LEU E 4021 0.18 -55.34 -29.94
N LYS E 4022 0.37 -56.00 -28.79
CA LYS E 4022 1.43 -56.99 -28.68
C LYS E 4022 1.18 -58.24 -29.51
N LEU E 4023 -0.07 -58.44 -29.95
CA LEU E 4023 -0.35 -59.55 -30.85
C LEU E 4023 0.55 -59.51 -32.09
N LYS E 4024 0.87 -58.31 -32.58
CA LYS E 4024 1.65 -58.20 -33.81
C LYS E 4024 3.05 -58.79 -33.65
N ASP E 4025 3.82 -58.34 -32.65
CA ASP E 4025 5.17 -58.87 -32.52
C ASP E 4025 5.16 -60.27 -31.92
N LEU E 4026 4.07 -60.65 -31.23
CA LEU E 4026 3.91 -62.05 -30.86
C LEU E 4026 3.84 -62.93 -32.10
N THR E 4027 3.08 -62.51 -33.10
CA THR E 4027 2.98 -63.28 -34.34
C THR E 4027 4.27 -63.23 -35.15
N SER E 4028 4.93 -62.08 -35.17
CA SER E 4028 6.11 -61.89 -36.01
C SER E 4028 7.40 -62.36 -35.34
N SER E 4029 7.35 -62.79 -34.09
CA SER E 4029 8.56 -63.28 -33.42
C SER E 4029 8.98 -64.62 -34.01
N ASP E 4030 10.26 -64.97 -33.81
CA ASP E 4030 10.78 -66.22 -34.34
C ASP E 4030 10.29 -67.43 -33.55
N THR E 4031 9.93 -67.24 -32.28
CA THR E 4031 9.34 -68.35 -31.52
C THR E 4031 8.02 -68.79 -32.15
N PHE E 4032 7.18 -67.86 -32.55
CA PHE E 4032 5.96 -68.20 -33.28
C PHE E 4032 6.27 -68.85 -34.62
N LYS E 4033 7.30 -68.36 -35.31
CA LYS E 4033 7.68 -68.91 -36.61
C LYS E 4033 8.34 -70.28 -36.51
N GLU E 4034 8.78 -70.69 -35.31
CA GLU E 4034 9.28 -72.04 -35.16
C GLU E 4034 8.22 -72.98 -34.58
N TYR E 4035 7.24 -72.43 -33.85
CA TYR E 4035 6.05 -73.21 -33.56
C TYR E 4035 5.24 -73.47 -34.82
N ASP E 4036 5.40 -72.60 -35.82
CA ASP E 4036 4.86 -72.84 -37.15
C ASP E 4036 5.99 -72.73 -38.17
N PRO E 4037 6.85 -73.76 -38.27
CA PRO E 4037 8.02 -73.65 -39.17
C PRO E 4037 7.66 -73.36 -40.62
N ASP E 4038 6.58 -73.93 -41.11
CA ASP E 4038 6.18 -73.70 -42.49
C ASP E 4038 5.57 -72.31 -42.65
N GLY E 4039 5.62 -71.80 -43.88
CA GLY E 4039 5.05 -70.50 -44.18
C GLY E 4039 3.60 -70.59 -44.59
N LYS E 4040 2.95 -71.71 -44.26
CA LYS E 4040 1.55 -71.90 -44.64
C LYS E 4040 0.65 -70.86 -43.97
N GLY E 4041 0.90 -70.53 -42.71
CA GLY E 4041 0.15 -69.52 -42.03
C GLY E 4041 -0.93 -70.01 -41.09
N VAL E 4042 -0.95 -71.31 -40.77
CA VAL E 4042 -1.90 -71.88 -39.83
C VAL E 4042 -1.11 -72.58 -38.72
N ILE E 4043 -1.53 -72.33 -37.47
CA ILE E 4043 -0.85 -72.88 -36.30
C ILE E 4043 -1.89 -73.54 -35.40
N SER E 4044 -1.50 -74.64 -34.76
CA SER E 4044 -2.40 -75.35 -33.88
C SER E 4044 -2.79 -74.50 -32.68
N LYS E 4045 -3.90 -74.84 -32.05
CA LYS E 4045 -4.29 -74.15 -30.81
C LYS E 4045 -3.28 -74.43 -29.70
N ARG E 4046 -2.83 -75.67 -29.56
CA ARG E 4046 -1.82 -75.99 -28.55
C ARG E 4046 -0.50 -75.29 -28.87
N ASP E 4047 -0.11 -75.27 -30.14
CA ASP E 4047 1.12 -74.58 -30.53
C ASP E 4047 1.01 -73.09 -30.27
N PHE E 4048 -0.17 -72.51 -30.51
CA PHE E 4048 -0.41 -71.09 -30.25
C PHE E 4048 -0.31 -70.81 -28.75
N HIS E 4049 -0.93 -71.66 -27.93
CA HIS E 4049 -0.80 -71.55 -26.48
C HIS E 4049 0.65 -71.62 -26.03
N LYS E 4050 1.43 -72.55 -26.58
CA LYS E 4050 2.84 -72.69 -26.23
C LYS E 4050 3.66 -71.51 -26.73
N ALA E 4051 3.29 -70.94 -27.88
CA ALA E 4051 4.00 -69.79 -28.41
C ALA E 4051 3.81 -68.56 -27.54
N MET E 4052 2.58 -68.34 -27.07
CA MET E 4052 2.35 -67.19 -26.20
C MET E 4052 2.90 -67.38 -24.80
N GLU E 4053 3.31 -68.59 -24.45
CA GLU E 4053 4.05 -68.82 -23.21
C GLU E 4053 5.56 -68.75 -23.40
N SER E 4054 6.07 -69.15 -24.56
CA SER E 4054 7.47 -68.94 -24.87
C SER E 4054 7.78 -67.45 -25.00
N HIS E 4055 6.89 -66.71 -25.66
CA HIS E 4055 6.98 -65.25 -25.66
C HIS E 4055 6.82 -64.69 -24.25
N LYS E 4056 5.82 -65.18 -23.52
CA LYS E 4056 5.57 -64.94 -22.10
C LYS E 4056 5.29 -63.46 -21.82
N HIS E 4057 5.20 -62.61 -22.85
CA HIS E 4057 4.76 -61.24 -22.65
C HIS E 4057 3.30 -61.20 -22.24
N TYR E 4058 2.58 -62.30 -22.42
CA TYR E 4058 1.17 -62.40 -22.07
C TYR E 4058 0.99 -63.23 -20.81
N THR E 4059 0.16 -62.74 -19.90
CA THR E 4059 -0.21 -63.51 -18.73
C THR E 4059 -1.19 -64.62 -19.12
N GLN E 4060 -1.61 -65.41 -18.13
CA GLN E 4060 -2.55 -66.49 -18.42
C GLN E 4060 -3.94 -65.94 -18.71
N SER E 4061 -4.34 -64.85 -18.04
CA SER E 4061 -5.63 -64.24 -18.34
C SER E 4061 -5.65 -63.70 -19.77
N GLU E 4062 -4.57 -63.00 -20.18
CA GLU E 4062 -4.47 -62.54 -21.55
C GLU E 4062 -4.43 -63.72 -22.52
N THR E 4063 -3.76 -64.80 -22.13
CA THR E 4063 -3.72 -66.01 -22.94
C THR E 4063 -5.12 -66.54 -23.22
N GLU E 4064 -5.90 -66.76 -22.15
CA GLU E 4064 -7.23 -67.33 -22.32
C GLU E 4064 -8.17 -66.37 -23.05
N PHE E 4065 -8.02 -65.06 -22.81
CA PHE E 4065 -8.85 -64.10 -23.52
C PHE E 4065 -8.55 -64.09 -25.02
N LEU E 4066 -7.26 -64.13 -25.40
CA LEU E 4066 -6.92 -64.22 -26.81
C LEU E 4066 -7.41 -65.53 -27.42
N LEU E 4067 -7.32 -66.64 -26.69
CA LEU E 4067 -7.85 -67.90 -27.20
C LEU E 4067 -9.34 -67.82 -27.42
N SER E 4068 -10.08 -67.22 -26.49
CA SER E 4068 -11.52 -67.08 -26.65
C SER E 4068 -11.86 -66.17 -27.83
N CYS E 4069 -11.14 -65.07 -27.99
CA CYS E 4069 -11.37 -64.15 -29.11
C CYS E 4069 -10.93 -64.72 -30.45
N ALA E 4070 -10.07 -65.73 -30.45
CA ALA E 4070 -9.61 -66.35 -31.69
C ALA E 4070 -10.63 -67.39 -32.15
N GLU E 4071 -10.97 -67.34 -33.44
CA GLU E 4071 -11.95 -68.28 -33.98
C GLU E 4071 -11.39 -69.69 -34.02
N THR E 4072 -12.16 -70.65 -33.54
CA THR E 4072 -11.71 -72.04 -33.57
C THR E 4072 -12.09 -72.69 -34.89
N ASP E 4073 -11.24 -73.64 -35.32
CA ASP E 4073 -11.43 -74.35 -36.58
C ASP E 4073 -11.46 -75.85 -36.32
N GLU E 4074 -12.11 -76.57 -37.23
CA GLU E 4074 -12.18 -78.03 -37.11
C GLU E 4074 -10.81 -78.66 -37.29
N ASN E 4075 -9.94 -78.03 -38.08
CA ASN E 4075 -8.57 -78.50 -38.24
C ASN E 4075 -7.69 -78.11 -37.06
N GLU E 4076 -8.22 -77.34 -36.11
CA GLU E 4076 -7.47 -76.83 -34.97
C GLU E 4076 -6.30 -75.96 -35.37
N THR E 4077 -6.32 -75.42 -36.59
CA THR E 4077 -5.28 -74.52 -37.08
C THR E 4077 -5.95 -73.27 -37.64
N LEU E 4078 -5.86 -72.16 -36.91
CA LEU E 4078 -6.47 -70.91 -37.31
C LEU E 4078 -5.50 -70.09 -38.14
N ASP E 4079 -6.04 -69.24 -39.00
CA ASP E 4079 -5.22 -68.32 -39.79
C ASP E 4079 -4.82 -67.14 -38.91
N TYR E 4080 -3.62 -67.21 -38.34
CA TYR E 4080 -3.16 -66.14 -37.48
C TYR E 4080 -2.92 -64.86 -38.25
N GLU E 4081 -2.66 -64.96 -39.55
CA GLU E 4081 -2.68 -63.75 -40.39
C GLU E 4081 -4.05 -63.10 -40.37
N GLU E 4082 -5.12 -63.89 -40.48
CA GLU E 4082 -6.46 -63.34 -40.40
C GLU E 4082 -6.72 -62.74 -39.02
N PHE E 4083 -6.26 -63.44 -37.98
CA PHE E 4083 -6.39 -62.92 -36.61
C PHE E 4083 -5.77 -61.53 -36.49
N VAL E 4084 -4.52 -61.39 -36.94
CA VAL E 4084 -3.80 -60.13 -36.75
C VAL E 4084 -4.39 -59.05 -37.65
N LYS E 4085 -4.73 -59.38 -38.91
CA LYS E 4085 -5.22 -58.33 -39.80
C LYS E 4085 -6.68 -58.01 -39.51
N ARG E 4086 -7.31 -58.77 -38.62
CA ARG E 4086 -8.63 -58.36 -38.13
C ARG E 4086 -8.50 -57.50 -36.89
N PHE E 4087 -7.60 -57.83 -35.98
CA PHE E 4087 -7.56 -57.12 -34.69
C PHE E 4087 -6.54 -56.01 -34.60
N HIS E 4088 -5.29 -56.25 -34.99
CA HIS E 4088 -4.22 -55.30 -34.72
C HIS E 4088 -4.38 -53.96 -35.44
N GLU E 4089 -4.71 -53.97 -36.73
CA GLU E 4089 -4.80 -52.73 -37.50
C GLU E 4089 -5.85 -51.77 -36.94
N PRO E 4090 -7.06 -52.24 -36.58
CA PRO E 4090 -7.97 -51.34 -35.84
C PRO E 4090 -7.37 -50.82 -34.54
N ALA E 4091 -6.67 -51.68 -33.80
CA ALA E 4091 -6.01 -51.21 -32.59
C ALA E 4091 -4.98 -50.15 -32.91
N LYS E 4092 -4.15 -50.37 -33.94
CA LYS E 4092 -3.16 -49.38 -34.35
C LYS E 4092 -3.82 -48.06 -34.74
N ASP E 4093 -4.96 -48.11 -35.43
CA ASP E 4093 -5.60 -46.90 -35.92
C ASP E 4093 -6.23 -46.09 -34.77
N ILE E 4094 -6.98 -46.75 -33.88
CA ILE E 4094 -7.73 -46.00 -32.88
C ILE E 4094 -6.87 -45.68 -31.66
N GLY E 4095 -5.97 -46.59 -31.25
CA GLY E 4095 -5.19 -46.34 -30.05
C GLY E 4095 -4.23 -45.17 -30.19
N PHE E 4096 -3.96 -44.76 -31.44
CA PHE E 4096 -3.07 -43.62 -31.66
C PHE E 4096 -3.63 -42.35 -31.03
N ASN E 4097 -4.93 -42.12 -31.18
CA ASN E 4097 -5.53 -40.92 -30.59
C ASN E 4097 -5.48 -40.96 -29.08
N VAL E 4098 -5.69 -42.13 -28.47
CA VAL E 4098 -5.58 -42.27 -27.03
C VAL E 4098 -4.16 -41.96 -26.56
N ALA E 4099 -3.16 -42.50 -27.28
CA ALA E 4099 -1.77 -42.25 -26.93
C ALA E 4099 -1.44 -40.77 -27.05
N VAL E 4100 -1.92 -40.13 -28.12
CA VAL E 4100 -1.69 -38.69 -28.31
C VAL E 4100 -2.34 -37.87 -27.21
N LEU E 4101 -3.58 -38.20 -26.84
CA LEU E 4101 -4.26 -37.50 -25.75
C LEU E 4101 -3.51 -37.65 -24.44
N LEU E 4102 -3.08 -38.86 -24.12
CA LEU E 4102 -2.32 -39.10 -22.90
C LEU E 4102 -0.99 -38.37 -22.88
N THR E 4103 -0.25 -38.36 -23.98
CA THR E 4103 1.01 -37.62 -24.07
C THR E 4103 0.78 -36.11 -23.93
N ASN E 4104 -0.25 -35.59 -24.59
CA ASN E 4104 -0.57 -34.17 -24.50
C ASN E 4104 -0.92 -33.79 -23.06
N LEU E 4105 -1.73 -34.61 -22.39
CA LEU E 4105 -2.06 -34.34 -21.00
C LEU E 4105 -0.83 -34.41 -20.11
N SER E 4106 0.04 -35.41 -20.33
CA SER E 4106 1.24 -35.54 -19.51
C SER E 4106 2.15 -34.34 -19.68
N GLU E 4107 2.30 -33.84 -20.91
CA GLU E 4107 3.18 -32.71 -21.14
C GLU E 4107 2.58 -31.41 -20.59
N HIS E 4108 1.26 -31.22 -20.77
CA HIS E 4108 0.66 -29.97 -20.35
C HIS E 4108 0.41 -29.93 -18.84
N MET E 4109 0.40 -31.09 -18.19
CA MET E 4109 0.26 -31.17 -16.74
C MET E 4109 1.38 -32.05 -16.19
N PRO E 4110 2.55 -31.51 -15.93
CA PRO E 4110 3.71 -32.35 -15.62
C PRO E 4110 3.90 -32.62 -14.14
N ASN E 4111 2.93 -32.21 -13.33
CA ASN E 4111 3.09 -32.37 -11.88
C ASN E 4111 1.97 -33.18 -11.24
N ASP E 4112 0.78 -33.22 -11.84
CA ASP E 4112 -0.34 -33.94 -11.27
C ASP E 4112 -0.05 -35.43 -11.17
N THR E 4113 -0.02 -35.94 -9.94
CA THR E 4113 0.40 -37.32 -9.71
C THR E 4113 -0.63 -38.33 -10.20
N ARG E 4114 -1.91 -37.93 -10.29
CA ARG E 4114 -2.95 -38.88 -10.66
C ARG E 4114 -2.81 -39.35 -12.10
N LEU E 4115 -2.26 -38.51 -12.97
CA LEU E 4115 -2.07 -38.91 -14.37
C LEU E 4115 -0.93 -39.90 -14.50
N GLN E 4116 0.01 -39.92 -13.54
CA GLN E 4116 1.05 -40.94 -13.54
C GLN E 4116 0.44 -42.33 -13.57
N THR E 4117 -0.50 -42.60 -12.65
CA THR E 4117 -1.13 -43.93 -12.61
C THR E 4117 -1.49 -44.41 -14.00
N PHE E 4118 -2.13 -43.56 -14.80
CA PHE E 4118 -2.46 -43.91 -16.17
C PHE E 4118 -1.20 -44.11 -17.01
N LEU E 4119 -0.18 -43.26 -16.82
CA LEU E 4119 1.03 -43.36 -17.66
C LEU E 4119 1.78 -44.68 -17.41
N GLU E 4120 2.08 -44.97 -16.14
CA GLU E 4120 2.74 -46.23 -15.81
C GLU E 4120 1.78 -47.43 -15.91
N LEU E 4121 0.51 -47.19 -16.17
CA LEU E 4121 -0.33 -48.31 -16.59
C LEU E 4121 -0.29 -48.51 -18.09
N ALA E 4122 0.02 -47.45 -18.84
CA ALA E 4122 0.03 -47.50 -20.30
C ALA E 4122 1.39 -47.18 -20.91
N GLU E 4123 2.49 -47.64 -20.32
CA GLU E 4123 3.76 -47.63 -21.04
C GLU E 4123 3.61 -48.29 -22.43
N SER E 4124 3.02 -49.48 -22.46
CA SER E 4124 3.11 -50.34 -23.64
C SER E 4124 2.49 -49.68 -24.87
N VAL E 4125 1.31 -49.08 -24.71
CA VAL E 4125 0.68 -48.39 -25.83
C VAL E 4125 1.53 -47.21 -26.27
N LEU E 4126 2.02 -46.43 -25.29
CA LEU E 4126 2.88 -45.30 -25.60
C LEU E 4126 4.20 -45.75 -26.23
N ASN E 4127 4.78 -46.84 -25.73
CA ASN E 4127 6.00 -47.38 -26.31
C ASN E 4127 5.81 -47.87 -27.74
N TYR E 4128 4.65 -48.48 -28.03
CA TYR E 4128 4.38 -48.90 -29.39
C TYR E 4128 4.19 -47.70 -30.32
N PHE E 4129 3.45 -46.69 -29.86
CA PHE E 4129 3.15 -45.55 -30.71
C PHE E 4129 4.23 -44.48 -30.72
N GLN E 4130 5.30 -44.67 -29.94
CA GLN E 4130 6.38 -43.67 -29.90
C GLN E 4130 7.03 -43.40 -31.25
N PRO E 4131 7.41 -44.40 -32.06
CA PRO E 4131 7.97 -44.06 -33.38
C PRO E 4131 7.02 -43.30 -34.28
N PHE E 4132 5.71 -43.59 -34.19
CA PHE E 4132 4.77 -43.00 -35.13
C PHE E 4132 4.39 -41.58 -34.73
N LEU E 4133 4.39 -41.28 -33.44
CA LEU E 4133 3.98 -39.96 -32.97
C LEU E 4133 5.00 -38.90 -33.38
N GLY E 4134 4.50 -37.80 -33.93
CA GLY E 4134 5.36 -36.70 -34.33
C GLY E 4134 5.10 -35.46 -33.51
N ARG E 4135 6.17 -34.82 -33.04
CA ARG E 4135 6.08 -33.69 -32.11
C ARG E 4135 6.81 -32.49 -32.66
N ILE E 4136 6.13 -31.35 -32.71
CA ILE E 4136 6.70 -30.08 -33.17
C ILE E 4136 6.21 -28.97 -32.24
N GLU E 4137 6.77 -27.78 -32.45
CA GLU E 4137 6.35 -26.57 -31.75
C GLU E 4137 6.17 -25.45 -32.76
N ILE E 4138 5.11 -24.66 -32.59
CA ILE E 4138 4.77 -23.61 -33.56
C ILE E 4138 4.38 -22.33 -32.82
N MET E 4139 4.39 -21.24 -33.57
CA MET E 4139 3.88 -19.95 -33.10
C MET E 4139 2.36 -19.99 -33.20
N GLY E 4140 1.70 -20.18 -32.07
CA GLY E 4140 0.26 -20.27 -32.04
C GLY E 4140 -0.40 -18.93 -32.34
N SER E 4141 -1.69 -19.01 -32.65
CA SER E 4141 -2.48 -17.81 -32.90
C SER E 4141 -2.58 -16.93 -31.67
N ALA E 4142 -2.43 -17.50 -30.48
CA ALA E 4142 -2.36 -16.73 -29.25
C ALA E 4142 -0.95 -16.30 -28.88
N LYS E 4143 -0.02 -16.38 -29.84
CA LYS E 4143 1.37 -15.95 -29.64
C LYS E 4143 2.04 -16.73 -28.51
N ARG E 4144 1.84 -18.05 -28.51
CA ARG E 4144 2.50 -18.94 -27.56
C ARG E 4144 2.98 -20.19 -28.28
N ILE E 4145 3.90 -20.89 -27.65
CA ILE E 4145 4.38 -22.18 -28.15
C ILE E 4145 3.30 -23.23 -27.93
N GLU E 4146 2.97 -23.97 -28.98
CA GLU E 4146 2.01 -25.06 -28.91
C GLU E 4146 2.63 -26.31 -29.50
N ARG E 4147 2.61 -27.40 -28.73
CA ARG E 4147 3.11 -28.67 -29.21
C ARG E 4147 2.01 -29.38 -29.99
N VAL E 4148 2.34 -29.79 -31.22
CA VAL E 4148 1.39 -30.41 -32.14
C VAL E 4148 1.80 -31.86 -32.34
N TYR E 4149 0.81 -32.75 -32.25
CA TYR E 4149 1.03 -34.19 -32.39
C TYR E 4149 0.30 -34.69 -33.62
N PHE E 4150 1.00 -35.48 -34.44
CA PHE E 4150 0.46 -36.03 -35.67
C PHE E 4150 0.99 -37.44 -35.87
N GLU E 4151 0.57 -38.06 -36.97
CA GLU E 4151 0.90 -39.45 -37.27
C GLU E 4151 1.96 -39.50 -38.37
N ILE E 4152 3.05 -40.22 -38.10
CA ILE E 4152 4.12 -40.42 -39.07
C ILE E 4152 4.05 -41.87 -39.52
N SER E 4153 3.85 -42.09 -40.82
CA SER E 4153 3.73 -43.45 -41.33
C SER E 4153 5.10 -44.11 -41.47
N GLU E 4154 5.14 -45.41 -41.17
CA GLU E 4154 6.40 -46.14 -41.21
C GLU E 4154 6.99 -46.15 -42.61
N SER E 4155 6.15 -46.28 -43.63
CA SER E 4155 6.62 -46.23 -45.01
C SER E 4155 7.30 -44.89 -45.30
N SER E 4156 6.69 -43.79 -44.85
CA SER E 4156 7.31 -42.48 -45.02
C SER E 4156 8.63 -42.39 -44.28
N ARG E 4157 8.72 -42.96 -43.08
CA ARG E 4157 9.99 -42.94 -42.35
C ARG E 4157 11.07 -43.72 -43.08
N THR E 4158 10.71 -44.87 -43.67
CA THR E 4158 11.69 -45.62 -44.48
C THR E 4158 12.12 -44.81 -45.70
N GLN E 4159 11.17 -44.14 -46.36
CA GLN E 4159 11.53 -43.27 -47.49
C GLN E 4159 12.50 -42.18 -47.03
N TRP E 4160 12.29 -41.64 -45.84
CA TRP E 4160 13.22 -40.66 -45.27
C TRP E 4160 14.59 -41.28 -45.04
N GLU E 4161 14.63 -42.52 -44.56
CA GLU E 4161 15.89 -43.19 -44.27
C GLU E 4161 16.60 -43.74 -45.51
N LYS E 4162 15.97 -43.68 -46.68
CA LYS E 4162 16.64 -44.13 -47.89
C LYS E 4162 17.85 -43.24 -48.20
N PRO E 4163 18.89 -43.79 -48.83
CA PRO E 4163 20.18 -43.09 -48.87
C PRO E 4163 20.18 -41.78 -49.64
N GLN E 4164 19.50 -41.71 -50.79
CA GLN E 4164 19.54 -40.49 -51.59
C GLN E 4164 18.92 -39.31 -50.85
N VAL E 4165 17.84 -39.57 -50.10
CA VAL E 4165 17.25 -38.53 -49.26
C VAL E 4165 18.24 -38.07 -48.20
N LYS E 4166 19.00 -39.00 -47.62
CA LYS E 4166 20.01 -38.64 -46.64
C LYS E 4166 21.08 -37.75 -47.25
N GLU E 4167 21.54 -38.09 -48.45
CA GLU E 4167 22.56 -37.28 -49.12
C GLU E 4167 22.03 -35.89 -49.43
N SER E 4168 20.79 -35.81 -49.92
CA SER E 4168 20.18 -34.51 -50.19
C SER E 4168 20.06 -33.68 -48.92
N LYS E 4169 19.69 -34.32 -47.81
CA LYS E 4169 19.60 -33.63 -46.53
C LYS E 4169 20.95 -33.10 -46.10
N ARG E 4170 22.00 -33.92 -46.25
CA ARG E 4170 23.35 -33.46 -45.88
C ARG E 4170 23.75 -32.25 -46.71
N GLN E 4171 23.51 -32.32 -48.02
CA GLN E 4171 23.90 -31.22 -48.90
C GLN E 4171 23.16 -29.94 -48.55
N PHE E 4172 21.83 -30.03 -48.37
CA PHE E 4172 21.04 -28.88 -47.99
C PHE E 4172 21.44 -28.29 -46.64
N ILE E 4173 21.70 -29.15 -45.66
CA ILE E 4173 22.15 -28.69 -44.35
C ILE E 4173 23.48 -27.95 -44.46
N PHE E 4174 24.43 -28.48 -45.23
CA PHE E 4174 25.67 -27.74 -45.42
C PHE E 4174 25.44 -26.40 -46.11
N ASP E 4175 24.60 -26.38 -47.15
CA ASP E 4175 24.39 -25.15 -47.92
C ASP E 4175 23.78 -24.04 -47.07
N VAL E 4176 22.71 -24.36 -46.33
CA VAL E 4176 22.01 -23.30 -45.61
C VAL E 4176 22.86 -22.75 -44.47
N VAL E 4177 23.62 -23.63 -43.81
CA VAL E 4177 24.47 -23.17 -42.71
C VAL E 4177 25.64 -22.35 -43.24
N ASN E 4178 26.23 -22.76 -44.37
CA ASN E 4178 27.37 -22.01 -44.89
C ASN E 4178 26.94 -20.66 -45.46
N GLU E 4179 25.86 -20.63 -46.24
CA GLU E 4179 25.25 -19.37 -46.69
C GLU E 4179 23.78 -19.41 -46.30
N GLY E 4180 23.34 -18.41 -45.55
CA GLY E 4180 21.95 -18.35 -45.14
C GLY E 4180 21.55 -17.07 -44.43
N GLY E 4181 20.41 -16.50 -44.81
CA GLY E 4181 19.86 -15.34 -44.14
C GLY E 4181 18.74 -15.75 -43.19
N GLU E 4182 18.54 -14.96 -42.14
CA GLU E 4182 17.55 -15.31 -41.12
C GLU E 4182 16.15 -15.41 -41.72
N LYS E 4183 15.81 -14.50 -42.63
CA LYS E 4183 14.56 -14.64 -43.37
C LYS E 4183 14.65 -15.74 -44.42
N GLU E 4184 15.78 -15.83 -45.12
CA GLU E 4184 15.92 -16.79 -46.20
C GLU E 4184 16.14 -18.20 -45.69
N LYS E 4185 16.57 -18.36 -44.44
CA LYS E 4185 16.78 -19.69 -43.87
C LYS E 4185 15.48 -20.48 -43.89
N MET E 4186 14.40 -19.89 -43.39
CA MET E 4186 13.17 -20.62 -43.19
C MET E 4186 12.46 -20.90 -44.51
N GLU E 4187 12.73 -20.09 -45.54
CA GLU E 4187 12.28 -20.32 -46.90
C GLU E 4187 13.06 -21.41 -47.62
N LEU E 4188 14.39 -21.40 -47.50
CA LEU E 4188 15.18 -22.49 -48.07
C LEU E 4188 14.81 -23.82 -47.42
N PHE E 4189 14.52 -23.79 -46.11
CA PHE E 4189 14.12 -25.03 -45.44
C PHE E 4189 12.83 -25.59 -46.00
N VAL E 4190 11.82 -24.74 -46.23
CA VAL E 4190 10.56 -25.24 -46.77
C VAL E 4190 10.68 -25.64 -48.24
N ASN E 4191 11.51 -24.95 -49.02
CA ASN E 4191 11.76 -25.41 -50.38
C ASN E 4191 12.42 -26.79 -50.39
N PHE E 4192 13.40 -27.00 -49.50
CA PHE E 4192 14.01 -28.31 -49.37
C PHE E 4192 12.99 -29.34 -48.90
N CYS E 4193 12.05 -28.92 -48.05
CA CYS E 4193 11.01 -29.84 -47.58
C CYS E 4193 10.13 -30.31 -48.74
N GLU E 4194 9.72 -29.38 -49.60
CA GLU E 4194 8.92 -29.78 -50.76
C GLU E 4194 9.71 -30.68 -51.71
N ASP E 4195 10.98 -30.34 -51.95
CA ASP E 4195 11.80 -31.19 -52.82
C ASP E 4195 11.97 -32.58 -52.22
N THR E 4196 12.16 -32.67 -50.90
CA THR E 4196 12.32 -33.96 -50.25
C THR E 4196 11.03 -34.76 -50.25
N ILE E 4197 9.88 -34.08 -50.14
CA ILE E 4197 8.61 -34.78 -50.25
C ILE E 4197 8.46 -35.40 -51.64
N PHE E 4198 8.79 -34.63 -52.68
CA PHE E 4198 8.76 -35.18 -54.03
C PHE E 4198 9.76 -36.34 -54.19
N GLU E 4199 10.94 -36.19 -53.61
CA GLU E 4199 11.95 -37.24 -53.69
C GLU E 4199 11.50 -38.52 -53.02
N MET E 4200 10.86 -38.42 -51.85
CA MET E 4200 10.37 -39.62 -51.18
C MET E 4200 9.20 -40.24 -51.92
N GLN E 4201 8.33 -39.43 -52.53
CA GLN E 4201 7.28 -39.97 -53.40
C GLN E 4201 7.87 -40.73 -54.57
N LEU E 4202 8.92 -40.21 -55.19
CA LEU E 4202 9.58 -40.92 -56.28
C LEU E 4202 10.29 -42.19 -55.81
N ALA E 4203 10.86 -42.16 -54.60
CA ALA E 4203 11.56 -43.33 -54.07
C ALA E 4203 10.61 -44.51 -53.86
N ALA E 4204 9.41 -44.26 -53.34
CA ALA E 4204 8.44 -45.33 -53.17
C ALA E 4204 8.05 -45.92 -54.52
N GLN E 4205 7.94 -45.07 -55.54
CA GLN E 4205 7.61 -45.56 -56.88
C GLN E 4205 8.73 -46.43 -57.44
N ILE E 4206 9.98 -45.97 -57.32
CA ILE E 4206 11.09 -46.70 -57.93
C ILE E 4206 11.35 -48.00 -57.20
N SER E 4207 11.19 -48.01 -55.87
CA SER E 4207 11.44 -49.19 -55.07
C SER E 4207 10.13 -49.93 -54.80
N GLU E 4208 9.61 -50.56 -55.86
CA GLU E 4208 8.38 -51.33 -55.73
C GLU E 4208 8.62 -52.61 -54.93
N SER E 4209 7.55 -53.12 -54.34
CA SER E 4209 7.62 -54.34 -53.55
C SER E 4209 7.28 -55.56 -54.40
N SER E 4237 37.05 -57.98 -41.78
CA SER E 4237 37.01 -57.58 -40.38
C SER E 4237 36.71 -58.77 -39.48
N ILE E 4238 35.62 -59.48 -39.79
CA ILE E 4238 35.24 -60.64 -38.98
C ILE E 4238 36.28 -61.74 -39.08
N LEU E 4239 36.86 -61.95 -40.27
CA LEU E 4239 37.90 -62.96 -40.42
C LEU E 4239 39.14 -62.59 -39.60
N THR E 4240 39.54 -61.32 -39.64
CA THR E 4240 40.66 -60.86 -38.84
C THR E 4240 40.39 -60.99 -37.34
N VAL E 4241 39.17 -60.73 -36.90
CA VAL E 4241 38.77 -60.95 -35.52
C VAL E 4241 38.87 -62.43 -35.14
N ARG E 4242 38.34 -63.31 -35.99
CA ARG E 4242 38.28 -64.73 -35.66
C ARG E 4242 39.67 -65.36 -35.65
N SER E 4243 40.54 -64.92 -36.57
CA SER E 4243 41.91 -65.45 -36.57
C SER E 4243 42.65 -65.05 -35.30
N ALA E 4244 42.50 -63.80 -34.88
CA ALA E 4244 43.13 -63.35 -33.64
C ALA E 4244 42.56 -64.10 -32.44
N LEU E 4245 41.25 -64.33 -32.43
CA LEU E 4245 40.66 -65.11 -31.34
C LEU E 4245 41.19 -66.54 -31.31
N PHE E 4246 41.36 -67.19 -32.48
CA PHE E 4246 41.87 -68.55 -32.52
C PHE E 4246 43.32 -68.58 -32.02
N ALA E 4247 44.13 -67.60 -32.43
CA ALA E 4247 45.50 -67.54 -31.94
C ALA E 4247 45.54 -67.34 -30.42
N LEU E 4248 44.71 -66.42 -29.92
CA LEU E 4248 44.65 -66.20 -28.47
C LEU E 4248 44.20 -67.45 -27.73
N ARG E 4249 43.23 -68.18 -28.29
CA ARG E 4249 42.78 -69.42 -27.66
C ARG E 4249 43.90 -70.44 -27.61
N TYR E 4250 44.31 -70.96 -28.77
CA TYR E 4250 45.30 -72.03 -28.79
C TYR E 4250 46.71 -71.50 -29.01
N ASN E 4251 47.09 -70.45 -28.27
CA ASN E 4251 48.50 -70.24 -28.00
C ASN E 4251 48.72 -70.15 -26.50
N ILE E 4252 47.80 -69.49 -25.81
CA ILE E 4252 47.74 -69.59 -24.36
C ILE E 4252 47.28 -70.98 -23.91
N LEU E 4253 46.53 -71.70 -24.75
CA LEU E 4253 46.33 -73.13 -24.49
C LEU E 4253 47.65 -73.88 -24.58
N THR E 4254 48.56 -73.44 -25.43
CA THR E 4254 49.90 -74.04 -25.48
C THR E 4254 50.67 -73.77 -24.19
N LEU E 4255 50.56 -72.54 -23.67
CA LEU E 4255 51.16 -72.22 -22.37
C LEU E 4255 50.59 -73.11 -21.28
N MET E 4256 49.28 -73.30 -21.28
CA MET E 4256 48.64 -74.20 -20.33
C MET E 4256 49.09 -75.65 -20.51
N ARG E 4257 49.27 -76.11 -21.75
CA ARG E 4257 49.75 -77.48 -21.97
C ARG E 4257 51.16 -77.67 -21.44
N MET E 4258 52.05 -76.71 -21.68
CA MET E 4258 53.42 -76.88 -21.21
C MET E 4258 53.58 -76.55 -19.72
N LEU E 4259 52.59 -75.91 -19.09
CA LEU E 4259 52.55 -75.82 -17.65
C LEU E 4259 51.76 -76.95 -17.01
N SER E 4260 51.06 -77.77 -17.80
CA SER E 4260 50.27 -78.86 -17.25
C SER E 4260 51.14 -80.06 -16.87
N LEU E 4261 52.45 -79.99 -17.15
CA LEU E 4261 53.35 -81.07 -16.77
C LEU E 4261 53.34 -81.28 -15.25
N LYS E 4262 53.04 -80.23 -14.49
CA LYS E 4262 52.91 -80.30 -13.03
C LYS E 4262 54.21 -80.79 -12.39
N SER E 4263 55.28 -80.04 -12.63
CA SER E 4263 56.59 -80.35 -12.08
C SER E 4263 56.89 -79.62 -10.78
N LEU E 4264 55.86 -79.10 -10.10
CA LEU E 4264 56.10 -78.38 -8.86
C LEU E 4264 56.64 -79.29 -7.77
N LYS E 4265 56.14 -80.53 -7.70
CA LYS E 4265 56.67 -81.48 -6.73
C LYS E 4265 58.13 -81.82 -7.02
N LYS E 4266 58.47 -81.98 -8.29
CA LYS E 4266 59.88 -82.24 -8.64
C LYS E 4266 60.74 -81.04 -8.31
N GLN E 4267 60.24 -79.83 -8.55
CA GLN E 4267 60.98 -78.63 -8.17
C GLN E 4267 61.15 -78.52 -6.66
N MET E 4268 60.18 -78.99 -5.88
CA MET E 4268 60.35 -79.00 -4.43
C MET E 4268 61.30 -80.11 -3.97
N LYS E 4269 61.37 -81.22 -4.71
CA LYS E 4269 62.44 -82.18 -4.47
C LYS E 4269 63.81 -81.55 -4.73
N LYS E 4270 63.92 -80.79 -5.82
CA LYS E 4270 65.16 -80.08 -6.13
C LYS E 4270 65.53 -79.11 -5.03
N VAL E 4271 64.58 -78.25 -4.63
CA VAL E 4271 64.81 -77.31 -3.54
C VAL E 4271 64.28 -77.98 -2.26
N LYS E 4272 65.12 -78.80 -1.63
CA LYS E 4272 64.70 -79.48 -0.40
C LYS E 4272 65.02 -78.62 0.82
N LYS E 4273 66.07 -77.81 0.73
CA LYS E 4273 66.29 -76.68 1.63
C LYS E 4273 66.29 -75.45 0.75
N MET E 4274 66.15 -74.27 1.35
CA MET E 4274 65.98 -73.06 0.54
C MET E 4274 67.18 -72.85 -0.38
N THR E 4275 66.89 -72.50 -1.63
CA THR E 4275 67.90 -72.05 -2.58
C THR E 4275 67.36 -70.84 -3.32
N VAL E 4276 67.94 -69.67 -3.04
CA VAL E 4276 67.44 -68.44 -3.64
C VAL E 4276 67.58 -68.49 -5.16
N LYS E 4277 68.69 -69.05 -5.65
CA LYS E 4277 68.95 -69.04 -7.09
C LYS E 4277 68.02 -70.02 -7.82
N ASP E 4278 67.99 -71.29 -7.39
CA ASP E 4278 67.06 -72.25 -7.98
C ASP E 4278 65.64 -71.76 -7.84
N MET E 4279 65.39 -70.94 -6.82
CA MET E 4279 64.06 -70.54 -6.43
C MET E 4279 63.55 -69.42 -7.32
N VAL E 4280 64.43 -68.46 -7.64
CA VAL E 4280 64.07 -67.36 -8.53
C VAL E 4280 64.08 -67.79 -9.99
N THR E 4281 64.97 -68.71 -10.37
CA THR E 4281 65.05 -69.12 -11.77
C THR E 4281 63.73 -69.72 -12.26
N ALA E 4282 62.96 -70.32 -11.35
CA ALA E 4282 61.67 -70.91 -11.74
C ALA E 4282 60.73 -69.86 -12.32
N PHE E 4283 60.43 -68.81 -11.53
CA PHE E 4283 59.49 -67.82 -12.04
C PHE E 4283 60.14 -66.97 -13.13
N PHE E 4284 61.48 -66.84 -13.11
CA PHE E 4284 62.14 -66.15 -14.21
C PHE E 4284 61.88 -66.86 -15.54
N SER E 4285 62.03 -68.18 -15.54
CA SER E 4285 61.73 -68.97 -16.73
C SER E 4285 60.25 -68.89 -17.07
N SER E 4286 59.39 -68.85 -16.04
CA SER E 4286 57.95 -68.75 -16.29
C SER E 4286 57.60 -67.47 -17.01
N TYR E 4287 58.13 -66.33 -16.55
CA TYR E 4287 57.85 -65.05 -17.20
C TYR E 4287 58.48 -64.98 -18.58
N TRP E 4288 59.68 -65.55 -18.74
CA TRP E 4288 60.32 -65.61 -20.04
C TRP E 4288 59.46 -66.40 -21.02
N SER E 4289 58.90 -67.51 -20.57
CA SER E 4289 57.98 -68.29 -21.38
C SER E 4289 56.69 -67.54 -21.68
N ILE E 4290 56.19 -66.74 -20.73
CA ILE E 4290 55.01 -65.92 -21.02
C ILE E 4290 55.31 -64.96 -22.16
N PHE E 4291 56.48 -64.32 -22.13
CA PHE E 4291 56.85 -63.42 -23.21
C PHE E 4291 57.04 -64.17 -24.53
N MET E 4292 57.63 -65.36 -24.49
CA MET E 4292 57.81 -66.13 -25.72
C MET E 4292 56.46 -66.56 -26.30
N THR E 4293 55.49 -66.86 -25.43
CA THR E 4293 54.13 -67.11 -25.91
C THR E 4293 53.51 -65.87 -26.53
N LEU E 4294 53.80 -64.68 -25.96
CA LEU E 4294 53.36 -63.46 -26.62
C LEU E 4294 53.95 -63.34 -28.02
N LEU E 4295 55.24 -63.64 -28.15
CA LEU E 4295 55.87 -63.60 -29.47
C LEU E 4295 55.23 -64.59 -30.43
N HIS E 4296 54.95 -65.80 -29.96
CA HIS E 4296 54.29 -66.78 -30.79
C HIS E 4296 52.91 -66.29 -31.21
N PHE E 4297 52.23 -65.56 -30.33
CA PHE E 4297 50.93 -64.98 -30.66
C PHE E 4297 51.06 -63.91 -31.74
N VAL E 4298 52.08 -63.06 -31.62
CA VAL E 4298 52.28 -62.02 -32.63
C VAL E 4298 52.58 -62.65 -33.98
N ALA E 4299 53.42 -63.69 -33.99
CA ALA E 4299 53.72 -64.40 -35.22
C ALA E 4299 52.48 -65.06 -35.80
N SER E 4300 51.64 -65.64 -34.93
CA SER E 4300 50.41 -66.27 -35.39
C SER E 4300 49.44 -65.25 -35.98
N VAL E 4301 49.35 -64.06 -35.37
CA VAL E 4301 48.51 -63.01 -35.93
C VAL E 4301 49.04 -62.54 -37.28
N PHE E 4302 50.36 -62.41 -37.42
CA PHE E 4302 50.92 -62.04 -38.71
C PHE E 4302 50.62 -63.11 -39.76
N ARG E 4303 50.77 -64.38 -39.39
CA ARG E 4303 50.48 -65.47 -40.31
C ARG E 4303 49.01 -65.49 -40.69
N GLY E 4304 48.11 -65.25 -39.74
CA GLY E 4304 46.69 -65.21 -40.05
C GLY E 4304 46.32 -64.05 -40.95
N PHE E 4305 46.92 -62.89 -40.72
CA PHE E 4305 46.67 -61.74 -41.58
C PHE E 4305 47.17 -62.00 -42.99
N PHE E 4306 48.35 -62.63 -43.11
CA PHE E 4306 48.86 -63.02 -44.42
C PHE E 4306 47.94 -64.03 -45.09
N ARG E 4307 47.40 -64.97 -44.31
CA ARG E 4307 46.45 -65.94 -44.85
C ARG E 4307 45.20 -65.24 -45.37
N ILE E 4308 44.69 -64.26 -44.63
CA ILE E 4308 43.48 -63.55 -45.03
C ILE E 4308 43.73 -62.77 -46.32
N ILE E 4309 44.84 -62.04 -46.38
CA ILE E 4309 45.10 -61.21 -47.56
C ILE E 4309 45.44 -62.07 -48.77
N CYS E 4310 46.08 -63.21 -48.55
CA CYS E 4310 46.45 -64.11 -49.63
C CYS E 4310 46.71 -65.52 -49.12
N PHE E 4480 -0.28 -56.64 -74.96
CA PHE E 4480 1.04 -56.41 -75.53
C PHE E 4480 1.67 -55.14 -74.96
N TRP E 4481 1.14 -53.99 -75.38
CA TRP E 4481 1.72 -52.71 -74.98
C TRP E 4481 1.77 -52.56 -73.47
N LYS E 4482 0.77 -53.10 -72.77
CA LYS E 4482 0.80 -53.11 -71.31
C LYS E 4482 2.03 -53.84 -70.81
N LYS E 4483 2.30 -55.02 -71.37
CA LYS E 4483 3.47 -55.80 -70.99
C LYS E 4483 4.76 -55.06 -71.27
N ILE E 4484 4.84 -54.40 -72.44
CA ILE E 4484 6.11 -53.77 -72.80
C ILE E 4484 6.36 -52.59 -71.88
N ILE E 4485 5.32 -51.82 -71.56
CA ILE E 4485 5.47 -50.68 -70.68
C ILE E 4485 5.86 -51.14 -69.28
N ALA E 4486 5.21 -52.21 -68.80
CA ALA E 4486 5.55 -52.76 -67.50
C ALA E 4486 7.00 -53.23 -67.41
N TYR E 4487 7.48 -53.96 -68.43
CA TYR E 4487 8.86 -54.43 -68.40
C TYR E 4487 9.84 -53.25 -68.48
N GLN E 4488 9.53 -52.28 -69.34
CA GLN E 4488 10.37 -51.09 -69.46
C GLN E 4488 10.49 -50.37 -68.11
N GLN E 4489 9.35 -50.17 -67.45
CA GLN E 4489 9.35 -49.43 -66.18
C GLN E 4489 10.06 -50.23 -65.09
N LYS E 4490 9.87 -51.56 -65.08
CA LYS E 4490 10.57 -52.38 -64.09
C LYS E 4490 12.09 -52.26 -64.27
N LEU E 4491 12.57 -52.32 -65.51
CA LEU E 4491 14.01 -52.23 -65.71
C LEU E 4491 14.54 -50.82 -65.43
N LEU E 4492 13.74 -49.80 -65.73
CA LEU E 4492 14.14 -48.43 -65.40
C LEU E 4492 14.27 -48.25 -63.89
N ASN E 4493 13.32 -48.82 -63.13
CA ASN E 4493 13.43 -48.84 -61.68
C ASN E 4493 14.64 -49.63 -61.21
N TYR E 4494 14.98 -50.73 -61.89
CA TYR E 4494 16.19 -51.47 -61.55
C TYR E 4494 17.42 -50.58 -61.62
N PHE E 4495 17.59 -49.88 -62.74
CA PHE E 4495 18.73 -48.98 -62.88
C PHE E 4495 18.68 -47.86 -61.84
N ALA E 4496 17.50 -47.27 -61.62
CA ALA E 4496 17.39 -46.18 -60.66
C ALA E 4496 17.78 -46.64 -59.25
N ARG E 4497 17.36 -47.85 -58.88
CA ARG E 4497 17.74 -48.41 -57.58
C ARG E 4497 19.23 -48.65 -57.50
N ASN E 4498 19.83 -49.20 -58.56
CA ASN E 4498 21.23 -49.61 -58.52
C ASN E 4498 22.17 -48.55 -59.08
N PHE E 4499 21.76 -47.28 -59.09
CA PHE E 4499 22.64 -46.21 -59.56
C PHE E 4499 23.97 -46.17 -58.80
N TYR E 4500 23.93 -46.15 -57.46
CA TYR E 4500 25.16 -45.96 -56.69
C TYR E 4500 26.08 -47.17 -56.73
N ASN E 4501 25.54 -48.39 -56.64
CA ASN E 4501 26.39 -49.58 -56.68
C ASN E 4501 27.16 -49.65 -58.00
N MET E 4502 26.48 -49.36 -59.10
CA MET E 4502 27.15 -49.30 -60.39
C MET E 4502 28.12 -48.13 -60.47
N ARG E 4503 27.78 -46.98 -59.87
CA ARG E 4503 28.71 -45.86 -59.75
C ARG E 4503 30.00 -46.30 -59.06
N MET E 4504 29.91 -47.25 -58.13
CA MET E 4504 31.04 -47.73 -57.36
C MET E 4504 31.86 -48.76 -58.14
N LEU E 4505 31.16 -49.72 -58.76
CA LEU E 4505 31.83 -50.76 -59.54
C LEU E 4505 32.50 -50.19 -60.77
N ALA E 4506 31.97 -49.09 -61.32
CA ALA E 4506 32.63 -48.42 -62.44
C ALA E 4506 34.00 -47.90 -62.03
N LEU E 4507 34.10 -47.29 -60.85
CA LEU E 4507 35.38 -46.84 -60.34
C LEU E 4507 36.31 -48.02 -60.08
N PHE E 4508 35.77 -49.12 -59.57
CA PHE E 4508 36.58 -50.32 -59.39
C PHE E 4508 37.17 -50.81 -60.71
N VAL E 4509 36.36 -50.87 -61.76
CA VAL E 4509 36.85 -51.31 -63.06
C VAL E 4509 37.86 -50.31 -63.62
N ALA E 4510 37.65 -49.02 -63.38
CA ALA E 4510 38.63 -48.01 -63.79
C ALA E 4510 39.97 -48.20 -63.10
N PHE E 4511 39.98 -48.55 -61.82
CA PHE E 4511 41.21 -48.92 -61.14
C PHE E 4511 41.86 -50.17 -61.71
N ALA E 4512 41.07 -51.20 -61.99
CA ALA E 4512 41.63 -52.45 -62.51
C ALA E 4512 42.27 -52.22 -63.88
N ILE E 4513 41.63 -51.42 -64.73
CA ILE E 4513 42.18 -51.15 -66.06
C ILE E 4513 43.52 -50.42 -65.95
N ASN E 4514 43.60 -49.43 -65.06
CA ASN E 4514 44.87 -48.72 -64.87
C ASN E 4514 45.95 -49.63 -64.31
N PHE E 4515 45.58 -50.51 -63.37
CA PHE E 4515 46.57 -51.45 -62.83
C PHE E 4515 47.08 -52.39 -63.92
N ILE E 4516 46.21 -52.86 -64.81
CA ILE E 4516 46.65 -53.69 -65.92
C ILE E 4516 47.56 -52.89 -66.85
N LEU E 4517 47.19 -51.64 -67.16
CA LEU E 4517 48.00 -50.80 -68.02
C LEU E 4517 49.36 -50.49 -67.43
N LEU E 4518 49.51 -50.54 -66.11
CA LEU E 4518 50.79 -50.22 -65.49
C LEU E 4518 51.94 -51.07 -66.01
N PHE E 4519 51.69 -52.32 -66.40
CA PHE E 4519 52.73 -53.17 -66.97
C PHE E 4519 52.64 -53.13 -68.50
N TYR E 4520 53.09 -52.01 -69.07
CA TYR E 4520 52.92 -51.76 -70.49
C TYR E 4520 54.29 -51.46 -71.10
N LYS E 4521 54.54 -52.00 -72.29
CA LYS E 4521 55.83 -51.93 -72.95
C LYS E 4521 55.76 -51.10 -74.23
N VAL E 4522 56.94 -50.83 -74.78
CA VAL E 4522 57.10 -50.41 -76.18
C VAL E 4522 58.07 -51.37 -76.83
N SER E 4523 57.78 -51.75 -78.08
CA SER E 4523 58.59 -52.72 -78.80
C SER E 4523 59.13 -52.09 -80.07
N THR E 4524 60.39 -52.40 -80.38
CA THR E 4524 61.05 -51.89 -81.57
C THR E 4524 60.75 -52.78 -82.77
N ILE E 4555 60.45 -47.08 -88.80
CA ILE E 4555 60.56 -47.37 -87.37
C ILE E 4555 59.28 -48.05 -86.89
N ALA E 4556 59.44 -49.24 -86.31
CA ALA E 4556 58.31 -50.02 -85.81
C ALA E 4556 58.14 -49.73 -84.32
N VAL E 4557 57.07 -49.04 -83.97
CA VAL E 4557 56.77 -48.69 -82.58
C VAL E 4557 55.37 -49.23 -82.27
N HIS E 4558 55.33 -50.42 -81.67
CA HIS E 4558 54.10 -51.00 -81.16
C HIS E 4558 54.01 -50.75 -79.66
N TYR E 4559 52.86 -50.27 -79.22
CA TYR E 4559 52.56 -50.18 -77.79
C TYR E 4559 52.03 -51.53 -77.34
N VAL E 4560 52.93 -52.40 -76.89
CA VAL E 4560 52.62 -53.81 -76.64
C VAL E 4560 52.43 -54.02 -75.15
N LEU E 4561 51.41 -54.81 -74.80
CA LEU E 4561 51.13 -55.17 -73.42
C LEU E 4561 51.95 -56.42 -73.09
N GLU E 4562 52.88 -56.28 -72.15
CA GLU E 4562 53.75 -57.39 -71.75
C GLU E 4562 53.13 -58.10 -70.55
N GLU E 4563 53.15 -59.43 -70.59
CA GLU E 4563 52.54 -60.23 -69.52
C GLU E 4563 53.50 -61.35 -69.14
N SER E 4564 53.77 -61.50 -67.85
CA SER E 4564 54.44 -62.70 -67.37
C SER E 4564 53.48 -63.89 -67.39
N SER E 4565 52.20 -63.63 -67.14
CA SER E 4565 51.20 -64.70 -67.17
C SER E 4565 50.75 -64.98 -68.61
N GLY E 4566 50.33 -63.94 -69.33
CA GLY E 4566 49.92 -64.06 -70.71
C GLY E 4566 48.48 -63.67 -70.98
N TYR E 4567 47.58 -63.95 -70.04
CA TYR E 4567 46.16 -63.73 -70.24
C TYR E 4567 45.68 -62.35 -69.75
N MET E 4568 46.57 -61.37 -69.64
CA MET E 4568 46.12 -60.04 -69.24
C MET E 4568 45.41 -59.30 -70.37
N GLU E 4569 45.81 -59.49 -71.62
CA GLU E 4569 45.23 -58.70 -72.70
C GLU E 4569 43.74 -58.97 -72.88
N PRO E 4570 43.28 -60.23 -72.93
CA PRO E 4570 41.82 -60.45 -72.91
C PRO E 4570 41.15 -59.88 -71.68
N THR E 4571 41.80 -59.96 -70.51
CA THR E 4571 41.22 -59.41 -69.29
C THR E 4571 41.02 -57.91 -69.42
N LEU E 4572 42.01 -57.21 -69.98
CA LEU E 4572 41.89 -55.77 -70.20
C LEU E 4572 40.79 -55.45 -71.20
N ARG E 4573 40.67 -56.25 -72.26
CA ARG E 4573 39.60 -56.01 -73.22
C ARG E 4573 38.23 -56.17 -72.58
N ILE E 4574 38.03 -57.25 -71.82
CA ILE E 4574 36.75 -57.48 -71.15
C ILE E 4574 36.49 -56.37 -70.13
N LEU E 4575 37.52 -55.93 -69.41
CA LEU E 4575 37.34 -54.87 -68.43
C LEU E 4575 36.94 -53.56 -69.09
N ALA E 4576 37.55 -53.24 -70.23
CA ALA E 4576 37.16 -52.03 -70.95
C ALA E 4576 35.71 -52.10 -71.42
N ILE E 4577 35.32 -53.25 -71.99
CA ILE E 4577 33.94 -53.40 -72.45
C ILE E 4577 32.97 -53.29 -71.28
N LEU E 4578 33.28 -53.95 -70.16
CA LEU E 4578 32.41 -53.90 -68.98
C LEU E 4578 32.34 -52.48 -68.41
N HIS E 4579 33.46 -51.76 -68.40
CA HIS E 4579 33.45 -50.38 -67.93
C HIS E 4579 32.53 -49.52 -68.79
N THR E 4580 32.61 -49.66 -70.10
CA THR E 4580 31.71 -48.90 -70.95
C THR E 4580 30.25 -49.28 -70.76
N VAL E 4581 29.93 -50.56 -70.63
CA VAL E 4581 28.55 -50.97 -70.42
C VAL E 4581 28.00 -50.44 -69.09
N ILE E 4582 28.78 -50.58 -68.01
CA ILE E 4582 28.32 -50.12 -66.71
C ILE E 4582 28.23 -48.59 -66.67
N SER E 4583 29.07 -47.91 -67.46
CA SER E 4583 29.00 -46.45 -67.50
C SER E 4583 27.72 -45.97 -68.16
N PHE E 4584 27.34 -46.60 -69.28
CA PHE E 4584 26.07 -46.30 -69.92
C PHE E 4584 24.92 -46.60 -68.98
N PHE E 4585 24.98 -47.73 -68.26
CA PHE E 4585 23.97 -48.05 -67.27
C PHE E 4585 23.90 -47.04 -66.13
N CYS E 4586 25.04 -46.48 -65.71
CA CYS E 4586 25.07 -45.42 -64.72
C CYS E 4586 24.42 -44.14 -65.21
N ILE E 4587 24.64 -43.76 -66.47
CA ILE E 4587 23.90 -42.63 -67.04
C ILE E 4587 22.40 -42.91 -67.09
N ILE E 4588 21.99 -44.13 -67.45
CA ILE E 4588 20.56 -44.45 -67.42
C ILE E 4588 20.01 -44.33 -66.00
N GLY E 4589 20.77 -44.83 -65.02
CA GLY E 4589 20.34 -44.74 -63.64
C GLY E 4589 20.19 -43.32 -63.16
N TYR E 4590 21.16 -42.46 -63.49
CA TYR E 4590 21.04 -41.04 -63.13
C TYR E 4590 19.82 -40.41 -63.80
N TYR E 4591 19.62 -40.68 -65.10
CA TYR E 4591 18.47 -40.12 -65.80
C TYR E 4591 17.14 -40.57 -65.21
N CYS E 4592 17.08 -41.78 -64.66
CA CYS E 4592 15.84 -42.27 -64.06
C CYS E 4592 15.73 -41.98 -62.57
N LEU E 4593 16.79 -41.47 -61.94
CA LEU E 4593 16.80 -41.26 -60.49
C LEU E 4593 16.80 -39.79 -60.13
N LYS E 4594 17.76 -38.99 -60.64
CA LYS E 4594 17.92 -37.63 -60.17
C LYS E 4594 17.28 -36.60 -61.09
N VAL E 4595 17.16 -36.91 -62.38
CA VAL E 4595 16.59 -35.98 -63.35
C VAL E 4595 15.21 -35.50 -62.96
N PRO E 4596 14.29 -36.37 -62.49
CA PRO E 4596 12.98 -35.85 -62.05
C PRO E 4596 13.08 -34.81 -60.95
N LEU E 4597 14.03 -34.93 -60.02
CA LEU E 4597 14.15 -33.93 -58.97
C LEU E 4597 14.59 -32.58 -59.53
N VAL E 4598 15.55 -32.58 -60.45
CA VAL E 4598 16.00 -31.33 -61.08
C VAL E 4598 14.86 -30.71 -61.88
N ILE E 4599 14.13 -31.53 -62.62
CA ILE E 4599 12.98 -31.01 -63.39
C ILE E 4599 11.94 -30.43 -62.45
N PHE E 4600 11.67 -31.08 -61.32
CA PHE E 4600 10.70 -30.58 -60.35
C PHE E 4600 11.16 -29.25 -59.78
N LYS E 4601 12.44 -29.13 -59.43
CA LYS E 4601 12.95 -27.88 -58.89
C LYS E 4601 12.84 -26.75 -59.91
N ARG E 4602 13.25 -27.00 -61.15
CA ARG E 4602 13.16 -25.97 -62.19
C ARG E 4602 11.71 -25.58 -62.44
N GLU E 4603 10.82 -26.57 -62.50
CA GLU E 4603 9.43 -26.33 -62.85
C GLU E 4603 8.64 -25.70 -61.70
N LYS E 4604 9.13 -25.83 -60.47
CA LYS E 4604 8.59 -25.09 -59.33
C LYS E 4604 9.11 -23.66 -59.31
N GLU E 4605 10.40 -23.47 -59.60
CA GLU E 4605 10.96 -22.12 -59.62
C GLU E 4605 10.30 -21.28 -60.70
N VAL E 4606 10.15 -21.83 -61.90
CA VAL E 4606 9.55 -21.06 -62.99
C VAL E 4606 8.08 -20.78 -62.70
N ALA E 4607 7.39 -21.76 -62.09
CA ALA E 4607 5.98 -21.56 -61.78
C ALA E 4607 5.79 -20.46 -60.74
N ARG E 4608 6.62 -20.46 -59.69
CA ARG E 4608 6.50 -19.42 -58.67
C ARG E 4608 6.94 -18.06 -59.18
N LYS E 4609 7.94 -18.00 -60.06
CA LYS E 4609 8.31 -16.72 -60.66
C LYS E 4609 7.20 -16.20 -61.57
N LEU E 4610 6.54 -17.08 -62.31
CA LEU E 4610 5.42 -16.67 -63.15
C LEU E 4610 4.23 -16.19 -62.34
N GLU E 4611 3.96 -16.87 -61.22
CA GLU E 4611 2.77 -16.53 -60.44
C GLU E 4611 3.00 -15.32 -59.55
N PHE E 4612 4.04 -15.36 -58.71
CA PHE E 4612 4.26 -14.28 -57.76
C PHE E 4612 4.73 -13.00 -58.44
N ASP E 4613 5.65 -13.12 -59.40
CA ASP E 4613 6.29 -11.96 -60.00
C ASP E 4613 5.93 -11.73 -61.46
N GLY E 4614 5.44 -12.75 -62.17
CA GLY E 4614 5.14 -12.60 -63.57
C GLY E 4614 6.37 -12.32 -64.41
N LEU E 4615 7.43 -13.08 -64.18
CA LEU E 4615 8.72 -12.89 -64.86
C LEU E 4615 8.64 -13.17 -66.35
N TYR E 4616 7.56 -13.78 -66.83
CA TYR E 4616 7.36 -13.96 -68.27
C TYR E 4616 6.11 -13.27 -68.76
N ILE E 4617 5.45 -12.46 -67.93
CA ILE E 4617 4.21 -11.80 -68.29
C ILE E 4617 4.39 -10.28 -68.21
N THR E 4618 4.73 -9.78 -67.02
CA THR E 4618 4.86 -8.35 -66.80
C THR E 4618 6.27 -7.87 -67.14
N GLU E 4619 7.27 -8.42 -66.45
CA GLU E 4619 8.66 -8.02 -66.62
C GLU E 4619 9.47 -9.19 -67.17
N GLN E 4620 9.95 -9.03 -68.39
CA GLN E 4620 10.70 -10.04 -69.12
C GLN E 4620 12.07 -10.25 -68.49
N PRO E 4621 12.67 -11.43 -68.69
CA PRO E 4621 13.99 -11.69 -68.09
C PRO E 4621 15.04 -10.72 -68.61
N SER E 4622 16.20 -10.74 -67.92
CA SER E 4622 17.26 -9.77 -68.21
C SER E 4622 17.92 -10.03 -69.56
N GLU E 4623 17.58 -11.15 -70.21
CA GLU E 4623 18.12 -11.64 -71.47
C GLU E 4623 19.53 -12.20 -71.29
N ASP E 4624 20.14 -12.06 -70.12
CA ASP E 4624 21.43 -12.67 -69.81
C ASP E 4624 21.30 -13.92 -68.97
N ASP E 4625 20.09 -14.25 -68.51
CA ASP E 4625 19.83 -15.45 -67.73
C ASP E 4625 19.42 -16.56 -68.69
N ILE E 4626 20.39 -17.39 -69.07
CA ILE E 4626 20.15 -18.40 -70.10
C ILE E 4626 19.06 -19.35 -69.63
N LYS E 4627 19.00 -19.61 -68.33
CA LYS E 4627 17.90 -20.41 -67.78
C LYS E 4627 16.56 -19.73 -68.02
N GLY E 4628 16.51 -18.40 -67.87
CA GLY E 4628 15.28 -17.68 -68.12
C GLY E 4628 14.83 -17.75 -69.56
N GLN E 4629 15.76 -17.52 -70.49
CA GLN E 4629 15.39 -17.61 -71.90
C GLN E 4629 15.02 -19.03 -72.29
N TRP E 4630 15.63 -20.04 -71.65
CA TRP E 4630 15.25 -21.41 -71.97
C TRP E 4630 13.89 -21.78 -71.38
N ASP E 4631 13.55 -21.26 -70.20
CA ASP E 4631 12.24 -21.47 -69.61
C ASP E 4631 11.15 -20.61 -70.25
N ARG E 4632 11.53 -19.63 -71.08
CA ARG E 4632 10.53 -18.95 -71.90
C ARG E 4632 9.79 -19.94 -72.79
N LEU E 4633 10.44 -21.06 -73.15
CA LEU E 4633 9.84 -22.01 -74.08
C LEU E 4633 8.83 -22.91 -73.39
N VAL E 4634 8.97 -23.12 -72.08
CA VAL E 4634 8.12 -24.09 -71.38
C VAL E 4634 6.81 -23.48 -70.90
N ILE E 4635 6.71 -22.15 -70.83
CA ILE E 4635 5.51 -21.51 -70.30
C ILE E 4635 4.27 -21.76 -71.15
N ASN E 4636 4.43 -22.11 -72.43
CA ASN E 4636 3.30 -22.38 -73.30
C ASN E 4636 3.12 -23.87 -73.58
N THR E 4637 3.90 -24.73 -72.95
CA THR E 4637 3.77 -26.16 -73.15
C THR E 4637 2.46 -26.66 -72.55
N GLN E 4638 1.79 -27.56 -73.27
CA GLN E 4638 0.53 -28.10 -72.80
C GLN E 4638 0.71 -28.93 -71.54
N SER E 4639 1.74 -29.77 -71.50
CA SER E 4639 1.98 -30.67 -70.38
C SER E 4639 2.91 -30.01 -69.35
N PHE E 4640 2.36 -28.99 -68.71
CA PHE E 4640 3.08 -28.24 -67.69
C PHE E 4640 2.64 -28.76 -66.32
N PRO E 4641 3.14 -28.19 -65.19
CA PRO E 4641 3.53 -29.01 -64.03
C PRO E 4641 3.33 -30.52 -64.14
N ASN E 4642 4.06 -31.18 -65.03
CA ASN E 4642 4.06 -32.64 -65.04
C ASN E 4642 4.66 -33.20 -63.76
N ASN E 4643 5.77 -32.63 -63.30
CA ASN E 4643 6.41 -33.03 -62.05
C ASN E 4643 5.93 -32.20 -60.86
N TYR E 4644 5.69 -30.91 -61.07
CA TYR E 4644 5.17 -30.04 -60.01
C TYR E 4644 3.74 -30.44 -59.67
N TRP E 4645 3.37 -30.32 -58.40
CA TRP E 4645 2.08 -30.79 -57.92
C TRP E 4645 0.90 -29.90 -58.32
N ASP E 4646 1.13 -28.60 -58.48
CA ASP E 4646 0.06 -27.64 -58.74
C ASP E 4646 -0.16 -27.54 -60.24
N LYS E 4647 -1.12 -28.32 -60.75
CA LYS E 4647 -1.45 -28.34 -62.18
C LYS E 4647 -2.47 -27.25 -62.56
N PHE E 4648 -2.58 -26.20 -61.75
CA PHE E 4648 -3.49 -25.10 -62.02
C PHE E 4648 -2.81 -23.74 -61.97
N VAL E 4649 -1.47 -23.71 -62.09
CA VAL E 4649 -0.72 -22.47 -61.98
C VAL E 4649 -1.09 -21.53 -63.14
N LYS E 4650 -1.32 -22.10 -64.32
CA LYS E 4650 -1.79 -21.29 -65.44
C LYS E 4650 -3.17 -20.72 -65.16
N ARG E 4651 -4.07 -21.51 -64.58
CA ARG E 4651 -5.40 -21.03 -64.23
C ARG E 4651 -5.33 -19.90 -63.21
N LYS E 4652 -4.41 -19.98 -62.25
CA LYS E 4652 -4.25 -18.91 -61.27
C LYS E 4652 -3.62 -17.65 -61.85
N VAL E 4653 -2.58 -17.79 -62.70
CA VAL E 4653 -1.95 -16.61 -63.26
C VAL E 4653 -2.91 -15.89 -64.21
N MET E 4654 -3.76 -16.66 -64.91
CA MET E 4654 -4.82 -16.05 -65.71
C MET E 4654 -5.75 -15.16 -64.87
N ASP E 4655 -6.25 -15.66 -63.74
CA ASP E 4655 -7.09 -14.85 -62.86
C ASP E 4655 -6.34 -13.67 -62.28
N LYS E 4656 -5.05 -13.84 -61.97
CA LYS E 4656 -4.29 -12.76 -61.35
C LYS E 4656 -4.03 -11.62 -62.33
N TYR E 4657 -3.55 -11.93 -63.53
CA TYR E 4657 -3.07 -10.91 -64.45
C TYR E 4657 -3.89 -10.79 -65.73
N GLY E 4658 -5.13 -11.29 -65.73
CA GLY E 4658 -5.91 -11.26 -66.96
C GLY E 4658 -6.46 -9.89 -67.29
N GLU E 4659 -7.18 -9.28 -66.35
CA GLU E 4659 -7.92 -8.06 -66.64
C GLU E 4659 -7.03 -6.86 -66.93
N PHE E 4660 -5.85 -6.78 -66.32
CA PHE E 4660 -4.98 -5.64 -66.53
C PHE E 4660 -4.10 -5.80 -67.78
N TYR E 4661 -3.54 -6.99 -67.98
CA TYR E 4661 -2.57 -7.22 -69.05
C TYR E 4661 -3.18 -7.93 -70.26
N GLY E 4662 -4.51 -8.08 -70.30
CA GLY E 4662 -5.15 -8.69 -71.45
C GLY E 4662 -5.50 -10.14 -71.26
N ARG E 4663 -6.80 -10.43 -71.11
CA ARG E 4663 -7.28 -11.80 -70.97
C ARG E 4663 -6.68 -12.69 -72.06
N ASP E 4664 -7.00 -12.38 -73.32
CA ASP E 4664 -6.58 -13.22 -74.43
C ASP E 4664 -5.08 -13.19 -74.63
N ARG E 4665 -4.45 -12.03 -74.41
CA ARG E 4665 -3.02 -11.93 -74.67
C ARG E 4665 -2.24 -12.81 -73.69
N ILE E 4666 -2.58 -12.76 -72.41
CA ILE E 4666 -1.92 -13.63 -71.44
C ILE E 4666 -2.31 -15.08 -71.67
N SER E 4667 -3.54 -15.33 -72.13
CA SER E 4667 -3.94 -16.70 -72.45
C SER E 4667 -3.08 -17.30 -73.54
N GLU E 4668 -2.85 -16.56 -74.63
CA GLU E 4668 -2.03 -17.08 -75.72
C GLU E 4668 -0.55 -17.00 -75.40
N LEU E 4669 -0.16 -16.18 -74.43
CA LEU E 4669 1.20 -16.25 -73.91
C LEU E 4669 1.44 -17.55 -73.16
N LEU E 4670 0.46 -17.98 -72.36
CA LEU E 4670 0.53 -19.25 -71.66
C LEU E 4670 0.17 -20.43 -72.56
N GLY E 4671 -0.30 -20.17 -73.77
CA GLY E 4671 -0.62 -21.26 -74.68
C GLY E 4671 -1.80 -22.09 -74.22
N MET E 4672 -2.82 -21.44 -73.69
CA MET E 4672 -3.99 -22.11 -73.13
C MET E 4672 -5.22 -21.76 -73.94
N ASP E 4673 -6.03 -22.76 -74.25
CA ASP E 4673 -7.23 -22.57 -75.07
C ASP E 4673 -8.38 -22.01 -74.24
N LYS E 4674 -9.20 -21.19 -74.89
CA LYS E 4674 -10.33 -20.55 -74.21
C LYS E 4674 -11.52 -21.49 -74.05
N ALA E 4675 -11.60 -22.54 -74.86
CA ALA E 4675 -12.81 -23.35 -74.90
C ALA E 4675 -13.06 -24.10 -73.61
N ALA E 4676 -12.00 -24.57 -72.95
CA ALA E 4676 -12.16 -25.50 -71.85
C ALA E 4676 -12.51 -24.80 -70.54
N LEU E 4677 -12.37 -23.47 -70.48
CA LEU E 4677 -12.44 -22.77 -69.20
C LEU E 4677 -13.77 -22.97 -68.49
N ASP E 4678 -14.88 -22.66 -69.16
CA ASP E 4678 -16.17 -22.67 -68.48
C ASP E 4678 -16.64 -24.09 -68.19
N PHE E 4679 -16.52 -24.99 -69.16
CA PHE E 4679 -17.03 -26.35 -69.01
C PHE E 4679 -16.04 -27.28 -68.30
N SER E 4680 -14.87 -26.77 -67.91
CA SER E 4680 -14.04 -27.51 -66.96
C SER E 4680 -14.68 -27.57 -65.59
N ASP E 4681 -15.12 -26.42 -65.07
CA ASP E 4681 -15.93 -26.43 -63.86
C ASP E 4681 -17.29 -27.05 -64.12
N ALA E 4682 -17.87 -26.78 -65.29
CA ALA E 4682 -19.17 -27.33 -65.62
C ALA E 4682 -19.07 -28.75 -66.18
N ARG E 4683 -20.16 -29.23 -66.77
CA ARG E 4683 -20.28 -30.59 -67.26
C ARG E 4683 -19.97 -30.65 -68.75
N GLU E 4684 -19.18 -31.64 -69.16
CA GLU E 4684 -18.72 -31.75 -70.54
C GLU E 4684 -18.32 -33.19 -70.84
N LYS E 4685 -17.85 -33.40 -72.06
CA LYS E 4685 -17.42 -34.72 -72.51
C LYS E 4685 -15.96 -34.97 -72.16
N LYS E 4686 -15.62 -36.24 -71.99
CA LYS E 4686 -14.26 -36.66 -71.65
C LYS E 4686 -13.76 -37.64 -72.70
N LYS E 4687 -12.43 -37.76 -72.77
CA LYS E 4687 -11.77 -38.61 -73.76
C LYS E 4687 -10.89 -39.64 -73.07
N PRO E 4688 -11.21 -40.93 -73.13
CA PRO E 4688 -10.33 -41.95 -72.59
C PRO E 4688 -9.17 -42.24 -73.54
N LYS E 4689 -8.31 -43.18 -73.13
CA LYS E 4689 -7.10 -43.50 -73.87
C LYS E 4689 -6.95 -45.01 -73.99
N LYS E 4690 -6.33 -45.44 -75.08
CA LYS E 4690 -5.99 -46.84 -75.30
C LYS E 4690 -4.49 -46.95 -75.56
N ASP E 4691 -3.87 -47.97 -74.95
CA ASP E 4691 -2.43 -48.11 -75.04
C ASP E 4691 -1.98 -48.41 -76.46
N SER E 4692 -2.73 -49.25 -77.19
CA SER E 4692 -2.35 -49.61 -78.55
C SER E 4692 -2.42 -48.41 -79.48
N SER E 4693 -3.41 -47.54 -79.30
CA SER E 4693 -3.55 -46.34 -80.12
C SER E 4693 -2.31 -45.46 -79.98
N LEU E 4694 -1.57 -45.31 -81.08
CA LEU E 4694 -0.28 -44.62 -81.04
C LEU E 4694 -0.31 -43.20 -81.60
N SER E 4695 -1.28 -42.86 -82.44
CA SER E 4695 -1.38 -41.48 -82.91
C SER E 4695 -1.65 -40.53 -81.75
N ALA E 4696 -2.53 -40.93 -80.84
CA ALA E 4696 -2.80 -40.11 -79.66
C ALA E 4696 -1.56 -39.98 -78.78
N VAL E 4697 -0.78 -41.07 -78.65
CA VAL E 4697 0.45 -41.01 -77.87
C VAL E 4697 1.44 -40.05 -78.50
N LEU E 4698 1.61 -40.13 -79.82
CA LEU E 4698 2.53 -39.24 -80.51
C LEU E 4698 2.10 -37.78 -80.40
N ASN E 4699 0.79 -37.52 -80.47
CA ASN E 4699 0.31 -36.15 -80.28
C ASN E 4699 0.52 -35.68 -78.85
N SER E 4700 0.31 -36.57 -77.87
CA SER E 4700 0.45 -36.19 -76.47
C SER E 4700 1.91 -35.98 -76.08
N ILE E 4701 2.84 -36.62 -76.80
CA ILE E 4701 4.25 -36.35 -76.55
C ILE E 4701 4.54 -34.93 -77.01
N ASP E 4702 4.66 -34.01 -76.05
CA ASP E 4702 4.74 -32.59 -76.34
C ASP E 4702 6.17 -32.27 -76.79
N VAL E 4703 6.35 -32.14 -78.10
CA VAL E 4703 7.68 -31.88 -78.66
C VAL E 4703 8.34 -30.70 -77.97
N LYS E 4704 7.57 -29.67 -77.66
CA LYS E 4704 8.11 -28.49 -76.97
C LYS E 4704 8.47 -28.83 -75.52
N TYR E 4705 7.69 -29.70 -74.87
CA TYR E 4705 7.97 -29.98 -73.46
C TYR E 4705 9.25 -30.79 -73.29
N GLN E 4706 9.41 -31.88 -74.05
CA GLN E 4706 10.65 -32.66 -73.96
C GLN E 4706 11.81 -31.92 -74.60
N MET E 4707 11.53 -31.09 -75.60
CA MET E 4707 12.45 -30.08 -76.06
C MET E 4707 13.08 -29.34 -74.88
N TRP E 4708 12.22 -28.68 -74.10
CA TRP E 4708 12.70 -27.94 -72.92
C TRP E 4708 13.33 -28.86 -71.87
N LYS E 4709 12.78 -30.06 -71.69
CA LYS E 4709 13.29 -30.97 -70.67
C LYS E 4709 14.72 -31.41 -70.97
N LEU E 4710 14.98 -31.81 -72.22
CA LEU E 4710 16.34 -32.15 -72.61
C LEU E 4710 17.26 -30.94 -72.56
N GLY E 4711 16.74 -29.75 -72.84
CA GLY E 4711 17.55 -28.56 -72.59
C GLY E 4711 17.98 -28.46 -71.15
N VAL E 4712 17.05 -28.67 -70.21
CA VAL E 4712 17.37 -28.58 -68.79
C VAL E 4712 18.39 -29.66 -68.41
N VAL E 4713 18.16 -30.89 -68.88
CA VAL E 4713 19.06 -31.99 -68.53
C VAL E 4713 20.47 -31.72 -69.04
N PHE E 4714 20.58 -31.18 -70.24
CA PHE E 4714 21.91 -30.85 -70.78
C PHE E 4714 22.56 -29.73 -69.98
N THR E 4715 21.77 -28.74 -69.54
CA THR E 4715 22.34 -27.67 -68.73
C THR E 4715 22.75 -28.16 -67.34
N ASP E 4716 22.20 -29.28 -66.89
CA ASP E 4716 22.57 -29.83 -65.58
C ASP E 4716 24.03 -30.27 -65.58
N ASN E 4717 24.73 -29.97 -64.47
CA ASN E 4717 26.17 -30.20 -64.41
C ASN E 4717 26.51 -31.68 -64.24
N SER E 4718 25.76 -32.38 -63.39
CA SER E 4718 26.08 -33.78 -63.10
C SER E 4718 25.89 -34.66 -64.33
N PHE E 4719 24.85 -34.39 -65.12
CA PHE E 4719 24.68 -35.13 -66.36
C PHE E 4719 25.82 -34.86 -67.33
N LEU E 4720 26.32 -33.62 -67.34
CA LEU E 4720 27.49 -33.30 -68.15
C LEU E 4720 28.72 -34.08 -67.68
N TYR E 4721 28.90 -34.19 -66.37
CA TYR E 4721 30.02 -34.98 -65.84
C TYR E 4721 29.92 -36.44 -66.27
N LEU E 4722 28.73 -37.03 -66.12
CA LEU E 4722 28.55 -38.42 -66.52
C LEU E 4722 28.71 -38.62 -68.02
N ALA E 4723 28.31 -37.65 -68.84
CA ALA E 4723 28.49 -37.77 -70.28
C ALA E 4723 29.95 -37.59 -70.68
N TRP E 4724 30.68 -36.75 -69.96
CA TRP E 4724 32.14 -36.70 -70.15
C TRP E 4724 32.77 -38.03 -69.80
N TYR E 4725 32.28 -38.67 -68.74
CA TYR E 4725 32.75 -40.01 -68.37
C TYR E 4725 32.47 -41.03 -69.48
N MET E 4726 31.24 -41.01 -70.00
CA MET E 4726 30.91 -41.72 -71.23
C MET E 4726 31.95 -41.52 -72.32
N THR E 4727 32.21 -40.27 -72.66
CA THR E 4727 33.09 -39.96 -73.78
C THR E 4727 34.49 -40.49 -73.53
N MET E 4728 34.98 -40.33 -72.31
CA MET E 4728 36.32 -40.83 -72.00
C MET E 4728 36.37 -42.34 -72.14
N SER E 4729 35.30 -43.05 -71.78
CA SER E 4729 35.29 -44.50 -71.95
C SER E 4729 35.28 -44.88 -73.43
N VAL E 4730 34.43 -44.21 -74.22
CA VAL E 4730 34.32 -44.58 -75.64
C VAL E 4730 35.61 -44.23 -76.38
N LEU E 4731 36.33 -43.20 -75.94
CA LEU E 4731 37.65 -42.93 -76.50
C LEU E 4731 38.69 -43.90 -75.95
N GLY E 4732 38.48 -44.41 -74.74
CA GLY E 4732 39.36 -45.43 -74.20
C GLY E 4732 39.33 -46.71 -75.00
N HIS E 4733 38.19 -47.02 -75.61
CA HIS E 4733 38.17 -48.13 -76.56
C HIS E 4733 39.13 -47.88 -77.73
N TYR E 4734 39.10 -46.69 -78.32
CA TYR E 4734 39.99 -46.41 -79.44
C TYR E 4734 41.45 -46.42 -79.00
N ASN E 4735 41.75 -45.81 -77.86
CA ASN E 4735 43.10 -45.79 -77.30
C ASN E 4735 42.99 -46.14 -75.82
N ASN E 4736 43.68 -47.21 -75.42
CA ASN E 4736 43.50 -47.74 -74.07
C ASN E 4736 43.88 -46.74 -73.00
N PHE E 4737 44.66 -45.71 -73.36
CA PHE E 4737 45.20 -44.79 -72.37
C PHE E 4737 44.20 -43.73 -71.93
N PHE E 4738 43.07 -43.59 -72.63
CA PHE E 4738 42.04 -42.65 -72.22
C PHE E 4738 41.29 -43.11 -70.97
N PHE E 4739 41.51 -44.35 -70.53
CA PHE E 4739 40.94 -44.86 -69.30
C PHE E 4739 41.60 -44.27 -68.05
N ALA E 4740 42.74 -43.60 -68.21
CA ALA E 4740 43.42 -42.97 -67.08
C ALA E 4740 42.72 -41.71 -66.60
N ALA E 4741 41.90 -41.09 -67.44
CA ALA E 4741 41.14 -39.93 -67.00
C ALA E 4741 40.00 -40.32 -66.07
N HIS E 4742 39.50 -41.55 -66.20
CA HIS E 4742 38.50 -42.07 -65.27
C HIS E 4742 39.06 -42.22 -63.86
N LEU E 4743 40.37 -42.26 -63.71
CA LEU E 4743 41.02 -42.40 -62.41
C LEU E 4743 40.78 -41.19 -61.51
N LEU E 4744 40.50 -40.02 -62.09
CA LEU E 4744 40.22 -38.82 -61.31
C LEU E 4744 38.84 -38.87 -60.64
N ASP E 4745 38.02 -39.87 -60.97
CA ASP E 4745 36.69 -39.95 -60.39
C ASP E 4745 36.75 -40.23 -58.89
N ILE E 4746 37.85 -40.80 -58.40
CA ILE E 4746 37.99 -40.94 -56.95
C ILE E 4746 38.13 -39.59 -56.27
N ALA E 4747 38.78 -38.63 -56.94
CA ALA E 4747 38.88 -37.27 -56.43
C ALA E 4747 37.54 -36.56 -56.41
N MET E 4748 36.61 -36.95 -57.27
CA MET E 4748 35.24 -36.50 -57.26
C MET E 4748 34.39 -37.22 -56.22
N GLY E 4749 34.71 -38.49 -55.93
CA GLY E 4749 33.96 -39.22 -54.93
C GLY E 4749 34.29 -38.79 -53.51
N PHE E 4750 35.58 -38.65 -53.20
CA PHE E 4750 35.99 -38.34 -51.84
C PHE E 4750 35.73 -36.88 -51.49
N LYS E 4751 35.33 -36.63 -50.24
CA LYS E 4751 34.98 -35.29 -49.79
C LYS E 4751 36.20 -34.38 -49.74
N THR E 4752 37.27 -34.81 -49.06
CA THR E 4752 38.43 -33.95 -48.90
C THR E 4752 39.16 -33.74 -50.22
N LEU E 4753 39.10 -34.73 -51.12
CA LEU E 4753 39.67 -34.54 -52.45
C LEU E 4753 38.91 -33.47 -53.22
N ARG E 4754 37.58 -33.45 -53.11
CA ARG E 4754 36.81 -32.35 -53.68
C ARG E 4754 37.16 -31.02 -53.03
N THR E 4755 37.41 -31.04 -51.72
CA THR E 4755 37.84 -29.81 -51.05
C THR E 4755 39.15 -29.29 -51.64
N ILE E 4756 40.11 -30.19 -51.85
CA ILE E 4756 41.38 -29.80 -52.44
C ILE E 4756 41.19 -29.26 -53.85
N LEU E 4757 40.35 -29.94 -54.65
CA LEU E 4757 40.14 -29.50 -56.03
C LEU E 4757 39.45 -28.14 -56.07
N SER E 4758 38.47 -27.91 -55.20
CA SER E 4758 37.76 -26.64 -55.16
C SER E 4758 38.58 -25.54 -54.51
N SER E 4759 39.64 -25.88 -53.79
CA SER E 4759 40.53 -24.86 -53.22
C SER E 4759 41.19 -24.00 -54.30
N VAL E 4760 41.32 -24.53 -55.52
CA VAL E 4760 41.91 -23.77 -56.61
C VAL E 4760 40.91 -22.78 -57.21
N THR E 4761 39.67 -23.22 -57.44
CA THR E 4761 38.67 -22.35 -58.02
C THR E 4761 38.20 -21.29 -57.02
N HIS E 4762 38.34 -21.60 -55.73
CA HIS E 4762 37.87 -20.71 -54.66
C HIS E 4762 38.38 -19.28 -54.83
N ASN E 4763 39.70 -19.11 -54.78
CA ASN E 4763 40.32 -17.80 -54.99
C ASN E 4763 40.70 -17.61 -56.45
N GLY E 4764 39.76 -17.83 -57.35
CA GLY E 4764 40.07 -17.82 -58.78
C GLY E 4764 40.53 -16.45 -59.27
N LYS E 4765 39.80 -15.40 -58.91
CA LYS E 4765 40.12 -14.07 -59.40
C LYS E 4765 41.48 -13.61 -58.88
N GLN E 4766 41.70 -13.73 -57.57
CA GLN E 4766 42.97 -13.32 -56.98
C GLN E 4766 44.12 -14.15 -57.54
N LEU E 4767 43.90 -15.46 -57.71
CA LEU E 4767 44.95 -16.32 -58.26
C LEU E 4767 45.31 -15.92 -59.68
N VAL E 4768 44.31 -15.69 -60.53
CA VAL E 4768 44.59 -15.29 -61.91
C VAL E 4768 45.33 -13.97 -61.96
N LEU E 4769 44.91 -13.01 -61.14
CA LEU E 4769 45.57 -11.71 -61.14
C LEU E 4769 47.00 -11.80 -60.60
N THR E 4770 47.24 -12.68 -59.61
CA THR E 4770 48.59 -12.86 -59.11
C THR E 4770 49.51 -13.49 -60.14
N VAL E 4771 49.05 -14.53 -60.85
CA VAL E 4771 49.91 -15.08 -61.89
C VAL E 4771 50.09 -14.09 -63.04
N GLY E 4772 49.09 -13.23 -63.30
CA GLY E 4772 49.27 -12.19 -64.30
C GLY E 4772 50.33 -11.19 -63.88
N LEU E 4773 50.35 -10.80 -62.61
CA LEU E 4773 51.38 -9.91 -62.11
C LEU E 4773 52.75 -10.58 -62.15
N LEU E 4774 52.80 -11.88 -61.86
CA LEU E 4774 54.04 -12.63 -62.00
C LEU E 4774 54.54 -12.64 -63.43
N ALA E 4775 53.65 -12.80 -64.41
CA ALA E 4775 54.02 -12.67 -65.81
C ALA E 4775 54.50 -11.27 -66.16
N VAL E 4776 53.85 -10.24 -65.63
CA VAL E 4776 54.22 -8.85 -65.92
C VAL E 4776 55.63 -8.54 -65.39
N VAL E 4777 55.91 -8.93 -64.15
CA VAL E 4777 57.21 -8.63 -63.56
C VAL E 4777 58.31 -9.34 -64.33
N VAL E 4778 58.09 -10.61 -64.65
CA VAL E 4778 59.04 -11.36 -65.47
C VAL E 4778 59.20 -10.75 -66.86
N TYR E 4779 58.13 -10.19 -67.44
CA TYR E 4779 58.27 -9.49 -68.72
C TYR E 4779 59.13 -8.25 -68.61
N LEU E 4780 58.98 -7.48 -67.52
CA LEU E 4780 59.88 -6.34 -67.31
C LEU E 4780 61.33 -6.79 -67.17
N TYR E 4781 61.56 -7.88 -66.44
CA TYR E 4781 62.92 -8.41 -66.33
C TYR E 4781 63.45 -8.85 -67.69
N THR E 4782 62.59 -9.47 -68.51
CA THR E 4782 62.99 -9.84 -69.86
C THR E 4782 63.36 -8.62 -70.69
N VAL E 4783 62.57 -7.55 -70.57
CA VAL E 4783 62.87 -6.33 -71.30
C VAL E 4783 64.23 -5.78 -70.90
N VAL E 4784 64.50 -5.74 -69.58
CA VAL E 4784 65.78 -5.22 -69.10
C VAL E 4784 66.94 -6.08 -69.62
N ALA E 4785 66.81 -7.40 -69.50
CA ALA E 4785 67.87 -8.29 -69.97
C ALA E 4785 68.08 -8.18 -71.47
N PHE E 4786 67.00 -8.13 -72.24
CA PHE E 4786 67.08 -7.99 -73.69
C PHE E 4786 67.74 -6.69 -74.10
N ASN E 4787 67.48 -5.61 -73.36
CA ASN E 4787 68.12 -4.33 -73.65
C ASN E 4787 69.60 -4.33 -73.30
N PHE E 4788 69.97 -4.82 -72.11
CA PHE E 4788 71.33 -4.68 -71.60
C PHE E 4788 72.02 -6.03 -71.45
N PHE E 4789 71.44 -6.96 -70.69
CA PHE E 4789 72.13 -8.17 -70.27
C PHE E 4789 71.86 -9.28 -71.28
N ARG E 4790 72.61 -9.29 -72.38
CA ARG E 4790 72.47 -10.31 -73.41
C ARG E 4790 73.71 -11.16 -73.59
N LYS E 4791 74.91 -10.62 -73.36
CA LYS E 4791 76.12 -11.42 -73.48
C LYS E 4791 76.15 -12.57 -72.48
N PHE E 4792 75.47 -12.41 -71.34
CA PHE E 4792 75.47 -13.40 -70.28
C PHE E 4792 74.53 -14.57 -70.56
N TYR E 4793 73.74 -14.52 -71.63
CA TYR E 4793 72.70 -15.52 -71.87
C TYR E 4793 73.12 -16.59 -72.89
N ASN E 4794 74.41 -16.72 -73.17
CA ASN E 4794 74.87 -17.84 -73.97
C ASN E 4794 74.70 -19.13 -73.18
N LYS E 4795 74.05 -20.11 -73.81
CA LYS E 4795 73.67 -21.35 -73.14
C LYS E 4795 74.11 -22.55 -73.98
N SER E 4796 75.36 -22.53 -74.42
CA SER E 4796 75.94 -23.60 -75.23
C SER E 4796 77.14 -24.18 -74.50
N GLU E 4797 77.16 -25.52 -74.36
CA GLU E 4797 78.30 -26.17 -73.74
C GLU E 4797 79.57 -25.99 -74.57
N ASP E 4798 79.46 -26.12 -75.89
CA ASP E 4798 80.57 -25.88 -76.80
C ASP E 4798 80.47 -24.46 -77.35
N GLY E 4799 81.58 -23.73 -77.29
CA GLY E 4799 81.56 -22.32 -77.67
C GLY E 4799 81.47 -22.09 -79.16
N ASP E 4800 81.68 -23.14 -79.96
CA ASP E 4800 81.66 -22.97 -81.41
C ASP E 4800 80.30 -22.54 -81.91
N THR E 4801 79.23 -23.12 -81.35
CA THR E 4801 77.87 -22.78 -81.77
C THR E 4801 77.09 -22.22 -80.59
N PRO E 4802 77.10 -20.89 -80.40
CA PRO E 4802 76.37 -20.33 -79.26
C PRO E 4802 74.86 -20.52 -79.40
N ASP E 4803 74.22 -20.85 -78.29
CA ASP E 4803 72.76 -20.99 -78.30
C ASP E 4803 72.10 -19.61 -78.32
N MET E 4804 72.65 -18.66 -77.57
CA MET E 4804 72.29 -17.25 -77.61
C MET E 4804 70.78 -17.07 -77.44
N LYS E 4805 70.23 -17.48 -76.31
CA LYS E 4805 68.79 -17.67 -76.20
C LYS E 4805 68.03 -16.40 -75.82
N CYS E 4806 68.71 -15.27 -75.66
CA CYS E 4806 68.02 -14.00 -75.44
C CYS E 4806 68.13 -13.08 -76.65
N ASP E 4807 68.50 -13.62 -77.82
CA ASP E 4807 68.52 -12.83 -79.04
C ASP E 4807 67.12 -12.39 -79.44
N ASP E 4808 66.14 -13.27 -79.30
CA ASP E 4808 64.75 -12.96 -79.60
C ASP E 4808 63.99 -12.71 -78.31
N MET E 4809 63.14 -11.69 -78.31
CA MET E 4809 62.41 -11.34 -77.09
C MET E 4809 61.44 -12.44 -76.68
N LEU E 4810 60.77 -13.06 -77.65
CA LEU E 4810 59.85 -14.15 -77.31
C LEU E 4810 60.61 -15.31 -76.66
N THR E 4811 61.77 -15.67 -77.21
CA THR E 4811 62.56 -16.75 -76.64
C THR E 4811 63.08 -16.38 -75.25
N CYS E 4812 63.52 -15.13 -75.08
CA CYS E 4812 64.07 -14.73 -73.79
C CYS E 4812 62.99 -14.63 -72.72
N TYR E 4813 61.80 -14.16 -73.09
CA TYR E 4813 60.66 -14.17 -72.17
C TYR E 4813 60.24 -15.61 -71.85
N MET E 4814 60.37 -16.51 -72.83
CA MET E 4814 60.03 -17.90 -72.58
C MET E 4814 61.04 -18.54 -71.63
N PHE E 4815 62.31 -18.14 -71.73
CA PHE E 4815 63.37 -18.59 -70.84
C PHE E 4815 63.31 -17.94 -69.46
N HIS E 4816 62.66 -16.78 -69.33
CA HIS E 4816 62.39 -16.22 -68.02
C HIS E 4816 61.09 -16.75 -67.40
N MET E 4817 60.17 -17.22 -68.23
CA MET E 4817 58.95 -17.88 -67.77
C MET E 4817 59.25 -19.29 -67.28
N TYR E 4818 59.75 -20.13 -68.18
CA TYR E 4818 60.35 -21.42 -67.88
C TYR E 4818 61.84 -21.37 -67.62
N VAL E 4819 62.29 -22.22 -66.69
CA VAL E 4819 63.67 -22.35 -66.21
C VAL E 4819 63.96 -21.25 -65.21
N GLY E 4820 63.60 -20.01 -65.56
CA GLY E 4820 63.83 -18.91 -64.64
C GLY E 4820 63.02 -19.02 -63.37
N VAL E 4821 61.69 -19.16 -63.50
CA VAL E 4821 60.83 -19.18 -62.32
C VAL E 4821 61.03 -20.47 -61.53
N ARG E 4822 61.06 -21.61 -62.21
CA ARG E 4822 61.31 -22.90 -61.55
C ARG E 4822 62.81 -23.19 -61.54
N ALA E 4823 63.52 -22.41 -60.73
CA ALA E 4823 64.94 -22.62 -60.50
C ALA E 4823 65.32 -22.77 -59.04
N GLY E 4824 64.57 -22.19 -58.10
CA GLY E 4824 64.91 -22.28 -56.69
C GLY E 4824 65.88 -21.23 -56.21
N GLY E 4825 66.56 -20.53 -57.11
CA GLY E 4825 67.49 -19.49 -56.73
C GLY E 4825 67.44 -18.29 -57.64
N GLY E 4826 66.56 -18.33 -58.64
CA GLY E 4826 66.46 -17.26 -59.61
C GLY E 4826 67.15 -17.57 -60.92
N ILE E 4827 67.06 -16.60 -61.84
CA ILE E 4827 67.62 -16.76 -63.17
C ILE E 4827 69.14 -16.82 -63.17
N GLY E 4828 69.79 -16.24 -62.16
CA GLY E 4828 71.25 -16.20 -62.11
C GLY E 4828 71.89 -17.56 -61.97
N ASP E 4829 71.15 -18.58 -61.53
CA ASP E 4829 71.66 -19.95 -61.51
C ASP E 4829 71.98 -20.43 -62.92
N GLU E 4830 71.06 -20.22 -63.85
CA GLU E 4830 71.28 -20.69 -65.22
C GLU E 4830 72.13 -19.70 -66.02
N ILE E 4831 71.97 -18.40 -65.74
CA ILE E 4831 72.75 -17.39 -66.44
C ILE E 4831 74.18 -17.43 -65.93
N GLU E 4832 75.15 -17.20 -66.82
CA GLU E 4832 76.55 -17.38 -66.48
C GLU E 4832 77.02 -16.32 -65.48
N ASP E 4833 78.16 -16.60 -64.85
CA ASP E 4833 78.68 -15.74 -63.80
C ASP E 4833 79.11 -14.39 -64.38
N PRO E 4834 78.84 -13.29 -63.68
CA PRO E 4834 79.18 -11.95 -64.19
C PRO E 4834 80.51 -11.38 -63.75
N ALA E 4835 81.37 -12.16 -63.09
CA ALA E 4835 82.62 -11.62 -62.57
C ALA E 4835 83.52 -11.13 -63.70
N GLY E 4836 84.18 -10.00 -63.45
CA GLY E 4836 85.06 -9.40 -64.43
C GLY E 4836 84.39 -8.53 -65.46
N ASP E 4837 83.20 -8.01 -65.17
CA ASP E 4837 82.43 -7.23 -66.13
C ASP E 4837 82.05 -5.89 -65.50
N GLU E 4838 81.87 -4.87 -66.35
CA GLU E 4838 81.53 -3.56 -65.83
C GLU E 4838 80.06 -3.47 -65.41
N TYR E 4839 79.22 -4.40 -65.87
CA TYR E 4839 77.85 -4.51 -65.40
C TYR E 4839 77.72 -5.53 -64.28
N GLU E 4840 78.79 -5.76 -63.52
CA GLU E 4840 78.79 -6.77 -62.47
C GLU E 4840 77.81 -6.41 -61.36
N ILE E 4841 77.90 -5.18 -60.86
CA ILE E 4841 77.01 -4.73 -59.79
C ILE E 4841 75.57 -4.61 -60.30
N TYR E 4842 75.38 -4.15 -61.53
CA TYR E 4842 74.03 -4.02 -62.07
C TYR E 4842 73.37 -5.39 -62.23
N ARG E 4843 74.13 -6.38 -62.71
CA ARG E 4843 73.57 -7.72 -62.80
C ARG E 4843 73.28 -8.30 -61.43
N ILE E 4844 74.15 -8.04 -60.45
CA ILE E 4844 73.87 -8.49 -59.08
C ILE E 4844 72.53 -7.94 -58.61
N ILE E 4845 72.31 -6.64 -58.80
CA ILE E 4845 71.04 -6.06 -58.38
C ILE E 4845 69.87 -6.66 -59.17
N PHE E 4846 70.01 -6.77 -60.49
CA PHE E 4846 68.99 -7.40 -61.34
C PHE E 4846 68.55 -8.74 -60.77
N ASP E 4847 69.50 -9.67 -60.61
CA ASP E 4847 69.15 -11.02 -60.23
C ASP E 4847 68.71 -11.13 -58.77
N ILE E 4848 69.32 -10.35 -57.87
CA ILE E 4848 68.87 -10.40 -56.47
C ILE E 4848 67.44 -9.92 -56.36
N THR E 4849 67.10 -8.83 -57.07
CA THR E 4849 65.71 -8.38 -57.11
C THR E 4849 64.81 -9.42 -57.76
N PHE E 4850 65.29 -10.12 -58.78
CA PHE E 4850 64.50 -11.21 -59.37
C PHE E 4850 64.20 -12.28 -58.33
N PHE E 4851 65.22 -12.70 -57.57
CA PHE E 4851 65.03 -13.74 -56.57
C PHE E 4851 64.04 -13.30 -55.50
N PHE E 4852 64.15 -12.05 -55.05
CA PHE E 4852 63.24 -11.57 -54.00
C PHE E 4852 61.82 -11.40 -54.51
N PHE E 4853 61.65 -10.73 -55.66
CA PHE E 4853 60.32 -10.35 -56.11
C PHE E 4853 59.57 -11.51 -56.76
N VAL E 4854 60.28 -12.41 -57.42
CA VAL E 4854 59.65 -13.48 -58.20
C VAL E 4854 59.63 -14.81 -57.47
N ILE E 4855 60.72 -15.19 -56.80
CA ILE E 4855 60.82 -16.49 -56.13
C ILE E 4855 60.31 -16.40 -54.70
N VAL E 4856 60.90 -15.51 -53.90
CA VAL E 4856 60.47 -15.36 -52.51
C VAL E 4856 59.05 -14.80 -52.46
N ILE E 4857 58.72 -13.91 -53.40
CA ILE E 4857 57.44 -13.22 -53.39
C ILE E 4857 56.65 -13.56 -54.66
N LEU E 4858 55.33 -13.54 -54.51
CA LEU E 4858 54.30 -13.84 -55.52
C LEU E 4858 54.21 -15.34 -55.79
N LEU E 4859 55.25 -16.08 -55.44
CA LEU E 4859 55.19 -17.54 -55.56
C LEU E 4859 54.73 -18.14 -54.25
N ALA E 4860 55.36 -17.72 -53.15
CA ALA E 4860 54.77 -17.95 -51.84
C ALA E 4860 53.38 -17.36 -51.76
N ILE E 4861 53.11 -16.26 -52.48
CA ILE E 4861 51.77 -15.67 -52.46
C ILE E 4861 50.76 -16.57 -53.16
N ILE E 4862 51.10 -17.09 -54.35
CA ILE E 4862 50.18 -18.02 -55.02
C ILE E 4862 49.95 -19.26 -54.18
N GLN E 4863 51.04 -19.84 -53.65
CA GLN E 4863 50.94 -21.03 -52.82
C GLN E 4863 50.09 -20.76 -51.59
N GLY E 4864 50.29 -19.61 -50.95
CA GLY E 4864 49.52 -19.25 -49.78
C GLY E 4864 48.06 -19.05 -50.09
N LEU E 4865 47.75 -18.41 -51.23
CA LEU E 4865 46.35 -18.27 -51.62
C LEU E 4865 45.68 -19.63 -51.74
N ILE E 4866 46.32 -20.57 -52.44
CA ILE E 4866 45.68 -21.87 -52.65
C ILE E 4866 45.54 -22.64 -51.33
N ILE E 4867 46.61 -22.69 -50.53
CA ILE E 4867 46.56 -23.48 -49.30
C ILE E 4867 45.61 -22.84 -48.30
N ASP E 4868 45.54 -21.50 -48.26
CA ASP E 4868 44.63 -20.82 -47.36
C ASP E 4868 43.19 -21.02 -47.79
N ALA E 4869 42.94 -21.07 -49.11
CA ALA E 4869 41.59 -21.41 -49.57
C ALA E 4869 41.20 -22.81 -49.13
N PHE E 4870 42.12 -23.77 -49.24
CA PHE E 4870 41.83 -25.13 -48.76
C PHE E 4870 41.55 -25.13 -47.26
N GLY E 4871 42.38 -24.43 -46.49
CA GLY E 4871 42.18 -24.38 -45.05
C GLY E 4871 40.87 -23.71 -44.66
N GLU E 4872 40.51 -22.62 -45.35
CA GLU E 4872 39.25 -21.95 -45.07
C GLU E 4872 38.07 -22.83 -45.41
N LEU E 4873 38.15 -23.59 -46.50
CA LEU E 4873 37.06 -24.51 -46.83
C LEU E 4873 36.90 -25.57 -45.75
N ARG E 4874 38.01 -26.16 -45.30
CA ARG E 4874 37.92 -27.17 -44.25
C ARG E 4874 37.39 -26.58 -42.96
N ASP E 4875 37.84 -25.36 -42.62
CA ASP E 4875 37.36 -24.70 -41.41
C ASP E 4875 35.88 -24.33 -41.52
N GLN E 4876 35.41 -23.98 -42.71
CA GLN E 4876 33.98 -23.74 -42.88
C GLN E 4876 33.18 -25.02 -42.67
N GLN E 4877 33.68 -26.15 -43.16
CA GLN E 4877 33.00 -27.42 -42.91
C GLN E 4877 32.96 -27.72 -41.41
N GLU E 4878 34.09 -27.54 -40.73
CA GLU E 4878 34.11 -27.73 -39.28
C GLU E 4878 33.19 -26.78 -38.56
N GLN E 4879 33.10 -25.53 -39.02
CA GLN E 4879 32.21 -24.55 -38.39
C GLN E 4879 30.75 -24.92 -38.60
N VAL E 4880 30.43 -25.46 -39.78
CA VAL E 4880 29.06 -25.92 -40.02
C VAL E 4880 28.71 -27.05 -39.05
N LYS E 4881 29.60 -28.02 -38.89
CA LYS E 4881 29.35 -29.11 -37.97
C LYS E 4881 29.27 -28.60 -36.53
N GLU E 4882 30.13 -27.65 -36.19
CA GLU E 4882 30.19 -27.10 -34.85
C GLU E 4882 28.89 -26.36 -34.51
N ASP E 4883 28.39 -25.54 -35.43
CA ASP E 4883 27.14 -24.83 -35.22
C ASP E 4883 25.97 -25.81 -35.13
N MET E 4884 26.00 -26.86 -35.95
CA MET E 4884 24.98 -27.92 -35.83
C MET E 4884 24.96 -28.52 -34.45
N GLU E 4885 26.12 -28.81 -33.88
CA GLU E 4885 26.18 -29.45 -32.57
C GLU E 4885 25.97 -28.47 -31.42
N THR E 4886 26.09 -27.17 -31.66
CA THR E 4886 25.96 -26.21 -30.57
C THR E 4886 24.71 -25.33 -30.62
N LYS E 4887 23.90 -25.42 -31.69
CA LYS E 4887 22.66 -24.65 -31.71
C LYS E 4887 21.60 -25.38 -32.53
N CYS E 4888 20.35 -25.27 -32.08
CA CYS E 4888 19.25 -25.92 -32.77
C CYS E 4888 18.95 -25.22 -34.09
N PHE E 4889 18.47 -25.99 -35.07
CA PHE E 4889 18.28 -25.45 -36.42
C PHE E 4889 17.12 -24.46 -36.47
N ILE E 4890 15.98 -24.82 -35.88
CA ILE E 4890 14.77 -24.02 -36.06
C ILE E 4890 14.76 -22.82 -35.13
N CYS E 4891 14.78 -23.06 -33.81
CA CYS E 4891 14.67 -21.95 -32.87
C CYS E 4891 15.95 -21.15 -32.80
N GLY E 4892 17.10 -21.82 -32.94
CA GLY E 4892 18.38 -21.14 -32.89
C GLY E 4892 18.92 -20.90 -31.49
N ILE E 4893 18.23 -21.38 -30.47
CA ILE E 4893 18.70 -21.22 -29.09
C ILE E 4893 19.95 -22.05 -28.88
N GLY E 4894 20.86 -21.54 -28.06
CA GLY E 4894 22.12 -22.25 -27.81
C GLY E 4894 21.89 -23.59 -27.14
N ASN E 4895 22.79 -24.52 -27.42
CA ASN E 4895 22.65 -25.88 -26.88
C ASN E 4895 22.77 -25.90 -25.37
N ASP E 4896 23.51 -24.96 -24.79
CA ASP E 4896 23.75 -24.96 -23.34
C ASP E 4896 22.46 -24.73 -22.56
N TYR E 4897 21.56 -23.90 -23.10
CA TYR E 4897 20.32 -23.58 -22.40
C TYR E 4897 19.49 -24.84 -22.17
N PHE E 4898 19.40 -25.71 -23.18
CA PHE E 4898 18.76 -27.01 -22.98
C PHE E 4898 19.63 -27.93 -22.14
N ASP E 4899 20.95 -27.91 -22.38
CA ASP E 4899 21.86 -28.82 -21.69
C ASP E 4899 22.01 -28.51 -20.22
N THR E 4900 21.35 -27.46 -19.72
CA THR E 4900 21.30 -27.23 -18.27
C THR E 4900 20.79 -28.48 -17.56
N VAL E 4901 19.73 -29.09 -18.07
CA VAL E 4901 19.29 -30.41 -17.63
C VAL E 4901 20.08 -31.44 -18.44
N PRO E 4902 20.27 -32.65 -17.93
CA PRO E 4902 20.99 -33.67 -18.71
C PRO E 4902 20.25 -34.02 -20.00
N HIS E 4903 21.01 -34.22 -21.08
CA HIS E 4903 20.44 -34.58 -22.39
C HIS E 4903 19.43 -33.54 -22.89
N GLY E 4904 19.57 -32.31 -22.41
CA GLY E 4904 18.62 -31.27 -22.80
C GLY E 4904 18.65 -30.97 -24.29
N PHE E 4905 19.85 -30.76 -24.85
CA PHE E 4905 19.96 -30.48 -26.28
C PHE E 4905 19.54 -31.67 -27.12
N GLU E 4906 19.89 -32.89 -26.70
CA GLU E 4906 19.49 -34.09 -27.43
C GLU E 4906 17.96 -34.21 -27.47
N THR E 4907 17.31 -34.01 -26.32
CA THR E 4907 15.85 -34.07 -26.27
C THR E 4907 15.23 -32.98 -27.12
N HIS E 4908 15.76 -31.76 -27.02
CA HIS E 4908 15.20 -30.64 -27.78
C HIS E 4908 15.32 -30.87 -29.28
N THR E 4909 16.46 -31.38 -29.74
CA THR E 4909 16.70 -31.57 -31.16
C THR E 4909 16.20 -32.91 -31.69
N LEU E 4910 15.78 -33.82 -30.82
CA LEU E 4910 15.23 -35.10 -31.26
C LEU E 4910 13.71 -35.15 -31.19
N GLN E 4911 13.10 -34.54 -30.18
CA GLN E 4911 11.66 -34.60 -30.00
C GLN E 4911 10.99 -33.24 -30.04
N GLU E 4912 11.51 -32.27 -29.28
CA GLU E 4912 10.85 -30.96 -29.18
C GLU E 4912 10.94 -30.20 -30.50
N HIS E 4913 12.13 -30.13 -31.08
CA HIS E 4913 12.38 -29.33 -32.28
C HIS E 4913 13.11 -30.14 -33.34
N ASN E 4914 12.64 -31.36 -33.59
CA ASN E 4914 13.29 -32.22 -34.58
C ASN E 4914 13.13 -31.65 -35.98
N LEU E 4915 14.21 -31.74 -36.76
CA LEU E 4915 14.18 -31.17 -38.11
C LEU E 4915 13.23 -31.93 -39.02
N ALA E 4916 13.31 -33.27 -39.01
CA ALA E 4916 12.48 -34.06 -39.90
C ALA E 4916 11.02 -34.07 -39.46
N ASN E 4917 10.75 -33.69 -38.22
CA ASN E 4917 9.37 -33.67 -37.73
C ASN E 4917 8.54 -32.65 -38.49
N TYR E 4918 9.12 -31.48 -38.80
CA TYR E 4918 8.40 -30.48 -39.58
C TYR E 4918 8.11 -30.96 -40.99
N LEU E 4919 9.06 -31.68 -41.60
CA LEU E 4919 8.81 -32.29 -42.90
C LEU E 4919 7.67 -33.30 -42.83
N PHE E 4920 7.67 -34.16 -41.81
CA PHE E 4920 6.60 -35.14 -41.66
C PHE E 4920 5.26 -34.46 -41.44
N PHE E 4921 5.25 -33.36 -40.67
CA PHE E 4921 4.02 -32.62 -40.42
C PHE E 4921 3.50 -31.95 -41.68
N LEU E 4922 4.39 -31.36 -42.48
CA LEU E 4922 3.97 -30.78 -43.75
C LEU E 4922 3.37 -31.84 -44.67
N MET E 4923 4.02 -33.02 -44.73
CA MET E 4923 3.49 -34.11 -45.56
C MET E 4923 2.14 -34.57 -45.03
N TYR E 4924 1.99 -34.65 -43.71
CA TYR E 4924 0.73 -35.07 -43.10
C TYR E 4924 -0.38 -34.09 -43.44
N LEU E 4925 -0.09 -32.79 -43.39
CA LEU E 4925 -1.01 -31.76 -43.83
C LEU E 4925 -1.39 -31.91 -45.30
N ILE E 4926 -0.42 -32.15 -46.17
CA ILE E 4926 -0.70 -32.34 -47.59
C ILE E 4926 -1.63 -33.54 -47.83
N ASN E 4927 -1.34 -34.66 -47.18
CA ASN E 4927 -2.18 -35.86 -47.39
C ASN E 4927 -3.56 -35.69 -46.76
N LYS E 4928 -3.65 -35.04 -45.61
CA LYS E 4928 -4.92 -34.91 -44.92
C LYS E 4928 -5.88 -34.00 -45.68
N ASP E 4929 -7.17 -34.31 -45.58
CA ASP E 4929 -8.19 -33.44 -46.15
C ASP E 4929 -8.29 -32.15 -45.35
N GLU E 4930 -8.52 -31.04 -46.04
CA GLU E 4930 -8.61 -29.74 -45.40
C GLU E 4930 -9.82 -29.68 -44.46
N THR E 4931 -10.87 -30.45 -44.77
CA THR E 4931 -12.06 -30.45 -43.93
C THR E 4931 -11.78 -31.07 -42.56
N GLU E 4932 -10.84 -32.01 -42.49
CA GLU E 4932 -10.49 -32.66 -41.24
C GLU E 4932 -9.36 -31.96 -40.50
N HIS E 4933 -8.89 -30.81 -41.01
CA HIS E 4933 -7.83 -30.08 -40.36
C HIS E 4933 -8.29 -29.56 -39.00
N THR E 4934 -7.40 -29.65 -38.01
CA THR E 4934 -7.65 -29.04 -36.72
C THR E 4934 -7.38 -27.53 -36.82
N GLY E 4935 -7.55 -26.82 -35.70
CA GLY E 4935 -7.28 -25.40 -35.72
C GLY E 4935 -5.83 -25.08 -36.01
N GLN E 4936 -4.92 -25.77 -35.32
CA GLN E 4936 -3.49 -25.56 -35.55
C GLN E 4936 -3.10 -25.96 -36.97
N GLU E 4937 -3.62 -27.11 -37.43
CA GLU E 4937 -3.31 -27.58 -38.77
C GLU E 4937 -3.78 -26.60 -39.83
N SER E 4938 -5.00 -26.08 -39.67
CA SER E 4938 -5.52 -25.10 -40.62
C SER E 4938 -4.71 -23.81 -40.58
N TYR E 4939 -4.29 -23.39 -39.39
CA TYR E 4939 -3.46 -22.19 -39.26
C TYR E 4939 -2.15 -22.34 -40.02
N VAL E 4940 -1.46 -23.45 -39.79
CA VAL E 4940 -0.19 -23.70 -40.46
C VAL E 4940 -0.39 -23.81 -41.97
N TRP E 4941 -1.44 -24.52 -42.39
CA TRP E 4941 -1.75 -24.65 -43.83
C TRP E 4941 -1.99 -23.28 -44.46
N LYS E 4942 -2.81 -22.45 -43.80
CA LYS E 4942 -3.14 -21.13 -44.35
C LYS E 4942 -1.90 -20.28 -44.51
N MET E 4943 -1.07 -20.18 -43.47
CA MET E 4943 0.10 -19.31 -43.59
C MET E 4943 1.19 -19.94 -44.44
N TYR E 4944 1.13 -21.26 -44.65
CA TYR E 4944 2.02 -21.89 -45.60
C TYR E 4944 1.68 -21.47 -47.03
N GLN E 4945 0.40 -21.56 -47.40
CA GLN E 4945 0.02 -21.08 -48.73
C GLN E 4945 0.03 -19.56 -48.85
N GLU E 4946 0.09 -18.83 -47.74
CA GLU E 4946 0.38 -17.40 -47.77
C GLU E 4946 1.87 -17.12 -47.67
N ARG E 4947 2.70 -18.15 -47.58
CA ARG E 4947 4.16 -18.03 -47.53
C ARG E 4947 4.58 -17.17 -46.35
N CYS E 4948 3.95 -17.42 -45.21
CA CYS E 4948 4.24 -16.74 -43.96
C CYS E 4948 4.87 -17.76 -43.01
N TRP E 4949 6.17 -17.61 -42.75
CA TRP E 4949 6.91 -18.55 -41.93
C TRP E 4949 7.03 -18.10 -40.48
N GLU E 4950 6.13 -17.24 -40.01
CA GLU E 4950 6.16 -16.81 -38.62
C GLU E 4950 5.74 -17.92 -37.66
N PHE E 4951 5.06 -18.97 -38.16
CA PHE E 4951 4.63 -20.04 -37.28
C PHE E 4951 5.83 -20.83 -36.75
N PHE E 4952 6.96 -20.75 -37.43
CA PHE E 4952 8.18 -21.37 -36.94
C PHE E 4952 8.66 -20.64 -35.68
N PRO E 4953 9.06 -21.36 -34.64
CA PRO E 4953 9.61 -20.69 -33.45
C PRO E 4953 10.86 -19.90 -33.78
N ALA E 4954 11.01 -18.75 -33.12
CA ALA E 4954 12.15 -17.87 -33.32
C ALA E 4954 12.72 -17.49 -31.97
N GLY E 4955 13.80 -18.15 -31.57
CA GLY E 4955 14.42 -17.89 -30.30
C GLY E 4955 13.51 -18.19 -29.12
N ASP E 4956 12.72 -19.25 -29.23
CA ASP E 4956 11.79 -19.62 -28.19
C ASP E 4956 11.46 -21.10 -28.31
N CYS E 4957 10.97 -21.66 -27.21
CA CYS E 4957 10.57 -23.06 -27.18
C CYS E 4957 9.48 -23.23 -26.12
N PHE E 4958 8.96 -24.45 -26.02
CA PHE E 4958 7.96 -24.74 -25.00
C PHE E 4958 8.54 -24.59 -23.60
N ARG E 4959 9.78 -25.06 -23.41
CA ARG E 4959 10.43 -24.96 -22.11
C ARG E 4959 10.62 -23.50 -21.70
N LYS E 4960 11.05 -22.66 -22.64
CA LYS E 4960 11.22 -21.25 -22.33
C LYS E 4960 9.88 -20.56 -22.11
N GLN E 4961 8.87 -20.93 -22.90
CA GLN E 4961 7.56 -20.30 -22.78
C GLN E 4961 6.92 -20.57 -21.43
N TYR E 4962 7.02 -21.80 -20.94
CA TYR E 4962 6.42 -22.13 -19.65
C TYR E 4962 7.46 -22.51 -18.61
N GLU E 4963 8.64 -21.88 -18.66
CA GLU E 4963 9.73 -22.26 -17.76
C GLU E 4963 9.35 -22.04 -16.30
N ASP E 4964 8.77 -20.89 -15.98
CA ASP E 4964 8.36 -20.63 -14.60
C ASP E 4964 7.27 -21.60 -14.16
N GLN E 4965 6.34 -21.92 -15.06
CA GLN E 4965 5.28 -22.87 -14.73
C GLN E 4965 5.81 -24.30 -14.70
N LEU E 4966 6.66 -24.66 -15.67
CA LEU E 4966 7.20 -26.02 -15.71
C LEU E 4966 8.12 -26.27 -14.53
N ASN E 4967 9.04 -25.35 -14.26
CA ASN E 4967 10.01 -25.51 -13.18
C ASN E 4967 10.59 -24.18 -12.73
N GLU F 10 -19.55 -21.27 -5.78
CA GLU F 10 -19.80 -22.57 -6.38
C GLU F 10 -20.78 -23.36 -5.52
N ILE F 11 -21.96 -23.63 -6.07
CA ILE F 11 -22.99 -24.31 -5.31
C ILE F 11 -22.56 -25.75 -5.00
N GLN F 12 -22.74 -26.16 -3.75
CA GLN F 12 -22.33 -27.50 -3.35
C GLN F 12 -23.33 -28.53 -3.83
N PHE F 13 -22.85 -29.77 -3.99
CA PHE F 13 -23.67 -30.90 -4.37
C PHE F 13 -23.59 -31.96 -3.30
N LEU F 14 -24.75 -32.42 -2.82
CA LEU F 14 -24.81 -33.40 -1.75
C LEU F 14 -24.20 -34.72 -2.21
N ARG F 15 -23.55 -35.43 -1.29
CA ARG F 15 -22.89 -36.68 -1.63
C ARG F 15 -22.77 -37.61 -0.43
N THR F 16 -22.54 -38.89 -0.74
CA THR F 16 -22.41 -39.96 0.24
C THR F 16 -21.31 -39.66 1.24
N ASP F 17 -21.32 -40.43 2.33
CA ASP F 17 -20.43 -40.25 3.48
C ASP F 17 -20.62 -38.89 4.14
N ASP F 18 -21.62 -38.12 3.71
CA ASP F 18 -22.01 -36.89 4.36
C ASP F 18 -23.27 -37.13 5.18
N GLU F 19 -23.42 -36.33 6.23
CA GLU F 19 -24.51 -36.50 7.17
C GLU F 19 -25.59 -35.46 6.88
N VAL F 20 -26.82 -35.92 6.68
CA VAL F 20 -27.91 -35.06 6.21
C VAL F 20 -29.15 -35.34 7.04
N VAL F 21 -30.06 -34.37 7.08
CA VAL F 21 -31.37 -34.52 7.71
C VAL F 21 -32.44 -34.30 6.63
N LEU F 22 -33.45 -35.17 6.63
CA LEU F 22 -34.55 -35.07 5.67
C LEU F 22 -35.66 -34.25 6.30
N GLN F 23 -35.92 -33.06 5.73
CA GLN F 23 -36.91 -32.15 6.26
C GLN F 23 -38.14 -32.10 5.37
N CYS F 24 -39.30 -32.03 6.01
CA CYS F 24 -40.57 -31.85 5.32
C CYS F 24 -41.35 -30.74 6.02
N THR F 25 -42.20 -30.06 5.26
CA THR F 25 -42.97 -28.93 5.76
C THR F 25 -44.38 -29.38 6.12
N ALA F 26 -44.89 -28.84 7.23
CA ALA F 26 -46.24 -29.11 7.69
C ALA F 26 -46.96 -27.80 7.91
N THR F 27 -48.12 -27.65 7.27
CA THR F 27 -48.91 -26.43 7.37
C THR F 27 -50.02 -26.63 8.42
N ILE F 28 -49.76 -26.15 9.62
CA ILE F 28 -50.73 -26.22 10.73
C ILE F 28 -51.03 -24.79 11.18
N HIS F 29 -52.32 -24.49 11.34
CA HIS F 29 -52.79 -23.14 11.65
C HIS F 29 -52.35 -22.15 10.57
N LYS F 30 -52.35 -22.59 9.32
CA LYS F 30 -51.90 -21.77 8.18
C LYS F 30 -50.45 -21.32 8.36
N GLU F 31 -49.68 -22.09 9.12
CA GLU F 31 -48.28 -21.77 9.41
C GLU F 31 -47.43 -22.99 9.14
N GLN F 32 -46.30 -22.79 8.46
CA GLN F 32 -45.45 -23.89 8.06
C GLN F 32 -44.45 -24.24 9.16
N GLN F 33 -44.41 -25.52 9.54
CA GLN F 33 -43.47 -26.03 10.54
C GLN F 33 -42.60 -27.07 9.88
N LYS F 34 -41.28 -26.84 9.88
CA LYS F 34 -40.35 -27.81 9.30
C LYS F 34 -40.09 -28.94 10.30
N LEU F 35 -40.11 -30.17 9.79
CA LEU F 35 -39.94 -31.36 10.61
C LEU F 35 -38.90 -32.27 9.97
N CYS F 36 -38.03 -32.85 10.80
CA CYS F 36 -37.05 -33.81 10.34
C CYS F 36 -37.52 -35.22 10.65
N LEU F 37 -37.28 -36.14 9.72
CA LEU F 37 -37.65 -37.53 9.92
C LEU F 37 -36.77 -38.13 11.02
N ALA F 38 -37.40 -38.60 12.09
CA ALA F 38 -36.69 -39.11 13.25
C ALA F 38 -37.14 -40.54 13.55
N ALA F 39 -36.22 -41.32 14.11
CA ALA F 39 -36.50 -42.69 14.48
C ALA F 39 -35.50 -43.16 15.54
N GLU F 40 -36.01 -43.54 16.71
CA GLU F 40 -35.17 -44.02 17.80
C GLU F 40 -34.80 -45.47 17.52
N GLY F 41 -33.51 -45.76 17.50
CA GLY F 41 -33.02 -47.06 17.09
C GLY F 41 -33.57 -48.23 17.88
N PHE F 42 -33.18 -48.35 19.15
CA PHE F 42 -33.72 -49.41 19.99
C PHE F 42 -35.06 -48.99 20.56
N GLY F 43 -36.02 -49.91 20.56
CA GLY F 43 -37.36 -49.60 20.99
C GLY F 43 -38.33 -49.46 19.83
N ASN F 44 -38.70 -48.23 19.48
CA ASN F 44 -39.69 -47.97 18.45
C ASN F 44 -38.99 -47.88 17.10
N ARG F 45 -39.11 -48.93 16.29
CA ARG F 45 -38.59 -48.90 14.93
C ARG F 45 -39.35 -47.93 14.03
N LEU F 46 -40.58 -47.58 14.39
CA LEU F 46 -41.38 -46.68 13.56
C LEU F 46 -40.80 -45.28 13.58
N CYS F 47 -40.75 -44.65 12.40
CA CYS F 47 -40.24 -43.30 12.30
C CYS F 47 -41.31 -42.29 12.72
N PHE F 48 -40.85 -41.09 13.05
CA PHE F 48 -41.75 -40.00 13.44
C PHE F 48 -41.09 -38.68 13.07
N LEU F 49 -41.70 -37.59 13.53
CA LEU F 49 -41.23 -36.24 13.23
C LEU F 49 -41.10 -35.44 14.53
N GLU F 50 -40.03 -34.66 14.62
CA GLU F 50 -39.83 -33.73 15.72
C GLU F 50 -39.60 -32.34 15.15
N SER F 51 -40.13 -31.33 15.82
CA SER F 51 -40.13 -29.98 15.28
C SER F 51 -38.72 -29.40 15.22
N THR F 52 -38.39 -28.74 14.12
CA THR F 52 -37.14 -28.03 13.96
C THR F 52 -37.34 -26.53 13.77
N SER F 53 -38.60 -26.07 13.68
CA SER F 53 -38.90 -24.66 13.50
C SER F 53 -38.91 -23.91 14.83
N ASN F 54 -39.12 -24.63 15.94
CA ASN F 54 -39.20 -24.02 17.26
C ASN F 54 -37.89 -24.17 18.05
N SER F 55 -36.75 -24.05 17.36
CA SER F 55 -35.45 -24.29 18.00
C SER F 55 -35.22 -23.34 19.17
N LYS F 56 -35.75 -22.12 19.08
CA LYS F 56 -35.54 -21.15 20.15
C LYS F 56 -36.17 -21.62 21.46
N ASN F 57 -37.39 -22.15 21.40
CA ASN F 57 -38.08 -22.56 22.61
C ASN F 57 -37.75 -24.01 22.97
N VAL F 58 -37.84 -24.92 21.99
CA VAL F 58 -37.63 -26.34 22.21
C VAL F 58 -36.45 -26.79 21.36
N PRO F 59 -35.35 -27.26 21.95
CA PRO F 59 -34.22 -27.74 21.16
C PRO F 59 -34.62 -28.93 20.31
N PRO F 60 -34.14 -29.00 19.07
CA PRO F 60 -34.39 -30.20 18.26
C PRO F 60 -33.33 -31.26 18.52
N ASP F 61 -33.79 -32.52 18.56
CA ASP F 61 -32.90 -33.66 18.75
C ASP F 61 -32.53 -34.20 17.37
N LEU F 62 -31.45 -33.67 16.81
CA LEU F 62 -31.01 -34.04 15.47
C LEU F 62 -30.23 -35.35 15.44
N SER F 63 -29.83 -35.89 16.59
CA SER F 63 -29.06 -37.13 16.61
C SER F 63 -29.88 -38.28 16.04
N ILE F 64 -31.20 -38.18 16.07
CA ILE F 64 -32.07 -39.22 15.54
C ILE F 64 -32.67 -38.78 14.21
N CYS F 65 -32.34 -37.56 13.78
CA CYS F 65 -32.79 -37.05 12.49
C CYS F 65 -31.70 -37.08 11.43
N THR F 66 -30.44 -37.26 11.81
CA THR F 66 -29.33 -37.32 10.86
C THR F 66 -29.24 -38.69 10.23
N PHE F 67 -29.03 -38.71 8.91
CA PHE F 67 -28.82 -39.94 8.15
C PHE F 67 -27.58 -39.81 7.29
N VAL F 68 -27.00 -40.95 6.93
CA VAL F 68 -25.80 -41.02 6.12
C VAL F 68 -26.13 -41.69 4.79
N LEU F 69 -25.69 -41.09 3.69
CA LEU F 69 -25.89 -41.66 2.36
C LEU F 69 -24.82 -42.72 2.15
N GLU F 70 -25.26 -43.97 2.05
CA GLU F 70 -24.31 -45.09 1.89
C GLU F 70 -23.86 -45.24 0.45
N GLN F 71 -24.79 -45.54 -0.45
CA GLN F 71 -24.47 -45.83 -1.84
C GLN F 71 -25.55 -45.24 -2.75
N SER F 72 -25.11 -44.85 -3.95
CA SER F 72 -26.00 -44.32 -4.98
C SER F 72 -25.75 -45.10 -6.28
N LEU F 73 -26.53 -46.16 -6.48
CA LEU F 73 -26.35 -47.01 -7.64
C LEU F 73 -27.45 -46.75 -8.66
N SER F 74 -27.12 -47.00 -9.92
CA SER F 74 -28.11 -46.88 -10.99
C SER F 74 -29.15 -47.99 -10.87
N VAL F 75 -30.29 -47.78 -11.53
CA VAL F 75 -31.39 -48.75 -11.47
C VAL F 75 -30.93 -50.09 -12.02
N ARG F 76 -30.21 -50.07 -13.15
CA ARG F 76 -29.75 -51.31 -13.76
C ARG F 76 -28.77 -52.04 -12.84
N ALA F 77 -27.82 -51.29 -12.26
CA ALA F 77 -26.82 -51.91 -11.39
C ALA F 77 -27.46 -52.51 -10.15
N LEU F 78 -28.37 -51.78 -9.52
CA LEU F 78 -29.03 -52.32 -8.33
C LEU F 78 -29.90 -53.52 -8.66
N GLN F 79 -30.64 -53.50 -9.78
CA GLN F 79 -31.41 -54.66 -10.19
C GLN F 79 -30.51 -55.87 -10.41
N GLU F 80 -29.40 -55.68 -11.12
CA GLU F 80 -28.50 -56.79 -11.39
C GLU F 80 -27.90 -57.36 -10.11
N MET F 81 -27.45 -56.49 -9.20
CA MET F 81 -26.78 -56.99 -8.00
C MET F 81 -27.79 -57.62 -7.04
N LEU F 82 -29.01 -57.08 -6.98
CA LEU F 82 -30.06 -57.73 -6.21
C LEU F 82 -30.41 -59.09 -6.80
N ALA F 83 -30.35 -59.22 -8.13
CA ALA F 83 -30.53 -60.51 -8.75
C ALA F 83 -29.39 -61.47 -8.37
N ASN F 84 -28.18 -60.94 -8.27
CA ASN F 84 -27.04 -61.73 -7.82
C ASN F 84 -27.19 -62.13 -6.36
N HIS F 110 -16.44 -42.52 -3.95
CA HIS F 110 -17.04 -41.22 -3.64
C HIS F 110 -17.47 -40.54 -4.94
N ARG F 111 -18.60 -41.01 -5.47
CA ARG F 111 -19.16 -40.58 -6.75
C ARG F 111 -19.89 -39.24 -6.55
N THR F 112 -20.79 -38.91 -7.48
CA THR F 112 -21.66 -37.74 -7.36
C THR F 112 -23.12 -38.15 -7.59
N LEU F 113 -24.01 -37.70 -6.70
CA LEU F 113 -25.44 -37.97 -6.88
C LEU F 113 -25.97 -37.37 -8.17
N LEU F 114 -26.85 -38.11 -8.83
CA LEU F 114 -27.62 -37.65 -9.96
C LEU F 114 -29.07 -38.06 -9.73
N TYR F 115 -30.01 -37.22 -10.15
CA TYR F 115 -31.41 -37.60 -10.06
C TYR F 115 -31.68 -38.83 -10.91
N GLY F 116 -32.53 -39.72 -10.40
CA GLY F 116 -32.77 -40.99 -11.02
C GLY F 116 -32.00 -42.15 -10.41
N HIS F 117 -31.20 -41.91 -9.38
CA HIS F 117 -30.50 -42.95 -8.66
C HIS F 117 -31.36 -43.44 -7.50
N ALA F 118 -30.91 -44.54 -6.88
CA ALA F 118 -31.49 -45.04 -5.65
C ALA F 118 -30.47 -44.90 -4.53
N ILE F 119 -30.87 -44.23 -3.45
CA ILE F 119 -29.96 -43.92 -2.35
C ILE F 119 -30.25 -44.85 -1.19
N LEU F 120 -29.19 -45.18 -0.45
CA LEU F 120 -29.27 -46.01 0.74
C LEU F 120 -29.03 -45.12 1.95
N LEU F 121 -30.10 -44.83 2.70
CA LEU F 121 -30.00 -43.99 3.89
C LEU F 121 -29.81 -44.85 5.12
N ARG F 122 -28.72 -44.56 5.86
CA ARG F 122 -28.38 -45.28 7.08
C ARG F 122 -28.50 -44.31 8.24
N HIS F 123 -29.28 -44.70 9.26
CA HIS F 123 -29.48 -43.86 10.43
C HIS F 123 -28.17 -43.78 11.21
N SER F 124 -27.67 -42.56 11.41
CA SER F 124 -26.34 -42.38 11.97
C SER F 124 -26.24 -42.95 13.38
N TYR F 125 -27.26 -42.72 14.21
CA TYR F 125 -27.21 -43.20 15.59
C TYR F 125 -27.35 -44.71 15.65
N SER F 126 -28.46 -45.23 15.13
CA SER F 126 -28.75 -46.66 15.31
C SER F 126 -27.87 -47.53 14.43
N GLY F 127 -27.46 -47.02 13.28
CA GLY F 127 -26.77 -47.82 12.29
C GLY F 127 -27.67 -48.68 11.44
N MET F 128 -28.98 -48.46 11.48
CA MET F 128 -29.93 -49.21 10.68
C MET F 128 -30.45 -48.36 9.51
N TYR F 129 -30.99 -49.03 8.50
CA TYR F 129 -31.32 -48.40 7.24
C TYR F 129 -32.82 -48.12 7.14
N LEU F 130 -33.16 -46.96 6.57
CA LEU F 130 -34.55 -46.62 6.30
C LEU F 130 -35.14 -47.61 5.30
N CYS F 131 -36.40 -47.95 5.51
CA CYS F 131 -37.07 -48.94 4.67
C CYS F 131 -38.57 -48.78 4.81
N CYS F 132 -39.30 -49.44 3.92
CA CYS F 132 -40.73 -49.64 4.05
C CYS F 132 -40.96 -50.94 4.81
N LEU F 133 -41.67 -50.86 5.93
CA LEU F 133 -41.76 -51.99 6.86
C LEU F 133 -42.58 -53.14 6.31
N SER F 134 -43.32 -52.93 5.21
CA SER F 134 -44.23 -53.86 4.57
C SER F 134 -45.45 -54.14 5.43
N THR F 135 -45.52 -53.61 6.65
CA THR F 135 -46.72 -53.65 7.47
C THR F 135 -47.40 -52.30 7.43
N SER F 136 -48.66 -52.26 7.89
CA SER F 136 -49.43 -51.04 7.83
C SER F 136 -50.33 -50.93 9.05
N ARG F 137 -50.23 -49.78 9.74
CA ARG F 137 -51.21 -49.45 10.76
C ARG F 137 -52.56 -49.17 10.15
N SER F 138 -52.59 -48.83 8.85
CA SER F 138 -53.83 -48.61 8.09
C SER F 138 -54.72 -47.56 8.76
N SER F 139 -54.10 -46.50 9.28
CA SER F 139 -54.85 -45.41 9.91
C SER F 139 -55.66 -44.60 8.91
N THR F 140 -55.19 -44.45 7.68
CA THR F 140 -55.95 -43.73 6.67
C THR F 140 -56.51 -44.69 5.63
N ASP F 141 -55.63 -45.45 4.97
CA ASP F 141 -56.03 -46.37 3.93
C ASP F 141 -55.24 -47.67 4.05
N LYS F 142 -55.54 -48.59 3.13
CA LYS F 142 -54.94 -49.92 3.16
C LYS F 142 -53.70 -49.99 2.27
N LEU F 143 -53.58 -49.05 1.32
CA LEU F 143 -52.45 -49.08 0.41
C LEU F 143 -51.17 -48.61 1.10
N ALA F 144 -51.25 -47.56 1.92
CA ALA F 144 -50.06 -46.99 2.54
C ALA F 144 -49.45 -47.97 3.54
N PHE F 145 -48.12 -48.01 3.56
CA PHE F 145 -47.37 -48.84 4.48
C PHE F 145 -46.59 -47.96 5.44
N ASP F 146 -46.02 -48.60 6.46
CA ASP F 146 -45.23 -47.90 7.46
C ASP F 146 -43.77 -47.82 7.03
N VAL F 147 -43.09 -46.77 7.51
CA VAL F 147 -41.69 -46.53 7.20
C VAL F 147 -40.90 -46.66 8.50
N GLY F 148 -39.93 -47.57 8.52
CA GLY F 148 -39.13 -47.79 9.71
C GLY F 148 -37.66 -48.01 9.40
N LEU F 149 -36.95 -48.69 10.29
CA LEU F 149 -35.53 -48.96 10.15
C LEU F 149 -35.30 -50.46 10.15
N GLN F 150 -34.40 -50.92 9.28
CA GLN F 150 -34.15 -52.35 9.07
C GLN F 150 -32.68 -52.66 9.29
N GLU F 151 -32.41 -53.80 9.93
CA GLU F 151 -31.03 -54.25 10.11
C GLU F 151 -30.37 -54.58 8.77
N ASP F 152 -31.07 -55.32 7.91
CA ASP F 152 -30.46 -55.93 6.73
C ASP F 152 -30.70 -55.05 5.51
N THR F 153 -29.65 -54.86 4.71
CA THR F 153 -29.77 -54.10 3.47
C THR F 153 -30.42 -54.91 2.34
N THR F 154 -30.22 -56.23 2.32
CA THR F 154 -30.74 -57.07 1.24
C THR F 154 -32.26 -56.93 1.14
N GLY F 155 -32.74 -56.82 -0.10
CA GLY F 155 -34.13 -56.52 -0.35
C GLY F 155 -34.31 -55.10 -0.86
N GLU F 156 -35.41 -54.88 -1.57
CA GLU F 156 -35.70 -53.58 -2.19
C GLU F 156 -36.33 -52.59 -1.22
N ALA F 157 -36.62 -53.00 0.02
CA ALA F 157 -37.23 -52.09 0.97
C ALA F 157 -36.26 -51.00 1.42
N CYS F 158 -34.98 -51.34 1.58
CA CYS F 158 -34.02 -50.37 2.10
C CYS F 158 -33.70 -49.28 1.07
N TRP F 159 -33.67 -49.64 -0.22
CA TRP F 159 -33.29 -48.69 -1.25
C TRP F 159 -34.42 -47.75 -1.58
N TRP F 160 -34.10 -46.47 -1.73
CA TRP F 160 -35.07 -45.44 -2.09
C TRP F 160 -34.55 -44.66 -3.30
N THR F 161 -35.39 -44.56 -4.33
CA THR F 161 -35.01 -43.86 -5.55
C THR F 161 -35.26 -42.37 -5.39
N ILE F 162 -34.26 -41.57 -5.75
CA ILE F 162 -34.37 -40.12 -5.71
C ILE F 162 -34.92 -39.62 -7.03
N HIS F 163 -36.01 -38.86 -6.97
CA HIS F 163 -36.61 -38.28 -8.16
C HIS F 163 -36.64 -36.76 -8.02
N PRO F 164 -36.37 -36.02 -9.10
CA PRO F 164 -36.38 -34.56 -9.00
C PRO F 164 -37.79 -34.02 -8.86
N ALA F 165 -38.01 -33.29 -7.76
CA ALA F 165 -39.30 -32.67 -7.49
C ALA F 165 -39.45 -31.30 -8.16
N SER F 166 -38.41 -30.80 -8.81
CA SER F 166 -38.44 -29.52 -9.49
C SER F 166 -38.33 -29.73 -10.99
N LYS F 167 -39.16 -29.01 -11.76
CA LYS F 167 -39.09 -29.12 -13.21
C LYS F 167 -37.79 -28.57 -13.75
N GLN F 168 -37.08 -27.77 -12.96
CA GLN F 168 -35.75 -27.27 -13.33
C GLN F 168 -34.66 -28.32 -13.17
N ARG F 169 -35.06 -29.52 -12.76
CA ARG F 169 -34.14 -30.64 -12.58
C ARG F 169 -34.60 -31.81 -13.43
N SER F 170 -33.65 -32.49 -14.05
CA SER F 170 -33.94 -33.65 -14.90
C SER F 170 -33.10 -34.84 -14.43
N GLU F 171 -33.53 -36.03 -14.84
CA GLU F 171 -32.80 -37.25 -14.48
C GLU F 171 -31.37 -37.19 -14.99
N GLY F 172 -30.43 -37.38 -14.08
CA GLY F 172 -29.01 -37.30 -14.36
C GLY F 172 -28.37 -35.99 -13.92
N GLU F 173 -29.19 -35.00 -13.57
CA GLU F 173 -28.65 -33.74 -13.08
C GLU F 173 -28.05 -33.91 -11.68
N LYS F 174 -27.11 -33.04 -11.35
CA LYS F 174 -26.46 -33.10 -10.04
C LYS F 174 -27.42 -32.63 -8.96
N VAL F 175 -27.51 -33.40 -7.87
CA VAL F 175 -28.41 -33.04 -6.78
C VAL F 175 -27.87 -31.82 -6.06
N ARG F 176 -28.74 -30.82 -5.88
CA ARG F 176 -28.35 -29.55 -5.28
C ARG F 176 -28.69 -29.54 -3.80
N VAL F 177 -27.88 -28.80 -3.02
CA VAL F 177 -28.13 -28.68 -1.59
C VAL F 177 -29.46 -28.02 -1.31
N GLY F 178 -29.76 -26.92 -1.99
CA GLY F 178 -31.01 -26.22 -1.82
C GLY F 178 -32.19 -26.82 -2.55
N ASP F 179 -31.97 -27.91 -3.29
CA ASP F 179 -33.04 -28.53 -4.05
C ASP F 179 -34.04 -29.22 -3.12
N ASP F 180 -35.25 -29.39 -3.64
CA ASP F 180 -36.33 -30.07 -2.94
C ASP F 180 -36.61 -31.39 -3.64
N LEU F 181 -36.76 -32.45 -2.85
CA LEU F 181 -36.74 -33.81 -3.38
C LEU F 181 -38.05 -34.55 -3.09
N ILE F 182 -38.30 -35.55 -3.92
CA ILE F 182 -39.37 -36.52 -3.71
C ILE F 182 -38.77 -37.91 -3.79
N LEU F 183 -39.09 -38.76 -2.83
CA LEU F 183 -38.50 -40.09 -2.74
C LEU F 183 -39.53 -41.17 -3.05
N VAL F 184 -39.08 -42.20 -3.77
CA VAL F 184 -39.92 -43.33 -4.13
C VAL F 184 -39.22 -44.61 -3.67
N SER F 185 -39.92 -45.45 -2.93
CA SER F 185 -39.38 -46.70 -2.43
C SER F 185 -39.27 -47.69 -3.58
N VAL F 186 -38.17 -48.44 -3.61
CA VAL F 186 -37.96 -49.43 -4.67
C VAL F 186 -38.94 -50.58 -4.54
N SER F 187 -39.15 -51.05 -3.31
CA SER F 187 -40.00 -52.22 -3.10
C SER F 187 -41.47 -51.87 -3.24
N SER F 188 -41.93 -50.84 -2.54
CA SER F 188 -43.35 -50.52 -2.50
C SER F 188 -43.79 -49.62 -3.65
N GLU F 189 -42.88 -48.84 -4.24
CA GLU F 189 -43.23 -47.82 -5.24
C GLU F 189 -44.24 -46.83 -4.69
N ARG F 190 -44.18 -46.57 -3.39
CA ARG F 190 -44.91 -45.48 -2.76
C ARG F 190 -43.97 -44.29 -2.59
N TYR F 191 -44.56 -43.13 -2.32
CA TYR F 191 -43.81 -41.91 -2.08
C TYR F 191 -43.69 -41.68 -0.58
N LEU F 192 -42.53 -41.20 -0.15
CA LEU F 192 -42.35 -40.83 1.25
C LEU F 192 -43.26 -39.66 1.56
N HIS F 193 -44.36 -39.94 2.27
CA HIS F 193 -45.48 -39.02 2.37
C HIS F 193 -45.73 -38.64 3.83
N LEU F 194 -45.87 -37.34 4.07
CA LEU F 194 -46.30 -36.83 5.37
C LEU F 194 -47.83 -36.73 5.36
N SER F 195 -48.48 -37.47 6.25
CA SER F 195 -49.93 -37.59 6.24
C SER F 195 -50.55 -36.62 7.22
N TYR F 196 -51.38 -35.71 6.71
CA TYR F 196 -52.17 -34.82 7.56
C TYR F 196 -53.46 -35.46 8.04
N GLY F 197 -53.89 -36.56 7.42
CA GLY F 197 -55.17 -37.16 7.77
C GLY F 197 -55.23 -37.65 9.20
N ASN F 198 -54.11 -38.16 9.70
CA ASN F 198 -54.05 -38.60 11.09
C ASN F 198 -54.13 -37.40 12.03
N GLY F 199 -54.57 -37.66 13.26
CA GLY F 199 -54.62 -36.59 14.25
C GLY F 199 -53.27 -35.96 14.52
N SER F 200 -52.22 -36.78 14.50
CA SER F 200 -50.85 -36.31 14.64
C SER F 200 -50.12 -36.49 13.31
N LEU F 201 -49.20 -35.58 13.01
CA LEU F 201 -48.41 -35.66 11.80
C LEU F 201 -47.62 -36.97 11.77
N HIS F 202 -47.74 -37.70 10.66
CA HIS F 202 -47.16 -39.02 10.53
C HIS F 202 -46.47 -39.15 9.19
N VAL F 203 -45.48 -40.04 9.11
CA VAL F 203 -44.81 -40.35 7.85
C VAL F 203 -45.21 -41.76 7.44
N ASP F 204 -45.66 -41.90 6.19
CA ASP F 204 -46.08 -43.18 5.64
C ASP F 204 -45.65 -43.24 4.18
N ALA F 205 -45.53 -44.46 3.67
CA ALA F 205 -45.26 -44.68 2.25
C ALA F 205 -46.60 -44.73 1.52
N ALA F 206 -46.92 -43.66 0.80
CA ALA F 206 -48.20 -43.55 0.12
C ALA F 206 -47.96 -43.08 -1.31
N PHE F 207 -48.98 -43.26 -2.15
CA PHE F 207 -48.87 -42.87 -3.55
C PHE F 207 -49.02 -41.36 -3.71
N GLN F 208 -49.57 -40.68 -2.71
CA GLN F 208 -49.46 -39.24 -2.66
C GLN F 208 -48.03 -38.84 -2.34
N GLN F 209 -47.56 -37.76 -2.97
CA GLN F 209 -46.17 -37.37 -2.90
C GLN F 209 -46.01 -36.11 -2.05
N THR F 210 -44.92 -36.07 -1.29
CA THR F 210 -44.61 -34.94 -0.42
C THR F 210 -43.17 -34.50 -0.65
N LEU F 211 -42.99 -33.18 -0.71
CA LEU F 211 -41.69 -32.59 -1.01
C LEU F 211 -40.80 -32.67 0.23
N TRP F 212 -39.63 -33.27 0.07
CA TRP F 212 -38.67 -33.42 1.16
C TRP F 212 -37.42 -32.60 0.85
N SER F 213 -37.08 -31.69 1.75
CA SER F 213 -35.86 -30.91 1.64
C SER F 213 -34.79 -31.52 2.53
N VAL F 214 -33.60 -31.68 1.99
CA VAL F 214 -32.49 -32.32 2.70
C VAL F 214 -31.42 -31.27 2.92
N ALA F 215 -31.03 -31.08 4.21
CA ALA F 215 -30.06 -30.08 4.62
C ALA F 215 -28.84 -30.75 5.21
N PRO F 216 -27.64 -30.41 4.76
CA PRO F 216 -26.43 -31.11 5.22
C PRO F 216 -26.17 -30.82 6.71
N ILE F 217 -25.62 -31.82 7.40
CA ILE F 217 -25.16 -31.64 8.77
C ILE F 217 -23.65 -31.49 8.82
N SER F 218 -22.93 -32.40 8.17
CA SER F 218 -21.49 -32.34 8.07
C SER F 218 -21.03 -33.26 6.95
N SER F 219 -19.78 -33.08 6.53
CA SER F 219 -19.15 -33.92 5.52
C SER F 219 -17.95 -34.61 6.13
N GLY F 220 -17.86 -35.93 5.96
CA GLY F 220 -16.82 -36.70 6.62
C GLY F 220 -15.43 -36.38 6.13
N SER F 221 -15.27 -36.18 4.82
CA SER F 221 -13.94 -35.98 4.25
C SER F 221 -13.29 -34.71 4.76
N GLU F 222 -14.06 -33.61 4.84
CA GLU F 222 -13.51 -32.34 5.29
C GLU F 222 -13.36 -32.27 6.81
N ALA F 223 -13.85 -33.25 7.55
CA ALA F 223 -13.68 -33.26 9.00
C ALA F 223 -12.21 -33.43 9.36
N ALA F 224 -11.77 -32.69 10.37
CA ALA F 224 -10.39 -32.70 10.82
C ALA F 224 -10.29 -33.49 12.13
N GLN F 225 -9.37 -34.45 12.17
CA GLN F 225 -9.19 -35.27 13.35
C GLN F 225 -8.64 -34.44 14.50
N GLY F 226 -9.13 -34.71 15.70
CA GLY F 226 -8.65 -34.04 16.90
C GLY F 226 -9.19 -32.66 17.14
N TYR F 227 -10.23 -32.25 16.42
CA TYR F 227 -10.81 -30.93 16.57
C TYR F 227 -12.30 -31.05 16.88
N LEU F 228 -12.80 -30.14 17.70
CA LEU F 228 -14.20 -30.19 18.11
C LEU F 228 -15.11 -29.84 16.94
N ILE F 229 -16.12 -30.68 16.72
CA ILE F 229 -17.18 -30.41 15.75
C ILE F 229 -18.52 -30.51 16.46
N GLY F 230 -19.53 -29.95 15.82
CA GLY F 230 -20.86 -29.95 16.41
C GLY F 230 -21.43 -31.36 16.54
N GLY F 231 -22.22 -31.56 17.59
CA GLY F 231 -22.86 -32.83 17.84
C GLY F 231 -22.01 -33.86 18.52
N ASP F 232 -20.78 -33.53 18.91
CA ASP F 232 -19.91 -34.48 19.59
C ASP F 232 -20.37 -34.73 21.01
N VAL F 233 -20.11 -35.94 21.50
CA VAL F 233 -20.26 -36.26 22.91
C VAL F 233 -18.88 -36.16 23.56
N LEU F 234 -18.73 -35.25 24.52
CA LEU F 234 -17.43 -34.88 25.03
C LEU F 234 -17.47 -34.76 26.54
N ARG F 235 -16.28 -34.67 27.13
CA ARG F 235 -16.12 -34.54 28.58
C ARG F 235 -15.42 -33.23 28.89
N LEU F 236 -15.95 -32.49 29.87
CA LEU F 236 -15.37 -31.23 30.30
C LEU F 236 -14.40 -31.49 31.45
N LEU F 237 -13.11 -31.49 31.14
CA LEU F 237 -12.07 -31.85 32.10
C LEU F 237 -11.34 -30.59 32.56
N HIS F 238 -11.20 -30.46 33.88
CA HIS F 238 -10.63 -29.27 34.50
C HIS F 238 -9.13 -29.19 34.18
N GLY F 239 -8.50 -28.15 34.73
CA GLY F 239 -7.11 -27.87 34.38
C GLY F 239 -6.16 -29.00 34.74
N HIS F 240 -6.45 -29.73 35.82
CA HIS F 240 -5.54 -30.76 36.28
C HIS F 240 -5.85 -32.11 35.66
N MET F 241 -6.91 -32.20 34.85
CA MET F 241 -7.43 -33.44 34.26
C MET F 241 -8.11 -34.29 35.33
N ASP F 242 -7.97 -33.91 36.60
CA ASP F 242 -8.37 -34.78 37.69
C ASP F 242 -9.86 -34.75 37.97
N GLU F 243 -10.51 -33.60 37.81
CA GLU F 243 -11.93 -33.46 38.12
C GLU F 243 -12.69 -33.10 36.84
N CYS F 244 -13.90 -33.63 36.71
CA CYS F 244 -14.73 -33.42 35.54
C CYS F 244 -16.11 -32.92 35.95
N LEU F 245 -16.67 -32.02 35.14
CA LEU F 245 -18.00 -31.52 35.41
C LEU F 245 -19.02 -32.64 35.24
N THR F 246 -19.83 -32.87 36.27
CA THR F 246 -20.76 -33.98 36.28
C THR F 246 -21.96 -33.62 37.14
N VAL F 247 -22.87 -34.58 37.28
CA VAL F 247 -24.06 -34.43 38.11
C VAL F 247 -23.91 -35.40 39.27
N PRO F 248 -24.74 -35.27 40.32
CA PRO F 248 -24.68 -36.22 41.43
C PRO F 248 -24.95 -37.64 40.97
N SER F 249 -24.49 -38.59 41.77
CA SER F 249 -24.70 -40.00 41.45
C SER F 249 -26.18 -40.35 41.52
N GLY F 250 -26.56 -41.40 40.81
CA GLY F 250 -27.95 -41.78 40.73
C GLY F 250 -28.52 -42.36 42.01
N GLU F 251 -29.38 -41.59 42.69
CA GLU F 251 -30.18 -42.10 43.79
C GLU F 251 -31.66 -42.15 43.44
N HIS F 252 -31.98 -42.35 42.16
CA HIS F 252 -33.34 -42.47 41.64
C HIS F 252 -34.15 -41.18 41.79
N GLY F 253 -33.49 -40.04 41.92
CA GLY F 253 -34.22 -38.78 41.96
C GLY F 253 -33.67 -37.72 41.02
N GLU F 254 -34.45 -37.36 40.00
CA GLU F 254 -34.00 -36.36 39.05
C GLU F 254 -33.93 -34.98 39.69
N GLU F 255 -34.76 -34.72 40.69
CA GLU F 255 -34.75 -33.42 41.36
C GLU F 255 -33.39 -33.15 42.01
N GLN F 256 -32.72 -34.21 42.49
CA GLN F 256 -31.39 -34.04 43.07
C GLN F 256 -30.29 -34.30 42.05
N ARG F 257 -30.60 -35.04 40.98
CA ARG F 257 -29.66 -35.17 39.86
C ARG F 257 -29.50 -33.87 39.07
N ARG F 258 -30.46 -32.96 39.17
CA ARG F 258 -30.49 -31.73 38.38
C ARG F 258 -29.30 -30.81 38.63
N THR F 259 -28.66 -30.88 39.79
CA THR F 259 -27.52 -30.02 40.05
C THR F 259 -26.29 -30.50 39.28
N VAL F 260 -25.29 -29.62 39.17
CA VAL F 260 -24.06 -29.89 38.45
C VAL F 260 -22.89 -29.48 39.33
N HIS F 261 -21.80 -30.25 39.27
CA HIS F 261 -20.63 -29.99 40.09
C HIS F 261 -19.44 -30.75 39.52
N TYR F 262 -18.32 -30.67 40.22
CA TYR F 262 -17.08 -31.30 39.80
C TYR F 262 -16.78 -32.51 40.68
N GLU F 263 -16.43 -33.63 40.03
CA GLU F 263 -15.97 -34.83 40.73
C GLU F 263 -14.80 -35.44 39.96
N GLY F 264 -14.04 -36.28 40.66
CA GLY F 264 -12.89 -36.92 40.06
C GLY F 264 -12.86 -38.40 40.39
N GLY F 265 -12.00 -39.11 39.69
CA GLY F 265 -11.82 -40.54 39.89
C GLY F 265 -12.50 -41.36 38.79
N ALA F 266 -13.32 -42.33 39.20
CA ALA F 266 -14.00 -43.18 38.22
C ALA F 266 -15.08 -42.39 37.47
N VAL F 267 -15.47 -41.23 37.99
CA VAL F 267 -16.47 -40.39 37.33
C VAL F 267 -16.01 -40.02 35.93
N SER F 268 -14.70 -39.85 35.75
CA SER F 268 -14.17 -39.45 34.45
C SER F 268 -14.40 -40.53 33.39
N VAL F 269 -14.46 -41.79 33.81
CA VAL F 269 -14.60 -42.90 32.86
C VAL F 269 -16.03 -43.40 32.89
N HIS F 270 -16.84 -42.87 33.79
CA HIS F 270 -18.25 -43.24 33.91
C HIS F 270 -19.08 -42.53 32.84
N ALA F 271 -20.39 -42.77 32.86
CA ALA F 271 -21.30 -42.22 31.87
C ALA F 271 -22.09 -41.03 32.38
N ARG F 272 -21.76 -40.51 33.56
CA ARG F 272 -22.42 -39.34 34.13
C ARG F 272 -21.78 -38.02 33.73
N SER F 273 -20.62 -38.06 33.06
CA SER F 273 -19.91 -36.85 32.71
C SER F 273 -19.81 -36.68 31.19
N LEU F 274 -20.78 -37.19 30.45
CA LEU F 274 -20.81 -37.10 29.00
C LEU F 274 -21.81 -36.02 28.61
N TRP F 275 -21.36 -35.05 27.82
CA TRP F 275 -22.20 -33.96 27.36
C TRP F 275 -22.17 -33.87 25.84
N ARG F 276 -23.31 -33.54 25.26
CA ARG F 276 -23.44 -33.33 23.84
C ARG F 276 -23.50 -31.84 23.54
N LEU F 277 -22.60 -31.37 22.69
CA LEU F 277 -22.53 -29.97 22.29
C LEU F 277 -23.38 -29.80 21.03
N GLU F 278 -24.55 -29.21 21.19
CA GLU F 278 -25.50 -29.03 20.10
C GLU F 278 -25.49 -27.56 19.67
N THR F 279 -25.27 -27.32 18.38
CA THR F 279 -25.27 -25.97 17.86
C THR F 279 -26.69 -25.46 17.70
N LEU F 280 -26.82 -24.15 17.52
CA LEU F 280 -28.12 -23.50 17.39
C LEU F 280 -28.65 -23.52 15.96
N ARG F 281 -27.86 -23.94 14.99
CA ARG F 281 -28.29 -23.98 13.59
C ARG F 281 -28.65 -25.40 13.19
N VAL F 282 -29.71 -25.53 12.40
CA VAL F 282 -30.16 -26.86 11.97
C VAL F 282 -29.26 -27.41 10.88
N ALA F 283 -28.95 -26.60 9.87
CA ALA F 283 -28.12 -27.01 8.75
C ALA F 283 -26.65 -26.73 9.07
N TRP F 284 -25.78 -27.64 8.65
CA TRP F 284 -24.35 -27.56 8.93
C TRP F 284 -24.08 -27.50 10.43
N SER F 285 -24.85 -28.27 11.20
CA SER F 285 -24.66 -28.36 12.64
C SER F 285 -23.42 -29.17 13.03
N GLY F 286 -22.92 -30.00 12.13
CA GLY F 286 -21.72 -30.78 12.35
C GLY F 286 -20.43 -30.08 11.95
N SER F 287 -20.50 -28.80 11.61
CA SER F 287 -19.31 -28.05 11.21
C SER F 287 -18.39 -27.86 12.39
N HIS F 288 -17.12 -27.54 12.09
CA HIS F 288 -16.14 -27.29 13.14
C HIS F 288 -16.59 -26.15 14.03
N ILE F 289 -16.53 -26.39 15.35
CA ILE F 289 -16.92 -25.35 16.30
C ILE F 289 -15.86 -24.26 16.32
N ARG F 290 -16.31 -23.02 16.47
CA ARG F 290 -15.46 -21.85 16.45
C ARG F 290 -15.53 -21.14 17.80
N TRP F 291 -14.51 -20.33 18.07
CA TRP F 291 -14.49 -19.55 19.31
C TRP F 291 -15.65 -18.55 19.32
N GLY F 292 -16.31 -18.44 20.46
CA GLY F 292 -17.46 -17.56 20.58
C GLY F 292 -18.66 -18.00 19.77
N GLN F 293 -18.89 -19.30 19.65
CA GLN F 293 -20.03 -19.84 18.92
C GLN F 293 -21.09 -20.32 19.91
N PRO F 294 -22.30 -19.78 19.85
CA PRO F 294 -23.35 -20.25 20.77
C PRO F 294 -23.64 -21.74 20.57
N PHE F 295 -23.80 -22.44 21.68
CA PHE F 295 -24.17 -23.85 21.66
C PHE F 295 -24.84 -24.21 22.97
N ARG F 296 -25.56 -25.33 22.95
CA ARG F 296 -26.27 -25.84 24.12
C ARG F 296 -25.68 -27.19 24.51
N LEU F 297 -25.53 -27.38 25.83
CA LEU F 297 -25.00 -28.62 26.38
C LEU F 297 -26.15 -29.48 26.91
N ARG F 298 -26.08 -30.77 26.60
CA ARG F 298 -27.10 -31.73 27.01
C ARG F 298 -26.43 -32.90 27.70
N HIS F 299 -26.84 -33.19 28.93
CA HIS F 299 -26.34 -34.36 29.62
C HIS F 299 -26.94 -35.62 28.99
N VAL F 300 -26.09 -36.50 28.48
CA VAL F 300 -26.56 -37.64 27.70
C VAL F 300 -27.37 -38.59 28.56
N THR F 301 -26.91 -38.84 29.80
CA THR F 301 -27.57 -39.83 30.65
C THR F 301 -28.95 -39.35 31.08
N THR F 302 -29.07 -38.09 31.50
CA THR F 302 -30.34 -37.57 31.99
C THR F 302 -31.19 -36.92 30.91
N GLY F 303 -30.58 -36.37 29.86
CA GLY F 303 -31.30 -35.70 28.82
C GLY F 303 -31.65 -34.26 29.10
N LYS F 304 -31.34 -33.76 30.29
CA LYS F 304 -31.62 -32.37 30.63
C LYS F 304 -30.54 -31.45 30.08
N TYR F 305 -30.91 -30.21 29.83
CA TYR F 305 -30.01 -29.22 29.24
C TYR F 305 -29.48 -28.29 30.31
N LEU F 306 -28.17 -28.07 30.30
CA LEU F 306 -27.54 -27.17 31.25
C LEU F 306 -28.08 -25.75 31.06
N SER F 307 -28.42 -25.10 32.18
CA SER F 307 -29.06 -23.80 32.13
C SER F 307 -28.73 -23.01 33.38
N LEU F 308 -29.03 -21.71 33.33
CA LEU F 308 -28.73 -20.79 34.42
C LEU F 308 -30.03 -20.23 35.00
N MET F 309 -30.19 -20.35 36.31
CA MET F 309 -31.37 -19.76 36.95
C MET F 309 -31.10 -18.32 37.35
N GLU F 310 -32.15 -17.67 37.86
CA GLU F 310 -32.08 -16.27 38.26
C GLU F 310 -31.14 -16.05 39.45
N ASP F 311 -30.98 -17.06 40.30
CA ASP F 311 -30.05 -16.96 41.42
C ASP F 311 -28.59 -17.12 41.01
N LYS F 312 -28.32 -17.14 39.71
CA LYS F 312 -26.99 -17.30 39.12
C LYS F 312 -26.34 -18.64 39.46
N ASN F 313 -27.13 -19.66 39.75
CA ASN F 313 -26.62 -21.00 39.99
C ASN F 313 -27.11 -21.92 38.87
N LEU F 314 -26.19 -22.74 38.34
CA LEU F 314 -26.54 -23.64 37.24
C LEU F 314 -27.49 -24.73 37.72
N LEU F 315 -28.44 -25.10 36.85
CA LEU F 315 -29.39 -26.15 37.16
C LEU F 315 -29.88 -26.79 35.87
N LEU F 316 -29.99 -28.12 35.88
CA LEU F 316 -30.51 -28.83 34.73
C LEU F 316 -32.02 -28.69 34.65
N MET F 317 -32.55 -28.43 33.46
CA MET F 317 -33.98 -28.36 33.25
C MET F 317 -34.37 -29.15 32.01
N ASP F 318 -35.67 -29.38 31.87
CA ASP F 318 -36.20 -30.33 30.90
C ASP F 318 -36.09 -29.79 29.47
N LYS F 319 -36.37 -30.68 28.51
CA LYS F 319 -36.28 -30.33 27.10
C LYS F 319 -37.32 -29.27 26.71
N GLU F 320 -38.53 -29.40 27.24
CA GLU F 320 -39.63 -28.53 26.79
C GLU F 320 -39.37 -27.07 27.11
N LYS F 321 -38.85 -26.78 28.31
CA LYS F 321 -38.67 -25.41 28.77
C LYS F 321 -37.22 -24.94 28.64
N ALA F 322 -36.43 -25.57 27.77
CA ALA F 322 -35.03 -25.20 27.58
C ALA F 322 -34.96 -24.06 26.57
N ASP F 323 -35.12 -22.84 27.10
CA ASP F 323 -35.08 -21.65 26.26
C ASP F 323 -33.64 -21.32 25.87
N VAL F 324 -33.50 -20.66 24.72
CA VAL F 324 -32.18 -20.28 24.24
C VAL F 324 -31.53 -19.25 25.17
N LYS F 325 -32.33 -18.35 25.74
CA LYS F 325 -31.80 -17.32 26.62
C LYS F 325 -31.28 -17.87 27.95
N SER F 326 -31.52 -19.15 28.24
CA SER F 326 -31.06 -19.75 29.48
C SER F 326 -30.09 -20.91 29.28
N THR F 327 -30.00 -21.48 28.08
CA THR F 327 -29.26 -22.71 27.85
C THR F 327 -28.11 -22.56 26.88
N ALA F 328 -27.78 -21.34 26.46
CA ALA F 328 -26.77 -21.10 25.44
C ALA F 328 -25.46 -20.67 26.08
N PHE F 329 -24.36 -21.25 25.63
CA PHE F 329 -23.03 -20.96 26.14
C PHE F 329 -22.04 -20.85 24.98
N THR F 330 -20.93 -20.16 25.23
CA THR F 330 -19.91 -19.92 24.21
C THR F 330 -18.52 -20.19 24.76
N PHE F 331 -17.70 -20.89 23.98
CA PHE F 331 -16.29 -21.07 24.31
C PHE F 331 -15.49 -19.85 23.86
N ARG F 332 -14.55 -19.43 24.70
CA ARG F 332 -13.70 -18.28 24.40
C ARG F 332 -12.24 -18.62 24.69
N SER F 333 -11.34 -18.06 23.88
CA SER F 333 -9.93 -18.45 23.94
C SER F 333 -9.28 -18.01 25.23
N SER F 334 -9.48 -16.75 25.62
CA SER F 334 -8.81 -16.19 26.79
C SER F 334 -9.85 -15.74 27.82
N LYS F 335 -9.46 -15.80 29.09
CA LYS F 335 -10.38 -15.43 30.17
C LYS F 335 -10.70 -13.95 30.14
N GLU F 336 -9.74 -13.11 29.72
CA GLU F 336 -9.97 -11.68 29.67
C GLU F 336 -11.02 -11.33 28.63
N LYS F 337 -11.61 -10.14 28.76
CA LYS F 337 -12.73 -9.75 27.91
C LYS F 337 -12.26 -9.26 26.55
N LEU F 338 -11.69 -10.16 25.74
CA LEU F 338 -11.32 -9.80 24.38
C LEU F 338 -12.59 -9.61 23.56
N ASP F 339 -12.51 -8.77 22.53
CA ASP F 339 -13.67 -8.55 21.67
C ASP F 339 -14.01 -9.82 20.91
N VAL F 340 -15.08 -10.51 21.33
CA VAL F 340 -15.50 -11.71 20.64
C VAL F 340 -15.99 -11.37 19.24
N GLY F 341 -16.79 -10.31 19.12
CA GLY F 341 -17.28 -9.88 17.82
C GLY F 341 -18.37 -10.79 17.30
N VAL F 342 -18.88 -10.41 16.12
CA VAL F 342 -19.89 -11.19 15.42
C VAL F 342 -19.38 -11.44 14.01
N ARG F 343 -19.22 -12.71 13.65
CA ARG F 343 -18.86 -13.11 12.29
C ARG F 343 -20.07 -13.82 11.70
N LYS F 344 -20.35 -13.56 10.42
CA LYS F 344 -21.51 -14.15 9.78
C LYS F 344 -21.31 -15.65 9.63
N GLU F 345 -22.30 -16.44 10.06
CA GLU F 345 -22.19 -17.89 9.99
C GLU F 345 -22.21 -18.35 8.54
N VAL F 346 -21.34 -19.30 8.23
CA VAL F 346 -21.12 -19.76 6.86
C VAL F 346 -21.59 -21.20 6.72
N ASP F 347 -21.97 -21.57 5.50
CA ASP F 347 -22.45 -22.91 5.19
C ASP F 347 -21.28 -23.79 4.76
N GLY F 348 -20.51 -24.22 5.75
CA GLY F 348 -19.37 -25.07 5.49
C GLY F 348 -18.80 -25.60 6.79
N MET F 349 -17.85 -26.55 6.65
CA MET F 349 -17.23 -27.16 7.82
C MET F 349 -16.48 -26.12 8.64
N GLY F 350 -15.74 -25.23 7.98
CA GLY F 350 -15.10 -24.12 8.64
C GLY F 350 -13.76 -24.47 9.25
N THR F 351 -13.15 -23.44 9.85
CA THR F 351 -11.84 -23.58 10.46
C THR F 351 -11.92 -24.38 11.75
N SER F 352 -10.86 -25.11 12.04
CA SER F 352 -10.77 -25.94 13.24
C SER F 352 -10.11 -25.17 14.38
N GLU F 353 -10.88 -24.24 14.96
CA GLU F 353 -10.34 -23.36 15.98
C GLU F 353 -10.10 -24.05 17.31
N ILE F 354 -10.91 -25.04 17.67
CA ILE F 354 -10.81 -25.73 18.96
C ILE F 354 -10.26 -27.12 18.72
N LYS F 355 -9.21 -27.48 19.46
CA LYS F 355 -8.56 -28.77 19.37
C LYS F 355 -8.76 -29.55 20.66
N TYR F 356 -9.00 -30.86 20.51
CA TYR F 356 -9.24 -31.71 21.67
C TYR F 356 -7.99 -31.83 22.52
N GLY F 357 -8.13 -31.56 23.81
CA GLY F 357 -7.01 -31.68 24.74
C GLY F 357 -6.04 -30.51 24.70
N ASP F 358 -5.51 -30.22 23.52
CA ASP F 358 -4.51 -29.16 23.38
C ASP F 358 -5.10 -27.79 23.69
N SER F 359 -6.25 -27.49 23.10
CA SER F 359 -6.85 -26.17 23.29
C SER F 359 -7.46 -26.06 24.69
N VAL F 360 -7.33 -24.86 25.26
CA VAL F 360 -7.91 -24.54 26.57
C VAL F 360 -9.07 -23.58 26.33
N CYS F 361 -10.24 -23.94 26.87
CA CYS F 361 -11.47 -23.21 26.61
C CYS F 361 -11.99 -22.55 27.88
N TYR F 362 -12.61 -21.38 27.69
CA TYR F 362 -13.31 -20.68 28.75
C TYR F 362 -14.77 -20.52 28.35
N ILE F 363 -15.68 -20.94 29.22
CA ILE F 363 -17.09 -21.02 28.90
C ILE F 363 -17.85 -19.95 29.66
N GLN F 364 -18.80 -19.30 28.97
CA GLN F 364 -19.65 -18.31 29.62
C GLN F 364 -21.05 -18.42 29.05
N HIS F 365 -22.02 -17.92 29.82
CA HIS F 365 -23.38 -17.75 29.29
C HIS F 365 -23.39 -16.64 28.25
N VAL F 366 -24.25 -16.80 27.24
CA VAL F 366 -24.28 -15.86 26.14
C VAL F 366 -24.78 -14.49 26.59
N ASP F 367 -25.74 -14.46 27.50
CA ASP F 367 -26.37 -13.21 27.91
C ASP F 367 -25.65 -12.56 29.09
N THR F 368 -25.57 -13.27 30.21
CA THR F 368 -24.99 -12.68 31.41
C THR F 368 -23.49 -12.43 31.25
N GLY F 369 -22.80 -13.33 30.56
CA GLY F 369 -21.37 -13.19 30.39
C GLY F 369 -20.54 -13.61 31.58
N LEU F 370 -21.16 -14.14 32.63
CA LEU F 370 -20.44 -14.64 33.78
C LEU F 370 -19.58 -15.83 33.34
N TRP F 371 -18.64 -16.25 34.17
CA TRP F 371 -17.80 -17.39 33.84
C TRP F 371 -18.06 -18.57 34.78
N LEU F 372 -18.18 -19.76 34.20
CA LEU F 372 -18.35 -20.97 34.99
C LEU F 372 -17.10 -21.22 35.82
N THR F 373 -17.28 -21.33 37.14
CA THR F 373 -16.14 -21.49 38.03
C THR F 373 -16.59 -22.23 39.28
N TYR F 374 -15.61 -22.80 39.97
CA TYR F 374 -15.87 -23.55 41.20
C TYR F 374 -16.01 -22.61 42.39
N GLN F 375 -16.59 -23.14 43.48
CA GLN F 375 -16.89 -22.32 44.65
C GLN F 375 -15.64 -21.79 45.35
N SER F 376 -14.49 -22.42 45.10
CA SER F 376 -13.22 -22.27 45.81
C SER F 376 -13.28 -22.96 47.18
N VAL F 377 -14.41 -23.56 47.56
CA VAL F 377 -14.52 -24.34 48.78
C VAL F 377 -14.76 -25.79 48.39
N ASP F 378 -13.80 -26.65 48.69
CA ASP F 378 -13.89 -28.06 48.31
C ASP F 378 -14.50 -28.90 49.43
N SER F 386 -13.36 -37.51 44.85
CA SER F 386 -14.62 -37.07 45.44
C SER F 386 -14.51 -35.66 45.99
N ILE F 387 -14.07 -34.73 45.14
CA ILE F 387 -13.94 -33.34 45.57
C ILE F 387 -15.31 -32.75 45.90
N GLN F 388 -16.30 -33.01 45.06
CA GLN F 388 -17.68 -32.55 45.28
C GLN F 388 -17.73 -31.03 45.45
N ARG F 389 -16.98 -30.30 44.62
CA ARG F 389 -17.04 -28.84 44.63
C ARG F 389 -18.14 -28.38 43.69
N LYS F 390 -18.99 -27.47 44.17
CA LYS F 390 -20.08 -26.97 43.35
C LYS F 390 -19.55 -25.99 42.30
N ALA F 391 -20.26 -25.88 41.19
CA ALA F 391 -19.88 -25.00 40.11
C ALA F 391 -20.86 -23.84 40.03
N ILE F 392 -20.33 -22.62 39.88
CA ILE F 392 -21.14 -21.41 39.94
C ILE F 392 -20.84 -20.52 38.74
N MET F 393 -21.66 -19.49 38.58
CA MET F 393 -21.71 -18.63 37.42
C MET F 393 -21.28 -17.26 37.92
N HIS F 394 -20.01 -16.88 37.69
CA HIS F 394 -19.44 -15.74 38.40
C HIS F 394 -18.86 -14.73 37.41
N HIS F 395 -18.96 -13.45 37.76
CA HIS F 395 -18.74 -12.38 36.78
C HIS F 395 -17.29 -12.28 36.36
N GLU F 396 -16.37 -12.26 37.30
CA GLU F 396 -14.95 -12.13 36.95
C GLU F 396 -14.27 -13.50 36.94
N GLY F 397 -14.74 -14.41 37.78
CA GLY F 397 -14.28 -15.78 37.76
C GLY F 397 -12.87 -15.94 38.31
N HIS F 398 -12.57 -17.15 38.75
CA HIS F 398 -11.24 -17.48 39.25
C HIS F 398 -10.25 -17.57 38.09
N MET F 399 -8.96 -17.53 38.43
CA MET F 399 -7.92 -17.58 37.41
C MET F 399 -7.81 -18.97 36.80
N ASP F 400 -8.04 -20.02 37.60
CA ASP F 400 -7.94 -21.39 37.12
C ASP F 400 -9.32 -21.96 36.80
N ASP F 401 -9.92 -21.40 35.74
CA ASP F 401 -11.20 -21.89 35.23
C ASP F 401 -11.06 -22.56 33.88
N GLY F 402 -9.86 -22.97 33.51
CA GLY F 402 -9.66 -23.59 32.21
C GLY F 402 -10.19 -25.02 32.18
N ILE F 403 -10.99 -25.32 31.16
CA ILE F 403 -11.53 -26.66 30.96
C ILE F 403 -11.17 -27.08 29.55
N SER F 404 -10.47 -28.21 29.42
CA SER F 404 -10.17 -28.72 28.10
C SER F 404 -11.31 -29.61 27.60
N LEU F 405 -11.10 -30.24 26.46
CA LEU F 405 -12.10 -31.08 25.83
C LEU F 405 -11.49 -32.44 25.49
N SER F 406 -12.14 -33.50 25.96
CA SER F 406 -11.76 -34.87 25.63
C SER F 406 -12.93 -35.56 24.95
N ARG F 407 -12.67 -36.13 23.79
CA ARG F 407 -13.70 -36.74 22.96
C ARG F 407 -14.01 -38.15 23.45
N SER F 408 -15.31 -38.49 23.44
CA SER F 408 -15.78 -39.80 23.84
C SER F 408 -15.91 -40.70 22.61
N GLN F 409 -15.82 -42.00 22.84
CA GLN F 409 -15.93 -42.97 21.75
C GLN F 409 -17.39 -43.21 21.40
N HIS F 410 -17.61 -43.67 20.17
CA HIS F 410 -18.95 -43.94 19.66
C HIS F 410 -19.66 -44.99 20.49
N GLU F 411 -18.94 -46.05 20.88
CA GLU F 411 -19.53 -47.09 21.70
C GLU F 411 -20.00 -46.53 23.05
N GLU F 412 -19.16 -45.71 23.69
CA GLU F 412 -19.51 -45.18 25.00
C GLU F 412 -20.64 -44.17 24.92
N SER F 413 -20.71 -43.36 23.86
CA SER F 413 -21.84 -42.46 23.67
C SER F 413 -23.13 -43.22 23.41
N ARG F 414 -23.07 -44.25 22.56
CA ARG F 414 -24.25 -45.05 22.26
C ARG F 414 -24.75 -45.76 23.51
N THR F 415 -23.84 -46.24 24.36
CA THR F 415 -24.26 -46.88 25.60
C THR F 415 -25.02 -45.92 26.50
N ALA F 416 -24.55 -44.68 26.62
CA ALA F 416 -25.27 -43.69 27.43
C ALA F 416 -26.63 -43.38 26.84
N ARG F 417 -26.71 -43.26 25.51
CA ARG F 417 -28.01 -42.99 24.88
C ARG F 417 -28.98 -44.13 25.14
N VAL F 418 -28.51 -45.37 25.01
CA VAL F 418 -29.35 -46.53 25.28
C VAL F 418 -29.76 -46.56 26.74
N ILE F 419 -28.85 -46.16 27.64
CA ILE F 419 -29.17 -46.12 29.07
C ILE F 419 -30.31 -45.15 29.33
N ARG F 420 -30.25 -43.95 28.76
CA ARG F 420 -31.34 -43.00 28.97
C ARG F 420 -32.66 -43.51 28.37
N SER F 421 -32.61 -44.01 27.13
CA SER F 421 -33.81 -44.51 26.48
C SER F 421 -34.42 -45.72 27.18
N THR F 422 -33.61 -46.46 27.95
CA THR F 422 -34.12 -47.57 28.73
C THR F 422 -34.66 -47.10 30.09
N VAL F 423 -33.98 -46.13 30.71
CA VAL F 423 -34.46 -45.58 31.98
C VAL F 423 -35.85 -45.00 31.81
N PHE F 424 -36.06 -44.22 30.74
CA PHE F 424 -37.36 -43.60 30.53
C PHE F 424 -38.47 -44.64 30.41
N LEU F 425 -38.26 -45.65 29.56
CA LEU F 425 -39.27 -46.66 29.31
C LEU F 425 -39.54 -47.50 30.56
N PHE F 426 -38.48 -47.88 31.27
CA PHE F 426 -38.68 -48.72 32.45
C PHE F 426 -39.36 -47.95 33.58
N ASN F 427 -39.05 -46.66 33.73
CA ASN F 427 -39.78 -45.83 34.68
C ASN F 427 -41.25 -45.68 34.31
N ARG F 428 -41.55 -45.52 33.02
CA ARG F 428 -42.95 -45.50 32.60
C ARG F 428 -43.65 -46.81 32.96
N PHE F 429 -42.99 -47.94 32.71
CA PHE F 429 -43.57 -49.25 33.00
C PHE F 429 -43.83 -49.42 34.50
N ILE F 430 -42.86 -49.00 35.32
CA ILE F 430 -43.02 -49.12 36.77
C ILE F 430 -44.13 -48.22 37.27
N ARG F 431 -44.23 -47.00 36.72
CA ARG F 431 -45.31 -46.10 37.13
C ARG F 431 -46.66 -46.66 36.74
N GLY F 432 -46.77 -47.28 35.56
CA GLY F 432 -48.01 -47.90 35.17
C GLY F 432 -48.41 -49.04 36.10
N LEU F 433 -47.43 -49.89 36.45
CA LEU F 433 -47.72 -50.97 37.40
C LEU F 433 -48.13 -50.44 38.77
N ASP F 434 -47.48 -49.35 39.20
CA ASP F 434 -47.84 -48.75 40.48
C ASP F 434 -49.26 -48.19 40.46
N ALA F 435 -49.64 -47.55 39.36
CA ALA F 435 -51.01 -47.06 39.22
C ALA F 435 -52.00 -48.23 39.25
N LEU F 436 -51.67 -49.31 38.56
CA LEU F 436 -52.52 -50.51 38.59
C LEU F 436 -52.65 -51.05 40.01
N SER F 437 -51.56 -51.05 40.78
CA SER F 437 -51.61 -51.46 42.17
C SER F 437 -52.48 -50.54 43.01
N LYS F 438 -52.40 -49.23 42.79
CA LYS F 438 -53.24 -48.28 43.50
C LYS F 438 -54.62 -48.19 42.87
N LYS F 439 -54.92 -49.10 41.95
CA LYS F 439 -56.28 -49.32 41.44
C LYS F 439 -56.73 -48.18 40.54
N ALA F 440 -55.81 -47.63 39.76
CA ALA F 440 -56.19 -46.64 38.75
C ALA F 440 -56.97 -47.32 37.64
N LYS F 441 -57.76 -46.51 36.91
CA LYS F 441 -58.55 -47.04 35.81
C LYS F 441 -57.65 -47.65 34.75
N ALA F 442 -58.07 -48.82 34.24
CA ALA F 442 -57.25 -49.55 33.27
C ALA F 442 -57.02 -48.73 32.01
N SER F 443 -58.07 -48.05 31.53
CA SER F 443 -57.91 -47.17 30.37
C SER F 443 -56.96 -46.02 30.68
N THR F 444 -57.06 -45.45 31.89
CA THR F 444 -56.16 -44.37 32.28
C THR F 444 -54.72 -44.87 32.42
N VAL F 445 -54.55 -46.13 32.81
CA VAL F 445 -53.21 -46.68 33.00
C VAL F 445 -52.50 -46.76 31.67
N ASP F 446 -51.27 -46.24 31.63
CA ASP F 446 -50.43 -46.28 30.44
C ASP F 446 -49.37 -47.35 30.67
N LEU F 447 -49.59 -48.53 30.09
CA LEU F 447 -48.69 -49.67 30.27
C LEU F 447 -48.05 -50.02 28.94
N PRO F 448 -46.78 -49.66 28.72
CA PRO F 448 -46.13 -49.83 27.39
C PRO F 448 -45.66 -51.25 27.15
N ILE F 449 -46.63 -52.17 27.03
CA ILE F 449 -46.32 -53.60 27.01
C ILE F 449 -45.45 -53.99 25.82
N GLU F 450 -45.82 -53.57 24.61
CA GLU F 450 -45.08 -53.96 23.43
C GLU F 450 -43.67 -53.36 23.41
N SER F 451 -43.57 -52.08 23.80
CA SER F 451 -42.27 -51.42 23.81
C SER F 451 -41.33 -52.05 24.83
N VAL F 452 -41.86 -52.43 25.98
CA VAL F 452 -41.05 -53.13 26.97
C VAL F 452 -40.46 -54.42 26.39
N SER F 453 -41.29 -55.24 25.74
CA SER F 453 -40.80 -56.50 25.19
C SER F 453 -39.77 -56.27 24.09
N LEU F 454 -40.03 -55.32 23.19
CA LEU F 454 -39.11 -55.13 22.07
C LEU F 454 -37.79 -54.52 22.53
N SER F 455 -37.84 -53.56 23.47
CA SER F 455 -36.64 -53.01 24.05
C SER F 455 -35.86 -54.03 24.87
N LEU F 456 -36.54 -54.95 25.55
CA LEU F 456 -35.88 -56.07 26.21
C LEU F 456 -35.17 -56.99 25.24
N GLN F 457 -35.80 -57.29 24.10
CA GLN F 457 -35.12 -58.04 23.05
C GLN F 457 -33.89 -57.31 22.56
N ASP F 458 -34.02 -56.00 22.32
CA ASP F 458 -32.87 -55.21 21.87
C ASP F 458 -31.77 -55.18 22.91
N LEU F 459 -32.12 -55.04 24.19
CA LEU F 459 -31.11 -55.04 25.24
C LEU F 459 -30.40 -56.38 25.36
N ILE F 460 -31.14 -57.48 25.26
CA ILE F 460 -30.50 -58.79 25.26
C ILE F 460 -29.58 -58.97 24.05
N GLY F 461 -29.98 -58.50 22.88
CA GLY F 461 -29.11 -58.53 21.71
C GLY F 461 -27.85 -57.71 21.91
N TYR F 462 -28.01 -56.55 22.55
CA TYR F 462 -26.89 -55.68 22.89
C TYR F 462 -25.91 -56.31 23.87
N PHE F 463 -26.41 -57.07 24.84
CA PHE F 463 -25.57 -57.70 25.85
C PHE F 463 -25.26 -59.16 25.51
N HIS F 464 -25.59 -59.60 24.30
CA HIS F 464 -25.30 -60.97 23.90
C HIS F 464 -23.80 -61.21 23.88
N PRO F 465 -23.32 -62.32 24.43
CA PRO F 465 -21.89 -62.58 24.45
C PRO F 465 -21.36 -62.87 23.05
N PRO F 466 -20.08 -62.61 22.80
CA PRO F 466 -19.52 -62.86 21.47
C PRO F 466 -19.57 -64.34 21.09
N ASP F 467 -19.74 -64.58 19.80
CA ASP F 467 -19.79 -65.94 19.29
C ASP F 467 -18.39 -66.51 19.16
N GLU F 468 -18.34 -67.80 18.85
CA GLU F 468 -17.09 -68.54 19.03
C GLU F 468 -16.27 -68.67 17.76
N HIS F 469 -16.85 -68.44 16.56
CA HIS F 469 -15.99 -68.64 15.39
C HIS F 469 -14.80 -67.72 15.47
N LEU F 470 -15.03 -66.52 16.01
CA LEU F 470 -14.36 -65.32 15.56
C LEU F 470 -12.86 -65.46 15.75
N GLU F 471 -12.11 -64.77 14.91
CA GLU F 471 -10.70 -64.63 15.17
C GLU F 471 -10.49 -64.05 16.56
N HIS F 472 -9.38 -64.47 17.17
CA HIS F 472 -9.12 -64.17 18.57
C HIS F 472 -9.18 -62.68 18.87
N GLU F 473 -8.59 -61.84 18.02
CA GLU F 473 -8.53 -60.41 18.29
C GLU F 473 -9.91 -59.76 18.21
N ASP F 474 -10.72 -60.15 17.22
CA ASP F 474 -12.08 -59.62 17.12
C ASP F 474 -12.91 -60.05 18.33
N LYS F 475 -12.76 -61.32 18.75
CA LYS F 475 -13.46 -61.78 19.94
C LYS F 475 -13.03 -60.98 21.16
N GLN F 476 -11.74 -60.66 21.25
CA GLN F 476 -11.24 -59.85 22.37
C GLN F 476 -11.86 -58.46 22.37
N ASN F 477 -11.97 -57.85 21.19
CA ASN F 477 -12.61 -56.53 21.10
C ASN F 477 -14.07 -56.61 21.54
N ARG F 478 -14.78 -57.65 21.10
CA ARG F 478 -16.19 -57.79 21.48
C ARG F 478 -16.33 -57.99 22.98
N LEU F 479 -15.43 -58.78 23.58
CA LEU F 479 -15.45 -58.96 25.03
C LEU F 479 -15.19 -57.66 25.75
N ARG F 480 -14.23 -56.86 25.26
CA ARG F 480 -13.97 -55.56 25.87
C ARG F 480 -15.18 -54.65 25.79
N ALA F 481 -15.86 -54.65 24.64
CA ALA F 481 -17.06 -53.82 24.49
C ALA F 481 -18.15 -54.27 25.45
N LEU F 482 -18.32 -55.58 25.62
CA LEU F 482 -19.32 -56.08 26.56
C LEU F 482 -18.97 -55.70 28.00
N LYS F 483 -17.69 -55.79 28.36
CA LYS F 483 -17.25 -55.35 29.67
C LYS F 483 -17.59 -53.89 29.91
N ASN F 484 -17.29 -53.02 28.94
CA ASN F 484 -17.56 -51.60 29.10
C ASN F 484 -19.06 -51.34 29.19
N ARG F 485 -19.86 -52.05 28.39
CA ARG F 485 -21.31 -51.88 28.45
C ARG F 485 -21.85 -52.25 29.82
N GLN F 486 -21.41 -53.40 30.36
CA GLN F 486 -21.86 -53.83 31.68
C GLN F 486 -21.44 -52.84 32.75
N ASN F 487 -20.20 -52.35 32.68
CA ASN F 487 -19.72 -51.40 33.67
C ASN F 487 -20.53 -50.11 33.63
N LEU F 488 -20.79 -49.58 32.43
CA LEU F 488 -21.57 -48.36 32.32
C LEU F 488 -22.99 -48.56 32.84
N PHE F 489 -23.62 -49.69 32.50
CA PHE F 489 -24.97 -49.96 32.97
C PHE F 489 -25.03 -50.03 34.49
N GLN F 490 -24.07 -50.72 35.11
CA GLN F 490 -24.10 -50.83 36.57
C GLN F 490 -23.77 -49.50 37.24
N GLU F 491 -22.82 -48.73 36.69
CA GLU F 491 -22.52 -47.42 37.25
C GLU F 491 -23.69 -46.46 37.13
N GLU F 492 -24.53 -46.60 36.10
CA GLU F 492 -25.79 -45.90 36.04
C GLU F 492 -26.88 -46.60 36.84
N GLY F 493 -26.56 -47.75 37.43
CA GLY F 493 -27.49 -48.41 38.34
C GLY F 493 -28.64 -49.10 37.64
N MET F 494 -28.34 -49.82 36.55
CA MET F 494 -29.38 -50.45 35.76
C MET F 494 -29.82 -51.80 36.33
N ILE F 495 -29.09 -52.35 37.29
CA ILE F 495 -29.51 -53.59 37.93
C ILE F 495 -30.72 -53.37 38.84
N ASN F 496 -30.71 -52.29 39.62
CA ASN F 496 -31.80 -52.03 40.56
C ASN F 496 -33.12 -51.76 39.84
N LEU F 497 -33.07 -51.08 38.69
CA LEU F 497 -34.28 -50.82 37.92
C LEU F 497 -34.89 -52.12 37.43
N VAL F 498 -34.05 -53.03 36.93
CA VAL F 498 -34.53 -54.34 36.49
C VAL F 498 -35.11 -55.11 37.67
N LEU F 499 -34.45 -55.03 38.83
CA LEU F 499 -34.97 -55.70 40.02
C LEU F 499 -36.33 -55.15 40.43
N GLU F 500 -36.51 -53.83 40.36
CA GLU F 500 -37.80 -53.22 40.65
C GLU F 500 -38.87 -53.68 39.69
N CYS F 501 -38.56 -53.73 38.38
CA CYS F 501 -39.52 -54.24 37.43
C CYS F 501 -39.89 -55.69 37.72
N ILE F 502 -38.90 -56.50 38.08
CA ILE F 502 -39.15 -57.91 38.40
C ILE F 502 -40.06 -58.02 39.62
N ASP F 503 -39.82 -57.21 40.64
CA ASP F 503 -40.66 -57.23 41.84
C ASP F 503 -42.08 -56.79 41.52
N ARG F 504 -42.22 -55.73 40.71
CA ARG F 504 -43.56 -55.23 40.38
C ARG F 504 -44.33 -56.22 39.52
N LEU F 505 -43.62 -57.03 38.74
CA LEU F 505 -44.30 -58.11 38.02
C LEU F 505 -44.61 -59.30 38.92
N HIS F 506 -43.75 -59.58 39.91
CA HIS F 506 -43.96 -60.71 40.80
C HIS F 506 -45.03 -60.46 41.85
N VAL F 507 -45.43 -59.20 42.10
CA VAL F 507 -46.52 -58.97 43.05
C VAL F 507 -47.78 -59.71 42.61
N TYR F 508 -47.96 -59.91 41.30
CA TYR F 508 -49.09 -60.70 40.82
C TYR F 508 -48.72 -62.18 40.77
N SER F 509 -49.66 -63.02 41.22
CA SER F 509 -49.35 -64.44 41.40
C SER F 509 -49.22 -65.17 40.07
N SER F 510 -50.15 -64.94 39.15
CA SER F 510 -50.23 -65.74 37.93
C SER F 510 -50.52 -64.86 36.73
N ALA F 511 -50.32 -65.43 35.54
CA ALA F 511 -50.60 -64.73 34.29
C ALA F 511 -52.09 -64.42 34.12
N ALA F 512 -52.97 -65.21 34.73
CA ALA F 512 -54.40 -64.91 34.74
C ALA F 512 -54.76 -63.84 35.77
N HIS F 513 -54.12 -63.84 36.94
CA HIS F 513 -54.34 -62.76 37.89
C HIS F 513 -53.89 -61.43 37.32
N PHE F 514 -52.74 -61.42 36.64
CA PHE F 514 -52.29 -60.19 35.99
C PHE F 514 -53.19 -59.85 34.80
N ALA F 515 -53.68 -60.86 34.09
CA ALA F 515 -54.62 -60.61 33.00
C ALA F 515 -55.93 -60.02 33.50
N ASP F 516 -56.31 -60.29 34.74
CA ASP F 516 -57.51 -59.71 35.33
C ASP F 516 -57.27 -58.31 35.86
N VAL F 517 -56.18 -58.09 36.59
CA VAL F 517 -55.89 -56.76 37.10
C VAL F 517 -55.59 -55.79 35.96
N ALA F 518 -54.69 -56.18 35.06
CA ALA F 518 -54.39 -55.42 33.85
C ALA F 518 -55.28 -55.91 32.71
N GLY F 519 -54.95 -55.54 31.47
CA GLY F 519 -55.71 -56.00 30.33
C GLY F 519 -55.29 -57.40 29.93
N ARG F 520 -56.08 -57.97 29.00
CA ARG F 520 -55.71 -59.25 28.39
C ARG F 520 -54.24 -59.30 28.11
N GLU F 521 -53.79 -58.34 27.32
CA GLU F 521 -52.54 -58.45 26.57
C GLU F 521 -51.35 -58.29 27.48
N ALA F 522 -51.51 -57.48 28.53
CA ALA F 522 -50.54 -57.51 29.61
C ALA F 522 -50.51 -58.90 30.25
N GLY F 523 -51.68 -59.51 30.43
CA GLY F 523 -51.69 -60.88 30.93
C GLY F 523 -51.00 -61.86 29.99
N GLU F 524 -51.20 -61.68 28.68
CA GLU F 524 -50.61 -62.57 27.67
C GLU F 524 -49.09 -62.50 27.69
N SER F 525 -48.52 -61.30 27.80
CA SER F 525 -47.08 -61.13 27.72
C SER F 525 -46.39 -61.03 29.07
N TRP F 526 -47.14 -61.19 30.17
CA TRP F 526 -46.54 -61.18 31.50
C TRP F 526 -45.40 -62.18 31.66
N LYS F 527 -45.62 -63.44 31.29
CA LYS F 527 -44.60 -64.48 31.41
C LYS F 527 -43.38 -64.18 30.54
N SER F 528 -43.61 -63.75 29.30
CA SER F 528 -42.51 -63.43 28.41
C SER F 528 -41.68 -62.26 28.95
N ILE F 529 -42.35 -61.24 29.47
CA ILE F 529 -41.63 -60.08 30.00
C ILE F 529 -40.83 -60.48 31.23
N LEU F 530 -41.40 -61.30 32.12
CA LEU F 530 -40.65 -61.75 33.28
C LEU F 530 -39.42 -62.57 32.89
N ASN F 531 -39.59 -63.51 31.95
CA ASN F 531 -38.45 -64.31 31.50
C ASN F 531 -37.38 -63.44 30.84
N SER F 532 -37.80 -62.47 30.02
CA SER F 532 -36.84 -61.59 29.37
C SER F 532 -36.10 -60.72 30.37
N LEU F 533 -36.80 -60.27 31.42
CA LEU F 533 -36.14 -59.48 32.45
C LEU F 533 -35.11 -60.30 33.20
N TYR F 534 -35.43 -61.56 33.54
CA TYR F 534 -34.46 -62.41 34.21
C TYR F 534 -33.26 -62.70 33.30
N GLU F 535 -33.52 -62.94 32.02
CA GLU F 535 -32.43 -63.15 31.07
C GLU F 535 -31.55 -61.90 30.95
N LEU F 536 -32.16 -60.72 30.96
CA LEU F 536 -31.40 -59.48 30.89
C LEU F 536 -30.54 -59.30 32.13
N LEU F 537 -31.08 -59.61 33.31
CA LEU F 537 -30.27 -59.54 34.52
C LEU F 537 -29.09 -60.48 34.45
N ALA F 538 -29.32 -61.71 33.97
CA ALA F 538 -28.23 -62.67 33.81
C ALA F 538 -27.18 -62.14 32.84
N ALA F 539 -27.61 -61.54 31.73
CA ALA F 539 -26.70 -60.96 30.75
C ALA F 539 -25.89 -59.80 31.31
N LEU F 540 -26.51 -58.92 32.10
CA LEU F 540 -25.79 -57.80 32.71
C LEU F 540 -24.84 -58.21 33.82
N ILE F 541 -25.08 -59.35 34.48
CA ILE F 541 -24.19 -59.79 35.54
C ILE F 541 -23.11 -60.74 35.02
N ARG F 542 -23.34 -61.45 33.91
CA ARG F 542 -22.46 -62.54 33.52
C ARG F 542 -21.06 -62.05 33.20
N GLY F 543 -20.07 -62.73 33.76
CA GLY F 543 -18.68 -62.50 33.43
C GLY F 543 -18.04 -61.29 34.06
N ASN F 544 -18.77 -60.56 34.88
CA ASN F 544 -18.26 -59.33 35.48
C ASN F 544 -18.10 -59.55 36.98
N ARG F 545 -16.84 -59.58 37.43
CA ARG F 545 -16.53 -59.79 38.84
C ARG F 545 -17.09 -58.70 39.73
N LYS F 546 -17.08 -57.44 39.29
CA LYS F 546 -17.68 -56.41 40.11
C LYS F 546 -19.19 -56.52 40.17
N ASN F 547 -19.86 -56.71 39.02
CA ASN F 547 -21.31 -56.78 39.02
C ASN F 547 -21.81 -57.93 39.89
N CYS F 548 -21.17 -59.09 39.79
CA CYS F 548 -21.52 -60.20 40.66
C CYS F 548 -21.14 -59.95 42.12
N ALA F 549 -20.31 -58.94 42.40
CA ALA F 549 -19.97 -58.58 43.76
C ALA F 549 -20.95 -57.59 44.40
N GLN F 550 -21.42 -56.59 43.65
CA GLN F 550 -22.48 -55.73 44.17
C GLN F 550 -23.87 -56.34 44.02
N PHE F 551 -24.00 -57.49 43.35
CA PHE F 551 -25.24 -58.25 43.43
C PHE F 551 -25.29 -59.16 44.66
N SER F 552 -24.20 -59.21 45.44
CA SER F 552 -24.16 -60.09 46.60
C SER F 552 -25.20 -59.70 47.64
N GLY F 553 -25.39 -58.40 47.85
CA GLY F 553 -26.38 -57.96 48.83
C GLY F 553 -27.79 -58.36 48.46
N SER F 554 -28.14 -58.23 47.18
CA SER F 554 -29.48 -58.57 46.71
C SER F 554 -29.63 -60.07 46.42
N LEU F 555 -28.54 -60.84 46.50
CA LEU F 555 -28.65 -62.28 46.28
C LEU F 555 -29.69 -62.94 47.19
N ASP F 556 -29.76 -62.52 48.46
CA ASP F 556 -30.68 -63.16 49.39
C ASP F 556 -32.13 -62.98 48.97
N TRP F 557 -32.49 -61.78 48.52
CA TRP F 557 -33.86 -61.54 48.04
C TRP F 557 -34.17 -62.36 46.80
N LEU F 558 -33.18 -62.59 45.95
CA LEU F 558 -33.41 -63.35 44.72
C LEU F 558 -33.79 -64.80 45.01
N ILE F 559 -33.09 -65.43 45.96
CA ILE F 559 -33.30 -66.85 46.24
C ILE F 559 -34.61 -67.09 47.00
N SER F 560 -35.22 -66.02 47.50
CA SER F 560 -36.49 -66.15 48.22
C SER F 560 -37.64 -66.52 47.31
N ARG F 561 -37.55 -66.20 46.02
CA ARG F 561 -38.60 -66.51 45.04
C ARG F 561 -38.23 -67.68 44.16
N LEU F 562 -37.30 -68.53 44.60
CA LEU F 562 -36.83 -69.64 43.79
C LEU F 562 -37.92 -70.68 43.56
N GLU F 563 -38.81 -70.86 44.54
CA GLU F 563 -39.80 -71.94 44.44
C GLU F 563 -40.85 -71.66 43.38
N ARG F 564 -41.06 -70.38 43.02
CA ARG F 564 -42.10 -70.05 42.05
C ARG F 564 -41.75 -70.61 40.68
N LEU F 565 -42.77 -71.17 40.01
CA LEU F 565 -42.58 -71.86 38.75
C LEU F 565 -42.29 -70.92 37.58
N GLU F 566 -42.72 -69.66 37.64
CA GLU F 566 -42.54 -68.74 36.54
C GLU F 566 -41.18 -68.06 36.53
N ALA F 567 -40.33 -68.33 37.52
CA ALA F 567 -39.03 -67.67 37.62
C ALA F 567 -37.91 -68.61 38.01
N SER F 568 -38.16 -69.91 38.12
CA SER F 568 -37.14 -70.83 38.61
C SER F 568 -35.92 -70.88 37.70
N SER F 569 -36.15 -70.98 36.39
CA SER F 569 -35.03 -71.11 35.46
C SER F 569 -34.18 -69.85 35.42
N GLY F 570 -34.83 -68.69 35.32
CA GLY F 570 -34.08 -67.44 35.31
C GLY F 570 -33.33 -67.20 36.60
N ILE F 571 -33.97 -67.49 37.74
CA ILE F 571 -33.31 -67.33 39.03
C ILE F 571 -32.12 -68.27 39.13
N LEU F 572 -32.26 -69.51 38.65
CA LEU F 572 -31.15 -70.45 38.67
C LEU F 572 -30.00 -69.96 37.81
N GLU F 573 -30.30 -69.42 36.62
CA GLU F 573 -29.23 -68.91 35.76
C GLU F 573 -28.50 -67.74 36.41
N VAL F 574 -29.26 -66.80 37.00
CA VAL F 574 -28.64 -65.65 37.66
C VAL F 574 -27.80 -66.10 38.84
N LEU F 575 -28.32 -67.02 39.65
CA LEU F 575 -27.57 -67.53 40.79
C LEU F 575 -26.31 -68.25 40.36
N HIS F 576 -26.39 -69.05 39.30
CA HIS F 576 -25.21 -69.72 38.76
C HIS F 576 -24.15 -68.74 38.30
N CYS F 577 -24.53 -67.69 37.56
CA CYS F 577 -23.56 -66.68 37.16
C CYS F 577 -22.91 -65.99 38.37
N VAL F 578 -23.72 -65.60 39.35
CA VAL F 578 -23.18 -64.92 40.52
C VAL F 578 -22.22 -65.83 41.28
N LEU F 579 -22.60 -67.09 41.46
CA LEU F 579 -21.76 -68.00 42.24
C LEU F 579 -20.46 -68.32 41.50
N VAL F 580 -20.51 -68.46 40.18
CA VAL F 580 -19.30 -68.75 39.42
C VAL F 580 -18.36 -67.55 39.46
N GLU F 581 -18.89 -66.33 39.33
CA GLU F 581 -18.00 -65.18 39.21
C GLU F 581 -17.53 -64.63 40.55
N SER F 582 -18.43 -64.47 41.53
CA SER F 582 -18.09 -63.76 42.76
C SER F 582 -17.79 -64.74 43.88
N PRO F 583 -16.58 -64.71 44.46
CA PRO F 583 -16.31 -65.54 45.65
C PRO F 583 -16.88 -64.91 46.92
N GLU F 584 -17.48 -63.73 46.79
CA GLU F 584 -18.07 -63.03 47.91
C GLU F 584 -19.50 -63.45 48.21
N ALA F 585 -20.27 -63.78 47.17
CA ALA F 585 -21.64 -64.22 47.37
C ALA F 585 -21.69 -65.57 48.10
N LEU F 586 -20.63 -66.38 47.95
CA LEU F 586 -20.59 -67.66 48.63
C LEU F 586 -20.56 -67.50 50.14
N ASN F 587 -19.92 -66.43 50.63
CA ASN F 587 -19.95 -66.16 52.06
C ASN F 587 -21.37 -65.88 52.53
N ILE F 588 -22.14 -65.14 51.74
CA ILE F 588 -23.51 -64.81 52.11
C ILE F 588 -24.41 -66.06 52.04
N ILE F 589 -24.14 -66.94 51.08
CA ILE F 589 -24.95 -68.16 50.97
C ILE F 589 -24.82 -68.98 52.24
N LYS F 590 -25.96 -69.38 52.81
CA LYS F 590 -26.01 -70.07 54.09
C LYS F 590 -26.82 -71.36 53.99
N GLU F 591 -27.04 -71.98 55.15
CA GLU F 591 -27.77 -73.24 55.21
C GLU F 591 -29.23 -73.04 54.78
N GLY F 592 -29.84 -71.93 55.17
CA GLY F 592 -31.21 -71.64 54.75
C GLY F 592 -31.39 -71.51 53.26
N HIS F 593 -30.34 -71.13 52.53
CA HIS F 593 -30.38 -71.08 51.08
C HIS F 593 -30.00 -72.41 50.44
N ILE F 594 -29.03 -73.12 50.99
CA ILE F 594 -28.69 -74.45 50.49
C ILE F 594 -29.86 -75.42 50.62
N LYS F 595 -30.54 -75.45 51.76
CA LYS F 595 -31.72 -76.29 51.92
C LYS F 595 -32.86 -75.88 51.00
N SER F 596 -33.03 -74.59 50.73
CA SER F 596 -34.03 -74.16 49.75
C SER F 596 -33.69 -74.66 48.35
N ILE F 597 -32.41 -74.59 47.97
CA ILE F 597 -32.00 -75.10 46.66
C ILE F 597 -32.23 -76.61 46.58
N ILE F 598 -31.98 -77.33 47.68
CA ILE F 598 -32.23 -78.77 47.67
C ILE F 598 -33.72 -79.08 47.60
N SER F 599 -34.55 -78.31 48.31
CA SER F 599 -36.00 -78.48 48.20
C SER F 599 -36.48 -78.15 46.80
N LEU F 600 -35.79 -77.25 46.09
CA LEU F 600 -36.09 -77.02 44.69
C LEU F 600 -35.95 -78.29 43.87
N LEU F 601 -34.85 -79.02 44.05
CA LEU F 601 -34.68 -80.29 43.38
C LEU F 601 -35.73 -81.30 43.81
N ASP F 602 -36.08 -81.31 45.10
CA ASP F 602 -37.08 -82.25 45.59
C ASP F 602 -38.45 -82.00 44.96
N LYS F 603 -38.83 -80.73 44.81
CA LYS F 603 -40.16 -80.38 44.35
C LYS F 603 -40.30 -80.34 42.83
N HIS F 604 -39.37 -79.70 42.13
CA HIS F 604 -39.50 -79.53 40.69
C HIS F 604 -38.98 -80.72 39.90
N GLY F 605 -38.34 -81.67 40.55
CA GLY F 605 -37.88 -82.88 39.89
C GLY F 605 -36.38 -82.86 39.64
N ARG F 606 -35.94 -83.93 38.97
CA ARG F 606 -34.53 -84.12 38.67
C ARG F 606 -34.06 -83.16 37.59
N ASN F 607 -33.40 -82.08 38.00
CA ASN F 607 -32.90 -81.06 37.07
C ASN F 607 -31.41 -80.89 37.30
N HIS F 608 -30.64 -80.93 36.20
CA HIS F 608 -29.18 -80.92 36.30
C HIS F 608 -28.63 -79.53 36.60
N LYS F 609 -29.37 -78.46 36.32
CA LYS F 609 -28.88 -77.13 36.63
C LYS F 609 -28.80 -76.87 38.12
N VAL F 610 -29.75 -77.41 38.90
CA VAL F 610 -29.65 -77.34 40.35
C VAL F 610 -28.40 -78.06 40.83
N LEU F 611 -28.09 -79.22 40.24
CA LEU F 611 -26.88 -79.94 40.59
C LEU F 611 -25.63 -79.12 40.26
N ASP F 612 -25.64 -78.44 39.11
CA ASP F 612 -24.50 -77.59 38.74
C ASP F 612 -24.33 -76.43 39.71
N VAL F 613 -25.44 -75.83 40.13
CA VAL F 613 -25.36 -74.75 41.12
C VAL F 613 -24.80 -75.28 42.44
N LEU F 614 -25.24 -76.47 42.85
CA LEU F 614 -24.69 -77.08 44.06
C LEU F 614 -23.20 -77.38 43.93
N CYS F 615 -22.76 -77.83 42.76
CA CYS F 615 -21.33 -78.02 42.53
C CYS F 615 -20.56 -76.71 42.63
N SER F 616 -21.07 -75.64 42.01
CA SER F 616 -20.44 -74.34 42.11
C SER F 616 -20.41 -73.82 43.54
N LEU F 617 -21.38 -74.22 44.37
CA LEU F 617 -21.37 -73.79 45.76
C LEU F 617 -20.22 -74.41 46.54
N CYS F 618 -19.68 -75.54 46.07
CA CYS F 618 -18.62 -76.23 46.80
C CYS F 618 -17.26 -75.58 46.57
N VAL F 619 -16.82 -75.53 45.31
CA VAL F 619 -15.49 -75.05 44.96
C VAL F 619 -15.63 -73.86 44.02
N CYS F 620 -14.93 -72.78 44.34
CA CYS F 620 -14.90 -71.58 43.51
C CYS F 620 -13.45 -71.16 43.30
N HIS F 621 -13.04 -71.05 42.04
CA HIS F 621 -11.70 -70.58 41.68
C HIS F 621 -10.62 -71.40 42.36
N GLY F 622 -10.87 -72.71 42.47
CA GLY F 622 -9.92 -73.61 43.10
C GLY F 622 -9.91 -73.59 44.62
N VAL F 623 -10.91 -73.00 45.25
CA VAL F 623 -10.99 -72.92 46.71
C VAL F 623 -12.24 -73.68 47.16
N ALA F 624 -12.07 -74.61 48.08
CA ALA F 624 -13.15 -75.46 48.56
C ALA F 624 -13.72 -74.90 49.85
N VAL F 625 -15.05 -74.80 49.92
CA VAL F 625 -15.74 -74.33 51.11
C VAL F 625 -16.20 -75.55 51.90
N ARG F 626 -15.52 -75.82 53.02
CA ARG F 626 -15.81 -77.00 53.82
C ARG F 626 -17.24 -76.97 54.36
N SER F 627 -17.70 -75.80 54.83
CA SER F 627 -19.05 -75.70 55.38
C SER F 627 -20.09 -76.02 54.32
N ASN F 628 -19.93 -75.46 53.11
CA ASN F 628 -20.88 -75.73 52.04
C ASN F 628 -20.85 -77.20 51.64
N GLN F 629 -19.65 -77.78 51.57
CA GLN F 629 -19.53 -79.20 51.23
C GLN F 629 -20.25 -80.06 52.26
N HIS F 630 -20.02 -79.80 53.55
CA HIS F 630 -20.66 -80.57 54.60
C HIS F 630 -22.16 -80.41 54.58
N LEU F 631 -22.66 -79.18 54.40
CA LEU F 631 -24.10 -78.97 54.34
C LEU F 631 -24.73 -79.69 53.16
N ILE F 632 -24.15 -79.58 51.97
CA ILE F 632 -24.71 -80.26 50.82
C ILE F 632 -24.72 -81.77 51.02
N CYS F 633 -23.61 -82.32 51.51
CA CYS F 633 -23.56 -83.76 51.74
C CYS F 633 -24.61 -84.21 52.74
N ASP F 634 -24.62 -83.61 53.94
CA ASP F 634 -25.50 -84.02 55.02
C ASP F 634 -26.96 -83.69 54.76
N ASN F 635 -27.26 -82.82 53.80
CA ASN F 635 -28.65 -82.49 53.50
C ASN F 635 -29.17 -83.18 52.26
N LEU F 636 -28.29 -83.72 51.40
CA LEU F 636 -28.75 -84.39 50.20
C LEU F 636 -28.53 -85.90 50.22
N LEU F 637 -27.32 -86.36 50.55
CA LEU F 637 -26.98 -87.78 50.40
C LEU F 637 -27.81 -88.73 51.27
N PRO F 638 -27.98 -88.47 52.57
CA PRO F 638 -28.61 -89.51 53.42
C PRO F 638 -30.03 -89.89 53.00
N GLY F 639 -30.76 -88.98 52.34
CA GLY F 639 -32.14 -89.27 52.00
C GLY F 639 -32.29 -90.43 51.04
N ARG F 640 -31.43 -90.49 50.02
CA ARG F 640 -31.50 -91.51 48.97
C ARG F 640 -32.90 -91.56 48.33
N ASP F 641 -33.45 -90.37 48.09
CA ASP F 641 -34.77 -90.24 47.49
C ASP F 641 -34.80 -89.39 46.23
N LEU F 642 -33.77 -88.60 45.95
CA LEU F 642 -33.72 -87.75 44.78
C LEU F 642 -32.69 -88.22 43.77
N LEU F 643 -31.43 -88.36 44.20
CA LEU F 643 -30.39 -88.85 43.30
C LEU F 643 -30.58 -90.34 43.03
N LEU F 644 -30.24 -90.76 41.82
CA LEU F 644 -30.38 -92.16 41.45
C LEU F 644 -29.40 -93.02 42.24
N GLN F 645 -29.86 -94.18 42.69
CA GLN F 645 -29.07 -95.07 43.52
C GLN F 645 -28.54 -96.24 42.70
N THR F 646 -27.38 -96.74 43.12
CA THR F 646 -26.63 -97.70 42.33
C THR F 646 -26.19 -98.87 43.22
N ARG F 647 -26.12 -100.06 42.61
CA ARG F 647 -25.67 -101.25 43.30
C ARG F 647 -25.28 -102.30 42.26
N LEU F 648 -24.37 -103.19 42.65
CA LEU F 648 -23.97 -104.33 41.84
C LEU F 648 -24.85 -105.53 42.19
N VAL F 649 -25.59 -106.03 41.21
CA VAL F 649 -26.59 -107.07 41.42
C VAL F 649 -26.19 -108.32 40.65
N ASN F 650 -26.22 -109.47 41.32
CA ASN F 650 -25.91 -110.73 40.66
C ASN F 650 -26.98 -111.08 39.63
N HIS F 651 -26.55 -111.61 38.49
CA HIS F 651 -27.49 -112.09 37.49
C HIS F 651 -28.20 -113.35 38.00
N VAL F 652 -29.49 -113.45 37.67
CA VAL F 652 -30.32 -114.56 38.14
C VAL F 652 -31.00 -115.21 36.94
N SER F 653 -30.90 -116.53 36.86
CA SER F 653 -31.54 -117.30 35.80
C SER F 653 -32.46 -118.34 36.43
N SER F 654 -33.32 -118.93 35.61
CA SER F 654 -34.34 -119.85 36.09
C SER F 654 -34.39 -121.10 35.23
N MET F 655 -34.66 -122.23 35.87
CA MET F 655 -34.75 -123.54 35.23
C MET F 655 -36.20 -124.02 35.34
N ARG F 656 -36.74 -124.57 34.27
CA ARG F 656 -38.08 -125.14 34.38
C ARG F 656 -38.24 -126.41 33.55
N PRO F 657 -39.13 -127.31 33.97
CA PRO F 657 -39.44 -128.48 33.13
C PRO F 657 -40.46 -128.13 32.06
N ASN F 658 -40.73 -129.12 31.20
CA ASN F 658 -41.69 -128.95 30.12
C ASN F 658 -43.13 -128.87 30.64
N ILE F 659 -43.40 -129.51 31.79
CA ILE F 659 -44.77 -129.71 32.24
C ILE F 659 -45.47 -128.37 32.44
N PHE F 660 -46.68 -128.25 31.89
CA PHE F 660 -47.53 -127.07 32.05
C PHE F 660 -48.79 -127.54 32.79
N LEU F 661 -48.95 -127.08 34.02
CA LEU F 661 -50.04 -127.53 34.88
C LEU F 661 -51.12 -126.46 34.97
N GLY F 662 -52.33 -126.80 34.55
CA GLY F 662 -53.43 -125.89 34.60
C GLY F 662 -54.71 -126.59 35.03
N VAL F 663 -55.67 -125.78 35.49
CA VAL F 663 -56.96 -126.27 35.94
C VAL F 663 -58.05 -125.42 35.32
N SER F 664 -59.09 -126.08 34.80
CA SER F 664 -60.25 -125.40 34.25
C SER F 664 -61.45 -126.34 34.35
N GLU F 665 -62.64 -125.76 34.30
CA GLU F 665 -63.85 -126.54 34.45
C GLU F 665 -64.04 -127.49 33.27
N GLY F 666 -64.42 -128.72 33.58
CA GLY F 666 -64.64 -129.72 32.53
C GLY F 666 -63.41 -130.07 31.73
N SER F 667 -62.25 -130.14 32.38
CA SER F 667 -60.99 -130.45 31.73
C SER F 667 -60.27 -131.55 32.49
N ALA F 668 -59.53 -132.38 31.76
CA ALA F 668 -58.93 -133.59 32.32
C ALA F 668 -57.47 -133.35 32.73
N GLN F 669 -57.30 -132.65 33.85
CA GLN F 669 -55.99 -132.47 34.47
C GLN F 669 -56.12 -132.71 35.97
N TYR F 670 -55.22 -133.51 36.51
CA TYR F 670 -55.20 -133.76 37.94
C TYR F 670 -54.83 -132.48 38.69
N LYS F 671 -55.55 -132.19 39.77
CA LYS F 671 -55.42 -130.93 40.46
C LYS F 671 -54.33 -130.92 41.53
N LYS F 672 -53.67 -132.04 41.76
CA LYS F 672 -52.65 -132.16 42.81
C LYS F 672 -51.35 -132.66 42.20
N TRP F 673 -50.24 -132.00 42.53
CA TRP F 673 -48.95 -132.33 41.97
C TRP F 673 -47.86 -132.18 43.02
N TYR F 674 -46.76 -132.89 42.81
CA TYR F 674 -45.68 -132.95 43.79
C TYR F 674 -44.35 -133.19 43.06
N TYR F 675 -43.31 -132.50 43.52
CA TYR F 675 -41.96 -132.66 42.98
C TYR F 675 -40.96 -132.27 44.05
N GLU F 676 -39.70 -132.66 43.84
CA GLU F 676 -38.64 -132.44 44.81
C GLU F 676 -37.42 -131.83 44.14
N LEU F 677 -36.75 -130.95 44.88
CA LEU F 677 -35.45 -130.40 44.50
C LEU F 677 -34.45 -130.65 45.62
N MET F 678 -33.25 -131.07 45.25
CA MET F 678 -32.19 -131.34 46.22
C MET F 678 -30.94 -130.56 45.83
N VAL F 679 -30.34 -129.90 46.80
CA VAL F 679 -29.15 -129.09 46.57
C VAL F 679 -27.92 -129.98 46.78
N ASP F 680 -27.20 -130.27 45.70
CA ASP F 680 -25.97 -131.05 45.81
C ASP F 680 -24.84 -130.21 46.39
N HIS F 681 -24.73 -128.95 45.98
CA HIS F 681 -23.70 -128.05 46.49
C HIS F 681 -24.10 -126.61 46.19
N THR F 682 -23.76 -125.72 47.12
CA THR F 682 -23.96 -124.29 46.91
C THR F 682 -22.93 -123.53 47.72
N GLU F 683 -22.52 -122.37 47.22
CA GLU F 683 -21.56 -121.53 47.92
C GLU F 683 -22.27 -120.33 48.52
N PRO F 684 -22.20 -120.13 49.83
CA PRO F 684 -22.96 -119.01 50.44
C PRO F 684 -22.57 -117.66 49.90
N PHE F 685 -21.30 -117.44 49.55
CA PHE F 685 -20.83 -116.15 49.03
C PHE F 685 -19.80 -116.42 47.94
N VAL F 686 -20.28 -116.49 46.68
CA VAL F 686 -19.39 -116.55 45.53
C VAL F 686 -18.88 -115.17 45.14
N THR F 687 -19.43 -114.12 45.72
CA THR F 687 -19.09 -112.74 45.38
C THR F 687 -19.43 -111.86 46.58
N ALA F 688 -19.47 -110.54 46.36
CA ALA F 688 -19.76 -109.62 47.44
C ALA F 688 -21.14 -109.86 48.03
N GLU F 689 -22.13 -110.13 47.19
CA GLU F 689 -23.50 -110.35 47.64
C GLU F 689 -23.78 -111.85 47.80
N ALA F 690 -24.84 -112.14 48.54
CA ALA F 690 -25.18 -113.53 48.86
C ALA F 690 -25.71 -114.26 47.64
N THR F 691 -25.50 -115.57 47.63
CA THR F 691 -25.99 -116.41 46.55
C THR F 691 -27.50 -116.50 46.58
N HIS F 692 -28.10 -116.45 45.40
CA HIS F 692 -29.56 -116.53 45.23
C HIS F 692 -29.93 -117.97 44.92
N LEU F 693 -30.91 -118.50 45.66
CA LEU F 693 -31.40 -119.86 45.46
C LEU F 693 -32.83 -119.94 45.99
N ARG F 694 -33.81 -119.92 45.08
CA ARG F 694 -35.21 -120.02 45.44
C ARG F 694 -35.87 -121.09 44.61
N VAL F 695 -36.78 -121.85 45.21
CA VAL F 695 -37.49 -122.93 44.54
C VAL F 695 -38.98 -122.76 44.80
N GLY F 696 -39.78 -123.21 43.85
CA GLY F 696 -41.22 -123.16 43.97
C GLY F 696 -41.87 -123.26 42.60
N TRP F 697 -43.11 -122.77 42.53
CA TRP F 697 -43.91 -122.80 41.32
C TRP F 697 -44.06 -121.41 40.73
N ALA F 698 -44.33 -121.37 39.43
CA ALA F 698 -44.59 -120.13 38.72
C ALA F 698 -45.78 -120.33 37.78
N SER F 699 -46.44 -119.23 37.45
CA SER F 699 -47.63 -119.25 36.62
C SER F 699 -47.45 -118.37 35.40
N THR F 700 -48.15 -118.71 34.32
CA THR F 700 -48.13 -117.95 33.08
C THR F 700 -49.44 -117.20 32.92
N GLU F 701 -49.36 -115.99 32.38
CA GLU F 701 -50.56 -115.21 32.09
C GLU F 701 -51.26 -115.78 30.88
N GLY F 702 -52.54 -116.10 31.03
CA GLY F 702 -53.29 -116.73 29.96
C GLY F 702 -52.78 -118.13 29.66
N TYR F 703 -52.98 -118.55 28.42
CA TYR F 703 -52.51 -119.85 27.95
C TYR F 703 -51.19 -119.78 27.20
N SER F 704 -50.57 -118.61 27.14
CA SER F 704 -49.27 -118.49 26.51
C SER F 704 -48.22 -119.23 27.33
N PRO F 705 -47.39 -120.08 26.71
CA PRO F 705 -46.35 -120.79 27.47
C PRO F 705 -45.27 -119.89 28.04
N TYR F 706 -45.18 -118.65 27.59
CA TYR F 706 -44.17 -117.71 28.08
C TYR F 706 -44.47 -117.32 29.52
N PRO F 707 -43.50 -117.43 30.43
CA PRO F 707 -43.74 -116.99 31.81
C PRO F 707 -44.09 -115.51 31.87
N GLY F 708 -45.02 -115.18 32.75
CA GLY F 708 -45.55 -113.83 32.84
C GLY F 708 -45.15 -113.14 34.14
N GLY F 709 -45.12 -111.81 34.09
CA GLY F 709 -44.92 -110.98 35.27
C GLY F 709 -43.48 -110.68 35.60
N GLY F 710 -42.52 -111.36 34.98
CA GLY F 710 -41.11 -111.18 35.31
C GLY F 710 -40.32 -110.71 34.11
N GLU F 711 -39.28 -109.93 34.40
CA GLU F 711 -38.36 -109.48 33.36
C GLU F 711 -37.54 -110.66 32.85
N GLU F 712 -37.19 -110.62 31.56
CA GLU F 712 -36.47 -111.73 30.95
C GLU F 712 -35.08 -111.91 31.57
N TRP F 713 -34.45 -110.82 31.99
CA TRP F 713 -33.11 -110.87 32.57
C TRP F 713 -33.01 -109.85 33.69
N GLY F 714 -32.05 -110.09 34.58
CA GLY F 714 -31.80 -109.22 35.71
C GLY F 714 -31.59 -110.03 36.96
N GLY F 715 -31.81 -109.38 38.10
CA GLY F 715 -31.63 -110.04 39.39
C GLY F 715 -32.93 -110.55 39.99
N ASN F 716 -33.96 -110.70 39.16
CA ASN F 716 -35.27 -111.14 39.61
C ASN F 716 -35.40 -112.64 39.44
N GLY F 717 -35.93 -113.30 40.47
CA GLY F 717 -36.11 -114.73 40.48
C GLY F 717 -37.54 -115.11 40.84
N VAL F 718 -37.67 -116.27 41.46
CA VAL F 718 -38.99 -116.79 41.83
C VAL F 718 -39.49 -116.02 43.05
N GLY F 719 -40.72 -115.54 42.97
CA GLY F 719 -41.32 -114.77 44.05
C GLY F 719 -41.17 -113.27 43.94
N ASP F 720 -40.48 -112.77 42.91
CA ASP F 720 -40.31 -111.34 42.70
C ASP F 720 -41.45 -110.73 41.92
N ASP F 721 -42.54 -111.47 41.76
CA ASP F 721 -43.75 -110.97 41.11
C ASP F 721 -44.92 -111.83 41.57
N LEU F 722 -46.13 -111.38 41.25
CA LEU F 722 -47.35 -112.06 41.66
C LEU F 722 -47.68 -113.24 40.74
N PHE F 723 -46.73 -113.70 39.94
CA PHE F 723 -46.90 -114.88 39.10
C PHE F 723 -46.01 -116.03 39.54
N SER F 724 -45.17 -115.83 40.55
CA SER F 724 -44.23 -116.85 40.99
C SER F 724 -44.32 -116.98 42.50
N TYR F 725 -44.01 -118.17 43.01
CA TYR F 725 -44.12 -118.47 44.43
C TYR F 725 -42.90 -119.29 44.83
N GLY F 726 -42.09 -118.76 45.74
CA GLY F 726 -40.77 -119.31 45.99
C GLY F 726 -40.52 -119.58 47.45
N PHE F 727 -39.43 -120.32 47.69
CA PHE F 727 -38.96 -120.69 49.01
C PHE F 727 -37.45 -120.66 49.03
N ASP F 728 -36.87 -120.07 50.07
CA ASP F 728 -35.42 -119.95 50.19
C ASP F 728 -34.87 -120.66 51.42
N GLY F 729 -35.72 -121.34 52.19
CA GLY F 729 -35.27 -122.00 53.40
C GLY F 729 -35.64 -121.24 54.65
N LEU F 730 -35.80 -119.93 54.52
CA LEU F 730 -36.15 -119.07 55.65
C LEU F 730 -37.39 -118.23 55.43
N HIS F 731 -37.68 -117.82 54.19
CA HIS F 731 -38.81 -116.94 53.92
C HIS F 731 -39.65 -117.53 52.79
N LEU F 732 -40.89 -117.05 52.71
CA LEU F 732 -41.79 -117.35 51.61
C LEU F 732 -41.88 -116.13 50.70
N TRP F 733 -41.55 -116.33 49.42
CA TRP F 733 -41.37 -115.22 48.48
C TRP F 733 -42.54 -115.17 47.52
N SER F 734 -43.19 -114.00 47.44
CA SER F 734 -44.24 -113.76 46.46
C SER F 734 -44.47 -112.26 46.39
N GLY F 735 -44.55 -111.74 45.16
CA GLY F 735 -44.70 -110.31 44.98
C GLY F 735 -43.52 -109.48 45.42
N CYS F 736 -42.31 -110.03 45.38
CA CYS F 736 -41.07 -109.36 45.77
C CYS F 736 -41.07 -108.97 47.25
N ILE F 737 -41.93 -109.59 48.05
CA ILE F 737 -42.00 -109.35 49.49
C ILE F 737 -41.87 -110.69 50.19
N ALA F 738 -41.00 -110.74 51.21
CA ALA F 738 -40.66 -111.97 51.90
C ALA F 738 -41.21 -111.94 53.32
N ARG F 739 -41.78 -113.06 53.77
CA ARG F 739 -42.20 -113.26 55.14
C ARG F 739 -41.50 -114.48 55.71
N THR F 740 -40.95 -114.32 56.92
CA THR F 740 -40.23 -115.41 57.56
C THR F 740 -41.19 -116.52 57.97
N VAL F 741 -40.83 -117.76 57.63
CA VAL F 741 -41.64 -118.93 57.95
C VAL F 741 -40.84 -119.84 58.86
N SER F 742 -41.48 -120.31 59.93
CA SER F 742 -40.79 -121.15 60.90
C SER F 742 -40.69 -122.59 60.40
N SER F 743 -39.61 -123.26 60.82
CA SER F 743 -39.36 -124.65 60.45
C SER F 743 -38.38 -125.23 61.46
N PRO F 744 -38.35 -126.55 61.60
CA PRO F 744 -37.36 -127.17 62.49
C PRO F 744 -35.95 -126.95 61.97
N ASN F 745 -35.10 -126.36 62.82
CA ASN F 745 -33.72 -126.03 62.46
C ASN F 745 -33.67 -125.12 61.23
N GLN F 746 -34.19 -123.90 61.39
CA GLN F 746 -34.22 -122.93 60.31
C GLN F 746 -32.82 -122.65 59.78
N HIS F 747 -32.70 -122.68 58.45
CA HIS F 747 -31.42 -122.37 57.80
C HIS F 747 -31.69 -122.02 56.35
N LEU F 748 -30.85 -121.14 55.81
CA LEU F 748 -30.86 -120.91 54.36
C LEU F 748 -30.46 -122.19 53.64
N LEU F 749 -31.06 -122.42 52.47
CA LEU F 749 -30.82 -123.64 51.72
C LEU F 749 -29.34 -123.82 51.44
N ARG F 750 -28.80 -124.97 51.82
CA ARG F 750 -27.38 -125.26 51.67
C ARG F 750 -27.20 -126.68 51.14
N THR F 751 -25.95 -127.14 51.19
CA THR F 751 -25.60 -128.45 50.66
C THR F 751 -26.39 -129.56 51.36
N ASP F 752 -26.81 -130.55 50.55
CA ASP F 752 -27.51 -131.74 51.04
C ASP F 752 -28.85 -131.38 51.69
N ASP F 753 -29.56 -130.44 51.08
CA ASP F 753 -30.90 -130.07 51.51
C ASP F 753 -31.91 -130.48 50.44
N VAL F 754 -33.01 -131.07 50.89
CA VAL F 754 -34.04 -131.61 50.00
C VAL F 754 -35.32 -130.82 50.21
N ILE F 755 -35.82 -130.21 49.14
CA ILE F 755 -37.01 -129.38 49.20
C ILE F 755 -38.12 -130.06 48.41
N SER F 756 -39.26 -130.26 49.05
CA SER F 756 -40.43 -130.87 48.42
C SER F 756 -41.53 -129.83 48.32
N CYS F 757 -42.05 -129.66 47.11
CA CYS F 757 -43.08 -128.66 46.83
C CYS F 757 -44.40 -129.34 46.48
N CYS F 758 -45.50 -128.80 47.00
CA CYS F 758 -46.83 -129.34 46.78
C CYS F 758 -47.73 -128.26 46.24
N LEU F 759 -48.45 -128.57 45.15
CA LEU F 759 -49.39 -127.65 44.54
C LEU F 759 -50.75 -128.33 44.42
N ASP F 760 -51.78 -127.68 44.92
CA ASP F 760 -53.15 -128.18 44.85
C ASP F 760 -54.00 -127.12 44.14
N LEU F 761 -54.41 -127.42 42.92
CA LEU F 761 -55.20 -126.50 42.12
C LEU F 761 -56.69 -126.57 42.42
N SER F 762 -57.14 -127.60 43.14
CA SER F 762 -58.54 -127.67 43.54
C SER F 762 -58.89 -126.53 44.49
N ALA F 763 -58.25 -126.51 45.67
CA ALA F 763 -58.27 -125.36 46.55
C ALA F 763 -56.88 -124.73 46.48
N PRO F 764 -56.74 -123.54 45.89
CA PRO F 764 -55.41 -122.96 45.69
C PRO F 764 -54.57 -122.94 46.96
N SER F 765 -53.48 -123.71 46.97
CA SER F 765 -52.62 -123.79 48.15
C SER F 765 -51.29 -124.40 47.71
N ILE F 766 -50.19 -123.70 48.00
CA ILE F 766 -48.85 -124.19 47.71
C ILE F 766 -48.13 -124.39 49.03
N SER F 767 -47.67 -125.62 49.29
CA SER F 767 -47.04 -125.97 50.55
C SER F 767 -45.69 -126.63 50.29
N PHE F 768 -44.76 -126.45 51.22
CA PHE F 768 -43.42 -126.99 51.11
C PHE F 768 -43.10 -127.85 52.33
N ARG F 769 -42.13 -128.74 52.17
CA ARG F 769 -41.56 -129.51 53.28
C ARG F 769 -40.07 -129.62 53.05
N ILE F 770 -39.28 -129.14 54.01
CA ILE F 770 -37.83 -129.17 53.93
C ILE F 770 -37.32 -130.40 54.68
N ASN F 771 -36.53 -131.22 53.97
CA ASN F 771 -35.95 -132.44 54.54
C ASN F 771 -36.99 -133.35 55.18
N GLY F 772 -38.22 -133.33 54.64
CA GLY F 772 -39.30 -134.11 55.19
C GLY F 772 -40.07 -133.43 56.30
N GLN F 773 -39.63 -132.27 56.78
CA GLN F 773 -40.36 -131.55 57.82
C GLN F 773 -41.15 -130.41 57.21
N PRO F 774 -42.42 -130.25 57.60
CA PRO F 774 -43.27 -129.25 56.95
C PRO F 774 -42.91 -127.83 57.42
N VAL F 775 -42.93 -126.90 56.49
CA VAL F 775 -42.77 -125.48 56.82
C VAL F 775 -44.12 -124.93 57.24
N GLN F 776 -44.12 -124.01 58.20
CA GLN F 776 -45.35 -123.54 58.82
C GLN F 776 -45.92 -122.34 58.06
N GLY F 777 -46.17 -122.54 56.78
CA GLY F 777 -46.74 -121.51 55.94
C GLY F 777 -47.06 -122.05 54.57
N MET F 778 -47.99 -121.38 53.88
CA MET F 778 -48.40 -121.80 52.55
C MET F 778 -48.92 -120.60 51.77
N PHE F 779 -48.86 -120.72 50.45
CA PHE F 779 -49.41 -119.74 49.52
C PHE F 779 -50.78 -120.23 49.08
N GLU F 780 -51.83 -119.48 49.38
CA GLU F 780 -53.18 -119.91 49.05
C GLU F 780 -53.96 -118.78 48.39
N ASN F 781 -55.09 -119.16 47.79
CA ASN F 781 -56.03 -118.21 47.20
C ASN F 781 -55.38 -117.31 46.14
N PHE F 782 -54.52 -117.91 45.32
CA PHE F 782 -53.91 -117.18 44.22
C PHE F 782 -54.72 -117.38 42.94
N ASN F 783 -54.32 -116.69 41.89
CA ASN F 783 -55.00 -116.79 40.60
C ASN F 783 -54.73 -118.14 39.97
N ILE F 784 -55.77 -118.77 39.42
CA ILE F 784 -55.66 -120.08 38.79
C ILE F 784 -56.08 -120.02 37.32
N ASP F 785 -56.06 -118.83 36.71
CA ASP F 785 -56.49 -118.70 35.32
C ASP F 785 -55.49 -119.33 34.36
N GLY F 786 -54.20 -119.20 34.65
CA GLY F 786 -53.16 -119.64 33.74
C GLY F 786 -52.60 -121.01 34.10
N LEU F 787 -51.47 -121.33 33.47
CA LEU F 787 -50.80 -122.60 33.64
C LEU F 787 -49.67 -122.46 34.66
N PHE F 788 -49.39 -123.56 35.36
CA PHE F 788 -48.36 -123.60 36.39
C PHE F 788 -47.25 -124.57 36.00
N PHE F 789 -46.07 -124.35 36.58
CA PHE F 789 -44.91 -125.18 36.29
C PHE F 789 -43.88 -124.99 37.39
N PRO F 790 -43.11 -126.02 37.72
CA PRO F 790 -42.01 -125.84 38.67
C PRO F 790 -40.92 -124.94 38.12
N VAL F 791 -40.20 -124.29 39.03
CA VAL F 791 -39.14 -123.36 38.65
C VAL F 791 -38.19 -123.19 39.82
N VAL F 792 -36.90 -123.04 39.50
CA VAL F 792 -35.88 -122.72 40.48
C VAL F 792 -35.09 -121.52 39.98
N SER F 793 -34.82 -120.56 40.86
CA SER F 793 -34.07 -119.36 40.52
C SER F 793 -32.74 -119.36 41.26
N PHE F 794 -31.67 -119.03 40.55
CA PHE F 794 -30.32 -119.09 41.07
C PHE F 794 -29.47 -117.99 40.45
N SER F 795 -28.34 -117.68 41.11
CA SER F 795 -27.44 -116.62 40.65
C SER F 795 -26.11 -117.19 40.20
N ALA F 796 -25.38 -117.91 41.05
CA ALA F 796 -24.07 -118.43 40.70
C ALA F 796 -23.59 -119.35 41.81
N GLY F 797 -22.79 -120.35 41.43
CA GLY F 797 -22.22 -121.26 42.40
C GLY F 797 -23.19 -122.24 43.02
N ILE F 798 -24.20 -122.69 42.27
CA ILE F 798 -25.16 -123.66 42.77
C ILE F 798 -24.88 -125.00 42.11
N LYS F 799 -25.43 -126.06 42.72
CA LYS F 799 -25.48 -127.40 42.11
C LYS F 799 -26.71 -128.08 42.70
N VAL F 800 -27.82 -128.03 41.96
CA VAL F 800 -29.07 -128.62 42.41
C VAL F 800 -29.61 -129.53 41.31
N ARG F 801 -30.40 -130.51 41.71
CA ARG F 801 -30.95 -131.49 40.78
C ARG F 801 -32.44 -131.67 41.00
N PHE F 802 -33.21 -131.61 39.91
CA PHE F 802 -34.65 -131.84 39.94
C PHE F 802 -34.91 -133.33 40.13
N LEU F 803 -35.77 -133.65 41.10
CA LEU F 803 -36.27 -135.01 41.29
C LEU F 803 -37.75 -135.01 40.95
N LEU F 804 -38.08 -135.33 39.70
CA LEU F 804 -39.45 -135.26 39.21
C LEU F 804 -40.19 -136.58 39.33
N GLY F 805 -39.53 -137.62 39.82
CA GLY F 805 -40.19 -138.89 40.06
C GLY F 805 -40.21 -139.77 38.83
N GLY F 806 -40.53 -141.05 39.04
CA GLY F 806 -40.62 -141.99 37.93
C GLY F 806 -39.28 -142.28 37.30
N ARG F 807 -39.19 -142.05 35.99
CA ARG F 807 -37.92 -142.26 35.29
C ARG F 807 -37.03 -141.03 35.38
N HIS F 808 -37.65 -139.85 35.48
CA HIS F 808 -36.88 -138.60 35.46
C HIS F 808 -36.29 -138.30 36.82
N GLY F 809 -36.75 -139.02 37.85
CA GLY F 809 -36.19 -138.91 39.18
C GLY F 809 -36.84 -139.93 40.09
N GLU F 810 -36.59 -139.79 41.38
CA GLU F 810 -37.37 -140.51 42.38
C GLU F 810 -37.44 -139.67 43.65
N PHE F 811 -38.36 -140.04 44.54
CA PHE F 811 -38.67 -139.22 45.70
C PHE F 811 -38.12 -139.88 46.96
N LYS F 812 -37.12 -139.24 47.58
CA LYS F 812 -36.59 -139.78 48.83
C LYS F 812 -37.63 -139.72 49.94
N PHE F 813 -38.44 -138.68 49.94
CA PHE F 813 -39.60 -138.59 50.83
C PHE F 813 -40.87 -138.85 50.01
N LEU F 814 -41.72 -139.71 50.56
CA LEU F 814 -42.91 -140.14 49.84
C LEU F 814 -43.85 -138.95 49.60
N PRO F 815 -44.48 -138.87 48.44
CA PRO F 815 -45.42 -137.78 48.16
C PRO F 815 -46.57 -137.81 49.14
N PRO F 816 -47.10 -136.64 49.51
CA PRO F 816 -48.29 -136.63 50.36
C PRO F 816 -49.45 -137.32 49.67
N PRO F 817 -50.34 -137.94 50.44
CA PRO F 817 -51.43 -138.71 49.82
C PRO F 817 -52.27 -137.84 48.89
N GLY F 818 -52.67 -138.42 47.77
CA GLY F 818 -53.43 -137.71 46.77
C GLY F 818 -52.54 -137.05 45.72
N TYR F 819 -51.48 -136.39 46.15
CA TYR F 819 -50.59 -135.69 45.22
C TYR F 819 -49.90 -136.69 44.30
N ALA F 820 -49.86 -136.35 43.01
CA ALA F 820 -49.24 -137.19 42.00
C ALA F 820 -47.89 -136.63 41.59
N PRO F 821 -46.96 -137.49 41.18
CA PRO F 821 -45.65 -137.00 40.72
C PRO F 821 -45.78 -136.17 39.45
N CYS F 822 -44.85 -135.22 39.32
CA CYS F 822 -44.93 -134.24 38.24
C CYS F 822 -44.60 -134.81 36.87
N TYR F 823 -43.92 -135.95 36.81
CA TYR F 823 -43.56 -136.51 35.50
C TYR F 823 -44.79 -137.04 34.78
N GLU F 824 -45.87 -137.33 35.52
CA GLU F 824 -47.09 -137.89 34.96
C GLU F 824 -47.89 -136.87 34.15
N ALA F 825 -47.51 -135.60 34.18
CA ALA F 825 -48.19 -134.56 33.42
C ALA F 825 -47.64 -134.37 32.02
N VAL F 826 -46.55 -135.05 31.66
CA VAL F 826 -45.98 -134.89 30.33
C VAL F 826 -46.92 -135.47 29.30
N LEU F 827 -47.17 -134.71 28.23
CA LEU F 827 -47.96 -135.22 27.13
C LEU F 827 -47.23 -136.39 26.47
N PRO F 828 -47.98 -137.38 25.96
CA PRO F 828 -47.33 -138.63 25.53
C PRO F 828 -46.26 -138.46 24.47
N LYS F 829 -46.45 -137.55 23.51
CA LYS F 829 -45.49 -137.42 22.43
C LYS F 829 -44.21 -136.73 22.87
N GLU F 830 -44.33 -135.66 23.66
CA GLU F 830 -43.16 -134.90 24.07
C GLU F 830 -42.36 -135.66 25.12
N LYS F 831 -41.07 -135.31 25.20
CA LYS F 831 -40.16 -135.85 26.20
C LYS F 831 -39.84 -134.75 27.20
N LEU F 832 -39.71 -135.11 28.47
CA LEU F 832 -39.48 -134.12 29.52
C LEU F 832 -38.05 -133.61 29.47
N LYS F 833 -37.90 -132.29 29.39
CA LYS F 833 -36.60 -131.64 29.47
C LYS F 833 -36.65 -130.60 30.57
N VAL F 834 -35.50 -129.99 30.84
CA VAL F 834 -35.42 -128.84 31.73
C VAL F 834 -34.75 -127.71 30.96
N GLU F 835 -35.54 -126.71 30.57
CA GLU F 835 -35.06 -125.61 29.73
C GLU F 835 -34.88 -124.37 30.57
N HIS F 836 -34.32 -123.33 29.94
CA HIS F 836 -34.41 -121.99 30.51
C HIS F 836 -35.84 -121.50 30.42
N SER F 837 -36.29 -120.83 31.49
CA SER F 837 -37.65 -120.28 31.49
C SER F 837 -37.79 -119.19 30.43
N ARG F 838 -36.74 -118.39 30.23
CA ARG F 838 -36.76 -117.33 29.24
C ARG F 838 -36.21 -117.84 27.91
N GLU F 839 -36.48 -117.07 26.85
CA GLU F 839 -36.23 -117.56 25.50
C GLU F 839 -34.73 -117.60 25.17
N TYR F 840 -34.01 -116.54 25.53
CA TYR F 840 -32.63 -116.35 25.07
C TYR F 840 -31.63 -116.84 26.12
N LYS F 841 -30.58 -117.51 25.63
CA LYS F 841 -29.57 -118.12 26.48
C LYS F 841 -28.21 -117.55 26.09
N GLN F 842 -27.14 -117.95 26.79
CA GLN F 842 -25.79 -117.57 26.40
C GLN F 842 -25.34 -118.42 25.22
N GLU F 843 -24.97 -117.76 24.13
CA GLU F 843 -24.52 -118.42 22.92
C GLU F 843 -23.88 -117.38 22.01
N ARG F 844 -23.40 -117.84 20.85
CA ARG F 844 -22.77 -116.94 19.89
C ARG F 844 -23.80 -115.95 19.34
N THR F 845 -23.32 -114.73 19.04
CA THR F 845 -24.22 -113.67 18.59
C THR F 845 -24.90 -114.00 17.27
N TYR F 846 -24.15 -114.49 16.28
CA TYR F 846 -24.73 -114.79 14.98
C TYR F 846 -25.52 -116.10 14.96
N THR F 847 -25.29 -116.99 15.93
CA THR F 847 -26.09 -118.20 16.05
C THR F 847 -27.28 -118.03 16.98
N ARG F 848 -27.40 -116.87 17.63
CA ARG F 848 -28.55 -116.63 18.51
C ARG F 848 -29.82 -116.56 17.68
N ASP F 849 -30.77 -117.45 17.99
CA ASP F 849 -32.02 -117.53 17.27
C ASP F 849 -33.02 -116.52 17.83
N LEU F 850 -33.23 -115.43 17.10
CA LEU F 850 -34.21 -114.43 17.50
C LEU F 850 -35.60 -115.02 17.35
N LEU F 851 -36.41 -114.89 18.40
CA LEU F 851 -37.73 -115.50 18.45
C LEU F 851 -38.82 -114.44 18.47
N GLY F 852 -39.87 -114.66 17.68
CA GLY F 852 -41.03 -113.80 17.69
C GLY F 852 -42.04 -114.26 18.72
N PRO F 853 -43.22 -113.65 18.73
CA PRO F 853 -44.27 -114.10 19.63
C PRO F 853 -44.62 -115.56 19.41
N THR F 854 -44.80 -116.29 20.50
CA THR F 854 -45.12 -117.71 20.39
C THR F 854 -46.64 -117.93 20.35
N VAL F 855 -47.03 -119.02 19.72
CA VAL F 855 -48.43 -119.41 19.66
C VAL F 855 -48.91 -119.77 21.06
N SER F 856 -50.10 -119.31 21.42
CA SER F 856 -50.65 -119.60 22.73
C SER F 856 -50.87 -121.10 22.88
N LEU F 857 -50.41 -121.64 24.01
CA LEU F 857 -50.47 -123.08 24.25
C LEU F 857 -51.78 -123.44 24.96
N THR F 858 -52.85 -123.44 24.17
CA THR F 858 -54.19 -123.75 24.67
C THR F 858 -54.50 -125.24 24.63
N GLN F 859 -53.64 -126.06 24.01
CA GLN F 859 -53.92 -127.48 23.87
C GLN F 859 -53.65 -128.26 25.16
N ALA F 860 -53.01 -127.64 26.15
CA ALA F 860 -52.80 -128.31 27.42
C ALA F 860 -54.12 -128.62 28.11
N ALA F 861 -55.05 -127.67 28.10
CA ALA F 861 -56.37 -127.84 28.69
C ALA F 861 -57.26 -128.54 27.68
N PHE F 862 -57.32 -129.87 27.75
CA PHE F 862 -58.14 -130.66 26.83
C PHE F 862 -59.56 -130.72 27.41
N THR F 863 -60.38 -129.76 26.99
CA THR F 863 -61.79 -129.77 27.35
C THR F 863 -62.60 -130.45 26.27
N PRO F 864 -63.20 -131.60 26.52
CA PRO F 864 -63.97 -132.30 25.46
C PRO F 864 -65.26 -131.53 25.17
N ILE F 865 -65.27 -130.87 24.01
CA ILE F 865 -66.41 -130.05 23.59
C ILE F 865 -67.26 -130.88 22.64
N PRO F 866 -68.51 -131.19 23.01
CA PRO F 866 -69.40 -131.90 22.07
C PRO F 866 -70.17 -130.93 21.21
N VAL F 867 -70.46 -131.35 19.97
CA VAL F 867 -71.42 -130.60 19.16
C VAL F 867 -72.82 -130.85 19.71
N ASP F 868 -73.56 -129.77 19.90
CA ASP F 868 -74.88 -129.88 20.49
C ASP F 868 -75.88 -130.44 19.50
N THR F 869 -76.58 -131.50 19.90
CA THR F 869 -77.55 -132.15 19.05
C THR F 869 -78.93 -132.32 19.69
N SER F 870 -79.07 -132.05 21.00
CA SER F 870 -80.37 -132.23 21.65
C SER F 870 -81.44 -131.32 21.05
N GLN F 871 -81.03 -130.15 20.57
CA GLN F 871 -82.00 -129.21 20.00
C GLN F 871 -82.58 -129.73 18.70
N ILE F 872 -81.85 -130.59 17.99
CA ILE F 872 -82.30 -131.06 16.68
C ILE F 872 -83.25 -132.24 16.85
N VAL F 873 -84.30 -132.28 16.04
CA VAL F 873 -85.30 -133.34 16.08
C VAL F 873 -85.16 -134.17 14.81
N LEU F 874 -85.34 -135.49 14.96
CA LEU F 874 -85.16 -136.39 13.83
C LEU F 874 -86.17 -136.07 12.72
N PRO F 875 -85.72 -135.93 11.47
CA PRO F 875 -86.67 -135.75 10.38
C PRO F 875 -87.50 -137.00 10.19
N PRO F 876 -88.66 -136.89 9.52
CA PRO F 876 -89.58 -138.05 9.44
C PRO F 876 -88.97 -139.30 8.82
N HIS F 877 -88.09 -139.15 7.82
CA HIS F 877 -87.46 -140.32 7.22
C HIS F 877 -86.60 -141.05 8.21
N LEU F 878 -85.74 -140.33 8.91
CA LEU F 878 -84.91 -140.94 9.93
C LEU F 878 -85.77 -141.51 11.04
N GLU F 879 -86.91 -140.86 11.32
CA GLU F 879 -87.81 -141.37 12.35
C GLU F 879 -88.40 -142.71 11.97
N ARG F 880 -88.79 -142.92 10.70
CA ARG F 880 -89.37 -144.22 10.42
C ARG F 880 -88.28 -145.27 10.21
N ILE F 881 -87.05 -144.84 9.89
CA ILE F 881 -85.95 -145.81 9.72
C ILE F 881 -85.14 -145.99 11.00
N ARG F 882 -85.55 -145.36 12.10
CA ARG F 882 -84.87 -145.56 13.38
C ARG F 882 -84.82 -147.03 13.79
N GLU F 883 -85.91 -147.77 13.57
CA GLU F 883 -85.89 -149.19 13.89
C GLU F 883 -84.88 -149.95 13.04
N LYS F 884 -84.76 -149.58 11.76
CA LYS F 884 -83.79 -150.23 10.90
C LYS F 884 -82.36 -149.87 11.29
N LEU F 885 -82.11 -148.65 11.76
CA LEU F 885 -80.81 -148.35 12.36
C LEU F 885 -80.55 -149.14 13.63
N ALA F 886 -81.56 -149.35 14.47
CA ALA F 886 -81.37 -150.20 15.63
C ALA F 886 -81.00 -151.62 15.22
N GLU F 887 -81.69 -152.16 14.21
CA GLU F 887 -81.33 -153.47 13.67
C GLU F 887 -79.91 -153.46 13.11
N ASN F 888 -79.52 -152.37 12.44
CA ASN F 888 -78.20 -152.27 11.85
C ASN F 888 -77.11 -152.29 12.92
N ILE F 889 -77.30 -151.53 14.00
CA ILE F 889 -76.31 -151.55 15.08
C ILE F 889 -76.28 -152.90 15.80
N HIS F 890 -77.44 -153.58 15.93
CA HIS F 890 -77.41 -154.93 16.46
C HIS F 890 -76.59 -155.85 15.57
N GLU F 891 -76.78 -155.75 14.25
CA GLU F 891 -75.92 -156.45 13.30
C GLU F 891 -74.46 -156.07 13.47
N LEU F 892 -74.18 -154.81 13.82
CA LEU F 892 -72.81 -154.39 14.07
C LEU F 892 -72.18 -155.13 15.25
N TRP F 893 -72.90 -155.23 16.38
CA TRP F 893 -72.31 -156.03 17.47
C TRP F 893 -72.14 -157.48 17.05
N VAL F 894 -73.16 -158.06 16.41
CA VAL F 894 -73.12 -159.49 16.14
C VAL F 894 -72.14 -159.83 15.03
N MET F 895 -71.68 -158.85 14.26
CA MET F 895 -70.54 -159.10 13.38
C MET F 895 -69.21 -158.86 14.08
N ASN F 896 -69.05 -157.73 14.77
CA ASN F 896 -67.80 -157.39 15.42
C ASN F 896 -67.34 -158.45 16.41
N LYS F 897 -68.19 -158.82 17.36
CA LYS F 897 -67.80 -159.85 18.31
C LYS F 897 -67.67 -161.20 17.62
N ILE F 898 -68.37 -161.41 16.50
CA ILE F 898 -68.16 -162.70 15.85
C ILE F 898 -67.04 -162.67 14.83
N GLU F 899 -66.69 -161.50 14.28
CA GLU F 899 -65.54 -161.45 13.38
C GLU F 899 -64.24 -161.51 14.16
N LEU F 900 -64.27 -161.16 15.45
CA LEU F 900 -63.06 -161.32 16.25
C LEU F 900 -62.93 -162.69 16.94
N GLY F 901 -63.72 -163.69 16.55
CA GLY F 901 -63.60 -165.02 17.14
C GLY F 901 -64.21 -165.19 18.51
N TRP F 902 -65.02 -164.23 18.95
CA TRP F 902 -65.55 -164.05 20.29
C TRP F 902 -66.90 -164.79 20.40
N GLN F 903 -67.34 -165.14 21.62
CA GLN F 903 -68.62 -165.82 21.75
C GLN F 903 -69.52 -165.12 22.77
N TYR F 904 -70.65 -165.77 23.06
CA TYR F 904 -71.78 -165.11 23.70
C TYR F 904 -71.95 -165.55 25.15
N GLY F 905 -72.26 -164.60 26.02
CA GLY F 905 -72.57 -164.87 27.40
C GLY F 905 -73.03 -163.65 28.16
N PRO F 906 -73.62 -163.85 29.35
CA PRO F 906 -74.18 -162.71 30.08
C PRO F 906 -73.15 -161.67 30.49
N VAL F 907 -72.10 -162.08 31.22
CA VAL F 907 -71.13 -161.11 31.72
C VAL F 907 -70.13 -160.76 30.63
N ARG F 908 -69.89 -159.46 30.46
CA ARG F 908 -68.98 -158.95 29.43
C ARG F 908 -67.52 -159.08 29.88
N ASP F 909 -67.12 -160.32 30.18
CA ASP F 909 -65.77 -160.61 30.67
C ASP F 909 -64.94 -161.15 29.52
N ASP F 910 -63.77 -160.55 29.30
CA ASP F 910 -62.96 -160.89 28.13
C ASP F 910 -62.18 -162.20 28.33
N ASN F 911 -61.97 -162.61 29.58
CA ASN F 911 -61.17 -163.83 29.81
C ASN F 911 -61.96 -165.10 29.51
N LYS F 912 -63.18 -165.22 30.03
CA LYS F 912 -64.05 -166.33 29.68
C LYS F 912 -64.68 -166.15 28.31
N ARG F 913 -64.44 -165.02 27.67
CA ARG F 913 -64.88 -164.75 26.31
C ARG F 913 -66.40 -164.86 26.15
N GLN F 914 -67.17 -164.17 26.99
CA GLN F 914 -68.62 -164.19 26.92
C GLN F 914 -69.12 -162.77 26.69
N HIS F 915 -70.04 -162.58 25.73
CA HIS F 915 -70.67 -161.27 25.46
C HIS F 915 -72.13 -161.40 25.04
N PRO F 916 -73.02 -160.60 25.63
CA PRO F 916 -74.43 -160.66 25.22
C PRO F 916 -74.71 -159.94 23.91
N CYS F 917 -73.73 -159.24 23.35
CA CYS F 917 -73.96 -158.44 22.14
C CYS F 917 -74.20 -159.32 20.92
N LEU F 918 -73.72 -160.56 20.94
CA LEU F 918 -73.93 -161.46 19.81
C LEU F 918 -75.35 -161.98 19.75
N VAL F 919 -76.14 -161.73 20.80
CA VAL F 919 -77.49 -162.28 20.89
C VAL F 919 -78.48 -161.14 20.67
N GLU F 920 -79.76 -161.46 20.52
CA GLU F 920 -80.80 -160.49 20.22
C GLU F 920 -80.77 -159.31 21.19
N PHE F 921 -81.28 -158.17 20.71
CA PHE F 921 -81.35 -156.97 21.54
C PHE F 921 -82.25 -157.17 22.75
N SER F 922 -83.14 -158.16 22.68
CA SER F 922 -84.02 -158.43 23.81
C SER F 922 -83.23 -158.94 25.01
N LYS F 923 -82.38 -159.94 24.82
CA LYS F 923 -81.55 -160.43 25.91
C LYS F 923 -80.40 -159.47 26.18
N LEU F 924 -79.95 -158.78 25.12
CA LEU F 924 -78.95 -157.74 25.28
C LEU F 924 -79.50 -156.66 26.20
N PRO F 925 -78.66 -156.12 27.09
CA PRO F 925 -79.14 -155.10 28.03
C PRO F 925 -79.80 -153.92 27.32
N GLU F 926 -81.08 -153.69 27.63
CA GLU F 926 -81.83 -152.64 26.94
C GLU F 926 -81.22 -151.28 27.14
N GLN F 927 -80.58 -151.03 28.28
CA GLN F 927 -79.99 -149.71 28.52
C GLN F 927 -78.87 -149.42 27.52
N GLU F 928 -77.92 -150.34 27.33
CA GLU F 928 -76.86 -150.09 26.36
C GLU F 928 -77.36 -150.22 24.92
N ARG F 929 -78.37 -151.08 24.71
CA ARG F 929 -78.97 -151.16 23.38
C ARG F 929 -79.53 -149.81 22.97
N ASN F 930 -80.27 -149.15 23.87
CA ASN F 930 -80.80 -147.83 23.58
C ASN F 930 -79.71 -146.77 23.56
N TYR F 931 -78.69 -146.92 24.42
CA TYR F 931 -77.57 -145.99 24.37
C TYR F 931 -76.96 -145.95 22.97
N ASN F 932 -76.63 -147.11 22.41
CA ASN F 932 -76.10 -147.14 21.06
C ASN F 932 -77.15 -146.78 20.01
N LEU F 933 -78.42 -147.10 20.26
CA LEU F 933 -79.49 -146.69 19.37
C LEU F 933 -79.48 -145.17 19.18
N GLN F 934 -79.53 -144.42 20.27
CA GLN F 934 -79.52 -142.98 20.09
C GLN F 934 -78.13 -142.42 19.82
N MET F 935 -77.04 -143.08 20.20
CA MET F 935 -75.79 -142.44 19.82
C MET F 935 -75.52 -142.63 18.33
N SER F 936 -76.17 -143.63 17.72
CA SER F 936 -76.25 -143.67 16.26
C SER F 936 -77.25 -142.64 15.74
N LEU F 937 -78.33 -142.39 16.49
CA LEU F 937 -79.27 -141.35 16.08
C LEU F 937 -78.61 -139.97 16.04
N GLU F 938 -77.93 -139.58 17.12
CA GLU F 938 -77.14 -138.35 17.06
C GLU F 938 -75.86 -138.52 16.24
N THR F 939 -75.50 -139.74 15.84
CA THR F 939 -74.52 -139.84 14.76
C THR F 939 -75.06 -139.26 13.47
N LEU F 940 -76.23 -139.71 13.04
CA LEU F 940 -76.85 -139.14 11.84
C LEU F 940 -77.26 -137.69 12.07
N LYS F 941 -77.56 -137.34 13.32
CA LYS F 941 -77.95 -135.97 13.64
C LYS F 941 -76.73 -135.04 13.65
N THR F 942 -75.57 -135.56 14.03
CA THR F 942 -74.33 -134.82 13.87
C THR F 942 -73.96 -134.69 12.40
N LEU F 943 -74.29 -135.71 11.60
CA LEU F 943 -74.18 -135.55 10.16
C LEU F 943 -75.06 -134.41 9.66
N LEU F 944 -76.31 -134.35 10.14
CA LEU F 944 -77.21 -133.27 9.75
C LEU F 944 -76.70 -131.90 10.19
N ALA F 945 -76.27 -131.77 11.45
CA ALA F 945 -75.69 -130.53 11.95
C ALA F 945 -74.37 -130.20 11.27
N LEU F 946 -73.72 -131.18 10.64
CA LEU F 946 -72.54 -130.95 9.83
C LEU F 946 -72.90 -130.73 8.37
N GLY F 947 -74.19 -130.77 8.04
CA GLY F 947 -74.63 -130.54 6.67
C GLY F 947 -74.79 -131.79 5.83
N CYS F 948 -74.67 -132.98 6.43
CA CYS F 948 -74.84 -134.23 5.71
C CYS F 948 -76.32 -134.55 5.63
N HIS F 949 -76.82 -134.68 4.39
CA HIS F 949 -78.26 -134.62 4.12
C HIS F 949 -78.74 -136.03 3.80
N VAL F 950 -78.88 -136.83 4.86
CA VAL F 950 -79.12 -138.27 4.76
C VAL F 950 -80.59 -138.49 4.37
N GLY F 951 -80.84 -138.73 3.08
CA GLY F 951 -82.16 -139.05 2.57
C GLY F 951 -82.14 -140.31 1.73
N ILE F 952 -83.29 -141.00 1.67
CA ILE F 952 -83.38 -142.26 0.93
C ILE F 952 -83.20 -142.00 -0.56
N SER F 953 -82.49 -142.91 -1.24
CA SER F 953 -82.37 -142.82 -2.69
C SER F 953 -83.63 -143.36 -3.38
N ASP F 954 -84.00 -144.60 -3.09
CA ASP F 954 -85.19 -145.21 -3.67
C ASP F 954 -85.58 -146.42 -2.83
N GLU F 955 -86.78 -146.95 -3.09
CA GLU F 955 -87.24 -148.10 -2.33
C GLU F 955 -86.51 -149.38 -2.75
N HIS F 956 -85.85 -149.35 -3.91
CA HIS F 956 -84.97 -150.45 -4.31
C HIS F 956 -83.86 -150.67 -3.30
N ALA F 957 -83.22 -149.60 -2.85
CA ALA F 957 -82.05 -149.71 -1.99
C ALA F 957 -82.38 -150.26 -0.61
N GLU F 958 -83.65 -150.30 -0.25
CA GLU F 958 -84.12 -150.94 0.96
C GLU F 958 -84.71 -152.31 0.69
N ASP F 959 -85.34 -152.51 -0.47
CA ASP F 959 -85.95 -153.81 -0.77
C ASP F 959 -84.90 -154.85 -1.11
N LYS F 960 -83.77 -154.45 -1.68
CA LYS F 960 -82.72 -155.39 -2.06
C LYS F 960 -81.74 -155.50 -0.89
N VAL F 961 -81.37 -156.73 -0.53
CA VAL F 961 -80.31 -156.98 0.44
C VAL F 961 -79.45 -158.12 -0.09
N LYS F 962 -78.13 -157.94 -0.01
CA LYS F 962 -77.20 -158.94 -0.52
C LYS F 962 -76.93 -159.98 0.56
N LYS F 963 -76.37 -161.13 0.18
CA LYS F 963 -76.14 -162.22 1.11
C LYS F 963 -74.64 -162.43 1.27
N MET F 964 -74.18 -162.48 2.52
CA MET F 964 -72.76 -162.69 2.78
C MET F 964 -72.47 -164.15 3.10
N LYS F 965 -71.21 -164.52 2.91
CA LYS F 965 -70.74 -165.83 3.30
C LYS F 965 -70.82 -165.94 4.82
N LEU F 966 -71.53 -166.95 5.30
CA LEU F 966 -71.84 -167.10 6.72
C LEU F 966 -71.42 -168.50 7.17
N PRO F 967 -70.12 -168.71 7.37
CA PRO F 967 -69.67 -169.99 7.91
C PRO F 967 -70.06 -170.13 9.37
N LYS F 968 -69.64 -171.24 9.99
CA LYS F 968 -69.93 -171.44 11.40
C LYS F 968 -69.17 -170.45 12.28
N ASN F 969 -67.93 -170.10 11.89
CA ASN F 969 -67.17 -169.12 12.67
C ASN F 969 -67.84 -167.76 12.65
N TYR F 970 -68.32 -167.34 11.49
CA TYR F 970 -69.03 -166.07 11.35
C TYR F 970 -70.49 -166.17 11.79
N GLN F 971 -70.97 -167.37 12.10
CA GLN F 971 -72.35 -167.57 12.51
C GLN F 971 -72.63 -166.92 13.86
N LEU F 972 -73.87 -166.50 14.04
CA LEU F 972 -74.34 -165.79 15.22
C LEU F 972 -75.45 -166.59 15.89
N THR F 973 -75.94 -166.07 17.01
CA THR F 973 -77.02 -166.73 17.74
C THR F 973 -78.34 -165.96 17.62
N SER F 974 -78.29 -164.70 17.20
CA SER F 974 -79.51 -163.92 17.06
C SER F 974 -80.05 -164.02 15.64
N GLY F 975 -81.31 -163.60 15.48
CA GLY F 975 -81.96 -163.70 14.18
C GLY F 975 -81.49 -162.64 13.20
N TYR F 976 -80.96 -161.53 13.71
CA TYR F 976 -80.52 -160.43 12.87
C TYR F 976 -79.21 -160.81 12.19
N LYS F 977 -79.32 -161.46 11.04
CA LYS F 977 -78.16 -161.94 10.31
C LYS F 977 -77.22 -160.77 9.99
N PRO F 978 -75.91 -160.93 10.22
CA PRO F 978 -74.98 -159.85 9.88
C PRO F 978 -74.53 -159.91 8.43
N ALA F 979 -75.48 -160.04 7.52
CA ALA F 979 -75.20 -160.11 6.08
C ALA F 979 -76.12 -159.17 5.32
N PRO F 980 -75.98 -157.85 5.55
CA PRO F 980 -76.81 -156.90 4.78
C PRO F 980 -76.39 -156.83 3.32
N MET F 981 -75.10 -156.56 3.11
CA MET F 981 -74.48 -156.49 1.79
C MET F 981 -72.98 -156.29 2.02
N ASP F 982 -72.18 -156.74 1.05
CA ASP F 982 -70.75 -156.46 1.09
C ASP F 982 -70.54 -154.99 0.78
N LEU F 983 -69.62 -154.36 1.51
CA LEU F 983 -69.51 -152.91 1.40
C LEU F 983 -68.52 -152.50 0.33
N SER F 984 -68.00 -153.48 -0.42
CA SER F 984 -67.01 -153.18 -1.45
C SER F 984 -67.56 -152.31 -2.56
N PHE F 985 -68.79 -152.61 -3.03
CA PHE F 985 -69.34 -151.81 -4.11
C PHE F 985 -69.86 -150.46 -3.64
N ILE F 986 -69.87 -150.22 -2.33
CA ILE F 986 -70.33 -148.96 -1.76
C ILE F 986 -69.11 -148.13 -1.40
N LYS F 987 -69.00 -146.95 -2.00
CA LYS F 987 -67.86 -146.07 -1.79
C LYS F 987 -68.31 -144.79 -1.11
N LEU F 988 -67.57 -144.39 -0.09
CA LEU F 988 -67.83 -143.17 0.65
C LEU F 988 -66.93 -142.06 0.12
N THR F 989 -67.53 -140.94 -0.29
CA THR F 989 -66.78 -139.87 -0.92
C THR F 989 -65.73 -139.32 0.06
N PRO F 990 -64.62 -138.79 -0.47
CA PRO F 990 -63.52 -138.37 0.43
C PRO F 990 -63.93 -137.35 1.48
N SER F 991 -64.77 -136.37 1.12
CA SER F 991 -65.27 -135.43 2.12
C SER F 991 -66.13 -136.14 3.16
N GLN F 992 -66.94 -137.12 2.72
CA GLN F 992 -67.73 -137.91 3.65
C GLN F 992 -66.86 -138.72 4.59
N GLU F 993 -65.74 -139.27 4.10
CA GLU F 993 -64.79 -139.97 4.96
C GLU F 993 -64.14 -139.03 5.96
N ALA F 994 -63.78 -137.82 5.53
CA ALA F 994 -63.24 -136.83 6.45
C ALA F 994 -64.26 -136.48 7.53
N MET F 995 -65.53 -136.35 7.16
CA MET F 995 -66.56 -136.06 8.15
C MET F 995 -66.83 -137.26 9.06
N VAL F 996 -66.62 -138.47 8.54
CA VAL F 996 -66.64 -139.67 9.38
C VAL F 996 -65.54 -139.58 10.44
N ASP F 997 -64.35 -139.14 10.02
CA ASP F 997 -63.26 -138.92 10.97
C ASP F 997 -63.66 -137.87 12.00
N LYS F 998 -64.29 -136.79 11.55
CA LYS F 998 -64.72 -135.73 12.47
C LYS F 998 -65.73 -136.25 13.47
N LEU F 999 -66.67 -137.08 13.02
CA LEU F 999 -67.70 -137.57 13.93
C LEU F 999 -67.15 -138.63 14.87
N ALA F 1000 -66.15 -139.38 14.43
CA ALA F 1000 -65.43 -140.26 15.36
C ALA F 1000 -64.72 -139.44 16.43
N GLU F 1001 -64.14 -138.31 16.04
CA GLU F 1001 -63.57 -137.38 17.01
C GLU F 1001 -64.64 -136.89 17.98
N ASN F 1002 -65.83 -136.60 17.46
CA ASN F 1002 -66.94 -136.16 18.32
C ASN F 1002 -67.34 -137.27 19.31
N ALA F 1003 -67.37 -138.52 18.85
CA ALA F 1003 -67.68 -139.64 19.73
C ALA F 1003 -66.62 -139.80 20.81
N HIS F 1004 -65.35 -139.63 20.44
CA HIS F 1004 -64.27 -139.64 21.42
C HIS F 1004 -64.47 -138.52 22.44
N ASN F 1005 -64.89 -137.34 21.98
CA ASN F 1005 -65.19 -136.25 22.89
C ASN F 1005 -66.33 -136.60 23.82
N VAL F 1006 -67.36 -137.29 23.32
CA VAL F 1006 -68.47 -137.72 24.16
C VAL F 1006 -67.98 -138.68 25.25
N TRP F 1007 -67.15 -139.64 24.86
CA TRP F 1007 -66.59 -140.59 25.81
C TRP F 1007 -65.78 -139.87 26.89
N ALA F 1008 -64.92 -138.95 26.46
CA ALA F 1008 -64.10 -138.19 27.41
C ALA F 1008 -64.97 -137.34 28.33
N ARG F 1009 -66.03 -136.74 27.79
CA ARG F 1009 -66.93 -135.93 28.62
C ARG F 1009 -67.62 -136.79 29.67
N ASP F 1010 -68.09 -137.98 29.29
CA ASP F 1010 -68.68 -138.87 30.28
C ASP F 1010 -67.67 -139.21 31.37
N ARG F 1011 -66.42 -139.48 30.98
CA ARG F 1011 -65.40 -139.78 31.98
C ARG F 1011 -65.14 -138.59 32.89
N ILE F 1012 -65.19 -137.37 32.34
CA ILE F 1012 -65.08 -136.18 33.18
C ILE F 1012 -66.25 -136.09 34.16
N ARG F 1013 -67.46 -136.41 33.69
CA ARG F 1013 -68.61 -136.40 34.59
C ARG F 1013 -68.45 -137.41 35.73
N GLN F 1014 -67.92 -138.59 35.42
CA GLN F 1014 -67.59 -139.49 36.53
C GLN F 1014 -66.38 -138.99 37.33
N GLY F 1015 -65.62 -138.03 36.80
CA GLY F 1015 -64.48 -137.48 37.48
C GLY F 1015 -63.13 -137.98 37.01
N TRP F 1016 -63.07 -138.75 35.92
CA TRP F 1016 -61.81 -139.28 35.43
C TRP F 1016 -60.88 -138.14 35.03
N THR F 1017 -59.61 -138.30 35.34
CA THR F 1017 -58.58 -137.33 34.96
C THR F 1017 -57.42 -138.06 34.29
N TYR F 1018 -56.69 -137.34 33.45
CA TYR F 1018 -55.67 -137.97 32.62
C TYR F 1018 -54.44 -138.34 33.44
N GLY F 1019 -53.86 -139.48 33.13
CA GLY F 1019 -52.56 -139.85 33.65
C GLY F 1019 -51.84 -140.73 32.64
N ILE F 1020 -50.51 -140.59 32.61
CA ILE F 1020 -49.72 -141.33 31.62
C ILE F 1020 -49.93 -142.83 31.79
N GLN F 1021 -49.86 -143.31 33.02
CA GLN F 1021 -50.23 -144.69 33.31
C GLN F 1021 -51.74 -144.79 33.53
N GLN F 1022 -52.24 -146.01 33.51
CA GLN F 1022 -53.67 -146.27 33.71
C GLN F 1022 -53.88 -146.79 35.12
N ASP F 1023 -54.80 -146.16 35.85
CA ASP F 1023 -55.14 -146.56 37.21
C ASP F 1023 -56.64 -146.52 37.40
N VAL F 1024 -57.15 -147.38 38.28
CA VAL F 1024 -58.55 -147.40 38.65
C VAL F 1024 -58.75 -146.89 40.07
N LYS F 1025 -57.74 -147.03 40.93
CA LYS F 1025 -57.82 -146.49 42.28
C LYS F 1025 -57.84 -144.96 42.24
N ASN F 1026 -56.79 -144.36 41.69
CA ASN F 1026 -56.83 -142.95 41.33
C ASN F 1026 -57.80 -142.69 40.18
N ARG F 1027 -58.18 -143.74 39.46
CA ARG F 1027 -59.21 -143.69 38.43
C ARG F 1027 -58.78 -142.71 37.32
N ARG F 1028 -57.64 -143.04 36.72
CA ARG F 1028 -56.95 -142.17 35.79
C ARG F 1028 -56.71 -142.93 34.49
N ASN F 1029 -56.88 -142.25 33.36
CA ASN F 1029 -56.79 -142.89 32.05
C ASN F 1029 -55.88 -142.11 31.12
N PRO F 1030 -54.87 -142.75 30.51
CA PRO F 1030 -54.15 -142.11 29.40
C PRO F 1030 -55.00 -141.93 28.16
N ARG F 1031 -56.13 -142.63 28.05
CA ARG F 1031 -57.01 -142.48 26.90
C ARG F 1031 -57.71 -141.11 26.88
N LEU F 1032 -57.70 -140.39 28.00
CA LEU F 1032 -58.33 -139.08 28.09
C LEU F 1032 -57.42 -138.06 27.42
N VAL F 1033 -57.37 -138.11 26.09
CA VAL F 1033 -56.53 -137.22 25.29
C VAL F 1033 -57.34 -136.75 24.08
N PRO F 1034 -56.98 -135.62 23.47
CA PRO F 1034 -57.64 -135.24 22.21
C PRO F 1034 -57.40 -136.26 21.13
N TYR F 1035 -58.35 -136.34 20.18
CA TYR F 1035 -58.30 -137.36 19.14
C TYR F 1035 -56.98 -137.30 18.36
N THR F 1036 -56.44 -136.10 18.17
CA THR F 1036 -55.15 -135.97 17.49
C THR F 1036 -54.05 -136.66 18.29
N LEU F 1037 -54.11 -136.57 19.63
CA LEU F 1037 -53.11 -137.21 20.47
C LEU F 1037 -53.48 -138.64 20.82
N LEU F 1038 -54.65 -139.11 20.38
CA LEU F 1038 -55.06 -140.48 20.66
C LEU F 1038 -54.14 -141.47 19.95
N ASP F 1039 -54.01 -142.67 20.52
CA ASP F 1039 -53.15 -143.67 19.91
C ASP F 1039 -53.81 -144.30 18.68
N ASP F 1040 -52.96 -144.71 17.73
CA ASP F 1040 -53.44 -145.18 16.43
C ASP F 1040 -54.32 -146.42 16.56
N ARG F 1041 -54.07 -147.22 17.59
CA ARG F 1041 -54.83 -148.46 17.78
C ARG F 1041 -56.30 -148.17 18.11
N THR F 1042 -56.55 -147.28 19.09
CA THR F 1042 -57.93 -146.88 19.37
C THR F 1042 -58.51 -146.07 18.22
N LYS F 1043 -57.67 -145.25 17.57
CA LYS F 1043 -58.11 -144.56 16.37
C LYS F 1043 -58.69 -145.54 15.37
N LYS F 1044 -57.98 -146.63 15.09
CA LYS F 1044 -58.41 -147.56 14.06
C LYS F 1044 -59.61 -148.38 14.52
N SER F 1045 -59.69 -148.71 15.82
CA SER F 1045 -60.87 -149.42 16.31
C SER F 1045 -62.13 -148.59 16.11
N ASN F 1046 -62.14 -147.36 16.62
CA ASN F 1046 -63.29 -146.48 16.44
C ASN F 1046 -63.53 -146.20 14.96
N LYS F 1047 -62.43 -146.07 14.21
CA LYS F 1047 -62.52 -145.78 12.78
C LYS F 1047 -63.26 -146.89 12.05
N ASP F 1048 -62.82 -148.13 12.22
CA ASP F 1048 -63.45 -149.24 11.52
C ASP F 1048 -64.91 -149.40 11.94
N SER F 1049 -65.19 -149.29 13.25
CA SER F 1049 -66.58 -149.42 13.69
C SER F 1049 -67.47 -148.37 13.04
N LEU F 1050 -67.06 -147.09 13.09
CA LEU F 1050 -67.96 -146.03 12.65
C LEU F 1050 -68.03 -145.97 11.13
N ARG F 1051 -66.92 -146.27 10.45
CA ARG F 1051 -66.93 -146.34 8.99
C ARG F 1051 -67.82 -147.46 8.50
N GLU F 1052 -67.76 -148.63 9.17
CA GLU F 1052 -68.65 -149.72 8.80
C GLU F 1052 -70.10 -149.34 9.03
N ALA F 1053 -70.38 -148.65 10.13
CA ALA F 1053 -71.74 -148.19 10.39
C ALA F 1053 -72.24 -147.23 9.31
N VAL F 1054 -71.43 -146.23 8.94
CA VAL F 1054 -71.86 -145.26 7.93
C VAL F 1054 -71.99 -145.94 6.56
N ARG F 1055 -71.09 -146.88 6.27
CA ARG F 1055 -71.17 -147.64 5.02
C ARG F 1055 -72.46 -148.44 4.96
N THR F 1056 -72.85 -149.07 6.06
CA THR F 1056 -74.09 -149.84 6.07
C THR F 1056 -75.31 -148.93 5.98
N LEU F 1057 -75.26 -147.75 6.62
CA LEU F 1057 -76.31 -146.76 6.43
C LEU F 1057 -76.46 -146.34 4.97
N LEU F 1058 -75.35 -146.14 4.26
CA LEU F 1058 -75.41 -145.92 2.82
C LEU F 1058 -75.98 -147.13 2.08
N GLY F 1059 -75.61 -148.33 2.51
CA GLY F 1059 -76.18 -149.53 1.90
C GLY F 1059 -77.68 -149.63 2.07
N TYR F 1060 -78.21 -149.05 3.16
CA TYR F 1060 -79.65 -148.92 3.30
C TYR F 1060 -80.27 -147.96 2.30
N GLY F 1061 -79.44 -147.30 1.48
CA GLY F 1061 -79.92 -146.43 0.44
C GLY F 1061 -80.17 -145.00 0.86
N TYR F 1062 -80.01 -144.68 2.13
CA TYR F 1062 -80.15 -143.29 2.56
C TYR F 1062 -78.89 -142.52 2.18
N ASN F 1063 -78.75 -142.21 0.89
CA ASN F 1063 -77.57 -141.49 0.44
C ASN F 1063 -77.55 -140.09 1.03
N LEU F 1064 -76.34 -139.65 1.40
CA LEU F 1064 -76.15 -138.35 2.01
C LEU F 1064 -75.28 -137.51 1.10
N GLU F 1065 -75.90 -136.51 0.45
CA GLU F 1065 -75.15 -135.57 -0.39
C GLU F 1065 -74.29 -134.68 0.52
N ALA F 1066 -72.99 -134.95 0.47
CA ALA F 1066 -71.99 -134.40 1.38
C ALA F 1066 -71.96 -132.88 1.32
N PRO F 1067 -71.95 -132.20 2.47
CA PRO F 1067 -71.78 -130.75 2.47
C PRO F 1067 -70.41 -130.38 1.92
N ASP F 1068 -70.34 -129.20 1.32
CA ASP F 1068 -69.14 -128.77 0.61
C ASP F 1068 -67.93 -128.67 1.53
N GLN F 1069 -66.74 -128.76 0.94
CA GLN F 1069 -65.49 -128.51 1.64
C GLN F 1069 -65.36 -127.01 1.87
N ASP F 1070 -65.97 -126.53 2.94
CA ASP F 1070 -65.84 -125.13 3.33
C ASP F 1070 -64.42 -124.87 3.82
N HIS F 1071 -63.65 -124.15 3.01
CA HIS F 1071 -62.26 -123.88 3.37
C HIS F 1071 -62.20 -122.97 4.59
N ALA F 1072 -61.30 -123.30 5.51
CA ALA F 1072 -61.14 -122.57 6.75
C ALA F 1072 -59.83 -121.79 6.74
N ALA F 1073 -59.88 -120.56 7.26
CA ALA F 1073 -58.71 -119.71 7.34
C ALA F 1073 -58.39 -119.49 8.82
N ARG F 1074 -57.36 -120.17 9.31
CA ARG F 1074 -56.96 -120.10 10.70
C ARG F 1074 -56.43 -118.71 11.08
N ALA F 1075 -56.05 -117.90 10.09
CA ALA F 1075 -55.71 -116.48 10.25
C ALA F 1075 -54.44 -116.30 11.08
N GLU F 1076 -53.80 -117.40 11.47
CA GLU F 1076 -52.51 -117.41 12.19
C GLU F 1076 -52.49 -116.44 13.37
N VAL F 1077 -53.64 -116.11 13.92
CA VAL F 1077 -53.70 -115.20 15.07
C VAL F 1077 -53.97 -115.97 16.35
N CYS F 1078 -52.89 -116.42 16.99
CA CYS F 1078 -52.97 -117.11 18.28
C CYS F 1078 -51.84 -116.69 19.21
N SER F 1079 -51.31 -115.48 19.02
CA SER F 1079 -50.18 -115.02 19.83
C SER F 1079 -50.62 -114.77 21.27
N GLY F 1080 -49.78 -115.18 22.22
CA GLY F 1080 -50.00 -114.84 23.61
C GLY F 1080 -49.95 -113.33 23.79
N THR F 1081 -50.95 -112.79 24.49
CA THR F 1081 -51.11 -111.35 24.67
C THR F 1081 -51.33 -110.65 23.34
N GLY F 1082 -51.45 -109.32 23.37
CA GLY F 1082 -51.73 -108.56 22.16
C GLY F 1082 -50.54 -108.36 21.25
N GLU F 1083 -49.36 -108.82 21.65
CA GLU F 1083 -48.16 -108.67 20.83
C GLU F 1083 -48.28 -109.45 19.54
N ARG F 1084 -48.12 -108.76 18.39
CA ARG F 1084 -48.19 -109.40 17.10
C ARG F 1084 -46.82 -109.65 16.49
N PHE F 1085 -45.82 -108.81 16.79
CA PHE F 1085 -44.50 -108.97 16.21
C PHE F 1085 -43.45 -108.48 17.22
N ARG F 1086 -42.25 -109.03 17.10
CA ARG F 1086 -41.11 -108.65 17.94
C ARG F 1086 -40.08 -107.99 17.04
N ILE F 1087 -39.68 -106.77 17.39
CA ILE F 1087 -38.75 -105.99 16.58
C ILE F 1087 -37.38 -106.01 17.23
N PHE F 1088 -36.37 -106.45 16.48
CA PHE F 1088 -34.99 -106.48 16.93
C PHE F 1088 -34.19 -105.46 16.14
N ARG F 1089 -33.35 -104.69 16.83
CA ARG F 1089 -32.49 -103.71 16.19
C ARG F 1089 -31.21 -103.58 16.98
N ALA F 1090 -30.18 -103.05 16.32
CA ALA F 1090 -28.93 -102.75 17.02
C ALA F 1090 -29.05 -101.42 17.76
N GLU F 1091 -28.03 -101.12 18.57
CA GLU F 1091 -28.05 -99.91 19.38
C GLU F 1091 -27.99 -98.67 18.50
N LYS F 1092 -28.63 -97.59 18.98
CA LYS F 1092 -28.68 -96.35 18.23
C LYS F 1092 -27.30 -95.73 17.99
N THR F 1093 -26.32 -96.05 18.83
CA THR F 1093 -24.98 -95.50 18.69
C THR F 1093 -24.25 -96.02 17.46
N TYR F 1094 -24.67 -97.16 16.92
CA TYR F 1094 -24.03 -97.74 15.74
C TYR F 1094 -24.66 -97.26 14.44
N ALA F 1095 -25.43 -96.17 14.47
CA ALA F 1095 -26.04 -95.65 13.25
C ALA F 1095 -24.96 -95.20 12.27
N VAL F 1096 -25.21 -95.47 10.98
CA VAL F 1096 -24.25 -95.17 9.92
C VAL F 1096 -24.78 -94.01 9.09
N LYS F 1097 -23.92 -93.02 8.85
CA LYS F 1097 -24.24 -91.88 8.02
C LYS F 1097 -23.54 -91.91 6.67
N ALA F 1098 -22.49 -92.71 6.51
CA ALA F 1098 -21.73 -92.75 5.27
C ALA F 1098 -21.18 -94.16 5.08
N GLY F 1099 -20.82 -94.46 3.84
CA GLY F 1099 -20.18 -95.72 3.51
C GLY F 1099 -21.15 -96.76 2.97
N ARG F 1100 -20.59 -97.92 2.63
CA ARG F 1100 -21.32 -99.05 2.09
C ARG F 1100 -21.37 -100.13 3.16
N TRP F 1101 -22.58 -100.54 3.54
CA TRP F 1101 -22.76 -101.46 4.66
C TRP F 1101 -23.62 -102.64 4.24
N TYR F 1102 -23.30 -103.80 4.82
CA TYR F 1102 -23.91 -105.07 4.47
C TYR F 1102 -24.09 -105.93 5.72
N PHE F 1103 -25.22 -106.62 5.78
CA PHE F 1103 -25.46 -107.58 6.85
C PHE F 1103 -26.45 -108.62 6.35
N GLU F 1104 -26.46 -109.78 7.00
CA GLU F 1104 -27.24 -110.93 6.56
C GLU F 1104 -28.33 -111.26 7.57
N PHE F 1105 -29.48 -111.66 7.05
CA PHE F 1105 -30.60 -112.14 7.85
C PHE F 1105 -30.95 -113.56 7.41
N GLU F 1106 -30.78 -114.52 8.30
CA GLU F 1106 -31.03 -115.93 8.00
C GLU F 1106 -32.41 -116.28 8.55
N THR F 1107 -33.28 -116.78 7.66
CA THR F 1107 -34.64 -117.12 8.05
C THR F 1107 -34.72 -118.61 8.38
N VAL F 1108 -34.83 -118.92 9.67
CA VAL F 1108 -35.01 -120.31 10.08
C VAL F 1108 -36.34 -120.85 9.57
N THR F 1109 -37.40 -120.07 9.69
CA THR F 1109 -38.72 -120.44 9.19
C THR F 1109 -39.17 -119.44 8.13
N ALA F 1110 -40.30 -119.73 7.52
CA ALA F 1110 -40.92 -118.85 6.54
C ALA F 1110 -42.24 -118.33 7.09
N GLY F 1111 -42.41 -117.01 7.08
CA GLY F 1111 -43.60 -116.41 7.62
C GLY F 1111 -43.48 -114.90 7.62
N ASP F 1112 -44.25 -114.27 8.51
CA ASP F 1112 -44.34 -112.81 8.59
C ASP F 1112 -43.07 -112.27 9.24
N MET F 1113 -42.06 -112.04 8.40
CA MET F 1113 -40.80 -111.44 8.81
C MET F 1113 -40.49 -110.24 7.93
N ARG F 1114 -39.85 -109.24 8.53
CA ARG F 1114 -39.37 -108.08 7.80
C ARG F 1114 -37.95 -107.75 8.24
N VAL F 1115 -37.07 -107.49 7.28
CA VAL F 1115 -35.71 -107.08 7.55
C VAL F 1115 -35.40 -105.86 6.70
N GLY F 1116 -34.50 -105.02 7.19
CA GLY F 1116 -34.12 -103.81 6.50
C GLY F 1116 -33.36 -102.89 7.42
N TRP F 1117 -33.44 -101.60 7.10
CA TRP F 1117 -32.72 -100.56 7.83
C TRP F 1117 -33.74 -99.58 8.42
N SER F 1118 -33.54 -99.22 9.68
CA SER F 1118 -34.46 -98.34 10.40
C SER F 1118 -33.71 -97.15 10.98
N ARG F 1119 -34.44 -96.06 11.15
CA ARG F 1119 -33.91 -94.86 11.77
C ARG F 1119 -33.93 -95.00 13.28
N PRO F 1120 -33.12 -94.23 14.00
CA PRO F 1120 -33.10 -94.33 15.47
C PRO F 1120 -34.42 -94.01 16.14
N GLY F 1121 -35.34 -93.32 15.45
CA GLY F 1121 -36.64 -93.01 15.98
C GLY F 1121 -37.70 -94.06 15.74
N CYS F 1122 -37.32 -95.27 15.33
CA CYS F 1122 -38.30 -96.32 15.06
C CYS F 1122 -39.08 -96.68 16.32
N GLN F 1123 -40.39 -96.80 16.19
CA GLN F 1123 -41.26 -97.14 17.31
C GLN F 1123 -41.41 -98.65 17.43
N PRO F 1124 -41.17 -99.22 18.63
CA PRO F 1124 -41.23 -100.69 18.76
C PRO F 1124 -42.63 -101.27 18.59
N ASP F 1125 -43.69 -100.46 18.69
CA ASP F 1125 -45.03 -100.98 18.61
C ASP F 1125 -45.59 -101.00 17.20
N GLN F 1126 -45.24 -100.02 16.37
CA GLN F 1126 -45.67 -100.02 14.98
C GLN F 1126 -44.86 -101.01 14.14
N GLU F 1127 -45.51 -101.54 13.11
CA GLU F 1127 -44.86 -102.53 12.25
C GLU F 1127 -43.88 -101.85 11.31
N LEU F 1128 -42.81 -102.57 10.97
CA LEU F 1128 -41.75 -102.00 10.17
C LEU F 1128 -42.25 -101.62 8.78
N GLY F 1129 -41.84 -100.44 8.31
CA GLY F 1129 -42.17 -99.99 6.98
C GLY F 1129 -43.56 -99.41 6.82
N SER F 1130 -44.41 -99.49 7.85
CA SER F 1130 -45.72 -98.87 7.78
C SER F 1130 -45.60 -97.35 7.66
N ASP F 1131 -44.62 -96.77 8.35
CA ASP F 1131 -44.35 -95.34 8.30
C ASP F 1131 -42.88 -95.11 7.95
N GLU F 1132 -42.44 -93.85 8.05
CA GLU F 1132 -41.19 -93.40 7.45
C GLU F 1132 -39.94 -93.85 8.19
N ARG F 1133 -40.05 -94.31 9.43
CA ARG F 1133 -38.85 -94.57 10.23
C ARG F 1133 -38.06 -95.76 9.68
N ALA F 1134 -38.74 -96.72 9.05
CA ALA F 1134 -38.12 -97.97 8.67
C ALA F 1134 -38.23 -98.20 7.16
N PHE F 1135 -37.18 -98.82 6.62
CA PHE F 1135 -37.15 -99.30 5.24
C PHE F 1135 -36.93 -100.81 5.31
N ALA F 1136 -38.00 -101.59 5.13
CA ALA F 1136 -37.95 -103.02 5.36
C ALA F 1136 -38.38 -103.77 4.11
N PHE F 1137 -38.05 -105.06 4.08
CA PHE F 1137 -38.41 -105.96 2.99
C PHE F 1137 -39.21 -107.12 3.58
N ASP F 1138 -40.46 -107.28 3.12
CA ASP F 1138 -41.30 -108.38 3.54
C ASP F 1138 -41.41 -109.37 2.40
N GLY F 1139 -40.77 -110.54 2.57
CA GLY F 1139 -40.78 -111.53 1.50
C GLY F 1139 -42.00 -112.43 1.54
N PHE F 1140 -42.68 -112.49 2.69
CA PHE F 1140 -43.85 -113.34 2.82
C PHE F 1140 -44.93 -112.93 1.82
N LYS F 1141 -45.18 -111.62 1.71
CA LYS F 1141 -46.00 -111.08 0.63
C LYS F 1141 -45.17 -110.53 -0.52
N ALA F 1142 -43.84 -110.66 -0.46
CA ALA F 1142 -42.94 -110.16 -1.50
C ALA F 1142 -43.17 -108.68 -1.76
N GLN F 1143 -43.07 -107.89 -0.70
CA GLN F 1143 -43.35 -106.47 -0.76
C GLN F 1143 -42.30 -105.68 0.02
N ARG F 1144 -41.91 -104.53 -0.53
CA ARG F 1144 -41.04 -103.59 0.15
C ARG F 1144 -41.88 -102.59 0.92
N TRP F 1145 -41.42 -102.20 2.11
CA TRP F 1145 -42.22 -101.39 3.02
C TRP F 1145 -41.47 -100.12 3.40
N HIS F 1146 -42.00 -98.97 2.96
CA HIS F 1146 -41.62 -97.66 3.45
C HIS F 1146 -42.77 -96.69 3.23
N GLN F 1147 -43.51 -96.39 4.30
CA GLN F 1147 -44.75 -95.61 4.31
C GLN F 1147 -45.84 -96.32 3.52
N GLY F 1148 -45.61 -97.55 3.08
CA GLY F 1148 -46.59 -98.26 2.29
C GLY F 1148 -46.08 -99.64 1.94
N ASN F 1149 -46.66 -100.23 0.91
CA ASN F 1149 -46.23 -101.55 0.45
C ASN F 1149 -46.38 -101.62 -1.07
N GLU F 1150 -45.29 -101.99 -1.75
CA GLU F 1150 -45.28 -102.21 -3.18
C GLU F 1150 -44.62 -103.54 -3.47
N HIS F 1151 -45.08 -104.21 -4.53
CA HIS F 1151 -44.53 -105.51 -4.89
C HIS F 1151 -43.04 -105.39 -5.21
N TYR F 1152 -42.24 -106.28 -4.63
CA TYR F 1152 -40.80 -106.26 -4.80
C TYR F 1152 -40.23 -107.63 -4.53
N GLY F 1153 -39.39 -108.10 -5.46
CA GLY F 1153 -38.71 -109.36 -5.27
C GLY F 1153 -39.64 -110.56 -5.29
N ARG F 1154 -39.18 -111.63 -4.65
CA ARG F 1154 -39.90 -112.89 -4.56
C ARG F 1154 -40.11 -113.26 -3.09
N SER F 1155 -40.64 -114.46 -2.87
CA SER F 1155 -40.83 -114.99 -1.53
C SER F 1155 -39.77 -116.03 -1.21
N TRP F 1156 -39.31 -116.00 0.04
CA TRP F 1156 -38.28 -116.93 0.49
C TRP F 1156 -38.91 -118.23 0.99
N GLN F 1157 -38.04 -119.16 1.36
CA GLN F 1157 -38.42 -120.41 2.00
C GLN F 1157 -37.59 -120.59 3.26
N ALA F 1158 -37.83 -121.69 3.97
CA ALA F 1158 -37.07 -121.97 5.17
C ALA F 1158 -35.60 -122.17 4.83
N GLY F 1159 -34.72 -121.49 5.56
CA GLY F 1159 -33.29 -121.56 5.35
C GLY F 1159 -32.75 -120.50 4.42
N ASP F 1160 -33.61 -119.77 3.71
CA ASP F 1160 -33.14 -118.71 2.83
C ASP F 1160 -32.50 -117.59 3.63
N VAL F 1161 -31.45 -117.00 3.07
CA VAL F 1161 -30.65 -115.99 3.75
C VAL F 1161 -30.81 -114.68 2.97
N VAL F 1162 -31.30 -113.65 3.65
CA VAL F 1162 -31.46 -112.34 3.02
C VAL F 1162 -30.26 -111.46 3.34
N GLY F 1163 -29.70 -110.84 2.31
CA GLY F 1163 -28.57 -109.94 2.49
C GLY F 1163 -28.95 -108.51 2.18
N CYS F 1164 -28.86 -107.64 3.19
CA CYS F 1164 -29.25 -106.24 3.07
C CYS F 1164 -28.03 -105.37 2.80
N MET F 1165 -28.14 -104.49 1.81
CA MET F 1165 -27.08 -103.55 1.47
C MET F 1165 -27.62 -102.13 1.48
N VAL F 1166 -26.78 -101.19 1.90
CA VAL F 1166 -27.12 -99.76 1.93
C VAL F 1166 -25.94 -98.97 1.39
N ASP F 1167 -26.22 -98.00 0.53
CA ASP F 1167 -25.25 -97.00 0.10
C ASP F 1167 -25.69 -95.66 0.67
N MET F 1168 -24.95 -95.17 1.65
CA MET F 1168 -25.26 -93.91 2.30
C MET F 1168 -24.83 -92.72 1.46
N ASN F 1169 -23.93 -92.93 0.50
CA ASN F 1169 -23.46 -91.87 -0.40
C ASN F 1169 -24.29 -91.80 -1.68
N GLU F 1170 -24.56 -92.94 -2.31
CA GLU F 1170 -25.40 -92.98 -3.49
C GLU F 1170 -26.88 -92.96 -3.16
N HIS F 1171 -27.23 -93.07 -1.87
CA HIS F 1171 -28.63 -93.04 -1.41
C HIS F 1171 -29.46 -94.12 -2.10
N THR F 1172 -28.88 -95.33 -2.19
CA THR F 1172 -29.54 -96.48 -2.77
C THR F 1172 -29.50 -97.64 -1.79
N MET F 1173 -30.45 -98.56 -1.93
CA MET F 1173 -30.58 -99.71 -1.04
C MET F 1173 -31.21 -100.86 -1.80
N MET F 1174 -30.69 -102.06 -1.59
CA MET F 1174 -31.15 -103.26 -2.28
C MET F 1174 -30.85 -104.49 -1.43
N PHE F 1175 -31.47 -105.61 -1.82
CA PHE F 1175 -31.46 -106.84 -1.03
C PHE F 1175 -31.06 -108.01 -1.91
N THR F 1176 -30.69 -109.12 -1.27
CA THR F 1176 -30.35 -110.35 -1.98
C THR F 1176 -31.06 -111.52 -1.34
N LEU F 1177 -31.42 -112.52 -2.15
CA LEU F 1177 -31.96 -113.78 -1.68
C LEU F 1177 -31.04 -114.91 -2.14
N ASN F 1178 -30.28 -115.46 -1.21
CA ASN F 1178 -29.30 -116.52 -1.48
C ASN F 1178 -28.24 -116.07 -2.49
N GLY F 1179 -28.04 -114.76 -2.62
CA GLY F 1179 -27.00 -114.20 -3.47
C GLY F 1179 -27.53 -113.35 -4.61
N GLU F 1180 -28.58 -113.80 -5.29
CA GLU F 1180 -29.11 -113.06 -6.43
C GLU F 1180 -29.79 -111.77 -5.96
N ILE F 1181 -29.62 -110.71 -6.74
CA ILE F 1181 -30.20 -109.42 -6.41
C ILE F 1181 -31.70 -109.47 -6.69
N LEU F 1182 -32.51 -109.10 -5.69
CA LEU F 1182 -33.95 -109.04 -5.89
C LEU F 1182 -34.30 -107.90 -6.83
N LEU F 1183 -35.27 -108.15 -7.72
CA LEU F 1183 -35.69 -107.19 -8.72
C LEU F 1183 -37.01 -106.55 -8.32
N ASP F 1184 -37.15 -105.26 -8.64
CA ASP F 1184 -38.40 -104.55 -8.46
C ASP F 1184 -39.38 -104.99 -9.57
N ASP F 1185 -40.58 -104.39 -9.55
CA ASP F 1185 -41.50 -104.59 -10.67
C ASP F 1185 -40.88 -104.10 -11.96
N SER F 1186 -40.20 -102.96 -11.92
CA SER F 1186 -39.35 -102.54 -13.01
C SER F 1186 -38.01 -103.28 -12.94
N GLY F 1187 -37.22 -103.13 -14.00
CA GLY F 1187 -35.95 -103.83 -14.09
C GLY F 1187 -34.88 -103.31 -13.15
N SER F 1188 -35.16 -102.20 -12.47
CA SER F 1188 -34.18 -101.60 -11.58
C SER F 1188 -33.91 -102.50 -10.38
N GLU F 1189 -32.67 -102.47 -9.91
CA GLU F 1189 -32.23 -103.33 -8.81
C GLU F 1189 -32.28 -102.62 -7.46
N LEU F 1190 -32.70 -101.36 -7.41
CA LEU F 1190 -32.72 -100.60 -6.16
C LEU F 1190 -34.06 -100.83 -5.47
N ALA F 1191 -34.02 -101.31 -4.23
CA ALA F 1191 -35.25 -101.50 -3.47
C ALA F 1191 -35.93 -100.17 -3.18
N PHE F 1192 -35.15 -99.16 -2.82
CA PHE F 1192 -35.67 -97.83 -2.51
C PHE F 1192 -34.84 -96.82 -3.30
N LYS F 1193 -35.52 -96.02 -4.13
CA LYS F 1193 -34.83 -95.20 -5.12
C LYS F 1193 -33.93 -94.16 -4.46
N ASP F 1194 -34.48 -93.36 -3.55
CA ASP F 1194 -33.74 -92.28 -2.94
C ASP F 1194 -34.35 -91.96 -1.59
N PHE F 1195 -33.53 -91.41 -0.70
CA PHE F 1195 -33.93 -91.06 0.66
C PHE F 1195 -32.98 -90.00 1.19
N ASP F 1196 -33.14 -89.64 2.45
CA ASP F 1196 -32.31 -88.63 3.09
C ASP F 1196 -31.44 -89.29 4.15
N VAL F 1197 -30.20 -88.79 4.30
CA VAL F 1197 -29.29 -89.35 5.30
C VAL F 1197 -29.88 -89.21 6.70
N GLY F 1198 -30.33 -88.01 7.04
CA GLY F 1198 -30.96 -87.78 8.34
C GLY F 1198 -30.02 -88.08 9.49
N ASP F 1199 -30.50 -88.88 10.43
CA ASP F 1199 -29.75 -89.25 11.62
C ASP F 1199 -29.09 -90.63 11.52
N GLY F 1200 -29.10 -91.23 10.34
CA GLY F 1200 -28.44 -92.51 10.13
C GLY F 1200 -29.41 -93.69 10.18
N PHE F 1201 -28.92 -94.83 9.72
CA PHE F 1201 -29.68 -96.06 9.66
C PHE F 1201 -29.04 -97.12 10.55
N ILE F 1202 -29.88 -98.02 11.05
CA ILE F 1202 -29.43 -99.11 11.90
C ILE F 1202 -30.13 -100.39 11.42
N PRO F 1203 -29.47 -101.54 11.45
CA PRO F 1203 -30.16 -102.79 11.07
C PRO F 1203 -31.34 -103.08 11.99
N VAL F 1204 -32.40 -103.62 11.40
CA VAL F 1204 -33.64 -103.88 12.12
C VAL F 1204 -34.26 -105.17 11.58
N CYS F 1205 -35.06 -105.82 12.42
CA CYS F 1205 -35.79 -107.01 12.01
C CYS F 1205 -37.04 -107.15 12.86
N SER F 1206 -38.14 -107.55 12.23
CA SER F 1206 -39.40 -107.84 12.90
C SER F 1206 -39.78 -109.28 12.62
N LEU F 1207 -40.20 -109.99 13.66
CA LEU F 1207 -40.55 -111.40 13.57
C LEU F 1207 -42.00 -111.60 14.01
N GLY F 1208 -42.76 -112.33 13.20
CA GLY F 1208 -44.16 -112.57 13.47
C GLY F 1208 -44.37 -113.71 14.45
N VAL F 1209 -45.60 -114.23 14.45
CA VAL F 1209 -45.96 -115.30 15.36
C VAL F 1209 -45.23 -116.58 14.98
N ALA F 1210 -44.59 -117.21 15.96
CA ALA F 1210 -43.87 -118.48 15.76
C ALA F 1210 -42.83 -118.36 14.65
N GLN F 1211 -42.03 -117.30 14.72
CA GLN F 1211 -41.00 -117.04 13.72
C GLN F 1211 -39.62 -117.01 14.36
N VAL F 1212 -38.66 -117.64 13.69
CA VAL F 1212 -37.28 -117.73 14.16
C VAL F 1212 -36.36 -117.14 13.09
N GLY F 1213 -35.51 -116.20 13.50
CA GLY F 1213 -34.60 -115.56 12.57
C GLY F 1213 -33.24 -115.36 13.21
N ARG F 1214 -32.24 -115.16 12.34
CA ARG F 1214 -30.87 -114.95 12.77
C ARG F 1214 -30.30 -113.76 12.00
N MET F 1215 -29.66 -112.86 12.73
CA MET F 1215 -29.08 -111.66 12.16
C MET F 1215 -27.58 -111.74 12.35
N ASN F 1216 -26.84 -111.70 11.24
CA ASN F 1216 -25.38 -111.76 11.27
C ASN F 1216 -24.81 -110.41 10.84
N PHE F 1217 -24.23 -109.70 11.80
CA PHE F 1217 -23.61 -108.40 11.54
C PHE F 1217 -22.26 -108.53 10.85
N GLY F 1218 -21.78 -109.74 10.60
CA GLY F 1218 -20.51 -109.94 9.93
C GLY F 1218 -19.31 -109.50 10.73
N LYS F 1219 -19.34 -109.75 12.05
CA LYS F 1219 -18.14 -109.56 12.85
C LYS F 1219 -17.04 -110.51 12.40
N ASP F 1220 -17.42 -111.75 12.12
CA ASP F 1220 -16.53 -112.70 11.45
C ASP F 1220 -16.97 -112.79 9.99
N VAL F 1221 -16.09 -112.34 9.08
CA VAL F 1221 -16.43 -112.30 7.67
C VAL F 1221 -16.69 -113.69 7.11
N SER F 1222 -15.97 -114.71 7.61
CA SER F 1222 -16.16 -116.07 7.12
C SER F 1222 -17.57 -116.57 7.39
N THR F 1223 -18.17 -116.15 8.51
CA THR F 1223 -19.51 -116.61 8.86
C THR F 1223 -20.56 -116.11 7.88
N LEU F 1224 -20.30 -115.02 7.17
CA LEU F 1224 -21.23 -114.55 6.15
C LEU F 1224 -21.23 -115.53 4.99
N LYS F 1225 -22.43 -115.93 4.53
CA LYS F 1225 -22.54 -117.04 3.60
C LYS F 1225 -22.57 -116.60 2.14
N TYR F 1226 -23.16 -115.44 1.84
CA TYR F 1226 -23.32 -115.00 0.46
C TYR F 1226 -22.58 -113.69 0.21
N PHE F 1227 -21.78 -113.25 1.19
CA PHE F 1227 -21.03 -112.01 1.04
C PHE F 1227 -20.01 -112.12 -0.10
N THR F 1228 -19.38 -113.28 -0.25
CA THR F 1228 -18.38 -113.45 -1.29
C THR F 1228 -19.00 -113.30 -2.68
N ILE F 1229 -20.13 -113.97 -2.92
CA ILE F 1229 -20.74 -113.92 -4.25
C ILE F 1229 -21.41 -112.59 -4.50
N CYS F 1230 -21.97 -111.97 -3.46
CA CYS F 1230 -22.58 -110.65 -3.62
C CYS F 1230 -22.22 -109.78 -2.44
N GLY F 1231 -21.72 -108.57 -2.72
CA GLY F 1231 -21.39 -107.62 -1.67
C GLY F 1231 -19.92 -107.31 -1.57
N LEU F 1232 -19.08 -108.33 -1.74
CA LEU F 1232 -17.64 -108.13 -1.60
C LEU F 1232 -17.06 -107.35 -2.78
N GLN F 1233 -17.47 -107.72 -4.00
CA GLN F 1233 -16.96 -107.03 -5.19
C GLN F 1233 -17.45 -105.58 -5.24
N GLU F 1234 -18.70 -105.36 -4.84
CA GLU F 1234 -19.28 -104.01 -4.89
C GLU F 1234 -18.67 -103.07 -3.86
N GLY F 1235 -17.84 -103.57 -2.94
CA GLY F 1235 -17.23 -102.72 -1.95
C GLY F 1235 -18.03 -102.54 -0.68
N TYR F 1236 -19.14 -103.27 -0.53
CA TYR F 1236 -19.93 -103.17 0.68
C TYR F 1236 -19.16 -103.73 1.87
N GLU F 1237 -19.31 -103.08 3.02
CA GLU F 1237 -18.62 -103.56 4.19
C GLU F 1237 -19.60 -104.23 5.15
N PRO F 1238 -19.17 -105.27 5.86
CA PRO F 1238 -20.00 -105.81 6.94
C PRO F 1238 -20.27 -104.74 7.99
N PHE F 1239 -21.46 -104.80 8.59
CA PHE F 1239 -21.84 -103.77 9.55
C PHE F 1239 -20.91 -103.77 10.75
N ALA F 1240 -20.44 -104.94 11.16
CA ALA F 1240 -19.47 -105.09 12.24
C ALA F 1240 -18.09 -105.48 11.71
N VAL F 1241 -17.69 -104.90 10.57
CA VAL F 1241 -16.43 -105.30 9.94
C VAL F 1241 -15.24 -104.94 10.82
N ASN F 1242 -15.28 -103.78 11.46
CA ASN F 1242 -14.19 -103.32 12.33
C ASN F 1242 -14.77 -103.00 13.71
N THR F 1243 -14.90 -104.04 14.53
CA THR F 1243 -15.42 -103.93 15.90
C THR F 1243 -14.71 -104.95 16.77
N ASN F 1244 -14.25 -104.49 17.94
CA ASN F 1244 -13.61 -105.41 18.87
C ASN F 1244 -14.64 -106.11 19.75
N ARG F 1245 -15.79 -105.49 19.95
CA ARG F 1245 -16.87 -106.03 20.78
C ARG F 1245 -18.07 -106.39 19.91
N ASP F 1246 -18.86 -107.32 20.41
CA ASP F 1246 -20.11 -107.67 19.72
C ASP F 1246 -21.10 -106.51 19.82
N ILE F 1247 -21.98 -106.42 18.83
CA ILE F 1247 -22.92 -105.31 18.74
C ILE F 1247 -24.07 -105.54 19.71
N THR F 1248 -24.31 -104.56 20.58
CA THR F 1248 -25.43 -104.63 21.51
C THR F 1248 -26.74 -104.55 20.74
N MET F 1249 -27.67 -105.46 21.05
CA MET F 1249 -28.89 -105.63 20.29
C MET F 1249 -30.10 -105.26 21.15
N TRP F 1250 -30.91 -104.33 20.67
CA TRP F 1250 -32.07 -103.85 21.41
C TRP F 1250 -33.35 -104.40 20.81
N LEU F 1251 -34.31 -104.73 21.68
CA LEU F 1251 -35.56 -105.38 21.32
C LEU F 1251 -36.74 -104.64 21.92
N SER F 1252 -37.91 -104.84 21.31
CA SER F 1252 -39.14 -104.27 21.82
C SER F 1252 -39.53 -104.94 23.14
N LYS F 1253 -39.84 -104.12 24.14
CA LYS F 1253 -40.14 -104.62 25.47
C LYS F 1253 -41.52 -105.26 25.50
N ARG F 1254 -41.58 -106.50 25.99
CA ARG F 1254 -42.85 -107.18 26.17
C ARG F 1254 -43.70 -106.57 27.28
N LEU F 1255 -43.08 -106.22 28.40
CA LEU F 1255 -43.84 -105.85 29.58
C LEU F 1255 -44.08 -104.34 29.61
N PRO F 1256 -45.33 -103.88 29.59
CA PRO F 1256 -45.59 -102.44 29.57
C PRO F 1256 -45.16 -101.76 30.86
N GLN F 1257 -44.78 -100.49 30.75
CA GLN F 1257 -44.37 -99.68 31.88
C GLN F 1257 -45.09 -98.34 31.83
N PHE F 1258 -45.12 -97.66 32.99
CA PHE F 1258 -45.74 -96.35 33.10
C PHE F 1258 -44.72 -95.26 32.77
N LEU F 1259 -45.14 -94.31 31.95
CA LEU F 1259 -44.32 -93.16 31.60
C LEU F 1259 -45.22 -91.93 31.49
N GLN F 1260 -44.60 -90.75 31.57
CA GLN F 1260 -45.33 -89.50 31.52
C GLN F 1260 -46.04 -89.35 30.18
N VAL F 1261 -47.26 -88.82 30.21
CA VAL F 1261 -48.07 -88.65 29.01
C VAL F 1261 -47.42 -87.63 28.10
N PRO F 1262 -47.09 -87.99 26.86
CA PRO F 1262 -46.48 -87.03 25.95
C PRO F 1262 -47.44 -85.91 25.58
N SER F 1263 -46.86 -84.74 25.29
CA SER F 1263 -47.68 -83.60 24.87
C SER F 1263 -48.22 -83.80 23.46
N ASN F 1264 -47.57 -84.64 22.66
CA ASN F 1264 -47.97 -84.89 21.29
C ASN F 1264 -48.80 -86.16 21.12
N HIS F 1265 -49.31 -86.74 22.22
CA HIS F 1265 -50.08 -87.96 22.13
C HIS F 1265 -51.33 -87.75 21.30
N GLU F 1266 -51.62 -88.70 20.41
CA GLU F 1266 -52.71 -88.55 19.45
C GLU F 1266 -54.08 -88.85 20.05
N HIS F 1267 -54.14 -89.37 21.27
CA HIS F 1267 -55.43 -89.65 21.91
C HIS F 1267 -55.58 -89.06 23.30
N ILE F 1268 -54.51 -88.91 24.06
CA ILE F 1268 -54.58 -88.48 25.45
C ILE F 1268 -53.97 -87.09 25.59
N GLU F 1269 -54.68 -86.20 26.27
CA GLU F 1269 -54.20 -84.86 26.58
C GLU F 1269 -54.52 -84.55 28.02
N VAL F 1270 -53.55 -84.02 28.76
CA VAL F 1270 -53.67 -83.74 30.18
C VAL F 1270 -53.43 -82.26 30.42
N THR F 1271 -54.33 -81.63 31.16
CA THR F 1271 -54.20 -80.23 31.54
C THR F 1271 -54.00 -80.11 33.04
N ARG F 1272 -53.22 -79.11 33.45
CA ARG F 1272 -52.93 -78.86 34.86
C ARG F 1272 -53.67 -77.59 35.28
N ILE F 1273 -54.67 -77.75 36.15
CA ILE F 1273 -55.45 -76.63 36.65
C ILE F 1273 -54.87 -76.23 38.01
N ASP F 1274 -54.43 -74.98 38.10
CA ASP F 1274 -53.90 -74.47 39.35
C ASP F 1274 -55.01 -74.34 40.39
N GLY F 1275 -54.65 -74.54 41.65
CA GLY F 1275 -55.62 -74.42 42.73
C GLY F 1275 -55.90 -72.98 43.07
N THR F 1276 -57.17 -72.58 42.99
CA THR F 1276 -57.58 -71.22 43.31
C THR F 1276 -57.84 -71.11 44.81
N ILE F 1277 -58.45 -69.99 45.24
CA ILE F 1277 -58.72 -69.81 46.66
C ILE F 1277 -59.78 -70.80 47.15
N ASP F 1278 -60.73 -71.15 46.28
CA ASP F 1278 -61.82 -72.04 46.65
C ASP F 1278 -61.73 -73.41 46.00
N SER F 1279 -60.81 -73.61 45.07
CA SER F 1279 -60.67 -74.87 44.35
C SER F 1279 -59.28 -75.45 44.58
N SER F 1280 -59.23 -76.74 44.86
CA SER F 1280 -57.97 -77.44 45.02
C SER F 1280 -57.28 -77.60 43.65
N PRO F 1281 -55.95 -77.73 43.63
CA PRO F 1281 -55.27 -78.02 42.36
C PRO F 1281 -55.77 -79.33 41.76
N CYS F 1282 -55.91 -79.33 40.43
CA CYS F 1282 -56.51 -80.45 39.73
C CYS F 1282 -55.67 -80.85 38.54
N LEU F 1283 -55.73 -82.13 38.20
CA LEU F 1283 -55.18 -82.67 36.96
C LEU F 1283 -56.32 -83.27 36.14
N LYS F 1284 -56.49 -82.78 34.93
CA LYS F 1284 -57.64 -83.10 34.10
C LYS F 1284 -57.18 -83.92 32.90
N VAL F 1285 -57.83 -85.06 32.68
CA VAL F 1285 -57.50 -85.95 31.57
C VAL F 1285 -58.59 -85.84 30.52
N THR F 1286 -58.20 -85.54 29.29
CA THR F 1286 -59.12 -85.40 28.18
C THR F 1286 -58.62 -86.21 27.00
N GLN F 1287 -59.55 -86.62 26.13
CA GLN F 1287 -59.22 -87.32 24.91
C GLN F 1287 -59.52 -86.42 23.72
N LYS F 1288 -58.50 -86.19 22.89
CA LYS F 1288 -58.68 -85.43 21.65
C LYS F 1288 -59.18 -86.29 20.51
N SER F 1289 -59.13 -87.61 20.65
CA SER F 1289 -59.56 -88.51 19.58
C SER F 1289 -61.08 -88.53 19.45
N PHE F 1290 -61.79 -88.23 20.53
CA PHE F 1290 -63.25 -88.26 20.48
C PHE F 1290 -63.78 -87.18 19.56
N GLY F 1291 -64.92 -87.47 18.93
CA GLY F 1291 -65.44 -86.64 17.87
C GLY F 1291 -64.82 -86.91 16.51
N SER F 1292 -63.96 -87.92 16.40
CA SER F 1292 -63.29 -88.26 15.15
C SER F 1292 -63.00 -89.75 15.14
N GLN F 1293 -62.76 -90.28 13.94
CA GLN F 1293 -62.40 -91.68 13.79
C GLN F 1293 -60.99 -91.92 14.32
N ASN F 1294 -60.68 -93.19 14.57
CA ASN F 1294 -59.46 -93.71 15.19
C ASN F 1294 -59.48 -93.53 16.71
N SER F 1295 -60.58 -93.09 17.29
CA SER F 1295 -60.68 -93.01 18.74
C SER F 1295 -60.66 -94.42 19.34
N ASN F 1296 -59.67 -94.66 20.19
CA ASN F 1296 -59.43 -95.99 20.75
C ASN F 1296 -60.41 -96.24 21.89
N THR F 1297 -61.32 -97.19 21.69
CA THR F 1297 -62.27 -97.59 22.73
C THR F 1297 -61.65 -98.72 23.56
N ASP F 1298 -60.51 -98.39 24.18
CA ASP F 1298 -59.77 -99.33 25.00
C ASP F 1298 -59.52 -98.70 26.37
N ILE F 1299 -59.42 -99.56 27.39
CA ILE F 1299 -59.25 -99.09 28.75
C ILE F 1299 -57.84 -98.56 28.93
N MET F 1300 -57.71 -97.24 29.02
CA MET F 1300 -56.43 -96.62 29.35
C MET F 1300 -56.18 -96.73 30.85
N PHE F 1301 -54.91 -96.97 31.20
CA PHE F 1301 -54.50 -97.07 32.59
C PHE F 1301 -53.68 -95.83 32.94
N TYR F 1302 -54.13 -95.11 33.96
CA TYR F 1302 -53.47 -93.88 34.39
C TYR F 1302 -53.01 -94.03 35.83
N ARG F 1303 -51.94 -93.32 36.19
CA ARG F 1303 -51.45 -93.31 37.55
C ARG F 1303 -50.68 -92.02 37.79
N LEU F 1304 -50.50 -91.69 39.07
CA LEU F 1304 -49.69 -90.54 39.44
C LEU F 1304 -48.23 -90.97 39.60
N SER F 1305 -47.33 -90.02 39.36
CA SER F 1305 -45.91 -90.34 39.25
C SER F 1305 -45.24 -90.59 40.60
N MET F 1306 -45.87 -90.26 41.71
CA MET F 1306 -45.16 -90.33 42.98
C MET F 1306 -45.98 -91.08 44.02
N PRO F 1307 -45.34 -91.99 44.78
CA PRO F 1307 -46.09 -92.90 45.66
C PRO F 1307 -46.20 -92.44 47.11
N ILE F 1308 -47.10 -93.07 47.87
CA ILE F 1308 -47.19 -92.89 49.31
C ILE F 1308 -46.52 -94.09 49.97
N GLU F 1309 -45.68 -93.79 50.97
CA GLU F 1309 -44.98 -94.82 51.73
C GLU F 1309 -45.75 -95.10 53.01
N CYS F 1310 -46.19 -96.35 53.17
CA CYS F 1310 -46.80 -96.77 54.43
C CYS F 1310 -45.72 -96.90 55.51
N ALA F 1311 -46.17 -96.86 56.75
CA ALA F 1311 -45.25 -96.91 57.88
C ALA F 1311 -44.46 -98.22 57.89
N GLU F 1312 -43.20 -98.12 58.29
CA GLU F 1312 -42.33 -99.30 58.33
C GLU F 1312 -42.84 -100.32 59.34
N VAL F 1313 -43.40 -99.85 60.45
CA VAL F 1313 -44.02 -100.71 61.46
C VAL F 1313 -45.44 -100.21 61.69
N PHE F 1314 -46.39 -101.14 61.79
CA PHE F 1314 -47.78 -100.79 62.03
C PHE F 1314 -48.06 -100.82 63.53
N SER F 1315 -48.65 -99.73 64.02
CA SER F 1315 -49.04 -99.67 65.42
C SER F 1315 -50.17 -100.66 65.70
N LYS F 1316 -50.08 -101.30 66.86
CA LYS F 1316 -51.06 -102.31 67.24
C LYS F 1316 -52.25 -101.68 67.96
N ARG F 1414 -63.69 -76.15 62.74
CA ARG F 1414 -62.45 -76.41 62.01
C ARG F 1414 -61.77 -77.67 62.56
N ASP F 1415 -61.09 -78.40 61.68
CA ASP F 1415 -60.34 -79.58 62.11
C ASP F 1415 -59.22 -79.19 63.07
N ASP F 1416 -58.93 -80.07 64.03
CA ASP F 1416 -57.93 -79.77 65.05
C ASP F 1416 -56.55 -79.65 64.43
N TYR F 1417 -55.85 -78.56 64.76
CA TYR F 1417 -54.52 -78.32 64.23
C TYR F 1417 -53.47 -79.11 65.02
N ASP F 1418 -53.94 -80.02 65.87
CA ASP F 1418 -53.06 -80.98 66.54
C ASP F 1418 -53.29 -82.39 66.02
N PHE F 1419 -54.56 -82.78 65.87
CA PHE F 1419 -54.87 -84.05 65.20
C PHE F 1419 -54.38 -84.04 63.76
N LEU F 1420 -54.58 -82.92 63.05
CA LEU F 1420 -54.11 -82.80 61.67
C LEU F 1420 -52.60 -82.80 61.57
N MET F 1421 -51.88 -82.37 62.61
CA MET F 1421 -50.43 -82.41 62.61
C MET F 1421 -49.86 -83.75 63.03
N GLN F 1422 -50.53 -84.50 63.89
CA GLN F 1422 -50.08 -85.82 64.29
C GLN F 1422 -50.58 -86.93 63.39
N THR F 1423 -51.53 -86.66 62.51
CA THR F 1423 -52.14 -87.70 61.70
C THR F 1423 -51.23 -88.10 60.54
N SER F 1424 -51.48 -89.28 59.98
CA SER F 1424 -50.76 -89.79 58.83
C SER F 1424 -51.73 -90.31 57.77
N THR F 1425 -52.90 -89.67 57.66
CA THR F 1425 -53.95 -90.12 56.77
C THR F 1425 -54.13 -89.12 55.63
N TYR F 1426 -53.98 -89.58 54.40
CA TYR F 1426 -53.95 -88.72 53.22
C TYR F 1426 -55.10 -89.04 52.29
N TYR F 1427 -55.45 -88.05 51.47
CA TYR F 1427 -56.68 -88.08 50.68
C TYR F 1427 -56.46 -87.47 49.31
N TYR F 1428 -57.03 -88.11 48.29
CA TYR F 1428 -57.21 -87.49 46.99
C TYR F 1428 -58.58 -87.90 46.47
N SER F 1429 -59.16 -87.07 45.61
CA SER F 1429 -60.48 -87.33 45.07
C SER F 1429 -60.44 -87.28 43.55
N VAL F 1430 -61.33 -88.07 42.93
CA VAL F 1430 -61.45 -88.14 41.49
C VAL F 1430 -62.91 -87.88 41.12
N ARG F 1431 -63.14 -86.87 40.28
CA ARG F 1431 -64.48 -86.51 39.83
C ARG F 1431 -64.68 -87.03 38.42
N ILE F 1432 -65.69 -87.86 38.24
CA ILE F 1432 -66.02 -88.37 36.91
C ILE F 1432 -66.93 -87.37 36.21
N PHE F 1433 -66.47 -86.87 35.07
CA PHE F 1433 -67.21 -85.84 34.37
C PHE F 1433 -68.52 -86.40 33.81
N PRO F 1434 -69.59 -85.59 33.82
CA PRO F 1434 -70.89 -86.10 33.37
C PRO F 1434 -70.83 -86.56 31.91
N GLY F 1435 -71.57 -87.64 31.63
CA GLY F 1435 -71.59 -88.25 30.33
C GLY F 1435 -70.56 -89.34 30.14
N GLN F 1436 -69.53 -89.38 30.99
CA GLN F 1436 -68.59 -90.48 31.01
C GLN F 1436 -69.20 -91.61 31.82
N GLU F 1437 -69.26 -92.80 31.22
CA GLU F 1437 -69.95 -93.91 31.87
C GLU F 1437 -69.16 -94.32 33.12
N PRO F 1438 -69.81 -94.39 34.29
CA PRO F 1438 -69.08 -94.62 35.53
C PRO F 1438 -68.56 -96.04 35.71
N ALA F 1439 -69.31 -97.05 35.26
CA ALA F 1439 -68.84 -98.43 35.37
C ALA F 1439 -67.62 -98.72 34.51
N ASN F 1440 -67.30 -97.83 33.58
CA ASN F 1440 -66.10 -97.94 32.76
C ASN F 1440 -64.87 -97.29 33.41
N VAL F 1441 -65.02 -96.76 34.62
CA VAL F 1441 -63.94 -96.05 35.31
C VAL F 1441 -63.72 -96.72 36.67
N TRP F 1442 -62.46 -96.97 37.00
CA TRP F 1442 -62.08 -97.54 38.28
C TRP F 1442 -61.10 -96.61 38.96
N VAL F 1443 -61.25 -96.43 40.28
CA VAL F 1443 -60.42 -95.53 41.06
C VAL F 1443 -59.86 -96.28 42.27
N GLY F 1444 -58.60 -96.00 42.57
CA GLY F 1444 -57.94 -96.59 43.72
C GLY F 1444 -56.44 -96.42 43.63
N TRP F 1445 -55.73 -97.36 44.24
CA TRP F 1445 -54.27 -97.33 44.30
C TRP F 1445 -53.68 -98.56 43.63
N ILE F 1446 -52.49 -98.41 43.06
CA ILE F 1446 -51.73 -99.51 42.49
C ILE F 1446 -50.31 -99.46 43.03
N THR F 1447 -49.65 -100.61 43.02
CA THR F 1447 -48.26 -100.71 43.45
C THR F 1447 -47.33 -100.64 42.24
N SER F 1448 -46.04 -100.78 42.50
CA SER F 1448 -45.06 -100.72 41.41
C SER F 1448 -45.10 -101.98 40.55
N ASP F 1449 -45.67 -103.06 41.06
CA ASP F 1449 -45.68 -104.34 40.34
C ASP F 1449 -46.75 -104.41 39.27
N PHE F 1450 -47.64 -103.43 39.18
CA PHE F 1450 -48.74 -103.49 38.23
C PHE F 1450 -48.19 -103.32 36.81
N HIS F 1451 -48.15 -104.43 36.07
CA HIS F 1451 -47.68 -104.44 34.68
C HIS F 1451 -48.66 -105.19 33.79
N GLN F 1452 -49.94 -105.16 34.13
CA GLN F 1452 -50.96 -105.92 33.41
C GLN F 1452 -51.70 -105.00 32.47
N TYR F 1453 -51.63 -105.31 31.17
CA TYR F 1453 -52.33 -104.55 30.13
C TYR F 1453 -53.32 -105.51 29.45
N ASP F 1454 -54.58 -105.41 29.84
CA ASP F 1454 -55.65 -106.20 29.25
C ASP F 1454 -56.70 -105.28 28.67
N THR F 1455 -57.18 -105.59 27.47
CA THR F 1455 -58.24 -104.80 26.86
C THR F 1455 -59.50 -104.83 27.70
N GLY F 1456 -59.75 -105.94 28.40
CA GLY F 1456 -60.86 -106.03 29.33
C GLY F 1456 -60.40 -106.13 30.77
N PHE F 1457 -60.79 -105.18 31.60
CA PHE F 1457 -60.37 -105.12 32.98
C PHE F 1457 -61.55 -105.36 33.91
N ASP F 1458 -61.32 -106.17 34.95
CA ASP F 1458 -62.30 -106.41 35.99
C ASP F 1458 -61.56 -106.56 37.31
N LEU F 1459 -62.24 -106.18 38.40
CA LEU F 1459 -61.65 -106.30 39.72
C LEU F 1459 -61.48 -107.75 40.18
N ASP F 1460 -62.16 -108.69 39.53
CA ASP F 1460 -61.99 -110.10 39.86
C ASP F 1460 -60.72 -110.68 39.25
N ARG F 1461 -60.19 -110.04 38.21
CA ARG F 1461 -59.03 -110.54 37.48
C ARG F 1461 -57.71 -110.07 38.08
N VAL F 1462 -57.75 -109.17 39.08
CA VAL F 1462 -56.52 -108.63 39.64
C VAL F 1462 -55.70 -109.73 40.29
N ARG F 1463 -54.39 -109.57 40.27
CA ARG F 1463 -53.47 -110.56 40.81
C ARG F 1463 -53.46 -110.49 42.33
N THR F 1464 -53.78 -111.61 42.97
CA THR F 1464 -53.84 -111.67 44.43
C THR F 1464 -53.16 -112.94 44.91
N VAL F 1465 -52.70 -112.90 46.16
CA VAL F 1465 -52.15 -114.05 46.86
C VAL F 1465 -52.40 -113.87 48.34
N THR F 1466 -52.60 -115.01 49.03
CA THR F 1466 -52.91 -115.01 50.46
C THR F 1466 -51.82 -115.81 51.18
N VAL F 1467 -50.85 -115.09 51.75
CA VAL F 1467 -49.79 -115.75 52.51
C VAL F 1467 -50.28 -115.97 53.93
N THR F 1468 -50.37 -117.23 54.33
CA THR F 1468 -50.81 -117.61 55.68
C THR F 1468 -49.64 -118.23 56.42
N LEU F 1469 -49.27 -117.63 57.55
CA LEU F 1469 -48.22 -118.14 58.41
C LEU F 1469 -48.84 -118.69 59.69
N GLY F 1470 -48.47 -119.92 60.04
CA GLY F 1470 -49.08 -120.60 61.16
C GLY F 1470 -48.07 -121.03 62.20
N ASP F 1471 -48.56 -121.29 63.40
CA ASP F 1471 -47.73 -121.81 64.47
C ASP F 1471 -47.52 -123.31 64.27
N GLU F 1472 -46.93 -123.96 65.28
CA GLU F 1472 -46.36 -125.29 65.06
C GLU F 1472 -47.41 -126.40 64.94
N LYS F 1473 -48.59 -126.27 65.56
CA LYS F 1473 -49.60 -127.29 65.31
C LYS F 1473 -50.16 -127.18 63.90
N GLY F 1474 -50.33 -125.94 63.42
CA GLY F 1474 -51.02 -125.69 62.17
C GLY F 1474 -52.07 -124.61 62.25
N LYS F 1475 -52.21 -123.94 63.39
CA LYS F 1475 -53.18 -122.85 63.53
C LYS F 1475 -52.69 -121.63 62.77
N VAL F 1476 -53.57 -121.02 61.98
CA VAL F 1476 -53.22 -119.87 61.16
C VAL F 1476 -53.25 -118.62 62.04
N HIS F 1477 -52.09 -118.25 62.59
CA HIS F 1477 -52.04 -117.09 63.48
C HIS F 1477 -52.02 -115.79 62.70
N GLU F 1478 -51.67 -115.82 61.43
CA GLU F 1478 -51.58 -114.61 60.62
C GLU F 1478 -51.91 -114.93 59.17
N SER F 1479 -52.75 -114.09 58.56
CA SER F 1479 -53.10 -114.22 57.16
C SER F 1479 -52.88 -112.87 56.48
N ILE F 1480 -52.09 -112.87 55.40
CA ILE F 1480 -51.78 -111.66 54.66
C ILE F 1480 -52.23 -111.86 53.22
N LYS F 1481 -52.97 -110.90 52.69
CA LYS F 1481 -53.36 -110.91 51.28
C LYS F 1481 -52.61 -109.80 50.56
N ARG F 1482 -51.89 -110.18 49.51
CA ARG F 1482 -51.07 -109.26 48.73
C ARG F 1482 -51.71 -109.08 47.34
N SER F 1483 -51.72 -107.84 46.87
CA SER F 1483 -52.24 -107.53 45.56
C SER F 1483 -51.55 -106.29 45.03
N ASN F 1484 -51.48 -106.18 43.70
CA ASN F 1484 -50.86 -105.02 43.09
C ASN F 1484 -51.90 -103.93 42.79
N CYS F 1485 -53.17 -104.28 42.81
CA CYS F 1485 -54.25 -103.34 42.50
C CYS F 1485 -55.24 -103.30 43.65
N TYR F 1486 -55.45 -102.11 44.22
CA TYR F 1486 -56.44 -101.86 45.26
C TYR F 1486 -57.34 -100.73 44.75
N MET F 1487 -58.35 -101.09 43.97
CA MET F 1487 -59.18 -100.10 43.29
C MET F 1487 -60.64 -100.54 43.31
N VAL F 1488 -61.53 -99.56 43.10
CA VAL F 1488 -62.96 -99.77 43.16
C VAL F 1488 -63.58 -99.21 41.88
N CYS F 1489 -64.79 -99.68 41.57
CA CYS F 1489 -65.51 -99.25 40.40
C CYS F 1489 -66.50 -98.15 40.76
N ALA F 1490 -66.60 -97.14 39.90
CA ALA F 1490 -67.52 -96.03 40.13
C ALA F 1490 -68.97 -96.42 39.92
N GLY F 1491 -69.24 -97.32 38.97
CA GLY F 1491 -70.63 -97.72 38.72
C GLY F 1491 -71.26 -98.40 39.91
N GLU F 1492 -70.49 -99.25 40.60
CA GLU F 1492 -71.00 -99.87 41.82
C GLU F 1492 -71.01 -98.90 43.00
N SER F 1493 -70.05 -97.98 43.04
CA SER F 1493 -70.01 -97.02 44.14
C SER F 1493 -71.23 -96.11 44.11
N MET F 1494 -71.67 -95.71 42.92
CA MET F 1494 -72.81 -94.81 42.76
C MET F 1494 -74.10 -95.56 43.11
N SER F 1495 -74.94 -94.94 43.94
CA SER F 1495 -76.24 -95.53 44.27
C SER F 1495 -77.32 -95.25 43.23
N PRO F 1496 -77.54 -93.99 42.77
CA PRO F 1496 -78.80 -93.69 42.06
C PRO F 1496 -78.92 -94.30 40.67
N GLY F 1497 -77.86 -94.93 40.18
CA GLY F 1497 -77.92 -95.55 38.87
C GLY F 1497 -78.12 -94.53 37.76
N GLN F 1498 -78.77 -94.97 36.68
CA GLN F 1498 -78.84 -94.16 35.47
C GLN F 1498 -79.53 -92.82 35.68
N GLY F 1499 -80.33 -92.67 36.73
CA GLY F 1499 -80.90 -91.38 37.07
C GLY F 1499 -79.85 -90.33 37.41
N ARG F 1500 -78.64 -90.77 37.75
CA ARG F 1500 -77.52 -89.88 38.01
C ARG F 1500 -76.83 -89.64 36.67
N ASN F 1501 -75.58 -89.16 36.69
CA ASN F 1501 -74.80 -88.69 35.55
C ASN F 1501 -75.22 -87.26 35.25
N ASN F 1502 -76.00 -86.70 36.17
CA ASN F 1502 -76.37 -85.29 36.09
C ASN F 1502 -75.17 -84.40 36.39
N ASN F 1503 -74.42 -84.71 37.46
CA ASN F 1503 -73.19 -83.99 37.79
C ASN F 1503 -72.51 -84.70 38.96
N GLY F 1504 -71.20 -84.54 39.07
CA GLY F 1504 -70.52 -84.95 40.28
C GLY F 1504 -69.82 -86.29 40.16
N LEU F 1505 -70.25 -87.24 40.99
CA LEU F 1505 -69.56 -88.52 41.20
C LEU F 1505 -68.11 -88.29 41.58
N GLU F 1506 -67.88 -87.68 42.75
CA GLU F 1506 -66.54 -87.46 43.27
C GLU F 1506 -66.17 -88.65 44.14
N ILE F 1507 -65.32 -89.53 43.62
CA ILE F 1507 -64.84 -90.67 44.40
C ILE F 1507 -63.66 -90.23 45.26
N GLY F 1508 -63.75 -90.52 46.55
CA GLY F 1508 -62.72 -90.14 47.49
C GLY F 1508 -61.94 -91.34 47.97
N CYS F 1509 -60.62 -91.22 47.96
CA CYS F 1509 -59.72 -92.27 48.41
C CYS F 1509 -59.01 -91.81 49.67
N VAL F 1510 -59.08 -92.63 50.72
CA VAL F 1510 -58.49 -92.33 52.01
C VAL F 1510 -57.49 -93.44 52.34
N VAL F 1511 -56.26 -93.05 52.65
CA VAL F 1511 -55.19 -93.99 52.97
C VAL F 1511 -54.64 -93.65 54.35
N ASP F 1512 -54.48 -94.67 55.19
CA ASP F 1512 -53.90 -94.52 56.52
C ASP F 1512 -52.50 -95.11 56.50
N ALA F 1513 -51.49 -94.25 56.37
CA ALA F 1513 -50.11 -94.70 56.26
C ALA F 1513 -49.61 -95.37 57.53
N ALA F 1514 -50.26 -95.15 58.68
CA ALA F 1514 -49.82 -95.76 59.93
C ALA F 1514 -50.42 -97.14 60.16
N SER F 1515 -51.59 -97.42 59.57
CA SER F 1515 -52.25 -98.70 59.75
C SER F 1515 -52.45 -99.47 58.46
N GLY F 1516 -52.26 -98.85 57.29
CA GLY F 1516 -52.44 -99.54 56.03
C GLY F 1516 -53.88 -99.80 55.65
N LEU F 1517 -54.81 -99.01 56.15
CA LEU F 1517 -56.23 -99.17 55.86
C LEU F 1517 -56.61 -98.27 54.69
N LEU F 1518 -57.17 -98.87 53.64
CA LEU F 1518 -57.62 -98.14 52.47
C LEU F 1518 -59.14 -98.09 52.47
N THR F 1519 -59.69 -96.90 52.69
CA THR F 1519 -61.13 -96.68 52.74
C THR F 1519 -61.53 -95.72 51.64
N PHE F 1520 -62.64 -96.03 50.96
CA PHE F 1520 -63.13 -95.23 49.85
C PHE F 1520 -64.46 -94.59 50.22
N ILE F 1521 -64.61 -93.31 49.88
CA ILE F 1521 -65.85 -92.58 50.08
C ILE F 1521 -66.37 -92.12 48.72
N ALA F 1522 -67.69 -92.11 48.57
CA ALA F 1522 -68.35 -91.72 47.33
C ALA F 1522 -69.53 -90.82 47.66
N ASN F 1523 -69.44 -89.55 47.27
CA ASN F 1523 -70.50 -88.56 47.52
C ASN F 1523 -70.84 -88.48 49.00
N GLY F 1524 -69.82 -88.56 49.85
CA GLY F 1524 -70.00 -88.36 51.28
C GLY F 1524 -70.42 -89.57 52.08
N LYS F 1525 -70.48 -90.75 51.48
CA LYS F 1525 -70.81 -91.98 52.19
C LYS F 1525 -69.62 -92.93 52.14
N GLU F 1526 -69.39 -93.64 53.24
CA GLU F 1526 -68.29 -94.59 53.33
C GLU F 1526 -68.65 -95.86 52.57
N LEU F 1527 -67.87 -96.17 51.53
CA LEU F 1527 -68.14 -97.38 50.75
C LEU F 1527 -67.78 -98.63 51.55
N SER F 1528 -68.47 -99.72 51.23
CA SER F 1528 -68.26 -100.97 51.95
C SER F 1528 -66.88 -101.58 51.71
N THR F 1529 -66.37 -101.48 50.49
CA THR F 1529 -65.10 -102.11 50.16
C THR F 1529 -63.95 -101.40 50.88
N TYR F 1530 -63.07 -102.19 51.48
CA TYR F 1530 -61.88 -101.68 52.15
C TYR F 1530 -60.74 -102.66 51.95
N TYR F 1531 -59.52 -102.13 51.85
CA TYR F 1531 -58.33 -102.94 51.62
C TYR F 1531 -57.34 -102.70 52.75
N GLN F 1532 -56.80 -103.79 53.29
CA GLN F 1532 -55.75 -103.73 54.30
C GLN F 1532 -54.43 -104.13 53.65
N VAL F 1533 -53.47 -103.21 53.65
CA VAL F 1533 -52.20 -103.46 52.97
C VAL F 1533 -51.11 -103.74 54.01
N GLU F 1534 -50.04 -104.37 53.56
CA GLU F 1534 -48.82 -104.81 54.23
C GLU F 1534 -47.92 -103.60 54.50
N PRO F 1535 -47.16 -103.62 55.60
CA PRO F 1535 -46.29 -102.49 55.91
C PRO F 1535 -45.26 -102.21 54.82
N SER F 1536 -44.90 -100.94 54.69
CA SER F 1536 -43.91 -100.44 53.74
C SER F 1536 -44.34 -100.56 52.29
N THR F 1537 -45.64 -100.69 52.03
CA THR F 1537 -46.13 -100.76 50.66
C THR F 1537 -46.16 -99.37 50.04
N LYS F 1538 -45.70 -99.27 48.80
CA LYS F 1538 -45.70 -98.02 48.04
C LYS F 1538 -46.94 -98.02 47.16
N LEU F 1539 -47.84 -97.07 47.41
CA LEU F 1539 -49.13 -97.00 46.73
C LEU F 1539 -49.14 -95.81 45.77
N PHE F 1540 -49.45 -96.06 44.51
CA PHE F 1540 -49.54 -95.03 43.49
C PHE F 1540 -50.99 -94.71 43.23
N PRO F 1541 -51.44 -93.46 43.39
CA PRO F 1541 -52.81 -93.10 42.99
C PRO F 1541 -53.02 -93.38 41.50
N ALA F 1542 -54.05 -94.16 41.19
CA ALA F 1542 -54.27 -94.60 39.82
C ALA F 1542 -55.76 -94.61 39.51
N VAL F 1543 -56.08 -94.39 38.23
CA VAL F 1543 -57.45 -94.43 37.73
C VAL F 1543 -57.43 -95.10 36.37
N PHE F 1544 -58.21 -96.17 36.21
CA PHE F 1544 -58.35 -96.85 34.93
C PHE F 1544 -59.73 -96.53 34.37
N ALA F 1545 -59.77 -96.11 33.11
CA ALA F 1545 -61.01 -95.67 32.51
C ALA F 1545 -61.04 -95.97 31.02
N GLN F 1546 -62.19 -96.43 30.55
CA GLN F 1546 -62.49 -96.49 29.12
C GLN F 1546 -63.33 -95.28 28.76
N ALA F 1547 -62.80 -94.43 27.90
CA ALA F 1547 -63.36 -93.10 27.69
C ALA F 1547 -64.58 -93.18 26.77
N THR F 1548 -65.74 -92.82 27.30
CA THR F 1548 -66.97 -92.70 26.52
C THR F 1548 -67.37 -91.24 26.30
N SER F 1549 -66.57 -90.30 26.78
CA SER F 1549 -66.85 -88.88 26.65
C SER F 1549 -65.56 -88.15 26.34
N PRO F 1550 -65.63 -86.98 25.69
CA PRO F 1550 -64.39 -86.20 25.48
C PRO F 1550 -63.69 -85.83 26.76
N ASN F 1551 -64.44 -85.60 27.84
CA ASN F 1551 -63.90 -85.29 29.15
C ASN F 1551 -64.13 -86.48 30.06
N VAL F 1552 -63.05 -87.16 30.43
CA VAL F 1552 -63.11 -88.35 31.27
C VAL F 1552 -62.25 -88.11 32.51
N PHE F 1553 -62.90 -88.08 33.68
CA PHE F 1553 -62.34 -87.96 35.03
C PHE F 1553 -61.31 -86.85 35.21
N GLN F 1554 -61.01 -86.53 36.46
CA GLN F 1554 -60.04 -85.47 36.78
C GLN F 1554 -59.52 -85.70 38.19
N PHE F 1555 -58.22 -85.64 38.36
CA PHE F 1555 -57.64 -85.75 39.70
C PHE F 1555 -57.84 -84.45 40.46
N GLU F 1556 -58.37 -84.55 41.69
CA GLU F 1556 -58.47 -83.41 42.59
C GLU F 1556 -57.63 -83.69 43.81
N LEU F 1557 -56.59 -82.88 44.01
CA LEU F 1557 -55.62 -83.08 45.09
C LEU F 1557 -56.04 -82.31 46.34
N GLY F 1558 -57.28 -82.51 46.73
CA GLY F 1558 -57.90 -81.79 47.83
C GLY F 1558 -57.74 -82.49 49.16
N ARG F 1559 -58.57 -82.08 50.12
CA ARG F 1559 -58.55 -82.66 51.45
C ARG F 1559 -59.93 -82.52 52.07
N ILE F 1560 -60.21 -83.39 53.04
CA ILE F 1560 -61.46 -83.33 53.79
C ILE F 1560 -61.12 -83.10 55.27
N LYS F 1561 -62.14 -83.00 56.11
CA LYS F 1561 -61.92 -82.69 57.52
C LYS F 1561 -61.08 -83.78 58.18
N ASN F 1562 -60.06 -83.35 58.94
CA ASN F 1562 -59.16 -84.20 59.73
C ASN F 1562 -58.34 -85.15 58.88
N VAL F 1563 -58.20 -84.91 57.58
CA VAL F 1563 -57.45 -85.80 56.70
C VAL F 1563 -56.39 -84.98 55.97
N MET F 1564 -55.14 -85.44 56.03
CA MET F 1564 -54.00 -84.72 55.50
C MET F 1564 -54.10 -84.69 53.97
N PRO F 1565 -53.59 -83.64 53.34
CA PRO F 1565 -53.57 -83.59 51.87
C PRO F 1565 -52.55 -84.56 51.28
N LEU F 1566 -52.77 -84.87 50.00
CA LEU F 1566 -51.94 -85.84 49.30
C LEU F 1566 -50.49 -85.38 49.17
N SER F 1567 -50.27 -84.10 48.87
CA SER F 1567 -48.93 -83.58 48.74
C SER F 1567 -48.11 -83.70 50.02
N ALA F 1568 -48.76 -83.63 51.18
CA ALA F 1568 -48.05 -83.83 52.45
C ALA F 1568 -47.47 -85.23 52.55
N GLY F 1569 -48.25 -86.24 52.18
CA GLY F 1569 -47.71 -87.59 52.16
C GLY F 1569 -46.66 -87.78 51.08
N LEU F 1570 -46.88 -87.19 49.91
CA LEU F 1570 -45.99 -87.42 48.77
C LEU F 1570 -44.61 -86.80 49.03
N PHE F 1571 -44.59 -85.55 49.47
CA PHE F 1571 -43.34 -84.82 49.63
C PHE F 1571 -42.97 -84.72 51.12
N LYS F 1572 -41.67 -84.64 51.37
CA LYS F 1572 -41.14 -84.52 52.72
C LYS F 1572 -40.96 -83.08 53.18
N SER F 1573 -40.69 -82.15 52.26
CA SER F 1573 -40.60 -80.75 52.62
C SER F 1573 -41.96 -80.17 52.98
N GLU F 1574 -43.04 -80.79 52.53
CA GLU F 1574 -44.41 -80.36 52.81
C GLU F 1574 -45.11 -81.32 53.77
N HIS F 1575 -44.32 -81.99 54.60
CA HIS F 1575 -44.87 -83.05 55.46
C HIS F 1575 -45.87 -82.49 56.46
N LYS F 1576 -45.62 -81.28 56.97
CA LYS F 1576 -46.49 -80.63 57.94
C LYS F 1576 -47.26 -79.46 57.35
N ASN F 1577 -47.46 -79.44 56.03
CA ASN F 1577 -48.18 -78.35 55.38
C ASN F 1577 -49.59 -78.80 55.06
N PRO F 1578 -50.61 -78.28 55.76
CA PRO F 1578 -51.99 -78.72 55.47
C PRO F 1578 -52.54 -78.18 54.16
N VAL F 1579 -51.93 -77.13 53.61
CA VAL F 1579 -52.46 -76.55 52.37
C VAL F 1579 -52.18 -77.49 51.21
N PRO F 1580 -53.20 -77.91 50.46
CA PRO F 1580 -52.95 -78.79 49.31
C PRO F 1580 -52.08 -78.11 48.26
N GLN F 1581 -51.19 -78.89 47.64
CA GLN F 1581 -50.28 -78.38 46.63
C GLN F 1581 -50.11 -79.42 45.54
N CYS F 1582 -49.75 -78.94 44.35
CA CYS F 1582 -49.46 -79.80 43.19
C CYS F 1582 -48.13 -79.37 42.59
N PRO F 1583 -47.02 -79.83 43.17
CA PRO F 1583 -45.71 -79.47 42.64
C PRO F 1583 -45.50 -80.05 41.26
N PRO F 1584 -44.60 -79.45 40.46
CA PRO F 1584 -44.43 -79.91 39.06
C PRO F 1584 -43.95 -81.34 38.94
N ARG F 1585 -43.35 -81.91 39.99
CA ARG F 1585 -42.89 -83.29 39.92
C ARG F 1585 -44.05 -84.25 39.69
N LEU F 1586 -45.16 -84.02 40.38
CA LEU F 1586 -46.34 -84.87 40.20
C LEU F 1586 -46.94 -84.62 38.82
N HIS F 1587 -47.14 -85.71 38.07
CA HIS F 1587 -47.72 -85.62 36.74
C HIS F 1587 -48.38 -86.95 36.40
N VAL F 1588 -49.34 -86.89 35.47
CA VAL F 1588 -50.08 -88.09 35.10
C VAL F 1588 -49.20 -88.99 34.24
N GLN F 1589 -49.21 -90.28 34.56
CA GLN F 1589 -48.48 -91.29 33.80
C GLN F 1589 -49.45 -92.34 33.31
N PHE F 1590 -49.17 -92.91 32.13
CA PHE F 1590 -50.05 -93.87 31.49
C PHE F 1590 -49.27 -95.09 31.03
N LEU F 1591 -49.96 -96.22 31.01
CA LEU F 1591 -49.35 -97.48 30.59
C LEU F 1591 -49.32 -97.57 29.07
N SER F 1592 -48.16 -97.94 28.53
CA SER F 1592 -48.02 -98.13 27.08
C SER F 1592 -46.95 -99.19 26.82
N HIS F 1593 -46.87 -99.60 25.56
CA HIS F 1593 -45.91 -100.61 25.13
C HIS F 1593 -44.78 -100.04 24.28
N VAL F 1594 -44.71 -98.71 24.12
CA VAL F 1594 -43.67 -98.12 23.28
C VAL F 1594 -42.41 -97.89 24.10
N LEU F 1595 -41.62 -98.94 24.27
CA LEU F 1595 -40.36 -98.89 25.00
C LEU F 1595 -39.45 -99.99 24.49
N TRP F 1596 -38.16 -99.71 24.42
CA TRP F 1596 -37.18 -100.69 24.00
C TRP F 1596 -36.50 -101.33 25.21
N SER F 1597 -36.04 -102.56 25.01
CA SER F 1597 -35.32 -103.30 26.04
C SER F 1597 -33.98 -103.75 25.49
N ARG F 1598 -32.97 -103.75 26.36
CA ARG F 1598 -31.61 -104.06 25.96
C ARG F 1598 -31.27 -105.51 26.31
N MET F 1599 -30.93 -106.30 25.30
CA MET F 1599 -30.47 -107.67 25.53
C MET F 1599 -29.07 -107.65 26.13
N PRO F 1600 -28.84 -108.34 27.23
CA PRO F 1600 -27.50 -108.33 27.85
C PRO F 1600 -26.44 -108.88 26.91
N ASN F 1601 -25.25 -108.29 26.99
CA ASN F 1601 -24.14 -108.73 26.15
C ASN F 1601 -23.68 -110.13 26.51
N GLN F 1602 -23.81 -110.51 27.78
CA GLN F 1602 -23.39 -111.82 28.27
C GLN F 1602 -24.46 -112.39 29.19
N PHE F 1603 -24.60 -113.72 29.16
CA PHE F 1603 -25.55 -114.42 30.00
C PHE F 1603 -24.81 -115.43 30.86
N LEU F 1604 -25.51 -115.93 31.88
CA LEU F 1604 -24.92 -116.92 32.78
C LEU F 1604 -24.66 -118.23 32.05
N LYS F 1605 -23.56 -118.88 32.41
CA LYS F 1605 -23.21 -120.20 31.86
C LYS F 1605 -23.90 -121.27 32.68
N VAL F 1606 -25.00 -121.81 32.16
CA VAL F 1606 -25.78 -122.84 32.84
C VAL F 1606 -25.84 -124.06 31.94
N ASP F 1607 -25.52 -125.22 32.50
CA ASP F 1607 -25.63 -126.49 31.80
C ASP F 1607 -26.66 -127.38 32.48
N VAL F 1608 -27.45 -128.09 31.69
CA VAL F 1608 -28.50 -128.97 32.19
C VAL F 1608 -28.38 -130.31 31.48
N SER F 1609 -28.44 -131.40 32.25
CA SER F 1609 -28.34 -132.74 31.70
C SER F 1609 -28.98 -133.72 32.66
N ARG F 1610 -29.34 -134.89 32.13
CA ARG F 1610 -29.85 -135.99 32.95
C ARG F 1610 -28.66 -136.81 33.45
N ILE F 1611 -28.40 -136.75 34.76
CA ILE F 1611 -27.34 -137.57 35.32
C ILE F 1611 -27.65 -139.05 35.13
N SER F 1612 -28.88 -139.45 35.46
CA SER F 1612 -29.35 -140.82 35.32
C SER F 1612 -30.82 -140.85 35.69
N GLU F 1613 -31.45 -142.00 35.43
CA GLU F 1613 -32.76 -142.27 36.01
C GLU F 1613 -32.66 -142.31 37.54
N ARG F 1614 -31.51 -142.73 38.06
CA ARG F 1614 -31.31 -142.80 39.50
C ARG F 1614 -31.23 -141.40 40.12
N GLN F 1615 -30.63 -140.45 39.40
CA GLN F 1615 -30.29 -139.17 40.02
C GLN F 1615 -31.10 -137.99 39.50
N GLY F 1616 -31.63 -138.07 38.28
CA GLY F 1616 -32.44 -136.97 37.79
C GLY F 1616 -31.68 -135.98 36.91
N TRP F 1617 -32.26 -134.80 36.79
CA TRP F 1617 -31.71 -133.74 35.94
C TRP F 1617 -30.87 -132.78 36.78
N LEU F 1618 -29.65 -132.50 36.31
CA LEU F 1618 -28.71 -131.64 37.01
C LEU F 1618 -28.61 -130.32 36.29
N VAL F 1619 -28.70 -129.22 37.06
CA VAL F 1619 -28.43 -127.88 36.56
C VAL F 1619 -27.32 -127.29 37.42
N GLN F 1620 -26.42 -126.53 36.80
CA GLN F 1620 -25.20 -126.09 37.47
C GLN F 1620 -24.73 -124.77 36.85
N CYS F 1621 -24.67 -123.72 37.66
CA CYS F 1621 -24.08 -122.44 37.27
C CYS F 1621 -22.95 -122.16 38.25
N LEU F 1622 -21.75 -121.94 37.73
CA LEU F 1622 -20.57 -121.77 38.56
C LEU F 1622 -19.78 -120.51 38.25
N ASP F 1623 -20.28 -119.63 37.38
CA ASP F 1623 -19.58 -118.40 37.04
C ASP F 1623 -20.37 -117.20 37.52
N PRO F 1624 -19.75 -116.28 38.26
CA PRO F 1624 -20.49 -115.12 38.76
C PRO F 1624 -20.50 -113.97 37.76
N LEU F 1625 -21.71 -113.46 37.51
CA LEU F 1625 -21.89 -112.27 36.69
C LEU F 1625 -22.67 -111.24 37.48
N GLN F 1626 -22.28 -109.98 37.33
CA GLN F 1626 -22.92 -108.88 38.06
C GLN F 1626 -23.14 -107.72 37.10
N PHE F 1627 -24.12 -106.88 37.43
CA PHE F 1627 -24.44 -105.70 36.65
C PHE F 1627 -24.87 -104.58 37.58
N MET F 1628 -24.56 -103.35 37.18
CA MET F 1628 -25.00 -102.16 37.90
C MET F 1628 -26.49 -101.96 37.67
N SER F 1629 -27.23 -101.70 38.74
CA SER F 1629 -28.66 -101.40 38.65
C SER F 1629 -28.89 -99.97 39.08
N LEU F 1630 -29.41 -99.15 38.16
CA LEU F 1630 -29.76 -97.77 38.48
C LEU F 1630 -31.17 -97.73 39.01
N HIS F 1631 -31.30 -97.41 40.29
CA HIS F 1631 -32.59 -97.43 40.99
C HIS F 1631 -33.19 -96.04 40.97
N ILE F 1632 -34.32 -95.89 40.30
CA ILE F 1632 -35.08 -94.64 40.33
C ILE F 1632 -35.85 -94.62 41.65
N PRO F 1633 -35.58 -93.65 42.53
CA PRO F 1633 -36.22 -93.71 43.86
C PRO F 1633 -37.71 -93.46 43.84
N GLU F 1634 -38.18 -92.51 43.02
CA GLU F 1634 -39.60 -92.16 43.04
C GLU F 1634 -40.48 -93.29 42.52
N GLU F 1635 -40.06 -93.93 41.43
CA GLU F 1635 -40.88 -94.94 40.77
C GLU F 1635 -40.67 -96.35 41.31
N ASN F 1636 -39.75 -96.53 42.26
CA ASN F 1636 -39.51 -97.82 42.92
C ASN F 1636 -39.18 -98.91 41.90
N ARG F 1637 -38.42 -98.55 40.87
CA ARG F 1637 -37.97 -99.51 39.86
C ARG F 1637 -36.49 -99.28 39.57
N SER F 1638 -35.84 -100.35 39.11
CA SER F 1638 -34.41 -100.30 38.83
C SER F 1638 -34.16 -100.82 37.43
N VAL F 1639 -33.21 -100.19 36.74
CA VAL F 1639 -32.82 -100.58 35.40
C VAL F 1639 -31.31 -100.74 35.35
N ASP F 1640 -30.85 -101.54 34.39
CA ASP F 1640 -29.42 -101.68 34.17
C ASP F 1640 -28.83 -100.36 33.67
N ILE F 1641 -27.65 -100.01 34.20
CA ILE F 1641 -27.07 -98.72 33.85
C ILE F 1641 -26.67 -98.66 32.39
N LEU F 1642 -26.42 -99.81 31.76
CA LEU F 1642 -26.06 -99.84 30.35
C LEU F 1642 -27.21 -99.43 29.44
N GLU F 1643 -28.44 -99.38 29.97
CA GLU F 1643 -29.59 -98.87 29.23
C GLU F 1643 -29.60 -97.36 29.11
N LEU F 1644 -28.73 -96.65 29.85
CA LEU F 1644 -28.67 -95.21 29.76
C LEU F 1644 -28.05 -94.70 28.47
N THR F 1645 -27.50 -95.60 27.64
CA THR F 1645 -27.01 -95.19 26.33
C THR F 1645 -28.14 -94.63 25.46
N GLU F 1646 -29.37 -95.10 25.70
CA GLU F 1646 -30.53 -94.65 24.93
C GLU F 1646 -31.48 -93.77 25.74
N GLN F 1647 -31.17 -93.52 27.01
CA GLN F 1647 -31.94 -92.60 27.85
C GLN F 1647 -31.04 -91.41 28.17
N GLU F 1648 -31.23 -90.32 27.43
CA GLU F 1648 -30.29 -89.20 27.49
C GLU F 1648 -30.47 -88.39 28.78
N GLU F 1649 -31.72 -88.15 29.19
CA GLU F 1649 -31.97 -87.33 30.37
C GLU F 1649 -31.38 -87.96 31.62
N LEU F 1650 -31.61 -89.27 31.81
CA LEU F 1650 -31.04 -89.97 32.95
C LEU F 1650 -29.52 -89.97 32.89
N LEU F 1651 -28.97 -90.14 31.68
CA LEU F 1651 -27.51 -90.13 31.53
C LEU F 1651 -26.92 -88.80 31.97
N LYS F 1652 -27.49 -87.68 31.51
CA LYS F 1652 -26.96 -86.37 31.89
C LYS F 1652 -27.14 -86.12 33.38
N PHE F 1653 -28.31 -86.48 33.93
CA PHE F 1653 -28.54 -86.24 35.35
C PHE F 1653 -27.57 -87.05 36.20
N HIS F 1654 -27.31 -88.30 35.84
CA HIS F 1654 -26.36 -89.12 36.59
C HIS F 1654 -24.92 -88.64 36.41
N TYR F 1655 -24.54 -88.16 35.22
CA TYR F 1655 -23.21 -87.60 35.05
C TYR F 1655 -23.01 -86.37 35.94
N HIS F 1656 -24.00 -85.49 36.00
CA HIS F 1656 -23.88 -84.35 36.89
C HIS F 1656 -23.98 -84.73 38.36
N THR F 1657 -24.69 -85.80 38.70
CA THR F 1657 -24.66 -86.33 40.06
C THR F 1657 -23.26 -86.82 40.42
N LEU F 1658 -22.58 -87.50 39.48
CA LEU F 1658 -21.21 -87.93 39.71
C LEU F 1658 -20.28 -86.74 39.88
N ARG F 1659 -20.49 -85.69 39.07
CA ARG F 1659 -19.67 -84.48 39.25
C ARG F 1659 -19.94 -83.82 40.59
N LEU F 1660 -21.18 -83.82 41.07
CA LEU F 1660 -21.47 -83.32 42.42
C LEU F 1660 -20.78 -84.16 43.48
N TYR F 1661 -20.77 -85.48 43.29
CA TYR F 1661 -20.05 -86.36 44.21
C TYR F 1661 -18.57 -86.01 44.26
N SER F 1662 -17.96 -85.73 43.09
CA SER F 1662 -16.58 -85.29 43.07
C SER F 1662 -16.39 -83.94 43.76
N ALA F 1663 -17.29 -82.99 43.51
CA ALA F 1663 -17.18 -81.64 44.05
C ALA F 1663 -17.32 -81.60 45.57
N VAL F 1664 -18.21 -82.40 46.15
CA VAL F 1664 -18.40 -82.34 47.59
C VAL F 1664 -17.19 -82.86 48.34
N CYS F 1665 -16.42 -83.78 47.73
CA CYS F 1665 -15.23 -84.34 48.33
C CYS F 1665 -13.94 -83.76 47.74
N ALA F 1666 -14.06 -82.75 46.89
CA ALA F 1666 -12.90 -82.13 46.29
C ALA F 1666 -12.01 -81.46 47.33
N LEU F 1667 -10.71 -81.43 47.03
CA LEU F 1667 -9.69 -80.80 47.87
C LEU F 1667 -9.64 -81.41 49.27
N GLY F 1668 -9.58 -82.74 49.31
CA GLY F 1668 -9.29 -83.45 50.54
C GLY F 1668 -10.33 -83.36 51.63
N ASN F 1669 -11.62 -83.44 51.29
CA ASN F 1669 -12.67 -83.56 52.30
C ASN F 1669 -12.81 -85.04 52.64
N HIS F 1670 -12.00 -85.47 53.61
CA HIS F 1670 -11.88 -86.88 53.91
C HIS F 1670 -13.15 -87.44 54.54
N ARG F 1671 -13.81 -86.65 55.39
CA ARG F 1671 -15.08 -87.10 55.97
C ARG F 1671 -16.14 -87.30 54.90
N VAL F 1672 -16.21 -86.36 53.94
CA VAL F 1672 -17.15 -86.50 52.83
C VAL F 1672 -16.78 -87.69 51.96
N ALA F 1673 -15.48 -87.96 51.81
CA ALA F 1673 -15.06 -89.14 51.06
C ALA F 1673 -15.51 -90.43 51.74
N HIS F 1674 -15.37 -90.50 53.06
CA HIS F 1674 -15.88 -91.65 53.80
C HIS F 1674 -17.39 -91.77 53.65
N ALA F 1675 -18.10 -90.65 53.70
CA ALA F 1675 -19.55 -90.69 53.51
C ALA F 1675 -19.92 -91.20 52.12
N LEU F 1676 -19.19 -90.75 51.10
CA LEU F 1676 -19.44 -91.16 49.72
C LEU F 1676 -19.05 -92.61 49.46
N CYS F 1677 -18.15 -93.17 50.26
CA CYS F 1677 -17.83 -94.60 50.13
C CYS F 1677 -19.07 -95.46 50.38
N SER F 1678 -20.03 -94.96 51.16
CA SER F 1678 -21.26 -95.70 51.37
C SER F 1678 -22.16 -95.68 50.13
N HIS F 1679 -22.21 -94.56 49.42
CA HIS F 1679 -23.10 -94.39 48.27
C HIS F 1679 -22.51 -95.03 47.01
N VAL F 1680 -21.24 -94.78 46.73
CA VAL F 1680 -20.55 -95.37 45.60
C VAL F 1680 -19.53 -96.35 46.18
N ASP F 1681 -19.73 -97.64 45.94
CA ASP F 1681 -18.95 -98.66 46.62
C ASP F 1681 -17.72 -99.04 45.80
N GLU F 1682 -16.78 -99.68 46.48
CA GLU F 1682 -15.58 -100.19 45.83
C GLU F 1682 -15.87 -101.17 44.70
N PRO F 1683 -16.71 -102.21 44.87
CA PRO F 1683 -17.03 -103.07 43.72
C PRO F 1683 -17.70 -102.34 42.59
N GLN F 1684 -18.59 -101.38 42.87
CA GLN F 1684 -19.20 -100.58 41.82
C GLN F 1684 -18.18 -99.76 41.04
N LEU F 1685 -17.21 -99.15 41.72
CA LEU F 1685 -16.14 -98.46 41.04
C LEU F 1685 -15.28 -99.41 40.20
N LEU F 1686 -14.88 -100.54 40.77
CA LEU F 1686 -14.04 -101.51 40.09
C LEU F 1686 -14.72 -102.14 38.87
N TYR F 1687 -16.05 -102.24 38.87
CA TYR F 1687 -16.81 -102.71 37.72
C TYR F 1687 -16.96 -101.63 36.65
N ALA F 1688 -17.25 -100.40 37.08
CA ALA F 1688 -17.40 -99.30 36.12
C ALA F 1688 -16.08 -99.00 35.43
N ILE F 1689 -14.95 -99.25 36.11
CA ILE F 1689 -13.65 -99.02 35.48
C ILE F 1689 -13.43 -99.98 34.32
N GLU F 1690 -13.77 -101.26 34.50
CA GLU F 1690 -13.46 -102.27 33.50
C GLU F 1690 -14.51 -102.46 32.42
N ASN F 1691 -15.80 -102.27 32.73
CA ASN F 1691 -16.83 -102.65 31.76
C ASN F 1691 -16.67 -101.87 30.47
N LYS F 1692 -16.64 -102.60 29.35
CA LYS F 1692 -16.42 -102.02 28.04
C LYS F 1692 -17.65 -101.36 27.45
N TYR F 1693 -18.84 -101.74 27.89
CA TYR F 1693 -20.09 -101.14 27.45
C TYR F 1693 -20.48 -99.97 28.34
N MET F 1694 -19.59 -99.56 29.24
CA MET F 1694 -19.75 -98.34 30.01
C MET F 1694 -19.97 -97.15 29.07
N PRO F 1695 -21.02 -96.36 29.29
CA PRO F 1695 -21.17 -95.13 28.53
C PRO F 1695 -19.99 -94.21 28.81
N GLY F 1696 -19.66 -93.38 27.82
CA GLY F 1696 -18.45 -92.56 27.92
C GLY F 1696 -18.50 -91.55 29.05
N LEU F 1697 -19.61 -90.80 29.14
CA LEU F 1697 -19.73 -89.76 30.16
C LEU F 1697 -19.70 -90.36 31.57
N LEU F 1698 -20.48 -91.42 31.79
CA LEU F 1698 -20.50 -92.07 33.09
C LEU F 1698 -19.16 -92.71 33.41
N ARG F 1699 -18.49 -93.24 32.39
CA ARG F 1699 -17.16 -93.81 32.56
C ARG F 1699 -16.17 -92.75 33.06
N ALA F 1700 -16.15 -91.60 32.39
CA ALA F 1700 -15.27 -90.52 32.81
C ALA F 1700 -15.62 -90.04 34.21
N GLY F 1701 -16.92 -89.92 34.51
CA GLY F 1701 -17.35 -89.54 35.83
C GLY F 1701 -16.90 -90.50 36.91
N TYR F 1702 -16.96 -91.80 36.62
CA TYR F 1702 -16.58 -92.79 37.63
C TYR F 1702 -15.07 -92.83 37.82
N TYR F 1703 -14.29 -92.69 36.73
CA TYR F 1703 -12.84 -92.57 36.89
C TYR F 1703 -12.48 -91.35 37.74
N ASP F 1704 -13.10 -90.20 37.45
CA ASP F 1704 -12.86 -89.01 38.24
C ASP F 1704 -13.29 -89.17 39.70
N LEU F 1705 -14.43 -89.82 39.95
CA LEU F 1705 -14.87 -90.04 41.31
C LEU F 1705 -13.92 -90.95 42.07
N LEU F 1706 -13.44 -92.03 41.44
CA LEU F 1706 -12.47 -92.89 42.09
C LEU F 1706 -11.20 -92.13 42.43
N ILE F 1707 -10.71 -91.33 41.47
CA ILE F 1707 -9.49 -90.56 41.72
C ILE F 1707 -9.70 -89.58 42.87
N ASP F 1708 -10.86 -88.91 42.90
CA ASP F 1708 -11.12 -87.91 43.93
C ASP F 1708 -11.24 -88.55 45.31
N ILE F 1709 -12.04 -89.61 45.43
CA ILE F 1709 -12.28 -90.22 46.73
C ILE F 1709 -11.05 -90.93 47.26
N HIS F 1710 -10.29 -91.62 46.42
CA HIS F 1710 -9.28 -92.49 47.02
C HIS F 1710 -7.85 -92.05 46.80
N LEU F 1711 -7.56 -91.26 45.77
CA LEU F 1711 -6.18 -91.02 45.36
C LEU F 1711 -5.80 -89.54 45.31
N SER F 1712 -6.78 -88.63 45.26
CA SER F 1712 -6.49 -87.23 44.98
C SER F 1712 -5.63 -86.59 46.06
N SER F 1713 -5.93 -86.86 47.33
CA SER F 1713 -5.23 -86.19 48.43
C SER F 1713 -3.75 -86.54 48.43
N TYR F 1714 -3.42 -87.84 48.41
CA TYR F 1714 -2.03 -88.23 48.40
C TYR F 1714 -1.33 -87.80 47.12
N ALA F 1715 -2.03 -87.89 45.97
CA ALA F 1715 -1.42 -87.44 44.73
C ALA F 1715 -1.03 -85.97 44.79
N THR F 1716 -1.94 -85.12 45.26
CA THR F 1716 -1.68 -83.70 45.38
C THR F 1716 -0.55 -83.39 46.33
N ALA F 1717 -0.52 -84.02 47.52
CA ALA F 1717 0.57 -83.76 48.45
C ALA F 1717 1.91 -84.17 47.87
N ARG F 1718 1.98 -85.39 47.33
CA ARG F 1718 3.23 -85.91 46.80
C ARG F 1718 3.65 -85.14 45.55
N LEU F 1719 2.70 -84.48 44.89
CA LEU F 1719 3.02 -83.68 43.75
C LEU F 1719 3.56 -82.31 44.12
N MET F 1720 2.94 -81.63 45.07
CA MET F 1720 3.44 -80.29 45.30
C MET F 1720 4.68 -80.32 46.16
N MET F 1721 4.93 -81.47 46.81
CA MET F 1721 6.21 -81.75 47.49
C MET F 1721 7.24 -82.30 46.51
N ASN F 1722 7.13 -82.00 45.21
CA ASN F 1722 7.99 -82.65 44.23
C ASN F 1722 9.31 -81.91 44.06
N ASN F 1723 9.26 -80.58 43.89
CA ASN F 1723 10.44 -79.80 43.56
C ASN F 1723 11.38 -79.57 44.74
N GLU F 1724 11.13 -80.23 45.87
CA GLU F 1724 12.01 -80.14 47.03
C GLU F 1724 12.69 -81.48 47.24
N TYR F 1725 14.02 -81.48 47.25
CA TYR F 1725 14.82 -82.70 47.38
C TYR F 1725 15.55 -82.67 48.72
N ILE F 1726 14.99 -83.36 49.70
CA ILE F 1726 15.61 -83.52 51.01
C ILE F 1726 16.13 -84.94 51.07
N VAL F 1727 17.43 -85.11 50.90
CA VAL F 1727 18.06 -86.42 50.78
C VAL F 1727 18.86 -86.70 52.05
N PRO F 1728 18.62 -87.82 52.73
CA PRO F 1728 19.37 -88.10 53.95
C PRO F 1728 20.79 -88.56 53.66
N MET F 1729 21.63 -88.53 54.70
CA MET F 1729 23.01 -89.00 54.56
C MET F 1729 23.15 -90.45 55.03
N THR F 1730 22.66 -91.36 54.20
CA THR F 1730 22.62 -92.78 54.52
C THR F 1730 23.57 -93.56 53.60
N GLU F 1731 23.84 -94.82 53.95
CA GLU F 1731 24.72 -95.66 53.16
C GLU F 1731 24.10 -96.00 51.82
N GLU F 1732 22.78 -96.25 51.80
CA GLU F 1732 22.09 -96.48 50.55
C GLU F 1732 22.13 -95.24 49.66
N THR F 1733 22.17 -94.06 50.27
CA THR F 1733 22.39 -92.83 49.51
C THR F 1733 23.79 -92.77 48.92
N LYS F 1734 24.80 -93.20 49.68
CA LYS F 1734 26.16 -93.26 49.17
C LYS F 1734 26.28 -94.23 48.01
N SER F 1735 25.50 -95.31 48.04
CA SER F 1735 25.57 -96.32 46.99
C SER F 1735 25.07 -95.81 45.65
N ILE F 1736 24.30 -94.72 45.64
CA ILE F 1736 23.71 -94.23 44.40
C ILE F 1736 24.80 -93.72 43.46
N THR F 1737 24.64 -94.01 42.17
CA THR F 1737 25.56 -93.57 41.14
C THR F 1737 24.78 -93.02 39.95
N LEU F 1738 25.46 -92.20 39.14
CA LEU F 1738 24.82 -91.64 37.95
C LEU F 1738 24.42 -92.71 36.96
N PHE F 1739 25.28 -93.69 36.72
CA PHE F 1739 25.06 -94.68 35.67
C PHE F 1739 25.08 -96.08 36.26
N PRO F 1740 24.25 -97.00 35.75
CA PRO F 1740 24.21 -98.35 36.35
C PRO F 1740 25.53 -99.11 36.30
N ASP F 1741 26.32 -98.91 35.24
CA ASP F 1741 27.55 -99.66 35.05
C ASP F 1741 28.57 -98.80 34.30
N GLU F 1742 29.61 -99.48 33.79
CA GLU F 1742 30.65 -98.77 33.06
C GLU F 1742 30.10 -98.14 31.78
N ASN F 1743 29.22 -98.85 31.08
CA ASN F 1743 28.59 -98.29 29.90
C ASN F 1743 27.75 -97.08 30.28
N LYS F 1744 27.98 -95.96 29.59
CA LYS F 1744 27.28 -94.71 29.90
C LYS F 1744 25.92 -94.69 29.21
N LYS F 1745 25.16 -95.75 29.49
CA LYS F 1745 23.80 -95.90 28.97
C LYS F 1745 22.81 -95.58 30.07
N HIS F 1746 21.89 -94.66 29.79
CA HIS F 1746 20.89 -94.28 30.78
C HIS F 1746 20.01 -95.47 31.11
N GLY F 1747 19.78 -95.70 32.40
CA GLY F 1747 18.77 -96.64 32.83
C GLY F 1747 17.38 -96.09 32.55
N LEU F 1748 16.41 -97.00 32.57
CA LEU F 1748 15.03 -96.59 32.35
C LEU F 1748 14.60 -95.65 33.45
N PRO F 1749 13.87 -94.58 33.15
CA PRO F 1749 13.41 -93.67 34.19
C PRO F 1749 12.52 -94.38 35.21
N GLY F 1750 12.64 -93.97 36.47
CA GLY F 1750 11.89 -94.58 37.54
C GLY F 1750 12.62 -95.66 38.32
N ILE F 1751 13.31 -96.56 37.64
CA ILE F 1751 13.99 -97.66 38.34
C ILE F 1751 15.16 -97.07 39.12
N GLY F 1752 15.53 -97.72 40.20
CA GLY F 1752 16.71 -97.35 40.95
C GLY F 1752 16.39 -97.21 42.42
N LEU F 1753 17.43 -96.85 43.19
CA LEU F 1753 17.32 -96.62 44.62
C LEU F 1753 17.23 -95.12 44.87
N SER F 1754 16.01 -94.64 45.07
CA SER F 1754 15.75 -93.23 45.35
C SER F 1754 15.58 -93.06 46.86
N THR F 1755 16.47 -92.28 47.47
CA THR F 1755 16.51 -92.12 48.92
C THR F 1755 15.97 -90.78 49.38
N SER F 1756 15.53 -89.92 48.46
CA SER F 1756 15.01 -88.62 48.83
C SER F 1756 13.73 -88.77 49.65
N LEU F 1757 13.59 -87.92 50.66
CA LEU F 1757 12.43 -87.98 51.54
C LEU F 1757 11.18 -87.53 50.80
N ARG F 1758 10.13 -88.33 50.88
CA ARG F 1758 8.83 -88.02 50.32
C ARG F 1758 7.77 -88.29 51.37
N PRO F 1759 6.60 -87.66 51.26
CA PRO F 1759 5.56 -87.85 52.28
C PRO F 1759 5.15 -89.32 52.43
N ARG F 1760 4.52 -89.59 53.57
CA ARG F 1760 4.20 -90.95 53.99
C ARG F 1760 2.79 -91.32 53.58
N MET F 1761 2.64 -92.54 53.05
CA MET F 1761 1.34 -93.03 52.59
C MET F 1761 0.55 -93.56 53.78
N GLN F 1762 -0.65 -93.04 53.98
CA GLN F 1762 -1.54 -93.49 55.04
C GLN F 1762 -2.99 -93.44 54.58
N PHE F 1763 -3.74 -94.48 54.95
CA PHE F 1763 -5.15 -94.60 54.60
C PHE F 1763 -5.92 -95.08 55.81
N SER F 1764 -7.23 -94.80 55.81
CA SER F 1764 -8.12 -95.19 56.89
C SER F 1764 -9.20 -96.14 56.38
N SER F 1765 -9.62 -97.05 57.26
CA SER F 1765 -10.66 -98.00 56.88
C SER F 1765 -12.03 -97.32 56.84
N PRO F 1766 -12.76 -97.45 55.73
CA PRO F 1766 -14.07 -96.81 55.65
C PRO F 1766 -15.19 -97.68 56.22
N SER F 1767 -15.30 -97.72 57.54
CA SER F 1767 -16.33 -98.50 58.23
C SER F 1767 -17.38 -97.57 58.81
N PHE F 1768 -18.57 -98.13 59.05
CA PHE F 1768 -19.67 -97.36 59.61
C PHE F 1768 -20.29 -98.00 60.84
N VAL F 1769 -19.74 -99.12 61.33
CA VAL F 1769 -20.21 -99.69 62.58
C VAL F 1769 -19.34 -99.23 63.76
N SER F 1770 -18.20 -98.60 63.48
CA SER F 1770 -17.31 -98.17 64.55
C SER F 1770 -17.66 -96.75 64.99
N ILE F 1771 -17.69 -96.53 66.29
CA ILE F 1771 -17.96 -95.21 66.84
C ILE F 1771 -16.73 -94.31 66.76
N SER F 1772 -15.54 -94.88 66.57
CA SER F 1772 -14.33 -94.09 66.48
C SER F 1772 -14.39 -93.12 65.31
N ASN F 1773 -14.15 -91.85 65.59
CA ASN F 1773 -14.23 -90.80 64.59
C ASN F 1773 -12.87 -90.25 64.19
N GLU F 1774 -11.78 -90.75 64.79
CA GLU F 1774 -10.45 -90.29 64.40
C GLU F 1774 -10.08 -90.80 63.01
N CYS F 1775 -10.78 -91.82 62.52
CA CYS F 1775 -10.53 -92.38 61.21
C CYS F 1775 -10.97 -91.46 60.08
N TYR F 1776 -11.67 -90.37 60.37
CA TYR F 1776 -12.05 -89.44 59.32
C TYR F 1776 -10.82 -88.81 58.68
N GLN F 1777 -9.78 -88.53 59.47
CA GLN F 1777 -8.51 -88.12 58.90
C GLN F 1777 -7.96 -89.25 58.03
N TYR F 1778 -7.24 -88.87 56.97
CA TYR F 1778 -6.70 -89.78 55.95
C TYR F 1778 -7.80 -90.26 55.02
N SER F 1779 -7.53 -90.30 53.72
CA SER F 1779 -8.48 -90.72 52.71
C SER F 1779 -8.78 -92.22 52.85
N PRO F 1780 -9.93 -92.68 52.34
CA PRO F 1780 -10.31 -94.08 52.53
C PRO F 1780 -9.34 -95.04 51.87
N GLU F 1781 -9.48 -96.32 52.21
CA GLU F 1781 -8.57 -97.34 51.76
C GLU F 1781 -9.06 -97.98 50.47
N PHE F 1782 -8.11 -98.27 49.58
CA PHE F 1782 -8.40 -98.87 48.27
C PHE F 1782 -7.24 -99.74 47.84
N PRO F 1783 -7.53 -100.87 47.19
CA PRO F 1783 -6.46 -101.79 46.79
C PRO F 1783 -5.63 -101.28 45.63
N LEU F 1784 -4.43 -100.81 45.95
CA LEU F 1784 -3.53 -100.20 44.97
C LEU F 1784 -2.73 -101.22 44.19
N ASP F 1785 -2.88 -102.52 44.51
CA ASP F 1785 -2.32 -103.59 43.70
C ASP F 1785 -3.33 -104.14 42.70
N ILE F 1786 -4.58 -104.35 43.14
CA ILE F 1786 -5.64 -104.69 42.19
C ILE F 1786 -5.83 -103.57 41.18
N LEU F 1787 -5.87 -102.31 41.67
CA LEU F 1787 -6.01 -101.18 40.76
C LEU F 1787 -4.82 -101.11 39.80
N LYS F 1788 -3.61 -101.35 40.30
CA LYS F 1788 -2.42 -101.31 39.45
C LYS F 1788 -2.48 -102.36 38.35
N SER F 1789 -2.76 -103.61 38.71
CA SER F 1789 -2.82 -104.68 37.73
C SER F 1789 -3.93 -104.44 36.70
N LYS F 1790 -5.11 -104.00 37.18
CA LYS F 1790 -6.20 -103.71 36.26
C LYS F 1790 -5.84 -102.58 35.30
N THR F 1791 -5.22 -101.52 35.81
CA THR F 1791 -4.83 -100.41 34.95
C THR F 1791 -3.84 -100.86 33.89
N ILE F 1792 -2.85 -101.65 34.29
CA ILE F 1792 -1.86 -102.14 33.31
C ILE F 1792 -2.52 -103.00 32.25
N GLN F 1793 -3.39 -103.93 32.67
CA GLN F 1793 -4.02 -104.84 31.71
C GLN F 1793 -4.94 -104.08 30.75
N MET F 1794 -5.73 -103.13 31.27
CA MET F 1794 -6.61 -102.35 30.43
C MET F 1794 -5.84 -101.45 29.46
N LEU F 1795 -4.75 -100.83 29.92
CA LEU F 1795 -3.94 -100.03 28.99
C LEU F 1795 -3.31 -100.92 27.93
N THR F 1796 -2.87 -102.12 28.30
CA THR F 1796 -2.31 -103.04 27.33
C THR F 1796 -3.33 -103.41 26.26
N GLU F 1797 -4.58 -103.67 26.67
CA GLU F 1797 -5.63 -103.92 25.69
C GLU F 1797 -5.88 -102.70 24.81
N ALA F 1798 -5.93 -101.52 25.42
CA ALA F 1798 -6.30 -100.31 24.69
C ALA F 1798 -5.24 -99.97 23.63
N VAL F 1799 -3.97 -100.19 23.95
CA VAL F 1799 -2.91 -99.85 23.01
C VAL F 1799 -3.04 -100.67 21.72
N LYS F 1800 -3.29 -101.99 21.87
CA LYS F 1800 -3.38 -102.84 20.69
C LYS F 1800 -4.71 -102.65 19.97
N GLU F 1801 -5.78 -102.34 20.71
CA GLU F 1801 -7.08 -102.18 20.06
C GLU F 1801 -7.16 -100.86 19.30
N GLY F 1802 -6.60 -99.79 19.85
CA GLY F 1802 -6.68 -98.49 19.20
C GLY F 1802 -5.89 -98.43 17.90
N SER F 1803 -4.76 -99.15 17.84
CA SER F 1803 -3.94 -99.13 16.65
C SER F 1803 -4.69 -99.70 15.45
N LEU F 1804 -5.56 -100.68 15.68
CA LEU F 1804 -6.37 -101.22 14.59
C LEU F 1804 -7.40 -100.20 14.10
N HIS F 1805 -7.66 -99.16 14.89
CA HIS F 1805 -8.58 -98.09 14.52
C HIS F 1805 -9.98 -98.65 14.25
N ALA F 1806 -10.57 -99.32 15.24
CA ALA F 1806 -11.91 -99.85 15.10
C ALA F 1806 -12.94 -98.72 15.19
N ARG F 1807 -14.22 -99.08 15.05
CA ARG F 1807 -15.31 -98.11 15.09
C ARG F 1807 -16.09 -98.19 16.40
N ASP F 1808 -15.60 -98.95 17.38
CA ASP F 1808 -16.28 -99.12 18.66
C ASP F 1808 -15.30 -98.93 19.80
N PRO F 1809 -14.81 -97.71 20.01
CA PRO F 1809 -13.99 -97.44 21.20
C PRO F 1809 -14.83 -97.56 22.46
N VAL F 1810 -14.17 -97.93 23.57
CA VAL F 1810 -14.87 -97.99 24.85
C VAL F 1810 -15.32 -96.59 25.23
N GLY F 1811 -16.62 -96.43 25.43
CA GLY F 1811 -17.21 -95.14 25.66
C GLY F 1811 -17.68 -94.42 24.40
N GLY F 1812 -17.39 -94.96 23.22
CA GLY F 1812 -17.87 -94.40 21.98
C GLY F 1812 -16.90 -93.51 21.24
N THR F 1813 -15.90 -92.95 21.93
CA THR F 1813 -14.91 -92.08 21.29
C THR F 1813 -13.54 -92.42 21.83
N THR F 1814 -12.51 -92.07 21.03
CA THR F 1814 -11.13 -92.28 21.46
C THR F 1814 -10.81 -91.48 22.72
N GLU F 1815 -11.33 -90.24 22.81
CA GLU F 1815 -11.13 -89.45 24.01
C GLU F 1815 -11.71 -90.14 25.23
N PHE F 1816 -12.95 -90.61 25.13
CA PHE F 1816 -13.58 -91.29 26.26
C PHE F 1816 -12.84 -92.58 26.61
N LEU F 1817 -12.27 -93.24 25.61
CA LEU F 1817 -11.52 -94.47 25.88
C LEU F 1817 -10.21 -94.18 26.60
N PHE F 1818 -9.48 -93.15 26.18
CA PHE F 1818 -8.10 -92.97 26.63
C PHE F 1818 -7.95 -91.99 27.79
N VAL F 1819 -8.63 -90.84 27.76
CA VAL F 1819 -8.36 -89.79 28.74
C VAL F 1819 -8.57 -90.26 30.19
N PRO F 1820 -9.69 -90.90 30.54
CA PRO F 1820 -9.81 -91.37 31.94
C PRO F 1820 -8.77 -92.40 32.33
N LEU F 1821 -8.49 -93.36 31.43
CA LEU F 1821 -7.49 -94.38 31.74
C LEU F 1821 -6.11 -93.78 31.92
N ILE F 1822 -5.71 -92.89 31.02
CA ILE F 1822 -4.39 -92.28 31.14
C ILE F 1822 -4.32 -91.39 32.37
N LYS F 1823 -5.42 -90.72 32.70
CA LYS F 1823 -5.47 -89.91 33.92
C LYS F 1823 -5.27 -90.78 35.17
N LEU F 1824 -5.95 -91.92 35.25
CA LEU F 1824 -5.76 -92.82 36.38
C LEU F 1824 -4.34 -93.36 36.43
N PHE F 1825 -3.77 -93.72 35.28
CA PHE F 1825 -2.39 -94.15 35.22
C PHE F 1825 -1.45 -93.06 35.72
N TYR F 1826 -1.68 -91.82 35.31
CA TYR F 1826 -0.84 -90.71 35.75
C TYR F 1826 -0.96 -90.50 37.26
N THR F 1827 -2.16 -90.60 37.81
CA THR F 1827 -2.33 -90.47 39.25
C THR F 1827 -1.58 -91.56 40.00
N LEU F 1828 -1.69 -92.81 39.53
CA LEU F 1828 -0.96 -93.91 40.15
C LEU F 1828 0.55 -93.69 40.06
N LEU F 1829 1.03 -93.22 38.92
CA LEU F 1829 2.46 -92.96 38.74
C LEU F 1829 2.94 -91.86 39.67
N ILE F 1830 2.16 -90.79 39.79
CA ILE F 1830 2.53 -89.69 40.70
C ILE F 1830 2.60 -90.19 42.13
N MET F 1831 1.60 -90.98 42.55
CA MET F 1831 1.60 -91.51 43.91
C MET F 1831 2.71 -92.53 44.11
N GLY F 1832 3.22 -93.10 43.02
CA GLY F 1832 4.39 -93.96 43.08
C GLY F 1832 4.12 -95.43 43.36
N ILE F 1833 2.90 -95.91 43.11
CA ILE F 1833 2.59 -97.32 43.36
C ILE F 1833 3.40 -98.22 42.43
N PHE F 1834 3.54 -97.81 41.17
CA PHE F 1834 4.27 -98.60 40.19
C PHE F 1834 5.73 -98.76 40.61
N HIS F 1835 6.25 -99.99 40.50
CA HIS F 1835 7.62 -100.28 40.90
C HIS F 1835 8.20 -101.37 40.03
N ASN F 1836 9.40 -101.13 39.51
CA ASN F 1836 10.20 -102.14 38.83
C ASN F 1836 9.54 -102.66 37.56
N GLU F 1837 9.11 -103.93 37.59
CA GLU F 1837 8.55 -104.57 36.41
C GLU F 1837 7.30 -103.86 35.90
N ASP F 1838 6.49 -103.31 36.79
CA ASP F 1838 5.33 -102.54 36.38
C ASP F 1838 5.77 -101.33 35.54
N LEU F 1839 6.80 -100.63 36.02
CA LEU F 1839 7.34 -99.50 35.27
C LEU F 1839 7.90 -99.93 33.93
N LYS F 1840 8.61 -101.07 33.91
CA LYS F 1840 9.17 -101.56 32.65
C LYS F 1840 8.08 -101.85 31.64
N HIS F 1841 7.04 -102.58 32.05
CA HIS F 1841 5.95 -102.91 31.15
C HIS F 1841 5.21 -101.66 30.68
N ILE F 1842 4.95 -100.73 31.60
CA ILE F 1842 4.15 -99.57 31.22
C ILE F 1842 4.96 -98.60 30.36
N LEU F 1843 6.29 -98.62 30.49
CA LEU F 1843 7.12 -97.84 29.59
C LEU F 1843 7.27 -98.51 28.22
N GLN F 1844 7.27 -99.84 28.19
CA GLN F 1844 7.21 -100.54 26.91
C GLN F 1844 5.92 -100.22 26.18
N LEU F 1845 4.81 -100.14 26.91
CA LEU F 1845 3.55 -99.75 26.29
C LEU F 1845 3.62 -98.32 25.73
N ILE F 1846 4.23 -97.40 26.47
CA ILE F 1846 4.34 -96.02 26.00
C ILE F 1846 5.20 -95.95 24.75
N GLU F 1847 6.37 -96.56 24.78
CA GLU F 1847 7.26 -96.62 23.62
C GLU F 1847 8.15 -97.84 23.71
N PRO F 1848 8.01 -98.81 22.80
CA PRO F 1848 8.79 -100.04 22.93
C PRO F 1848 10.26 -99.88 22.58
N SER F 1849 10.56 -99.15 21.51
CA SER F 1849 11.94 -99.06 21.03
C SER F 1849 12.83 -98.30 22.00
N VAL F 1850 12.36 -97.15 22.48
CA VAL F 1850 13.18 -96.30 23.34
C VAL F 1850 13.47 -97.00 24.66
N PHE F 1851 12.42 -97.54 25.29
CA PHE F 1851 12.57 -98.25 26.57
C PHE F 1851 12.75 -99.75 26.35
N LYS F 1852 13.81 -100.11 25.62
CA LYS F 1852 14.09 -101.51 25.33
C LYS F 1852 15.00 -102.09 26.39
N GLU F 1853 14.61 -103.23 26.95
CA GLU F 1853 15.38 -103.90 27.99
C GLU F 1853 16.48 -104.74 27.34
N ALA F 1854 17.72 -104.53 27.78
CA ALA F 1854 18.86 -105.26 27.25
C ALA F 1854 19.99 -105.34 28.28
N PRO F 1889 4.27 -103.93 12.82
CA PRO F 1889 5.05 -103.23 13.84
C PRO F 1889 4.22 -102.80 15.04
N LYS F 1890 4.82 -102.80 16.22
CA LYS F 1890 4.14 -102.40 17.44
C LYS F 1890 4.36 -100.91 17.67
N GLU F 1891 3.32 -100.11 17.52
CA GLU F 1891 3.39 -98.67 17.67
C GLU F 1891 2.82 -98.27 19.02
N GLY F 1892 3.55 -97.43 19.74
CA GLY F 1892 3.13 -97.00 21.05
C GLY F 1892 2.10 -95.89 21.01
N LEU F 1893 1.69 -95.46 22.22
CA LEU F 1893 0.73 -94.37 22.33
C LEU F 1893 1.28 -93.09 21.72
N LEU F 1894 2.56 -92.82 21.92
CA LEU F 1894 3.16 -91.60 21.39
C LEU F 1894 3.08 -91.55 19.87
N GLN F 1895 2.96 -92.70 19.21
CA GLN F 1895 2.91 -92.77 17.77
C GLN F 1895 1.56 -93.24 17.23
N MET F 1896 0.56 -93.43 18.10
CA MET F 1896 -0.72 -93.95 17.66
C MET F 1896 -1.67 -92.83 17.20
N LYS F 1897 -1.17 -91.59 17.09
CA LYS F 1897 -1.95 -90.47 16.54
C LYS F 1897 -3.20 -90.20 17.37
N LEU F 1898 -2.96 -89.74 18.60
CA LEU F 1898 -3.88 -89.45 19.70
C LEU F 1898 -4.58 -88.11 19.51
N PRO F 1899 -5.77 -87.95 20.09
CA PRO F 1899 -6.41 -86.64 20.12
C PRO F 1899 -5.66 -85.67 21.02
N GLU F 1900 -6.09 -84.41 21.00
CA GLU F 1900 -5.40 -83.37 21.74
C GLU F 1900 -5.41 -83.56 23.26
N PRO F 1901 -6.54 -83.87 23.91
CA PRO F 1901 -6.46 -84.14 25.37
C PRO F 1901 -5.54 -85.30 25.72
N VAL F 1902 -5.55 -86.35 24.89
CA VAL F 1902 -4.69 -87.50 25.14
C VAL F 1902 -3.23 -87.10 24.98
N LYS F 1903 -2.94 -86.22 24.00
CA LYS F 1903 -1.60 -85.67 23.86
C LYS F 1903 -1.20 -84.83 25.07
N LEU F 1904 -2.12 -84.07 25.64
CA LEU F 1904 -1.83 -83.33 26.86
C LEU F 1904 -1.47 -84.25 28.02
N GLN F 1905 -2.24 -85.33 28.19
CA GLN F 1905 -1.91 -86.32 29.21
C GLN F 1905 -0.57 -87.00 28.96
N MET F 1906 -0.26 -87.31 27.71
CA MET F 1906 1.06 -87.87 27.38
C MET F 1906 2.17 -86.89 27.73
N CYS F 1907 1.94 -85.60 27.48
CA CYS F 1907 2.90 -84.57 27.87
C CYS F 1907 3.10 -84.56 29.38
N LEU F 1908 2.01 -84.70 30.14
CA LEU F 1908 2.13 -84.77 31.60
C LEU F 1908 2.98 -85.96 32.02
N LEU F 1909 2.74 -87.13 31.40
CA LEU F 1909 3.51 -88.32 31.75
C LEU F 1909 4.99 -88.14 31.44
N LEU F 1910 5.30 -87.58 30.27
CA LEU F 1910 6.70 -87.31 29.92
C LEU F 1910 7.34 -86.30 30.86
N GLN F 1911 6.58 -85.28 31.29
CA GLN F 1911 7.04 -84.35 32.30
C GLN F 1911 7.41 -85.05 33.60
N TYR F 1912 6.56 -85.99 34.05
CA TYR F 1912 6.89 -86.73 35.27
C TYR F 1912 8.15 -87.57 35.08
N LEU F 1913 8.30 -88.20 33.92
CA LEU F 1913 9.52 -89.00 33.68
C LEU F 1913 10.77 -88.12 33.74
N CYS F 1914 10.71 -86.93 33.12
CA CYS F 1914 11.83 -86.02 33.19
C CYS F 1914 12.12 -85.58 34.63
N ASP F 1915 11.06 -85.36 35.42
CA ASP F 1915 11.25 -85.00 36.82
C ASP F 1915 11.95 -86.13 37.59
N CYS F 1916 11.57 -87.38 37.29
CA CYS F 1916 12.23 -88.51 37.93
C CYS F 1916 13.71 -88.55 37.57
N GLN F 1917 14.05 -88.30 36.30
CA GLN F 1917 15.45 -88.25 35.90
C GLN F 1917 16.20 -87.14 36.65
N VAL F 1918 15.56 -85.97 36.80
CA VAL F 1918 16.19 -84.87 37.51
C VAL F 1918 16.46 -85.24 38.96
N ARG F 1919 15.50 -85.88 39.64
CA ARG F 1919 15.72 -86.27 41.03
C ARG F 1919 16.82 -87.30 41.15
N HIS F 1920 16.89 -88.26 40.21
CA HIS F 1920 17.99 -89.21 40.22
C HIS F 1920 19.33 -88.52 40.08
N ARG F 1921 19.40 -87.52 39.19
CA ARG F 1921 20.64 -86.75 39.03
C ARG F 1921 21.01 -86.05 40.34
N ILE F 1922 20.04 -85.44 41.00
CA ILE F 1922 20.30 -84.72 42.24
C ILE F 1922 20.84 -85.67 43.31
N GLU F 1923 20.21 -86.83 43.45
CA GLU F 1923 20.69 -87.81 44.42
C GLU F 1923 22.10 -88.31 44.10
N ALA F 1924 22.41 -88.52 42.81
CA ALA F 1924 23.78 -88.92 42.47
C ALA F 1924 24.80 -87.83 42.81
N ILE F 1925 24.46 -86.57 42.54
CA ILE F 1925 25.35 -85.48 42.92
C ILE F 1925 25.58 -85.45 44.43
N VAL F 1926 24.51 -85.59 45.22
CA VAL F 1926 24.66 -85.66 46.67
C VAL F 1926 25.51 -86.85 47.10
N ALA F 1927 25.37 -88.00 46.45
CA ALA F 1927 26.19 -89.16 46.75
C ALA F 1927 27.68 -88.89 46.51
N PHE F 1928 28.01 -88.22 45.40
CA PHE F 1928 29.39 -87.83 45.16
C PHE F 1928 29.88 -86.85 46.22
N SER F 1929 29.00 -85.94 46.63
CA SER F 1929 29.37 -84.86 47.54
C SER F 1929 30.01 -85.38 48.83
N ASP F 1930 29.51 -86.50 49.35
CA ASP F 1930 30.02 -86.99 50.63
C ASP F 1930 31.50 -87.29 50.57
N ASP F 1931 31.92 -88.12 49.61
CA ASP F 1931 33.32 -88.49 49.49
C ASP F 1931 34.18 -87.30 49.09
N PHE F 1932 33.68 -86.47 48.17
CA PHE F 1932 34.47 -85.34 47.71
C PHE F 1932 34.76 -84.36 48.84
N VAL F 1933 33.70 -83.96 49.57
CA VAL F 1933 33.86 -83.04 50.69
C VAL F 1933 34.63 -83.63 51.86
N ALA F 1934 34.52 -84.94 52.09
CA ALA F 1934 35.31 -85.57 53.14
C ALA F 1934 36.81 -85.54 52.83
N LYS F 1935 37.19 -85.92 51.61
CA LYS F 1935 38.61 -85.83 51.25
C LYS F 1935 39.09 -84.38 51.25
N LEU F 1936 38.23 -83.45 50.80
CA LEU F 1936 38.58 -82.05 50.84
C LEU F 1936 38.83 -81.56 52.27
N GLN F 1937 37.97 -81.95 53.21
CA GLN F 1937 38.13 -81.57 54.61
C GLN F 1937 39.41 -82.14 55.20
N ASP F 1938 39.69 -83.42 54.92
CA ASP F 1938 40.93 -84.02 55.43
C ASP F 1938 42.15 -83.32 54.87
N ASN F 1939 42.16 -83.03 53.57
CA ASN F 1939 43.33 -82.39 52.97
C ASN F 1939 43.46 -80.95 53.44
N GLN F 1940 42.34 -80.28 53.72
CA GLN F 1940 42.39 -78.94 54.28
C GLN F 1940 42.93 -78.92 55.71
N ARG F 1941 42.58 -79.92 56.54
CA ARG F 1941 43.21 -80.06 57.84
C ARG F 1941 44.71 -80.30 57.73
N PHE F 1942 45.13 -81.19 56.81
CA PHE F 1942 46.55 -81.39 56.57
C PHE F 1942 47.25 -80.09 56.16
N ARG F 1943 46.71 -79.39 55.17
CA ARG F 1943 47.30 -78.13 54.73
C ARG F 1943 47.38 -77.14 55.88
N TYR F 1944 46.37 -77.12 56.75
CA TYR F 1944 46.42 -76.25 57.93
C TYR F 1944 47.61 -76.61 58.82
N ASN F 1945 47.84 -77.91 59.01
CA ASN F 1945 48.96 -78.36 59.83
C ASN F 1945 50.29 -77.86 59.27
N GLU F 1946 50.52 -78.08 57.97
CA GLU F 1946 51.77 -77.60 57.37
C GLU F 1946 51.83 -76.07 57.29
N VAL F 1947 50.68 -75.39 57.20
CA VAL F 1947 50.69 -73.93 57.21
C VAL F 1947 51.21 -73.40 58.54
N MET F 1948 50.70 -73.92 59.66
CA MET F 1948 51.17 -73.34 60.91
C MET F 1948 52.18 -74.23 61.65
N GLN F 1949 52.91 -75.11 60.93
CA GLN F 1949 54.11 -75.70 61.51
C GLN F 1949 55.11 -74.63 61.94
N ALA F 1950 55.66 -73.88 60.99
CA ALA F 1950 56.69 -72.89 61.32
C ALA F 1950 56.97 -72.01 60.11
N LEU F 1951 57.35 -70.75 60.39
CA LEU F 1951 57.86 -69.81 59.39
C LEU F 1951 59.08 -69.09 59.95
N ASN F 1952 60.02 -69.85 60.53
CA ASN F 1952 61.15 -69.24 61.20
C ASN F 1952 62.05 -68.48 60.23
N MET F 1953 62.10 -68.92 58.97
CA MET F 1953 62.87 -68.18 57.97
C MET F 1953 62.33 -66.76 57.82
N SER F 1954 61.01 -66.62 57.67
CA SER F 1954 60.38 -65.32 57.56
C SER F 1954 58.88 -65.46 57.81
N ALA F 1955 58.33 -64.62 58.70
CA ALA F 1955 56.93 -64.72 59.10
C ALA F 1955 56.07 -63.60 58.53
N ALA F 1956 56.54 -62.91 57.48
CA ALA F 1956 55.73 -61.85 56.89
C ALA F 1956 54.64 -62.41 56.00
N LEU F 1957 54.74 -63.68 55.62
CA LEU F 1957 53.79 -64.32 54.71
C LEU F 1957 52.65 -65.03 55.44
N THR F 1958 52.60 -64.93 56.78
CA THR F 1958 51.58 -65.62 57.53
C THR F 1958 50.18 -65.14 57.16
N ALA F 1959 50.02 -63.84 56.93
CA ALA F 1959 48.72 -63.31 56.57
C ALA F 1959 48.20 -63.93 55.29
N ARG F 1960 49.04 -63.98 54.25
CA ARG F 1960 48.58 -64.54 52.98
C ARG F 1960 48.39 -66.05 53.09
N LYS F 1961 49.23 -66.73 53.87
CA LYS F 1961 49.12 -68.18 53.95
C LYS F 1961 47.86 -68.59 54.73
N THR F 1962 47.42 -67.79 55.69
CA THR F 1962 46.28 -68.15 56.51
C THR F 1962 45.02 -67.38 56.17
N LYS F 1963 45.05 -66.50 55.16
CA LYS F 1963 43.83 -65.86 54.71
C LYS F 1963 42.81 -66.89 54.25
N GLU F 1964 43.27 -68.00 53.66
CA GLU F 1964 42.41 -69.12 53.33
C GLU F 1964 41.57 -69.55 54.54
N PHE F 1965 42.24 -69.82 55.65
CA PHE F 1965 41.58 -70.31 56.84
C PHE F 1965 40.87 -69.21 57.61
N ARG F 1966 41.16 -67.95 57.29
CA ARG F 1966 40.45 -66.81 57.88
C ARG F 1966 39.21 -66.42 57.09
N SER F 1967 39.04 -66.93 55.86
CA SER F 1967 37.84 -66.64 55.09
C SER F 1967 36.69 -67.52 55.52
N PRO F 1968 35.47 -67.00 55.52
CA PRO F 1968 34.34 -67.78 56.00
C PRO F 1968 34.07 -68.98 55.11
N PRO F 1969 33.33 -69.98 55.61
CA PRO F 1969 33.23 -71.26 54.87
C PRO F 1969 32.65 -71.15 53.47
N GLN F 1970 31.73 -70.22 53.23
CA GLN F 1970 31.16 -70.09 51.89
C GLN F 1970 32.24 -69.72 50.87
N GLU F 1971 32.99 -68.65 51.14
CA GLU F 1971 34.13 -68.32 50.29
C GLU F 1971 35.21 -69.39 50.30
N GLN F 1972 35.39 -70.10 51.41
CA GLN F 1972 36.33 -71.21 51.44
C GLN F 1972 36.00 -72.25 50.38
N ILE F 1973 34.75 -72.73 50.37
CA ILE F 1973 34.38 -73.74 49.39
C ILE F 1973 34.37 -73.15 47.98
N ASN F 1974 33.96 -71.88 47.85
CA ASN F 1974 33.96 -71.25 46.53
C ASN F 1974 35.36 -71.22 45.93
N MET F 1975 36.37 -70.89 46.74
CA MET F 1975 37.73 -70.76 46.21
C MET F 1975 38.45 -72.10 46.18
N LEU F 1976 37.98 -73.09 46.95
CA LEU F 1976 38.48 -74.45 46.80
C LEU F 1976 37.91 -75.06 45.53
N LEU F 1977 36.82 -74.50 45.02
CA LEU F 1977 36.17 -75.03 43.82
C LEU F 1977 36.46 -74.22 42.56
N ASN F 1978 37.56 -73.46 42.52
CA ASN F 1978 37.94 -72.74 41.31
C ASN F 1978 39.03 -73.43 40.50
N PHE F 1979 39.03 -74.76 40.45
CA PHE F 1979 39.95 -75.42 39.52
C PHE F 1979 39.33 -75.64 38.15
N LYS F 1980 38.11 -75.16 37.93
CA LYS F 1980 37.56 -75.16 36.58
C LYS F 1980 38.37 -74.23 35.69
N ASP F 1981 38.37 -74.52 34.39
CA ASP F 1981 39.24 -73.85 33.42
C ASP F 1981 40.70 -74.09 33.78
N ASP F 1982 41.57 -73.10 33.55
CA ASP F 1982 42.98 -73.28 33.85
C ASP F 1982 43.56 -72.10 34.64
N LYS F 1983 42.72 -71.33 35.32
CA LYS F 1983 43.23 -70.26 36.18
C LYS F 1983 44.09 -70.80 37.32
N SER F 1984 43.67 -71.88 37.96
CA SER F 1984 44.52 -72.69 38.83
C SER F 1984 45.14 -71.90 39.98
N GLU F 1985 44.40 -70.95 40.55
CA GLU F 1985 44.85 -70.30 41.77
C GLU F 1985 44.34 -70.98 43.03
N CYS F 1986 43.48 -71.99 42.87
CA CYS F 1986 42.94 -72.70 44.03
C CYS F 1986 44.01 -73.61 44.64
N PRO F 1987 43.97 -73.82 45.96
CA PRO F 1987 44.90 -74.77 46.59
C PRO F 1987 44.48 -76.23 46.49
N CYS F 1988 43.51 -76.55 45.65
CA CYS F 1988 43.03 -77.92 45.55
C CYS F 1988 44.10 -78.81 44.91
N PRO F 1989 44.38 -79.98 45.50
CA PRO F 1989 45.37 -80.88 44.90
C PRO F 1989 44.87 -81.51 43.62
N GLU F 1990 45.82 -82.03 42.84
CA GLU F 1990 45.52 -82.50 41.48
C GLU F 1990 44.54 -83.66 41.48
N GLU F 1991 44.71 -84.63 42.38
CA GLU F 1991 43.81 -85.78 42.39
C GLU F 1991 42.38 -85.37 42.75
N ILE F 1992 42.23 -84.47 43.72
CA ILE F 1992 40.90 -84.00 44.10
C ILE F 1992 40.28 -83.21 42.95
N ARG F 1993 41.12 -82.45 42.24
CA ARG F 1993 40.63 -81.74 41.05
C ARG F 1993 40.15 -82.73 39.99
N ASP F 1994 40.91 -83.80 39.76
CA ASP F 1994 40.56 -84.75 38.71
C ASP F 1994 39.30 -85.52 39.04
N GLN F 1995 39.07 -85.82 40.32
CA GLN F 1995 37.85 -86.53 40.68
C GLN F 1995 36.61 -85.74 40.28
N LEU F 1996 36.57 -84.45 40.62
CA LEU F 1996 35.43 -83.62 40.24
C LEU F 1996 35.41 -83.38 38.74
N LEU F 1997 36.59 -83.28 38.11
CA LEU F 1997 36.63 -83.11 36.66
C LEU F 1997 36.06 -84.30 35.93
N ASP F 1998 36.14 -85.50 36.51
CA ASP F 1998 35.52 -86.69 35.92
C ASP F 1998 34.04 -86.77 36.25
N PHE F 1999 33.68 -86.46 37.50
CA PHE F 1999 32.26 -86.51 37.88
C PHE F 1999 31.44 -85.51 37.10
N HIS F 2000 31.98 -84.31 36.86
CA HIS F 2000 31.28 -83.30 36.09
C HIS F 2000 31.07 -83.72 34.65
N GLU F 2001 32.05 -84.35 34.00
CA GLU F 2001 31.85 -84.88 32.66
C GLU F 2001 30.80 -85.98 32.65
N ASP F 2002 30.81 -86.87 33.64
CA ASP F 2002 29.77 -87.90 33.71
C ASP F 2002 28.39 -87.27 33.87
N LEU F 2003 28.28 -86.25 34.73
CA LEU F 2003 27.00 -85.58 34.94
C LEU F 2003 26.52 -84.86 33.69
N MET F 2004 27.43 -84.21 32.96
CA MET F 2004 27.06 -83.58 31.69
C MET F 2004 26.63 -84.61 30.65
N THR F 2005 27.30 -85.75 30.59
CA THR F 2005 26.88 -86.82 29.68
C THR F 2005 25.47 -87.30 30.04
N HIS F 2006 25.21 -87.45 31.34
CA HIS F 2006 23.86 -87.84 31.77
C HIS F 2006 22.83 -86.78 31.39
N CYS F 2007 23.16 -85.51 31.59
CA CYS F 2007 22.28 -84.41 31.24
C CYS F 2007 22.12 -84.22 29.73
N GLY F 2008 22.98 -84.82 28.93
CA GLY F 2008 22.84 -84.74 27.49
C GLY F 2008 23.56 -83.59 26.83
N ILE F 2009 24.52 -82.97 27.53
CA ILE F 2009 25.31 -81.88 26.98
C ILE F 2009 26.61 -82.49 26.48
N GLU F 2010 26.74 -82.60 25.16
CA GLU F 2010 27.92 -83.19 24.55
C GLU F 2010 29.00 -82.13 24.37
N LYS F 2053 18.57 -93.92 13.83
CA LYS F 2053 17.14 -93.69 13.66
C LYS F 2053 16.41 -93.69 15.00
N LYS F 2054 16.76 -94.64 15.87
CA LYS F 2054 16.14 -94.70 17.19
C LYS F 2054 16.74 -93.62 18.08
N SER F 2055 15.87 -92.92 18.81
CA SER F 2055 16.32 -91.83 19.68
C SER F 2055 17.25 -92.36 20.78
N SER F 2056 16.91 -93.51 21.36
CA SER F 2056 17.66 -94.24 22.37
C SER F 2056 17.73 -93.52 23.71
N THR F 2057 17.21 -92.29 23.80
CA THR F 2057 17.15 -91.57 25.06
C THR F 2057 15.81 -90.86 25.17
N LEU F 2058 15.36 -90.66 26.42
CA LEU F 2058 14.11 -89.97 26.66
C LEU F 2058 14.15 -88.54 26.12
N GLN F 2059 15.28 -87.85 26.31
CA GLN F 2059 15.42 -86.50 25.80
C GLN F 2059 15.25 -86.44 24.29
N GLN F 2060 15.96 -87.30 23.56
CA GLN F 2060 15.83 -87.31 22.10
C GLN F 2060 14.42 -87.69 21.67
N LEU F 2061 13.81 -88.68 22.35
CA LEU F 2061 12.46 -89.09 21.97
C LEU F 2061 11.46 -87.96 22.15
N ILE F 2062 11.53 -87.25 23.28
CA ILE F 2062 10.60 -86.15 23.52
C ILE F 2062 10.87 -85.00 22.55
N SER F 2063 12.15 -84.71 22.29
CA SER F 2063 12.49 -83.64 21.35
C SER F 2063 11.95 -83.94 19.97
N GLU F 2064 12.01 -85.20 19.54
CA GLU F 2064 11.44 -85.57 18.25
C GLU F 2064 9.93 -85.48 18.26
N THR F 2065 9.28 -86.01 19.31
CA THR F 2065 7.82 -86.14 19.26
C THR F 2065 7.12 -84.80 19.41
N MET F 2066 7.70 -83.86 20.18
CA MET F 2066 7.09 -82.54 20.30
C MET F 2066 7.04 -81.84 18.96
N VAL F 2067 8.17 -81.76 18.27
CA VAL F 2067 8.24 -81.13 16.96
C VAL F 2067 7.38 -81.88 15.96
N ARG F 2068 7.36 -83.21 16.05
CA ARG F 2068 6.55 -83.99 15.12
C ARG F 2068 5.07 -83.68 15.28
N TRP F 2069 4.57 -83.64 16.51
CA TRP F 2069 3.17 -83.27 16.74
C TRP F 2069 2.89 -81.84 16.27
N ALA F 2070 3.80 -80.91 16.60
CA ALA F 2070 3.57 -79.51 16.28
C ALA F 2070 3.50 -79.30 14.77
N GLN F 2071 4.35 -79.97 14.01
CA GLN F 2071 4.33 -79.82 12.56
C GLN F 2071 3.28 -80.73 11.92
N GLU F 2072 2.78 -81.72 12.68
CA GLU F 2072 1.72 -82.58 12.15
C GLU F 2072 0.37 -81.89 12.19
N SER F 2073 0.08 -81.17 13.27
CA SER F 2073 -1.25 -80.58 13.41
C SER F 2073 -1.13 -79.15 13.90
N VAL F 2074 -2.12 -78.34 13.54
CA VAL F 2074 -2.27 -77.00 14.09
C VAL F 2074 -3.01 -77.14 15.42
N ILE F 2075 -2.26 -77.11 16.52
CA ILE F 2075 -2.85 -77.38 17.83
C ILE F 2075 -3.75 -76.23 18.22
N GLU F 2076 -5.01 -76.54 18.54
CA GLU F 2076 -5.98 -75.52 18.91
C GLU F 2076 -5.98 -75.21 20.40
N ASP F 2077 -5.35 -76.05 21.20
CA ASP F 2077 -5.38 -75.85 22.66
C ASP F 2077 -4.17 -75.06 23.11
N PRO F 2078 -4.34 -73.84 23.64
CA PRO F 2078 -3.20 -73.10 24.16
C PRO F 2078 -2.46 -73.83 25.26
N GLU F 2079 -3.18 -74.54 26.13
CA GLU F 2079 -2.53 -75.34 27.16
C GLU F 2079 -1.67 -76.45 26.57
N LEU F 2080 -2.17 -77.13 25.53
CA LEU F 2080 -1.38 -78.16 24.86
C LEU F 2080 -0.13 -77.57 24.24
N VAL F 2081 -0.28 -76.41 23.57
CA VAL F 2081 0.88 -75.78 22.95
C VAL F 2081 1.92 -75.42 24.00
N ARG F 2082 1.46 -74.83 25.11
CA ARG F 2082 2.36 -74.45 26.19
C ARG F 2082 3.08 -75.65 26.77
N ALA F 2083 2.35 -76.74 27.01
CA ALA F 2083 2.96 -77.94 27.56
C ALA F 2083 3.99 -78.54 26.61
N MET F 2084 3.65 -78.62 25.32
CA MET F 2084 4.59 -79.14 24.34
C MET F 2084 5.87 -78.32 24.31
N PHE F 2085 5.75 -77.00 24.26
CA PHE F 2085 6.95 -76.18 24.13
C PHE F 2085 7.76 -76.13 25.42
N VAL F 2086 7.10 -76.17 26.57
CA VAL F 2086 7.85 -76.19 27.82
C VAL F 2086 8.59 -77.52 27.98
N LEU F 2087 7.97 -78.62 27.54
CA LEU F 2087 8.66 -79.90 27.56
C LEU F 2087 9.86 -79.90 26.62
N LEU F 2088 9.70 -79.33 25.42
CA LEU F 2088 10.82 -79.24 24.50
C LEU F 2088 11.95 -78.39 25.08
N HIS F 2089 11.60 -77.26 25.71
CA HIS F 2089 12.61 -76.41 26.33
C HIS F 2089 13.32 -77.13 27.47
N ARG F 2090 12.58 -77.90 28.27
CA ARG F 2090 13.21 -78.68 29.32
C ARG F 2090 14.17 -79.72 28.76
N GLN F 2091 13.80 -80.38 27.65
CA GLN F 2091 14.71 -81.33 27.02
C GLN F 2091 15.99 -80.65 26.55
N TYR F 2092 15.86 -79.49 25.90
CA TYR F 2092 17.04 -78.84 25.34
C TYR F 2092 17.92 -78.23 26.43
N ASP F 2093 17.31 -77.54 27.40
CA ASP F 2093 18.07 -76.92 28.50
C ASP F 2093 18.13 -77.90 29.67
N GLY F 2094 18.96 -78.94 29.48
CA GLY F 2094 19.10 -79.96 30.51
C GLY F 2094 19.75 -79.42 31.76
N ILE F 2095 20.73 -78.53 31.62
CA ILE F 2095 21.42 -77.97 32.78
C ILE F 2095 20.51 -77.09 33.61
N GLY F 2096 19.46 -76.53 33.01
CA GLY F 2096 18.52 -75.70 33.75
C GLY F 2096 17.80 -76.43 34.86
N GLY F 2097 17.50 -77.71 34.67
CA GLY F 2097 16.92 -78.50 35.73
C GLY F 2097 17.81 -78.55 36.96
N LEU F 2098 19.10 -78.79 36.77
CA LEU F 2098 20.04 -78.76 37.88
C LEU F 2098 20.16 -77.36 38.47
N VAL F 2099 20.20 -76.34 37.62
CA VAL F 2099 20.29 -74.95 38.09
C VAL F 2099 19.13 -74.61 39.02
N ARG F 2100 17.92 -75.07 38.69
CA ARG F 2100 16.75 -74.85 39.54
C ARG F 2100 16.71 -75.78 40.74
N ALA F 2101 17.20 -77.01 40.62
CA ALA F 2101 17.01 -78.00 41.68
C ALA F 2101 18.05 -77.83 42.80
N LEU F 2102 19.28 -77.48 42.45
CA LEU F 2102 20.33 -77.36 43.46
C LEU F 2102 19.99 -76.38 44.58
N PRO F 2103 19.42 -75.19 44.32
CA PRO F 2103 19.02 -74.33 45.44
C PRO F 2103 18.02 -74.97 46.39
N LYS F 2104 17.17 -75.86 45.91
CA LYS F 2104 16.17 -76.52 46.73
C LYS F 2104 16.59 -77.91 47.20
N THR F 2105 17.90 -78.18 47.18
CA THR F 2105 18.44 -79.45 47.65
C THR F 2105 19.10 -79.26 49.02
N TYR F 2106 18.65 -80.02 49.99
CA TYR F 2106 19.20 -79.99 51.34
C TYR F 2106 19.50 -81.41 51.79
N THR F 2107 20.55 -81.55 52.59
CA THR F 2107 21.00 -82.86 53.07
C THR F 2107 20.99 -82.86 54.59
N ILE F 2108 20.51 -83.95 55.17
CA ILE F 2108 20.38 -84.07 56.62
C ILE F 2108 21.06 -85.36 57.07
N ASN F 2109 21.46 -85.39 58.34
CA ASN F 2109 21.98 -86.61 58.93
C ASN F 2109 20.87 -87.62 59.15
N GLY F 2110 21.26 -88.89 59.27
CA GLY F 2110 20.29 -89.94 59.50
C GLY F 2110 19.57 -89.84 60.82
N VAL F 2111 20.15 -89.16 61.80
CA VAL F 2111 19.52 -89.02 63.11
C VAL F 2111 18.28 -88.12 63.03
N SER F 2112 18.26 -87.19 62.08
CA SER F 2112 17.17 -86.23 61.96
C SER F 2112 16.11 -86.64 60.94
N VAL F 2113 16.15 -87.87 60.45
CA VAL F 2113 15.21 -88.29 59.42
C VAL F 2113 13.77 -88.21 59.93
N GLU F 2114 13.54 -88.70 61.15
CA GLU F 2114 12.18 -88.79 61.67
C GLU F 2114 11.58 -87.40 61.91
N ASP F 2115 12.35 -86.49 62.51
CA ASP F 2115 11.79 -85.17 62.80
C ASP F 2115 11.71 -84.32 61.54
N THR F 2116 12.60 -84.56 60.56
CA THR F 2116 12.43 -83.93 59.26
C THR F 2116 11.15 -84.40 58.59
N ILE F 2117 10.83 -85.70 58.69
CA ILE F 2117 9.59 -86.21 58.14
C ILE F 2117 8.39 -85.58 58.84
N ASN F 2118 8.46 -85.46 60.17
CA ASN F 2118 7.36 -84.83 60.90
C ASN F 2118 7.15 -83.38 60.48
N LEU F 2119 8.24 -82.62 60.35
CA LEU F 2119 8.11 -81.24 59.92
C LEU F 2119 7.60 -81.15 58.48
N LEU F 2120 8.03 -82.06 57.61
CA LEU F 2120 7.50 -82.09 56.25
C LEU F 2120 6.00 -82.37 56.21
N ALA F 2121 5.52 -83.29 57.05
CA ALA F 2121 4.08 -83.52 57.15
C ALA F 2121 3.34 -82.30 57.67
N SER F 2122 3.89 -81.62 58.69
CA SER F 2122 3.25 -80.42 59.20
C SER F 2122 3.19 -79.33 58.14
N LEU F 2123 4.29 -79.14 57.40
CA LEU F 2123 4.30 -78.17 56.32
C LEU F 2123 3.34 -78.55 55.20
N GLY F 2124 3.21 -79.84 54.93
CA GLY F 2124 2.22 -80.27 53.95
C GLY F 2124 0.80 -79.94 54.37
N GLN F 2125 0.49 -80.15 55.66
CA GLN F 2125 -0.83 -79.76 56.16
C GLN F 2125 -1.05 -78.26 56.03
N ILE F 2126 -0.06 -77.46 56.42
CA ILE F 2126 -0.21 -76.00 56.35
C ILE F 2126 -0.39 -75.56 54.91
N ARG F 2127 0.41 -76.11 53.99
CA ARG F 2127 0.31 -75.76 52.58
C ARG F 2127 -1.01 -76.17 51.96
N SER F 2128 -1.49 -77.38 52.26
CA SER F 2128 -2.76 -77.86 51.74
C SER F 2128 -3.94 -77.09 52.31
N LEU F 2129 -3.82 -76.54 53.51
CA LEU F 2129 -4.90 -75.72 54.05
C LEU F 2129 -5.02 -74.38 53.35
N LEU F 2130 -4.07 -74.01 52.49
CA LEU F 2130 -4.19 -72.80 51.71
C LEU F 2130 -5.28 -72.92 50.65
N SER F 2131 -5.44 -74.12 50.08
CA SER F 2131 -6.39 -74.30 48.99
C SER F 2131 -7.84 -74.27 49.46
N VAL F 2132 -8.09 -74.27 50.77
CA VAL F 2132 -9.43 -74.22 51.31
C VAL F 2132 -9.71 -72.82 51.84
N ARG F 2133 -10.97 -72.54 52.12
CA ARG F 2133 -11.38 -71.21 52.55
C ARG F 2133 -11.17 -71.01 54.04
N MET F 2134 -10.83 -69.79 54.43
CA MET F 2134 -10.58 -69.47 55.82
C MET F 2134 -11.83 -69.74 56.66
N GLY F 2135 -11.63 -70.40 57.81
CA GLY F 2135 -12.75 -70.74 58.68
C GLY F 2135 -12.26 -71.10 60.06
N LYS F 2136 -13.23 -71.48 60.91
CA LYS F 2136 -12.96 -71.76 62.32
C LYS F 2136 -12.05 -72.97 62.46
N GLU F 2137 -12.45 -74.08 61.82
CA GLU F 2137 -11.69 -75.32 61.91
C GLU F 2137 -10.34 -75.19 61.23
N GLU F 2138 -10.27 -74.47 60.11
CA GLU F 2138 -9.00 -74.26 59.43
C GLU F 2138 -8.06 -73.42 60.29
N GLU F 2139 -8.59 -72.42 60.99
CA GLU F 2139 -7.79 -71.64 61.92
C GLU F 2139 -7.23 -72.54 63.02
N LYS F 2140 -8.07 -73.40 63.58
CA LYS F 2140 -7.59 -74.35 64.59
C LYS F 2140 -6.48 -75.24 64.02
N LEU F 2141 -6.69 -75.74 62.80
CA LEU F 2141 -5.75 -76.68 62.20
C LEU F 2141 -4.39 -76.03 61.95
N MET F 2142 -4.38 -74.81 61.40
CA MET F 2142 -3.09 -74.16 61.18
C MET F 2142 -2.46 -73.69 62.48
N ILE F 2143 -3.26 -73.37 63.50
CA ILE F 2143 -2.66 -73.08 64.80
C ILE F 2143 -1.91 -74.30 65.32
N ARG F 2144 -2.53 -75.47 65.29
CA ARG F 2144 -1.86 -76.69 65.73
C ARG F 2144 -0.64 -77.00 64.86
N GLY F 2145 -0.77 -76.88 63.54
CA GLY F 2145 0.32 -77.13 62.63
C GLY F 2145 1.50 -76.19 62.76
N LEU F 2146 1.27 -74.92 63.07
CA LEU F 2146 2.35 -73.98 63.34
C LEU F 2146 2.95 -74.17 64.72
N GLY F 2147 2.18 -74.70 65.67
CA GLY F 2147 2.76 -75.08 66.94
C GLY F 2147 3.72 -76.25 66.81
N ASP F 2148 3.32 -77.26 66.02
CA ASP F 2148 4.18 -78.41 65.80
C ASP F 2148 5.51 -77.99 65.18
N ILE F 2149 5.44 -77.07 64.21
CA ILE F 2149 6.62 -76.65 63.48
C ILE F 2149 7.60 -75.95 64.40
N MET F 2150 7.11 -75.08 65.28
CA MET F 2150 7.96 -74.48 66.29
C MET F 2150 8.55 -75.54 67.22
N ASN F 2151 7.74 -76.51 67.65
CA ASN F 2151 8.22 -77.52 68.59
C ASN F 2151 9.29 -78.40 67.97
N ASN F 2152 9.30 -78.54 66.65
CA ASN F 2152 10.32 -79.35 65.99
C ASN F 2152 11.69 -78.69 66.10
N LYS F 2153 12.72 -79.51 66.35
CA LYS F 2153 14.05 -78.98 66.59
C LYS F 2153 14.76 -78.57 65.30
N VAL F 2154 14.43 -79.21 64.17
CA VAL F 2154 15.09 -78.85 62.92
C VAL F 2154 14.73 -77.45 62.49
N PHE F 2155 13.60 -76.92 62.98
CA PHE F 2155 13.27 -75.52 62.74
C PHE F 2155 14.37 -74.60 63.26
N TYR F 2156 15.02 -75.01 64.35
CA TYR F 2156 16.14 -74.24 64.88
C TYR F 2156 17.45 -74.67 64.22
N GLN F 2157 17.65 -75.99 64.07
CA GLN F 2157 18.96 -76.51 63.67
C GLN F 2157 19.27 -76.20 62.22
N HIS F 2158 18.25 -76.18 61.35
CA HIS F 2158 18.45 -76.03 59.90
C HIS F 2158 17.57 -74.89 59.40
N PRO F 2159 17.95 -73.64 59.68
CA PRO F 2159 17.20 -72.50 59.10
C PRO F 2159 17.26 -72.46 57.59
N ASN F 2160 18.38 -72.91 56.99
CA ASN F 2160 18.48 -72.91 55.54
C ASN F 2160 17.46 -73.84 54.91
N LEU F 2161 17.26 -75.02 55.48
CA LEU F 2161 16.19 -75.90 55.02
C LEU F 2161 14.83 -75.24 55.18
N MET F 2162 14.63 -74.53 56.29
CA MET F 2162 13.34 -73.89 56.54
C MET F 2162 13.05 -72.84 55.48
N ARG F 2163 14.06 -72.05 55.10
CA ARG F 2163 13.91 -71.05 54.05
C ARG F 2163 13.80 -71.66 52.67
N ALA F 2164 14.50 -72.76 52.40
CA ALA F 2164 14.43 -73.40 51.08
C ALA F 2164 13.07 -74.07 50.86
N LEU F 2165 12.47 -74.63 51.92
CA LEU F 2165 11.15 -75.21 51.81
C LEU F 2165 10.09 -74.13 51.62
N GLY F 2166 10.49 -72.87 51.78
CA GLY F 2166 9.60 -71.75 51.53
C GLY F 2166 8.43 -71.66 52.48
N MET F 2167 8.71 -71.70 53.78
CA MET F 2167 7.65 -71.64 54.78
C MET F 2167 7.26 -70.19 55.08
N HIS F 2168 8.24 -69.29 55.04
CA HIS F 2168 7.98 -67.89 55.38
C HIS F 2168 6.97 -67.26 54.44
N GLU F 2169 7.08 -67.49 53.13
CA GLU F 2169 6.10 -66.92 52.23
C GLU F 2169 4.76 -67.65 52.29
N THR F 2170 4.74 -68.92 52.69
CA THR F 2170 3.47 -69.60 52.92
C THR F 2170 2.70 -68.94 54.06
N VAL F 2171 3.40 -68.68 55.18
CA VAL F 2171 2.77 -67.98 56.28
C VAL F 2171 2.41 -66.55 55.87
N MET F 2172 3.26 -65.93 55.06
CA MET F 2172 2.97 -64.60 54.52
C MET F 2172 1.66 -64.59 53.73
N GLU F 2173 1.48 -65.58 52.86
CA GLU F 2173 0.27 -65.69 52.06
C GLU F 2173 -0.96 -65.98 52.91
N VAL F 2174 -0.82 -66.81 53.94
CA VAL F 2174 -1.94 -67.04 54.85
C VAL F 2174 -2.35 -65.74 55.52
N MET F 2175 -1.37 -64.97 56.02
CA MET F 2175 -1.69 -63.68 56.61
C MET F 2175 -2.31 -62.73 55.60
N VAL F 2176 -1.82 -62.73 54.36
CA VAL F 2176 -2.41 -61.88 53.33
C VAL F 2176 -3.86 -62.25 53.10
N ASN F 2177 -4.18 -63.54 53.02
CA ASN F 2177 -5.56 -63.96 52.83
C ASN F 2177 -6.43 -63.49 53.99
N VAL F 2178 -5.98 -63.72 55.22
CA VAL F 2178 -6.80 -63.35 56.39
C VAL F 2178 -6.99 -61.84 56.46
N LEU F 2179 -5.93 -61.07 56.21
CA LEU F 2179 -6.00 -59.62 56.33
C LEU F 2179 -6.68 -58.97 55.13
N GLY F 2180 -6.80 -59.67 54.00
CA GLY F 2180 -7.48 -59.14 52.85
C GLY F 2180 -8.95 -59.48 52.82
N GLY F 2181 -9.31 -60.61 53.41
CA GLY F 2181 -10.71 -60.95 53.53
C GLY F 2181 -11.46 -59.99 54.42
N GLY F 2182 -12.32 -59.16 53.83
CA GLY F 2182 -13.07 -58.18 54.59
C GLY F 2182 -12.21 -57.10 55.21
N GLU F 2183 -11.42 -56.42 54.39
CA GLU F 2183 -10.60 -55.31 54.89
C GLU F 2183 -11.48 -54.21 55.48
N SER F 2184 -12.62 -53.95 54.86
CA SER F 2184 -13.52 -52.91 55.36
C SER F 2184 -14.09 -53.24 56.73
N LYS F 2185 -14.44 -54.50 56.95
CA LYS F 2185 -15.03 -54.93 58.23
C LYS F 2185 -13.98 -55.29 59.28
N GLU F 2186 -13.02 -54.40 59.50
CA GLU F 2186 -11.94 -54.56 60.49
C GLU F 2186 -11.20 -55.87 60.15
N ILE F 2187 -10.96 -56.75 61.12
CA ILE F 2187 -10.18 -57.96 60.90
C ILE F 2187 -11.02 -59.15 61.35
N THR F 2188 -11.11 -60.17 60.50
CA THR F 2188 -11.72 -61.44 60.85
C THR F 2188 -10.63 -62.45 61.20
N PHE F 2189 -10.97 -63.37 62.09
CA PHE F 2189 -10.02 -64.34 62.63
C PHE F 2189 -8.78 -63.64 63.19
N PRO F 2190 -8.91 -62.93 64.31
CA PRO F 2190 -7.77 -62.18 64.86
C PRO F 2190 -6.70 -63.05 65.50
N LYS F 2191 -6.88 -64.37 65.52
CA LYS F 2191 -5.90 -65.29 66.07
C LYS F 2191 -5.00 -65.87 65.00
N MET F 2192 -5.52 -66.02 63.77
CA MET F 2192 -4.72 -66.40 62.62
C MET F 2192 -3.56 -65.44 62.45
N VAL F 2193 -3.86 -64.14 62.48
CA VAL F 2193 -2.84 -63.10 62.32
C VAL F 2193 -1.84 -63.14 63.46
N ALA F 2194 -2.30 -63.28 64.70
CA ALA F 2194 -1.39 -63.32 65.84
C ALA F 2194 -0.42 -64.48 65.76
N ASN F 2195 -0.94 -65.68 65.45
CA ASN F 2195 -0.05 -66.83 65.33
C ASN F 2195 0.92 -66.66 64.17
N CYS F 2196 0.45 -66.13 63.03
CA CYS F 2196 1.34 -65.95 61.89
C CYS F 2196 2.45 -64.96 62.21
N CYS F 2197 2.10 -63.85 62.87
CA CYS F 2197 3.09 -62.83 63.21
C CYS F 2197 4.09 -63.36 64.22
N ARG F 2198 3.62 -64.11 65.22
CA ARG F 2198 4.54 -64.73 66.17
C ARG F 2198 5.50 -65.68 65.47
N PHE F 2199 4.98 -66.49 64.55
CA PHE F 2199 5.82 -67.44 63.82
C PHE F 2199 6.87 -66.70 62.98
N LEU F 2200 6.47 -65.63 62.31
CA LEU F 2200 7.42 -64.90 61.48
C LEU F 2200 8.46 -64.16 62.32
N CYS F 2201 8.06 -63.65 63.50
CA CYS F 2201 9.05 -63.04 64.39
C CYS F 2201 10.06 -64.07 64.86
N TYR F 2202 9.60 -65.27 65.22
CA TYR F 2202 10.52 -66.32 65.63
C TYR F 2202 11.43 -66.73 64.47
N PHE F 2203 10.88 -66.81 63.25
CA PHE F 2203 11.68 -67.12 62.07
C PHE F 2203 12.75 -66.06 61.84
N CYS F 2204 12.41 -64.80 62.06
CA CYS F 2204 13.40 -63.73 62.01
C CYS F 2204 14.50 -63.95 63.03
N ARG F 2205 14.12 -64.25 64.28
CA ARG F 2205 15.11 -64.38 65.34
C ARG F 2205 15.99 -65.62 65.15
N ILE F 2206 15.53 -66.60 64.38
CA ILE F 2206 16.32 -67.82 64.20
C ILE F 2206 17.65 -67.52 63.52
N SER F 2207 17.63 -66.80 62.39
CA SER F 2207 18.83 -66.61 61.61
C SER F 2207 18.86 -65.20 61.02
N ARG F 2208 20.06 -64.74 60.68
CA ARG F 2208 20.20 -63.41 60.10
C ARG F 2208 19.78 -63.39 58.63
N GLN F 2209 20.06 -64.47 57.89
CA GLN F 2209 19.56 -64.58 56.53
C GLN F 2209 18.04 -64.65 56.46
N ASN F 2210 17.41 -65.24 57.49
CA ASN F 2210 15.96 -65.23 57.57
C ASN F 2210 15.44 -63.81 57.71
N GLN F 2211 16.15 -62.95 58.44
CA GLN F 2211 15.78 -61.55 58.52
C GLN F 2211 15.87 -60.88 57.15
N LYS F 2212 16.91 -61.21 56.38
CA LYS F 2212 17.04 -60.64 55.03
C LYS F 2212 15.90 -61.11 54.13
N ALA F 2213 15.51 -62.38 54.25
CA ALA F 2213 14.38 -62.88 53.48
C ALA F 2213 13.08 -62.19 53.88
N MET F 2214 12.90 -61.95 55.18
CA MET F 2214 11.70 -61.28 55.67
C MET F 2214 11.66 -59.80 55.30
N PHE F 2215 12.83 -59.17 55.15
CA PHE F 2215 12.87 -57.72 54.94
C PHE F 2215 12.25 -57.32 53.61
N ASP F 2216 12.18 -58.24 52.64
CA ASP F 2216 11.57 -57.95 51.36
C ASP F 2216 10.07 -57.75 51.45
N HIS F 2217 9.44 -58.13 52.57
CA HIS F 2217 8.01 -57.92 52.78
C HIS F 2217 7.74 -56.74 53.70
N LEU F 2218 8.71 -55.84 53.85
CA LEU F 2218 8.54 -54.70 54.75
C LEU F 2218 7.42 -53.78 54.29
N SER F 2219 7.30 -53.58 52.98
CA SER F 2219 6.32 -52.63 52.44
C SER F 2219 4.89 -53.04 52.80
N TYR F 2220 4.55 -54.31 52.57
CA TYR F 2220 3.19 -54.77 52.85
C TYR F 2220 2.94 -54.81 54.35
N LEU F 2221 3.93 -55.25 55.12
CA LEU F 2221 3.78 -55.29 56.58
C LEU F 2221 3.55 -53.90 57.14
N LEU F 2222 4.31 -52.91 56.65
CA LEU F 2222 4.10 -51.54 57.09
C LEU F 2222 2.75 -51.01 56.62
N GLU F 2223 2.28 -51.47 55.45
CA GLU F 2223 0.95 -51.09 54.99
C GLU F 2223 -0.13 -51.62 55.93
N ASN F 2224 0.04 -52.85 56.43
CA ASN F 2224 -0.90 -53.47 57.35
C ASN F 2224 -0.46 -53.36 58.80
N SER F 2225 0.39 -52.38 59.12
CA SER F 2225 0.89 -52.24 60.49
C SER F 2225 -0.20 -51.86 61.49
N SER F 2226 -1.36 -51.39 61.01
CA SER F 2226 -2.42 -50.93 61.90
C SER F 2226 -3.43 -52.01 62.25
N VAL F 2227 -3.08 -53.28 62.12
CA VAL F 2227 -4.03 -54.37 62.33
C VAL F 2227 -4.39 -54.51 63.81
N GLY F 2228 -3.38 -54.78 64.65
CA GLY F 2228 -3.65 -55.09 66.04
C GLY F 2228 -2.81 -54.30 67.03
N LEU F 2229 -2.41 -53.09 66.66
CA LEU F 2229 -1.61 -52.26 67.56
C LEU F 2229 -2.39 -51.81 68.79
N ALA F 2230 -3.66 -51.44 68.62
CA ALA F 2230 -4.43 -50.87 69.73
C ALA F 2230 -4.68 -51.90 70.83
N SER F 2231 -5.04 -53.12 70.44
CA SER F 2231 -5.39 -54.13 71.42
C SER F 2231 -4.14 -54.67 72.10
N PRO F 2232 -4.01 -54.55 73.42
CA PRO F 2232 -2.87 -55.14 74.12
C PRO F 2232 -3.01 -56.65 74.22
N ALA F 2233 -2.00 -57.30 74.83
CA ALA F 2233 -1.88 -58.75 74.89
C ALA F 2233 -1.59 -59.33 73.51
N MET F 2234 -1.59 -58.46 72.50
CA MET F 2234 -1.11 -58.78 71.17
C MET F 2234 0.33 -58.28 70.94
N ARG F 2235 0.99 -57.79 71.99
CA ARG F 2235 2.32 -57.20 71.85
C ARG F 2235 3.33 -58.25 71.41
N GLY F 2236 4.11 -57.94 70.38
CA GLY F 2236 5.01 -58.90 69.77
C GLY F 2236 4.38 -59.79 68.73
N SER F 2237 3.08 -59.67 68.45
CA SER F 2237 2.40 -60.49 67.47
C SER F 2237 1.62 -59.66 66.45
N THR F 2238 2.10 -58.46 66.12
CA THR F 2238 1.49 -57.65 65.07
C THR F 2238 2.43 -57.59 63.87
N PRO F 2239 1.91 -57.28 62.68
CA PRO F 2239 2.80 -57.13 61.51
C PRO F 2239 3.87 -56.07 61.72
N LEU F 2240 3.57 -55.04 62.51
CA LEU F 2240 4.60 -54.07 62.88
C LEU F 2240 5.70 -54.73 63.70
N ASP F 2241 5.33 -55.66 64.58
CA ASP F 2241 6.35 -56.42 65.32
C ASP F 2241 7.18 -57.28 64.39
N VAL F 2242 6.56 -57.88 63.37
CA VAL F 2242 7.32 -58.65 62.39
C VAL F 2242 8.31 -57.76 61.65
N ALA F 2243 7.87 -56.55 61.27
CA ALA F 2243 8.77 -55.60 60.63
C ALA F 2243 9.93 -55.22 61.56
N ALA F 2244 9.62 -54.96 62.83
CA ALA F 2244 10.66 -54.61 63.79
C ALA F 2244 11.65 -55.74 63.97
N ALA F 2245 11.17 -56.99 64.05
CA ALA F 2245 12.05 -58.14 64.13
C ALA F 2245 12.89 -58.34 62.88
N SER F 2246 12.34 -58.04 61.70
CA SER F 2246 13.13 -58.13 60.48
C SER F 2246 14.25 -57.10 60.46
N VAL F 2247 13.96 -55.87 60.92
CA VAL F 2247 14.96 -54.82 60.96
C VAL F 2247 15.73 -54.77 62.27
N MET F 2248 15.56 -55.77 63.14
CA MET F 2248 16.13 -55.74 64.49
C MET F 2248 17.60 -56.12 64.51
N ASP F 2249 18.43 -55.22 65.04
CA ASP F 2249 19.85 -55.48 65.31
C ASP F 2249 20.56 -56.01 64.07
N ASN F 2250 20.28 -55.38 62.92
CA ASN F 2250 20.92 -55.73 61.66
C ASN F 2250 21.28 -54.42 60.98
N ASN F 2251 22.56 -54.03 61.07
CA ASN F 2251 23.00 -52.78 60.47
C ASN F 2251 22.82 -52.79 58.95
N GLU F 2252 23.03 -53.95 58.31
CA GLU F 2252 22.86 -54.04 56.88
C GLU F 2252 21.43 -53.73 56.46
N LEU F 2253 20.46 -54.37 57.08
CA LEU F 2253 19.05 -54.11 56.79
C LEU F 2253 18.62 -52.71 57.20
N ALA F 2254 19.13 -52.21 58.32
CA ALA F 2254 18.81 -50.84 58.74
C ALA F 2254 19.31 -49.82 57.72
N LEU F 2255 20.51 -50.02 57.19
CA LEU F 2255 21.04 -49.12 56.18
C LEU F 2255 20.30 -49.27 54.85
N ALA F 2256 19.93 -50.50 54.50
CA ALA F 2256 19.20 -50.72 53.25
C ALA F 2256 17.76 -50.21 53.34
N LEU F 2257 17.25 -50.02 54.55
CA LEU F 2257 15.90 -49.50 54.73
C LEU F 2257 15.77 -48.14 54.06
N ARG F 2258 14.69 -47.96 53.30
CA ARG F 2258 14.51 -46.78 52.46
C ARG F 2258 13.79 -45.67 53.21
N GLU F 2259 13.71 -44.51 52.58
CA GLU F 2259 13.10 -43.32 53.15
C GLU F 2259 11.56 -43.36 53.08
N PRO F 2260 10.95 -43.78 51.98
CA PRO F 2260 9.47 -43.89 51.98
C PRO F 2260 8.94 -44.83 53.04
N ASP F 2261 9.69 -45.88 53.38
CA ASP F 2261 9.26 -46.78 54.45
C ASP F 2261 9.17 -46.03 55.78
N LEU F 2262 10.15 -45.16 56.06
CA LEU F 2262 10.07 -44.30 57.24
C LEU F 2262 8.94 -43.30 57.12
N GLU F 2263 8.71 -42.74 55.92
CA GLU F 2263 7.64 -41.77 55.71
C GLU F 2263 6.27 -42.35 56.01
N LYS F 2264 6.06 -43.62 55.66
CA LYS F 2264 4.77 -44.27 55.95
C LYS F 2264 4.51 -44.31 57.45
N VAL F 2265 5.53 -44.71 58.22
CA VAL F 2265 5.39 -44.76 59.67
C VAL F 2265 5.20 -43.37 60.24
N VAL F 2266 5.88 -42.37 59.66
CA VAL F 2266 5.72 -40.99 60.13
C VAL F 2266 4.30 -40.51 59.91
N ARG F 2267 3.71 -40.83 58.74
CA ARG F 2267 2.33 -40.44 58.49
C ARG F 2267 1.37 -41.16 59.43
N TYR F 2268 1.62 -42.43 59.70
CA TYR F 2268 0.78 -43.14 60.67
C TYR F 2268 0.86 -42.50 62.05
N LEU F 2269 2.07 -42.13 62.49
CA LEU F 2269 2.23 -41.47 63.78
C LEU F 2269 1.55 -40.11 63.81
N ALA F 2270 1.63 -39.36 62.71
CA ALA F 2270 0.96 -38.06 62.65
C ALA F 2270 -0.55 -38.22 62.73
N GLY F 2271 -1.11 -39.19 62.01
CA GLY F 2271 -2.53 -39.45 62.11
C GLY F 2271 -2.94 -39.87 63.51
N CYS F 2272 -2.12 -40.71 64.15
CA CYS F 2272 -2.39 -41.16 65.51
C CYS F 2272 -2.30 -40.03 66.52
N GLY F 2273 -1.43 -39.05 66.30
CA GLY F 2273 -1.34 -37.91 67.19
C GLY F 2273 -2.46 -36.91 66.97
N LEU F 2274 -2.92 -36.78 65.72
CA LEU F 2274 -4.01 -35.85 65.44
C LEU F 2274 -5.35 -36.41 65.93
N GLN F 2275 -5.62 -37.68 65.66
CA GLN F 2275 -6.93 -38.26 65.93
C GLN F 2275 -6.88 -39.15 67.17
N SER F 2276 -8.07 -39.47 67.68
CA SER F 2276 -8.22 -40.36 68.82
C SER F 2276 -8.47 -41.78 68.35
N CYS F 2277 -8.35 -42.74 69.26
CA CYS F 2277 -8.63 -44.13 68.94
C CYS F 2277 -10.13 -44.37 68.85
N GLN F 2278 -10.54 -45.12 67.84
CA GLN F 2278 -11.96 -45.40 67.65
C GLN F 2278 -12.44 -46.55 68.52
N MET F 2279 -11.66 -47.64 68.61
CA MET F 2279 -12.13 -48.78 69.40
C MET F 2279 -12.15 -48.47 70.89
N LEU F 2280 -11.23 -47.64 71.39
CA LEU F 2280 -11.23 -47.31 72.80
C LEU F 2280 -12.47 -46.50 73.18
N VAL F 2281 -12.80 -45.49 72.38
CA VAL F 2281 -14.00 -44.70 72.66
C VAL F 2281 -15.25 -45.53 72.43
N SER F 2282 -15.21 -46.51 71.51
CA SER F 2282 -16.32 -47.42 71.35
C SER F 2282 -16.51 -48.34 72.55
N LYS F 2283 -15.42 -48.80 73.15
CA LYS F 2283 -15.47 -49.61 74.36
C LYS F 2283 -15.72 -48.78 75.61
N GLY F 2284 -15.65 -47.44 75.50
CA GLY F 2284 -16.04 -46.57 76.58
C GLY F 2284 -14.94 -45.73 77.18
N TYR F 2285 -13.72 -45.80 76.65
CA TYR F 2285 -12.63 -45.02 77.20
C TYR F 2285 -12.86 -43.54 76.95
N PRO F 2286 -12.42 -42.67 77.84
CA PRO F 2286 -12.56 -41.23 77.62
C PRO F 2286 -11.82 -40.79 76.37
N ASP F 2287 -12.42 -39.85 75.63
CA ASP F 2287 -11.93 -39.44 74.33
C ASP F 2287 -10.98 -38.25 74.48
N ILE F 2288 -9.70 -38.56 74.64
CA ILE F 2288 -8.68 -37.53 74.51
C ILE F 2288 -8.42 -37.25 73.04
N GLY F 2289 -7.67 -36.19 72.77
CA GLY F 2289 -7.45 -35.79 71.39
C GLY F 2289 -6.62 -36.79 70.60
N TRP F 2290 -5.65 -37.43 71.26
CA TRP F 2290 -4.65 -38.21 70.57
C TRP F 2290 -4.67 -39.68 71.01
N ASN F 2291 -3.75 -40.46 70.41
CA ASN F 2291 -3.78 -41.92 70.52
C ASN F 2291 -2.45 -42.46 71.04
N PRO F 2292 -2.27 -42.53 72.36
CA PRO F 2292 -0.97 -42.98 72.90
C PRO F 2292 -0.65 -44.43 72.62
N VAL F 2293 -1.63 -45.32 72.71
CA VAL F 2293 -1.38 -46.75 72.54
C VAL F 2293 -0.90 -47.03 71.12
N GLU F 2294 -1.57 -46.45 70.13
CA GLU F 2294 -1.11 -46.57 68.75
C GLU F 2294 0.24 -45.88 68.55
N GLY F 2295 0.43 -44.70 69.14
CA GLY F 2295 1.64 -43.95 68.89
C GLY F 2295 2.89 -44.65 69.40
N GLU F 2296 2.79 -45.30 70.56
CA GLU F 2296 3.96 -45.95 71.15
C GLU F 2296 4.48 -47.08 70.27
N ARG F 2297 3.57 -47.88 69.71
CA ARG F 2297 3.98 -48.99 68.87
C ARG F 2297 4.72 -48.51 67.63
N TYR F 2298 4.23 -47.44 67.01
CA TYR F 2298 4.93 -46.84 65.88
C TYR F 2298 6.27 -46.24 66.29
N LEU F 2299 6.36 -45.64 67.47
CA LEU F 2299 7.62 -45.08 67.93
C LEU F 2299 8.67 -46.15 68.17
N ASP F 2300 8.24 -47.33 68.64
CA ASP F 2300 9.20 -48.42 68.87
C ASP F 2300 9.87 -48.86 67.58
N PHE F 2301 9.10 -48.96 66.49
CA PHE F 2301 9.69 -49.33 65.20
C PHE F 2301 10.69 -48.29 64.72
N LEU F 2302 10.36 -47.01 64.89
CA LEU F 2302 11.30 -45.95 64.52
C LEU F 2302 12.56 -46.02 65.36
N ARG F 2303 12.44 -46.29 66.66
CA ARG F 2303 13.60 -46.50 67.52
C ARG F 2303 14.47 -47.64 67.01
N PHE F 2304 13.87 -48.79 66.70
CA PHE F 2304 14.61 -49.92 66.19
C PHE F 2304 15.26 -49.63 64.84
N ALA F 2305 14.65 -48.79 64.02
CA ALA F 2305 15.22 -48.45 62.73
C ALA F 2305 16.41 -47.49 62.88
N VAL F 2306 16.31 -46.51 63.78
CA VAL F 2306 17.33 -45.48 63.87
C VAL F 2306 18.52 -45.98 64.71
N PHE F 2307 18.26 -46.85 65.68
CA PHE F 2307 19.27 -47.26 66.64
C PHE F 2307 19.50 -48.76 66.51
N CYS F 2308 20.75 -49.17 66.35
CA CYS F 2308 21.08 -50.57 66.18
C CYS F 2308 22.47 -50.86 66.75
N ASN F 2309 22.53 -51.91 67.58
CA ASN F 2309 23.78 -52.42 68.14
C ASN F 2309 24.54 -51.39 68.97
N GLY F 2310 23.81 -50.51 69.65
CA GLY F 2310 24.44 -49.55 70.55
C GLY F 2310 24.84 -48.26 69.87
N GLU F 2311 24.94 -48.26 68.55
CA GLU F 2311 25.35 -47.10 67.80
C GLU F 2311 24.19 -46.61 66.94
N SER F 2312 24.06 -45.29 66.81
CA SER F 2312 22.91 -44.66 66.17
C SER F 2312 23.17 -44.53 64.68
N VAL F 2313 22.31 -45.14 63.87
CA VAL F 2313 22.41 -45.06 62.41
C VAL F 2313 22.09 -43.62 62.01
N GLU F 2314 23.12 -42.88 61.59
CA GLU F 2314 22.96 -41.46 61.33
C GLU F 2314 22.04 -41.20 60.14
N GLU F 2315 22.16 -42.00 59.08
CA GLU F 2315 21.33 -41.80 57.89
C GLU F 2315 19.85 -41.99 58.20
N ASN F 2316 19.51 -43.02 58.96
CA ASN F 2316 18.12 -43.26 59.35
C ASN F 2316 17.66 -42.36 60.49
N ALA F 2317 18.57 -41.74 61.22
CA ALA F 2317 18.19 -40.81 62.27
C ALA F 2317 17.87 -39.43 61.73
N ASN F 2318 18.68 -38.94 60.78
CA ASN F 2318 18.43 -37.63 60.19
C ASN F 2318 17.09 -37.59 59.45
N VAL F 2319 16.79 -38.63 58.68
CA VAL F 2319 15.53 -38.66 57.94
C VAL F 2319 14.35 -38.65 58.91
N VAL F 2320 14.44 -39.45 59.98
CA VAL F 2320 13.35 -39.53 60.94
C VAL F 2320 13.15 -38.20 61.64
N VAL F 2321 14.24 -37.56 62.07
CA VAL F 2321 14.07 -36.28 62.77
C VAL F 2321 13.52 -35.22 61.81
N ARG F 2322 13.97 -35.21 60.56
CA ARG F 2322 13.41 -34.26 59.60
C ARG F 2322 11.92 -34.51 59.36
N LEU F 2323 11.50 -35.76 59.26
CA LEU F 2323 10.08 -36.03 58.99
C LEU F 2323 9.21 -35.67 60.19
N LEU F 2324 9.62 -36.10 61.40
CA LEU F 2324 8.86 -35.75 62.58
C LEU F 2324 8.90 -34.25 62.89
N ILE F 2325 9.85 -33.52 62.33
CA ILE F 2325 9.84 -32.07 62.55
C ILE F 2325 9.09 -31.34 61.44
N ARG F 2326 9.02 -31.92 60.24
CA ARG F 2326 8.13 -31.40 59.21
C ARG F 2326 6.68 -31.54 59.65
N ARG F 2327 6.34 -32.67 60.27
CA ARG F 2327 5.00 -32.89 60.81
C ARG F 2327 5.09 -32.88 62.34
N PRO F 2328 4.97 -31.71 62.98
CA PRO F 2328 5.21 -31.62 64.43
C PRO F 2328 4.10 -32.19 65.29
N GLU F 2329 2.94 -32.55 64.70
CA GLU F 2329 1.87 -33.13 65.51
C GLU F 2329 2.23 -34.52 65.99
N CYS F 2330 3.29 -35.12 65.45
CA CYS F 2330 3.77 -36.42 65.92
C CYS F 2330 4.29 -36.38 67.34
N PHE F 2331 4.57 -35.20 67.88
CA PHE F 2331 5.24 -35.05 69.16
C PHE F 2331 4.29 -35.04 70.34
N GLY F 2332 2.99 -35.21 70.11
CA GLY F 2332 2.01 -35.15 71.16
C GLY F 2332 1.50 -33.74 71.37
N PRO F 2333 0.32 -33.61 71.98
CA PRO F 2333 -0.23 -32.25 72.19
C PRO F 2333 0.63 -31.38 73.07
N ALA F 2334 1.32 -31.96 74.06
CA ALA F 2334 2.12 -31.17 74.98
C ALA F 2334 3.33 -30.55 74.29
N LEU F 2335 4.06 -31.34 73.51
CA LEU F 2335 5.24 -30.87 72.80
C LEU F 2335 4.92 -30.36 71.40
N ARG F 2336 3.63 -30.31 71.05
CA ARG F 2336 3.26 -29.81 69.73
C ARG F 2336 3.62 -28.34 69.55
N GLY F 2337 3.37 -27.52 70.57
CA GLY F 2337 3.89 -26.17 70.61
C GLY F 2337 2.97 -25.05 70.16
N GLU F 2338 1.68 -25.32 69.94
CA GLU F 2338 0.73 -24.24 69.62
C GLU F 2338 0.01 -23.79 70.89
N GLY F 2339 0.71 -23.98 72.01
CA GLY F 2339 0.12 -23.73 73.31
C GLY F 2339 0.13 -24.92 74.23
N GLY F 2340 0.93 -25.94 73.91
CA GLY F 2340 1.03 -27.09 74.77
C GLY F 2340 1.67 -26.73 76.10
N ASN F 2341 1.24 -27.42 77.16
CA ASN F 2341 1.73 -27.12 78.50
C ASN F 2341 3.22 -27.42 78.63
N GLY F 2342 3.66 -28.53 78.04
CA GLY F 2342 5.06 -28.92 78.14
C GLY F 2342 5.24 -30.36 78.54
N LEU F 2343 6.45 -30.89 78.39
CA LEU F 2343 6.71 -32.29 78.71
C LEU F 2343 6.48 -32.57 80.19
N LEU F 2344 7.06 -31.73 81.05
CA LEU F 2344 6.88 -31.93 82.49
C LEU F 2344 5.43 -31.76 82.91
N ALA F 2345 4.77 -30.72 82.42
CA ALA F 2345 3.37 -30.48 82.79
C ALA F 2345 2.50 -31.64 82.37
N ALA F 2346 2.72 -32.16 81.15
CA ALA F 2346 2.00 -33.35 80.72
C ALA F 2346 2.36 -34.55 81.58
N MET F 2347 3.60 -34.60 82.08
CA MET F 2347 4.01 -35.70 82.94
C MET F 2347 3.16 -35.75 84.21
N GLU F 2348 3.08 -34.63 84.93
CA GLU F 2348 2.23 -34.63 86.12
C GLU F 2348 0.75 -34.70 85.77
N GLU F 2349 0.33 -34.20 84.60
CA GLU F 2349 -1.07 -34.36 84.21
C GLU F 2349 -1.42 -35.82 84.03
N ALA F 2350 -0.52 -36.59 83.41
CA ALA F 2350 -0.74 -38.02 83.28
C ALA F 2350 -0.66 -38.73 84.63
N ILE F 2351 0.15 -38.23 85.56
CA ILE F 2351 0.06 -38.69 86.94
C ILE F 2351 -1.35 -38.51 87.48
N LYS F 2352 -1.91 -37.31 87.30
CA LYS F 2352 -3.27 -37.01 87.76
C LYS F 2352 -4.27 -37.97 87.16
N ILE F 2353 -4.17 -38.20 85.85
CA ILE F 2353 -5.06 -39.12 85.16
C ILE F 2353 -4.90 -40.54 85.70
N ALA F 2354 -3.67 -40.93 86.02
CA ALA F 2354 -3.38 -42.24 86.58
C ALA F 2354 -4.04 -42.44 87.94
N GLU F 2355 -3.98 -41.44 88.83
CA GLU F 2355 -4.73 -41.57 90.08
C GLU F 2355 -6.24 -41.50 89.90
N ASP F 2356 -6.73 -40.68 88.98
CA ASP F 2356 -8.18 -40.58 88.82
C ASP F 2356 -8.71 -41.81 88.08
N PRO F 2357 -9.67 -42.55 88.66
CA PRO F 2357 -10.18 -43.76 87.98
C PRO F 2357 -10.99 -43.45 86.73
N SER F 2358 -11.75 -42.37 86.76
CA SER F 2358 -12.64 -42.05 85.64
C SER F 2358 -11.85 -41.76 84.37
N ARG F 2359 -10.79 -40.97 84.48
CA ARG F 2359 -10.02 -40.61 83.29
C ARG F 2359 -9.14 -41.78 82.83
N ASP F 2360 -8.88 -42.73 83.73
CA ASP F 2360 -7.95 -43.82 83.40
C ASP F 2360 -8.68 -44.98 82.73
N GLY F 2361 -9.71 -45.52 83.38
CA GLY F 2361 -10.46 -46.62 82.84
C GLY F 2361 -11.64 -46.16 82.02
N PRO F 2362 -12.23 -47.08 81.25
CA PRO F 2362 -13.41 -46.71 80.45
C PRO F 2362 -14.59 -46.24 81.28
N SER F 2363 -14.80 -46.83 82.46
CA SER F 2363 -15.91 -46.49 83.35
C SER F 2363 -17.25 -46.50 82.60
N PRO F 2364 -17.77 -47.67 82.23
CA PRO F 2364 -19.04 -47.78 81.50
C PRO F 2364 -20.22 -47.26 82.29
N GLU F 2377 -7.30 -57.32 82.19
CA GLU F 2377 -6.20 -56.71 82.92
C GLU F 2377 -5.80 -55.38 82.29
N GLU F 2378 -4.51 -55.24 81.97
CA GLU F 2378 -4.04 -53.99 81.37
C GLU F 2378 -4.61 -53.80 79.97
N ASP F 2379 -5.13 -54.88 79.37
CA ASP F 2379 -5.82 -54.75 78.09
C ASP F 2379 -7.28 -54.38 78.28
N ASP F 2380 -7.93 -54.98 79.29
CA ASP F 2380 -9.31 -54.61 79.61
C ASP F 2380 -9.38 -53.26 80.31
N THR F 2381 -8.35 -52.91 81.07
CA THR F 2381 -8.28 -51.69 81.86
C THR F 2381 -7.11 -50.84 81.44
N ILE F 2382 -6.98 -50.61 80.12
CA ILE F 2382 -5.88 -49.82 79.58
C ILE F 2382 -5.80 -48.50 80.32
N HIS F 2383 -4.67 -48.29 81.01
CA HIS F 2383 -4.51 -47.14 81.89
C HIS F 2383 -4.07 -45.95 81.05
N MET F 2384 -4.99 -45.01 80.83
CA MET F 2384 -4.74 -43.89 79.93
C MET F 2384 -3.53 -43.09 80.38
N GLY F 2385 -3.38 -42.88 81.69
CA GLY F 2385 -2.19 -42.22 82.19
C GLY F 2385 -0.92 -42.93 81.78
N ASN F 2386 -0.82 -44.22 82.11
CA ASN F 2386 0.38 -44.98 81.77
C ASN F 2386 0.63 -44.98 80.26
N ALA F 2387 -0.44 -44.99 79.46
CA ALA F 2387 -0.27 -44.95 78.01
C ALA F 2387 0.33 -43.64 77.55
N ILE F 2388 -0.18 -42.52 78.08
CA ILE F 2388 0.38 -41.20 77.75
C ILE F 2388 1.84 -41.15 78.16
N MET F 2389 2.13 -41.67 79.36
CA MET F 2389 3.46 -41.62 79.94
C MET F 2389 4.44 -42.45 79.13
N THR F 2390 4.01 -43.64 78.70
CA THR F 2390 4.84 -44.51 77.88
C THR F 2390 5.06 -43.90 76.50
N PHE F 2391 4.04 -43.24 75.94
CA PHE F 2391 4.22 -42.55 74.67
C PHE F 2391 5.29 -41.47 74.78
N TYR F 2392 5.22 -40.64 75.83
CA TYR F 2392 6.20 -39.58 75.96
C TYR F 2392 7.59 -40.14 76.22
N SER F 2393 7.69 -41.21 77.02
CA SER F 2393 8.98 -41.85 77.25
C SER F 2393 9.55 -42.42 75.95
N ALA F 2394 8.70 -43.05 75.13
CA ALA F 2394 9.15 -43.58 73.85
C ALA F 2394 9.61 -42.49 72.90
N LEU F 2395 8.88 -41.36 72.85
CA LEU F 2395 9.30 -40.25 72.01
C LEU F 2395 10.65 -39.70 72.47
N ILE F 2396 10.81 -39.53 73.78
CA ILE F 2396 12.08 -39.03 74.32
C ILE F 2396 13.21 -39.99 74.00
N ASP F 2397 12.96 -41.29 74.16
CA ASP F 2397 13.99 -42.29 73.85
C ASP F 2397 14.34 -42.27 72.36
N LEU F 2398 13.34 -42.15 71.50
CA LEU F 2398 13.62 -42.11 70.06
C LEU F 2398 14.46 -40.90 69.70
N LEU F 2399 14.13 -39.73 70.28
CA LEU F 2399 14.93 -38.53 70.01
C LEU F 2399 16.36 -38.70 70.51
N GLY F 2400 16.51 -39.23 71.72
CA GLY F 2400 17.85 -39.41 72.27
C GLY F 2400 18.68 -40.40 71.47
N ARG F 2401 18.04 -41.45 70.96
CA ARG F 2401 18.74 -42.41 70.11
C ARG F 2401 19.08 -41.80 68.76
N CYS F 2402 18.20 -40.92 68.24
CA CYS F 2402 18.49 -40.22 67.00
C CYS F 2402 19.58 -39.18 67.17
N ALA F 2403 19.90 -38.81 68.41
CA ALA F 2403 20.98 -37.85 68.63
C ALA F 2403 22.30 -38.41 68.11
N PRO F 2404 23.16 -37.57 67.52
CA PRO F 2404 24.41 -38.07 66.95
C PRO F 2404 25.41 -38.43 68.03
N GLU F 2405 26.44 -39.17 67.63
CA GLU F 2405 27.48 -39.60 68.56
C GLU F 2405 28.40 -38.45 68.93
N MET F 2406 29.20 -38.65 69.98
CA MET F 2406 30.09 -37.60 70.47
C MET F 2406 31.26 -37.37 69.53
N HIS F 2407 31.68 -38.41 68.79
CA HIS F 2407 32.84 -38.25 67.92
C HIS F 2407 32.53 -37.35 66.72
N LEU F 2408 31.31 -37.44 66.19
CA LEU F 2408 30.90 -36.53 65.12
C LEU F 2408 30.88 -35.08 65.58
N ILE F 2409 30.41 -34.81 66.80
CA ILE F 2409 30.44 -33.45 67.32
C ILE F 2409 31.87 -32.99 67.55
N HIS F 2410 32.76 -33.89 68.00
CA HIS F 2410 34.17 -33.52 68.11
C HIS F 2410 34.74 -33.16 66.75
N ALA F 2411 34.43 -33.96 65.73
CA ALA F 2411 34.89 -33.65 64.37
C ALA F 2411 34.28 -32.36 63.86
N GLY F 2412 33.14 -31.96 64.39
CA GLY F 2412 32.51 -30.72 63.99
C GLY F 2412 31.60 -30.83 62.80
N LYS F 2413 30.96 -31.99 62.59
CA LYS F 2413 30.07 -32.15 61.46
C LYS F 2413 28.88 -31.20 61.59
N GLY F 2414 28.68 -30.38 60.55
CA GLY F 2414 27.64 -29.36 60.61
C GLY F 2414 26.27 -29.96 60.78
N GLU F 2415 25.98 -31.04 60.05
CA GLU F 2415 24.68 -31.68 60.16
C GLU F 2415 24.45 -32.25 61.56
N ALA F 2416 25.47 -32.88 62.15
CA ALA F 2416 25.33 -33.43 63.48
C ALA F 2416 25.09 -32.33 64.52
N ILE F 2417 25.85 -31.24 64.42
CA ILE F 2417 25.68 -30.11 65.34
C ILE F 2417 24.28 -29.53 65.19
N ARG F 2418 23.82 -29.41 63.93
CA ARG F 2418 22.48 -28.92 63.65
C ARG F 2418 21.41 -29.81 64.27
N ILE F 2419 21.55 -31.13 64.12
CA ILE F 2419 20.54 -32.05 64.65
C ILE F 2419 20.51 -31.98 66.17
N ARG F 2420 21.69 -31.89 66.79
CA ARG F 2420 21.74 -31.74 68.24
C ARG F 2420 21.09 -30.44 68.70
N SER F 2421 21.34 -29.33 68.01
CA SER F 2421 20.71 -28.07 68.36
C SER F 2421 19.19 -28.14 68.21
N ILE F 2422 18.71 -28.77 67.13
CA ILE F 2422 17.27 -28.95 66.96
C ILE F 2422 16.70 -29.78 68.10
N LEU F 2423 17.38 -30.87 68.49
CA LEU F 2423 16.88 -31.70 69.57
C LEU F 2423 16.81 -30.93 70.89
N ARG F 2424 17.83 -30.12 71.18
CA ARG F 2424 17.76 -29.29 72.38
C ARG F 2424 16.65 -28.26 72.30
N SER F 2425 16.34 -27.76 71.09
CA SER F 2425 15.20 -26.87 70.95
C SER F 2425 13.89 -27.61 71.23
N LEU F 2426 13.77 -28.85 70.75
CA LEU F 2426 12.58 -29.65 71.02
C LEU F 2426 12.39 -29.90 72.51
N ILE F 2427 13.46 -30.25 73.21
CA ILE F 2427 13.36 -30.64 74.61
C ILE F 2427 14.17 -29.67 75.46
N PRO F 2428 13.54 -28.81 76.26
CA PRO F 2428 14.30 -27.98 77.19
C PRO F 2428 14.94 -28.82 78.28
N LEU F 2429 16.08 -28.34 78.79
CA LEU F 2429 16.78 -29.05 79.86
C LEU F 2429 15.96 -29.08 81.14
N GLY F 2430 15.27 -27.98 81.44
CA GLY F 2430 14.50 -27.90 82.67
C GLY F 2430 13.40 -28.93 82.76
N ASP F 2431 12.74 -29.22 81.64
CA ASP F 2431 11.71 -30.26 81.63
C ASP F 2431 12.32 -31.63 81.93
N LEU F 2432 13.48 -31.93 81.33
CA LEU F 2432 14.17 -33.18 81.64
C LEU F 2432 14.49 -33.27 83.11
N VAL F 2433 15.04 -32.19 83.69
CA VAL F 2433 15.40 -32.19 85.10
C VAL F 2433 14.17 -32.38 85.98
N GLY F 2434 13.06 -31.73 85.64
CA GLY F 2434 11.86 -31.88 86.43
C GLY F 2434 11.29 -33.29 86.39
N VAL F 2435 11.23 -33.88 85.20
CA VAL F 2435 10.72 -35.25 85.07
C VAL F 2435 11.61 -36.21 85.83
N ILE F 2436 12.93 -35.99 85.80
CA ILE F 2436 13.82 -36.80 86.62
C ILE F 2436 13.56 -36.55 88.10
N SER F 2437 13.21 -35.32 88.47
CA SER F 2437 12.98 -34.98 89.87
C SER F 2437 11.72 -35.65 90.41
N ILE F 2438 10.74 -35.92 89.54
CA ILE F 2438 9.54 -36.62 89.99
C ILE F 2438 9.93 -37.97 90.55
N ALA F 2439 9.35 -38.33 91.69
CA ALA F 2439 9.69 -39.53 92.44
C ALA F 2439 8.59 -40.59 92.31
N PHE F 2440 8.85 -41.74 92.92
CA PHE F 2440 7.95 -42.88 92.88
C PHE F 2440 7.20 -43.04 94.19
N GLN F 2441 6.12 -43.82 94.16
CA GLN F 2441 5.50 -44.29 95.40
C GLN F 2441 5.90 -45.74 95.64
N MET F 2442 6.38 -46.01 96.85
CA MET F 2442 6.87 -47.38 96.94
C MET F 2442 5.92 -48.25 97.75
N PRO F 2443 5.93 -49.56 97.49
CA PRO F 2443 5.07 -50.46 98.27
C PRO F 2443 5.44 -50.42 99.74
N THR F 2444 4.42 -50.53 100.58
CA THR F 2444 4.60 -50.58 102.02
C THR F 2444 3.88 -51.81 102.56
N ILE F 2445 4.35 -52.30 103.70
CA ILE F 2445 3.69 -53.44 104.34
C ILE F 2445 2.38 -52.97 104.97
N ALA F 2446 1.29 -53.65 104.65
CA ALA F 2446 0.01 -53.29 105.23
C ALA F 2446 -0.05 -53.75 106.68
N LYS F 2447 -1.17 -53.46 107.34
CA LYS F 2447 -1.23 -53.67 108.77
C LYS F 2447 -1.30 -55.16 109.10
N ASP F 2448 -1.87 -55.96 108.20
CA ASP F 2448 -1.91 -57.40 108.40
C ASP F 2448 -0.54 -58.04 108.22
N GLY F 2449 0.40 -57.33 107.60
CA GLY F 2449 1.70 -57.88 107.28
C GLY F 2449 1.94 -58.14 105.81
N ASN F 2450 1.00 -57.79 104.95
CA ASN F 2450 1.15 -57.97 103.51
C ASN F 2450 1.61 -56.65 102.90
N VAL F 2451 2.63 -56.71 102.05
CA VAL F 2451 3.08 -55.50 101.38
C VAL F 2451 2.12 -55.19 100.24
N VAL F 2452 1.45 -54.04 100.33
CA VAL F 2452 0.56 -53.60 99.27
C VAL F 2452 1.41 -53.29 98.04
N GLU F 2453 1.01 -53.85 96.90
CA GLU F 2453 1.81 -53.72 95.69
C GLU F 2453 1.12 -52.80 94.71
N PRO F 2454 1.52 -51.53 94.61
CA PRO F 2454 0.92 -50.65 93.60
C PRO F 2454 1.25 -51.13 92.20
N ASP F 2455 0.19 -51.39 91.43
CA ASP F 2455 0.35 -51.88 90.07
C ASP F 2455 1.08 -50.84 89.22
N MET F 2456 2.23 -51.23 88.67
CA MET F 2456 3.02 -50.28 87.89
C MET F 2456 2.51 -50.17 86.47
N SER F 2457 1.61 -51.05 86.05
CA SER F 2457 0.96 -50.88 84.77
C SER F 2457 -0.02 -49.71 84.79
N ALA F 2458 -0.37 -49.20 85.97
CA ALA F 2458 -1.22 -48.02 86.12
C ALA F 2458 -0.51 -46.87 86.80
N GLY F 2459 0.82 -46.91 86.90
CA GLY F 2459 1.56 -45.89 87.61
C GLY F 2459 2.88 -45.57 86.93
N PHE F 2460 3.52 -44.52 87.44
CA PHE F 2460 4.82 -44.08 86.94
C PHE F 2460 5.88 -45.13 87.21
N CYS F 2461 6.63 -45.50 86.17
CA CYS F 2461 7.58 -46.59 86.26
C CYS F 2461 9.00 -46.09 85.97
N PRO F 2462 10.01 -46.77 86.54
CA PRO F 2462 11.40 -46.33 86.32
C PRO F 2462 11.83 -46.35 84.86
N ASP F 2463 11.23 -47.20 84.03
CA ASP F 2463 11.57 -47.22 82.61
C ASP F 2463 11.23 -45.88 81.96
N HIS F 2464 10.23 -45.18 82.50
CA HIS F 2464 9.88 -43.86 81.98
C HIS F 2464 11.03 -42.86 82.18
N LYS F 2465 11.65 -42.88 83.36
CA LYS F 2465 12.80 -42.03 83.61
C LYS F 2465 14.06 -42.54 82.92
N ALA F 2466 14.10 -43.82 82.54
CA ALA F 2466 15.25 -44.34 81.80
C ALA F 2466 15.45 -43.58 80.50
N ALA F 2467 14.36 -43.35 79.76
CA ALA F 2467 14.44 -42.56 78.53
C ALA F 2467 14.83 -41.12 78.81
N MET F 2468 14.32 -40.53 79.89
CA MET F 2468 14.70 -39.18 80.28
C MET F 2468 16.21 -39.09 80.48
N VAL F 2469 16.78 -40.04 81.21
CA VAL F 2469 18.22 -40.07 81.46
C VAL F 2469 18.98 -40.30 80.16
N LEU F 2470 18.50 -41.18 79.29
CA LEU F 2470 19.18 -41.43 78.02
C LEU F 2470 19.24 -40.16 77.18
N PHE F 2471 18.12 -39.45 77.07
CA PHE F 2471 18.13 -38.18 76.34
C PHE F 2471 19.04 -37.17 77.01
N LEU F 2472 19.04 -37.13 78.34
CA LEU F 2472 19.89 -36.19 79.07
C LEU F 2472 21.36 -36.43 78.75
N ASP F 2473 21.79 -37.69 78.72
CA ASP F 2473 23.21 -37.95 78.52
C ASP F 2473 23.61 -37.92 77.05
N ARG F 2474 22.66 -38.16 76.13
CA ARG F 2474 23.02 -38.21 74.73
C ARG F 2474 22.85 -36.88 74.00
N VAL F 2475 21.93 -36.03 74.45
CA VAL F 2475 21.67 -34.78 73.74
C VAL F 2475 22.29 -33.61 74.49
N TYR F 2476 21.83 -33.38 75.72
CA TYR F 2476 22.33 -32.25 76.49
C TYR F 2476 23.73 -32.55 77.04
N GLY F 2477 23.93 -33.76 77.55
CA GLY F 2477 25.22 -34.14 78.08
C GLY F 2477 25.49 -33.53 79.44
N ILE F 2478 26.29 -34.20 80.26
CA ILE F 2478 26.69 -33.66 81.57
C ILE F 2478 28.14 -33.22 81.42
N GLU F 2479 28.31 -31.92 81.17
CA GLU F 2479 29.63 -31.34 80.97
C GLU F 2479 30.03 -30.39 82.09
N VAL F 2480 29.08 -29.96 82.92
CA VAL F 2480 29.33 -28.99 83.97
C VAL F 2480 29.29 -29.70 85.31
N GLN F 2481 30.29 -29.45 86.15
CA GLN F 2481 30.33 -30.01 87.50
C GLN F 2481 29.14 -29.54 88.34
N ASP F 2482 28.84 -28.24 88.30
CA ASP F 2482 27.70 -27.72 89.04
C ASP F 2482 26.39 -28.33 88.53
N PHE F 2483 26.24 -28.47 87.21
CA PHE F 2483 25.07 -29.11 86.66
C PHE F 2483 24.97 -30.57 87.11
N LEU F 2484 26.11 -31.26 87.17
CA LEU F 2484 26.11 -32.65 87.61
C LEU F 2484 25.59 -32.78 89.03
N LEU F 2485 26.15 -32.01 89.96
CA LEU F 2485 25.69 -32.13 91.34
C LEU F 2485 24.26 -31.61 91.50
N HIS F 2486 23.86 -30.59 90.73
CA HIS F 2486 22.49 -30.13 90.80
C HIS F 2486 21.50 -31.21 90.37
N LEU F 2487 21.72 -31.82 89.21
CA LEU F 2487 20.82 -32.87 88.75
C LEU F 2487 20.84 -34.06 89.70
N LEU F 2488 22.02 -34.42 90.19
CA LEU F 2488 22.12 -35.51 91.16
C LEU F 2488 21.27 -35.21 92.39
N GLU F 2489 21.49 -34.06 93.02
CA GLU F 2489 20.78 -33.71 94.24
C GLU F 2489 19.28 -33.66 94.02
N VAL F 2490 18.83 -33.08 92.90
CA VAL F 2490 17.38 -32.94 92.71
C VAL F 2490 16.73 -34.28 92.44
N GLY F 2491 17.35 -35.12 91.59
CA GLY F 2491 16.63 -36.30 91.14
C GLY F 2491 17.19 -37.68 91.46
N PHE F 2492 18.51 -37.82 91.52
CA PHE F 2492 19.08 -39.17 91.59
C PHE F 2492 19.27 -39.64 93.02
N LEU F 2493 19.78 -38.74 93.89
CA LEU F 2493 19.98 -39.13 95.29
C LEU F 2493 18.69 -39.55 95.97
N PRO F 2494 17.55 -38.86 95.79
CA PRO F 2494 16.29 -39.40 96.34
C PRO F 2494 15.95 -40.79 95.83
N ASP F 2495 16.21 -41.07 94.55
CA ASP F 2495 15.94 -42.40 94.02
C ASP F 2495 16.83 -43.45 94.67
N LEU F 2496 18.11 -43.11 94.88
CA LEU F 2496 19.02 -44.02 95.55
C LEU F 2496 18.59 -44.26 97.00
N ARG F 2497 18.13 -43.20 97.68
CA ARG F 2497 17.65 -43.34 99.04
C ARG F 2497 16.42 -44.24 99.10
N ALA F 2498 15.51 -44.10 98.13
CA ALA F 2498 14.35 -44.98 98.03
C ALA F 2498 14.75 -46.42 97.81
N ALA F 2499 15.71 -46.66 96.92
CA ALA F 2499 16.19 -48.02 96.69
C ALA F 2499 16.81 -48.60 97.95
N ALA F 2500 17.57 -47.77 98.68
CA ALA F 2500 18.15 -48.18 99.96
C ALA F 2500 17.11 -48.51 101.01
N SER F 2501 16.02 -47.74 101.08
CA SER F 2501 14.92 -48.06 101.97
C SER F 2501 14.15 -49.31 101.53
N LEU F 2502 14.27 -49.69 100.26
CA LEU F 2502 13.72 -50.96 99.78
C LEU F 2502 14.67 -52.14 99.97
N ASP F 2503 15.61 -52.06 100.93
CA ASP F 2503 16.66 -53.08 101.01
C ASP F 2503 16.20 -54.33 101.76
N THR F 2504 15.21 -54.19 102.64
CA THR F 2504 14.78 -55.34 103.43
C THR F 2504 14.20 -56.42 102.52
N ALA F 2505 14.44 -57.68 102.88
CA ALA F 2505 14.22 -58.80 101.98
C ALA F 2505 12.76 -58.88 101.53
N ALA F 2506 11.83 -58.79 102.47
CA ALA F 2506 10.41 -58.84 102.13
C ALA F 2506 10.02 -57.67 101.23
N LEU F 2507 10.54 -56.49 101.54
CA LEU F 2507 10.26 -55.32 100.71
C LEU F 2507 11.06 -55.35 99.42
N SER F 2508 12.24 -56.01 99.45
CA SER F 2508 13.04 -56.13 98.23
C SER F 2508 12.38 -57.09 97.24
N ALA F 2509 11.60 -58.05 97.75
CA ALA F 2509 10.99 -59.05 96.86
C ALA F 2509 9.98 -58.42 95.92
N THR F 2510 9.52 -57.20 96.19
CA THR F 2510 8.55 -56.54 95.34
C THR F 2510 9.14 -56.26 93.96
N ASP F 2511 8.36 -56.51 92.92
CA ASP F 2511 8.80 -56.24 91.55
C ASP F 2511 9.04 -54.75 91.33
N MET F 2512 8.41 -53.90 92.14
CA MET F 2512 8.72 -52.47 92.09
C MET F 2512 10.18 -52.21 92.44
N ALA F 2513 10.67 -52.87 93.50
CA ALA F 2513 12.08 -52.75 93.85
C ALA F 2513 12.97 -53.28 92.74
N LEU F 2514 12.58 -54.40 92.12
CA LEU F 2514 13.37 -54.96 91.04
C LEU F 2514 13.47 -54.00 89.86
N ALA F 2515 12.33 -53.38 89.47
CA ALA F 2515 12.35 -52.42 88.38
C ALA F 2515 13.18 -51.20 88.72
N LEU F 2516 13.09 -50.72 89.96
CA LEU F 2516 13.88 -49.56 90.38
C LEU F 2516 15.38 -49.88 90.32
N ASN F 2517 15.77 -51.06 90.81
CA ASN F 2517 17.18 -51.45 90.76
C ASN F 2517 17.65 -51.59 89.31
N ARG F 2518 16.80 -52.17 88.45
CA ARG F 2518 17.13 -52.27 87.04
C ARG F 2518 17.38 -50.91 86.43
N TYR F 2519 16.48 -49.96 86.66
CA TYR F 2519 16.65 -48.60 86.15
C TYR F 2519 17.93 -47.97 86.65
N LEU F 2520 18.19 -48.05 87.96
CA LEU F 2520 19.39 -47.42 88.50
C LEU F 2520 20.64 -48.01 87.89
N CYS F 2521 20.79 -49.33 87.94
CA CYS F 2521 21.99 -49.99 87.44
C CYS F 2521 22.09 -49.94 85.92
N THR F 2522 21.03 -49.60 85.22
CA THR F 2522 21.09 -49.49 83.76
C THR F 2522 21.44 -48.07 83.32
N ALA F 2523 20.91 -47.06 83.99
CA ALA F 2523 21.06 -45.68 83.55
C ALA F 2523 21.93 -44.84 84.48
N VAL F 2524 21.61 -44.79 85.78
CA VAL F 2524 22.19 -43.80 86.66
C VAL F 2524 23.65 -44.14 86.95
N LEU F 2525 23.90 -45.38 87.38
CA LEU F 2525 25.26 -45.77 87.71
C LEU F 2525 26.19 -45.72 86.51
N PRO F 2526 25.84 -46.22 85.32
CA PRO F 2526 26.71 -45.99 84.16
C PRO F 2526 26.93 -44.51 83.86
N LEU F 2527 25.89 -43.68 84.02
CA LEU F 2527 26.04 -42.25 83.78
C LEU F 2527 27.02 -41.62 84.75
N LEU F 2528 26.90 -41.96 86.04
CA LEU F 2528 27.83 -41.46 87.04
C LEU F 2528 29.24 -42.03 86.86
N THR F 2529 29.38 -43.21 86.28
CA THR F 2529 30.69 -43.76 85.98
C THR F 2529 31.35 -43.05 84.80
N ARG F 2530 30.58 -42.73 83.76
CA ARG F 2530 31.10 -41.94 82.65
C ARG F 2530 31.37 -40.49 83.03
N CYS F 2531 30.63 -39.93 83.98
CA CYS F 2531 30.86 -38.58 84.47
C CYS F 2531 31.69 -38.56 85.74
N ALA F 2532 32.41 -39.65 86.03
CA ALA F 2532 33.22 -39.72 87.24
C ALA F 2532 34.30 -38.63 87.31
N PRO F 2533 35.04 -38.31 86.25
CA PRO F 2533 36.09 -37.27 86.39
C PRO F 2533 35.57 -35.92 86.84
N LEU F 2534 34.30 -35.62 86.60
CA LEU F 2534 33.75 -34.33 87.01
C LEU F 2534 33.58 -34.26 88.53
N PHE F 2535 33.77 -35.38 89.22
CA PHE F 2535 33.60 -35.44 90.67
C PHE F 2535 34.85 -34.95 91.40
N ALA F 2536 35.71 -34.21 90.69
CA ALA F 2536 37.00 -33.83 91.26
C ALA F 2536 36.83 -32.91 92.48
N GLY F 2537 36.05 -31.85 92.34
CA GLY F 2537 35.90 -30.86 93.39
C GLY F 2537 34.46 -30.82 93.91
N THR F 2538 34.28 -31.30 95.14
CA THR F 2538 32.97 -31.30 95.81
C THR F 2538 33.06 -30.76 97.23
N GLU F 2539 33.99 -29.84 97.51
CA GLU F 2539 34.15 -29.34 98.88
C GLU F 2539 32.96 -28.52 99.32
N HIS F 2540 32.14 -28.07 98.37
CA HIS F 2540 31.02 -27.19 98.70
C HIS F 2540 29.72 -27.98 98.89
N HIS F 2541 29.67 -29.22 98.40
CA HIS F 2541 28.62 -30.17 98.75
C HIS F 2541 29.25 -31.49 99.21
N ALA F 2542 30.21 -31.36 100.13
CA ALA F 2542 30.84 -32.54 100.73
C ALA F 2542 29.81 -33.43 101.41
N SER F 2543 28.85 -32.83 102.10
CA SER F 2543 27.78 -33.62 102.71
C SER F 2543 26.97 -34.36 101.66
N LEU F 2544 26.68 -33.70 100.54
CA LEU F 2544 25.92 -34.33 99.47
C LEU F 2544 26.66 -35.52 98.88
N ILE F 2545 27.95 -35.37 98.61
CA ILE F 2545 28.70 -36.47 98.01
C ILE F 2545 28.89 -37.60 99.02
N ASP F 2546 29.03 -37.26 100.31
CA ASP F 2546 29.07 -38.28 101.35
C ASP F 2546 27.77 -39.07 101.41
N SER F 2547 26.62 -38.37 101.30
CA SER F 2547 25.34 -39.05 101.23
C SER F 2547 25.25 -39.96 100.02
N LEU F 2548 25.75 -39.51 98.86
CA LEU F 2548 25.80 -40.38 97.69
C LEU F 2548 26.60 -41.64 97.97
N LEU F 2549 27.80 -41.49 98.54
CA LEU F 2549 28.63 -42.66 98.80
C LEU F 2549 27.94 -43.61 99.76
N HIS F 2550 27.31 -43.07 100.80
CA HIS F 2550 26.64 -43.90 101.78
C HIS F 2550 25.48 -44.67 101.16
N THR F 2551 24.66 -43.99 100.35
CA THR F 2551 23.55 -44.66 99.68
C THR F 2551 24.04 -45.73 98.70
N VAL F 2552 25.09 -45.42 97.94
CA VAL F 2552 25.63 -46.38 96.98
C VAL F 2552 26.17 -47.61 97.70
N TYR F 2553 26.88 -47.41 98.81
CA TYR F 2553 27.39 -48.55 99.55
C TYR F 2553 26.27 -49.36 100.19
N ARG F 2554 25.19 -48.70 100.61
CA ARG F 2554 24.03 -49.43 101.11
C ARG F 2554 23.41 -50.28 100.01
N LEU F 2555 23.26 -49.72 98.81
CA LEU F 2555 22.74 -50.52 97.69
C LEU F 2555 23.66 -51.69 97.38
N SER F 2556 24.98 -51.46 97.41
CA SER F 2556 25.95 -52.51 97.22
C SER F 2556 25.84 -53.62 98.27
N LYS F 2557 25.68 -53.27 99.54
CA LYS F 2557 25.43 -54.25 100.57
C LYS F 2557 24.11 -54.97 100.40
N GLY F 2558 23.14 -54.34 99.74
CA GLY F 2558 21.90 -55.03 99.43
C GLY F 2558 22.14 -56.27 98.58
N CYS F 2559 21.31 -57.29 98.80
CA CYS F 2559 21.54 -58.60 98.22
C CYS F 2559 20.53 -58.96 97.13
N SER F 2560 19.49 -58.15 96.92
CA SER F 2560 18.49 -58.47 95.91
C SER F 2560 18.97 -58.25 94.48
N LEU F 2561 20.14 -57.62 94.31
CA LEU F 2561 20.62 -57.30 92.97
C LEU F 2561 21.16 -58.54 92.26
N THR F 2562 21.08 -58.52 90.93
CA THR F 2562 21.65 -59.57 90.12
C THR F 2562 23.17 -59.46 90.10
N LYS F 2563 23.82 -60.45 89.48
CA LYS F 2563 25.27 -60.42 89.38
C LYS F 2563 25.75 -59.24 88.54
N ALA F 2564 25.07 -58.98 87.42
CA ALA F 2564 25.43 -57.83 86.59
C ALA F 2564 25.17 -56.52 87.34
N GLN F 2565 24.09 -56.46 88.11
CA GLN F 2565 23.81 -55.27 88.90
C GLN F 2565 24.89 -55.03 89.94
N ARG F 2566 25.34 -56.11 90.60
CA ARG F 2566 26.44 -56.00 91.56
C ARG F 2566 27.71 -55.53 90.88
N ASP F 2567 28.00 -56.07 89.69
CA ASP F 2567 29.19 -55.62 88.96
C ASP F 2567 29.10 -54.14 88.64
N SER F 2568 27.93 -53.68 88.17
CA SER F 2568 27.77 -52.28 87.82
C SER F 2568 27.93 -51.37 89.05
N ILE F 2569 27.32 -51.76 90.17
CA ILE F 2569 27.41 -50.92 91.36
C ILE F 2569 28.85 -50.90 91.88
N GLU F 2570 29.54 -52.05 91.81
CA GLU F 2570 30.95 -52.07 92.23
C GLU F 2570 31.81 -51.18 91.36
N VAL F 2571 31.66 -51.26 90.04
CA VAL F 2571 32.45 -50.41 89.14
C VAL F 2571 32.16 -48.94 89.39
N CYS F 2572 30.87 -48.59 89.51
CA CYS F 2572 30.51 -47.19 89.74
C CYS F 2572 31.10 -46.67 91.04
N LEU F 2573 30.97 -47.45 92.12
CA LEU F 2573 31.49 -47.00 93.41
C LEU F 2573 33.01 -46.88 93.39
N LEU F 2574 33.71 -47.86 92.82
CA LEU F 2574 35.16 -47.79 92.80
C LEU F 2574 35.65 -46.66 91.93
N SER F 2575 34.94 -46.33 90.86
CA SER F 2575 35.29 -45.16 90.05
C SER F 2575 35.07 -43.86 90.81
N ILE F 2576 33.88 -43.70 91.40
CA ILE F 2576 33.58 -42.44 92.08
C ILE F 2576 34.55 -42.22 93.23
N CYS F 2577 34.81 -43.25 94.02
CA CYS F 2577 35.79 -43.13 95.10
C CYS F 2577 37.20 -43.01 94.54
N GLY F 2578 37.46 -43.63 93.39
CA GLY F 2578 38.80 -43.58 92.82
CA GLY F 2578 38.80 -43.58 92.82
C GLY F 2578 39.22 -42.18 92.43
N GLN F 2579 38.32 -41.45 91.73
CA GLN F 2579 38.65 -40.05 91.44
C GLN F 2579 38.19 -39.11 92.56
N LEU F 2580 37.61 -39.65 93.63
CA LEU F 2580 37.09 -38.79 94.69
C LEU F 2580 38.22 -38.17 95.51
N ARG F 2581 37.96 -36.98 96.04
CA ARG F 2581 38.96 -36.24 96.79
C ARG F 2581 39.24 -36.95 98.12
N PRO F 2582 40.52 -37.17 98.46
CA PRO F 2582 40.83 -38.15 99.53
C PRO F 2582 40.24 -37.84 100.90
N SER F 2583 40.07 -36.57 101.29
CA SER F 2583 39.63 -36.29 102.64
C SER F 2583 38.14 -36.56 102.81
N MET F 2584 37.38 -36.51 101.73
CA MET F 2584 35.92 -36.57 101.81
C MET F 2584 35.41 -37.94 102.20
N MET F 2585 36.19 -38.99 101.95
CA MET F 2585 35.79 -40.37 102.14
C MET F 2585 35.90 -40.86 103.57
N GLN F 2586 36.00 -39.95 104.56
CA GLN F 2586 36.21 -40.37 105.95
C GLN F 2586 34.99 -41.12 106.49
N HIS F 2587 33.80 -40.58 106.26
CA HIS F 2587 32.58 -41.24 106.72
C HIS F 2587 32.41 -42.59 106.06
N LEU F 2588 32.74 -42.69 104.77
CA LEU F 2588 32.64 -43.98 104.09
C LEU F 2588 33.65 -44.97 104.65
N LEU F 2589 34.88 -44.53 104.97
CA LEU F 2589 35.81 -45.44 105.63
C LEU F 2589 35.21 -45.96 106.93
N ARG F 2590 34.73 -45.05 107.77
CA ARG F 2590 34.31 -45.46 109.11
C ARG F 2590 33.04 -46.31 109.07
N ARG F 2591 32.24 -46.17 108.01
CA ARG F 2591 31.16 -47.13 107.80
C ARG F 2591 31.71 -48.49 107.35
N LEU F 2592 32.75 -48.49 106.51
CA LEU F 2592 33.31 -49.74 106.02
C LEU F 2592 34.09 -50.47 107.11
N VAL F 2593 34.48 -49.75 108.16
CA VAL F 2593 35.46 -50.27 109.13
C VAL F 2593 34.98 -51.59 109.74
N PHE F 2594 33.71 -51.63 110.16
CA PHE F 2594 33.21 -52.84 110.81
C PHE F 2594 32.70 -53.89 109.82
N ASP F 2595 32.35 -53.49 108.60
CA ASP F 2595 31.85 -54.43 107.60
C ASP F 2595 32.97 -55.19 106.88
N VAL F 2596 34.16 -54.61 106.78
CA VAL F 2596 35.28 -55.30 106.14
C VAL F 2596 35.67 -56.59 106.86
N PRO F 2597 35.84 -56.59 108.19
CA PRO F 2597 36.35 -57.81 108.84
C PRO F 2597 35.42 -59.01 108.73
N LEU F 2598 34.15 -58.81 108.34
CA LEU F 2598 33.25 -59.93 108.15
C LEU F 2598 33.78 -60.89 107.09
N LEU F 2599 34.39 -60.35 106.04
CA LEU F 2599 34.90 -61.13 104.90
C LEU F 2599 33.82 -62.04 104.32
N ASN F 2600 32.60 -61.52 104.19
CA ASN F 2600 31.52 -62.26 103.58
C ASN F 2600 31.67 -62.18 102.06
N GLU F 2601 30.63 -62.62 101.33
CA GLU F 2601 30.65 -62.51 99.88
C GLU F 2601 30.69 -61.06 99.44
N HIS F 2602 30.09 -60.17 100.22
CA HIS F 2602 30.00 -58.76 99.88
C HIS F 2602 31.32 -58.03 100.06
N ALA F 2603 32.28 -58.68 100.73
CA ALA F 2603 33.47 -57.99 101.23
C ALA F 2603 34.56 -57.78 100.18
N LYS F 2604 34.49 -58.44 99.03
CA LYS F 2604 35.51 -58.25 98.01
C LYS F 2604 35.52 -56.81 97.51
N MET F 2605 34.34 -56.20 97.37
CA MET F 2605 34.29 -54.80 96.98
C MET F 2605 34.91 -53.87 98.02
N PRO F 2606 34.62 -54.00 99.32
CA PRO F 2606 35.39 -53.22 100.30
C PRO F 2606 36.88 -53.48 100.25
N LEU F 2607 37.31 -54.72 100.03
CA LEU F 2607 38.75 -54.99 99.96
C LEU F 2607 39.39 -54.28 98.78
N LYS F 2608 38.75 -54.34 97.60
CA LYS F 2608 39.28 -53.66 96.43
C LYS F 2608 39.29 -52.15 96.63
N LEU F 2609 38.21 -51.59 97.21
CA LEU F 2609 38.19 -50.16 97.47
C LEU F 2609 39.30 -49.74 98.43
N LEU F 2610 39.48 -50.50 99.51
CA LEU F 2610 40.58 -50.25 100.43
C LEU F 2610 41.91 -50.23 99.71
N THR F 2611 42.18 -51.28 98.92
CA THR F 2611 43.43 -51.39 98.19
C THR F 2611 43.66 -50.18 97.30
N ASN F 2612 42.68 -49.86 96.44
CA ASN F 2612 42.92 -48.84 95.42
C ASN F 2612 43.05 -47.46 96.04
N HIS F 2613 42.19 -47.12 97.01
CA HIS F 2613 42.24 -45.75 97.50
C HIS F 2613 43.45 -45.55 98.41
N TYR F 2614 43.86 -46.59 99.15
CA TYR F 2614 45.08 -46.45 99.93
C TYR F 2614 46.32 -46.40 99.05
N GLU F 2615 46.38 -47.20 97.98
CA GLU F 2615 47.48 -47.08 97.04
C GLU F 2615 47.52 -45.71 96.37
N ARG F 2616 46.36 -45.12 96.07
CA ARG F 2616 46.33 -43.75 95.57
C ARG F 2616 46.88 -42.78 96.61
N CYS F 2617 46.42 -42.90 97.86
CA CYS F 2617 46.94 -42.07 98.95
C CYS F 2617 48.07 -42.77 99.70
N TRP F 2618 49.05 -43.32 98.97
CA TRP F 2618 50.27 -43.80 99.58
C TRP F 2618 51.14 -42.65 100.08
N LYS F 2619 51.34 -41.63 99.23
CA LYS F 2619 52.10 -40.45 99.64
C LYS F 2619 51.39 -39.68 100.75
N TYR F 2620 50.06 -39.53 100.64
CA TYR F 2620 49.33 -38.56 101.44
C TYR F 2620 49.39 -38.88 102.93
N TYR F 2621 49.03 -40.11 103.30
CA TYR F 2621 48.87 -40.42 104.71
C TYR F 2621 50.21 -40.65 105.39
N CYS F 2622 51.25 -40.93 104.60
CA CYS F 2622 52.58 -41.15 105.16
C CYS F 2622 53.28 -39.82 105.43
N LEU F 2623 53.26 -38.93 104.44
CA LEU F 2623 53.94 -37.65 104.59
C LEU F 2623 53.23 -36.82 105.66
N PRO F 2624 53.96 -36.28 106.64
CA PRO F 2624 53.32 -35.39 107.63
C PRO F 2624 52.66 -34.19 106.97
N GLY F 2625 53.23 -33.69 105.88
CA GLY F 2625 52.57 -32.63 105.13
C GLY F 2625 51.52 -33.16 104.17
N GLY F 2626 51.64 -34.42 103.75
CA GLY F 2626 50.73 -34.97 102.77
C GLY F 2626 50.90 -34.26 101.43
N TRP F 2627 49.83 -34.26 100.65
CA TRP F 2627 49.79 -33.41 99.46
C TRP F 2627 49.34 -32.02 99.89
N GLY F 2628 50.14 -31.01 99.58
CA GLY F 2628 49.90 -29.66 100.07
C GLY F 2628 48.53 -29.11 99.73
N ASN F 2629 48.07 -29.40 98.51
CA ASN F 2629 46.76 -28.92 98.10
C ASN F 2629 45.67 -29.68 98.84
N PHE F 2630 45.85 -30.99 99.04
CA PHE F 2630 44.89 -31.83 99.75
C PHE F 2630 45.18 -31.92 101.24
N GLY F 2631 46.21 -31.23 101.73
CA GLY F 2631 46.48 -31.23 103.16
C GLY F 2631 47.18 -32.50 103.61
N ALA F 2632 46.80 -32.97 104.79
CA ALA F 2632 47.47 -34.13 105.38
C ALA F 2632 46.46 -34.92 106.21
N ALA F 2633 46.96 -35.88 106.98
CA ALA F 2633 46.12 -36.76 107.77
C ALA F 2633 45.56 -36.03 108.99
N SER F 2634 44.46 -36.57 109.51
CA SER F 2634 43.81 -36.05 110.71
C SER F 2634 44.07 -36.93 111.93
N GLU F 2635 44.66 -38.11 111.73
CA GLU F 2635 45.02 -39.09 112.76
C GLU F 2635 43.80 -39.81 113.33
N GLU F 2636 42.60 -39.28 113.08
CA GLU F 2636 41.39 -40.04 113.41
C GLU F 2636 41.21 -41.19 112.43
N GLU F 2637 41.35 -40.90 111.14
CA GLU F 2637 41.37 -41.95 110.13
C GLU F 2637 42.56 -42.87 110.31
N LEU F 2638 43.65 -42.36 110.90
CA LEU F 2638 44.81 -43.21 111.15
C LEU F 2638 44.50 -44.22 112.27
N HIS F 2639 43.88 -43.77 113.35
CA HIS F 2639 43.40 -44.68 114.38
C HIS F 2639 42.40 -45.67 113.83
N LEU F 2640 41.50 -45.23 112.96
CA LEU F 2640 40.56 -46.15 112.31
C LEU F 2640 41.27 -47.16 111.42
N SER F 2641 42.31 -46.73 110.70
CA SER F 2641 42.98 -47.60 109.74
C SER F 2641 43.87 -48.63 110.43
N ARG F 2642 44.44 -48.27 111.58
CA ARG F 2642 45.17 -49.28 112.36
C ARG F 2642 44.22 -50.37 112.83
N LYS F 2643 43.01 -49.98 113.27
CA LYS F 2643 41.99 -50.96 113.63
C LYS F 2643 41.61 -51.80 112.41
N LEU F 2644 41.48 -51.15 111.24
CA LEU F 2644 41.24 -51.90 110.01
C LEU F 2644 42.30 -52.97 109.79
N PHE F 2645 43.57 -52.57 109.84
CA PHE F 2645 44.66 -53.50 109.56
C PHE F 2645 44.66 -54.64 110.58
N TRP F 2646 44.52 -54.33 111.86
CA TRP F 2646 44.56 -55.36 112.88
C TRP F 2646 43.37 -56.32 112.77
N GLY F 2647 42.17 -55.76 112.60
CA GLY F 2647 41.01 -56.63 112.47
C GLY F 2647 41.10 -57.55 111.27
N ILE F 2648 41.47 -56.98 110.11
CA ILE F 2648 41.59 -57.80 108.90
C ILE F 2648 42.66 -58.87 109.09
N PHE F 2649 43.82 -58.47 109.61
CA PHE F 2649 44.93 -59.41 109.72
C PHE F 2649 44.60 -60.54 110.68
N ASP F 2650 44.10 -60.22 111.87
CA ASP F 2650 43.77 -61.26 112.84
C ASP F 2650 42.64 -62.15 112.35
N ALA F 2651 41.60 -61.56 111.76
CA ALA F 2651 40.51 -62.38 111.23
C ALA F 2651 41.03 -63.35 110.19
N LEU F 2652 41.74 -62.84 109.18
CA LEU F 2652 42.29 -63.69 108.12
C LEU F 2652 43.20 -64.76 108.71
N SER F 2653 43.93 -64.44 109.78
CA SER F 2653 44.77 -65.44 110.43
C SER F 2653 43.95 -66.56 111.04
N GLN F 2654 42.85 -66.21 111.73
CA GLN F 2654 42.08 -67.24 112.43
C GLN F 2654 41.10 -67.99 111.53
N LYS F 2655 40.80 -67.50 110.33
CA LYS F 2655 39.72 -68.11 109.56
C LYS F 2655 40.18 -68.60 108.19
N LYS F 2656 39.40 -69.52 107.63
CA LYS F 2656 39.88 -70.55 106.71
C LYS F 2656 40.46 -69.96 105.43
N TYR F 2657 41.49 -70.64 104.90
CA TYR F 2657 42.21 -70.19 103.72
C TYR F 2657 41.38 -70.35 102.46
N GLU F 2658 41.00 -69.22 101.85
CA GLU F 2658 40.40 -69.20 100.52
C GLU F 2658 41.39 -68.47 99.63
N GLN F 2659 41.84 -69.14 98.57
CA GLN F 2659 42.93 -68.65 97.74
C GLN F 2659 42.60 -67.30 97.09
N GLU F 2660 41.43 -67.21 96.45
CA GLU F 2660 41.06 -65.98 95.75
C GLU F 2660 40.87 -64.82 96.72
N LEU F 2661 40.10 -65.06 97.80
CA LEU F 2661 39.82 -63.98 98.74
C LEU F 2661 41.09 -63.49 99.40
N PHE F 2662 42.03 -64.40 99.70
CA PHE F 2662 43.23 -63.94 100.37
C PHE F 2662 44.32 -63.43 99.42
N LYS F 2663 44.24 -63.74 98.13
CA LYS F 2663 45.11 -62.98 97.25
C LYS F 2663 44.52 -61.60 96.94
N LEU F 2664 43.20 -61.46 97.12
CA LEU F 2664 42.60 -60.13 96.97
C LEU F 2664 42.83 -59.27 98.21
N ALA F 2665 42.85 -59.89 99.39
CA ALA F 2665 43.00 -59.13 100.63
C ALA F 2665 44.45 -58.79 100.95
N LEU F 2666 45.40 -59.54 100.42
CA LEU F 2666 46.83 -59.29 100.64
C LEU F 2666 47.25 -57.89 100.19
N PRO F 2667 46.89 -57.45 98.96
CA PRO F 2667 47.23 -56.07 98.57
C PRO F 2667 46.55 -55.04 99.44
N CYS F 2668 45.36 -55.36 99.97
CA CYS F 2668 44.70 -54.45 100.91
C CYS F 2668 45.53 -54.27 102.17
N LEU F 2669 46.00 -55.39 102.74
CA LEU F 2669 46.88 -55.30 103.90
C LEU F 2669 48.16 -54.55 103.58
N SER F 2670 48.74 -54.79 102.40
CA SER F 2670 49.96 -54.08 102.02
C SER F 2670 49.71 -52.59 101.94
N ALA F 2671 48.60 -52.18 101.32
CA ALA F 2671 48.29 -50.77 101.17
C ALA F 2671 48.06 -50.11 102.52
N VAL F 2672 47.31 -50.77 103.41
CA VAL F 2672 47.05 -50.19 104.73
C VAL F 2672 48.35 -50.08 105.51
N ALA F 2673 49.17 -51.14 105.49
CA ALA F 2673 50.43 -51.12 106.25
C ALA F 2673 51.35 -50.03 105.73
N GLY F 2674 51.44 -49.87 104.41
CA GLY F 2674 52.25 -48.80 103.86
C GLY F 2674 51.74 -47.42 104.23
N ALA F 2675 50.42 -47.21 104.06
CA ALA F 2675 49.84 -45.89 104.32
C ALA F 2675 49.99 -45.50 105.79
N LEU F 2676 49.82 -46.45 106.69
CA LEU F 2676 50.00 -46.17 108.11
C LEU F 2676 51.45 -45.79 108.37
N PRO F 2677 51.73 -44.63 108.96
CA PRO F 2677 53.10 -44.27 109.30
C PRO F 2677 53.66 -45.21 110.35
N PRO F 2678 54.78 -45.87 110.07
CA PRO F 2678 55.39 -46.74 111.09
C PRO F 2678 55.78 -45.99 112.34
N ASP F 2679 56.20 -44.73 112.17
CA ASP F 2679 56.60 -43.90 113.31
C ASP F 2679 55.41 -43.44 114.14
N TYR F 2680 54.17 -43.69 113.69
CA TYR F 2680 52.97 -43.16 114.33
C TYR F 2680 52.86 -43.47 115.82
N MET F 2681 52.56 -42.45 116.62
CA MET F 2681 52.42 -42.58 118.06
C MET F 2681 51.00 -42.98 118.38
N GLU F 2682 50.80 -44.22 118.82
CA GLU F 2682 49.48 -44.59 119.31
C GLU F 2682 49.19 -43.79 120.58
N SER F 2683 48.37 -42.75 120.44
CA SER F 2683 48.08 -41.88 121.57
C SER F 2683 47.30 -42.63 122.64
N ASN F 2684 47.60 -42.33 123.90
CA ASN F 2684 46.80 -42.87 124.99
C ASN F 2684 45.40 -42.31 124.95
N TYR F 2685 45.23 -41.14 124.33
CA TYR F 2685 43.93 -40.54 124.11
C TYR F 2685 43.57 -40.68 122.64
N VAL F 2686 42.61 -41.56 122.33
CA VAL F 2686 42.21 -41.84 120.96
C VAL F 2686 40.74 -41.47 120.80
N SER F 2687 40.18 -41.78 119.64
CA SER F 2687 38.77 -41.51 119.38
C SER F 2687 37.89 -42.38 120.28
N MET F 2688 37.01 -41.73 121.03
CA MET F 2688 36.16 -42.41 121.99
C MET F 2688 34.73 -41.92 121.85
N MET F 2689 33.84 -42.44 122.72
CA MET F 2689 32.39 -42.33 122.53
C MET F 2689 31.97 -42.68 121.11
N GLU F 2690 32.37 -43.84 120.61
CA GLU F 2690 32.11 -44.19 119.21
C GLU F 2690 30.63 -44.21 118.88
N LYS F 2691 30.26 -43.26 118.02
CA LYS F 2691 28.92 -43.16 117.45
C LYS F 2691 28.45 -44.52 116.96
N GLN F 2692 27.41 -45.03 117.62
CA GLN F 2692 26.95 -46.40 117.47
C GLN F 2692 25.83 -46.55 116.45
N SER F 2693 25.30 -45.44 115.94
CA SER F 2693 24.24 -45.51 114.94
C SER F 2693 24.72 -46.31 113.73
N SER F 2694 25.95 -46.05 113.29
CA SER F 2694 26.56 -46.87 112.25
C SER F 2694 26.94 -48.25 112.74
N MET F 2695 27.03 -48.46 114.05
CA MET F 2695 27.37 -49.75 114.64
C MET F 2695 26.17 -50.64 114.86
N ASP F 2696 25.03 -50.37 114.22
CA ASP F 2696 23.94 -51.33 114.24
C ASP F 2696 24.30 -52.51 113.36
N SER F 2697 24.11 -53.73 113.90
CA SER F 2697 24.58 -54.92 113.21
C SER F 2697 23.90 -55.11 111.87
N GLU F 2698 22.63 -54.68 111.76
CA GLU F 2698 21.87 -54.77 110.53
C GLU F 2698 21.36 -53.39 110.15
N GLY F 2699 21.62 -52.99 108.90
CA GLY F 2699 21.16 -51.70 108.42
C GLY F 2699 21.89 -50.50 108.97
N ASN F 2700 22.98 -50.71 109.73
CA ASN F 2700 23.86 -49.67 110.27
C ASN F 2700 23.10 -48.42 110.73
N PHE F 2701 21.97 -48.64 111.42
CA PHE F 2701 21.18 -47.53 111.96
C PHE F 2701 20.58 -47.96 113.29
N ASN F 2702 21.26 -47.62 114.38
CA ASN F 2702 20.71 -47.75 115.73
C ASN F 2702 20.91 -46.41 116.42
N PRO F 2703 19.97 -45.49 116.34
CA PRO F 2703 20.22 -44.09 116.75
C PRO F 2703 19.92 -43.82 118.22
N GLN F 2704 20.53 -44.59 119.11
CA GLN F 2704 20.34 -44.33 120.53
C GLN F 2704 21.21 -43.13 120.93
N PRO F 2705 20.65 -42.12 121.58
CA PRO F 2705 21.46 -40.98 122.03
C PRO F 2705 22.06 -41.27 123.40
N VAL F 2706 22.85 -40.33 123.89
CA VAL F 2706 23.45 -40.42 125.21
C VAL F 2706 22.43 -39.94 126.25
N ASP F 2707 22.06 -40.82 127.17
CA ASP F 2707 21.09 -40.47 128.18
C ASP F 2707 21.63 -39.38 129.11
N THR F 2708 20.76 -38.44 129.46
CA THR F 2708 21.16 -37.30 130.28
C THR F 2708 20.22 -37.01 131.44
N SER F 2709 19.28 -37.91 131.76
CA SER F 2709 18.36 -37.64 132.86
C SER F 2709 19.07 -37.64 134.20
N ASN F 2710 20.18 -38.39 134.31
CA ASN F 2710 20.88 -38.49 135.59
C ASN F 2710 21.49 -37.16 136.01
N ILE F 2711 22.07 -36.42 135.06
CA ILE F 2711 22.76 -35.17 135.38
C ILE F 2711 21.75 -34.07 135.62
N THR F 2712 22.16 -33.00 136.29
CA THR F 2712 21.28 -31.90 136.63
C THR F 2712 21.98 -30.58 136.35
N ILE F 2713 21.25 -29.64 135.75
CA ILE F 2713 21.78 -28.32 135.42
C ILE F 2713 22.06 -27.57 136.72
N PRO F 2714 23.17 -26.81 136.81
CA PRO F 2714 23.43 -26.04 138.03
C PRO F 2714 22.71 -24.70 138.07
N GLU F 2715 22.98 -23.91 139.11
CA GLU F 2715 22.16 -22.75 139.40
C GLU F 2715 22.57 -21.50 138.62
N LYS F 2716 23.86 -21.35 138.28
CA LYS F 2716 24.28 -20.14 137.60
C LYS F 2716 23.73 -20.08 136.18
N LEU F 2717 23.21 -21.19 135.68
CA LEU F 2717 22.69 -21.23 134.32
C LEU F 2717 21.26 -20.71 134.22
N GLU F 2718 20.63 -20.33 135.33
CA GLU F 2718 19.24 -19.88 135.26
C GLU F 2718 19.13 -18.54 134.54
N TYR F 2719 20.13 -17.67 134.71
CA TYR F 2719 20.12 -16.40 133.98
C TYR F 2719 20.31 -16.62 132.49
N PHE F 2720 21.21 -17.55 132.13
CA PHE F 2720 21.31 -17.99 130.74
C PHE F 2720 19.98 -18.52 130.22
N ILE F 2721 19.28 -19.30 131.04
CA ILE F 2721 17.99 -19.85 130.64
C ILE F 2721 16.99 -18.73 130.37
N ASN F 2722 16.92 -17.75 131.27
CA ASN F 2722 16.00 -16.64 131.09
C ASN F 2722 16.34 -15.85 129.84
N LYS F 2723 17.62 -15.59 129.58
CA LYS F 2723 18.00 -14.79 128.42
C LYS F 2723 17.74 -15.56 127.11
N TYR F 2724 17.99 -16.86 127.12
CA TYR F 2724 17.78 -17.64 125.90
C TYR F 2724 16.29 -17.85 125.64
N ALA F 2725 15.49 -17.96 126.71
CA ALA F 2725 14.04 -17.98 126.55
C ALA F 2725 13.53 -16.62 126.08
N GLU F 2726 14.20 -15.54 126.50
CA GLU F 2726 13.90 -14.23 125.94
C GLU F 2726 14.14 -14.21 124.44
N HIS F 2727 15.28 -14.76 123.99
CA HIS F 2727 15.55 -14.87 122.56
C HIS F 2727 14.51 -15.72 121.85
N SER F 2728 14.09 -16.84 122.47
CA SER F 2728 13.05 -17.67 121.86
C SER F 2728 11.72 -16.92 121.74
N HIS F 2729 11.32 -16.21 122.79
CA HIS F 2729 10.10 -15.41 122.72
C HIS F 2729 10.23 -14.30 121.67
N ASP F 2730 11.42 -13.73 121.52
CA ASP F 2730 11.64 -12.74 120.48
C ASP F 2730 11.49 -13.32 119.08
N LYS F 2731 12.18 -14.43 118.79
CA LYS F 2731 12.06 -14.97 117.44
C LYS F 2731 10.65 -15.48 117.18
N TRP F 2732 9.85 -15.81 118.21
CA TRP F 2732 8.48 -16.18 117.90
C TRP F 2732 7.59 -14.92 117.84
N SER F 2733 8.01 -13.82 118.47
CA SER F 2733 7.37 -12.53 118.14
C SER F 2733 7.52 -12.23 116.66
N MET F 2734 8.73 -12.41 116.13
CA MET F 2734 8.92 -12.25 114.69
C MET F 2734 8.18 -13.32 113.89
N ASP F 2735 8.10 -14.56 114.39
CA ASP F 2735 7.38 -15.59 113.65
C ASP F 2735 5.89 -15.26 113.53
N LYS F 2736 5.28 -14.84 114.64
CA LYS F 2736 3.85 -14.50 114.59
C LYS F 2736 3.62 -13.26 113.74
N LEU F 2737 4.52 -12.29 113.81
CA LEU F 2737 4.39 -11.13 112.94
C LEU F 2737 4.53 -11.52 111.47
N ALA F 2738 5.44 -12.46 111.16
CA ALA F 2738 5.70 -12.80 109.77
C ALA F 2738 4.55 -13.59 109.16
N ASN F 2739 4.05 -14.62 109.83
CA ASN F 2739 2.92 -15.36 109.29
C ASN F 2739 1.59 -14.66 109.54
N GLY F 2740 1.59 -13.54 110.27
CA GLY F 2740 0.46 -12.65 110.25
C GLY F 2740 -0.32 -12.50 111.55
N TRP F 2741 -0.01 -13.30 112.56
CA TRP F 2741 -0.83 -13.30 113.77
C TRP F 2741 -0.60 -12.03 114.61
N ILE F 2742 -1.68 -11.49 115.19
CA ILE F 2742 -1.62 -10.27 116.00
C ILE F 2742 -2.31 -10.51 117.35
N TYR F 2743 -2.21 -9.51 118.23
CA TYR F 2743 -2.74 -9.63 119.60
C TYR F 2743 -4.26 -9.76 119.61
N GLY F 2744 -4.75 -10.55 120.57
CA GLY F 2744 -6.18 -10.74 120.77
C GLY F 2744 -6.47 -11.47 122.06
N GLU F 2745 -7.72 -11.92 122.19
CA GLU F 2745 -8.15 -12.59 123.42
C GLU F 2745 -7.64 -14.02 123.47
N ILE F 2746 -7.78 -14.78 122.38
CA ILE F 2746 -7.46 -16.20 122.36
C ILE F 2746 -6.74 -16.50 121.04
N TYR F 2747 -6.05 -17.65 120.98
CA TYR F 2747 -5.23 -17.94 119.80
C TYR F 2747 -6.09 -18.51 118.69
N SER F 2748 -5.89 -18.04 117.47
CA SER F 2748 -6.73 -18.41 116.33
C SER F 2748 -5.92 -18.35 115.04
N ASP F 2749 -5.90 -19.45 114.30
CA ASP F 2749 -5.28 -19.46 112.98
C ASP F 2749 -6.23 -18.90 111.92
N SER F 2750 -7.49 -18.70 112.28
CA SER F 2750 -8.49 -18.26 111.30
C SER F 2750 -8.29 -16.80 110.93
N SER F 2751 -8.34 -15.90 111.91
CA SER F 2751 -8.27 -14.47 111.67
C SER F 2751 -6.92 -13.88 112.03
N LYS F 2752 -5.90 -14.71 112.24
CA LYS F 2752 -4.56 -14.25 112.57
C LYS F 2752 -4.58 -13.35 113.80
N VAL F 2753 -5.26 -13.83 114.83
CA VAL F 2753 -5.40 -13.13 116.10
C VAL F 2753 -4.89 -14.07 117.20
N GLN F 2754 -3.99 -13.57 118.04
CA GLN F 2754 -3.06 -14.48 118.71
C GLN F 2754 -2.37 -13.77 119.88
N PRO F 2755 -2.59 -14.22 121.11
CA PRO F 2755 -2.57 -13.33 122.29
C PRO F 2755 -1.22 -13.14 122.95
N LEU F 2756 -0.15 -13.64 122.36
CA LEU F 2756 1.16 -13.70 122.99
C LEU F 2756 1.95 -12.43 122.86
N MET F 2757 1.29 -11.32 122.57
CA MET F 2757 1.96 -10.03 122.55
C MET F 2757 2.57 -9.69 123.90
N LYS F 2758 2.07 -10.28 124.97
CA LYS F 2758 2.52 -9.97 126.32
C LYS F 2758 4.00 -10.34 126.49
N PRO F 2759 4.74 -9.57 127.30
CA PRO F 2759 6.18 -9.79 127.43
C PRO F 2759 6.54 -11.05 128.20
N TYR F 2760 7.81 -11.43 128.04
CA TYR F 2760 8.40 -12.58 128.72
C TYR F 2760 8.37 -12.45 130.23
N LYS F 2761 8.58 -11.23 130.74
CA LYS F 2761 8.60 -11.01 132.18
C LYS F 2761 7.30 -11.48 132.82
N LEU F 2762 6.16 -11.11 132.21
CA LEU F 2762 4.85 -11.48 132.72
C LEU F 2762 4.27 -12.74 132.07
N LEU F 2763 4.99 -13.41 131.19
CA LEU F 2763 4.41 -14.62 130.62
C LEU F 2763 4.27 -15.72 131.67
N SER F 2764 3.19 -16.48 131.54
CA SER F 2764 2.86 -17.55 132.47
C SER F 2764 3.89 -18.67 132.39
N GLU F 2765 4.23 -19.20 133.57
CA GLU F 2765 5.39 -20.09 133.66
C GLU F 2765 5.10 -21.45 133.05
N LYS F 2766 3.83 -21.86 133.04
CA LYS F 2766 3.43 -23.02 132.23
C LYS F 2766 3.80 -22.79 130.76
N GLU F 2767 3.34 -21.68 130.18
CA GLU F 2767 3.70 -21.36 128.80
C GLU F 2767 5.19 -21.08 128.69
N LYS F 2768 5.80 -20.58 129.76
CA LYS F 2768 7.25 -20.48 129.80
C LYS F 2768 7.89 -21.86 129.83
N GLU F 2769 7.29 -22.81 130.55
CA GLU F 2769 7.89 -24.14 130.65
C GLU F 2769 7.82 -24.87 129.32
N ILE F 2770 6.85 -24.51 128.48
CA ILE F 2770 6.80 -25.03 127.12
C ILE F 2770 8.07 -24.65 126.37
N TYR F 2771 8.61 -23.46 126.66
CA TYR F 2771 9.89 -23.08 126.08
C TYR F 2771 11.06 -23.73 126.81
N ARG F 2772 10.94 -23.92 128.14
CA ARG F 2772 12.02 -24.57 128.88
C ARG F 2772 12.31 -25.97 128.33
N TRP F 2773 11.26 -26.76 128.12
CA TRP F 2773 11.46 -28.20 128.02
C TRP F 2773 12.41 -28.58 126.89
N PRO F 2774 12.25 -28.03 125.68
CA PRO F 2774 13.32 -28.19 124.67
C PRO F 2774 14.65 -27.61 125.13
N ILE F 2775 14.63 -26.40 125.70
CA ILE F 2775 15.86 -25.78 126.19
C ILE F 2775 16.45 -26.61 127.33
N LYS F 2776 15.60 -27.10 128.24
CA LYS F 2776 16.07 -27.91 129.36
C LYS F 2776 16.73 -29.19 128.87
N GLU F 2777 16.10 -29.88 127.93
CA GLU F 2777 16.69 -31.11 127.40
C GLU F 2777 17.98 -30.83 126.63
N SER F 2778 18.02 -29.73 125.87
CA SER F 2778 19.24 -29.38 125.15
C SER F 2778 20.38 -29.10 126.12
N LEU F 2779 20.10 -28.37 127.20
CA LEU F 2779 21.13 -28.06 128.18
C LEU F 2779 21.57 -29.32 128.93
N LYS F 2780 20.63 -30.22 129.22
CA LYS F 2780 20.99 -31.47 129.87
C LYS F 2780 21.89 -32.32 128.99
N THR F 2781 21.55 -32.44 127.70
CA THR F 2781 22.40 -33.18 126.77
C THR F 2781 23.75 -32.49 126.59
N MET F 2782 23.78 -31.16 126.64
CA MET F 2782 25.05 -30.43 126.62
C MET F 2782 25.90 -30.77 127.83
N LEU F 2783 25.29 -30.83 129.01
CA LEU F 2783 26.07 -31.05 130.23
C LEU F 2783 26.52 -32.50 130.36
N ALA F 2784 25.72 -33.46 129.87
CA ALA F 2784 26.09 -34.86 130.00
C ALA F 2784 27.30 -35.20 129.15
N TRP F 2785 27.45 -34.52 128.01
CA TRP F 2785 28.59 -34.80 127.15
C TRP F 2785 29.89 -34.40 127.86
N GLY F 2786 29.78 -33.58 128.91
CA GLY F 2786 30.90 -33.17 129.71
C GLY F 2786 31.48 -31.81 129.39
N TRP F 2787 30.81 -31.02 128.55
CA TRP F 2787 31.45 -29.80 128.05
C TRP F 2787 31.63 -28.83 129.21
N ARG F 2788 32.88 -28.40 129.44
CA ARG F 2788 33.12 -27.42 130.50
C ARG F 2788 32.58 -26.07 130.08
N ILE F 2789 31.84 -25.43 130.97
CA ILE F 2789 31.25 -24.11 130.71
C ILE F 2789 31.84 -23.12 131.72
N GLU F 2790 32.45 -22.05 131.20
CA GLU F 2790 33.12 -21.05 132.02
C GLU F 2790 32.48 -19.67 131.85
N ARG F 2791 32.49 -18.90 132.92
CA ARG F 2791 31.73 -17.66 133.04
C ARG F 2791 32.67 -16.46 132.98
N THR F 2792 32.27 -15.44 132.21
CA THR F 2792 33.09 -14.28 131.95
C THR F 2792 32.47 -13.03 132.59
N ARG F 2793 33.16 -11.90 132.45
CA ARG F 2793 32.70 -10.66 133.07
C ARG F 2793 31.60 -9.99 132.24
N GLU F 2794 31.53 -10.31 130.95
CA GLU F 2794 30.44 -9.80 130.13
C GLU F 2794 29.08 -10.21 130.69
N GLY F 2795 29.02 -11.33 131.41
CA GLY F 2795 27.78 -11.73 132.04
C GLY F 2795 27.34 -10.77 133.13
N ASP F 2796 28.26 -10.39 134.02
CA ASP F 2796 27.89 -9.45 135.07
C ASP F 2796 27.77 -8.04 134.52
N SER F 2797 28.25 -7.80 133.29
CA SER F 2797 27.94 -6.55 132.61
C SER F 2797 26.43 -6.43 132.51
N MET F 2798 25.76 -7.52 132.16
CA MET F 2798 24.30 -7.54 132.09
C MET F 2798 23.68 -7.22 133.44
N ALA F 2799 24.22 -7.80 134.51
CA ALA F 2799 23.67 -7.55 135.84
C ALA F 2799 23.79 -6.08 136.24
N LEU F 2800 24.94 -5.47 135.93
CA LEU F 2800 25.08 -4.04 136.19
C LEU F 2800 24.16 -3.22 135.30
N TYR F 2801 23.90 -3.68 134.08
CA TYR F 2801 22.98 -2.97 133.20
C TYR F 2801 21.57 -2.97 133.78
N ASN F 2802 21.14 -4.09 134.33
CA ASN F 2802 19.83 -4.18 134.97
C ASN F 2802 19.80 -3.36 136.26
N GLY F 2820 2.93 -4.25 126.06
CA GLY F 2820 4.18 -5.00 126.15
C GLY F 2820 5.32 -4.30 125.45
N TYR F 2821 6.23 -5.08 124.85
CA TYR F 2821 7.32 -4.51 124.08
C TYR F 2821 7.41 -5.22 122.74
N SER F 2822 8.10 -4.58 121.81
CA SER F 2822 8.44 -5.19 120.53
C SER F 2822 9.89 -5.65 120.60
N PRO F 2823 10.18 -6.94 120.48
CA PRO F 2823 11.57 -7.37 120.37
C PRO F 2823 12.21 -6.69 119.16
N ARG F 2824 13.15 -5.79 119.43
CA ARG F 2824 13.63 -4.90 118.39
C ARG F 2824 14.82 -5.51 117.67
N ALA F 2825 15.05 -5.04 116.45
CA ALA F 2825 15.93 -5.70 115.50
C ALA F 2825 17.27 -6.08 116.11
N ILE F 2826 17.49 -7.38 116.21
CA ILE F 2826 18.78 -7.97 116.56
C ILE F 2826 19.42 -8.51 115.28
N ASP F 2827 20.76 -8.66 115.31
CA ASP F 2827 21.53 -9.02 114.12
C ASP F 2827 22.34 -10.29 114.41
N MET F 2828 21.82 -11.45 113.97
CA MET F 2828 22.48 -12.70 114.32
C MET F 2828 23.72 -12.96 113.49
N SER F 2829 23.62 -12.76 112.17
CA SER F 2829 24.38 -13.57 111.22
C SER F 2829 25.86 -13.18 111.17
N ASN F 2830 26.21 -12.02 111.70
CA ASN F 2830 27.56 -11.50 111.47
C ASN F 2830 28.62 -12.29 112.23
N VAL F 2831 28.28 -12.87 113.36
CA VAL F 2831 29.24 -13.62 114.16
C VAL F 2831 29.57 -14.95 113.48
N THR F 2832 30.71 -15.53 113.85
CA THR F 2832 31.19 -16.78 113.28
C THR F 2832 31.85 -17.62 114.37
N LEU F 2833 31.80 -18.95 114.20
CA LEU F 2833 32.37 -19.88 115.15
C LEU F 2833 33.78 -20.30 114.72
N SER F 2834 34.38 -21.20 115.51
CA SER F 2834 35.68 -21.78 115.20
C SER F 2834 35.51 -23.20 114.70
N ARG F 2835 36.59 -23.76 114.15
CA ARG F 2835 36.53 -25.08 113.52
C ARG F 2835 36.35 -26.21 114.54
N ASP F 2836 37.04 -26.11 115.68
CA ASP F 2836 36.85 -27.11 116.73
C ASP F 2836 35.42 -27.09 117.25
N LEU F 2837 34.86 -25.90 117.46
CA LEU F 2837 33.47 -25.79 117.86
C LEU F 2837 32.54 -26.26 116.74
N HIS F 2838 32.99 -26.17 115.48
CA HIS F 2838 32.19 -26.69 114.37
CA HIS F 2838 32.19 -26.69 114.37
C HIS F 2838 32.08 -28.20 114.43
N ALA F 2839 33.20 -28.89 114.65
CA ALA F 2839 33.13 -30.35 114.81
C ALA F 2839 32.30 -30.70 116.04
N MET F 2840 32.48 -29.93 117.10
CA MET F 2840 31.72 -30.09 118.34
C MET F 2840 30.22 -30.01 118.06
N ALA F 2841 29.82 -28.98 117.31
CA ALA F 2841 28.43 -28.78 116.96
C ALA F 2841 27.95 -29.79 115.93
N GLU F 2842 28.84 -30.32 115.11
CA GLU F 2842 28.45 -31.37 114.19
C GLU F 2842 28.03 -32.62 114.94
N MET F 2843 28.79 -32.98 115.97
CA MET F 2843 28.37 -34.09 116.83
C MET F 2843 27.14 -33.77 117.66
N MET F 2844 26.98 -32.53 118.14
CA MET F 2844 25.72 -32.27 118.85
C MET F 2844 24.52 -32.37 117.90
N ALA F 2845 24.67 -31.89 116.65
CA ALA F 2845 23.59 -32.02 115.67
C ALA F 2845 23.31 -33.49 115.35
N GLU F 2846 24.37 -34.30 115.24
CA GLU F 2846 24.17 -35.74 115.07
C GLU F 2846 23.42 -36.33 116.26
N ASN F 2847 23.75 -35.89 117.48
CA ASN F 2847 23.03 -36.36 118.67
C ASN F 2847 21.56 -35.98 118.60
N TYR F 2848 21.26 -34.76 118.16
CA TYR F 2848 19.87 -34.31 118.07
C TYR F 2848 19.11 -35.10 117.00
N HIS F 2849 19.78 -35.40 115.88
CA HIS F 2849 19.20 -36.28 114.88
C HIS F 2849 18.98 -37.67 115.43
N ASN F 2850 19.87 -38.15 116.31
CA ASN F 2850 19.65 -39.43 116.96
C ASN F 2850 18.44 -39.43 117.90
N ILE F 2851 18.22 -38.32 118.62
CA ILE F 2851 17.02 -38.22 119.45
C ILE F 2851 15.78 -38.21 118.56
N TRP F 2852 15.81 -37.40 117.49
CA TRP F 2852 14.70 -37.35 116.54
C TRP F 2852 14.46 -38.73 115.92
N ALA F 2853 15.52 -39.46 115.61
CA ALA F 2853 15.39 -40.77 115.00
C ALA F 2853 14.89 -41.82 115.98
N LYS F 2854 15.26 -41.71 117.26
CA LYS F 2854 14.61 -42.54 118.27
C LYS F 2854 13.11 -42.28 118.33
N LYS F 2855 12.70 -41.01 118.36
CA LYS F 2855 11.28 -40.71 118.40
C LYS F 2855 10.58 -41.27 117.17
N LYS F 2856 11.23 -41.16 116.01
CA LYS F 2856 10.64 -41.70 114.79
C LYS F 2856 10.62 -43.23 114.81
N LYS F 2857 11.59 -43.86 115.47
CA LYS F 2857 11.58 -45.31 115.59
C LYS F 2857 10.44 -45.77 116.48
N MET F 2858 10.21 -45.09 117.61
CA MET F 2858 9.04 -45.45 118.42
C MET F 2858 7.74 -45.25 117.66
N GLU F 2859 7.59 -44.12 116.95
CA GLU F 2859 6.32 -43.89 116.26
C GLU F 2859 6.14 -44.87 115.10
N LEU F 2860 7.24 -45.23 114.42
CA LEU F 2860 7.17 -46.19 113.32
C LEU F 2860 6.89 -47.60 113.80
N GLU F 2861 7.45 -48.03 114.94
CA GLU F 2861 7.11 -49.32 115.52
C GLU F 2861 5.68 -49.35 116.05
N SER F 2862 5.19 -48.24 116.61
CA SER F 2862 3.79 -48.16 116.99
C SER F 2862 2.89 -48.26 115.77
N LYS F 2863 3.29 -47.63 114.66
CA LYS F 2863 2.56 -47.79 113.40
C LYS F 2863 2.57 -49.25 112.94
N GLY F 2864 3.73 -49.89 113.01
CA GLY F 2864 3.87 -51.28 112.62
C GLY F 2864 4.45 -51.52 111.25
N GLY F 2865 4.67 -50.47 110.45
CA GLY F 2865 5.24 -50.65 109.13
C GLY F 2865 5.43 -49.36 108.36
N GLY F 2866 6.44 -49.33 107.51
CA GLY F 2866 6.72 -48.20 106.65
C GLY F 2866 8.16 -47.77 106.77
N ASN F 2867 8.50 -46.73 106.02
CA ASN F 2867 9.84 -46.17 106.03
C ASN F 2867 9.74 -44.66 105.85
N HIS F 2868 10.81 -43.96 106.22
CA HIS F 2868 10.85 -42.51 106.09
C HIS F 2868 12.10 -42.10 105.32
N PRO F 2869 12.02 -41.05 104.50
CA PRO F 2869 13.20 -40.64 103.72
C PRO F 2869 14.40 -40.28 104.60
N LEU F 2870 14.15 -39.72 105.78
CA LEU F 2870 15.22 -39.31 106.69
C LEU F 2870 15.63 -40.40 107.66
N LEU F 2871 15.11 -41.63 107.49
CA LEU F 2871 15.46 -42.72 108.39
C LEU F 2871 16.94 -43.08 108.31
N VAL F 2872 17.62 -42.71 107.23
CA VAL F 2872 19.05 -42.98 107.08
C VAL F 2872 19.82 -42.18 108.13
N PRO F 2873 21.00 -42.62 108.55
CA PRO F 2873 21.73 -41.91 109.60
C PRO F 2873 22.08 -40.49 109.18
N TYR F 2874 22.54 -39.71 110.18
CA TYR F 2874 22.82 -38.30 109.95
C TYR F 2874 23.94 -38.11 108.93
N ASP F 2875 24.97 -38.94 109.00
CA ASP F 2875 26.03 -38.90 107.99
C ASP F 2875 25.51 -39.26 106.61
N THR F 2876 24.50 -40.14 106.55
CA THR F 2876 23.90 -40.48 105.28
C THR F 2876 22.95 -39.39 104.79
N LEU F 2877 22.56 -38.47 105.69
CA LEU F 2877 21.60 -37.44 105.32
C LEU F 2877 22.19 -36.45 104.31
N THR F 2878 21.32 -35.61 103.78
CA THR F 2878 21.67 -34.57 102.82
C THR F 2878 21.61 -33.20 103.50
N ALA F 2879 22.23 -32.20 102.88
CA ALA F 2879 22.41 -30.90 103.52
C ALA F 2879 21.08 -30.24 103.85
N LYS F 2880 20.05 -30.46 103.04
CA LYS F 2880 18.79 -29.74 103.23
C LYS F 2880 18.15 -30.10 104.57
N GLU F 2881 18.16 -31.38 104.95
CA GLU F 2881 17.60 -31.75 106.25
C GLU F 2881 18.60 -31.53 107.37
N LYS F 2882 19.89 -31.52 107.04
CA LYS F 2882 20.91 -31.11 108.01
C LYS F 2882 20.78 -29.64 108.38
N ALA F 2883 20.12 -28.84 107.54
CA ALA F 2883 20.08 -27.39 107.75
C ALA F 2883 19.39 -27.02 109.05
N LYS F 2884 18.28 -27.70 109.38
CA LYS F 2884 17.55 -27.35 110.59
C LYS F 2884 18.38 -27.59 111.84
N ASP F 2885 18.99 -28.78 111.94
CA ASP F 2885 19.87 -29.06 113.07
C ASP F 2885 21.03 -28.09 113.11
N ARG F 2886 21.62 -27.80 111.95
CA ARG F 2886 22.78 -26.92 111.90
C ARG F 2886 22.43 -25.53 112.39
N GLU F 2887 21.33 -24.95 111.88
CA GLU F 2887 20.95 -23.61 112.29
C GLU F 2887 20.55 -23.54 113.76
N LYS F 2888 19.83 -24.54 114.26
CA LYS F 2888 19.37 -24.44 115.64
C LYS F 2888 20.52 -24.66 116.62
N ALA F 2889 21.57 -25.38 116.19
CA ALA F 2889 22.78 -25.44 117.01
C ALA F 2889 23.55 -24.13 116.93
N GLN F 2890 23.71 -23.59 115.72
CA GLN F 2890 24.34 -22.28 115.54
C GLN F 2890 23.75 -21.25 116.49
N ASP F 2891 22.42 -21.11 116.48
CA ASP F 2891 21.77 -20.02 117.22
C ASP F 2891 22.10 -20.07 118.70
N ILE F 2892 21.94 -21.24 119.33
CA ILE F 2892 22.24 -21.35 120.75
C ILE F 2892 23.71 -21.09 121.01
N LEU F 2893 24.59 -21.53 120.09
CA LEU F 2893 26.01 -21.28 120.30
C LEU F 2893 26.33 -19.79 120.27
N LYS F 2894 25.86 -19.08 119.24
CA LYS F 2894 26.21 -17.67 119.10
C LYS F 2894 25.64 -16.87 120.27
N PHE F 2895 24.43 -17.23 120.73
CA PHE F 2895 23.89 -16.55 121.88
C PHE F 2895 24.69 -16.89 123.13
N LEU F 2896 25.34 -18.06 123.14
CA LEU F 2896 26.23 -18.41 124.23
C LEU F 2896 27.50 -17.56 124.22
N GLN F 2897 28.12 -17.32 123.07
CA GLN F 2897 29.18 -16.30 123.08
C GLN F 2897 28.67 -14.95 123.56
N ILE F 2898 27.54 -14.48 123.02
CA ILE F 2898 27.05 -13.16 123.41
C ILE F 2898 26.78 -13.10 124.92
N ASN F 2899 26.38 -14.24 125.50
CA ASN F 2899 26.16 -14.31 126.95
C ASN F 2899 27.46 -14.47 127.72
N GLY F 2900 28.53 -14.87 127.04
CA GLY F 2900 29.86 -14.87 127.61
C GLY F 2900 30.38 -16.21 128.12
N TYR F 2901 29.59 -17.27 128.09
CA TYR F 2901 30.09 -18.57 128.50
C TYR F 2901 31.16 -19.07 127.54
N ALA F 2902 32.06 -19.91 128.07
CA ALA F 2902 33.09 -20.53 127.25
C ALA F 2902 32.91 -22.04 127.29
N VAL F 2903 32.50 -22.60 126.16
CA VAL F 2903 32.35 -24.04 126.05
C VAL F 2903 33.67 -24.62 125.54
N SER F 2904 34.01 -25.80 126.05
CA SER F 2904 35.28 -26.44 125.77
C SER F 2904 34.98 -27.88 125.35
N ARG F 2905 35.98 -28.76 125.42
CA ARG F 2905 35.76 -30.15 125.07
C ARG F 2905 35.12 -30.90 126.25
N GLY F 2906 34.66 -32.13 125.98
CA GLY F 2906 33.96 -32.90 127.00
C GLY F 2906 34.85 -33.32 128.16
N PHE F 2907 36.07 -33.77 127.87
CA PHE F 2907 36.95 -34.29 128.93
C PHE F 2907 38.40 -33.98 128.59
N LYS F 2908 39.18 -33.64 129.62
CA LYS F 2908 40.60 -33.36 129.43
C LYS F 2908 41.35 -34.64 129.07
N ASP F 2909 42.53 -34.47 128.47
CA ASP F 2909 43.39 -35.60 128.17
C ASP F 2909 43.83 -36.30 129.45
N LEU F 2910 43.83 -37.64 129.42
CA LEU F 2910 44.12 -38.41 130.63
C LEU F 2910 45.62 -38.63 130.79
N GLU F 2911 46.31 -39.01 129.72
CA GLU F 2911 47.73 -39.32 129.78
C GLU F 2911 48.23 -39.43 128.34
N LEU F 2912 49.56 -39.41 128.19
CA LEU F 2912 50.20 -39.50 126.88
C LEU F 2912 51.04 -40.77 126.83
N ASP F 2913 50.82 -41.59 125.80
CA ASP F 2913 51.61 -42.78 125.57
C ASP F 2913 52.73 -42.54 124.56
N THR F 2914 52.98 -41.28 124.20
CA THR F 2914 54.06 -40.96 123.27
C THR F 2914 55.45 -41.22 123.83
N PRO F 2915 55.75 -41.09 125.14
CA PRO F 2915 57.12 -41.37 125.60
C PRO F 2915 57.58 -42.80 125.29
N SER F 2916 56.68 -43.78 125.36
CA SER F 2916 57.06 -45.15 125.11
C SER F 2916 57.16 -45.42 123.61
N ILE F 2917 58.27 -46.04 123.19
CA ILE F 2917 58.41 -46.43 121.79
C ILE F 2917 57.56 -47.65 121.48
N GLU F 2918 57.01 -48.29 122.51
CA GLU F 2918 56.13 -49.44 122.30
C GLU F 2918 54.87 -49.03 121.54
N LYS F 2919 54.33 -47.85 121.83
CA LYS F 2919 53.09 -47.41 121.18
C LYS F 2919 53.33 -47.02 119.73
N ARG F 2920 54.59 -46.90 119.31
CA ARG F 2920 54.89 -46.65 117.92
C ARG F 2920 54.29 -47.76 117.06
N PHE F 2921 53.62 -47.36 115.97
CA PHE F 2921 52.82 -48.33 115.21
C PHE F 2921 53.69 -49.47 114.69
N ALA F 2922 54.87 -49.15 114.17
CA ALA F 2922 55.78 -50.18 113.69
C ALA F 2922 56.20 -51.11 114.82
N TYR F 2923 56.36 -50.58 116.03
CA TYR F 2923 56.79 -51.41 117.15
C TYR F 2923 55.76 -52.49 117.45
N SER F 2924 54.49 -52.11 117.58
CA SER F 2924 53.45 -53.11 117.83
C SER F 2924 53.24 -54.02 116.62
N PHE F 2925 53.31 -53.45 115.42
CA PHE F 2925 53.16 -54.27 114.21
C PHE F 2925 54.18 -55.40 114.18
N LEU F 2926 55.46 -55.05 114.31
CA LEU F 2926 56.50 -56.08 114.31
C LEU F 2926 56.51 -56.87 115.62
N GLN F 2927 55.88 -56.37 116.69
CA GLN F 2927 55.66 -57.18 117.87
C GLN F 2927 54.77 -58.39 117.58
N GLN F 2928 53.52 -58.15 117.19
CA GLN F 2928 52.69 -59.28 116.83
C GLN F 2928 53.26 -60.03 115.63
N LEU F 2929 54.04 -59.35 114.80
CA LEU F 2929 54.66 -60.01 113.66
C LEU F 2929 55.72 -61.01 114.10
N ILE F 2930 56.50 -60.68 115.14
CA ILE F 2930 57.53 -61.62 115.60
C ILE F 2930 56.91 -62.73 116.43
N ARG F 2931 55.81 -62.44 117.14
CA ARG F 2931 55.08 -63.55 117.74
C ARG F 2931 54.55 -64.52 116.68
N TYR F 2932 53.99 -63.99 115.59
CA TYR F 2932 53.49 -64.87 114.54
C TYR F 2932 54.63 -65.62 113.85
N VAL F 2933 55.77 -64.95 113.65
CA VAL F 2933 56.92 -65.59 113.03
C VAL F 2933 57.49 -66.70 113.91
N ASP F 2934 57.61 -66.46 115.22
CA ASP F 2934 58.08 -67.49 116.13
C ASP F 2934 57.09 -68.63 116.23
N GLU F 2935 55.79 -68.33 116.19
CA GLU F 2935 54.79 -69.38 116.16
C GLU F 2935 54.94 -70.23 114.91
N ALA F 2936 55.15 -69.61 113.76
CA ALA F 2936 55.35 -70.36 112.52
C ALA F 2936 56.64 -71.19 112.58
N HIS F 2937 57.68 -70.64 113.21
CA HIS F 2937 58.94 -71.36 113.31
C HIS F 2937 58.79 -72.58 114.21
N GLN F 2938 58.07 -72.45 115.32
CA GLN F 2938 57.86 -73.64 116.14
C GLN F 2938 56.91 -74.63 115.48
N TYR F 2939 55.92 -74.15 114.71
CA TYR F 2939 55.11 -75.08 113.94
C TYR F 2939 55.96 -75.87 112.94
N ILE F 2940 56.89 -75.20 112.24
CA ILE F 2940 57.73 -75.95 111.32
C ILE F 2940 58.74 -76.82 112.07
N LEU F 2941 59.07 -76.49 113.32
CA LEU F 2941 59.87 -77.42 114.13
C LEU F 2941 59.11 -78.70 114.45
N GLU F 2942 57.88 -78.58 114.94
CA GLU F 2942 57.10 -79.80 115.17
C GLU F 2942 56.76 -80.51 113.86
N PHE F 2943 56.77 -79.79 112.75
CA PHE F 2943 56.64 -80.49 111.47
C PHE F 2943 57.90 -81.22 111.05
N ASP F 2944 59.08 -80.68 111.33
CA ASP F 2944 60.29 -81.46 111.14
C ASP F 2944 60.25 -82.71 112.00
N GLY F 2945 59.69 -82.59 113.20
CA GLY F 2945 59.54 -83.76 114.07
C GLY F 2945 58.55 -84.78 113.53
N GLY F 2946 57.39 -84.32 113.06
CA GLY F 2946 56.33 -85.26 112.71
C GLY F 2946 56.30 -85.62 111.24
N SER F 2947 57.17 -85.01 110.44
CA SER F 2947 57.24 -85.25 109.01
C SER F 2947 57.82 -86.62 108.68
N ARG F 2948 58.49 -87.25 109.65
CA ARG F 2948 58.87 -88.65 109.52
C ARG F 2948 57.71 -89.59 109.80
N GLY F 2949 56.62 -89.07 110.35
CA GLY F 2949 55.41 -89.86 110.47
C GLY F 2949 54.66 -89.89 109.15
N LYS F 2950 53.81 -90.89 108.97
CA LYS F 2950 53.11 -91.06 107.70
C LYS F 2950 52.21 -89.87 107.40
N GLY F 2951 51.47 -89.41 108.41
CA GLY F 2951 50.55 -88.30 108.22
C GLY F 2951 51.24 -87.01 107.85
N GLU F 2952 51.14 -86.61 106.58
CA GLU F 2952 51.72 -85.37 106.12
C GLU F 2952 50.73 -84.22 106.15
N HIS F 2953 49.53 -84.45 106.67
CA HIS F 2953 48.51 -83.41 106.70
C HIS F 2953 48.93 -82.30 107.65
N PHE F 2954 48.46 -81.09 107.38
CA PHE F 2954 48.81 -79.92 108.17
C PHE F 2954 47.63 -79.52 109.04
N PRO F 2955 47.66 -79.79 110.35
CA PRO F 2955 46.62 -79.22 111.23
C PRO F 2955 46.63 -77.70 111.23
N TYR F 2956 47.81 -77.10 111.09
CA TYR F 2956 48.01 -75.67 110.96
C TYR F 2956 48.21 -75.24 109.51
N GLU F 2957 47.53 -75.93 108.59
CA GLU F 2957 47.62 -75.64 107.16
C GLU F 2957 47.41 -74.16 106.86
N GLN F 2958 46.24 -73.64 107.22
CA GLN F 2958 45.94 -72.26 106.88
C GLN F 2958 46.86 -71.32 107.65
N GLU F 2959 47.34 -71.73 108.82
CA GLU F 2959 48.33 -70.93 109.53
C GLU F 2959 49.56 -70.67 108.67
N ILE F 2960 50.20 -71.73 108.16
CA ILE F 2960 51.46 -71.52 107.44
C ILE F 2960 51.24 -70.98 106.04
N LYS F 2961 50.14 -71.35 105.38
CA LYS F 2961 49.89 -70.74 104.07
C LYS F 2961 49.59 -69.26 104.20
N PHE F 2962 48.77 -68.88 105.18
CA PHE F 2962 48.57 -67.47 105.46
C PHE F 2962 49.89 -66.79 105.76
N PHE F 2963 50.73 -67.41 106.61
CA PHE F 2963 52.03 -66.82 106.91
C PHE F 2963 52.84 -66.60 105.64
N ALA F 2964 53.18 -67.67 104.93
CA ALA F 2964 54.08 -67.61 103.78
C ALA F 2964 53.56 -66.70 102.67
N LYS F 2965 52.24 -66.66 102.44
CA LYS F 2965 51.78 -65.92 101.27
C LYS F 2965 51.05 -64.63 101.63
N VAL F 2966 51.03 -64.25 102.91
CA VAL F 2966 50.52 -62.93 103.28
C VAL F 2966 51.56 -62.22 104.15
N VAL F 2967 51.92 -62.86 105.26
CA VAL F 2967 52.81 -62.24 106.25
C VAL F 2967 54.16 -61.94 105.63
N LEU F 2968 54.75 -62.94 104.97
CA LEU F 2968 56.02 -62.73 104.28
C LEU F 2968 55.92 -61.69 103.18
N PRO F 2969 54.91 -61.73 102.29
CA PRO F 2969 54.69 -60.57 101.40
C PRO F 2969 54.39 -59.29 102.16
N LEU F 2970 53.68 -59.39 103.29
CA LEU F 2970 53.42 -58.19 104.09
C LEU F 2970 54.73 -57.60 104.61
N ILE F 2971 55.63 -58.45 105.12
CA ILE F 2971 56.92 -57.97 105.58
C ILE F 2971 57.70 -57.35 104.42
N ASP F 2972 57.69 -58.01 103.27
CA ASP F 2972 58.40 -57.52 102.10
C ASP F 2972 57.90 -56.13 101.70
N GLN F 2973 56.59 -55.99 101.52
CA GLN F 2973 56.04 -54.70 101.10
C GLN F 2973 56.25 -53.64 102.17
N TYR F 2974 56.15 -54.01 103.44
CA TYR F 2974 56.35 -53.05 104.52
C TYR F 2974 57.76 -52.49 104.50
N PHE F 2975 58.76 -53.37 104.46
CA PHE F 2975 60.15 -52.92 104.46
C PHE F 2975 60.52 -52.23 103.15
N LYS F 2976 59.89 -52.58 102.03
CA LYS F 2976 60.11 -51.84 100.79
C LYS F 2976 59.52 -50.44 100.85
N ASN F 2977 58.29 -50.31 101.36
CA ASN F 2977 57.68 -48.99 101.51
C ASN F 2977 58.45 -48.14 102.50
N HIS F 2978 59.08 -48.78 103.49
CA HIS F 2978 59.84 -48.06 104.51
C HIS F 2978 61.32 -48.40 104.46
N ARG F 2979 61.88 -48.48 103.26
CA ARG F 2979 63.33 -48.47 103.06
C ARG F 2979 64.01 -47.48 104.01
N LEU F 2980 63.65 -46.21 103.90
CA LEU F 2980 64.38 -45.17 104.63
C LEU F 2980 63.95 -45.12 106.09
N TYR F 2981 62.70 -45.47 106.40
CA TYR F 2981 62.23 -45.39 107.78
C TYR F 2981 63.01 -46.34 108.67
N PHE F 2982 63.15 -47.60 108.25
CA PHE F 2982 63.88 -48.57 109.05
C PHE F 2982 65.36 -48.18 109.15
N LEU F 2983 65.90 -47.56 108.09
CA LEU F 2983 67.25 -47.04 108.17
C LEU F 2983 67.30 -45.73 108.96
N SER F 2984 66.15 -45.10 109.18
CA SER F 2984 66.11 -43.82 109.88
C SER F 2984 66.27 -44.02 111.38
N ALA F 2985 67.23 -43.31 111.96
CA ALA F 2985 67.40 -43.26 113.41
C ALA F 2985 67.42 -41.83 113.92
N ALA F 2986 66.83 -40.89 113.17
CA ALA F 2986 66.85 -39.46 113.49
C ALA F 2986 68.27 -38.93 113.48
N SER F 2987 69.22 -39.72 112.96
CA SER F 2987 70.62 -39.33 112.89
C SER F 2987 70.99 -38.93 111.49
N ARG F 2988 70.00 -38.41 110.72
CA ARG F 2988 69.99 -37.82 109.37
C ARG F 2988 69.34 -38.70 108.32
N PRO F 2989 69.39 -40.04 108.41
CA PRO F 2989 68.48 -40.83 107.57
C PRO F 2989 67.03 -40.47 107.84
N LEU F 2990 66.33 -40.04 106.79
CA LEU F 2990 65.00 -39.44 106.92
C LEU F 2990 65.04 -38.35 107.97
N CYS F 2991 65.82 -37.29 107.71
CA CYS F 2991 66.04 -36.25 108.71
C CYS F 2991 64.76 -35.48 109.03
N SER F 2992 63.74 -35.60 108.18
CA SER F 2992 62.47 -34.94 108.45
C SER F 2992 61.83 -35.45 109.73
N GLY F 2993 62.20 -36.65 110.16
CA GLY F 2993 61.66 -37.26 111.36
C GLY F 2993 61.34 -38.71 111.09
N GLY F 2994 60.44 -39.26 111.92
CA GLY F 2994 59.99 -40.62 111.73
C GLY F 2994 61.09 -41.66 111.72
N HIS F 2995 61.72 -41.87 112.87
CA HIS F 2995 62.82 -42.81 112.96
C HIS F 2995 62.34 -44.16 113.49
N ALA F 2996 62.87 -45.23 112.90
CA ALA F 2996 62.74 -46.54 113.51
C ALA F 2996 63.59 -46.57 114.77
N SER F 2997 62.98 -46.96 115.88
CA SER F 2997 63.68 -46.93 117.16
C SER F 2997 64.84 -47.92 117.17
N ASN F 2998 65.78 -47.70 118.09
CA ASN F 2998 66.90 -48.62 118.23
C ASN F 2998 66.41 -50.02 118.59
N LYS F 2999 65.42 -50.11 119.49
CA LYS F 2999 64.84 -51.40 119.81
C LYS F 2999 64.09 -51.98 118.61
N GLU F 3000 63.47 -51.11 117.80
CA GLU F 3000 62.80 -51.58 116.59
C GLU F 3000 63.80 -52.19 115.61
N LYS F 3001 64.99 -51.61 115.49
CA LYS F 3001 65.98 -52.17 114.57
C LYS F 3001 66.62 -53.42 115.17
N GLU F 3002 66.74 -53.47 116.49
CA GLU F 3002 67.15 -54.71 117.16
C GLU F 3002 66.18 -55.84 116.83
N MET F 3003 64.89 -55.57 116.93
CA MET F 3003 63.85 -56.56 116.67
C MET F 3003 63.65 -56.82 115.18
N VAL F 3004 64.05 -55.88 114.31
CA VAL F 3004 64.20 -56.17 112.89
C VAL F 3004 65.30 -57.20 112.66
N THR F 3005 66.45 -57.02 113.34
CA THR F 3005 67.53 -57.99 113.23
C THR F 3005 67.12 -59.35 113.77
N SER F 3006 66.36 -59.38 114.87
CA SER F 3006 65.85 -60.65 115.38
C SER F 3006 64.87 -61.29 114.39
N LEU F 3007 64.09 -60.48 113.68
CA LEU F 3007 63.24 -61.01 112.63
C LEU F 3007 64.07 -61.63 111.51
N PHE F 3008 65.18 -60.97 111.15
CA PHE F 3008 66.09 -61.54 110.16
C PHE F 3008 66.65 -62.89 110.63
N CYS F 3009 67.05 -62.96 111.89
CA CYS F 3009 67.56 -64.21 112.45
C CYS F 3009 66.49 -65.30 112.42
N LYS F 3010 65.26 -64.93 112.78
CA LYS F 3010 64.16 -65.91 112.76
C LYS F 3010 63.88 -66.38 111.34
N LEU F 3011 63.90 -65.48 110.37
CA LEU F 3011 63.71 -65.88 108.98
C LEU F 3011 64.81 -66.83 108.53
N GLY F 3012 66.06 -66.54 108.90
CA GLY F 3012 67.15 -67.44 108.55
C GLY F 3012 66.95 -68.82 109.13
N VAL F 3013 66.73 -68.91 110.45
CA VAL F 3013 66.57 -70.21 111.08
C VAL F 3013 65.30 -70.89 110.60
N LEU F 3014 64.36 -70.11 110.05
CA LEU F 3014 63.18 -70.70 109.43
C LEU F 3014 63.49 -71.28 108.05
N VAL F 3015 64.48 -70.73 107.37
CA VAL F 3015 64.76 -71.11 106.00
C VAL F 3015 65.91 -72.11 105.90
N ARG F 3016 66.59 -72.42 107.01
CA ARG F 3016 67.64 -73.44 106.95
C ARG F 3016 67.06 -74.80 106.57
N HIS F 3017 67.34 -75.23 105.33
CA HIS F 3017 67.08 -76.61 104.88
C HIS F 3017 65.60 -76.98 104.95
N ARG F 3018 64.74 -76.06 104.50
CA ARG F 3018 63.32 -76.31 104.36
C ARG F 3018 62.79 -75.98 102.97
N ILE F 3019 63.67 -75.91 101.97
CA ILE F 3019 63.25 -75.53 100.62
C ILE F 3019 62.27 -76.56 100.06
N SER F 3020 62.57 -77.85 100.24
CA SER F 3020 61.68 -78.89 99.76
C SER F 3020 60.34 -78.84 100.46
N LEU F 3021 60.32 -78.53 101.75
CA LEU F 3021 59.08 -78.38 102.49
C LEU F 3021 58.29 -77.15 102.06
N PHE F 3022 58.96 -76.12 101.55
CA PHE F 3022 58.26 -74.98 100.98
C PHE F 3022 57.65 -75.36 99.63
N GLY F 3023 56.42 -74.91 99.40
CA GLY F 3023 55.76 -75.18 98.15
C GLY F 3023 56.12 -74.19 97.06
N ASN F 3024 57.40 -74.14 96.70
CA ASN F 3024 58.03 -73.23 95.76
C ASN F 3024 58.01 -71.79 96.26
N ASP F 3025 57.48 -71.52 97.45
CA ASP F 3025 57.56 -70.18 98.03
C ASP F 3025 58.93 -69.87 98.58
N ALA F 3026 59.89 -70.79 98.44
CA ALA F 3026 61.26 -70.52 98.87
C ALA F 3026 61.87 -69.34 98.12
N THR F 3027 61.47 -69.11 96.86
CA THR F 3027 61.90 -67.91 96.17
C THR F 3027 61.36 -66.65 96.86
N SER F 3028 60.09 -66.69 97.25
CA SER F 3028 59.54 -65.58 98.02
C SER F 3028 60.33 -65.37 99.30
N ILE F 3029 60.71 -66.47 99.97
CA ILE F 3029 61.46 -66.36 101.21
C ILE F 3029 62.86 -65.79 100.98
N VAL F 3030 63.52 -66.16 99.88
CA VAL F 3030 64.85 -65.58 99.63
C VAL F 3030 64.74 -64.10 99.32
N ASN F 3031 63.67 -63.68 98.61
CA ASN F 3031 63.44 -62.24 98.46
C ASN F 3031 63.17 -61.57 99.81
N CYS F 3032 62.46 -62.26 100.71
CA CYS F 3032 62.24 -61.72 102.05
C CYS F 3032 63.56 -61.52 102.78
N LEU F 3033 64.44 -62.51 102.74
CA LEU F 3033 65.75 -62.39 103.38
C LEU F 3033 66.57 -61.28 102.73
N HIS F 3034 66.47 -61.14 101.40
CA HIS F 3034 67.13 -60.03 100.71
C HIS F 3034 66.66 -58.68 101.25
N ILE F 3035 65.34 -58.50 101.35
CA ILE F 3035 64.79 -57.22 101.81
C ILE F 3035 65.19 -56.95 103.26
N LEU F 3036 65.11 -57.98 104.11
CA LEU F 3036 65.54 -57.80 105.50
C LEU F 3036 67.04 -57.52 105.59
N GLY F 3037 67.81 -58.02 104.62
CA GLY F 3037 69.22 -57.66 104.54
C GLY F 3037 69.45 -56.21 104.17
N GLN F 3038 68.66 -55.67 103.24
CA GLN F 3038 68.73 -54.23 102.98
C GLN F 3038 68.35 -53.42 104.21
N THR F 3039 67.39 -53.91 104.99
CA THR F 3039 66.97 -53.19 106.20
C THR F 3039 67.79 -53.64 107.40
N LEU F 3040 68.90 -52.93 107.63
CA LEU F 3040 69.79 -53.18 108.76
C LEU F 3040 70.46 -51.88 109.19
N ASP F 3041 70.84 -51.79 110.46
CA ASP F 3041 71.54 -50.62 111.02
C ASP F 3041 72.51 -51.09 112.10
N ALA F 3042 73.76 -51.31 111.68
CA ALA F 3042 74.73 -51.99 112.53
C ALA F 3042 75.14 -51.15 113.73
N ARG F 3043 75.50 -49.88 113.50
CA ARG F 3043 75.83 -48.96 114.60
C ARG F 3043 74.76 -49.00 115.68
N THR F 3044 73.49 -48.89 115.28
CA THR F 3044 72.41 -48.86 116.27
C THR F 3044 72.33 -50.18 117.01
N VAL F 3045 72.41 -51.30 116.28
CA VAL F 3045 72.34 -52.60 116.93
C VAL F 3045 73.47 -52.78 117.93
N MET F 3046 74.70 -52.39 117.57
CA MET F 3046 75.81 -52.61 118.48
C MET F 3046 75.77 -51.67 119.69
N LYS F 3047 75.57 -50.37 119.48
CA LYS F 3047 75.63 -49.46 120.61
C LYS F 3047 74.42 -49.63 121.53
N THR F 3048 73.28 -50.01 120.96
CA THR F 3048 72.10 -50.32 121.78
C THR F 3048 71.51 -51.62 121.26
N GLY F 3049 71.70 -52.71 122.01
CA GLY F 3049 71.20 -54.00 121.57
C GLY F 3049 71.06 -54.95 122.73
N LEU F 3050 69.88 -55.57 122.80
CA LEU F 3050 69.64 -56.59 123.82
C LEU F 3050 70.55 -57.78 123.57
N GLU F 3051 71.08 -58.35 124.66
CA GLU F 3051 72.08 -59.41 124.53
C GLU F 3051 71.50 -60.63 123.84
N SER F 3052 70.21 -60.91 124.03
CA SER F 3052 69.59 -62.03 123.33
C SER F 3052 69.62 -61.83 121.83
N VAL F 3053 69.29 -60.63 121.36
CA VAL F 3053 69.32 -60.34 119.92
C VAL F 3053 70.76 -60.35 119.41
N LYS F 3054 71.69 -59.85 120.22
CA LYS F 3054 73.10 -59.88 119.85
C LYS F 3054 73.57 -61.31 119.63
N SER F 3055 73.25 -62.20 120.58
CA SER F 3055 73.60 -63.61 120.45
C SER F 3055 72.88 -64.24 119.27
N ALA F 3056 71.64 -63.80 119.01
CA ALA F 3056 70.91 -64.33 117.86
C ALA F 3056 71.63 -64.01 116.56
N LEU F 3057 72.08 -62.76 116.39
CA LEU F 3057 72.82 -62.37 115.20
C LEU F 3057 74.18 -63.07 115.10
N ARG F 3058 74.89 -63.21 116.22
CA ARG F 3058 76.15 -63.93 116.21
C ARG F 3058 75.97 -65.39 115.83
N ALA F 3059 74.98 -66.06 116.42
CA ALA F 3059 74.67 -67.43 116.07
C ALA F 3059 74.21 -67.55 114.63
N PHE F 3060 73.49 -66.53 114.14
CA PHE F 3060 73.18 -66.42 112.73
C PHE F 3060 74.41 -66.50 111.84
N LEU F 3061 75.36 -65.58 112.02
CA LEU F 3061 76.56 -65.55 111.19
C LEU F 3061 77.39 -66.81 111.33
N ASP F 3062 77.55 -67.32 112.56
CA ASP F 3062 78.27 -68.57 112.80
C ASP F 3062 77.59 -69.77 112.14
N ASN F 3063 76.26 -69.86 112.21
CA ASN F 3063 75.56 -70.97 111.58
C ASN F 3063 75.65 -70.89 110.06
N ALA F 3064 75.55 -69.69 109.49
CA ALA F 3064 75.73 -69.56 108.05
C ALA F 3064 77.12 -69.98 107.62
N ALA F 3065 78.14 -69.55 108.37
CA ALA F 3065 79.50 -69.97 108.07
C ALA F 3065 79.66 -71.48 108.17
N GLU F 3066 79.08 -72.09 109.21
CA GLU F 3066 79.18 -73.53 109.38
C GLU F 3066 78.46 -74.29 108.28
N ASP F 3067 77.29 -73.81 107.86
CA ASP F 3067 76.58 -74.43 106.76
C ASP F 3067 77.41 -74.40 105.49
N LEU F 3068 78.04 -73.26 105.20
CA LEU F 3068 78.94 -73.19 104.04
C LEU F 3068 80.16 -74.07 104.21
N GLU F 3069 80.69 -74.19 105.42
CA GLU F 3069 81.86 -75.05 105.60
C GLU F 3069 81.54 -76.52 105.38
N LYS F 3070 80.35 -76.95 105.80
CA LYS F 3070 79.95 -78.33 105.57
C LYS F 3070 79.66 -78.58 104.09
N THR F 3071 79.11 -77.58 103.39
CA THR F 3071 78.91 -77.75 101.95
C THR F 3071 80.23 -77.77 101.18
N MET F 3072 81.20 -76.91 101.57
CA MET F 3072 82.58 -77.06 101.08
C MET F 3072 83.19 -78.44 101.35
N GLU F 3073 83.04 -78.97 102.56
CA GLU F 3073 83.67 -80.28 102.81
C GLU F 3073 82.97 -81.41 102.05
N ASN F 3074 81.64 -81.36 101.93
CA ASN F 3074 80.94 -82.38 101.16
C ASN F 3074 81.15 -82.21 99.66
N LEU F 3075 81.56 -81.02 99.19
CA LEU F 3075 81.92 -80.85 97.79
C LEU F 3075 83.36 -81.25 97.49
N LYS F 3076 84.30 -81.10 98.44
CA LYS F 3076 85.59 -81.75 98.21
C LYS F 3076 85.45 -83.27 98.21
N GLN F 3077 84.78 -83.83 99.22
CA GLN F 3077 84.59 -85.29 99.23
C GLN F 3077 83.69 -85.71 98.08
N GLY F 3078 82.69 -84.89 97.75
CA GLY F 3078 81.88 -85.11 96.57
C GLY F 3078 82.37 -84.31 95.38
N GLN F 3079 83.68 -84.38 95.10
CA GLN F 3079 84.23 -83.69 93.95
C GLN F 3079 83.62 -84.22 92.66
N PHE F 3080 83.45 -85.53 92.58
CA PHE F 3080 82.71 -86.13 91.48
C PHE F 3080 81.25 -85.69 91.52
N THR F 3081 80.74 -85.24 90.38
CA THR F 3081 79.36 -84.77 90.29
C THR F 3081 78.65 -85.38 89.09
N LYS F 3088 70.51 -87.21 95.61
CA LYS F 3088 69.95 -87.54 96.92
C LYS F 3088 69.85 -86.30 97.81
N GLY F 3089 69.98 -86.50 99.12
CA GLY F 3089 69.86 -85.40 100.05
C GLY F 3089 70.94 -84.34 99.85
N VAL F 3090 72.12 -84.76 99.39
CA VAL F 3090 73.20 -83.81 99.16
C VAL F 3090 72.82 -82.84 98.03
N THR F 3091 72.08 -83.32 97.04
CA THR F 3091 71.59 -82.45 95.98
C THR F 3091 70.64 -81.40 96.54
N GLN F 3092 69.74 -81.80 97.42
CA GLN F 3092 68.84 -80.84 98.06
C GLN F 3092 69.61 -79.84 98.88
N ILE F 3093 70.66 -80.29 99.58
CA ILE F 3093 71.46 -79.39 100.42
C ILE F 3093 72.17 -78.35 99.56
N ILE F 3094 72.79 -78.80 98.47
CA ILE F 3094 73.53 -77.85 97.64
C ILE F 3094 72.58 -76.90 96.90
N ASN F 3095 71.41 -77.39 96.50
CA ASN F 3095 70.42 -76.48 95.91
C ASN F 3095 69.93 -75.46 96.92
N TYR F 3096 69.64 -75.89 98.15
CA TYR F 3096 69.31 -74.95 99.21
C TYR F 3096 70.41 -73.90 99.36
N THR F 3097 71.67 -74.33 99.43
CA THR F 3097 72.77 -73.40 99.55
C THR F 3097 72.74 -72.38 98.42
N THR F 3098 72.89 -72.84 97.18
CA THR F 3098 73.02 -71.96 96.02
C THR F 3098 71.78 -71.13 95.74
N VAL F 3099 70.61 -71.50 96.26
CA VAL F 3099 69.41 -70.72 95.99
C VAL F 3099 69.09 -69.75 97.11
N ALA F 3100 69.36 -70.11 98.37
CA ALA F 3100 69.02 -69.23 99.48
C ALA F 3100 70.25 -68.69 100.17
N LEU F 3101 71.13 -69.58 100.64
CA LEU F 3101 72.14 -69.18 101.61
C LEU F 3101 73.16 -68.24 100.98
N LEU F 3102 73.71 -68.61 99.83
CA LEU F 3102 74.67 -67.74 99.15
C LEU F 3102 74.05 -66.41 98.72
N PRO F 3103 72.87 -66.38 98.09
CA PRO F 3103 72.27 -65.08 97.75
C PRO F 3103 71.99 -64.19 98.96
N MET F 3104 71.55 -64.75 100.09
CA MET F 3104 71.19 -63.91 101.22
C MET F 3104 72.43 -63.40 101.95
N LEU F 3105 73.47 -64.23 102.07
CA LEU F 3105 74.75 -63.72 102.56
C LEU F 3105 75.29 -62.65 101.64
N SER F 3106 75.18 -62.84 100.32
CA SER F 3106 75.61 -61.82 99.38
C SER F 3106 74.83 -60.53 99.54
N SER F 3107 73.53 -60.61 99.79
CA SER F 3107 72.73 -59.40 100.03
C SER F 3107 73.17 -58.70 101.31
N LEU F 3108 73.40 -59.47 102.38
CA LEU F 3108 73.94 -58.90 103.60
C LEU F 3108 75.24 -58.15 103.32
N PHE F 3109 76.11 -58.77 102.53
CA PHE F 3109 77.43 -58.24 102.25
C PHE F 3109 77.33 -56.97 101.43
N GLU F 3110 76.48 -56.97 100.39
CA GLU F 3110 76.25 -55.79 99.58
C GLU F 3110 75.71 -54.64 100.42
N HIS F 3111 74.68 -54.91 101.23
CA HIS F 3111 74.11 -53.86 102.07
C HIS F 3111 75.15 -53.30 103.02
N ILE F 3112 75.90 -54.18 103.69
CA ILE F 3112 76.79 -53.71 104.75
C ILE F 3112 77.92 -52.89 104.14
N GLY F 3113 78.49 -53.37 103.02
CA GLY F 3113 79.57 -52.62 102.38
C GLY F 3113 79.09 -51.31 101.78
N GLN F 3114 77.93 -51.31 101.11
CA GLN F 3114 77.39 -50.08 100.55
C GLN F 3114 77.02 -49.08 101.62
N HIS F 3115 76.51 -49.54 102.76
CA HIS F 3115 76.00 -48.63 103.77
C HIS F 3115 77.06 -48.37 104.84
N GLN F 3116 78.30 -48.80 104.58
CA GLN F 3116 79.57 -48.38 105.15
C GLN F 3116 79.79 -49.03 106.52
N PHE F 3117 78.78 -49.69 107.07
CA PHE F 3117 78.89 -50.40 108.33
C PHE F 3117 79.59 -51.75 108.25
N GLY F 3118 80.29 -52.06 107.16
CA GLY F 3118 81.07 -53.28 107.15
C GLY F 3118 82.16 -53.31 108.21
N GLU F 3119 83.02 -52.29 108.20
CA GLU F 3119 84.17 -52.26 109.10
C GLU F 3119 83.75 -52.29 110.57
N ASP F 3120 82.60 -51.71 110.89
CA ASP F 3120 82.22 -51.65 112.30
C ASP F 3120 81.20 -52.70 112.70
N LEU F 3121 80.51 -53.33 111.74
CA LEU F 3121 79.85 -54.59 112.05
C LEU F 3121 80.89 -55.66 112.33
N ILE F 3122 82.09 -55.50 111.75
CA ILE F 3122 83.14 -56.50 111.85
C ILE F 3122 84.14 -56.02 112.91
N LEU F 3123 83.95 -56.42 114.17
CA LEU F 3123 84.99 -56.13 115.17
C LEU F 3123 85.68 -57.37 115.72
N GLU F 3124 84.95 -58.26 116.38
CA GLU F 3124 85.65 -59.28 117.16
C GLU F 3124 84.85 -60.58 117.17
N ASP F 3125 85.53 -61.63 116.71
CA ASP F 3125 85.05 -63.01 116.53
C ASP F 3125 84.05 -63.09 115.39
N VAL F 3126 83.49 -61.94 115.03
CA VAL F 3126 82.81 -61.84 113.75
C VAL F 3126 83.84 -61.78 112.65
N GLN F 3127 85.05 -61.27 112.98
CA GLN F 3127 86.17 -61.32 112.05
C GLN F 3127 86.62 -62.75 111.76
N VAL F 3128 86.72 -63.61 112.77
CA VAL F 3128 87.08 -64.99 112.47
C VAL F 3128 85.93 -65.73 111.78
N SER F 3129 84.67 -65.38 112.11
CA SER F 3129 83.55 -65.93 111.35
C SER F 3129 83.66 -65.57 109.88
N CYS F 3130 83.96 -64.31 109.58
CA CYS F 3130 84.07 -63.90 108.18
C CYS F 3130 85.35 -64.42 107.54
N TYR F 3131 86.38 -64.72 108.35
CA TYR F 3131 87.54 -65.44 107.82
C TYR F 3131 87.14 -66.84 107.35
N ARG F 3132 86.31 -67.53 108.14
CA ARG F 3132 85.80 -68.83 107.72
C ARG F 3132 84.96 -68.71 106.45
N ILE F 3133 84.09 -67.70 106.40
CA ILE F 3133 83.26 -67.48 105.21
C ILE F 3133 84.13 -67.18 104.00
N LEU F 3134 85.21 -66.41 104.19
CA LEU F 3134 86.12 -66.11 103.10
C LEU F 3134 86.82 -67.36 102.60
N THR F 3135 87.26 -68.22 103.52
CA THR F 3135 87.90 -69.47 103.09
C THR F 3135 86.92 -70.33 102.30
N SER F 3136 85.67 -70.44 102.77
CA SER F 3136 84.67 -71.21 102.05
C SER F 3136 84.37 -70.59 100.67
N LEU F 3137 84.26 -69.28 100.62
CA LEU F 3137 83.92 -68.60 99.37
C LEU F 3137 85.05 -68.72 98.35
N TYR F 3138 86.30 -68.64 98.80
CA TYR F 3138 87.43 -68.86 97.91
C TYR F 3138 87.52 -70.31 97.46
N ALA F 3139 87.16 -71.26 98.33
CA ALA F 3139 87.06 -72.65 97.90
C ALA F 3139 85.97 -72.83 96.85
N LEU F 3140 84.86 -72.11 97.00
CA LEU F 3140 83.82 -72.10 95.97
C LEU F 3140 84.36 -71.58 94.65
N GLY F 3141 85.08 -70.46 94.70
CA GLY F 3141 85.69 -69.89 93.52
C GLY F 3141 86.71 -70.78 92.85
N THR F 3142 87.41 -71.61 93.62
CA THR F 3142 88.36 -72.56 93.05
C THR F 3142 87.73 -73.92 92.74
N SER F 3143 86.47 -74.15 93.11
CA SER F 3143 85.80 -75.39 92.77
C SER F 3143 85.17 -75.31 91.39
N LYS F 3144 85.14 -76.44 90.69
CA LYS F 3144 84.85 -76.47 89.26
C LYS F 3144 83.97 -77.67 88.93
N SER F 3145 82.71 -77.42 88.59
CA SER F 3145 81.79 -78.47 88.18
C SER F 3145 80.78 -77.91 87.20
N ILE F 3146 79.97 -78.81 86.63
CA ILE F 3146 78.95 -78.38 85.67
C ILE F 3146 77.83 -77.62 86.37
N TYR F 3147 77.38 -78.11 87.52
CA TYR F 3147 76.40 -77.38 88.29
C TYR F 3147 77.00 -76.09 88.85
N VAL F 3148 78.28 -76.10 89.17
CA VAL F 3148 78.98 -74.87 89.53
C VAL F 3148 78.95 -73.86 88.40
N GLU F 3149 79.17 -74.29 87.15
CA GLU F 3149 79.05 -73.41 86.01
C GLU F 3149 77.63 -72.91 85.82
N ARG F 3150 76.63 -73.77 86.05
CA ARG F 3150 75.24 -73.34 85.89
C ARG F 3150 74.86 -72.27 86.92
N GLN F 3151 75.27 -72.46 88.18
CA GLN F 3151 74.99 -71.51 89.24
C GLN F 3151 76.15 -70.55 89.46
N ARG F 3152 77.00 -70.37 88.45
CA ARG F 3152 78.23 -69.62 88.61
C ARG F 3152 77.98 -68.13 88.82
N SER F 3153 76.94 -67.57 88.20
CA SER F 3153 76.66 -66.15 88.38
C SER F 3153 76.35 -65.81 89.83
N ALA F 3154 75.55 -66.64 90.50
CA ALA F 3154 75.30 -66.45 91.92
C ALA F 3154 76.58 -66.57 92.73
N LEU F 3155 77.43 -67.54 92.39
CA LEU F 3155 78.72 -67.66 93.05
C LEU F 3155 79.53 -66.37 92.88
N GLY F 3156 79.67 -65.91 91.63
CA GLY F 3156 80.45 -64.71 91.37
C GLY F 3156 79.94 -63.46 92.05
N GLU F 3157 78.62 -63.26 92.06
CA GLU F 3157 78.09 -62.11 92.78
C GLU F 3157 78.31 -62.25 94.28
N CYS F 3158 78.27 -63.48 94.81
CA CYS F 3158 78.59 -63.67 96.22
C CYS F 3158 80.05 -63.30 96.50
N LEU F 3159 80.94 -63.66 95.58
CA LEU F 3159 82.36 -63.31 95.71
C LEU F 3159 82.53 -61.80 95.75
N ALA F 3160 81.93 -61.11 94.77
CA ALA F 3160 82.04 -59.65 94.70
C ALA F 3160 81.42 -58.96 95.90
N ALA F 3161 80.26 -59.43 96.37
CA ALA F 3161 79.65 -58.89 97.57
C ALA F 3161 80.52 -59.06 98.80
N PHE F 3162 81.08 -60.26 99.01
CA PHE F 3162 81.88 -60.49 100.21
C PHE F 3162 83.20 -59.75 100.17
N ALA F 3163 83.77 -59.54 99.00
CA ALA F 3163 85.01 -58.77 98.97
C ALA F 3163 84.78 -57.39 99.53
N GLY F 3164 83.66 -56.76 99.15
CA GLY F 3164 83.30 -55.48 99.73
C GLY F 3164 83.01 -55.55 101.22
N ALA F 3165 82.37 -56.64 101.67
CA ALA F 3165 82.03 -56.75 103.09
C ALA F 3165 83.28 -56.96 103.96
N PHE F 3166 84.25 -57.72 103.46
CA PHE F 3166 85.38 -58.20 104.24
C PHE F 3166 86.35 -57.05 104.51
N PRO F 3167 86.77 -56.83 105.75
CA PRO F 3167 87.51 -55.61 106.10
C PRO F 3167 89.02 -55.68 105.92
N VAL F 3168 89.57 -56.85 105.61
CA VAL F 3168 91.01 -57.06 105.60
C VAL F 3168 91.47 -57.23 104.15
N ALA F 3169 92.59 -56.58 103.82
CA ALA F 3169 93.16 -56.67 102.48
C ALA F 3169 93.84 -58.03 102.33
N PHE F 3170 93.02 -59.09 102.39
CA PHE F 3170 93.56 -60.44 102.51
C PHE F 3170 94.48 -60.78 101.34
N LEU F 3171 94.26 -60.15 100.20
CA LEU F 3171 95.22 -60.28 99.10
C LEU F 3171 96.57 -59.70 99.49
N GLU F 3172 96.58 -58.58 100.21
CA GLU F 3172 97.84 -57.88 100.51
C GLU F 3172 98.60 -58.63 101.60
N THR F 3173 99.18 -59.76 101.17
CA THR F 3173 99.88 -60.66 102.08
C THR F 3173 100.95 -59.94 102.89
N HIS F 3174 101.77 -59.12 102.23
CA HIS F 3174 102.84 -58.45 102.95
C HIS F 3174 102.28 -57.39 103.90
N LEU F 3175 101.37 -56.55 103.42
CA LEU F 3175 100.74 -55.53 104.27
C LEU F 3175 99.34 -55.95 104.71
N ASP F 3176 99.25 -57.07 105.43
CA ASP F 3176 98.09 -57.37 106.27
C ASP F 3176 98.29 -57.06 107.74
N LYS F 3177 99.41 -57.48 108.32
CA LYS F 3177 99.53 -57.58 109.78
C LYS F 3177 99.45 -56.22 110.47
N HIS F 3178 100.03 -55.18 109.88
CA HIS F 3178 100.32 -53.95 110.60
C HIS F 3178 99.06 -53.20 111.03
N ASN F 3179 97.90 -53.55 110.48
CA ASN F 3179 96.67 -52.85 110.76
C ASN F 3179 96.22 -53.16 112.18
N ILE F 3180 96.23 -52.15 113.05
CA ILE F 3180 95.85 -52.34 114.45
C ILE F 3180 94.35 -52.60 114.56
N TYR F 3181 93.59 -52.28 113.52
CA TYR F 3181 92.14 -52.37 113.54
C TYR F 3181 91.63 -53.81 113.45
N SER F 3182 92.53 -54.79 113.35
CA SER F 3182 92.14 -56.17 113.11
C SER F 3182 92.14 -57.00 114.39
N ILE F 3183 91.43 -58.12 114.33
CA ILE F 3183 91.47 -59.11 115.41
C ILE F 3183 92.89 -59.58 115.66
N TYR F 3184 93.70 -59.63 114.60
CA TYR F 3184 95.05 -60.18 114.72
C TYR F 3184 95.95 -59.22 115.48
N ASN F 3185 95.47 -58.01 115.73
CA ASN F 3185 96.19 -57.08 116.60
C ASN F 3185 95.50 -56.95 117.96
N THR F 3186 94.17 -56.97 117.98
CA THR F 3186 93.46 -56.87 119.25
C THR F 3186 93.43 -58.20 120.00
N LYS F 3187 94.18 -59.19 119.51
CA LYS F 3187 93.92 -60.56 119.92
C LYS F 3187 94.63 -60.91 121.22
N SER F 3188 95.34 -59.95 121.82
CA SER F 3188 96.07 -60.10 123.09
C SER F 3188 97.05 -61.24 122.90
N SER F 3189 97.36 -62.03 123.94
CA SER F 3189 98.09 -63.29 123.79
C SER F 3189 97.42 -64.47 124.48
N ARG F 3190 96.91 -64.23 125.69
CA ARG F 3190 96.23 -65.28 126.43
C ARG F 3190 95.10 -65.88 125.59
N GLU F 3191 94.45 -65.06 124.76
CA GLU F 3191 93.34 -65.63 124.01
C GLU F 3191 93.70 -65.90 122.55
N ARG F 3192 94.92 -65.52 122.09
CA ARG F 3192 95.48 -66.39 121.05
C ARG F 3192 95.42 -67.83 121.53
N ALA F 3193 96.08 -68.09 122.67
CA ALA F 3193 96.19 -69.47 123.14
C ALA F 3193 94.83 -70.07 123.45
N ALA F 3194 93.89 -69.24 123.94
CA ALA F 3194 92.53 -69.73 124.17
C ALA F 3194 91.85 -70.17 122.87
N LEU F 3195 91.96 -69.38 121.80
CA LEU F 3195 91.40 -69.84 120.53
C LEU F 3195 92.38 -70.76 119.82
N SER F 3196 91.90 -71.36 118.72
CA SER F 3196 92.72 -72.20 117.86
C SER F 3196 93.05 -71.42 116.61
N LEU F 3197 94.30 -70.98 116.49
CA LEU F 3197 94.70 -70.07 115.42
C LEU F 3197 95.97 -70.57 114.76
N PRO F 3198 96.09 -70.40 113.44
CA PRO F 3198 97.37 -70.70 112.77
C PRO F 3198 98.45 -69.65 113.03
N THR F 3199 98.17 -68.63 113.83
CA THR F 3199 99.10 -67.62 114.35
C THR F 3199 99.50 -66.62 113.27
N ASN F 3200 99.11 -66.83 112.02
CA ASN F 3200 99.46 -65.93 110.94
C ASN F 3200 98.22 -65.62 110.12
N VAL F 3201 98.09 -64.35 109.69
CA VAL F 3201 97.02 -63.95 108.79
C VAL F 3201 97.07 -64.70 107.47
N GLU F 3202 98.25 -65.18 107.07
CA GLU F 3202 98.34 -65.98 105.86
C GLU F 3202 98.22 -67.47 106.13
N ASP F 3203 98.60 -67.92 107.33
CA ASP F 3203 98.45 -69.33 107.66
C ASP F 3203 97.00 -69.68 107.97
N VAL F 3204 96.21 -68.69 108.40
CA VAL F 3204 94.78 -68.91 108.61
C VAL F 3204 94.07 -69.06 107.27
N CYS F 3205 94.60 -68.45 106.22
CA CYS F 3205 94.05 -68.54 104.87
C CYS F 3205 95.20 -68.95 103.94
N PRO F 3206 95.66 -70.19 104.03
CA PRO F 3206 96.84 -70.58 103.24
C PRO F 3206 96.62 -70.52 101.73
N ASN F 3207 95.40 -70.79 101.26
CA ASN F 3207 95.19 -71.00 99.84
C ASN F 3207 95.13 -69.66 99.10
N ILE F 3208 94.64 -68.62 99.75
CA ILE F 3208 94.50 -67.31 99.10
C ILE F 3208 95.89 -66.81 98.69
N PRO F 3209 96.06 -66.27 97.49
CA PRO F 3209 97.39 -65.86 97.04
C PRO F 3209 97.70 -64.42 97.43
N SER F 3210 98.98 -64.08 97.29
CA SER F 3210 99.44 -62.72 97.57
C SER F 3210 99.05 -61.77 96.45
N LEU F 3211 98.69 -60.54 96.82
CA LEU F 3211 98.07 -59.60 95.89
C LEU F 3211 98.94 -59.38 94.65
N GLU F 3212 100.25 -59.17 94.86
CA GLU F 3212 101.14 -58.97 93.73
C GLU F 3212 101.25 -60.23 92.88
N LYS F 3213 101.05 -61.41 93.48
CA LYS F 3213 101.09 -62.63 92.70
C LYS F 3213 99.84 -62.79 91.85
N LEU F 3214 98.67 -62.46 92.42
CA LEU F 3214 97.48 -62.42 91.56
C LEU F 3214 97.58 -61.34 90.49
N MET F 3215 98.27 -60.24 90.76
CA MET F 3215 98.39 -59.21 89.74
C MET F 3215 99.39 -59.61 88.66
N GLU F 3216 100.41 -60.39 89.03
CA GLU F 3216 101.21 -61.08 88.02
C GLU F 3216 100.33 -62.01 87.19
N GLU F 3217 99.43 -62.73 87.86
CA GLU F 3217 98.48 -63.59 87.14
C GLU F 3217 97.63 -62.76 86.17
N ILE F 3218 97.18 -61.60 86.62
CA ILE F 3218 96.29 -60.76 85.82
C ILE F 3218 97.04 -60.22 84.61
N VAL F 3219 98.29 -59.80 84.79
CA VAL F 3219 99.05 -59.32 83.64
C VAL F 3219 99.35 -60.47 82.67
N GLU F 3220 99.73 -61.64 83.18
CA GLU F 3220 100.05 -62.73 82.25
C GLU F 3220 98.81 -63.17 81.50
N LEU F 3221 97.63 -63.08 82.13
CA LEU F 3221 96.41 -63.37 81.39
C LEU F 3221 96.08 -62.23 80.42
N ALA F 3222 96.64 -61.03 80.64
CA ALA F 3222 96.64 -60.03 79.58
C ALA F 3222 97.39 -60.52 78.35
N GLU F 3223 98.65 -60.92 78.51
CA GLU F 3223 99.39 -61.32 77.31
C GLU F 3223 98.86 -62.64 76.76
N SER F 3224 98.08 -63.38 77.55
CA SER F 3224 97.52 -64.62 77.05
C SER F 3224 96.27 -64.37 76.21
N GLY F 3225 95.31 -63.61 76.75
CA GLY F 3225 94.05 -63.40 76.05
C GLY F 3225 93.27 -64.69 75.89
N ILE F 3226 93.20 -65.46 76.97
CA ILE F 3226 92.58 -66.77 76.93
C ILE F 3226 91.08 -66.70 76.61
N ARG F 3227 90.58 -67.76 76.00
CA ARG F 3227 89.21 -67.79 75.47
C ARG F 3227 88.21 -68.04 76.59
N TYR F 3228 87.01 -67.47 76.44
CA TYR F 3228 85.95 -67.65 77.44
C TYR F 3228 85.34 -69.03 77.40
N THR F 3229 85.56 -69.81 76.35
CA THR F 3229 85.07 -71.18 76.35
C THR F 3229 86.19 -72.20 76.57
N GLN F 3230 87.44 -71.78 76.44
CA GLN F 3230 88.58 -72.67 76.68
C GLN F 3230 89.04 -72.62 78.13
N MET F 3231 89.27 -71.43 78.66
CA MET F 3231 89.89 -71.26 79.98
C MET F 3231 89.09 -70.23 80.77
N PRO F 3232 87.82 -70.52 81.09
CA PRO F 3232 86.97 -69.48 81.70
C PRO F 3232 87.07 -69.39 83.21
N HIS F 3233 87.46 -70.44 83.91
CA HIS F 3233 87.26 -70.51 85.36
C HIS F 3233 88.04 -69.43 86.11
N VAL F 3234 89.37 -69.48 86.11
CA VAL F 3234 90.16 -68.53 86.89
C VAL F 3234 89.87 -67.11 86.40
N MET F 3235 89.74 -66.95 85.09
CA MET F 3235 89.71 -65.66 84.44
C MET F 3235 88.38 -64.95 84.68
N GLU F 3236 87.28 -65.70 84.89
CA GLU F 3236 86.01 -65.09 85.28
C GLU F 3236 85.83 -65.04 86.79
N VAL F 3237 86.52 -65.90 87.55
CA VAL F 3237 86.34 -65.87 89.00
C VAL F 3237 87.14 -64.73 89.62
N ILE F 3238 88.30 -64.41 89.04
CA ILE F 3238 89.21 -63.48 89.72
C ILE F 3238 88.81 -62.04 89.45
N LEU F 3239 88.30 -61.77 88.25
CA LEU F 3239 88.04 -60.39 87.83
C LEU F 3239 87.01 -59.69 88.70
N PRO F 3240 85.81 -60.25 88.94
CA PRO F 3240 84.91 -59.62 89.94
C PRO F 3240 85.52 -59.51 91.33
N MET F 3241 86.28 -60.53 91.74
CA MET F 3241 87.00 -60.45 93.00
C MET F 3241 87.84 -59.17 93.10
N LEU F 3242 88.76 -58.98 92.15
CA LEU F 3242 89.67 -57.84 92.23
C LEU F 3242 88.91 -56.54 92.07
N CYS F 3243 87.92 -56.52 91.17
CA CYS F 3243 87.17 -55.29 90.99
C CYS F 3243 86.45 -54.87 92.26
N SER F 3244 85.79 -55.81 92.94
CA SER F 3244 85.11 -55.49 94.19
C SER F 3244 86.10 -55.14 95.30
N TYR F 3245 87.28 -55.75 95.28
CA TYR F 3245 88.36 -55.32 96.15
C TYR F 3245 88.73 -53.85 95.91
N MET F 3246 89.35 -53.58 94.78
CA MET F 3246 89.95 -52.26 94.60
C MET F 3246 88.90 -51.16 94.57
N SER F 3247 87.65 -51.47 94.23
CA SER F 3247 86.59 -50.46 94.28
C SER F 3247 86.55 -49.76 95.64
N ARG F 3248 86.76 -50.51 96.72
CA ARG F 3248 86.72 -49.92 98.04
C ARG F 3248 88.12 -49.64 98.58
N TRP F 3249 89.09 -50.51 98.31
CA TRP F 3249 90.41 -50.25 98.86
C TRP F 3249 91.30 -49.33 98.01
N TRP F 3250 90.79 -48.78 96.90
CA TRP F 3250 91.41 -47.57 96.39
C TRP F 3250 91.16 -46.39 97.32
N GLU F 3251 89.89 -46.08 97.56
CA GLU F 3251 89.58 -44.99 98.47
C GLU F 3251 90.00 -45.34 99.90
N HIS F 3252 90.29 -46.62 100.16
CA HIS F 3252 91.07 -47.00 101.34
C HIS F 3252 92.56 -47.16 101.05
N GLY F 3253 93.07 -46.65 99.92
CA GLY F 3253 94.45 -46.79 99.57
C GLY F 3253 95.37 -45.80 100.27
N PRO F 3254 96.65 -45.79 99.87
CA PRO F 3254 97.65 -44.98 100.57
C PRO F 3254 97.61 -43.50 100.19
N GLU F 3255 97.16 -43.18 98.96
CA GLU F 3255 97.01 -41.78 98.59
C GLU F 3255 95.63 -41.27 98.98
N ASN F 3256 94.64 -42.16 99.02
CA ASN F 3256 93.29 -41.74 99.35
C ASN F 3256 93.11 -41.55 100.85
N ASN F 3257 93.91 -42.24 101.66
CA ASN F 3257 94.00 -41.94 103.08
C ASN F 3257 95.27 -41.15 103.33
N PRO F 3258 95.21 -39.81 103.40
CA PRO F 3258 96.43 -39.05 103.71
C PRO F 3258 97.02 -39.41 105.07
N GLU F 3259 96.17 -39.72 106.04
CA GLU F 3259 96.64 -40.17 107.34
C GLU F 3259 97.19 -41.58 107.24
N ARG F 3260 98.38 -41.80 107.81
CA ARG F 3260 99.03 -43.11 107.82
C ARG F 3260 99.26 -43.61 106.39
N ALA F 3261 99.76 -42.72 105.53
CA ALA F 3261 99.92 -43.03 104.12
C ALA F 3261 100.99 -44.10 103.91
N GLU F 3262 100.66 -45.09 103.07
CA GLU F 3262 101.52 -46.23 102.76
C GLU F 3262 101.73 -47.10 104.00
N MET F 3263 101.16 -46.69 105.13
CA MET F 3263 101.11 -47.48 106.34
C MET F 3263 99.69 -47.88 106.68
N CYS F 3264 98.71 -47.36 105.93
CA CYS F 3264 97.29 -47.62 106.15
C CYS F 3264 96.88 -48.96 105.58
N CYS F 3265 95.57 -49.17 105.44
CA CYS F 3265 95.03 -50.50 105.15
C CYS F 3265 95.64 -51.09 103.88
N THR F 3266 95.81 -50.30 102.83
CA THR F 3266 96.25 -50.84 101.55
C THR F 3266 97.29 -49.95 100.92
N ALA F 3267 97.79 -50.40 99.76
CA ALA F 3267 98.78 -49.70 98.97
C ALA F 3267 98.36 -49.55 97.51
N LEU F 3268 97.12 -49.92 97.19
CA LEU F 3268 96.64 -49.92 95.81
C LEU F 3268 96.30 -48.52 95.34
N ASN F 3269 96.79 -48.14 94.17
CA ASN F 3269 96.72 -46.77 93.71
C ASN F 3269 96.15 -46.67 92.30
N SER F 3270 95.94 -45.41 91.88
CA SER F 3270 95.30 -45.08 90.60
C SER F 3270 96.05 -45.60 89.39
N GLU F 3271 97.38 -45.46 89.35
CA GLU F 3271 98.15 -45.99 88.23
C GLU F 3271 98.00 -47.51 88.13
N HIS F 3272 98.05 -48.19 89.27
CA HIS F 3272 97.94 -49.65 89.25
C HIS F 3272 96.57 -50.10 88.80
N MET F 3273 95.50 -49.49 89.30
CA MET F 3273 94.18 -49.88 88.81
C MET F 3273 93.99 -49.49 87.35
N ASN F 3274 94.67 -48.43 86.90
CA ASN F 3274 94.55 -48.05 85.50
C ASN F 3274 95.20 -49.11 84.61
N THR F 3275 96.33 -49.64 85.06
CA THR F 3275 96.93 -50.79 84.39
C THR F 3275 95.98 -51.98 84.40
N LEU F 3276 95.27 -52.18 85.52
CA LEU F 3276 94.31 -53.28 85.58
C LEU F 3276 93.13 -53.05 84.62
N LEU F 3277 92.69 -51.81 84.47
CA LEU F 3277 91.68 -51.48 83.46
C LEU F 3277 92.14 -51.84 82.06
N GLY F 3278 93.31 -51.32 81.66
CA GLY F 3278 93.84 -51.65 80.35
C GLY F 3278 94.06 -53.13 80.17
N ASN F 3279 94.45 -53.82 81.24
CA ASN F 3279 94.60 -55.26 81.24
C ASN F 3279 93.30 -56.00 80.93
N ILE F 3280 92.24 -55.74 81.70
CA ILE F 3280 90.97 -56.42 81.46
C ILE F 3280 90.47 -56.10 80.05
N LEU F 3281 90.61 -54.84 79.65
CA LEU F 3281 90.09 -54.42 78.37
C LEU F 3281 90.99 -54.88 77.20
N LYS F 3282 92.18 -55.38 77.54
CA LYS F 3282 93.04 -56.08 76.57
C LYS F 3282 92.67 -57.54 76.43
N ILE F 3283 92.32 -58.22 77.53
CA ILE F 3283 91.79 -59.57 77.39
C ILE F 3283 90.50 -59.61 76.60
N ILE F 3284 89.57 -58.68 76.84
CA ILE F 3284 88.32 -58.74 76.09
C ILE F 3284 88.57 -58.61 74.58
N TYR F 3285 89.69 -58.01 74.20
CA TYR F 3285 90.04 -57.91 72.79
C TYR F 3285 90.21 -59.28 72.16
N ASN F 3286 90.92 -60.19 72.84
CA ASN F 3286 91.01 -61.56 72.36
C ASN F 3286 89.72 -62.31 72.60
N ASN F 3287 88.97 -61.91 73.62
CA ASN F 3287 87.74 -62.63 73.98
C ASN F 3287 86.64 -62.38 72.94
N LEU F 3288 86.77 -61.32 72.15
CA LEU F 3288 85.79 -61.05 71.11
C LEU F 3288 85.70 -62.19 70.10
N GLY F 3289 86.77 -62.97 69.95
CA GLY F 3289 86.76 -64.04 68.97
C GLY F 3289 85.80 -65.16 69.27
N ILE F 3290 85.32 -65.27 70.51
CA ILE F 3290 84.39 -66.33 70.89
C ILE F 3290 83.06 -65.69 71.26
N ASP F 3291 82.84 -64.47 70.76
CA ASP F 3291 81.58 -63.74 70.90
C ASP F 3291 81.30 -63.32 72.34
N GLU F 3292 82.22 -63.64 73.25
CA GLU F 3292 82.18 -63.14 74.62
C GLU F 3292 80.97 -63.63 75.39
N GLY F 3293 80.78 -63.11 76.60
CA GLY F 3293 79.68 -63.50 77.46
C GLY F 3293 79.16 -62.35 78.29
N ALA F 3294 78.03 -62.56 78.98
CA ALA F 3294 77.36 -61.48 79.70
C ALA F 3294 78.07 -61.04 80.97
N TRP F 3295 78.95 -61.88 81.53
CA TRP F 3295 79.45 -61.57 82.87
C TRP F 3295 80.43 -60.41 82.80
N MET F 3296 81.09 -60.20 81.66
CA MET F 3296 81.89 -58.99 81.52
C MET F 3296 81.03 -57.75 81.29
N LYS F 3297 79.83 -57.90 80.75
CA LYS F 3297 78.89 -56.78 80.85
C LYS F 3297 78.52 -56.50 82.30
N ARG F 3298 78.42 -57.55 83.11
CA ARG F 3298 78.27 -57.34 84.55
C ARG F 3298 79.48 -56.65 85.15
N LEU F 3299 80.69 -56.99 84.68
CA LEU F 3299 81.88 -56.24 85.11
C LEU F 3299 81.81 -54.78 84.70
N ALA F 3300 81.35 -54.49 83.48
CA ALA F 3300 81.17 -53.11 83.07
C ALA F 3300 80.20 -52.40 84.00
N VAL F 3301 79.14 -53.12 84.42
CA VAL F 3301 78.21 -52.58 85.40
C VAL F 3301 78.92 -52.26 86.71
N PHE F 3302 79.78 -53.18 87.16
CA PHE F 3302 80.56 -52.93 88.37
C PHE F 3302 81.51 -51.74 88.18
N SER F 3303 81.97 -51.52 86.95
CA SER F 3303 83.09 -50.62 86.71
C SER F 3303 82.67 -49.20 86.31
N GLN F 3304 81.39 -48.96 85.95
CA GLN F 3304 81.07 -47.53 85.80
C GLN F 3304 81.33 -46.79 87.12
N PRO F 3305 81.01 -47.36 88.28
CA PRO F 3305 81.51 -46.75 89.53
C PRO F 3305 83.01 -46.58 89.54
N ILE F 3306 83.75 -47.58 89.04
CA ILE F 3306 85.20 -47.45 88.95
C ILE F 3306 85.58 -46.30 88.03
N ILE F 3307 84.93 -46.19 86.87
CA ILE F 3307 85.27 -45.15 85.92
C ILE F 3307 84.99 -43.78 86.53
N ASN F 3308 83.85 -43.62 87.19
CA ASN F 3308 83.51 -42.36 87.86
C ASN F 3308 84.48 -42.00 88.95
N LYS F 3309 84.90 -42.97 89.79
CA LYS F 3309 85.73 -42.63 90.93
C LYS F 3309 87.20 -42.49 90.53
N VAL F 3310 87.57 -43.00 89.35
CA VAL F 3310 88.88 -42.66 88.79
C VAL F 3310 88.86 -41.23 88.25
N LYS F 3311 89.99 -40.54 88.42
CA LYS F 3311 90.06 -39.13 88.08
C LYS F 3311 89.84 -38.93 86.59
N PRO F 3312 89.13 -37.87 86.19
CA PRO F 3312 88.88 -37.64 84.76
C PRO F 3312 90.15 -37.40 83.94
N GLN F 3313 91.25 -37.01 84.60
CA GLN F 3313 92.51 -36.88 83.87
C GLN F 3313 92.94 -38.22 83.31
N LEU F 3314 92.80 -39.29 84.09
CA LEU F 3314 93.06 -40.62 83.57
C LEU F 3314 92.07 -41.01 82.49
N LEU F 3315 90.86 -40.45 82.51
CA LEU F 3315 89.94 -40.66 81.41
C LEU F 3315 90.51 -40.06 80.12
N LYS F 3316 90.80 -38.77 80.13
CA LYS F 3316 91.44 -38.16 78.96
C LYS F 3316 92.75 -38.85 78.62
N THR F 3317 92.92 -39.14 77.32
CA THR F 3317 94.13 -39.63 76.69
C THR F 3317 94.43 -41.10 76.99
N HIS F 3318 93.69 -41.74 77.88
CA HIS F 3318 93.87 -43.18 78.05
C HIS F 3318 92.54 -43.93 77.87
N PHE F 3319 91.49 -43.47 78.53
CA PHE F 3319 90.18 -44.09 78.48
C PHE F 3319 89.37 -43.60 77.28
N LEU F 3320 89.63 -42.37 76.81
CA LEU F 3320 89.10 -41.93 75.52
C LEU F 3320 89.62 -42.76 74.35
N PRO F 3321 90.92 -43.05 74.24
CA PRO F 3321 91.34 -44.07 73.27
C PRO F 3321 90.70 -45.41 73.54
N LEU F 3322 90.32 -45.70 74.77
CA LEU F 3322 89.52 -46.89 75.01
C LEU F 3322 88.12 -46.80 74.44
N MET F 3323 87.48 -45.62 74.52
CA MET F 3323 86.20 -45.39 73.86
C MET F 3323 86.30 -45.51 72.35
N GLU F 3324 87.42 -45.11 71.74
CA GLU F 3324 87.56 -45.30 70.31
C GLU F 3324 87.92 -46.75 69.98
N LYS F 3325 88.67 -47.41 70.88
CA LYS F 3325 88.96 -48.85 70.71
C LYS F 3325 87.70 -49.69 70.85
N LEU F 3326 86.86 -49.38 71.84
CA LEU F 3326 85.54 -49.97 71.99
C LEU F 3326 84.59 -49.51 70.90
N LYS F 3327 84.85 -48.37 70.28
CA LYS F 3327 84.19 -48.00 69.03
C LYS F 3327 84.54 -48.97 67.91
N LYS F 3328 85.78 -49.47 67.87
CA LYS F 3328 86.02 -50.63 67.00
C LYS F 3328 85.22 -51.83 67.48
N LYS F 3329 85.13 -52.03 68.80
CA LYS F 3329 84.42 -53.17 69.36
C LYS F 3329 82.92 -53.09 69.15
N ALA F 3330 82.40 -51.94 68.69
CA ALA F 3330 80.98 -51.78 68.42
C ALA F 3330 80.48 -52.69 67.29
N ALA F 3331 81.36 -53.46 66.65
CA ALA F 3331 80.92 -54.41 65.63
C ALA F 3331 80.02 -55.48 66.24
N THR F 3332 80.31 -55.88 67.49
CA THR F 3332 79.48 -56.86 68.17
C THR F 3332 78.09 -56.31 68.42
N VAL F 3333 77.08 -57.18 68.35
CA VAL F 3333 75.71 -56.76 68.54
C VAL F 3333 75.46 -56.29 69.97
N VAL F 3334 76.26 -56.81 70.92
CA VAL F 3334 76.06 -56.44 72.31
C VAL F 3334 76.35 -54.97 72.50
N SER F 3335 75.69 -54.36 73.49
CA SER F 3335 75.84 -52.95 73.79
C SER F 3335 77.13 -52.72 74.56
N GLU F 3336 78.01 -51.89 74.02
CA GLU F 3336 79.31 -51.63 74.59
C GLU F 3336 79.25 -50.40 75.50
N GLU F 3337 79.11 -50.64 76.79
CA GLU F 3337 79.01 -49.58 77.80
C GLU F 3337 77.88 -48.60 77.47
N VAL F 3599 41.94 -60.61 63.94
CA VAL F 3599 42.82 -61.66 64.45
C VAL F 3599 42.00 -62.70 65.22
N VAL F 3600 41.67 -62.37 66.47
CA VAL F 3600 40.93 -63.32 67.30
C VAL F 3600 39.60 -63.69 66.65
N ALA F 3601 38.97 -62.74 65.95
CA ALA F 3601 37.70 -63.02 65.29
C ALA F 3601 37.84 -64.09 64.21
N CYS F 3602 38.89 -63.99 63.40
CA CYS F 3602 39.05 -64.94 62.30
C CYS F 3602 39.61 -66.27 62.78
N PHE F 3603 40.37 -66.27 63.89
CA PHE F 3603 40.78 -67.54 64.49
C PHE F 3603 39.59 -68.23 65.16
N ARG F 3604 38.67 -67.47 65.74
CA ARG F 3604 37.52 -68.07 66.41
C ARG F 3604 36.46 -68.53 65.40
N MET F 3605 36.61 -68.13 64.14
CA MET F 3605 35.85 -68.73 63.05
C MET F 3605 36.45 -70.09 62.70
N ALA F 3606 35.68 -71.16 62.86
CA ALA F 3606 36.20 -72.50 62.60
C ALA F 3606 36.37 -72.73 61.11
N PRO F 3607 37.52 -73.23 60.65
CA PRO F 3607 37.68 -73.54 59.23
C PRO F 3607 36.73 -74.64 58.77
N LEU F 3608 36.70 -74.84 57.45
CA LEU F 3608 35.73 -75.77 56.85
C LEU F 3608 35.89 -77.19 57.38
N TYR F 3609 37.10 -77.58 57.75
CA TYR F 3609 37.32 -78.97 58.18
C TYR F 3609 36.69 -79.26 59.53
N ASN F 3610 36.52 -78.22 60.37
CA ASN F 3610 35.90 -78.42 61.67
C ASN F 3610 34.39 -78.60 61.56
N LEU F 3611 33.78 -78.07 60.50
CA LEU F 3611 32.33 -78.12 60.39
C LEU F 3611 31.85 -79.56 60.23
N PRO F 3612 30.65 -79.88 60.71
CA PRO F 3612 30.10 -81.22 60.47
C PRO F 3612 29.94 -81.49 58.98
N ARG F 3613 30.04 -82.76 58.63
CA ARG F 3613 30.20 -83.13 57.22
C ARG F 3613 28.96 -82.77 56.41
N HIS F 3614 27.76 -82.86 57.00
CA HIS F 3614 26.54 -82.54 56.27
C HIS F 3614 26.46 -81.05 55.93
N ARG F 3615 26.90 -80.19 56.86
CA ARG F 3615 26.97 -78.76 56.55
C ARG F 3615 27.95 -78.49 55.42
N ALA F 3616 29.08 -79.18 55.43
CA ALA F 3616 30.04 -79.05 54.34
C ALA F 3616 29.45 -79.54 53.03
N VAL F 3617 28.62 -80.58 53.08
CA VAL F 3617 27.96 -81.07 51.87
C VAL F 3617 27.01 -80.00 51.32
N ASN F 3618 26.23 -79.37 52.19
CA ASN F 3618 25.32 -78.32 51.73
C ASN F 3618 26.10 -77.15 51.12
N LEU F 3619 27.17 -76.72 51.79
CA LEU F 3619 27.98 -75.63 51.26
C LEU F 3619 28.61 -76.01 49.92
N PHE F 3620 29.08 -77.26 49.81
CA PHE F 3620 29.67 -77.71 48.55
C PHE F 3620 28.63 -77.76 47.44
N LEU F 3621 27.40 -78.16 47.78
CA LEU F 3621 26.34 -78.17 46.77
C LEU F 3621 26.08 -76.77 46.23
N GLN F 3622 25.96 -75.79 47.14
CA GLN F 3622 25.73 -74.42 46.70
C GLN F 3622 26.90 -73.89 45.87
N GLY F 3623 28.13 -74.13 46.35
CA GLY F 3623 29.30 -73.65 45.63
C GLY F 3623 29.47 -74.32 44.28
N TYR F 3624 29.23 -75.64 44.22
CA TYR F 3624 29.26 -76.37 42.97
C TYR F 3624 28.26 -75.81 41.98
N GLU F 3625 27.02 -75.60 42.41
CA GLU F 3625 26.04 -74.94 41.56
C GLU F 3625 26.62 -73.66 40.99
N LYS F 3626 26.93 -72.70 41.87
CA LYS F 3626 27.30 -71.36 41.44
C LYS F 3626 28.54 -71.37 40.55
N SER F 3627 29.48 -72.27 40.81
CA SER F 3627 30.77 -72.18 40.15
C SER F 3627 30.81 -72.98 38.85
N TRP F 3628 30.05 -74.07 38.76
CA TRP F 3628 30.14 -74.97 37.62
C TRP F 3628 28.84 -75.00 36.84
N ILE F 3629 27.70 -75.24 37.51
CA ILE F 3629 26.46 -75.51 36.77
C ILE F 3629 25.97 -74.24 36.09
N GLU F 3630 26.03 -73.11 36.80
CA GLU F 3630 25.64 -71.84 36.21
C GLU F 3630 26.62 -71.43 35.11
N THR F 3631 27.91 -71.67 35.31
CA THR F 3631 28.91 -71.23 34.36
C THR F 3631 28.95 -72.10 33.11
N GLU F 3632 28.38 -73.31 33.18
CA GLU F 3632 28.34 -74.18 32.01
C GLU F 3632 27.53 -73.53 30.89
N GLU F 3633 28.08 -73.60 29.68
CA GLU F 3633 27.52 -72.88 28.53
C GLU F 3633 27.47 -73.81 27.34
N HIS F 3634 26.39 -73.71 26.56
CA HIS F 3634 26.21 -74.54 25.37
C HIS F 3634 25.33 -73.80 24.36
N TYR F 3635 25.64 -73.99 23.08
CA TYR F 3635 25.03 -73.24 21.98
C TYR F 3635 24.13 -74.18 21.18
N PHE F 3636 22.82 -74.09 21.43
CA PHE F 3636 21.82 -74.90 20.75
C PHE F 3636 20.74 -74.07 20.08
N GLU F 3637 20.78 -72.75 20.25
CA GLU F 3637 19.64 -71.90 19.91
C GLU F 3637 19.37 -71.93 18.41
N ASP F 3638 20.42 -71.83 17.60
CA ASP F 3638 20.24 -71.82 16.15
C ASP F 3638 19.67 -73.14 15.64
N LYS F 3639 20.20 -74.26 16.15
CA LYS F 3639 19.67 -75.56 15.79
C LYS F 3639 18.21 -75.70 16.17
N LEU F 3640 17.86 -75.29 17.38
CA LEU F 3640 16.48 -75.41 17.84
C LEU F 3640 15.54 -74.56 17.00
N ILE F 3641 15.95 -73.32 16.71
CA ILE F 3641 15.08 -72.42 15.95
C ILE F 3641 14.92 -72.92 14.52
N GLU F 3642 16.00 -73.41 13.91
CA GLU F 3642 15.89 -73.95 12.56
C GLU F 3642 14.99 -75.18 12.51
N ASP F 3643 15.14 -76.08 13.49
CA ASP F 3643 14.29 -77.26 13.54
C ASP F 3643 12.83 -76.91 13.74
N LEU F 3644 12.53 -75.92 14.59
CA LEU F 3644 11.15 -75.47 14.74
C LEU F 3644 10.64 -74.76 13.50
N ALA F 3645 11.50 -74.05 12.77
CA ALA F 3645 11.05 -73.30 11.61
C ALA F 3645 10.84 -74.21 10.40
N LYS F 3646 11.47 -75.37 10.39
CA LYS F 3646 11.34 -76.29 9.27
C LYS F 3646 9.89 -76.73 9.10
N PRO F 3647 9.27 -76.51 7.92
CA PRO F 3647 7.94 -77.08 7.66
C PRO F 3647 8.07 -78.57 7.38
N GLY F 3648 7.52 -79.38 8.27
CA GLY F 3648 7.75 -80.82 8.19
C GLY F 3648 6.69 -81.61 7.44
N ALA F 3649 7.13 -82.30 6.39
CA ALA F 3649 6.30 -83.24 5.64
C ALA F 3649 5.00 -82.60 5.15
N GLU F 3650 5.10 -81.37 4.65
CA GLU F 3650 3.90 -80.65 4.21
C GLU F 3650 3.11 -81.42 3.14
N PRO F 3651 3.75 -82.02 2.13
CA PRO F 3651 2.99 -82.85 1.18
C PRO F 3651 2.34 -84.05 1.86
N PRO F 3652 3.02 -84.74 2.80
CA PRO F 3652 2.30 -85.78 3.56
C PRO F 3652 1.09 -85.30 4.34
N GLU F 3653 1.11 -84.13 4.98
CA GLU F 3653 -0.13 -83.60 5.55
C GLU F 3653 -0.83 -82.74 4.51
N GLU F 3654 -1.74 -83.35 3.75
CA GLU F 3654 -2.56 -82.67 2.76
C GLU F 3654 -3.65 -81.88 3.47
N ASP F 3655 -3.47 -80.55 3.52
CA ASP F 3655 -4.49 -79.70 4.10
C ASP F 3655 -5.51 -79.25 3.06
N GLU F 3656 -5.16 -79.33 1.78
CA GLU F 3656 -6.01 -78.86 0.67
C GLU F 3656 -6.45 -77.41 0.90
N GLY F 3657 -5.51 -76.57 1.31
CA GLY F 3657 -5.82 -75.19 1.58
C GLY F 3657 -4.58 -74.35 1.71
N THR F 3658 -4.65 -73.39 2.64
CA THR F 3658 -3.53 -72.48 2.86
C THR F 3658 -2.34 -73.22 3.46
N LYS F 3659 -1.16 -72.61 3.37
CA LYS F 3659 0.05 -73.22 3.89
C LYS F 3659 -0.05 -73.41 5.40
N ARG F 3660 0.51 -74.52 5.88
CA ARG F 3660 0.34 -74.89 7.28
C ARG F 3660 1.36 -74.20 8.17
N VAL F 3661 0.89 -73.71 9.32
CA VAL F 3661 1.75 -72.96 10.22
C VAL F 3661 2.82 -73.88 10.80
N ASP F 3662 4.06 -73.40 10.78
CA ASP F 3662 5.18 -74.13 11.35
C ASP F 3662 5.14 -74.04 12.87
N PRO F 3663 5.84 -74.94 13.57
CA PRO F 3663 5.84 -74.90 15.04
C PRO F 3663 6.31 -73.56 15.62
N LEU F 3664 7.34 -72.95 15.02
CA LEU F 3664 7.79 -71.64 15.48
C LEU F 3664 6.69 -70.60 15.30
N HIS F 3665 6.01 -70.64 14.16
CA HIS F 3665 4.91 -69.70 13.92
C HIS F 3665 3.79 -69.92 14.94
N GLN F 3666 3.50 -71.17 15.29
CA GLN F 3666 2.52 -71.47 16.32
C GLN F 3666 2.93 -70.94 17.68
N LEU F 3667 4.20 -71.08 18.06
CA LEU F 3667 4.68 -70.53 19.33
C LEU F 3667 4.53 -69.02 19.35
N ILE F 3668 4.92 -68.36 18.26
CA ILE F 3668 4.76 -66.90 18.16
C ILE F 3668 3.30 -66.48 18.22
N LEU F 3669 2.39 -67.20 17.55
CA LEU F 3669 0.97 -66.92 17.66
C LEU F 3669 0.45 -67.11 19.08
N LEU F 3670 0.87 -68.16 19.77
CA LEU F 3670 0.47 -68.33 21.17
C LEU F 3670 0.89 -67.15 22.02
N PHE F 3671 2.17 -66.75 21.91
CA PHE F 3671 2.63 -65.61 22.68
C PHE F 3671 1.91 -64.31 22.30
N SER F 3672 1.66 -64.09 21.01
CA SER F 3672 0.96 -62.88 20.58
C SER F 3672 -0.47 -62.84 21.10
N ARG F 3673 -1.17 -63.98 21.06
CA ARG F 3673 -2.52 -64.04 21.62
C ARG F 3673 -2.51 -63.80 23.12
N THR F 3674 -1.54 -64.38 23.83
CA THR F 3674 -1.43 -64.13 25.26
C THR F 3674 -1.19 -62.66 25.55
N ALA F 3675 -0.34 -62.00 24.77
CA ALA F 3675 -0.09 -60.58 24.95
C ALA F 3675 -1.34 -59.76 24.65
N LEU F 3676 -2.08 -60.12 23.60
CA LEU F 3676 -3.26 -59.35 23.21
C LEU F 3676 -4.44 -59.59 24.14
N THR F 3677 -4.44 -60.68 24.90
CA THR F 3677 -5.50 -60.90 25.88
C THR F 3677 -5.51 -59.78 26.91
N GLU F 3678 -6.69 -59.21 27.16
CA GLU F 3678 -6.79 -58.06 28.04
C GLU F 3678 -6.58 -58.47 29.50
N LYS F 3679 -5.54 -57.93 30.11
CA LYS F 3679 -5.26 -58.15 31.53
C LYS F 3679 -4.78 -56.84 32.13
N CYS F 3680 -5.04 -56.68 33.43
CA CYS F 3680 -4.64 -55.47 34.14
C CYS F 3680 -3.13 -55.39 34.35
N LYS F 3681 -2.43 -56.52 34.31
CA LYS F 3681 -1.00 -56.55 34.53
C LYS F 3681 -0.38 -57.62 33.63
N LEU F 3682 0.87 -57.37 33.23
CA LEU F 3682 1.63 -58.31 32.43
C LEU F 3682 2.18 -59.40 33.35
N GLU F 3683 1.49 -60.54 33.39
CA GLU F 3683 1.89 -61.63 34.26
C GLU F 3683 3.15 -62.30 33.73
N GLU F 3684 4.10 -62.57 34.63
CA GLU F 3684 5.37 -63.17 34.24
C GLU F 3684 5.14 -64.57 33.67
N ASP F 3685 5.78 -64.85 32.54
CA ASP F 3685 5.66 -66.14 31.87
C ASP F 3685 7.06 -66.71 31.65
N PHE F 3686 7.34 -67.83 32.31
CA PHE F 3686 8.64 -68.48 32.17
C PHE F 3686 8.88 -68.94 30.74
N LEU F 3687 7.84 -69.46 30.08
CA LEU F 3687 7.98 -69.88 28.69
C LEU F 3687 8.39 -68.70 27.82
N TYR F 3688 7.80 -67.53 28.04
CA TYR F 3688 8.19 -66.36 27.28
C TYR F 3688 9.62 -65.94 27.58
N MET F 3689 9.99 -65.83 28.87
CA MET F 3689 11.35 -65.44 29.19
C MET F 3689 12.40 -66.41 28.66
N ALA F 3690 12.03 -67.67 28.46
CA ALA F 3690 12.99 -68.63 27.90
C ALA F 3690 13.04 -68.58 26.38
N TYR F 3691 11.88 -68.66 25.72
CA TYR F 3691 11.89 -68.75 24.26
C TYR F 3691 12.22 -67.42 23.60
N ALA F 3692 11.87 -66.29 24.21
CA ALA F 3692 12.31 -65.00 23.67
C ALA F 3692 13.83 -64.88 23.71
N ASP F 3693 14.44 -65.34 24.81
CA ASP F 3693 15.90 -65.33 24.89
C ASP F 3693 16.51 -66.27 23.85
N ILE F 3694 15.90 -67.44 23.65
CA ILE F 3694 16.40 -68.36 22.62
C ILE F 3694 16.33 -67.71 21.24
N MET F 3695 15.20 -67.09 20.91
CA MET F 3695 15.08 -66.39 19.63
C MET F 3695 16.09 -65.25 19.50
N ALA F 3696 16.29 -64.48 20.58
CA ALA F 3696 17.22 -63.36 20.52
C ALA F 3696 18.66 -63.82 20.29
N LYS F 3697 19.08 -64.92 20.93
CA LYS F 3697 20.42 -65.42 20.66
C LYS F 3697 20.53 -66.04 19.27
N SER F 3698 19.42 -66.62 18.77
CA SER F 3698 19.45 -67.18 17.42
C SER F 3698 19.66 -66.10 16.37
N CYS F 3699 19.17 -64.88 16.62
CA CYS F 3699 19.37 -63.79 15.67
C CYS F 3699 20.83 -63.40 15.52
N HIS F 3700 21.60 -63.40 16.60
CA HIS F 3700 22.98 -62.92 16.51
C HIS F 3700 23.97 -64.05 16.24
N ASP F 3701 23.91 -65.14 17.03
CA ASP F 3701 24.77 -66.31 16.84
C ASP F 3701 26.22 -65.96 16.52
N GLU F 3702 26.89 -65.29 17.45
CA GLU F 3702 28.34 -65.11 17.34
C GLU F 3702 29.05 -65.86 18.46
N GLU F 3710 42.45 -58.37 12.65
CA GLU F 3710 41.31 -59.26 12.52
C GLU F 3710 40.19 -58.60 11.73
N VAL F 3711 40.51 -57.51 11.04
CA VAL F 3711 39.51 -56.79 10.26
C VAL F 3711 38.99 -57.69 9.14
N LYS F 3712 37.70 -57.98 9.19
CA LYS F 3712 37.09 -58.83 8.17
C LYS F 3712 37.08 -58.11 6.82
N SER F 3713 37.28 -58.90 5.77
CA SER F 3713 37.26 -58.35 4.43
C SER F 3713 35.83 -57.98 4.02
N PHE F 3714 35.72 -57.32 2.87
CA PHE F 3714 34.41 -56.93 2.36
C PHE F 3714 33.50 -58.13 2.13
N GLU F 3715 34.05 -59.22 1.59
CA GLU F 3715 33.26 -60.43 1.38
C GLU F 3715 32.74 -60.97 2.71
N GLU F 3716 33.60 -61.00 3.73
CA GLU F 3716 33.18 -61.50 5.04
C GLU F 3716 32.09 -60.62 5.63
N LYS F 3717 32.25 -59.30 5.54
CA LYS F 3717 31.25 -58.39 6.09
C LYS F 3717 29.91 -58.56 5.38
N GLU F 3718 29.92 -58.65 4.05
CA GLU F 3718 28.67 -58.80 3.32
C GLU F 3718 28.03 -60.16 3.60
N MET F 3719 28.85 -61.20 3.72
CA MET F 3719 28.38 -62.54 4.05
C MET F 3719 27.74 -62.60 5.43
N GLU F 3720 28.31 -61.90 6.41
CA GLU F 3720 27.71 -61.80 7.72
C GLU F 3720 26.43 -60.97 7.74
N LYS F 3721 26.39 -59.86 7.00
CA LYS F 3721 25.15 -59.10 6.91
C LYS F 3721 24.02 -59.90 6.29
N GLN F 3722 24.31 -60.65 5.22
CA GLN F 3722 23.31 -61.50 4.61
C GLN F 3722 22.80 -62.60 5.54
N LYS F 3723 23.70 -63.24 6.28
CA LYS F 3723 23.31 -64.26 7.24
C LYS F 3723 22.50 -63.69 8.40
N LEU F 3724 22.86 -62.49 8.88
CA LEU F 3724 22.05 -61.82 9.88
C LEU F 3724 20.66 -61.51 9.35
N LEU F 3725 20.57 -61.05 8.10
CA LEU F 3725 19.27 -60.77 7.50
C LEU F 3725 18.43 -62.05 7.39
N TYR F 3726 19.06 -63.17 7.00
CA TYR F 3726 18.34 -64.43 6.92
C TYR F 3726 17.85 -64.89 8.29
N GLN F 3727 18.69 -64.76 9.31
CA GLN F 3727 18.30 -65.15 10.66
C GLN F 3727 17.17 -64.28 11.20
N GLN F 3728 17.19 -62.98 10.89
CA GLN F 3728 16.10 -62.11 11.30
C GLN F 3728 14.81 -62.37 10.50
N ALA F 3729 14.94 -62.78 9.24
CA ALA F 3729 13.79 -63.22 8.45
C ALA F 3729 13.15 -64.46 9.02
N ARG F 3730 13.95 -65.43 9.46
CA ARG F 3730 13.43 -66.64 10.09
C ARG F 3730 12.51 -66.35 11.27
N LEU F 3731 12.53 -65.13 11.81
CA LEU F 3731 11.64 -64.75 12.89
C LEU F 3731 10.55 -63.77 12.46
N HIS F 3732 10.91 -62.66 11.80
CA HIS F 3732 9.87 -61.66 11.55
C HIS F 3732 9.02 -62.06 10.35
N ASP F 3733 9.40 -63.12 9.63
CA ASP F 3733 8.50 -63.69 8.63
C ASP F 3733 7.32 -64.37 9.31
N ARG F 3734 7.51 -64.84 10.54
CA ARG F 3734 6.48 -65.53 11.29
C ARG F 3734 5.70 -64.61 12.23
N GLY F 3735 5.99 -63.32 12.25
CA GLY F 3735 5.22 -62.37 13.01
C GLY F 3735 5.75 -62.06 14.40
N ALA F 3736 7.06 -61.84 14.52
CA ALA F 3736 7.67 -61.56 15.81
C ALA F 3736 7.68 -60.08 16.17
N ALA F 3737 7.75 -59.19 15.17
CA ALA F 3737 7.75 -57.76 15.45
C ALA F 3737 6.44 -57.32 16.09
N GLU F 3738 5.31 -57.84 15.58
CA GLU F 3738 4.02 -57.54 16.18
C GLU F 3738 3.92 -58.04 17.61
N MET F 3739 4.45 -59.23 17.90
CA MET F 3739 4.52 -59.71 19.27
C MET F 3739 5.36 -58.79 20.15
N VAL F 3740 6.51 -58.35 19.65
CA VAL F 3740 7.39 -57.50 20.44
C VAL F 3740 6.70 -56.18 20.77
N LEU F 3741 5.98 -55.61 19.80
CA LEU F 3741 5.21 -54.41 20.08
C LEU F 3741 4.06 -54.68 21.05
N GLN F 3742 3.38 -55.81 20.90
CA GLN F 3742 2.23 -56.13 21.75
C GLN F 3742 2.64 -56.31 23.20
N THR F 3743 3.75 -56.99 23.44
CA THR F 3743 4.19 -57.23 24.81
C THR F 3743 4.56 -55.91 25.49
N ILE F 3744 5.26 -55.03 24.77
CA ILE F 3744 5.61 -53.73 25.32
C ILE F 3744 4.35 -52.92 25.61
N SER F 3745 3.38 -52.95 24.71
CA SER F 3745 2.13 -52.23 24.94
C SER F 3745 1.37 -52.77 26.14
N ALA F 3746 1.34 -54.10 26.32
CA ALA F 3746 0.63 -54.69 27.45
C ALA F 3746 1.38 -54.51 28.75
N SER F 3747 2.70 -54.25 28.68
CA SER F 3747 3.47 -54.03 29.90
C SER F 3747 2.99 -52.81 30.67
N LYS F 3748 2.39 -51.83 29.99
CA LYS F 3748 1.83 -50.64 30.64
C LYS F 3748 2.88 -49.88 31.44
N GLY F 3749 4.11 -49.84 30.92
CA GLY F 3749 5.17 -49.07 31.55
C GLY F 3749 5.61 -49.59 32.91
N GLU F 3750 5.76 -50.90 33.05
CA GLU F 3750 6.25 -51.51 34.29
C GLU F 3750 7.50 -52.31 33.96
N THR F 3751 8.64 -51.85 34.48
CA THR F 3751 9.91 -52.52 34.21
C THR F 3751 9.92 -53.92 34.84
N GLY F 3752 10.31 -54.91 34.05
CA GLY F 3752 10.34 -56.28 34.50
C GLY F 3752 11.09 -57.20 33.57
N PRO F 3753 11.24 -58.47 33.98
CA PRO F 3753 11.94 -59.44 33.13
C PRO F 3753 11.30 -59.65 31.77
N MET F 3754 9.96 -59.64 31.69
CA MET F 3754 9.31 -59.74 30.38
C MET F 3754 9.66 -58.56 29.49
N VAL F 3755 9.67 -57.36 30.05
CA VAL F 3755 10.01 -56.17 29.26
C VAL F 3755 11.46 -56.25 28.80
N ALA F 3756 12.36 -56.69 29.69
CA ALA F 3756 13.76 -56.82 29.32
C ALA F 3756 13.95 -57.83 28.19
N ALA F 3757 13.31 -59.00 28.30
CA ALA F 3757 13.39 -60.01 27.25
C ALA F 3757 12.79 -59.52 25.94
N THR F 3758 11.65 -58.83 25.99
CA THR F 3758 11.04 -58.29 24.77
C THR F 3758 11.95 -57.27 24.11
N LEU F 3759 12.57 -56.39 24.91
CA LEU F 3759 13.49 -55.41 24.36
C LEU F 3759 14.71 -56.09 23.73
N LYS F 3760 15.24 -57.13 24.39
CA LYS F 3760 16.36 -57.86 23.82
C LYS F 3760 15.98 -58.53 22.49
N LEU F 3761 14.79 -59.13 22.43
CA LEU F 3761 14.34 -59.75 21.19
C LEU F 3761 14.14 -58.71 20.09
N GLY F 3762 13.60 -57.54 20.45
CA GLY F 3762 13.43 -56.49 19.47
C GLY F 3762 14.76 -55.99 18.93
N ILE F 3763 15.74 -55.84 19.82
CA ILE F 3763 17.10 -55.46 19.38
C ILE F 3763 17.67 -56.53 18.46
N ALA F 3764 17.46 -57.80 18.80
CA ALA F 3764 17.98 -58.89 17.99
C ALA F 3764 17.38 -58.87 16.59
N ILE F 3765 16.07 -58.61 16.50
CA ILE F 3765 15.43 -58.67 15.18
C ILE F 3765 15.66 -57.38 14.39
N LEU F 3766 15.92 -56.26 15.07
CA LEU F 3766 16.14 -54.98 14.41
C LEU F 3766 17.60 -54.61 14.26
N ASN F 3767 18.52 -55.48 14.67
CA ASN F 3767 19.93 -55.13 14.65
C ASN F 3767 20.42 -54.94 13.22
N GLY F 3768 21.24 -53.90 13.04
CA GLY F 3768 21.74 -53.54 11.73
C GLY F 3768 20.86 -52.59 10.96
N GLY F 3769 19.69 -52.23 11.49
CA GLY F 3769 18.79 -51.33 10.79
C GLY F 3769 17.90 -52.05 9.80
N ASN F 3770 17.13 -53.03 10.28
CA ASN F 3770 16.29 -53.82 9.39
C ASN F 3770 15.10 -52.99 8.91
N SER F 3771 15.16 -52.57 7.64
CA SER F 3771 14.08 -51.78 7.05
C SER F 3771 12.77 -52.54 6.97
N THR F 3772 12.82 -53.84 6.66
CA THR F 3772 11.59 -54.63 6.59
C THR F 3772 10.90 -54.70 7.94
N VAL F 3773 11.68 -54.94 9.00
CA VAL F 3773 11.11 -54.99 10.34
C VAL F 3773 10.61 -53.63 10.79
N GLN F 3774 11.34 -52.55 10.45
CA GLN F 3774 10.85 -51.20 10.77
C GLN F 3774 9.52 -50.93 10.09
N GLN F 3775 9.40 -51.29 8.80
CA GLN F 3775 8.16 -51.09 8.08
C GLN F 3775 7.03 -51.91 8.69
N LYS F 3776 7.30 -53.17 9.05
CA LYS F 3776 6.27 -53.99 9.66
C LYS F 3776 5.79 -53.39 10.98
N MET F 3777 6.72 -52.94 11.82
CA MET F 3777 6.34 -52.37 13.11
C MET F 3777 5.53 -51.10 12.94
N LEU F 3778 5.98 -50.20 12.07
CA LEU F 3778 5.24 -48.95 11.87
C LEU F 3778 3.86 -49.20 11.28
N ASP F 3779 3.76 -50.10 10.30
CA ASP F 3779 2.46 -50.41 9.72
C ASP F 3779 1.53 -51.02 10.75
N TYR F 3780 2.06 -51.91 11.60
CA TYR F 3780 1.24 -52.52 12.63
C TYR F 3780 0.71 -51.48 13.60
N LEU F 3781 1.57 -50.55 14.03
CA LEU F 3781 1.13 -49.52 14.97
C LEU F 3781 0.05 -48.64 14.35
N LYS F 3782 0.31 -48.15 13.13
CA LYS F 3782 -0.64 -47.26 12.47
C LYS F 3782 -1.97 -47.94 12.23
N GLU F 3783 -1.95 -49.23 11.87
CA GLU F 3783 -3.19 -49.98 11.70
C GLU F 3783 -3.90 -50.16 13.04
N LYS F 3784 -3.13 -50.43 14.10
CA LYS F 3784 -3.73 -50.84 15.36
C LYS F 3784 -4.30 -49.68 16.16
N LYS F 3785 -3.97 -48.43 15.82
CA LYS F 3785 -4.63 -47.27 16.45
C LYS F 3785 -4.24 -47.14 17.92
N ASP F 3786 -3.02 -47.57 18.25
CA ASP F 3786 -2.66 -47.78 19.64
C ASP F 3786 -1.88 -46.60 20.21
N VAL F 3787 -2.30 -46.16 21.40
CA VAL F 3787 -1.53 -45.20 22.20
C VAL F 3787 -0.81 -45.89 23.35
N GLY F 3788 -1.20 -47.13 23.69
CA GLY F 3788 -0.60 -47.85 24.80
C GLY F 3788 0.86 -48.16 24.62
N PHE F 3789 1.30 -48.44 23.39
CA PHE F 3789 2.73 -48.66 23.15
C PHE F 3789 3.55 -47.45 23.57
N PHE F 3790 3.16 -46.26 23.12
CA PHE F 3790 3.93 -45.06 23.44
C PHE F 3790 3.77 -44.68 24.91
N GLN F 3791 2.59 -44.90 25.48
CA GLN F 3791 2.42 -44.64 26.91
C GLN F 3791 3.31 -45.56 27.75
N SER F 3792 3.40 -46.84 27.37
CA SER F 3792 4.27 -47.76 28.08
C SER F 3792 5.74 -47.39 27.90
N LEU F 3793 6.12 -46.95 26.70
CA LEU F 3793 7.48 -46.48 26.49
C LEU F 3793 7.80 -45.29 27.40
N ALA F 3794 6.89 -44.33 27.50
CA ALA F 3794 7.10 -43.19 28.39
C ALA F 3794 7.20 -43.63 29.85
N GLY F 3795 6.33 -44.55 30.27
CA GLY F 3795 6.38 -45.04 31.64
C GLY F 3795 7.70 -45.72 31.95
N LEU F 3796 8.17 -46.60 31.06
CA LEU F 3796 9.45 -47.28 31.28
C LEU F 3796 10.60 -46.28 31.30
N MET F 3797 10.59 -45.30 30.39
CA MET F 3797 11.67 -44.32 30.35
C MET F 3797 11.69 -43.47 31.61
N GLN F 3798 10.52 -43.14 32.15
CA GLN F 3798 10.48 -42.44 33.43
C GLN F 3798 10.96 -43.35 34.55
N SER F 3799 10.66 -44.64 34.48
CA SER F 3799 11.05 -45.57 35.54
C SER F 3799 12.53 -45.92 35.47
N CYS F 3800 13.22 -45.61 34.38
CA CYS F 3800 14.64 -45.88 34.30
C CYS F 3800 15.40 -45.12 35.38
N SER F 3801 16.43 -45.76 35.93
CA SER F 3801 17.11 -45.25 37.11
C SER F 3801 18.37 -44.48 36.75
N VAL F 3802 18.93 -43.79 37.76
CA VAL F 3802 20.16 -43.03 37.62
C VAL F 3802 21.05 -43.29 38.83
N LEU F 3803 22.19 -42.61 38.89
CA LEU F 3803 23.11 -42.71 40.01
C LEU F 3803 22.42 -42.23 41.28
N ASP F 3804 22.56 -42.99 42.37
CA ASP F 3804 21.97 -42.63 43.66
C ASP F 3804 23.11 -42.47 44.67
N LEU F 3805 23.48 -41.23 44.95
CA LEU F 3805 24.60 -40.96 45.83
C LEU F 3805 24.31 -41.39 47.26
N ASN F 3806 23.05 -41.30 47.68
CA ASN F 3806 22.69 -41.76 49.03
C ASN F 3806 22.93 -43.26 49.17
N ALA F 3807 22.49 -44.03 48.17
CA ALA F 3807 22.73 -45.47 48.20
C ALA F 3807 24.21 -45.79 48.14
N PHE F 3808 24.96 -45.04 47.32
CA PHE F 3808 26.41 -45.26 47.28
C PHE F 3808 27.06 -44.98 48.62
N GLU F 3809 26.66 -43.90 49.30
CA GLU F 3809 27.22 -43.58 50.60
C GLU F 3809 26.87 -44.64 51.63
N ARG F 3810 25.64 -45.15 51.59
CA ARG F 3810 25.26 -46.22 52.51
C ARG F 3810 26.08 -47.48 52.27
N GLN F 3811 26.24 -47.88 51.00
CA GLN F 3811 27.05 -49.04 50.66
C GLN F 3811 28.51 -48.87 51.05
N ASN F 3812 29.09 -47.68 50.83
CA ASN F 3812 30.46 -47.43 51.26
C ASN F 3812 30.60 -47.44 52.78
N LYS F 3813 29.61 -46.91 53.50
CA LYS F 3813 29.65 -46.92 54.96
C LYS F 3813 29.57 -48.35 55.49
N ALA F 3814 28.82 -49.22 54.80
CA ALA F 3814 28.78 -50.62 55.20
C ALA F 3814 30.18 -51.24 55.18
N GLU F 3815 30.90 -51.09 54.06
CA GLU F 3815 32.24 -51.64 53.97
C GLU F 3815 33.21 -50.94 54.93
N GLY F 3816 33.02 -49.63 55.16
CA GLY F 3816 33.86 -48.94 56.13
C GLY F 3816 33.68 -49.47 57.54
N LEU F 3817 32.42 -49.73 57.93
CA LEU F 3817 32.16 -50.44 59.17
C LEU F 3817 32.72 -51.85 59.13
N GLY F 3818 32.87 -52.42 57.93
CA GLY F 3818 33.47 -53.73 57.79
C GLY F 3818 32.50 -54.86 57.57
N MET F 3819 31.22 -54.58 57.36
CA MET F 3819 30.27 -55.65 57.13
C MET F 3819 30.56 -56.41 55.86
N VAL F 3820 30.29 -57.72 55.90
CA VAL F 3820 30.44 -58.58 54.74
C VAL F 3820 29.52 -58.10 53.62
N THR F 3821 30.06 -58.04 52.40
CA THR F 3821 29.28 -57.60 51.27
C THR F 3821 28.18 -58.62 50.95
N GLU F 3822 26.98 -58.11 50.67
CA GLU F 3822 25.87 -58.97 50.30
C GLU F 3822 25.96 -59.33 48.83
N GLU F 3823 25.95 -58.32 47.96
CA GLU F 3823 26.13 -58.55 46.54
C GLU F 3823 27.46 -57.98 46.09
N GLY F 3824 28.24 -58.80 45.38
CA GLY F 3824 29.54 -58.33 44.92
C GLY F 3824 29.44 -57.15 43.97
N SER F 3825 28.43 -57.17 43.10
CA SER F 3825 28.23 -56.05 42.18
C SER F 3825 27.85 -54.77 42.93
N GLY F 3826 27.00 -54.89 43.96
CA GLY F 3826 26.50 -53.71 44.64
C GLY F 3826 25.68 -52.85 43.71
N GLU F 3827 24.78 -53.49 42.96
CA GLU F 3827 24.05 -52.83 41.89
C GLU F 3827 22.89 -51.97 42.39
N LYS F 3828 22.84 -51.68 43.69
CA LYS F 3828 21.81 -50.78 44.21
C LYS F 3828 21.94 -49.40 43.57
N VAL F 3829 23.17 -48.91 43.43
CA VAL F 3829 23.42 -47.71 42.64
C VAL F 3829 23.31 -48.07 41.16
N LEU F 3830 22.53 -47.29 40.41
CA LEU F 3830 22.25 -47.60 39.01
C LEU F 3830 21.63 -48.97 38.90
N GLN F 3831 20.43 -49.13 39.46
CA GLN F 3831 19.78 -50.43 39.65
C GLN F 3831 19.73 -51.26 38.38
N ASP F 3832 19.27 -50.67 37.28
CA ASP F 3832 19.19 -51.35 36.00
C ASP F 3832 19.89 -50.51 34.94
N ASP F 3833 21.08 -50.95 34.53
CA ASP F 3833 21.83 -50.30 33.46
C ASP F 3833 21.81 -51.08 32.17
N GLU F 3834 21.61 -52.40 32.22
CA GLU F 3834 21.42 -53.22 31.04
C GLU F 3834 20.03 -53.01 30.44
N PHE F 3835 19.01 -52.88 31.29
CA PHE F 3835 17.66 -52.62 30.81
C PHE F 3835 17.55 -51.26 30.13
N THR F 3836 18.13 -50.21 30.74
CA THR F 3836 18.07 -48.88 30.15
C THR F 3836 18.81 -48.84 28.83
N CYS F 3837 19.99 -49.46 28.77
CA CYS F 3837 20.73 -49.54 27.52
C CYS F 3837 19.97 -50.30 26.46
N ASP F 3838 19.30 -51.41 26.82
CA ASP F 3838 18.49 -52.13 25.85
C ASP F 3838 17.33 -51.28 25.36
N LEU F 3839 16.66 -50.57 26.26
CA LEU F 3839 15.53 -49.73 25.86
C LEU F 3839 15.94 -48.63 24.89
N PHE F 3840 17.04 -47.93 25.18
CA PHE F 3840 17.47 -46.88 24.26
C PHE F 3840 18.11 -47.44 22.99
N ARG F 3841 18.74 -48.61 23.06
CA ARG F 3841 19.19 -49.27 21.84
C ARG F 3841 18.01 -49.65 20.95
N PHE F 3842 16.91 -50.12 21.56
CA PHE F 3842 15.69 -50.38 20.80
C PHE F 3842 15.14 -49.10 20.17
N LEU F 3843 15.06 -48.04 20.95
CA LEU F 3843 14.57 -46.76 20.43
C LEU F 3843 15.47 -46.18 19.35
N GLN F 3844 16.76 -46.51 19.35
CA GLN F 3844 17.68 -46.11 18.30
C GLN F 3844 17.58 -46.98 17.05
N LEU F 3845 17.56 -48.30 17.22
CA LEU F 3845 17.42 -49.20 16.08
C LEU F 3845 16.07 -49.00 15.39
N LEU F 3846 15.09 -48.49 16.12
CA LEU F 3846 13.79 -48.19 15.51
C LEU F 3846 13.90 -47.08 14.46
N CYS F 3847 14.88 -46.18 14.62
CA CYS F 3847 15.09 -45.08 13.68
C CYS F 3847 16.39 -45.23 12.89
N GLU F 3848 17.08 -46.35 13.06
CA GLU F 3848 18.33 -46.58 12.36
C GLU F 3848 18.11 -46.60 10.84
N GLY F 3849 19.06 -46.01 10.12
CA GLY F 3849 18.95 -45.87 8.68
C GLY F 3849 18.16 -44.66 8.22
N HIS F 3850 17.94 -43.68 9.11
CA HIS F 3850 17.17 -42.48 8.79
C HIS F 3850 15.77 -42.82 8.31
N ASN F 3851 15.00 -43.51 9.16
CA ASN F 3851 13.60 -43.83 8.87
C ASN F 3851 12.76 -42.63 9.26
N SER F 3852 12.79 -41.61 8.38
CA SER F 3852 12.21 -40.31 8.65
C SER F 3852 10.74 -40.39 9.05
N ASP F 3853 9.98 -41.25 8.38
CA ASP F 3853 8.57 -41.42 8.72
C ASP F 3853 8.41 -41.91 10.15
N PHE F 3854 9.26 -42.85 10.56
CA PHE F 3854 9.14 -43.40 11.91
C PHE F 3854 9.62 -42.39 12.95
N GLN F 3855 10.63 -41.60 12.61
CA GLN F 3855 11.04 -40.51 13.51
C GLN F 3855 9.92 -39.51 13.71
N ASN F 3856 9.23 -39.14 12.63
CA ASN F 3856 8.10 -38.23 12.75
C ASN F 3856 6.99 -38.85 13.57
N TYR F 3857 6.74 -40.15 13.39
CA TYR F 3857 5.73 -40.83 14.20
C TYR F 3857 6.10 -40.82 15.67
N LEU F 3858 7.38 -41.07 15.99
CA LEU F 3858 7.81 -41.02 17.38
C LEU F 3858 7.67 -39.63 17.98
N ARG F 3859 8.01 -38.59 17.22
CA ARG F 3859 7.84 -37.23 17.72
C ARG F 3859 6.37 -36.91 17.97
N THR F 3860 5.53 -37.11 16.96
CA THR F 3860 4.10 -36.83 17.07
C THR F 3860 3.35 -37.97 16.36
N GLN F 3861 2.60 -38.75 17.14
CA GLN F 3861 1.75 -39.78 16.56
C GLN F 3861 0.50 -39.15 15.96
N THR F 3862 0.45 -39.07 14.63
CA THR F 3862 -0.62 -38.36 13.93
C THR F 3862 -1.97 -39.02 14.11
N GLY F 3863 -2.08 -40.29 13.69
CA GLY F 3863 -3.34 -41.00 13.74
C GLY F 3863 -3.89 -41.23 15.13
N ASN F 3864 -2.98 -41.44 16.09
CA ASN F 3864 -3.39 -41.74 17.45
C ASN F 3864 -4.14 -40.57 18.07
N ASN F 3865 -5.13 -40.89 18.90
CA ASN F 3865 -5.92 -39.85 19.56
C ASN F 3865 -5.06 -39.02 20.51
N THR F 3866 -4.19 -39.67 21.27
CA THR F 3866 -3.30 -39.00 22.21
C THR F 3866 -1.86 -39.29 21.84
N THR F 3867 -1.03 -38.26 21.80
CA THR F 3867 0.36 -38.39 21.39
C THR F 3867 1.30 -38.18 22.57
N VAL F 3868 2.42 -38.89 22.53
CA VAL F 3868 3.46 -38.81 23.55
C VAL F 3868 4.78 -38.52 22.83
N ASN F 3869 5.54 -37.56 23.34
CA ASN F 3869 6.75 -37.11 22.66
C ASN F 3869 7.96 -37.82 23.26
N ILE F 3870 8.28 -38.99 22.71
CA ILE F 3870 9.46 -39.73 23.12
C ILE F 3870 10.72 -38.92 22.91
N ILE F 3871 10.72 -38.02 21.92
CA ILE F 3871 11.88 -37.16 21.69
C ILE F 3871 12.18 -36.30 22.91
N ILE F 3872 11.15 -35.68 23.49
CA ILE F 3872 11.35 -34.88 24.70
C ILE F 3872 11.62 -35.77 25.92
N SER F 3873 10.97 -36.94 25.99
CA SER F 3873 11.25 -37.82 27.12
C SER F 3873 12.72 -38.25 27.15
N THR F 3874 13.30 -38.48 25.97
CA THR F 3874 14.70 -38.90 25.89
C THR F 3874 15.63 -37.83 26.43
N VAL F 3875 15.42 -36.57 26.03
CA VAL F 3875 16.27 -35.50 26.54
C VAL F 3875 16.03 -35.23 28.02
N ASP F 3876 14.81 -35.45 28.51
CA ASP F 3876 14.57 -35.37 29.94
C ASP F 3876 15.39 -36.41 30.71
N TYR F 3877 15.41 -37.65 30.21
CA TYR F 3877 16.23 -38.68 30.85
C TYR F 3877 17.71 -38.35 30.75
N LEU F 3878 18.13 -37.78 29.62
CA LEU F 3878 19.53 -37.36 29.48
C LEU F 3878 19.90 -36.31 30.51
N LEU F 3879 19.02 -35.33 30.74
CA LEU F 3879 19.25 -34.34 31.79
C LEU F 3879 19.31 -34.95 33.18
N ARG F 3880 18.44 -35.92 33.48
CA ARG F 3880 18.53 -36.62 34.76
C ARG F 3880 19.85 -37.34 34.93
N VAL F 3881 20.32 -38.05 33.90
CA VAL F 3881 21.60 -38.73 33.97
C VAL F 3881 22.74 -37.73 34.15
N GLN F 3882 22.65 -36.60 33.45
CA GLN F 3882 23.67 -35.56 33.61
C GLN F 3882 23.71 -35.05 35.05
N GLU F 3883 22.55 -34.79 35.65
CA GLU F 3883 22.53 -34.33 37.02
C GLU F 3883 23.13 -35.37 37.98
N SER F 3884 22.79 -36.64 37.78
CA SER F 3884 23.34 -37.70 38.63
C SER F 3884 24.86 -37.76 38.50
N ILE F 3885 25.38 -37.69 37.26
CA ILE F 3885 26.82 -37.76 37.06
C ILE F 3885 27.50 -36.54 37.67
N SER F 3886 26.90 -35.35 37.54
CA SER F 3886 27.48 -34.16 38.12
C SER F 3886 27.56 -34.26 39.64
N ASP F 3887 26.49 -34.77 40.27
CA ASP F 3887 26.52 -34.95 41.73
C ASP F 3887 27.58 -35.96 42.14
N PHE F 3888 27.70 -37.07 41.40
CA PHE F 3888 28.69 -38.09 41.76
C PHE F 3888 30.12 -37.54 41.61
N TYR F 3889 30.37 -36.79 40.54
CA TYR F 3889 31.67 -36.14 40.39
C TYR F 3889 31.92 -35.15 41.52
N TRP F 3890 30.90 -34.39 41.92
CA TRP F 3890 31.06 -33.46 43.03
C TRP F 3890 31.43 -34.19 44.31
N TYR F 3891 30.86 -35.38 44.52
CA TYR F 3891 31.21 -36.15 45.71
C TYR F 3891 32.65 -36.65 45.63
N TYR F 3892 33.13 -36.96 44.43
CA TYR F 3892 34.55 -37.29 44.24
C TYR F 3892 35.45 -36.09 43.98
N SER F 3893 34.96 -34.85 44.09
CA SER F 3893 35.78 -33.70 43.75
C SER F 3893 36.96 -33.56 44.72
N GLY F 3894 36.69 -33.58 46.02
CA GLY F 3894 37.75 -33.39 46.99
C GLY F 3894 38.72 -34.56 47.05
N LYS F 3895 38.22 -35.78 46.91
CA LYS F 3895 39.05 -36.96 47.09
C LYS F 3895 40.14 -37.05 46.04
N ASP F 3896 41.35 -37.41 46.48
CA ASP F 3896 42.50 -37.43 45.58
C ASP F 3896 42.41 -38.59 44.59
N VAL F 3897 42.01 -39.77 45.06
CA VAL F 3897 42.00 -40.98 44.25
C VAL F 3897 40.57 -41.49 44.14
N ILE F 3898 40.21 -41.99 42.96
CA ILE F 3898 38.87 -42.54 42.75
C ILE F 3898 38.86 -44.00 43.12
N ASP F 3899 37.88 -44.40 43.93
CA ASP F 3899 37.76 -45.77 44.38
C ASP F 3899 37.31 -46.67 43.21
N GLU F 3900 37.59 -47.97 43.34
CA GLU F 3900 37.27 -48.91 42.26
C GLU F 3900 35.77 -48.98 42.02
N GLN F 3901 34.98 -48.99 43.09
CA GLN F 3901 33.52 -49.01 42.93
C GLN F 3901 33.03 -47.74 42.24
N GLY F 3902 33.62 -46.60 42.57
CA GLY F 3902 33.27 -45.36 41.88
C GLY F 3902 33.65 -45.38 40.42
N GLN F 3903 34.80 -45.98 40.09
CA GLN F 3903 35.17 -46.13 38.69
C GLN F 3903 34.18 -47.02 37.96
N ARG F 3904 33.72 -48.08 38.60
CA ARG F 3904 32.70 -48.94 38.01
C ARG F 3904 31.41 -48.17 37.76
N ASN F 3905 30.98 -47.38 38.75
CA ASN F 3905 29.75 -46.59 38.59
C ASN F 3905 29.89 -45.56 37.48
N PHE F 3906 31.04 -44.90 37.39
CA PHE F 3906 31.29 -43.97 36.29
C PHE F 3906 31.25 -44.68 34.95
N SER F 3907 31.85 -45.86 34.86
CA SER F 3907 31.80 -46.60 33.59
C SER F 3907 30.37 -46.92 33.19
N LYS F 3908 29.57 -47.41 34.15
CA LYS F 3908 28.17 -47.73 33.85
C LYS F 3908 27.37 -46.50 33.43
N ALA F 3909 27.49 -45.40 34.18
CA ALA F 3909 26.80 -44.17 33.82
C ALA F 3909 27.27 -43.60 32.50
N ILE F 3910 28.55 -43.71 32.18
CA ILE F 3910 29.07 -43.24 30.90
C ILE F 3910 28.50 -44.07 29.77
N GLN F 3911 28.40 -45.38 29.96
CA GLN F 3911 27.77 -46.21 28.93
C GLN F 3911 26.31 -45.82 28.72
N VAL F 3912 25.58 -45.56 29.82
CA VAL F 3912 24.18 -45.17 29.69
C VAL F 3912 24.06 -43.84 28.94
N ALA F 3913 24.88 -42.86 29.32
CA ALA F 3913 24.83 -41.56 28.65
C ALA F 3913 25.25 -41.67 27.20
N LYS F 3914 26.23 -42.54 26.89
CA LYS F 3914 26.64 -42.77 25.52
C LYS F 3914 25.50 -43.32 24.69
N GLN F 3915 24.76 -44.29 25.23
CA GLN F 3915 23.63 -44.84 24.49
C GLN F 3915 22.52 -43.82 24.31
N VAL F 3916 22.24 -43.01 25.33
CA VAL F 3916 21.22 -41.96 25.17
C VAL F 3916 21.65 -40.93 24.12
N PHE F 3917 22.92 -40.53 24.12
CA PHE F 3917 23.41 -39.60 23.12
C PHE F 3917 23.32 -40.19 21.71
N ASN F 3918 23.64 -41.48 21.57
CA ASN F 3918 23.49 -42.13 20.28
C ASN F 3918 22.04 -42.19 19.82
N THR F 3919 21.12 -42.46 20.76
CA THR F 3919 19.70 -42.46 20.40
C THR F 3919 19.25 -41.09 19.94
N LEU F 3920 19.67 -40.03 20.63
CA LEU F 3920 19.35 -38.68 20.19
C LEU F 3920 19.96 -38.40 18.82
N THR F 3921 21.20 -38.83 18.61
CA THR F 3921 21.87 -38.61 17.33
C THR F 3921 21.13 -39.30 16.20
N GLU F 3922 20.58 -40.49 16.47
CA GLU F 3922 19.82 -41.19 15.44
C GLU F 3922 18.45 -40.56 15.23
N TYR F 3923 17.88 -39.96 16.28
CA TYR F 3923 16.69 -39.13 16.08
C TYR F 3923 16.99 -37.97 15.15
N ILE F 3924 18.19 -37.38 15.26
CA ILE F 3924 18.45 -36.11 14.61
C ILE F 3924 18.96 -36.33 13.18
N GLN F 3925 19.79 -37.35 12.97
CA GLN F 3925 20.48 -37.54 11.70
C GLN F 3925 19.49 -37.76 10.56
N GLY F 3926 19.83 -37.20 9.41
CA GLY F 3926 18.87 -37.01 8.35
C GLY F 3926 18.08 -35.76 8.68
N PRO F 3927 17.96 -34.84 7.73
CA PRO F 3927 17.44 -33.51 8.09
C PRO F 3927 15.99 -33.56 8.56
N CYS F 3928 15.78 -34.10 9.76
CA CYS F 3928 14.47 -34.18 10.38
C CYS F 3928 14.25 -32.88 11.13
N THR F 3929 13.64 -31.91 10.42
CA THR F 3929 13.50 -30.56 10.95
C THR F 3929 12.63 -30.55 12.20
N GLY F 3930 11.60 -31.38 12.25
CA GLY F 3930 10.75 -31.44 13.42
C GLY F 3930 11.48 -31.85 14.68
N ASN F 3931 12.26 -32.93 14.61
CA ASN F 3931 13.04 -33.35 15.76
C ASN F 3931 14.12 -32.32 16.10
N GLN F 3932 14.75 -31.74 15.07
CA GLN F 3932 15.77 -30.73 15.31
C GLN F 3932 15.20 -29.51 16.03
N GLN F 3933 14.00 -29.07 15.68
CA GLN F 3933 13.33 -27.97 16.35
C GLN F 3933 12.88 -28.32 17.75
N SER F 3934 12.32 -29.52 17.93
CA SER F 3934 11.87 -29.94 19.25
C SER F 3934 13.03 -30.01 20.23
N LEU F 3935 14.15 -30.61 19.81
CA LEU F 3935 15.30 -30.69 20.69
C LEU F 3935 15.93 -29.32 20.91
N ALA F 3936 15.88 -28.45 19.89
CA ALA F 3936 16.39 -27.10 20.06
C ALA F 3936 15.60 -26.33 21.11
N HIS F 3937 14.29 -26.46 21.11
CA HIS F 3937 13.44 -25.81 22.10
C HIS F 3937 13.38 -26.56 23.42
N SER F 3938 13.89 -27.80 23.47
CA SER F 3938 13.93 -28.56 24.71
C SER F 3938 15.10 -28.13 25.59
N ARG F 3939 15.37 -28.92 26.64
CA ARG F 3939 16.44 -28.64 27.59
C ARG F 3939 17.72 -29.40 27.28
N LEU F 3940 17.98 -29.67 26.00
CA LEU F 3940 19.22 -30.33 25.62
C LEU F 3940 20.43 -29.47 25.94
N TRP F 3941 20.29 -28.15 25.82
CA TRP F 3941 21.42 -27.25 26.03
C TRP F 3941 21.93 -27.31 27.47
N ASP F 3942 21.02 -27.43 28.44
CA ASP F 3942 21.44 -27.56 29.84
C ASP F 3942 22.24 -28.83 30.06
N ALA F 3943 21.79 -29.96 29.49
CA ALA F 3943 22.55 -31.19 29.61
C ALA F 3943 23.93 -31.06 28.97
N VAL F 3944 23.99 -30.43 27.79
CA VAL F 3944 25.27 -30.28 27.10
C VAL F 3944 26.22 -29.40 27.91
N VAL F 3945 25.72 -28.28 28.44
CA VAL F 3945 26.58 -27.39 29.21
C VAL F 3945 27.00 -28.03 30.53
N GLY F 3946 26.20 -28.93 31.09
CA GLY F 3946 26.63 -29.66 32.27
C GLY F 3946 27.70 -30.69 31.97
N PHE F 3947 27.49 -31.48 30.90
CA PHE F 3947 28.52 -32.43 30.50
C PHE F 3947 29.81 -31.74 30.12
N LEU F 3948 29.74 -30.51 29.59
CA LEU F 3948 30.96 -29.79 29.27
C LEU F 3948 31.79 -29.48 30.52
N HIS F 3949 31.13 -29.02 31.59
CA HIS F 3949 31.81 -28.80 32.85
C HIS F 3949 32.38 -30.10 33.41
N VAL F 3950 31.57 -31.17 33.35
CA VAL F 3950 32.02 -32.46 33.86
C VAL F 3950 33.25 -32.93 33.11
N PHE F 3951 33.24 -32.83 31.78
CA PHE F 3951 34.39 -33.22 30.98
C PHE F 3951 35.61 -32.34 31.27
N ALA F 3952 35.42 -31.04 31.39
CA ALA F 3952 36.51 -30.11 31.62
C ALA F 3952 37.22 -30.36 32.95
N HIS F 3953 36.48 -30.68 34.02
CA HIS F 3953 37.16 -30.94 35.29
C HIS F 3953 37.58 -32.40 35.45
N MET F 3954 36.75 -33.32 34.96
CA MET F 3954 37.03 -34.75 35.03
C MET F 3954 38.35 -35.08 34.36
N GLN F 3955 38.54 -34.62 33.13
CA GLN F 3955 39.75 -34.90 32.37
C GLN F 3955 40.98 -34.33 33.06
N MET F 3956 40.86 -33.11 33.58
CA MET F 3956 41.95 -32.48 34.32
C MET F 3956 42.35 -33.28 35.55
N LYS F 3957 41.37 -33.80 36.30
CA LYS F 3957 41.71 -34.55 37.51
C LYS F 3957 42.28 -35.93 37.17
N LEU F 3958 41.66 -36.64 36.23
CA LEU F 3958 42.04 -38.03 35.98
C LEU F 3958 43.37 -38.15 35.26
N SER F 3959 43.77 -37.12 34.51
CA SER F 3959 44.98 -37.21 33.70
C SER F 3959 46.22 -37.38 34.57
N GLN F 3960 46.30 -36.67 35.70
CA GLN F 3960 47.47 -36.76 36.56
C GLN F 3960 47.62 -38.16 37.14
N ASP F 3961 46.51 -38.76 37.57
CA ASP F 3961 46.55 -40.11 38.13
C ASP F 3961 46.73 -41.13 37.01
N SER F 3962 47.42 -42.23 37.33
CA SER F 3962 47.73 -43.25 36.33
C SER F 3962 46.81 -44.46 36.37
N SER F 3963 45.89 -44.53 37.33
CA SER F 3963 45.06 -45.72 37.48
C SER F 3963 43.77 -45.61 36.68
N GLN F 3964 43.38 -44.39 36.32
CA GLN F 3964 42.12 -44.16 35.63
C GLN F 3964 42.28 -43.85 34.13
N ILE F 3965 43.24 -44.50 33.48
CA ILE F 3965 43.42 -44.30 32.04
C ILE F 3965 42.18 -44.76 31.28
N GLU F 3966 41.65 -45.94 31.63
CA GLU F 3966 40.45 -46.44 30.97
C GLU F 3966 39.24 -45.54 31.24
N LEU F 3967 39.11 -45.01 32.46
CA LEU F 3967 38.02 -44.10 32.76
C LEU F 3967 38.13 -42.81 31.95
N LEU F 3968 39.35 -42.26 31.83
CA LEU F 3968 39.54 -41.08 31.00
C LEU F 3968 39.20 -41.36 29.54
N LYS F 3969 39.60 -42.52 29.03
CA LYS F 3969 39.25 -42.92 27.68
C LYS F 3969 37.74 -43.04 27.48
N GLU F 3970 37.02 -43.65 28.42
CA GLU F 3970 35.57 -43.73 28.32
C GLU F 3970 34.94 -42.34 28.35
N LEU F 3971 35.45 -41.46 29.21
CA LEU F 3971 34.92 -40.10 29.29
C LEU F 3971 35.11 -39.36 27.97
N MET F 3972 36.29 -39.48 27.37
CA MET F 3972 36.52 -38.77 26.11
C MET F 3972 35.74 -39.41 24.97
N ASP F 3973 35.46 -40.72 25.06
CA ASP F 3973 34.53 -41.34 24.12
C ASP F 3973 33.14 -40.72 24.23
N LEU F 3974 32.67 -40.51 25.46
CA LEU F 3974 31.39 -39.85 25.66
C LEU F 3974 31.42 -38.42 25.12
N GLN F 3975 32.54 -37.73 25.30
CA GLN F 3975 32.70 -36.39 24.74
C GLN F 3975 32.61 -36.43 23.22
N LYS F 3976 33.25 -37.41 22.60
CA LYS F 3976 33.17 -37.55 21.15
C LYS F 3976 31.73 -37.76 20.69
N ASP F 3977 30.98 -38.60 21.41
CA ASP F 3977 29.59 -38.82 21.05
C ASP F 3977 28.75 -37.55 21.21
N MET F 3978 29.03 -36.76 22.26
CA MET F 3978 28.33 -35.50 22.44
C MET F 3978 28.60 -34.55 21.28
N VAL F 3979 29.87 -34.44 20.86
CA VAL F 3979 30.19 -33.57 19.73
C VAL F 3979 29.56 -34.09 18.46
N VAL F 3980 29.47 -35.41 18.30
CA VAL F 3980 28.76 -35.98 17.15
C VAL F 3980 27.30 -35.56 17.16
N MET F 3981 26.64 -35.60 18.33
CA MET F 3981 25.23 -35.22 18.38
C MET F 3981 25.07 -33.74 18.06
N LEU F 3982 26.04 -32.92 18.50
CA LEU F 3982 26.00 -31.50 18.16
C LEU F 3982 26.16 -31.28 16.65
N LEU F 3983 27.06 -32.04 16.03
CA LEU F 3983 27.20 -31.95 14.57
C LEU F 3983 25.91 -32.37 13.88
N SER F 3984 25.21 -33.36 14.44
CA SER F 3984 23.92 -33.79 13.89
C SER F 3984 22.86 -32.70 14.05
N MET F 3985 22.79 -32.08 15.23
CA MET F 3985 22.11 -30.78 15.44
C MET F 3985 22.40 -29.78 14.34
N LEU F 3986 23.63 -29.72 13.84
CA LEU F 3986 24.01 -28.73 12.84
C LEU F 3986 23.89 -29.26 11.40
N GLU F 3987 22.89 -30.07 11.09
CA GLU F 3987 22.65 -30.51 9.72
C GLU F 3987 21.52 -29.68 9.12
N GLY F 3988 21.77 -29.16 7.93
CA GLY F 3988 20.83 -28.29 7.25
C GLY F 3988 20.85 -26.86 7.70
N ASN F 3989 21.78 -26.46 8.57
CA ASN F 3989 21.81 -25.10 9.07
C ASN F 3989 22.22 -24.12 7.98
N VAL F 3990 21.43 -23.07 7.82
CA VAL F 3990 21.75 -21.98 6.90
C VAL F 3990 22.70 -21.02 7.61
N VAL F 3991 23.30 -20.10 6.84
CA VAL F 3991 24.15 -19.09 7.44
C VAL F 3991 23.33 -18.22 8.38
N ASN F 3992 23.88 -17.98 9.57
CA ASN F 3992 23.19 -17.25 10.65
C ASN F 3992 21.88 -17.95 11.02
N GLY F 3993 21.99 -19.25 11.26
CA GLY F 3993 20.84 -20.05 11.64
C GLY F 3993 20.52 -19.97 13.12
N THR F 3994 19.26 -20.25 13.45
CA THR F 3994 18.82 -20.20 14.85
C THR F 3994 19.53 -21.26 15.68
N ILE F 3995 19.68 -22.47 15.14
CA ILE F 3995 20.36 -23.54 15.88
C ILE F 3995 21.82 -23.17 16.12
N GLY F 3996 22.48 -22.60 15.11
CA GLY F 3996 23.86 -22.16 15.30
C GLY F 3996 23.98 -21.07 16.33
N LYS F 3997 23.03 -20.12 16.31
CA LYS F 3997 23.04 -19.06 17.32
C LYS F 3997 22.87 -19.63 18.72
N GLN F 3998 21.94 -20.59 18.88
CA GLN F 3998 21.75 -21.21 20.18
C GLN F 3998 23.00 -21.97 20.62
N MET F 3999 23.68 -22.60 19.65
CA MET F 3999 24.92 -23.30 19.96
C MET F 3999 26.01 -22.36 20.44
N VAL F 4000 26.17 -21.22 19.76
CA VAL F 4000 27.19 -20.27 20.18
C VAL F 4000 26.84 -19.69 21.53
N ASP F 4001 25.55 -19.51 21.81
CA ASP F 4001 25.12 -19.10 23.13
C ASP F 4001 25.50 -20.13 24.18
N MET F 4002 25.30 -21.42 23.88
CA MET F 4002 25.68 -22.48 24.82
C MET F 4002 27.19 -22.48 25.06
N LEU F 4003 27.98 -22.29 24.01
CA LEU F 4003 29.42 -22.24 24.15
C LEU F 4003 29.84 -21.02 24.98
N VAL F 4004 29.18 -19.89 24.78
CA VAL F 4004 29.45 -18.70 25.59
C VAL F 4004 29.15 -18.96 27.05
N GLU F 4005 28.03 -19.64 27.32
CA GLU F 4005 27.69 -19.98 28.70
C GLU F 4005 28.74 -20.92 29.30
N SER F 4006 29.23 -21.86 28.51
CA SER F 4006 30.25 -22.81 28.95
C SER F 4006 31.65 -22.40 28.50
N SER F 4007 31.92 -21.09 28.45
CA SER F 4007 33.20 -20.60 27.93
C SER F 4007 34.40 -21.18 28.68
N ASN F 4008 34.36 -21.13 30.01
CA ASN F 4008 35.52 -21.58 30.80
C ASN F 4008 35.81 -23.05 30.57
N ASN F 4009 34.78 -23.90 30.58
CA ASN F 4009 34.97 -25.33 30.37
C ASN F 4009 35.52 -25.60 28.97
N VAL F 4010 35.00 -24.88 27.96
CA VAL F 4010 35.54 -25.01 26.60
C VAL F 4010 36.99 -24.59 26.56
N GLU F 4011 37.34 -23.49 27.24
CA GLU F 4011 38.74 -23.07 27.30
C GLU F 4011 39.63 -24.14 27.90
N MET F 4012 39.19 -24.74 29.01
CA MET F 4012 40.02 -25.72 29.71
C MET F 4012 40.18 -27.01 28.91
N ILE F 4013 39.10 -27.46 28.24
CA ILE F 4013 39.18 -28.61 27.35
C ILE F 4013 40.14 -28.31 26.20
N LEU F 4014 40.06 -27.10 25.63
CA LEU F 4014 40.95 -26.76 24.52
C LEU F 4014 42.41 -26.74 24.95
N LYS F 4015 42.69 -26.24 26.15
CA LYS F 4015 44.05 -26.28 26.68
C LYS F 4015 44.53 -27.73 26.88
N PHE F 4016 43.69 -28.58 27.45
CA PHE F 4016 44.01 -30.01 27.55
C PHE F 4016 44.42 -30.57 26.20
N PHE F 4017 43.58 -30.36 25.19
CA PHE F 4017 43.86 -30.89 23.86
C PHE F 4017 45.11 -30.30 23.25
N ASP F 4018 45.35 -28.99 23.44
CA ASP F 4018 46.47 -28.38 22.74
C ASP F 4018 47.79 -28.85 23.32
N MET F 4019 47.87 -29.00 24.66
CA MET F 4019 49.11 -29.52 25.23
C MET F 4019 49.32 -30.99 24.83
N PHE F 4020 48.27 -31.81 24.90
CA PHE F 4020 48.48 -33.21 24.55
C PHE F 4020 48.57 -33.44 23.04
N LEU F 4021 48.35 -32.42 22.22
CA LEU F 4021 48.66 -32.49 20.81
C LEU F 4021 50.06 -31.99 20.48
N LYS F 4022 50.53 -30.93 21.14
CA LYS F 4022 51.91 -30.49 20.97
C LYS F 4022 52.91 -31.47 21.57
N LEU F 4023 52.46 -32.37 22.44
CA LEU F 4023 53.35 -33.41 22.95
C LEU F 4023 54.02 -34.18 21.81
N LYS F 4024 53.30 -34.41 20.71
CA LYS F 4024 53.84 -35.22 19.62
C LYS F 4024 55.07 -34.57 18.99
N ASP F 4025 54.97 -33.32 18.54
CA ASP F 4025 56.13 -32.72 17.90
C ASP F 4025 57.17 -32.29 18.92
N LEU F 4026 56.77 -32.11 20.19
CA LEU F 4026 57.76 -31.96 21.25
C LEU F 4026 58.64 -33.20 21.35
N THR F 4027 58.02 -34.39 21.30
CA THR F 4027 58.80 -35.62 21.37
C THR F 4027 59.60 -35.85 20.10
N SER F 4028 59.04 -35.51 18.94
CA SER F 4028 59.68 -35.81 17.66
C SER F 4028 60.67 -34.74 17.23
N SER F 4029 60.80 -33.63 17.96
CA SER F 4029 61.76 -32.60 17.60
C SER F 4029 63.19 -33.09 17.85
N ASP F 4030 64.14 -32.44 17.18
CA ASP F 4030 65.54 -32.83 17.32
C ASP F 4030 66.13 -32.41 18.66
N THR F 4031 65.57 -31.36 19.29
CA THR F 4031 66.01 -31.00 20.63
C THR F 4031 65.76 -32.12 21.62
N PHE F 4032 64.58 -32.75 21.55
CA PHE F 4032 64.30 -33.91 22.38
C PHE F 4032 65.22 -35.07 22.04
N LYS F 4033 65.51 -35.27 20.74
CA LYS F 4033 66.36 -36.36 20.31
C LYS F 4033 67.84 -36.12 20.64
N GLU F 4034 68.22 -34.89 21.00
CA GLU F 4034 69.59 -34.67 21.46
C GLU F 4034 69.66 -34.64 22.98
N TYR F 4035 68.56 -34.30 23.64
CA TYR F 4035 68.47 -34.56 25.08
C TYR F 4035 68.43 -36.06 25.35
N ASP F 4036 67.98 -36.85 24.38
CA ASP F 4036 68.10 -38.30 24.42
C ASP F 4036 68.80 -38.78 23.16
N PRO F 4037 70.13 -38.63 23.07
CA PRO F 4037 70.83 -38.98 21.82
C PRO F 4037 70.63 -40.41 21.39
N ASP F 4038 70.57 -41.35 22.34
CA ASP F 4038 70.38 -42.74 22.00
C ASP F 4038 68.94 -43.01 21.59
N GLY F 4039 68.75 -44.07 20.81
CA GLY F 4039 67.42 -44.46 20.37
C GLY F 4039 66.74 -45.40 21.33
N LYS F 4040 67.24 -45.45 22.56
CA LYS F 4040 66.68 -46.36 23.57
C LYS F 4040 65.23 -46.03 23.87
N GLY F 4041 64.90 -44.74 23.96
CA GLY F 4041 63.54 -44.32 24.20
C GLY F 4041 63.20 -43.91 25.62
N VAL F 4042 64.20 -43.74 26.48
CA VAL F 4042 63.97 -43.30 27.85
C VAL F 4042 64.80 -42.03 28.08
N ILE F 4043 64.18 -41.04 28.70
CA ILE F 4043 64.81 -39.75 28.95
C ILE F 4043 64.63 -39.39 30.42
N SER F 4044 65.64 -38.74 30.99
CA SER F 4044 65.58 -38.34 32.39
C SER F 4044 64.48 -37.32 32.62
N LYS F 4045 64.03 -37.20 33.87
CA LYS F 4045 63.06 -36.17 34.20
C LYS F 4045 63.66 -34.78 34.02
N ARG F 4046 64.91 -34.59 34.46
CA ARG F 4046 65.56 -33.29 34.28
C ARG F 4046 65.78 -33.01 32.80
N ASP F 4047 66.19 -34.02 32.03
CA ASP F 4047 66.38 -33.84 30.59
C ASP F 4047 65.05 -33.52 29.91
N PHE F 4048 63.97 -34.14 30.35
CA PHE F 4048 62.64 -33.87 29.81
C PHE F 4048 62.21 -32.43 30.13
N HIS F 4049 62.44 -32.00 31.37
CA HIS F 4049 62.18 -30.62 31.75
C HIS F 4049 62.97 -29.64 30.88
N LYS F 4050 64.25 -29.92 30.66
CA LYS F 4050 65.10 -29.06 29.83
C LYS F 4050 64.68 -29.09 28.36
N ALA F 4051 64.18 -30.24 27.89
CA ALA F 4051 63.73 -30.36 26.51
C ALA F 4051 62.48 -29.53 26.27
N MET F 4052 61.54 -29.56 27.21
CA MET F 4052 60.33 -28.75 27.04
C MET F 4052 60.57 -27.27 27.26
N GLU F 4053 61.74 -26.88 27.78
CA GLU F 4053 62.13 -25.48 27.83
C GLU F 4053 62.95 -25.05 26.60
N SER F 4054 63.74 -25.96 26.04
CA SER F 4054 64.39 -25.68 24.77
C SER F 4054 63.37 -25.55 23.66
N HIS F 4055 62.38 -26.44 23.63
CA HIS F 4055 61.24 -26.28 22.73
C HIS F 4055 60.48 -25.00 23.05
N LYS F 4056 60.21 -24.76 24.33
CA LYS F 4056 59.64 -23.54 24.89
C LYS F 4056 58.23 -23.26 24.37
N HIS F 4057 57.66 -24.16 23.56
CA HIS F 4057 56.26 -24.03 23.17
C HIS F 4057 55.34 -24.23 24.37
N TYR F 4058 55.88 -24.77 25.46
CA TYR F 4058 55.11 -25.01 26.68
C TYR F 4058 55.49 -23.99 27.75
N THR F 4059 54.48 -23.44 28.41
CA THR F 4059 54.71 -22.57 29.56
C THR F 4059 55.14 -23.42 30.77
N GLN F 4060 55.38 -22.74 31.88
CA GLN F 4060 55.80 -23.46 33.09
C GLN F 4060 54.62 -24.24 33.69
N SER F 4061 53.41 -23.68 33.60
CA SER F 4061 52.23 -24.40 34.08
C SER F 4061 52.01 -25.68 33.27
N GLU F 4062 52.10 -25.57 31.94
CA GLU F 4062 52.01 -26.75 31.09
C GLU F 4062 53.14 -27.72 31.39
N THR F 4063 54.33 -27.19 31.66
CA THR F 4063 55.48 -28.02 32.02
C THR F 4063 55.18 -28.87 33.25
N GLU F 4064 54.74 -28.22 34.33
CA GLU F 4064 54.49 -28.94 35.57
C GLU F 4064 53.31 -29.88 35.44
N PHE F 4065 52.28 -29.50 34.67
CA PHE F 4065 51.15 -30.40 34.47
C PHE F 4065 51.56 -31.65 33.69
N LEU F 4066 52.37 -31.49 32.65
CA LEU F 4066 52.86 -32.66 31.93
C LEU F 4066 53.74 -33.53 32.80
N LEU F 4067 54.58 -32.91 33.64
CA LEU F 4067 55.41 -33.69 34.56
C LEU F 4067 54.54 -34.49 35.53
N SER F 4068 53.50 -33.87 36.07
CA SER F 4068 52.59 -34.56 36.99
C SER F 4068 51.86 -35.70 36.29
N CYS F 4069 51.40 -35.48 35.07
CA CYS F 4069 50.70 -36.50 34.31
C CYS F 4069 51.61 -37.61 33.81
N ALA F 4070 52.92 -37.37 33.76
CA ALA F 4070 53.87 -38.38 33.33
C ALA F 4070 54.22 -39.29 34.50
N GLU F 4071 54.21 -40.59 34.25
CA GLU F 4071 54.51 -41.56 35.31
C GLU F 4071 55.98 -41.50 35.68
N THR F 4072 56.26 -41.43 36.98
CA THR F 4072 57.64 -41.41 37.44
C THR F 4072 58.19 -42.83 37.59
N ASP F 4073 59.49 -42.97 37.36
CA ASP F 4073 60.17 -44.25 37.45
C ASP F 4073 61.33 -44.16 38.43
N GLU F 4074 61.71 -45.32 38.98
CA GLU F 4074 62.83 -45.36 39.91
C GLU F 4074 64.14 -45.04 39.20
N ASN F 4075 64.24 -45.37 37.91
CA ASN F 4075 65.41 -45.02 37.12
C ASN F 4075 65.40 -43.57 36.68
N GLU F 4076 64.33 -42.83 36.97
CA GLU F 4076 64.14 -41.45 36.55
C GLU F 4076 64.14 -41.28 35.04
N THR F 4077 63.89 -42.36 34.30
CA THR F 4077 63.81 -42.34 32.85
C THR F 4077 62.51 -43.00 32.43
N LEU F 4078 61.54 -42.19 31.99
CA LEU F 4078 60.24 -42.70 31.57
C LEU F 4078 60.25 -43.00 30.08
N ASP F 4079 59.38 -43.93 29.67
CA ASP F 4079 59.22 -44.26 28.27
C ASP F 4079 58.34 -43.20 27.62
N TYR F 4080 58.98 -42.20 26.99
CA TYR F 4080 58.22 -41.14 26.35
C TYR F 4080 57.43 -41.65 25.16
N GLU F 4081 57.87 -42.75 24.54
CA GLU F 4081 57.02 -43.42 23.56
C GLU F 4081 55.71 -43.88 24.21
N GLU F 4082 55.78 -44.47 25.40
CA GLU F 4082 54.57 -44.87 26.10
C GLU F 4082 53.72 -43.65 26.45
N PHE F 4083 54.37 -42.58 26.90
CA PHE F 4083 53.66 -41.34 27.20
C PHE F 4083 52.86 -40.86 25.99
N VAL F 4084 53.52 -40.76 24.83
CA VAL F 4084 52.84 -40.22 23.65
C VAL F 4084 51.78 -41.17 23.13
N LYS F 4085 52.06 -42.48 23.11
CA LYS F 4085 51.08 -43.40 22.54
C LYS F 4085 49.96 -43.68 23.53
N ARG F 4086 50.08 -43.18 24.76
CA ARG F 4086 48.94 -43.20 25.67
C ARG F 4086 48.09 -41.94 25.54
N PHE F 4087 48.73 -40.78 25.41
CA PHE F 4087 47.98 -39.53 25.45
C PHE F 4087 47.61 -38.95 24.09
N HIS F 4088 48.57 -38.85 23.15
CA HIS F 4088 48.34 -38.08 21.93
C HIS F 4088 47.28 -38.70 21.02
N GLU F 4089 47.31 -40.01 20.80
CA GLU F 4089 46.37 -40.65 19.88
C GLU F 4089 44.92 -40.46 20.30
N PRO F 4090 44.57 -40.64 21.58
CA PRO F 4090 43.21 -40.24 22.00
C PRO F 4090 42.91 -38.77 21.75
N ALA F 4091 43.89 -37.89 22.00
CA ALA F 4091 43.69 -36.48 21.68
C ALA F 4091 43.44 -36.28 20.20
N LYS F 4092 44.25 -36.93 19.35
CA LYS F 4092 44.05 -36.83 17.91
C LYS F 4092 42.67 -37.32 17.50
N ASP F 4093 42.19 -38.41 18.10
CA ASP F 4093 40.93 -39.00 17.71
C ASP F 4093 39.73 -38.13 18.12
N ILE F 4094 39.71 -37.67 19.37
CA ILE F 4094 38.51 -36.97 19.86
C ILE F 4094 38.54 -35.48 19.49
N GLY F 4095 39.72 -34.84 19.51
CA GLY F 4095 39.75 -33.41 19.23
C GLY F 4095 39.36 -33.06 17.80
N PHE F 4096 39.37 -34.06 16.91
CA PHE F 4096 38.97 -33.83 15.53
C PHE F 4096 37.53 -33.35 15.44
N ASN F 4097 36.64 -33.98 16.21
CA ASN F 4097 35.23 -33.58 16.19
C ASN F 4097 35.05 -32.17 16.72
N VAL F 4098 35.80 -31.80 17.76
CA VAL F 4098 35.72 -30.45 18.29
C VAL F 4098 36.20 -29.44 17.25
N ALA F 4099 37.31 -29.76 16.56
CA ALA F 4099 37.82 -28.86 15.53
C ALA F 4099 36.82 -28.72 14.39
N VAL F 4100 36.20 -29.82 13.98
CA VAL F 4100 35.19 -29.78 12.92
C VAL F 4100 33.98 -28.96 13.33
N LEU F 4101 33.50 -29.14 14.56
CA LEU F 4101 32.37 -28.35 15.05
C LEU F 4101 32.70 -26.86 15.09
N LEU F 4102 33.89 -26.51 15.58
CA LEU F 4102 34.31 -25.11 15.61
C LEU F 4102 34.45 -24.51 14.21
N THR F 4103 35.03 -25.24 13.26
CA THR F 4103 35.13 -24.76 11.89
C THR F 4103 33.76 -24.60 11.24
N ASN F 4104 32.86 -25.56 11.47
CA ASN F 4104 31.52 -25.46 10.92
C ASN F 4104 30.78 -24.25 11.47
N LEU F 4105 30.89 -24.03 12.79
CA LEU F 4105 30.27 -22.86 13.38
C LEU F 4105 30.87 -21.57 12.85
N SER F 4106 32.20 -21.52 12.70
CA SER F 4106 32.84 -20.31 12.20
C SER F 4106 32.39 -20.00 10.78
N GLU F 4107 32.27 -21.03 9.94
CA GLU F 4107 31.87 -20.80 8.55
C GLU F 4107 30.39 -20.42 8.46
N HIS F 4108 29.54 -21.08 9.25
CA HIS F 4108 28.11 -20.83 9.13
C HIS F 4108 27.70 -19.54 9.84
N MET F 4109 28.54 -19.04 10.75
CA MET F 4109 28.29 -17.78 11.43
C MET F 4109 29.53 -16.91 11.32
N PRO F 4110 29.70 -16.16 10.23
CA PRO F 4110 30.99 -15.51 9.98
C PRO F 4110 31.07 -14.09 10.55
N ASN F 4111 30.08 -13.69 11.32
CA ASN F 4111 30.06 -12.32 11.82
C ASN F 4111 30.00 -12.24 13.34
N ASP F 4112 29.47 -13.25 14.01
CA ASP F 4112 29.34 -13.24 15.47
C ASP F 4112 30.70 -13.16 16.13
N THR F 4113 30.94 -12.07 16.85
CA THR F 4113 32.26 -11.81 17.42
C THR F 4113 32.58 -12.75 18.58
N ARG F 4114 31.57 -13.29 19.24
CA ARG F 4114 31.81 -14.11 20.43
C ARG F 4114 32.51 -15.43 20.06
N LEU F 4115 32.27 -15.94 18.85
CA LEU F 4115 32.92 -17.17 18.44
C LEU F 4115 34.40 -16.95 18.11
N GLN F 4116 34.77 -15.70 17.79
CA GLN F 4116 36.18 -15.38 17.61
C GLN F 4116 36.97 -15.76 18.85
N THR F 4117 36.54 -15.31 20.02
CA THR F 4117 37.25 -15.63 21.26
C THR F 4117 37.68 -17.10 21.29
N PHE F 4118 36.74 -18.00 20.99
CA PHE F 4118 37.08 -19.42 20.92
C PHE F 4118 38.07 -19.72 19.80
N LEU F 4119 37.92 -19.07 18.64
CA LEU F 4119 38.81 -19.37 17.52
C LEU F 4119 40.25 -18.96 17.79
N GLU F 4120 40.46 -17.71 18.22
CA GLU F 4120 41.80 -17.26 18.58
C GLU F 4120 42.26 -17.82 19.91
N LEU F 4121 41.40 -18.55 20.63
CA LEU F 4121 41.91 -19.35 21.73
C LEU F 4121 42.34 -20.73 21.26
N ALA F 4122 41.77 -21.21 20.15
CA ALA F 4122 42.05 -22.54 19.64
C ALA F 4122 42.64 -22.55 18.23
N GLU F 4123 43.54 -21.61 17.91
CA GLU F 4123 44.35 -21.78 16.70
C GLU F 4123 45.02 -23.15 16.68
N SER F 4124 45.67 -23.53 17.79
CA SER F 4124 46.60 -24.65 17.78
C SER F 4124 45.93 -25.95 17.41
N VAL F 4125 44.75 -26.22 18.00
CA VAL F 4125 44.02 -27.43 17.64
C VAL F 4125 43.59 -27.39 16.18
N LEU F 4126 43.08 -26.25 15.74
CA LEU F 4126 42.69 -26.10 14.33
C LEU F 4126 43.89 -26.19 13.41
N ASN F 4127 45.02 -25.60 13.78
CA ASN F 4127 46.24 -25.70 12.98
C ASN F 4127 46.75 -27.13 12.89
N TYR F 4128 46.65 -27.91 13.97
CA TYR F 4128 47.07 -29.30 13.91
C TYR F 4128 46.13 -30.12 13.04
N PHE F 4129 44.82 -29.89 13.17
CA PHE F 4129 43.85 -30.70 12.42
C PHE F 4129 43.59 -30.18 11.02
N GLN F 4130 44.21 -29.08 10.61
CA GLN F 4130 43.99 -28.53 9.28
C GLN F 4130 44.34 -29.49 8.15
N PRO F 4131 45.50 -30.17 8.14
CA PRO F 4131 45.76 -31.13 7.05
C PRO F 4131 44.74 -32.26 6.99
N PHE F 4132 44.24 -32.71 8.13
CA PHE F 4132 43.38 -33.89 8.15
C PHE F 4132 41.95 -33.55 7.76
N LEU F 4133 41.50 -32.34 8.07
CA LEU F 4133 40.13 -31.96 7.78
C LEU F 4133 39.90 -31.85 6.28
N GLY F 4134 38.81 -32.45 5.81
CA GLY F 4134 38.44 -32.38 4.41
C GLY F 4134 37.16 -31.62 4.18
N ARG F 4135 37.15 -30.73 3.21
CA ARG F 4135 36.04 -29.82 2.98
C ARG F 4135 35.56 -29.93 1.54
N ILE F 4136 34.25 -30.14 1.37
CA ILE F 4136 33.61 -30.23 0.06
C ILE F 4136 32.28 -29.48 0.12
N GLU F 4137 31.65 -29.34 -1.04
CA GLU F 4137 30.32 -28.75 -1.17
C GLU F 4137 29.48 -29.65 -2.05
N ILE F 4138 28.22 -29.85 -1.67
CA ILE F 4138 27.33 -30.77 -2.37
C ILE F 4138 25.95 -30.14 -2.55
N MET F 4139 25.17 -30.73 -3.46
CA MET F 4139 23.77 -30.39 -3.65
C MET F 4139 22.97 -31.07 -2.54
N GLY F 4140 22.58 -30.30 -1.54
CA GLY F 4140 21.85 -30.85 -0.42
C GLY F 4140 20.44 -31.27 -0.81
N SER F 4141 19.83 -32.08 0.07
CA SER F 4141 18.46 -32.51 -0.12
C SER F 4141 17.48 -31.34 -0.11
N ALA F 4142 17.84 -30.23 0.53
CA ALA F 4142 17.05 -29.01 0.50
C ALA F 4142 17.43 -28.09 -0.65
N LYS F 4143 18.16 -28.61 -1.64
CA LYS F 4143 18.56 -27.85 -2.82
C LYS F 4143 19.39 -26.62 -2.45
N ARG F 4144 20.35 -26.81 -1.56
CA ARG F 4144 21.29 -25.76 -1.18
C ARG F 4144 22.70 -26.35 -1.08
N ILE F 4145 23.69 -25.47 -1.12
CA ILE F 4145 25.08 -25.86 -0.93
C ILE F 4145 25.29 -26.15 0.55
N GLU F 4146 25.88 -27.31 0.83
CA GLU F 4146 26.21 -27.71 2.19
C GLU F 4146 27.68 -28.13 2.24
N ARG F 4147 28.44 -27.52 3.15
CA ARG F 4147 29.84 -27.87 3.34
C ARG F 4147 29.92 -29.09 4.26
N VAL F 4148 30.63 -30.11 3.80
CA VAL F 4148 30.76 -31.38 4.52
C VAL F 4148 32.20 -31.53 4.99
N TYR F 4149 32.37 -31.91 6.25
CA TYR F 4149 33.68 -32.08 6.85
C TYR F 4149 33.89 -33.53 7.22
N PHE F 4150 35.05 -34.08 6.88
CA PHE F 4150 35.39 -35.47 7.13
C PHE F 4150 36.86 -35.57 7.47
N GLU F 4151 37.32 -36.79 7.73
CA GLU F 4151 38.67 -37.06 8.16
C GLU F 4151 39.49 -37.65 7.01
N ILE F 4152 40.64 -37.05 6.73
CA ILE F 4152 41.56 -37.53 5.71
C ILE F 4152 42.77 -38.10 6.43
N SER F 4153 43.05 -39.38 6.22
CA SER F 4153 44.17 -40.02 6.90
C SER F 4153 45.48 -39.66 6.22
N GLU F 4154 46.53 -39.49 7.03
CA GLU F 4154 47.83 -39.10 6.52
C GLU F 4154 48.40 -40.16 5.59
N SER F 4155 48.19 -41.44 5.90
CA SER F 4155 48.63 -42.50 5.01
C SER F 4155 47.97 -42.39 3.64
N SER F 4156 46.65 -42.11 3.63
CA SER F 4156 45.96 -41.92 2.37
C SER F 4156 46.50 -40.72 1.61
N ARG F 4157 46.83 -39.63 2.32
CA ARG F 4157 47.39 -38.47 1.64
C ARG F 4157 48.76 -38.79 1.03
N THR F 4158 49.59 -39.56 1.73
CA THR F 4158 50.86 -39.99 1.14
C THR F 4158 50.64 -40.88 -0.08
N GLN F 4159 49.66 -41.79 -0.01
CA GLN F 4159 49.34 -42.60 -1.18
C GLN F 4159 48.92 -41.72 -2.35
N TRP F 4160 48.17 -40.65 -2.07
CA TRP F 4160 47.81 -39.70 -3.10
C TRP F 4160 49.03 -39.00 -3.68
N GLU F 4161 49.99 -38.65 -2.82
CA GLU F 4161 51.19 -37.94 -3.26
C GLU F 4161 52.23 -38.85 -3.91
N LYS F 4162 52.02 -40.16 -3.90
CA LYS F 4162 52.96 -41.06 -4.59
C LYS F 4162 52.95 -40.78 -6.09
N PRO F 4163 54.08 -41.02 -6.77
CA PRO F 4163 54.23 -40.48 -8.14
C PRO F 4163 53.29 -41.08 -9.17
N GLN F 4164 53.04 -42.38 -9.13
CA GLN F 4164 52.19 -42.99 -10.15
C GLN F 4164 50.77 -42.46 -10.09
N VAL F 4165 50.25 -42.21 -8.89
CA VAL F 4165 48.94 -41.59 -8.74
C VAL F 4165 48.95 -40.19 -9.34
N LYS F 4166 50.04 -39.45 -9.15
CA LYS F 4166 50.16 -38.11 -9.73
C LYS F 4166 50.12 -38.19 -11.26
N GLU F 4167 50.85 -39.13 -11.85
CA GLU F 4167 50.86 -39.28 -13.30
C GLU F 4167 49.48 -39.65 -13.82
N SER F 4168 48.80 -40.57 -13.14
CA SER F 4168 47.44 -40.95 -13.53
C SER F 4168 46.50 -39.75 -13.46
N LYS F 4169 46.64 -38.94 -12.40
CA LYS F 4169 45.82 -37.74 -12.27
C LYS F 4169 46.07 -36.77 -13.41
N ARG F 4170 47.34 -36.56 -13.77
CA ARG F 4170 47.66 -35.68 -14.88
C ARG F 4170 47.04 -36.17 -16.18
N GLN F 4171 47.17 -37.47 -16.44
CA GLN F 4171 46.63 -38.03 -17.68
C GLN F 4171 45.11 -37.89 -17.73
N PHE F 4172 44.43 -38.24 -16.63
CA PHE F 4172 42.98 -38.11 -16.58
C PHE F 4172 42.52 -36.67 -16.72
N ILE F 4173 43.19 -35.73 -16.06
CA ILE F 4173 42.86 -34.32 -16.17
C ILE F 4173 43.01 -33.84 -17.60
N PHE F 4174 44.09 -34.21 -18.29
CA PHE F 4174 44.22 -33.84 -19.69
C PHE F 4174 43.10 -34.45 -20.53
N ASP F 4175 42.78 -35.73 -20.32
CA ASP F 4175 41.79 -36.41 -21.15
C ASP F 4175 40.41 -35.78 -21.02
N VAL F 4176 39.96 -35.54 -19.78
CA VAL F 4176 38.58 -35.06 -19.60
C VAL F 4176 38.43 -33.64 -20.13
N VAL F 4177 39.47 -32.81 -19.95
CA VAL F 4177 39.40 -31.44 -20.43
C VAL F 4177 39.45 -31.39 -21.95
N ASN F 4178 40.29 -32.23 -22.56
CA ASN F 4178 40.41 -32.20 -24.02
C ASN F 4178 39.15 -32.77 -24.68
N GLU F 4179 38.66 -33.91 -24.20
CA GLU F 4179 37.37 -34.44 -24.63
C GLU F 4179 36.51 -34.66 -23.39
N GLY F 4180 35.33 -34.06 -23.36
CA GLY F 4180 34.44 -34.22 -22.22
C GLY F 4180 33.06 -33.61 -22.41
N GLY F 4181 32.03 -34.37 -22.03
CA GLY F 4181 30.66 -33.86 -22.05
C GLY F 4181 30.23 -33.47 -20.65
N GLU F 4182 29.30 -32.52 -20.58
CA GLU F 4182 28.87 -32.00 -19.28
C GLU F 4182 28.27 -33.10 -18.41
N LYS F 4183 27.49 -34.00 -19.01
CA LYS F 4183 27.02 -35.17 -18.28
C LYS F 4183 28.14 -36.19 -18.10
N GLU F 4184 28.95 -36.39 -19.14
CA GLU F 4184 29.98 -37.42 -19.09
C GLU F 4184 31.17 -36.99 -18.25
N LYS F 4185 31.34 -35.68 -18.02
CA LYS F 4185 32.45 -35.21 -17.21
C LYS F 4185 32.39 -35.79 -15.80
N MET F 4186 31.22 -35.70 -15.18
CA MET F 4186 31.10 -36.07 -13.77
C MET F 4186 31.15 -37.58 -13.58
N GLU F 4187 30.80 -38.34 -14.62
CA GLU F 4187 30.95 -39.79 -14.67
C GLU F 4187 32.39 -40.23 -14.87
N LEU F 4188 33.11 -39.61 -15.80
CA LEU F 4188 34.53 -39.92 -15.96
C LEU F 4188 35.29 -39.58 -14.70
N PHE F 4189 34.90 -38.49 -14.01
CA PHE F 4189 35.58 -38.14 -12.77
C PHE F 4189 35.41 -39.21 -11.71
N VAL F 4190 34.19 -39.73 -11.55
CA VAL F 4190 33.98 -40.76 -10.53
C VAL F 4190 34.62 -42.09 -10.93
N ASN F 4191 34.64 -42.43 -12.22
CA ASN F 4191 35.37 -43.62 -12.65
C ASN F 4191 36.86 -43.49 -12.33
N PHE F 4192 37.43 -42.31 -12.60
CA PHE F 4192 38.82 -42.07 -12.25
C PHE F 4192 39.02 -42.12 -10.74
N CYS F 4193 38.02 -41.67 -9.98
CA CYS F 4193 38.11 -41.73 -8.53
C CYS F 4193 38.20 -43.18 -8.04
N GLU F 4194 37.35 -44.05 -8.58
CA GLU F 4194 37.41 -45.46 -8.19
C GLU F 4194 38.74 -46.09 -8.60
N ASP F 4195 39.20 -45.80 -9.81
CA ASP F 4195 40.50 -46.34 -10.25
C ASP F 4195 41.63 -45.85 -9.35
N THR F 4196 41.59 -44.57 -8.97
CA THR F 4196 42.63 -44.02 -8.11
C THR F 4196 42.57 -44.60 -6.70
N ILE F 4197 41.37 -44.88 -6.20
CA ILE F 4197 41.24 -45.55 -4.91
C ILE F 4197 41.88 -46.92 -4.96
N PHE F 4198 41.61 -47.68 -6.02
CA PHE F 4198 42.26 -48.98 -6.18
C PHE F 4198 43.78 -48.84 -6.30
N GLU F 4199 44.23 -47.83 -7.04
CA GLU F 4199 45.66 -47.60 -7.23
C GLU F 4199 46.34 -47.27 -5.90
N MET F 4200 45.72 -46.44 -5.06
CA MET F 4200 46.32 -46.12 -3.77
C MET F 4200 46.30 -47.32 -2.84
N GLN F 4201 45.24 -48.14 -2.88
CA GLN F 4201 45.23 -49.38 -2.12
C GLN F 4201 46.38 -50.30 -2.54
N LEU F 4202 46.63 -50.42 -3.85
CA LEU F 4202 47.75 -51.22 -4.33
C LEU F 4202 49.10 -50.61 -3.94
N ALA F 4203 49.20 -49.28 -3.93
CA ALA F 4203 50.45 -48.64 -3.57
C ALA F 4203 50.85 -48.91 -2.13
N ALA F 4204 49.90 -48.88 -1.20
CA ALA F 4204 50.21 -49.19 0.19
C ALA F 4204 50.70 -50.64 0.32
N GLN F 4205 50.11 -51.54 -0.47
CA GLN F 4205 50.53 -52.94 -0.44
C GLN F 4205 51.96 -53.10 -0.98
N ILE F 4206 52.26 -52.46 -2.11
CA ILE F 4206 53.57 -52.65 -2.72
C ILE F 4206 54.66 -51.98 -1.89
N SER F 4207 54.36 -50.82 -1.30
CA SER F 4207 55.35 -50.10 -0.50
C SER F 4207 55.17 -50.43 0.97
N GLU F 4208 55.56 -51.64 1.33
CA GLU F 4208 55.48 -52.08 2.71
C GLU F 4208 56.53 -51.37 3.57
N SER F 4209 56.25 -51.29 4.86
CA SER F 4209 57.17 -50.64 5.79
C SER F 4209 58.10 -51.67 6.43
N SER F 4237 74.62 -28.68 -9.39
CA SER F 4237 74.05 -27.37 -9.08
C SER F 4237 74.70 -26.77 -7.84
N ILE F 4238 74.73 -27.54 -6.75
CA ILE F 4238 75.33 -27.05 -5.52
C ILE F 4238 76.83 -26.83 -5.68
N LEU F 4239 77.51 -27.72 -6.42
CA LEU F 4239 78.94 -27.53 -6.67
C LEU F 4239 79.19 -26.27 -7.49
N THR F 4240 78.38 -26.04 -8.52
CA THR F 4240 78.51 -24.82 -9.32
C THR F 4240 78.23 -23.57 -8.49
N VAL F 4241 77.26 -23.63 -7.58
CA VAL F 4241 77.01 -22.53 -6.66
C VAL F 4241 78.20 -22.27 -5.75
N ARG F 4242 78.76 -23.33 -5.17
CA ARG F 4242 79.83 -23.18 -4.18
C ARG F 4242 81.12 -22.68 -4.84
N SER F 4243 81.39 -23.13 -6.06
CA SER F 4243 82.58 -22.65 -6.77
C SER F 4243 82.47 -21.17 -7.08
N ALA F 4244 81.29 -20.73 -7.53
CA ALA F 4244 81.08 -19.31 -7.80
C ALA F 4244 81.19 -18.49 -6.51
N LEU F 4245 80.65 -19.02 -5.41
CA LEU F 4245 80.79 -18.32 -4.13
C LEU F 4245 82.24 -18.20 -3.69
N PHE F 4246 83.04 -19.27 -3.87
CA PHE F 4246 84.44 -19.22 -3.49
C PHE F 4246 85.19 -18.20 -4.35
N ALA F 4247 84.91 -18.17 -5.65
CA ALA F 4247 85.54 -17.18 -6.52
C ALA F 4247 85.15 -15.77 -6.10
N LEU F 4248 83.87 -15.54 -5.83
CA LEU F 4248 83.43 -14.23 -5.38
C LEU F 4248 84.08 -13.84 -4.07
N ARG F 4249 84.22 -14.78 -3.14
CA ARG F 4249 84.87 -14.49 -1.88
C ARG F 4249 86.33 -14.10 -2.09
N TYR F 4250 87.16 -15.05 -2.52
CA TYR F 4250 88.59 -14.77 -2.63
C TYR F 4250 88.97 -14.38 -4.06
N ASN F 4251 88.22 -13.46 -4.66
CA ASN F 4251 88.79 -12.64 -5.72
C ASN F 4251 88.60 -11.18 -5.38
N ILE F 4252 87.43 -10.84 -4.83
CA ILE F 4252 87.25 -9.55 -4.20
C ILE F 4252 88.06 -9.44 -2.91
N LEU F 4253 88.36 -10.56 -2.25
CA LEU F 4253 89.37 -10.52 -1.19
C LEU F 4253 90.74 -10.15 -1.76
N THR F 4254 91.01 -10.54 -3.00
CA THR F 4254 92.26 -10.11 -3.65
C THR F 4254 92.26 -8.61 -3.89
N LEU F 4255 91.11 -8.07 -4.32
CA LEU F 4255 90.98 -6.62 -4.48
C LEU F 4255 91.21 -5.91 -3.15
N MET F 4256 90.63 -6.45 -2.08
CA MET F 4256 90.88 -5.90 -0.75
C MET F 4256 92.33 -6.01 -0.31
N ARG F 4257 93.00 -7.12 -0.64
CA ARG F 4257 94.41 -7.26 -0.29
C ARG F 4257 95.27 -6.23 -1.01
N MET F 4258 95.03 -6.03 -2.31
CA MET F 4258 95.85 -5.07 -3.05
C MET F 4258 95.44 -3.62 -2.80
N LEU F 4259 94.26 -3.38 -2.21
CA LEU F 4259 93.93 -2.05 -1.70
C LEU F 4259 94.31 -1.87 -0.24
N SER F 4260 94.72 -2.94 0.45
CA SER F 4260 95.09 -2.84 1.85
C SER F 4260 96.48 -2.26 2.04
N LEU F 4261 97.20 -2.00 0.94
CA LEU F 4261 98.52 -1.39 1.05
C LEU F 4261 98.44 -0.02 1.72
N LYS F 4262 97.29 0.65 1.62
CA LYS F 4262 97.05 1.93 2.28
C LYS F 4262 98.07 2.98 1.85
N SER F 4263 98.08 3.25 0.54
CA SER F 4263 98.99 4.23 -0.04
C SER F 4263 98.35 5.60 -0.20
N LEU F 4264 97.25 5.87 0.51
CA LEU F 4264 96.58 7.16 0.37
C LEU F 4264 97.46 8.29 0.91
N LYS F 4265 98.18 8.05 2.00
CA LYS F 4265 99.09 9.08 2.51
C LYS F 4265 100.23 9.35 1.54
N LYS F 4266 100.76 8.29 0.90
CA LYS F 4266 101.80 8.50 -0.10
C LYS F 4266 101.25 9.25 -1.31
N GLN F 4267 100.03 8.94 -1.73
CA GLN F 4267 99.40 9.68 -2.81
C GLN F 4267 99.16 11.13 -2.45
N MET F 4268 98.88 11.44 -1.17
CA MET F 4268 98.75 12.83 -0.76
C MET F 4268 100.10 13.52 -0.65
N LYS F 4269 101.18 12.78 -0.35
CA LYS F 4269 102.52 13.34 -0.49
C LYS F 4269 102.80 13.68 -1.95
N LYS F 4270 102.42 12.80 -2.86
CA LYS F 4270 102.58 13.06 -4.29
C LYS F 4270 101.81 14.29 -4.72
N VAL F 4271 100.52 14.36 -4.36
CA VAL F 4271 99.71 15.53 -4.67
C VAL F 4271 99.75 16.44 -3.43
N LYS F 4272 100.79 17.28 -3.35
CA LYS F 4272 100.92 18.18 -2.21
C LYS F 4272 100.20 19.50 -2.48
N LYS F 4273 100.13 19.90 -3.75
CA LYS F 4273 99.19 20.90 -4.23
C LYS F 4273 98.33 20.20 -5.26
N MET F 4274 97.20 20.80 -5.61
CA MET F 4274 96.25 20.10 -6.47
C MET F 4274 96.88 19.74 -7.81
N THR F 4275 96.64 18.51 -8.26
CA THR F 4275 96.99 18.08 -9.60
C THR F 4275 95.81 17.30 -10.17
N VAL F 4276 95.15 17.88 -11.17
CA VAL F 4276 93.96 17.24 -11.72
C VAL F 4276 94.32 15.90 -12.34
N LYS F 4277 95.47 15.83 -13.03
CA LYS F 4277 95.84 14.61 -13.73
C LYS F 4277 96.23 13.49 -12.77
N ASP F 4278 97.19 13.76 -11.87
CA ASP F 4278 97.55 12.78 -10.85
C ASP F 4278 96.33 12.39 -10.03
N MET F 4279 95.37 13.30 -9.96
CA MET F 4279 94.24 13.18 -9.06
C MET F 4279 93.19 12.25 -9.66
N VAL F 4280 92.95 12.39 -10.97
CA VAL F 4280 91.98 11.54 -11.65
C VAL F 4280 92.58 10.16 -11.95
N THR F 4281 93.89 10.07 -12.21
CA THR F 4281 94.48 8.79 -12.55
C THR F 4281 94.32 7.78 -11.42
N ALA F 4282 94.23 8.25 -10.18
CA ALA F 4282 94.06 7.35 -9.04
C ALA F 4282 92.77 6.55 -9.17
N PHE F 4283 91.62 7.23 -9.25
CA PHE F 4283 90.37 6.48 -9.32
C PHE F 4283 90.21 5.82 -10.68
N PHE F 4284 90.85 6.36 -11.73
CA PHE F 4284 90.83 5.68 -13.02
C PHE F 4284 91.47 4.30 -12.90
N SER F 4285 92.64 4.24 -12.26
CA SER F 4285 93.30 2.96 -12.03
C SER F 4285 92.47 2.08 -11.10
N SER F 4286 91.80 2.69 -10.12
CA SER F 4286 90.96 1.91 -9.21
C SER F 4286 89.82 1.22 -9.96
N TYR F 4287 89.12 1.96 -10.82
CA TYR F 4287 88.03 1.36 -11.59
C TYR F 4287 88.54 0.35 -12.60
N TRP F 4288 89.70 0.63 -13.21
CA TRP F 4288 90.31 -0.33 -14.12
C TRP F 4288 90.63 -1.64 -13.41
N SER F 4289 91.16 -1.53 -12.18
CA SER F 4289 91.41 -2.70 -11.37
C SER F 4289 90.13 -3.42 -10.96
N ILE F 4290 89.05 -2.68 -10.71
CA ILE F 4290 87.76 -3.33 -10.42
C ILE F 4290 87.33 -4.18 -11.60
N PHE F 4291 87.45 -3.63 -12.81
CA PHE F 4291 87.11 -4.40 -14.00
C PHE F 4291 88.03 -5.61 -14.20
N MET F 4292 89.32 -5.43 -13.92
CA MET F 4292 90.25 -6.56 -14.07
C MET F 4292 89.95 -7.65 -13.05
N THR F 4293 89.50 -7.26 -11.84
CA THR F 4293 89.03 -8.25 -10.88
C THR F 4293 87.78 -8.95 -11.37
N LEU F 4294 86.87 -8.23 -12.05
CA LEU F 4294 85.73 -8.89 -12.66
C LEU F 4294 86.19 -9.93 -13.68
N LEU F 4295 87.18 -9.58 -14.51
CA LEU F 4295 87.71 -10.54 -15.47
C LEU F 4295 88.31 -11.75 -14.79
N HIS F 4296 89.07 -11.52 -13.71
CA HIS F 4296 89.64 -12.65 -12.97
C HIS F 4296 88.53 -13.52 -12.40
N PHE F 4297 87.41 -12.91 -12.00
CA PHE F 4297 86.28 -13.68 -11.49
C PHE F 4297 85.65 -14.52 -12.59
N VAL F 4298 85.49 -13.94 -13.78
CA VAL F 4298 84.92 -14.70 -14.90
C VAL F 4298 85.83 -15.87 -15.26
N ALA F 4299 87.14 -15.64 -15.27
CA ALA F 4299 88.08 -16.72 -15.55
C ALA F 4299 88.02 -17.79 -14.46
N SER F 4300 87.90 -17.36 -13.20
CA SER F 4300 87.79 -18.32 -12.11
C SER F 4300 86.52 -19.15 -12.20
N VAL F 4301 85.40 -18.53 -12.59
CA VAL F 4301 84.16 -19.28 -12.78
C VAL F 4301 84.29 -20.27 -13.92
N PHE F 4302 84.93 -19.87 -15.02
CA PHE F 4302 85.16 -20.81 -16.12
C PHE F 4302 86.03 -21.97 -15.67
N ARG F 4303 87.10 -21.68 -14.92
CA ARG F 4303 87.97 -22.74 -14.41
C ARG F 4303 87.22 -23.67 -13.46
N GLY F 4304 86.38 -23.12 -12.59
CA GLY F 4304 85.61 -23.96 -11.69
C GLY F 4304 84.60 -24.83 -12.41
N PHE F 4305 83.94 -24.28 -13.43
CA PHE F 4305 83.00 -25.07 -14.22
C PHE F 4305 83.72 -26.19 -14.97
N PHE F 4306 84.90 -25.89 -15.52
CA PHE F 4306 85.73 -26.92 -16.14
C PHE F 4306 86.15 -27.98 -15.13
N ARG F 4307 86.49 -27.56 -13.91
CA ARG F 4307 86.83 -28.51 -12.85
C ARG F 4307 85.65 -29.42 -12.53
N ILE F 4308 84.45 -28.85 -12.44
CA ILE F 4308 83.26 -29.64 -12.11
C ILE F 4308 82.97 -30.65 -13.21
N ILE F 4309 83.00 -30.21 -14.47
CA ILE F 4309 82.65 -31.11 -15.56
C ILE F 4309 83.74 -32.17 -15.75
N CYS F 4310 85.00 -31.81 -15.50
CA CYS F 4310 86.11 -32.74 -15.65
C CYS F 4310 87.32 -32.29 -14.85
N PHE F 4480 58.07 -73.55 5.07
CA PHE F 4480 58.71 -73.54 3.76
C PHE F 4480 57.94 -72.66 2.77
N TRP F 4481 56.78 -73.15 2.35
CA TRP F 4481 55.98 -72.45 1.34
C TRP F 4481 55.65 -71.03 1.78
N LYS F 4482 55.42 -70.83 3.07
CA LYS F 4482 55.21 -69.48 3.59
C LYS F 4482 56.41 -68.61 3.28
N LYS F 4483 57.61 -69.13 3.55
CA LYS F 4483 58.84 -68.37 3.30
C LYS F 4483 59.00 -68.08 1.82
N ILE F 4484 58.70 -69.05 0.95
CA ILE F 4484 58.94 -68.83 -0.47
C ILE F 4484 57.98 -67.78 -1.00
N ILE F 4485 56.71 -67.83 -0.56
CA ILE F 4485 55.73 -66.87 -1.00
C ILE F 4485 56.09 -65.48 -0.49
N ALA F 4486 56.53 -65.38 0.76
CA ALA F 4486 56.95 -64.09 1.30
C ALA F 4486 58.13 -63.50 0.54
N TYR F 4487 59.16 -64.30 0.24
CA TYR F 4487 60.30 -63.77 -0.51
C TYR F 4487 59.90 -63.37 -1.93
N GLN F 4488 59.08 -64.19 -2.57
CA GLN F 4488 58.59 -63.86 -3.91
C GLN F 4488 57.86 -62.53 -3.92
N GLN F 4489 56.95 -62.35 -2.95
CA GLN F 4489 56.16 -61.12 -2.91
C GLN F 4489 57.02 -59.92 -2.57
N LYS F 4490 58.00 -60.09 -1.67
CA LYS F 4490 58.90 -58.99 -1.35
C LYS F 4490 59.67 -58.55 -2.60
N LEU F 4491 60.18 -59.51 -3.37
CA LEU F 4491 60.94 -59.11 -4.56
C LEU F 4491 60.05 -58.52 -5.64
N LEU F 4492 58.81 -59.02 -5.76
CA LEU F 4492 57.88 -58.45 -6.71
C LEU F 4492 57.56 -57.00 -6.36
N ASN F 4493 57.37 -56.73 -5.06
CA ASN F 4493 57.22 -55.35 -4.60
C ASN F 4493 58.46 -54.51 -4.85
N TYR F 4494 59.65 -55.10 -4.72
CA TYR F 4494 60.87 -54.38 -5.06
C TYR F 4494 60.84 -53.89 -6.50
N PHE F 4495 60.55 -54.80 -7.43
CA PHE F 4495 60.47 -54.39 -8.84
C PHE F 4495 59.35 -53.36 -9.07
N ALA F 4496 58.19 -53.57 -8.46
CA ALA F 4496 57.08 -52.63 -8.64
C ALA F 4496 57.45 -51.24 -8.15
N ARG F 4497 58.15 -51.17 -7.01
CA ARG F 4497 58.60 -49.88 -6.50
C ARG F 4497 59.62 -49.23 -7.43
N ASN F 4498 60.57 -50.02 -7.93
CA ASN F 4498 61.68 -49.48 -8.72
C ASN F 4498 61.43 -49.53 -10.22
N PHE F 4499 60.16 -49.58 -10.64
CA PHE F 4499 59.86 -49.59 -12.07
C PHE F 4499 60.44 -48.37 -12.79
N TYR F 4500 60.19 -47.16 -12.28
CA TYR F 4500 60.59 -45.95 -13.00
C TYR F 4500 62.10 -45.73 -13.01
N ASN F 4501 62.78 -45.96 -11.88
CA ASN F 4501 64.22 -45.77 -11.84
C ASN F 4501 64.93 -46.69 -12.84
N MET F 4502 64.48 -47.94 -12.92
CA MET F 4502 65.02 -48.86 -13.91
C MET F 4502 64.62 -48.45 -15.33
N ARG F 4503 63.39 -47.93 -15.50
CA ARG F 4503 62.98 -47.36 -16.79
C ARG F 4503 63.94 -46.27 -17.24
N MET F 4504 64.51 -45.53 -16.29
CA MET F 4504 65.42 -44.42 -16.56
C MET F 4504 66.84 -44.91 -16.86
N LEU F 4505 67.33 -45.83 -16.02
CA LEU F 4505 68.67 -46.36 -16.20
C LEU F 4505 68.78 -47.19 -17.48
N ALA F 4506 67.67 -47.80 -17.91
CA ALA F 4506 67.67 -48.51 -19.19
C ALA F 4506 67.94 -47.55 -20.34
N LEU F 4507 67.31 -46.39 -20.33
CA LEU F 4507 67.58 -45.38 -21.35
C LEU F 4507 69.02 -44.88 -21.26
N PHE F 4508 69.54 -44.72 -20.04
CA PHE F 4508 70.94 -44.33 -19.90
C PHE F 4508 71.88 -45.36 -20.52
N VAL F 4509 71.63 -46.65 -20.28
CA VAL F 4509 72.47 -47.69 -20.86
C VAL F 4509 72.32 -47.71 -22.38
N ALA F 4510 71.11 -47.48 -22.88
CA ALA F 4510 70.89 -47.38 -24.31
C ALA F 4510 71.68 -46.24 -24.95
N PHE F 4511 71.77 -45.09 -24.28
CA PHE F 4511 72.65 -44.02 -24.73
C PHE F 4511 74.12 -44.39 -24.69
N ALA F 4512 74.57 -45.05 -23.62
CA ALA F 4512 75.97 -45.42 -23.51
C ALA F 4512 76.37 -46.39 -24.62
N ILE F 4513 75.49 -47.36 -24.92
CA ILE F 4513 75.79 -48.34 -25.97
C ILE F 4513 75.93 -47.66 -27.32
N ASN F 4514 75.03 -46.72 -27.63
CA ASN F 4514 75.12 -46.00 -28.89
C ASN F 4514 76.37 -45.14 -28.96
N PHE F 4515 76.73 -44.49 -27.84
CA PHE F 4515 77.96 -43.70 -27.83
C PHE F 4515 79.19 -44.57 -28.07
N ILE F 4516 79.22 -45.76 -27.47
CA ILE F 4516 80.32 -46.69 -27.74
C ILE F 4516 80.33 -47.11 -29.21
N LEU F 4517 79.16 -47.43 -29.76
CA LEU F 4517 79.06 -47.84 -31.15
C LEU F 4517 79.47 -46.74 -32.11
N LEU F 4518 79.38 -45.47 -31.71
CA LEU F 4518 79.74 -44.37 -32.59
C LEU F 4518 81.15 -44.47 -33.14
N PHE F 4519 82.09 -45.04 -32.40
CA PHE F 4519 83.46 -45.24 -32.88
C PHE F 4519 83.62 -46.67 -33.40
N TYR F 4520 83.04 -46.91 -34.58
CA TYR F 4520 82.97 -48.26 -35.12
C TYR F 4520 83.58 -48.25 -36.52
N LYS F 4521 84.35 -49.30 -36.82
CA LYS F 4521 85.12 -49.40 -38.05
C LYS F 4521 84.61 -50.52 -38.94
N VAL F 4522 85.14 -50.55 -40.17
CA VAL F 4522 85.11 -51.72 -41.03
C VAL F 4522 86.54 -52.03 -41.44
N SER F 4523 86.88 -53.31 -41.47
CA SER F 4523 88.24 -53.75 -41.77
C SER F 4523 88.24 -54.65 -43.00
N THR F 4524 89.24 -54.46 -43.85
CA THR F 4524 89.38 -55.27 -45.06
C THR F 4524 90.13 -56.56 -44.78
N ILE F 4555 86.28 -61.70 -50.03
CA ILE F 4555 86.35 -60.38 -49.42
C ILE F 4555 86.11 -60.48 -47.92
N ALA F 4556 87.07 -60.00 -47.14
CA ALA F 4556 87.00 -60.04 -45.68
C ALA F 4556 86.43 -58.72 -45.18
N VAL F 4557 85.22 -58.76 -44.66
CA VAL F 4557 84.54 -57.57 -44.13
C VAL F 4557 84.16 -57.88 -42.68
N HIS F 4558 85.00 -57.46 -41.75
CA HIS F 4558 84.72 -57.51 -40.33
C HIS F 4558 84.23 -56.16 -39.85
N TYR F 4559 83.12 -56.16 -39.12
CA TYR F 4559 82.65 -54.96 -38.43
C TYR F 4559 83.39 -54.87 -37.10
N VAL F 4560 84.53 -54.18 -37.11
CA VAL F 4560 85.46 -54.19 -35.98
C VAL F 4560 85.29 -52.91 -35.16
N LEU F 4561 85.31 -53.07 -33.85
CA LEU F 4561 85.24 -51.94 -32.93
C LEU F 4561 86.65 -51.42 -32.68
N GLU F 4562 86.91 -50.18 -33.11
CA GLU F 4562 88.23 -49.58 -32.96
C GLU F 4562 88.27 -48.79 -31.66
N GLU F 4563 89.36 -48.92 -30.92
CA GLU F 4563 89.53 -48.26 -29.63
C GLU F 4563 90.91 -47.64 -29.55
N SER F 4564 90.96 -46.36 -29.20
CA SER F 4564 92.24 -45.76 -28.83
C SER F 4564 92.68 -46.25 -27.45
N SER F 4565 91.71 -46.51 -26.56
CA SER F 4565 92.03 -47.02 -25.23
C SER F 4565 92.24 -48.52 -25.27
N GLY F 4566 91.28 -49.26 -25.82
CA GLY F 4566 91.37 -50.70 -25.96
C GLY F 4566 90.30 -51.47 -25.21
N TYR F 4567 89.87 -50.99 -24.05
CA TYR F 4567 88.92 -51.71 -23.21
C TYR F 4567 87.47 -51.32 -23.47
N MET F 4568 87.14 -50.80 -24.65
CA MET F 4568 85.74 -50.49 -24.94
C MET F 4568 84.92 -51.73 -25.24
N GLU F 4569 85.51 -52.75 -25.88
CA GLU F 4569 84.71 -53.90 -26.32
C GLU F 4569 84.14 -54.65 -25.13
N PRO F 4570 84.91 -54.99 -24.09
CA PRO F 4570 84.28 -55.56 -22.88
C PRO F 4570 83.24 -54.65 -22.27
N THR F 4571 83.48 -53.33 -22.28
CA THR F 4571 82.51 -52.40 -21.72
C THR F 4571 81.19 -52.46 -22.47
N LEU F 4572 81.26 -52.51 -23.81
CA LEU F 4572 80.06 -52.64 -24.63
C LEU F 4572 79.34 -53.97 -24.37
N ARG F 4573 80.10 -55.06 -24.21
CA ARG F 4573 79.47 -56.33 -23.91
C ARG F 4573 78.73 -56.30 -22.58
N ILE F 4574 79.38 -55.76 -21.54
CA ILE F 4574 78.74 -55.66 -20.23
C ILE F 4574 77.53 -54.75 -20.29
N LEU F 4575 77.64 -53.65 -21.04
CA LEU F 4575 76.51 -52.72 -21.15
C LEU F 4575 75.32 -53.37 -21.86
N ALA F 4576 75.58 -54.15 -22.90
CA ALA F 4576 74.50 -54.86 -23.57
C ALA F 4576 73.83 -55.87 -22.63
N ILE F 4577 74.63 -56.64 -21.90
CA ILE F 4577 74.07 -57.61 -20.97
C ILE F 4577 73.25 -56.91 -19.89
N LEU F 4578 73.78 -55.81 -19.34
CA LEU F 4578 73.06 -55.07 -18.30
C LEU F 4578 71.78 -54.46 -18.84
N HIS F 4579 71.81 -53.95 -20.08
CA HIS F 4579 70.61 -53.40 -20.69
C HIS F 4579 69.54 -54.46 -20.81
N THR F 4580 69.90 -55.65 -21.28
CA THR F 4580 68.91 -56.72 -21.37
C THR F 4580 68.38 -57.14 -20.00
N VAL F 4581 69.23 -57.26 -18.99
CA VAL F 4581 68.76 -57.64 -17.66
C VAL F 4581 67.82 -56.59 -17.09
N ILE F 4582 68.19 -55.32 -17.18
CA ILE F 4582 67.34 -54.26 -16.62
C ILE F 4582 66.05 -54.13 -17.42
N SER F 4583 66.08 -54.47 -18.71
CA SER F 4583 64.86 -54.41 -19.52
C SER F 4583 63.85 -55.47 -19.09
N PHE F 4584 64.34 -56.69 -18.86
CA PHE F 4584 63.49 -57.75 -18.33
C PHE F 4584 62.95 -57.37 -16.97
N PHE F 4585 63.80 -56.78 -16.11
CA PHE F 4585 63.33 -56.30 -14.82
C PHE F 4585 62.29 -55.19 -14.93
N CYS F 4586 62.40 -54.31 -15.93
CA CYS F 4586 61.39 -53.30 -16.21
C CYS F 4586 60.06 -53.89 -16.64
N ILE F 4587 60.07 -54.92 -17.48
CA ILE F 4587 58.84 -55.65 -17.79
C ILE F 4587 58.22 -56.29 -16.55
N ILE F 4588 59.05 -56.89 -15.68
CA ILE F 4588 58.52 -57.46 -14.44
C ILE F 4588 57.90 -56.35 -13.58
N GLY F 4589 58.56 -55.21 -13.49
CA GLY F 4589 58.03 -54.10 -12.71
C GLY F 4589 56.70 -53.59 -13.25
N TYR F 4590 56.60 -53.44 -14.58
CA TYR F 4590 55.32 -53.04 -15.16
C TYR F 4590 54.23 -54.07 -14.88
N TYR F 4591 54.54 -55.35 -15.05
CA TYR F 4591 53.56 -56.40 -14.79
C TYR F 4591 53.10 -56.43 -13.35
N CYS F 4592 53.97 -56.05 -12.40
CA CYS F 4592 53.58 -56.03 -11.00
C CYS F 4592 53.04 -54.68 -10.54
N LEU F 4593 53.12 -53.64 -11.36
CA LEU F 4593 52.72 -52.30 -10.96
C LEU F 4593 51.46 -51.83 -11.68
N LYS F 4594 51.43 -51.86 -13.01
CA LYS F 4594 50.32 -51.24 -13.75
C LYS F 4594 49.28 -52.25 -14.20
N VAL F 4595 49.67 -53.51 -14.41
CA VAL F 4595 48.76 -54.54 -14.89
C VAL F 4595 47.53 -54.69 -13.99
N PRO F 4596 47.65 -54.68 -12.66
CA PRO F 4596 46.43 -54.74 -11.83
C PRO F 4596 45.46 -53.61 -12.09
N LEU F 4597 45.94 -52.39 -12.38
CA LEU F 4597 45.02 -51.29 -12.66
C LEU F 4597 44.25 -51.52 -13.96
N VAL F 4598 44.94 -51.99 -15.00
CA VAL F 4598 44.27 -52.28 -16.27
C VAL F 4598 43.26 -53.40 -16.09
N ILE F 4599 43.63 -54.45 -15.35
CA ILE F 4599 42.70 -55.54 -15.09
C ILE F 4599 41.49 -55.05 -14.32
N PHE F 4600 41.70 -54.18 -13.33
CA PHE F 4600 40.59 -53.62 -12.56
C PHE F 4600 39.67 -52.80 -13.44
N LYS F 4601 40.23 -51.97 -14.32
CA LYS F 4601 39.41 -51.17 -15.22
C LYS F 4601 38.58 -52.04 -16.15
N ARG F 4602 39.22 -53.05 -16.77
CA ARG F 4602 38.50 -53.94 -17.66
C ARG F 4602 37.41 -54.71 -16.92
N GLU F 4603 37.73 -55.20 -15.72
CA GLU F 4603 36.82 -56.03 -14.95
C GLU F 4603 35.69 -55.24 -14.32
N LYS F 4604 35.86 -53.93 -14.16
CA LYS F 4604 34.77 -53.04 -13.78
C LYS F 4604 33.89 -52.69 -14.96
N GLU F 4605 34.51 -52.43 -16.13
CA GLU F 4605 33.73 -52.12 -17.32
C GLU F 4605 32.84 -53.29 -17.71
N VAL F 4606 33.40 -54.50 -17.72
CA VAL F 4606 32.61 -55.67 -18.12
C VAL F 4606 31.53 -55.95 -17.10
N ALA F 4607 31.83 -55.75 -15.81
CA ALA F 4607 30.84 -55.98 -14.77
C ALA F 4607 29.67 -55.01 -14.89
N ARG F 4608 29.96 -53.73 -15.10
CA ARG F 4608 28.89 -52.75 -15.24
C ARG F 4608 28.11 -52.93 -16.53
N LYS F 4609 28.76 -53.35 -17.63
CA LYS F 4609 28.01 -53.64 -18.84
C LYS F 4609 27.11 -54.86 -18.66
N LEU F 4610 27.59 -55.87 -17.94
CA LEU F 4610 26.76 -57.05 -17.67
C LEU F 4610 25.58 -56.72 -16.77
N GLU F 4611 25.80 -55.86 -15.77
CA GLU F 4611 24.74 -55.58 -14.80
C GLU F 4611 23.73 -54.57 -15.34
N PHE F 4612 24.20 -53.40 -15.77
CA PHE F 4612 23.30 -52.35 -16.20
C PHE F 4612 22.63 -52.69 -17.53
N ASP F 4613 23.39 -53.22 -18.49
CA ASP F 4613 22.89 -53.41 -19.85
C ASP F 4613 22.75 -54.87 -20.24
N GLY F 4614 23.43 -55.80 -19.56
CA GLY F 4614 23.35 -57.19 -19.94
C GLY F 4614 23.94 -57.45 -21.31
N LEU F 4615 25.12 -56.89 -21.58
CA LEU F 4615 25.78 -56.99 -22.87
C LEU F 4615 26.21 -58.42 -23.21
N TYR F 4616 26.18 -59.34 -22.24
CA TYR F 4616 26.45 -60.73 -22.52
C TYR F 4616 25.27 -61.62 -22.17
N ILE F 4617 24.11 -61.04 -21.85
CA ILE F 4617 22.93 -61.80 -21.45
C ILE F 4617 21.79 -61.53 -22.42
N THR F 4618 21.38 -60.26 -22.51
CA THR F 4618 20.25 -59.89 -23.36
C THR F 4618 20.70 -59.61 -24.78
N GLU F 4619 21.59 -58.63 -24.96
CA GLU F 4619 22.06 -58.22 -26.27
C GLU F 4619 23.55 -58.49 -26.40
N GLN F 4620 23.89 -59.41 -27.28
CA GLN F 4620 25.25 -59.87 -27.51
C GLN F 4620 26.09 -58.79 -28.17
N PRO F 4621 27.41 -58.83 -28.01
CA PRO F 4621 28.26 -57.80 -28.61
C PRO F 4621 28.14 -57.77 -30.13
N SER F 4622 28.69 -56.70 -30.72
CA SER F 4622 28.54 -56.46 -32.15
C SER F 4622 29.33 -57.46 -32.98
N GLU F 4623 30.15 -58.28 -32.33
CA GLU F 4623 31.06 -59.28 -32.91
C GLU F 4623 32.27 -58.61 -33.56
N ASP F 4624 32.30 -57.28 -33.65
CA ASP F 4624 33.46 -56.55 -34.14
C ASP F 4624 34.29 -55.94 -33.02
N ASP F 4625 33.80 -56.03 -31.78
CA ASP F 4625 34.52 -55.50 -30.62
C ASP F 4625 35.34 -56.65 -30.03
N ILE F 4626 36.62 -56.69 -30.40
CA ILE F 4626 37.47 -57.81 -30.03
C ILE F 4626 37.57 -57.89 -28.51
N LYS F 4627 37.55 -56.74 -27.84
CA LYS F 4627 37.49 -56.72 -26.37
C LYS F 4627 36.23 -57.42 -25.88
N GLY F 4628 35.09 -57.19 -26.55
CA GLY F 4628 33.86 -57.83 -26.14
C GLY F 4628 33.90 -59.34 -26.31
N GLN F 4629 34.38 -59.82 -27.45
CA GLN F 4629 34.47 -61.26 -27.65
C GLN F 4629 35.49 -61.88 -26.70
N TRP F 4630 36.54 -61.14 -26.34
CA TRP F 4630 37.51 -61.69 -25.40
C TRP F 4630 36.95 -61.72 -23.98
N ASP F 4631 36.16 -60.73 -23.59
CA ASP F 4631 35.50 -60.72 -22.29
C ASP F 4631 34.31 -61.65 -22.23
N ARG F 4632 33.84 -62.18 -23.36
CA ARG F 4632 32.87 -63.26 -23.31
C ARG F 4632 33.40 -64.46 -22.54
N LEU F 4633 34.73 -64.62 -22.50
CA LEU F 4633 35.33 -65.79 -21.86
C LEU F 4633 35.38 -65.63 -20.35
N VAL F 4634 35.42 -64.39 -19.85
CA VAL F 4634 35.63 -64.17 -18.41
C VAL F 4634 34.33 -64.19 -17.62
N ILE F 4635 33.18 -64.05 -18.29
CA ILE F 4635 31.90 -63.98 -17.58
C ILE F 4635 31.55 -65.26 -16.84
N ASN F 4636 32.13 -66.40 -17.23
CA ASN F 4636 31.86 -67.67 -16.56
C ASN F 4636 33.02 -68.12 -15.68
N THR F 4637 34.06 -67.31 -15.54
CA THR F 4637 35.18 -67.68 -14.68
C THR F 4637 34.77 -67.67 -13.21
N GLN F 4638 35.25 -68.68 -12.47
CA GLN F 4638 34.90 -68.79 -11.07
C GLN F 4638 35.48 -67.63 -10.26
N SER F 4639 36.73 -67.27 -10.53
CA SER F 4639 37.42 -66.22 -9.77
C SER F 4639 37.23 -64.86 -10.45
N PHE F 4640 35.99 -64.39 -10.41
CA PHE F 4640 35.62 -63.11 -11.00
C PHE F 4640 35.58 -62.08 -9.86
N PRO F 4641 35.21 -60.80 -10.15
CA PRO F 4641 35.91 -59.65 -9.54
C PRO F 4641 37.05 -59.96 -8.57
N ASN F 4642 38.14 -60.55 -9.06
CA ASN F 4642 39.33 -60.69 -8.22
C ASN F 4642 39.91 -59.33 -7.87
N ASN F 4643 39.99 -58.42 -8.85
CA ASN F 4643 40.48 -57.06 -8.62
C ASN F 4643 39.34 -56.09 -8.31
N TYR F 4644 38.20 -56.26 -8.95
CA TYR F 4644 37.03 -55.42 -8.67
C TYR F 4644 36.50 -55.70 -7.27
N TRP F 4645 35.98 -54.67 -6.61
CA TRP F 4645 35.58 -54.78 -5.21
C TRP F 4645 34.26 -55.53 -5.01
N ASP F 4646 33.35 -55.47 -5.98
CA ASP F 4646 32.02 -56.05 -5.84
C ASP F 4646 32.05 -57.50 -6.28
N LYS F 4647 32.24 -58.42 -5.32
CA LYS F 4647 32.29 -59.84 -5.60
C LYS F 4647 30.91 -60.49 -5.61
N PHE F 4648 29.86 -59.70 -5.83
CA PHE F 4648 28.49 -60.21 -5.89
C PHE F 4648 27.76 -59.79 -7.16
N VAL F 4649 28.50 -59.37 -8.19
CA VAL F 4649 27.89 -58.87 -9.42
C VAL F 4649 27.10 -59.99 -10.10
N LYS F 4650 27.62 -61.22 -10.04
CA LYS F 4650 26.88 -62.35 -10.58
C LYS F 4650 25.60 -62.60 -9.79
N ARG F 4651 25.66 -62.47 -8.46
CA ARG F 4651 24.46 -62.63 -7.63
C ARG F 4651 23.42 -61.57 -7.96
N LYS F 4652 23.84 -60.34 -8.23
CA LYS F 4652 22.90 -59.29 -8.60
C LYS F 4652 22.32 -59.47 -10.00
N VAL F 4653 23.15 -59.85 -10.99
CA VAL F 4653 22.62 -60.02 -12.34
C VAL F 4653 21.66 -61.19 -12.39
N MET F 4654 21.93 -62.24 -11.58
CA MET F 4654 20.96 -63.33 -11.45
C MET F 4654 19.60 -62.84 -10.96
N ASP F 4655 19.54 -62.06 -9.89
CA ASP F 4655 18.27 -61.51 -9.42
C ASP F 4655 17.63 -60.57 -10.44
N LYS F 4656 18.44 -59.81 -11.17
CA LYS F 4656 17.88 -58.84 -12.12
C LYS F 4656 17.25 -59.54 -13.33
N TYR F 4657 17.96 -60.48 -13.94
CA TYR F 4657 17.54 -61.05 -15.22
C TYR F 4657 17.20 -62.53 -15.14
N GLY F 4658 16.92 -63.06 -13.95
CA GLY F 4658 16.66 -64.49 -13.85
C GLY F 4658 15.29 -64.89 -14.35
N GLU F 4659 14.24 -64.25 -13.83
CA GLU F 4659 12.87 -64.71 -14.09
C GLU F 4659 12.44 -64.51 -15.53
N PHE F 4660 12.94 -63.49 -16.22
CA PHE F 4660 12.52 -63.25 -17.60
C PHE F 4660 13.34 -64.06 -18.59
N TYR F 4661 14.66 -64.13 -18.40
CA TYR F 4661 15.55 -64.75 -19.36
C TYR F 4661 15.99 -66.16 -18.96
N GLY F 4662 15.38 -66.73 -17.92
CA GLY F 4662 15.69 -68.09 -17.52
C GLY F 4662 16.67 -68.17 -16.37
N ARG F 4663 16.15 -68.58 -15.19
CA ARG F 4663 16.98 -68.75 -14.00
C ARG F 4663 18.22 -69.59 -14.33
N ASP F 4664 17.98 -70.84 -14.73
CA ASP F 4664 19.08 -71.78 -14.96
C ASP F 4664 19.92 -71.36 -16.17
N ARG F 4665 19.29 -70.82 -17.21
CA ARG F 4665 20.05 -70.49 -18.41
C ARG F 4665 21.04 -69.37 -18.12
N ILE F 4666 20.60 -68.31 -17.43
CA ILE F 4666 21.52 -67.24 -17.07
C ILE F 4666 22.53 -67.73 -16.04
N SER F 4667 22.12 -68.65 -15.16
CA SER F 4667 23.07 -69.21 -14.19
C SER F 4667 24.21 -69.94 -14.89
N GLU F 4668 23.90 -70.79 -15.87
CA GLU F 4668 24.95 -71.51 -16.57
C GLU F 4668 25.67 -70.63 -17.58
N LEU F 4669 25.06 -69.51 -17.99
CA LEU F 4669 25.79 -68.51 -18.76
C LEU F 4669 26.87 -67.85 -17.91
N LEU F 4670 26.54 -67.53 -16.66
CA LEU F 4670 27.50 -66.98 -15.72
C LEU F 4670 28.41 -68.05 -15.12
N GLY F 4671 28.13 -69.32 -15.37
CA GLY F 4671 28.98 -70.37 -14.84
C GLY F 4671 28.94 -70.47 -13.34
N MET F 4672 27.75 -70.33 -12.75
CA MET F 4672 27.56 -70.33 -11.31
C MET F 4672 26.72 -71.53 -10.90
N ASP F 4673 27.14 -72.21 -9.84
CA ASP F 4673 26.45 -73.41 -9.38
C ASP F 4673 25.21 -73.06 -8.55
N LYS F 4674 24.18 -73.91 -8.66
CA LYS F 4674 22.93 -73.66 -7.94
C LYS F 4674 23.01 -74.06 -6.48
N ALA F 4675 23.95 -74.92 -6.11
CA ALA F 4675 23.95 -75.52 -4.78
C ALA F 4675 24.21 -74.48 -3.69
N ALA F 4676 25.08 -73.51 -3.96
CA ALA F 4676 25.57 -72.64 -2.89
C ALA F 4676 24.59 -71.51 -2.57
N LEU F 4677 23.57 -71.30 -3.41
CA LEU F 4677 22.76 -70.09 -3.29
C LEU F 4677 22.07 -69.98 -1.94
N ASP F 4678 21.32 -71.00 -1.55
CA ASP F 4678 20.49 -70.88 -0.35
C ASP F 4678 21.35 -70.91 0.92
N PHE F 4679 22.30 -71.84 0.98
CA PHE F 4679 23.10 -72.02 2.19
C PHE F 4679 24.29 -71.06 2.26
N SER F 4680 24.48 -70.21 1.25
CA SER F 4680 25.39 -69.08 1.41
C SER F 4680 24.86 -68.07 2.43
N ASP F 4681 23.59 -67.66 2.27
CA ASP F 4681 22.95 -66.87 3.31
C ASP F 4681 22.74 -67.69 4.58
N ALA F 4682 22.40 -68.97 4.42
CA ALA F 4682 22.17 -69.84 5.57
C ALA F 4682 23.47 -70.42 6.10
N ARG F 4683 23.35 -71.43 6.96
CA ARG F 4683 24.47 -72.05 7.65
C ARG F 4683 24.92 -73.31 6.91
N GLU F 4684 26.25 -73.45 6.74
CA GLU F 4684 26.80 -74.55 5.96
C GLU F 4684 28.25 -74.79 6.39
N LYS F 4685 28.89 -75.75 5.71
CA LYS F 4685 30.26 -76.10 5.99
C LYS F 4685 31.22 -75.23 5.19
N LYS F 4686 32.43 -75.05 5.73
CA LYS F 4686 33.47 -74.25 5.09
C LYS F 4686 34.72 -75.09 4.90
N LYS F 4687 35.57 -74.65 3.97
CA LYS F 4687 36.79 -75.38 3.62
C LYS F 4687 38.01 -74.49 3.81
N PRO F 4688 38.88 -74.78 4.76
CA PRO F 4688 40.13 -74.02 4.89
C PRO F 4688 41.17 -74.48 3.86
N LYS F 4689 42.34 -73.85 3.93
CA LYS F 4689 43.39 -74.08 2.95
C LYS F 4689 44.73 -74.25 3.66
N LYS F 4690 45.60 -75.05 3.04
CA LYS F 4690 46.96 -75.25 3.52
C LYS F 4690 47.92 -74.90 2.39
N ASP F 4691 49.00 -74.19 2.74
CA ASP F 4691 49.94 -73.73 1.73
C ASP F 4691 50.66 -74.89 1.06
N SER F 4692 51.04 -75.91 1.82
CA SER F 4692 51.77 -77.04 1.24
C SER F 4692 50.90 -77.82 0.26
N SER F 4693 49.61 -77.96 0.56
CA SER F 4693 48.69 -78.66 -0.32
C SER F 4693 48.63 -77.99 -1.68
N LEU F 4694 49.09 -78.68 -2.73
CA LEU F 4694 49.25 -78.08 -4.05
C LEU F 4694 48.16 -78.48 -5.04
N SER F 4695 47.47 -79.60 -4.84
CA SER F 4695 46.37 -79.96 -5.73
C SER F 4695 45.25 -78.91 -5.64
N ALA F 4696 44.95 -78.46 -4.43
CA ALA F 4696 43.94 -77.40 -4.27
C ALA F 4696 44.39 -76.11 -4.94
N VAL F 4697 45.68 -75.78 -4.84
CA VAL F 4697 46.19 -74.57 -5.48
C VAL F 4697 46.07 -74.69 -6.99
N LEU F 4698 46.42 -75.84 -7.56
CA LEU F 4698 46.33 -76.04 -9.00
C LEU F 4698 44.89 -75.98 -9.47
N ASN F 4699 43.95 -76.53 -8.68
CA ASN F 4699 42.55 -76.42 -9.04
C ASN F 4699 42.05 -74.99 -8.94
N SER F 4700 42.50 -74.25 -7.92
CA SER F 4700 42.05 -72.88 -7.73
C SER F 4700 42.63 -71.93 -8.77
N ILE F 4701 43.76 -72.29 -9.36
CA ILE F 4701 44.29 -71.48 -10.45
C ILE F 4701 43.37 -71.66 -11.65
N ASP F 4702 42.55 -70.67 -11.91
CA ASP F 4702 41.47 -70.78 -12.90
C ASP F 4702 42.08 -70.60 -14.29
N VAL F 4703 42.29 -71.72 -14.98
CA VAL F 4703 42.91 -71.70 -16.30
C VAL F 4703 42.20 -70.70 -17.21
N LYS F 4704 40.87 -70.63 -17.12
CA LYS F 4704 40.12 -69.68 -17.93
C LYS F 4704 40.36 -68.24 -17.48
N TYR F 4705 40.52 -68.02 -16.17
CA TYR F 4705 40.68 -66.65 -15.69
C TYR F 4705 42.02 -66.06 -16.11
N GLN F 4706 43.13 -66.78 -15.89
CA GLN F 4706 44.44 -66.28 -16.31
C GLN F 4706 44.58 -66.36 -17.82
N MET F 4707 43.91 -67.32 -18.45
CA MET F 4707 43.67 -67.29 -19.88
C MET F 4707 43.23 -65.91 -20.33
N TRP F 4708 42.09 -65.45 -19.80
CA TRP F 4708 41.56 -64.13 -20.13
C TRP F 4708 42.50 -63.01 -19.69
N LYS F 4709 43.15 -63.16 -18.53
CA LYS F 4709 44.00 -62.10 -18.01
C LYS F 4709 45.20 -61.86 -18.91
N LEU F 4710 45.87 -62.93 -19.34
CA LEU F 4710 46.98 -62.79 -20.29
C LEU F 4710 46.49 -62.28 -21.63
N GLY F 4711 45.27 -62.64 -22.04
CA GLY F 4711 44.71 -62.00 -23.21
C GLY F 4711 44.64 -60.48 -23.06
N VAL F 4712 44.15 -60.01 -21.92
CA VAL F 4712 44.03 -58.57 -21.68
C VAL F 4712 45.41 -57.92 -21.67
N VAL F 4713 46.36 -58.55 -20.98
CA VAL F 4713 47.70 -57.97 -20.87
C VAL F 4713 48.34 -57.86 -22.24
N PHE F 4714 48.17 -58.88 -23.08
CA PHE F 4714 48.72 -58.83 -24.44
C PHE F 4714 48.04 -57.74 -25.27
N THR F 4715 46.73 -57.56 -25.10
CA THR F 4715 46.05 -56.50 -25.83
C THR F 4715 46.45 -55.12 -25.34
N ASP F 4716 46.98 -55.01 -24.12
CA ASP F 4716 47.42 -53.72 -23.61
C ASP F 4716 48.58 -53.18 -24.42
N ASN F 4717 48.56 -51.87 -24.70
CA ASN F 4717 49.54 -51.27 -25.60
C ASN F 4717 50.90 -51.11 -24.95
N SER F 4718 50.92 -50.69 -23.68
CA SER F 4718 52.19 -50.41 -23.01
C SER F 4718 53.01 -51.68 -22.82
N PHE F 4719 52.34 -52.79 -22.50
CA PHE F 4719 53.04 -54.07 -22.40
C PHE F 4719 53.61 -54.47 -23.76
N LEU F 4720 52.88 -54.19 -24.83
CA LEU F 4720 53.40 -54.45 -26.17
C LEU F 4720 54.64 -53.61 -26.46
N TYR F 4721 54.63 -52.33 -26.04
CA TYR F 4721 55.81 -51.48 -26.21
C TYR F 4721 57.01 -52.04 -25.47
N LEU F 4722 56.81 -52.42 -24.20
CA LEU F 4722 57.90 -52.99 -23.43
C LEU F 4722 58.40 -54.32 -23.96
N ALA F 4723 57.50 -55.14 -24.54
CA ALA F 4723 57.94 -56.40 -25.12
C ALA F 4723 58.67 -56.18 -26.45
N TRP F 4724 58.28 -55.15 -27.20
CA TRP F 4724 59.07 -54.75 -28.36
C TRP F 4724 60.46 -54.31 -27.94
N TYR F 4725 60.54 -53.58 -26.82
CA TYR F 4725 61.83 -53.17 -26.28
C TYR F 4725 62.68 -54.38 -25.89
N MET F 4726 62.07 -55.35 -25.18
CA MET F 4726 62.66 -56.67 -24.98
C MET F 4726 63.25 -57.24 -26.26
N THR F 4727 62.42 -57.35 -27.30
CA THR F 4727 62.84 -58.00 -28.52
C THR F 4727 64.02 -57.26 -29.16
N MET F 4728 63.97 -55.94 -29.17
CA MET F 4728 65.06 -55.18 -29.75
C MET F 4728 66.35 -55.42 -28.97
N SER F 4729 66.26 -55.57 -27.65
CA SER F 4729 67.47 -55.86 -26.88
C SER F 4729 68.02 -57.26 -27.19
N VAL F 4730 67.13 -58.25 -27.24
CA VAL F 4730 67.60 -59.62 -27.47
C VAL F 4730 68.15 -59.77 -28.89
N LEU F 4731 67.63 -58.99 -29.84
CA LEU F 4731 68.24 -58.96 -31.16
C LEU F 4731 69.52 -58.13 -31.17
N GLY F 4732 69.63 -57.15 -30.28
CA GLY F 4732 70.86 -56.40 -30.15
C GLY F 4732 72.02 -57.26 -29.70
N HIS F 4733 71.73 -58.29 -28.89
CA HIS F 4733 72.78 -59.27 -28.61
C HIS F 4733 73.31 -59.95 -29.87
N TYR F 4734 72.41 -60.40 -30.75
CA TYR F 4734 72.85 -61.05 -31.97
C TYR F 4734 73.60 -60.08 -32.88
N ASN F 4735 73.08 -58.87 -33.03
CA ASN F 4735 73.73 -57.83 -33.81
C ASN F 4735 73.71 -56.54 -33.00
N ASN F 4736 74.91 -55.99 -32.74
CA ASN F 4736 75.03 -54.88 -31.81
C ASN F 4736 74.26 -53.64 -32.28
N PHE F 4737 73.90 -53.59 -33.57
CA PHE F 4737 73.29 -52.40 -34.13
C PHE F 4737 71.81 -52.29 -33.84
N PHE F 4738 71.18 -53.36 -33.35
CA PHE F 4738 69.77 -53.31 -32.98
C PHE F 4738 69.52 -52.50 -31.71
N PHE F 4739 70.59 -52.11 -31.01
CA PHE F 4739 70.49 -51.24 -29.84
C PHE F 4739 70.18 -49.80 -30.21
N ALA F 4740 70.29 -49.44 -31.49
CA ALA F 4740 69.98 -48.08 -31.93
C ALA F 4740 68.48 -47.81 -31.96
N ALA F 4741 67.65 -48.85 -32.02
CA ALA F 4741 66.20 -48.63 -31.97
C ALA F 4741 65.74 -48.27 -30.56
N HIS F 4742 66.50 -48.68 -29.53
CA HIS F 4742 66.21 -48.27 -28.17
C HIS F 4742 66.42 -46.77 -27.97
N LEU F 4743 67.16 -46.12 -28.87
CA LEU F 4743 67.42 -44.69 -28.79
C LEU F 4743 66.17 -43.86 -28.96
N LEU F 4744 65.15 -44.39 -29.65
CA LEU F 4744 63.89 -43.69 -29.84
C LEU F 4744 63.06 -43.62 -28.55
N ASP F 4745 63.47 -44.33 -27.50
CA ASP F 4745 62.70 -44.32 -26.26
C ASP F 4745 62.71 -42.94 -25.60
N ILE F 4746 63.72 -42.12 -25.91
CA ILE F 4746 63.68 -40.74 -25.40
C ILE F 4746 62.54 -39.95 -26.02
N ALA F 4747 62.23 -40.22 -27.30
CA ALA F 4747 61.10 -39.60 -27.97
C ALA F 4747 59.77 -40.04 -27.37
N MET F 4748 59.71 -41.23 -26.79
CA MET F 4748 58.57 -41.72 -26.02
C MET F 4748 58.54 -41.15 -24.61
N GLY F 4749 59.69 -40.88 -24.02
CA GLY F 4749 59.72 -40.31 -22.68
C GLY F 4749 59.32 -38.85 -22.64
N PHE F 4750 59.87 -38.06 -23.56
CA PHE F 4750 59.63 -36.62 -23.54
C PHE F 4750 58.24 -36.28 -24.06
N LYS F 4751 57.62 -35.25 -23.44
CA LYS F 4751 56.26 -34.87 -23.80
C LYS F 4751 56.18 -34.26 -25.20
N THR F 4752 57.02 -33.26 -25.48
CA THR F 4752 56.93 -32.58 -26.77
C THR F 4752 57.39 -33.50 -27.91
N LEU F 4753 58.30 -34.43 -27.63
CA LEU F 4753 58.67 -35.40 -28.64
C LEU F 4753 57.50 -36.31 -28.98
N ARG F 4754 56.73 -36.73 -27.97
CA ARG F 4754 55.50 -37.47 -28.25
C ARG F 4754 54.50 -36.62 -29.02
N THR F 4755 54.44 -35.31 -28.72
CA THR F 4755 53.57 -34.43 -29.49
C THR F 4755 53.97 -34.42 -30.97
N ILE F 4756 55.28 -34.31 -31.23
CA ILE F 4756 55.76 -34.32 -32.61
C ILE F 4756 55.44 -35.64 -33.28
N LEU F 4757 55.66 -36.76 -32.58
CA LEU F 4757 55.40 -38.06 -33.18
C LEU F 4757 53.91 -38.26 -33.47
N SER F 4758 53.04 -37.83 -32.56
CA SER F 4758 51.60 -37.95 -32.75
C SER F 4758 51.06 -36.94 -33.75
N SER F 4759 51.82 -35.89 -34.07
CA SER F 4759 51.37 -34.95 -35.09
C SER F 4759 51.23 -35.60 -36.47
N VAL F 4760 51.91 -36.72 -36.70
CA VAL F 4760 51.80 -37.42 -37.98
C VAL F 4760 50.54 -38.27 -38.03
N THR F 4761 50.25 -39.00 -36.95
CA THR F 4761 49.07 -39.86 -36.92
C THR F 4761 47.79 -39.03 -36.82
N HIS F 4762 47.90 -37.82 -36.27
CA HIS F 4762 46.74 -36.95 -36.05
C HIS F 4762 45.89 -36.77 -37.30
N ASN F 4763 46.48 -36.19 -38.35
CA ASN F 4763 45.78 -36.03 -39.63
C ASN F 4763 46.09 -37.20 -40.55
N GLY F 4764 45.89 -38.43 -40.06
CA GLY F 4764 46.28 -39.60 -40.82
C GLY F 4764 45.50 -39.76 -42.12
N LYS F 4765 44.17 -39.63 -42.05
CA LYS F 4765 43.35 -39.83 -43.24
C LYS F 4765 43.65 -38.78 -44.31
N GLN F 4766 43.65 -37.50 -43.92
CA GLN F 4766 43.94 -36.44 -44.88
C GLN F 4766 45.34 -36.58 -45.44
N LEU F 4767 46.32 -36.92 -44.59
CA LEU F 4767 47.68 -37.09 -45.07
C LEU F 4767 47.79 -38.22 -46.09
N VAL F 4768 47.18 -39.37 -45.80
CA VAL F 4768 47.23 -40.49 -46.73
C VAL F 4768 46.57 -40.13 -48.05
N LEU F 4769 45.41 -39.45 -47.99
CA LEU F 4769 44.73 -39.10 -49.23
C LEU F 4769 45.52 -38.05 -50.02
N THR F 4770 46.20 -37.13 -49.33
CA THR F 4770 47.02 -36.16 -50.04
C THR F 4770 48.22 -36.80 -50.72
N VAL F 4771 48.92 -37.71 -50.05
CA VAL F 4771 50.01 -38.38 -50.75
C VAL F 4771 49.48 -39.28 -51.87
N GLY F 4772 48.28 -39.84 -51.72
CA GLY F 4772 47.68 -40.58 -52.82
C GLY F 4772 47.39 -39.71 -54.02
N LEU F 4773 46.88 -38.50 -53.78
CA LEU F 4773 46.65 -37.56 -54.86
C LEU F 4773 47.96 -37.12 -55.51
N LEU F 4774 49.01 -36.95 -54.68
CA LEU F 4774 50.33 -36.65 -55.22
C LEU F 4774 50.85 -37.78 -56.11
N ALA F 4775 50.63 -39.03 -55.72
CA ALA F 4775 50.96 -40.16 -56.57
C ALA F 4775 50.15 -40.17 -57.86
N VAL F 4776 48.85 -39.85 -57.78
CA VAL F 4776 47.98 -39.85 -58.96
C VAL F 4776 48.42 -38.79 -59.97
N VAL F 4777 48.69 -37.57 -59.50
CA VAL F 4777 49.08 -36.50 -60.41
C VAL F 4777 50.40 -36.84 -61.09
N VAL F 4778 51.36 -37.33 -60.33
CA VAL F 4778 52.63 -37.78 -60.89
C VAL F 4778 52.44 -38.93 -61.86
N TYR F 4779 51.48 -39.83 -61.61
CA TYR F 4779 51.20 -40.89 -62.57
C TYR F 4779 50.64 -40.34 -63.89
N LEU F 4780 49.77 -39.34 -63.82
CA LEU F 4780 49.29 -38.70 -65.05
C LEU F 4780 50.45 -38.05 -65.81
N TYR F 4781 51.35 -37.38 -65.08
CA TYR F 4781 52.53 -36.79 -65.73
C TYR F 4781 53.39 -37.87 -66.38
N THR F 4782 53.55 -39.01 -65.69
CA THR F 4782 54.29 -40.13 -66.26
C THR F 4782 53.63 -40.64 -67.53
N VAL F 4783 52.30 -40.74 -67.53
CA VAL F 4783 51.59 -41.20 -68.72
C VAL F 4783 51.83 -40.24 -69.88
N VAL F 4784 51.75 -38.93 -69.61
CA VAL F 4784 51.96 -37.95 -70.67
C VAL F 4784 53.38 -38.03 -71.22
N ALA F 4785 54.37 -38.10 -70.33
CA ALA F 4785 55.76 -38.18 -70.77
C ALA F 4785 56.03 -39.47 -71.54
N PHE F 4786 55.50 -40.59 -71.05
CA PHE F 4786 55.68 -41.88 -71.72
C PHE F 4786 55.04 -41.88 -73.10
N ASN F 4787 53.90 -41.22 -73.27
CA ASN F 4787 53.26 -41.11 -74.57
C ASN F 4787 54.02 -40.21 -75.52
N PHE F 4788 54.43 -39.03 -75.09
CA PHE F 4788 55.01 -38.02 -75.97
C PHE F 4788 56.47 -37.72 -75.65
N PHE F 4789 56.77 -37.34 -74.41
CA PHE F 4789 58.09 -36.79 -74.07
C PHE F 4789 59.00 -37.91 -73.61
N ARG F 4790 59.60 -38.63 -74.56
CA ARG F 4790 60.52 -39.71 -74.25
C ARG F 4790 61.94 -39.47 -74.74
N LYS F 4791 62.12 -38.74 -75.84
CA LYS F 4791 63.47 -38.45 -76.31
C LYS F 4791 64.25 -37.63 -75.31
N PHE F 4792 63.57 -36.83 -74.49
CA PHE F 4792 64.21 -35.95 -73.53
C PHE F 4792 64.69 -36.67 -72.28
N TYR F 4793 64.38 -37.95 -72.12
CA TYR F 4793 64.64 -38.67 -70.88
C TYR F 4793 65.91 -39.52 -70.95
N ASN F 4794 66.78 -39.29 -71.93
CA ASN F 4794 68.09 -39.95 -71.91
C ASN F 4794 68.91 -39.41 -70.75
N LYS F 4795 69.46 -40.31 -69.95
CA LYS F 4795 70.15 -39.96 -68.71
C LYS F 4795 71.51 -40.66 -68.66
N SER F 4796 72.26 -40.58 -69.75
CA SER F 4796 73.58 -41.18 -69.85
C SER F 4796 74.61 -40.09 -70.14
N GLU F 4797 75.68 -40.08 -69.34
CA GLU F 4797 76.75 -39.12 -69.57
C GLU F 4797 77.44 -39.37 -70.91
N ASP F 4798 77.69 -40.63 -71.23
CA ASP F 4798 78.26 -41.01 -72.52
C ASP F 4798 77.14 -41.44 -73.46
N GLY F 4799 77.15 -40.88 -74.68
CA GLY F 4799 76.05 -41.11 -75.60
C GLY F 4799 76.05 -42.49 -76.22
N ASP F 4800 77.15 -43.23 -76.06
CA ASP F 4800 77.24 -44.56 -76.68
C ASP F 4800 76.21 -45.51 -76.10
N THR F 4801 75.99 -45.46 -74.79
CA THR F 4801 75.03 -46.35 -74.14
C THR F 4801 73.95 -45.53 -73.45
N PRO F 4802 72.84 -45.24 -74.14
CA PRO F 4802 71.79 -44.43 -73.53
C PRO F 4802 71.14 -45.17 -72.36
N ASP F 4803 70.87 -44.42 -71.29
CA ASP F 4803 70.17 -45.01 -70.14
C ASP F 4803 68.69 -45.17 -70.46
N MET F 4804 68.09 -44.18 -71.13
CA MET F 4804 66.75 -44.24 -71.69
C MET F 4804 65.74 -44.67 -70.62
N LYS F 4805 65.59 -43.87 -69.56
CA LYS F 4805 64.92 -44.36 -68.36
C LYS F 4805 63.40 -44.18 -68.39
N CYS F 4806 62.82 -43.67 -69.47
CA CYS F 4806 61.37 -43.63 -69.63
C CYS F 4806 60.87 -44.63 -70.67
N ASP F 4807 61.72 -45.59 -71.06
CA ASP F 4807 61.28 -46.63 -71.98
C ASP F 4807 60.21 -47.51 -71.35
N ASP F 4808 60.35 -47.84 -70.07
CA ASP F 4808 59.37 -48.64 -69.34
C ASP F 4808 58.54 -47.73 -68.46
N MET F 4809 57.23 -47.97 -68.42
CA MET F 4809 56.35 -47.10 -67.63
C MET F 4809 56.64 -47.20 -66.14
N LEU F 4810 56.93 -48.41 -65.64
CA LEU F 4810 57.26 -48.55 -64.23
C LEU F 4810 58.51 -47.75 -63.88
N THR F 4811 59.53 -47.84 -64.73
CA THR F 4811 60.77 -47.10 -64.47
C THR F 4811 60.53 -45.60 -64.56
N CYS F 4812 59.73 -45.16 -65.53
CA CYS F 4812 59.51 -43.73 -65.70
C CYS F 4812 58.66 -43.16 -64.56
N TYR F 4813 57.66 -43.93 -64.11
CA TYR F 4813 56.90 -43.52 -62.92
C TYR F 4813 57.78 -43.52 -61.68
N MET F 4814 58.75 -44.45 -61.62
CA MET F 4814 59.66 -44.48 -60.48
C MET F 4814 60.57 -43.26 -60.51
N PHE F 4815 60.98 -42.83 -61.70
CA PHE F 4815 61.79 -41.63 -61.90
C PHE F 4815 61.00 -40.34 -61.72
N HIS F 4816 59.68 -40.37 -61.85
CA HIS F 4816 58.86 -39.22 -61.49
C HIS F 4816 58.48 -39.21 -60.03
N MET F 4817 58.48 -40.38 -59.37
CA MET F 4817 58.27 -40.47 -57.93
C MET F 4817 59.50 -40.04 -57.17
N TYR F 4818 60.61 -40.74 -57.38
CA TYR F 4818 61.95 -40.35 -56.96
C TYR F 4818 62.70 -39.52 -58.00
N VAL F 4819 63.49 -38.56 -57.50
CA VAL F 4819 64.29 -37.61 -58.27
C VAL F 4819 63.39 -36.47 -58.74
N GLY F 4820 62.24 -36.82 -59.31
CA GLY F 4820 61.32 -35.80 -59.77
C GLY F 4820 60.74 -34.96 -58.65
N VAL F 4821 60.15 -35.61 -57.65
CA VAL F 4821 59.51 -34.87 -56.57
C VAL F 4821 60.54 -34.17 -55.69
N ARG F 4822 61.59 -34.88 -55.31
CA ARG F 4822 62.67 -34.29 -54.51
C ARG F 4822 63.74 -33.73 -55.45
N ALA F 4823 63.36 -32.64 -56.11
CA ALA F 4823 64.30 -31.89 -56.95
C ALA F 4823 64.40 -30.41 -56.60
N GLY F 4824 63.37 -29.79 -56.04
CA GLY F 4824 63.39 -28.38 -55.72
C GLY F 4824 63.01 -27.47 -56.87
N GLY F 4825 62.95 -27.97 -58.09
CA GLY F 4825 62.56 -27.16 -59.23
C GLY F 4825 61.69 -27.93 -60.22
N GLY F 4826 61.41 -29.19 -59.91
CA GLY F 4826 60.63 -30.02 -60.81
C GLY F 4826 61.48 -30.97 -61.62
N ILE F 4827 60.79 -31.76 -62.44
CA ILE F 4827 61.43 -32.78 -63.25
C ILE F 4827 62.33 -32.19 -64.33
N GLY F 4828 62.06 -30.97 -64.78
CA GLY F 4828 62.84 -30.35 -65.83
C GLY F 4828 64.29 -30.08 -65.48
N ASP F 4829 64.62 -30.07 -64.19
CA ASP F 4829 66.02 -29.96 -63.77
C ASP F 4829 66.82 -31.16 -64.25
N GLU F 4830 66.29 -32.37 -64.04
CA GLU F 4830 67.01 -33.58 -64.44
C GLU F 4830 66.79 -33.88 -65.91
N ILE F 4831 65.61 -33.59 -66.44
CA ILE F 4831 65.33 -33.84 -67.86
C ILE F 4831 66.08 -32.80 -68.69
N GLU F 4832 66.57 -33.23 -69.86
CA GLU F 4832 67.44 -32.38 -70.66
C GLU F 4832 66.68 -31.19 -71.24
N ASP F 4833 67.45 -30.20 -71.69
CA ASP F 4833 66.86 -28.96 -72.18
C ASP F 4833 66.09 -29.20 -73.47
N PRO F 4834 64.93 -28.57 -73.65
CA PRO F 4834 64.11 -28.80 -74.84
C PRO F 4834 64.31 -27.82 -76.00
N ALA F 4835 65.32 -26.95 -75.94
CA ALA F 4835 65.50 -25.93 -76.96
C ALA F 4835 65.78 -26.58 -78.32
N GLY F 4836 65.19 -25.99 -79.36
CA GLY F 4836 65.34 -26.49 -80.71
C GLY F 4836 64.43 -27.63 -81.10
N ASP F 4837 63.29 -27.78 -80.42
CA ASP F 4837 62.38 -28.89 -80.64
C ASP F 4837 60.98 -28.35 -80.91
N GLU F 4838 60.19 -29.10 -81.67
CA GLU F 4838 58.83 -28.65 -81.99
C GLU F 4838 57.88 -28.82 -80.80
N TYR F 4839 58.25 -29.65 -79.83
CA TYR F 4839 57.51 -29.77 -78.58
C TYR F 4839 58.08 -28.88 -77.49
N GLU F 4840 58.75 -27.79 -77.87
CA GLU F 4840 59.40 -26.92 -76.90
C GLU F 4840 58.38 -26.26 -75.98
N ILE F 4841 57.34 -25.65 -76.57
CA ILE F 4841 56.31 -24.98 -75.78
C ILE F 4841 55.50 -26.00 -74.98
N TYR F 4842 55.22 -27.17 -75.56
CA TYR F 4842 54.45 -28.18 -74.84
C TYR F 4842 55.21 -28.69 -73.63
N ARG F 4843 56.52 -28.91 -73.79
CA ARG F 4843 57.31 -29.34 -72.65
C ARG F 4843 57.40 -28.24 -71.60
N ILE F 4844 57.53 -26.99 -72.04
CA ILE F 4844 57.52 -25.88 -71.07
C ILE F 4844 56.25 -25.92 -70.23
N ILE F 4845 55.09 -26.07 -70.87
CA ILE F 4845 53.84 -26.13 -70.13
C ILE F 4845 53.81 -27.36 -69.21
N PHE F 4846 54.20 -28.53 -69.73
CA PHE F 4846 54.28 -29.76 -68.94
C PHE F 4846 55.04 -29.54 -67.64
N ASP F 4847 56.29 -29.09 -67.75
CA ASP F 4847 57.15 -28.99 -66.58
C ASP F 4847 56.75 -27.84 -65.66
N ILE F 4848 56.30 -26.71 -66.21
CA ILE F 4848 55.88 -25.61 -65.35
C ILE F 4848 54.66 -26.02 -64.53
N THR F 4849 53.71 -26.71 -65.16
CA THR F 4849 52.58 -27.25 -64.42
C THR F 4849 53.03 -28.28 -63.40
N PHE F 4850 54.03 -29.10 -63.73
CA PHE F 4850 54.57 -30.03 -62.74
C PHE F 4850 55.12 -29.29 -61.53
N PHE F 4851 55.90 -28.24 -61.76
CA PHE F 4851 56.48 -27.47 -60.66
C PHE F 4851 55.39 -26.86 -59.79
N PHE F 4852 54.36 -26.29 -60.42
CA PHE F 4852 53.31 -25.63 -59.64
C PHE F 4852 52.45 -26.64 -58.89
N PHE F 4853 52.01 -27.71 -59.57
CA PHE F 4853 51.02 -28.61 -58.97
C PHE F 4853 51.64 -29.59 -58.00
N VAL F 4854 52.89 -30.01 -58.25
CA VAL F 4854 53.52 -31.06 -57.46
C VAL F 4854 54.49 -30.51 -56.42
N ILE F 4855 55.31 -29.52 -56.75
CA ILE F 4855 56.31 -28.96 -55.84
C ILE F 4855 55.73 -27.84 -54.99
N VAL F 4856 55.20 -26.80 -55.63
CA VAL F 4856 54.61 -25.69 -54.90
C VAL F 4856 53.36 -26.15 -54.15
N ILE F 4857 52.60 -27.06 -54.77
CA ILE F 4857 51.32 -27.48 -54.22
C ILE F 4857 51.37 -28.98 -53.92
N LEU F 4858 50.59 -29.36 -52.90
CA LEU F 4858 50.42 -30.70 -52.34
C LEU F 4858 51.63 -31.13 -51.52
N LEU F 4859 52.77 -30.47 -51.73
CA LEU F 4859 53.93 -30.73 -50.89
C LEU F 4859 53.96 -29.76 -49.73
N ALA F 4860 53.80 -28.47 -50.02
CA ALA F 4860 53.45 -27.52 -48.99
C ALA F 4860 52.17 -27.93 -48.27
N ILE F 4861 51.25 -28.61 -48.97
CA ILE F 4861 50.02 -29.05 -48.32
C ILE F 4861 50.31 -30.18 -47.32
N ILE F 4862 51.10 -31.18 -47.71
CA ILE F 4862 51.46 -32.23 -46.76
C ILE F 4862 52.22 -31.66 -45.56
N GLN F 4863 53.20 -30.80 -45.84
CA GLN F 4863 53.98 -30.17 -44.77
C GLN F 4863 53.10 -29.36 -43.85
N GLY F 4864 52.16 -28.60 -44.43
CA GLY F 4864 51.26 -27.80 -43.64
C GLY F 4864 50.33 -28.63 -42.78
N LEU F 4865 49.82 -29.73 -43.35
CA LEU F 4865 48.99 -30.64 -42.56
C LEU F 4865 49.75 -31.12 -41.33
N ILE F 4866 50.97 -31.59 -41.51
CA ILE F 4866 51.71 -32.15 -40.37
C ILE F 4866 52.05 -31.06 -39.35
N ILE F 4867 52.57 -29.92 -39.81
CA ILE F 4867 52.98 -28.88 -38.88
C ILE F 4867 51.77 -28.27 -38.17
N ASP F 4868 50.64 -28.15 -38.88
CA ASP F 4868 49.43 -27.62 -38.26
C ASP F 4868 48.86 -28.60 -37.25
N ALA F 4869 48.97 -29.90 -37.52
CA ALA F 4869 48.57 -30.88 -36.51
C ALA F 4869 49.43 -30.74 -35.26
N PHE F 4870 50.74 -30.58 -35.42
CA PHE F 4870 51.61 -30.37 -34.26
C PHE F 4870 51.22 -29.11 -33.50
N GLY F 4871 50.99 -28.02 -34.23
CA GLY F 4871 50.59 -26.77 -33.58
C GLY F 4871 49.27 -26.87 -32.87
N GLU F 4872 48.29 -27.54 -33.48
CA GLU F 4872 46.99 -27.72 -32.83
C GLU F 4872 47.10 -28.58 -31.58
N LEU F 4873 47.94 -29.61 -31.60
CA LEU F 4873 48.15 -30.40 -30.40
C LEU F 4873 48.75 -29.57 -29.28
N ARG F 4874 49.78 -28.79 -29.60
CA ARG F 4874 50.39 -27.94 -28.57
C ARG F 4874 49.40 -26.91 -28.05
N ASP F 4875 48.60 -26.32 -28.94
CA ASP F 4875 47.60 -25.34 -28.54
C ASP F 4875 46.50 -25.98 -27.70
N GLN F 4876 46.14 -27.23 -27.99
CA GLN F 4876 45.17 -27.92 -27.14
C GLN F 4876 45.73 -28.16 -25.74
N GLN F 4877 47.02 -28.52 -25.65
CA GLN F 4877 47.64 -28.65 -24.32
C GLN F 4877 47.61 -27.32 -23.57
N GLU F 4878 47.98 -26.23 -24.26
CA GLU F 4878 47.93 -24.92 -23.62
C GLU F 4878 46.52 -24.53 -23.24
N GLN F 4879 45.52 -24.88 -24.06
CA GLN F 4879 44.13 -24.57 -23.73
C GLN F 4879 43.66 -25.36 -22.53
N VAL F 4880 44.10 -26.62 -22.41
CA VAL F 4880 43.75 -27.41 -21.23
C VAL F 4880 44.31 -26.75 -19.97
N LYS F 4881 45.58 -26.35 -20.02
CA LYS F 4881 46.19 -25.69 -18.86
C LYS F 4881 45.50 -24.37 -18.58
N GLU F 4882 45.15 -23.64 -19.63
CA GLU F 4882 44.51 -22.33 -19.49
C GLU F 4882 43.14 -22.46 -18.83
N ASP F 4883 42.34 -23.43 -19.28
CA ASP F 4883 41.03 -23.68 -18.69
C ASP F 4883 41.16 -24.13 -17.24
N MET F 4884 42.17 -24.97 -16.95
CA MET F 4884 42.44 -25.35 -15.57
C MET F 4884 42.69 -24.13 -14.70
N GLU F 4885 43.50 -23.19 -15.17
CA GLU F 4885 43.84 -22.01 -14.37
C GLU F 4885 42.74 -20.95 -14.36
N THR F 4886 41.77 -21.02 -15.28
CA THR F 4886 40.75 -19.99 -15.33
C THR F 4886 39.35 -20.46 -14.94
N LYS F 4887 39.14 -21.74 -14.68
CA LYS F 4887 37.83 -22.18 -14.22
C LYS F 4887 37.96 -23.41 -13.33
N CYS F 4888 37.11 -23.49 -12.31
CA CYS F 4888 37.14 -24.60 -11.37
C CYS F 4888 36.61 -25.87 -12.04
N PHE F 4889 37.13 -27.02 -11.61
CA PHE F 4889 36.80 -28.27 -12.27
C PHE F 4889 35.35 -28.70 -12.01
N ILE F 4890 34.92 -28.63 -10.76
CA ILE F 4890 33.62 -29.20 -10.39
C ILE F 4890 32.49 -28.24 -10.74
N CYS F 4891 32.48 -27.06 -10.11
CA CYS F 4891 31.37 -26.14 -10.32
C CYS F 4891 31.42 -25.50 -11.71
N GLY F 4892 32.62 -25.25 -12.22
CA GLY F 4892 32.78 -24.63 -13.52
C GLY F 4892 32.65 -23.13 -13.54
N ILE F 4893 32.50 -22.49 -12.39
CA ILE F 4893 32.41 -21.03 -12.33
C ILE F 4893 33.76 -20.43 -12.68
N GLY F 4894 33.72 -19.28 -13.35
CA GLY F 4894 34.94 -18.61 -13.77
C GLY F 4894 35.80 -18.21 -12.58
N ASN F 4895 37.11 -18.19 -12.81
CA ASN F 4895 38.06 -17.86 -11.74
C ASN F 4895 37.89 -16.43 -11.25
N ASP F 4896 37.44 -15.53 -12.13
CA ASP F 4896 37.35 -14.12 -11.77
C ASP F 4896 36.32 -13.89 -10.68
N TYR F 4897 35.24 -14.66 -10.69
CA TYR F 4897 34.17 -14.48 -9.70
C TYR F 4897 34.70 -14.69 -8.30
N PHE F 4898 35.52 -15.72 -8.10
CA PHE F 4898 36.17 -15.91 -6.81
C PHE F 4898 37.29 -14.88 -6.62
N ASP F 4899 38.04 -14.58 -7.67
CA ASP F 4899 39.17 -13.67 -7.57
C ASP F 4899 38.77 -12.23 -7.32
N THR F 4900 37.47 -11.95 -7.26
CA THR F 4900 37.03 -10.62 -6.82
C THR F 4900 37.66 -10.27 -5.48
N VAL F 4901 37.64 -11.21 -4.54
CA VAL F 4901 38.40 -11.09 -3.29
C VAL F 4901 39.80 -11.62 -3.58
N PRO F 4902 40.83 -11.18 -2.84
CA PRO F 4902 42.18 -11.71 -3.07
C PRO F 4902 42.26 -13.21 -2.79
N HIS F 4903 43.02 -13.92 -3.64
CA HIS F 4903 43.20 -15.37 -3.50
C HIS F 4903 41.88 -16.13 -3.53
N GLY F 4904 40.87 -15.53 -4.16
CA GLY F 4904 39.56 -16.18 -4.20
C GLY F 4904 39.57 -17.50 -4.95
N PHE F 4905 40.15 -17.53 -6.15
CA PHE F 4905 40.22 -18.77 -6.90
C PHE F 4905 41.08 -19.81 -6.22
N GLU F 4906 42.21 -19.38 -5.64
CA GLU F 4906 43.07 -20.32 -4.92
C GLU F 4906 42.33 -20.95 -3.75
N THR F 4907 41.62 -20.14 -2.97
CA THR F 4907 40.85 -20.67 -1.84
C THR F 4907 39.76 -21.60 -2.32
N HIS F 4908 39.04 -21.21 -3.38
CA HIS F 4908 37.94 -22.02 -3.88
C HIS F 4908 38.43 -23.36 -4.39
N THR F 4909 39.56 -23.38 -5.09
CA THR F 4909 40.07 -24.61 -5.69
C THR F 4909 40.96 -25.41 -4.76
N LEU F 4910 41.33 -24.85 -3.60
CA LEU F 4910 42.15 -25.58 -2.62
C LEU F 4910 41.33 -26.11 -1.46
N GLN F 4911 40.33 -25.37 -0.98
CA GLN F 4911 39.55 -25.78 0.17
C GLN F 4911 38.08 -25.94 -0.14
N GLU F 4912 37.45 -24.96 -0.80
CA GLU F 4912 36.01 -25.02 -1.02
C GLU F 4912 35.65 -26.14 -2.00
N HIS F 4913 36.33 -26.19 -3.14
CA HIS F 4913 36.02 -27.12 -4.21
C HIS F 4913 37.26 -27.87 -4.67
N ASN F 4914 38.03 -28.40 -3.72
CA ASN F 4914 39.25 -29.13 -4.06
C ASN F 4914 38.91 -30.42 -4.78
N LEU F 4915 39.71 -30.73 -5.81
CA LEU F 4915 39.45 -31.92 -6.61
C LEU F 4915 39.70 -33.20 -5.82
N ALA F 4916 40.82 -33.27 -5.10
CA ALA F 4916 41.16 -34.48 -4.36
C ALA F 4916 40.27 -34.65 -3.14
N ASN F 4917 39.61 -33.58 -2.69
CA ASN F 4917 38.75 -33.67 -1.52
C ASN F 4917 37.58 -34.61 -1.77
N TYR F 4918 37.01 -34.57 -2.98
CA TYR F 4918 35.91 -35.46 -3.31
C TYR F 4918 36.37 -36.92 -3.33
N LEU F 4919 37.58 -37.17 -3.84
CA LEU F 4919 38.15 -38.51 -3.79
C LEU F 4919 38.32 -38.98 -2.35
N PHE F 4920 38.87 -38.12 -1.49
CA PHE F 4920 39.05 -38.49 -0.09
C PHE F 4920 37.71 -38.74 0.58
N PHE F 4921 36.69 -37.95 0.25
CA PHE F 4921 35.35 -38.13 0.82
C PHE F 4921 34.72 -39.45 0.36
N LEU F 4922 34.86 -39.78 -0.93
CA LEU F 4922 34.35 -41.05 -1.42
C LEU F 4922 35.04 -42.21 -0.71
N MET F 4923 36.36 -42.12 -0.53
CA MET F 4923 37.08 -43.18 0.18
C MET F 4923 36.64 -43.27 1.63
N TYR F 4924 36.41 -42.12 2.27
CA TYR F 4924 35.95 -42.09 3.65
C TYR F 4924 34.58 -42.74 3.79
N LEU F 4925 33.68 -42.48 2.84
CA LEU F 4925 32.40 -43.16 2.78
C LEU F 4925 32.53 -44.66 2.59
N ILE F 4926 33.42 -45.10 1.71
CA ILE F 4926 33.64 -46.53 1.51
C ILE F 4926 34.14 -47.21 2.77
N ASN F 4927 35.12 -46.60 3.45
CA ASN F 4927 35.65 -47.22 4.66
C ASN F 4927 34.66 -47.18 5.82
N LYS F 4928 33.90 -46.09 5.93
CA LYS F 4928 32.97 -45.94 7.05
C LYS F 4928 31.82 -46.94 6.95
N ASP F 4929 31.33 -47.37 8.10
CA ASP F 4929 30.15 -48.22 8.15
C ASP F 4929 28.92 -47.42 7.78
N GLU F 4930 27.99 -48.05 7.05
CA GLU F 4930 26.77 -47.39 6.62
C GLU F 4930 25.90 -46.99 7.80
N THR F 4931 26.00 -47.75 8.90
CA THR F 4931 25.20 -47.45 10.08
C THR F 4931 25.64 -46.14 10.74
N GLU F 4932 26.92 -45.78 10.62
CA GLU F 4932 27.44 -44.55 11.19
C GLU F 4932 27.37 -43.38 10.22
N HIS F 4933 26.79 -43.57 9.04
CA HIS F 4933 26.67 -42.48 8.08
C HIS F 4933 25.78 -41.38 8.61
N THR F 4934 26.19 -40.13 8.39
CA THR F 4934 25.35 -38.99 8.69
C THR F 4934 24.28 -38.85 7.60
N GLY F 4935 23.44 -37.83 7.72
CA GLY F 4935 22.42 -37.61 6.70
C GLY F 4935 23.03 -37.30 5.35
N GLN F 4936 23.98 -36.35 5.32
CA GLN F 4936 24.64 -36.00 4.07
C GLN F 4936 25.41 -37.18 3.50
N GLU F 4937 26.12 -37.91 4.37
CA GLU F 4937 26.91 -39.05 3.93
C GLU F 4937 26.01 -40.11 3.31
N SER F 4938 24.88 -40.41 3.97
CA SER F 4938 23.94 -41.39 3.44
C SER F 4938 23.33 -40.93 2.13
N TYR F 4939 23.03 -39.64 2.02
CA TYR F 4939 22.49 -39.09 0.77
C TYR F 4939 23.47 -39.29 -0.39
N VAL F 4940 24.73 -38.91 -0.17
CA VAL F 4940 25.75 -39.04 -1.21
C VAL F 4940 25.96 -40.52 -1.55
N TRP F 4941 26.03 -41.38 -0.54
CA TRP F 4941 26.18 -42.82 -0.76
C TRP F 4941 25.04 -43.37 -1.59
N LYS F 4942 23.80 -43.02 -1.23
CA LYS F 4942 22.63 -43.53 -1.94
C LYS F 4942 22.65 -43.13 -3.41
N MET F 4943 22.87 -41.84 -3.68
CA MET F 4943 22.82 -41.42 -5.08
C MET F 4943 24.08 -41.83 -5.84
N TYR F 4944 25.15 -42.16 -5.10
CA TYR F 4944 26.31 -42.74 -5.76
C TYR F 4944 26.02 -44.15 -6.26
N GLN F 4945 25.43 -44.99 -5.42
CA GLN F 4945 25.05 -46.31 -5.90
C GLN F 4945 23.83 -46.29 -6.82
N GLU F 4946 23.09 -45.18 -6.87
CA GLU F 4946 22.09 -44.98 -7.91
C GLU F 4946 22.68 -44.28 -9.13
N ARG F 4947 23.97 -43.96 -9.12
CA ARG F 4947 24.67 -43.34 -10.23
C ARG F 4947 24.01 -42.01 -10.61
N CYS F 4948 23.69 -41.24 -9.58
CA CYS F 4948 23.10 -39.92 -9.72
C CYS F 4948 24.12 -38.89 -9.25
N TRP F 4949 24.68 -38.13 -10.20
CA TRP F 4949 25.73 -37.17 -9.90
C TRP F 4949 25.20 -35.76 -9.72
N GLU F 4950 23.92 -35.61 -9.38
CA GLU F 4950 23.37 -34.28 -9.14
C GLU F 4950 23.88 -33.66 -7.84
N PHE F 4951 24.44 -34.48 -6.93
CA PHE F 4951 24.93 -33.94 -5.68
C PHE F 4951 26.15 -33.04 -5.91
N PHE F 4952 26.83 -33.22 -7.03
CA PHE F 4952 27.94 -32.35 -7.39
C PHE F 4952 27.40 -30.95 -7.71
N PRO F 4953 28.04 -29.90 -7.21
CA PRO F 4953 27.62 -28.54 -7.55
C PRO F 4953 27.73 -28.28 -9.04
N ALA F 4954 26.77 -27.52 -9.57
CA ALA F 4954 26.71 -27.19 -10.98
C ALA F 4954 26.49 -25.69 -11.13
N GLY F 4955 27.58 -24.96 -11.39
CA GLY F 4955 27.51 -23.51 -11.53
C GLY F 4955 27.06 -22.82 -10.27
N ASP F 4956 27.49 -23.33 -9.12
CA ASP F 4956 27.11 -22.76 -7.84
C ASP F 4956 28.15 -23.13 -6.80
N CYS F 4957 28.17 -22.36 -5.70
CA CYS F 4957 29.08 -22.61 -4.60
C CYS F 4957 28.45 -22.08 -3.32
N PHE F 4958 29.13 -22.30 -2.20
CA PHE F 4958 28.65 -21.79 -0.92
C PHE F 4958 28.62 -20.26 -0.93
N ARG F 4959 29.67 -19.64 -1.49
CA ARG F 4959 29.74 -18.18 -1.55
C ARG F 4959 28.60 -17.61 -2.38
N LYS F 4960 28.30 -18.24 -3.52
CA LYS F 4960 27.18 -17.76 -4.34
C LYS F 4960 25.84 -18.03 -3.66
N GLN F 4961 25.71 -19.18 -3.00
CA GLN F 4961 24.45 -19.53 -2.36
C GLN F 4961 24.10 -18.55 -1.24
N TYR F 4962 25.09 -18.17 -0.43
CA TYR F 4962 24.81 -17.26 0.67
C TYR F 4962 25.54 -15.93 0.51
N GLU F 4963 25.69 -15.46 -0.74
CA GLU F 4963 26.45 -14.24 -1.00
C GLU F 4963 25.83 -13.03 -0.31
N ASP F 4964 24.51 -12.87 -0.41
CA ASP F 4964 23.86 -11.74 0.24
C ASP F 4964 23.98 -11.85 1.75
N GLN F 4965 23.86 -13.06 2.29
CA GLN F 4965 23.99 -13.26 3.73
C GLN F 4965 25.44 -13.15 4.18
N LEU F 4966 26.37 -13.74 3.41
CA LEU F 4966 27.78 -13.67 3.77
C LEU F 4966 28.32 -12.25 3.67
N ASN F 4967 28.02 -11.57 2.57
CA ASN F 4967 28.53 -10.22 2.34
C ASN F 4967 27.69 -9.45 1.31
N GLU G 10 7.47 -14.47 24.70
CA GLU G 10 8.48 -15.23 25.41
C GLU G 10 8.44 -14.86 26.89
N ILE G 11 8.11 -15.84 27.73
CA ILE G 11 7.98 -15.59 29.16
C ILE G 11 9.33 -15.25 29.75
N GLN G 12 9.37 -14.20 30.57
CA GLN G 12 10.62 -13.77 31.17
C GLN G 12 11.00 -14.69 32.33
N PHE G 13 12.30 -14.75 32.62
CA PHE G 13 12.83 -15.51 33.74
C PHE G 13 13.58 -14.56 34.67
N LEU G 14 13.23 -14.61 35.96
CA LEU G 14 13.83 -13.72 36.94
C LEU G 14 15.31 -14.01 37.09
N ARG G 15 16.11 -12.97 37.34
CA ARG G 15 17.55 -13.14 37.43
C ARG G 15 18.19 -12.06 38.31
N THR G 16 19.41 -12.36 38.75
CA THR G 16 20.20 -11.51 39.62
C THR G 16 20.42 -10.14 38.98
N ASP G 17 20.86 -9.19 39.81
CA ASP G 17 21.03 -7.79 39.46
C ASP G 17 19.71 -7.14 39.06
N ASP G 18 18.60 -7.86 39.20
CA ASP G 18 17.27 -7.31 39.02
C ASP G 18 16.64 -7.05 40.38
N GLU G 19 15.74 -6.08 40.42
CA GLU G 19 15.13 -5.63 41.65
C GLU G 19 13.73 -6.22 41.75
N VAL G 20 13.45 -6.91 42.85
CA VAL G 20 12.21 -7.67 43.01
C VAL G 20 11.63 -7.40 44.39
N VAL G 21 10.33 -7.65 44.52
CA VAL G 21 9.62 -7.58 45.79
C VAL G 21 9.03 -8.95 46.08
N LEU G 22 9.17 -9.40 47.32
CA LEU G 22 8.63 -10.70 47.74
C LEU G 22 7.24 -10.48 48.32
N GLN G 23 6.23 -11.00 47.64
CA GLN G 23 4.84 -10.80 48.03
C GLN G 23 4.26 -12.09 48.60
N CYS G 24 3.46 -11.94 49.65
CA CYS G 24 2.71 -13.03 50.25
C CYS G 24 1.27 -12.60 50.44
N THR G 25 0.36 -13.58 50.40
CA THR G 25 -1.07 -13.32 50.50
C THR G 25 -1.55 -13.55 51.93
N ALA G 26 -2.45 -12.68 52.39
CA ALA G 26 -3.03 -12.79 53.72
C ALA G 26 -4.55 -12.75 53.59
N THR G 27 -5.21 -13.77 54.13
CA THR G 27 -6.67 -13.88 54.05
C THR G 27 -7.27 -13.36 55.36
N ILE G 28 -7.72 -12.10 55.33
CA ILE G 28 -8.37 -11.46 56.46
C ILE G 28 -9.78 -11.05 56.04
N HIS G 29 -10.76 -11.35 56.89
CA HIS G 29 -12.17 -11.15 56.57
C HIS G 29 -12.57 -11.88 55.29
N LYS G 30 -12.01 -13.07 55.10
CA LYS G 30 -12.26 -13.89 53.90
C LYS G 30 -11.85 -13.14 52.64
N GLU G 31 -10.91 -12.20 52.76
CA GLU G 31 -10.45 -11.39 51.65
C GLU G 31 -8.94 -11.41 51.62
N GLN G 32 -8.36 -11.59 50.43
CA GLN G 32 -6.91 -11.73 50.28
C GLN G 32 -6.26 -10.37 50.14
N GLN G 33 -5.26 -10.10 50.97
CA GLN G 33 -4.48 -8.87 50.92
C GLN G 33 -3.02 -9.22 50.63
N LYS G 34 -2.49 -8.71 49.52
CA LYS G 34 -1.09 -8.95 49.18
C LYS G 34 -0.18 -8.04 49.99
N LEU G 35 0.89 -8.61 50.53
CA LEU G 35 1.83 -7.89 51.37
C LEU G 35 3.25 -8.16 50.89
N CYS G 36 4.07 -7.11 50.87
CA CYS G 36 5.48 -7.25 50.52
C CYS G 36 6.33 -7.24 51.79
N LEU G 37 7.35 -8.08 51.81
CA LEU G 37 8.26 -8.15 52.95
C LEU G 37 9.06 -6.86 53.02
N ALA G 38 8.93 -6.14 54.15
CA ALA G 38 9.56 -4.85 54.31
C ALA G 38 10.42 -4.86 55.57
N ALA G 39 11.49 -4.05 55.52
CA ALA G 39 12.40 -3.92 56.65
C ALA G 39 13.16 -2.61 56.56
N GLU G 40 13.01 -1.75 57.57
CA GLU G 40 13.69 -0.47 57.60
C GLU G 40 15.13 -0.70 58.06
N GLY G 41 16.09 -0.25 57.25
CA GLY G 41 17.49 -0.55 57.49
C GLY G 41 18.02 -0.12 58.84
N PHE G 42 18.13 1.18 59.07
CA PHE G 42 18.57 1.67 60.37
C PHE G 42 17.39 1.73 61.32
N GLY G 43 17.61 1.29 62.56
CA GLY G 43 16.55 1.19 63.54
C GLY G 43 16.08 -0.23 63.77
N ASN G 44 14.92 -0.59 63.21
CA ASN G 44 14.32 -1.90 63.43
C ASN G 44 14.84 -2.87 62.38
N ARG G 45 15.76 -3.75 62.79
CA ARG G 45 16.24 -4.80 61.90
C ARG G 45 15.17 -5.83 61.59
N LEU G 46 14.14 -5.94 62.44
CA LEU G 46 13.10 -6.94 62.23
C LEU G 46 12.27 -6.59 60.99
N CYS G 47 11.97 -7.61 60.19
CA CYS G 47 11.16 -7.41 58.99
C CYS G 47 9.68 -7.34 59.36
N PHE G 48 8.89 -6.76 58.45
CA PHE G 48 7.46 -6.65 58.64
C PHE G 48 6.78 -6.64 57.27
N LEU G 49 5.49 -6.37 57.26
CA LEU G 49 4.69 -6.35 56.04
C LEU G 49 3.91 -5.05 55.94
N GLU G 50 3.85 -4.49 54.74
CA GLU G 50 3.03 -3.32 54.45
C GLU G 50 2.11 -3.66 53.28
N SER G 51 0.88 -3.14 53.33
CA SER G 51 -0.14 -3.54 52.37
C SER G 51 0.18 -3.02 50.98
N THR G 52 -0.01 -3.86 49.97
CA THR G 52 0.14 -3.47 48.57
C THR G 52 -1.18 -3.61 47.80
N SER G 53 -2.23 -4.13 48.44
CA SER G 53 -3.52 -4.29 47.80
C SER G 53 -4.35 -3.01 47.85
N ASN G 54 -4.05 -2.12 48.80
CA ASN G 54 -4.79 -0.88 48.98
C ASN G 54 -4.07 0.32 48.38
N SER G 55 -3.43 0.13 47.22
CA SER G 55 -2.62 1.18 46.62
C SER G 55 -3.44 2.43 46.33
N LYS G 56 -4.72 2.25 45.98
CA LYS G 56 -5.57 3.40 45.66
C LYS G 56 -5.75 4.33 46.85
N ASN G 57 -5.98 3.75 48.04
CA ASN G 57 -6.21 4.59 49.21
C ASN G 57 -4.90 4.92 49.92
N VAL G 58 -4.06 3.92 50.16
CA VAL G 58 -2.81 4.09 50.89
C VAL G 58 -1.66 3.71 49.98
N PRO G 59 -0.76 4.64 49.65
CA PRO G 59 0.39 4.29 48.79
C PRO G 59 1.28 3.26 49.47
N PRO G 60 1.80 2.29 48.72
CA PRO G 60 2.76 1.36 49.30
C PRO G 60 4.18 1.91 49.22
N ASP G 61 4.94 1.68 50.28
CA ASP G 61 6.34 2.10 50.34
C ASP G 61 7.21 0.93 49.88
N LEU G 62 7.46 0.87 48.58
CA LEU G 62 8.22 -0.23 47.99
C LEU G 62 9.72 -0.08 48.15
N SER G 63 10.20 1.09 48.57
CA SER G 63 11.63 1.31 48.72
C SER G 63 12.22 0.38 49.79
N ILE G 64 11.39 -0.09 50.71
CA ILE G 64 11.85 -0.99 51.77
C ILE G 64 11.36 -2.41 51.48
N CYS G 65 10.62 -2.59 50.40
CA CYS G 65 10.15 -3.91 49.98
C CYS G 65 10.95 -4.47 48.81
N THR G 66 11.73 -3.66 48.12
CA THR G 66 12.54 -4.12 46.99
C THR G 66 13.82 -4.78 47.48
N PHE G 67 14.16 -5.91 46.88
CA PHE G 67 15.40 -6.63 47.16
C PHE G 67 16.11 -6.94 45.85
N VAL G 68 17.42 -7.16 45.96
CA VAL G 68 18.27 -7.45 44.81
C VAL G 68 18.85 -8.85 44.97
N LEU G 69 18.77 -9.66 43.92
CA LEU G 69 19.34 -11.01 43.90
C LEU G 69 20.83 -10.87 43.65
N GLU G 70 21.63 -11.23 44.65
CA GLU G 70 23.07 -11.11 44.54
C GLU G 70 23.69 -12.28 43.77
N GLN G 71 23.56 -13.48 44.32
CA GLN G 71 24.19 -14.67 43.76
C GLN G 71 23.26 -15.87 43.89
N SER G 72 23.36 -16.78 42.93
CA SER G 72 22.60 -18.03 42.92
C SER G 72 23.58 -19.18 42.71
N LEU G 73 24.05 -19.74 43.82
CA LEU G 73 25.02 -20.82 43.77
C LEU G 73 24.36 -22.17 44.07
N SER G 74 24.95 -23.22 43.53
CA SER G 74 24.47 -24.56 43.81
C SER G 74 24.78 -24.94 45.26
N VAL G 75 24.07 -25.96 45.74
CA VAL G 75 24.25 -26.40 47.13
C VAL G 75 25.69 -26.83 47.37
N ARG G 76 26.24 -27.60 46.43
CA ARG G 76 27.61 -28.08 46.57
C ARG G 76 28.61 -26.94 46.59
N ALA G 77 28.44 -25.98 45.67
CA ALA G 77 29.36 -24.85 45.58
C ALA G 77 29.30 -23.99 46.84
N LEU G 78 28.09 -23.70 47.33
CA LEU G 78 27.97 -22.90 48.54
C LEU G 78 28.53 -23.63 49.75
N GLN G 79 28.28 -24.93 49.89
CA GLN G 79 28.87 -25.70 50.98
C GLN G 79 30.38 -25.65 50.92
N GLU G 80 30.96 -25.87 49.74
CA GLU G 80 32.41 -25.88 49.60
C GLU G 80 33.00 -24.51 49.94
N MET G 81 32.40 -23.44 49.44
CA MET G 81 33.00 -22.12 49.66
C MET G 81 32.81 -21.67 51.10
N LEU G 82 31.68 -22.02 51.72
CA LEU G 82 31.51 -21.76 53.14
C LEU G 82 32.51 -22.55 53.97
N ALA G 83 32.85 -23.76 53.52
CA ALA G 83 33.92 -24.51 54.18
C ALA G 83 35.25 -23.80 54.01
N ASN G 84 35.49 -23.21 52.85
CA ASN G 84 36.70 -22.43 52.61
C ASN G 84 36.70 -21.16 53.48
N HIS G 110 26.27 -13.31 35.16
CA HIS G 110 24.83 -13.15 34.98
C HIS G 110 24.23 -14.45 34.46
N ARG G 111 24.07 -15.41 35.37
CA ARG G 111 23.61 -16.77 35.08
C ARG G 111 22.08 -16.76 34.94
N THR G 112 21.46 -17.93 35.08
CA THR G 112 20.01 -18.05 35.10
C THR G 112 19.55 -18.85 36.32
N LEU G 113 18.56 -18.32 37.06
CA LEU G 113 18.01 -19.05 38.20
C LEU G 113 17.44 -20.39 37.79
N LEU G 114 17.66 -21.39 38.64
CA LEU G 114 17.03 -22.69 38.55
C LEU G 114 16.52 -23.06 39.94
N TYR G 115 15.38 -23.74 40.01
CA TYR G 115 14.89 -24.21 41.30
C TYR G 115 15.88 -25.20 41.89
N GLY G 116 16.06 -25.12 43.21
CA GLY G 116 17.07 -25.89 43.90
C GLY G 116 18.35 -25.13 44.21
N HIS G 117 18.43 -23.85 43.84
CA HIS G 117 19.56 -23.01 44.17
C HIS G 117 19.31 -22.30 45.50
N ALA G 118 20.35 -21.65 46.01
CA ALA G 118 20.24 -20.77 47.16
C ALA G 118 20.52 -19.35 46.71
N ILE G 119 19.59 -18.44 47.02
CA ILE G 119 19.66 -17.06 46.55
C ILE G 119 20.09 -16.17 47.71
N LEU G 120 20.82 -15.12 47.38
CA LEU G 120 21.28 -14.11 48.33
C LEU G 120 20.48 -12.84 48.08
N LEU G 121 19.54 -12.54 48.96
CA LEU G 121 18.72 -11.34 48.84
C LEU G 121 19.34 -10.19 49.61
N ARG G 122 19.59 -9.09 48.91
CA ARG G 122 20.17 -7.89 49.50
C ARG G 122 19.13 -6.78 49.44
N HIS G 123 18.86 -6.17 50.60
CA HIS G 123 17.87 -5.10 50.68
C HIS G 123 18.41 -3.87 49.95
N SER G 124 17.66 -3.41 48.95
CA SER G 124 18.16 -2.37 48.06
C SER G 124 18.48 -1.07 48.81
N TYR G 125 17.59 -0.68 49.72
CA TYR G 125 17.78 0.58 50.44
C TYR G 125 18.93 0.46 51.43
N SER G 126 18.83 -0.48 52.38
CA SER G 126 19.80 -0.53 53.47
C SER G 126 21.14 -1.09 53.00
N GLY G 127 21.13 -1.95 51.99
CA GLY G 127 22.33 -2.67 51.59
C GLY G 127 22.67 -3.86 52.45
N MET G 128 21.75 -4.31 53.30
CA MET G 128 21.96 -5.46 54.16
C MET G 128 21.16 -6.66 53.65
N TYR G 129 21.57 -7.85 54.07
CA TYR G 129 21.06 -9.10 53.51
C TYR G 129 20.01 -9.73 54.43
N LEU G 130 18.97 -10.29 53.81
CA LEU G 130 17.97 -11.04 54.55
C LEU G 130 18.61 -12.27 55.20
N CYS G 131 18.15 -12.58 56.41
CA CYS G 131 18.72 -13.68 57.17
C CYS G 131 17.74 -14.12 58.24
N CYS G 132 18.03 -15.27 58.83
CA CYS G 132 17.37 -15.70 60.07
C CYS G 132 18.18 -15.19 61.25
N LEU G 133 17.54 -14.42 62.11
CA LEU G 133 18.27 -13.69 63.15
C LEU G 133 18.84 -14.61 64.23
N SER G 134 18.43 -15.87 64.26
CA SER G 134 18.79 -16.89 65.25
C SER G 134 18.21 -16.58 66.62
N THR G 135 17.54 -15.44 66.80
CA THR G 135 16.79 -15.13 68.01
C THR G 135 15.31 -15.31 67.72
N SER G 136 14.51 -15.36 68.80
CA SER G 136 13.09 -15.63 68.65
C SER G 136 12.31 -14.83 69.68
N ARG G 137 11.33 -14.06 69.20
CA ARG G 137 10.35 -13.47 70.09
C ARG G 137 9.47 -14.52 70.72
N SER G 138 9.37 -15.70 70.09
CA SER G 138 8.62 -16.85 70.60
C SER G 138 7.17 -16.49 70.91
N SER G 139 6.56 -15.69 70.02
CA SER G 139 5.17 -15.31 70.19
C SER G 139 4.20 -16.46 69.97
N THR G 140 4.54 -17.42 69.11
CA THR G 140 3.68 -18.58 68.90
C THR G 140 4.32 -19.83 69.48
N ASP G 141 5.53 -20.15 69.04
CA ASP G 141 6.22 -21.34 69.49
C ASP G 141 7.71 -21.05 69.69
N LYS G 142 8.44 -22.08 70.12
CA LYS G 142 9.85 -21.92 70.44
C LYS G 142 10.73 -22.29 69.24
N LEU G 143 10.19 -23.04 68.29
CA LEU G 143 10.98 -23.45 67.13
C LEU G 143 11.20 -22.28 66.16
N ALA G 144 10.16 -21.49 65.92
CA ALA G 144 10.27 -20.42 64.94
C ALA G 144 11.24 -19.34 65.39
N PHE G 145 12.01 -18.82 64.44
CA PHE G 145 12.96 -17.75 64.68
C PHE G 145 12.52 -16.50 63.94
N ASP G 146 13.19 -15.40 64.24
CA ASP G 146 12.91 -14.12 63.61
C ASP G 146 13.71 -13.96 62.33
N VAL G 147 13.16 -13.17 61.40
CA VAL G 147 13.80 -12.91 60.11
C VAL G 147 14.14 -11.42 60.06
N GLY G 148 15.41 -11.11 59.87
CA GLY G 148 15.85 -9.73 59.82
C GLY G 148 16.89 -9.48 58.74
N LEU G 149 17.71 -8.45 58.93
CA LEU G 149 18.73 -8.05 57.98
C LEU G 149 20.09 -8.08 58.67
N GLN G 150 21.11 -8.59 57.96
CA GLN G 150 22.44 -8.79 58.52
C GLN G 150 23.48 -8.07 57.68
N GLU G 151 24.45 -7.45 58.35
CA GLU G 151 25.56 -6.81 57.66
C GLU G 151 26.41 -7.82 56.88
N ASP G 152 26.75 -8.94 57.51
CA ASP G 152 27.77 -9.84 57.00
C ASP G 152 27.11 -10.99 56.24
N THR G 153 27.66 -11.31 55.06
CA THR G 153 27.18 -12.44 54.28
C THR G 153 27.65 -13.79 54.82
N THR G 154 28.85 -13.84 55.42
CA THR G 154 29.40 -15.09 55.90
C THR G 154 28.47 -15.76 56.92
N GLY G 155 28.31 -17.07 56.76
CA GLY G 155 27.34 -17.82 57.54
C GLY G 155 26.16 -18.24 56.68
N GLU G 156 25.48 -19.29 57.12
CA GLU G 156 24.36 -19.86 56.38
C GLU G 156 23.04 -19.13 56.61
N ALA G 157 23.02 -18.13 57.50
CA ALA G 157 21.80 -17.40 57.78
C ALA G 157 21.37 -16.55 56.59
N CYS G 158 22.32 -15.94 55.90
CA CYS G 158 21.99 -15.02 54.81
C CYS G 158 21.45 -15.76 53.59
N TRP G 159 21.94 -16.95 53.32
CA TRP G 159 21.55 -17.69 52.13
C TRP G 159 20.20 -18.36 52.32
N TRP G 160 19.35 -18.27 51.29
CA TRP G 160 18.04 -18.88 51.30
C TRP G 160 17.87 -19.73 50.05
N THR G 161 17.48 -20.99 50.24
CA THR G 161 17.32 -21.93 49.14
C THR G 161 15.93 -21.75 48.51
N ILE G 162 15.90 -21.65 47.19
CA ILE G 162 14.64 -21.52 46.46
C ILE G 162 14.13 -22.92 46.11
N HIS G 163 12.90 -23.22 46.51
CA HIS G 163 12.27 -24.49 46.20
C HIS G 163 11.01 -24.26 45.40
N PRO G 164 10.71 -25.09 44.40
CA PRO G 164 9.50 -24.88 43.61
C PRO G 164 8.25 -25.24 44.41
N ALA G 165 7.35 -24.25 44.54
CA ALA G 165 6.09 -24.44 45.23
C ALA G 165 5.00 -25.01 44.34
N SER G 166 5.27 -25.17 43.04
CA SER G 166 4.31 -25.70 42.09
C SER G 166 4.78 -27.05 41.60
N LYS G 167 3.86 -28.02 41.53
CA LYS G 167 4.20 -29.35 41.03
C LYS G 167 4.58 -29.31 39.56
N GLN G 168 4.17 -28.25 38.85
CA GLN G 168 4.55 -28.05 37.46
C GLN G 168 6.00 -27.57 37.32
N ARG G 169 6.71 -27.44 38.43
CA ARG G 169 8.10 -27.01 38.45
C ARG G 169 8.93 -28.08 39.16
N SER G 170 10.12 -28.34 38.63
CA SER G 170 11.03 -29.32 39.19
C SER G 170 12.39 -28.67 39.42
N GLU G 171 13.20 -29.30 40.27
CA GLU G 171 14.54 -28.80 40.56
C GLU G 171 15.36 -28.72 39.28
N GLY G 172 15.91 -27.53 39.01
CA GLY G 172 16.67 -27.25 37.82
C GLY G 172 15.88 -26.50 36.76
N GLU G 173 14.56 -26.40 36.92
CA GLU G 173 13.75 -25.65 35.97
C GLU G 173 14.00 -24.15 36.13
N LYS G 174 13.77 -23.41 35.05
CA LYS G 174 13.97 -21.97 35.06
C LYS G 174 12.87 -21.30 35.89
N VAL G 175 13.29 -20.38 36.78
CA VAL G 175 12.34 -19.70 37.63
C VAL G 175 11.51 -18.72 36.79
N ARG G 176 10.19 -18.81 36.93
CA ARG G 176 9.28 -18.01 36.13
C ARG G 176 8.85 -16.76 36.88
N VAL G 177 8.56 -15.69 36.15
CA VAL G 177 8.11 -14.44 36.76
C VAL G 177 6.78 -14.64 37.48
N GLY G 178 5.82 -15.30 36.82
CA GLY G 178 4.53 -15.56 37.42
C GLY G 178 4.49 -16.73 38.37
N ASP G 179 5.61 -17.40 38.58
CA ASP G 179 5.65 -18.56 39.45
C ASP G 179 5.51 -18.15 40.91
N ASP G 180 5.05 -19.10 41.73
CA ASP G 180 4.90 -18.92 43.16
C ASP G 180 5.93 -19.77 43.88
N LEU G 181 6.60 -19.19 44.87
CA LEU G 181 7.81 -19.76 45.44
C LEU G 181 7.63 -20.06 46.93
N ILE G 182 8.45 -21.00 47.40
CA ILE G 182 8.60 -21.30 48.83
C ILE G 182 10.10 -21.24 49.14
N LEU G 183 10.46 -20.55 50.21
CA LEU G 183 11.85 -20.35 50.56
C LEU G 183 12.22 -21.11 51.83
N VAL G 184 13.41 -21.70 51.83
CA VAL G 184 13.95 -22.43 52.97
C VAL G 184 15.30 -21.84 53.34
N SER G 185 15.48 -21.49 54.60
CA SER G 185 16.73 -20.93 55.09
C SER G 185 17.78 -22.03 55.17
N VAL G 186 19.00 -21.69 54.77
CA VAL G 186 20.09 -22.68 54.79
C VAL G 186 20.47 -23.01 56.23
N SER G 187 20.55 -22.00 57.09
CA SER G 187 21.01 -22.21 58.46
C SER G 187 19.92 -22.88 59.31
N SER G 188 18.71 -22.32 59.30
CA SER G 188 17.65 -22.80 60.18
C SER G 188 16.85 -23.96 59.59
N GLU G 189 16.81 -24.09 58.26
CA GLU G 189 15.95 -25.07 57.59
C GLU G 189 14.49 -24.87 57.97
N ARG G 190 14.10 -23.63 58.23
CA ARG G 190 12.72 -23.24 58.38
C ARG G 190 12.23 -22.62 57.07
N TYR G 191 10.92 -22.50 56.94
CA TYR G 191 10.30 -21.89 55.77
C TYR G 191 9.94 -20.45 56.07
N LEU G 192 10.13 -19.58 55.09
CA LEU G 192 9.70 -18.19 55.24
C LEU G 192 8.18 -18.15 55.36
N HIS G 193 7.70 -17.93 56.59
CA HIS G 193 6.31 -18.20 56.93
C HIS G 193 5.64 -16.91 57.40
N LEU G 194 4.46 -16.64 56.86
CA LEU G 194 3.61 -15.57 57.35
C LEU G 194 2.67 -16.14 58.41
N SER G 195 2.77 -15.62 59.64
CA SER G 195 2.08 -16.21 60.79
C SER G 195 0.79 -15.45 61.04
N TYR G 196 -0.35 -16.17 60.95
CA TYR G 196 -1.63 -15.61 61.33
C TYR G 196 -1.91 -15.70 62.81
N GLY G 197 -1.15 -16.53 63.54
CA GLY G 197 -1.43 -16.75 64.96
C GLY G 197 -1.28 -15.48 65.79
N ASN G 198 -0.32 -14.64 65.43
CA ASN G 198 -0.15 -13.37 66.12
C ASN G 198 -1.33 -12.44 65.83
N GLY G 199 -1.54 -11.49 66.73
CA GLY G 199 -2.61 -10.50 66.52
C GLY G 199 -2.41 -9.70 65.25
N SER G 200 -1.15 -9.38 64.93
CA SER G 200 -0.80 -8.70 63.70
C SER G 200 -0.03 -9.66 62.80
N LEU G 201 -0.23 -9.51 61.48
CA LEU G 201 0.47 -10.35 60.53
C LEU G 201 1.97 -10.18 60.67
N HIS G 202 2.68 -11.31 60.78
CA HIS G 202 4.10 -11.31 61.06
C HIS G 202 4.80 -12.30 60.14
N VAL G 203 6.09 -12.07 59.90
CA VAL G 203 6.92 -12.99 59.13
C VAL G 203 7.92 -13.64 60.09
N ASP G 204 7.96 -14.97 60.06
CA ASP G 204 8.86 -15.74 60.89
C ASP G 204 9.38 -16.93 60.10
N ALA G 205 10.52 -17.46 60.53
CA ALA G 205 11.08 -18.67 59.95
C ALA G 205 10.49 -19.85 60.71
N ALA G 206 9.54 -20.56 60.09
CA ALA G 206 8.86 -21.67 60.72
C ALA G 206 8.83 -22.85 59.78
N PHE G 207 8.56 -24.03 60.35
CA PHE G 207 8.51 -25.25 59.54
C PHE G 207 7.22 -25.33 58.73
N GLN G 208 6.21 -24.57 59.11
CA GLN G 208 5.07 -24.36 58.22
C GLN G 208 5.49 -23.49 57.04
N GLN G 209 4.98 -23.82 55.86
CA GLN G 209 5.41 -23.17 54.63
C GLN G 209 4.34 -22.24 54.10
N THR G 210 4.78 -21.12 53.54
CA THR G 210 3.90 -20.11 52.97
C THR G 210 4.37 -19.74 51.57
N LEU G 211 3.41 -19.62 50.66
CA LEU G 211 3.69 -19.37 49.25
C LEU G 211 4.05 -17.90 49.07
N TRP G 212 5.22 -17.64 48.49
CA TRP G 212 5.71 -16.29 48.25
C TRP G 212 5.78 -16.03 46.75
N SER G 213 5.07 -15.00 46.30
CA SER G 213 5.13 -14.58 44.91
C SER G 213 6.09 -13.40 44.78
N VAL G 214 6.97 -13.45 43.81
CA VAL G 214 7.99 -12.44 43.60
C VAL G 214 7.68 -11.74 42.28
N ALA G 215 7.55 -10.40 42.34
CA ALA G 215 7.20 -9.57 41.20
C ALA G 215 8.33 -8.61 40.89
N PRO G 216 8.80 -8.55 39.64
CA PRO G 216 9.96 -7.71 39.30
C PRO G 216 9.64 -6.23 39.48
N ILE G 217 10.66 -5.47 39.88
CA ILE G 217 10.54 -4.01 39.92
C ILE G 217 11.25 -3.38 38.73
N SER G 218 12.50 -3.79 38.49
CA SER G 218 13.27 -3.31 37.36
C SER G 218 14.45 -4.26 37.14
N SER G 219 15.06 -4.15 35.97
CA SER G 219 16.24 -4.91 35.63
C SER G 219 17.39 -3.94 35.34
N GLY G 220 18.54 -4.18 35.97
CA GLY G 220 19.64 -3.24 35.87
C GLY G 220 20.23 -3.14 34.48
N SER G 221 20.36 -4.27 33.79
CA SER G 221 21.03 -4.27 32.49
C SER G 221 20.26 -3.46 31.46
N GLU G 222 18.93 -3.59 31.43
CA GLU G 222 18.13 -2.86 30.46
C GLU G 222 17.91 -1.40 30.84
N ALA G 223 18.33 -0.98 32.04
CA ALA G 223 18.19 0.42 32.42
C ALA G 223 19.09 1.29 31.56
N ALA G 224 18.57 2.44 31.16
CA ALA G 224 19.29 3.39 30.31
C ALA G 224 19.77 4.57 31.14
N GLN G 225 21.06 4.87 31.02
CA GLN G 225 21.65 5.98 31.78
C GLN G 225 21.09 7.31 31.30
N GLY G 226 20.86 8.21 32.25
CA GLY G 226 20.39 9.55 31.93
C GLY G 226 18.92 9.67 31.63
N TYR G 227 18.12 8.65 31.91
CA TYR G 227 16.69 8.68 31.64
C TYR G 227 15.93 8.38 32.92
N LEU G 228 14.78 9.02 33.07
CA LEU G 228 13.98 8.87 34.28
C LEU G 228 13.36 7.48 34.34
N ILE G 229 13.52 6.82 35.49
CA ILE G 229 12.88 5.55 35.77
C ILE G 229 12.10 5.68 37.07
N GLY G 230 11.17 4.75 37.29
CA GLY G 230 10.35 4.79 38.48
C GLY G 230 11.16 4.59 39.74
N GLY G 231 10.72 5.24 40.81
CA GLY G 231 11.37 5.13 42.10
C GLY G 231 12.58 6.01 42.31
N ASP G 232 12.93 6.84 41.34
CA ASP G 232 14.08 7.72 41.48
C ASP G 232 13.81 8.84 42.48
N VAL G 233 14.87 9.30 43.13
CA VAL G 233 14.82 10.52 43.93
C VAL G 233 15.40 11.64 43.08
N LEU G 234 14.59 12.65 42.80
CA LEU G 234 14.93 13.65 41.79
C LEU G 234 14.56 15.04 42.30
N ARG G 235 15.06 16.04 41.58
CA ARG G 235 14.83 17.45 41.89
C ARG G 235 14.09 18.11 40.73
N LEU G 236 13.04 18.86 41.05
CA LEU G 236 12.26 19.58 40.05
C LEU G 236 12.84 20.98 39.89
N LEU G 237 13.61 21.19 38.83
CA LEU G 237 14.32 22.44 38.59
C LEU G 237 13.63 23.24 37.50
N HIS G 238 13.38 24.52 37.79
CA HIS G 238 12.64 25.41 36.91
C HIS G 238 13.44 25.69 35.63
N GLY G 239 12.86 26.52 34.77
CA GLY G 239 13.45 26.75 33.46
C GLY G 239 14.85 27.33 33.53
N HIS G 240 15.11 28.17 34.54
CA HIS G 240 16.40 28.86 34.62
C HIS G 240 17.43 28.06 35.40
N MET G 241 17.03 26.90 35.95
CA MET G 241 17.85 26.07 36.83
C MET G 241 18.00 26.72 38.20
N ASP G 242 17.56 27.98 38.33
CA ASP G 242 17.89 28.77 39.50
C ASP G 242 16.99 28.46 40.70
N GLU G 243 15.72 28.16 40.47
CA GLU G 243 14.77 27.90 41.55
C GLU G 243 14.26 26.48 41.45
N CYS G 244 14.03 25.85 42.60
CA CYS G 244 13.59 24.47 42.69
C CYS G 244 12.36 24.37 43.57
N LEU G 245 11.44 23.49 43.19
CA LEU G 245 10.24 23.27 43.98
C LEU G 245 10.61 22.64 45.31
N THR G 246 10.19 23.26 46.40
CA THR G 246 10.58 22.83 47.74
C THR G 246 9.48 23.20 48.72
N VAL G 247 9.75 22.91 49.99
CA VAL G 247 8.84 23.24 51.09
C VAL G 247 9.53 24.29 51.95
N PRO G 248 8.79 24.95 52.84
CA PRO G 248 9.43 25.92 53.73
C PRO G 248 10.51 25.27 54.58
N SER G 249 11.43 26.11 55.08
CA SER G 249 12.51 25.64 55.92
C SER G 249 11.96 25.11 57.23
N GLY G 250 12.72 24.22 57.87
CA GLY G 250 12.28 23.59 59.09
C GLY G 250 12.24 24.51 60.29
N GLU G 251 11.02 24.87 60.73
CA GLU G 251 10.83 25.54 62.01
C GLU G 251 10.10 24.66 63.00
N HIS G 252 10.29 23.34 62.90
CA HIS G 252 9.71 22.34 63.80
C HIS G 252 8.18 22.27 63.71
N GLY G 253 7.59 22.73 62.62
CA GLY G 253 6.16 22.59 62.46
C GLY G 253 5.75 22.02 61.11
N GLU G 254 5.17 20.81 61.14
CA GLU G 254 4.75 20.18 59.89
C GLU G 254 3.57 20.91 59.27
N GLU G 255 2.73 21.55 60.09
CA GLU G 255 1.57 22.27 59.57
C GLU G 255 2.00 23.40 58.65
N GLN G 256 3.16 24.01 58.92
CA GLN G 256 3.67 25.06 58.05
C GLN G 256 4.65 24.51 57.02
N ARG G 257 5.26 23.35 57.28
CA ARG G 257 6.06 22.67 56.27
C ARG G 257 5.21 22.10 55.13
N ARG G 258 3.92 21.91 55.37
CA ARG G 258 3.03 21.28 54.40
C ARG G 258 2.88 22.02 53.09
N THR G 259 3.13 23.33 53.06
CA THR G 259 3.02 24.07 51.82
C THR G 259 4.21 23.78 50.90
N VAL G 260 4.05 24.12 49.63
CA VAL G 260 5.08 23.91 48.62
C VAL G 260 5.25 25.19 47.82
N HIS G 261 6.50 25.49 47.44
CA HIS G 261 6.80 26.72 46.71
C HIS G 261 8.17 26.57 46.06
N TYR G 262 8.61 27.66 45.43
CA TYR G 262 9.88 27.68 44.72
C TYR G 262 10.90 28.51 45.50
N GLU G 263 12.11 27.97 45.65
CA GLU G 263 13.24 28.68 46.24
C GLU G 263 14.49 28.37 45.45
N GLY G 264 15.50 29.23 45.62
CA GLY G 264 16.76 29.07 44.91
C GLY G 264 17.94 29.27 45.85
N GLY G 265 19.10 28.88 45.37
CA GLY G 265 20.33 29.03 46.14
C GLY G 265 20.79 27.70 46.71
N ALA G 266 21.07 27.68 48.02
CA ALA G 266 21.53 26.44 48.65
C ALA G 266 20.43 25.41 48.75
N VAL G 267 19.18 25.84 48.56
CA VAL G 267 18.04 24.92 48.59
C VAL G 267 18.20 23.83 47.54
N SER G 268 18.82 24.17 46.40
CA SER G 268 19.00 23.20 45.33
C SER G 268 19.92 22.05 45.74
N VAL G 269 20.86 22.32 46.65
CA VAL G 269 21.83 21.30 47.04
C VAL G 269 21.44 20.75 48.41
N HIS G 270 20.41 21.31 49.02
CA HIS G 270 19.92 20.87 50.31
C HIS G 270 19.04 19.62 50.14
N ALA G 271 18.51 19.13 51.26
CA ALA G 271 17.71 17.90 51.28
C ALA G 271 16.22 18.17 51.36
N ARG G 272 15.79 19.43 51.24
CA ARG G 272 14.38 19.79 51.27
C ARG G 272 13.73 19.77 49.90
N SER G 273 14.50 19.60 48.82
CA SER G 273 13.96 19.63 47.47
C SER G 273 14.13 18.29 46.77
N LEU G 274 14.12 17.20 47.52
CA LEU G 274 14.25 15.86 46.97
C LEU G 274 12.88 15.20 46.96
N TRP G 275 12.46 14.72 45.80
CA TRP G 275 11.17 14.07 45.63
C TRP G 275 11.36 12.69 45.02
N ARG G 276 10.54 11.75 45.48
CA ARG G 276 10.52 10.39 44.94
C ARG G 276 9.30 10.22 44.04
N LEU G 277 9.56 9.81 42.79
CA LEU G 277 8.52 9.59 41.81
C LEU G 277 8.12 8.12 41.89
N GLU G 278 6.95 7.87 42.48
CA GLU G 278 6.44 6.51 42.69
C GLU G 278 5.33 6.24 41.70
N THR G 279 5.45 5.16 40.94
CA THR G 279 4.42 4.78 39.98
C THR G 279 3.24 4.13 40.69
N LEU G 280 2.13 4.04 39.98
CA LEU G 280 0.91 3.47 40.52
C LEU G 280 0.84 1.95 40.42
N ARG G 281 1.78 1.31 39.73
CA ARG G 281 1.79 -0.13 39.57
C ARG G 281 2.82 -0.76 40.52
N VAL G 282 2.46 -1.90 41.10
CA VAL G 282 3.36 -2.57 42.03
C VAL G 282 4.48 -3.28 41.29
N ALA G 283 4.15 -4.02 40.25
CA ALA G 283 5.13 -4.77 39.47
C ALA G 283 5.65 -3.91 38.33
N TRP G 284 6.95 -4.04 38.05
CA TRP G 284 7.64 -3.23 37.05
C TRP G 284 7.50 -1.74 37.34
N SER G 285 7.59 -1.38 38.62
CA SER G 285 7.54 0.01 39.04
C SER G 285 8.82 0.77 38.73
N GLY G 286 9.93 0.07 38.51
CA GLY G 286 11.19 0.67 38.15
C GLY G 286 11.39 0.84 36.66
N SER G 287 10.37 0.60 35.86
CA SER G 287 10.47 0.74 34.41
C SER G 287 10.65 2.19 34.02
N HIS G 288 11.13 2.43 32.80
CA HIS G 288 11.32 3.78 32.30
C HIS G 288 9.98 4.52 32.30
N ILE G 289 10.00 5.74 32.86
CA ILE G 289 8.80 6.56 32.90
C ILE G 289 8.49 7.06 31.49
N ARG G 290 7.19 7.13 31.18
CA ARG G 290 6.73 7.53 29.86
C ARG G 290 5.89 8.80 29.98
N TRP G 291 5.74 9.51 28.86
CA TRP G 291 4.93 10.71 28.85
C TRP G 291 3.47 10.36 29.15
N GLY G 292 2.84 11.18 29.97
CA GLY G 292 1.46 10.93 30.37
C GLY G 292 1.27 9.68 31.21
N GLN G 293 2.23 9.38 32.09
CA GLN G 293 2.16 8.24 32.98
C GLN G 293 1.81 8.71 34.39
N PRO G 294 0.70 8.23 34.96
CA PRO G 294 0.36 8.65 36.33
C PRO G 294 1.45 8.24 37.32
N PHE G 295 1.76 9.15 38.24
CA PHE G 295 2.71 8.88 39.31
C PHE G 295 2.42 9.80 40.48
N ARG G 296 2.94 9.42 41.64
CA ARG G 296 2.79 10.18 42.86
C ARG G 296 4.14 10.67 43.34
N LEU G 297 4.19 11.92 43.81
CA LEU G 297 5.40 12.52 44.32
C LEU G 297 5.39 12.51 45.83
N ARG G 298 6.53 12.15 46.42
CA ARG G 298 6.68 12.06 47.86
C ARG G 298 7.91 12.86 48.28
N HIS G 299 7.72 13.82 49.18
CA HIS G 299 8.85 14.56 49.73
C HIS G 299 9.64 13.65 50.67
N VAL G 300 10.92 13.42 50.35
CA VAL G 300 11.70 12.43 51.08
C VAL G 300 11.89 12.85 52.53
N THR G 301 12.17 14.14 52.77
CA THR G 301 12.47 14.59 54.12
C THR G 301 11.25 14.50 55.03
N THR G 302 10.09 14.95 54.54
CA THR G 302 8.88 14.97 55.37
C THR G 302 8.04 13.70 55.24
N GLY G 303 8.10 13.02 54.10
CA GLY G 303 7.31 11.82 53.88
C GLY G 303 5.89 12.07 53.43
N LYS G 304 5.47 13.33 53.32
CA LYS G 304 4.13 13.65 52.87
C LYS G 304 4.08 13.61 51.34
N TYR G 305 2.89 13.34 50.82
CA TYR G 305 2.67 13.22 49.39
C TYR G 305 2.03 14.49 48.84
N LEU G 306 2.59 14.98 47.73
CA LEU G 306 2.04 16.17 47.09
C LEU G 306 0.62 15.91 46.62
N SER G 307 -0.27 16.86 46.89
CA SER G 307 -1.69 16.67 46.61
C SER G 307 -2.35 18.02 46.35
N LEU G 308 -3.57 17.97 45.82
CA LEU G 308 -4.33 19.17 45.45
C LEU G 308 -5.59 19.24 46.31
N MET G 309 -5.80 20.38 46.96
CA MET G 309 -7.02 20.57 47.73
C MET G 309 -8.12 21.16 46.85
N GLU G 310 -9.31 21.28 47.42
CA GLU G 310 -10.47 21.80 46.71
C GLU G 310 -10.32 23.26 46.31
N ASP G 311 -9.53 24.03 47.07
CA ASP G 311 -9.28 25.42 46.73
C ASP G 311 -8.28 25.58 45.59
N LYS G 312 -7.90 24.48 44.93
CA LYS G 312 -6.95 24.44 43.83
C LYS G 312 -5.55 24.88 44.23
N ASN G 313 -5.20 24.76 45.51
CA ASN G 313 -3.85 25.07 45.98
C ASN G 313 -3.20 23.79 46.48
N LEU G 314 -1.94 23.58 46.08
CA LEU G 314 -1.23 22.37 46.46
C LEU G 314 -0.93 22.36 47.95
N LEU G 315 -1.02 21.17 48.55
CA LEU G 315 -0.74 21.01 49.97
C LEU G 315 -0.28 19.58 50.24
N LEU G 316 0.74 19.44 51.08
CA LEU G 316 1.21 18.11 51.48
C LEU G 316 0.28 17.50 52.50
N MET G 317 -0.05 16.21 52.30
CA MET G 317 -0.87 15.49 53.25
C MET G 317 -0.24 14.12 53.55
N ASP G 318 -0.75 13.48 54.59
CA ASP G 318 -0.11 12.32 55.19
C ASP G 318 -0.27 11.08 54.29
N LYS G 319 0.45 10.03 54.67
CA LYS G 319 0.43 8.79 53.90
C LYS G 319 -0.93 8.12 53.93
N GLU G 320 -1.60 8.14 55.09
CA GLU G 320 -2.84 7.38 55.25
C GLU G 320 -3.95 7.89 54.33
N LYS G 321 -4.08 9.21 54.21
CA LYS G 321 -5.17 9.81 53.45
C LYS G 321 -4.74 10.29 52.07
N ALA G 322 -3.65 9.73 51.54
CA ALA G 322 -3.14 10.12 50.22
C ALA G 322 -3.89 9.31 49.16
N ASP G 323 -5.05 9.82 48.77
CA ASP G 323 -5.86 9.16 47.77
C ASP G 323 -5.28 9.37 46.38
N VAL G 324 -5.56 8.42 45.48
CA VAL G 324 -5.06 8.50 44.11
C VAL G 324 -5.69 9.68 43.38
N LYS G 325 -6.95 9.99 43.66
CA LYS G 325 -7.64 11.09 42.99
C LYS G 325 -7.12 12.46 43.39
N SER G 326 -6.25 12.54 44.40
CA SER G 326 -5.69 13.81 44.84
C SER G 326 -4.18 13.91 44.71
N THR G 327 -3.48 12.77 44.55
CA THR G 327 -2.02 12.75 44.62
C THR G 327 -1.35 12.29 43.34
N ALA G 328 -2.11 12.14 42.25
CA ALA G 328 -1.57 11.59 41.01
C ALA G 328 -1.31 12.72 40.01
N PHE G 329 -0.15 12.67 39.36
CA PHE G 329 0.28 13.67 38.40
C PHE G 329 0.91 12.98 37.18
N THR G 330 0.93 13.69 36.06
CA THR G 330 1.46 13.16 34.81
C THR G 330 2.36 14.17 34.13
N PHE G 331 3.51 13.70 33.65
CA PHE G 331 4.38 14.53 32.83
C PHE G 331 3.91 14.51 31.37
N ARG G 332 3.95 15.68 30.73
CA ARG G 332 3.54 15.82 29.33
C ARG G 332 4.58 16.60 28.56
N SER G 333 4.74 16.24 27.28
CA SER G 333 5.83 16.80 26.48
C SER G 333 5.63 18.28 26.21
N SER G 334 4.43 18.67 25.77
CA SER G 334 4.16 20.04 25.37
C SER G 334 3.06 20.63 26.24
N LYS G 335 3.12 21.95 26.44
CA LYS G 335 2.14 22.61 27.29
C LYS G 335 0.75 22.59 26.68
N GLU G 336 0.67 22.63 25.35
CA GLU G 336 -0.62 22.61 24.67
C GLU G 336 -1.32 21.28 24.89
N LYS G 337 -2.64 21.27 24.70
CA LYS G 337 -3.45 20.11 25.00
C LYS G 337 -3.38 19.06 23.89
N LEU G 338 -2.20 18.47 23.69
CA LEU G 338 -2.08 17.38 22.73
C LEU G 338 -2.81 16.15 23.27
N ASP G 339 -3.28 15.30 22.37
CA ASP G 339 -3.97 14.09 22.79
C ASP G 339 -3.01 13.15 23.51
N VAL G 340 -3.10 13.09 24.83
CA VAL G 340 -2.25 12.18 25.59
C VAL G 340 -2.58 10.73 25.27
N GLY G 341 -3.87 10.41 25.21
CA GLY G 341 -4.29 9.07 24.87
C GLY G 341 -4.06 8.10 26.01
N VAL G 342 -4.47 6.86 25.76
CA VAL G 342 -4.28 5.75 26.70
C VAL G 342 -3.58 4.62 25.97
N ARG G 343 -2.40 4.26 26.44
CA ARG G 343 -1.66 3.11 25.94
C ARG G 343 -1.67 2.05 27.02
N LYS G 344 -1.82 0.79 26.62
CA LYS G 344 -1.88 -0.30 27.60
C LYS G 344 -0.51 -0.48 28.25
N GLU G 345 -0.50 -0.52 29.59
CA GLU G 345 0.76 -0.66 30.31
C GLU G 345 1.35 -2.04 30.06
N VAL G 346 2.67 -2.07 29.86
CA VAL G 346 3.37 -3.29 29.46
C VAL G 346 4.30 -3.71 30.59
N ASP G 347 4.59 -5.01 30.65
CA ASP G 347 5.47 -5.59 31.67
C ASP G 347 6.91 -5.61 31.15
N GLY G 348 7.54 -4.43 31.18
CA GLY G 348 8.90 -4.31 30.71
C GLY G 348 9.45 -2.95 31.07
N MET G 349 10.76 -2.79 30.85
CA MET G 349 11.42 -1.53 31.15
C MET G 349 10.87 -0.40 30.29
N GLY G 350 10.65 -0.66 29.00
CA GLY G 350 10.00 0.29 28.13
C GLY G 350 10.93 1.33 27.55
N THR G 351 10.34 2.19 26.72
CA THR G 351 11.08 3.24 26.05
C THR G 351 11.48 4.34 27.03
N SER G 352 12.63 4.95 26.76
CA SER G 352 13.17 6.02 27.59
C SER G 352 12.72 7.38 27.07
N GLU G 353 11.45 7.71 27.31
CA GLU G 353 10.87 8.92 26.75
C GLU G 353 11.36 10.19 27.45
N ILE G 354 11.66 10.13 28.75
CA ILE G 354 12.08 11.29 29.52
C ILE G 354 13.57 11.16 29.83
N LYS G 355 14.31 12.22 29.51
CA LYS G 355 15.74 12.28 29.73
C LYS G 355 16.07 13.33 30.79
N TYR G 356 17.03 13.00 31.65
CA TYR G 356 17.41 13.90 32.73
C TYR G 356 18.06 15.16 32.18
N GLY G 357 17.56 16.32 32.58
CA GLY G 357 18.13 17.59 32.15
C GLY G 357 17.73 18.01 30.75
N ASP G 358 17.96 17.13 29.77
CA ASP G 358 17.69 17.48 28.38
C ASP G 358 16.19 17.65 28.14
N SER G 359 15.39 16.69 28.61
CA SER G 359 13.95 16.76 28.38
C SER G 359 13.30 17.82 29.25
N VAL G 360 12.31 18.50 28.68
CA VAL G 360 11.52 19.50 29.38
C VAL G 360 10.13 18.92 29.62
N CYS G 361 9.68 18.94 30.87
CA CYS G 361 8.45 18.29 31.27
C CYS G 361 7.42 19.32 31.74
N TYR G 362 6.16 19.00 31.47
CA TYR G 362 5.03 19.78 31.96
C TYR G 362 4.16 18.86 32.80
N ILE G 363 3.86 19.29 34.02
CA ILE G 363 3.19 18.45 35.01
C ILE G 363 1.77 18.96 35.23
N GLN G 364 0.82 18.02 35.31
CA GLN G 364 -0.56 18.37 35.61
C GLN G 364 -1.16 17.30 36.52
N HIS G 365 -2.23 17.68 37.21
CA HIS G 365 -3.03 16.71 37.94
C HIS G 365 -3.78 15.83 36.95
N VAL G 366 -3.97 14.56 37.33
CA VAL G 366 -4.59 13.60 36.40
C VAL G 366 -6.05 13.93 36.15
N ASP G 367 -6.75 14.42 37.18
CA ASP G 367 -8.19 14.66 37.08
C ASP G 367 -8.51 16.06 36.59
N THR G 368 -8.05 17.08 37.33
CA THR G 368 -8.41 18.46 36.99
C THR G 368 -7.75 18.88 35.68
N GLY G 369 -6.52 18.45 35.43
CA GLY G 369 -5.82 18.83 34.24
C GLY G 369 -5.20 20.21 34.29
N LEU G 370 -5.29 20.91 35.42
CA LEU G 370 -4.65 22.20 35.57
C LEU G 370 -3.14 22.02 35.46
N TRP G 371 -2.40 23.12 35.30
CA TRP G 371 -0.95 23.03 35.22
C TRP G 371 -0.28 23.71 36.41
N LEU G 372 0.72 23.04 36.98
CA LEU G 372 1.49 23.61 38.07
C LEU G 372 2.26 24.82 37.57
N THR G 373 2.04 25.95 38.23
CA THR G 373 2.67 27.20 37.81
C THR G 373 2.83 28.12 39.01
N TYR G 374 3.72 29.09 38.85
CA TYR G 374 4.00 30.06 39.90
C TYR G 374 2.96 31.18 39.89
N GLN G 375 2.91 31.92 41.01
CA GLN G 375 1.89 32.95 41.18
C GLN G 375 2.05 34.11 40.20
N SER G 376 3.23 34.27 39.61
CA SER G 376 3.71 35.42 38.85
C SER G 376 4.01 36.60 39.75
N VAL G 377 3.82 36.47 41.07
CA VAL G 377 4.20 37.49 42.03
C VAL G 377 5.32 36.93 42.90
N ASP G 378 6.51 37.50 42.78
CA ASP G 378 7.67 37.00 43.52
C ASP G 378 7.85 37.74 44.84
N SER G 386 16.23 33.25 47.30
CA SER G 386 15.08 33.35 48.20
C SER G 386 13.90 34.02 47.49
N ILE G 387 13.52 33.48 46.34
CA ILE G 387 12.39 34.03 45.60
C ILE G 387 11.10 33.87 46.39
N GLN G 388 10.88 32.69 46.97
CA GLN G 388 9.71 32.41 47.81
C GLN G 388 8.41 32.68 47.05
N ARG G 389 8.37 32.25 45.79
CA ARG G 389 7.15 32.36 45.00
C ARG G 389 6.30 31.10 45.22
N LYS G 390 5.02 31.30 45.49
CA LYS G 390 4.13 30.17 45.74
C LYS G 390 3.78 29.50 44.42
N ALA G 391 3.47 28.20 44.49
CA ALA G 391 3.13 27.41 43.31
C ALA G 391 1.64 27.08 43.35
N ILE G 392 0.97 27.23 42.20
CA ILE G 392 -0.48 27.07 42.14
C ILE G 392 -0.85 26.14 40.98
N MET G 393 -2.12 25.77 40.95
CA MET G 393 -2.67 24.76 40.08
C MET G 393 -3.61 25.49 39.15
N HIS G 394 -3.20 25.78 37.92
CA HIS G 394 -3.92 26.74 37.09
C HIS G 394 -4.27 26.14 35.75
N HIS G 395 -5.43 26.54 35.21
CA HIS G 395 -6.03 25.79 34.10
C HIS G 395 -5.24 25.95 32.81
N GLU G 396 -4.89 27.19 32.44
CA GLU G 396 -4.16 27.39 31.20
C GLU G 396 -2.66 27.54 31.47
N GLY G 397 -2.30 28.07 32.64
CA GLY G 397 -0.93 28.12 33.07
C GLY G 397 -0.10 29.13 32.31
N HIS G 398 0.99 29.56 32.93
CA HIS G 398 1.91 30.49 32.31
C HIS G 398 2.72 29.80 31.21
N MET G 399 3.34 30.61 30.36
CA MET G 399 4.13 30.05 29.26
C MET G 399 5.42 29.42 29.76
N ASP G 400 6.01 29.99 30.81
CA ASP G 400 7.28 29.48 31.35
C ASP G 400 7.02 28.60 32.59
N ASP G 401 6.40 27.45 32.34
CA ASP G 401 6.16 26.45 33.38
C ASP G 401 7.00 25.20 33.18
N GLY G 402 8.06 25.28 32.39
CA GLY G 402 8.89 24.12 32.15
C GLY G 402 9.77 23.79 33.34
N ILE G 403 9.73 22.51 33.74
CA ILE G 403 10.55 22.01 34.83
C ILE G 403 11.32 20.81 34.31
N SER G 404 12.65 20.87 34.39
CA SER G 404 13.43 19.72 33.99
C SER G 404 13.61 18.76 35.16
N LEU G 405 14.42 17.73 34.95
CA LEU G 405 14.66 16.70 35.96
C LEU G 405 16.15 16.52 36.17
N SER G 406 16.59 16.62 37.41
CA SER G 406 17.97 16.35 37.80
C SER G 406 17.99 15.23 38.82
N ARG G 407 18.79 14.20 38.54
CA ARG G 407 18.83 13.01 39.37
C ARG G 407 19.74 13.22 40.57
N SER G 408 19.31 12.70 41.71
CA SER G 408 20.06 12.78 42.96
C SER G 408 20.91 11.53 43.14
N GLN G 409 21.99 11.66 43.89
CA GLN G 409 22.89 10.55 44.14
C GLN G 409 22.34 9.65 45.24
N HIS G 410 22.78 8.40 45.23
CA HIS G 410 22.33 7.39 46.19
C HIS G 410 22.66 7.81 47.61
N GLU G 411 23.87 8.35 47.81
CA GLU G 411 24.27 8.82 49.15
C GLU G 411 23.34 9.91 49.64
N GLU G 412 23.04 10.89 48.78
CA GLU G 412 22.20 12.01 49.20
C GLU G 412 20.76 11.59 49.45
N SER G 413 20.23 10.65 48.65
CA SER G 413 18.89 10.12 48.91
C SER G 413 18.84 9.32 50.21
N ARG G 414 19.85 8.48 50.45
CA ARG G 414 19.89 7.70 51.68
C ARG G 414 19.99 8.61 52.90
N THR G 415 20.76 9.70 52.79
CA THR G 415 20.87 10.63 53.90
C THR G 415 19.52 11.25 54.25
N ALA G 416 18.74 11.63 53.23
CA ALA G 416 17.42 12.19 53.48
C ALA G 416 16.49 11.15 54.11
N ARG G 417 16.55 9.91 53.63
CA ARG G 417 15.71 8.86 54.22
C ARG G 417 16.07 8.64 55.68
N VAL G 418 17.37 8.58 55.99
CA VAL G 418 17.81 8.44 57.37
C VAL G 418 17.37 9.64 58.21
N ILE G 419 17.42 10.83 57.62
CA ILE G 419 16.98 12.02 58.33
C ILE G 419 15.51 11.91 58.72
N ARG G 420 14.65 11.51 57.79
CA ARG G 420 13.25 11.36 58.13
C ARG G 420 13.01 10.27 59.18
N SER G 421 13.65 9.11 59.00
CA SER G 421 13.48 8.01 59.94
C SER G 421 14.03 8.34 61.33
N THR G 422 14.96 9.29 61.42
CA THR G 422 15.46 9.73 62.72
C THR G 422 14.57 10.81 63.33
N VAL G 423 14.06 11.73 62.50
CA VAL G 423 13.15 12.75 62.99
C VAL G 423 11.92 12.11 63.63
N PHE G 424 11.34 11.12 62.96
CA PHE G 424 10.14 10.48 63.49
C PHE G 424 10.40 9.87 64.86
N LEU G 425 11.47 9.08 64.97
CA LEU G 425 11.77 8.39 66.22
C LEU G 425 12.12 9.36 67.34
N PHE G 426 12.90 10.40 67.03
CA PHE G 426 13.29 11.35 68.07
C PHE G 426 12.11 12.17 68.53
N ASN G 427 11.21 12.54 67.62
CA ASN G 427 9.98 13.21 68.02
C ASN G 427 9.10 12.33 68.90
N ARG G 428 9.00 11.03 68.58
CA ARG G 428 8.27 10.11 69.46
C ARG G 428 8.90 10.08 70.84
N PHE G 429 10.23 10.00 70.90
CA PHE G 429 10.93 9.95 72.19
C PHE G 429 10.70 11.22 73.00
N ILE G 430 10.77 12.38 72.35
CA ILE G 430 10.55 13.65 73.04
C ILE G 430 9.10 13.75 73.53
N ARG G 431 8.14 13.31 72.70
CA ARG G 431 6.75 13.35 73.14
C ARG G 431 6.51 12.44 74.33
N GLY G 432 7.14 11.25 74.34
CA GLY G 432 7.03 10.37 75.49
C GLY G 432 7.59 10.99 76.75
N LEU G 433 8.77 11.62 76.64
CA LEU G 433 9.35 12.29 77.80
C LEU G 433 8.47 13.45 78.28
N ASP G 434 7.87 14.19 77.35
CA ASP G 434 6.98 15.28 77.72
C ASP G 434 5.74 14.76 78.44
N ALA G 435 5.18 13.64 77.97
CA ALA G 435 4.04 13.05 78.66
C ALA G 435 4.45 12.59 80.06
N LEU G 436 5.63 12.00 80.20
CA LEU G 436 6.11 11.61 81.53
C LEU G 436 6.26 12.83 82.43
N SER G 437 6.74 13.95 81.88
CA SER G 437 6.85 15.18 82.66
C SER G 437 5.47 15.70 83.07
N LYS G 438 4.49 15.64 82.19
CA LYS G 438 3.13 16.05 82.51
C LYS G 438 2.39 14.94 83.26
N LYS G 439 3.12 13.92 83.69
CA LYS G 439 2.62 12.91 84.63
C LYS G 439 1.57 12.01 84.00
N ALA G 440 1.75 11.67 82.73
CA ALA G 440 0.90 10.69 82.09
C ALA G 440 1.19 9.30 82.66
N LYS G 441 0.22 8.40 82.52
CA LYS G 441 0.38 7.05 83.03
C LYS G 441 1.55 6.36 82.33
N ALA G 442 2.35 5.63 83.12
CA ALA G 442 3.55 4.99 82.59
C ALA G 442 3.19 3.98 81.51
N SER G 443 2.14 3.20 81.73
CA SER G 443 1.69 2.26 80.70
C SER G 443 1.23 3.00 79.45
N THR G 444 0.52 4.13 79.63
CA THR G 444 0.08 4.91 78.48
C THR G 444 1.25 5.55 77.75
N VAL G 445 2.33 5.86 78.48
CA VAL G 445 3.48 6.51 77.87
C VAL G 445 4.16 5.54 76.92
N ASP G 446 4.41 6.00 75.69
CA ASP G 446 5.11 5.24 74.67
C ASP G 446 6.54 5.75 74.58
N LEU G 447 7.47 5.04 75.21
CA LEU G 447 8.86 5.46 75.25
C LEU G 447 9.72 4.45 74.50
N PRO G 448 10.16 4.75 73.28
CA PRO G 448 10.87 3.76 72.44
C PRO G 448 12.33 3.61 72.81
N ILE G 449 12.56 3.06 74.01
CA ILE G 449 13.90 3.04 74.59
C ILE G 449 14.89 2.25 73.75
N GLU G 450 14.53 1.02 73.35
CA GLU G 450 15.45 0.18 72.61
C GLU G 450 15.73 0.75 71.22
N SER G 451 14.70 1.24 70.55
CA SER G 451 14.87 1.79 69.21
C SER G 451 15.74 3.03 69.24
N VAL G 452 15.58 3.87 70.27
CA VAL G 452 16.46 5.04 70.39
C VAL G 452 17.91 4.62 70.49
N SER G 453 18.23 3.65 71.34
CA SER G 453 19.61 3.21 71.51
C SER G 453 20.17 2.62 70.22
N LEU G 454 19.40 1.76 69.56
CA LEU G 454 19.93 1.10 68.37
C LEU G 454 20.07 2.07 67.21
N SER G 455 19.12 2.99 67.04
CA SER G 455 19.26 4.03 66.03
C SER G 455 20.39 4.99 66.32
N LEU G 456 20.66 5.28 67.60
CA LEU G 456 21.83 6.06 67.98
C LEU G 456 23.13 5.36 67.63
N GLN G 457 23.21 4.05 67.87
CA GLN G 457 24.36 3.28 67.42
C GLN G 457 24.53 3.34 65.92
N ASP G 458 23.42 3.18 65.18
CA ASP G 458 23.48 3.26 63.71
C ASP G 458 23.91 4.64 63.24
N LEU G 459 23.40 5.70 63.89
CA LEU G 459 23.79 7.05 63.51
C LEU G 459 25.26 7.32 63.79
N ILE G 460 25.77 6.86 64.94
CA ILE G 460 27.19 7.00 65.21
C ILE G 460 28.03 6.22 64.21
N GLY G 461 27.61 5.02 63.82
CA GLY G 461 28.31 4.28 62.78
C GLY G 461 28.30 5.01 61.45
N TYR G 462 27.16 5.63 61.12
CA TYR G 462 27.02 6.43 59.91
C TYR G 462 27.92 7.65 59.90
N PHE G 463 28.11 8.30 61.04
CA PHE G 463 28.95 9.50 61.14
C PHE G 463 30.36 9.18 61.62
N HIS G 464 30.72 7.92 61.70
CA HIS G 464 32.06 7.54 62.12
C HIS G 464 33.10 8.06 61.12
N PRO G 465 34.19 8.67 61.61
CA PRO G 465 35.19 9.21 60.70
C PRO G 465 35.93 8.11 59.99
N PRO G 466 36.48 8.38 58.80
CA PRO G 466 37.20 7.33 58.06
C PRO G 466 38.44 6.85 58.79
N ASP G 467 38.74 5.57 58.60
CA ASP G 467 39.91 4.98 59.25
C ASP G 467 41.17 5.35 58.49
N GLU G 468 42.31 4.97 59.06
CA GLU G 468 43.56 5.56 58.64
C GLU G 468 44.33 4.68 57.65
N HIS G 469 44.01 3.38 57.51
CA HIS G 469 44.82 2.61 56.58
C HIS G 469 44.72 3.21 55.20
N LEU G 470 43.53 3.72 54.88
CA LEU G 470 42.99 3.65 53.54
C LEU G 470 43.92 4.38 52.58
N GLU G 471 43.89 3.94 51.33
CA GLU G 471 44.53 4.72 50.30
C GLU G 471 43.95 6.13 50.29
N HIS G 472 44.81 7.09 49.93
CA HIS G 472 44.49 8.50 50.07
C HIS G 472 43.19 8.87 49.37
N GLU G 473 42.97 8.37 48.15
CA GLU G 473 41.79 8.77 47.38
C GLU G 473 40.51 8.22 48.01
N ASP G 474 40.53 6.97 48.48
CA ASP G 474 39.36 6.41 49.16
C ASP G 474 39.07 7.16 50.44
N LYS G 475 40.11 7.52 51.20
CA LYS G 475 39.91 8.31 52.41
C LYS G 475 39.31 9.67 52.06
N GLN G 476 39.75 10.26 50.95
CA GLN G 476 39.19 11.54 50.53
C GLN G 476 37.71 11.42 50.19
N ASN G 477 37.33 10.33 49.50
CA ASN G 477 35.92 10.11 49.19
C ASN G 477 35.11 9.97 50.47
N ARG G 478 35.63 9.21 51.43
CA ARG G 478 34.90 9.02 52.69
C ARG G 478 34.75 10.33 53.45
N LEU G 479 35.80 11.16 53.45
CA LEU G 479 35.71 12.47 54.08
C LEU G 479 34.67 13.35 53.39
N ARG G 480 34.63 13.31 52.06
CA ARG G 480 33.62 14.08 51.33
C ARG G 480 32.21 13.62 51.69
N ALA G 481 32.02 12.30 51.77
CA ALA G 481 30.71 11.78 52.14
C ALA G 481 30.31 12.22 53.54
N LEU G 482 31.26 12.19 54.48
CA LEU G 482 30.97 12.65 55.84
C LEU G 482 30.63 14.13 55.87
N LYS G 483 31.35 14.94 55.10
CA LYS G 483 31.03 16.37 54.99
C LYS G 483 29.61 16.57 54.49
N ASN G 484 29.23 15.86 53.43
CA ASN G 484 27.89 16.01 52.87
C ASN G 484 26.82 15.56 53.87
N ARG G 485 27.09 14.45 54.58
CA ARG G 485 26.14 13.97 55.58
C ARG G 485 25.93 15.00 56.68
N GLN G 486 27.02 15.57 57.19
CA GLN G 486 26.92 16.58 58.24
C GLN G 486 26.17 17.82 57.75
N ASN G 487 26.48 18.26 56.53
CA ASN G 487 25.81 19.43 55.98
C ASN G 487 24.31 19.20 55.83
N LEU G 488 23.92 18.03 55.30
CA LEU G 488 22.50 17.73 55.14
C LEU G 488 21.80 17.65 56.49
N PHE G 489 22.43 17.01 57.48
CA PHE G 489 21.82 16.90 58.80
C PHE G 489 21.62 18.28 59.41
N GLN G 490 22.62 19.16 59.32
CA GLN G 490 22.46 20.48 59.92
C GLN G 490 21.45 21.34 59.16
N GLU G 491 21.44 21.25 57.82
CA GLU G 491 20.44 21.98 57.05
C GLU G 491 19.03 21.50 57.33
N GLU G 492 18.84 20.23 57.66
CA GLU G 492 17.57 19.75 58.18
C GLU G 492 17.42 20.02 59.67
N GLY G 493 18.44 20.60 60.30
CA GLY G 493 18.33 21.03 61.68
C GLY G 493 18.37 19.90 62.69
N MET G 494 19.27 18.95 62.49
CA MET G 494 19.35 17.77 63.33
C MET G 494 20.11 18.01 64.63
N ILE G 495 20.82 19.14 64.74
CA ILE G 495 21.50 19.47 65.99
C ILE G 495 20.51 19.88 67.08
N ASN G 496 19.51 20.69 66.74
CA ASN G 496 18.54 21.16 67.73
C ASN G 496 17.70 20.02 68.29
N LEU G 497 17.36 19.03 67.46
CA LEU G 497 16.59 17.88 67.94
C LEU G 497 17.39 17.09 68.97
N VAL G 498 18.68 16.88 68.68
CA VAL G 498 19.56 16.19 69.63
C VAL G 498 19.68 16.99 70.92
N LEU G 499 19.80 18.32 70.80
CA LEU G 499 19.87 19.16 71.99
C LEU G 499 18.60 19.07 72.82
N GLU G 500 17.44 19.05 72.17
CA GLU G 500 16.17 18.88 72.88
C GLU G 500 16.11 17.53 73.60
N CYS G 501 16.53 16.46 72.93
CA CYS G 501 16.57 15.16 73.60
C CYS G 501 17.50 15.18 74.81
N ILE G 502 18.65 15.82 74.66
CA ILE G 502 19.61 15.91 75.76
C ILE G 502 19.01 16.67 76.94
N ASP G 503 18.32 17.77 76.65
CA ASP G 503 17.68 18.56 77.71
C ASP G 503 16.58 17.76 78.40
N ARG G 504 15.77 17.05 77.62
CA ARG G 504 14.67 16.29 78.20
C ARG G 504 15.18 15.12 79.04
N LEU G 505 16.37 14.60 78.70
CA LEU G 505 16.98 13.60 79.56
C LEU G 505 17.64 14.22 80.79
N HIS G 506 18.19 15.43 80.66
CA HIS G 506 18.86 16.09 81.78
C HIS G 506 17.90 16.67 82.80
N VAL G 507 16.61 16.84 82.46
CA VAL G 507 15.68 17.32 83.48
C VAL G 507 15.63 16.37 84.67
N TYR G 508 15.91 15.09 84.46
CA TYR G 508 16.00 14.15 85.57
C TYR G 508 17.42 14.14 86.13
N SER G 509 17.52 14.13 87.46
CA SER G 509 18.82 14.29 88.11
C SER G 509 19.70 13.05 87.96
N SER G 510 19.14 11.86 88.20
CA SER G 510 19.95 10.66 88.28
C SER G 510 19.24 9.51 87.57
N ALA G 511 20.01 8.44 87.32
CA ALA G 511 19.48 7.24 86.69
C ALA G 511 18.44 6.55 87.55
N ALA G 512 18.50 6.71 88.87
CA ALA G 512 17.45 6.21 89.76
C ALA G 512 16.21 7.09 89.79
N HIS G 513 16.38 8.42 89.73
CA HIS G 513 15.23 9.30 89.62
C HIS G 513 14.48 9.06 88.31
N PHE G 514 15.22 8.87 87.21
CA PHE G 514 14.57 8.52 85.95
C PHE G 514 13.97 7.12 86.01
N ALA G 515 14.64 6.19 86.69
CA ALA G 515 14.09 4.86 86.86
C ALA G 515 12.80 4.86 87.67
N ASP G 516 12.62 5.85 88.54
CA ASP G 516 11.39 5.98 89.31
C ASP G 516 10.29 6.67 88.52
N VAL G 517 10.61 7.78 87.84
CA VAL G 517 9.59 8.47 87.05
C VAL G 517 9.15 7.60 85.87
N ALA G 518 10.11 7.08 85.10
CA ALA G 518 9.85 6.14 84.03
C ALA G 518 9.93 4.71 84.57
N GLY G 519 10.00 3.73 83.67
CA GLY G 519 10.14 2.35 84.09
C GLY G 519 11.58 2.03 84.44
N ARG G 520 11.75 0.82 85.02
CA ARG G 520 13.09 0.30 85.25
C ARG G 520 14.00 0.60 84.11
N GLU G 521 13.59 0.11 82.93
CA GLU G 521 14.48 -0.11 81.81
C GLU G 521 14.88 1.19 81.16
N ALA G 522 13.97 2.16 81.18
CA ALA G 522 14.36 3.53 80.86
C ALA G 522 15.41 4.01 81.86
N GLY G 523 15.23 3.69 83.15
CA GLY G 523 16.26 4.03 84.11
C GLY G 523 17.59 3.35 83.82
N GLU G 524 17.54 2.09 83.42
CA GLU G 524 18.75 1.31 83.12
C GLU G 524 19.53 1.90 81.96
N SER G 525 18.86 2.31 80.90
CA SER G 525 19.52 2.80 79.70
C SER G 525 19.60 4.31 79.62
N TRP G 526 19.16 5.04 80.65
CA TRP G 526 19.28 6.49 80.67
C TRP G 526 20.70 6.98 80.44
N LYS G 527 21.66 6.45 81.20
CA LYS G 527 23.06 6.87 81.08
C LYS G 527 23.63 6.56 79.70
N SER G 528 23.33 5.37 79.19
CA SER G 528 23.82 4.98 77.87
C SER G 528 23.25 5.89 76.78
N ILE G 529 21.96 6.20 76.88
CA ILE G 529 21.33 7.06 75.87
C ILE G 529 21.91 8.46 75.93
N LEU G 530 22.12 8.99 77.14
CA LEU G 530 22.73 10.32 77.26
C LEU G 530 24.13 10.35 76.67
N ASN G 531 24.96 9.35 76.99
CA ASN G 531 26.32 9.30 76.45
C ASN G 531 26.30 9.16 74.94
N SER G 532 25.40 8.33 74.41
CA SER G 532 25.31 8.15 72.96
C SER G 532 24.85 9.44 72.27
N LEU G 533 23.93 10.18 72.90
CA LEU G 533 23.49 11.44 72.33
C LEU G 533 24.63 12.46 72.30
N TYR G 534 25.41 12.54 73.37
CA TYR G 534 26.55 13.46 73.37
C TYR G 534 27.59 13.05 72.33
N GLU G 535 27.85 11.75 72.20
CA GLU G 535 28.77 11.27 71.18
C GLU G 535 28.26 11.60 69.78
N LEU G 536 26.95 11.47 69.56
CA LEU G 536 26.37 11.80 68.26
C LEU G 536 26.51 13.27 67.96
N LEU G 537 26.28 14.14 68.96
CA LEU G 537 26.47 15.57 68.75
C LEU G 537 27.92 15.88 68.38
N ALA G 538 28.86 15.24 69.09
CA ALA G 538 30.27 15.43 68.76
C ALA G 538 30.58 14.96 67.34
N ALA G 539 30.02 13.83 66.93
CA ALA G 539 30.21 13.33 65.58
C ALA G 539 29.62 14.25 64.51
N LEU G 540 28.44 14.80 64.74
CA LEU G 540 27.83 15.73 63.78
C LEU G 540 28.51 17.08 63.71
N ILE G 541 29.20 17.51 64.78
CA ILE G 541 29.90 18.78 64.74
C ILE G 541 31.36 18.64 64.31
N ARG G 542 31.98 17.47 64.48
CA ARG G 542 33.42 17.35 64.31
C ARG G 542 33.84 17.63 62.88
N GLY G 543 34.87 18.47 62.73
CA GLY G 543 35.50 18.70 61.46
C GLY G 543 34.76 19.63 60.52
N ASN G 544 33.62 20.18 60.92
CA ASN G 544 32.81 21.03 60.06
C ASN G 544 32.85 22.45 60.60
N ARG G 545 33.50 23.33 59.85
CA ARG G 545 33.63 24.73 60.23
C ARG G 545 32.28 25.42 60.35
N LYS G 546 31.33 25.12 59.46
CA LYS G 546 30.02 25.74 59.60
C LYS G 546 29.27 25.21 60.81
N ASN G 547 29.24 23.88 61.01
CA ASN G 547 28.48 23.33 62.13
C ASN G 547 29.01 23.85 63.45
N CYS G 548 30.33 23.90 63.61
CA CYS G 548 30.91 24.49 64.81
C CYS G 548 30.68 25.99 64.90
N ALA G 549 30.27 26.65 63.81
CA ALA G 549 29.95 28.06 63.83
C ALA G 549 28.51 28.36 64.22
N GLN G 550 27.54 27.58 63.73
CA GLN G 550 26.17 27.72 64.21
C GLN G 550 25.92 26.99 65.53
N PHE G 551 26.90 26.25 66.05
CA PHE G 551 26.82 25.79 67.44
C PHE G 551 27.34 26.84 68.42
N SER G 552 27.86 27.96 67.92
CA SER G 552 28.43 28.98 68.80
C SER G 552 27.36 29.56 69.73
N GLY G 553 26.15 29.80 69.20
CA GLY G 553 25.10 30.36 70.02
C GLY G 553 24.70 29.45 71.16
N SER G 554 24.60 28.15 70.90
CA SER G 554 24.22 27.19 71.91
C SER G 554 25.40 26.73 72.77
N LEU G 555 26.63 27.16 72.45
CA LEU G 555 27.78 26.81 73.26
C LEU G 555 27.58 27.19 74.73
N ASP G 556 27.01 28.37 75.00
CA ASP G 556 26.88 28.83 76.38
C ASP G 556 25.99 27.90 77.20
N TRP G 557 24.88 27.44 76.62
CA TRP G 557 24.01 26.51 77.32
C TRP G 557 24.69 25.19 77.60
N LEU G 558 25.57 24.76 76.68
CA LEU G 558 26.26 23.47 76.85
C LEU G 558 27.18 23.49 78.06
N ILE G 559 27.93 24.57 78.25
CA ILE G 559 28.93 24.64 79.31
C ILE G 559 28.28 24.82 80.67
N SER G 560 26.99 25.15 80.71
CA SER G 560 26.28 25.32 81.97
C SER G 560 26.09 24.00 82.72
N ARG G 561 26.08 22.88 82.01
CA ARG G 561 25.90 21.56 82.62
C ARG G 561 27.21 20.78 82.69
N LEU G 562 28.35 21.49 82.65
CA LEU G 562 29.64 20.82 82.65
C LEU G 562 29.92 20.11 83.97
N GLU G 563 29.43 20.66 85.08
CA GLU G 563 29.76 20.11 86.40
C GLU G 563 29.11 18.76 86.63
N ARG G 564 28.03 18.44 85.94
CA ARG G 564 27.32 17.20 86.17
C ARG G 564 28.19 16.01 85.75
N LEU G 565 28.19 14.97 86.59
CA LEU G 565 29.06 13.81 86.39
C LEU G 565 28.63 12.93 85.23
N GLU G 566 27.35 12.92 84.85
CA GLU G 566 26.87 12.04 83.80
C GLU G 566 27.07 12.60 82.40
N ALA G 567 27.61 13.81 82.28
CA ALA G 567 27.78 14.45 80.97
C ALA G 567 29.12 15.16 80.81
N SER G 568 30.02 15.06 81.78
CA SER G 568 31.25 15.83 81.73
C SER G 568 32.12 15.44 80.53
N SER G 569 32.29 14.14 80.29
CA SER G 569 33.16 13.69 79.20
C SER G 569 32.60 14.08 77.84
N GLY G 570 31.31 13.84 77.62
CA GLY G 570 30.71 14.22 76.35
C GLY G 570 30.72 15.71 76.12
N ILE G 571 30.41 16.49 77.16
CA ILE G 571 30.44 17.95 77.03
C ILE G 571 31.86 18.42 76.73
N LEU G 572 32.87 17.82 77.37
CA LEU G 572 34.25 18.19 77.09
C LEU G 572 34.63 17.87 75.65
N GLU G 573 34.21 16.70 75.14
CA GLU G 573 34.51 16.35 73.76
C GLU G 573 33.86 17.32 72.78
N VAL G 574 32.59 17.65 73.01
CA VAL G 574 31.88 18.58 72.14
C VAL G 574 32.53 19.96 72.18
N LEU G 575 32.87 20.43 73.38
CA LEU G 575 33.52 21.74 73.52
C LEU G 575 34.88 21.75 72.84
N HIS G 576 35.65 20.68 72.99
CA HIS G 576 36.94 20.57 72.31
C HIS G 576 36.79 20.64 70.79
N CYS G 577 35.85 19.89 70.22
CA CYS G 577 35.63 19.97 68.78
C CYS G 577 35.23 21.38 68.33
N VAL G 578 34.31 22.01 69.06
CA VAL G 578 33.86 23.36 68.69
C VAL G 578 35.01 24.34 68.76
N LEU G 579 35.82 24.27 69.83
CA LEU G 579 36.90 25.23 69.99
C LEU G 579 38.00 25.02 68.96
N VAL G 580 38.29 23.76 68.61
CA VAL G 580 39.31 23.51 67.60
C VAL G 580 38.86 23.99 66.24
N GLU G 581 37.58 23.76 65.89
CA GLU G 581 37.15 24.09 64.53
C GLU G 581 36.75 25.55 64.34
N SER G 582 35.97 26.12 65.25
CA SER G 582 35.39 27.44 65.04
C SER G 582 36.18 28.51 65.77
N PRO G 583 36.74 29.50 65.07
CA PRO G 583 37.38 30.62 65.76
C PRO G 583 36.36 31.63 66.27
N GLU G 584 35.08 31.39 65.99
CA GLU G 584 33.99 32.26 66.43
C GLU G 584 33.51 31.94 67.84
N ALA G 585 33.51 30.68 68.23
CA ALA G 585 33.08 30.31 69.57
C ALA G 585 34.03 30.85 70.63
N LEU G 586 35.30 31.04 70.25
CA LEU G 586 36.28 31.59 71.20
C LEU G 586 35.92 33.00 71.62
N ASN G 587 35.32 33.79 70.72
CA ASN G 587 34.86 35.12 71.08
C ASN G 587 33.76 35.04 72.14
N ILE G 588 32.87 34.06 72.01
CA ILE G 588 31.77 33.91 72.97
C ILE G 588 32.31 33.42 74.32
N ILE G 589 33.34 32.56 74.29
CA ILE G 589 33.90 32.06 75.54
C ILE G 589 34.43 33.21 76.36
N LYS G 590 34.05 33.27 77.63
CA LYS G 590 34.39 34.38 78.51
C LYS G 590 35.00 33.88 79.82
N GLU G 591 35.20 34.81 80.75
CA GLU G 591 35.81 34.49 82.04
C GLU G 591 34.92 33.55 82.85
N GLY G 592 33.61 33.78 82.79
CA GLY G 592 32.68 32.90 83.50
C GLY G 592 32.69 31.46 83.04
N HIS G 593 33.09 31.23 81.79
CA HIS G 593 33.25 29.88 81.27
C HIS G 593 34.64 29.31 81.53
N ILE G 594 35.68 30.15 81.40
CA ILE G 594 37.04 29.69 81.73
C ILE G 594 37.17 29.29 83.20
N LYS G 595 36.63 30.08 84.13
CA LYS G 595 36.63 29.72 85.53
C LYS G 595 35.81 28.47 85.81
N SER G 596 34.70 28.26 85.10
CA SER G 596 33.95 27.02 85.26
C SER G 596 34.78 25.81 84.79
N ILE G 597 35.49 25.95 83.68
CA ILE G 597 36.33 24.85 83.21
C ILE G 597 37.45 24.57 84.20
N ILE G 598 38.00 25.63 84.82
CA ILE G 598 39.04 25.42 85.82
C ILE G 598 38.48 24.75 87.07
N SER G 599 37.28 25.16 87.50
CA SER G 599 36.64 24.50 88.63
C SER G 599 36.31 23.05 88.31
N LEU G 600 36.08 22.73 87.03
CA LEU G 600 35.94 21.33 86.63
C LEU G 600 37.18 20.53 86.96
N LEU G 601 38.37 21.06 86.62
CA LEU G 601 39.61 20.40 86.99
C LEU G 601 39.78 20.33 88.50
N ASP G 602 39.39 21.38 89.22
CA ASP G 602 39.53 21.37 90.67
C ASP G 602 38.66 20.30 91.31
N LYS G 603 37.44 20.11 90.81
CA LYS G 603 36.48 19.21 91.45
C LYS G 603 36.61 17.77 90.99
N HIS G 604 36.72 17.52 89.68
CA HIS G 604 36.73 16.16 89.18
C HIS G 604 38.11 15.52 89.18
N GLY G 605 39.15 16.30 89.49
CA GLY G 605 40.49 15.76 89.61
C GLY G 605 41.35 16.10 88.39
N ARG G 606 42.57 15.57 88.44
CA ARG G 606 43.55 15.81 87.39
C ARG G 606 43.20 15.06 86.12
N ASN G 607 42.62 15.77 85.15
CA ASN G 607 42.21 15.20 83.87
C ASN G 607 42.86 15.98 82.75
N HIS G 608 43.49 15.26 81.82
CA HIS G 608 44.27 15.91 80.77
C HIS G 608 43.41 16.51 79.66
N LYS G 609 42.16 16.05 79.51
CA LYS G 609 41.30 16.63 78.49
C LYS G 609 40.89 18.06 78.81
N VAL G 610 40.69 18.37 80.10
CA VAL G 610 40.46 19.75 80.51
C VAL G 610 41.66 20.61 80.15
N LEU G 611 42.87 20.09 80.38
CA LEU G 611 44.08 20.82 80.02
C LEU G 611 44.15 21.04 78.51
N ASP G 612 43.77 20.04 77.72
CA ASP G 612 43.77 20.19 76.26
C ASP G 612 42.76 21.25 75.82
N VAL G 613 41.58 21.27 76.44
CA VAL G 613 40.60 22.30 76.13
C VAL G 613 41.14 23.68 76.47
N LEU G 614 41.79 23.80 77.63
CA LEU G 614 42.41 25.07 77.99
C LEU G 614 43.49 25.49 77.01
N CYS G 615 44.30 24.55 76.53
CA CYS G 615 45.28 24.86 75.50
C CYS G 615 44.62 25.35 74.21
N SER G 616 43.57 24.66 73.77
CA SER G 616 42.84 25.10 72.59
C SER G 616 42.19 26.48 72.77
N LEU G 617 41.86 26.83 74.01
CA LEU G 617 41.29 28.16 74.27
C LEU G 617 42.32 29.26 74.04
N CYS G 618 43.61 28.94 74.12
CA CYS G 618 44.65 29.96 73.97
C CYS G 618 44.91 30.31 72.52
N VAL G 619 45.31 29.33 71.72
CA VAL G 619 45.72 29.54 70.34
C VAL G 619 44.81 28.72 69.44
N CYS G 620 44.25 29.37 68.40
CA CYS G 620 43.43 28.71 67.41
C CYS G 620 43.92 29.10 66.01
N HIS G 621 44.26 28.10 65.21
CA HIS G 621 44.67 28.31 63.81
C HIS G 621 45.84 29.29 63.73
N GLY G 622 46.76 29.20 64.69
CA GLY G 622 47.92 30.07 64.72
C GLY G 622 47.67 31.46 65.24
N VAL G 623 46.52 31.72 65.88
CA VAL G 623 46.20 33.03 66.41
C VAL G 623 46.04 32.92 67.92
N ALA G 624 46.76 33.76 68.66
CA ALA G 624 46.78 33.72 70.11
C ALA G 624 45.80 34.74 70.66
N VAL G 625 44.98 34.30 71.63
CA VAL G 625 44.02 35.18 72.29
C VAL G 625 44.65 35.63 73.60
N ARG G 626 45.06 36.90 73.64
CA ARG G 626 45.74 37.43 74.83
C ARG G 626 44.84 37.41 76.06
N SER G 627 43.56 37.75 75.89
CA SER G 627 42.65 37.75 77.03
C SER G 627 42.49 36.35 77.61
N ASN G 628 42.30 35.35 76.75
CA ASN G 628 42.17 33.98 77.22
C ASN G 628 43.45 33.51 77.89
N GLN G 629 44.60 33.84 77.31
CA GLN G 629 45.88 33.47 77.91
C GLN G 629 46.03 34.06 79.30
N HIS G 630 45.74 35.36 79.43
CA HIS G 630 45.85 36.03 80.72
C HIS G 630 44.88 35.45 81.74
N LEU G 631 43.63 35.20 81.35
CA LEU G 631 42.67 34.62 82.27
C LEU G 631 43.09 33.24 82.74
N ILE G 632 43.51 32.37 81.81
CA ILE G 632 43.94 31.03 82.22
C ILE G 632 45.13 31.10 83.16
N CYS G 633 46.13 31.92 82.82
CA CYS G 633 47.30 32.04 83.68
C CYS G 633 46.92 32.54 85.08
N ASP G 634 46.25 33.68 85.16
CA ASP G 634 45.93 34.30 86.44
C ASP G 634 44.87 33.55 87.23
N ASN G 635 44.15 32.62 86.62
CA ASN G 635 43.16 31.84 87.35
C ASN G 635 43.63 30.44 87.69
N LEU G 636 44.69 29.94 87.05
CA LEU G 636 45.18 28.61 87.35
C LEU G 636 46.53 28.58 88.05
N LEU G 637 47.52 29.31 87.53
CA LEU G 637 48.89 29.19 88.03
C LEU G 637 49.08 29.61 89.50
N PRO G 638 48.57 30.76 89.95
CA PRO G 638 48.93 31.21 91.31
C PRO G 638 48.51 30.27 92.42
N GLY G 639 47.48 29.46 92.21
CA GLY G 639 47.00 28.60 93.28
C GLY G 639 48.01 27.56 93.72
N ARG G 640 48.70 26.94 92.76
CA ARG G 640 49.66 25.87 93.02
C ARG G 640 49.02 24.74 93.84
N ASP G 641 47.78 24.41 93.49
CA ASP G 641 47.05 23.36 94.19
C ASP G 641 46.54 22.25 93.28
N LEU G 642 46.49 22.45 91.96
CA LEU G 642 46.01 21.45 91.03
C LEU G 642 47.13 20.88 90.17
N LEU G 643 47.87 21.74 89.48
CA LEU G 643 48.99 21.28 88.67
C LEU G 643 50.14 20.83 89.57
N LEU G 644 50.86 19.81 89.12
CA LEU G 644 51.99 19.30 89.88
C LEU G 644 53.12 20.33 89.92
N GLN G 645 53.73 20.48 91.10
CA GLN G 645 54.77 21.47 91.32
C GLN G 645 56.15 20.83 91.30
N THR G 646 57.14 21.61 90.88
CA THR G 646 58.47 21.10 90.58
C THR G 646 59.52 21.97 91.25
N ARG G 647 60.62 21.35 91.65
CA ARG G 647 61.75 22.06 92.24
C ARG G 647 62.98 21.17 92.18
N LEU G 648 64.15 21.81 92.15
CA LEU G 648 65.44 21.12 92.22
C LEU G 648 65.86 21.02 93.68
N VAL G 649 66.01 19.79 94.17
CA VAL G 649 66.28 19.52 95.58
C VAL G 649 67.64 18.86 95.72
N ASN G 650 68.46 19.37 96.64
CA ASN G 650 69.77 18.78 96.89
C ASN G 650 69.62 17.40 97.52
N HIS G 651 70.47 16.47 97.10
CA HIS G 651 70.50 15.15 97.73
C HIS G 651 71.06 15.25 99.14
N VAL G 652 70.48 14.46 100.05
CA VAL G 652 70.85 14.48 101.45
C VAL G 652 71.18 13.06 101.90
N SER G 653 72.33 12.92 102.56
CA SER G 653 72.78 11.64 103.10
C SER G 653 73.03 11.80 104.59
N SER G 654 73.15 10.66 105.28
CA SER G 654 73.26 10.64 106.73
C SER G 654 74.39 9.73 107.18
N MET G 655 75.06 10.13 108.25
CA MET G 655 76.18 9.39 108.82
C MET G 655 75.76 8.92 110.21
N ARG G 656 76.08 7.66 110.56
CA ARG G 656 75.79 7.23 111.92
C ARG G 656 76.85 6.30 112.46
N PRO G 657 77.05 6.28 113.78
CA PRO G 657 77.95 5.30 114.38
C PRO G 657 77.27 3.95 114.57
N ASN G 658 78.07 2.98 115.02
CA ASN G 658 77.56 1.63 115.25
C ASN G 658 76.63 1.57 116.46
N ILE G 659 76.81 2.47 117.43
CA ILE G 659 76.14 2.35 118.72
C ILE G 659 74.62 2.38 118.54
N PHE G 660 73.95 1.42 119.18
CA PHE G 660 72.49 1.34 119.20
C PHE G 660 72.05 1.51 120.65
N LEU G 661 71.40 2.62 120.95
CA LEU G 661 71.03 2.98 122.32
C LEU G 661 69.55 2.73 122.54
N GLY G 662 69.22 1.85 123.49
CA GLY G 662 67.84 1.55 123.79
C GLY G 662 67.64 1.40 125.29
N VAL G 663 66.38 1.54 125.70
CA VAL G 663 66.00 1.42 127.10
C VAL G 663 64.79 0.50 127.20
N SER G 664 64.84 -0.42 128.17
CA SER G 664 63.73 -1.31 128.44
C SER G 664 63.81 -1.74 129.90
N GLU G 665 62.69 -2.20 130.44
CA GLU G 665 62.63 -2.57 131.85
C GLU G 665 63.48 -3.82 132.10
N GLY G 666 64.24 -3.78 133.19
CA GLY G 666 65.08 -4.90 133.56
C GLY G 666 66.19 -5.20 132.56
N SER G 667 66.78 -4.17 131.97
CA SER G 667 67.83 -4.33 130.98
C SER G 667 69.01 -3.43 131.34
N ALA G 668 70.22 -3.89 131.02
CA ALA G 668 71.45 -3.24 131.46
C ALA G 668 72.00 -2.30 130.39
N GLN G 669 71.34 -1.15 130.25
CA GLN G 669 71.82 -0.06 129.40
C GLN G 669 71.71 1.26 130.16
N TYR G 670 72.79 2.03 130.15
CA TYR G 670 72.77 3.33 130.78
C TYR G 670 71.82 4.27 130.03
N LYS G 671 71.02 5.01 130.79
CA LYS G 671 69.94 5.81 130.22
C LYS G 671 70.38 7.20 129.78
N LYS G 672 71.63 7.58 130.01
CA LYS G 672 72.12 8.92 129.69
C LYS G 672 73.34 8.81 128.80
N TRP G 673 73.38 9.59 127.73
CA TRP G 673 74.45 9.53 126.76
C TRP G 673 74.76 10.92 126.24
N TYR G 674 75.99 11.10 125.75
CA TYR G 674 76.48 12.40 125.32
C TYR G 674 77.52 12.22 124.22
N TYR G 675 77.47 13.09 123.22
CA TYR G 675 78.43 13.09 122.14
C TYR G 675 78.49 14.49 121.53
N GLU G 676 79.55 14.73 120.75
CA GLU G 676 79.80 16.05 120.19
C GLU G 676 80.08 15.94 118.70
N LEU G 677 79.63 16.95 117.96
CA LEU G 677 79.95 17.13 116.55
C LEU G 677 80.53 18.52 116.35
N MET G 678 81.61 18.61 115.55
CA MET G 678 82.27 19.87 115.28
C MET G 678 82.38 20.05 113.78
N VAL G 679 82.01 21.23 113.29
CA VAL G 679 82.06 21.53 111.86
C VAL G 679 83.43 22.12 111.54
N ASP G 680 84.24 21.36 110.78
CA ASP G 680 85.54 21.88 110.35
C ASP G 680 85.39 22.92 109.25
N HIS G 681 84.48 22.68 108.30
CA HIS G 681 84.24 23.61 107.21
C HIS G 681 82.89 23.30 106.58
N THR G 682 82.20 24.34 106.14
CA THR G 682 80.96 24.20 105.40
C THR G 682 80.78 25.40 104.49
N GLU G 683 80.13 25.18 103.34
CA GLU G 683 79.87 26.25 102.40
C GLU G 683 78.39 26.63 102.46
N PRO G 684 78.07 27.89 102.76
CA PRO G 684 76.65 28.26 102.90
C PRO G 684 75.83 28.00 101.64
N PHE G 685 76.42 28.19 100.46
CA PHE G 685 75.70 27.98 99.19
C PHE G 685 76.67 27.35 98.19
N VAL G 686 76.66 26.01 98.14
CA VAL G 686 77.38 25.28 97.10
C VAL G 686 76.60 25.22 95.81
N THR G 687 75.34 25.63 95.82
CA THR G 687 74.46 25.55 94.67
C THR G 687 73.36 26.60 94.83
N ALA G 688 72.30 26.49 94.04
CA ALA G 688 71.21 27.45 94.10
C ALA G 688 70.54 27.46 95.47
N GLU G 689 70.34 26.28 96.06
CA GLU G 689 69.71 26.16 97.36
C GLU G 689 70.75 26.07 98.47
N ALA G 690 70.29 26.34 99.70
CA ALA G 690 71.17 26.39 100.85
C ALA G 690 71.68 25.00 101.23
N THR G 691 72.87 24.97 101.82
CA THR G 691 73.45 23.73 102.28
C THR G 691 72.67 23.17 103.47
N HIS G 692 72.48 21.85 103.47
CA HIS G 692 71.77 21.14 104.52
C HIS G 692 72.79 20.61 105.52
N LEU G 693 72.57 20.88 106.80
CA LEU G 693 73.43 20.39 107.88
C LEU G 693 72.62 20.33 109.16
N ARG G 694 72.21 19.14 109.55
CA ARG G 694 71.44 18.92 110.78
C ARG G 694 72.11 17.81 111.58
N VAL G 695 72.12 17.97 112.90
CA VAL G 695 72.71 16.99 113.81
C VAL G 695 71.71 16.69 114.91
N GLY G 696 71.78 15.46 115.42
CA GLY G 696 70.92 15.03 116.49
C GLY G 696 70.86 13.52 116.57
N TRP G 697 69.78 13.03 117.17
CA TRP G 697 69.56 11.61 117.36
C TRP G 697 68.43 11.11 116.46
N ALA G 698 68.45 9.81 116.18
CA ALA G 698 67.40 9.17 115.41
C ALA G 698 67.05 7.84 116.08
N SER G 699 65.84 7.36 115.82
CA SER G 699 65.33 6.14 116.42
C SER G 699 64.89 5.17 115.34
N THR G 700 64.96 3.88 115.68
CA THR G 700 64.54 2.80 114.80
C THR G 700 63.22 2.22 115.29
N GLU G 701 62.37 1.84 114.34
CA GLU G 701 61.11 1.19 114.68
C GLU G 701 61.38 -0.25 115.10
N GLY G 702 60.90 -0.61 116.29
CA GLY G 702 61.17 -1.93 116.82
C GLY G 702 62.64 -2.13 117.13
N TYR G 703 63.08 -3.38 117.08
CA TYR G 703 64.47 -3.74 117.31
C TYR G 703 65.27 -3.93 116.03
N SER G 704 64.66 -3.66 114.88
CA SER G 704 65.38 -3.74 113.62
C SER G 704 66.45 -2.64 113.56
N PRO G 705 67.69 -2.96 113.21
CA PRO G 705 68.73 -1.93 113.12
C PRO G 705 68.50 -0.92 112.01
N TYR G 706 67.61 -1.21 111.07
CA TYR G 706 67.33 -0.30 109.96
C TYR G 706 66.61 0.95 110.46
N PRO G 707 67.09 2.15 110.13
CA PRO G 707 66.39 3.37 110.55
C PRO G 707 64.98 3.41 109.99
N GLY G 708 64.05 3.89 110.80
CA GLY G 708 62.64 3.88 110.46
C GLY G 708 62.10 5.28 110.22
N GLY G 709 61.03 5.36 109.42
CA GLY G 709 60.29 6.59 109.22
C GLY G 709 60.78 7.47 108.09
N GLY G 710 61.96 7.21 107.55
CA GLY G 710 62.55 8.06 106.53
C GLY G 710 62.81 7.30 105.24
N GLU G 711 62.69 8.01 104.12
CA GLU G 711 63.00 7.43 102.82
C GLU G 711 64.49 7.19 102.71
N GLU G 712 64.86 6.13 101.98
CA GLU G 712 66.26 5.75 101.85
C GLU G 712 67.08 6.83 101.16
N TRP G 713 66.48 7.54 100.21
CA TRP G 713 67.16 8.58 99.45
C TRP G 713 66.21 9.74 99.19
N GLY G 714 66.79 10.90 98.92
CA GLY G 714 66.04 12.10 98.65
C GLY G 714 66.63 13.27 99.39
N GLY G 715 65.80 14.30 99.60
CA GLY G 715 66.23 15.49 100.30
C GLY G 715 65.83 15.52 101.75
N ASN G 716 65.51 14.35 102.31
CA ASN G 716 65.08 14.23 103.69
C ASN G 716 66.27 13.91 104.58
N GLY G 717 66.34 14.60 105.72
CA GLY G 717 67.41 14.43 106.68
C GLY G 717 66.87 14.19 108.07
N VAL G 718 67.66 14.61 109.06
CA VAL G 718 67.29 14.42 110.46
C VAL G 718 66.20 15.42 110.82
N GLY G 719 65.12 14.91 111.43
CA GLY G 719 63.99 15.75 111.83
C GLY G 719 62.87 15.81 110.82
N ASP G 720 63.01 15.18 109.65
CA ASP G 720 61.97 15.17 108.63
C ASP G 720 60.96 14.05 108.85
N ASP G 721 60.98 13.44 110.04
CA ASP G 721 60.01 12.42 110.41
C ASP G 721 59.98 12.33 111.94
N LEU G 722 58.99 11.61 112.46
CA LEU G 722 58.82 11.47 113.89
C LEU G 722 59.73 10.42 114.49
N PHE G 723 60.76 9.99 113.76
CA PHE G 723 61.76 9.06 114.27
C PHE G 723 63.13 9.71 114.42
N SER G 724 63.27 10.98 114.03
CA SER G 724 64.56 11.66 114.08
C SER G 724 64.37 13.01 114.75
N TYR G 725 65.44 13.50 115.38
CA TYR G 725 65.41 14.74 116.14
C TYR G 725 66.69 15.50 115.84
N GLY G 726 66.57 16.69 115.26
CA GLY G 726 67.71 17.37 114.69
C GLY G 726 67.84 18.80 115.17
N PHE G 727 69.01 19.37 114.87
CA PHE G 727 69.37 20.75 115.21
C PHE G 727 70.19 21.33 114.08
N ASP G 728 69.85 22.56 113.68
CA ASP G 728 70.53 23.22 112.57
C ASP G 728 71.23 24.51 113.01
N GLY G 729 71.20 24.84 114.29
CA GLY G 729 71.80 26.08 114.76
C GLY G 729 70.77 27.16 115.05
N LEU G 730 69.62 27.08 114.38
CA LEU G 730 68.56 28.05 114.54
C LEU G 730 67.22 27.45 114.91
N HIS G 731 66.91 26.23 114.46
CA HIS G 731 65.62 25.62 114.69
C HIS G 731 65.80 24.21 115.26
N LEU G 732 64.74 23.71 115.87
CA LEU G 732 64.66 22.33 116.31
C LEU G 732 63.76 21.56 115.36
N TRP G 733 64.30 20.48 114.78
CA TRP G 733 63.64 19.78 113.68
C TRP G 733 63.10 18.45 114.17
N SER G 734 61.81 18.23 113.97
CA SER G 734 61.17 16.95 114.26
C SER G 734 59.83 16.91 113.55
N GLY G 735 59.55 15.80 112.87
CA GLY G 735 58.33 15.67 112.10
C GLY G 735 58.23 16.60 110.91
N CYS G 736 59.37 16.97 110.31
CA CYS G 736 59.43 17.86 109.15
C CYS G 736 58.90 19.26 109.46
N ILE G 737 58.79 19.62 110.74
CA ILE G 737 58.34 20.94 111.15
C ILE G 737 59.40 21.53 112.07
N ALA G 738 59.76 22.79 111.82
CA ALA G 738 60.84 23.46 112.52
C ALA G 738 60.29 24.56 113.41
N ARG G 739 60.82 24.67 114.62
CA ARG G 739 60.53 25.76 115.54
C ARG G 739 61.83 26.45 115.92
N THR G 740 61.82 27.78 115.84
CA THR G 740 63.01 28.57 116.15
C THR G 740 63.32 28.49 117.65
N VAL G 741 64.59 28.22 117.97
CA VAL G 741 65.04 28.10 119.35
C VAL G 741 66.09 29.18 119.60
N SER G 742 65.95 29.88 120.72
CA SER G 742 66.86 30.97 121.03
C SER G 742 68.18 30.44 121.60
N SER G 743 69.25 31.18 121.33
CA SER G 743 70.57 30.82 121.81
C SER G 743 71.44 32.07 121.78
N PRO G 744 72.52 32.11 122.56
CA PRO G 744 73.44 33.26 122.49
C PRO G 744 74.12 33.32 121.13
N ASN G 745 73.98 34.48 120.46
CA ASN G 745 74.53 34.70 119.13
C ASN G 745 74.00 33.65 118.13
N GLN G 746 72.70 33.71 117.88
CA GLN G 746 72.06 32.76 116.97
C GLN G 746 72.69 32.83 115.59
N HIS G 747 72.98 31.65 115.03
CA HIS G 747 73.54 31.57 113.69
C HIS G 747 73.33 30.15 113.17
N LEU G 748 73.17 30.04 111.86
CA LEU G 748 73.20 28.72 111.23
C LEU G 748 74.58 28.11 111.40
N LEU G 749 74.61 26.79 111.56
CA LEU G 749 75.86 26.08 111.82
C LEU G 749 76.88 26.36 110.71
N ARG G 750 78.06 26.84 111.11
CA ARG G 750 79.10 27.20 110.17
C ARG G 750 80.44 26.68 110.67
N THR G 751 81.51 27.17 110.02
CA THR G 751 82.86 26.70 110.31
C THR G 751 83.22 26.95 111.78
N ASP G 752 83.92 25.97 112.37
CA ASP G 752 84.43 26.06 113.75
C ASP G 752 83.29 26.18 114.76
N ASP G 753 82.22 25.43 114.53
CA ASP G 753 81.10 25.34 115.47
C ASP G 753 81.05 23.96 116.07
N VAL G 754 80.85 23.89 117.38
CA VAL G 754 80.87 22.64 118.14
C VAL G 754 79.48 22.42 118.71
N ILE G 755 78.86 21.30 118.36
CA ILE G 755 77.52 20.96 118.79
C ILE G 755 77.59 19.76 119.72
N SER G 756 77.02 19.90 120.91
CA SER G 756 76.97 18.82 121.89
C SER G 756 75.52 18.39 122.08
N CYS G 757 75.27 17.09 121.94
CA CYS G 757 73.93 16.54 122.04
C CYS G 757 73.82 15.66 123.28
N CYS G 758 72.68 15.76 123.96
CA CYS G 758 72.43 15.01 125.19
C CYS G 758 71.12 14.25 125.04
N LEU G 759 71.15 12.96 125.38
CA LEU G 759 69.97 12.11 125.32
C LEU G 759 69.80 11.43 126.67
N ASP G 760 68.61 11.55 127.25
CA ASP G 760 68.27 10.93 128.53
C ASP G 760 67.05 10.05 128.29
N LEU G 761 67.26 8.73 128.34
CA LEU G 761 66.19 7.76 128.12
C LEU G 761 65.37 7.48 129.37
N SER G 762 65.85 7.89 130.54
CA SER G 762 65.06 7.72 131.76
C SER G 762 63.80 8.56 131.70
N ALA G 763 63.96 9.88 131.64
CA ALA G 763 62.86 10.78 131.30
C ALA G 763 63.14 11.29 129.90
N PRO G 764 62.33 10.90 128.90
CA PRO G 764 62.62 11.27 127.51
C PRO G 764 62.86 12.76 127.33
N SER G 765 64.10 13.12 126.97
CA SER G 765 64.46 14.53 126.79
C SER G 765 65.76 14.57 126.00
N ILE G 766 65.76 15.31 124.89
CA ILE G 766 66.95 15.52 124.07
C ILE G 766 67.30 17.00 124.12
N SER G 767 68.52 17.31 124.58
CA SER G 767 68.97 18.68 124.75
C SER G 767 70.28 18.89 124.03
N PHE G 768 70.51 20.11 123.57
CA PHE G 768 71.72 20.49 122.85
C PHE G 768 72.40 21.66 123.53
N ARG G 769 73.69 21.81 123.27
CA ARG G 769 74.46 22.98 123.67
C ARG G 769 75.41 23.33 122.55
N ILE G 770 75.31 24.55 122.03
CA ILE G 770 76.14 25.03 120.94
C ILE G 770 77.32 25.80 121.53
N ASN G 771 78.54 25.39 121.17
CA ASN G 771 79.77 26.04 121.63
C ASN G 771 79.83 26.16 123.14
N GLY G 772 79.23 25.20 123.85
CA GLY G 772 79.17 25.23 125.30
C GLY G 772 78.02 26.02 125.89
N GLN G 773 77.25 26.72 125.06
CA GLN G 773 76.10 27.47 125.55
C GLN G 773 74.81 26.69 125.27
N PRO G 774 73.92 26.58 126.26
CA PRO G 774 72.72 25.75 126.09
C PRO G 774 71.70 26.42 125.18
N VAL G 775 71.06 25.63 124.34
CA VAL G 775 69.95 26.11 123.53
C VAL G 775 68.68 26.03 124.36
N GLN G 776 67.77 26.99 124.17
CA GLN G 776 66.61 27.13 125.04
C GLN G 776 65.43 26.32 124.51
N GLY G 777 65.66 25.02 124.35
CA GLY G 777 64.63 24.12 123.90
C GLY G 777 65.11 22.69 123.96
N MET G 778 64.15 21.76 124.01
CA MET G 778 64.48 20.35 124.08
C MET G 778 63.34 19.52 123.50
N PHE G 779 63.68 18.31 123.07
CA PHE G 779 62.71 17.33 122.59
C PHE G 779 62.42 16.36 123.73
N GLU G 780 61.18 16.30 124.18
CA GLU G 780 60.84 15.45 125.31
C GLU G 780 59.59 14.64 125.01
N ASN G 781 59.36 13.63 125.85
CA ASN G 781 58.15 12.80 125.80
C ASN G 781 57.96 12.15 124.43
N PHE G 782 59.04 11.66 123.84
CA PHE G 782 58.96 10.95 122.59
C PHE G 782 58.87 9.44 122.85
N ASN G 783 58.71 8.67 121.78
CA ASN G 783 58.60 7.23 121.90
C ASN G 783 59.96 6.64 122.24
N ILE G 784 59.98 5.68 123.17
CA ILE G 784 61.20 5.04 123.61
C ILE G 784 61.15 3.53 123.38
N ASP G 785 60.29 3.07 122.46
CA ASP G 785 60.17 1.63 122.22
C ASP G 785 61.38 1.08 121.49
N GLY G 786 61.95 1.84 120.56
CA GLY G 786 63.02 1.38 119.72
C GLY G 786 64.41 1.80 120.21
N LEU G 787 65.39 1.61 119.34
CA LEU G 787 66.77 1.94 119.63
C LEU G 787 67.13 3.31 119.08
N PHE G 788 68.07 3.97 119.74
CA PHE G 788 68.51 5.31 119.37
C PHE G 788 69.98 5.29 118.95
N PHE G 789 70.36 6.29 118.16
CA PHE G 789 71.73 6.40 117.68
C PHE G 789 71.97 7.82 117.19
N PRO G 790 73.19 8.33 117.32
CA PRO G 790 73.51 9.64 116.75
C PRO G 790 73.46 9.62 115.22
N VAL G 791 73.19 10.78 114.64
CA VAL G 791 73.06 10.90 113.20
C VAL G 791 73.28 12.36 112.81
N VAL G 792 73.91 12.56 111.65
CA VAL G 792 74.07 13.88 111.05
C VAL G 792 73.61 13.81 109.61
N SER G 793 72.84 14.81 109.17
CA SER G 793 72.32 14.87 107.81
C SER G 793 72.94 16.06 107.10
N PHE G 794 73.38 15.83 105.86
CA PHE G 794 74.09 16.82 105.08
C PHE G 794 73.76 16.66 103.60
N SER G 795 74.04 17.72 102.83
CA SER G 795 73.74 17.72 101.40
C SER G 795 75.02 17.75 100.57
N ALA G 796 75.87 18.77 100.73
CA ALA G 796 77.08 18.90 99.94
C ALA G 796 77.92 20.03 100.50
N GLY G 797 79.24 19.90 100.35
CA GLY G 797 80.14 20.94 100.79
C GLY G 797 80.31 21.06 102.28
N ILE G 798 80.24 19.96 103.02
CA ILE G 798 80.43 19.98 104.47
C ILE G 798 81.79 19.37 104.79
N LYS G 799 82.25 19.63 106.02
CA LYS G 799 83.40 18.94 106.60
C LYS G 799 83.20 18.96 108.11
N VAL G 800 82.64 17.88 108.64
CA VAL G 800 82.36 17.77 110.07
C VAL G 800 82.98 16.48 110.59
N ARG G 801 83.29 16.46 111.89
CA ARG G 801 83.93 15.32 112.52
C ARG G 801 83.21 14.94 113.80
N PHE G 802 82.90 13.66 113.94
CA PHE G 802 82.29 13.11 115.16
C PHE G 802 83.34 13.09 116.27
N LEU G 803 82.97 13.61 117.44
CA LEU G 803 83.77 13.49 118.64
C LEU G 803 83.01 12.62 119.62
N LEU G 804 83.28 11.31 119.61
CA LEU G 804 82.53 10.35 120.41
C LEU G 804 83.19 10.08 121.76
N GLY G 805 84.32 10.69 122.04
CA GLY G 805 84.96 10.57 123.33
C GLY G 805 85.87 9.34 123.41
N GLY G 806 86.69 9.32 124.45
CA GLY G 806 87.58 8.19 124.67
C GLY G 806 88.68 8.10 123.62
N ARG G 807 88.73 6.94 122.95
CA ARG G 807 89.71 6.75 121.89
C ARG G 807 89.19 7.27 120.56
N HIS G 808 87.87 7.22 120.37
CA HIS G 808 87.29 7.60 119.09
C HIS G 808 87.16 9.11 118.96
N GLY G 809 87.33 9.81 120.07
CA GLY G 809 87.34 11.26 120.07
C GLY G 809 87.66 11.77 121.46
N GLU G 810 87.49 13.07 121.66
CA GLU G 810 87.48 13.65 122.99
C GLU G 810 86.57 14.85 123.02
N PHE G 811 86.22 15.30 124.22
CA PHE G 811 85.20 16.31 124.39
C PHE G 811 85.83 17.63 124.81
N LYS G 812 85.77 18.63 123.92
CA LYS G 812 86.32 19.94 124.28
C LYS G 812 85.51 20.57 125.40
N PHE G 813 84.20 20.36 125.42
CA PHE G 813 83.36 20.74 126.53
C PHE G 813 83.00 19.49 127.33
N LEU G 814 83.14 19.60 128.65
CA LEU G 814 82.94 18.45 129.53
C LEU G 814 81.49 17.98 129.46
N PRO G 815 81.27 16.66 129.47
CA PRO G 815 79.89 16.15 129.45
C PRO G 815 79.12 16.61 130.66
N PRO G 816 77.82 16.84 130.52
CA PRO G 816 77.01 17.17 131.69
C PRO G 816 77.04 16.05 132.69
N PRO G 817 76.93 16.36 133.99
CA PRO G 817 77.05 15.32 135.02
C PRO G 817 76.02 14.22 134.82
N GLY G 818 76.45 12.98 135.05
CA GLY G 818 75.60 11.83 134.84
C GLY G 818 75.73 11.24 133.45
N TYR G 819 75.70 12.11 132.43
CA TYR G 819 75.77 11.64 131.05
C TYR G 819 77.11 10.97 130.77
N ALA G 820 77.07 9.83 130.10
CA ALA G 820 78.25 9.07 129.76
C ALA G 820 78.61 9.24 128.29
N PRO G 821 79.89 9.15 127.95
CA PRO G 821 80.29 9.25 126.54
C PRO G 821 79.74 8.11 125.71
N CYS G 822 79.50 8.40 124.43
CA CYS G 822 78.81 7.47 123.55
C CYS G 822 79.68 6.29 123.14
N TYR G 823 81.01 6.39 123.27
CA TYR G 823 81.85 5.27 122.86
C TYR G 823 81.72 4.09 123.82
N GLU G 824 81.25 4.35 125.04
CA GLU G 824 81.12 3.33 126.07
C GLU G 824 79.96 2.36 125.80
N ALA G 825 79.14 2.63 124.79
CA ALA G 825 78.03 1.76 124.45
C ALA G 825 78.39 0.69 123.43
N VAL G 826 79.61 0.72 122.88
CA VAL G 826 80.01 -0.28 121.90
C VAL G 826 80.12 -1.64 122.56
N LEU G 827 79.53 -2.65 121.94
CA LEU G 827 79.68 -4.01 122.42
C LEU G 827 81.14 -4.44 122.31
N PRO G 828 81.62 -5.26 123.25
CA PRO G 828 83.07 -5.51 123.34
C PRO G 828 83.69 -6.07 122.06
N LYS G 829 83.00 -6.96 121.35
CA LYS G 829 83.59 -7.58 120.18
C LYS G 829 83.67 -6.63 119.00
N GLU G 830 82.60 -5.87 118.76
CA GLU G 830 82.56 -5.00 117.59
C GLU G 830 83.46 -3.77 117.81
N LYS G 831 83.88 -3.18 116.69
CA LYS G 831 84.66 -1.96 116.68
C LYS G 831 83.78 -0.83 116.16
N LEU G 832 83.96 0.36 116.72
CA LEU G 832 83.11 1.49 116.36
C LEU G 832 83.49 2.03 114.99
N LYS G 833 82.51 2.12 114.10
CA LYS G 833 82.69 2.74 112.79
C LYS G 833 81.64 3.81 112.62
N VAL G 834 81.74 4.56 111.51
CA VAL G 834 80.70 5.49 111.12
C VAL G 834 80.26 5.14 109.70
N GLU G 835 79.08 4.54 109.57
CA GLU G 835 78.58 4.04 108.30
C GLU G 835 77.52 4.99 107.75
N HIS G 836 77.08 4.71 106.53
CA HIS G 836 75.85 5.30 106.02
C HIS G 836 74.67 4.72 106.78
N SER G 837 73.70 5.59 107.11
CA SER G 837 72.50 5.11 107.79
C SER G 837 71.71 4.17 106.89
N ARG G 838 71.66 4.45 105.60
CA ARG G 838 70.95 3.62 104.66
C ARG G 838 71.87 2.55 104.07
N GLU G 839 71.26 1.54 103.47
CA GLU G 839 72.00 0.34 103.07
C GLU G 839 72.91 0.61 101.87
N TYR G 840 72.40 1.30 100.85
CA TYR G 840 73.08 1.41 99.56
C TYR G 840 73.87 2.71 99.47
N LYS G 841 75.08 2.61 98.91
CA LYS G 841 76.01 3.73 98.81
C LYS G 841 76.36 3.93 97.33
N GLN G 842 77.16 4.95 97.02
CA GLN G 842 77.67 5.14 95.67
C GLN G 842 78.79 4.15 95.39
N GLU G 843 78.62 3.32 94.36
CA GLU G 843 79.61 2.33 93.97
C GLU G 843 79.26 1.81 92.58
N ARG G 844 80.08 0.89 92.08
CA ARG G 844 79.84 0.32 90.77
C ARG G 844 78.55 -0.50 90.76
N THR G 845 77.86 -0.50 89.62
CA THR G 845 76.57 -1.16 89.51
C THR G 845 76.67 -2.67 89.73
N TYR G 846 77.64 -3.33 89.11
CA TYR G 846 77.77 -4.78 89.26
C TYR G 846 78.41 -5.19 90.57
N THR G 847 79.10 -4.29 91.25
CA THR G 847 79.64 -4.58 92.58
C THR G 847 78.68 -4.17 93.69
N ARG G 848 77.58 -3.51 93.36
CA ARG G 848 76.60 -3.12 94.37
C ARG G 848 75.98 -4.36 94.99
N ASP G 849 76.12 -4.50 96.30
CA ASP G 849 75.61 -5.65 97.03
C ASP G 849 74.14 -5.42 97.38
N LEU G 850 73.25 -6.09 96.66
CA LEU G 850 71.82 -6.01 96.96
C LEU G 850 71.56 -6.72 98.28
N LEU G 851 70.83 -6.06 99.18
CA LEU G 851 70.60 -6.56 100.51
C LEU G 851 69.12 -6.87 100.72
N GLY G 852 68.84 -8.01 101.35
CA GLY G 852 67.50 -8.37 101.72
C GLY G 852 67.16 -7.84 103.10
N PRO G 853 66.01 -8.24 103.62
CA PRO G 853 65.64 -7.83 104.98
C PRO G 853 66.67 -8.29 105.99
N THR G 854 67.00 -7.42 106.94
CA THR G 854 67.99 -7.74 107.94
C THR G 854 67.34 -8.37 109.17
N VAL G 855 68.12 -9.20 109.86
CA VAL G 855 67.67 -9.81 111.10
C VAL G 855 67.48 -8.73 112.16
N SER G 856 66.38 -8.81 112.90
CA SER G 856 66.11 -7.83 113.94
C SER G 856 67.19 -7.89 115.02
N LEU G 857 67.71 -6.72 115.38
CA LEU G 857 68.82 -6.64 116.34
C LEU G 857 68.26 -6.52 117.76
N THR G 858 67.81 -7.66 118.28
CA THR G 858 67.24 -7.72 119.62
C THR G 858 68.29 -7.99 120.69
N GLN G 859 69.53 -8.31 120.30
CA GLN G 859 70.56 -8.65 121.27
C GLN G 859 71.15 -7.42 121.97
N ALA G 860 70.84 -6.22 121.48
CA ALA G 860 71.31 -5.01 122.16
C ALA G 860 70.72 -4.90 123.56
N ALA G 861 69.43 -5.20 123.71
CA ALA G 861 68.74 -5.16 124.99
C ALA G 861 68.98 -6.49 125.69
N PHE G 862 70.02 -6.55 126.53
CA PHE G 862 70.36 -7.77 127.26
C PHE G 862 69.54 -7.79 128.54
N THR G 863 68.36 -8.41 128.46
CA THR G 863 67.52 -8.60 129.65
C THR G 863 67.80 -9.97 130.24
N PRO G 864 68.37 -10.05 131.44
CA PRO G 864 68.67 -11.37 132.03
C PRO G 864 67.39 -12.07 132.44
N ILE G 865 67.01 -13.09 131.67
CA ILE G 865 65.78 -13.84 131.89
C ILE G 865 66.13 -15.11 132.67
N PRO G 866 65.65 -15.27 133.89
CA PRO G 866 65.89 -16.52 134.63
C PRO G 866 64.79 -17.54 134.33
N VAL G 867 65.16 -18.82 134.35
CA VAL G 867 64.15 -19.87 134.35
C VAL G 867 63.49 -19.92 135.71
N ASP G 868 62.16 -19.94 135.72
CA ASP G 868 61.43 -19.89 136.97
C ASP G 868 61.49 -21.23 137.68
N THR G 869 61.90 -21.21 138.94
CA THR G 869 62.03 -22.42 139.75
C THR G 869 61.30 -22.36 141.08
N SER G 870 60.80 -21.20 141.50
CA SER G 870 60.14 -21.10 142.79
C SER G 870 58.89 -21.97 142.85
N GLN G 871 58.22 -22.18 141.71
CA GLN G 871 57.02 -22.99 141.70
C GLN G 871 57.33 -24.46 141.97
N ILE G 872 58.54 -24.91 141.66
CA ILE G 872 58.88 -26.31 141.80
C ILE G 872 59.30 -26.61 143.23
N VAL G 873 58.87 -27.76 143.75
CA VAL G 873 59.18 -28.19 145.11
C VAL G 873 60.13 -29.38 145.03
N LEU G 874 61.08 -29.40 145.96
CA LEU G 874 62.09 -30.45 145.95
C LEU G 874 61.45 -31.83 146.12
N PRO G 875 61.78 -32.80 145.27
CA PRO G 875 61.28 -34.16 145.48
C PRO G 875 61.87 -34.75 146.75
N PRO G 876 61.25 -35.79 147.30
CA PRO G 876 61.70 -36.30 148.62
C PRO G 876 63.15 -36.74 148.65
N HIS G 877 63.67 -37.32 147.56
CA HIS G 877 65.06 -37.74 147.56
C HIS G 877 66.00 -36.55 147.69
N LEU G 878 65.77 -35.52 146.87
CA LEU G 878 66.56 -34.32 146.98
C LEU G 878 66.38 -33.66 148.34
N GLU G 879 65.17 -33.78 148.91
CA GLU G 879 64.93 -33.22 150.23
C GLU G 879 65.77 -33.90 151.30
N ARG G 880 65.90 -35.23 151.26
CA ARG G 880 66.70 -35.82 152.33
C ARG G 880 68.19 -35.68 152.05
N ILE G 881 68.58 -35.47 150.78
CA ILE G 881 70.00 -35.29 150.45
C ILE G 881 70.39 -33.81 150.41
N ARG G 882 69.47 -32.91 150.75
CA ARG G 882 69.83 -31.49 150.81
C ARG G 882 70.99 -31.21 151.75
N GLU G 883 71.03 -31.89 152.91
CA GLU G 883 72.15 -31.70 153.82
C GLU G 883 73.46 -32.16 153.19
N LYS G 884 73.42 -33.27 152.45
CA LYS G 884 74.64 -33.74 151.78
C LYS G 884 75.07 -32.81 150.67
N LEU G 885 74.13 -32.19 149.95
CA LEU G 885 74.51 -31.12 149.02
C LEU G 885 75.11 -29.91 149.74
N ALA G 886 74.59 -29.54 150.91
CA ALA G 886 75.21 -28.45 151.66
C ALA G 886 76.64 -28.81 152.04
N GLU G 887 76.85 -30.05 152.50
CA GLU G 887 78.21 -30.51 152.80
C GLU G 887 79.08 -30.49 151.55
N ASN G 888 78.51 -30.88 150.40
CA ASN G 888 79.25 -30.91 149.14
C ASN G 888 79.70 -29.51 148.74
N ILE G 889 78.80 -28.53 148.81
CA ILE G 889 79.20 -27.16 148.48
C ILE G 889 80.19 -26.60 149.49
N HIS G 890 80.09 -26.97 150.77
CA HIS G 890 81.13 -26.57 151.72
C HIS G 890 82.49 -27.15 151.31
N GLU G 891 82.51 -28.43 150.94
CA GLU G 891 83.70 -29.05 150.36
C GLU G 891 84.16 -28.30 149.12
N LEU G 892 83.24 -27.78 148.32
CA LEU G 892 83.63 -27.00 147.15
C LEU G 892 84.38 -25.73 147.52
N TRP G 893 83.90 -24.96 148.51
CA TRP G 893 84.70 -23.80 148.92
C TRP G 893 86.04 -24.24 149.47
N VAL G 894 86.05 -25.25 150.34
CA VAL G 894 87.29 -25.61 151.02
C VAL G 894 88.28 -26.29 150.10
N MET G 895 87.86 -26.76 148.93
CA MET G 895 88.82 -27.15 147.91
C MET G 895 89.26 -25.99 147.04
N ASN G 896 88.32 -25.18 146.53
CA ASN G 896 88.63 -24.09 145.63
C ASN G 896 89.61 -23.09 146.24
N LYS G 897 89.28 -22.56 147.42
CA LYS G 897 90.20 -21.63 148.06
C LYS G 897 91.49 -22.32 148.49
N ILE G 898 91.45 -23.63 148.73
CA ILE G 898 92.71 -24.27 149.08
C ILE G 898 93.47 -24.76 147.87
N GLU G 899 92.79 -25.05 146.75
CA GLU G 899 93.53 -25.45 145.56
C GLU G 899 94.17 -24.23 144.89
N LEU G 900 93.67 -23.03 145.17
CA LEU G 900 94.34 -21.83 144.66
C LEU G 900 95.42 -21.27 145.58
N GLY G 901 95.87 -22.01 146.60
CA GLY G 901 96.93 -21.53 147.48
C GLY G 901 96.51 -20.51 148.51
N TRP G 902 95.22 -20.34 148.72
CA TRP G 902 94.56 -19.28 149.50
C TRP G 902 94.40 -19.75 150.94
N GLN G 903 94.25 -18.82 151.90
CA GLN G 903 94.08 -19.25 153.29
C GLN G 903 92.86 -18.58 153.92
N TYR G 904 92.71 -18.80 155.23
CA TYR G 904 91.44 -18.59 155.92
C TYR G 904 91.48 -17.34 156.80
N GLY G 905 90.39 -16.58 156.79
CA GLY G 905 90.23 -15.45 157.68
C GLY G 905 88.85 -14.83 157.59
N PRO G 906 88.51 -13.98 158.56
CA PRO G 906 87.14 -13.42 158.58
C PRO G 906 86.80 -12.56 157.37
N VAL G 907 87.60 -11.53 157.09
CA VAL G 907 87.27 -10.62 155.99
C VAL G 907 87.72 -11.22 154.66
N ARG G 908 86.82 -11.17 153.68
CA ARG G 908 87.06 -11.74 152.36
C ARG G 908 87.91 -10.78 151.51
N ASP G 909 89.09 -10.45 152.01
CA ASP G 909 90.00 -9.52 151.36
C ASP G 909 91.08 -10.31 150.64
N ASP G 910 91.27 -10.02 149.36
CA ASP G 910 92.19 -10.81 148.54
C ASP G 910 93.66 -10.45 148.79
N ASN G 911 93.92 -9.25 149.30
CA ASN G 911 95.31 -8.83 149.49
C ASN G 911 95.97 -9.51 150.69
N LYS G 912 95.30 -9.50 151.84
CA LYS G 912 95.79 -10.23 153.00
C LYS G 912 95.51 -11.73 152.89
N ARG G 913 94.81 -12.14 151.83
CA ARG G 913 94.56 -13.55 151.51
C ARG G 913 93.83 -14.27 152.65
N GLN G 914 92.71 -13.73 153.12
CA GLN G 914 91.93 -14.34 154.19
C GLN G 914 90.52 -14.63 153.66
N HIS G 915 90.02 -15.84 153.90
CA HIS G 915 88.65 -16.23 153.51
C HIS G 915 88.01 -17.18 154.53
N PRO G 916 86.76 -16.91 154.95
CA PRO G 916 86.09 -17.83 155.87
C PRO G 916 85.56 -19.09 155.21
N CYS G 917 85.62 -19.18 153.88
CA CYS G 917 85.03 -20.31 153.18
C CYS G 917 85.80 -21.60 153.43
N LEU G 918 87.08 -21.50 153.78
CA LEU G 918 87.87 -22.70 154.04
C LEU G 918 87.52 -23.32 155.39
N VAL G 919 86.72 -22.65 156.19
CA VAL G 919 86.40 -23.11 157.54
C VAL G 919 84.95 -23.60 157.53
N GLU G 920 84.53 -24.25 158.62
CA GLU G 920 83.20 -24.84 158.74
C GLU G 920 82.11 -23.83 158.37
N PHE G 921 80.97 -24.38 157.94
CA PHE G 921 79.82 -23.54 157.59
C PHE G 921 79.30 -22.80 158.81
N SER G 922 79.62 -23.28 160.00
CA SER G 922 79.18 -22.59 161.22
C SER G 922 79.84 -21.22 161.35
N LYS G 923 81.17 -21.16 161.23
CA LYS G 923 81.85 -19.87 161.27
C LYS G 923 81.66 -19.11 159.96
N LEU G 924 81.52 -19.86 158.86
CA LEU G 924 81.20 -19.26 157.57
C LEU G 924 79.86 -18.53 157.70
N PRO G 925 79.75 -17.34 157.08
CA PRO G 925 78.50 -16.58 157.20
C PRO G 925 77.28 -17.38 156.75
N GLU G 926 76.34 -17.56 157.68
CA GLU G 926 75.17 -18.41 157.41
C GLU G 926 74.36 -17.88 156.23
N GLN G 927 74.34 -16.56 156.02
CA GLN G 927 73.55 -16.02 154.92
C GLN G 927 74.08 -16.48 153.57
N GLU G 928 75.40 -16.39 153.32
CA GLU G 928 75.93 -16.86 152.05
C GLU G 928 75.99 -18.37 152.00
N ARG G 929 76.16 -19.03 153.15
CA ARG G 929 76.10 -20.49 153.18
C ARG G 929 74.75 -20.97 152.66
N ASN G 930 73.67 -20.35 153.16
CA ASN G 930 72.33 -20.72 152.70
C ASN G 930 72.08 -20.25 151.28
N TYR G 931 72.63 -19.08 150.91
CA TYR G 931 72.51 -18.63 149.53
C TYR G 931 73.02 -19.67 148.56
N ASN G 932 74.25 -20.17 148.79
CA ASN G 932 74.77 -21.21 147.93
C ASN G 932 74.06 -22.55 148.13
N LEU G 933 73.58 -22.82 149.34
CA LEU G 933 72.78 -24.02 149.58
C LEU G 933 71.58 -24.08 148.64
N GLN G 934 70.77 -23.02 148.64
CA GLN G 934 69.63 -23.07 147.75
C GLN G 934 69.98 -22.75 146.31
N MET G 935 71.07 -22.05 146.00
CA MET G 935 71.30 -21.86 144.56
C MET G 935 71.83 -23.15 143.97
N SER G 936 72.39 -24.04 144.79
CA SER G 936 72.60 -25.42 144.37
C SER G 936 71.29 -26.19 144.33
N LEU G 937 70.38 -25.89 145.25
CA LEU G 937 69.06 -26.55 145.21
C LEU G 937 68.31 -26.22 143.92
N GLU G 938 68.20 -24.93 143.57
CA GLU G 938 67.63 -24.59 142.26
C GLU G 938 68.62 -24.88 141.12
N THR G 939 69.88 -25.21 141.41
CA THR G 939 70.68 -25.83 140.36
C THR G 939 70.10 -27.19 139.97
N LEU G 940 69.88 -28.06 140.95
CA LEU G 940 69.27 -29.36 140.65
C LEU G 940 67.81 -29.19 140.22
N LYS G 941 67.17 -28.11 140.68
CA LYS G 941 65.78 -27.85 140.30
C LYS G 941 65.69 -27.32 138.87
N THR G 942 66.70 -26.56 138.43
CA THR G 942 66.81 -26.18 137.04
C THR G 942 67.14 -27.39 136.17
N LEU G 943 67.90 -28.33 136.72
CA LEU G 943 68.07 -29.60 136.03
C LEU G 943 66.73 -30.32 135.86
N LEU G 944 65.92 -30.34 136.91
CA LEU G 944 64.59 -30.96 136.84
C LEU G 944 63.68 -30.25 135.84
N ALA G 945 63.62 -28.92 135.88
CA ALA G 945 62.86 -28.13 134.92
C ALA G 945 63.42 -28.22 133.51
N LEU G 946 64.68 -28.64 133.37
CA LEU G 946 65.28 -28.93 132.08
C LEU G 946 65.12 -30.39 131.70
N GLY G 947 64.50 -31.19 132.56
CA GLY G 947 64.28 -32.59 132.27
C GLY G 947 65.35 -33.53 132.80
N CYS G 948 66.28 -33.03 133.61
CA CYS G 948 67.33 -33.86 134.20
C CYS G 948 66.78 -34.53 135.44
N HIS G 949 66.80 -35.86 135.45
CA HIS G 949 66.00 -36.66 136.38
C HIS G 949 66.94 -37.24 137.44
N VAL G 950 67.35 -36.38 138.38
CA VAL G 950 68.40 -36.68 139.34
C VAL G 950 67.84 -37.62 140.41
N GLY G 951 68.09 -38.92 140.28
CA GLY G 951 67.70 -39.91 141.26
C GLY G 951 68.87 -40.78 141.67
N ILE G 952 68.80 -41.32 142.89
CA ILE G 952 69.90 -42.14 143.41
C ILE G 952 70.02 -43.43 142.59
N SER G 953 71.27 -43.86 142.36
CA SER G 953 71.48 -45.14 141.71
C SER G 953 71.33 -46.29 142.70
N ASP G 954 72.11 -46.27 143.78
CA ASP G 954 72.03 -47.30 144.81
C ASP G 954 72.68 -46.78 146.09
N GLU G 955 72.48 -47.51 147.19
CA GLU G 955 73.06 -47.07 148.45
C GLU G 955 74.57 -47.29 148.48
N HIS G 956 75.09 -48.11 147.58
CA HIS G 956 76.54 -48.23 147.42
C HIS G 956 77.18 -46.89 147.08
N ALA G 957 76.59 -46.15 146.14
CA ALA G 957 77.20 -44.93 145.64
C ALA G 957 77.23 -43.82 146.68
N GLU G 958 76.50 -43.97 147.78
CA GLU G 958 76.59 -43.08 148.92
C GLU G 958 77.42 -43.67 150.05
N ASP G 959 77.42 -44.99 150.22
CA ASP G 959 78.19 -45.60 151.30
C ASP G 959 79.68 -45.60 151.01
N LYS G 960 80.07 -45.67 149.73
CA LYS G 960 81.48 -45.69 149.36
C LYS G 960 81.92 -44.26 149.10
N VAL G 961 83.07 -43.89 149.66
CA VAL G 961 83.71 -42.61 149.37
C VAL G 961 85.20 -42.86 149.19
N LYS G 962 85.78 -42.28 148.14
CA LYS G 962 87.19 -42.48 147.84
C LYS G 962 88.02 -41.45 148.62
N LYS G 963 89.33 -41.69 148.72
CA LYS G 963 90.20 -40.83 149.50
C LYS G 963 91.18 -40.13 148.57
N MET G 964 91.29 -38.81 148.69
CA MET G 964 92.20 -38.05 147.86
C MET G 964 93.50 -37.76 148.58
N LYS G 965 94.53 -37.49 147.78
CA LYS G 965 95.81 -37.04 148.33
C LYS G 965 95.61 -35.69 148.99
N LEU G 966 95.96 -35.61 150.27
CA LEU G 966 95.69 -34.42 151.09
C LEU G 966 96.99 -33.96 151.73
N PRO G 967 97.87 -33.31 150.97
CA PRO G 967 99.08 -32.73 151.55
C PRO G 967 98.74 -31.54 152.43
N LYS G 968 99.78 -30.90 152.97
CA LYS G 968 99.57 -29.73 153.80
C LYS G 968 99.05 -28.55 152.99
N ASN G 969 99.50 -28.42 151.74
CA ASN G 969 99.01 -27.34 150.88
C ASN G 969 97.52 -27.49 150.59
N TYR G 970 97.09 -28.71 150.30
CA TYR G 970 95.68 -29.01 150.06
C TYR G 970 94.89 -29.16 151.34
N GLN G 971 95.55 -29.14 152.49
CA GLN G 971 94.88 -29.32 153.78
C GLN G 971 93.99 -28.12 154.09
N LEU G 972 92.93 -28.40 154.84
CA LEU G 972 91.91 -27.42 155.20
C LEU G 972 91.84 -27.30 156.71
N THR G 973 90.97 -26.40 157.18
CA THR G 973 90.79 -26.19 158.61
C THR G 973 89.46 -26.74 159.12
N SER G 974 88.51 -27.01 158.21
CA SER G 974 87.22 -27.54 158.62
C SER G 974 87.22 -29.06 158.57
N GLY G 975 86.21 -29.66 159.21
CA GLY G 975 86.14 -31.11 159.28
C GLY G 975 85.69 -31.74 157.98
N TYR G 976 85.00 -30.98 157.14
CA TYR G 976 84.46 -31.50 155.89
C TYR G 976 85.61 -31.67 154.90
N LYS G 977 86.26 -32.82 154.94
CA LYS G 977 87.41 -33.09 154.09
C LYS G 977 87.03 -32.93 152.62
N PRO G 978 87.85 -32.25 151.82
CA PRO G 978 87.53 -32.11 150.39
C PRO G 978 88.06 -33.29 149.58
N ALA G 979 87.78 -34.50 150.04
CA ALA G 979 88.23 -35.72 149.37
C ALA G 979 87.06 -36.69 149.23
N PRO G 980 86.02 -36.33 148.47
CA PRO G 980 84.91 -37.28 148.26
C PRO G 980 85.31 -38.45 147.40
N MET G 981 85.83 -38.14 146.21
CA MET G 981 86.33 -39.11 145.24
C MET G 981 86.97 -38.32 144.10
N ASP G 982 87.93 -38.95 143.42
CA ASP G 982 88.49 -38.34 142.22
C ASP G 982 87.45 -38.43 141.11
N LEU G 983 87.33 -37.36 140.32
CA LEU G 983 86.22 -37.30 139.38
C LEU G 983 86.60 -37.89 138.03
N SER G 984 87.81 -38.46 137.94
CA SER G 984 88.29 -39.00 136.66
C SER G 984 87.43 -40.17 136.20
N PHE G 985 87.07 -41.09 137.10
CA PHE G 985 86.29 -42.24 136.68
C PHE G 985 84.82 -41.89 136.46
N ILE G 986 84.41 -40.67 136.79
CA ILE G 986 83.04 -40.21 136.61
C ILE G 986 82.98 -39.35 135.36
N LYS G 987 82.17 -39.77 134.40
CA LYS G 987 82.05 -39.08 133.12
C LYS G 987 80.64 -38.52 132.98
N LEU G 988 80.57 -37.26 132.55
CA LEU G 988 79.31 -36.58 132.31
C LEU G 988 79.00 -36.64 130.83
N THR G 989 77.81 -37.15 130.49
CA THR G 989 77.44 -37.36 129.09
C THR G 989 77.42 -36.04 128.35
N PRO G 990 77.70 -36.05 127.04
CA PRO G 990 77.81 -34.77 126.30
C PRO G 990 76.58 -33.87 126.40
N SER G 991 75.38 -34.44 126.33
CA SER G 991 74.17 -33.64 126.51
C SER G 991 74.12 -33.06 127.93
N GLN G 992 74.53 -33.85 128.92
CA GLN G 992 74.60 -33.36 130.29
C GLN G 992 75.59 -32.23 130.45
N GLU G 993 76.75 -32.30 129.76
CA GLU G 993 77.70 -31.21 129.76
C GLU G 993 77.15 -29.95 129.09
N ALA G 994 76.42 -30.13 127.98
CA ALA G 994 75.77 -28.98 127.35
C ALA G 994 74.76 -28.35 128.29
N MET G 995 74.00 -29.17 129.02
CA MET G 995 73.02 -28.62 129.97
C MET G 995 73.72 -27.98 131.17
N VAL G 996 74.90 -28.47 131.52
CA VAL G 996 75.73 -27.80 132.52
C VAL G 996 76.11 -26.41 132.03
N ASP G 997 76.48 -26.31 130.75
CA ASP G 997 76.75 -25.00 130.16
C ASP G 997 75.52 -24.10 130.22
N LYS G 998 74.35 -24.68 129.90
CA LYS G 998 73.11 -23.92 129.94
C LYS G 998 72.80 -23.41 131.35
N LEU G 999 73.05 -24.25 132.35
CA LEU G 999 72.72 -23.86 133.73
C LEU G 999 73.74 -22.85 134.25
N ALA G 1000 74.99 -22.94 133.78
CA ALA G 1000 75.96 -21.89 134.07
C ALA G 1000 75.52 -20.55 133.46
N GLU G 1001 74.97 -20.61 132.25
CA GLU G 1001 74.37 -19.43 131.63
C GLU G 1001 73.24 -18.89 132.50
N ASN G 1002 72.42 -19.80 133.03
CA ASN G 1002 71.31 -19.39 133.92
C ASN G 1002 71.83 -18.73 135.19
N ALA G 1003 72.92 -19.26 135.75
CA ALA G 1003 73.52 -18.66 136.94
C ALA G 1003 74.08 -17.26 136.62
N HIS G 1004 74.69 -17.11 135.45
CA HIS G 1004 75.14 -15.80 135.01
C HIS G 1004 73.96 -14.84 134.88
N ASN G 1005 72.84 -15.34 134.35
CA ASN G 1005 71.63 -14.53 134.27
C ASN G 1005 71.14 -14.12 135.66
N VAL G 1006 71.22 -15.03 136.63
CA VAL G 1006 70.81 -14.71 138.00
C VAL G 1006 71.69 -13.60 138.57
N TRP G 1007 73.01 -13.72 138.36
CA TRP G 1007 73.94 -12.71 138.83
C TRP G 1007 73.64 -11.35 138.19
N ALA G 1008 73.43 -11.35 136.87
CA ALA G 1008 73.12 -10.10 136.18
C ALA G 1008 71.80 -9.51 136.66
N ARG G 1009 70.80 -10.36 136.91
CA ARG G 1009 69.52 -9.88 137.41
C ARG G 1009 69.66 -9.24 138.78
N ASP G 1010 70.45 -9.86 139.67
CA ASP G 1010 70.69 -9.25 140.98
C ASP G 1010 71.35 -7.89 140.81
N ARG G 1011 72.32 -7.79 139.90
CA ARG G 1011 72.98 -6.51 139.66
C ARG G 1011 72.00 -5.47 139.11
N ILE G 1012 71.07 -5.90 138.26
CA ILE G 1012 70.02 -4.99 137.80
C ILE G 1012 69.15 -4.53 138.96
N ARG G 1013 68.81 -5.44 139.88
CA ARG G 1013 68.02 -5.05 141.04
C ARG G 1013 68.76 -4.01 141.89
N GLN G 1014 70.08 -4.18 142.08
CA GLN G 1014 70.82 -3.11 142.73
C GLN G 1014 70.94 -1.88 141.84
N GLY G 1015 70.67 -2.01 140.54
CA GLY G 1015 70.75 -0.90 139.61
C GLY G 1015 71.97 -0.86 138.74
N TRP G 1016 72.80 -1.91 138.75
CA TRP G 1016 74.01 -1.93 137.93
C TRP G 1016 73.66 -1.86 136.45
N THR G 1017 74.45 -1.09 135.71
CA THR G 1017 74.30 -0.98 134.27
C THR G 1017 75.64 -1.21 133.60
N TYR G 1018 75.58 -1.65 132.34
CA TYR G 1018 76.79 -2.08 131.64
C TYR G 1018 77.64 -0.90 131.23
N GLY G 1019 78.95 -1.06 131.35
CA GLY G 1019 79.90 -0.11 130.78
C GLY G 1019 81.16 -0.83 130.39
N ILE G 1020 81.80 -0.35 129.31
CA ILE G 1020 82.99 -1.03 128.81
C ILE G 1020 84.08 -1.07 129.87
N GLN G 1021 84.32 0.06 130.53
CA GLN G 1021 85.19 0.07 131.69
C GLN G 1021 84.40 -0.31 132.94
N GLN G 1022 85.12 -0.61 134.01
CA GLN G 1022 84.51 -0.99 135.28
C GLN G 1022 84.60 0.20 136.24
N ASP G 1023 83.46 0.56 136.83
CA ASP G 1023 83.39 1.66 137.77
C ASP G 1023 82.49 1.28 138.94
N VAL G 1024 82.79 1.82 140.11
CA VAL G 1024 81.95 1.63 141.29
C VAL G 1024 81.21 2.91 141.66
N LYS G 1025 81.75 4.07 141.30
CA LYS G 1025 81.05 5.33 141.52
C LYS G 1025 79.80 5.40 140.65
N ASN G 1026 79.97 5.34 139.33
CA ASN G 1026 78.85 5.11 138.44
C ASN G 1026 78.29 3.70 138.59
N ARG G 1027 79.05 2.81 139.23
CA ARG G 1027 78.59 1.48 139.59
C ARG G 1027 78.21 0.69 138.33
N ARG G 1028 79.20 0.55 137.45
CA ARG G 1028 79.02 0.02 136.10
C ARG G 1028 79.97 -1.15 135.90
N ASN G 1029 79.51 -2.20 135.24
CA ASN G 1029 80.28 -3.43 135.08
C ASN G 1029 80.30 -3.88 133.63
N PRO G 1030 81.47 -4.11 133.03
CA PRO G 1030 81.53 -4.81 131.74
C PRO G 1030 81.10 -6.27 131.83
N ARG G 1031 81.06 -6.84 133.03
CA ARG G 1031 80.62 -8.23 133.19
C ARG G 1031 79.14 -8.39 132.91
N LEU G 1032 78.38 -7.30 132.91
CA LEU G 1032 76.93 -7.35 132.64
C LEU G 1032 76.72 -7.55 131.15
N VAL G 1033 76.99 -8.76 130.67
CA VAL G 1033 76.84 -9.10 129.26
C VAL G 1033 76.20 -10.49 129.17
N PRO G 1034 75.58 -10.84 128.04
CA PRO G 1034 75.10 -12.21 127.86
C PRO G 1034 76.25 -13.20 127.89
N TYR G 1035 75.93 -14.44 128.29
CA TYR G 1035 76.95 -15.46 128.47
C TYR G 1035 77.76 -15.68 127.19
N THR G 1036 77.11 -15.56 126.03
CA THR G 1036 77.83 -15.68 124.77
C THR G 1036 78.87 -14.58 124.62
N LEU G 1037 78.55 -13.36 125.09
CA LEU G 1037 79.49 -12.26 125.02
C LEU G 1037 80.40 -12.19 126.24
N LEU G 1038 80.22 -13.08 127.21
CA LEU G 1038 81.06 -13.08 128.40
C LEU G 1038 82.49 -13.47 128.03
N ASP G 1039 83.45 -12.99 128.81
CA ASP G 1039 84.84 -13.31 128.53
C ASP G 1039 85.18 -14.74 128.96
N ASP G 1040 86.13 -15.32 128.22
CA ASP G 1040 86.45 -16.75 128.38
C ASP G 1040 86.96 -17.06 129.78
N ARG G 1041 87.60 -16.09 130.43
CA ARG G 1041 88.16 -16.29 131.76
C ARG G 1041 87.05 -16.51 132.80
N THR G 1042 86.03 -15.65 132.82
CA THR G 1042 84.91 -15.87 133.72
C THR G 1042 84.11 -17.09 133.28
N LYS G 1043 83.99 -17.29 131.96
CA LYS G 1043 83.38 -18.52 131.46
C LYS G 1043 84.01 -19.74 132.10
N LYS G 1044 85.33 -19.81 132.09
CA LYS G 1044 86.02 -21.00 132.59
C LYS G 1044 85.95 -21.10 134.11
N SER G 1045 85.97 -19.96 134.80
CA SER G 1045 85.83 -20.00 136.26
C SER G 1045 84.48 -20.60 136.65
N ASN G 1046 83.39 -20.03 136.13
CA ASN G 1046 82.06 -20.57 136.43
C ASN G 1046 81.93 -21.99 135.92
N LYS G 1047 82.55 -22.27 134.77
CA LYS G 1047 82.49 -23.60 134.17
C LYS G 1047 83.10 -24.64 135.09
N ASP G 1048 84.33 -24.41 135.53
CA ASP G 1048 84.99 -25.39 136.38
C ASP G 1048 84.26 -25.56 137.69
N SER G 1049 83.80 -24.46 138.30
CA SER G 1049 83.07 -24.58 139.56
C SER G 1049 81.82 -25.44 139.39
N LEU G 1050 81.00 -25.14 138.39
CA LEU G 1050 79.70 -25.79 138.29
C LEU G 1050 79.85 -27.23 137.77
N ARG G 1051 80.82 -27.45 136.87
CA ARG G 1051 81.09 -28.81 136.39
C ARG G 1051 81.61 -29.68 137.53
N GLU G 1052 82.48 -29.14 138.38
CA GLU G 1052 82.94 -29.90 139.53
C GLU G 1052 81.79 -30.22 140.48
N ALA G 1053 80.90 -29.24 140.68
CA ALA G 1053 79.72 -29.49 141.52
C ALA G 1053 78.83 -30.59 140.95
N VAL G 1054 78.51 -30.55 139.66
CA VAL G 1054 77.65 -31.57 139.07
C VAL G 1054 78.35 -32.92 139.07
N ARG G 1055 79.66 -32.93 138.82
CA ARG G 1055 80.44 -34.17 138.88
C ARG G 1055 80.38 -34.79 140.28
N THR G 1056 80.50 -33.97 141.31
CA THR G 1056 80.44 -34.50 142.68
C THR G 1056 79.04 -34.96 143.03
N LEU G 1057 78.01 -34.26 142.54
CA LEU G 1057 76.64 -34.76 142.68
C LEU G 1057 76.45 -36.12 142.04
N LEU G 1058 77.00 -36.34 140.86
CA LEU G 1058 77.02 -37.68 140.27
C LEU G 1058 77.80 -38.67 141.11
N GLY G 1059 78.93 -38.24 141.68
CA GLY G 1059 79.70 -39.10 142.57
C GLY G 1059 78.91 -39.52 143.80
N TYR G 1060 77.97 -38.68 144.24
CA TYR G 1060 77.04 -39.08 145.30
C TYR G 1060 76.07 -40.16 144.84
N GLY G 1061 76.13 -40.55 143.57
CA GLY G 1061 75.31 -41.62 143.05
C GLY G 1061 73.93 -41.21 142.59
N TYR G 1062 73.56 -39.95 142.73
CA TYR G 1062 72.29 -39.49 142.18
C TYR G 1062 72.41 -39.30 140.68
N ASN G 1063 72.44 -40.42 139.94
CA ASN G 1063 72.58 -40.34 138.50
C ASN G 1063 71.36 -39.67 137.89
N LEU G 1064 71.59 -38.84 136.88
CA LEU G 1064 70.55 -38.09 136.21
C LEU G 1064 70.48 -38.54 134.75
N GLU G 1065 69.43 -39.29 134.42
CA GLU G 1065 69.21 -39.70 133.03
C GLU G 1065 68.82 -38.47 132.22
N ALA G 1066 69.76 -38.04 131.38
CA ALA G 1066 69.72 -36.78 130.65
C ALA G 1066 68.50 -36.70 129.73
N PRO G 1067 67.78 -35.60 129.76
CA PRO G 1067 66.69 -35.40 128.79
C PRO G 1067 67.23 -35.36 127.37
N ASP G 1068 66.40 -35.79 126.43
CA ASP G 1068 66.83 -35.97 125.05
C ASP G 1068 67.26 -34.65 124.43
N GLN G 1069 68.09 -34.76 123.38
CA GLN G 1069 68.47 -33.61 122.56
C GLN G 1069 67.28 -33.22 121.68
N ASP G 1070 66.39 -32.43 122.25
CA ASP G 1070 65.26 -31.92 121.49
C ASP G 1070 65.75 -30.91 120.47
N HIS G 1071 65.72 -31.30 119.20
CA HIS G 1071 66.21 -30.42 118.14
C HIS G 1071 65.31 -29.20 118.01
N ALA G 1072 65.93 -28.04 117.84
CA ALA G 1072 65.23 -26.77 117.75
C ALA G 1072 65.32 -26.22 116.34
N ALA G 1073 64.21 -25.67 115.86
CA ALA G 1073 64.14 -25.07 114.53
C ALA G 1073 63.91 -23.58 114.68
N ARG G 1074 64.98 -22.80 114.49
CA ARG G 1074 64.91 -21.35 114.64
C ARG G 1074 64.01 -20.70 113.59
N ALA G 1075 63.71 -21.40 112.50
CA ALA G 1075 62.72 -21.00 111.50
C ALA G 1075 63.14 -19.74 110.74
N GLU G 1076 64.33 -19.23 111.04
CA GLU G 1076 64.95 -18.08 110.35
C GLU G 1076 63.98 -16.90 110.19
N VAL G 1077 62.97 -16.80 111.05
CA VAL G 1077 62.02 -15.70 110.99
C VAL G 1077 62.31 -14.68 112.08
N CYS G 1078 63.18 -13.72 111.77
CA CYS G 1078 63.49 -12.62 112.66
C CYS G 1078 63.63 -11.29 111.91
N SER G 1079 62.97 -11.17 110.77
CA SER G 1079 63.08 -9.96 109.96
C SER G 1079 62.41 -8.78 110.65
N GLY G 1080 63.07 -7.62 110.59
CA GLY G 1080 62.44 -6.39 111.05
C GLY G 1080 61.22 -6.09 110.22
N THR G 1081 60.10 -5.78 110.91
CA THR G 1081 58.80 -5.55 110.27
C THR G 1081 58.33 -6.80 109.55
N GLY G 1082 57.17 -6.72 108.90
CA GLY G 1082 56.58 -7.89 108.25
C GLY G 1082 57.22 -8.25 106.93
N GLU G 1083 58.19 -7.47 106.45
CA GLU G 1083 58.85 -7.77 105.18
C GLU G 1083 59.64 -9.07 105.25
N ARG G 1084 59.34 -10.01 104.35
CA ARG G 1084 60.03 -11.28 104.30
C ARG G 1084 61.09 -11.34 103.21
N PHE G 1085 60.91 -10.61 102.12
CA PHE G 1085 61.85 -10.65 101.01
C PHE G 1085 61.88 -9.30 100.32
N ARG G 1086 63.00 -9.00 99.69
CA ARG G 1086 63.21 -7.76 98.93
C ARG G 1086 63.38 -8.14 97.48
N ILE G 1087 62.54 -7.57 96.60
CA ILE G 1087 62.56 -7.91 95.19
C ILE G 1087 63.22 -6.78 94.41
N PHE G 1088 64.26 -7.13 93.65
CA PHE G 1088 64.98 -6.20 92.80
C PHE G 1088 64.72 -6.55 91.35
N ARG G 1089 64.45 -5.53 90.53
CA ARG G 1089 64.22 -5.72 89.11
C ARG G 1089 64.70 -4.48 88.36
N ALA G 1090 64.94 -4.66 87.06
CA ALA G 1090 65.28 -3.53 86.21
C ALA G 1090 64.01 -2.78 85.80
N GLU G 1091 64.21 -1.63 85.17
CA GLU G 1091 63.08 -0.79 84.77
C GLU G 1091 62.23 -1.48 83.72
N LYS G 1092 60.93 -1.19 83.75
CA LYS G 1092 60.00 -1.81 82.80
C LYS G 1092 60.30 -1.45 81.35
N THR G 1093 60.97 -0.33 81.10
CA THR G 1093 61.28 0.09 79.74
C THR G 1093 62.30 -0.80 79.06
N TYR G 1094 63.09 -1.55 79.83
CA TYR G 1094 64.10 -2.45 79.27
C TYR G 1094 63.56 -3.84 79.00
N ALA G 1095 62.25 -4.02 78.95
CA ALA G 1095 61.68 -5.33 78.68
C ALA G 1095 62.06 -5.80 77.28
N VAL G 1096 62.34 -7.09 77.16
CA VAL G 1096 62.79 -7.69 75.91
C VAL G 1096 61.68 -8.56 75.34
N LYS G 1097 61.39 -8.37 74.05
CA LYS G 1097 60.40 -9.18 73.35
C LYS G 1097 61.03 -10.17 72.37
N ALA G 1098 62.29 -9.97 72.00
CA ALA G 1098 62.95 -10.83 71.02
C ALA G 1098 64.43 -10.91 71.34
N GLY G 1099 65.07 -11.94 70.81
CA GLY G 1099 66.50 -12.11 70.94
C GLY G 1099 66.90 -13.06 72.06
N ARG G 1100 68.21 -13.25 72.18
CA ARG G 1100 68.81 -14.11 73.18
C ARG G 1100 69.50 -13.22 74.21
N TRP G 1101 69.11 -13.37 75.48
CA TRP G 1101 69.58 -12.48 76.53
C TRP G 1101 70.14 -13.28 77.69
N TYR G 1102 71.19 -12.72 78.32
CA TYR G 1102 71.93 -13.39 79.38
C TYR G 1102 72.34 -12.37 80.44
N PHE G 1103 72.27 -12.79 81.70
CA PHE G 1103 72.74 -11.97 82.81
C PHE G 1103 73.12 -12.90 83.96
N GLU G 1104 73.96 -12.39 84.85
CA GLU G 1104 74.55 -13.18 85.92
C GLU G 1104 74.05 -12.69 87.28
N PHE G 1105 73.83 -13.64 88.18
CA PHE G 1105 73.47 -13.36 89.57
C PHE G 1105 74.50 -14.02 90.47
N GLU G 1106 75.24 -13.20 91.21
CA GLU G 1106 76.29 -13.68 92.10
C GLU G 1106 75.74 -13.75 93.52
N THR G 1107 75.79 -14.92 94.14
CA THR G 1107 75.27 -15.11 95.47
C THR G 1107 76.39 -14.95 96.50
N VAL G 1108 76.38 -13.83 97.21
CA VAL G 1108 77.35 -13.63 98.28
C VAL G 1108 77.14 -14.65 99.39
N THR G 1109 75.89 -14.88 99.78
CA THR G 1109 75.54 -15.87 100.79
C THR G 1109 74.64 -16.92 100.17
N ALA G 1110 74.35 -17.96 100.96
CA ALA G 1110 73.44 -19.01 100.58
C ALA G 1110 72.19 -18.97 101.46
N GLY G 1111 71.03 -18.94 100.82
CA GLY G 1111 69.78 -18.83 101.55
C GLY G 1111 68.62 -18.67 100.60
N ASP G 1112 67.54 -18.09 101.13
CA ASP G 1112 66.29 -17.93 100.39
C ASP G 1112 66.45 -16.81 99.36
N MET G 1113 66.95 -17.19 98.19
CA MET G 1113 67.09 -16.28 97.07
C MET G 1113 66.41 -16.88 95.84
N ARG G 1114 65.87 -16.00 95.00
CA ARG G 1114 65.29 -16.41 93.73
C ARG G 1114 65.73 -15.42 92.64
N VAL G 1115 66.17 -15.96 91.51
CA VAL G 1115 66.54 -15.16 90.35
C VAL G 1115 65.85 -15.74 89.13
N GLY G 1116 65.59 -14.87 88.16
CA GLY G 1116 64.92 -15.28 86.94
C GLY G 1116 64.44 -14.06 86.18
N TRP G 1117 63.39 -14.28 85.39
CA TRP G 1117 62.82 -13.25 84.52
C TRP G 1117 61.37 -13.02 84.92
N SER G 1118 60.99 -11.75 85.02
CA SER G 1118 59.65 -11.37 85.45
C SER G 1118 59.00 -10.45 84.43
N ARG G 1119 57.67 -10.50 84.40
CA ARG G 1119 56.90 -9.62 83.55
C ARG G 1119 56.77 -8.24 84.18
N PRO G 1120 56.47 -7.21 83.39
CA PRO G 1120 56.34 -5.86 83.95
C PRO G 1120 55.23 -5.73 84.99
N GLY G 1121 54.27 -6.64 85.02
CA GLY G 1121 53.21 -6.61 85.99
C GLY G 1121 53.51 -7.34 87.30
N CYS G 1122 54.78 -7.66 87.57
CA CYS G 1122 55.13 -8.36 88.79
C CYS G 1122 54.81 -7.52 90.02
N GLN G 1123 54.20 -8.16 91.02
CA GLN G 1123 53.81 -7.48 92.26
C GLN G 1123 54.95 -7.54 93.27
N PRO G 1124 55.36 -6.40 93.84
CA PRO G 1124 56.49 -6.42 94.77
C PRO G 1124 56.23 -7.14 96.07
N ASP G 1125 54.96 -7.39 96.43
CA ASP G 1125 54.65 -8.02 97.70
C ASP G 1125 54.58 -9.53 97.62
N GLN G 1126 54.12 -10.08 96.51
CA GLN G 1126 54.08 -11.53 96.34
C GLN G 1126 55.47 -12.06 96.01
N GLU G 1127 55.71 -13.30 96.43
CA GLU G 1127 57.01 -13.93 96.21
C GLU G 1127 57.15 -14.38 94.75
N LEU G 1128 58.38 -14.33 94.26
CA LEU G 1128 58.64 -14.63 92.85
C LEU G 1128 58.27 -16.07 92.52
N GLY G 1129 57.60 -16.25 91.38
CA GLY G 1129 57.25 -17.58 90.90
C GLY G 1129 56.04 -18.20 91.55
N SER G 1130 55.47 -17.57 92.57
CA SER G 1130 54.24 -18.10 93.17
C SER G 1130 53.09 -18.03 92.18
N ASP G 1131 53.05 -16.99 91.36
CA ASP G 1131 52.04 -16.81 90.34
C ASP G 1131 52.72 -16.56 88.98
N GLU G 1132 51.91 -16.20 87.98
CA GLU G 1132 52.34 -16.24 86.58
C GLU G 1132 53.29 -15.13 86.17
N ARG G 1133 53.40 -14.05 86.95
CA ARG G 1133 54.16 -12.89 86.49
C ARG G 1133 55.66 -13.19 86.40
N ALA G 1134 56.16 -14.10 87.22
CA ALA G 1134 57.59 -14.32 87.34
C ALA G 1134 57.95 -15.77 87.02
N PHE G 1135 59.13 -15.92 86.40
CA PHE G 1135 59.75 -17.22 86.18
C PHE G 1135 61.09 -17.19 86.89
N ALA G 1136 61.16 -17.82 88.06
CA ALA G 1136 62.33 -17.71 88.92
C ALA G 1136 62.90 -19.09 89.23
N PHE G 1137 64.14 -19.09 89.71
CA PHE G 1137 64.85 -20.30 90.11
C PHE G 1137 65.26 -20.16 91.57
N ASP G 1138 64.77 -21.05 92.42
CA ASP G 1138 65.13 -21.08 93.83
C ASP G 1138 66.07 -22.25 94.07
N GLY G 1139 67.34 -21.96 94.31
CA GLY G 1139 68.31 -23.02 94.51
C GLY G 1139 68.38 -23.52 95.95
N PHE G 1140 67.86 -22.72 96.89
CA PHE G 1140 67.89 -23.12 98.29
C PHE G 1140 67.11 -24.42 98.50
N LYS G 1141 65.92 -24.51 97.90
CA LYS G 1141 65.19 -25.76 97.82
C LYS G 1141 65.38 -26.46 96.48
N ALA G 1142 66.21 -25.93 95.59
CA ALA G 1142 66.48 -26.49 94.27
C ALA G 1142 65.17 -26.70 93.50
N GLN G 1143 64.41 -25.62 93.35
CA GLN G 1143 63.11 -25.67 92.73
C GLN G 1143 62.92 -24.50 91.78
N ARG G 1144 62.29 -24.76 90.64
CA ARG G 1144 61.90 -23.73 89.70
C ARG G 1144 60.49 -23.27 90.03
N TRP G 1145 60.24 -21.96 89.89
CA TRP G 1145 59.00 -21.35 90.33
C TRP G 1145 58.31 -20.62 89.19
N HIS G 1146 57.15 -21.14 88.78
CA HIS G 1146 56.22 -20.44 87.90
C HIS G 1146 54.82 -20.99 88.13
N GLN G 1147 54.00 -20.26 88.89
CA GLN G 1147 52.66 -20.66 89.36
C GLN G 1147 52.77 -21.85 90.30
N GLY G 1148 53.97 -22.27 90.67
CA GLY G 1148 54.13 -23.43 91.53
C GLY G 1148 55.60 -23.66 91.80
N ASN G 1149 55.92 -24.88 92.22
CA ASN G 1149 57.30 -25.26 92.48
C ASN G 1149 57.52 -26.72 92.09
N GLU G 1150 58.53 -26.95 91.26
CA GLU G 1150 58.94 -28.30 90.87
C GLU G 1150 60.44 -28.42 91.03
N HIS G 1151 60.90 -29.63 91.39
CA HIS G 1151 62.32 -29.84 91.59
C HIS G 1151 63.09 -29.58 90.31
N TYR G 1152 64.18 -28.81 90.43
CA TYR G 1152 64.98 -28.42 89.29
C TYR G 1152 66.39 -28.06 89.74
N GLY G 1153 67.37 -28.64 89.07
CA GLY G 1153 68.76 -28.31 89.34
C GLY G 1153 69.22 -28.78 90.72
N ARG G 1154 70.25 -28.10 91.21
CA ARG G 1154 70.87 -28.39 92.49
C ARG G 1154 70.82 -27.14 93.37
N SER G 1155 71.48 -27.23 94.53
CA SER G 1155 71.59 -26.11 95.45
C SER G 1155 72.98 -25.50 95.36
N TRP G 1156 73.03 -24.16 95.46
CA TRP G 1156 74.28 -23.44 95.39
C TRP G 1156 74.91 -23.32 96.77
N GLN G 1157 76.10 -22.72 96.79
CA GLN G 1157 76.81 -22.38 98.01
C GLN G 1157 77.21 -20.91 97.94
N ALA G 1158 77.86 -20.44 98.99
CA ALA G 1158 78.34 -19.07 99.02
C ALA G 1158 79.37 -18.85 97.91
N GLY G 1159 79.18 -17.78 97.15
CA GLY G 1159 80.06 -17.44 96.05
C GLY G 1159 79.65 -18.01 94.71
N ASP G 1160 78.68 -18.92 94.68
CA ASP G 1160 78.21 -19.48 93.42
C ASP G 1160 77.52 -18.41 92.59
N VAL G 1161 77.72 -18.47 91.27
CA VAL G 1161 77.22 -17.48 90.35
C VAL G 1161 76.19 -18.14 89.44
N VAL G 1162 74.97 -17.62 89.45
CA VAL G 1162 73.91 -18.15 88.60
C VAL G 1162 73.81 -17.33 87.33
N GLY G 1163 73.78 -18.02 86.19
CA GLY G 1163 73.63 -17.37 84.91
C GLY G 1163 72.29 -17.68 84.26
N CYS G 1164 71.48 -16.64 84.05
CA CYS G 1164 70.14 -16.79 83.51
C CYS G 1164 70.15 -16.50 82.01
N MET G 1165 69.53 -17.39 81.24
CA MET G 1165 69.40 -17.22 79.80
C MET G 1165 67.94 -17.31 79.39
N VAL G 1166 67.56 -16.53 78.38
CA VAL G 1166 66.21 -16.52 77.82
C VAL G 1166 66.30 -16.50 76.30
N ASP G 1167 65.49 -17.33 75.66
CA ASP G 1167 65.27 -17.27 74.22
C ASP G 1167 63.84 -16.80 73.98
N MET G 1168 63.70 -15.57 73.50
CA MET G 1168 62.40 -14.99 73.25
C MET G 1168 61.79 -15.51 71.94
N ASN G 1169 62.62 -16.08 71.05
CA ASN G 1169 62.16 -16.64 69.79
C ASN G 1169 61.83 -18.12 69.91
N GLU G 1170 62.71 -18.90 70.54
CA GLU G 1170 62.46 -20.32 70.76
C GLU G 1170 61.58 -20.57 71.97
N HIS G 1171 61.27 -19.52 72.75
CA HIS G 1171 60.41 -19.63 73.93
C HIS G 1171 60.93 -20.65 74.92
N THR G 1172 62.24 -20.63 75.14
CA THR G 1172 62.92 -21.50 76.09
C THR G 1172 63.74 -20.66 77.06
N MET G 1173 63.97 -21.24 78.25
CA MET G 1173 64.70 -20.56 79.31
C MET G 1173 65.42 -21.59 80.16
N MET G 1174 66.66 -21.29 80.53
CA MET G 1174 67.49 -22.20 81.32
C MET G 1174 68.53 -21.41 82.10
N PHE G 1175 69.16 -22.09 83.06
CA PHE G 1175 70.05 -21.45 84.03
C PHE G 1175 71.37 -22.21 84.09
N THR G 1176 72.38 -21.57 84.68
CA THR G 1176 73.69 -22.19 84.88
C THR G 1176 74.14 -21.97 86.30
N LEU G 1177 74.89 -22.93 86.84
CA LEU G 1177 75.55 -22.79 88.14
C LEU G 1177 77.05 -22.97 87.94
N ASN G 1178 77.78 -21.85 88.01
CA ASN G 1178 79.23 -21.82 87.79
C ASN G 1178 79.61 -22.32 86.40
N GLY G 1179 78.67 -22.26 85.45
CA GLY G 1179 78.91 -22.60 84.06
C GLY G 1179 78.11 -23.79 83.57
N GLU G 1180 78.00 -24.84 84.37
CA GLU G 1180 77.28 -26.03 83.94
C GLU G 1180 75.78 -25.76 83.86
N ILE G 1181 75.13 -26.33 82.85
CA ILE G 1181 73.70 -26.14 82.67
C ILE G 1181 72.95 -26.97 83.71
N LEU G 1182 72.05 -26.33 84.44
CA LEU G 1182 71.24 -27.05 85.41
C LEU G 1182 70.25 -27.96 84.69
N LEU G 1183 70.05 -29.16 85.24
CA LEU G 1183 69.19 -30.17 84.64
C LEU G 1183 67.88 -30.25 85.40
N ASP G 1184 66.80 -30.50 84.65
CA ASP G 1184 65.50 -30.76 85.24
C ASP G 1184 65.47 -32.17 85.83
N ASP G 1185 64.33 -32.57 86.38
CA ASP G 1185 64.17 -33.96 86.78
C ASP G 1185 64.30 -34.89 85.59
N SER G 1186 63.75 -34.49 84.45
CA SER G 1186 64.04 -35.14 83.19
C SER G 1186 65.38 -34.63 82.64
N GLY G 1187 65.86 -35.29 81.59
CA GLY G 1187 67.15 -34.95 81.03
C GLY G 1187 67.18 -33.65 80.27
N SER G 1188 66.00 -33.04 80.08
CA SER G 1188 65.91 -31.80 79.33
C SER G 1188 66.61 -30.65 80.06
N GLU G 1189 67.20 -29.74 79.30
CA GLU G 1189 67.97 -28.64 79.85
C GLU G 1189 67.16 -27.35 79.95
N LEU G 1190 65.89 -27.36 79.56
CA LEU G 1190 65.06 -26.16 79.59
C LEU G 1190 64.38 -26.05 80.95
N ALA G 1191 64.61 -24.93 81.65
CA ALA G 1191 63.98 -24.71 82.94
C ALA G 1191 62.46 -24.59 82.78
N PHE G 1192 62.01 -23.88 81.75
CA PHE G 1192 60.58 -23.68 81.48
C PHE G 1192 60.34 -24.01 80.01
N LYS G 1193 59.44 -24.98 79.77
CA LYS G 1193 59.31 -25.56 78.44
C LYS G 1193 58.85 -24.54 77.42
N ASP G 1194 57.75 -23.84 77.69
CA ASP G 1194 57.19 -22.91 76.73
C ASP G 1194 56.37 -21.86 77.48
N PHE G 1195 56.24 -20.69 76.88
CA PHE G 1195 55.51 -19.57 77.46
C PHE G 1195 55.09 -18.64 76.33
N ASP G 1196 54.51 -17.50 76.69
CA ASP G 1196 54.06 -16.51 75.72
C ASP G 1196 54.92 -15.25 75.84
N VAL G 1197 55.16 -14.60 74.70
CA VAL G 1197 55.96 -13.39 74.69
C VAL G 1197 55.31 -12.31 75.53
N GLY G 1198 54.02 -12.07 75.31
CA GLY G 1198 53.28 -11.09 76.10
C GLY G 1198 53.87 -9.70 75.99
N ASP G 1199 54.11 -9.08 77.13
CA ASP G 1199 54.64 -7.73 77.20
C ASP G 1199 56.15 -7.68 77.46
N GLY G 1200 56.82 -8.82 77.40
CA GLY G 1200 58.27 -8.87 77.57
C GLY G 1200 58.68 -9.29 78.97
N PHE G 1201 59.96 -9.61 79.09
CA PHE G 1201 60.55 -10.05 80.35
C PHE G 1201 61.64 -9.08 80.79
N ILE G 1202 61.82 -9.00 82.11
CA ILE G 1202 62.83 -8.14 82.71
C ILE G 1202 63.56 -8.95 83.77
N PRO G 1203 64.87 -8.77 83.95
CA PRO G 1203 65.56 -9.47 85.03
C PRO G 1203 65.00 -9.10 86.41
N VAL G 1204 64.95 -10.08 87.30
CA VAL G 1204 64.36 -9.91 88.61
C VAL G 1204 65.15 -10.75 89.61
N CYS G 1205 65.12 -10.34 90.88
CA CYS G 1205 65.75 -11.08 91.96
C CYS G 1205 65.04 -10.78 93.27
N SER G 1206 64.85 -11.82 94.08
CA SER G 1206 64.28 -11.69 95.41
C SER G 1206 65.29 -12.20 96.42
N LEU G 1207 65.48 -11.46 97.51
CA LEU G 1207 66.45 -11.80 98.54
C LEU G 1207 65.73 -11.96 99.88
N GLY G 1208 66.04 -13.05 100.57
CA GLY G 1208 65.42 -13.35 101.84
C GLY G 1208 66.08 -12.62 103.00
N VAL G 1209 65.82 -13.12 104.21
CA VAL G 1209 66.35 -12.50 105.41
C VAL G 1209 67.87 -12.69 105.46
N ALA G 1210 68.58 -11.59 105.69
CA ALA G 1210 70.04 -11.60 105.81
C ALA G 1210 70.70 -12.22 104.58
N GLN G 1211 70.27 -11.77 103.40
CA GLN G 1211 70.79 -12.27 102.14
C GLN G 1211 71.43 -11.16 101.33
N VAL G 1212 72.58 -11.47 100.74
CA VAL G 1212 73.34 -10.53 99.94
C VAL G 1212 73.54 -11.10 98.55
N GLY G 1213 73.17 -10.34 97.52
CA GLY G 1213 73.31 -10.80 96.15
C GLY G 1213 73.80 -9.68 95.25
N ARG G 1214 74.33 -10.09 94.09
CA ARG G 1214 74.85 -9.16 93.11
C ARG G 1214 74.31 -9.55 91.73
N MET G 1215 73.82 -8.56 91.01
CA MET G 1215 73.23 -8.77 89.70
C MET G 1215 74.10 -8.04 88.69
N ASN G 1216 74.65 -8.77 87.73
CA ASN G 1216 75.51 -8.21 86.69
C ASN G 1216 74.80 -8.27 85.35
N PHE G 1217 74.38 -7.11 84.85
CA PHE G 1217 73.71 -7.01 83.55
C PHE G 1217 74.67 -7.15 82.38
N GLY G 1218 75.96 -7.29 82.64
CA GLY G 1218 76.94 -7.45 81.57
C GLY G 1218 77.11 -6.22 80.71
N LYS G 1219 77.09 -5.04 81.34
CA LYS G 1219 77.48 -3.83 80.63
C LYS G 1219 78.94 -3.91 80.19
N ASP G 1220 79.79 -4.39 81.08
CA ASP G 1220 81.16 -4.76 80.73
C ASP G 1220 81.22 -6.28 80.59
N VAL G 1221 81.48 -6.75 79.36
CA VAL G 1221 81.49 -8.18 79.09
C VAL G 1221 82.57 -8.90 79.88
N SER G 1222 83.71 -8.25 80.10
CA SER G 1222 84.80 -8.88 80.84
C SER G 1222 84.39 -9.20 82.27
N THR G 1223 83.53 -8.36 82.87
CA THR G 1223 83.11 -8.59 84.25
C THR G 1223 82.28 -9.86 84.40
N LEU G 1224 81.63 -10.32 83.33
CA LEU G 1224 80.90 -11.57 83.39
C LEU G 1224 81.88 -12.73 83.54
N LYS G 1225 81.61 -13.63 84.50
CA LYS G 1225 82.61 -14.62 84.88
C LYS G 1225 82.46 -15.93 84.13
N TYR G 1226 81.23 -16.35 83.81
CA TYR G 1226 81.00 -17.65 83.18
C TYR G 1226 80.38 -17.49 81.80
N PHE G 1227 80.30 -16.25 81.30
CA PHE G 1227 79.74 -16.01 79.98
C PHE G 1227 80.56 -16.68 78.90
N THR G 1228 81.89 -16.67 79.03
CA THR G 1228 82.74 -17.27 78.02
C THR G 1228 82.50 -18.77 77.90
N ILE G 1229 82.46 -19.48 79.03
CA ILE G 1229 82.29 -20.93 78.99
C ILE G 1229 80.86 -21.30 78.64
N CYS G 1230 79.89 -20.50 79.06
CA CYS G 1230 78.50 -20.78 78.70
C CYS G 1230 77.79 -19.48 78.36
N GLY G 1231 77.12 -19.46 77.21
CA GLY G 1231 76.37 -18.30 76.80
C GLY G 1231 76.92 -17.62 75.57
N LEU G 1232 78.24 -17.53 75.45
CA LEU G 1232 78.86 -16.84 74.32
C LEU G 1232 78.73 -17.65 73.04
N GLN G 1233 78.99 -18.96 73.11
CA GLN G 1233 78.90 -19.80 71.93
C GLN G 1233 77.45 -19.93 71.45
N GLU G 1234 76.51 -20.01 72.38
CA GLU G 1234 75.10 -20.17 72.03
C GLU G 1234 74.51 -18.91 71.41
N GLY G 1235 75.23 -17.80 71.40
CA GLY G 1235 74.72 -16.58 70.82
C GLY G 1235 73.92 -15.70 71.75
N TYR G 1236 73.89 -16.04 73.04
CA TYR G 1236 73.17 -15.22 74.00
C TYR G 1236 73.88 -13.87 74.18
N GLU G 1237 73.08 -12.82 74.31
CA GLU G 1237 73.68 -11.51 74.50
C GLU G 1237 73.53 -11.05 75.94
N PRO G 1238 74.50 -10.32 76.48
CA PRO G 1238 74.31 -9.68 77.78
C PRO G 1238 73.12 -8.73 77.74
N PHE G 1239 72.41 -8.64 78.86
CA PHE G 1239 71.22 -7.81 78.90
C PHE G 1239 71.54 -6.34 78.64
N ALA G 1240 72.70 -5.89 79.11
CA ALA G 1240 73.19 -4.54 78.85
C ALA G 1240 74.35 -4.54 77.86
N VAL G 1241 74.28 -5.39 76.83
CA VAL G 1241 75.40 -5.52 75.90
C VAL G 1241 75.63 -4.23 75.12
N ASN G 1242 74.55 -3.56 74.72
CA ASN G 1242 74.65 -2.31 73.96
C ASN G 1242 73.86 -1.23 74.69
N THR G 1243 74.50 -0.61 75.67
CA THR G 1243 73.91 0.46 76.48
C THR G 1243 74.99 1.46 76.84
N ASN G 1244 74.71 2.75 76.65
CA ASN G 1244 75.66 3.78 77.03
C ASN G 1244 75.53 4.14 78.51
N ARG G 1245 74.34 3.94 79.08
CA ARG G 1245 74.06 4.25 80.47
C ARG G 1245 73.82 2.97 81.26
N ASP G 1246 74.07 3.04 82.57
CA ASP G 1246 73.76 1.91 83.43
C ASP G 1246 72.25 1.72 83.55
N ILE G 1247 71.85 0.48 83.80
CA ILE G 1247 70.43 0.14 83.82
C ILE G 1247 69.83 0.58 85.15
N THR G 1248 68.76 1.37 85.09
CA THR G 1248 68.05 1.80 86.28
C THR G 1248 67.39 0.59 86.94
N MET G 1249 67.56 0.46 88.25
CA MET G 1249 67.14 -0.73 88.98
C MET G 1249 66.05 -0.35 89.97
N TRP G 1250 64.91 -1.03 89.88
CA TRP G 1250 63.75 -0.75 90.72
C TRP G 1250 63.58 -1.83 91.78
N LEU G 1251 63.19 -1.42 92.97
CA LEU G 1251 63.09 -2.28 94.15
C LEU G 1251 61.73 -2.11 94.81
N SER G 1252 61.34 -3.14 95.57
CA SER G 1252 60.11 -3.09 96.35
C SER G 1252 60.22 -2.07 97.48
N LYS G 1253 59.24 -1.20 97.59
CA LYS G 1253 59.27 -0.13 98.57
C LYS G 1253 59.02 -0.67 99.97
N ARG G 1254 59.93 -0.34 100.90
CA ARG G 1254 59.75 -0.71 102.30
C ARG G 1254 58.61 0.04 102.97
N LEU G 1255 58.48 1.33 102.71
CA LEU G 1255 57.57 2.16 103.48
C LEU G 1255 56.21 2.22 102.79
N PRO G 1256 55.14 1.77 103.47
CA PRO G 1256 53.81 1.76 102.83
C PRO G 1256 53.31 3.17 102.57
N GLN G 1257 52.49 3.31 101.53
CA GLN G 1257 51.88 4.58 101.17
C GLN G 1257 50.39 4.37 100.93
N PHE G 1258 49.64 5.48 100.96
CA PHE G 1258 48.21 5.45 100.71
C PHE G 1258 47.94 5.62 99.22
N LEU G 1259 47.05 4.78 98.69
CA LEU G 1259 46.62 4.85 97.31
C LEU G 1259 45.13 4.51 97.23
N GLN G 1260 44.51 4.92 96.13
CA GLN G 1260 43.07 4.70 95.94
C GLN G 1260 42.77 3.20 95.89
N VAL G 1261 41.66 2.82 96.51
CA VAL G 1261 41.27 1.42 96.60
C VAL G 1261 40.94 0.90 95.20
N PRO G 1262 41.61 -0.14 94.73
CA PRO G 1262 41.30 -0.68 93.40
C PRO G 1262 39.91 -1.30 93.34
N SER G 1263 39.32 -1.24 92.15
CA SER G 1263 38.01 -1.85 91.96
C SER G 1263 38.09 -3.37 91.98
N ASN G 1264 39.26 -3.93 91.68
CA ASN G 1264 39.45 -5.38 91.64
C ASN G 1264 40.06 -5.94 92.93
N HIS G 1265 40.08 -5.16 94.01
CA HIS G 1265 40.67 -5.64 95.25
C HIS G 1265 39.92 -6.87 95.76
N GLU G 1266 40.69 -7.86 96.21
CA GLU G 1266 40.10 -9.14 96.59
C GLU G 1266 39.50 -9.14 97.99
N HIS G 1267 39.70 -8.07 98.77
CA HIS G 1267 39.11 -8.00 100.10
C HIS G 1267 38.33 -6.73 100.38
N ILE G 1268 38.69 -5.60 99.76
CA ILE G 1268 38.08 -4.31 100.06
C ILE G 1268 37.26 -3.85 98.87
N GLU G 1269 36.03 -3.42 99.13
CA GLU G 1269 35.15 -2.85 98.11
C GLU G 1269 34.49 -1.61 98.69
N VAL G 1270 34.48 -0.53 97.92
CA VAL G 1270 33.96 0.76 98.36
C VAL G 1270 32.85 1.19 97.42
N THR G 1271 31.71 1.59 97.98
CA THR G 1271 30.57 2.09 97.23
C THR G 1271 30.36 3.57 97.54
N ARG G 1272 29.92 4.32 96.54
CA ARG G 1272 29.64 5.74 96.68
C ARG G 1272 28.14 5.96 96.65
N ILE G 1273 27.57 6.36 97.79
CA ILE G 1273 26.15 6.63 97.91
C ILE G 1273 25.93 8.12 97.73
N ASP G 1274 25.14 8.48 96.72
CA ASP G 1274 24.82 9.88 96.48
C ASP G 1274 23.94 10.42 97.61
N GLY G 1275 24.09 11.71 97.89
CA GLY G 1275 23.30 12.35 98.92
C GLY G 1275 21.90 12.67 98.44
N THR G 1276 20.89 12.15 99.12
CA THR G 1276 19.50 12.39 98.75
C THR G 1276 19.03 13.68 99.42
N ILE G 1277 17.72 13.94 99.38
CA ILE G 1277 17.19 15.16 99.98
C ILE G 1277 17.34 15.13 101.50
N ASP G 1278 17.24 13.95 102.11
CA ASP G 1278 17.30 13.80 103.55
C ASP G 1278 18.57 13.12 104.04
N SER G 1279 19.39 12.60 103.13
CA SER G 1279 20.61 11.88 103.50
C SER G 1279 21.82 12.58 102.88
N SER G 1280 22.87 12.75 103.68
CA SER G 1280 24.11 13.32 103.19
C SER G 1280 24.83 12.31 102.30
N PRO G 1281 25.67 12.78 101.38
CA PRO G 1281 26.49 11.84 100.59
C PRO G 1281 27.37 10.99 101.49
N CYS G 1282 27.51 9.73 101.12
CA CYS G 1282 28.20 8.76 101.97
C CYS G 1282 29.18 7.94 101.15
N LEU G 1283 30.25 7.50 101.81
CA LEU G 1283 31.19 6.53 101.27
C LEU G 1283 31.19 5.30 102.16
N LYS G 1284 30.86 4.15 101.58
CA LYS G 1284 30.62 2.92 102.32
C LYS G 1284 31.74 1.93 102.02
N VAL G 1285 32.34 1.38 103.08
CA VAL G 1285 33.43 0.42 102.95
C VAL G 1285 32.90 -0.96 103.33
N THR G 1286 33.06 -1.92 102.42
CA THR G 1286 32.61 -3.28 102.64
C THR G 1286 33.74 -4.25 102.31
N GLN G 1287 33.68 -5.42 102.93
CA GLN G 1287 34.64 -6.49 102.65
C GLN G 1287 33.92 -7.63 101.93
N LYS G 1288 34.43 -7.98 100.75
CA LYS G 1288 33.90 -9.12 100.01
C LYS G 1288 34.51 -10.45 100.47
N SER G 1289 35.59 -10.39 101.24
CA SER G 1289 36.25 -11.62 101.69
C SER G 1289 35.45 -12.31 102.78
N PHE G 1290 34.65 -11.57 103.53
CA PHE G 1290 33.86 -12.16 104.61
C PHE G 1290 32.83 -13.14 104.05
N GLY G 1291 32.54 -14.17 104.84
CA GLY G 1291 31.74 -15.28 104.37
C GLY G 1291 32.52 -16.32 103.59
N SER G 1292 33.84 -16.17 103.49
CA SER G 1292 34.68 -17.11 102.75
C SER G 1292 36.07 -17.11 103.37
N GLN G 1293 36.82 -18.18 103.07
CA GLN G 1293 38.17 -18.29 103.56
C GLN G 1293 39.07 -17.28 102.83
N ASN G 1294 40.24 -17.04 103.42
CA ASN G 1294 41.25 -16.04 103.03
C ASN G 1294 40.85 -14.64 103.48
N SER G 1295 39.79 -14.48 104.26
CA SER G 1295 39.45 -13.18 104.80
C SER G 1295 40.51 -12.73 105.78
N ASN G 1296 41.13 -11.60 105.51
CA ASN G 1296 42.26 -11.10 106.28
C ASN G 1296 41.75 -10.43 107.55
N THR G 1297 42.05 -11.04 108.70
CA THR G 1297 41.69 -10.47 109.99
C THR G 1297 42.81 -9.56 110.48
N ASP G 1298 43.08 -8.53 109.66
CA ASP G 1298 44.13 -7.57 109.94
C ASP G 1298 43.55 -6.16 109.88
N ILE G 1299 44.15 -5.26 110.65
CA ILE G 1299 43.63 -3.90 110.75
C ILE G 1299 43.96 -3.15 109.46
N MET G 1300 42.95 -2.91 108.65
CA MET G 1300 43.08 -2.08 107.46
C MET G 1300 43.08 -0.62 107.85
N PHE G 1301 43.93 0.17 107.19
CA PHE G 1301 44.02 1.61 107.42
C PHE G 1301 43.40 2.34 106.24
N TYR G 1302 42.40 3.16 106.52
CA TYR G 1302 41.70 3.92 105.49
C TYR G 1302 41.85 5.40 105.74
N ARG G 1303 41.81 6.18 104.67
CA ARG G 1303 41.86 7.63 104.78
C ARG G 1303 41.19 8.25 103.56
N LEU G 1304 40.82 9.52 103.69
CA LEU G 1304 40.27 10.27 102.57
C LEU G 1304 41.40 10.93 101.79
N SER G 1305 41.17 11.12 100.49
CA SER G 1305 42.24 11.54 99.58
C SER G 1305 42.60 13.01 99.69
N MET G 1306 41.81 13.83 100.37
CA MET G 1306 42.06 15.27 100.34
C MET G 1306 42.05 15.85 101.74
N PRO G 1307 43.04 16.72 102.06
CA PRO G 1307 43.22 17.18 103.44
C PRO G 1307 42.56 18.50 103.78
N ILE G 1308 42.46 18.81 105.08
CA ILE G 1308 42.04 20.12 105.55
C ILE G 1308 43.28 20.90 105.97
N GLU G 1309 43.36 22.15 105.53
CA GLU G 1309 44.46 23.04 105.87
C GLU G 1309 44.06 23.91 107.05
N CYS G 1310 44.81 23.78 108.15
CA CYS G 1310 44.62 24.69 109.28
C CYS G 1310 45.15 26.07 108.94
N ALA G 1311 44.68 27.06 109.69
CA ALA G 1311 45.06 28.44 109.43
C ALA G 1311 46.56 28.64 109.60
N GLU G 1312 47.12 29.49 108.75
CA GLU G 1312 48.55 29.77 108.79
C GLU G 1312 48.95 30.42 110.11
N VAL G 1313 48.08 31.28 110.65
CA VAL G 1313 48.27 31.90 111.96
C VAL G 1313 47.05 31.62 112.80
N PHE G 1314 47.27 31.27 114.08
CA PHE G 1314 46.17 31.00 114.99
C PHE G 1314 45.79 32.27 115.74
N SER G 1315 44.51 32.60 115.74
CA SER G 1315 44.03 33.74 116.49
C SER G 1315 44.16 33.49 117.99
N LYS G 1316 44.56 34.54 118.70
CA LYS G 1316 44.78 34.45 120.14
C LYS G 1316 43.49 34.69 120.91
N ARG G 1414 17.10 27.59 112.97
CA ARG G 1414 18.12 27.38 111.94
C ARG G 1414 19.43 28.04 112.35
N ASP G 1415 20.55 27.43 111.96
CA ASP G 1415 21.85 28.01 112.22
C ASP G 1415 22.00 29.36 111.51
N ASP G 1416 22.73 30.27 112.14
CA ASP G 1416 22.88 31.62 111.59
C ASP G 1416 23.65 31.57 110.27
N TYR G 1417 23.10 32.24 109.26
CA TYR G 1417 23.72 32.27 107.95
C TYR G 1417 24.82 33.34 107.90
N ASP G 1418 25.18 33.86 109.06
CA ASP G 1418 26.34 34.74 109.20
C ASP G 1418 27.46 34.06 109.99
N PHE G 1419 27.09 33.41 111.10
CA PHE G 1419 28.06 32.57 111.81
C PHE G 1419 28.54 31.43 110.94
N LEU G 1420 27.63 30.79 110.20
CA LEU G 1420 28.01 29.71 109.29
C LEU G 1420 28.87 30.19 108.13
N MET G 1421 28.75 31.45 107.72
CA MET G 1421 29.59 32.00 106.67
C MET G 1421 30.94 32.49 107.16
N GLN G 1422 31.04 32.97 108.40
CA GLN G 1422 32.31 33.41 108.95
C GLN G 1422 33.08 32.30 109.65
N THR G 1423 32.46 31.15 109.88
CA THR G 1423 33.11 30.09 110.64
C THR G 1423 34.12 29.33 109.77
N SER G 1424 35.02 28.63 110.45
CA SER G 1424 36.02 27.79 109.80
C SER G 1424 36.07 26.41 110.43
N THR G 1425 34.93 25.92 110.89
CA THR G 1425 34.85 24.66 111.62
C THR G 1425 34.11 23.62 110.78
N TYR G 1426 34.78 22.51 110.49
CA TYR G 1426 34.27 21.50 109.56
C TYR G 1426 34.04 20.18 110.27
N TYR G 1427 33.16 19.37 109.67
CA TYR G 1427 32.63 18.18 110.32
C TYR G 1427 32.45 17.05 109.32
N TYR G 1428 32.83 15.84 109.74
CA TYR G 1428 32.42 14.62 109.07
C TYR G 1428 32.09 13.59 110.14
N SER G 1429 31.22 12.65 109.79
CA SER G 1429 30.79 11.62 110.73
C SER G 1429 31.01 10.24 110.14
N VAL G 1430 31.26 9.28 111.01
CA VAL G 1430 31.47 7.89 110.64
C VAL G 1430 30.50 7.02 111.44
N ARG G 1431 29.70 6.24 110.73
CA ARG G 1431 28.72 5.36 111.35
C ARG G 1431 29.26 3.93 111.31
N ILE G 1432 29.40 3.31 112.47
CA ILE G 1432 29.84 1.93 112.54
C ILE G 1432 28.63 1.02 112.39
N PHE G 1433 28.66 0.17 111.37
CA PHE G 1433 27.51 -0.67 111.07
C PHE G 1433 27.33 -1.72 112.16
N PRO G 1434 26.08 -2.06 112.50
CA PRO G 1434 25.84 -3.01 113.59
C PRO G 1434 26.49 -4.35 113.30
N GLY G 1435 26.99 -4.98 114.36
CA GLY G 1435 27.68 -6.25 114.27
C GLY G 1435 29.18 -6.12 114.04
N GLN G 1436 29.65 -4.95 113.62
CA GLN G 1436 31.07 -4.66 113.55
C GLN G 1436 31.53 -4.23 114.93
N GLU G 1437 32.55 -4.91 115.45
CA GLU G 1437 32.98 -4.66 116.81
C GLU G 1437 33.56 -3.24 116.92
N PRO G 1438 33.07 -2.42 117.85
CA PRO G 1438 33.47 -1.00 117.88
C PRO G 1438 34.89 -0.76 118.37
N ALA G 1439 35.38 -1.54 119.34
CA ALA G 1439 36.74 -1.37 119.83
C ALA G 1439 37.78 -1.72 118.77
N ASN G 1440 37.39 -2.39 117.69
CA ASN G 1440 38.27 -2.70 116.58
C ASN G 1440 38.32 -1.59 115.54
N VAL G 1441 37.61 -0.48 115.77
CA VAL G 1441 37.52 0.62 114.81
C VAL G 1441 37.98 1.90 115.50
N TRP G 1442 38.84 2.66 114.84
CA TRP G 1442 39.31 3.94 115.34
C TRP G 1442 38.99 5.02 114.31
N VAL G 1443 38.55 6.19 114.79
CA VAL G 1443 38.15 7.30 113.94
C VAL G 1443 38.89 8.56 114.38
N GLY G 1444 39.31 9.34 113.39
CA GLY G 1444 39.97 10.61 113.65
C GLY G 1444 40.68 11.10 112.40
N TRP G 1445 41.75 11.86 112.62
CA TRP G 1445 42.53 12.47 111.55
C TRP G 1445 43.96 11.98 111.59
N ILE G 1446 44.58 11.92 110.41
CA ILE G 1446 46.00 11.59 110.28
C ILE G 1446 46.67 12.62 109.39
N THR G 1447 47.97 12.78 109.55
CA THR G 1447 48.75 13.69 108.74
C THR G 1447 49.39 12.94 107.57
N SER G 1448 50.20 13.65 106.78
CA SER G 1448 50.85 13.02 105.65
C SER G 1448 51.99 12.11 106.09
N ASP G 1449 52.49 12.28 107.31
CA ASP G 1449 53.64 11.51 107.77
C ASP G 1449 53.27 10.11 108.23
N PHE G 1450 51.98 9.77 108.31
CA PHE G 1450 51.57 8.47 108.82
C PHE G 1450 51.97 7.39 107.81
N HIS G 1451 53.01 6.64 108.15
CA HIS G 1451 53.49 5.54 107.32
C HIS G 1451 53.70 4.28 108.16
N GLN G 1452 52.92 4.11 109.21
CA GLN G 1452 53.09 3.00 110.14
C GLN G 1452 52.08 1.91 109.83
N TYR G 1453 52.56 0.73 109.49
CA TYR G 1453 51.73 -0.44 109.22
C TYR G 1453 52.06 -1.51 110.25
N ASP G 1454 51.23 -1.63 111.27
CA ASP G 1454 51.37 -2.64 112.32
C ASP G 1454 50.12 -3.49 112.36
N THR G 1455 50.31 -4.81 112.47
CA THR G 1455 49.16 -5.71 112.58
C THR G 1455 48.35 -5.42 113.84
N GLY G 1456 49.01 -4.95 114.90
CA GLY G 1456 48.33 -4.54 116.10
C GLY G 1456 48.45 -3.04 116.33
N PHE G 1457 47.32 -2.34 116.37
CA PHE G 1457 47.28 -0.89 116.52
C PHE G 1457 46.67 -0.51 117.86
N ASP G 1458 47.31 0.46 118.51
CA ASP G 1458 46.78 1.04 119.74
C ASP G 1458 47.12 2.53 119.75
N LEU G 1459 46.27 3.31 120.42
CA LEU G 1459 46.48 4.74 120.53
C LEU G 1459 47.69 5.10 121.38
N ASP G 1460 48.18 4.17 122.21
CA ASP G 1460 49.37 4.43 122.99
C ASP G 1460 50.65 4.29 122.16
N ARG G 1461 50.59 3.59 121.04
CA ARG G 1461 51.75 3.32 120.20
C ARG G 1461 52.00 4.42 119.16
N VAL G 1462 51.09 5.39 119.05
CA VAL G 1462 51.24 6.41 118.02
C VAL G 1462 52.49 7.23 118.28
N ARG G 1463 53.09 7.73 117.20
CA ARG G 1463 54.33 8.49 117.27
C ARG G 1463 54.04 9.90 117.76
N THR G 1464 54.68 10.29 118.86
CA THR G 1464 54.46 11.60 119.46
C THR G 1464 55.80 12.21 119.85
N VAL G 1465 55.83 13.54 119.93
CA VAL G 1465 56.97 14.28 120.43
C VAL G 1465 56.45 15.57 121.04
N THR G 1466 57.15 16.05 122.07
CA THR G 1466 56.76 17.25 122.81
C THR G 1466 57.90 18.26 122.72
N VAL G 1467 57.77 19.21 121.79
CA VAL G 1467 58.77 20.26 121.65
C VAL G 1467 58.46 21.36 122.64
N THR G 1468 59.39 21.61 123.57
CA THR G 1468 59.23 22.64 124.57
C THR G 1468 60.27 23.73 124.34
N LEU G 1469 59.80 24.95 124.12
CA LEU G 1469 60.67 26.11 123.93
C LEU G 1469 60.58 27.00 125.17
N GLY G 1470 61.73 27.37 125.72
CA GLY G 1470 61.77 28.12 126.95
C GLY G 1470 62.52 29.42 126.80
N ASP G 1471 62.27 30.33 127.75
CA ASP G 1471 63.00 31.58 127.81
C ASP G 1471 64.37 31.35 128.44
N GLU G 1472 65.07 32.46 128.73
CA GLU G 1472 66.51 32.37 128.99
C GLU G 1472 66.85 31.77 130.36
N LYS G 1473 66.00 31.91 131.38
CA LYS G 1473 66.30 31.22 132.62
C LYS G 1473 66.12 29.72 132.47
N GLY G 1474 65.10 29.29 131.73
CA GLY G 1474 64.70 27.91 131.65
C GLY G 1474 63.22 27.67 131.84
N LYS G 1475 62.42 28.72 131.96
CA LYS G 1475 60.97 28.56 132.11
C LYS G 1475 60.36 28.14 130.79
N VAL G 1476 59.50 27.14 130.82
CA VAL G 1476 58.88 26.62 129.60
C VAL G 1476 57.71 27.51 129.22
N HIS G 1477 57.97 28.50 128.35
CA HIS G 1477 56.91 29.42 127.96
C HIS G 1477 55.96 28.81 126.93
N GLU G 1478 56.39 27.77 126.24
CA GLU G 1478 55.58 27.15 125.20
C GLU G 1478 55.88 25.67 125.11
N SER G 1479 54.83 24.85 125.04
CA SER G 1479 54.96 23.42 124.87
C SER G 1479 54.09 22.98 123.70
N ILE G 1480 54.69 22.29 122.73
CA ILE G 1480 53.99 21.82 121.55
C ILE G 1480 54.12 20.31 121.48
N LYS G 1481 53.02 19.61 121.30
CA LYS G 1481 53.03 18.16 121.10
C LYS G 1481 52.66 17.87 119.65
N ARG G 1482 53.53 17.15 118.97
CA ARG G 1482 53.36 16.79 117.56
C ARG G 1482 53.07 15.31 117.44
N SER G 1483 52.12 14.97 116.56
CA SER G 1483 51.80 13.58 116.32
C SER G 1483 51.24 13.45 114.90
N ASN G 1484 51.40 12.26 114.32
CA ASN G 1484 50.88 12.02 112.98
C ASN G 1484 49.47 11.45 113.02
N CYS G 1485 49.04 10.96 114.18
CA CYS G 1485 47.73 10.34 114.33
C CYS G 1485 46.97 11.03 115.45
N TYR G 1486 45.79 11.56 115.12
CA TYR G 1486 44.87 12.17 116.08
C TYR G 1486 43.53 11.45 115.92
N MET G 1487 43.38 10.32 116.61
CA MET G 1487 42.23 9.46 116.41
C MET G 1487 41.77 8.89 117.75
N VAL G 1488 40.51 8.44 117.77
CA VAL G 1488 39.89 7.92 118.98
C VAL G 1488 39.27 6.56 118.67
N CYS G 1489 39.05 5.79 119.73
CA CYS G 1489 38.47 4.46 119.60
C CYS G 1489 36.96 4.52 119.83
N ALA G 1490 36.22 3.75 119.02
CA ALA G 1490 34.77 3.71 119.15
C ALA G 1490 34.32 2.94 120.38
N GLY G 1491 35.05 1.88 120.76
CA GLY G 1491 34.65 1.09 121.92
C GLY G 1491 34.66 1.91 123.20
N GLU G 1492 35.68 2.76 123.36
CA GLU G 1492 35.71 3.64 124.53
C GLU G 1492 34.73 4.80 124.40
N SER G 1493 34.49 5.29 123.17
CA SER G 1493 33.56 6.38 122.98
C SER G 1493 32.14 5.97 123.36
N MET G 1494 31.77 4.73 123.03
CA MET G 1494 30.43 4.23 123.31
C MET G 1494 30.27 4.00 124.82
N SER G 1495 29.16 4.50 125.38
CA SER G 1495 28.88 4.27 126.80
C SER G 1495 28.21 2.92 127.06
N PRO G 1496 27.14 2.51 126.35
CA PRO G 1496 26.30 1.40 126.86
C PRO G 1496 26.95 0.04 126.80
N GLY G 1497 28.13 -0.07 126.20
CA GLY G 1497 28.81 -1.36 126.14
C GLY G 1497 28.04 -2.37 125.31
N GLN G 1498 28.19 -3.65 125.66
CA GLN G 1498 27.70 -4.73 124.82
C GLN G 1498 26.19 -4.69 124.65
N GLY G 1499 25.45 -4.01 125.54
CA GLY G 1499 24.03 -3.82 125.33
C GLY G 1499 23.69 -3.01 124.08
N ARG G 1500 24.68 -2.28 123.55
CA ARG G 1500 24.53 -1.54 122.30
C ARG G 1500 24.93 -2.50 121.18
N ASN G 1501 25.22 -1.97 119.99
CA ASN G 1501 25.45 -2.69 118.74
C ASN G 1501 24.10 -3.01 118.13
N ASN G 1502 23.06 -2.41 118.72
CA ASN G 1502 21.72 -2.50 118.15
C ASN G 1502 21.61 -1.69 116.86
N ASN G 1503 22.12 -0.46 116.86
CA ASN G 1503 22.16 0.37 115.66
C ASN G 1503 22.92 1.65 115.98
N GLY G 1504 23.50 2.25 114.95
CA GLY G 1504 24.02 3.61 115.11
C GLY G 1504 25.53 3.65 115.31
N LEU G 1505 25.94 4.18 116.47
CA LEU G 1505 27.32 4.52 116.75
C LEU G 1505 27.88 5.45 115.68
N GLU G 1506 27.33 6.65 115.59
CA GLU G 1506 27.82 7.67 114.65
C GLU G 1506 28.86 8.51 115.36
N ILE G 1507 30.13 8.28 115.05
CA ILE G 1507 31.20 9.09 115.62
C ILE G 1507 31.36 10.36 114.81
N GLY G 1508 31.35 11.50 115.50
CA GLY G 1508 31.46 12.78 114.84
C GLY G 1508 32.81 13.43 115.13
N CYS G 1509 33.44 13.93 114.07
CA CYS G 1509 34.72 14.60 114.16
C CYS G 1509 34.55 16.06 113.82
N VAL G 1510 35.01 16.94 114.71
CA VAL G 1510 34.90 18.39 114.55
C VAL G 1510 36.29 18.98 114.56
N VAL G 1511 36.61 19.76 113.54
CA VAL G 1511 37.92 20.38 113.39
C VAL G 1511 37.73 21.89 113.28
N ASP G 1512 38.53 22.64 114.05
CA ASP G 1512 38.51 24.10 114.00
C ASP G 1512 39.78 24.55 113.30
N ALA G 1513 39.65 24.89 112.01
CA ALA G 1513 40.81 25.28 111.20
C ALA G 1513 41.44 26.59 111.67
N ALA G 1514 40.72 27.42 112.42
CA ALA G 1514 41.25 28.69 112.89
C ALA G 1514 42.01 28.56 114.20
N SER G 1515 41.69 27.56 115.02
CA SER G 1515 42.34 27.36 116.30
C SER G 1515 43.07 26.03 116.43
N GLY G 1516 42.84 25.09 115.53
CA GLY G 1516 43.51 23.80 115.61
C GLY G 1516 42.99 22.88 116.69
N LEU G 1517 41.73 23.05 117.10
CA LEU G 1517 41.13 22.24 118.15
C LEU G 1517 40.36 21.09 117.50
N LEU G 1518 40.71 19.87 117.88
CA LEU G 1518 40.05 18.67 117.38
C LEU G 1518 39.16 18.10 118.49
N THR G 1519 37.85 18.19 118.29
CA THR G 1519 36.87 17.70 119.26
C THR G 1519 36.03 16.61 118.61
N PHE G 1520 35.78 15.54 119.36
CA PHE G 1520 35.02 14.40 118.88
C PHE G 1520 33.70 14.29 119.63
N ILE G 1521 32.63 14.01 118.90
CA ILE G 1521 31.31 13.79 119.46
C ILE G 1521 30.86 12.38 119.11
N ALA G 1522 30.15 11.73 120.04
CA ALA G 1522 29.65 10.38 119.85
C ALA G 1522 28.22 10.30 120.33
N ASN G 1523 27.29 10.08 119.41
CA ASN G 1523 25.86 9.99 119.72
C ASN G 1523 25.36 11.23 120.44
N GLY G 1524 25.86 12.40 120.03
CA GLY G 1524 25.38 13.67 120.55
C GLY G 1524 26.00 14.14 121.84
N LYS G 1525 27.03 13.48 122.34
CA LYS G 1525 27.74 13.90 123.55
C LYS G 1525 29.18 14.23 123.19
N GLU G 1526 29.72 15.28 123.82
CA GLU G 1526 31.09 15.70 123.56
C GLU G 1526 32.06 14.77 124.29
N LEU G 1527 32.90 14.07 123.54
CA LEU G 1527 33.85 13.16 124.13
C LEU G 1527 34.95 13.94 124.87
N SER G 1528 35.53 13.29 125.89
CA SER G 1528 36.54 13.93 126.71
C SER G 1528 37.83 14.19 125.95
N THR G 1529 38.23 13.25 125.08
CA THR G 1529 39.50 13.39 124.37
C THR G 1529 39.45 14.54 123.38
N TYR G 1530 40.50 15.37 123.39
CA TYR G 1530 40.63 16.47 122.45
C TYR G 1530 42.10 16.64 122.09
N TYR G 1531 42.35 17.06 120.86
CA TYR G 1531 43.70 17.23 120.35
C TYR G 1531 43.89 18.67 119.88
N GLN G 1532 45.00 19.28 120.30
CA GLN G 1532 45.36 20.62 119.84
C GLN G 1532 46.53 20.48 118.87
N VAL G 1533 46.31 20.92 117.62
CA VAL G 1533 47.32 20.76 116.58
C VAL G 1533 47.99 22.10 116.31
N GLU G 1534 49.17 22.05 115.72
CA GLU G 1534 50.10 23.08 115.30
C GLU G 1534 49.58 23.78 114.04
N PRO G 1535 49.85 25.07 113.87
CA PRO G 1535 49.34 25.79 112.69
C PRO G 1535 49.86 25.19 111.39
N SER G 1536 49.04 25.31 110.34
CA SER G 1536 49.33 24.85 108.99
C SER G 1536 49.42 23.33 108.87
N THR G 1537 48.83 22.59 109.81
CA THR G 1537 48.84 21.14 109.73
C THR G 1537 47.78 20.67 108.74
N LYS G 1538 48.16 19.71 107.89
CA LYS G 1538 47.25 19.11 106.92
C LYS G 1538 46.69 17.82 107.53
N LEU G 1539 45.38 17.79 107.75
CA LEU G 1539 44.73 16.68 108.41
C LEU G 1539 43.89 15.89 107.40
N PHE G 1540 44.13 14.59 107.33
CA PHE G 1540 43.40 13.70 106.45
C PHE G 1540 42.36 12.93 107.26
N PRO G 1541 41.07 13.02 106.92
CA PRO G 1541 40.09 12.15 107.59
C PRO G 1541 40.42 10.69 107.39
N ALA G 1542 40.54 9.93 108.48
CA ALA G 1542 40.99 8.55 108.41
C ALA G 1542 40.22 7.70 109.42
N VAL G 1543 40.06 6.42 109.07
CA VAL G 1543 39.41 5.44 109.93
C VAL G 1543 40.18 4.13 109.81
N PHE G 1544 40.66 3.61 110.95
CA PHE G 1544 41.33 2.32 110.99
C PHE G 1544 40.40 1.30 111.63
N ALA G 1545 40.23 0.16 110.97
CA ALA G 1545 39.27 -0.83 111.43
C ALA G 1545 39.75 -2.23 111.09
N GLN G 1546 39.55 -3.14 112.04
CA GLN G 1546 39.66 -4.57 111.79
C GLN G 1546 38.26 -5.12 111.59
N ALA G 1547 37.99 -5.65 110.41
CA ALA G 1547 36.63 -5.96 110.00
C ALA G 1547 36.16 -7.26 110.62
N THR G 1548 35.13 -7.19 111.46
CA THR G 1548 34.48 -8.36 112.03
C THR G 1548 33.11 -8.61 111.43
N SER G 1549 32.70 -7.79 110.45
CA SER G 1549 31.41 -7.89 109.81
C SER G 1549 31.58 -7.63 108.32
N PRO G 1550 30.69 -8.16 107.48
CA PRO G 1550 30.77 -7.84 106.04
C PRO G 1550 30.65 -6.34 105.77
N ASN G 1551 29.87 -5.62 106.57
CA ASN G 1551 29.72 -4.18 106.45
C ASN G 1551 30.42 -3.52 107.63
N VAL G 1552 31.53 -2.83 107.35
CA VAL G 1552 32.32 -2.17 108.38
C VAL G 1552 32.42 -0.69 108.04
N PHE G 1553 31.85 0.14 108.92
CA PHE G 1553 31.84 1.61 108.91
C PHE G 1553 31.48 2.26 107.57
N GLN G 1554 31.19 3.55 107.60
CA GLN G 1554 30.82 4.29 106.40
C GLN G 1554 31.06 5.77 106.66
N PHE G 1555 31.72 6.44 105.70
CA PHE G 1555 31.91 7.88 105.82
C PHE G 1555 30.62 8.60 105.50
N GLU G 1556 30.21 9.53 106.37
CA GLU G 1556 29.08 10.41 106.12
C GLU G 1556 29.59 11.84 106.08
N LEU G 1557 29.47 12.48 104.93
CA LEU G 1557 30.02 13.82 104.71
C LEU G 1557 28.95 14.88 105.02
N GLY G 1558 28.36 14.76 106.20
CA GLY G 1558 27.26 15.59 106.62
C GLY G 1558 27.71 16.82 107.38
N ARG G 1559 26.76 17.43 108.10
CA ARG G 1559 27.04 18.61 108.88
C ARG G 1559 26.06 18.68 110.05
N ILE G 1560 26.46 19.39 111.10
CA ILE G 1560 25.60 19.62 112.25
C ILE G 1560 25.38 21.12 112.38
N LYS G 1561 24.60 21.53 113.38
CA LYS G 1561 24.25 22.94 113.56
C LYS G 1561 25.51 23.77 113.77
N ASN G 1562 25.59 24.89 113.05
CA ASN G 1562 26.65 25.89 113.15
C ASN G 1562 28.03 25.35 112.79
N VAL G 1563 28.11 24.23 112.07
CA VAL G 1563 29.39 23.62 111.72
C VAL G 1563 29.42 23.42 110.21
N MET G 1564 30.49 23.90 109.56
CA MET G 1564 30.61 23.91 108.11
C MET G 1564 30.77 22.46 107.62
N PRO G 1565 30.29 22.15 106.43
CA PRO G 1565 30.50 20.81 105.87
C PRO G 1565 31.95 20.58 105.46
N LEU G 1566 32.28 19.30 105.35
CA LEU G 1566 33.65 18.89 105.04
C LEU G 1566 34.10 19.34 103.67
N SER G 1567 33.21 19.26 102.66
CA SER G 1567 33.55 19.69 101.31
C SER G 1567 33.90 21.16 101.23
N ALA G 1568 33.30 22.00 102.09
CA ALA G 1568 33.66 23.42 102.12
C ALA G 1568 35.11 23.62 102.53
N GLY G 1569 35.56 22.90 103.55
CA GLY G 1569 36.97 22.98 103.92
C GLY G 1569 37.87 22.37 102.87
N LEU G 1570 37.46 21.25 102.28
CA LEU G 1570 38.31 20.52 101.34
C LEU G 1570 38.53 21.32 100.06
N PHE G 1571 37.46 21.84 99.49
CA PHE G 1571 37.52 22.53 98.21
C PHE G 1571 37.41 24.04 98.40
N LYS G 1572 38.03 24.77 97.48
CA LYS G 1572 38.02 26.23 97.49
C LYS G 1572 36.86 26.83 96.71
N SER G 1573 36.41 26.16 95.65
CA SER G 1573 35.24 26.64 94.91
C SER G 1573 33.96 26.51 95.71
N GLU G 1574 33.94 25.64 96.71
CA GLU G 1574 32.79 25.41 97.57
C GLU G 1574 33.03 25.96 98.97
N HIS G 1575 33.89 26.97 99.08
CA HIS G 1575 34.31 27.47 100.39
C HIS G 1575 33.14 28.06 101.16
N LYS G 1576 32.21 28.71 100.46
CA LYS G 1576 31.05 29.33 101.09
C LYS G 1576 29.75 28.59 100.78
N ASN G 1577 29.84 27.29 100.45
CA ASN G 1577 28.65 26.52 100.13
C ASN G 1577 28.28 25.65 101.32
N PRO G 1578 27.18 25.94 102.03
CA PRO G 1578 26.82 25.12 103.20
C PRO G 1578 26.29 23.75 102.83
N VAL G 1579 25.85 23.55 101.59
CA VAL G 1579 25.28 22.26 101.21
C VAL G 1579 26.39 21.22 101.14
N PRO G 1580 26.28 20.10 101.86
CA PRO G 1580 27.32 19.06 101.77
C PRO G 1580 27.40 18.48 100.36
N GLN G 1581 28.63 18.19 99.93
CA GLN G 1581 28.89 17.65 98.61
C GLN G 1581 30.00 16.62 98.69
N CYS G 1582 29.99 15.70 97.72
CA CYS G 1582 31.03 14.67 97.59
C CYS G 1582 31.52 14.66 96.16
N PRO G 1583 32.42 15.57 95.79
CA PRO G 1583 32.94 15.61 94.42
C PRO G 1583 33.74 14.37 94.11
N PRO G 1584 33.87 14.02 92.83
CA PRO G 1584 34.56 12.76 92.47
C PRO G 1584 36.02 12.72 92.89
N ARG G 1585 36.65 13.87 93.13
CA ARG G 1585 38.05 13.86 93.55
C ARG G 1585 38.22 13.13 94.88
N LEU G 1586 37.32 13.36 95.83
CA LEU G 1586 37.38 12.69 97.11
C LEU G 1586 37.06 11.20 96.94
N HIS G 1587 37.96 10.36 97.42
CA HIS G 1587 37.77 8.92 97.34
C HIS G 1587 38.54 8.24 98.46
N VAL G 1588 38.12 7.03 98.82
CA VAL G 1588 38.73 6.31 99.92
C VAL G 1588 40.10 5.78 99.48
N GLN G 1589 41.10 5.97 100.33
CA GLN G 1589 42.44 5.46 100.10
C GLN G 1589 42.84 4.55 101.25
N PHE G 1590 43.64 3.54 100.94
CA PHE G 1590 44.04 2.53 101.92
C PHE G 1590 45.54 2.31 101.88
N LEU G 1591 46.09 1.93 103.02
CA LEU G 1591 47.52 1.68 103.14
C LEU G 1591 47.85 0.28 102.64
N SER G 1592 48.88 0.18 101.79
CA SER G 1592 49.34 -1.10 101.29
C SER G 1592 50.84 -1.03 101.01
N HIS G 1593 51.42 -2.19 100.73
CA HIS G 1593 52.84 -2.30 100.44
C HIS G 1593 53.14 -2.61 98.98
N VAL G 1594 52.13 -2.62 98.12
CA VAL G 1594 52.34 -2.97 96.71
C VAL G 1594 52.72 -1.70 95.93
N LEU G 1595 53.99 -1.34 96.00
CA LEU G 1595 54.54 -0.18 95.31
C LEU G 1595 56.02 -0.41 95.08
N TRP G 1596 56.52 0.05 93.93
CA TRP G 1596 57.93 -0.05 93.62
C TRP G 1596 58.64 1.28 93.91
N SER G 1597 59.93 1.17 94.21
CA SER G 1597 60.77 2.33 94.46
C SER G 1597 61.97 2.29 93.51
N ARG G 1598 62.39 3.47 93.08
CA ARG G 1598 63.48 3.60 92.11
C ARG G 1598 64.78 3.94 92.82
N MET G 1599 65.77 3.08 92.65
CA MET G 1599 67.10 3.35 93.17
C MET G 1599 67.78 4.42 92.34
N PRO G 1600 68.30 5.49 92.95
CA PRO G 1600 68.94 6.56 92.17
C PRO G 1600 70.12 6.04 91.36
N ASN G 1601 70.29 6.62 90.17
CA ASN G 1601 71.39 6.23 89.30
C ASN G 1601 72.75 6.63 89.90
N GLN G 1602 72.78 7.72 90.66
CA GLN G 1602 74.00 8.22 91.27
C GLN G 1602 73.72 8.62 92.71
N PHE G 1603 74.74 8.44 93.55
CA PHE G 1603 74.66 8.79 94.97
C PHE G 1603 75.76 9.79 95.30
N LEU G 1604 75.62 10.42 96.46
CA LEU G 1604 76.61 11.39 96.91
C LEU G 1604 77.94 10.71 97.20
N LYS G 1605 79.03 11.42 96.89
CA LYS G 1605 80.38 10.93 97.18
C LYS G 1605 80.75 11.35 98.60
N VAL G 1606 80.66 10.40 99.53
CA VAL G 1606 80.96 10.64 100.93
C VAL G 1606 82.07 9.69 101.37
N ASP G 1607 83.11 10.24 101.99
CA ASP G 1607 84.20 9.45 102.55
C ASP G 1607 84.24 9.62 104.06
N VAL G 1608 84.51 8.53 104.77
CA VAL G 1608 84.57 8.53 106.22
C VAL G 1608 85.85 7.81 106.65
N SER G 1609 86.57 8.41 107.58
CA SER G 1609 87.81 7.83 108.09
C SER G 1609 88.13 8.40 109.46
N ARG G 1610 88.95 7.68 110.20
CA ARG G 1610 89.45 8.16 111.50
C ARG G 1610 90.69 8.99 111.27
N ILE G 1611 90.59 10.31 111.51
CA ILE G 1611 91.76 11.16 111.38
C ILE G 1611 92.82 10.76 112.40
N SER G 1612 92.40 10.56 113.64
CA SER G 1612 93.29 10.15 114.72
C SER G 1612 92.45 9.93 115.96
N GLU G 1613 93.07 9.36 116.99
CA GLU G 1613 92.48 9.38 118.32
C GLU G 1613 92.32 10.81 118.81
N ARG G 1614 93.23 11.70 118.39
CA ARG G 1614 93.17 13.10 118.78
C ARG G 1614 91.98 13.80 118.15
N GLN G 1615 91.63 13.45 116.91
CA GLN G 1615 90.69 14.26 116.15
C GLN G 1615 89.36 13.56 115.89
N GLY G 1616 89.31 12.23 115.88
CA GLY G 1616 88.04 11.56 115.69
C GLY G 1616 87.80 11.12 114.25
N TRP G 1617 86.52 10.87 113.96
CA TRP G 1617 86.10 10.39 112.66
C TRP G 1617 85.66 11.55 111.78
N LEU G 1618 86.17 11.61 110.56
CA LEU G 1618 85.88 12.69 109.62
C LEU G 1618 84.95 12.16 108.53
N VAL G 1619 83.90 12.91 108.24
CA VAL G 1619 83.03 12.67 107.10
C VAL G 1619 83.02 13.94 106.25
N GLN G 1620 83.00 13.76 104.93
CA GLN G 1620 83.22 14.87 104.01
C GLN G 1620 82.50 14.58 102.70
N CYS G 1621 81.55 15.44 102.33
CA CYS G 1621 80.89 15.41 101.02
C CYS G 1621 81.13 16.77 100.37
N LEU G 1622 81.70 16.75 99.17
CA LEU G 1622 82.09 17.98 98.49
C LEU G 1622 81.53 18.10 97.07
N ASP G 1623 80.68 17.17 96.64
CA ASP G 1623 80.12 17.22 95.30
C ASP G 1623 78.62 17.46 95.37
N PRO G 1624 78.10 18.46 94.65
CA PRO G 1624 76.65 18.73 94.71
C PRO G 1624 75.87 17.90 93.71
N LEU G 1625 74.83 17.25 94.22
CA LEU G 1625 73.88 16.52 93.40
C LEU G 1625 72.47 17.03 93.66
N GLN G 1626 71.69 17.14 92.59
CA GLN G 1626 70.33 17.67 92.69
C GLN G 1626 69.40 16.79 91.86
N PHE G 1627 68.13 16.80 92.23
CA PHE G 1627 67.11 16.04 91.51
C PHE G 1627 65.80 16.82 91.52
N MET G 1628 65.04 16.67 90.45
CA MET G 1628 63.70 17.26 90.35
C MET G 1628 62.76 16.50 91.27
N SER G 1629 61.96 17.23 92.03
CA SER G 1629 60.94 16.63 92.90
C SER G 1629 59.57 17.06 92.40
N LEU G 1630 58.76 16.08 91.99
CA LEU G 1630 57.39 16.34 91.57
C LEU G 1630 56.49 16.31 92.80
N HIS G 1631 55.95 17.47 93.17
CA HIS G 1631 55.15 17.61 94.37
C HIS G 1631 53.68 17.49 94.02
N ILE G 1632 53.03 16.44 94.54
CA ILE G 1632 51.59 16.29 94.39
C ILE G 1632 50.93 17.21 95.41
N PRO G 1633 50.15 18.21 94.99
CA PRO G 1633 49.64 19.20 95.95
C PRO G 1633 48.61 18.62 96.92
N GLU G 1634 47.70 17.77 96.44
CA GLU G 1634 46.63 17.28 97.29
C GLU G 1634 47.15 16.37 98.39
N GLU G 1635 48.08 15.47 98.08
CA GLU G 1635 48.55 14.47 99.03
C GLU G 1635 49.73 14.94 99.86
N ASN G 1636 50.24 16.16 99.61
CA ASN G 1636 51.33 16.74 100.40
C ASN G 1636 52.57 15.84 100.42
N ARG G 1637 52.86 15.21 99.29
CA ARG G 1637 54.04 14.37 99.14
C ARG G 1637 54.72 14.68 97.82
N SER G 1638 56.02 14.43 97.78
CA SER G 1638 56.82 14.72 96.60
C SER G 1638 57.61 13.48 96.21
N VAL G 1639 57.72 13.24 94.90
CA VAL G 1639 58.47 12.12 94.37
C VAL G 1639 59.44 12.63 93.32
N ASP G 1640 60.51 11.87 93.10
CA ASP G 1640 61.45 12.19 92.04
C ASP G 1640 60.78 12.06 90.68
N ILE G 1641 61.06 13.01 89.78
CA ILE G 1641 60.38 13.03 88.50
C ILE G 1641 60.78 11.83 87.64
N LEU G 1642 61.96 11.26 87.90
CA LEU G 1642 62.40 10.09 87.14
C LEU G 1642 61.57 8.85 87.45
N GLU G 1643 60.76 8.88 88.51
CA GLU G 1643 59.83 7.80 88.81
C GLU G 1643 58.61 7.80 87.91
N LEU G 1644 58.40 8.86 87.13
CA LEU G 1644 57.25 8.93 86.22
C LEU G 1644 57.40 8.01 85.01
N THR G 1645 58.56 7.39 84.83
CA THR G 1645 58.70 6.38 83.77
C THR G 1645 57.76 5.21 83.99
N GLU G 1646 57.42 4.92 85.24
CA GLU G 1646 56.54 3.81 85.58
C GLU G 1646 55.16 4.27 86.06
N GLN G 1647 54.93 5.58 86.14
CA GLN G 1647 53.62 6.14 86.48
C GLN G 1647 53.10 6.86 85.25
N GLU G 1648 52.22 6.20 84.51
CA GLU G 1648 51.81 6.71 83.20
C GLU G 1648 50.84 7.88 83.32
N GLU G 1649 49.89 7.81 84.26
CA GLU G 1649 48.90 8.87 84.38
C GLU G 1649 49.55 10.20 84.76
N LEU G 1650 50.45 10.18 85.74
CA LEU G 1650 51.16 11.39 86.12
C LEU G 1650 52.02 11.91 84.97
N LEU G 1651 52.65 11.00 84.23
CA LEU G 1651 53.47 11.40 83.09
C LEU G 1651 52.65 12.15 82.05
N LYS G 1652 51.49 11.58 81.67
CA LYS G 1652 50.65 12.25 80.67
C LYS G 1652 50.12 13.57 81.19
N PHE G 1653 49.68 13.61 82.46
CA PHE G 1653 49.13 14.85 82.99
C PHE G 1653 50.19 15.94 83.03
N HIS G 1654 51.42 15.60 83.43
CA HIS G 1654 52.49 16.59 83.45
C HIS G 1654 52.94 17.00 82.06
N TYR G 1655 52.94 16.09 81.08
CA TYR G 1655 53.24 16.47 79.71
C TYR G 1655 52.22 17.47 79.18
N HIS G 1656 50.94 17.23 79.42
CA HIS G 1656 49.92 18.18 79.00
C HIS G 1656 49.95 19.48 79.81
N THR G 1657 50.38 19.43 81.08
CA THR G 1657 50.62 20.66 81.83
C THR G 1657 51.75 21.47 81.20
N LEU G 1658 52.81 20.81 80.76
CA LEU G 1658 53.89 21.51 80.06
C LEU G 1658 53.40 22.12 78.76
N ARG G 1659 52.56 21.38 78.03
CA ARG G 1659 52.00 21.93 76.80
C ARG G 1659 51.10 23.14 77.08
N LEU G 1660 50.34 23.11 78.19
CA LEU G 1660 49.56 24.27 78.58
C LEU G 1660 50.46 25.44 78.94
N TYR G 1661 51.58 25.17 79.61
CA TYR G 1661 52.55 26.22 79.90
C TYR G 1661 53.07 26.85 78.62
N SER G 1662 53.37 26.03 77.61
CA SER G 1662 53.77 26.57 76.31
C SER G 1662 52.66 27.38 75.65
N ALA G 1663 51.43 26.88 75.69
CA ALA G 1663 50.31 27.54 75.03
C ALA G 1663 49.96 28.89 75.64
N VAL G 1664 50.02 29.02 76.97
CA VAL G 1664 49.64 30.29 77.59
C VAL G 1664 50.63 31.39 77.24
N CYS G 1665 51.89 31.04 76.99
CA CYS G 1665 52.92 32.02 76.63
C CYS G 1665 53.25 32.01 75.15
N ALA G 1666 52.49 31.25 74.35
CA ALA G 1666 52.73 31.19 72.92
C ALA G 1666 52.52 32.55 72.25
N LEU G 1667 53.26 32.75 71.16
CA LEU G 1667 53.18 33.97 70.34
C LEU G 1667 53.48 35.22 71.15
N GLY G 1668 54.59 35.18 71.88
CA GLY G 1668 55.13 36.37 72.50
C GLY G 1668 54.32 36.99 73.61
N ASN G 1669 53.72 36.17 74.49
CA ASN G 1669 53.08 36.70 75.70
C ASN G 1669 54.16 36.85 76.76
N HIS G 1670 54.80 38.02 76.76
CA HIS G 1670 55.99 38.22 77.58
C HIS G 1670 55.63 38.27 79.06
N ARG G 1671 54.50 38.87 79.41
CA ARG G 1671 54.06 38.89 80.81
C ARG G 1671 53.81 37.48 81.32
N VAL G 1672 53.15 36.65 80.50
CA VAL G 1672 52.91 35.27 80.89
C VAL G 1672 54.23 34.50 80.98
N ALA G 1673 55.20 34.84 80.12
CA ALA G 1673 56.51 34.21 80.21
C ALA G 1673 57.21 34.56 81.52
N HIS G 1674 57.14 35.83 81.93
CA HIS G 1674 57.68 36.23 83.23
C HIS G 1674 56.97 35.50 84.36
N ALA G 1675 55.65 35.37 84.27
CA ALA G 1675 54.90 34.64 85.29
C ALA G 1675 55.33 33.19 85.37
N LEU G 1676 55.53 32.54 84.21
CA LEU G 1676 55.94 31.15 84.15
C LEU G 1676 57.39 30.94 84.58
N CYS G 1677 58.21 31.98 84.52
CA CYS G 1677 59.57 31.86 85.05
C CYS G 1677 59.56 31.55 86.55
N SER G 1678 58.50 31.95 87.25
CA SER G 1678 58.39 31.61 88.67
C SER G 1678 58.06 30.14 88.88
N HIS G 1679 57.23 29.56 88.02
CA HIS G 1679 56.79 28.18 88.19
C HIS G 1679 57.82 27.18 87.67
N VAL G 1680 58.37 27.42 86.48
CA VAL G 1680 59.43 26.59 85.91
C VAL G 1680 60.69 27.45 85.92
N ASP G 1681 61.66 27.04 86.72
CA ASP G 1681 62.83 27.87 86.96
C ASP G 1681 63.95 27.55 85.98
N GLU G 1682 64.89 28.49 85.89
CA GLU G 1682 66.08 28.30 85.05
C GLU G 1682 66.90 27.07 85.43
N PRO G 1683 67.24 26.83 86.70
CA PRO G 1683 67.96 25.58 87.03
C PRO G 1683 67.15 24.33 86.70
N GLN G 1684 65.84 24.34 86.91
CA GLN G 1684 65.02 23.20 86.54
C GLN G 1684 65.03 22.93 85.04
N LEU G 1685 64.96 23.98 84.22
CA LEU G 1685 65.11 23.81 82.78
C LEU G 1685 66.48 23.30 82.40
N LEU G 1686 67.54 23.88 82.95
CA LEU G 1686 68.91 23.48 82.64
C LEU G 1686 69.23 22.06 83.06
N TYR G 1687 68.58 21.55 84.11
CA TYR G 1687 68.73 20.16 84.53
C TYR G 1687 67.92 19.21 83.65
N ALA G 1688 66.69 19.58 83.31
CA ALA G 1688 65.87 18.72 82.46
C ALA G 1688 66.46 18.62 81.06
N ILE G 1689 67.17 19.65 80.61
CA ILE G 1689 67.80 19.59 79.30
C ILE G 1689 68.90 18.52 79.27
N GLU G 1690 69.72 18.45 80.32
CA GLU G 1690 70.88 17.56 80.30
C GLU G 1690 70.62 16.16 80.81
N ASN G 1691 69.71 15.97 81.77
CA ASN G 1691 69.59 14.66 82.41
C ASN G 1691 69.25 13.59 81.39
N LYS G 1692 70.04 12.51 81.39
CA LYS G 1692 69.89 11.44 80.43
C LYS G 1692 68.76 10.49 80.75
N TYR G 1693 68.34 10.41 82.01
CA TYR G 1693 67.23 9.57 82.43
C TYR G 1693 65.91 10.33 82.36
N MET G 1694 65.94 11.54 81.79
CA MET G 1694 64.73 12.28 81.49
C MET G 1694 63.78 11.43 80.64
N PRO G 1695 62.53 11.30 81.05
CA PRO G 1695 61.54 10.63 80.18
C PRO G 1695 61.41 11.42 78.89
N GLY G 1696 61.06 10.70 77.81
CA GLY G 1696 61.06 11.32 76.49
C GLY G 1696 60.01 12.41 76.35
N LEU G 1697 58.78 12.14 76.79
CA LEU G 1697 57.71 13.13 76.64
C LEU G 1697 57.99 14.37 77.46
N LEU G 1698 58.39 14.20 78.72
CA LEU G 1698 58.70 15.34 79.56
C LEU G 1698 59.92 16.09 79.05
N ARG G 1699 60.89 15.36 78.49
CA ARG G 1699 62.06 15.99 77.89
C ARG G 1699 61.68 16.89 76.73
N ALA G 1700 60.84 16.37 75.81
CA ALA G 1700 60.38 17.18 74.70
C ALA G 1700 59.58 18.38 75.18
N GLY G 1701 58.72 18.19 76.17
CA GLY G 1701 57.96 19.27 76.75
C GLY G 1701 58.82 20.35 77.35
N TYR G 1702 59.90 19.96 78.03
CA TYR G 1702 60.76 20.95 78.67
C TYR G 1702 61.60 21.70 77.64
N TYR G 1703 62.08 21.00 76.61
CA TYR G 1703 62.76 21.70 75.52
C TYR G 1703 61.83 22.72 74.86
N ASP G 1704 60.60 22.31 74.55
CA ASP G 1704 59.63 23.23 73.97
C ASP G 1704 59.30 24.39 74.89
N LEU G 1705 59.16 24.14 76.19
CA LEU G 1705 58.88 25.22 77.14
C LEU G 1705 60.03 26.21 77.22
N LEU G 1706 61.27 25.71 77.25
CA LEU G 1706 62.42 26.62 77.26
C LEU G 1706 62.45 27.47 76.01
N ILE G 1707 62.22 26.85 74.85
CA ILE G 1707 62.22 27.59 73.59
C ILE G 1707 61.12 28.65 73.59
N ASP G 1708 59.92 28.30 74.07
CA ASP G 1708 58.80 29.22 74.07
C ASP G 1708 59.04 30.40 75.01
N ILE G 1709 59.45 30.12 76.25
CA ILE G 1709 59.62 31.18 77.24
C ILE G 1709 60.80 32.08 76.92
N HIS G 1710 61.91 31.53 76.45
CA HIS G 1710 63.08 32.39 76.42
C HIS G 1710 63.56 32.78 75.02
N LEU G 1711 63.24 31.99 74.00
CA LEU G 1711 63.86 32.16 72.69
C LEU G 1711 62.88 32.38 71.55
N SER G 1712 61.60 32.04 71.74
CA SER G 1712 60.66 32.00 70.63
C SER G 1712 60.44 33.38 70.00
N SER G 1713 60.30 34.41 70.84
CA SER G 1713 59.97 35.73 70.32
C SER G 1713 61.07 36.27 69.42
N TYR G 1714 62.31 36.27 69.91
CA TYR G 1714 63.41 36.77 69.10
C TYR G 1714 63.64 35.88 67.88
N ALA G 1715 63.50 34.55 68.05
CA ALA G 1715 63.67 33.66 66.90
C ALA G 1715 62.69 34.00 65.80
N THR G 1716 61.41 34.15 66.16
CA THR G 1716 60.37 34.47 65.20
C THR G 1716 60.60 35.80 64.50
N ALA G 1717 60.94 36.85 65.27
CA ALA G 1717 61.18 38.16 64.64
C ALA G 1717 62.35 38.09 63.67
N ARG G 1718 63.48 37.52 64.13
CA ARG G 1718 64.68 37.45 63.30
C ARG G 1718 64.48 36.54 62.12
N LEU G 1719 63.52 35.63 62.22
CA LEU G 1719 63.22 34.74 61.11
C LEU G 1719 62.34 35.41 60.07
N MET G 1720 61.29 36.10 60.48
CA MET G 1720 60.43 36.61 59.42
C MET G 1720 61.02 37.88 58.82
N MET G 1721 62.00 38.48 59.52
CA MET G 1721 62.81 39.55 58.98
C MET G 1721 64.00 39.01 58.17
N ASN G 1722 63.89 37.79 57.63
CA ASN G 1722 65.06 37.16 57.01
C ASN G 1722 65.20 37.56 55.55
N ASN G 1723 64.12 37.50 54.78
CA ASN G 1723 64.19 37.69 53.33
C ASN G 1723 64.34 39.15 52.92
N GLU G 1724 64.57 40.05 53.88
CA GLU G 1724 64.80 41.46 53.58
C GLU G 1724 66.24 41.80 53.92
N TYR G 1725 66.97 42.33 52.94
CA TYR G 1725 68.38 42.64 53.10
C TYR G 1725 68.56 44.15 53.01
N ILE G 1726 68.65 44.80 54.17
CA ILE G 1726 68.92 46.23 54.26
C ILE G 1726 70.38 46.36 54.71
N VAL G 1727 71.26 46.69 53.77
CA VAL G 1727 72.70 46.70 54.03
C VAL G 1727 73.16 48.15 54.04
N PRO G 1728 73.85 48.61 55.09
CA PRO G 1728 74.31 49.99 55.14
C PRO G 1728 75.50 50.23 54.23
N MET G 1729 75.79 51.50 53.97
CA MET G 1729 76.95 51.86 53.16
C MET G 1729 78.14 52.24 54.05
N THR G 1730 78.75 51.21 54.64
CA THR G 1730 79.83 51.38 55.59
C THR G 1730 81.13 50.82 55.01
N GLU G 1731 82.27 51.15 55.65
CA GLU G 1731 83.57 50.69 55.19
C GLU G 1731 83.71 49.17 55.39
N GLU G 1732 83.18 48.66 56.49
CA GLU G 1732 83.19 47.21 56.70
C GLU G 1732 82.34 46.51 55.64
N THR G 1733 81.29 47.19 55.15
CA THR G 1733 80.53 46.66 54.02
C THR G 1733 81.36 46.66 52.74
N LYS G 1734 82.14 47.71 52.50
CA LYS G 1734 83.03 47.75 51.34
C LYS G 1734 84.07 46.63 51.41
N SER G 1735 84.51 46.29 52.61
CA SER G 1735 85.54 45.27 52.77
C SER G 1735 85.06 43.88 52.36
N ILE G 1736 83.75 43.66 52.31
CA ILE G 1736 83.22 42.33 52.03
C ILE G 1736 83.55 41.92 50.60
N THR G 1737 83.91 40.65 50.43
CA THR G 1737 84.21 40.09 49.12
C THR G 1737 83.51 38.74 48.97
N LEU G 1738 83.34 38.32 47.72
CA LEU G 1738 82.72 37.02 47.44
C LEU G 1738 83.53 35.87 48.01
N PHE G 1739 84.85 35.90 47.85
CA PHE G 1739 85.68 34.76 48.21
C PHE G 1739 86.75 35.21 49.20
N PRO G 1740 87.14 34.35 50.16
CA PRO G 1740 88.12 34.78 51.17
C PRO G 1740 89.48 35.16 50.60
N ASP G 1741 89.92 34.51 49.53
CA ASP G 1741 91.25 34.74 48.97
C ASP G 1741 91.23 34.50 47.47
N GLU G 1742 92.43 34.37 46.90
CA GLU G 1742 92.56 34.14 45.46
C GLU G 1742 91.93 32.81 45.06
N ASN G 1743 92.14 31.77 45.87
CA ASN G 1743 91.51 30.48 45.60
C ASN G 1743 89.99 30.62 45.67
N LYS G 1744 89.31 30.16 44.61
CA LYS G 1744 87.85 30.29 44.53
C LYS G 1744 87.20 29.14 45.29
N LYS G 1745 87.60 29.01 46.55
CA LYS G 1745 87.05 28.02 47.45
C LYS G 1745 86.06 28.68 48.40
N HIS G 1746 84.83 28.16 48.45
CA HIS G 1746 83.82 28.70 49.33
C HIS G 1746 84.25 28.58 50.79
N GLY G 1747 84.11 29.67 51.53
CA GLY G 1747 84.26 29.61 52.97
C GLY G 1747 83.08 28.87 53.59
N LEU G 1748 83.28 28.45 54.84
CA LEU G 1748 82.22 27.75 55.54
C LEU G 1748 81.03 28.69 55.72
N PRO G 1749 79.80 28.21 55.54
CA PRO G 1749 78.64 29.07 55.73
C PRO G 1749 78.58 29.61 57.15
N GLY G 1750 78.11 30.86 57.28
CA GLY G 1750 78.02 31.51 58.56
C GLY G 1750 79.18 32.42 58.91
N ILE G 1751 80.41 31.98 58.68
CA ILE G 1751 81.57 32.80 59.04
C ILE G 1751 81.62 34.00 58.12
N GLY G 1752 82.19 35.10 58.60
CA GLY G 1752 82.42 36.26 57.78
C GLY G 1752 81.90 37.52 58.46
N LEU G 1753 82.06 38.63 57.76
CA LEU G 1753 81.59 39.93 58.21
C LEU G 1753 80.27 40.25 57.51
N SER G 1754 79.17 40.01 58.21
CA SER G 1754 77.82 40.28 57.70
C SER G 1754 77.36 41.62 58.25
N THR G 1755 77.12 42.58 57.37
CA THR G 1755 76.78 43.94 57.77
C THR G 1755 75.31 44.28 57.56
N SER G 1756 74.51 43.33 57.07
CA SER G 1756 73.10 43.58 56.84
C SER G 1756 72.39 43.84 58.17
N LEU G 1757 71.46 44.79 58.15
CA LEU G 1757 70.73 45.15 59.36
C LEU G 1757 69.78 44.03 59.76
N ARG G 1758 69.84 43.65 61.02
CA ARG G 1758 68.96 42.65 61.61
C ARG G 1758 68.43 43.21 62.93
N PRO G 1759 67.28 42.72 63.40
CA PRO G 1759 66.70 43.24 64.64
C PRO G 1759 67.64 43.11 65.83
N ARG G 1760 67.34 43.89 66.85
CA ARG G 1760 68.21 44.06 68.00
C ARG G 1760 67.80 43.11 69.13
N MET G 1761 68.79 42.47 69.74
CA MET G 1761 68.55 41.52 70.82
C MET G 1761 68.35 42.27 72.13
N GLN G 1762 67.23 42.04 72.80
CA GLN G 1762 66.95 42.65 74.08
C GLN G 1762 66.17 41.68 74.97
N PHE G 1763 66.54 41.66 76.25
CA PHE G 1763 65.92 40.79 77.23
C PHE G 1763 65.69 41.57 78.52
N SER G 1764 64.74 41.10 79.33
CA SER G 1764 64.39 41.73 80.59
C SER G 1764 64.65 40.77 81.75
N SER G 1765 65.01 41.34 82.90
CA SER G 1765 65.28 40.54 84.08
C SER G 1765 63.97 40.03 84.68
N PRO G 1766 63.84 38.72 84.90
CA PRO G 1766 62.61 38.20 85.49
C PRO G 1766 62.61 38.23 87.01
N SER G 1767 62.38 39.40 87.58
CA SER G 1767 62.33 39.58 89.02
C SER G 1767 60.89 39.79 89.48
N PHE G 1768 60.65 39.52 90.77
CA PHE G 1768 59.33 39.68 91.35
C PHE G 1768 59.32 40.54 92.61
N VAL G 1769 60.46 41.10 93.02
CA VAL G 1769 60.47 42.04 94.13
C VAL G 1769 60.40 43.48 93.64
N SER G 1770 60.55 43.71 92.34
CA SER G 1770 60.53 45.06 91.81
C SER G 1770 59.10 45.46 91.42
N ILE G 1771 58.70 46.67 91.78
CA ILE G 1771 57.38 47.17 91.40
C ILE G 1771 57.35 47.64 89.96
N SER G 1772 58.51 47.86 89.34
CA SER G 1772 58.55 48.31 87.96
C SER G 1772 57.91 47.27 87.03
N ASN G 1773 56.95 47.73 86.23
CA ASN G 1773 56.21 46.86 85.33
C ASN G 1773 56.58 47.05 83.87
N GLU G 1774 57.50 47.98 83.56
CA GLU G 1774 57.92 48.16 82.18
C GLU G 1774 58.74 46.97 81.70
N CYS G 1775 59.28 46.19 82.64
CA CYS G 1775 60.08 45.02 82.30
C CYS G 1775 59.27 43.89 81.69
N TYR G 1776 57.93 43.98 81.70
CA TYR G 1776 57.12 42.94 81.07
C TYR G 1776 57.39 42.87 79.58
N GLN G 1777 57.63 44.01 78.94
CA GLN G 1777 58.08 43.99 77.55
C GLN G 1777 59.44 43.32 77.48
N TYR G 1778 59.70 42.63 76.35
CA TYR G 1778 60.90 41.84 76.11
C TYR G 1778 60.82 40.52 76.88
N SER G 1779 61.22 39.41 76.23
CA SER G 1779 61.19 38.09 76.83
C SER G 1779 62.23 37.98 77.95
N PRO G 1780 62.04 37.05 78.88
CA PRO G 1780 62.95 36.97 80.03
C PRO G 1780 64.38 36.65 79.63
N GLU G 1781 65.28 36.81 80.58
CA GLU G 1781 66.71 36.65 80.33
C GLU G 1781 67.16 35.23 80.61
N PHE G 1782 68.06 34.73 79.75
CA PHE G 1782 68.58 33.38 79.85
C PHE G 1782 70.02 33.35 79.33
N PRO G 1783 70.88 32.55 79.96
CA PRO G 1783 72.29 32.52 79.55
C PRO G 1783 72.51 31.80 78.23
N LEU G 1784 72.75 32.59 77.19
CA LEU G 1784 72.90 32.07 75.83
C LEU G 1784 74.30 31.57 75.55
N ASP G 1785 75.22 31.71 76.50
CA ASP G 1785 76.54 31.08 76.40
C ASP G 1785 76.58 29.74 77.12
N ILE G 1786 75.99 29.65 78.32
CA ILE G 1786 75.84 28.35 78.97
C ILE G 1786 74.97 27.45 78.11
N LEU G 1787 73.84 27.97 77.60
CA LEU G 1787 72.99 27.17 76.73
C LEU G 1787 73.74 26.74 75.47
N LYS G 1788 74.52 27.65 74.89
CA LYS G 1788 75.29 27.32 73.69
C LYS G 1788 76.28 26.19 73.94
N SER G 1789 77.10 26.31 74.99
CA SER G 1789 78.09 25.29 75.30
C SER G 1789 77.44 23.96 75.62
N LYS G 1790 76.34 23.98 76.40
CA LYS G 1790 75.65 22.74 76.72
C LYS G 1790 75.07 22.09 75.48
N THR G 1791 74.47 22.88 74.59
CA THR G 1791 73.91 22.32 73.37
C THR G 1791 75.00 21.68 72.51
N ILE G 1792 76.15 22.36 72.37
CA ILE G 1792 77.23 21.80 71.57
C ILE G 1792 77.74 20.50 72.18
N GLN G 1793 77.95 20.48 73.50
CA GLN G 1793 78.49 19.30 74.15
C GLN G 1793 77.52 18.12 74.05
N MET G 1794 76.23 18.37 74.28
CA MET G 1794 75.22 17.32 74.19
C MET G 1794 75.07 16.80 72.77
N LEU G 1795 75.09 17.68 71.76
CA LEU G 1795 75.04 17.20 70.39
C LEU G 1795 76.27 16.39 70.04
N THR G 1796 77.44 16.80 70.54
CA THR G 1796 78.67 16.04 70.29
C THR G 1796 78.56 14.64 70.89
N GLU G 1797 78.02 14.52 72.11
CA GLU G 1797 77.80 13.21 72.68
C GLU G 1797 76.79 12.39 71.87
N ALA G 1798 75.70 13.03 71.44
CA ALA G 1798 74.63 12.32 70.75
C ALA G 1798 75.10 11.77 69.41
N VAL G 1799 75.94 12.53 68.70
CA VAL G 1799 76.41 12.09 67.39
C VAL G 1799 77.19 10.79 67.52
N LYS G 1800 78.11 10.73 68.49
CA LYS G 1800 78.94 9.53 68.63
C LYS G 1800 78.17 8.38 69.25
N GLU G 1801 77.20 8.68 70.12
CA GLU G 1801 76.46 7.59 70.76
C GLU G 1801 75.44 6.97 69.81
N GLY G 1802 74.80 7.79 68.98
CA GLY G 1802 73.80 7.26 68.07
C GLY G 1802 74.39 6.36 66.99
N SER G 1803 75.60 6.68 66.54
CA SER G 1803 76.23 5.88 65.49
C SER G 1803 76.48 4.45 65.95
N LEU G 1804 76.75 4.26 67.25
CA LEU G 1804 76.91 2.91 67.77
C LEU G 1804 75.60 2.14 67.77
N HIS G 1805 74.48 2.85 67.64
CA HIS G 1805 73.15 2.26 67.59
C HIS G 1805 72.87 1.43 68.84
N ALA G 1806 72.93 2.06 70.01
CA ALA G 1806 72.64 1.38 71.27
C ALA G 1806 71.14 1.18 71.42
N ARG G 1807 70.75 0.52 72.51
CA ARG G 1807 69.35 0.23 72.80
C ARG G 1807 68.77 1.14 73.88
N ASP G 1808 69.52 2.16 74.30
CA ASP G 1808 69.07 3.08 75.35
C ASP G 1808 69.28 4.52 74.92
N PRO G 1809 68.52 4.98 73.93
CA PRO G 1809 68.57 6.41 73.59
C PRO G 1809 68.00 7.26 74.73
N VAL G 1810 68.49 8.49 74.83
CA VAL G 1810 67.96 9.40 75.84
C VAL G 1810 66.51 9.70 75.52
N GLY G 1811 65.62 9.39 76.46
CA GLY G 1811 64.19 9.48 76.24
C GLY G 1811 63.55 8.22 75.74
N GLY G 1812 64.34 7.18 75.41
CA GLY G 1812 63.82 5.90 75.01
C GLY G 1812 63.74 5.67 73.51
N THR G 1813 63.72 6.72 72.70
CA THR G 1813 63.66 6.58 71.26
C THR G 1813 64.63 7.57 70.61
N THR G 1814 65.02 7.25 69.38
CA THR G 1814 65.89 8.15 68.63
C THR G 1814 65.22 9.49 68.36
N GLU G 1815 63.92 9.48 68.08
CA GLU G 1815 63.19 10.73 67.89
C GLU G 1815 63.23 11.58 69.16
N PHE G 1816 62.94 10.97 70.32
CA PHE G 1816 62.97 11.73 71.56
C PHE G 1816 64.38 12.22 71.87
N LEU G 1817 65.41 11.46 71.48
CA LEU G 1817 66.78 11.90 71.72
C LEU G 1817 67.16 13.08 70.84
N PHE G 1818 66.78 13.07 69.57
CA PHE G 1818 67.33 14.02 68.60
C PHE G 1818 66.43 15.21 68.34
N VAL G 1819 65.11 15.02 68.18
CA VAL G 1819 64.25 16.11 67.73
C VAL G 1819 64.30 17.33 68.66
N PRO G 1820 64.14 17.18 69.98
CA PRO G 1820 64.24 18.38 70.83
C PRO G 1820 65.60 19.05 70.79
N LEU G 1821 66.68 18.26 70.80
CA LEU G 1821 68.02 18.83 70.76
C LEU G 1821 68.27 19.58 69.46
N ILE G 1822 67.90 18.98 68.33
CA ILE G 1822 68.12 19.63 67.04
C ILE G 1822 67.23 20.85 66.92
N LYS G 1823 66.02 20.80 67.48
CA LYS G 1823 65.15 21.98 67.48
C LYS G 1823 65.76 23.13 68.26
N LEU G 1824 66.32 22.85 69.45
CA LEU G 1824 66.98 23.90 70.23
C LEU G 1824 68.20 24.44 69.50
N PHE G 1825 68.97 23.56 68.87
CA PHE G 1825 70.12 24.00 68.08
C PHE G 1825 69.67 24.91 66.94
N TYR G 1826 68.59 24.53 66.25
CA TYR G 1826 68.08 25.35 65.16
C TYR G 1826 67.61 26.71 65.64
N THR G 1827 66.93 26.75 66.80
CA THR G 1827 66.51 28.03 67.37
C THR G 1827 67.70 28.92 67.70
N LEU G 1828 68.74 28.34 68.32
CA LEU G 1828 69.93 29.11 68.63
C LEU G 1828 70.60 29.61 67.35
N LEU G 1829 70.66 28.77 66.32
CA LEU G 1829 71.28 29.17 65.05
C LEU G 1829 70.50 30.31 64.40
N ILE G 1830 69.17 30.21 64.41
CA ILE G 1830 68.34 31.27 63.82
C ILE G 1830 68.56 32.57 64.58
N MET G 1831 68.58 32.52 65.91
CA MET G 1831 68.81 33.73 66.68
C MET G 1831 70.24 34.25 66.52
N GLY G 1832 71.15 33.40 66.08
CA GLY G 1832 72.48 33.83 65.73
C GLY G 1832 73.49 33.87 66.86
N ILE G 1833 73.25 33.14 67.95
CA ILE G 1833 74.19 33.13 69.07
C ILE G 1833 75.52 32.52 68.65
N PHE G 1834 75.46 31.44 67.87
CA PHE G 1834 76.67 30.75 67.44
C PHE G 1834 77.55 31.68 66.60
N HIS G 1835 78.85 31.67 66.88
CA HIS G 1835 79.78 32.54 66.17
C HIS G 1835 81.14 31.86 66.06
N ASN G 1836 81.68 31.86 64.84
CA ASN G 1836 83.06 31.45 64.58
C ASN G 1836 83.32 29.99 64.92
N GLU G 1837 84.11 29.76 65.98
CA GLU G 1837 84.52 28.40 66.34
C GLU G 1837 83.32 27.51 66.69
N ASP G 1838 82.28 28.09 67.28
CA ASP G 1838 81.06 27.32 67.55
C ASP G 1838 80.46 26.81 66.25
N LEU G 1839 80.38 27.70 65.25
CA LEU G 1839 79.86 27.30 63.94
C LEU G 1839 80.75 26.25 63.30
N LYS G 1840 82.07 26.40 63.41
CA LYS G 1840 82.98 25.41 62.83
C LYS G 1840 82.78 24.04 63.45
N HIS G 1841 82.72 23.98 64.78
CA HIS G 1841 82.53 22.69 65.46
C HIS G 1841 81.18 22.09 65.13
N ILE G 1842 80.12 22.91 65.11
CA ILE G 1842 78.79 22.35 64.91
C ILE G 1842 78.58 21.94 63.45
N LEU G 1843 79.32 22.56 62.52
CA LEU G 1843 79.29 22.11 61.14
C LEU G 1843 80.12 20.86 60.94
N GLN G 1844 81.23 20.72 61.68
CA GLN G 1844 81.97 19.46 61.68
C GLN G 1844 81.10 18.32 62.18
N LEU G 1845 80.31 18.58 63.22
CA LEU G 1845 79.39 17.56 63.71
C LEU G 1845 78.35 17.19 62.65
N ILE G 1846 77.82 18.18 61.93
CA ILE G 1846 76.82 17.90 60.90
C ILE G 1846 77.43 17.07 59.78
N GLU G 1847 78.58 17.50 59.27
CA GLU G 1847 79.29 16.76 58.24
C GLU G 1847 80.78 17.09 58.30
N PRO G 1848 81.63 16.11 58.63
CA PRO G 1848 83.05 16.44 58.81
C PRO G 1848 83.79 16.67 57.50
N SER G 1849 83.53 15.87 56.48
CA SER G 1849 84.30 15.94 55.24
C SER G 1849 84.01 17.24 54.49
N VAL G 1850 82.74 17.60 54.35
CA VAL G 1850 82.37 18.76 53.56
C VAL G 1850 82.89 20.03 54.22
N PHE G 1851 82.65 20.19 55.52
CA PHE G 1851 83.12 21.36 56.26
C PHE G 1851 84.47 21.10 56.91
N LYS G 1852 85.47 20.81 56.08
CA LYS G 1852 86.82 20.53 56.56
C LYS G 1852 87.63 21.81 56.59
N GLU G 1853 88.26 22.08 57.73
CA GLU G 1853 89.07 23.28 57.91
C GLU G 1853 90.47 23.03 57.34
N ALA G 1854 90.91 23.93 56.47
CA ALA G 1854 92.22 23.81 55.85
C ALA G 1854 92.76 25.18 55.42
N PRO G 1889 85.31 5.08 60.80
CA PRO G 1889 85.01 6.37 60.17
C PRO G 1889 84.00 7.19 60.97
N LYS G 1890 84.16 8.51 60.94
CA LYS G 1890 83.26 9.41 61.66
C LYS G 1890 82.14 9.83 60.72
N GLU G 1891 80.93 9.36 60.99
CA GLU G 1891 79.76 9.64 60.16
C GLU G 1891 78.91 10.70 60.83
N GLY G 1892 78.51 11.71 60.06
CA GLY G 1892 77.72 12.80 60.60
C GLY G 1892 76.24 12.46 60.72
N LEU G 1893 75.49 13.45 61.20
CA LEU G 1893 74.05 13.28 61.33
C LEU G 1893 73.39 13.03 59.98
N LEU G 1894 73.86 13.73 58.94
CA LEU G 1894 73.27 13.55 57.61
C LEU G 1894 73.43 12.13 57.11
N GLN G 1895 74.40 11.39 57.62
CA GLN G 1895 74.66 10.02 57.19
C GLN G 1895 74.39 8.97 58.27
N MET G 1896 73.85 9.38 59.42
CA MET G 1896 73.63 8.44 60.51
C MET G 1896 72.26 7.75 60.42
N LYS G 1897 71.54 7.95 59.31
CA LYS G 1897 70.28 7.24 59.04
C LYS G 1897 69.23 7.55 60.11
N LEU G 1898 68.80 8.81 60.11
CA LEU G 1898 67.88 9.50 61.01
C LEU G 1898 66.43 9.16 60.69
N PRO G 1899 65.55 9.26 61.70
CA PRO G 1899 64.11 9.15 61.43
C PRO G 1899 63.60 10.35 60.64
N GLU G 1900 62.33 10.27 60.24
CA GLU G 1900 61.75 11.30 59.39
C GLU G 1900 61.66 12.68 60.05
N PRO G 1901 61.19 12.83 61.29
CA PRO G 1901 61.22 14.17 61.90
C PRO G 1901 62.62 14.75 62.00
N VAL G 1902 63.61 13.90 62.31
CA VAL G 1902 64.98 14.37 62.41
C VAL G 1902 65.49 14.80 61.05
N LYS G 1903 65.09 14.09 60.00
CA LYS G 1903 65.40 14.50 58.64
C LYS G 1903 64.76 15.83 58.29
N LEU G 1904 63.52 16.07 58.73
CA LEU G 1904 62.89 17.37 58.53
C LEU G 1904 63.66 18.50 59.21
N GLN G 1905 64.09 18.28 60.45
CA GLN G 1905 64.92 19.27 61.13
C GLN G 1905 66.26 19.49 60.43
N MET G 1906 66.89 18.43 59.93
CA MET G 1906 68.12 18.58 59.17
C MET G 1906 67.88 19.40 57.91
N CYS G 1907 66.73 19.18 57.25
CA CYS G 1907 66.37 19.99 56.10
C CYS G 1907 66.24 21.46 56.48
N LEU G 1908 65.62 21.74 57.63
CA LEU G 1908 65.52 23.12 58.10
C LEU G 1908 66.90 23.74 58.31
N LEU G 1909 67.81 22.99 58.92
CA LEU G 1909 69.16 23.50 59.16
C LEU G 1909 69.89 23.79 57.84
N LEU G 1910 69.78 22.88 56.87
CA LEU G 1910 70.39 23.10 55.57
C LEU G 1910 69.78 24.29 54.85
N GLN G 1911 68.46 24.49 54.98
CA GLN G 1911 67.79 25.67 54.46
C GLN G 1911 68.37 26.95 55.06
N TYR G 1912 68.58 26.96 56.37
CA TYR G 1912 69.20 28.15 56.99
C TYR G 1912 70.61 28.39 56.48
N LEU G 1913 71.39 27.32 56.29
CA LEU G 1913 72.74 27.50 55.77
C LEU G 1913 72.72 28.09 54.36
N CYS G 1914 71.80 27.60 53.51
CA CYS G 1914 71.67 28.17 52.18
C CYS G 1914 71.25 29.63 52.23
N ASP G 1915 70.36 29.97 53.16
CA ASP G 1915 69.95 31.37 53.31
C ASP G 1915 71.13 32.25 53.72
N CYS G 1916 71.99 31.74 54.61
CA CYS G 1916 73.19 32.48 54.99
C CYS G 1916 74.10 32.72 53.79
N GLN G 1917 74.27 31.69 52.95
CA GLN G 1917 75.07 31.85 51.74
C GLN G 1917 74.46 32.92 50.82
N VAL G 1918 73.14 32.91 50.67
CA VAL G 1918 72.47 33.89 49.82
C VAL G 1918 72.69 35.30 50.35
N ARG G 1919 72.57 35.51 51.66
CA ARG G 1919 72.80 36.84 52.22
C ARG G 1919 74.25 37.28 52.03
N HIS G 1920 75.20 36.37 52.19
CA HIS G 1920 76.60 36.72 51.93
C HIS G 1920 76.79 37.15 50.48
N ARG G 1921 76.16 36.45 49.55
CA ARG G 1921 76.24 36.83 48.15
C ARG G 1921 75.67 38.23 47.93
N ILE G 1922 74.52 38.51 48.54
CA ILE G 1922 73.89 39.82 48.36
C ILE G 1922 74.78 40.93 48.89
N GLU G 1923 75.38 40.73 50.07
CA GLU G 1923 76.29 41.73 50.61
C GLU G 1923 77.53 41.92 49.74
N ALA G 1924 78.07 40.85 49.17
CA ALA G 1924 79.22 41.01 48.27
C ALA G 1924 78.84 41.79 47.01
N ILE G 1925 77.66 41.53 46.44
CA ILE G 1925 77.20 42.31 45.30
C ILE G 1925 77.06 43.77 45.65
N VAL G 1926 76.46 44.09 46.80
CA VAL G 1926 76.38 45.49 47.23
C VAL G 1926 77.75 46.11 47.44
N ALA G 1927 78.73 45.36 47.97
CA ALA G 1927 80.08 45.85 48.13
C ALA G 1927 80.72 46.22 46.79
N PHE G 1928 80.53 45.37 45.77
CA PHE G 1928 81.01 45.70 44.43
C PHE G 1928 80.32 46.94 43.89
N SER G 1929 79.01 47.07 44.18
CA SER G 1929 78.20 48.13 43.60
C SER G 1929 78.77 49.51 43.88
N ASP G 1930 79.33 49.72 45.08
CA ASP G 1930 79.81 51.05 45.44
C ASP G 1930 80.90 51.53 44.48
N ASP G 1931 81.95 50.74 44.30
CA ASP G 1931 83.06 51.13 43.44
C ASP G 1931 82.61 51.18 41.98
N PHE G 1932 81.80 50.21 41.55
CA PHE G 1932 81.40 50.18 40.15
C PHE G 1932 80.57 51.41 39.79
N VAL G 1933 79.55 51.72 40.60
CA VAL G 1933 78.71 52.88 40.34
C VAL G 1933 79.44 54.20 40.54
N ALA G 1934 80.41 54.28 41.44
CA ALA G 1934 81.20 55.49 41.59
C ALA G 1934 82.06 55.78 40.36
N LYS G 1935 82.76 54.76 39.84
CA LYS G 1935 83.53 54.97 38.62
C LYS G 1935 82.61 55.26 37.44
N LEU G 1936 81.45 54.60 37.40
CA LEU G 1936 80.48 54.88 36.34
C LEU G 1936 80.00 56.33 36.39
N GLN G 1937 79.70 56.84 37.58
CA GLN G 1937 79.26 58.23 37.73
C GLN G 1937 80.35 59.21 37.33
N ASP G 1938 81.59 58.96 37.74
CA ASP G 1938 82.69 59.85 37.35
C ASP G 1938 82.88 59.86 35.84
N ASN G 1939 82.85 58.67 35.21
CA ASN G 1939 83.07 58.61 33.78
C ASN G 1939 81.89 59.22 33.02
N GLN G 1940 80.68 59.11 33.56
CA GLN G 1940 79.52 59.75 32.97
C GLN G 1940 79.59 61.27 33.06
N ARG G 1941 80.07 61.82 34.18
CA ARG G 1941 80.34 63.25 34.25
C ARG G 1941 81.39 63.70 33.23
N PHE G 1942 82.48 62.95 33.10
CA PHE G 1942 83.47 63.24 32.08
C PHE G 1942 82.87 63.24 30.69
N ARG G 1943 82.14 62.17 30.34
CA ARG G 1943 81.52 62.08 29.02
C ARG G 1943 80.56 63.26 28.80
N TYR G 1944 79.85 63.68 29.85
CA TYR G 1944 78.99 64.85 29.73
C TYR G 1944 79.80 66.10 29.37
N ASN G 1945 80.95 66.26 30.01
CA ASN G 1945 81.82 67.40 29.73
C ASN G 1945 82.23 67.42 28.26
N GLU G 1946 82.74 66.30 27.76
CA GLU G 1946 83.14 66.26 26.34
C GLU G 1946 81.93 66.33 25.39
N VAL G 1947 80.76 65.87 25.83
CA VAL G 1947 79.57 66.00 25.00
C VAL G 1947 79.22 67.45 24.77
N MET G 1948 79.19 68.25 25.84
CA MET G 1948 78.78 69.64 25.61
C MET G 1948 79.95 70.62 25.63
N GLN G 1949 81.17 70.17 25.34
CA GLN G 1949 82.23 71.11 24.98
C GLN G 1949 81.85 71.98 23.79
N ALA G 1950 81.69 71.37 22.61
CA ALA G 1950 81.40 72.14 21.40
C ALA G 1950 81.03 71.20 20.26
N LEU G 1951 80.17 71.70 19.36
CA LEU G 1951 79.85 71.05 18.09
C LEU G 1951 79.84 72.09 16.97
N ASN G 1952 80.89 72.90 16.92
CA ASN G 1952 80.92 74.02 15.98
C ASN G 1952 80.94 73.53 14.54
N MET G 1953 81.53 72.34 14.30
CA MET G 1953 81.50 71.77 12.96
C MET G 1953 80.08 71.54 12.49
N SER G 1954 79.24 70.91 13.32
CA SER G 1954 77.85 70.67 13.02
C SER G 1954 77.09 70.32 14.31
N ALA G 1955 75.97 71.01 14.54
CA ALA G 1955 75.21 70.84 15.77
C ALA G 1955 73.91 70.06 15.58
N ALA G 1956 73.76 69.35 14.46
CA ALA G 1956 72.55 68.57 14.24
C ALA G 1956 72.54 67.28 15.06
N LEU G 1957 73.69 66.88 15.58
CA LEU G 1957 73.83 65.63 16.33
C LEU G 1957 73.67 65.82 17.83
N THR G 1958 73.34 67.04 18.28
CA THR G 1958 73.22 67.29 19.71
C THR G 1958 72.12 66.46 20.34
N ALA G 1959 71.00 66.28 19.63
CA ALA G 1959 69.90 65.51 20.16
C ALA G 1959 70.33 64.08 20.45
N ARG G 1960 70.99 63.43 19.49
CA ARG G 1960 71.39 62.04 19.69
C ARG G 1960 72.50 61.95 20.74
N LYS G 1961 73.40 62.95 20.78
CA LYS G 1961 74.50 62.85 21.72
C LYS G 1961 74.04 63.06 23.16
N THR G 1962 72.98 63.85 23.36
CA THR G 1962 72.51 64.15 24.72
C THR G 1962 71.23 63.41 25.09
N LYS G 1963 70.70 62.56 24.20
CA LYS G 1963 69.56 61.74 24.59
C LYS G 1963 69.91 60.85 25.77
N GLU G 1964 71.17 60.40 25.85
CA GLU G 1964 71.65 59.66 27.01
C GLU G 1964 71.36 60.43 28.29
N PHE G 1965 71.77 61.69 28.35
CA PHE G 1965 71.62 62.50 29.54
C PHE G 1965 70.20 63.02 29.71
N ARG G 1966 69.38 62.94 28.67
CA ARG G 1966 67.97 63.30 28.75
C ARG G 1966 67.08 62.13 29.17
N SER G 1967 67.60 60.90 29.15
CA SER G 1967 66.82 59.76 29.59
C SER G 1967 66.84 59.65 31.12
N PRO G 1968 65.73 59.22 31.71
CA PRO G 1968 65.67 59.18 33.18
C PRO G 1968 66.64 58.16 33.74
N PRO G 1969 66.97 58.26 35.03
CA PRO G 1969 68.07 57.44 35.58
C PRO G 1969 67.89 55.94 35.44
N GLN G 1970 66.65 55.44 35.51
CA GLN G 1970 66.44 54.00 35.38
C GLN G 1970 66.88 53.50 34.02
N GLU G 1971 66.40 54.12 32.95
CA GLU G 1971 66.89 53.79 31.62
C GLU G 1971 68.36 54.12 31.43
N GLN G 1972 68.87 55.17 32.10
CA GLN G 1972 70.29 55.46 32.04
C GLN G 1972 71.12 54.26 32.51
N ILE G 1973 70.83 53.75 33.69
CA ILE G 1973 71.60 52.62 34.20
C ILE G 1973 71.32 51.36 33.38
N ASN G 1974 70.09 51.20 32.91
CA ASN G 1974 69.78 50.04 32.07
C ASN G 1974 70.63 50.01 30.81
N MET G 1975 70.79 51.16 30.15
CA MET G 1975 71.52 51.19 28.89
C MET G 1975 73.03 51.34 29.11
N LEU G 1976 73.44 51.79 30.30
CA LEU G 1976 74.85 51.73 30.65
C LEU G 1976 75.25 50.29 30.97
N LEU G 1977 74.26 49.45 31.28
CA LEU G 1977 74.52 48.06 31.64
C LEU G 1977 74.21 47.07 30.51
N ASN G 1978 74.21 47.51 29.26
CA ASN G 1978 74.01 46.60 28.13
C ASN G 1978 75.31 46.21 27.44
N PHE G 1979 76.42 46.06 28.17
CA PHE G 1979 77.61 45.51 27.54
C PHE G 1979 77.66 43.98 27.64
N LYS G 1980 76.63 43.35 28.19
CA LYS G 1980 76.53 41.90 28.12
C LYS G 1980 76.36 41.46 26.67
N ASP G 1981 76.80 40.24 26.37
CA ASP G 1981 76.89 39.73 25.01
C ASP G 1981 77.83 40.60 24.20
N ASP G 1982 77.55 40.78 22.91
CA ASP G 1982 78.42 41.59 22.06
C ASP G 1982 77.66 42.63 21.25
N LYS G 1983 76.46 43.01 21.67
CA LYS G 1983 75.74 44.07 20.98
C LYS G 1983 76.47 45.40 21.05
N SER G 1984 77.02 45.76 22.21
CA SER G 1984 78.02 46.81 22.35
C SER G 1984 77.53 48.17 21.84
N GLU G 1985 76.26 48.48 22.06
CA GLU G 1985 75.78 49.83 21.78
C GLU G 1985 75.87 50.74 22.99
N CYS G 1986 76.23 50.20 24.16
CA CYS G 1986 76.33 51.01 25.36
C CYS G 1986 77.57 51.90 25.30
N PRO G 1987 77.53 53.08 25.93
CA PRO G 1987 78.71 53.94 25.99
C PRO G 1987 79.69 53.58 27.10
N CYS G 1988 79.54 52.40 27.72
CA CYS G 1988 80.42 52.02 28.82
C CYS G 1988 81.83 51.77 28.31
N PRO G 1989 82.85 52.33 28.97
CA PRO G 1989 84.23 52.08 28.53
C PRO G 1989 84.67 50.65 28.82
N GLU G 1990 85.74 50.24 28.13
CA GLU G 1990 86.16 48.85 28.14
C GLU G 1990 86.59 48.38 29.53
N GLU G 1991 87.33 49.20 30.28
CA GLU G 1991 87.76 48.78 31.60
C GLU G 1991 86.59 48.60 32.56
N ILE G 1992 85.61 49.51 32.50
CA ILE G 1992 84.44 49.39 33.36
C ILE G 1992 83.61 48.17 32.95
N ARG G 1993 83.57 47.88 31.65
CA ARG G 1993 82.92 46.65 31.17
C ARG G 1993 83.62 45.42 31.74
N ASP G 1994 84.96 45.41 31.69
CA ASP G 1994 85.71 44.24 32.12
C ASP G 1994 85.58 44.01 33.61
N GLN G 1995 85.50 45.07 34.41
CA GLN G 1995 85.34 44.88 35.85
C GLN G 1995 84.07 44.10 36.17
N LEU G 1996 82.94 44.52 35.58
CA LEU G 1996 81.69 43.79 35.82
C LEU G 1996 81.72 42.42 35.16
N LEU G 1997 82.39 42.30 34.02
CA LEU G 1997 82.50 41.00 33.37
C LEU G 1997 83.27 40.00 34.22
N ASP G 1998 84.21 40.47 35.05
CA ASP G 1998 84.93 39.60 35.97
C ASP G 1998 84.12 39.33 37.24
N PHE G 1999 83.46 40.36 37.77
CA PHE G 1999 82.66 40.19 38.98
C PHE G 1999 81.51 39.23 38.75
N HIS G 2000 80.88 39.32 37.57
CA HIS G 2000 79.78 38.42 37.24
C HIS G 2000 80.22 36.97 37.14
N GLU G 2001 81.39 36.71 36.53
CA GLU G 2001 81.93 35.35 36.51
C GLU G 2001 82.25 34.84 37.91
N ASP G 2002 82.82 35.70 38.76
CA ASP G 2002 83.07 35.28 40.14
C ASP G 2002 81.77 34.96 40.86
N LEU G 2003 80.74 35.79 40.67
CA LEU G 2003 79.45 35.56 41.31
C LEU G 2003 78.79 34.27 40.82
N MET G 2004 78.87 34.01 39.51
CA MET G 2004 78.36 32.74 38.98
C MET G 2004 79.11 31.54 39.51
N THR G 2005 80.44 31.64 39.64
CA THR G 2005 81.22 30.57 40.25
C THR G 2005 80.78 30.32 41.70
N HIS G 2006 80.55 31.41 42.44
CA HIS G 2006 80.06 31.26 43.80
C HIS G 2006 78.68 30.60 43.83
N CYS G 2007 77.79 31.01 42.92
CA CYS G 2007 76.45 30.45 42.83
C CYS G 2007 76.43 29.02 42.31
N GLY G 2008 77.55 28.55 41.73
CA GLY G 2008 77.62 27.18 41.27
C GLY G 2008 77.19 26.94 39.86
N ILE G 2009 77.10 27.99 39.04
CA ILE G 2009 76.73 27.88 37.63
C ILE G 2009 78.02 27.85 36.84
N GLU G 2010 78.40 26.67 36.35
CA GLU G 2010 79.63 26.51 35.59
C GLU G 2010 79.40 26.84 34.12
N LYS G 2053 84.90 12.23 44.84
CA LYS G 2053 83.96 11.55 45.71
C LYS G 2053 83.33 12.51 46.72
N LYS G 2054 84.16 13.37 47.33
CA LYS G 2054 83.66 14.34 48.27
C LYS G 2054 82.97 15.48 47.54
N SER G 2055 81.80 15.89 48.04
CA SER G 2055 81.03 16.94 47.39
C SER G 2055 81.81 18.26 47.39
N SER G 2056 82.46 18.57 48.51
CA SER G 2056 83.32 19.74 48.72
C SER G 2056 82.55 21.04 48.73
N THR G 2057 81.25 21.04 48.45
CA THR G 2057 80.42 22.24 48.53
C THR G 2057 79.09 21.89 49.17
N LEU G 2058 78.49 22.88 49.82
CA LEU G 2058 77.18 22.69 50.44
C LEU G 2058 76.13 22.32 49.40
N GLN G 2059 76.17 22.98 48.24
CA GLN G 2059 75.21 22.68 47.18
C GLN G 2059 75.31 21.22 46.74
N GLN G 2060 76.51 20.74 46.45
CA GLN G 2060 76.68 19.35 46.03
C GLN G 2060 76.28 18.39 47.15
N LEU G 2061 76.64 18.69 48.39
CA LEU G 2061 76.29 17.81 49.50
C LEU G 2061 74.77 17.69 49.66
N ILE G 2062 74.06 18.82 49.60
CA ILE G 2062 72.61 18.77 49.75
C ILE G 2062 71.98 18.06 48.55
N SER G 2063 72.48 18.34 47.34
CA SER G 2063 71.95 17.69 46.15
C SER G 2063 72.11 16.18 46.23
N GLU G 2064 73.24 15.71 46.74
CA GLU G 2064 73.43 14.28 46.92
C GLU G 2064 72.51 13.72 48.01
N THR G 2065 72.42 14.40 49.16
CA THR G 2065 71.74 13.79 50.30
C THR G 2065 70.22 13.76 50.09
N MET G 2066 69.67 14.77 49.41
CA MET G 2066 68.22 14.76 49.15
C MET G 2066 67.82 13.55 48.31
N VAL G 2067 68.50 13.36 47.18
CA VAL G 2067 68.22 12.23 46.31
C VAL G 2067 68.52 10.92 47.02
N ARG G 2068 69.58 10.88 47.84
CA ARG G 2068 69.92 9.66 48.55
C ARG G 2068 68.82 9.27 49.52
N TRP G 2069 68.31 10.23 50.31
CA TRP G 2069 67.20 9.94 51.20
C TRP G 2069 65.96 9.51 50.44
N ALA G 2070 65.64 10.23 49.36
CA ALA G 2070 64.42 9.96 48.61
C ALA G 2070 64.44 8.56 48.01
N GLN G 2071 65.59 8.13 47.49
CA GLN G 2071 65.68 6.79 46.91
C GLN G 2071 65.94 5.74 47.97
N GLU G 2072 66.35 6.16 49.18
CA GLU G 2072 66.55 5.21 50.26
C GLU G 2072 65.23 4.79 50.89
N SER G 2073 64.32 5.73 51.08
CA SER G 2073 63.08 5.41 51.77
C SER G 2073 61.90 6.02 51.04
N VAL G 2074 60.74 5.37 51.19
CA VAL G 2074 59.47 5.93 50.73
C VAL G 2074 58.97 6.87 51.82
N ILE G 2075 59.20 8.17 51.64
CA ILE G 2075 58.88 9.13 52.70
C ILE G 2075 57.38 9.25 52.85
N GLU G 2076 56.88 9.04 54.07
CA GLU G 2076 55.45 9.09 54.33
C GLU G 2076 54.97 10.48 54.69
N ASP G 2077 55.87 11.41 55.00
CA ASP G 2077 55.48 12.75 55.41
C ASP G 2077 55.43 13.69 54.21
N PRO G 2078 54.25 14.20 53.84
CA PRO G 2078 54.19 15.18 52.74
C PRO G 2078 55.04 16.42 53.01
N GLU G 2079 55.08 16.88 54.26
CA GLU G 2079 55.93 18.02 54.60
C GLU G 2079 57.40 17.70 54.39
N LEU G 2080 57.85 16.51 54.78
CA LEU G 2080 59.23 16.12 54.54
C LEU G 2080 59.53 16.05 53.05
N VAL G 2081 58.62 15.48 52.27
CA VAL G 2081 58.83 15.39 50.82
C VAL G 2081 58.95 16.78 50.23
N ARG G 2082 58.05 17.68 50.63
CA ARG G 2082 58.06 19.04 50.11
C ARG G 2082 59.35 19.75 50.48
N ALA G 2083 59.80 19.61 51.73
CA ALA G 2083 61.04 20.27 52.15
C ALA G 2083 62.24 19.73 51.40
N MET G 2084 62.33 18.41 51.24
CA MET G 2084 63.42 17.80 50.49
C MET G 2084 63.47 18.33 49.06
N PHE G 2085 62.33 18.34 48.38
CA PHE G 2085 62.34 18.75 46.97
C PHE G 2085 62.54 20.25 46.81
N VAL G 2086 62.03 21.06 47.74
CA VAL G 2086 62.27 22.50 47.62
C VAL G 2086 63.74 22.82 47.89
N LEU G 2087 64.37 22.07 48.82
CA LEU G 2087 65.80 22.26 49.05
C LEU G 2087 66.61 21.85 47.83
N LEU G 2088 66.25 20.73 47.20
CA LEU G 2088 66.94 20.31 45.98
C LEU G 2088 66.77 21.34 44.86
N HIS G 2089 65.57 21.88 44.71
CA HIS G 2089 65.33 22.90 43.69
C HIS G 2089 66.12 24.16 43.98
N ARG G 2090 66.22 24.56 45.25
CA ARG G 2090 67.05 25.70 45.60
C ARG G 2090 68.52 25.46 45.29
N GLN G 2091 69.02 24.25 45.54
CA GLN G 2091 70.40 23.94 45.19
C GLN G 2091 70.62 24.04 43.69
N TYR G 2092 69.71 23.49 42.89
CA TYR G 2092 69.92 23.48 41.45
C TYR G 2092 69.74 24.87 40.83
N ASP G 2093 68.69 25.58 41.24
CA ASP G 2093 68.43 26.93 40.71
C ASP G 2093 69.09 27.96 41.63
N GLY G 2094 70.42 28.00 41.55
CA GLY G 2094 71.17 28.93 42.39
C GLY G 2094 70.89 30.38 42.06
N ILE G 2095 70.73 30.68 40.76
CA ILE G 2095 70.48 32.05 40.34
C ILE G 2095 69.12 32.54 40.80
N GLY G 2096 68.17 31.64 41.04
CA GLY G 2096 66.86 32.04 41.54
C GLY G 2096 66.89 32.73 42.88
N GLY G 2097 67.79 32.33 43.77
CA GLY G 2097 67.94 33.04 45.02
C GLY G 2097 68.28 34.50 44.82
N LEU G 2098 69.24 34.78 43.93
CA LEU G 2098 69.55 36.17 43.62
C LEU G 2098 68.39 36.88 42.93
N VAL G 2099 67.70 36.19 42.02
CA VAL G 2099 66.55 36.77 41.33
C VAL G 2099 65.48 37.21 42.32
N ARG G 2100 65.24 36.41 43.37
CA ARG G 2100 64.28 36.77 44.41
C ARG G 2100 64.82 37.79 45.40
N ALA G 2101 66.13 37.76 45.69
CA ALA G 2101 66.66 38.60 46.77
C ALA G 2101 66.93 40.03 46.31
N LEU G 2102 67.36 40.21 45.06
CA LEU G 2102 67.69 41.54 44.58
C LEU G 2102 66.53 42.53 44.66
N PRO G 2103 65.28 42.16 44.33
CA PRO G 2103 64.18 43.11 44.53
C PRO G 2103 64.00 43.57 45.95
N LYS G 2104 64.35 42.73 46.93
CA LYS G 2104 64.19 43.05 48.35
C LYS G 2104 65.49 43.53 48.97
N THR G 2105 66.43 43.99 48.16
CA THR G 2105 67.70 44.52 48.65
C THR G 2105 67.69 46.05 48.54
N TYR G 2106 67.91 46.72 49.66
CA TYR G 2106 67.98 48.17 49.70
C TYR G 2106 69.24 48.59 50.45
N THR G 2107 69.81 49.70 50.04
CA THR G 2107 71.05 50.22 50.61
C THR G 2107 70.81 51.62 51.16
N ILE G 2108 71.34 51.89 52.35
CA ILE G 2108 71.15 53.16 53.02
C ILE G 2108 72.51 53.73 53.41
N ASN G 2109 72.55 55.05 53.59
CA ASN G 2109 73.75 55.69 54.09
C ASN G 2109 73.92 55.38 55.58
N GLY G 2110 75.15 55.55 56.07
CA GLY G 2110 75.44 55.31 57.47
C GLY G 2110 74.75 56.27 58.41
N VAL G 2111 74.37 57.44 57.93
CA VAL G 2111 73.69 58.42 58.79
C VAL G 2111 72.29 57.95 59.17
N SER G 2112 71.66 57.14 58.31
CA SER G 2112 70.29 56.69 58.53
C SER G 2112 70.19 55.33 59.18
N VAL G 2113 71.30 54.78 59.68
CA VAL G 2113 71.29 53.43 60.26
C VAL G 2113 70.35 53.38 61.46
N GLU G 2114 70.43 54.38 62.34
CA GLU G 2114 69.66 54.33 63.58
C GLU G 2114 68.16 54.44 63.32
N ASP G 2115 67.75 55.35 62.45
CA ASP G 2115 66.32 55.51 62.21
C ASP G 2115 65.78 54.39 61.33
N THR G 2116 66.61 53.81 60.47
CA THR G 2116 66.21 52.60 59.77
C THR G 2116 65.99 51.45 60.75
N ILE G 2117 66.86 51.33 61.76
CA ILE G 2117 66.68 50.30 62.79
C ILE G 2117 65.39 50.54 63.56
N ASN G 2118 65.11 51.80 63.91
CA ASN G 2118 63.88 52.12 64.63
C ASN G 2118 62.65 51.77 63.80
N LEU G 2119 62.64 52.12 62.51
CA LEU G 2119 61.51 51.77 61.66
C LEU G 2119 61.38 50.27 61.49
N LEU G 2120 62.49 49.55 61.39
CA LEU G 2120 62.44 48.10 61.31
C LEU G 2120 61.85 47.48 62.57
N ALA G 2121 62.20 47.99 63.75
CA ALA G 2121 61.58 47.52 64.98
C ALA G 2121 60.08 47.81 65.01
N SER G 2122 59.68 49.02 64.58
CA SER G 2122 58.25 49.35 64.55
C SER G 2122 57.50 48.43 63.60
N LEU G 2123 58.07 48.18 62.42
CA LEU G 2123 57.46 47.27 61.46
C LEU G 2123 57.40 45.85 62.00
N GLY G 2124 58.43 45.44 62.74
CA GLY G 2124 58.40 44.12 63.38
C GLY G 2124 57.27 44.01 64.39
N GLN G 2125 57.06 45.06 65.19
CA GLN G 2125 55.94 45.05 66.13
C GLN G 2125 54.61 44.97 65.39
N ILE G 2126 54.44 45.77 64.33
CA ILE G 2126 53.18 45.76 63.59
C ILE G 2126 52.94 44.39 62.95
N ARG G 2127 53.98 43.81 62.36
CA ARG G 2127 53.86 42.51 61.72
C ARG G 2127 53.55 41.40 62.73
N SER G 2128 54.24 41.40 63.87
CA SER G 2128 54.01 40.40 64.91
C SER G 2128 52.63 40.53 65.55
N LEU G 2129 52.06 41.74 65.57
CA LEU G 2129 50.71 41.88 66.09
C LEU G 2129 49.65 41.29 65.16
N LEU G 2130 50.01 40.91 63.94
CA LEU G 2130 49.08 40.23 63.06
C LEU G 2130 48.74 38.83 63.57
N SER G 2131 49.71 38.15 64.17
CA SER G 2131 49.51 36.77 64.60
C SER G 2131 48.61 36.65 65.82
N VAL G 2132 48.28 37.77 66.46
CA VAL G 2132 47.40 37.75 67.62
C VAL G 2132 46.01 38.26 67.20
N ARG G 2133 45.04 38.06 68.09
CA ARG G 2133 43.66 38.41 67.78
C ARG G 2133 43.39 39.87 68.05
N MET G 2134 42.51 40.47 67.23
CA MET G 2134 42.17 41.87 67.36
C MET G 2134 41.57 42.15 68.74
N GLY G 2135 42.03 43.22 69.37
CA GLY G 2135 41.56 43.58 70.70
C GLY G 2135 41.90 45.01 71.04
N LYS G 2136 41.54 45.39 72.27
CA LYS G 2136 41.70 46.77 72.72
C LYS G 2136 43.18 47.15 72.79
N GLU G 2137 43.96 46.32 73.50
CA GLU G 2137 45.38 46.59 73.67
C GLU G 2137 46.13 46.50 72.35
N GLU G 2138 45.76 45.54 71.51
CA GLU G 2138 46.40 45.41 70.20
C GLU G 2138 46.10 46.62 69.32
N GLU G 2139 44.87 47.14 69.40
CA GLU G 2139 44.54 48.37 68.69
C GLU G 2139 45.41 49.53 69.16
N LYS G 2140 45.56 49.66 70.49
CA LYS G 2140 46.44 50.69 71.02
C LYS G 2140 47.87 50.52 70.51
N LEU G 2141 48.36 49.28 70.52
CA LEU G 2141 49.74 49.00 70.15
C LEU G 2141 50.01 49.34 68.69
N MET G 2142 49.10 48.93 67.78
CA MET G 2142 49.31 49.27 66.38
C MET G 2142 49.08 50.74 66.10
N ILE G 2143 48.22 51.41 66.88
CA ILE G 2143 48.11 52.86 66.74
C ILE G 2143 49.44 53.53 67.04
N ARG G 2144 50.05 53.16 68.16
CA ARG G 2144 51.35 53.73 68.51
C ARG G 2144 52.42 53.36 67.49
N GLY G 2145 52.46 52.11 67.04
CA GLY G 2145 53.41 51.66 66.06
C GLY G 2145 53.28 52.30 64.69
N LEU G 2146 52.06 52.61 64.25
CA LEU G 2146 51.85 53.33 63.02
C LEU G 2146 52.13 54.82 63.16
N GLY G 2147 51.97 55.37 64.37
CA GLY G 2147 52.41 56.73 64.61
C GLY G 2147 53.92 56.88 64.52
N ASP G 2148 54.65 55.91 65.11
CA ASP G 2148 56.10 55.94 65.04
C ASP G 2148 56.59 55.90 63.60
N ILE G 2149 55.95 55.05 62.80
CA ILE G 2149 56.37 54.86 61.41
C ILE G 2149 56.21 56.15 60.62
N MET G 2150 55.08 56.83 60.80
CA MET G 2150 54.90 58.15 60.19
C MET G 2150 55.94 59.14 60.68
N ASN G 2151 56.22 59.15 61.98
CA ASN G 2151 57.17 60.12 62.54
C ASN G 2151 58.59 59.88 62.03
N ASN G 2152 58.91 58.65 61.64
CA ASN G 2152 60.23 58.37 61.11
C ASN G 2152 60.45 59.05 59.76
N LYS G 2153 61.64 59.59 59.55
CA LYS G 2153 61.91 60.37 58.34
C LYS G 2153 62.18 59.48 57.12
N VAL G 2154 62.69 58.26 57.34
CA VAL G 2154 62.97 57.38 56.20
C VAL G 2154 61.68 56.96 55.51
N PHE G 2155 60.55 57.02 56.22
CA PHE G 2155 59.26 56.79 55.59
C PHE G 2155 59.04 57.76 54.43
N TYR G 2156 59.56 58.99 54.57
CA TYR G 2156 59.47 59.96 53.48
C TYR G 2156 60.65 59.81 52.53
N GLN G 2157 61.86 59.65 53.07
CA GLN G 2157 63.07 59.73 52.27
C GLN G 2157 63.22 58.53 51.34
N HIS G 2158 62.78 57.35 51.77
CA HIS G 2158 62.98 56.10 51.02
C HIS G 2158 61.64 55.39 50.85
N PRO G 2159 60.79 55.90 49.95
CA PRO G 2159 59.54 55.17 49.66
C PRO G 2159 59.77 53.81 49.05
N ASN G 2160 60.85 53.64 48.28
CA ASN G 2160 61.14 52.34 47.68
C ASN G 2160 61.43 51.29 48.74
N LEU G 2161 62.20 51.66 49.77
CA LEU G 2161 62.40 50.75 50.90
C LEU G 2161 61.08 50.44 51.59
N MET G 2162 60.22 51.44 51.73
CA MET G 2162 58.94 51.24 52.41
C MET G 2162 58.08 50.23 51.65
N ARG G 2163 58.07 50.33 50.32
CA ARG G 2163 57.32 49.39 49.49
C ARG G 2163 57.97 48.02 49.42
N ALA G 2164 59.31 47.95 49.45
CA ALA G 2164 59.99 46.65 49.40
C ALA G 2164 59.82 45.88 50.70
N LEU G 2165 59.78 46.59 51.83
CA LEU G 2165 59.54 45.94 53.11
C LEU G 2165 58.09 45.45 53.21
N GLY G 2166 57.26 45.85 52.25
CA GLY G 2166 55.91 45.37 52.19
C GLY G 2166 55.01 45.81 53.33
N MET G 2167 55.01 47.11 53.61
CA MET G 2167 54.21 47.63 54.72
C MET G 2167 52.78 47.88 54.28
N HIS G 2168 52.58 48.29 53.03
CA HIS G 2168 51.24 48.62 52.55
C HIS G 2168 50.31 47.42 52.60
N GLU G 2169 50.77 46.23 52.19
CA GLU G 2169 49.89 45.08 52.27
C GLU G 2169 49.74 44.56 53.70
N THR G 2170 50.72 44.82 54.58
CA THR G 2170 50.52 44.49 55.99
C THR G 2170 49.38 45.32 56.58
N VAL G 2171 49.38 46.62 56.32
CA VAL G 2171 48.28 47.47 56.78
C VAL G 2171 46.98 47.07 56.08
N MET G 2172 47.07 46.68 54.80
CA MET G 2172 45.91 46.18 54.07
C MET G 2172 45.30 44.97 54.76
N GLU G 2173 46.15 44.02 55.15
CA GLU G 2173 45.70 42.80 55.83
C GLU G 2173 45.11 43.11 57.20
N VAL G 2174 45.70 44.04 57.94
CA VAL G 2174 45.13 44.43 59.23
C VAL G 2174 43.73 45.01 59.02
N MET G 2175 43.57 45.90 58.03
CA MET G 2175 42.24 46.42 57.73
C MET G 2175 41.28 45.33 57.30
N VAL G 2176 41.75 44.37 56.51
CA VAL G 2176 40.89 43.27 56.08
C VAL G 2176 40.41 42.48 57.30
N ASN G 2177 41.32 42.18 58.24
CA ASN G 2177 40.92 41.45 59.43
C ASN G 2177 39.87 42.23 60.22
N VAL G 2178 40.11 43.52 60.46
CA VAL G 2178 39.18 44.32 61.26
C VAL G 2178 37.82 44.42 60.57
N LEU G 2179 37.82 44.65 59.26
CA LEU G 2179 36.58 44.85 58.52
C LEU G 2179 35.86 43.54 58.23
N GLY G 2180 36.54 42.40 58.33
CA GLY G 2180 35.91 41.13 58.11
C GLY G 2180 35.38 40.51 59.38
N GLY G 2181 36.01 40.83 60.51
CA GLY G 2181 35.50 40.38 61.79
C GLY G 2181 34.16 41.00 62.11
N GLY G 2182 33.10 40.20 62.06
CA GLY G 2182 31.76 40.70 62.33
C GLY G 2182 31.25 41.68 61.30
N GLU G 2183 31.26 41.28 60.02
CA GLU G 2183 30.73 42.14 58.96
C GLU G 2183 29.26 42.44 59.19
N SER G 2184 28.49 41.45 59.67
CA SER G 2184 27.08 41.65 59.91
C SER G 2184 26.82 42.68 61.01
N LYS G 2185 27.62 42.66 62.08
CA LYS G 2185 27.44 43.56 63.21
C LYS G 2185 28.16 44.90 63.01
N GLU G 2186 27.93 45.54 61.87
CA GLU G 2186 28.50 46.85 61.51
C GLU G 2186 30.03 46.72 61.58
N ILE G 2187 30.73 47.63 62.25
CA ILE G 2187 32.20 47.62 62.30
C ILE G 2187 32.63 47.63 63.76
N THR G 2188 33.54 46.72 64.10
CA THR G 2188 34.20 46.71 65.40
C THR G 2188 35.56 47.37 65.29
N PHE G 2189 35.99 47.99 66.38
CA PHE G 2189 37.22 48.77 66.42
C PHE G 2189 37.26 49.81 65.31
N PRO G 2190 36.42 50.85 65.38
CA PRO G 2190 36.35 51.85 64.32
C PRO G 2190 37.56 52.77 64.23
N LYS G 2191 38.53 52.62 65.13
CA LYS G 2191 39.74 53.42 65.13
C LYS G 2191 40.89 52.73 64.41
N MET G 2192 40.91 51.40 64.46
CA MET G 2192 41.85 50.60 63.67
C MET G 2192 41.73 50.96 62.19
N VAL G 2193 40.49 50.97 61.69
CA VAL G 2193 40.24 51.30 60.29
C VAL G 2193 40.64 52.73 59.96
N ALA G 2194 40.31 53.68 60.84
CA ALA G 2194 40.65 55.08 60.58
C ALA G 2194 42.17 55.28 60.50
N ASN G 2195 42.91 54.71 61.46
CA ASN G 2195 44.36 54.83 61.42
C ASN G 2195 44.94 54.15 60.19
N CYS G 2196 44.44 52.97 59.83
CA CYS G 2196 44.95 52.26 58.66
C CYS G 2196 44.70 53.05 57.39
N CYS G 2197 43.50 53.62 57.25
CA CYS G 2197 43.17 54.39 56.05
C CYS G 2197 43.99 55.66 55.97
N ARG G 2198 44.19 56.34 57.11
CA ARG G 2198 45.06 57.52 57.11
C ARG G 2198 46.48 57.16 56.69
N PHE G 2199 47.00 56.04 57.21
CA PHE G 2199 48.34 55.62 56.87
C PHE G 2199 48.46 55.30 55.39
N LEU G 2200 47.47 54.61 54.82
CA LEU G 2200 47.53 54.27 53.40
C LEU G 2200 47.37 55.51 52.52
N CYS G 2201 46.54 56.47 52.93
CA CYS G 2201 46.45 57.72 52.18
C CYS G 2201 47.78 58.45 52.18
N TYR G 2202 48.45 58.51 53.33
CA TYR G 2202 49.77 59.14 53.39
C TYR G 2202 50.78 58.40 52.54
N PHE G 2203 50.74 57.06 52.57
CA PHE G 2203 51.62 56.25 51.73
C PHE G 2203 51.38 56.53 50.26
N CYS G 2204 50.12 56.70 49.86
CA CYS G 2204 49.80 57.11 48.50
C CYS G 2204 50.43 58.46 48.18
N ARG G 2205 50.27 59.43 49.07
CA ARG G 2205 50.77 60.78 48.79
C ARG G 2205 52.30 60.84 48.77
N ILE G 2206 52.97 59.87 49.40
CA ILE G 2206 54.43 59.91 49.44
C ILE G 2206 55.02 59.81 48.05
N SER G 2207 54.61 58.82 47.26
CA SER G 2207 55.23 58.58 45.97
C SER G 2207 54.19 58.15 44.95
N ARG G 2208 54.53 58.34 43.67
CA ARG G 2208 53.62 57.96 42.60
C ARG G 2208 53.60 56.45 42.39
N GLN G 2209 54.74 55.77 42.54
CA GLN G 2209 54.77 54.33 42.48
C GLN G 2209 54.00 53.69 43.63
N ASN G 2210 53.97 54.34 44.79
CA ASN G 2210 53.15 53.87 45.89
C ASN G 2210 51.67 53.91 45.52
N GLN G 2211 51.26 54.94 44.76
CA GLN G 2211 49.88 54.97 44.26
C GLN G 2211 49.61 53.80 43.33
N LYS G 2212 50.57 53.45 42.47
CA LYS G 2212 50.40 52.31 41.58
C LYS G 2212 50.28 51.01 42.37
N ALA G 2213 51.09 50.87 43.42
CA ALA G 2213 50.99 49.68 44.27
C ALA G 2213 49.64 49.62 44.98
N MET G 2214 49.15 50.78 45.44
CA MET G 2214 47.86 50.83 46.12
C MET G 2214 46.69 50.59 45.17
N PHE G 2215 46.83 50.94 43.90
CA PHE G 2215 45.71 50.88 42.96
C PHE G 2215 45.25 49.45 42.71
N ASP G 2216 46.11 48.46 42.96
CA ASP G 2216 45.74 47.06 42.79
C ASP G 2216 44.73 46.59 43.82
N HIS G 2217 44.51 47.36 44.90
CA HIS G 2217 43.52 47.04 45.91
C HIS G 2217 42.25 47.87 45.76
N LEU G 2218 42.04 48.46 44.58
CA LEU G 2218 40.86 49.31 44.39
C LEU G 2218 39.56 48.53 44.53
N SER G 2219 39.54 47.29 44.03
CA SER G 2219 38.31 46.51 44.03
C SER G 2219 37.80 46.25 45.44
N TYR G 2220 38.68 45.81 46.34
CA TYR G 2220 38.25 45.52 47.71
C TYR G 2220 37.92 46.80 48.46
N LEU G 2221 38.71 47.86 48.25
CA LEU G 2221 38.43 49.14 48.90
C LEU G 2221 37.08 49.69 48.46
N LEU G 2222 36.76 49.59 47.17
CA LEU G 2222 35.45 50.03 46.70
C LEU G 2222 34.35 49.12 47.22
N GLU G 2223 34.65 47.84 47.43
CA GLU G 2223 33.67 46.93 48.04
C GLU G 2223 33.36 47.36 49.47
N ASN G 2224 34.38 47.78 50.22
CA ASN G 2224 34.22 48.22 51.59
C ASN G 2224 34.15 49.74 51.73
N SER G 2225 33.76 50.43 50.65
CA SER G 2225 33.71 51.90 50.68
C SER G 2225 32.64 52.43 51.62
N SER G 2226 31.69 51.60 52.04
CA SER G 2226 30.59 52.05 52.87
C SER G 2226 30.85 51.91 54.37
N VAL G 2227 32.11 51.81 54.79
CA VAL G 2227 32.44 51.56 56.19
C VAL G 2227 32.13 52.77 57.06
N GLY G 2228 32.78 53.90 56.76
CA GLY G 2228 32.66 55.06 57.63
C GLY G 2228 32.33 56.36 56.92
N LEU G 2229 31.62 56.27 55.80
CA LEU G 2229 31.25 57.46 55.05
C LEU G 2229 30.24 58.34 55.79
N ALA G 2230 29.27 57.73 56.47
CA ALA G 2230 28.20 58.50 57.11
C ALA G 2230 28.73 59.34 58.27
N SER G 2231 29.59 58.76 59.09
CA SER G 2231 30.05 59.44 60.28
C SER G 2231 31.10 60.50 59.90
N PRO G 2232 30.85 61.78 60.21
CA PRO G 2232 31.87 62.81 59.94
C PRO G 2232 33.01 62.73 60.95
N ALA G 2233 33.99 63.62 60.79
CA ALA G 2233 35.24 63.61 61.54
C ALA G 2233 36.09 62.39 61.17
N MET G 2234 35.55 61.53 60.31
CA MET G 2234 36.29 60.46 59.67
C MET G 2234 36.70 60.84 58.24
N ARG G 2235 36.51 62.10 57.84
CA ARG G 2235 36.78 62.51 56.47
C ARG G 2235 38.27 62.41 56.16
N GLY G 2236 38.60 61.78 55.05
CA GLY G 2236 39.98 61.47 54.71
C GLY G 2236 40.54 60.20 55.32
N SER G 2237 39.75 59.48 56.11
CA SER G 2237 40.20 58.24 56.73
C SER G 2237 39.25 57.08 56.49
N THR G 2238 38.58 57.05 55.33
CA THR G 2238 37.76 55.92 54.94
C THR G 2238 38.42 55.17 53.78
N PRO G 2239 38.07 53.89 53.57
CA PRO G 2239 38.61 53.17 52.42
C PRO G 2239 38.31 53.86 51.09
N LEU G 2240 37.17 54.55 51.01
CA LEU G 2240 36.89 55.36 49.83
C LEU G 2240 37.92 56.48 49.68
N ASP G 2241 38.34 57.07 50.79
CA ASP G 2241 39.40 58.08 50.72
C ASP G 2241 40.72 57.47 50.28
N VAL G 2242 41.02 56.24 50.70
CA VAL G 2242 42.22 55.57 50.24
C VAL G 2242 42.16 55.34 48.74
N ALA G 2243 41.00 54.91 48.24
CA ALA G 2243 40.82 54.74 46.80
C ALA G 2243 41.00 56.06 46.06
N ALA G 2244 40.42 57.14 46.59
CA ALA G 2244 40.55 58.45 45.97
C ALA G 2244 42.00 58.90 45.93
N ALA G 2245 42.74 58.69 47.02
CA ALA G 2245 44.15 59.01 47.06
C ALA G 2245 44.98 58.16 46.11
N SER G 2246 44.63 56.88 45.93
CA SER G 2246 45.32 56.05 44.96
C SER G 2246 45.09 56.55 43.54
N VAL G 2247 43.87 56.96 43.22
CA VAL G 2247 43.55 57.45 41.88
C VAL G 2247 43.74 58.95 41.76
N MET G 2248 44.32 59.61 42.76
CA MET G 2248 44.40 61.06 42.79
C MET G 2248 45.51 61.63 41.93
N ASP G 2249 45.16 62.50 40.99
CA ASP G 2249 46.12 63.26 40.18
C ASP G 2249 47.15 62.34 39.52
N ASN G 2250 46.65 61.24 38.96
CA ASN G 2250 47.49 60.28 38.24
C ASN G 2250 46.72 59.90 36.98
N ASN G 2251 47.11 60.48 35.84
CA ASN G 2251 46.42 60.20 34.60
C ASN G 2251 46.56 58.73 34.20
N GLU G 2252 47.72 58.14 34.48
CA GLU G 2252 47.94 56.73 34.14
C GLU G 2252 46.95 55.84 34.87
N LEU G 2253 46.84 55.99 36.19
CA LEU G 2253 45.90 55.21 36.98
C LEU G 2253 44.45 55.54 36.64
N ALA G 2254 44.15 56.81 36.38
CA ALA G 2254 42.78 57.17 35.98
C ALA G 2254 42.38 56.51 34.68
N LEU G 2255 43.30 56.47 33.71
CA LEU G 2255 43.01 55.79 32.44
C LEU G 2255 42.94 54.28 32.60
N ALA G 2256 43.79 53.71 33.46
CA ALA G 2256 43.75 52.27 33.68
C ALA G 2256 42.54 51.85 34.49
N LEU G 2257 41.91 52.79 35.19
CA LEU G 2257 40.70 52.49 35.95
C LEU G 2257 39.62 51.93 35.03
N ARG G 2258 39.00 50.83 35.47
CA ARG G 2258 38.06 50.09 34.63
C ARG G 2258 36.64 50.60 34.80
N GLU G 2259 35.75 50.08 33.96
CA GLU G 2259 34.34 50.47 33.95
C GLU G 2259 33.54 49.82 35.08
N PRO G 2260 33.71 48.53 35.39
CA PRO G 2260 32.98 47.96 36.53
C PRO G 2260 33.29 48.67 37.86
N ASP G 2261 34.51 49.18 38.01
CA ASP G 2261 34.85 49.94 39.21
C ASP G 2261 33.97 51.18 39.34
N LEU G 2262 33.76 51.88 38.22
CA LEU G 2262 32.83 53.00 38.20
C LEU G 2262 31.39 52.55 38.42
N GLU G 2263 31.01 51.40 37.85
CA GLU G 2263 29.66 50.89 38.01
C GLU G 2263 29.33 50.60 39.47
N LYS G 2264 30.29 50.08 40.22
CA LYS G 2264 30.07 49.81 41.64
C LYS G 2264 29.73 51.09 42.40
N VAL G 2265 30.49 52.17 42.14
CA VAL G 2265 30.23 53.45 42.78
C VAL G 2265 28.89 54.01 42.33
N VAL G 2266 28.55 53.81 41.06
CA VAL G 2266 27.26 54.29 40.55
C VAL G 2266 26.11 53.58 41.25
N ARG G 2267 26.23 52.26 41.45
CA ARG G 2267 25.19 51.53 42.17
C ARG G 2267 25.09 51.99 43.61
N TYR G 2268 26.24 52.23 44.27
CA TYR G 2268 26.20 52.75 45.63
C TYR G 2268 25.50 54.11 45.69
N LEU G 2269 25.80 54.99 44.75
CA LEU G 2269 25.14 56.29 44.71
C LEU G 2269 23.65 56.17 44.45
N ALA G 2270 23.25 55.26 43.56
CA ALA G 2270 21.84 55.04 43.30
C ALA G 2270 21.11 54.54 44.54
N GLY G 2271 21.71 53.59 45.25
CA GLY G 2271 21.11 53.12 46.49
C GLY G 2271 21.01 54.22 47.53
N CYS G 2272 22.05 55.05 47.63
CA CYS G 2272 22.06 56.17 48.56
C CYS G 2272 21.01 57.22 48.21
N GLY G 2273 20.74 57.44 46.93
CA GLY G 2273 19.72 58.37 46.52
C GLY G 2273 18.32 57.82 46.71
N LEU G 2274 18.15 56.51 46.52
CA LEU G 2274 16.83 55.90 46.71
C LEU G 2274 16.47 55.82 48.18
N GLN G 2275 17.39 55.36 49.02
CA GLN G 2275 17.10 55.08 50.42
C GLN G 2275 17.67 56.16 51.33
N SER G 2276 17.18 56.16 52.58
CA SER G 2276 17.64 57.08 53.60
C SER G 2276 18.75 56.43 54.43
N CYS G 2277 19.45 57.24 55.21
CA CYS G 2277 20.49 56.74 56.09
C CYS G 2277 19.87 56.07 57.31
N GLN G 2278 20.42 54.91 57.69
CA GLN G 2278 19.89 54.17 58.82
C GLN G 2278 20.42 54.71 60.15
N MET G 2279 21.72 55.00 60.23
CA MET G 2279 22.27 55.46 61.50
C MET G 2279 21.77 56.85 61.87
N LEU G 2280 21.53 57.72 60.89
CA LEU G 2280 21.03 59.06 61.20
C LEU G 2280 19.63 59.00 61.79
N VAL G 2281 18.74 58.21 61.17
CA VAL G 2281 17.39 58.09 61.71
C VAL G 2281 17.41 57.32 63.04
N SER G 2282 18.37 56.42 63.23
CA SER G 2282 18.53 55.77 64.52
C SER G 2282 19.00 56.73 65.61
N LYS G 2283 19.89 57.67 65.28
CA LYS G 2283 20.32 58.70 66.20
C LYS G 2283 19.31 59.83 66.35
N GLY G 2284 18.28 59.85 65.51
CA GLY G 2284 17.17 60.77 65.68
C GLY G 2284 17.00 61.81 64.59
N TYR G 2285 17.83 61.79 63.56
CA TYR G 2285 17.71 62.77 62.49
C TYR G 2285 16.40 62.56 61.73
N PRO G 2286 15.79 63.63 61.21
CA PRO G 2286 14.58 63.47 60.42
C PRO G 2286 14.83 62.63 59.17
N ASP G 2287 13.83 61.81 58.83
CA ASP G 2287 13.98 60.82 57.77
C ASP G 2287 13.50 61.41 56.45
N ILE G 2288 14.44 62.02 55.73
CA ILE G 2288 14.19 62.38 54.34
C ILE G 2288 14.34 61.14 53.47
N GLY G 2289 13.92 61.26 52.20
CA GLY G 2289 13.94 60.11 51.32
C GLY G 2289 15.34 59.61 51.01
N TRP G 2290 16.29 60.53 50.89
CA TRP G 2290 17.60 60.21 50.35
C TRP G 2290 18.72 60.50 51.34
N ASN G 2291 19.96 60.23 50.91
CA ASN G 2291 21.12 60.20 51.80
C ASN G 2291 22.22 61.13 51.31
N PRO G 2292 22.17 62.42 51.68
CA PRO G 2292 23.17 63.37 51.16
C PRO G 2292 24.58 63.11 51.65
N VAL G 2293 24.75 62.76 52.93
CA VAL G 2293 26.09 62.59 53.49
C VAL G 2293 26.80 61.44 52.80
N GLU G 2294 26.10 60.31 52.61
CA GLU G 2294 26.68 59.21 51.84
C GLU G 2294 26.89 59.59 50.38
N GLY G 2295 25.93 60.30 49.78
CA GLY G 2295 26.04 60.59 48.36
C GLY G 2295 27.22 61.48 48.02
N GLU G 2296 27.52 62.46 48.87
CA GLU G 2296 28.60 63.40 48.58
C GLU G 2296 29.96 62.69 48.54
N ARG G 2297 30.19 61.77 49.47
CA ARG G 2297 31.47 61.05 49.50
C ARG G 2297 31.67 60.23 48.23
N TYR G 2298 30.63 59.55 47.77
CA TYR G 2298 30.70 58.82 46.51
C TYR G 2298 30.89 59.75 45.32
N LEU G 2299 30.26 60.93 45.33
CA LEU G 2299 30.43 61.88 44.24
C LEU G 2299 31.85 62.41 44.17
N ASP G 2300 32.51 62.58 45.31
CA ASP G 2300 33.89 63.08 45.31
C ASP G 2300 34.82 62.10 44.60
N PHE G 2301 34.64 60.80 44.84
CA PHE G 2301 35.48 59.81 44.16
C PHE G 2301 35.26 59.83 42.66
N LEU G 2302 34.00 59.96 42.23
CA LEU G 2302 33.72 60.05 40.80
C LEU G 2302 34.34 61.31 40.19
N ARG G 2303 34.28 62.43 40.91
CA ARG G 2303 34.96 63.64 40.47
C ARG G 2303 36.46 63.43 40.30
N PHE G 2304 37.11 62.81 41.29
CA PHE G 2304 38.54 62.53 41.20
C PHE G 2304 38.87 61.56 40.08
N ALA G 2305 37.98 60.64 39.76
CA ALA G 2305 38.22 59.69 38.67
C ALA G 2305 38.07 60.35 37.31
N VAL G 2306 37.07 61.22 37.16
CA VAL G 2306 36.79 61.78 35.83
C VAL G 2306 37.71 62.96 35.54
N PHE G 2307 38.14 63.68 36.56
CA PHE G 2307 38.87 64.93 36.39
C PHE G 2307 40.25 64.77 37.04
N CYS G 2308 41.30 65.07 36.28
CA CYS G 2308 42.66 64.92 36.77
C CYS G 2308 43.57 65.95 36.13
N ASN G 2309 44.34 66.65 36.96
CA ASN G 2309 45.36 67.61 36.52
C ASN G 2309 44.80 68.73 35.67
N GLY G 2310 43.57 69.16 35.95
CA GLY G 2310 43.00 70.30 35.25
C GLY G 2310 42.27 69.94 33.98
N GLU G 2311 42.54 68.75 33.45
CA GLU G 2311 41.93 68.32 32.20
C GLU G 2311 41.01 67.12 32.48
N SER G 2312 39.89 67.06 31.78
CA SER G 2312 38.84 66.08 32.04
C SER G 2312 39.11 64.81 31.24
N VAL G 2313 39.26 63.69 31.95
CA VAL G 2313 39.48 62.40 31.31
C VAL G 2313 38.19 62.01 30.59
N GLU G 2314 38.23 62.08 29.25
CA GLU G 2314 37.01 61.89 28.46
C GLU G 2314 36.47 60.46 28.58
N GLU G 2315 37.36 59.46 28.57
CA GLU G 2315 36.92 58.07 28.65
C GLU G 2315 36.21 57.79 29.97
N ASN G 2316 36.74 58.28 31.08
CA ASN G 2316 36.12 58.09 32.38
C ASN G 2316 34.94 59.04 32.61
N ALA G 2317 34.82 60.10 31.83
CA ALA G 2317 33.69 61.01 31.97
C ALA G 2317 32.46 60.49 31.22
N ASN G 2318 32.67 59.96 30.00
CA ASN G 2318 31.55 59.43 29.24
C ASN G 2318 30.89 58.25 29.93
N VAL G 2319 31.69 57.34 30.49
CA VAL G 2319 31.14 56.18 31.18
C VAL G 2319 30.32 56.62 32.39
N VAL G 2320 30.86 57.57 33.16
CA VAL G 2320 30.17 58.05 34.36
C VAL G 2320 28.85 58.73 33.99
N VAL G 2321 28.87 59.58 32.96
CA VAL G 2321 27.62 60.26 32.61
C VAL G 2321 26.61 59.27 32.08
N ARG G 2322 27.04 58.28 31.29
CA ARG G 2322 26.10 57.25 30.83
C ARG G 2322 25.51 56.46 31.99
N LEU G 2323 26.33 56.09 32.98
CA LEU G 2323 25.80 55.29 34.09
C LEU G 2323 24.84 56.10 34.95
N LEU G 2324 25.22 57.32 35.31
CA LEU G 2324 24.32 58.17 36.10
C LEU G 2324 23.08 58.58 35.34
N ILE G 2325 23.08 58.49 34.00
CA ILE G 2325 21.87 58.80 33.26
C ILE G 2325 21.04 57.56 33.00
N ARG G 2326 21.66 56.38 32.96
CA ARG G 2326 20.90 55.13 32.97
C ARG G 2326 20.15 54.97 34.28
N ARG G 2327 20.78 55.33 35.39
CA ARG G 2327 20.13 55.30 36.70
C ARG G 2327 19.93 56.73 37.17
N PRO G 2328 18.81 57.37 36.82
CA PRO G 2328 18.65 58.81 37.11
C PRO G 2328 18.36 59.13 38.55
N GLU G 2329 18.10 58.14 39.41
CA GLU G 2329 17.85 58.42 40.82
C GLU G 2329 19.12 58.90 41.53
N CYS G 2330 20.28 58.75 40.89
CA CYS G 2330 21.53 59.25 41.44
C CYS G 2330 21.57 60.77 41.53
N PHE G 2331 20.66 61.46 40.84
CA PHE G 2331 20.72 62.92 40.71
C PHE G 2331 20.00 63.64 41.83
N GLY G 2332 19.46 62.92 42.80
CA GLY G 2332 18.70 63.53 43.88
C GLY G 2332 17.23 63.63 43.52
N PRO G 2333 16.36 63.76 44.54
CA PRO G 2333 14.92 63.87 44.25
C PRO G 2333 14.56 65.07 43.42
N ALA G 2334 15.27 66.19 43.59
CA ALA G 2334 14.91 67.41 42.87
C ALA G 2334 15.18 67.28 41.38
N LEU G 2335 16.35 66.76 41.01
CA LEU G 2335 16.73 66.61 39.62
C LEU G 2335 16.35 65.23 39.07
N ARG G 2336 15.66 64.42 39.86
CA ARG G 2336 15.25 63.10 39.39
C ARG G 2336 14.29 63.21 38.21
N GLY G 2337 13.30 64.10 38.31
CA GLY G 2337 12.48 64.46 37.16
C GLY G 2337 11.13 63.77 37.04
N GLU G 2338 10.66 63.07 38.08
CA GLU G 2338 9.31 62.50 38.04
C GLU G 2338 8.34 63.43 38.77
N GLY G 2339 8.72 64.71 38.76
CA GLY G 2339 7.98 65.71 39.51
C GLY G 2339 8.82 66.46 40.51
N GLY G 2340 10.15 66.39 40.39
CA GLY G 2340 11.00 67.13 41.29
C GLY G 2340 10.85 68.63 41.08
N ASN G 2341 11.00 69.38 42.16
CA ASN G 2341 10.82 70.83 42.10
C ASN G 2341 11.88 71.49 41.21
N GLY G 2342 13.12 71.03 41.31
CA GLY G 2342 14.20 71.61 40.52
C GLY G 2342 15.42 71.93 41.36
N LEU G 2343 16.55 72.22 40.70
CA LEU G 2343 17.78 72.49 41.42
C LEU G 2343 17.66 73.75 42.28
N LEU G 2344 17.16 74.84 41.68
CA LEU G 2344 16.99 76.08 42.44
C LEU G 2344 15.98 75.93 43.56
N ALA G 2345 14.83 75.31 43.28
CA ALA G 2345 13.81 75.15 44.31
C ALA G 2345 14.34 74.32 45.48
N ALA G 2346 15.08 73.25 45.18
CA ALA G 2346 15.73 72.48 46.24
C ALA G 2346 16.77 73.32 46.96
N MET G 2347 17.42 74.24 46.25
CA MET G 2347 18.41 75.10 46.88
C MET G 2347 17.78 75.95 47.98
N GLU G 2348 16.70 76.67 47.65
CA GLU G 2348 16.05 77.45 48.71
C GLU G 2348 15.34 76.55 49.73
N GLU G 2349 14.89 75.36 49.33
CA GLU G 2349 14.30 74.46 50.31
C GLU G 2349 15.33 74.03 51.35
N ALA G 2350 16.55 73.74 50.90
CA ALA G 2350 17.62 73.43 51.83
C ALA G 2350 18.03 74.64 52.66
N ILE G 2351 17.92 75.85 52.10
CA ILE G 2351 18.04 77.05 52.93
C ILE G 2351 17.02 77.03 54.05
N LYS G 2352 15.76 76.75 53.72
CA LYS G 2352 14.69 76.69 54.71
C LYS G 2352 15.01 75.66 55.80
N ILE G 2353 15.46 74.48 55.39
CA ILE G 2353 15.83 73.43 56.34
C ILE G 2353 16.99 73.88 57.21
N ALA G 2354 17.95 74.61 56.64
CA ALA G 2354 19.09 75.14 57.37
C ALA G 2354 18.67 76.13 58.45
N GLU G 2355 17.75 77.04 58.16
CA GLU G 2355 17.25 77.91 59.23
C GLU G 2355 16.38 77.18 60.24
N ASP G 2356 15.58 76.20 59.82
CA ASP G 2356 14.72 75.52 60.78
C ASP G 2356 15.55 74.54 61.61
N PRO G 2357 15.52 74.64 62.94
CA PRO G 2357 16.33 73.74 63.77
C PRO G 2357 15.83 72.30 63.76
N SER G 2358 14.52 72.12 63.71
CA SER G 2358 13.94 70.78 63.80
C SER G 2358 14.34 69.93 62.59
N ARG G 2359 14.27 70.49 61.39
CA ARG G 2359 14.59 69.72 60.19
C ARG G 2359 16.10 69.54 60.04
N ASP G 2360 16.89 70.38 60.71
CA ASP G 2360 18.34 70.35 60.53
C ASP G 2360 18.99 69.36 61.50
N GLY G 2361 18.76 69.52 62.80
CA GLY G 2361 19.33 68.65 63.79
C GLY G 2361 18.42 67.48 64.12
N PRO G 2362 18.97 66.47 64.80
CA PRO G 2362 18.14 65.32 65.18
C PRO G 2362 16.97 65.69 66.08
N SER G 2363 17.15 66.64 66.99
CA SER G 2363 16.12 67.07 67.93
C SER G 2363 15.49 65.88 68.67
N PRO G 2364 16.23 65.24 69.59
CA PRO G 2364 15.73 64.07 70.33
C PRO G 2364 14.52 64.40 71.21
N GLU G 2377 29.92 68.40 67.33
CA GLU G 2377 29.92 69.54 66.41
C GLU G 2377 29.16 69.21 65.14
N GLU G 2378 29.80 69.42 63.99
CA GLU G 2378 29.15 69.15 62.72
C GLU G 2378 28.89 67.65 62.54
N ASP G 2379 29.58 66.81 63.33
CA ASP G 2379 29.28 65.38 63.31
C ASP G 2379 28.14 65.03 64.26
N ASP G 2380 28.11 65.68 65.42
CA ASP G 2380 27.00 65.46 66.34
C ASP G 2380 25.75 66.20 65.89
N THR G 2381 25.92 67.32 65.19
CA THR G 2381 24.84 68.17 64.74
C THR G 2381 24.85 68.29 63.22
N ILE G 2382 24.94 67.15 62.52
CA ILE G 2382 24.99 67.12 61.07
C ILE G 2382 23.85 67.95 60.52
N HIS G 2383 24.19 69.02 59.80
CA HIS G 2383 23.20 69.99 59.34
C HIS G 2383 22.61 69.48 58.04
N MET G 2384 21.36 69.01 58.11
CA MET G 2384 20.73 68.36 56.97
C MET G 2384 20.67 69.29 55.77
N GLY G 2385 20.38 70.57 56.01
CA GLY G 2385 20.41 71.54 54.93
C GLY G 2385 21.76 71.58 54.24
N ASN G 2386 22.83 71.83 55.02
CA ASN G 2386 24.17 71.90 54.44
C ASN G 2386 24.53 70.61 53.73
N ALA G 2387 24.08 69.46 54.24
CA ALA G 2387 24.37 68.19 53.59
C ALA G 2387 23.69 68.11 52.22
N ILE G 2388 22.41 68.49 52.15
CA ILE G 2388 21.71 68.51 50.87
C ILE G 2388 22.42 69.44 49.90
N MET G 2389 22.81 70.60 50.40
CA MET G 2389 23.41 71.65 49.60
C MET G 2389 24.77 71.21 49.06
N THR G 2390 25.56 70.55 49.91
CA THR G 2390 26.86 70.04 49.50
C THR G 2390 26.70 68.90 48.49
N PHE G 2391 25.68 68.06 48.68
CA PHE G 2391 25.42 67.01 47.70
C PHE G 2391 25.11 67.60 46.32
N TYR G 2392 24.23 68.60 46.28
CA TYR G 2392 23.89 69.19 45.00
C TYR G 2392 25.09 69.91 44.38
N SER G 2393 25.88 70.60 45.20
CA SER G 2393 27.09 71.24 44.68
C SER G 2393 28.07 70.22 44.13
N ALA G 2394 28.24 69.09 44.82
CA ALA G 2394 29.12 68.04 44.34
C ALA G 2394 28.63 67.42 43.04
N LEU G 2395 27.33 67.19 42.93
CA LEU G 2395 26.77 66.67 41.68
C LEU G 2395 27.00 67.64 40.52
N ILE G 2396 26.75 68.93 40.78
CA ILE G 2396 26.95 69.95 39.74
C ILE G 2396 28.42 69.99 39.34
N ASP G 2397 29.32 69.94 40.32
CA ASP G 2397 30.76 69.97 40.03
C ASP G 2397 31.17 68.74 39.22
N LEU G 2398 30.65 67.56 39.59
CA LEU G 2398 30.99 66.35 38.85
C LEU G 2398 30.52 66.43 37.41
N LEU G 2399 29.30 66.93 37.18
CA LEU G 2399 28.81 67.08 35.82
C LEU G 2399 29.66 68.07 35.03
N GLY G 2400 29.99 69.21 35.65
CA GLY G 2400 30.79 70.21 34.96
C GLY G 2400 32.18 69.70 34.62
N ARG G 2401 32.77 68.90 35.52
CA ARG G 2401 34.07 68.32 35.23
C ARG G 2401 33.97 67.24 34.16
N CYS G 2402 32.85 66.50 34.14
CA CYS G 2402 32.63 65.52 33.09
C CYS G 2402 32.36 66.18 31.74
N ALA G 2403 32.04 67.47 31.73
CA ALA G 2403 31.82 68.16 30.46
C ALA G 2403 33.09 68.14 29.62
N PRO G 2404 32.97 67.98 28.30
CA PRO G 2404 34.16 67.90 27.45
C PRO G 2404 34.85 69.25 27.30
N GLU G 2405 36.09 69.20 26.81
CA GLU G 2405 36.86 70.42 26.62
C GLU G 2405 36.38 71.20 25.40
N MET G 2406 36.82 72.46 25.30
CA MET G 2406 36.38 73.33 24.22
C MET G 2406 36.99 72.92 22.89
N HIS G 2407 38.18 72.31 22.90
CA HIS G 2407 38.83 71.96 21.65
C HIS G 2407 38.12 70.80 20.95
N LEU G 2408 37.59 69.85 21.71
CA LEU G 2408 36.79 68.79 21.11
C LEU G 2408 35.52 69.32 20.46
N ILE G 2409 34.85 70.29 21.09
CA ILE G 2409 33.68 70.89 20.47
C ILE G 2409 34.06 71.69 19.23
N HIS G 2410 35.21 72.37 19.25
CA HIS G 2410 35.68 73.02 18.03
C HIS G 2410 35.91 72.01 16.91
N ALA G 2411 36.56 70.89 17.24
CA ALA G 2411 36.77 69.84 16.25
C ALA G 2411 35.46 69.24 15.78
N GLY G 2412 34.41 69.33 16.59
CA GLY G 2412 33.12 68.82 16.21
C GLY G 2412 32.88 67.36 16.52
N LYS G 2413 33.50 66.84 17.58
CA LYS G 2413 33.32 65.44 17.94
C LYS G 2413 31.87 65.19 18.31
N GLY G 2414 31.25 64.23 17.63
CA GLY G 2414 29.84 63.97 17.84
C GLY G 2414 29.52 63.55 19.26
N GLU G 2415 30.37 62.69 19.83
CA GLU G 2415 30.16 62.24 21.20
C GLU G 2415 30.27 63.40 22.19
N ALA G 2416 31.27 64.28 21.99
CA ALA G 2416 31.42 65.42 22.90
C ALA G 2416 30.24 66.37 22.81
N ILE G 2417 29.78 66.66 21.59
CA ILE G 2417 28.62 67.52 21.41
C ILE G 2417 27.39 66.89 22.05
N ARG G 2418 27.24 65.58 21.89
CA ARG G 2418 26.13 64.85 22.49
C ARG G 2418 26.17 64.95 24.01
N ILE G 2419 27.35 64.75 24.61
CA ILE G 2419 27.46 64.78 26.06
C ILE G 2419 27.15 66.19 26.58
N ARG G 2420 27.64 67.22 25.88
CA ARG G 2420 27.30 68.59 26.27
C ARG G 2420 25.81 68.87 26.17
N SER G 2421 25.15 68.41 25.11
CA SER G 2421 23.71 68.59 24.98
C SER G 2421 22.97 67.88 26.10
N ILE G 2422 23.38 66.65 26.44
CA ILE G 2422 22.75 65.94 27.54
C ILE G 2422 22.94 66.69 28.85
N LEU G 2423 24.13 67.23 29.09
CA LEU G 2423 24.37 67.98 30.32
C LEU G 2423 23.50 69.22 30.40
N ARG G 2424 23.36 69.94 29.28
CA ARG G 2424 22.46 71.09 29.29
C ARG G 2424 21.01 70.67 29.49
N SER G 2425 20.61 69.49 29.01
CA SER G 2425 19.28 68.98 29.30
C SER G 2425 19.11 68.69 30.79
N LEU G 2426 20.14 68.12 31.41
CA LEU G 2426 20.09 67.84 32.85
C LEU G 2426 19.96 69.13 33.66
N ILE G 2427 20.73 70.15 33.32
CA ILE G 2427 20.76 71.37 34.11
C ILE G 2427 20.28 72.53 33.25
N PRO G 2428 19.11 73.10 33.51
CA PRO G 2428 18.70 74.31 32.81
C PRO G 2428 19.58 75.50 33.20
N LEU G 2429 19.74 76.43 32.26
CA LEU G 2429 20.54 77.63 32.52
C LEU G 2429 19.90 78.50 33.61
N GLY G 2430 18.58 78.59 33.60
CA GLY G 2430 17.90 79.45 34.55
C GLY G 2430 18.12 79.03 35.99
N ASP G 2431 18.16 77.72 36.24
CA ASP G 2431 18.44 77.24 37.59
C ASP G 2431 19.84 77.65 38.03
N LEU G 2432 20.82 77.50 37.14
CA LEU G 2432 22.18 77.94 37.44
C LEU G 2432 22.20 79.43 37.78
N VAL G 2433 21.54 80.25 36.97
CA VAL G 2433 21.52 81.68 37.19
C VAL G 2433 20.85 82.02 38.52
N GLY G 2434 19.77 81.33 38.85
CA GLY G 2434 19.09 81.60 40.11
C GLY G 2434 19.94 81.23 41.32
N VAL G 2435 20.57 80.06 41.28
CA VAL G 2435 21.42 79.64 42.40
C VAL G 2435 22.60 80.60 42.56
N ILE G 2436 23.13 81.09 41.44
CA ILE G 2436 24.17 82.12 41.52
C ILE G 2436 23.59 83.41 42.11
N SER G 2437 22.33 83.71 41.79
CA SER G 2437 21.71 84.94 42.26
C SER G 2437 21.47 84.91 43.77
N ILE G 2438 21.28 83.71 44.34
CA ILE G 2438 21.13 83.63 45.79
C ILE G 2438 22.37 84.18 46.48
N ALA G 2439 22.14 84.99 47.52
CA ALA G 2439 23.20 85.70 48.21
C ALA G 2439 23.47 85.08 49.58
N PHE G 2440 24.46 85.65 50.26
CA PHE G 2440 24.91 85.18 51.58
C PHE G 2440 24.41 86.10 52.68
N GLN G 2441 24.46 85.60 53.91
CA GLN G 2441 24.30 86.47 55.08
C GLN G 2441 25.67 86.72 55.70
N MET G 2442 25.97 87.99 55.92
CA MET G 2442 27.35 88.16 56.37
C MET G 2442 27.40 88.47 57.86
N PRO G 2443 28.52 88.14 58.51
CA PRO G 2443 28.66 88.45 59.93
C PRO G 2443 28.60 89.95 60.15
N THR G 2444 27.99 90.33 61.28
CA THR G 2444 27.91 91.73 61.68
C THR G 2444 28.42 91.85 63.11
N ILE G 2445 28.92 93.04 63.44
CA ILE G 2445 29.37 93.28 64.80
C ILE G 2445 28.17 93.41 65.73
N ALA G 2446 28.17 92.66 66.81
CA ALA G 2446 27.08 92.73 67.77
C ALA G 2446 27.19 94.01 68.59
N LYS G 2447 26.23 94.21 69.48
CA LYS G 2447 26.14 95.50 70.16
C LYS G 2447 27.26 95.65 71.18
N ASP G 2448 27.74 94.54 71.73
CA ASP G 2448 28.88 94.59 72.65
C ASP G 2448 30.18 94.90 71.94
N GLY G 2449 30.22 94.74 70.62
CA GLY G 2449 31.44 94.91 69.85
C GLY G 2449 32.02 93.62 69.31
N ASN G 2450 31.35 92.48 69.50
CA ASN G 2450 31.79 91.20 68.98
C ASN G 2450 31.07 90.92 67.68
N VAL G 2451 31.83 90.52 66.64
CA VAL G 2451 31.19 90.16 65.39
C VAL G 2451 30.57 88.77 65.51
N VAL G 2452 29.25 88.70 65.39
CA VAL G 2452 28.56 87.41 65.42
C VAL G 2452 28.97 86.63 64.18
N GLU G 2453 29.39 85.38 64.38
CA GLU G 2453 29.93 84.58 63.30
C GLU G 2453 28.93 83.49 62.93
N PRO G 2454 28.14 83.65 61.88
CA PRO G 2454 27.24 82.56 61.46
C PRO G 2454 28.04 81.35 61.01
N ASP G 2455 27.79 80.23 61.66
CA ASP G 2455 28.49 78.99 61.34
C ASP G 2455 28.17 78.56 59.91
N MET G 2456 29.22 78.47 59.08
CA MET G 2456 29.00 78.13 57.68
C MET G 2456 28.86 76.62 57.48
N SER G 2457 29.14 75.83 58.51
CA SER G 2457 28.83 74.41 58.44
C SER G 2457 27.34 74.15 58.51
N ALA G 2458 26.54 75.15 58.89
CA ALA G 2458 25.09 75.06 58.91
C ALA G 2458 24.43 76.06 57.96
N GLY G 2459 25.18 76.64 57.04
CA GLY G 2459 24.65 77.67 56.15
C GLY G 2459 25.22 77.56 54.76
N PHE G 2460 24.64 78.36 53.86
CA PHE G 2460 25.08 78.42 52.48
C PHE G 2460 26.49 79.00 52.38
N CYS G 2461 27.36 78.29 51.67
CA CYS G 2461 28.78 78.63 51.61
C CYS G 2461 29.20 78.96 50.18
N PRO G 2462 30.22 79.80 50.02
CA PRO G 2462 30.67 80.16 48.66
C PRO G 2462 31.14 78.98 47.83
N ASP G 2463 31.65 77.93 48.47
CA ASP G 2463 32.07 76.73 47.72
C ASP G 2463 30.89 76.11 46.98
N HIS G 2464 29.67 76.29 47.51
CA HIS G 2464 28.49 75.78 46.83
C HIS G 2464 28.28 76.49 45.50
N LYS G 2465 28.45 77.81 45.46
CA LYS G 2465 28.35 78.54 44.20
C LYS G 2465 29.57 78.34 43.31
N ALA G 2466 30.70 77.91 43.89
CA ALA G 2466 31.88 77.63 43.07
C ALA G 2466 31.57 76.55 42.03
N ALA G 2467 30.90 75.48 42.43
CA ALA G 2467 30.49 74.44 41.49
C ALA G 2467 29.48 74.95 40.48
N MET G 2468 28.55 75.81 40.91
CA MET G 2468 27.60 76.43 40.00
C MET G 2468 28.33 77.18 38.89
N VAL G 2469 29.31 77.99 39.27
CA VAL G 2469 30.09 78.76 38.31
C VAL G 2469 30.90 77.84 37.41
N LEU G 2470 31.50 76.78 37.97
CA LEU G 2470 32.27 75.85 37.17
C LEU G 2470 31.40 75.20 36.09
N PHE G 2471 30.21 74.73 36.48
CA PHE G 2471 29.30 74.16 35.49
C PHE G 2471 28.88 75.21 34.48
N LEU G 2472 28.63 76.43 34.93
CA LEU G 2472 28.22 77.51 34.02
C LEU G 2472 29.28 77.75 32.94
N ASP G 2473 30.55 77.79 33.34
CA ASP G 2473 31.59 78.11 32.37
C ASP G 2473 32.01 76.91 31.53
N ARG G 2474 31.83 75.69 32.05
CA ARG G 2474 32.30 74.52 31.31
C ARG G 2474 31.22 73.89 30.42
N VAL G 2475 29.95 74.03 30.77
CA VAL G 2475 28.90 73.37 30.00
C VAL G 2475 28.17 74.40 29.14
N TYR G 2476 27.52 75.38 29.79
CA TYR G 2476 26.76 76.37 29.04
C TYR G 2476 27.70 77.38 28.38
N GLY G 2477 28.72 77.82 29.09
CA GLY G 2477 29.65 78.78 28.56
C GLY G 2477 29.09 80.19 28.47
N ILE G 2478 29.96 81.19 28.56
CA ILE G 2478 29.54 82.60 28.42
C ILE G 2478 30.00 83.03 27.04
N GLU G 2479 29.07 82.97 26.09
CA GLU G 2479 29.36 83.33 24.70
C GLU G 2479 28.62 84.59 24.26
N VAL G 2480 27.62 85.04 25.02
CA VAL G 2480 26.80 86.18 24.64
C VAL G 2480 27.16 87.34 25.56
N GLN G 2481 27.37 88.52 24.96
CA GLN G 2481 27.64 89.72 25.73
C GLN G 2481 26.46 90.09 26.65
N ASP G 2482 25.24 90.04 26.11
CA ASP G 2482 24.07 90.33 26.93
C ASP G 2482 23.92 89.32 28.06
N PHE G 2483 24.16 88.04 27.78
CA PHE G 2483 24.12 87.02 28.82
C PHE G 2483 25.18 87.29 29.89
N LEU G 2484 26.37 87.73 29.46
CA LEU G 2484 27.44 88.02 30.41
C LEU G 2484 27.03 89.13 31.37
N LEU G 2485 26.57 90.26 30.84
CA LEU G 2485 26.19 91.34 31.74
C LEU G 2485 24.96 90.99 32.56
N HIS G 2486 24.02 90.21 32.00
CA HIS G 2486 22.86 89.79 32.78
C HIS G 2486 23.27 88.94 33.98
N LEU G 2487 24.08 87.90 33.75
CA LEU G 2487 24.51 87.05 34.86
C LEU G 2487 25.34 87.83 35.86
N LEU G 2488 26.21 88.72 35.36
CA LEU G 2488 27.01 89.55 36.26
C LEU G 2488 26.11 90.39 37.15
N GLU G 2489 25.18 91.14 36.55
CA GLU G 2489 24.31 92.03 37.31
C GLU G 2489 23.47 91.26 38.31
N VAL G 2490 22.92 90.11 37.92
CA VAL G 2490 22.04 89.40 38.84
C VAL G 2490 22.82 88.79 39.99
N GLY G 2491 23.98 88.18 39.72
CA GLY G 2491 24.62 87.39 40.76
C GLY G 2491 26.00 87.80 41.26
N PHE G 2492 26.84 88.34 40.38
CA PHE G 2492 28.25 88.51 40.74
C PHE G 2492 28.50 89.86 41.38
N LEU G 2493 27.92 90.93 40.80
CA LEU G 2493 28.13 92.27 41.36
C LEU G 2493 27.65 92.37 42.81
N PRO G 2494 26.49 91.83 43.19
CA PRO G 2494 26.14 91.81 44.62
C PRO G 2494 27.16 91.10 45.49
N ASP G 2495 27.74 90.00 45.01
CA ASP G 2495 28.76 89.29 45.77
C ASP G 2495 30.01 90.16 45.94
N LEU G 2496 30.41 90.85 44.88
CA LEU G 2496 31.56 91.75 44.96
C LEU G 2496 31.29 92.90 45.92
N ARG G 2497 30.06 93.43 45.91
CA ARG G 2497 29.70 94.50 46.82
C ARG G 2497 29.73 94.02 48.27
N ALA G 2498 29.26 92.80 48.51
CA ALA G 2498 29.35 92.20 49.84
C ALA G 2498 30.80 92.02 50.29
N ALA G 2499 31.66 91.53 49.40
CA ALA G 2499 33.08 91.40 49.74
C ALA G 2499 33.70 92.76 50.06
N ALA G 2500 33.33 93.78 49.29
CA ALA G 2500 33.78 95.15 49.53
C ALA G 2500 33.30 95.70 50.87
N SER G 2501 32.06 95.42 51.26
CA SER G 2501 31.58 95.79 52.58
C SER G 2501 32.24 94.99 53.70
N LEU G 2502 32.82 93.83 53.38
CA LEU G 2502 33.62 93.08 54.35
C LEU G 2502 35.09 93.53 54.39
N ASP G 2503 35.39 94.76 53.99
CA ASP G 2503 36.79 95.16 53.81
C ASP G 2503 37.44 95.57 55.13
N THR G 2504 36.65 96.02 56.09
CA THR G 2504 37.22 96.49 57.35
C THR G 2504 37.92 95.35 58.08
N ALA G 2505 39.03 95.68 58.74
CA ALA G 2505 39.97 94.67 59.23
C ALA G 2505 39.29 93.70 60.20
N ALA G 2506 38.55 94.23 61.17
CA ALA G 2506 37.86 93.36 62.14
C ALA G 2506 36.84 92.48 61.42
N LEU G 2507 36.10 93.07 60.48
CA LEU G 2507 35.12 92.29 59.73
C LEU G 2507 35.81 91.40 58.69
N SER G 2508 36.99 91.81 58.21
CA SER G 2508 37.72 90.98 57.26
C SER G 2508 38.30 89.75 57.93
N ALA G 2509 38.56 89.83 59.24
CA ALA G 2509 39.17 88.71 59.95
C ALA G 2509 38.25 87.51 60.01
N THR G 2510 36.96 87.69 59.75
CA THR G 2510 36.02 86.58 59.79
C THR G 2510 36.33 85.57 58.70
N ASP G 2511 36.27 84.28 59.07
CA ASP G 2511 36.51 83.22 58.09
C ASP G 2511 35.45 83.21 56.99
N MET G 2512 34.28 83.79 57.24
CA MET G 2512 33.29 83.98 56.19
C MET G 2512 33.83 84.87 55.09
N ALA G 2513 34.48 85.98 55.47
CA ALA G 2513 35.10 86.85 54.49
C ALA G 2513 36.21 86.12 53.73
N LEU G 2514 36.99 85.31 54.44
CA LEU G 2514 38.07 84.57 53.79
C LEU G 2514 37.52 83.60 52.76
N ALA G 2515 36.46 82.86 53.10
CA ALA G 2515 35.85 81.94 52.16
C ALA G 2515 35.26 82.67 50.96
N LEU G 2516 34.61 83.82 51.20
CA LEU G 2516 34.06 84.59 50.10
C LEU G 2516 35.15 85.07 49.15
N ASN G 2517 36.25 85.58 49.71
CA ASN G 2517 37.36 86.03 48.86
C ASN G 2517 37.96 84.87 48.09
N ARG G 2518 38.10 83.71 48.74
CA ARG G 2518 38.59 82.52 48.06
C ARG G 2518 37.70 82.16 46.87
N TYR G 2519 36.39 82.12 47.09
CA TYR G 2519 35.46 81.81 46.01
C TYR G 2519 35.57 82.82 44.87
N LEU G 2520 35.57 84.11 45.19
CA LEU G 2520 35.64 85.12 44.13
C LEU G 2520 36.92 84.98 43.33
N CYS G 2521 38.07 84.97 43.99
CA CYS G 2521 39.35 84.91 43.30
C CYS G 2521 39.61 83.56 42.65
N THR G 2522 38.84 82.53 43.00
CA THR G 2522 39.02 81.23 42.38
C THR G 2522 38.13 81.06 41.15
N ALA G 2523 36.89 81.56 41.20
CA ALA G 2523 35.92 81.31 40.14
C ALA G 2523 35.57 82.57 39.35
N VAL G 2524 35.16 83.65 40.03
CA VAL G 2524 34.53 84.77 39.34
C VAL G 2524 35.56 85.56 38.56
N LEU G 2525 36.64 85.95 39.22
CA LEU G 2525 37.68 86.74 38.56
C LEU G 2525 38.34 85.99 37.41
N PRO G 2526 38.74 84.72 37.54
CA PRO G 2526 39.21 84.00 36.35
C PRO G 2526 38.18 83.91 35.24
N LEU G 2527 36.90 83.75 35.60
CA LEU G 2527 35.85 83.68 34.59
C LEU G 2527 35.73 85.01 33.84
N LEU G 2528 35.74 86.12 34.58
CA LEU G 2528 35.69 87.45 33.96
C LEU G 2528 36.95 87.77 33.17
N THR G 2529 38.09 87.19 33.53
CA THR G 2529 39.31 87.36 32.77
C THR G 2529 39.28 86.58 31.46
N ARG G 2530 38.75 85.36 31.49
CA ARG G 2530 38.58 84.58 30.26
C ARG G 2530 37.48 85.17 29.36
N CYS G 2531 36.46 85.80 29.93
CA CYS G 2531 35.42 86.44 29.16
C CYS G 2531 35.65 87.94 28.98
N ALA G 2532 36.90 88.38 29.17
CA ALA G 2532 37.22 89.80 29.03
C ALA G 2532 36.91 90.37 27.65
N PRO G 2533 37.22 89.69 26.54
CA PRO G 2533 36.94 90.30 25.21
C PRO G 2533 35.48 90.63 24.99
N LEU G 2534 34.56 89.95 25.68
CA LEU G 2534 33.14 90.23 25.49
C LEU G 2534 32.75 91.57 26.12
N PHE G 2535 33.67 92.19 26.87
CA PHE G 2535 33.40 93.46 27.53
C PHE G 2535 33.57 94.64 26.59
N ALA G 2536 33.56 94.37 25.28
CA ALA G 2536 33.85 95.41 24.30
C ALA G 2536 32.84 96.55 24.34
N GLY G 2537 31.55 96.21 24.26
CA GLY G 2537 30.49 97.21 24.19
C GLY G 2537 29.59 97.13 25.40
N THR G 2538 29.68 98.16 26.25
CA THR G 2538 28.86 98.29 27.45
C THR G 2538 28.23 99.67 27.59
N GLU G 2539 27.96 100.36 26.47
CA GLU G 2539 27.43 101.73 26.55
C GLU G 2539 26.02 101.75 27.12
N HIS G 2540 25.35 100.59 27.13
CA HIS G 2540 23.96 100.54 27.58
C HIS G 2540 23.86 100.16 29.05
N HIS G 2541 24.92 99.59 29.62
CA HIS G 2541 25.06 99.44 31.08
C HIS G 2541 26.41 100.00 31.52
N ALA G 2542 26.70 101.23 31.07
CA ALA G 2542 27.91 101.91 31.48
C ALA G 2542 27.97 102.08 33.00
N SER G 2543 26.83 102.40 33.62
CA SER G 2543 26.79 102.50 35.08
C SER G 2543 27.10 101.16 35.72
N LEU G 2544 26.58 100.07 35.16
CA LEU G 2544 26.84 98.74 35.70
C LEU G 2544 28.32 98.39 35.63
N ILE G 2545 28.96 98.65 34.48
CA ILE G 2545 30.37 98.28 34.35
C ILE G 2545 31.23 99.21 35.21
N ASP G 2546 30.83 100.47 35.37
CA ASP G 2546 31.53 101.36 36.29
C ASP G 2546 31.44 100.86 37.72
N SER G 2547 30.26 100.38 38.13
CA SER G 2547 30.11 99.78 39.45
C SER G 2547 30.99 98.54 39.60
N LEU G 2548 31.08 97.71 38.57
CA LEU G 2548 32.00 96.58 38.61
C LEU G 2548 33.43 97.04 38.84
N LEU G 2549 33.89 98.03 38.06
CA LEU G 2549 35.27 98.50 38.21
C LEU G 2549 35.50 99.05 39.60
N HIS G 2550 34.54 99.81 40.13
CA HIS G 2550 34.70 100.39 41.45
C HIS G 2550 34.78 99.32 42.52
N THR G 2551 33.91 98.31 42.46
CA THR G 2551 33.94 97.22 43.43
C THR G 2551 35.24 96.42 43.33
N VAL G 2552 35.68 96.14 42.11
CA VAL G 2552 36.92 95.39 41.91
C VAL G 2552 38.11 96.15 42.46
N TYR G 2553 38.17 97.46 42.22
CA TYR G 2553 39.27 98.24 42.76
C TYR G 2553 39.21 98.35 44.27
N ARG G 2554 38.00 98.38 44.85
CA ARG G 2554 37.87 98.33 46.30
C ARG G 2554 38.41 97.02 46.87
N LEU G 2555 38.06 95.89 46.23
CA LEU G 2555 38.59 94.61 46.66
C LEU G 2555 40.11 94.57 46.54
N SER G 2556 40.64 95.11 45.45
CA SER G 2556 42.08 95.23 45.26
C SER G 2556 42.76 96.06 46.34
N LYS G 2557 42.17 97.20 46.72
CA LYS G 2557 42.69 97.99 47.82
C LYS G 2557 42.57 97.27 49.16
N GLY G 2558 41.62 96.34 49.29
CA GLY G 2558 41.53 95.53 50.49
C GLY G 2558 42.82 94.75 50.71
N CYS G 2559 43.16 94.55 51.99
CA CYS G 2559 44.45 93.99 52.36
C CYS G 2559 44.35 92.57 52.92
N SER G 2560 43.15 92.05 53.15
CA SER G 2560 43.01 90.72 53.73
C SER G 2560 43.33 89.61 52.73
N LEU G 2561 43.49 89.93 51.45
CA LEU G 2561 43.71 88.91 50.43
C LEU G 2561 45.12 88.36 50.49
N THR G 2562 45.26 87.11 50.07
CA THR G 2562 46.58 86.49 49.97
C THR G 2562 47.33 87.06 48.76
N LYS G 2563 48.60 86.66 48.64
CA LYS G 2563 49.40 87.11 47.51
C LYS G 2563 48.83 86.61 46.18
N ALA G 2564 48.42 85.34 46.13
CA ALA G 2564 47.80 84.81 44.92
C ALA G 2564 46.48 85.50 44.63
N GLN G 2565 45.69 85.81 45.67
CA GLN G 2565 44.45 86.52 45.48
C GLN G 2565 44.69 87.92 44.91
N ARG G 2566 45.72 88.60 45.42
CA ARG G 2566 46.07 89.91 44.89
C ARG G 2566 46.51 89.81 43.43
N ASP G 2567 47.30 88.78 43.11
CA ASP G 2567 47.71 88.59 41.72
C ASP G 2567 46.50 88.37 40.82
N SER G 2568 45.55 87.55 41.26
CA SER G 2568 44.37 87.27 40.44
C SER G 2568 43.53 88.53 40.25
N ILE G 2569 43.32 89.30 41.32
CA ILE G 2569 42.51 90.52 41.20
C ILE G 2569 43.20 91.53 40.30
N GLU G 2570 44.53 91.65 40.41
CA GLU G 2570 45.27 92.56 39.54
C GLU G 2570 45.16 92.16 38.08
N VAL G 2571 45.33 90.87 37.77
CA VAL G 2571 45.24 90.41 36.40
C VAL G 2571 43.82 90.65 35.85
N CYS G 2572 42.81 90.30 36.64
CA CYS G 2572 41.43 90.48 36.19
C CYS G 2572 41.12 91.95 35.93
N LEU G 2573 41.52 92.84 36.85
CA LEU G 2573 41.25 94.26 36.67
C LEU G 2573 41.99 94.83 35.46
N LEU G 2574 43.27 94.48 35.30
CA LEU G 2574 44.03 95.02 34.18
C LEU G 2574 43.50 94.50 32.85
N SER G 2575 43.00 93.26 32.81
CA SER G 2575 42.38 92.74 31.60
C SER G 2575 41.07 93.47 31.30
N ILE G 2576 40.18 93.57 32.29
CA ILE G 2576 38.88 94.19 32.05
C ILE G 2576 39.06 95.63 31.59
N CYS G 2577 39.93 96.38 32.28
CA CYS G 2577 40.20 97.75 31.86
C CYS G 2577 40.96 97.78 30.54
N GLY G 2578 41.81 96.77 30.30
CA GLY G 2578 42.59 96.76 29.08
CA GLY G 2578 42.59 96.76 29.08
C GLY G 2578 41.74 96.67 27.83
N GLN G 2579 40.76 95.74 27.84
CA GLN G 2579 39.84 95.70 26.70
C GLN G 2579 38.65 96.64 26.89
N LEU G 2580 38.58 97.37 28.00
CA LEU G 2580 37.44 98.22 28.28
C LEU G 2580 37.43 99.45 27.38
N ARG G 2581 36.23 99.93 27.08
CA ARG G 2581 36.07 101.07 26.18
C ARG G 2581 36.59 102.34 26.84
N PRO G 2582 37.41 103.13 26.15
CA PRO G 2582 38.23 104.15 26.85
C PRO G 2582 37.43 105.20 27.60
N SER G 2583 36.24 105.60 27.13
CA SER G 2583 35.55 106.71 27.79
C SER G 2583 34.92 106.28 29.11
N MET G 2584 34.63 104.99 29.26
CA MET G 2584 33.85 104.52 30.40
C MET G 2584 34.63 104.57 31.70
N MET G 2585 35.96 104.55 31.63
CA MET G 2585 36.84 104.46 32.78
C MET G 2585 37.08 105.79 33.49
N GLN G 2586 36.24 106.81 33.24
CA GLN G 2586 36.47 108.13 33.83
C GLN G 2586 36.32 108.12 35.34
N HIS G 2587 35.25 107.49 35.84
CA HIS G 2587 35.05 107.40 37.27
C HIS G 2587 36.16 106.61 37.94
N LEU G 2588 36.63 105.55 37.31
CA LEU G 2588 37.74 104.79 37.87
C LEU G 2588 39.03 105.60 37.88
N LEU G 2589 39.29 106.40 36.83
CA LEU G 2589 40.45 107.28 36.90
C LEU G 2589 40.33 108.21 38.10
N ARG G 2590 39.19 108.89 38.23
CA ARG G 2590 39.08 109.93 39.26
C ARG G 2590 39.07 109.33 40.66
N ARG G 2591 38.69 108.06 40.80
CA ARG G 2591 38.92 107.39 42.08
C ARG G 2591 40.40 107.07 42.28
N LEU G 2592 41.09 106.69 41.21
CA LEU G 2592 42.52 106.36 41.34
C LEU G 2592 43.37 107.59 41.57
N VAL G 2593 42.84 108.78 41.23
CA VAL G 2593 43.66 109.99 41.15
C VAL G 2593 44.37 110.27 42.47
N PHE G 2594 43.63 110.18 43.59
CA PHE G 2594 44.24 110.48 44.87
C PHE G 2594 44.96 109.29 45.51
N ASP G 2595 44.64 108.07 45.11
CA ASP G 2595 45.30 106.89 45.65
C ASP G 2595 46.63 106.58 45.01
N VAL G 2596 46.84 106.99 43.76
CA VAL G 2596 48.12 106.77 43.09
C VAL G 2596 49.28 107.48 43.79
N PRO G 2597 49.17 108.77 44.14
CA PRO G 2597 50.36 109.46 44.70
C PRO G 2597 50.83 108.91 46.03
N LEU G 2598 50.03 108.08 46.70
CA LEU G 2598 50.48 107.48 47.96
C LEU G 2598 51.72 106.62 47.74
N LEU G 2599 51.79 105.92 46.60
CA LEU G 2599 52.88 105.01 46.26
C LEU G 2599 53.12 104.00 47.38
N ASN G 2600 52.04 103.47 47.94
CA ASN G 2600 52.14 102.42 48.94
C ASN G 2600 52.40 101.08 48.26
N GLU G 2601 52.29 99.98 49.01
CA GLU G 2601 52.44 98.67 48.42
C GLU G 2601 51.34 98.38 47.40
N HIS G 2602 50.15 98.96 47.63
CA HIS G 2602 49.01 98.72 46.77
C HIS G 2602 49.13 99.45 45.43
N ALA G 2603 50.08 100.37 45.33
CA ALA G 2603 50.10 101.34 44.23
C ALA G 2603 50.69 100.80 42.93
N LYS G 2604 51.38 99.66 42.97
CA LYS G 2604 51.94 99.11 41.73
C LYS G 2604 50.85 98.78 40.73
N MET G 2605 49.72 98.25 41.20
CA MET G 2605 48.60 97.98 40.30
C MET G 2605 48.04 99.25 39.68
N PRO G 2606 47.77 100.34 40.42
CA PRO G 2606 47.41 101.59 39.77
C PRO G 2606 48.45 102.09 38.79
N LEU G 2607 49.74 101.95 39.10
CA LEU G 2607 50.77 102.41 38.16
C LEU G 2607 50.72 101.61 36.86
N LYS G 2608 50.61 100.29 36.97
CA LYS G 2608 50.52 99.46 35.76
C LYS G 2608 49.26 99.76 34.96
N LEU G 2609 48.13 99.94 35.64
CA LEU G 2609 46.90 100.29 34.93
C LEU G 2609 47.03 101.62 34.21
N LEU G 2610 47.57 102.62 34.90
CA LEU G 2610 47.83 103.91 34.27
C LEU G 2610 48.67 103.74 33.02
N THR G 2611 49.80 103.04 33.14
CA THR G 2611 50.70 102.84 32.01
C THR G 2611 49.98 102.20 30.84
N ASN G 2612 49.31 101.06 31.08
CA ASN G 2612 48.78 100.29 29.95
C ASN G 2612 47.61 101.02 29.29
N HIS G 2613 46.70 101.61 30.08
CA HIS G 2613 45.53 102.20 29.43
C HIS G 2613 45.90 103.51 28.74
N TYR G 2614 46.86 104.27 29.29
CA TYR G 2614 47.31 105.46 28.59
C TYR G 2614 48.09 105.12 27.32
N GLU G 2615 48.94 104.09 27.36
CA GLU G 2615 49.60 103.64 26.14
C GLU G 2615 48.61 103.16 25.09
N ARG G 2616 47.53 102.49 25.51
CA ARG G 2616 46.48 102.13 24.57
C ARG G 2616 45.82 103.38 23.98
N CYS G 2617 45.46 104.35 24.83
CA CYS G 2617 44.91 105.61 24.37
C CYS G 2617 45.99 106.68 24.18
N TRP G 2618 47.09 106.32 23.52
CA TRP G 2618 48.08 107.32 23.10
C TRP G 2618 47.52 108.20 21.98
N LYS G 2619 46.95 107.57 20.95
CA LYS G 2619 46.33 108.33 19.86
C LYS G 2619 45.14 109.14 20.34
N TYR G 2620 44.30 108.55 21.20
CA TYR G 2620 42.98 109.09 21.47
C TYR G 2620 43.03 110.46 22.13
N TYR G 2621 43.78 110.57 23.22
CA TYR G 2621 43.73 111.79 24.03
C TYR G 2621 44.55 112.90 23.40
N CYS G 2622 45.49 112.55 22.52
CA CYS G 2622 46.31 113.55 21.85
C CYS G 2622 45.57 114.16 20.67
N LEU G 2623 44.99 113.33 19.82
CA LEU G 2623 44.28 113.81 18.65
C LEU G 2623 43.05 114.61 19.07
N PRO G 2624 42.87 115.83 18.57
CA PRO G 2624 41.63 116.55 18.89
C PRO G 2624 40.38 115.80 18.46
N GLY G 2625 40.46 115.04 17.37
CA GLY G 2625 39.35 114.19 16.99
C GLY G 2625 39.34 112.87 17.73
N GLY G 2626 40.51 112.44 18.21
CA GLY G 2626 40.61 111.13 18.85
C GLY G 2626 40.34 110.03 17.85
N TRP G 2627 39.87 108.89 18.36
CA TRP G 2627 39.33 107.86 17.48
C TRP G 2627 37.87 108.19 17.18
N GLY G 2628 37.53 108.29 15.90
CA GLY G 2628 36.23 108.77 15.48
C GLY G 2628 35.08 107.97 16.06
N ASN G 2629 35.25 106.65 16.14
CA ASN G 2629 34.20 105.81 16.69
C ASN G 2629 34.09 106.03 18.20
N PHE G 2630 35.23 106.17 18.88
CA PHE G 2630 35.28 106.40 20.32
C PHE G 2630 35.27 107.87 20.68
N GLY G 2631 35.21 108.76 19.70
CA GLY G 2631 35.14 110.18 20.00
C GLY G 2631 36.48 110.76 20.37
N ALA G 2632 36.48 111.67 21.34
CA ALA G 2632 37.71 112.38 21.72
C ALA G 2632 37.66 112.69 23.21
N ALA G 2633 38.60 113.52 23.65
CA ALA G 2633 38.73 113.86 25.06
C ALA G 2633 37.63 114.83 25.49
N SER G 2634 37.38 114.85 26.80
CA SER G 2634 36.42 115.76 27.41
C SER G 2634 37.09 116.90 28.15
N GLU G 2635 38.41 116.85 28.32
CA GLU G 2635 39.24 117.86 28.97
C GLU G 2635 39.06 117.86 30.49
N GLU G 2636 38.01 117.21 30.99
CA GLU G 2636 37.90 117.00 32.43
C GLU G 2636 38.90 115.94 32.87
N GLU G 2637 38.95 114.83 32.14
CA GLU G 2637 39.96 113.82 32.39
C GLU G 2637 41.35 114.37 32.08
N LEU G 2638 41.45 115.35 31.19
CA LEU G 2638 42.74 115.97 30.91
C LEU G 2638 43.23 116.79 32.10
N HIS G 2639 42.34 117.59 32.69
CA HIS G 2639 42.66 118.29 33.93
C HIS G 2639 43.00 117.33 35.05
N LEU G 2640 42.28 116.21 35.16
CA LEU G 2640 42.61 115.18 36.14
C LEU G 2640 43.97 114.55 35.88
N SER G 2641 44.30 114.32 34.60
CA SER G 2641 45.55 113.62 34.27
C SER G 2641 46.76 114.51 34.44
N ARG G 2642 46.61 115.81 34.22
CA ARG G 2642 47.71 116.72 34.53
C ARG G 2642 48.01 116.72 36.03
N LYS G 2643 46.94 116.70 36.85
CA LYS G 2643 47.13 116.55 38.29
C LYS G 2643 47.79 115.23 38.62
N LEU G 2644 47.38 114.16 37.94
CA LEU G 2644 48.05 112.86 38.11
C LEU G 2644 49.54 112.98 37.86
N PHE G 2645 49.91 113.54 36.70
CA PHE G 2645 51.32 113.62 36.33
C PHE G 2645 52.10 114.46 37.33
N TRP G 2646 51.56 115.62 37.72
CA TRP G 2646 52.27 116.49 38.64
C TRP G 2646 52.40 115.86 40.02
N GLY G 2647 51.32 115.29 40.55
CA GLY G 2647 51.40 114.66 41.85
C GLY G 2647 52.39 113.52 41.88
N ILE G 2648 52.32 112.64 40.87
CA ILE G 2648 53.23 111.50 40.83
C ILE G 2648 54.67 112.00 40.71
N PHE G 2649 54.92 112.94 39.81
CA PHE G 2649 56.28 113.40 39.55
C PHE G 2649 56.88 114.06 40.79
N ASP G 2650 56.15 115.00 41.40
CA ASP G 2650 56.66 115.68 42.57
C ASP G 2650 56.83 114.74 43.75
N ALA G 2651 55.87 113.83 43.97
CA ALA G 2651 56.01 112.87 45.06
C ALA G 2651 57.27 112.03 44.86
N LEU G 2652 57.39 111.41 43.69
CA LEU G 2652 58.56 110.58 43.39
C LEU G 2652 59.86 111.38 43.54
N SER G 2653 59.82 112.67 43.19
CA SER G 2653 61.01 113.50 43.36
C SER G 2653 61.37 113.68 44.83
N GLN G 2654 60.37 113.91 45.69
CA GLN G 2654 60.68 114.18 47.09
C GLN G 2654 60.88 112.92 47.93
N LYS G 2655 60.50 111.74 47.45
CA LYS G 2655 60.52 110.57 48.32
C LYS G 2655 61.40 109.45 47.78
N LYS G 2656 61.81 108.56 48.69
CA LYS G 2656 63.06 107.82 48.58
C LYS G 2656 63.09 106.90 47.37
N TYR G 2657 64.30 106.75 46.82
CA TYR G 2657 64.52 105.98 45.60
C TYR G 2657 64.39 104.48 45.86
N GLU G 2658 63.35 103.87 45.29
CA GLU G 2658 63.21 102.41 45.25
C GLU G 2658 63.30 102.01 43.77
N GLN G 2659 64.26 101.16 43.45
CA GLN G 2659 64.60 100.85 42.07
C GLN G 2659 63.42 100.23 41.31
N GLU G 2660 62.79 99.21 41.90
CA GLU G 2660 61.70 98.53 41.23
C GLU G 2660 60.49 99.45 41.06
N LEU G 2661 60.09 100.12 42.13
CA LEU G 2661 58.90 100.97 42.07
C LEU G 2661 59.10 102.10 41.07
N PHE G 2662 60.32 102.66 41.01
CA PHE G 2662 60.50 103.77 40.08
C PHE G 2662 60.84 103.34 38.67
N LYS G 2663 61.25 102.10 38.43
CA LYS G 2663 61.25 101.67 37.04
C LYS G 2663 59.85 101.28 36.59
N LEU G 2664 58.96 100.96 37.54
CA LEU G 2664 57.58 100.70 37.18
C LEU G 2664 56.80 102.00 36.96
N ALA G 2665 57.14 103.05 37.71
CA ALA G 2665 56.41 104.31 37.62
C ALA G 2665 56.87 105.18 36.45
N LEU G 2666 58.11 104.98 35.99
CA LEU G 2666 58.65 105.75 34.87
C LEU G 2666 57.82 105.60 33.60
N PRO G 2667 57.45 104.37 33.18
CA PRO G 2667 56.57 104.24 32.00
C PRO G 2667 55.21 104.88 32.22
N CYS G 2668 54.74 104.89 33.48
CA CYS G 2668 53.48 105.57 33.77
C CYS G 2668 53.60 107.07 33.51
N LEU G 2669 54.68 107.69 34.00
CA LEU G 2669 54.91 109.09 33.71
C LEU G 2669 55.06 109.34 32.21
N SER G 2670 55.77 108.46 31.50
CA SER G 2670 55.92 108.62 30.06
C SER G 2670 54.57 108.58 29.37
N ALA G 2671 53.73 107.61 29.74
CA ALA G 2671 52.42 107.47 29.10
C ALA G 2671 51.54 108.69 29.37
N VAL G 2672 51.52 109.16 30.63
CA VAL G 2672 50.71 110.32 30.95
C VAL G 2672 51.21 111.56 30.21
N ALA G 2673 52.52 111.77 30.20
CA ALA G 2673 53.09 112.94 29.52
C ALA G 2673 52.80 112.90 28.03
N GLY G 2674 52.92 111.73 27.41
CA GLY G 2674 52.59 111.62 26.00
C GLY G 2674 51.11 111.86 25.73
N ALA G 2675 50.23 111.24 26.52
CA ALA G 2675 48.80 111.36 26.29
C ALA G 2675 48.33 112.79 26.48
N LEU G 2676 48.87 113.50 27.46
CA LEU G 2676 48.51 114.88 27.67
C LEU G 2676 48.98 115.71 26.47
N PRO G 2677 48.08 116.45 25.82
CA PRO G 2677 48.51 117.31 24.71
C PRO G 2677 49.42 118.42 25.21
N PRO G 2678 50.62 118.53 24.65
CA PRO G 2678 51.51 119.63 25.06
C PRO G 2678 50.91 121.00 24.78
N ASP G 2679 50.15 121.10 23.69
CA ASP G 2679 49.51 122.36 23.33
C ASP G 2679 48.35 122.72 24.25
N TYR G 2680 47.94 121.81 25.15
CA TYR G 2680 46.73 121.99 25.96
C TYR G 2680 46.69 123.29 26.74
N MET G 2681 45.57 123.99 26.66
CA MET G 2681 45.37 125.26 27.35
C MET G 2681 44.85 124.99 28.75
N GLU G 2682 45.69 125.22 29.76
CA GLU G 2682 45.17 125.14 31.12
C GLU G 2682 44.18 126.27 31.33
N SER G 2683 42.89 125.92 31.29
CA SER G 2683 41.83 126.92 31.41
C SER G 2683 41.86 127.54 32.80
N ASN G 2684 41.59 128.85 32.84
CA ASN G 2684 41.41 129.51 34.13
C ASN G 2684 40.16 128.98 34.84
N TYR G 2685 39.23 128.44 34.08
CA TYR G 2685 38.05 127.79 34.62
C TYR G 2685 38.20 126.28 34.44
N VAL G 2686 38.43 125.57 35.55
CA VAL G 2686 38.65 124.13 35.52
C VAL G 2686 37.56 123.45 36.35
N SER G 2687 37.69 122.14 36.53
CA SER G 2687 36.72 121.40 37.32
C SER G 2687 36.81 121.82 38.78
N MET G 2688 35.67 122.23 39.34
CA MET G 2688 35.61 122.75 40.69
C MET G 2688 34.42 122.12 41.43
N MET G 2689 34.23 122.53 42.70
CA MET G 2689 33.36 121.82 43.64
C MET G 2689 33.63 120.33 43.64
N GLU G 2690 34.88 119.92 43.83
CA GLU G 2690 35.24 118.51 43.73
C GLU G 2690 34.48 117.65 44.72
N LYS G 2691 33.64 116.79 44.16
CA LYS G 2691 32.91 115.76 44.88
C LYS G 2691 33.83 115.01 45.84
N GLN G 2692 33.57 115.20 47.13
CA GLN G 2692 34.47 114.77 48.20
C GLN G 2692 34.12 113.39 48.75
N SER G 2693 32.99 112.82 48.33
CA SER G 2693 32.63 111.48 48.80
C SER G 2693 33.74 110.49 48.48
N SER G 2694 34.29 110.57 47.26
CA SER G 2694 35.45 109.77 46.91
C SER G 2694 36.71 110.25 47.59
N MET G 2695 36.73 111.49 48.09
CA MET G 2695 37.87 112.06 48.80
C MET G 2695 37.90 111.73 50.29
N ASP G 2696 37.15 110.74 50.74
CA ASP G 2696 37.32 110.26 52.10
C ASP G 2696 38.64 109.49 52.20
N SER G 2697 39.44 109.81 53.22
CA SER G 2697 40.79 109.27 53.30
C SER G 2697 40.76 107.74 53.46
N GLU G 2698 39.72 107.21 54.09
CA GLU G 2698 39.57 105.77 54.29
C GLU G 2698 38.22 105.34 53.74
N GLY G 2699 38.23 104.33 52.87
CA GLY G 2699 37.00 103.81 52.31
C GLY G 2699 36.34 104.69 51.28
N ASN G 2700 36.99 105.78 50.86
CA ASN G 2700 36.55 106.69 49.80
C ASN G 2700 35.03 106.93 49.82
N PHE G 2701 34.48 107.12 51.02
CA PHE G 2701 33.06 107.41 51.17
C PHE G 2701 32.85 108.37 52.33
N ASN G 2702 32.79 109.67 52.02
CA ASN G 2702 32.37 110.69 52.98
C ASN G 2702 31.28 111.52 52.31
N PRO G 2703 30.02 111.16 52.45
CA PRO G 2703 28.95 111.74 51.61
C PRO G 2703 28.33 113.01 52.20
N GLN G 2704 29.17 114.00 52.51
CA GLN G 2704 28.61 115.26 52.99
C GLN G 2704 28.06 116.04 51.81
N PRO G 2705 26.83 116.51 51.87
CA PRO G 2705 26.28 117.33 50.79
C PRO G 2705 26.63 118.80 51.00
N VAL G 2706 26.21 119.62 50.04
CA VAL G 2706 26.41 121.07 50.13
C VAL G 2706 25.30 121.66 50.97
N ASP G 2707 25.66 122.31 52.07
CA ASP G 2707 24.68 122.91 52.96
C ASP G 2707 23.95 124.05 52.26
N THR G 2708 22.64 124.12 52.49
CA THR G 2708 21.81 125.12 51.83
C THR G 2708 20.87 125.85 52.77
N SER G 2709 21.03 125.73 54.10
CA SER G 2709 20.12 126.41 55.01
C SER G 2709 20.31 127.92 54.96
N ASN G 2710 21.52 128.38 54.61
CA ASN G 2710 21.80 129.81 54.59
C ASN G 2710 20.98 130.53 53.53
N ILE G 2711 20.83 129.94 52.34
CA ILE G 2711 20.15 130.59 51.23
C ILE G 2711 18.65 130.52 51.44
N THR G 2712 17.91 131.38 50.76
CA THR G 2712 16.46 131.45 50.90
C THR G 2712 15.82 131.56 49.53
N ILE G 2713 14.74 130.80 49.33
CA ILE G 2713 14.00 130.81 48.07
C ILE G 2713 13.34 132.17 47.89
N PRO G 2714 13.32 132.72 46.67
CA PRO G 2714 12.65 134.03 46.46
C PRO G 2714 11.15 133.89 46.25
N GLU G 2715 10.49 135.02 45.97
CA GLU G 2715 9.03 135.07 46.02
C GLU G 2715 8.37 134.61 44.72
N LYS G 2716 9.01 134.80 43.57
CA LYS G 2716 8.37 134.42 42.31
C LYS G 2716 8.22 132.91 42.19
N LEU G 2717 8.93 132.16 43.03
CA LEU G 2717 8.88 130.70 42.96
C LEU G 2717 7.68 130.12 43.68
N GLU G 2718 6.85 130.94 44.33
CA GLU G 2718 5.72 130.37 45.08
C GLU G 2718 4.68 129.78 44.14
N TYR G 2719 4.49 130.38 42.95
CA TYR G 2719 3.56 129.82 41.99
C TYR G 2719 4.09 128.49 41.44
N PHE G 2720 5.40 128.42 41.18
CA PHE G 2720 6.03 127.15 40.86
C PHE G 2720 5.81 126.12 41.97
N ILE G 2721 5.93 126.54 43.23
CA ILE G 2721 5.73 125.64 44.34
C ILE G 2721 4.31 125.11 44.37
N ASN G 2722 3.32 126.00 44.18
CA ASN G 2722 1.94 125.56 44.15
C ASN G 2722 1.67 124.59 43.00
N LYS G 2723 2.21 124.87 41.81
CA LYS G 2723 1.95 124.01 40.67
C LYS G 2723 2.63 122.64 40.83
N TYR G 2724 3.84 122.64 41.40
CA TYR G 2724 4.55 121.37 41.57
C TYR G 2724 3.94 120.56 42.71
N ALA G 2725 3.40 121.22 43.73
CA ALA G 2725 2.65 120.52 44.75
C ALA G 2725 1.33 120.01 44.20
N GLU G 2726 0.75 120.73 43.24
CA GLU G 2726 -0.40 120.21 42.51
C GLU G 2726 -0.04 118.92 41.79
N HIS G 2727 1.11 118.90 41.10
CA HIS G 2727 1.57 117.67 40.46
C HIS G 2727 1.81 116.55 41.47
N SER G 2728 2.38 116.87 42.62
CA SER G 2728 2.58 115.85 43.66
C SER G 2728 1.25 115.30 44.17
N HIS G 2729 0.28 116.17 44.44
CA HIS G 2729 -1.03 115.71 44.86
C HIS G 2729 -1.70 114.89 43.77
N ASP G 2730 -1.48 115.23 42.49
CA ASP G 2730 -2.02 114.43 41.41
C ASP G 2730 -1.41 113.05 41.35
N LYS G 2731 -0.08 112.95 41.36
CA LYS G 2731 0.52 111.62 41.29
C LYS G 2731 0.20 110.80 42.54
N TRP G 2732 -0.13 111.43 43.68
CA TRP G 2732 -0.55 110.59 44.79
C TRP G 2732 -2.06 110.30 44.71
N SER G 2733 -2.83 111.12 44.00
CA SER G 2733 -4.18 110.69 43.62
C SER G 2733 -4.11 109.41 42.81
N MET G 2734 -3.21 109.36 41.83
CA MET G 2734 -3.02 108.12 41.09
C MET G 2734 -2.42 107.01 41.98
N ASP G 2735 -1.54 107.35 42.91
CA ASP G 2735 -0.97 106.30 43.77
C ASP G 2735 -2.05 105.66 44.64
N LYS G 2736 -2.91 106.48 45.26
CA LYS G 2736 -3.97 105.92 46.09
C LYS G 2736 -4.97 105.15 45.26
N LEU G 2737 -5.27 105.63 44.05
CA LEU G 2737 -6.16 104.87 43.19
C LEU G 2737 -5.54 103.53 42.79
N ALA G 2738 -4.23 103.52 42.54
CA ALA G 2738 -3.57 102.31 42.06
C ALA G 2738 -3.47 101.25 43.14
N ASN G 2739 -3.01 101.60 44.32
CA ASN G 2739 -2.95 100.62 45.40
C ASN G 2739 -4.30 100.40 46.07
N GLY G 2740 -5.33 101.17 45.69
CA GLY G 2740 -6.68 100.78 46.02
C GLY G 2740 -7.44 101.69 46.97
N TRP G 2741 -6.78 102.69 47.56
CA TRP G 2741 -7.42 103.49 48.59
C TRP G 2741 -8.46 104.45 47.98
N ILE G 2742 -9.59 104.62 48.69
CA ILE G 2742 -10.68 105.49 48.24
C ILE G 2742 -11.08 106.45 49.36
N TYR G 2743 -11.98 107.39 49.02
CA TYR G 2743 -12.39 108.43 49.97
C TYR G 2743 -13.12 107.86 51.17
N GLY G 2744 -12.90 108.48 52.33
CA GLY G 2744 -13.58 108.11 53.56
C GLY G 2744 -13.34 109.14 54.65
N GLU G 2745 -13.69 108.75 55.87
CA GLU G 2745 -13.57 109.67 57.01
C GLU G 2745 -12.12 109.80 57.48
N ILE G 2746 -11.41 108.68 57.63
CA ILE G 2746 -10.06 108.66 58.20
C ILE G 2746 -9.21 107.70 57.36
N TYR G 2747 -7.89 107.81 57.48
CA TYR G 2747 -7.01 107.01 56.63
C TYR G 2747 -6.84 105.61 57.20
N SER G 2748 -6.93 104.59 56.35
CA SER G 2748 -6.92 103.20 56.78
C SER G 2748 -6.31 102.33 55.69
N ASP G 2749 -5.27 101.56 56.05
CA ASP G 2749 -4.73 100.58 55.11
C ASP G 2749 -5.53 99.29 55.12
N SER G 2750 -6.46 99.15 56.08
CA SER G 2750 -7.21 97.91 56.22
C SER G 2750 -8.25 97.76 55.11
N SER G 2751 -9.16 98.71 54.99
CA SER G 2751 -10.25 98.64 54.03
C SER G 2751 -10.04 99.53 52.82
N LYS G 2752 -8.84 100.04 52.62
CA LYS G 2752 -8.50 100.89 51.47
C LYS G 2752 -9.46 102.09 51.41
N VAL G 2753 -9.61 102.75 52.55
CA VAL G 2753 -10.46 103.92 52.71
C VAL G 2753 -9.57 105.04 53.25
N GLN G 2754 -9.62 106.21 52.59
CA GLN G 2754 -8.46 107.10 52.67
C GLN G 2754 -8.83 108.50 52.16
N PRO G 2755 -8.79 109.52 53.02
CA PRO G 2755 -9.70 110.68 52.91
C PRO G 2755 -9.20 111.82 52.03
N LEU G 2756 -8.10 111.63 51.32
CA LEU G 2756 -7.43 112.71 50.61
C LEU G 2756 -8.01 112.99 49.24
N MET G 2757 -9.24 112.56 49.00
CA MET G 2757 -9.92 112.90 47.76
C MET G 2757 -10.06 114.40 47.59
N LYS G 2758 -10.04 115.16 48.69
CA LYS G 2758 -10.25 116.60 48.65
C LYS G 2758 -9.16 117.29 47.81
N PRO G 2759 -9.51 118.38 47.13
CA PRO G 2759 -8.55 119.02 46.23
C PRO G 2759 -7.42 119.76 46.95
N TYR G 2760 -6.40 120.08 46.16
CA TYR G 2760 -5.24 120.81 46.63
C TYR G 2760 -5.59 122.21 47.11
N LYS G 2761 -6.55 122.87 46.44
CA LYS G 2761 -6.94 124.21 46.81
C LYS G 2761 -7.39 124.28 48.27
N LEU G 2762 -8.22 123.32 48.69
CA LEU G 2762 -8.72 123.26 50.05
C LEU G 2762 -7.92 122.34 50.97
N LEU G 2763 -6.83 121.75 50.50
CA LEU G 2763 -6.07 120.90 51.42
C LEU G 2763 -5.42 121.73 52.52
N SER G 2764 -5.38 121.14 53.71
CA SER G 2764 -4.83 121.78 54.90
C SER G 2764 -3.34 122.03 54.74
N GLU G 2765 -2.89 123.18 55.22
CA GLU G 2765 -1.53 123.64 54.89
C GLU G 2765 -0.49 122.86 55.67
N LYS G 2766 -0.86 122.33 56.85
CA LYS G 2766 0.00 121.34 57.50
C LYS G 2766 0.25 120.15 56.59
N GLU G 2767 -0.83 119.53 56.09
CA GLU G 2767 -0.67 118.43 55.15
C GLU G 2767 -0.07 118.91 53.84
N LYS G 2768 -0.29 120.16 53.49
CA LYS G 2768 0.43 120.75 52.37
C LYS G 2768 1.90 120.91 52.68
N GLU G 2769 2.24 121.28 53.93
CA GLU G 2769 3.63 121.49 54.29
C GLU G 2769 4.41 120.17 54.27
N ILE G 2770 3.70 119.07 54.50
CA ILE G 2770 4.31 117.74 54.36
C ILE G 2770 4.82 117.57 52.93
N TYR G 2771 4.10 118.13 51.95
CA TYR G 2771 4.59 118.11 50.59
C TYR G 2771 5.65 119.18 50.35
N ARG G 2772 5.54 120.34 51.01
CA ARG G 2772 6.56 121.38 50.85
C ARG G 2772 7.94 120.87 51.22
N TRP G 2773 8.04 120.21 52.39
CA TRP G 2773 9.34 120.09 53.03
C TRP G 2773 10.36 119.37 52.13
N PRO G 2774 10.01 118.24 51.51
CA PRO G 2774 10.89 117.71 50.46
C PRO G 2774 11.08 118.69 49.30
N ILE G 2775 10.00 119.29 48.83
CA ILE G 2775 10.09 120.26 47.75
C ILE G 2775 10.92 121.47 48.18
N LYS G 2776 10.70 121.95 49.40
CA LYS G 2776 11.45 123.09 49.92
C LYS G 2776 12.94 122.79 49.99
N GLU G 2777 13.30 121.63 50.51
CA GLU G 2777 14.72 121.27 50.59
C GLU G 2777 15.32 121.07 49.20
N SER G 2778 14.57 120.46 48.28
CA SER G 2778 15.07 120.29 46.92
C SER G 2778 15.32 121.64 46.26
N LEU G 2779 14.40 122.59 46.43
CA LEU G 2779 14.57 123.91 45.84
C LEU G 2779 15.72 124.66 46.50
N LYS G 2780 15.89 124.51 47.81
CA LYS G 2780 17.01 125.15 48.49
C LYS G 2780 18.34 124.60 48.00
N THR G 2781 18.45 123.27 47.86
CA THR G 2781 19.67 122.69 47.32
C THR G 2781 19.88 123.08 45.86
N MET G 2782 18.80 123.25 45.10
CA MET G 2782 18.92 123.77 43.74
C MET G 2782 19.48 125.18 43.72
N LEU G 2783 19.01 126.04 44.63
CA LEU G 2783 19.43 127.43 44.60
C LEU G 2783 20.84 127.61 45.15
N ALA G 2784 21.25 126.78 46.12
CA ALA G 2784 22.59 126.92 46.69
C ALA G 2784 23.67 126.57 45.69
N TRP G 2785 23.38 125.63 44.79
CA TRP G 2785 24.37 125.25 43.78
C TRP G 2785 24.65 126.42 42.85
N GLY G 2786 23.75 127.41 42.84
CA GLY G 2786 23.92 128.62 42.06
C GLY G 2786 23.18 128.65 40.74
N TRP G 2787 22.30 127.68 40.48
CA TRP G 2787 21.72 127.55 39.14
C TRP G 2787 20.85 128.77 38.85
N ARG G 2788 21.15 129.49 37.77
CA ARG G 2788 20.34 130.64 37.41
C ARG G 2788 18.98 130.15 36.89
N ILE G 2789 17.90 130.75 37.39
CA ILE G 2789 16.55 130.40 36.98
C ILE G 2789 15.91 131.62 36.33
N GLU G 2790 15.45 131.46 35.08
CA GLU G 2790 14.88 132.56 34.31
C GLU G 2790 13.43 132.25 33.94
N ARG G 2791 12.63 133.31 33.86
CA ARG G 2791 11.18 133.23 33.77
C ARG G 2791 10.73 133.63 32.36
N THR G 2792 9.81 132.85 31.81
CA THR G 2792 9.35 133.02 30.44
C THR G 2792 7.89 133.47 30.42
N ARG G 2793 7.36 133.70 29.21
CA ARG G 2793 5.98 134.19 29.07
C ARG G 2793 4.97 133.06 29.20
N GLU G 2794 5.39 131.81 28.98
CA GLU G 2794 4.50 130.69 29.21
C GLU G 2794 3.99 130.67 30.65
N GLY G 2795 4.77 131.22 31.59
CA GLY G 2795 4.29 131.29 32.96
C GLY G 2795 3.10 132.21 33.12
N ASP G 2796 3.16 133.41 32.53
CA ASP G 2796 2.02 134.31 32.65
C ASP G 2796 0.88 133.87 31.73
N SER G 2797 1.15 132.94 30.81
CA SER G 2797 0.07 132.30 30.09
C SER G 2797 -0.87 131.64 31.10
N MET G 2798 -0.27 130.98 32.10
CA MET G 2798 -1.06 130.35 33.16
C MET G 2798 -1.89 131.40 33.91
N ALA G 2799 -1.27 132.54 34.23
CA ALA G 2799 -1.99 133.58 34.97
C ALA G 2799 -3.18 134.10 34.18
N LEU G 2800 -3.00 134.31 32.87
CA LEU G 2800 -4.14 134.72 32.04
C LEU G 2800 -5.18 133.61 31.94
N TYR G 2801 -4.74 132.35 31.96
CA TYR G 2801 -5.70 131.25 31.93
C TYR G 2801 -6.58 131.25 33.17
N ASN G 2802 -5.98 131.50 34.33
CA ASN G 2802 -6.74 131.59 35.58
C ASN G 2802 -7.63 132.83 35.59
N GLY G 2820 -14.65 116.98 44.98
CA GLY G 2820 -13.37 117.46 44.52
C GLY G 2820 -13.19 117.31 43.02
N TYR G 2821 -11.97 117.03 42.59
CA TYR G 2821 -11.70 116.79 41.18
C TYR G 2821 -10.86 115.53 41.05
N SER G 2822 -10.85 114.98 39.84
CA SER G 2822 -9.96 113.87 39.48
C SER G 2822 -8.80 114.46 38.69
N PRO G 2823 -7.56 114.36 39.19
CA PRO G 2823 -6.42 114.73 38.35
C PRO G 2823 -6.43 113.93 37.06
N ARG G 2824 -6.69 114.60 35.95
CA ARG G 2824 -6.99 113.89 34.72
C ARG G 2824 -5.71 113.64 33.93
N ALA G 2825 -5.78 112.63 33.05
CA ALA G 2825 -4.60 112.03 32.45
C ALA G 2825 -3.65 113.08 31.88
N ILE G 2826 -2.47 113.15 32.49
CA ILE G 2826 -1.33 113.90 32.00
C ILE G 2826 -0.35 112.94 31.38
N ASP G 2827 0.52 113.45 30.49
CA ASP G 2827 1.42 112.62 29.70
C ASP G 2827 2.87 113.09 29.92
N MET G 2828 3.60 112.41 30.82
CA MET G 2828 4.93 112.88 31.17
C MET G 2828 5.97 112.54 30.10
N SER G 2829 5.95 111.31 29.59
CA SER G 2829 7.18 110.66 29.15
C SER G 2829 7.69 111.21 27.83
N ASN G 2830 6.86 111.93 27.08
CA ASN G 2830 7.21 112.26 25.72
C ASN G 2830 8.33 113.30 25.63
N VAL G 2831 8.43 114.18 26.63
CA VAL G 2831 9.46 115.21 26.62
C VAL G 2831 10.83 114.60 26.90
N THR G 2832 11.88 115.33 26.52
CA THR G 2832 13.26 114.89 26.68
C THR G 2832 14.14 116.07 27.06
N LEU G 2833 15.22 115.79 27.78
CA LEU G 2833 16.16 116.81 28.22
C LEU G 2833 17.36 116.92 27.27
N SER G 2834 18.29 117.79 27.62
CA SER G 2834 19.53 117.96 26.88
C SER G 2834 20.68 117.31 27.64
N ARG G 2835 21.83 117.17 26.96
CA ARG G 2835 22.97 116.46 27.54
C ARG G 2835 23.63 117.25 28.68
N ASP G 2836 23.75 118.57 28.51
CA ASP G 2836 24.30 119.38 29.59
C ASP G 2836 23.41 119.32 30.83
N LEU G 2837 22.09 119.40 30.62
CA LEU G 2837 21.17 119.24 31.74
C LEU G 2837 21.22 117.82 32.30
N HIS G 2838 21.60 116.85 31.48
CA HIS G 2838 21.73 115.49 31.99
CA HIS G 2838 21.73 115.49 31.99
C HIS G 2838 22.92 115.35 32.94
N ALA G 2839 24.06 115.94 32.58
CA ALA G 2839 25.19 115.94 33.52
C ALA G 2839 24.82 116.73 34.77
N MET G 2840 24.12 117.85 34.57
CA MET G 2840 23.64 118.68 35.67
C MET G 2840 22.80 117.86 36.63
N ALA G 2841 21.85 117.11 36.07
CA ALA G 2841 20.96 116.28 36.87
C ALA G 2841 21.68 115.05 37.44
N GLU G 2842 22.74 114.59 36.78
CA GLU G 2842 23.52 113.51 37.35
C GLU G 2842 24.18 113.95 38.64
N MET G 2843 24.75 115.16 38.65
CA MET G 2843 25.29 115.70 39.90
C MET G 2843 24.21 116.03 40.93
N MET G 2844 23.03 116.50 40.50
CA MET G 2844 22.02 116.70 41.54
C MET G 2844 21.58 115.36 42.14
N ALA G 2845 21.46 114.31 41.31
CA ALA G 2845 21.13 112.99 41.85
C ALA G 2845 22.23 112.48 42.78
N GLU G 2846 23.49 112.71 42.42
CA GLU G 2846 24.58 112.35 43.32
C GLU G 2846 24.47 113.13 44.64
N ASN G 2847 24.09 114.40 44.58
CA ASN G 2847 23.89 115.19 45.79
C ASN G 2847 22.77 114.61 46.65
N TYR G 2848 21.67 114.17 46.01
CA TYR G 2848 20.56 113.61 46.77
C TYR G 2848 20.95 112.27 47.39
N HIS G 2849 21.74 111.47 46.67
CA HIS G 2849 22.30 110.26 47.25
C HIS G 2849 23.23 110.57 48.41
N ASN G 2850 23.97 111.68 48.33
CA ASN G 2850 24.80 112.10 49.45
C ASN G 2850 23.97 112.50 50.66
N ILE G 2851 22.84 113.17 50.47
CA ILE G 2851 21.96 113.48 51.59
C ILE G 2851 21.40 112.20 52.19
N TRP G 2852 20.92 111.29 51.33
CA TRP G 2852 20.42 109.99 51.79
C TRP G 2852 21.50 109.22 52.53
N ALA G 2853 22.75 109.29 52.06
CA ALA G 2853 23.84 108.56 52.68
C ALA G 2853 24.26 109.20 53.99
N LYS G 2854 24.18 110.53 54.11
CA LYS G 2854 24.34 111.14 55.43
C LYS G 2854 23.29 110.65 56.40
N LYS G 2855 22.02 110.64 55.99
CA LYS G 2855 20.98 110.15 56.90
C LYS G 2855 21.25 108.71 57.30
N LYS G 2856 21.69 107.88 56.35
CA LYS G 2856 22.00 106.50 56.65
C LYS G 2856 23.23 106.38 57.55
N LYS G 2857 24.18 107.31 57.41
CA LYS G 2857 25.34 107.30 58.30
C LYS G 2857 24.95 107.65 59.73
N MET G 2858 24.09 108.66 59.91
CA MET G 2858 23.61 108.94 61.26
C MET G 2858 22.84 107.76 61.83
N GLU G 2859 21.94 107.14 61.06
CA GLU G 2859 21.17 106.04 61.63
C GLU G 2859 22.04 104.82 61.90
N LEU G 2860 23.05 104.58 61.06
CA LEU G 2860 23.97 103.48 61.27
C LEU G 2860 24.90 103.70 62.45
N GLU G 2861 25.37 104.92 62.68
CA GLU G 2861 26.15 105.22 63.88
C GLU G 2861 25.29 105.17 65.14
N SER G 2862 24.03 105.59 65.06
CA SER G 2862 23.13 105.41 66.20
C SER G 2862 22.90 103.94 66.49
N LYS G 2863 22.79 103.12 65.45
CA LYS G 2863 22.71 101.67 65.62
C LYS G 2863 23.97 101.13 66.29
N GLY G 2864 25.14 101.59 65.83
CA GLY G 2864 26.41 101.16 66.38
C GLY G 2864 27.15 100.11 65.59
N GLY G 2865 26.53 99.54 64.55
CA GLY G 2865 27.20 98.52 63.76
C GLY G 2865 26.38 97.98 62.61
N GLY G 2866 27.05 97.58 61.54
CA GLY G 2866 26.41 96.98 60.39
C GLY G 2866 26.85 97.67 59.12
N ASN G 2867 26.29 97.20 58.00
CA ASN G 2867 26.58 97.77 56.69
C ASN G 2867 25.31 97.68 55.85
N HIS G 2868 25.28 98.48 54.79
CA HIS G 2868 24.14 98.49 53.89
C HIS G 2868 24.62 98.29 52.45
N PRO G 2869 23.84 97.59 51.62
CA PRO G 2869 24.29 97.35 50.24
C PRO G 2869 24.50 98.64 49.45
N LEU G 2870 23.74 99.68 49.73
CA LEU G 2870 23.85 100.96 49.03
C LEU G 2870 24.83 101.91 49.70
N LEU G 2871 25.56 101.47 50.72
CA LEU G 2871 26.51 102.34 51.39
C LEU G 2871 27.63 102.80 50.48
N VAL G 2872 27.87 102.09 49.37
CA VAL G 2872 28.91 102.47 48.41
C VAL G 2872 28.52 103.79 47.77
N PRO G 2873 29.48 104.59 47.29
CA PRO G 2873 29.13 105.90 46.72
C PRO G 2873 28.23 105.76 45.50
N TYR G 2874 27.70 106.91 45.07
CA TYR G 2874 26.73 106.92 43.97
C TYR G 2874 27.36 106.41 42.68
N ASP G 2875 28.60 106.81 42.41
CA ASP G 2875 29.30 106.29 41.24
C ASP G 2875 29.54 104.79 41.35
N THR G 2876 29.70 104.29 42.57
CA THR G 2876 29.84 102.84 42.77
C THR G 2876 28.50 102.12 42.67
N LEU G 2877 27.40 102.87 42.76
CA LEU G 2877 26.07 102.26 42.74
C LEU G 2877 25.75 101.63 41.39
N THR G 2878 24.66 100.88 41.37
CA THR G 2878 24.15 100.21 40.18
C THR G 2878 22.90 100.93 39.68
N ALA G 2879 22.54 100.67 38.43
CA ALA G 2879 21.46 101.43 37.78
C ALA G 2879 20.13 101.29 38.51
N LYS G 2880 19.87 100.12 39.11
CA LYS G 2880 18.55 99.90 39.70
C LYS G 2880 18.27 100.85 40.85
N GLU G 2881 19.27 101.10 41.71
CA GLU G 2881 19.06 102.05 42.80
C GLU G 2881 19.26 103.49 42.32
N LYS G 2882 20.03 103.68 41.25
CA LYS G 2882 20.09 104.98 40.60
C LYS G 2882 18.77 105.39 39.99
N ALA G 2883 17.87 104.44 39.73
CA ALA G 2883 16.64 104.72 39.00
C ALA G 2883 15.74 105.69 39.77
N LYS G 2884 15.64 105.52 41.09
CA LYS G 2884 14.75 106.38 41.86
C LYS G 2884 15.22 107.84 41.82
N ASP G 2885 16.51 108.07 42.09
CA ASP G 2885 17.05 109.42 42.00
C ASP G 2885 16.89 109.98 40.59
N ARG G 2886 17.17 109.14 39.58
CA ARG G 2886 17.10 109.61 38.20
C ARG G 2886 15.69 110.04 37.85
N GLU G 2887 14.69 109.20 38.15
CA GLU G 2887 13.31 109.55 37.80
C GLU G 2887 12.81 110.75 38.58
N LYS G 2888 13.15 110.86 39.87
CA LYS G 2888 12.60 111.97 40.64
C LYS G 2888 13.26 113.29 40.25
N ALA G 2889 14.49 113.24 39.74
CA ALA G 2889 15.09 114.44 39.16
C ALA G 2889 14.46 114.77 37.81
N GLN G 2890 14.30 113.75 36.96
CA GLN G 2890 13.61 113.93 35.69
C GLN G 2890 12.29 114.67 35.87
N ASP G 2891 11.43 114.17 36.78
CA ASP G 2891 10.07 114.68 36.89
C ASP G 2891 10.06 116.18 37.20
N ILE G 2892 10.83 116.59 38.21
CA ILE G 2892 10.86 118.01 38.56
C ILE G 2892 11.43 118.83 37.41
N LEU G 2893 12.41 118.28 36.68
CA LEU G 2893 12.96 119.03 35.56
C LEU G 2893 11.93 119.24 34.46
N LYS G 2894 11.25 118.17 34.05
CA LYS G 2894 10.31 118.30 32.93
C LYS G 2894 9.16 119.22 33.32
N PHE G 2895 8.72 119.15 34.57
CA PHE G 2895 7.67 120.06 34.99
C PHE G 2895 8.19 121.50 35.03
N LEU G 2896 9.51 121.65 35.23
CA LEU G 2896 10.12 122.97 35.14
C LEU G 2896 10.14 123.52 33.72
N GLN G 2897 10.47 122.69 32.71
CA GLN G 2897 10.21 123.19 31.36
C GLN G 2897 8.75 123.56 31.14
N ILE G 2898 7.82 122.67 31.50
CA ILE G 2898 6.41 122.95 31.25
C ILE G 2898 5.99 124.23 31.96
N ASN G 2899 6.59 124.53 33.12
CA ASN G 2899 6.31 125.78 33.82
C ASN G 2899 7.04 126.97 33.22
N GLY G 2900 8.07 126.71 32.42
CA GLY G 2900 8.72 127.75 31.65
C GLY G 2900 10.02 128.30 32.19
N TYR G 2901 10.44 127.89 33.38
CA TYR G 2901 11.73 128.36 33.90
C TYR G 2901 12.88 127.83 33.04
N ALA G 2902 13.97 128.59 33.05
CA ALA G 2902 15.18 128.19 32.34
C ALA G 2902 16.31 128.03 33.35
N VAL G 2903 16.74 126.79 33.58
CA VAL G 2903 17.83 126.52 34.48
C VAL G 2903 19.12 126.50 33.65
N SER G 2904 20.19 127.00 34.25
CA SER G 2904 21.48 127.18 33.57
C SER G 2904 22.54 126.56 34.46
N ARG G 2905 23.80 126.94 34.25
CA ARG G 2905 24.87 126.41 35.10
C ARG G 2905 24.96 127.20 36.40
N GLY G 2906 25.73 126.68 37.35
CA GLY G 2906 25.81 127.30 38.66
C GLY G 2906 26.48 128.67 38.66
N PHE G 2907 27.56 128.83 37.91
CA PHE G 2907 28.30 130.09 37.93
C PHE G 2907 28.91 130.36 36.57
N LYS G 2908 28.92 131.63 36.16
CA LYS G 2908 29.50 132.01 34.88
C LYS G 2908 31.02 131.87 34.93
N ASP G 2909 31.63 131.77 33.74
CA ASP G 2909 33.08 131.73 33.64
C ASP G 2909 33.69 133.02 34.17
N LEU G 2910 34.79 132.88 34.92
CA LEU G 2910 35.38 134.04 35.57
C LEU G 2910 36.38 134.75 34.65
N GLU G 2911 37.23 133.99 33.97
CA GLU G 2911 38.27 134.55 33.11
C GLU G 2911 38.86 133.41 32.31
N LEU G 2912 39.60 133.77 31.25
CA LEU G 2912 40.24 132.81 30.37
C LEU G 2912 41.76 132.98 30.44
N ASP G 2913 42.45 131.87 30.72
CA ASP G 2913 43.91 131.86 30.72
C ASP G 2913 44.49 131.37 29.40
N THR G 2914 43.65 131.24 28.37
CA THR G 2914 44.13 130.83 27.06
C THR G 2914 45.04 131.85 26.37
N PRO G 2915 44.88 133.17 26.53
CA PRO G 2915 45.82 134.09 25.85
C PRO G 2915 47.27 133.87 26.21
N SER G 2916 47.57 133.52 27.46
CA SER G 2916 48.95 133.32 27.87
C SER G 2916 49.45 131.95 27.43
N ILE G 2917 50.63 131.94 26.81
CA ILE G 2917 51.25 130.66 26.43
C ILE G 2917 51.83 129.97 27.65
N GLU G 2918 51.88 130.65 28.79
CA GLU G 2918 52.36 130.03 30.02
C GLU G 2918 51.46 128.89 30.45
N LYS G 2919 50.14 129.04 30.28
CA LYS G 2919 49.20 128.01 30.71
C LYS G 2919 49.24 126.80 29.80
N ARG G 2920 49.91 126.90 28.65
CA ARG G 2920 50.08 125.74 27.80
C ARG G 2920 50.80 124.63 28.56
N PHE G 2921 50.27 123.40 28.46
CA PHE G 2921 50.74 122.33 29.32
C PHE G 2921 52.23 122.09 29.15
N ALA G 2922 52.71 122.09 27.90
CA ALA G 2922 54.13 121.90 27.66
C ALA G 2922 54.95 123.02 28.28
N TYR G 2923 54.41 124.25 28.28
CA TYR G 2923 55.15 125.37 28.83
C TYR G 2923 55.42 125.17 30.31
N SER G 2924 54.38 124.84 31.09
CA SER G 2924 54.57 124.60 32.52
C SER G 2924 55.40 123.34 32.77
N PHE G 2925 55.17 122.30 31.96
CA PHE G 2925 55.93 121.07 32.11
C PHE G 2925 57.42 121.33 31.99
N LEU G 2926 57.84 121.96 30.89
CA LEU G 2926 59.25 122.28 30.71
C LEU G 2926 59.70 123.42 31.61
N GLN G 2927 58.77 124.20 32.17
CA GLN G 2927 59.12 125.15 33.22
C GLN G 2927 59.67 124.46 34.47
N GLN G 2928 58.84 123.64 35.11
CA GLN G 2928 59.37 122.89 36.25
C GLN G 2928 60.48 121.94 35.83
N LEU G 2929 60.49 121.54 34.56
CA LEU G 2929 61.55 120.66 34.07
C LEU G 2929 62.88 121.39 34.03
N ILE G 2930 62.88 122.67 33.63
CA ILE G 2930 64.14 123.40 33.55
C ILE G 2930 64.58 123.85 34.95
N ARG G 2931 63.62 124.11 35.84
CA ARG G 2931 64.03 124.30 37.23
C ARG G 2931 64.69 123.04 37.79
N TYR G 2932 64.12 121.86 37.54
CA TYR G 2932 64.74 120.64 38.03
C TYR G 2932 66.09 120.37 37.36
N VAL G 2933 66.19 120.68 36.07
CA VAL G 2933 67.46 120.48 35.36
C VAL G 2933 68.54 121.43 35.88
N ASP G 2934 68.21 122.70 36.13
CA ASP G 2934 69.17 123.63 36.68
C ASP G 2934 69.54 123.27 38.11
N GLU G 2935 68.57 122.76 38.89
CA GLU G 2935 68.88 122.27 40.22
C GLU G 2935 69.87 121.10 40.15
N ALA G 2936 69.65 120.16 39.22
CA ALA G 2936 70.57 119.05 39.07
C ALA G 2936 71.94 119.52 38.62
N HIS G 2937 71.98 120.53 37.74
CA HIS G 2937 73.25 121.06 37.26
C HIS G 2937 74.03 121.73 38.39
N GLN G 2938 73.35 122.49 39.24
CA GLN G 2938 74.06 123.08 40.37
C GLN G 2938 74.46 122.03 41.40
N TYR G 2939 73.64 120.98 41.59
CA TYR G 2939 74.08 119.88 42.45
C TYR G 2939 75.33 119.22 41.91
N ILE G 2940 75.42 118.99 40.60
CA ILE G 2940 76.64 118.40 40.06
C ILE G 2940 77.80 119.39 40.09
N LEU G 2941 77.51 120.69 40.10
CA LEU G 2941 78.58 121.67 40.32
C LEU G 2941 79.16 121.57 41.73
N GLU G 2942 78.31 121.58 42.76
CA GLU G 2942 78.84 121.39 44.11
C GLU G 2942 79.42 120.00 44.29
N PHE G 2943 79.03 119.03 43.47
CA PHE G 2943 79.73 117.75 43.53
C PHE G 2943 81.08 117.78 42.85
N ASP G 2944 81.25 118.54 41.77
CA ASP G 2944 82.59 118.75 41.25
C ASP G 2944 83.46 119.44 42.31
N GLY G 2945 82.86 120.34 43.08
CA GLY G 2945 83.59 120.99 44.16
C GLY G 2945 83.96 120.04 45.28
N GLY G 2946 83.03 119.19 45.72
CA GLY G 2946 83.25 118.40 46.91
C GLY G 2946 83.76 117.00 46.62
N SER G 2947 83.87 116.65 45.34
CA SER G 2947 84.34 115.32 44.93
C SER G 2947 85.83 115.15 45.16
N ARG G 2948 86.56 116.24 45.37
CA ARG G 2948 87.93 116.15 45.84
C ARG G 2948 88.02 115.90 47.33
N GLY G 2949 86.89 116.03 48.04
CA GLY G 2949 86.85 115.62 49.43
C GLY G 2949 86.67 114.11 49.53
N LYS G 2950 87.05 113.54 50.67
CA LYS G 2950 87.00 112.09 50.84
C LYS G 2950 85.57 111.58 50.73
N GLY G 2951 84.62 112.26 51.37
CA GLY G 2951 83.25 111.82 51.34
C GLY G 2951 82.63 111.86 49.96
N GLU G 2952 82.45 110.67 49.37
CA GLU G 2952 81.82 110.57 48.06
C GLU G 2952 80.33 110.31 48.15
N HIS G 2953 79.77 110.31 49.35
CA HIS G 2953 78.34 110.04 49.53
C HIS G 2953 77.53 111.17 48.92
N PHE G 2954 76.32 110.83 48.49
CA PHE G 2954 75.44 111.79 47.83
C PHE G 2954 74.32 112.18 48.79
N PRO G 2955 74.34 113.38 49.39
CA PRO G 2955 73.17 113.84 50.13
C PRO G 2955 71.93 113.96 49.27
N TYR G 2956 72.12 114.33 48.00
CA TYR G 2956 71.08 114.41 46.98
C TYR G 2956 71.06 113.18 46.08
N GLU G 2957 71.40 112.01 46.66
CA GLU G 2957 71.44 110.75 45.92
C GLU G 2957 70.16 110.52 45.13
N GLN G 2958 69.02 110.44 45.82
CA GLN G 2958 67.78 110.13 45.13
C GLN G 2958 67.40 111.25 44.19
N GLU G 2959 67.83 112.48 44.49
CA GLU G 2959 67.61 113.58 43.55
C GLU G 2959 68.22 113.28 42.18
N ILE G 2960 69.51 112.96 42.13
CA ILE G 2960 70.15 112.80 40.81
C ILE G 2960 69.80 111.46 40.18
N LYS G 2961 69.60 110.40 40.97
CA LYS G 2961 69.18 109.16 40.35
C LYS G 2961 67.77 109.28 39.77
N PHE G 2962 66.86 109.90 40.51
CA PHE G 2962 65.55 110.20 39.95
C PHE G 2962 65.68 111.03 38.69
N PHE G 2963 66.51 112.08 38.72
CA PHE G 2963 66.72 112.89 37.53
C PHE G 2963 67.18 112.05 36.36
N ALA G 2964 68.35 111.44 36.47
CA ALA G 2964 68.98 110.72 35.36
C ALA G 2964 68.13 109.58 34.83
N LYS G 2965 67.40 108.87 35.69
CA LYS G 2965 66.72 107.66 35.21
C LYS G 2965 65.20 107.83 35.13
N VAL G 2966 64.68 109.03 35.38
CA VAL G 2966 63.26 109.30 35.15
C VAL G 2966 63.12 110.54 34.28
N VAL G 2967 63.68 111.66 34.77
CA VAL G 2967 63.49 112.95 34.10
C VAL G 2967 64.11 112.91 32.70
N LEU G 2968 65.35 112.44 32.60
CA LEU G 2968 66.00 112.32 31.30
C LEU G 2968 65.25 111.34 30.40
N PRO G 2969 64.88 110.14 30.85
CA PRO G 2969 63.94 109.33 30.04
C PRO G 2969 62.61 110.00 29.81
N LEU G 2970 62.12 110.78 30.79
CA LEU G 2970 60.88 111.52 30.58
C LEU G 2970 61.03 112.53 29.46
N ILE G 2971 62.14 113.28 29.45
CA ILE G 2971 62.41 114.23 28.38
C ILE G 2971 62.50 113.51 27.05
N ASP G 2972 63.22 112.39 27.02
CA ASP G 2972 63.40 111.62 25.79
C ASP G 2972 62.06 111.17 25.23
N GLN G 2973 61.23 110.52 26.06
CA GLN G 2973 59.94 110.03 25.58
C GLN G 2973 59.02 111.17 25.20
N TYR G 2974 59.08 112.29 25.94
CA TYR G 2974 58.22 113.43 25.62
C TYR G 2974 58.56 113.99 24.25
N PHE G 2975 59.84 114.27 24.01
CA PHE G 2975 60.23 114.82 22.71
C PHE G 2975 60.09 113.81 21.57
N LYS G 2976 60.20 112.51 21.85
CA LYS G 2976 59.90 111.50 20.83
C LYS G 2976 58.43 111.46 20.49
N ASN G 2977 57.56 111.48 21.50
CA ASN G 2977 56.12 111.49 21.27
C ASN G 2977 55.70 112.76 20.55
N HIS G 2978 56.41 113.85 20.80
CA HIS G 2978 56.09 115.14 20.19
C HIS G 2978 57.18 115.64 19.27
N ARG G 2979 57.75 114.73 18.47
CA ARG G 2979 58.59 115.10 17.32
C ARG G 2979 58.01 116.31 16.59
N LEU G 2980 56.78 116.17 16.10
CA LEU G 2980 56.22 117.20 15.22
C LEU G 2980 55.72 118.40 16.02
N TYR G 2981 55.26 118.18 17.25
CA TYR G 2981 54.71 119.28 18.04
C TYR G 2981 55.79 120.32 18.32
N PHE G 2982 56.96 119.88 18.80
CA PHE G 2982 58.04 120.82 19.08
C PHE G 2982 58.51 121.50 17.81
N LEU G 2983 58.48 120.78 16.69
CA LEU G 2983 58.79 121.41 15.41
C LEU G 2983 57.62 122.26 14.90
N SER G 2984 56.44 122.08 15.48
CA SER G 2984 55.25 122.81 15.01
C SER G 2984 55.27 124.23 15.54
N ALA G 2985 55.14 125.19 14.64
CA ALA G 2985 54.96 126.59 14.99
C ALA G 2985 53.73 127.19 14.35
N ALA G 2986 52.74 126.36 13.99
CA ALA G 2986 51.54 126.76 13.26
C ALA G 2986 51.89 127.33 11.90
N SER G 2987 53.15 127.16 11.47
CA SER G 2987 53.61 127.66 10.19
C SER G 2987 53.70 126.52 9.17
N ARG G 2988 52.85 125.49 9.36
CA ARG G 2988 52.59 124.29 8.54
C ARG G 2988 53.10 123.00 9.15
N PRO G 2989 54.21 122.99 9.91
CA PRO G 2989 54.49 121.81 10.75
C PRO G 2989 53.34 121.56 11.71
N LEU G 2990 52.77 120.35 11.62
CA LEU G 2990 51.53 120.01 12.30
C LEU G 2990 50.49 121.09 12.02
N CYS G 2991 50.10 121.23 10.75
CA CYS G 2991 49.21 122.31 10.34
C CYS G 2991 47.83 122.17 10.96
N SER G 2992 47.49 121.00 11.49
CA SER G 2992 46.21 120.82 12.15
C SER G 2992 46.07 121.72 13.37
N GLY G 2993 47.18 122.17 13.94
CA GLY G 2993 47.19 123.01 15.10
C GLY G 2993 48.25 122.53 16.08
N GLY G 2994 48.07 122.90 17.34
CA GLY G 2994 48.95 122.45 18.39
C GLY G 2994 50.41 122.78 18.17
N HIS G 2995 50.76 124.06 18.22
CA HIS G 2995 52.12 124.48 17.98
C HIS G 2995 52.87 124.67 19.28
N ALA G 2996 54.13 124.25 19.30
CA ALA G 2996 55.03 124.66 20.36
C ALA G 2996 55.34 126.14 20.19
N SER G 2997 55.15 126.91 21.26
CA SER G 2997 55.30 128.35 21.17
C SER G 2997 56.76 128.72 20.88
N ASN G 2998 56.95 129.94 20.38
CA ASN G 2998 58.31 130.42 20.14
C ASN G 2998 59.12 130.46 21.42
N LYS G 2999 58.51 130.90 22.52
CA LYS G 2999 59.19 130.88 23.80
C LYS G 2999 59.44 129.45 24.26
N GLU G 3000 58.50 128.53 23.95
CA GLU G 3000 58.71 127.13 24.27
C GLU G 3000 59.91 126.55 23.54
N LYS G 3001 60.12 126.93 22.28
CA LYS G 3001 61.27 126.41 21.54
C LYS G 3001 62.55 127.10 21.98
N GLU G 3002 62.46 128.37 22.40
CA GLU G 3002 63.59 129.04 23.05
C GLU G 3002 64.03 128.28 24.29
N MET G 3003 63.07 127.91 25.13
CA MET G 3003 63.36 127.20 26.37
C MET G 3003 63.68 125.73 26.14
N VAL G 3004 63.28 125.15 25.00
CA VAL G 3004 63.81 123.87 24.55
C VAL G 3004 65.31 124.00 24.25
N THR G 3005 65.68 125.06 23.52
CA THR G 3005 67.10 125.30 23.24
C THR G 3005 67.90 125.54 24.51
N SER G 3006 67.33 126.26 25.47
CA SER G 3006 68.00 126.43 26.76
C SER G 3006 68.14 125.10 27.50
N LEU G 3007 67.14 124.21 27.38
CA LEU G 3007 67.28 122.88 27.94
C LEU G 3007 68.42 122.11 27.27
N PHE G 3008 68.56 122.25 25.95
CA PHE G 3008 69.68 121.64 25.24
C PHE G 3008 71.02 122.18 25.77
N CYS G 3009 71.10 123.49 25.96
CA CYS G 3009 72.32 124.10 26.49
C CYS G 3009 72.62 123.57 27.90
N LYS G 3010 71.59 123.46 28.73
CA LYS G 3010 71.78 122.96 30.09
C LYS G 3010 72.23 121.51 30.07
N LEU G 3011 71.66 120.69 29.19
CA LEU G 3011 72.10 119.30 29.07
C LEU G 3011 73.55 119.22 28.63
N GLY G 3012 73.95 120.06 27.67
CA GLY G 3012 75.35 120.09 27.26
C GLY G 3012 76.27 120.43 28.40
N VAL G 3013 76.02 121.57 29.07
CA VAL G 3013 76.90 121.98 30.16
C VAL G 3013 76.81 121.00 31.33
N LEU G 3014 75.75 120.19 31.38
CA LEU G 3014 75.66 119.13 32.38
C LEU G 3014 76.53 117.94 31.99
N VAL G 3015 76.73 117.73 30.69
CA VAL G 3015 77.42 116.53 30.22
C VAL G 3015 78.90 116.80 29.90
N ARG G 3016 79.35 118.06 29.97
CA ARG G 3016 80.77 118.32 29.75
C ARG G 3016 81.61 117.63 30.83
N HIS G 3017 82.32 116.57 30.43
CA HIS G 3017 83.37 115.94 31.24
C HIS G 3017 82.85 115.41 32.57
N ARG G 3018 81.69 114.76 32.53
CA ARG G 3018 81.13 114.06 33.68
C ARG G 3018 80.78 112.61 33.38
N ILE G 3019 81.37 112.02 32.34
CA ILE G 3019 81.04 110.65 31.96
C ILE G 3019 81.42 109.68 33.07
N SER G 3020 82.62 109.86 33.64
CA SER G 3020 83.05 109.00 34.73
C SER G 3020 82.14 109.13 35.95
N LEU G 3021 81.69 110.35 36.24
CA LEU G 3021 80.76 110.56 37.34
C LEU G 3021 79.38 109.96 37.06
N PHE G 3022 79.00 109.82 35.80
CA PHE G 3022 77.76 109.14 35.47
C PHE G 3022 77.95 107.64 35.66
N GLY G 3023 76.93 106.99 36.23
CA GLY G 3023 76.98 105.55 36.44
C GLY G 3023 76.54 104.77 35.21
N ASN G 3024 77.27 104.94 34.12
CA ASN G 3024 77.03 104.37 32.79
C ASN G 3024 75.76 104.94 32.16
N ASP G 3025 75.05 105.86 32.82
CA ASP G 3025 73.91 106.53 32.21
C ASP G 3025 74.34 107.59 31.21
N ALA G 3026 75.64 107.75 30.97
CA ALA G 3026 76.12 108.67 29.95
C ALA G 3026 75.60 108.32 28.57
N THR G 3027 75.39 107.03 28.28
CA THR G 3027 74.76 106.64 27.03
C THR G 3027 73.33 107.18 26.96
N SER G 3028 72.58 107.06 28.06
CA SER G 3028 71.25 107.65 28.10
C SER G 3028 71.32 109.15 27.86
N ILE G 3029 72.33 109.81 28.44
CA ILE G 3029 72.45 111.26 28.26
C ILE G 3029 72.80 111.62 26.82
N VAL G 3030 73.64 110.82 26.15
CA VAL G 3030 73.94 111.15 24.76
C VAL G 3030 72.72 110.93 23.87
N ASN G 3031 71.90 109.92 24.17
CA ASN G 3031 70.61 109.80 23.47
C ASN G 3031 69.71 110.99 23.77
N CYS G 3032 69.74 111.49 25.00
CA CYS G 3032 68.97 112.69 25.33
C CYS G 3032 69.41 113.88 24.50
N LEU G 3033 70.73 114.10 24.40
CA LEU G 3033 71.25 115.19 23.58
C LEU G 3033 70.90 114.99 22.11
N HIS G 3034 70.94 113.75 21.63
CA HIS G 3034 70.50 113.44 20.27
C HIS G 3034 69.06 113.87 20.04
N ILE G 3035 68.16 113.47 20.94
CA ILE G 3035 66.74 113.80 20.79
C ILE G 3035 66.51 115.31 20.85
N LEU G 3036 67.18 115.98 21.80
CA LEU G 3036 67.06 117.43 21.87
C LEU G 3036 67.64 118.10 20.63
N GLY G 3037 68.63 117.47 20.00
CA GLY G 3037 69.12 117.95 18.72
C GLY G 3037 68.12 117.81 17.60
N GLN G 3038 67.40 116.70 17.54
CA GLN G 3038 66.30 116.61 16.58
C GLN G 3038 65.23 117.66 16.84
N THR G 3039 64.98 117.98 18.10
CA THR G 3039 63.96 118.99 18.43
C THR G 3039 64.60 120.37 18.50
N LEU G 3040 64.60 121.06 17.36
CA LEU G 3040 65.12 122.43 17.24
C LEU G 3040 64.37 123.17 16.15
N ASP G 3041 64.29 124.49 16.27
CA ASP G 3041 63.65 125.37 15.28
C ASP G 3041 64.40 126.70 15.21
N ALA G 3042 65.34 126.77 14.27
CA ALA G 3042 66.30 127.86 14.23
C ALA G 3042 65.65 129.20 13.87
N ARG G 3043 64.84 129.22 12.81
CA ARG G 3043 64.11 130.42 12.43
C ARG G 3043 63.38 131.01 13.62
N THR G 3044 62.64 130.18 14.36
CA THR G 3044 61.87 130.68 15.49
C THR G 3044 62.79 131.23 16.56
N VAL G 3045 63.86 130.49 16.87
CA VAL G 3045 64.78 130.95 17.91
C VAL G 3045 65.40 132.30 17.52
N MET G 3046 65.82 132.45 16.27
CA MET G 3046 66.46 133.71 15.89
C MET G 3046 65.49 134.87 15.81
N LYS G 3047 64.35 134.71 15.14
CA LYS G 3047 63.46 135.86 14.98
C LYS G 3047 62.78 136.22 16.30
N THR G 3048 62.55 135.25 17.17
CA THR G 3048 62.03 135.52 18.50
C THR G 3048 62.83 134.72 19.50
N GLY G 3049 63.72 135.39 20.24
CA GLY G 3049 64.56 134.70 21.19
C GLY G 3049 65.08 135.64 22.25
N LEU G 3050 64.92 135.21 23.51
CA LEU G 3050 65.46 135.97 24.62
C LEU G 3050 66.98 135.99 24.55
N GLU G 3051 67.57 137.15 24.87
CA GLU G 3051 69.00 137.33 24.67
C GLU G 3051 69.80 136.38 25.56
N SER G 3052 69.27 136.04 26.74
CA SER G 3052 69.96 135.07 27.59
C SER G 3052 70.05 133.71 26.93
N VAL G 3053 68.95 133.25 26.31
CA VAL G 3053 68.97 131.96 25.63
C VAL G 3053 69.85 132.03 24.38
N LYS G 3054 69.83 133.17 23.69
CA LYS G 3054 70.70 133.37 22.53
C LYS G 3054 72.16 133.23 22.93
N SER G 3055 72.56 133.91 24.00
CA SER G 3055 73.92 133.81 24.50
C SER G 3055 74.23 132.39 24.99
N ALA G 3056 73.22 131.72 25.55
CA ALA G 3056 73.43 130.34 25.99
C ALA G 3056 73.76 129.43 24.81
N LEU G 3057 73.02 129.56 23.71
CA LEU G 3057 73.31 128.77 22.52
C LEU G 3057 74.65 129.14 21.88
N ARG G 3058 74.98 130.42 21.83
CA ARG G 3058 76.27 130.84 21.28
C ARG G 3058 77.42 130.30 22.12
N ALA G 3059 77.32 130.43 23.45
CA ALA G 3059 78.33 129.87 24.33
C ALA G 3059 78.39 128.36 24.24
N PHE G 3060 77.24 127.72 24.03
CA PHE G 3060 77.20 126.30 23.68
C PHE G 3060 78.09 125.95 22.50
N LEU G 3061 77.84 126.54 21.34
CA LEU G 3061 78.60 126.23 20.14
C LEU G 3061 80.07 126.58 20.30
N ASP G 3062 80.39 127.73 20.90
CA ASP G 3062 81.76 128.12 21.18
C ASP G 3062 82.47 127.17 22.12
N ASN G 3063 81.80 126.72 23.19
CA ASN G 3063 82.42 125.78 24.11
C ASN G 3063 82.64 124.42 23.47
N ALA G 3064 81.70 123.95 22.64
CA ALA G 3064 81.91 122.70 21.93
C ALA G 3064 83.09 122.80 20.99
N ALA G 3065 83.19 123.91 20.25
CA ALA G 3065 84.33 124.12 19.37
C ALA G 3065 85.64 124.14 20.16
N GLU G 3066 85.66 124.83 21.30
CA GLU G 3066 86.86 124.93 22.12
C GLU G 3066 87.26 123.56 22.69
N ASP G 3067 86.27 122.78 23.14
CA ASP G 3067 86.57 121.45 23.63
C ASP G 3067 87.21 120.59 22.54
N LEU G 3068 86.66 120.65 21.32
CA LEU G 3068 87.28 119.93 20.21
C LEU G 3068 88.66 120.48 19.87
N GLU G 3069 88.86 121.79 19.97
CA GLU G 3069 90.18 122.33 19.66
C GLU G 3069 91.24 121.88 20.65
N LYS G 3070 90.87 121.79 21.93
CA LYS G 3070 91.81 121.31 22.94
C LYS G 3070 92.08 119.82 22.76
N THR G 3071 91.08 119.04 22.35
CA THR G 3071 91.32 117.63 22.09
C THR G 3071 92.19 117.42 20.85
N MET G 3072 91.97 118.21 19.77
CA MET G 3072 92.94 118.28 18.66
C MET G 3072 94.36 118.63 19.10
N GLU G 3073 94.52 119.66 19.94
CA GLU G 3073 95.89 120.02 20.31
C GLU G 3073 96.55 118.96 21.20
N ASN G 3074 95.80 118.36 22.13
CA ASN G 3074 96.36 117.29 22.95
C ASN G 3074 96.58 116.01 22.17
N LEU G 3075 95.91 115.84 21.02
CA LEU G 3075 96.18 114.69 20.16
C LEU G 3075 97.36 114.92 19.21
N LYS G 3076 97.61 116.17 18.77
CA LYS G 3076 98.89 116.40 18.10
C LYS G 3076 100.05 116.21 19.08
N GLN G 3077 99.98 116.86 20.24
CA GLN G 3077 101.06 116.67 21.22
C GLN G 3077 101.08 115.23 21.73
N GLY G 3078 99.92 114.62 21.88
CA GLY G 3078 99.83 113.20 22.19
C GLY G 3078 99.64 112.35 20.95
N GLN G 3079 100.46 112.60 19.92
CA GLN G 3079 100.39 111.79 18.70
C GLN G 3079 100.68 110.33 19.01
N PHE G 3080 101.67 110.08 19.85
CA PHE G 3080 101.92 108.73 20.35
C PHE G 3080 100.74 108.26 21.19
N THR G 3081 100.28 107.06 20.91
CA THR G 3081 99.14 106.49 21.63
C THR G 3081 99.44 105.06 22.08
N LYS G 3088 95.39 107.85 31.47
CA LYS G 3088 95.15 108.81 32.54
C LYS G 3088 93.94 109.70 32.22
N GLY G 3089 93.98 110.94 32.70
CA GLY G 3089 92.85 111.84 32.48
C GLY G 3089 92.62 112.14 31.02
N VAL G 3090 93.69 112.13 30.22
CA VAL G 3090 93.54 112.41 28.79
C VAL G 3090 92.72 111.31 28.12
N THR G 3091 92.87 110.06 28.59
CA THR G 3091 92.04 108.98 28.07
C THR G 3091 90.57 109.21 28.38
N GLN G 3092 90.26 109.65 29.60
CA GLN G 3092 88.89 109.97 29.94
C GLN G 3092 88.35 111.12 29.08
N ILE G 3093 89.20 112.12 28.83
CA ILE G 3093 88.77 113.26 28.01
C ILE G 3093 88.46 112.83 26.59
N ILE G 3094 89.33 112.01 25.99
CA ILE G 3094 89.10 111.60 24.60
C ILE G 3094 87.92 110.65 24.51
N ASN G 3095 87.73 109.78 25.51
CA ASN G 3095 86.54 108.94 25.52
C ASN G 3095 85.26 109.77 25.66
N TYR G 3096 85.27 110.77 26.56
CA TYR G 3096 84.14 111.69 26.63
C TYR G 3096 83.87 112.33 25.28
N THR G 3097 84.92 112.83 24.62
CA THR G 3097 84.74 113.43 23.30
C THR G 3097 84.07 112.46 22.35
N THR G 3098 84.72 111.34 22.07
CA THR G 3098 84.26 110.40 21.06
C THR G 3098 82.93 109.73 21.39
N VAL G 3099 82.51 109.73 22.66
CA VAL G 3099 81.25 109.09 23.02
C VAL G 3099 80.10 110.09 23.09
N ALA G 3100 80.35 111.32 23.54
CA ALA G 3100 79.27 112.28 23.68
C ALA G 3100 79.39 113.43 22.71
N LEU G 3101 80.54 114.12 22.74
CA LEU G 3101 80.63 115.43 22.10
C LEU G 3101 80.51 115.32 20.58
N LEU G 3102 81.31 114.43 19.98
CA LEU G 3102 81.23 114.24 18.53
C LEU G 3102 79.87 113.72 18.09
N PRO G 3103 79.29 112.68 18.71
CA PRO G 3103 77.95 112.26 18.30
C PRO G 3103 76.87 113.33 18.42
N MET G 3104 76.92 114.16 19.47
CA MET G 3104 75.86 115.15 19.66
C MET G 3104 76.01 116.32 18.70
N LEU G 3105 77.24 116.76 18.45
CA LEU G 3105 77.46 117.74 17.39
C LEU G 3105 77.02 117.18 16.04
N SER G 3106 77.34 115.91 15.77
CA SER G 3106 76.88 115.28 14.53
C SER G 3106 75.36 115.24 14.43
N SER G 3107 74.67 114.97 15.54
CA SER G 3107 73.21 114.99 15.53
C SER G 3107 72.67 116.38 15.25
N LEU G 3108 73.26 117.40 15.89
CA LEU G 3108 72.91 118.79 15.60
C LEU G 3108 73.06 119.08 14.12
N PHE G 3109 74.17 118.63 13.54
CA PHE G 3109 74.51 118.90 12.16
C PHE G 3109 73.54 118.21 11.21
N GLU G 3110 73.25 116.94 11.48
CA GLU G 3110 72.28 116.19 10.69
C GLU G 3110 70.91 116.85 10.73
N HIS G 3111 70.43 117.19 11.94
CA HIS G 3111 69.12 117.83 12.06
C HIS G 3111 69.09 119.16 11.31
N ILE G 3112 70.11 119.98 11.48
CA ILE G 3112 70.06 121.33 10.94
C ILE G 3112 70.12 121.26 9.41
N GLY G 3113 71.00 120.42 8.86
CA GLY G 3113 71.08 120.28 7.42
C GLY G 3113 69.83 119.66 6.81
N GLN G 3114 69.30 118.61 7.44
CA GLN G 3114 68.08 117.98 6.93
C GLN G 3114 66.89 118.90 7.01
N HIS G 3115 66.81 119.73 8.05
CA HIS G 3115 65.64 120.54 8.27
C HIS G 3115 65.84 121.95 7.72
N GLN G 3116 66.91 122.14 6.95
CA GLN G 3116 67.19 123.19 5.97
C GLN G 3116 67.63 124.47 6.66
N PHE G 3117 67.52 124.54 7.99
CA PHE G 3117 67.96 125.69 8.76
C PHE G 3117 69.46 125.77 8.98
N GLY G 3118 70.28 125.01 8.26
CA GLY G 3118 71.72 125.20 8.37
C GLY G 3118 72.17 126.59 7.95
N GLU G 3119 71.82 127.00 6.72
CA GLU G 3119 72.29 128.26 6.17
C GLU G 3119 71.85 129.44 7.03
N ASP G 3120 70.69 129.36 7.67
CA ASP G 3120 70.20 130.51 8.41
C ASP G 3120 70.44 130.42 9.91
N LEU G 3121 70.71 129.22 10.44
CA LEU G 3121 71.33 129.15 11.75
C LEU G 3121 72.74 129.71 11.69
N ILE G 3122 73.37 129.64 10.51
CA ILE G 3122 74.74 130.06 10.33
C ILE G 3122 74.74 131.46 9.69
N LEU G 3123 74.77 132.51 10.51
CA LEU G 3123 74.96 133.84 9.92
C LEU G 3123 76.27 134.52 10.31
N GLU G 3124 76.49 134.78 11.60
CA GLU G 3124 77.58 135.68 11.94
C GLU G 3124 78.21 135.29 13.27
N ASP G 3125 79.51 135.02 13.22
CA ASP G 3125 80.40 134.59 14.29
C ASP G 3125 80.09 133.14 14.67
N VAL G 3126 78.88 132.69 14.30
CA VAL G 3126 78.63 131.26 14.30
C VAL G 3126 79.33 130.64 13.10
N GLN G 3127 79.53 131.44 12.05
CA GLN G 3127 80.34 131.00 10.92
C GLN G 3127 81.80 130.79 11.29
N VAL G 3128 82.40 131.69 12.07
CA VAL G 3128 83.79 131.44 12.48
C VAL G 3128 83.84 130.31 13.50
N SER G 3129 82.82 130.17 14.36
CA SER G 3129 82.77 129.01 15.24
C SER G 3129 82.76 127.71 14.43
N CYS G 3130 81.95 127.65 13.37
CA CYS G 3130 81.89 126.44 12.56
C CYS G 3130 83.14 126.30 11.69
N TYR G 3131 83.82 127.40 11.39
CA TYR G 3131 85.13 127.29 10.75
C TYR G 3131 86.12 126.60 11.69
N ARG G 3132 86.10 126.96 12.96
CA ARG G 3132 86.94 126.27 13.94
C ARG G 3132 86.58 124.79 14.04
N ILE G 3133 85.29 124.50 14.09
CA ILE G 3133 84.84 123.10 14.16
C ILE G 3133 85.26 122.34 12.91
N LEU G 3134 85.19 122.99 11.74
CA LEU G 3134 85.62 122.35 10.51
C LEU G 3134 87.12 122.06 10.53
N THR G 3135 87.93 123.00 11.02
CA THR G 3135 89.36 122.75 11.11
C THR G 3135 89.64 121.57 12.05
N SER G 3136 88.97 121.54 13.20
CA SER G 3136 89.15 120.42 14.13
C SER G 3136 88.71 119.09 13.51
N LEU G 3137 87.57 119.11 12.82
CA LEU G 3137 87.04 117.87 12.24
C LEU G 3137 87.92 117.36 11.12
N TYR G 3138 88.47 118.26 10.30
CA TYR G 3138 89.42 117.84 9.28
C TYR G 3138 90.72 117.35 9.88
N ALA G 3139 91.17 117.94 10.99
CA ALA G 3139 92.32 117.39 11.71
C ALA G 3139 92.02 115.99 12.24
N LEU G 3140 90.79 115.76 12.71
CA LEU G 3140 90.37 114.43 13.12
C LEU G 3140 90.44 113.46 11.95
N GLY G 3141 89.92 113.86 10.80
CA GLY G 3141 89.98 113.05 9.60
C GLY G 3141 91.38 112.75 9.11
N THR G 3142 92.33 113.66 9.33
CA THR G 3142 93.71 113.42 8.98
C THR G 3142 94.53 112.78 10.10
N SER G 3143 93.96 112.62 11.30
CA SER G 3143 94.66 111.97 12.40
C SER G 3143 94.45 110.46 12.32
N LYS G 3144 95.48 109.71 12.74
CA LYS G 3144 95.57 108.28 12.46
C LYS G 3144 96.11 107.55 13.68
N SER G 3145 95.25 106.77 14.35
CA SER G 3145 95.67 105.97 15.49
C SER G 3145 94.81 104.72 15.57
N ILE G 3146 95.18 103.82 16.48
CA ILE G 3146 94.42 102.58 16.65
C ILE G 3146 93.06 102.85 17.30
N TYR G 3147 93.04 103.72 18.32
CA TYR G 3147 91.77 104.12 18.90
C TYR G 3147 90.96 104.95 17.93
N VAL G 3148 91.64 105.75 17.08
CA VAL G 3148 90.96 106.44 16.00
C VAL G 3148 90.30 105.46 15.04
N GLU G 3149 90.97 104.36 14.69
CA GLU G 3149 90.36 103.32 13.86
C GLU G 3149 89.18 102.66 14.58
N ARG G 3150 89.30 102.42 15.88
CA ARG G 3150 88.21 101.78 16.62
C ARG G 3150 86.96 102.68 16.64
N GLN G 3151 87.15 103.97 16.90
CA GLN G 3151 86.05 104.93 16.94
C GLN G 3151 85.87 105.65 15.60
N ARG G 3152 86.35 105.05 14.52
CA ARG G 3152 86.39 105.72 13.22
C ARG G 3152 85.01 105.95 12.64
N SER G 3153 84.07 105.02 12.88
CA SER G 3153 82.72 105.19 12.33
C SER G 3153 82.04 106.43 12.88
N ALA G 3154 82.19 106.69 14.18
CA ALA G 3154 81.66 107.92 14.76
C ALA G 3154 82.34 109.14 14.17
N LEU G 3155 83.66 109.06 13.98
CA LEU G 3155 84.37 110.15 13.31
C LEU G 3155 83.80 110.41 11.93
N GLY G 3156 83.68 109.36 11.12
CA GLY G 3156 83.18 109.50 9.75
C GLY G 3156 81.77 110.03 9.66
N GLU G 3157 80.87 109.56 10.53
CA GLU G 3157 79.52 110.12 10.53
C GLU G 3157 79.52 111.57 10.98
N CYS G 3158 80.43 111.94 11.90
CA CYS G 3158 80.53 113.36 12.26
C CYS G 3158 81.00 114.19 11.08
N LEU G 3159 81.94 113.65 10.29
CA LEU G 3159 82.41 114.34 9.09
C LEU G 3159 81.27 114.56 8.11
N ALA G 3160 80.53 113.48 7.81
CA ALA G 3160 79.41 113.58 6.87
C ALA G 3160 78.30 114.50 7.37
N ALA G 3161 77.97 114.46 8.66
CA ALA G 3161 77.00 115.37 9.23
C ALA G 3161 77.44 116.83 9.12
N PHE G 3162 78.70 117.14 9.46
CA PHE G 3162 79.14 118.52 9.43
C PHE G 3162 79.27 119.06 8.02
N ALA G 3163 79.59 118.20 7.05
CA ALA G 3163 79.67 118.71 5.69
C ALA G 3163 78.31 119.25 5.27
N GLY G 3164 77.24 118.52 5.60
CA GLY G 3164 75.90 119.02 5.34
C GLY G 3164 75.57 120.29 6.12
N ALA G 3165 76.03 120.37 7.38
CA ALA G 3165 75.71 121.55 8.19
C ALA G 3165 76.44 122.80 7.70
N PHE G 3166 77.67 122.64 7.24
CA PHE G 3166 78.58 123.75 6.95
C PHE G 3166 78.13 124.46 5.68
N PRO G 3167 77.99 125.79 5.68
CA PRO G 3167 77.35 126.48 4.55
C PRO G 3167 78.27 126.89 3.42
N VAL G 3168 79.58 126.71 3.56
CA VAL G 3168 80.56 127.23 2.60
C VAL G 3168 81.17 126.06 1.85
N ALA G 3169 81.32 126.22 0.54
CA ALA G 3169 81.92 125.20 -0.32
C ALA G 3169 83.43 125.22 -0.09
N PHE G 3170 83.83 124.87 1.14
CA PHE G 3170 85.22 125.08 1.56
C PHE G 3170 86.18 124.32 0.65
N LEU G 3171 85.72 123.23 0.05
CA LEU G 3171 86.53 122.57 -0.97
C LEU G 3171 86.75 123.50 -2.17
N GLU G 3172 85.73 124.25 -2.56
CA GLU G 3172 85.80 125.06 -3.78
C GLU G 3172 86.67 126.29 -3.53
N THR G 3173 87.98 126.03 -3.48
CA THR G 3173 88.96 127.06 -3.15
C THR G 3173 88.84 128.26 -4.07
N HIS G 3174 88.74 128.04 -5.38
CA HIS G 3174 88.66 129.15 -6.31
C HIS G 3174 87.33 129.91 -6.15
N LEU G 3175 86.21 129.20 -6.13
CA LEU G 3175 84.91 129.82 -5.95
C LEU G 3175 84.40 129.66 -4.51
N ASP G 3176 85.15 130.21 -3.55
CA ASP G 3176 84.64 130.50 -2.22
C ASP G 3176 84.26 131.96 -2.02
N LYS G 3177 85.13 132.89 -2.41
CA LYS G 3177 85.05 134.27 -1.93
C LYS G 3177 83.79 134.98 -2.40
N HIS G 3178 83.35 134.74 -3.64
CA HIS G 3178 82.39 135.61 -4.30
C HIS G 3178 81.00 135.59 -3.64
N ASN G 3179 80.74 134.61 -2.78
CA ASN G 3179 79.43 134.47 -2.17
C ASN G 3179 79.22 135.59 -1.15
N ILE G 3180 78.26 136.47 -1.43
CA ILE G 3180 77.99 137.60 -0.54
C ILE G 3180 77.35 137.12 0.76
N TYR G 3181 76.83 135.89 0.76
CA TYR G 3181 76.10 135.36 1.91
C TYR G 3181 77.02 134.96 3.07
N SER G 3182 78.33 135.13 2.92
CA SER G 3182 79.27 134.66 3.92
C SER G 3182 79.75 135.77 4.85
N ILE G 3183 80.29 135.35 5.99
CA ILE G 3183 80.94 136.28 6.91
C ILE G 3183 82.08 137.02 6.20
N TYR G 3184 82.74 136.34 5.27
CA TYR G 3184 83.92 136.92 4.62
C TYR G 3184 83.51 138.05 3.68
N ASN G 3185 82.21 138.19 3.43
CA ASN G 3185 81.71 139.33 2.67
C ASN G 3185 81.02 140.33 3.59
N THR G 3186 80.30 139.84 4.60
CA THR G 3186 79.61 140.76 5.51
C THR G 3186 80.57 141.33 6.56
N LYS G 3187 81.86 141.09 6.40
CA LYS G 3187 82.78 141.25 7.53
C LYS G 3187 83.26 142.70 7.66
N SER G 3188 82.77 143.59 6.80
CA SER G 3188 83.10 145.02 6.78
C SER G 3188 84.61 145.14 6.65
N SER G 3189 85.26 146.15 7.23
CA SER G 3189 86.72 146.18 7.35
C SER G 3189 87.20 146.47 8.76
N ARG G 3190 86.54 147.42 9.44
CA ARG G 3190 86.90 147.75 10.81
C ARG G 3190 86.90 146.50 11.68
N GLU G 3191 85.99 145.56 11.41
CA GLU G 3191 85.96 144.40 12.29
C GLU G 3191 86.62 143.18 11.66
N ARG G 3192 87.05 143.24 10.38
CA ARG G 3192 88.23 142.42 10.09
C ARG G 3192 89.30 142.73 11.13
N ALA G 3193 89.71 144.01 11.19
CA ALA G 3193 90.82 144.37 12.06
C ALA G 3193 90.50 144.09 13.53
N ALA G 3194 89.23 144.26 13.92
CA ALA G 3194 88.83 143.92 15.28
C ALA G 3194 89.04 142.43 15.57
N LEU G 3195 88.61 141.54 14.66
CA LEU G 3195 88.87 140.13 14.90
C LEU G 3195 90.28 139.76 14.45
N SER G 3196 90.68 138.52 14.75
CA SER G 3196 91.96 137.98 14.32
C SER G 3196 91.69 137.00 13.18
N LEU G 3197 92.04 137.40 11.96
CA LEU G 3197 91.69 136.64 10.78
C LEU G 3197 92.92 136.48 9.88
N PRO G 3198 93.05 135.32 9.23
CA PRO G 3198 94.10 135.17 8.22
C PRO G 3198 93.80 135.89 6.91
N THR G 3199 92.68 136.61 6.82
CA THR G 3199 92.29 137.52 5.74
C THR G 3199 91.86 136.76 4.49
N ASN G 3200 92.03 135.44 4.45
CA ASN G 3200 91.65 134.64 3.29
C ASN G 3200 90.83 133.45 3.75
N VAL G 3201 89.81 133.10 2.98
CA VAL G 3201 89.02 131.90 3.22
C VAL G 3201 89.87 130.65 3.15
N GLU G 3202 90.98 130.68 2.40
CA GLU G 3202 91.87 129.54 2.36
C GLU G 3202 92.97 129.62 3.40
N ASP G 3203 93.36 130.83 3.80
CA ASP G 3203 94.38 130.96 4.83
C ASP G 3203 93.81 130.67 6.21
N VAL G 3204 92.50 130.85 6.38
CA VAL G 3204 91.86 130.49 7.65
C VAL G 3204 91.80 128.96 7.79
N CYS G 3205 91.75 128.25 6.66
CA CYS G 3205 91.74 126.79 6.65
C CYS G 3205 92.84 126.34 5.69
N PRO G 3206 94.11 126.50 6.10
CA PRO G 3206 95.21 126.18 5.18
C PRO G 3206 95.27 124.72 4.76
N ASN G 3207 94.89 123.80 5.66
CA ASN G 3207 95.17 122.38 5.42
C ASN G 3207 94.15 121.79 4.44
N ILE G 3208 92.93 122.29 4.45
CA ILE G 3208 91.88 121.74 3.57
C ILE G 3208 92.31 121.93 2.11
N PRO G 3209 92.16 120.93 1.25
CA PRO G 3209 92.63 121.05 -0.13
C PRO G 3209 91.56 121.64 -1.05
N SER G 3210 92.01 122.03 -2.24
CA SER G 3210 91.11 122.57 -3.26
C SER G 3210 90.30 121.46 -3.90
N LEU G 3211 89.03 121.77 -4.21
CA LEU G 3211 88.07 120.75 -4.61
C LEU G 3211 88.56 119.96 -5.81
N GLU G 3212 89.08 120.65 -6.83
CA GLU G 3212 89.60 119.97 -8.01
C GLU G 3212 90.82 119.13 -7.67
N LYS G 3213 91.58 119.51 -6.64
CA LYS G 3213 92.72 118.71 -6.25
C LYS G 3213 92.28 117.44 -5.53
N LEU G 3214 91.28 117.54 -4.66
CA LEU G 3214 90.72 116.31 -4.09
C LEU G 3214 90.06 115.45 -5.16
N MET G 3215 89.51 116.05 -6.21
CA MET G 3215 88.89 115.23 -7.25
C MET G 3215 89.94 114.58 -8.14
N GLU G 3216 91.09 115.24 -8.33
CA GLU G 3216 92.26 114.56 -8.88
C GLU G 3216 92.65 113.38 -7.98
N GLU G 3217 92.63 113.60 -6.67
CA GLU G 3217 92.92 112.52 -5.74
C GLU G 3217 91.93 111.38 -5.91
N ILE G 3218 90.65 111.72 -6.09
CA ILE G 3218 89.61 110.71 -6.19
C ILE G 3218 89.76 109.91 -7.48
N VAL G 3219 90.09 110.59 -8.59
CA VAL G 3219 90.30 109.84 -9.83
C VAL G 3219 91.55 108.97 -9.75
N GLU G 3220 92.65 109.50 -9.17
CA GLU G 3220 93.86 108.67 -9.11
C GLU G 3220 93.65 107.47 -8.20
N LEU G 3221 92.82 107.62 -7.16
CA LEU G 3221 92.49 106.44 -6.36
C LEU G 3221 91.54 105.52 -7.11
N ALA G 3222 90.83 106.03 -8.13
CA ALA G 3222 90.18 105.13 -9.07
C ALA G 3222 91.19 104.24 -9.78
N GLU G 3223 92.18 104.84 -10.44
CA GLU G 3223 93.13 103.98 -11.18
C GLU G 3223 93.99 103.16 -10.23
N SER G 3224 94.04 103.54 -8.96
CA SER G 3224 94.82 102.76 -8.00
C SER G 3224 94.04 101.54 -7.51
N GLY G 3225 92.81 101.74 -7.05
CA GLY G 3225 92.06 100.63 -6.49
C GLY G 3225 92.70 100.08 -5.23
N ILE G 3226 93.12 100.99 -4.35
CA ILE G 3226 93.85 100.61 -3.16
C ILE G 3226 93.01 99.75 -2.21
N ARG G 3227 93.71 98.91 -1.44
CA ARG G 3227 93.05 97.91 -0.60
C ARG G 3227 92.53 98.54 0.69
N TYR G 3228 91.41 97.99 1.19
CA TYR G 3228 90.81 98.49 2.43
C TYR G 3228 91.62 98.13 3.67
N THR G 3229 92.54 97.17 3.57
CA THR G 3229 93.39 96.89 4.72
C THR G 3229 94.80 97.43 4.55
N GLN G 3230 95.17 97.82 3.33
CA GLN G 3230 96.50 98.40 3.09
C GLN G 3230 96.49 99.91 3.22
N MET G 3231 95.56 100.59 2.57
CA MET G 3231 95.56 102.05 2.48
C MET G 3231 94.15 102.55 2.76
N PRO G 3232 93.63 102.35 3.97
CA PRO G 3232 92.21 102.66 4.23
C PRO G 3232 91.94 104.11 4.64
N HIS G 3233 92.93 104.82 5.20
CA HIS G 3233 92.63 106.07 5.90
C HIS G 3233 92.07 107.15 4.97
N VAL G 3234 92.86 107.64 4.02
CA VAL G 3234 92.38 108.74 3.17
C VAL G 3234 91.15 108.30 2.39
N MET G 3235 91.15 107.04 1.94
CA MET G 3235 90.18 106.54 0.99
C MET G 3235 88.83 106.32 1.66
N GLU G 3236 88.80 106.03 2.98
CA GLU G 3236 87.52 105.96 3.70
C GLU G 3236 87.15 107.29 4.34
N VAL G 3237 88.12 108.17 4.60
CA VAL G 3237 87.76 109.45 5.22
C VAL G 3237 87.18 110.42 4.20
N ILE G 3238 87.65 110.35 2.95
CA ILE G 3238 87.30 111.40 2.00
C ILE G 3238 85.94 111.11 1.36
N LEU G 3239 85.62 109.83 1.16
CA LEU G 3239 84.42 109.46 0.42
C LEU G 3239 83.12 109.92 1.09
N PRO G 3240 82.88 109.65 2.39
CA PRO G 3240 81.72 110.29 3.04
C PRO G 3240 81.76 111.81 3.02
N MET G 3241 82.94 112.39 3.19
CA MET G 3241 83.08 113.82 3.05
C MET G 3241 82.48 114.33 1.74
N LEU G 3242 82.99 113.82 0.61
CA LEU G 3242 82.54 114.33 -0.68
C LEU G 3242 81.09 114.01 -0.92
N CYS G 3243 80.66 112.81 -0.51
CA CYS G 3243 79.26 112.45 -0.72
C CYS G 3243 78.33 113.39 0.02
N SER G 3244 78.63 113.69 1.29
CA SER G 3244 77.78 114.60 2.04
C SER G 3244 77.88 116.03 1.51
N TYR G 3245 79.04 116.41 0.97
CA TYR G 3245 79.14 117.66 0.23
C TYR G 3245 78.18 117.69 -0.95
N MET G 3246 78.48 116.90 -1.98
CA MET G 3246 77.77 117.07 -3.24
C MET G 3246 76.29 116.73 -3.11
N SER G 3247 75.91 115.92 -2.10
CA SER G 3247 74.49 115.65 -1.89
C SER G 3247 73.68 116.94 -1.77
N ARG G 3248 74.24 117.95 -1.12
CA ARG G 3248 73.51 119.21 -0.96
C ARG G 3248 73.99 120.27 -1.96
N TRP G 3249 75.28 120.30 -2.29
CA TRP G 3249 75.71 121.33 -3.23
C TRP G 3249 75.58 120.96 -4.70
N TRP G 3250 75.03 119.78 -5.03
CA TRP G 3250 74.46 119.65 -6.37
C TRP G 3250 73.22 120.50 -6.52
N GLU G 3251 72.22 120.28 -5.67
CA GLU G 3251 71.02 121.09 -5.73
C GLU G 3251 71.31 122.53 -5.35
N HIS G 3252 72.47 122.78 -4.74
CA HIS G 3252 73.02 124.14 -4.69
C HIS G 3252 74.04 124.41 -5.80
N GLY G 3253 74.08 123.61 -6.86
CA GLY G 3253 75.02 123.80 -7.94
C GLY G 3253 74.61 124.87 -8.94
N PRO G 3254 75.38 124.98 -10.03
CA PRO G 3254 75.14 126.07 -10.99
C PRO G 3254 73.98 125.82 -11.93
N GLU G 3255 73.66 124.56 -12.21
CA GLU G 3255 72.49 124.27 -13.04
C GLU G 3255 71.25 124.14 -12.17
N ASN G 3256 71.42 123.73 -10.91
CA ASN G 3256 70.28 123.56 -10.03
C ASN G 3256 69.78 124.89 -9.48
N ASN G 3257 70.67 125.89 -9.39
CA ASN G 3257 70.25 127.25 -9.12
C ASN G 3257 70.27 128.03 -10.43
N PRO G 3258 69.13 128.18 -11.12
CA PRO G 3258 69.13 128.98 -12.35
C PRO G 3258 69.54 130.43 -12.10
N GLU G 3259 69.18 130.98 -10.96
CA GLU G 3259 69.60 132.32 -10.59
C GLU G 3259 71.07 132.32 -10.22
N ARG G 3260 71.82 133.28 -10.78
CA ARG G 3260 73.25 133.43 -10.51
C ARG G 3260 74.01 132.17 -10.90
N ALA G 3261 73.70 131.63 -12.08
CA ALA G 3261 74.26 130.36 -12.53
C ALA G 3261 75.76 130.49 -12.78
N GLU G 3262 76.52 129.51 -12.26
CA GLU G 3262 77.98 129.46 -12.35
C GLU G 3262 78.61 130.61 -11.59
N MET G 3263 77.77 131.47 -10.99
CA MET G 3263 78.21 132.51 -10.08
C MET G 3263 77.68 132.25 -8.68
N CYS G 3264 76.84 131.24 -8.50
CA CYS G 3264 76.23 130.88 -7.24
C CYS G 3264 77.19 130.09 -6.36
N CYS G 3265 76.65 129.44 -5.32
CA CYS G 3265 77.49 128.86 -4.27
C CYS G 3265 78.52 127.87 -4.84
N THR G 3266 78.12 127.04 -5.79
CA THR G 3266 79.01 125.98 -6.26
C THR G 3266 78.96 125.86 -7.77
N ALA G 3267 79.79 124.95 -8.29
CA ALA G 3267 79.89 124.65 -9.71
C ALA G 3267 79.77 123.15 -9.99
N LEU G 3268 79.42 122.37 -8.97
CA LEU G 3268 79.38 120.91 -9.10
C LEU G 3268 78.12 120.47 -9.82
N ASN G 3269 78.26 119.59 -10.81
CA ASN G 3269 77.16 119.26 -11.71
C ASN G 3269 76.99 117.75 -11.84
N SER G 3270 75.92 117.37 -12.55
CA SER G 3270 75.49 115.99 -12.72
C SER G 3270 76.53 115.12 -13.40
N GLU G 3271 77.16 115.60 -14.49
CA GLU G 3271 78.19 114.81 -15.14
C GLU G 3271 79.36 114.53 -14.21
N HIS G 3272 79.76 115.55 -13.45
CA HIS G 3272 80.90 115.38 -12.55
C HIS G 3272 80.58 114.41 -11.42
N MET G 3273 79.40 114.51 -10.80
CA MET G 3273 79.08 113.52 -9.78
C MET G 3273 78.88 112.14 -10.37
N ASN G 3274 78.46 112.06 -11.63
CA ASN G 3274 78.30 110.76 -12.28
C ASN G 3274 79.66 110.10 -12.46
N THR G 3275 80.66 110.90 -12.85
CA THR G 3275 82.04 110.43 -12.86
C THR G 3275 82.48 109.98 -11.47
N LEU G 3276 82.08 110.72 -10.43
CA LEU G 3276 82.43 110.33 -9.08
C LEU G 3276 81.75 109.01 -8.67
N LEU G 3277 80.50 108.80 -9.12
CA LEU G 3277 79.83 107.52 -8.91
C LEU G 3277 80.61 106.37 -9.54
N GLY G 3278 80.90 106.49 -10.84
CA GLY G 3278 81.66 105.46 -11.51
C GLY G 3278 83.02 105.26 -10.88
N ASN G 3279 83.63 106.33 -10.41
CA ASN G 3279 84.90 106.27 -9.70
C ASN G 3279 84.81 105.43 -8.42
N ILE G 3280 83.90 105.77 -7.51
CA ILE G 3280 83.79 105.01 -6.27
C ILE G 3280 83.47 103.55 -6.58
N LEU G 3281 82.59 103.33 -7.55
CA LEU G 3281 82.15 101.99 -7.87
C LEU G 3281 83.22 101.21 -8.67
N LYS G 3282 84.23 101.93 -9.15
CA LYS G 3282 85.42 101.32 -9.72
C LYS G 3282 86.44 100.93 -8.67
N ILE G 3283 86.62 101.76 -7.63
CA ILE G 3283 87.46 101.32 -6.52
C ILE G 3283 86.90 100.09 -5.83
N ILE G 3284 85.59 100.04 -5.58
CA ILE G 3284 85.05 98.87 -4.88
C ILE G 3284 85.33 97.58 -5.67
N TYR G 3285 85.51 97.70 -6.99
CA TYR G 3285 85.85 96.54 -7.81
C TYR G 3285 87.17 95.92 -7.36
N ASN G 3286 88.19 96.75 -7.13
CA ASN G 3286 89.45 96.23 -6.59
C ASN G 3286 89.30 95.89 -5.11
N ASN G 3287 88.40 96.59 -4.42
CA ASN G 3287 88.24 96.40 -2.98
C ASN G 3287 87.60 95.05 -2.67
N LEU G 3288 86.93 94.45 -3.66
CA LEU G 3288 86.32 93.14 -3.45
C LEU G 3288 87.36 92.08 -3.10
N GLY G 3289 88.61 92.28 -3.49
CA GLY G 3289 89.65 91.29 -3.23
C GLY G 3289 89.99 91.11 -1.76
N ILE G 3290 89.61 92.07 -0.91
CA ILE G 3290 89.91 91.98 0.52
C ILE G 3290 88.58 91.87 1.27
N ASP G 3291 87.54 91.41 0.56
CA ASP G 3291 86.22 91.14 1.12
C ASP G 3291 85.50 92.38 1.61
N GLU G 3292 86.13 93.56 1.43
CA GLU G 3292 85.49 94.84 1.65
C GLU G 3292 85.10 95.04 3.11
N GLY G 3293 84.37 96.13 3.39
CA GLY G 3293 83.95 96.48 4.72
C GLY G 3293 82.58 97.13 4.74
N ALA G 3294 82.02 97.34 5.94
CA ALA G 3294 80.66 97.83 6.08
C ALA G 3294 80.50 99.31 5.75
N TRP G 3295 81.57 100.08 5.78
CA TRP G 3295 81.39 101.53 5.70
C TRP G 3295 81.00 101.94 4.29
N MET G 3296 81.38 101.14 3.28
CA MET G 3296 80.85 101.42 1.94
C MET G 3296 79.40 100.99 1.79
N LYS G 3297 78.94 100.02 2.58
CA LYS G 3297 77.48 99.84 2.67
C LYS G 3297 76.83 101.06 3.29
N ARG G 3298 77.50 101.70 4.27
CA ARG G 3298 77.02 102.97 4.77
C ARG G 3298 77.03 104.05 3.67
N LEU G 3299 78.05 104.04 2.81
CA LEU G 3299 78.03 104.95 1.66
C LEU G 3299 76.87 104.66 0.72
N ALA G 3300 76.57 103.38 0.48
CA ALA G 3300 75.40 103.04 -0.32
C ALA G 3300 74.14 103.60 0.32
N VAL G 3301 74.07 103.52 1.65
CA VAL G 3301 72.95 104.11 2.40
C VAL G 3301 72.89 105.62 2.14
N PHE G 3302 74.04 106.28 2.19
CA PHE G 3302 74.08 107.72 1.89
C PHE G 3302 73.66 108.00 0.45
N SER G 3303 73.94 107.06 -0.45
CA SER G 3303 73.86 107.33 -1.88
C SER G 3303 72.53 106.91 -2.52
N GLN G 3304 71.68 106.13 -1.85
CA GLN G 3304 70.36 105.98 -2.47
C GLN G 3304 69.70 107.34 -2.62
N PRO G 3305 69.80 108.25 -1.64
CA PRO G 3305 69.37 109.64 -1.92
C PRO G 3305 70.07 110.24 -3.13
N ILE G 3306 71.37 109.97 -3.29
CA ILE G 3306 72.09 110.45 -4.47
C ILE G 3306 71.51 109.84 -5.73
N ILE G 3307 71.24 108.53 -5.71
CA ILE G 3307 70.72 107.87 -6.90
C ILE G 3307 69.35 108.42 -7.26
N ASN G 3308 68.48 108.62 -6.27
CA ASN G 3308 67.17 109.20 -6.49
C ASN G 3308 67.23 110.62 -7.04
N LYS G 3309 68.13 111.46 -6.50
CA LYS G 3309 68.14 112.87 -6.90
C LYS G 3309 68.90 113.06 -8.20
N VAL G 3310 69.70 112.08 -8.61
CA VAL G 3310 70.24 112.08 -9.97
C VAL G 3310 69.15 111.69 -10.96
N LYS G 3311 69.18 112.33 -12.13
CA LYS G 3311 68.13 112.16 -13.12
C LYS G 3311 68.06 110.71 -13.60
N PRO G 3312 66.86 110.16 -13.82
CA PRO G 3312 66.77 108.76 -14.28
C PRO G 3312 67.40 108.51 -15.63
N GLN G 3313 67.59 109.56 -16.44
CA GLN G 3313 68.30 109.39 -17.71
C GLN G 3313 69.72 108.91 -17.46
N LEU G 3314 70.39 109.50 -16.47
CA LEU G 3314 71.72 109.02 -16.09
C LEU G 3314 71.65 107.60 -15.52
N LEU G 3315 70.52 107.22 -14.93
CA LEU G 3315 70.35 105.83 -14.52
C LEU G 3315 70.38 104.91 -15.73
N LYS G 3316 69.49 105.13 -16.69
CA LYS G 3316 69.52 104.34 -17.92
C LYS G 3316 70.87 104.47 -18.62
N THR G 3317 71.40 103.31 -19.04
CA THR G 3317 72.57 103.15 -19.88
C THR G 3317 73.89 103.43 -19.16
N HIS G 3318 73.87 103.92 -17.92
CA HIS G 3318 75.11 104.02 -17.17
C HIS G 3318 75.03 103.29 -15.84
N PHE G 3319 73.94 103.54 -15.08
CA PHE G 3319 73.75 102.95 -13.77
C PHE G 3319 73.09 101.57 -13.88
N LEU G 3320 72.29 101.35 -14.93
CA LEU G 3320 71.85 99.99 -15.26
C LEU G 3320 73.00 99.05 -15.58
N PRO G 3321 73.98 99.41 -16.42
CA PRO G 3321 75.19 98.60 -16.49
C PRO G 3321 75.88 98.48 -15.16
N LEU G 3322 75.72 99.46 -14.27
CA LEU G 3322 76.22 99.27 -12.92
C LEU G 3322 75.45 98.23 -12.13
N MET G 3323 74.13 98.15 -12.29
CA MET G 3323 73.32 97.08 -11.72
C MET G 3323 73.71 95.71 -12.26
N GLU G 3324 74.09 95.61 -13.53
CA GLU G 3324 74.57 94.33 -14.04
C GLU G 3324 76.01 94.05 -13.58
N LYS G 3325 76.82 95.11 -13.44
CA LYS G 3325 78.17 94.95 -12.91
C LYS G 3325 78.14 94.54 -11.44
N LEU G 3326 77.27 95.15 -10.65
CA LEU G 3326 77.00 94.75 -9.28
C LEU G 3326 76.26 93.41 -9.22
N LYS G 3327 75.57 93.02 -10.30
CA LYS G 3327 75.10 91.66 -10.45
C LYS G 3327 76.27 90.68 -10.56
N LYS G 3328 77.37 91.07 -11.20
CA LYS G 3328 78.57 90.27 -11.02
C LYS G 3328 79.05 90.30 -9.58
N LYS G 3329 78.95 91.47 -8.93
CA LYS G 3329 79.40 91.63 -7.55
C LYS G 3329 78.53 90.88 -6.56
N ALA G 3330 77.39 90.34 -6.99
CA ALA G 3330 76.51 89.57 -6.12
C ALA G 3330 77.14 88.27 -5.64
N ALA G 3331 78.37 87.95 -6.08
CA ALA G 3331 79.05 86.77 -5.57
C ALA G 3331 79.35 86.91 -4.08
N THR G 3332 79.63 88.12 -3.62
CA THR G 3332 79.87 88.37 -2.21
C THR G 3332 78.60 88.12 -1.40
N VAL G 3333 78.78 87.61 -0.18
CA VAL G 3333 77.63 87.29 0.67
C VAL G 3333 76.89 88.55 1.08
N VAL G 3334 77.60 89.69 1.13
CA VAL G 3334 76.98 90.94 1.56
C VAL G 3334 75.89 91.33 0.57
N SER G 3335 74.89 92.04 1.06
CA SER G 3335 73.76 92.48 0.25
C SER G 3335 74.18 93.70 -0.56
N GLU G 3336 74.06 93.60 -1.88
CA GLU G 3336 74.49 94.65 -2.80
C GLU G 3336 73.31 95.55 -3.13
N GLU G 3337 73.23 96.68 -2.44
CA GLU G 3337 72.14 97.65 -2.60
C GLU G 3337 70.77 97.00 -2.44
N VAL G 3599 62.77 69.96 26.26
CA VAL G 3599 64.04 70.68 26.38
C VAL G 3599 64.31 70.99 27.85
N VAL G 3600 63.67 72.04 28.36
CA VAL G 3600 63.91 72.45 29.74
C VAL G 3600 63.57 71.32 30.70
N ALA G 3601 62.56 70.51 30.38
CA ALA G 3601 62.18 69.40 31.26
C ALA G 3601 63.31 68.38 31.37
N CYS G 3602 63.94 68.03 30.26
CA CYS G 3602 64.97 67.00 30.28
C CYS G 3602 66.30 67.55 30.80
N PHE G 3603 66.54 68.86 30.62
CA PHE G 3603 67.71 69.46 31.27
C PHE G 3603 67.52 69.59 32.77
N ARG G 3604 66.28 69.83 33.24
CA ARG G 3604 66.04 69.96 34.66
C ARG G 3604 65.99 68.60 35.34
N MET G 3605 65.94 67.52 34.57
CA MET G 3605 66.18 66.18 35.09
C MET G 3605 67.68 65.97 35.29
N ALA G 3606 68.10 65.73 36.53
CA ALA G 3606 69.52 65.60 36.82
C ALA G 3606 70.04 64.25 36.30
N PRO G 3607 71.16 64.23 35.57
CA PRO G 3607 71.72 62.96 35.12
C PRO G 3607 72.17 62.09 36.29
N LEU G 3608 72.52 60.85 35.97
CA LEU G 3608 72.83 59.86 36.99
C LEU G 3608 74.00 60.28 37.88
N TYR G 3609 74.94 61.06 37.34
CA TYR G 3609 76.13 61.42 38.11
C TYR G 3609 75.80 62.40 39.23
N ASN G 3610 74.73 63.19 39.05
CA ASN G 3610 74.34 64.15 40.09
C ASN G 3610 73.66 63.47 41.27
N LEU G 3611 73.06 62.30 41.05
CA LEU G 3611 72.32 61.64 42.11
C LEU G 3611 73.25 61.20 43.23
N PRO G 3612 72.78 61.16 44.48
CA PRO G 3612 73.60 60.63 45.57
C PRO G 3612 73.96 59.16 45.31
N ARG G 3613 75.12 58.77 45.83
CA ARG G 3613 75.73 57.50 45.43
C ARG G 3613 74.87 56.31 45.86
N HIS G 3614 74.19 56.41 47.00
CA HIS G 3614 73.36 55.29 47.46
C HIS G 3614 72.16 55.06 46.55
N ARG G 3615 71.55 56.16 46.07
CA ARG G 3615 70.47 56.02 45.10
C ARG G 3615 70.97 55.36 43.81
N ALA G 3616 72.16 55.75 43.36
CA ALA G 3616 72.76 55.12 42.19
C ALA G 3616 73.03 53.65 42.44
N VAL G 3617 73.43 53.30 43.67
CA VAL G 3617 73.63 51.89 44.02
C VAL G 3617 72.33 51.11 43.92
N ASN G 3618 71.24 51.67 44.44
CA ASN G 3618 69.96 50.98 44.35
C ASN G 3618 69.52 50.80 42.90
N LEU G 3619 69.66 51.86 42.09
CA LEU G 3619 69.31 51.78 40.69
C LEU G 3619 70.17 50.75 39.96
N PHE G 3620 71.46 50.72 40.27
CA PHE G 3620 72.35 49.75 39.65
C PHE G 3620 71.99 48.34 40.07
N LEU G 3621 71.60 48.13 41.33
CA LEU G 3621 71.17 46.80 41.76
C LEU G 3621 69.97 46.34 40.96
N GLN G 3622 68.95 47.19 40.82
CA GLN G 3622 67.77 46.81 40.04
C GLN G 3622 68.13 46.54 38.58
N GLY G 3623 68.93 47.42 37.97
CA GLY G 3623 69.29 47.23 36.58
C GLY G 3623 70.15 46.01 36.36
N TYR G 3624 71.10 45.75 37.27
CA TYR G 3624 71.92 44.56 37.22
C TYR G 3624 71.06 43.31 37.29
N GLU G 3625 70.14 43.25 38.25
CA GLU G 3625 69.19 42.15 38.29
C GLU G 3625 68.54 41.94 36.93
N LYS G 3626 67.80 42.95 36.47
CA LYS G 3626 66.97 42.79 35.27
C LYS G 3626 67.80 42.44 34.05
N SER G 3627 69.03 42.97 33.95
CA SER G 3627 69.78 42.86 32.71
C SER G 3627 70.65 41.61 32.68
N TRP G 3628 71.14 41.16 33.83
CA TRP G 3628 72.10 40.07 33.87
C TRP G 3628 71.53 38.84 34.59
N ILE G 3629 70.99 39.02 35.79
CA ILE G 3629 70.63 37.85 36.61
C ILE G 3629 69.43 37.13 36.02
N GLU G 3630 68.43 37.90 35.58
CA GLU G 3630 67.27 37.31 34.93
C GLU G 3630 67.64 36.70 33.58
N THR G 3631 68.54 37.36 32.83
CA THR G 3631 68.87 36.89 31.49
C THR G 3631 69.80 35.68 31.53
N GLU G 3632 70.46 35.44 32.66
CA GLU G 3632 71.33 34.28 32.77
C GLU G 3632 70.54 32.99 32.61
N GLU G 3633 71.07 32.07 31.81
CA GLU G 3633 70.36 30.86 31.41
C GLU G 3633 71.28 29.67 31.56
N HIS G 3634 70.72 28.54 32.03
CA HIS G 3634 71.49 27.32 32.21
C HIS G 3634 70.55 26.12 32.07
N TYR G 3635 71.09 25.03 31.51
CA TYR G 3635 70.31 23.86 31.15
C TYR G 3635 70.70 22.69 32.07
N PHE G 3636 69.87 22.43 33.07
CA PHE G 3636 70.08 21.36 34.04
C PHE G 3636 68.90 20.40 34.13
N GLU G 3637 67.82 20.69 33.40
CA GLU G 3637 66.55 20.00 33.64
C GLU G 3637 66.65 18.52 33.33
N ASP G 3638 67.28 18.17 32.21
CA ASP G 3638 67.38 16.78 31.82
C ASP G 3638 68.24 15.99 32.81
N LYS G 3639 69.37 16.57 33.23
CA LYS G 3639 70.21 15.92 34.25
C LYS G 3639 69.44 15.70 35.54
N LEU G 3640 68.72 16.73 36.01
CA LEU G 3640 67.98 16.62 37.25
C LEU G 3640 66.90 15.56 37.16
N ILE G 3641 66.15 15.53 36.05
CA ILE G 3641 65.06 14.58 35.91
C ILE G 3641 65.60 13.17 35.81
N GLU G 3642 66.71 12.97 35.08
CA GLU G 3642 67.29 11.64 34.99
C GLU G 3642 67.80 11.16 36.35
N ASP G 3643 68.47 12.05 37.09
CA ASP G 3643 68.96 11.68 38.41
C ASP G 3643 67.83 11.34 39.36
N LEU G 3644 66.72 12.08 39.32
CA LEU G 3644 65.57 11.74 40.14
C LEU G 3644 64.90 10.45 39.68
N ALA G 3645 64.90 10.17 38.38
CA ALA G 3645 64.23 8.99 37.86
C ALA G 3645 65.05 7.72 38.11
N LYS G 3646 66.36 7.86 38.31
CA LYS G 3646 67.19 6.69 38.53
C LYS G 3646 66.77 5.95 39.80
N PRO G 3647 66.44 4.67 39.71
CA PRO G 3647 66.21 3.87 40.92
C PRO G 3647 67.54 3.54 41.58
N GLY G 3648 67.77 4.08 42.77
CA GLY G 3648 69.08 3.98 43.40
C GLY G 3648 69.26 2.83 44.36
N ALA G 3649 70.22 1.96 44.05
CA ALA G 3649 70.65 0.88 44.94
C ALA G 3649 69.48 0.00 45.38
N GLU G 3650 68.61 -0.33 44.42
CA GLU G 3650 67.44 -1.13 44.74
C GLU G 3650 67.80 -2.47 45.38
N PRO G 3651 68.79 -3.22 44.89
CA PRO G 3651 69.19 -4.45 45.60
C PRO G 3651 69.71 -4.17 47.01
N PRO G 3652 70.51 -3.10 47.22
CA PRO G 3652 70.85 -2.74 48.62
C PRO G 3652 69.65 -2.45 49.53
N GLU G 3653 68.61 -1.75 49.06
CA GLU G 3653 67.40 -1.66 49.89
C GLU G 3653 66.46 -2.81 49.54
N GLU G 3654 66.59 -3.91 50.29
CA GLU G 3654 65.73 -5.08 50.16
C GLU G 3654 64.36 -4.77 50.78
N ASP G 3655 63.38 -4.55 49.91
CA ASP G 3655 62.02 -4.33 50.38
C ASP G 3655 61.25 -5.64 50.51
N GLU G 3656 61.71 -6.70 49.84
CA GLU G 3656 61.03 -7.99 49.81
C GLU G 3656 59.56 -7.84 49.39
N GLY G 3657 59.33 -7.04 48.36
CA GLY G 3657 57.98 -6.81 47.90
C GLY G 3657 57.96 -6.15 46.54
N THR G 3658 57.00 -5.23 46.38
CA THR G 3658 56.85 -4.53 45.11
C THR G 3658 58.02 -3.59 44.86
N LYS G 3659 58.19 -3.18 43.61
CA LYS G 3659 59.28 -2.30 43.24
C LYS G 3659 59.14 -0.95 43.96
N ARG G 3660 60.27 -0.38 44.34
CA ARG G 3660 60.27 0.80 45.18
C ARG G 3660 60.13 2.07 44.34
N VAL G 3661 59.29 2.99 44.82
CA VAL G 3661 59.02 4.21 44.08
C VAL G 3661 60.26 5.08 44.01
N ASP G 3662 60.57 5.56 42.80
CA ASP G 3662 61.69 6.45 42.60
C ASP G 3662 61.35 7.86 43.11
N PRO G 3663 62.37 8.69 43.36
CA PRO G 3663 62.10 10.05 43.86
C PRO G 3663 61.20 10.87 42.94
N LEU G 3664 61.35 10.75 41.63
CA LEU G 3664 60.45 11.46 40.71
C LEU G 3664 59.02 10.97 40.86
N HIS G 3665 58.85 9.64 40.98
CA HIS G 3665 57.52 9.09 41.18
C HIS G 3665 56.91 9.58 42.49
N GLN G 3666 57.73 9.69 43.55
CA GLN G 3666 57.26 10.25 44.81
C GLN G 3666 56.84 11.71 44.68
N LEU G 3667 57.61 12.52 43.96
CA LEU G 3667 57.22 13.91 43.74
C LEU G 3667 55.90 14.00 42.99
N ILE G 3668 55.74 13.19 41.94
CA ILE G 3668 54.48 13.15 41.20
C ILE G 3668 53.31 12.69 42.05
N LEU G 3669 53.51 11.68 42.91
CA LEU G 3669 52.48 11.26 43.84
C LEU G 3669 52.11 12.35 44.83
N LEU G 3670 53.10 13.07 45.37
CA LEU G 3670 52.81 14.19 46.26
C LEU G 3670 51.93 15.22 45.57
N PHE G 3671 52.33 15.64 44.36
CA PHE G 3671 51.53 16.63 43.64
C PHE G 3671 50.14 16.11 43.29
N SER G 3672 50.02 14.84 42.89
CA SER G 3672 48.71 14.27 42.57
C SER G 3672 47.80 14.22 43.79
N ARG G 3673 48.35 13.83 44.96
CA ARG G 3673 47.56 13.82 46.18
C ARG G 3673 47.14 15.23 46.57
N THR G 3674 48.04 16.20 46.42
CA THR G 3674 47.68 17.59 46.71
C THR G 3674 46.55 18.06 45.81
N ALA G 3675 46.62 17.71 44.52
CA ALA G 3675 45.56 18.09 43.59
C ALA G 3675 44.25 17.40 43.94
N LEU G 3676 44.30 16.12 44.32
CA LEU G 3676 43.08 15.39 44.62
C LEU G 3676 42.46 15.78 45.95
N THR G 3677 43.23 16.39 46.85
CA THR G 3677 42.68 16.87 48.11
C THR G 3677 41.60 17.91 47.84
N GLU G 3678 40.44 17.74 48.48
CA GLU G 3678 39.31 18.60 48.21
C GLU G 3678 39.52 19.99 48.80
N LYS G 3679 39.56 20.99 47.94
CA LYS G 3679 39.68 22.38 48.35
C LYS G 3679 38.77 23.23 47.47
N CYS G 3680 38.30 24.34 48.03
CA CYS G 3680 37.43 25.24 47.29
C CYS G 3680 38.16 26.02 46.21
N LYS G 3681 39.48 26.15 46.32
CA LYS G 3681 40.26 26.90 45.35
C LYS G 3681 41.62 26.22 45.18
N LEU G 3682 42.17 26.35 43.97
CA LEU G 3682 43.49 25.82 43.66
C LEU G 3682 44.54 26.78 44.21
N GLU G 3683 45.08 26.48 45.38
CA GLU G 3683 46.06 27.35 46.01
C GLU G 3683 47.39 27.28 45.27
N GLU G 3684 47.99 28.44 45.04
CA GLU G 3684 49.24 28.51 44.31
C GLU G 3684 50.35 27.79 45.07
N ASP G 3685 51.12 26.97 44.36
CA ASP G 3685 52.21 26.20 44.94
C ASP G 3685 53.49 26.49 44.15
N PHE G 3686 54.46 27.11 44.82
CA PHE G 3686 55.74 27.42 44.17
C PHE G 3686 56.46 26.15 43.75
N LEU G 3687 56.41 25.12 44.59
CA LEU G 3687 57.04 23.85 44.24
C LEU G 3687 56.46 23.29 42.96
N TYR G 3688 55.13 23.38 42.80
CA TYR G 3688 54.51 22.91 41.57
C TYR G 3688 54.92 23.76 40.38
N MET G 3689 54.83 25.10 40.50
CA MET G 3689 55.21 25.94 39.38
C MET G 3689 56.67 25.77 38.97
N ALA G 3690 57.54 25.34 39.89
CA ALA G 3690 58.93 25.12 39.54
C ALA G 3690 59.15 23.74 38.92
N TYR G 3691 58.68 22.69 39.60
CA TYR G 3691 58.99 21.34 39.13
C TYR G 3691 58.19 20.95 37.89
N ALA G 3692 56.97 21.47 37.71
CA ALA G 3692 56.25 21.25 36.47
C ALA G 3692 56.99 21.87 35.29
N ASP G 3693 57.53 23.08 35.47
CA ASP G 3693 58.31 23.71 34.43
C ASP G 3693 59.58 22.90 34.14
N ILE G 3694 60.24 22.39 35.19
CA ILE G 3694 61.42 21.57 34.98
C ILE G 3694 61.08 20.32 34.17
N MET G 3695 59.99 19.63 34.53
CA MET G 3695 59.56 18.46 33.78
C MET G 3695 59.21 18.83 32.34
N ALA G 3696 58.52 19.94 32.13
CA ALA G 3696 58.13 20.34 30.77
C ALA G 3696 59.33 20.63 29.89
N LYS G 3697 60.36 21.30 30.43
CA LYS G 3697 61.56 21.51 29.63
C LYS G 3697 62.34 20.22 29.41
N SER G 3698 62.28 19.29 30.38
CA SER G 3698 62.96 18.01 30.21
C SER G 3698 62.37 17.21 29.07
N CYS G 3699 61.07 17.36 28.82
CA CYS G 3699 60.44 16.64 27.72
C CYS G 3699 60.94 17.09 26.36
N HIS G 3700 61.21 18.38 26.17
CA HIS G 3700 61.58 18.85 24.84
C HIS G 3700 63.10 18.90 24.65
N ASP G 3701 63.83 19.51 25.60
CA ASP G 3701 65.30 19.57 25.57
C ASP G 3701 65.86 19.85 24.17
N GLU G 3702 65.55 21.02 23.63
CA GLU G 3702 66.22 21.47 22.41
C GLU G 3702 67.06 22.71 22.70
N GLU G 3710 69.27 23.03 6.45
CA GLU G 3710 69.40 22.41 7.76
C GLU G 3710 68.35 21.31 7.93
N VAL G 3711 67.75 20.88 6.83
CA VAL G 3711 66.72 19.84 6.88
C VAL G 3711 67.35 18.55 7.39
N LYS G 3712 66.86 18.07 8.53
CA LYS G 3712 67.37 16.83 9.09
C LYS G 3712 67.00 15.65 8.21
N SER G 3713 67.91 14.69 8.14
CA SER G 3713 67.67 13.48 7.37
C SER G 3713 66.63 12.61 8.08
N PHE G 3714 66.21 11.55 7.38
CA PHE G 3714 65.25 10.62 7.94
C PHE G 3714 65.76 9.97 9.22
N GLU G 3715 67.04 9.58 9.24
CA GLU G 3715 67.62 9.00 10.44
C GLU G 3715 67.57 9.98 11.61
N GLU G 3716 67.92 11.25 11.35
CA GLU G 3716 67.88 12.26 12.41
C GLU G 3716 66.47 12.47 12.93
N LYS G 3717 65.49 12.53 12.02
CA LYS G 3717 64.11 12.74 12.43
C LYS G 3717 63.61 11.57 13.28
N GLU G 3718 63.90 10.34 12.85
CA GLU G 3718 63.44 9.18 13.61
C GLU G 3718 64.16 9.09 14.95
N MET G 3719 65.45 9.42 14.98
CA MET G 3719 66.22 9.44 16.21
C MET G 3719 65.70 10.46 17.20
N GLU G 3720 65.29 11.64 16.73
CA GLU G 3720 64.66 12.64 17.59
C GLU G 3720 63.28 12.25 18.06
N LYS G 3721 62.46 11.63 17.20
CA LYS G 3721 61.16 11.14 17.64
C LYS G 3721 61.32 10.07 18.73
N GLN G 3722 62.25 9.13 18.56
CA GLN G 3722 62.48 8.11 19.57
C GLN G 3722 62.95 8.70 20.90
N LYS G 3723 63.87 9.67 20.86
CA LYS G 3723 64.33 10.33 22.08
C LYS G 3723 63.21 11.12 22.76
N LEU G 3724 62.38 11.80 21.98
CA LEU G 3724 61.21 12.48 22.55
C LEU G 3724 60.27 11.48 23.22
N LEU G 3725 60.05 10.33 22.58
CA LEU G 3725 59.19 9.31 23.19
C LEU G 3725 59.79 8.79 24.49
N TYR G 3726 61.10 8.58 24.52
CA TYR G 3726 61.75 8.13 25.74
C TYR G 3726 61.64 9.18 26.86
N GLN G 3727 61.85 10.45 26.52
CA GLN G 3727 61.73 11.51 27.51
C GLN G 3727 60.32 11.65 28.04
N GLN G 3728 59.31 11.47 27.18
CA GLN G 3728 57.93 11.50 27.63
C GLN G 3728 57.55 10.26 28.44
N ALA G 3729 58.15 9.12 28.14
CA ALA G 3729 58.00 7.92 28.97
C ALA G 3729 58.57 8.11 30.35
N ARG G 3730 59.74 8.74 30.47
CA ARG G 3730 60.35 9.02 31.77
C ARG G 3730 59.41 9.78 32.70
N LEU G 3731 58.34 10.39 32.17
CA LEU G 3731 57.36 11.07 33.00
C LEU G 3731 56.02 10.34 33.09
N HIS G 3732 55.42 9.97 31.96
CA HIS G 3732 54.07 9.41 32.07
C HIS G 3732 54.11 7.96 32.51
N ASP G 3733 55.30 7.35 32.58
CA ASP G 3733 55.42 6.05 33.22
C ASP G 3733 55.22 6.16 34.72
N ARG G 3734 55.51 7.35 35.29
CA ARG G 3734 55.39 7.58 36.71
C ARG G 3734 54.06 8.23 37.10
N GLY G 3735 53.17 8.45 36.14
CA GLY G 3735 51.84 8.95 36.45
C GLY G 3735 51.66 10.45 36.38
N ALA G 3736 52.19 11.07 35.31
CA ALA G 3736 52.10 12.51 35.15
C ALA G 3736 50.84 12.97 34.44
N ALA G 3737 50.31 12.15 33.53
CA ALA G 3737 49.09 12.53 32.81
C ALA G 3737 47.91 12.66 33.75
N GLU G 3738 47.79 11.72 34.70
CA GLU G 3738 46.73 11.80 35.69
C GLU G 3738 46.86 13.04 36.56
N MET G 3739 48.08 13.41 36.96
CA MET G 3739 48.30 14.67 37.66
C MET G 3739 47.87 15.87 36.83
N VAL G 3740 48.23 15.88 35.54
CA VAL G 3740 47.90 17.01 34.69
C VAL G 3740 46.39 17.15 34.57
N LEU G 3741 45.67 16.03 34.43
CA LEU G 3741 44.22 16.10 34.41
C LEU G 3741 43.65 16.54 35.76
N GLN G 3742 44.23 16.05 36.86
CA GLN G 3742 43.70 16.36 38.19
C GLN G 3742 43.86 17.84 38.51
N THR G 3743 45.00 18.44 38.16
CA THR G 3743 45.22 19.85 38.45
C THR G 3743 44.24 20.72 37.66
N ILE G 3744 44.03 20.39 36.39
CA ILE G 3744 43.06 21.13 35.58
C ILE G 3744 41.66 20.99 36.16
N SER G 3745 41.28 19.78 36.57
CA SER G 3745 39.97 19.59 37.18
C SER G 3745 39.80 20.37 38.47
N ALA G 3746 40.84 20.41 39.31
CA ALA G 3746 40.75 21.13 40.57
C ALA G 3746 40.82 22.64 40.37
N SER G 3747 41.36 23.09 39.23
CA SER G 3747 41.41 24.52 38.96
C SER G 3747 40.02 25.15 38.90
N LYS G 3748 38.99 24.38 38.55
CA LYS G 3748 37.61 24.85 38.50
C LYS G 3748 37.45 26.06 37.57
N GLY G 3749 38.17 26.04 36.45
CA GLY G 3749 38.04 27.09 35.46
C GLY G 3749 38.49 28.47 35.90
N GLU G 3750 39.62 28.55 36.60
CA GLU G 3750 40.19 29.83 37.02
C GLU G 3750 41.59 29.93 36.43
N THR G 3751 41.78 30.88 35.51
CA THR G 3751 43.08 31.05 34.86
C THR G 3751 44.11 31.52 35.86
N GLY G 3752 45.27 30.86 35.85
CA GLY G 3752 46.33 31.19 36.79
C GLY G 3752 47.65 30.54 36.43
N PRO G 3753 48.70 30.87 37.19
CA PRO G 3753 50.02 30.28 36.91
C PRO G 3753 50.05 28.75 37.03
N MET G 3754 49.32 28.18 37.98
CA MET G 3754 49.25 26.73 38.06
C MET G 3754 48.61 26.13 36.82
N VAL G 3755 47.54 26.75 36.32
CA VAL G 3755 46.89 26.24 35.11
C VAL G 3755 47.83 26.36 33.92
N ALA G 3756 48.54 27.48 33.82
CA ALA G 3756 49.49 27.67 32.72
C ALA G 3756 50.59 26.62 32.76
N ALA G 3757 51.17 26.38 33.94
CA ALA G 3757 52.20 25.36 34.08
C ALA G 3757 51.68 23.96 33.79
N THR G 3758 50.48 23.63 34.25
CA THR G 3758 49.90 22.32 33.97
C THR G 3758 49.66 22.14 32.47
N LEU G 3759 49.17 23.18 31.80
CA LEU G 3759 48.96 23.10 30.36
C LEU G 3759 50.28 22.93 29.62
N LYS G 3760 51.32 23.64 30.05
CA LYS G 3760 52.64 23.49 29.45
C LYS G 3760 53.18 22.07 29.63
N LEU G 3761 53.02 21.52 30.83
CA LEU G 3761 53.47 20.15 31.08
C LEU G 3761 52.69 19.15 30.25
N GLY G 3762 51.38 19.36 30.13
CA GLY G 3762 50.57 18.48 29.29
C GLY G 3762 51.00 18.52 27.83
N ILE G 3763 51.28 19.73 27.33
CA ILE G 3763 51.78 19.86 25.96
C ILE G 3763 53.11 19.16 25.82
N ALA G 3764 53.98 19.29 26.82
CA ALA G 3764 55.29 18.64 26.77
C ALA G 3764 55.16 17.13 26.71
N ILE G 3765 54.24 16.57 27.49
CA ILE G 3765 54.13 15.11 27.54
C ILE G 3765 53.33 14.57 26.36
N LEU G 3766 52.46 15.38 25.76
CA LEU G 3766 51.63 14.96 24.64
C LEU G 3766 52.17 15.40 23.29
N ASN G 3767 53.32 16.07 23.25
CA ASN G 3767 53.83 16.62 22.00
C ASN G 3767 54.17 15.50 21.01
N GLY G 3768 53.80 15.72 19.76
CA GLY G 3768 53.98 14.73 18.72
C GLY G 3768 52.84 13.76 18.55
N GLY G 3769 51.82 13.83 19.40
CA GLY G 3769 50.69 12.92 19.31
C GLY G 3769 50.94 11.61 20.03
N ASN G 3770 51.24 11.68 21.31
CA ASN G 3770 51.55 10.48 22.08
C ASN G 3770 50.30 9.66 22.32
N SER G 3771 50.17 8.55 21.59
CA SER G 3771 49.03 7.66 21.72
C SER G 3771 48.95 7.02 23.10
N THR G 3772 50.07 6.64 23.70
CA THR G 3772 50.05 6.05 25.03
C THR G 3772 49.52 7.04 26.06
N VAL G 3773 49.98 8.29 26.00
CA VAL G 3773 49.49 9.32 26.93
C VAL G 3773 48.03 9.63 26.67
N GLN G 3774 47.60 9.69 25.41
CA GLN G 3774 46.19 9.91 25.11
C GLN G 3774 45.33 8.80 25.70
N GLN G 3775 45.77 7.54 25.53
CA GLN G 3775 45.02 6.41 26.09
C GLN G 3775 44.97 6.49 27.60
N LYS G 3776 46.09 6.81 28.25
CA LYS G 3776 46.10 6.94 29.70
C LYS G 3776 45.14 8.01 30.18
N MET G 3777 45.16 9.17 29.53
CA MET G 3777 44.28 10.26 29.95
C MET G 3777 42.81 9.90 29.76
N LEU G 3778 42.46 9.34 28.60
CA LEU G 3778 41.07 8.97 28.36
C LEU G 3778 40.59 7.89 29.32
N ASP G 3779 41.42 6.87 29.56
CA ASP G 3779 41.06 5.82 30.50
C ASP G 3779 40.87 6.37 31.90
N TYR G 3780 41.76 7.29 32.32
CA TYR G 3780 41.64 7.88 33.64
C TYR G 3780 40.34 8.66 33.78
N LEU G 3781 40.00 9.46 32.77
CA LEU G 3781 38.76 10.23 32.84
C LEU G 3781 37.54 9.32 32.92
N LYS G 3782 37.48 8.33 32.02
CA LYS G 3782 36.33 7.44 31.98
C LYS G 3782 36.18 6.66 33.27
N GLU G 3783 37.31 6.23 33.86
CA GLU G 3783 37.26 5.55 35.14
C GLU G 3783 36.81 6.50 36.24
N LYS G 3784 37.28 7.74 36.20
CA LYS G 3784 37.09 8.65 37.33
C LYS G 3784 35.69 9.26 37.38
N LYS G 3785 34.91 9.18 36.28
CA LYS G 3785 33.50 9.59 36.35
C LYS G 3785 33.38 11.12 36.49
N ASP G 3786 34.35 11.84 35.96
CA ASP G 3786 34.51 13.24 36.30
C ASP G 3786 33.89 14.16 35.26
N VAL G 3787 33.11 15.13 35.73
CA VAL G 3787 32.63 16.24 34.91
C VAL G 3787 33.41 17.52 35.17
N GLY G 3788 34.15 17.59 36.29
CA GLY G 3788 34.90 18.77 36.64
C GLY G 3788 36.00 19.14 35.68
N PHE G 3789 36.65 18.16 35.07
CA PHE G 3789 37.67 18.45 34.05
C PHE G 3789 37.07 19.24 32.90
N PHE G 3790 35.95 18.77 32.35
CA PHE G 3790 35.33 19.45 31.22
C PHE G 3790 34.71 20.78 31.64
N GLN G 3791 34.15 20.85 32.85
CA GLN G 3791 33.62 22.12 33.33
C GLN G 3791 34.73 23.16 33.49
N SER G 3792 35.89 22.74 34.01
CA SER G 3792 37.02 23.65 34.15
C SER G 3792 37.56 24.07 32.78
N LEU G 3793 37.59 23.13 31.83
CA LEU G 3793 37.99 23.50 30.47
C LEU G 3793 37.07 24.55 29.88
N ALA G 3794 35.75 24.37 30.04
CA ALA G 3794 34.80 25.37 29.55
C ALA G 3794 34.98 26.71 30.25
N GLY G 3795 35.18 26.70 31.57
CA GLY G 3795 35.40 27.95 32.28
C GLY G 3795 36.64 28.69 31.81
N LEU G 3796 37.76 27.97 31.65
CA LEU G 3796 38.98 28.59 31.16
C LEU G 3796 38.81 29.13 29.75
N MET G 3797 38.14 28.37 28.88
CA MET G 3797 37.95 28.82 27.50
C MET G 3797 37.07 30.06 27.45
N GLN G 3798 36.06 30.13 28.32
CA GLN G 3798 35.27 31.36 28.41
C GLN G 3798 36.10 32.51 28.95
N SER G 3799 37.00 32.22 29.90
CA SER G 3799 37.82 33.27 30.51
C SER G 3799 38.93 33.74 29.60
N CYS G 3800 39.23 33.01 28.52
CA CYS G 3800 40.25 33.45 27.58
C CYS G 3800 39.89 34.81 26.97
N SER G 3801 40.89 35.65 26.78
CA SER G 3801 40.67 37.04 26.40
C SER G 3801 40.79 37.25 24.89
N VAL G 3802 40.37 38.43 24.45
CA VAL G 3802 40.46 38.84 23.04
C VAL G 3802 40.97 40.27 22.96
N LEU G 3803 41.04 40.82 21.75
CA LEU G 3803 41.46 42.19 21.53
C LEU G 3803 40.48 43.14 22.21
N ASP G 3804 41.01 44.13 22.92
CA ASP G 3804 40.19 45.14 23.61
C ASP G 3804 40.54 46.50 23.05
N LEU G 3805 39.67 47.00 22.15
CA LEU G 3805 39.93 48.26 21.47
C LEU G 3805 39.91 49.43 22.44
N ASN G 3806 39.07 49.36 23.48
CA ASN G 3806 39.04 50.42 24.49
C ASN G 3806 40.37 50.52 25.22
N ALA G 3807 40.92 49.37 25.62
CA ALA G 3807 42.22 49.37 26.29
C ALA G 3807 43.31 49.85 25.34
N PHE G 3808 43.24 49.45 24.07
CA PHE G 3808 44.23 49.94 23.11
C PHE G 3808 44.15 51.45 22.93
N GLU G 3809 42.94 52.00 22.85
CA GLU G 3809 42.79 53.44 22.72
C GLU G 3809 43.31 54.17 23.95
N ARG G 3810 43.04 53.63 25.14
CA ARG G 3810 43.56 54.26 26.36
C ARG G 3810 45.09 54.23 26.39
N GLN G 3811 45.69 53.09 26.04
CA GLN G 3811 47.15 53.00 25.99
C GLN G 3811 47.76 53.93 24.95
N ASN G 3812 47.14 54.04 23.77
CA ASN G 3812 47.63 54.97 22.76
C ASN G 3812 47.48 56.42 23.20
N LYS G 3813 46.38 56.75 23.88
CA LYS G 3813 46.19 58.11 24.37
C LYS G 3813 47.22 58.45 25.44
N ALA G 3814 47.63 57.47 26.24
CA ALA G 3814 48.69 57.71 27.21
C ALA G 3814 49.97 58.17 26.52
N GLU G 3815 50.42 57.43 25.51
CA GLU G 3815 51.63 57.81 24.79
C GLU G 3815 51.45 59.11 24.02
N GLY G 3816 50.24 59.36 23.49
CA GLY G 3816 49.99 60.63 22.81
C GLY G 3816 50.09 61.81 23.75
N LEU G 3817 49.54 61.67 24.97
CA LEU G 3817 49.79 62.66 26.02
C LEU G 3817 51.26 62.72 26.40
N GLY G 3818 52.00 61.63 26.18
CA GLY G 3818 53.42 61.62 26.42
C GLY G 3818 53.85 60.96 27.71
N MET G 3819 52.94 60.31 28.42
CA MET G 3819 53.32 59.65 29.67
C MET G 3819 54.31 58.53 29.44
N VAL G 3820 55.22 58.36 30.39
CA VAL G 3820 56.19 57.27 30.36
C VAL G 3820 55.46 55.94 30.36
N THR G 3821 55.90 55.02 29.51
CA THR G 3821 55.28 53.71 29.44
C THR G 3821 55.56 52.92 30.72
N GLU G 3822 54.52 52.25 31.22
CA GLU G 3822 54.66 51.43 32.40
C GLU G 3822 55.24 50.08 32.03
N GLU G 3823 54.54 49.35 31.15
CA GLU G 3823 55.06 48.09 30.64
C GLU G 3823 55.40 48.22 29.16
N GLY G 3824 56.61 47.80 28.80
CA GLY G 3824 57.02 47.90 27.40
C GLY G 3824 56.15 47.09 26.48
N SER G 3825 55.74 45.90 26.92
CA SER G 3825 54.86 45.07 26.11
C SER G 3825 53.49 45.71 25.93
N GLY G 3826 52.95 46.33 26.98
CA GLY G 3826 51.61 46.86 26.93
C GLY G 3826 50.59 45.76 26.72
N GLU G 3827 50.73 44.68 27.47
CA GLU G 3827 49.95 43.46 27.27
C GLU G 3827 48.53 43.56 27.82
N LYS G 3828 48.06 44.77 28.15
CA LYS G 3828 46.67 44.92 28.57
C LYS G 3828 45.72 44.50 27.47
N VAL G 3829 46.02 44.87 26.23
CA VAL G 3829 45.30 44.33 25.08
C VAL G 3829 45.77 42.90 24.84
N LEU G 3830 44.82 41.98 24.71
CA LEU G 3830 45.13 40.55 24.60
C LEU G 3830 45.93 40.11 25.81
N GLN G 3831 45.30 40.15 26.98
CA GLN G 3831 45.97 39.98 28.27
C GLN G 3831 46.82 38.72 28.33
N ASP G 3832 46.27 37.58 27.94
CA ASP G 3832 46.98 36.31 27.94
C ASP G 3832 46.85 35.67 26.57
N ASP G 3833 47.93 35.70 25.80
CA ASP G 3833 47.97 35.06 24.48
C ASP G 3833 48.81 33.80 24.49
N GLU G 3834 49.76 33.67 25.41
CA GLU G 3834 50.51 32.44 25.60
C GLU G 3834 49.67 31.37 26.29
N PHE G 3835 48.86 31.78 27.28
CA PHE G 3835 47.98 30.85 27.96
C PHE G 3835 46.91 30.29 27.03
N THR G 3836 46.29 31.16 26.23
CA THR G 3836 45.26 30.69 25.30
C THR G 3836 45.83 29.76 24.25
N CYS G 3837 47.01 30.10 23.71
CA CYS G 3837 47.68 29.23 22.77
C CYS G 3837 48.05 27.90 23.39
N ASP G 3838 48.53 27.89 24.64
CA ASP G 3838 48.82 26.64 25.31
C ASP G 3838 47.56 25.80 25.52
N LEU G 3839 46.46 26.44 25.93
CA LEU G 3839 45.22 25.71 26.14
C LEU G 3839 44.70 25.06 24.86
N PHE G 3840 44.68 25.80 23.76
CA PHE G 3840 44.21 25.20 22.52
C PHE G 3840 45.22 24.23 21.90
N ARG G 3841 46.52 24.43 22.13
CA ARG G 3841 47.49 23.43 21.75
C ARG G 3841 47.30 22.13 22.53
N PHE G 3842 46.96 22.23 23.81
CA PHE G 3842 46.63 21.05 24.60
C PHE G 3842 45.38 20.37 24.05
N LEU G 3843 44.33 21.14 23.78
CA LEU G 3843 43.11 20.57 23.23
C LEU G 3843 43.29 19.97 21.86
N GLN G 3844 44.29 20.42 21.09
CA GLN G 3844 44.63 19.84 19.81
C GLN G 3844 45.48 18.58 19.93
N LEU G 3845 46.52 18.62 20.75
CA LEU G 3845 47.36 17.44 20.98
C LEU G 3845 46.56 16.32 21.61
N LEU G 3846 45.47 16.65 22.32
CA LEU G 3846 44.62 15.63 22.89
C LEU G 3846 43.94 14.80 21.80
N CYS G 3847 43.71 15.38 20.62
CA CYS G 3847 43.08 14.68 19.51
C CYS G 3847 44.05 14.43 18.36
N GLU G 3848 45.33 14.77 18.53
CA GLU G 3848 46.31 14.57 17.48
C GLU G 3848 46.44 13.09 17.13
N GLY G 3849 46.60 12.83 15.83
CA GLY G 3849 46.65 11.47 15.33
C GLY G 3849 45.29 10.85 15.06
N HIS G 3850 44.23 11.66 14.98
CA HIS G 3850 42.87 11.17 14.74
C HIS G 3850 42.44 10.17 15.81
N ASN G 3851 42.46 10.61 17.07
CA ASN G 3851 41.99 9.79 18.19
C ASN G 3851 40.47 9.91 18.27
N SER G 3852 39.80 9.21 17.36
CA SER G 3852 38.37 9.33 17.13
C SER G 3852 37.56 9.14 18.42
N ASP G 3853 37.94 8.17 19.23
CA ASP G 3853 37.24 7.93 20.49
C ASP G 3853 37.34 9.16 21.40
N PHE G 3854 38.52 9.78 21.46
CA PHE G 3854 38.68 10.93 22.33
C PHE G 3854 37.96 12.15 21.76
N GLN G 3855 37.92 12.29 20.44
CA GLN G 3855 37.13 13.35 19.83
C GLN G 3855 35.65 13.20 20.17
N ASN G 3856 35.14 11.97 20.08
CA ASN G 3856 33.75 11.72 20.44
C ASN G 3856 33.51 12.01 21.92
N TYR G 3857 34.46 11.65 22.79
CA TYR G 3857 34.34 11.96 24.20
C TYR G 3857 34.30 13.47 24.44
N LEU G 3858 35.16 14.22 23.75
CA LEU G 3858 35.15 15.67 23.89
C LEU G 3858 33.83 16.27 23.41
N ARG G 3859 33.29 15.78 22.30
CA ARG G 3859 32.01 16.30 21.83
C ARG G 3859 30.89 16.00 22.82
N THR G 3860 30.75 14.72 23.21
CA THR G 3860 29.71 14.30 24.14
C THR G 3860 30.33 13.28 25.09
N GLN G 3861 30.44 13.65 26.37
CA GLN G 3861 30.90 12.71 27.39
C GLN G 3861 29.78 11.74 27.74
N THR G 3862 29.90 10.50 27.26
CA THR G 3862 28.83 9.51 27.39
C THR G 3862 28.60 9.10 28.85
N GLY G 3863 29.63 8.58 29.50
CA GLY G 3863 29.51 8.08 30.85
C GLY G 3863 29.18 9.15 31.88
N ASN G 3864 29.71 10.36 31.67
CA ASN G 3864 29.51 11.43 32.63
C ASN G 3864 28.04 11.82 32.73
N ASN G 3865 27.62 12.17 33.95
CA ASN G 3865 26.23 12.57 34.17
C ASN G 3865 25.88 13.84 33.39
N THR G 3866 26.77 14.82 33.38
CA THR G 3866 26.57 16.08 32.68
C THR G 3866 27.67 16.26 31.64
N THR G 3867 27.29 16.60 30.42
CA THR G 3867 28.23 16.75 29.32
C THR G 3867 28.39 18.21 28.93
N VAL G 3868 29.61 18.55 28.49
CA VAL G 3868 29.96 19.89 28.03
C VAL G 3868 30.56 19.75 26.64
N ASN G 3869 30.12 20.58 25.70
CA ASN G 3869 30.53 20.45 24.32
C ASN G 3869 31.69 21.41 24.03
N ILE G 3870 32.90 20.93 24.27
CA ILE G 3870 34.11 21.69 23.97
C ILE G 3870 34.18 22.03 22.49
N ILE G 3871 33.59 21.20 21.63
CA ILE G 3871 33.57 21.49 20.20
C ILE G 3871 32.84 22.79 19.92
N ILE G 3872 31.68 22.99 20.53
CA ILE G 3872 30.94 24.25 20.36
C ILE G 3872 31.62 25.40 21.09
N SER G 3873 32.20 25.13 22.26
CA SER G 3873 32.91 26.20 22.97
C SER G 3873 34.07 26.74 22.13
N THR G 3874 34.77 25.86 21.41
CA THR G 3874 35.90 26.29 20.59
C THR G 3874 35.46 27.23 19.47
N VAL G 3875 34.38 26.88 18.77
CA VAL G 3875 33.88 27.76 17.70
C VAL G 3875 33.30 29.05 18.25
N ASP G 3876 32.73 29.03 19.46
CA ASP G 3876 32.30 30.26 20.11
C ASP G 3876 33.49 31.19 20.36
N TYR G 3877 34.59 30.65 20.88
CA TYR G 3877 35.78 31.46 21.08
C TYR G 3877 36.35 31.96 19.76
N LEU G 3878 36.30 31.12 18.72
CA LEU G 3878 36.75 31.54 17.41
C LEU G 3878 35.94 32.72 16.88
N LEU G 3879 34.62 32.68 17.06
CA LEU G 3879 33.77 33.81 16.70
C LEU G 3879 34.08 35.07 17.49
N ARG G 3880 34.34 34.95 18.80
CA ARG G 3880 34.76 36.10 19.59
C ARG G 3880 36.06 36.71 19.08
N VAL G 3881 37.05 35.87 18.78
CA VAL G 3881 38.32 36.37 18.25
C VAL G 3881 38.10 37.04 16.89
N GLN G 3882 37.24 36.46 16.05
CA GLN G 3882 36.92 37.07 14.77
C GLN G 3882 36.31 38.45 14.95
N GLU G 3883 35.36 38.59 15.88
CA GLU G 3883 34.76 39.90 16.12
C GLU G 3883 35.78 40.91 16.61
N SER G 3884 36.67 40.49 17.51
CA SER G 3884 37.71 41.40 18.00
C SER G 3884 38.62 41.86 16.87
N ILE G 3885 39.05 40.92 16.01
CA ILE G 3885 39.93 41.26 14.90
C ILE G 3885 39.21 42.19 13.92
N SER G 3886 37.93 41.92 13.65
CA SER G 3886 37.19 42.79 12.74
C SER G 3886 37.08 44.21 13.28
N ASP G 3887 36.80 44.35 14.58
CA ASP G 3887 36.74 45.68 15.17
C ASP G 3887 38.09 46.40 15.12
N PHE G 3888 39.17 45.66 15.39
CA PHE G 3888 40.50 46.28 15.36
C PHE G 3888 40.87 46.74 13.96
N TYR G 3889 40.56 45.90 12.96
CA TYR G 3889 40.78 46.32 11.57
C TYR G 3889 39.93 47.53 11.22
N TRP G 3890 38.68 47.56 11.69
CA TRP G 3890 37.84 48.73 11.42
C TRP G 3890 38.44 49.99 12.02
N TYR G 3891 39.06 49.87 13.20
CA TYR G 3891 39.70 51.03 13.80
C TYR G 3891 40.92 51.47 12.99
N TYR G 3892 41.63 50.52 12.39
CA TYR G 3892 42.71 50.86 11.45
C TYR G 3892 42.27 51.05 10.00
N SER G 3893 40.97 51.07 9.71
CA SER G 3893 40.54 51.16 8.32
C SER G 3893 40.92 52.51 7.71
N GLY G 3894 40.57 53.60 8.38
CA GLY G 3894 40.86 54.91 7.84
C GLY G 3894 42.34 55.25 7.79
N LYS G 3895 43.10 54.82 8.82
CA LYS G 3895 44.49 55.22 8.95
C LYS G 3895 45.33 54.65 7.80
N ASP G 3896 46.22 55.48 7.27
CA ASP G 3896 47.03 55.09 6.12
C ASP G 3896 48.08 54.05 6.49
N VAL G 3897 48.74 54.24 7.63
CA VAL G 3897 49.85 53.39 8.04
C VAL G 3897 49.50 52.71 9.36
N ILE G 3898 49.89 51.44 9.49
CA ILE G 3898 49.63 50.70 10.70
C ILE G 3898 50.77 50.92 11.69
N ASP G 3899 50.41 51.26 12.93
CA ASP G 3899 51.40 51.52 13.97
C ASP G 3899 52.06 50.21 14.39
N GLU G 3900 53.26 50.32 14.97
CA GLU G 3900 54.03 49.14 15.37
C GLU G 3900 53.29 48.33 16.43
N GLN G 3901 52.69 49.02 17.41
CA GLN G 3901 51.92 48.32 18.43
C GLN G 3901 50.72 47.59 17.83
N GLY G 3902 50.06 48.22 16.86
CA GLY G 3902 48.96 47.55 16.18
C GLY G 3902 49.42 46.34 15.38
N GLN G 3903 50.59 46.43 14.76
CA GLN G 3903 51.16 45.27 14.07
C GLN G 3903 51.43 44.14 15.06
N ARG G 3904 51.96 44.48 16.23
CA ARG G 3904 52.18 43.47 17.27
C ARG G 3904 50.88 42.82 17.70
N ASN G 3905 49.84 43.63 17.90
CA ASN G 3905 48.54 43.09 18.32
C ASN G 3905 47.94 42.20 17.23
N PHE G 3906 48.06 42.61 15.96
CA PHE G 3906 47.61 41.76 14.87
C PHE G 3906 48.37 40.45 14.83
N SER G 3907 49.69 40.49 15.03
CA SER G 3907 50.46 39.25 15.03
C SER G 3907 50.00 38.32 16.14
N LYS G 3908 49.79 38.86 17.34
CA LYS G 3908 49.34 38.02 18.46
C LYS G 3908 47.95 37.43 18.21
N ALA G 3909 47.00 38.26 17.75
CA ALA G 3909 45.66 37.76 17.43
C ALA G 3909 45.67 36.76 16.29
N ILE G 3910 46.52 36.96 15.29
CA ILE G 3910 46.63 36.01 14.19
C ILE G 3910 47.16 34.68 14.68
N GLN G 3911 48.16 34.70 15.58
CA GLN G 3911 48.64 33.46 16.15
C GLN G 3911 47.54 32.74 16.93
N VAL G 3912 46.76 33.50 17.71
CA VAL G 3912 45.69 32.88 18.49
C VAL G 3912 44.64 32.25 17.55
N ALA G 3913 44.24 32.99 16.51
CA ALA G 3913 43.26 32.47 15.57
C ALA G 3913 43.81 31.27 14.80
N LYS G 3914 45.10 31.29 14.48
CA LYS G 3914 45.74 30.16 13.82
C LYS G 3914 45.68 28.91 14.68
N GLN G 3915 45.99 29.06 15.97
CA GLN G 3915 45.93 27.91 16.87
C GLN G 3915 44.49 27.40 17.04
N VAL G 3916 43.52 28.30 17.14
CA VAL G 3916 42.13 27.86 17.24
C VAL G 3916 41.70 27.13 15.97
N PHE G 3917 42.07 27.64 14.80
CA PHE G 3917 41.72 26.98 13.55
C PHE G 3917 42.38 25.60 13.46
N ASN G 3918 43.63 25.48 13.90
CA ASN G 3918 44.29 24.18 13.92
C ASN G 3918 43.61 23.21 14.88
N THR G 3919 43.17 23.71 16.05
CA THR G 3919 42.44 22.85 16.97
C THR G 3919 41.13 22.35 16.37
N LEU G 3920 40.41 23.23 15.69
CA LEU G 3920 39.19 22.81 15.00
C LEU G 3920 39.52 21.79 13.90
N THR G 3921 40.59 22.04 13.15
CA THR G 3921 40.97 21.13 12.08
C THR G 3921 41.32 19.75 12.62
N GLU G 3922 41.94 19.71 13.80
CA GLU G 3922 42.25 18.41 14.41
C GLU G 3922 41.01 17.75 14.98
N TYR G 3923 40.03 18.55 15.43
CA TYR G 3923 38.73 17.99 15.77
C TYR G 3923 38.08 17.32 14.55
N ILE G 3924 38.26 17.93 13.38
CA ILE G 3924 37.46 17.54 12.22
C ILE G 3924 38.14 16.39 11.45
N GLN G 3925 39.48 16.44 11.36
CA GLN G 3925 40.22 15.50 10.51
C GLN G 3925 40.02 14.06 10.97
N GLY G 3926 39.93 13.17 9.99
CA GLY G 3926 39.41 11.85 10.22
C GLY G 3926 37.91 11.96 10.20
N PRO G 3927 37.23 11.11 9.43
CA PRO G 3927 35.80 11.35 9.18
C PRO G 3927 34.97 11.22 10.44
N CYS G 3928 35.10 12.21 11.33
CA CYS G 3928 34.34 12.28 12.58
C CYS G 3928 33.03 12.99 12.26
N THR G 3929 32.03 12.18 11.90
CA THR G 3929 30.76 12.73 11.44
C THR G 3929 30.06 13.55 12.50
N GLY G 3930 30.18 13.14 13.77
CA GLY G 3930 29.57 13.89 14.85
C GLY G 3930 30.10 15.30 14.98
N ASN G 3931 31.43 15.44 15.00
CA ASN G 3931 32.03 16.77 15.06
C ASN G 3931 31.73 17.56 13.80
N GLN G 3932 31.77 16.91 12.63
CA GLN G 3932 31.46 17.59 11.39
C GLN G 3932 30.04 18.14 11.36
N GLN G 3933 29.08 17.39 11.89
CA GLN G 3933 27.69 17.85 11.97
C GLN G 3933 27.52 18.94 13.02
N SER G 3934 28.16 18.80 14.19
CA SER G 3934 28.04 19.81 15.23
C SER G 3934 28.60 21.15 14.75
N LEU G 3935 29.77 21.13 14.11
CA LEU G 3935 30.34 22.38 13.62
C LEU G 3935 29.53 22.93 12.44
N ALA G 3936 28.94 22.04 11.63
CA ALA G 3936 28.10 22.49 10.54
C ALA G 3936 26.87 23.23 11.05
N HIS G 3937 26.25 22.72 12.11
CA HIS G 3937 25.10 23.37 12.71
C HIS G 3937 25.47 24.50 13.65
N SER G 3938 26.75 24.63 14.00
CA SER G 3938 27.20 25.74 14.85
C SER G 3938 27.36 27.03 14.04
N ARG G 3939 27.99 28.03 14.66
CA ARG G 3939 28.19 29.33 14.04
C ARG G 3939 29.58 29.47 13.42
N LEU G 3940 30.16 28.37 12.93
CA LEU G 3940 31.44 28.44 12.25
C LEU G 3940 31.36 29.27 10.98
N TRP G 3941 30.22 29.20 10.28
CA TRP G 3941 30.07 29.90 9.01
C TRP G 3941 30.18 31.41 9.18
N ASP G 3942 29.63 31.95 10.26
CA ASP G 3942 29.75 33.38 10.52
C ASP G 3942 31.20 33.80 10.74
N ALA G 3943 31.95 33.01 11.50
CA ALA G 3943 33.37 33.31 11.69
C ALA G 3943 34.12 33.25 10.36
N VAL G 3944 33.83 32.24 9.54
CA VAL G 3944 34.52 32.10 8.26
C VAL G 3944 34.20 33.28 7.35
N VAL G 3945 32.93 33.67 7.27
CA VAL G 3945 32.56 34.77 6.39
C VAL G 3945 33.11 36.10 6.90
N GLY G 3946 33.30 36.24 8.22
CA GLY G 3946 33.97 37.43 8.73
C GLY G 3946 35.45 37.47 8.43
N PHE G 3947 36.14 36.35 8.65
CA PHE G 3947 37.55 36.28 8.28
C PHE G 3947 37.76 36.48 6.80
N LEU G 3948 36.80 36.07 5.96
CA LEU G 3948 36.93 36.29 4.52
C LEU G 3948 36.95 37.78 4.19
N HIS G 3949 36.04 38.55 4.79
CA HIS G 3949 36.04 40.00 4.60
C HIS G 3949 37.33 40.62 5.13
N VAL G 3950 37.76 40.17 6.31
CA VAL G 3950 38.98 40.72 6.90
C VAL G 3950 40.17 40.45 5.98
N PHE G 3951 40.29 39.23 5.47
CA PHE G 3951 41.37 38.89 4.55
C PHE G 3951 41.29 39.69 3.25
N ALA G 3952 40.09 39.84 2.69
CA ALA G 3952 39.91 40.54 1.43
C ALA G 3952 40.30 42.01 1.53
N HIS G 3953 39.98 42.69 2.62
CA HIS G 3953 40.36 44.09 2.74
C HIS G 3953 41.77 44.30 3.31
N MET G 3954 42.14 43.45 4.27
CA MET G 3954 43.46 43.51 4.90
C MET G 3954 44.57 43.37 3.88
N GLN G 3955 44.48 42.34 3.04
CA GLN G 3955 45.50 42.07 2.03
C GLN G 3955 45.60 43.22 1.05
N MET G 3956 44.46 43.75 0.62
CA MET G 3956 44.44 44.90 -0.29
C MET G 3956 45.13 46.12 0.31
N LYS G 3957 44.89 46.41 1.60
CA LYS G 3957 45.50 47.58 2.20
C LYS G 3957 46.99 47.38 2.45
N LEU G 3958 47.38 46.21 2.98
CA LEU G 3958 48.76 46.02 3.41
C LEU G 3958 49.71 45.86 2.22
N SER G 3959 49.21 45.39 1.08
CA SER G 3959 50.08 45.10 -0.05
C SER G 3959 50.78 46.36 -0.57
N GLN G 3960 50.05 47.48 -0.63
CA GLN G 3960 50.64 48.72 -1.14
C GLN G 3960 51.78 49.18 -0.24
N ASP G 3961 51.59 49.13 1.07
CA ASP G 3961 52.63 49.54 2.00
C ASP G 3961 53.74 48.49 2.06
N SER G 3962 54.96 48.96 2.29
CA SER G 3962 56.13 48.08 2.28
C SER G 3962 56.60 47.67 3.68
N SER G 3963 56.00 48.21 4.73
CA SER G 3963 56.49 47.94 6.08
C SER G 3963 55.81 46.71 6.68
N GLN G 3964 54.65 46.32 6.15
CA GLN G 3964 53.86 45.23 6.71
C GLN G 3964 53.94 43.94 5.89
N ILE G 3965 55.10 43.64 5.31
CA ILE G 3965 55.26 42.40 4.56
C ILE G 3965 55.08 41.19 5.47
N GLU G 3966 55.69 41.23 6.66
CA GLU G 3966 55.53 40.13 7.60
C GLU G 3966 54.09 39.98 8.09
N LEU G 3967 53.39 41.11 8.31
CA LEU G 3967 51.99 41.03 8.71
C LEU G 3967 51.13 40.44 7.60
N LEU G 3968 51.38 40.84 6.34
CA LEU G 3968 50.65 40.24 5.23
C LEU G 3968 50.92 38.74 5.13
N LYS G 3969 52.17 38.33 5.31
CA LYS G 3969 52.51 36.91 5.32
C LYS G 3969 51.80 36.15 6.43
N GLU G 3970 51.76 36.69 7.64
CA GLU G 3970 51.03 36.05 8.74
C GLU G 3970 49.55 35.95 8.42
N LEU G 3971 48.97 37.00 7.85
CA LEU G 3971 47.56 36.99 7.48
C LEU G 3971 47.26 35.90 6.46
N MET G 3972 48.11 35.79 5.44
CA MET G 3972 47.86 34.76 4.42
C MET G 3972 48.12 33.37 4.96
N ASP G 3973 49.01 33.24 5.95
CA ASP G 3973 49.16 31.97 6.66
C ASP G 3973 47.87 31.60 7.37
N LEU G 3974 47.25 32.57 8.04
CA LEU G 3974 45.95 32.32 8.68
C LEU G 3974 44.90 31.95 7.65
N GLN G 3975 44.93 32.60 6.49
CA GLN G 3975 44.01 32.25 5.40
C GLN G 3975 44.22 30.81 4.96
N LYS G 3976 45.48 30.39 4.83
CA LYS G 3976 45.77 29.02 4.45
C LYS G 3976 45.22 28.04 5.48
N ASP G 3977 45.38 28.35 6.77
CA ASP G 3977 44.84 27.47 7.79
C ASP G 3977 43.32 27.41 7.75
N MET G 3978 42.67 28.54 7.46
CA MET G 3978 41.21 28.54 7.32
C MET G 3978 40.76 27.65 6.16
N VAL G 3979 41.45 27.75 5.03
CA VAL G 3979 41.09 26.91 3.89
C VAL G 3979 41.37 25.44 4.20
N VAL G 3980 42.42 25.16 4.97
CA VAL G 3980 42.68 23.79 5.41
C VAL G 3980 41.52 23.28 6.26
N MET G 3981 41.01 24.10 7.18
CA MET G 3981 39.91 23.64 8.03
C MET G 3981 38.66 23.41 7.19
N LEU G 3982 38.46 24.25 6.16
CA LEU G 3982 37.32 24.03 5.26
C LEU G 3982 37.47 22.72 4.48
N LEU G 3983 38.69 22.43 4.02
CA LEU G 3983 38.92 21.14 3.36
C LEU G 3983 38.66 19.98 4.31
N SER G 3984 38.99 20.16 5.59
CA SER G 3984 38.72 19.13 6.59
C SER G 3984 37.22 18.96 6.81
N MET G 3985 36.47 20.07 6.93
CA MET G 3985 35.01 20.11 6.76
C MET G 3985 34.52 19.29 5.59
N LEU G 3986 35.23 19.31 4.47
CA LEU G 3986 34.80 18.60 3.26
C LEU G 3986 35.39 17.19 3.14
N GLU G 3987 35.54 16.45 4.25
CA GLU G 3987 35.98 15.07 4.19
C GLU G 3987 34.78 14.15 4.33
N GLY G 3988 34.67 13.18 3.42
CA GLY G 3988 33.55 12.27 3.39
C GLY G 3988 32.31 12.81 2.73
N ASN G 3989 32.37 13.99 2.12
CA ASN G 3989 31.19 14.59 1.49
C ASN G 3989 30.79 13.81 0.24
N VAL G 3990 29.52 13.44 0.17
CA VAL G 3990 28.95 12.81 -1.01
C VAL G 3990 28.58 13.89 -2.02
N VAL G 3991 28.29 13.49 -3.26
CA VAL G 3991 27.83 14.44 -4.26
C VAL G 3991 26.52 15.07 -3.81
N ASN G 3992 26.45 16.39 -3.92
CA ASN G 3992 25.31 17.18 -3.45
C ASN G 3992 25.08 16.97 -1.95
N GLY G 3993 26.17 17.14 -1.20
CA GLY G 3993 26.13 16.98 0.24
C GLY G 3993 25.66 18.25 0.95
N THR G 3994 25.14 18.05 2.17
CA THR G 3994 24.63 19.16 2.95
C THR G 3994 25.76 20.12 3.33
N ILE G 3995 26.91 19.58 3.71
CA ILE G 3995 28.04 20.43 4.08
C ILE G 3995 28.51 21.23 2.88
N GLY G 3996 28.58 20.60 1.71
CA GLY G 3996 28.95 21.33 0.50
C GLY G 3996 27.96 22.41 0.15
N LYS G 3997 26.66 22.11 0.30
CA LYS G 3997 25.65 23.13 0.05
C LYS G 3997 25.81 24.31 1.00
N GLN G 3998 26.04 24.04 2.29
CA GLN G 3998 26.24 25.12 3.25
C GLN G 3998 27.48 25.93 2.90
N MET G 3999 28.53 25.25 2.42
CA MET G 3999 29.75 25.95 2.01
C MET G 3999 29.50 26.87 0.84
N VAL G 4000 28.77 26.40 -0.17
CA VAL G 4000 28.50 27.25 -1.33
C VAL G 4000 27.61 28.41 -0.91
N ASP G 4001 26.71 28.19 0.05
CA ASP G 4001 25.92 29.28 0.59
C ASP G 4001 26.81 30.31 1.28
N MET G 4002 27.80 29.85 2.04
CA MET G 4002 28.73 30.77 2.70
C MET G 4002 29.53 31.56 1.67
N LEU G 4003 29.99 30.91 0.61
CA LEU G 4003 30.72 31.60 -0.45
C LEU G 4003 29.83 32.62 -1.15
N VAL G 4004 28.56 32.27 -1.38
CA VAL G 4004 27.61 33.21 -1.98
C VAL G 4004 27.43 34.43 -1.09
N GLU G 4005 27.31 34.21 0.23
CA GLU G 4005 27.20 35.32 1.17
C GLU G 4005 28.44 36.19 1.14
N SER G 4006 29.62 35.57 1.03
CA SER G 4006 30.89 36.30 0.96
C SER G 4006 31.40 36.44 -0.46
N SER G 4007 30.49 36.60 -1.43
CA SER G 4007 30.87 36.65 -2.84
C SER G 4007 31.90 37.74 -3.14
N ASN G 4008 31.63 38.96 -2.67
CA ASN G 4008 32.51 40.08 -2.99
C ASN G 4008 33.92 39.87 -2.44
N ASN G 4009 34.03 39.42 -1.19
CA ASN G 4009 35.35 39.19 -0.60
C ASN G 4009 36.09 38.07 -1.34
N VAL G 4010 35.37 37.02 -1.73
CA VAL G 4010 35.98 35.95 -2.52
C VAL G 4010 36.46 36.50 -3.87
N GLU G 4011 35.65 37.34 -4.50
CA GLU G 4011 36.06 37.97 -5.76
C GLU G 4011 37.34 38.78 -5.60
N MET G 4012 37.42 39.57 -4.54
CA MET G 4012 38.56 40.46 -4.34
C MET G 4012 39.83 39.67 -4.01
N ILE G 4013 39.71 38.62 -3.19
CA ILE G 4013 40.83 37.73 -2.92
C ILE G 4013 41.30 37.05 -4.20
N LEU G 4014 40.36 36.59 -5.03
CA LEU G 4014 40.75 35.94 -6.28
C LEU G 4014 41.47 36.89 -7.21
N LYS G 4015 41.03 38.15 -7.28
CA LYS G 4015 41.74 39.14 -8.08
C LYS G 4015 43.15 39.39 -7.55
N PHE G 4016 43.29 39.53 -6.23
CA PHE G 4016 44.61 39.64 -5.63
C PHE G 4016 45.52 38.49 -6.08
N PHE G 4017 45.03 37.27 -5.94
CA PHE G 4017 45.83 36.10 -6.30
C PHE G 4017 46.14 36.06 -7.80
N ASP G 4018 45.17 36.42 -8.65
CA ASP G 4018 45.41 36.26 -10.08
C ASP G 4018 46.44 37.27 -10.58
N MET G 4019 46.39 38.51 -10.08
CA MET G 4019 47.42 39.46 -10.50
C MET G 4019 48.79 39.05 -9.97
N PHE G 4020 48.87 38.67 -8.69
CA PHE G 4020 50.18 38.30 -8.16
C PHE G 4020 50.66 36.93 -8.64
N LEU G 4021 49.83 36.17 -9.34
CA LEU G 4021 50.28 34.98 -10.04
C LEU G 4021 50.71 35.25 -11.48
N LYS G 4022 49.99 36.12 -12.19
CA LYS G 4022 50.42 36.52 -13.53
C LYS G 4022 51.68 37.38 -13.49
N LEU G 4023 52.04 37.92 -12.33
CA LEU G 4023 53.30 38.66 -12.23
C LEU G 4023 54.48 37.80 -12.68
N LYS G 4024 54.44 36.49 -12.42
CA LYS G 4024 55.57 35.62 -12.74
C LYS G 4024 55.83 35.56 -14.24
N ASP G 4025 54.81 35.21 -15.04
CA ASP G 4025 55.06 35.10 -16.47
C ASP G 4025 55.13 36.48 -17.12
N LEU G 4026 54.57 37.51 -16.48
CA LEU G 4026 54.83 38.87 -16.92
C LEU G 4026 56.31 39.21 -16.83
N THR G 4027 56.95 38.83 -15.72
CA THR G 4027 58.38 39.09 -15.57
C THR G 4027 59.21 38.20 -16.48
N SER G 4028 58.80 36.94 -16.66
CA SER G 4028 59.60 35.99 -17.42
C SER G 4028 59.35 36.05 -18.92
N SER G 4029 58.39 36.86 -19.38
CA SER G 4029 58.14 36.97 -20.82
C SER G 4029 59.29 37.70 -21.51
N ASP G 4030 59.39 37.50 -22.82
CA ASP G 4030 60.47 38.13 -23.58
C ASP G 4030 60.23 39.61 -23.78
N THR G 4031 58.97 40.07 -23.74
CA THR G 4031 58.71 41.51 -23.81
C THR G 4031 59.34 42.23 -22.63
N PHE G 4032 59.20 41.68 -21.43
CA PHE G 4032 59.87 42.24 -20.26
C PHE G 4032 61.38 42.17 -20.41
N LYS G 4033 61.90 41.07 -20.95
CA LYS G 4033 63.35 40.92 -21.13
C LYS G 4033 63.91 41.80 -22.23
N GLU G 4034 63.07 42.37 -23.10
CA GLU G 4034 63.57 43.33 -24.07
C GLU G 4034 63.35 44.76 -23.61
N TYR G 4035 62.35 44.99 -22.74
CA TYR G 4035 62.30 46.26 -22.03
C TYR G 4035 63.45 46.38 -21.05
N ASP G 4036 64.00 45.25 -20.61
CA ASP G 4036 65.24 45.21 -19.84
C ASP G 4036 66.21 44.27 -20.54
N PRO G 4037 66.85 44.71 -21.65
CA PRO G 4037 67.72 43.79 -22.40
C PRO G 4037 68.85 43.20 -21.58
N ASP G 4038 69.43 43.98 -20.68
CA ASP G 4038 70.52 43.48 -19.86
C ASP G 4038 69.99 42.53 -18.78
N GLY G 4039 70.88 41.66 -18.31
CA GLY G 4039 70.54 40.72 -17.27
C GLY G 4039 70.78 41.28 -15.88
N LYS G 4040 70.90 42.60 -15.79
CA LYS G 4040 71.18 43.23 -14.50
C LYS G 4040 70.05 43.00 -13.51
N GLY G 4041 68.80 43.06 -13.96
CA GLY G 4041 67.67 42.79 -13.11
C GLY G 4041 66.93 44.00 -12.59
N VAL G 4042 67.20 45.19 -13.12
CA VAL G 4042 66.51 46.41 -12.73
C VAL G 4042 65.90 47.04 -13.98
N ILE G 4043 64.64 47.45 -13.87
CA ILE G 4043 63.89 48.02 -14.99
C ILE G 4043 63.26 49.33 -14.53
N SER G 4044 63.21 50.30 -15.45
CA SER G 4044 62.64 51.59 -15.13
C SER G 4044 61.15 51.47 -14.82
N LYS G 4045 60.61 52.47 -14.11
CA LYS G 4045 59.18 52.49 -13.87
C LYS G 4045 58.40 52.67 -15.16
N ARG G 4046 58.87 53.55 -16.04
CA ARG G 4046 58.20 53.73 -17.33
C ARG G 4046 58.32 52.48 -18.19
N ASP G 4047 59.50 51.85 -18.18
CA ASP G 4047 59.67 50.60 -18.93
C ASP G 4047 58.78 49.50 -18.37
N PHE G 4048 58.63 49.45 -17.05
CA PHE G 4048 57.74 48.47 -16.42
C PHE G 4048 56.29 48.71 -16.81
N HIS G 4049 55.86 49.97 -16.79
CA HIS G 4049 54.54 50.34 -17.26
C HIS G 4049 54.31 49.92 -18.70
N LYS G 4050 55.28 50.17 -19.57
CA LYS G 4050 55.18 49.80 -20.98
C LYS G 4050 55.20 48.28 -21.17
N ALA G 4051 55.94 47.57 -20.31
CA ALA G 4051 56.00 46.11 -20.41
C ALA G 4051 54.66 45.48 -20.04
N MET G 4052 54.02 46.00 -18.99
CA MET G 4052 52.72 45.44 -18.61
C MET G 4052 51.61 45.86 -19.56
N GLU G 4053 51.86 46.81 -20.46
CA GLU G 4053 50.92 47.11 -21.54
C GLU G 4053 51.22 46.33 -22.81
N SER G 4054 52.49 46.04 -23.09
CA SER G 4054 52.83 45.14 -24.18
C SER G 4054 52.33 43.73 -23.89
N HIS G 4055 52.50 43.26 -22.65
CA HIS G 4055 51.88 42.01 -22.22
C HIS G 4055 50.36 42.13 -22.28
N LYS G 4056 49.81 43.22 -21.76
CA LYS G 4056 48.41 43.62 -21.83
C LYS G 4056 47.49 42.63 -21.13
N HIS G 4057 48.04 41.58 -20.48
CA HIS G 4057 47.21 40.71 -19.65
C HIS G 4057 46.68 41.45 -18.44
N TYR G 4058 47.24 42.62 -18.14
CA TYR G 4058 46.83 43.44 -17.01
C TYR G 4058 46.03 44.65 -17.49
N THR G 4059 44.92 44.92 -16.82
CA THR G 4059 44.17 46.14 -17.08
C THR G 4059 44.90 47.34 -16.49
N GLN G 4060 44.31 48.52 -16.66
CA GLN G 4060 44.93 49.73 -16.12
C GLN G 4060 44.82 49.78 -14.60
N SER G 4061 43.72 49.28 -14.05
CA SER G 4061 43.58 49.22 -12.60
C SER G 4061 44.61 48.28 -12.00
N GLU G 4062 44.79 47.10 -12.60
CA GLU G 4062 45.83 46.19 -12.15
C GLU G 4062 47.21 46.80 -12.34
N THR G 4063 47.41 47.55 -13.42
CA THR G 4063 48.66 48.26 -13.67
C THR G 4063 48.99 49.21 -12.53
N GLU G 4064 48.04 50.09 -12.19
CA GLU G 4064 48.31 51.09 -11.16
C GLU G 4064 48.44 50.44 -9.78
N PHE G 4065 47.67 49.38 -9.52
CA PHE G 4065 47.81 48.68 -8.25
C PHE G 4065 49.18 48.03 -8.10
N LEU G 4066 49.67 47.37 -9.16
CA LEU G 4066 51.01 46.81 -9.12
C LEU G 4066 52.08 47.89 -8.96
N LEU G 4067 51.90 49.02 -9.64
CA LEU G 4067 52.85 50.12 -9.47
C LEU G 4067 52.87 50.63 -8.05
N SER G 4068 51.69 50.77 -7.43
CA SER G 4068 51.62 51.22 -6.04
C SER G 4068 52.25 50.21 -5.09
N CYS G 4069 52.00 48.92 -5.31
CA CYS G 4069 52.58 47.88 -4.48
C CYS G 4069 54.06 47.68 -4.70
N ALA G 4070 54.60 48.14 -5.82
CA ALA G 4070 56.03 48.03 -6.12
C ALA G 4070 56.78 49.16 -5.44
N GLU G 4071 57.88 48.83 -4.77
CA GLU G 4071 58.66 49.84 -4.06
C GLU G 4071 59.37 50.74 -5.05
N THR G 4072 59.28 52.06 -4.84
CA THR G 4072 59.95 53.00 -5.72
C THR G 4072 61.38 53.24 -5.26
N ASP G 4073 62.26 53.50 -6.22
CA ASP G 4073 63.67 53.74 -5.96
C ASP G 4073 64.08 55.08 -6.53
N GLU G 4074 65.15 55.66 -5.95
CA GLU G 4074 65.66 56.93 -6.43
C GLU G 4074 66.25 56.79 -7.84
N ASN G 4075 66.77 55.61 -8.17
CA ASN G 4075 67.26 55.36 -9.51
C ASN G 4075 66.13 55.07 -10.50
N GLU G 4076 64.89 54.99 -10.02
CA GLU G 4076 63.72 54.64 -10.82
C GLU G 4076 63.82 53.26 -11.45
N THR G 4077 64.68 52.39 -10.90
CA THR G 4077 64.84 51.03 -11.38
C THR G 4077 64.73 50.09 -10.19
N LEU G 4078 63.60 49.39 -10.09
CA LEU G 4078 63.36 48.47 -8.98
C LEU G 4078 63.84 47.08 -9.34
N ASP G 4079 64.19 46.30 -8.31
CA ASP G 4079 64.59 44.91 -8.50
C ASP G 4079 63.33 44.07 -8.70
N TYR G 4080 62.98 43.81 -9.96
CA TYR G 4080 61.78 43.02 -10.21
C TYR G 4080 61.95 41.57 -9.77
N GLU G 4081 63.19 41.09 -9.68
CA GLU G 4081 63.42 39.81 -9.02
C GLU G 4081 62.96 39.87 -7.56
N GLU G 4082 63.30 40.95 -6.85
CA GLU G 4082 62.84 41.11 -5.48
C GLU G 4082 61.33 41.20 -5.42
N PHE G 4083 60.73 41.95 -6.35
CA PHE G 4083 59.28 42.06 -6.44
C PHE G 4083 58.64 40.68 -6.54
N VAL G 4084 59.11 39.86 -7.49
CA VAL G 4084 58.47 38.57 -7.72
C VAL G 4084 58.74 37.61 -6.57
N LYS G 4085 59.97 37.59 -6.04
CA LYS G 4085 60.27 36.62 -4.99
C LYS G 4085 59.72 37.09 -3.64
N ARG G 4086 59.18 38.31 -3.59
CA ARG G 4086 58.44 38.70 -2.41
C ARG G 4086 56.95 38.37 -2.55
N PHE G 4087 56.37 38.58 -3.74
CA PHE G 4087 54.93 38.43 -3.87
C PHE G 4087 54.46 37.09 -4.41
N HIS G 4088 55.06 36.61 -5.51
CA HIS G 4088 54.51 35.45 -6.21
C HIS G 4088 54.56 34.16 -5.39
N GLU G 4089 55.69 33.85 -4.75
CA GLU G 4089 55.83 32.60 -4.01
C GLU G 4089 54.80 32.46 -2.90
N PRO G 4090 54.55 33.48 -2.07
CA PRO G 4090 53.41 33.39 -1.15
C PRO G 4090 52.08 33.17 -1.86
N ALA G 4091 51.87 33.84 -3.00
CA ALA G 4091 50.66 33.59 -3.76
C ALA G 4091 50.59 32.13 -4.22
N LYS G 4092 51.69 31.61 -4.75
CA LYS G 4092 51.72 30.21 -5.17
C LYS G 4092 51.43 29.26 -4.01
N ASP G 4093 51.97 29.57 -2.82
CA ASP G 4093 51.80 28.67 -1.68
C ASP G 4093 50.37 28.66 -1.16
N ILE G 4094 49.78 29.85 -0.96
CA ILE G 4094 48.47 29.90 -0.31
C ILE G 4094 47.33 29.70 -1.29
N GLY G 4095 47.45 30.20 -2.53
CA GLY G 4095 46.35 30.07 -3.47
C GLY G 4095 46.08 28.64 -3.88
N PHE G 4096 47.03 27.74 -3.63
CA PHE G 4096 46.83 26.33 -3.96
C PHE G 4096 45.66 25.75 -3.20
N ASN G 4097 45.56 26.07 -1.90
CA ASN G 4097 44.45 25.55 -1.10
C ASN G 4097 43.12 26.08 -1.58
N VAL G 4098 43.07 27.36 -1.98
CA VAL G 4098 41.83 27.93 -2.52
C VAL G 4098 41.44 27.22 -3.80
N ALA G 4099 42.43 26.99 -4.68
CA ALA G 4099 42.13 26.29 -5.94
C ALA G 4099 41.64 24.87 -5.68
N VAL G 4100 42.27 24.17 -4.73
CA VAL G 4100 41.85 22.83 -4.39
C VAL G 4100 40.44 22.81 -3.81
N LEU G 4101 40.12 23.75 -2.92
CA LEU G 4101 38.77 23.84 -2.37
C LEU G 4101 37.74 24.11 -3.44
N LEU G 4102 38.02 25.04 -4.36
CA LEU G 4102 37.11 25.33 -5.45
C LEU G 4102 36.92 24.15 -6.39
N THR G 4103 37.98 23.44 -6.74
CA THR G 4103 37.86 22.25 -7.58
C THR G 4103 37.07 21.15 -6.88
N ASN G 4104 37.32 20.93 -5.60
CA ASN G 4104 36.59 19.92 -4.84
C ASN G 4104 35.10 20.26 -4.79
N LEU G 4105 34.77 21.53 -4.53
CA LEU G 4105 33.38 21.94 -4.53
C LEU G 4105 32.74 21.78 -5.90
N SER G 4106 33.46 22.14 -6.97
CA SER G 4106 32.91 22.03 -8.31
C SER G 4106 32.63 20.57 -8.66
N GLU G 4107 33.53 19.66 -8.28
CA GLU G 4107 33.34 18.25 -8.60
C GLU G 4107 32.24 17.64 -7.76
N HIS G 4108 32.17 17.98 -6.47
CA HIS G 4108 31.18 17.36 -5.59
C HIS G 4108 29.80 17.96 -5.78
N MET G 4109 29.71 19.16 -6.36
CA MET G 4109 28.44 19.79 -6.66
C MET G 4109 28.44 20.23 -8.11
N PRO G 4110 28.09 19.35 -9.05
CA PRO G 4110 28.31 19.67 -10.47
C PRO G 4110 27.10 20.32 -11.13
N ASN G 4111 26.10 20.69 -10.35
CA ASN G 4111 24.89 21.26 -10.94
C ASN G 4111 24.56 22.64 -10.41
N ASP G 4112 24.99 22.98 -9.19
CA ASP G 4112 24.67 24.28 -8.59
C ASP G 4112 25.26 25.42 -9.41
N THR G 4113 24.39 26.26 -9.96
CA THR G 4113 24.81 27.30 -10.88
C THR G 4113 25.59 28.42 -10.17
N ARG G 4114 25.36 28.60 -8.87
CA ARG G 4114 25.99 29.72 -8.17
C ARG G 4114 27.50 29.54 -8.06
N LEU G 4115 27.97 28.29 -8.03
CA LEU G 4115 29.41 28.06 -7.95
C LEU G 4115 30.09 28.34 -9.29
N GLN G 4116 29.33 28.28 -10.39
CA GLN G 4116 29.88 28.67 -11.68
C GLN G 4116 30.44 30.08 -11.62
N THR G 4117 29.65 31.05 -11.13
CA THR G 4117 30.12 32.43 -11.05
C THR G 4117 31.54 32.50 -10.51
N PHE G 4118 31.81 31.79 -9.41
CA PHE G 4118 33.16 31.75 -8.87
C PHE G 4118 34.13 31.06 -9.83
N LEU G 4119 33.70 29.99 -10.50
CA LEU G 4119 34.62 29.26 -11.38
C LEU G 4119 35.04 30.09 -12.59
N GLU G 4120 34.06 30.67 -13.31
CA GLU G 4120 34.38 31.55 -14.43
C GLU G 4120 34.89 32.90 -13.98
N LEU G 4121 34.89 33.17 -12.67
CA LEU G 4121 35.66 34.32 -12.20
C LEU G 4121 37.10 33.94 -11.90
N ALA G 4122 37.34 32.67 -11.60
CA ALA G 4122 38.67 32.20 -11.22
C ALA G 4122 39.22 31.12 -12.16
N GLU G 4123 39.00 31.24 -13.48
CA GLU G 4123 39.79 30.42 -14.41
C GLU G 4123 41.28 30.55 -14.13
N SER G 4124 41.77 31.77 -14.00
CA SER G 4124 43.21 32.04 -14.07
C SER G 4124 43.97 31.34 -12.94
N VAL G 4125 43.44 31.41 -11.72
CA VAL G 4125 44.08 30.71 -10.61
C VAL G 4125 44.03 29.20 -10.83
N LEU G 4126 42.88 28.68 -11.26
CA LEU G 4126 42.76 27.27 -11.56
C LEU G 4126 43.65 26.86 -12.72
N ASN G 4127 43.74 27.67 -13.75
CA ASN G 4127 44.62 27.39 -14.88
C ASN G 4127 46.08 27.38 -14.48
N TYR G 4128 46.49 28.28 -13.58
CA TYR G 4128 47.88 28.27 -13.11
C TYR G 4128 48.16 27.05 -12.26
N PHE G 4129 47.23 26.68 -11.37
CA PHE G 4129 47.46 25.57 -10.46
C PHE G 4129 47.12 24.21 -11.06
N GLN G 4130 46.63 24.17 -12.30
CA GLN G 4130 46.26 22.89 -12.92
C GLN G 4130 47.42 21.91 -13.03
N PRO G 4131 48.62 22.29 -13.50
CA PRO G 4131 49.72 21.30 -13.53
C PRO G 4131 50.10 20.77 -12.16
N PHE G 4132 50.01 21.60 -11.13
CA PHE G 4132 50.49 21.20 -9.80
C PHE G 4132 49.48 20.33 -9.07
N LEU G 4133 48.19 20.53 -9.33
CA LEU G 4133 47.17 19.78 -8.62
C LEU G 4133 47.18 18.31 -9.05
N GLY G 4134 47.14 17.42 -8.07
CA GLY G 4134 47.11 15.99 -8.33
C GLY G 4134 45.81 15.36 -7.89
N ARG G 4135 45.22 14.53 -8.75
CA ARG G 4135 43.89 13.98 -8.52
C ARG G 4135 43.94 12.45 -8.61
N ILE G 4136 43.42 11.79 -7.57
CA ILE G 4136 43.34 10.33 -7.52
C ILE G 4136 41.99 9.94 -6.94
N GLU G 4137 41.70 8.65 -6.96
CA GLU G 4137 40.51 8.06 -6.37
C GLU G 4137 40.91 6.86 -5.53
N ILE G 4138 40.31 6.72 -4.35
CA ILE G 4138 40.68 5.67 -3.42
C ILE G 4138 39.43 5.03 -2.81
N MET G 4139 39.63 3.85 -2.23
CA MET G 4139 38.60 3.17 -1.44
C MET G 4139 38.55 3.84 -0.07
N GLY G 4140 37.53 4.67 0.14
CA GLY G 4140 37.40 5.38 1.39
C GLY G 4140 37.02 4.46 2.53
N SER G 4141 37.21 4.98 3.75
CA SER G 4141 36.83 4.24 4.95
C SER G 4141 35.33 3.97 5.00
N ALA G 4142 34.53 4.80 4.33
CA ALA G 4142 33.09 4.57 4.22
C ALA G 4142 32.73 3.72 3.00
N LYS G 4143 33.72 3.04 2.40
CA LYS G 4143 33.51 2.16 1.26
C LYS G 4143 32.90 2.91 0.08
N ARG G 4144 33.44 4.09 -0.22
CA ARG G 4144 33.06 4.88 -1.38
C ARG G 4144 34.30 5.46 -2.04
N ILE G 4145 34.13 5.86 -3.30
CA ILE G 4145 35.19 6.54 -4.04
C ILE G 4145 35.33 7.96 -3.50
N GLU G 4146 36.56 8.35 -3.18
CA GLU G 4146 36.86 9.69 -2.73
C GLU G 4146 38.00 10.26 -3.55
N ARG G 4147 37.78 11.44 -4.14
CA ARG G 4147 38.81 12.12 -4.90
C ARG G 4147 39.71 12.90 -3.95
N VAL G 4148 41.02 12.66 -4.05
CA VAL G 4148 42.00 13.27 -3.17
C VAL G 4148 42.85 14.23 -3.98
N TYR G 4149 43.07 15.42 -3.45
CA TYR G 4149 43.83 16.47 -4.11
C TYR G 4149 45.08 16.78 -3.30
N PHE G 4150 46.22 16.85 -3.98
CA PHE G 4150 47.50 17.10 -3.34
C PHE G 4150 48.35 17.97 -4.26
N GLU G 4151 49.56 18.27 -3.80
CA GLU G 4151 50.46 19.17 -4.50
C GLU G 4151 51.57 18.37 -5.18
N ILE G 4152 51.76 18.59 -6.47
CA ILE G 4152 52.83 17.97 -7.24
C ILE G 4152 53.86 19.04 -7.57
N SER G 4153 55.09 18.85 -7.10
CA SER G 4153 56.12 19.85 -7.33
C SER G 4153 56.67 19.75 -8.75
N GLU G 4154 56.98 20.91 -9.33
CA GLU G 4154 57.46 20.96 -10.70
C GLU G 4154 58.79 20.23 -10.85
N SER G 4155 59.67 20.34 -9.86
CA SER G 4155 60.92 19.60 -9.90
C SER G 4155 60.68 18.10 -9.95
N SER G 4156 59.73 17.61 -9.14
CA SER G 4156 59.38 16.20 -9.19
C SER G 4156 58.81 15.80 -10.53
N ARG G 4157 58.00 16.67 -11.15
CA ARG G 4157 57.47 16.35 -12.47
C ARG G 4157 58.58 16.27 -13.50
N THR G 4158 59.57 17.17 -13.43
CA THR G 4158 60.71 17.09 -14.34
C THR G 4158 61.51 15.80 -14.12
N GLN G 4159 61.71 15.42 -12.85
CA GLN G 4159 62.37 14.15 -12.55
C GLN G 4159 61.60 12.98 -13.16
N TRP G 4160 60.26 13.05 -13.11
CA TRP G 4160 59.44 12.03 -13.75
C TRP G 4160 59.64 12.03 -15.26
N GLU G 4161 59.76 13.21 -15.87
CA GLU G 4161 59.91 13.31 -17.31
C GLU G 4161 61.33 13.02 -17.80
N LYS G 4162 62.29 12.85 -16.89
CA LYS G 4162 63.64 12.51 -17.32
C LYS G 4162 63.66 11.13 -18.00
N PRO G 4163 64.58 10.92 -18.95
CA PRO G 4163 64.44 9.76 -19.85
C PRO G 4163 64.56 8.40 -19.18
N GLN G 4164 65.49 8.23 -18.23
CA GLN G 4164 65.68 6.92 -17.62
C GLN G 4164 64.44 6.48 -16.85
N VAL G 4165 63.77 7.42 -16.18
CA VAL G 4165 62.51 7.11 -15.51
C VAL G 4165 61.46 6.67 -16.53
N LYS G 4166 61.43 7.32 -17.69
CA LYS G 4166 60.50 6.93 -18.75
C LYS G 4166 60.77 5.51 -19.22
N GLU G 4167 62.05 5.17 -19.42
CA GLU G 4167 62.40 3.82 -19.87
C GLU G 4167 62.02 2.78 -18.81
N SER G 4168 62.28 3.09 -17.54
CA SER G 4168 61.90 2.18 -16.47
C SER G 4168 60.39 1.98 -16.41
N LYS G 4169 59.64 3.07 -16.61
CA LYS G 4169 58.19 2.98 -16.64
C LYS G 4169 57.71 2.11 -17.78
N ARG G 4170 58.31 2.28 -18.97
CA ARG G 4170 57.93 1.45 -20.11
C ARG G 4170 58.19 -0.03 -19.82
N GLN G 4171 59.36 -0.33 -19.27
CA GLN G 4171 59.72 -1.72 -18.99
C GLN G 4171 58.77 -2.33 -17.97
N PHE G 4172 58.51 -1.61 -16.87
CA PHE G 4172 57.59 -2.10 -15.85
C PHE G 4172 56.17 -2.29 -16.38
N ILE G 4173 55.69 -1.34 -17.18
CA ILE G 4173 54.36 -1.46 -17.78
C ILE G 4173 54.27 -2.69 -18.67
N PHE G 4174 55.29 -2.94 -19.50
CA PHE G 4174 55.27 -4.16 -20.30
C PHE G 4174 55.29 -5.41 -19.43
N ASP G 4175 56.12 -5.42 -18.39
CA ASP G 4175 56.26 -6.62 -17.56
C ASP G 4175 54.96 -6.98 -16.85
N VAL G 4176 54.31 -5.99 -16.21
CA VAL G 4176 53.14 -6.31 -15.40
C VAL G 4176 51.97 -6.73 -16.29
N VAL G 4177 51.84 -6.11 -17.46
CA VAL G 4177 50.75 -6.46 -18.37
C VAL G 4177 50.98 -7.85 -18.97
N ASN G 4178 52.23 -8.15 -19.34
CA ASN G 4178 52.49 -9.46 -19.95
C ASN G 4178 52.38 -10.59 -18.93
N GLU G 4179 52.96 -10.43 -17.74
CA GLU G 4179 52.74 -11.36 -16.63
C GLU G 4179 52.25 -10.55 -15.43
N GLY G 4180 51.11 -10.93 -14.89
CA GLY G 4180 50.57 -10.22 -13.74
C GLY G 4180 49.34 -10.87 -13.13
N GLY G 4181 49.31 -10.97 -11.80
CA GLY G 4181 48.16 -11.46 -11.08
C GLY G 4181 47.37 -10.30 -10.48
N GLU G 4182 46.07 -10.51 -10.32
CA GLU G 4182 45.20 -9.44 -9.84
C GLU G 4182 45.63 -8.95 -8.46
N LYS G 4183 46.02 -9.87 -7.58
CA LYS G 4183 46.61 -9.47 -6.30
C LYS G 4183 48.03 -8.97 -6.49
N GLU G 4184 48.81 -9.63 -7.34
CA GLU G 4184 50.21 -9.27 -7.50
C GLU G 4184 50.39 -8.01 -8.34
N LYS G 4185 49.38 -7.64 -9.12
CA LYS G 4185 49.48 -6.42 -9.93
C LYS G 4185 49.69 -5.20 -9.05
N MET G 4186 48.88 -5.06 -8.01
CA MET G 4186 48.89 -3.84 -7.22
C MET G 4186 50.12 -3.76 -6.32
N GLU G 4187 50.71 -4.92 -5.99
CA GLU G 4187 51.99 -5.02 -5.30
C GLU G 4187 53.18 -4.71 -6.18
N LEU G 4188 53.22 -5.24 -7.41
CA LEU G 4188 54.28 -4.87 -8.33
C LEU G 4188 54.23 -3.38 -8.65
N PHE G 4189 53.02 -2.82 -8.74
CA PHE G 4189 52.91 -1.39 -9.01
C PHE G 4189 53.53 -0.56 -7.89
N VAL G 4190 53.26 -0.91 -6.63
CA VAL G 4190 53.82 -0.13 -5.53
C VAL G 4190 55.32 -0.37 -5.38
N ASN G 4191 55.81 -1.58 -5.66
CA ASN G 4191 57.26 -1.79 -5.68
C ASN G 4191 57.92 -0.92 -6.74
N PHE G 4192 57.33 -0.87 -7.94
CA PHE G 4192 57.84 0.01 -8.98
C PHE G 4192 57.76 1.47 -8.56
N CYS G 4193 56.71 1.83 -7.81
CA CYS G 4193 56.58 3.20 -7.32
C CYS G 4193 57.73 3.56 -6.40
N GLU G 4194 58.06 2.68 -5.46
CA GLU G 4194 59.19 2.95 -4.56
C GLU G 4194 60.51 3.02 -5.33
N ASP G 4195 60.72 2.10 -6.27
CA ASP G 4195 61.94 2.14 -7.07
C ASP G 4195 62.03 3.43 -7.88
N THR G 4196 60.91 3.88 -8.45
CA THR G 4196 60.89 5.11 -9.23
C THR G 4196 61.12 6.34 -8.35
N ILE G 4197 60.60 6.32 -7.11
CA ILE G 4197 60.87 7.42 -6.19
C ILE G 4197 62.36 7.51 -5.90
N PHE G 4198 63.00 6.36 -5.64
CA PHE G 4198 64.45 6.36 -5.43
C PHE G 4198 65.18 6.82 -6.68
N GLU G 4199 64.73 6.39 -7.85
CA GLU G 4199 65.37 6.79 -9.11
C GLU G 4199 65.26 8.29 -9.33
N MET G 4200 64.11 8.88 -9.05
CA MET G 4200 63.97 10.33 -9.22
C MET G 4200 64.80 11.09 -8.19
N GLN G 4201 64.88 10.59 -6.95
CA GLN G 4201 65.79 11.18 -5.97
C GLN G 4201 67.24 11.15 -6.44
N LEU G 4202 67.67 10.04 -7.03
CA LEU G 4202 69.03 9.96 -7.57
C LEU G 4202 69.22 10.87 -8.78
N ALA G 4203 68.19 11.03 -9.61
CA ALA G 4203 68.30 11.89 -10.79
C ALA G 4203 68.51 13.34 -10.42
N ALA G 4204 67.82 13.84 -9.39
CA ALA G 4204 68.03 15.21 -8.95
C ALA G 4204 69.46 15.40 -8.44
N GLN G 4205 70.00 14.38 -7.77
CA GLN G 4205 71.37 14.46 -7.27
C GLN G 4205 72.37 14.50 -8.43
N ILE G 4206 72.18 13.62 -9.42
CA ILE G 4206 73.17 13.53 -10.50
C ILE G 4206 73.10 14.76 -11.39
N SER G 4207 71.89 15.29 -11.62
CA SER G 4207 71.72 16.45 -12.49
C SER G 4207 71.66 17.72 -11.63
N GLU G 4208 72.82 18.11 -11.11
CA GLU G 4208 72.92 19.31 -10.31
C GLU G 4208 72.79 20.55 -11.20
N SER G 4209 72.36 21.65 -10.59
CA SER G 4209 72.19 22.91 -11.30
C SER G 4209 73.44 23.77 -11.18
N SER G 4237 66.30 17.27 -42.13
CA SER G 4237 64.87 17.45 -42.35
C SER G 4237 64.54 18.89 -42.75
N ILE G 4238 65.01 19.84 -41.94
CA ILE G 4238 64.76 21.24 -42.22
C ILE G 4238 65.43 21.67 -43.52
N LEU G 4239 66.65 21.18 -43.77
CA LEU G 4239 67.33 21.51 -45.02
C LEU G 4239 66.57 20.95 -46.22
N THR G 4240 66.09 19.71 -46.12
CA THR G 4240 65.28 19.12 -47.19
C THR G 4240 63.98 19.88 -47.41
N VAL G 4241 63.35 20.35 -46.34
CA VAL G 4241 62.16 21.19 -46.45
C VAL G 4241 62.48 22.51 -47.15
N ARG G 4242 63.57 23.17 -46.75
CA ARG G 4242 63.87 24.48 -47.29
C ARG G 4242 64.28 24.40 -48.76
N SER G 4243 65.01 23.35 -49.14
CA SER G 4243 65.38 23.18 -50.55
C SER G 4243 64.15 22.98 -51.42
N ALA G 4244 63.21 22.15 -50.96
CA ALA G 4244 61.97 21.94 -51.70
C ALA G 4244 61.16 23.23 -51.80
N LEU G 4245 61.12 24.00 -50.71
CA LEU G 4245 60.42 25.28 -50.75
C LEU G 4245 61.07 26.25 -51.74
N PHE G 4246 62.41 26.30 -51.79
CA PHE G 4246 63.09 27.19 -52.72
C PHE G 4246 62.81 26.77 -54.16
N ALA G 4247 62.83 25.46 -54.43
CA ALA G 4247 62.51 24.98 -55.77
C ALA G 4247 61.07 25.33 -56.15
N LEU G 4248 60.13 25.10 -55.23
CA LEU G 4248 58.74 25.46 -55.48
C LEU G 4248 58.58 26.95 -55.73
N ARG G 4249 59.29 27.78 -54.97
CA ARG G 4249 59.21 29.22 -55.17
C ARG G 4249 59.73 29.60 -56.55
N TYR G 4250 61.03 29.44 -56.77
CA TYR G 4250 61.61 29.90 -58.04
C TYR G 4250 61.73 28.76 -59.05
N ASN G 4251 60.66 28.00 -59.23
CA ASN G 4251 60.47 27.31 -60.49
C ASN G 4251 59.11 27.67 -61.06
N ILE G 4252 58.11 27.74 -60.20
CA ILE G 4252 56.84 28.37 -60.57
C ILE G 4252 57.00 29.88 -60.78
N LEU G 4253 57.98 30.51 -60.13
CA LEU G 4253 58.35 31.87 -60.53
C LEU G 4253 58.88 31.89 -61.95
N THR G 4254 59.56 30.82 -62.38
CA THR G 4254 60.00 30.74 -63.77
C THR G 4254 58.81 30.63 -64.71
N LEU G 4255 57.81 29.83 -64.32
CA LEU G 4255 56.57 29.76 -65.10
C LEU G 4255 55.91 31.13 -65.21
N MET G 4256 55.86 31.86 -64.11
CA MET G 4256 55.33 33.22 -64.12
C MET G 4256 56.17 34.16 -64.98
N ARG G 4257 57.49 34.03 -64.96
CA ARG G 4257 58.33 34.87 -65.80
C ARG G 4257 58.10 34.61 -67.28
N MET G 4258 57.98 33.34 -67.67
CA MET G 4258 57.77 33.05 -69.09
C MET G 4258 56.32 33.24 -69.53
N LEU G 4259 55.38 33.35 -68.59
CA LEU G 4259 54.04 33.80 -68.92
C LEU G 4259 53.88 35.31 -68.78
N SER G 4260 54.87 36.01 -68.23
CA SER G 4260 54.76 37.46 -68.07
C SER G 4260 55.03 38.20 -69.36
N LEU G 4261 55.39 37.48 -70.44
CA LEU G 4261 55.61 38.13 -71.73
C LEU G 4261 54.34 38.83 -72.20
N LYS G 4262 53.17 38.35 -71.78
CA LYS G 4262 51.89 38.98 -72.09
C LYS G 4262 51.66 39.05 -73.60
N SER G 4263 51.66 37.88 -74.23
CA SER G 4263 51.45 37.75 -75.66
C SER G 4263 50.00 37.47 -76.02
N LEU G 4264 49.05 37.74 -75.11
CA LEU G 4264 47.64 37.46 -75.41
C LEU G 4264 47.13 38.37 -76.51
N LYS G 4265 47.56 39.64 -76.53
CA LYS G 4265 47.14 40.53 -77.60
C LYS G 4265 47.70 40.09 -78.94
N LYS G 4266 48.95 39.62 -78.96
CA LYS G 4266 49.52 39.11 -80.21
C LYS G 4266 48.80 37.84 -80.66
N GLN G 4267 48.44 36.97 -79.72
CA GLN G 4267 47.65 35.80 -80.06
C GLN G 4267 46.27 36.16 -80.58
N MET G 4268 45.68 37.25 -80.09
CA MET G 4268 44.40 37.69 -80.65
C MET G 4268 44.57 38.35 -82.01
N LYS G 4269 45.71 38.98 -82.27
CA LYS G 4269 46.02 39.41 -83.63
C LYS G 4269 46.13 38.19 -84.56
N LYS G 4270 46.79 37.13 -84.09
CA LYS G 4270 46.90 35.91 -84.87
C LYS G 4270 45.52 35.31 -85.15
N VAL G 4271 44.70 35.16 -84.12
CA VAL G 4271 43.33 34.66 -84.29
C VAL G 4271 42.42 35.89 -84.39
N LYS G 4272 42.30 36.43 -85.62
CA LYS G 4272 41.45 37.60 -85.83
C LYS G 4272 40.02 37.19 -86.13
N LYS G 4273 39.85 36.02 -86.77
CA LYS G 4273 38.60 35.31 -86.82
C LYS G 4273 38.85 33.97 -86.13
N MET G 4274 37.78 33.26 -85.76
CA MET G 4274 37.97 32.05 -84.96
C MET G 4274 38.82 31.03 -85.71
N THR G 4275 39.76 30.43 -84.98
CA THR G 4275 40.51 29.29 -85.46
C THR G 4275 40.59 28.26 -84.35
N VAL G 4276 39.90 27.14 -84.53
CA VAL G 4276 39.86 26.12 -83.50
C VAL G 4276 41.25 25.57 -83.22
N LYS G 4277 42.05 25.37 -84.27
CA LYS G 4277 43.37 24.76 -84.10
C LYS G 4277 44.34 25.71 -83.41
N ASP G 4278 44.51 26.93 -83.95
CA ASP G 4278 45.35 27.92 -83.30
C ASP G 4278 44.87 28.19 -81.89
N MET G 4279 43.57 27.97 -81.67
CA MET G 4279 42.92 28.36 -80.44
C MET G 4279 43.18 27.33 -79.34
N VAL G 4280 43.14 26.04 -79.70
CA VAL G 4280 43.41 24.98 -78.75
C VAL G 4280 44.91 24.82 -78.50
N THR G 4281 45.75 25.07 -79.52
CA THR G 4281 47.18 24.87 -79.35
C THR G 4281 47.74 25.78 -78.25
N ALA G 4282 47.11 26.93 -78.02
CA ALA G 4282 47.57 27.84 -76.98
C ALA G 4282 47.54 27.17 -75.60
N PHE G 4283 46.36 26.71 -75.18
CA PHE G 4283 46.28 26.11 -73.85
C PHE G 4283 46.95 24.75 -73.83
N PHE G 4284 47.03 24.07 -74.98
CA PHE G 4284 47.78 22.81 -75.03
C PHE G 4284 49.24 23.06 -74.69
N SER G 4285 49.84 24.08 -75.29
CA SER G 4285 51.21 24.44 -74.97
C SER G 4285 51.32 24.91 -73.52
N SER G 4286 50.30 25.61 -73.03
CA SER G 4286 50.33 26.07 -71.64
C SER G 4286 50.39 24.89 -70.66
N TYR G 4287 49.53 23.90 -70.87
CA TYR G 4287 49.52 22.72 -69.99
C TYR G 4287 50.80 21.90 -70.15
N TRP G 4288 51.31 21.81 -71.38
CA TRP G 4288 52.56 21.12 -71.62
C TRP G 4288 53.70 21.79 -70.86
N SER G 4289 53.71 23.13 -70.87
CA SER G 4289 54.69 23.89 -70.10
C SER G 4289 54.50 23.72 -68.60
N ILE G 4290 53.25 23.61 -68.13
CA ILE G 4290 53.03 23.34 -66.71
C ILE G 4290 53.67 22.01 -66.31
N PHE G 4291 53.48 20.98 -67.15
CA PHE G 4291 54.10 19.69 -66.87
C PHE G 4291 55.62 19.77 -66.94
N MET G 4292 56.17 20.52 -67.90
CA MET G 4292 57.62 20.65 -67.99
C MET G 4292 58.18 21.39 -66.78
N THR G 4293 57.43 22.36 -66.25
CA THR G 4293 57.83 22.99 -64.99
C THR G 4293 57.78 22.01 -63.84
N LEU G 4294 56.79 21.11 -63.82
CA LEU G 4294 56.81 20.05 -62.81
C LEU G 4294 58.06 19.20 -62.93
N LEU G 4295 58.45 18.85 -64.15
CA LEU G 4295 59.68 18.07 -64.34
C LEU G 4295 60.90 18.84 -63.84
N HIS G 4296 60.96 20.13 -64.16
CA HIS G 4296 62.08 20.94 -63.67
C HIS G 4296 62.09 20.99 -62.15
N PHE G 4297 60.91 20.98 -61.53
CA PHE G 4297 60.84 20.95 -60.08
C PHE G 4297 61.34 19.63 -59.51
N VAL G 4298 60.96 18.51 -60.15
CA VAL G 4298 61.45 17.21 -59.70
C VAL G 4298 62.97 17.13 -59.82
N ALA G 4299 63.50 17.63 -60.93
CA ALA G 4299 64.95 17.65 -61.12
C ALA G 4299 65.62 18.55 -60.08
N SER G 4300 65.01 19.69 -59.78
CA SER G 4300 65.56 20.59 -58.77
C SER G 4300 65.55 19.95 -57.38
N VAL G 4301 64.48 19.22 -57.05
CA VAL G 4301 64.44 18.51 -55.76
C VAL G 4301 65.50 17.43 -55.71
N PHE G 4302 65.70 16.69 -56.80
CA PHE G 4302 66.76 15.68 -56.83
C PHE G 4302 68.13 16.34 -56.64
N ARG G 4303 68.36 17.46 -57.33
CA ARG G 4303 69.63 18.18 -57.19
C ARG G 4303 69.83 18.70 -55.78
N GLY G 4304 68.77 19.22 -55.15
CA GLY G 4304 68.89 19.69 -53.78
C GLY G 4304 69.16 18.58 -52.80
N PHE G 4305 68.50 17.42 -52.98
CA PHE G 4305 68.76 16.28 -52.11
C PHE G 4305 70.19 15.78 -52.28
N PHE G 4306 70.68 15.74 -53.51
CA PHE G 4306 72.07 15.39 -53.75
C PHE G 4306 73.02 16.40 -53.11
N ARG G 4307 72.67 17.69 -53.16
CA ARG G 4307 73.47 18.71 -52.50
C ARG G 4307 73.51 18.50 -50.99
N ILE G 4308 72.37 18.16 -50.40
CA ILE G 4308 72.30 17.96 -48.96
C ILE G 4308 73.13 16.76 -48.55
N ILE G 4309 72.99 15.64 -49.28
CA ILE G 4309 73.71 14.43 -48.89
C ILE G 4309 75.20 14.58 -49.16
N CYS G 4310 75.56 15.32 -50.20
CA CYS G 4310 76.97 15.51 -50.55
C CYS G 4310 77.15 16.76 -51.41
N PHE G 4480 91.53 20.74 0.85
CA PHE G 4480 92.07 19.77 -0.09
C PHE G 4480 91.09 18.65 -0.38
N TRP G 4481 90.91 17.77 0.62
CA TRP G 4481 90.06 16.60 0.46
C TRP G 4481 88.64 16.99 0.05
N LYS G 4482 88.14 18.11 0.56
CA LYS G 4482 86.84 18.62 0.12
C LYS G 4482 86.85 18.87 -1.38
N LYS G 4483 87.89 19.53 -1.87
CA LYS G 4483 88.00 19.82 -3.30
C LYS G 4483 88.08 18.53 -4.11
N ILE G 4484 88.84 17.55 -3.64
CA ILE G 4484 89.02 16.34 -4.45
C ILE G 4484 87.71 15.57 -4.52
N ILE G 4485 86.99 15.50 -3.39
CA ILE G 4485 85.71 14.80 -3.38
C ILE G 4485 84.70 15.51 -4.26
N ALA G 4486 84.67 16.84 -4.19
CA ALA G 4486 83.78 17.60 -5.05
C ALA G 4486 84.06 17.40 -6.53
N TYR G 4487 85.32 17.44 -6.95
CA TYR G 4487 85.64 17.23 -8.36
C TYR G 4487 85.32 15.80 -8.79
N GLN G 4488 85.64 14.83 -7.94
CA GLN G 4488 85.31 13.44 -8.24
C GLN G 4488 83.81 13.26 -8.46
N GLN G 4489 83.00 13.82 -7.55
CA GLN G 4489 81.56 13.66 -7.64
C GLN G 4489 81.00 14.39 -8.86
N LYS G 4490 81.54 15.58 -9.16
CA LYS G 4490 81.10 16.30 -10.34
C LYS G 4490 81.36 15.49 -11.61
N LEU G 4491 82.54 14.88 -11.72
CA LEU G 4491 82.83 14.12 -12.93
C LEU G 4491 82.01 12.82 -12.98
N LEU G 4492 81.76 12.21 -11.81
CA LEU G 4492 80.92 11.01 -11.79
C LEU G 4492 79.51 11.33 -12.25
N ASN G 4493 78.98 12.48 -11.82
CA ASN G 4493 77.70 12.96 -12.32
C ASN G 4493 77.74 13.27 -13.81
N TYR G 4494 78.86 13.79 -14.32
CA TYR G 4494 79.00 14.01 -15.75
C TYR G 4494 78.81 12.71 -16.52
N PHE G 4495 79.53 11.65 -16.11
CA PHE G 4495 79.38 10.36 -16.78
C PHE G 4495 77.96 9.81 -16.63
N ALA G 4496 77.39 9.92 -15.42
CA ALA G 4496 76.04 9.41 -15.20
C ALA G 4496 75.02 10.11 -16.10
N ARG G 4497 75.18 11.43 -16.26
CA ARG G 4497 74.28 12.18 -17.14
C ARG G 4497 74.47 11.75 -18.60
N ASN G 4498 75.72 11.58 -19.03
CA ASN G 4498 76.02 11.33 -20.43
C ASN G 4498 76.15 9.84 -20.75
N PHE G 4499 75.57 8.96 -19.94
CA PHE G 4499 75.63 7.53 -20.22
C PHE G 4499 75.06 7.19 -21.60
N TYR G 4500 73.85 7.66 -21.93
CA TYR G 4500 73.20 7.24 -23.16
C TYR G 4500 73.86 7.83 -24.41
N ASN G 4501 74.25 9.11 -24.38
CA ASN G 4501 74.89 9.70 -25.55
C ASN G 4501 76.19 8.98 -25.89
N MET G 4502 76.98 8.63 -24.88
CA MET G 4502 78.17 7.84 -25.12
C MET G 4502 77.84 6.42 -25.54
N ARG G 4503 76.76 5.83 -24.99
CA ARG G 4503 76.27 4.54 -25.47
C ARG G 4503 75.98 4.57 -26.97
N MET G 4504 75.55 5.73 -27.47
CA MET G 4504 75.19 5.91 -28.87
C MET G 4504 76.42 6.14 -29.75
N LEU G 4505 77.31 7.02 -29.29
CA LEU G 4505 78.52 7.32 -30.05
C LEU G 4505 79.46 6.12 -30.10
N ALA G 4506 79.41 5.25 -29.09
CA ALA G 4506 80.19 4.02 -29.13
C ALA G 4506 79.74 3.14 -30.29
N LEU G 4507 78.43 3.00 -30.48
CA LEU G 4507 77.92 2.24 -31.63
C LEU G 4507 78.29 2.91 -32.94
N PHE G 4508 78.25 4.24 -32.98
CA PHE G 4508 78.69 4.94 -34.19
C PHE G 4508 80.16 4.64 -34.53
N VAL G 4509 81.04 4.66 -33.52
CA VAL G 4509 82.45 4.36 -33.75
C VAL G 4509 82.62 2.90 -34.17
N ALA G 4510 81.83 1.99 -33.58
CA ALA G 4510 81.85 0.60 -33.98
C ALA G 4510 81.46 0.41 -35.44
N PHE G 4511 80.47 1.15 -35.93
CA PHE G 4511 80.14 1.15 -37.35
C PHE G 4511 81.26 1.71 -38.21
N ALA G 4512 81.87 2.81 -37.79
CA ALA G 4512 82.95 3.42 -38.58
C ALA G 4512 84.13 2.48 -38.71
N ILE G 4513 84.48 1.78 -37.62
CA ILE G 4513 85.61 0.86 -37.66
C ILE G 4513 85.34 -0.28 -38.63
N ASN G 4514 84.13 -0.84 -38.59
CA ASN G 4514 83.79 -1.91 -39.52
C ASN G 4514 83.79 -1.42 -40.97
N PHE G 4515 83.29 -0.21 -41.21
CA PHE G 4515 83.32 0.34 -42.57
C PHE G 4515 84.75 0.50 -43.06
N ILE G 4516 85.65 0.98 -42.20
CA ILE G 4516 87.06 1.07 -42.58
C ILE G 4516 87.64 -0.32 -42.86
N LEU G 4517 87.34 -1.29 -42.00
CA LEU G 4517 87.83 -2.65 -42.20
C LEU G 4517 87.31 -3.30 -43.46
N LEU G 4518 86.17 -2.85 -43.98
CA LEU G 4518 85.60 -3.45 -45.19
C LEU G 4518 86.54 -3.43 -46.37
N PHE G 4519 87.42 -2.42 -46.47
CA PHE G 4519 88.41 -2.36 -47.55
C PHE G 4519 89.75 -2.90 -47.05
N TYR G 4520 89.82 -4.22 -46.89
CA TYR G 4520 90.97 -4.86 -46.26
C TYR G 4520 91.52 -5.91 -47.21
N LYS G 4521 92.85 -5.99 -47.29
CA LYS G 4521 93.55 -6.84 -48.24
C LYS G 4521 94.32 -7.94 -47.54
N VAL G 4522 94.82 -8.87 -48.34
CA VAL G 4522 95.90 -9.78 -47.96
C VAL G 4522 97.02 -9.64 -48.98
N SER G 4523 98.26 -9.64 -48.51
CA SER G 4523 99.42 -9.43 -49.38
C SER G 4523 100.33 -10.64 -49.30
N THR G 4524 100.88 -11.03 -50.45
CA THR G 4524 101.80 -12.16 -50.53
C THR G 4524 103.22 -11.72 -50.24
N ILE G 4555 106.12 -18.43 -46.31
CA ILE G 4555 104.98 -17.74 -46.90
C ILE G 4555 104.70 -16.45 -46.14
N ALA G 4556 104.72 -15.32 -46.85
CA ALA G 4556 104.49 -14.01 -46.26
C ALA G 4556 103.01 -13.66 -46.42
N VAL G 4557 102.29 -13.65 -45.30
CA VAL G 4557 100.87 -13.31 -45.30
C VAL G 4557 100.66 -12.14 -44.33
N HIS G 4558 100.65 -10.93 -44.86
CA HIS G 4558 100.31 -9.74 -44.11
C HIS G 4558 98.86 -9.38 -44.35
N TYR G 4559 98.13 -9.12 -43.27
CA TYR G 4559 96.78 -8.58 -43.37
C TYR G 4559 96.90 -7.06 -43.49
N VAL G 4560 96.98 -6.57 -44.73
CA VAL G 4560 97.33 -5.18 -45.03
C VAL G 4560 96.07 -4.39 -45.34
N LEU G 4561 95.99 -3.19 -44.79
CA LEU G 4561 94.88 -2.27 -45.06
C LEU G 4561 95.21 -1.47 -46.32
N GLU G 4562 94.41 -1.67 -47.36
CA GLU G 4562 94.62 -0.98 -48.63
C GLU G 4562 93.80 0.29 -48.65
N GLU G 4563 94.40 1.38 -49.13
CA GLU G 4563 93.73 2.68 -49.17
C GLU G 4563 93.98 3.32 -50.52
N SER G 4564 92.91 3.78 -51.17
CA SER G 4564 93.08 4.65 -52.33
C SER G 4564 93.50 6.06 -51.88
N SER G 4565 93.03 6.48 -50.71
CA SER G 4565 93.42 7.79 -50.18
C SER G 4565 94.78 7.72 -49.49
N GLY G 4566 94.93 6.79 -48.55
CA GLY G 4566 96.18 6.57 -47.84
C GLY G 4566 96.10 6.79 -46.35
N TYR G 4567 95.29 7.74 -45.90
CA TYR G 4567 95.23 8.10 -44.49
C TYR G 4567 94.14 7.34 -43.71
N MET G 4568 93.71 6.18 -44.19
CA MET G 4568 92.73 5.41 -43.43
C MET G 4568 93.33 4.71 -42.22
N GLU G 4569 94.59 4.26 -42.31
CA GLU G 4569 95.15 3.46 -41.21
C GLU G 4569 95.27 4.28 -39.93
N PRO G 4570 95.82 5.50 -39.94
CA PRO G 4570 95.75 6.33 -38.73
C PRO G 4570 94.32 6.59 -38.26
N THR G 4571 93.38 6.77 -39.19
CA THR G 4571 91.99 7.00 -38.81
C THR G 4571 91.43 5.79 -38.06
N LEU G 4572 91.72 4.58 -38.55
CA LEU G 4572 91.29 3.37 -37.88
C LEU G 4572 91.93 3.23 -36.50
N ARG G 4573 93.22 3.57 -36.39
CA ARG G 4573 93.87 3.50 -35.09
C ARG G 4573 93.21 4.46 -34.08
N ILE G 4574 92.98 5.70 -34.51
CA ILE G 4574 92.34 6.68 -33.63
C ILE G 4574 90.92 6.24 -33.28
N LEU G 4575 90.21 5.66 -34.25
CA LEU G 4575 88.84 5.22 -33.99
C LEU G 4575 88.82 4.07 -32.98
N ALA G 4576 89.78 3.14 -33.09
CA ALA G 4576 89.85 2.06 -32.12
C ALA G 4576 90.16 2.58 -30.72
N ILE G 4577 91.11 3.50 -30.62
CA ILE G 4577 91.45 4.07 -29.31
C ILE G 4577 90.25 4.81 -28.72
N LEU G 4578 89.56 5.61 -29.55
CA LEU G 4578 88.40 6.35 -29.08
C LEU G 4578 87.27 5.41 -28.67
N HIS G 4579 87.07 4.33 -29.42
CA HIS G 4579 86.04 3.36 -29.06
C HIS G 4579 86.34 2.74 -27.70
N THR G 4580 87.59 2.36 -27.46
CA THR G 4580 87.93 1.82 -26.14
C THR G 4580 87.76 2.84 -25.02
N VAL G 4581 88.17 4.09 -25.23
CA VAL G 4581 88.01 5.10 -24.19
C VAL G 4581 86.54 5.36 -23.89
N ILE G 4582 85.72 5.52 -24.92
CA ILE G 4582 84.30 5.79 -24.70
C ILE G 4582 83.61 4.58 -24.10
N SER G 4583 84.10 3.37 -24.39
CA SER G 4583 83.50 2.18 -23.81
C SER G 4583 83.75 2.11 -22.30
N PHE G 4584 84.98 2.40 -21.88
CA PHE G 4584 85.29 2.49 -20.46
C PHE G 4584 84.46 3.57 -19.80
N PHE G 4585 84.31 4.73 -20.46
CA PHE G 4585 83.46 5.78 -19.92
C PHE G 4585 81.99 5.37 -19.82
N CYS G 4586 81.50 4.57 -20.77
CA CYS G 4586 80.15 4.01 -20.69
C CYS G 4586 79.97 3.06 -19.52
N ILE G 4587 80.96 2.21 -19.24
CA ILE G 4587 80.91 1.39 -18.02
C ILE G 4587 80.90 2.25 -16.76
N ILE G 4588 81.71 3.32 -16.73
CA ILE G 4588 81.68 4.22 -15.57
C ILE G 4588 80.30 4.87 -15.43
N GLY G 4589 79.72 5.29 -16.55
CA GLY G 4589 78.39 5.89 -16.51
C GLY G 4589 77.33 4.93 -16.01
N TYR G 4590 77.35 3.68 -16.49
CA TYR G 4590 76.42 2.69 -15.97
C TYR G 4590 76.61 2.46 -14.48
N TYR G 4591 77.86 2.31 -14.04
CA TYR G 4591 78.12 2.10 -12.63
C TYR G 4591 77.66 3.26 -11.75
N CYS G 4592 77.69 4.49 -12.27
CA CYS G 4592 77.23 5.64 -11.50
C CYS G 4592 75.76 5.97 -11.72
N LEU G 4593 75.08 5.31 -12.66
CA LEU G 4593 73.71 5.64 -12.99
C LEU G 4593 72.73 4.54 -12.56
N LYS G 4594 72.95 3.29 -13.00
CA LYS G 4594 71.95 2.24 -12.80
C LYS G 4594 72.26 1.35 -11.61
N VAL G 4595 73.54 1.21 -11.26
CA VAL G 4595 73.96 0.34 -10.16
C VAL G 4595 73.25 0.69 -8.85
N PRO G 4596 73.10 1.97 -8.47
CA PRO G 4596 72.36 2.26 -7.24
C PRO G 4596 70.93 1.74 -7.26
N LEU G 4597 70.25 1.75 -8.40
CA LEU G 4597 68.88 1.24 -8.45
C LEU G 4597 68.85 -0.27 -8.21
N VAL G 4598 69.77 -1.01 -8.83
CA VAL G 4598 69.84 -2.46 -8.61
C VAL G 4598 70.17 -2.77 -7.15
N ILE G 4599 71.11 -2.03 -6.58
CA ILE G 4599 71.45 -2.22 -5.17
C ILE G 4599 70.25 -1.93 -4.28
N PHE G 4600 69.50 -0.86 -4.59
CA PHE G 4600 68.32 -0.53 -3.81
C PHE G 4600 67.26 -1.64 -3.90
N LYS G 4601 67.04 -2.16 -5.11
CA LYS G 4601 66.06 -3.24 -5.27
C LYS G 4601 66.47 -4.48 -4.49
N ARG G 4602 67.73 -4.89 -4.61
CA ARG G 4602 68.21 -6.06 -3.88
C ARG G 4602 68.13 -5.86 -2.37
N GLU G 4603 68.51 -4.66 -1.91
CA GLU G 4603 68.57 -4.37 -0.48
C GLU G 4603 67.19 -4.15 0.12
N LYS G 4604 66.19 -3.83 -0.70
CA LYS G 4604 64.80 -3.81 -0.26
C LYS G 4604 64.21 -5.22 -0.22
N GLU G 4605 64.52 -6.03 -1.25
CA GLU G 4605 64.02 -7.40 -1.26
C GLU G 4605 64.55 -8.19 -0.08
N VAL G 4606 65.85 -8.09 0.20
CA VAL G 4606 66.43 -8.85 1.30
C VAL G 4606 65.90 -8.34 2.64
N ALA G 4607 65.71 -7.02 2.74
CA ALA G 4607 65.19 -6.45 3.98
C ALA G 4607 63.76 -6.94 4.25
N ARG G 4608 62.91 -6.91 3.23
CA ARG G 4608 61.53 -7.38 3.42
C ARG G 4608 61.45 -8.87 3.64
N LYS G 4609 62.32 -9.67 3.02
CA LYS G 4609 62.34 -11.10 3.30
C LYS G 4609 62.80 -11.37 4.73
N LEU G 4610 63.78 -10.60 5.21
CA LEU G 4610 64.25 -10.76 6.59
C LEU G 4610 63.18 -10.36 7.59
N GLU G 4611 62.44 -9.28 7.29
CA GLU G 4611 61.48 -8.76 8.26
C GLU G 4611 60.17 -9.55 8.24
N PHE G 4612 59.55 -9.69 7.07
CA PHE G 4612 58.24 -10.34 6.99
C PHE G 4612 58.37 -11.84 7.21
N ASP G 4613 59.37 -12.49 6.61
CA ASP G 4613 59.47 -13.93 6.61
C ASP G 4613 60.64 -14.48 7.41
N GLY G 4614 61.66 -13.67 7.68
CA GLY G 4614 62.84 -14.15 8.39
C GLY G 4614 63.58 -15.22 7.62
N LEU G 4615 63.82 -14.98 6.33
CA LEU G 4615 64.47 -15.92 5.43
C LEU G 4615 65.93 -16.18 5.83
N TYR G 4616 66.51 -15.37 6.70
CA TYR G 4616 67.85 -15.64 7.21
C TYR G 4616 67.86 -15.84 8.72
N ILE G 4617 66.70 -15.94 9.35
CA ILE G 4617 66.60 -16.08 10.80
C ILE G 4617 65.90 -17.38 11.14
N THR G 4618 64.65 -17.52 10.69
CA THR G 4618 63.85 -18.70 11.02
C THR G 4618 64.08 -19.82 10.02
N GLU G 4619 63.81 -19.56 8.75
CA GLU G 4619 63.94 -20.56 7.69
C GLU G 4619 65.01 -20.13 6.70
N GLN G 4620 66.10 -20.90 6.67
CA GLN G 4620 67.26 -20.64 5.84
C GLN G 4620 66.93 -20.84 4.36
N PRO G 4621 67.69 -20.19 3.47
CA PRO G 4621 67.40 -20.34 2.03
C PRO G 4621 67.55 -21.78 1.56
N SER G 4622 67.07 -22.03 0.35
CA SER G 4622 67.02 -23.39 -0.18
C SER G 4622 68.41 -23.93 -0.49
N GLU G 4623 69.44 -23.09 -0.41
CA GLU G 4623 70.83 -23.36 -0.71
C GLU G 4623 71.07 -23.45 -2.23
N ASP G 4624 70.01 -23.42 -3.04
CA ASP G 4624 70.14 -23.37 -4.49
C ASP G 4624 69.92 -21.97 -5.04
N ASP G 4625 69.52 -21.02 -4.21
CA ASP G 4625 69.31 -19.63 -4.62
C ASP G 4625 70.61 -18.87 -4.38
N ILE G 4626 71.41 -18.74 -5.43
CA ILE G 4626 72.75 -18.15 -5.30
C ILE G 4626 72.63 -16.73 -4.79
N LYS G 4627 71.57 -16.03 -5.17
CA LYS G 4627 71.29 -14.70 -4.63
C LYS G 4627 71.08 -14.77 -3.12
N GLY G 4628 70.36 -15.80 -2.65
CA GLY G 4628 70.15 -15.94 -1.22
C GLY G 4628 71.43 -16.20 -0.45
N GLN G 4629 72.26 -17.12 -0.94
CA GLN G 4629 73.53 -17.38 -0.26
C GLN G 4629 74.45 -16.16 -0.33
N TRP G 4630 74.37 -15.38 -1.39
CA TRP G 4630 75.21 -14.19 -1.46
C TRP G 4630 74.71 -13.08 -0.53
N ASP G 4631 73.39 -12.95 -0.37
CA ASP G 4631 72.81 -12.00 0.57
C ASP G 4631 72.91 -12.46 2.01
N ARG G 4632 73.26 -13.73 2.25
CA ARG G 4632 73.59 -14.15 3.61
C ARG G 4632 74.75 -13.33 4.17
N LEU G 4633 75.61 -12.81 3.29
CA LEU G 4633 76.79 -12.08 3.75
C LEU G 4633 76.46 -10.65 4.16
N VAL G 4634 75.39 -10.07 3.59
CA VAL G 4634 75.11 -8.66 3.82
C VAL G 4634 74.28 -8.42 5.08
N ILE G 4635 73.62 -9.46 5.61
CA ILE G 4635 72.74 -9.28 6.77
C ILE G 4635 73.48 -8.84 8.02
N ASN G 4636 74.80 -9.07 8.11
CA ASN G 4636 75.58 -8.65 9.26
C ASN G 4636 76.46 -7.44 8.98
N THR G 4637 76.34 -6.85 7.79
CA THR G 4637 77.14 -5.67 7.46
C THR G 4637 76.67 -4.47 8.29
N GLN G 4638 77.64 -3.69 8.78
CA GLN G 4638 77.32 -2.52 9.60
C GLN G 4638 76.57 -1.47 8.78
N SER G 4639 77.01 -1.21 7.56
CA SER G 4639 76.41 -0.18 6.72
C SER G 4639 75.30 -0.76 5.84
N PHE G 4640 74.22 -1.16 6.51
CA PHE G 4640 73.07 -1.74 5.84
C PHE G 4640 72.02 -0.62 5.69
N PRO G 4641 70.82 -0.92 5.14
CA PRO G 4641 70.17 0.00 4.17
C PRO G 4641 70.91 1.29 3.85
N ASN G 4642 72.07 1.21 3.20
CA ASN G 4642 72.71 2.42 2.70
C ASN G 4642 71.86 3.08 1.61
N ASN G 4643 71.32 2.27 0.69
CA ASN G 4643 70.44 2.78 -0.37
C ASN G 4643 68.97 2.71 0.02
N TYR G 4644 68.57 1.67 0.76
CA TYR G 4644 67.20 1.55 1.24
C TYR G 4644 66.91 2.63 2.28
N TRP G 4645 65.68 3.12 2.31
CA TRP G 4645 65.32 4.25 3.17
C TRP G 4645 65.18 3.87 4.64
N ASP G 4646 64.77 2.64 4.94
CA ASP G 4646 64.49 2.22 6.31
C ASP G 4646 65.76 1.71 6.95
N LYS G 4647 66.46 2.59 7.68
CA LYS G 4647 67.71 2.24 8.35
C LYS G 4647 67.47 1.66 9.74
N PHE G 4648 66.27 1.12 10.00
CA PHE G 4648 65.94 0.51 11.28
C PHE G 4648 65.38 -0.90 11.13
N VAL G 4649 65.61 -1.55 9.98
CA VAL G 4649 65.07 -2.88 9.71
C VAL G 4649 65.66 -3.88 10.69
N LYS G 4650 66.94 -3.72 11.02
CA LYS G 4650 67.54 -4.59 12.04
C LYS G 4650 66.90 -4.38 13.40
N ARG G 4651 66.62 -3.12 13.76
CA ARG G 4651 65.96 -2.82 15.02
C ARG G 4651 64.57 -3.43 15.09
N LYS G 4652 63.84 -3.42 13.97
CA LYS G 4652 62.51 -4.03 13.94
C LYS G 4652 62.56 -5.56 13.97
N VAL G 4653 63.48 -6.19 13.23
CA VAL G 4653 63.54 -7.65 13.23
C VAL G 4653 63.98 -8.15 14.60
N MET G 4654 64.85 -7.38 15.29
CA MET G 4654 65.18 -7.72 16.68
C MET G 4654 63.95 -7.76 17.58
N ASP G 4655 63.12 -6.73 17.55
CA ASP G 4655 61.89 -6.72 18.34
C ASP G 4655 60.94 -7.84 17.93
N LYS G 4656 60.87 -8.14 16.63
CA LYS G 4656 59.92 -9.15 16.16
C LYS G 4656 60.32 -10.56 16.59
N TYR G 4657 61.59 -10.93 16.39
CA TYR G 4657 62.02 -12.31 16.57
C TYR G 4657 63.03 -12.49 17.70
N GLY G 4658 63.12 -11.54 18.63
CA GLY G 4658 64.12 -11.65 19.67
C GLY G 4658 63.77 -12.66 20.74
N GLU G 4659 62.59 -12.53 21.35
CA GLU G 4659 62.25 -13.33 22.52
C GLU G 4659 62.07 -14.81 22.23
N PHE G 4660 61.62 -15.17 21.02
CA PHE G 4660 61.41 -16.58 20.71
C PHE G 4660 62.68 -17.25 20.21
N TYR G 4661 63.43 -16.59 19.33
CA TYR G 4661 64.59 -17.19 18.69
C TYR G 4661 65.91 -16.76 19.31
N GLY G 4662 65.88 -16.08 20.46
CA GLY G 4662 67.11 -15.70 21.14
C GLY G 4662 67.53 -14.27 20.88
N ARG G 4663 67.39 -13.42 21.91
CA ARG G 4663 67.81 -12.02 21.81
C ARG G 4663 69.23 -11.92 21.27
N ASP G 4664 70.19 -12.48 22.01
CA ASP G 4664 71.59 -12.35 21.64
C ASP G 4664 71.92 -13.11 20.36
N ARG G 4665 71.28 -14.27 20.14
CA ARG G 4665 71.62 -15.06 18.97
C ARG G 4665 71.21 -14.33 17.70
N ILE G 4666 70.00 -13.77 17.67
CA ILE G 4666 69.58 -13.01 16.49
C ILE G 4666 70.38 -11.71 16.40
N SER G 4667 70.76 -11.13 17.54
CA SER G 4667 71.60 -9.92 17.50
C SER G 4667 72.93 -10.19 16.81
N GLU G 4668 73.61 -11.29 17.18
CA GLU G 4668 74.89 -11.59 16.57
C GLU G 4668 74.73 -12.17 15.17
N LEU G 4669 73.54 -12.69 14.85
CA LEU G 4669 73.25 -13.05 13.47
C LEU G 4669 73.17 -11.80 12.59
N LEU G 4670 72.53 -10.75 13.09
CA LEU G 4670 72.46 -9.47 12.40
C LEU G 4670 73.74 -8.65 12.54
N GLY G 4671 74.68 -9.10 13.39
CA GLY G 4671 75.92 -8.37 13.55
C GLY G 4671 75.75 -7.01 14.18
N MET G 4672 74.88 -6.91 15.18
CA MET G 4672 74.55 -5.65 15.82
C MET G 4672 75.00 -5.70 17.27
N ASP G 4673 75.62 -4.61 17.74
CA ASP G 4673 76.14 -4.55 19.09
C ASP G 4673 75.04 -4.22 20.10
N LYS G 4674 75.18 -4.78 21.30
CA LYS G 4674 74.18 -4.58 22.35
C LYS G 4674 74.32 -3.22 23.04
N ALA G 4675 75.49 -2.59 22.95
CA ALA G 4675 75.76 -1.41 23.78
C ALA G 4675 74.89 -0.23 23.37
N ALA G 4676 74.62 -0.07 22.07
CA ALA G 4676 74.01 1.17 21.59
C ALA G 4676 72.50 1.19 21.79
N LEU G 4677 71.89 0.05 22.13
CA LEU G 4677 70.43 -0.06 22.08
C LEU G 4677 69.74 0.94 23.01
N ASP G 4678 70.10 0.93 24.29
CA ASP G 4678 69.36 1.73 25.26
C ASP G 4678 69.66 3.22 25.10
N PHE G 4679 70.93 3.57 24.93
CA PHE G 4679 71.34 4.97 24.87
C PHE G 4679 71.21 5.55 23.47
N SER G 4680 70.76 4.77 22.48
CA SER G 4680 70.32 5.35 21.22
C SER G 4680 69.05 6.16 21.40
N ASP G 4681 68.03 5.58 22.06
CA ASP G 4681 66.87 6.36 22.45
C ASP G 4681 67.23 7.38 23.52
N ALA G 4682 68.11 7.00 24.44
CA ALA G 4682 68.51 7.90 25.51
C ALA G 4682 69.62 8.84 25.08
N ARG G 4683 70.25 9.51 26.04
CA ARG G 4683 71.27 10.52 25.80
C ARG G 4683 72.66 9.90 25.92
N GLU G 4684 73.54 10.24 24.97
CA GLU G 4684 74.87 9.64 24.90
C GLU G 4684 75.79 10.57 24.13
N LYS G 4685 77.04 10.11 23.96
CA LYS G 4685 78.05 10.87 23.23
C LYS G 4685 78.00 10.55 21.74
N LYS G 4686 78.44 11.52 20.94
CA LYS G 4686 78.45 11.40 19.49
C LYS G 4686 79.87 11.63 18.97
N LYS G 4687 80.13 11.13 17.76
CA LYS G 4687 81.45 11.20 17.15
C LYS G 4687 81.38 11.91 15.81
N PRO G 4688 81.94 13.10 15.66
CA PRO G 4688 81.99 13.75 14.35
C PRO G 4688 83.10 13.15 13.48
N LYS G 4689 83.23 13.71 12.28
CA LYS G 4689 84.15 13.18 11.28
C LYS G 4689 84.92 14.34 10.65
N LYS G 4690 86.15 14.03 10.24
CA LYS G 4690 87.00 14.97 9.50
C LYS G 4690 87.43 14.32 8.20
N ASP G 4691 87.39 15.11 7.12
CA ASP G 4691 87.69 14.58 5.79
C ASP G 4691 89.13 14.13 5.68
N SER G 4692 90.06 14.90 6.26
CA SER G 4692 91.48 14.54 6.16
C SER G 4692 91.80 13.25 6.90
N SER G 4693 91.15 13.04 8.05
CA SER G 4693 91.34 11.81 8.82
C SER G 4693 90.97 10.59 7.99
N LEU G 4694 91.97 9.75 7.67
CA LEU G 4694 91.77 8.64 6.76
C LEU G 4694 91.65 7.27 7.43
N SER G 4695 92.15 7.12 8.65
CA SER G 4695 91.96 5.85 9.36
C SER G 4695 90.48 5.58 9.61
N ALA G 4696 89.75 6.62 10.01
CA ALA G 4696 88.31 6.48 10.21
C ALA G 4696 87.61 6.13 8.90
N VAL G 4697 88.03 6.74 7.80
CA VAL G 4697 87.43 6.43 6.50
C VAL G 4697 87.69 4.98 6.12
N LEU G 4698 88.92 4.51 6.32
CA LEU G 4698 89.26 3.13 5.99
C LEU G 4698 88.48 2.14 6.86
N ASN G 4699 88.29 2.47 8.13
CA ASN G 4699 87.48 1.62 9.00
C ASN G 4699 86.02 1.64 8.58
N SER G 4700 85.50 2.80 8.19
CA SER G 4700 84.10 2.92 7.81
C SER G 4700 83.81 2.26 6.47
N ILE G 4701 84.83 2.13 5.62
CA ILE G 4701 84.63 1.38 4.39
C ILE G 4701 84.47 -0.08 4.74
N ASP G 4702 83.23 -0.57 4.71
CA ASP G 4702 82.88 -1.89 5.21
C ASP G 4702 83.28 -2.92 4.17
N VAL G 4703 84.42 -3.57 4.41
CA VAL G 4703 84.95 -4.56 3.47
C VAL G 4703 83.88 -5.58 3.10
N LYS G 4704 83.08 -6.00 4.07
CA LYS G 4704 82.01 -6.96 3.81
C LYS G 4704 80.90 -6.33 2.97
N TYR G 4705 80.61 -5.05 3.19
CA TYR G 4705 79.50 -4.43 2.46
C TYR G 4705 79.83 -4.26 0.97
N GLN G 4706 81.00 -3.69 0.65
CA GLN G 4706 81.38 -3.55 -0.75
C GLN G 4706 81.76 -4.90 -1.36
N MET G 4707 82.27 -5.80 -0.53
CA MET G 4707 82.34 -7.22 -0.88
C MET G 4707 81.02 -7.69 -1.50
N TRP G 4708 79.95 -7.58 -0.73
CA TRP G 4708 78.63 -7.99 -1.21
C TRP G 4708 78.16 -7.14 -2.39
N LYS G 4709 78.46 -5.84 -2.37
CA LYS G 4709 77.99 -4.94 -3.42
C LYS G 4709 78.59 -5.30 -4.77
N LEU G 4710 79.91 -5.54 -4.81
CA LEU G 4710 80.56 -5.97 -6.04
C LEU G 4710 80.09 -7.35 -6.45
N GLY G 4711 79.77 -8.23 -5.48
CA GLY G 4711 79.11 -9.47 -5.84
C GLY G 4711 77.81 -9.23 -6.61
N VAL G 4712 76.97 -8.33 -6.11
CA VAL G 4712 75.70 -8.04 -6.76
C VAL G 4712 75.92 -7.46 -8.15
N VAL G 4713 76.86 -6.50 -8.25
CA VAL G 4713 77.12 -5.85 -9.53
C VAL G 4713 77.60 -6.87 -10.56
N PHE G 4714 78.47 -7.80 -10.14
CA PHE G 4714 78.94 -8.83 -11.05
C PHE G 4714 77.80 -9.76 -11.47
N THR G 4715 76.90 -10.08 -10.54
CA THR G 4715 75.76 -10.94 -10.90
C THR G 4715 74.79 -10.22 -11.82
N ASP G 4716 74.80 -8.89 -11.84
CA ASP G 4716 73.90 -8.15 -12.72
C ASP G 4716 74.24 -8.41 -14.19
N ASN G 4717 73.20 -8.58 -15.01
CA ASN G 4717 73.40 -8.99 -16.40
C ASN G 4717 73.92 -7.85 -17.27
N SER G 4718 73.38 -6.63 -17.08
CA SER G 4718 73.76 -5.51 -17.93
C SER G 4718 75.22 -5.14 -17.75
N PHE G 4719 75.71 -5.18 -16.50
CA PHE G 4719 77.12 -4.93 -16.26
C PHE G 4719 77.99 -6.00 -16.93
N LEU G 4720 77.51 -7.24 -16.94
CA LEU G 4720 78.23 -8.30 -17.65
C LEU G 4720 78.27 -8.02 -19.15
N TYR G 4721 77.16 -7.54 -19.72
CA TYR G 4721 77.14 -7.19 -21.13
C TYR G 4721 78.15 -6.09 -21.44
N LEU G 4722 78.15 -5.04 -20.63
CA LEU G 4722 79.09 -3.94 -20.85
C LEU G 4722 80.54 -4.37 -20.63
N ALA G 4723 80.81 -5.29 -19.72
CA ALA G 4723 82.18 -5.78 -19.52
C ALA G 4723 82.61 -6.70 -20.66
N TRP G 4724 81.67 -7.46 -21.23
CA TRP G 4724 81.96 -8.20 -22.44
C TRP G 4724 82.30 -7.25 -23.58
N TYR G 4725 81.58 -6.13 -23.66
CA TYR G 4725 81.86 -5.10 -24.66
C TYR G 4725 83.27 -4.52 -24.46
N MET G 4726 83.61 -4.19 -23.20
CA MET G 4726 84.99 -3.87 -22.82
C MET G 4726 85.99 -4.88 -23.39
N THR G 4727 85.77 -6.15 -23.08
CA THR G 4727 86.73 -7.18 -23.45
C THR G 4727 86.89 -7.26 -24.96
N MET G 4728 85.77 -7.18 -25.68
CA MET G 4728 85.85 -7.24 -27.14
C MET G 4728 86.64 -6.07 -27.68
N SER G 4729 86.50 -4.88 -27.07
CA SER G 4729 87.29 -3.73 -27.52
C SER G 4729 88.79 -3.93 -27.23
N VAL G 4730 89.11 -4.40 -26.02
CA VAL G 4730 90.52 -4.54 -25.67
C VAL G 4730 91.17 -5.64 -26.50
N LEU G 4731 90.40 -6.65 -26.90
CA LEU G 4731 90.92 -7.65 -27.83
C LEU G 4731 90.96 -7.11 -29.26
N GLY G 4732 90.07 -6.16 -29.58
CA GLY G 4732 90.13 -5.51 -30.87
C GLY G 4732 91.39 -4.73 -31.08
N HIS G 4733 91.96 -4.18 -30.00
CA HIS G 4733 93.29 -3.59 -30.12
C HIS G 4733 94.33 -4.61 -30.56
N TYR G 4734 94.33 -5.80 -29.96
CA TYR G 4734 95.32 -6.81 -30.35
C TYR G 4734 95.08 -7.29 -31.78
N ASN G 4735 93.82 -7.52 -32.13
CA ASN G 4735 93.46 -7.92 -33.49
C ASN G 4735 92.27 -7.07 -33.92
N ASN G 4736 92.44 -6.33 -35.03
CA ASN G 4736 91.44 -5.35 -35.43
C ASN G 4736 90.09 -5.98 -35.72
N PHE G 4737 90.05 -7.28 -35.95
CA PHE G 4737 88.83 -7.94 -36.38
C PHE G 4737 87.87 -8.23 -35.23
N PHE G 4738 88.31 -8.10 -33.98
CA PHE G 4738 87.44 -8.28 -32.83
C PHE G 4738 86.44 -7.15 -32.67
N PHE G 4739 86.60 -6.07 -33.43
CA PHE G 4739 85.65 -4.95 -33.44
C PHE G 4739 84.36 -5.30 -34.16
N ALA G 4740 84.33 -6.40 -34.90
CA ALA G 4740 83.11 -6.82 -35.59
C ALA G 4740 82.07 -7.40 -34.66
N ALA G 4741 82.47 -7.85 -33.47
CA ALA G 4741 81.47 -8.33 -32.51
C ALA G 4741 80.71 -7.18 -31.87
N HIS G 4742 81.30 -5.99 -31.84
CA HIS G 4742 80.58 -4.81 -31.37
C HIS G 4742 79.45 -4.41 -32.31
N LEU G 4743 79.47 -4.91 -33.55
CA LEU G 4743 78.43 -4.62 -34.53
C LEU G 4743 77.08 -5.19 -34.13
N LEU G 4744 77.07 -6.26 -33.32
CA LEU G 4744 75.82 -6.84 -32.86
C LEU G 4744 75.10 -5.97 -31.83
N ASP G 4745 75.75 -4.91 -31.35
CA ASP G 4745 75.11 -4.06 -30.35
C ASP G 4745 73.90 -3.32 -30.91
N ILE G 4746 73.82 -3.16 -32.23
CA ILE G 4746 72.61 -2.60 -32.81
C ILE G 4746 71.43 -3.55 -32.65
N ALA G 4747 71.67 -4.86 -32.71
CA ALA G 4747 70.64 -5.85 -32.46
C ALA G 4747 70.17 -5.84 -31.01
N MET G 4748 71.02 -5.42 -30.09
CA MET G 4748 70.68 -5.19 -28.69
C MET G 4748 69.96 -3.86 -28.48
N GLY G 4749 70.28 -2.85 -29.29
CA GLY G 4749 69.63 -1.56 -29.15
C GLY G 4749 68.20 -1.56 -29.68
N PHE G 4750 68.00 -2.13 -30.87
CA PHE G 4750 66.69 -2.08 -31.50
C PHE G 4750 65.72 -3.07 -30.85
N LYS G 4751 64.46 -2.66 -30.76
CA LYS G 4751 63.43 -3.46 -30.09
C LYS G 4751 63.11 -4.74 -30.87
N THR G 4752 62.80 -4.59 -32.17
CA THR G 4752 62.41 -5.76 -32.95
C THR G 4752 63.59 -6.71 -33.17
N LEU G 4753 64.81 -6.19 -33.21
CA LEU G 4753 65.97 -7.05 -33.30
C LEU G 4753 66.12 -7.89 -32.02
N ARG G 4754 65.87 -7.28 -30.85
CA ARG G 4754 65.84 -8.07 -29.63
C ARG G 4754 64.71 -9.08 -29.64
N THR G 4755 63.56 -8.72 -30.24
CA THR G 4755 62.48 -9.70 -30.37
C THR G 4755 62.92 -10.90 -31.20
N ILE G 4756 63.60 -10.64 -32.32
CA ILE G 4756 64.09 -11.73 -33.16
C ILE G 4756 65.10 -12.58 -32.40
N LEU G 4757 66.03 -11.94 -31.68
CA LEU G 4757 67.05 -12.70 -30.95
C LEU G 4757 66.43 -13.54 -29.85
N SER G 4758 65.45 -13.00 -29.12
CA SER G 4758 64.78 -13.73 -28.05
C SER G 4758 63.80 -14.77 -28.58
N SER G 4759 63.42 -14.69 -29.86
CA SER G 4759 62.56 -15.73 -30.43
C SER G 4759 63.23 -17.11 -30.43
N VAL G 4760 64.55 -17.16 -30.39
CA VAL G 4760 65.27 -18.43 -30.35
C VAL G 4760 65.27 -19.02 -28.95
N THR G 4761 65.55 -18.20 -27.94
CA THR G 4761 65.58 -18.69 -26.56
C THR G 4761 64.18 -19.01 -26.05
N HIS G 4762 63.16 -18.37 -26.64
CA HIS G 4762 61.78 -18.53 -26.19
C HIS G 4762 61.36 -19.99 -26.11
N ASN G 4763 61.38 -20.69 -27.24
CA ASN G 4763 61.06 -22.12 -27.27
C ASN G 4763 62.33 -22.96 -27.16
N GLY G 4764 63.14 -22.68 -26.13
CA GLY G 4764 64.44 -23.33 -26.02
C GLY G 4764 64.34 -24.83 -25.82
N LYS G 4765 63.48 -25.25 -24.89
CA LYS G 4765 63.38 -26.67 -24.57
C LYS G 4765 62.86 -27.46 -25.78
N GLN G 4766 61.75 -27.00 -26.37
CA GLN G 4766 61.19 -27.69 -27.52
C GLN G 4766 62.16 -27.69 -28.69
N LEU G 4767 62.85 -26.56 -28.91
CA LEU G 4767 63.83 -26.50 -29.99
C LEU G 4767 64.97 -27.49 -29.80
N VAL G 4768 65.53 -27.55 -28.59
CA VAL G 4768 66.62 -28.48 -28.31
C VAL G 4768 66.17 -29.92 -28.50
N LEU G 4769 64.97 -30.25 -28.00
CA LEU G 4769 64.48 -31.61 -28.14
C LEU G 4769 64.19 -31.97 -29.60
N THR G 4770 63.71 -30.99 -30.39
CA THR G 4770 63.47 -31.25 -31.80
C THR G 4770 64.78 -31.49 -32.57
N VAL G 4771 65.80 -30.68 -32.32
CA VAL G 4771 67.07 -30.96 -33.00
C VAL G 4771 67.68 -32.26 -32.49
N GLY G 4772 67.44 -32.63 -31.23
CA GLY G 4772 67.90 -33.92 -30.76
C GLY G 4772 67.21 -35.07 -31.47
N LEU G 4773 65.90 -34.95 -31.68
CA LEU G 4773 65.17 -35.97 -32.44
C LEU G 4773 65.65 -36.02 -33.88
N LEU G 4774 65.96 -34.86 -34.47
CA LEU G 4774 66.54 -34.82 -35.80
C LEU G 4774 67.87 -35.54 -35.86
N ALA G 4775 68.72 -35.36 -34.85
CA ALA G 4775 69.96 -36.11 -34.75
C ALA G 4775 69.72 -37.62 -34.59
N VAL G 4776 68.73 -38.00 -33.79
CA VAL G 4776 68.43 -39.41 -33.57
C VAL G 4776 67.97 -40.09 -34.85
N VAL G 4777 67.04 -39.46 -35.58
CA VAL G 4777 66.52 -40.07 -36.80
C VAL G 4777 67.64 -40.23 -37.83
N VAL G 4778 68.46 -39.19 -37.99
CA VAL G 4778 69.61 -39.26 -38.87
C VAL G 4778 70.61 -40.33 -38.42
N TYR G 4779 70.77 -40.54 -37.12
CA TYR G 4779 71.63 -41.62 -36.63
C TYR G 4779 71.08 -42.99 -37.00
N LEU G 4780 69.76 -43.18 -36.89
CA LEU G 4780 69.17 -44.44 -37.35
C LEU G 4780 69.40 -44.65 -38.84
N TYR G 4781 69.24 -43.59 -39.64
CA TYR G 4781 69.51 -43.70 -41.07
C TYR G 4781 70.97 -44.05 -41.33
N THR G 4782 71.89 -43.45 -40.55
CA THR G 4782 73.30 -43.78 -40.67
C THR G 4782 73.55 -45.25 -40.34
N VAL G 4783 72.89 -45.75 -39.29
CA VAL G 4783 73.06 -47.16 -38.92
C VAL G 4783 72.59 -48.06 -40.06
N VAL G 4784 71.44 -47.75 -40.65
CA VAL G 4784 70.90 -48.56 -41.74
C VAL G 4784 71.86 -48.53 -42.94
N ALA G 4785 72.32 -47.34 -43.32
CA ALA G 4785 73.23 -47.22 -44.46
C ALA G 4785 74.55 -47.94 -44.20
N PHE G 4786 75.10 -47.78 -42.99
CA PHE G 4786 76.35 -48.43 -42.63
C PHE G 4786 76.22 -49.95 -42.64
N ASN G 4787 75.07 -50.47 -42.23
CA ASN G 4787 74.84 -51.91 -42.28
C ASN G 4787 74.67 -52.44 -43.70
N PHE G 4788 73.86 -51.78 -44.52
CA PHE G 4788 73.50 -52.30 -45.83
C PHE G 4788 74.01 -51.43 -46.97
N PHE G 4789 73.67 -50.14 -46.98
CA PHE G 4789 73.91 -49.28 -48.15
C PHE G 4789 75.26 -48.59 -48.02
N ARG G 4790 76.32 -49.30 -48.39
CA ARG G 4790 77.67 -48.75 -48.34
C ARG G 4790 78.34 -48.65 -49.70
N LYS G 4791 78.01 -49.54 -50.65
CA LYS G 4791 78.59 -49.45 -51.98
C LYS G 4791 78.20 -48.16 -52.68
N PHE G 4792 77.04 -47.59 -52.33
CA PHE G 4792 76.52 -46.40 -52.97
C PHE G 4792 77.19 -45.12 -52.48
N TYR G 4793 78.03 -45.19 -51.45
CA TYR G 4793 78.58 -44.00 -50.81
C TYR G 4793 79.98 -43.65 -51.27
N ASN G 4794 80.43 -44.20 -52.40
CA ASN G 4794 81.68 -43.74 -52.99
C ASN G 4794 81.52 -42.32 -53.50
N LYS G 4795 82.44 -41.45 -53.10
CA LYS G 4795 82.34 -40.02 -53.38
C LYS G 4795 83.65 -39.51 -53.96
N SER G 4796 84.17 -40.23 -54.96
CA SER G 4796 85.42 -39.88 -55.63
C SER G 4796 85.14 -39.65 -57.11
N GLU G 4797 85.59 -38.52 -57.63
CA GLU G 4797 85.44 -38.25 -59.06
C GLU G 4797 86.24 -39.24 -59.89
N ASP G 4798 87.46 -39.55 -59.47
CA ASP G 4798 88.29 -40.55 -60.14
C ASP G 4798 88.16 -41.87 -59.40
N GLY G 4799 87.90 -42.95 -60.15
CA GLY G 4799 87.63 -44.23 -59.53
C GLY G 4799 88.86 -44.91 -58.97
N ASP G 4800 90.05 -44.41 -59.30
CA ASP G 4800 91.28 -45.05 -58.83
C ASP G 4800 91.39 -44.98 -57.31
N THR G 4801 91.03 -43.85 -56.72
CA THR G 4801 91.12 -43.69 -55.26
C THR G 4801 89.74 -43.40 -54.69
N PRO G 4802 88.99 -44.44 -54.29
CA PRO G 4802 87.65 -44.20 -53.74
C PRO G 4802 87.71 -43.44 -52.43
N ASP G 4803 86.79 -42.48 -52.28
CA ASP G 4803 86.70 -41.75 -51.02
C ASP G 4803 86.05 -42.60 -49.94
N MET G 4804 85.02 -43.36 -50.31
CA MET G 4804 84.42 -44.39 -49.46
C MET G 4804 84.03 -43.83 -48.10
N LYS G 4805 83.13 -42.85 -48.08
CA LYS G 4805 82.97 -42.03 -46.87
C LYS G 4805 81.99 -42.62 -45.86
N CYS G 4806 81.43 -43.81 -46.10
CA CYS G 4806 80.62 -44.48 -45.11
C CYS G 4806 81.32 -45.72 -44.54
N ASP G 4807 82.64 -45.83 -44.75
CA ASP G 4807 83.38 -46.93 -44.15
C ASP G 4807 83.41 -46.82 -42.63
N ASP G 4808 83.56 -45.61 -42.10
CA ASP G 4808 83.55 -45.38 -40.67
C ASP G 4808 82.20 -44.80 -40.25
N MET G 4809 81.67 -45.28 -39.13
CA MET G 4809 80.35 -44.82 -38.69
C MET G 4809 80.37 -43.34 -38.32
N LEU G 4810 81.44 -42.87 -37.68
CA LEU G 4810 81.51 -41.45 -37.33
C LEU G 4810 81.51 -40.60 -38.59
N THR G 4811 82.28 -40.99 -39.61
CA THR G 4811 82.31 -40.24 -40.86
C THR G 4811 80.97 -40.29 -41.57
N CYS G 4812 80.31 -41.45 -41.57
CA CYS G 4812 79.05 -41.57 -42.28
C CYS G 4812 77.93 -40.81 -41.57
N TYR G 4813 77.93 -40.82 -40.23
CA TYR G 4813 77.00 -39.99 -39.48
C TYR G 4813 77.29 -38.51 -39.69
N MET G 4814 78.57 -38.16 -39.86
CA MET G 4814 78.92 -36.77 -40.11
C MET G 4814 78.44 -36.34 -41.49
N PHE G 4815 78.50 -37.26 -42.46
CA PHE G 4815 78.00 -37.04 -43.82
C PHE G 4815 76.48 -37.07 -43.92
N HIS G 4816 75.80 -37.69 -42.97
CA HIS G 4816 74.35 -37.58 -42.89
C HIS G 4816 73.90 -36.37 -42.09
N MET G 4817 74.74 -35.86 -41.19
CA MET G 4817 74.48 -34.62 -40.46
C MET G 4817 74.69 -33.41 -41.36
N TYR G 4818 75.91 -33.25 -41.86
CA TYR G 4818 76.27 -32.33 -42.93
C TYR G 4818 76.17 -32.93 -44.32
N VAL G 4819 75.74 -32.10 -45.28
CA VAL G 4819 75.53 -32.43 -46.69
C VAL G 4819 74.17 -33.11 -46.83
N GLY G 4820 73.92 -34.10 -45.98
CA GLY G 4820 72.64 -34.80 -46.05
C GLY G 4820 71.45 -33.91 -45.71
N VAL G 4821 71.50 -33.25 -44.54
CA VAL G 4821 70.37 -32.44 -44.10
C VAL G 4821 70.24 -31.19 -44.95
N ARG G 4822 71.34 -30.50 -45.19
CA ARG G 4822 71.34 -29.31 -46.05
C ARG G 4822 71.61 -29.71 -47.50
N ALA G 4823 70.62 -30.39 -48.08
CA ALA G 4823 70.66 -30.75 -49.49
C ALA G 4823 69.45 -30.27 -50.29
N GLY G 4824 68.28 -30.10 -49.67
CA GLY G 4824 67.10 -29.69 -50.38
C GLY G 4824 66.31 -30.81 -51.03
N GLY G 4825 66.89 -32.00 -51.13
CA GLY G 4825 66.18 -33.13 -51.71
C GLY G 4825 66.48 -34.43 -50.98
N GLY G 4826 67.30 -34.36 -49.93
CA GLY G 4826 67.69 -35.55 -49.19
C GLY G 4826 69.07 -36.05 -49.57
N ILE G 4827 69.47 -37.13 -48.90
CA ILE G 4827 70.79 -37.72 -49.08
C ILE G 4827 70.98 -38.32 -50.46
N GLY G 4828 69.89 -38.73 -51.12
CA GLY G 4828 69.98 -39.37 -52.43
C GLY G 4828 70.50 -38.48 -53.52
N ASP G 4829 70.49 -37.15 -53.33
CA ASP G 4829 71.10 -36.24 -54.28
C ASP G 4829 72.61 -36.46 -54.35
N GLU G 4830 73.27 -36.57 -53.20
CA GLU G 4830 74.71 -36.77 -53.18
C GLU G 4830 75.08 -38.23 -53.37
N ILE G 4831 74.26 -39.15 -52.85
CA ILE G 4831 74.53 -40.57 -53.00
C ILE G 4831 74.23 -40.97 -54.44
N GLU G 4832 75.03 -41.89 -54.98
CA GLU G 4832 74.95 -42.23 -56.39
C GLU G 4832 73.64 -42.97 -56.71
N ASP G 4833 73.33 -43.01 -57.99
CA ASP G 4833 72.07 -43.59 -58.45
C ASP G 4833 72.04 -45.09 -58.20
N PRO G 4834 70.90 -45.64 -57.77
CA PRO G 4834 70.83 -47.07 -57.45
C PRO G 4834 70.32 -47.97 -58.57
N ALA G 4835 70.16 -47.47 -59.79
CA ALA G 4835 69.59 -48.27 -60.85
C ALA G 4835 70.49 -49.47 -61.17
N GLY G 4836 69.85 -50.61 -61.44
CA GLY G 4836 70.55 -51.83 -61.76
C GLY G 4836 71.02 -52.63 -60.56
N ASP G 4837 70.42 -52.44 -59.39
CA ASP G 4837 70.85 -53.08 -58.16
C ASP G 4837 69.68 -53.82 -57.53
N GLU G 4838 69.98 -54.87 -56.77
CA GLU G 4838 68.90 -55.64 -56.14
C GLU G 4838 68.34 -54.93 -54.92
N TYR G 4839 69.07 -53.95 -54.38
CA TYR G 4839 68.55 -53.10 -53.32
C TYR G 4839 67.96 -51.80 -53.86
N GLU G 4840 67.50 -51.81 -55.12
CA GLU G 4840 67.00 -50.60 -55.75
C GLU G 4840 65.75 -50.09 -55.05
N ILE G 4841 64.78 -50.98 -54.84
CA ILE G 4841 63.53 -50.59 -54.17
C ILE G 4841 63.78 -50.22 -52.70
N TYR G 4842 64.67 -50.97 -52.04
CA TYR G 4842 64.96 -50.67 -50.63
C TYR G 4842 65.62 -49.32 -50.48
N ARG G 4843 66.55 -48.98 -51.38
CA ARG G 4843 67.16 -47.67 -51.32
C ARG G 4843 66.15 -46.58 -51.65
N ILE G 4844 65.26 -46.82 -52.60
CA ILE G 4844 64.20 -45.86 -52.89
C ILE G 4844 63.40 -45.56 -51.62
N ILE G 4845 62.97 -46.61 -50.91
CA ILE G 4845 62.22 -46.39 -49.69
C ILE G 4845 63.06 -45.66 -48.64
N PHE G 4846 64.31 -46.09 -48.44
CA PHE G 4846 65.23 -45.43 -47.52
C PHE G 4846 65.27 -43.93 -47.76
N ASP G 4847 65.62 -43.52 -48.97
CA ASP G 4847 65.83 -42.10 -49.25
C ASP G 4847 64.53 -41.31 -49.29
N ILE G 4848 63.44 -41.90 -49.80
CA ILE G 4848 62.16 -41.18 -49.80
C ILE G 4848 61.71 -40.92 -48.38
N THR G 4849 61.84 -41.92 -47.50
CA THR G 4849 61.54 -41.71 -46.09
C THR G 4849 62.47 -40.68 -45.47
N PHE G 4850 63.75 -40.66 -45.86
CA PHE G 4850 64.66 -39.63 -45.39
C PHE G 4850 64.16 -38.24 -45.78
N PHE G 4851 63.76 -38.07 -47.05
CA PHE G 4851 63.29 -36.78 -47.52
C PHE G 4851 62.04 -36.34 -46.77
N PHE G 4852 61.11 -37.26 -46.54
CA PHE G 4852 59.87 -36.89 -45.86
C PHE G 4852 60.10 -36.60 -44.39
N PHE G 4853 60.83 -37.48 -43.69
CA PHE G 4853 60.93 -37.38 -42.24
C PHE G 4853 61.94 -36.32 -41.79
N VAL G 4854 63.00 -36.12 -42.57
CA VAL G 4854 64.08 -35.23 -42.16
C VAL G 4854 64.01 -33.85 -42.81
N ILE G 4855 63.69 -33.77 -44.11
CA ILE G 4855 63.66 -32.52 -44.84
C ILE G 4855 62.29 -31.86 -44.75
N VAL G 4856 61.25 -32.57 -45.18
CA VAL G 4856 59.89 -32.03 -45.12
C VAL G 4856 59.46 -31.86 -43.66
N ILE G 4857 59.87 -32.78 -42.80
CA ILE G 4857 59.44 -32.80 -41.41
C ILE G 4857 60.63 -32.61 -40.49
N LEU G 4858 60.36 -32.00 -39.33
CA LEU G 4858 61.27 -31.66 -38.24
C LEU G 4858 62.16 -30.47 -38.61
N LEU G 4859 62.29 -30.19 -39.91
CA LEU G 4859 63.01 -28.99 -40.32
C LEU G 4859 62.06 -27.83 -40.49
N ALA G 4860 60.96 -28.07 -41.20
CA ALA G 4860 59.81 -27.17 -41.12
C ALA G 4860 59.34 -27.02 -39.69
N ILE G 4861 59.49 -28.07 -38.87
CA ILE G 4861 59.07 -27.97 -37.47
C ILE G 4861 59.99 -27.03 -36.69
N ILE G 4862 61.31 -27.17 -36.84
CA ILE G 4862 62.22 -26.23 -36.16
C ILE G 4862 61.97 -24.81 -36.63
N GLN G 4863 61.87 -24.62 -37.95
CA GLN G 4863 61.63 -23.29 -38.50
C GLN G 4863 60.32 -22.71 -37.99
N GLY G 4864 59.27 -23.54 -37.94
CA GLY G 4864 57.99 -23.08 -37.44
C GLY G 4864 58.04 -22.71 -35.98
N LEU G 4865 58.74 -23.51 -35.18
CA LEU G 4865 58.88 -23.17 -33.76
C LEU G 4865 59.51 -21.79 -33.60
N ILE G 4866 60.60 -21.53 -34.32
CA ILE G 4866 61.29 -20.25 -34.15
C ILE G 4866 60.43 -19.09 -34.65
N ILE G 4867 59.85 -19.23 -35.85
CA ILE G 4867 59.08 -18.13 -36.42
C ILE G 4867 57.81 -17.89 -35.62
N ASP G 4868 57.19 -18.96 -35.10
CA ASP G 4868 55.99 -18.81 -34.29
C ASP G 4868 56.32 -18.17 -32.95
N ALA G 4869 57.49 -18.48 -32.39
CA ALA G 4869 57.90 -17.78 -31.18
C ALA G 4869 58.07 -16.29 -31.44
N PHE G 4870 58.69 -15.92 -32.57
CA PHE G 4870 58.82 -14.51 -32.92
C PHE G 4870 57.45 -13.85 -33.09
N GLY G 4871 56.54 -14.53 -33.78
CA GLY G 4871 55.21 -13.99 -33.98
C GLY G 4871 54.43 -13.83 -32.69
N GLU G 4872 54.54 -14.82 -31.79
CA GLU G 4872 53.87 -14.73 -30.51
C GLU G 4872 54.44 -13.60 -29.66
N LEU G 4873 55.75 -13.39 -29.70
CA LEU G 4873 56.33 -12.27 -28.96
C LEU G 4873 55.80 -10.94 -29.49
N ARG G 4874 55.78 -10.78 -30.83
CA ARG G 4874 55.27 -9.53 -31.39
C ARG G 4874 53.78 -9.34 -31.06
N ASP G 4875 53.00 -10.43 -31.12
CA ASP G 4875 51.59 -10.34 -30.79
C ASP G 4875 51.37 -10.04 -29.32
N GLN G 4876 52.24 -10.55 -28.43
CA GLN G 4876 52.14 -10.19 -27.03
C GLN G 4876 52.42 -8.71 -26.82
N GLN G 4877 53.41 -8.16 -27.52
CA GLN G 4877 53.65 -6.72 -27.44
C GLN G 4877 52.44 -5.93 -27.92
N GLU G 4878 51.86 -6.32 -29.05
CA GLU G 4878 50.66 -5.66 -29.54
C GLU G 4878 49.50 -5.81 -28.57
N GLN G 4879 49.35 -6.96 -27.93
CA GLN G 4879 48.28 -7.17 -26.96
C GLN G 4879 48.47 -6.30 -25.73
N VAL G 4880 49.73 -6.12 -25.29
CA VAL G 4880 50.01 -5.24 -24.18
C VAL G 4880 49.58 -3.81 -24.52
N LYS G 4881 49.97 -3.34 -25.71
CA LYS G 4881 49.58 -1.99 -26.12
C LYS G 4881 48.06 -1.88 -26.27
N GLU G 4882 47.43 -2.94 -26.80
CA GLU G 4882 46.00 -2.94 -27.02
C GLU G 4882 45.25 -2.86 -25.70
N ASP G 4883 45.66 -3.65 -24.70
CA ASP G 4883 45.04 -3.62 -23.39
C ASP G 4883 45.26 -2.28 -22.72
N MET G 4884 46.46 -1.69 -22.88
CA MET G 4884 46.69 -0.35 -22.37
C MET G 4884 45.71 0.66 -22.95
N GLU G 4885 45.46 0.60 -24.26
CA GLU G 4885 44.56 1.55 -24.89
C GLU G 4885 43.09 1.24 -24.67
N THR G 4886 42.74 0.02 -24.25
CA THR G 4886 41.34 -0.34 -24.10
C THR G 4886 40.88 -0.54 -22.65
N LYS G 4887 41.79 -0.49 -21.67
CA LYS G 4887 41.34 -0.60 -20.28
C LYS G 4887 42.29 0.18 -19.37
N CYS G 4888 41.71 0.79 -18.34
CA CYS G 4888 42.49 1.57 -17.38
C CYS G 4888 43.33 0.65 -16.51
N PHE G 4889 44.49 1.15 -16.08
CA PHE G 4889 45.44 0.32 -15.36
C PHE G 4889 44.95 -0.02 -13.96
N ILE G 4890 44.46 0.98 -13.22
CA ILE G 4890 44.15 0.78 -11.81
C ILE G 4890 42.79 0.11 -11.64
N CYS G 4891 41.72 0.77 -12.09
CA CYS G 4891 40.38 0.23 -11.86
C CYS G 4891 40.11 -0.97 -12.76
N GLY G 4892 40.65 -0.97 -13.97
CA GLY G 4892 40.43 -2.06 -14.90
C GLY G 4892 39.14 -2.01 -15.67
N ILE G 4893 38.35 -0.96 -15.52
CA ILE G 4893 37.10 -0.81 -16.25
C ILE G 4893 37.41 -0.58 -17.72
N GLY G 4894 36.55 -1.12 -18.59
CA GLY G 4894 36.76 -0.99 -20.02
C GLY G 4894 36.72 0.47 -20.48
N ASN G 4895 37.46 0.75 -21.54
CA ASN G 4895 37.55 2.11 -22.04
C ASN G 4895 36.22 2.62 -22.57
N ASP G 4896 35.37 1.71 -23.07
CA ASP G 4896 34.10 2.12 -23.67
C ASP G 4896 33.18 2.77 -22.65
N TYR G 4897 33.21 2.28 -21.41
CA TYR G 4897 32.32 2.80 -20.37
C TYR G 4897 32.55 4.28 -20.15
N PHE G 4898 33.83 4.69 -20.09
CA PHE G 4898 34.14 6.11 -20.03
C PHE G 4898 33.88 6.80 -21.36
N ASP G 4899 34.23 6.13 -22.47
CA ASP G 4899 34.10 6.72 -23.79
C ASP G 4899 32.65 6.92 -24.22
N THR G 4900 31.68 6.50 -23.41
CA THR G 4900 30.29 6.85 -23.66
C THR G 4900 30.14 8.35 -23.86
N VAL G 4901 30.75 9.14 -22.97
CA VAL G 4901 30.88 10.58 -23.17
C VAL G 4901 32.14 10.80 -24.01
N PRO G 4902 32.23 11.91 -24.76
CA PRO G 4902 33.45 12.17 -25.54
C PRO G 4902 34.67 12.34 -24.65
N HIS G 4903 35.80 11.79 -25.10
CA HIS G 4903 37.07 11.87 -24.36
C HIS G 4903 36.97 11.27 -22.96
N GLY G 4904 36.02 10.36 -22.77
CA GLY G 4904 35.82 9.78 -21.45
C GLY G 4904 37.03 8.99 -20.96
N PHE G 4905 37.57 8.11 -21.81
CA PHE G 4905 38.73 7.32 -21.42
C PHE G 4905 39.96 8.20 -21.23
N GLU G 4906 40.14 9.20 -22.09
CA GLU G 4906 41.27 10.11 -21.95
C GLU G 4906 41.20 10.86 -20.62
N THR G 4907 40.01 11.38 -20.28
CA THR G 4907 39.85 12.09 -19.01
C THR G 4907 40.07 11.15 -17.83
N HIS G 4908 39.52 9.94 -17.90
CA HIS G 4908 39.64 8.99 -16.81
C HIS G 4908 41.10 8.60 -16.57
N THR G 4909 41.85 8.38 -17.65
CA THR G 4909 43.23 7.93 -17.54
C THR G 4909 44.23 9.06 -17.42
N LEU G 4910 43.80 10.31 -17.60
CA LEU G 4910 44.70 11.45 -17.45
C LEU G 4910 44.50 12.19 -16.12
N GLN G 4911 43.27 12.30 -15.64
CA GLN G 4911 42.98 13.04 -14.42
C GLN G 4911 42.35 12.18 -13.33
N GLU G 4912 41.30 11.42 -13.67
CA GLU G 4912 40.59 10.66 -12.65
C GLU G 4912 41.45 9.53 -12.09
N HIS G 4913 42.06 8.74 -12.97
CA HIS G 4913 42.81 7.56 -12.58
C HIS G 4913 44.18 7.54 -13.23
N ASN G 4914 44.89 8.66 -13.18
CA ASN G 4914 46.22 8.75 -13.78
C ASN G 4914 47.20 7.85 -13.05
N LEU G 4915 48.05 7.18 -13.83
CA LEU G 4915 49.01 6.25 -13.24
C LEU G 4915 50.06 6.98 -12.41
N ALA G 4916 50.63 8.06 -12.95
CA ALA G 4916 51.70 8.77 -12.25
C ALA G 4916 51.15 9.55 -11.05
N ASN G 4917 49.84 9.80 -11.03
CA ASN G 4917 49.26 10.54 -9.92
C ASN G 4917 49.41 9.78 -8.60
N TYR G 4918 49.25 8.47 -8.63
CA TYR G 4918 49.42 7.67 -7.42
C TYR G 4918 50.87 7.71 -6.95
N LEU G 4919 51.82 7.68 -7.88
CA LEU G 4919 53.23 7.84 -7.51
C LEU G 4919 53.49 9.19 -6.87
N PHE G 4920 52.95 10.26 -7.46
CA PHE G 4920 53.13 11.58 -6.89
C PHE G 4920 52.49 11.68 -5.51
N PHE G 4921 51.33 11.05 -5.32
CA PHE G 4921 50.65 11.05 -4.02
C PHE G 4921 51.44 10.29 -2.98
N LEU G 4922 51.99 9.12 -3.35
CA LEU G 4922 52.84 8.39 -2.41
C LEU G 4922 54.05 9.20 -2.01
N MET G 4923 54.69 9.87 -2.99
CA MET G 4923 55.84 10.72 -2.66
C MET G 4923 55.44 11.88 -1.76
N TYR G 4924 54.26 12.47 -2.02
CA TYR G 4924 53.78 13.58 -1.21
C TYR G 4924 53.53 13.13 0.22
N LEU G 4925 52.96 11.94 0.40
CA LEU G 4925 52.82 11.34 1.72
C LEU G 4925 54.15 11.10 2.42
N ILE G 4926 55.13 10.59 1.69
CA ILE G 4926 56.46 10.36 2.27
C ILE G 4926 57.10 11.67 2.73
N ASN G 4927 57.03 12.72 1.92
CA ASN G 4927 57.65 13.99 2.29
C ASN G 4927 56.87 14.67 3.42
N LYS G 4928 55.55 14.57 3.41
CA LYS G 4928 54.74 15.27 4.40
C LYS G 4928 54.93 14.67 5.78
N ASP G 4929 54.83 15.50 6.81
CA ASP G 4929 54.86 15.03 8.18
C ASP G 4929 53.58 14.29 8.50
N GLU G 4930 53.69 13.22 9.29
CA GLU G 4930 52.54 12.41 9.66
C GLU G 4930 51.55 13.21 10.50
N THR G 4931 52.06 14.20 11.25
CA THR G 4931 51.18 15.01 12.08
C THR G 4931 50.25 15.88 11.25
N GLU G 4932 50.69 16.29 10.06
CA GLU G 4932 49.89 17.11 9.16
C GLU G 4932 49.04 16.29 8.21
N HIS G 4933 49.05 14.97 8.33
CA HIS G 4933 48.27 14.12 7.45
C HIS G 4933 46.77 14.36 7.68
N THR G 4934 46.02 14.41 6.58
CA THR G 4934 44.57 14.45 6.66
C THR G 4934 44.03 13.06 6.98
N GLY G 4935 42.71 12.93 7.07
CA GLY G 4935 42.13 11.62 7.34
C GLY G 4935 42.42 10.62 6.23
N GLN G 4936 42.18 11.04 4.98
CA GLN G 4936 42.46 10.16 3.84
C GLN G 4936 43.94 9.84 3.74
N GLU G 4937 44.79 10.84 3.94
CA GLU G 4937 46.23 10.65 3.85
C GLU G 4937 46.70 9.66 4.91
N SER G 4938 46.21 9.81 6.14
CA SER G 4938 46.58 8.89 7.21
C SER G 4938 46.07 7.48 6.94
N TYR G 4939 44.86 7.37 6.38
CA TYR G 4939 44.31 6.06 6.03
C TYR G 4939 45.20 5.35 5.02
N VAL G 4940 45.56 6.06 3.94
CA VAL G 4940 46.39 5.48 2.89
C VAL G 4940 47.77 5.12 3.45
N TRP G 4941 48.34 6.02 4.26
CA TRP G 4941 49.64 5.75 4.88
C TRP G 4941 49.59 4.51 5.76
N LYS G 4942 48.56 4.39 6.60
CA LYS G 4942 48.44 3.26 7.51
C LYS G 4942 48.34 1.96 6.74
N MET G 4943 47.46 1.89 5.74
CA MET G 4943 47.31 0.61 5.05
C MET G 4943 48.46 0.36 4.08
N TYR G 4944 49.21 1.41 3.72
CA TYR G 4944 50.44 1.20 2.97
C TYR G 4944 51.50 0.51 3.81
N GLN G 4945 51.73 0.99 5.03
CA GLN G 4945 52.68 0.30 5.90
C GLN G 4945 52.13 -1.00 6.46
N GLU G 4946 50.82 -1.24 6.36
CA GLU G 4946 50.26 -2.56 6.62
C GLU G 4946 50.21 -3.41 5.35
N ARG G 4947 50.66 -2.89 4.23
CA ARG G 4947 50.71 -3.60 2.94
C ARG G 4947 49.33 -4.09 2.55
N CYS G 4948 48.35 -3.20 2.71
CA CYS G 4948 46.97 -3.45 2.34
C CYS G 4948 46.62 -2.54 1.17
N TRP G 4949 46.47 -3.14 -0.02
CA TRP G 4949 46.22 -2.40 -1.24
C TRP G 4949 44.74 -2.32 -1.59
N GLU G 4950 43.85 -2.47 -0.61
CA GLU G 4950 42.42 -2.35 -0.87
C GLU G 4950 42.01 -0.92 -1.14
N PHE G 4951 42.83 0.06 -0.76
CA PHE G 4951 42.46 1.46 -1.00
C PHE G 4951 42.44 1.77 -2.50
N PHE G 4952 43.14 0.98 -3.29
CA PHE G 4952 43.09 1.14 -4.74
C PHE G 4952 41.71 0.76 -5.25
N PRO G 4953 41.13 1.55 -6.16
CA PRO G 4953 39.83 1.17 -6.73
C PRO G 4953 39.92 -0.14 -7.49
N ALA G 4954 38.84 -0.92 -7.39
CA ALA G 4954 38.76 -2.22 -8.05
C ALA G 4954 37.44 -2.31 -8.79
N GLY G 4955 37.49 -2.10 -10.11
CA GLY G 4955 36.29 -2.13 -10.93
C GLY G 4955 35.28 -1.09 -10.54
N ASP G 4956 35.75 0.10 -10.17
CA ASP G 4956 34.87 1.18 -9.75
C ASP G 4956 35.59 2.51 -9.95
N CYS G 4957 34.80 3.58 -10.01
CA CYS G 4957 35.33 4.93 -10.16
C CYS G 4957 34.35 5.90 -9.53
N PHE G 4958 34.73 7.18 -9.52
CA PHE G 4958 33.85 8.22 -9.01
C PHE G 4958 32.58 8.33 -9.86
N ARG G 4959 32.75 8.25 -11.18
CA ARG G 4959 31.61 8.33 -12.09
C ARG G 4959 30.64 7.19 -11.87
N LYS G 4960 31.15 5.98 -11.69
CA LYS G 4960 30.29 4.84 -11.43
C LYS G 4960 29.64 4.93 -10.04
N GLN G 4961 30.41 5.39 -9.05
CA GLN G 4961 29.89 5.48 -7.69
C GLN G 4961 28.74 6.46 -7.60
N TYR G 4962 28.84 7.61 -8.26
CA TYR G 4962 27.77 8.60 -8.18
C TYR G 4962 27.11 8.83 -9.54
N GLU G 4963 27.01 7.77 -10.35
CA GLU G 4963 26.47 7.93 -11.71
C GLU G 4963 25.04 8.43 -11.70
N ASP G 4964 24.19 7.84 -10.86
CA ASP G 4964 22.80 8.28 -10.78
C ASP G 4964 22.72 9.72 -10.27
N GLN G 4965 23.56 10.07 -9.30
CA GLN G 4965 23.56 11.43 -8.77
C GLN G 4965 24.21 12.40 -9.76
N LEU G 4966 25.32 11.99 -10.37
CA LEU G 4966 26.00 12.86 -11.33
C LEU G 4966 25.15 13.09 -12.58
N ASN G 4967 24.60 12.02 -13.14
CA ASN G 4967 23.81 12.11 -14.35
C ASN G 4967 22.89 10.91 -14.54
N GLU H 10 12.72 24.45 11.86
CA GLU H 10 13.79 25.42 11.78
C GLU H 10 13.24 26.81 12.14
N ILE H 11 13.73 27.36 13.25
CA ILE H 11 13.23 28.65 13.73
C ILE H 11 13.61 29.75 12.75
N GLN H 12 12.65 30.60 12.41
CA GLN H 12 12.89 31.67 11.46
C GLN H 12 13.68 32.80 12.12
N PHE H 13 14.39 33.56 11.30
CA PHE H 13 15.13 34.73 11.74
C PHE H 13 14.63 35.96 10.99
N LEU H 14 14.27 36.99 11.73
CA LEU H 14 13.72 38.21 11.14
C LEU H 14 14.76 38.89 10.26
N ARG H 15 14.31 39.52 9.18
CA ARG H 15 15.22 40.13 8.23
C ARG H 15 14.56 41.28 7.47
N THR H 16 15.40 42.13 6.89
CA THR H 16 15.01 43.30 6.12
C THR H 16 14.10 42.92 4.96
N ASP H 17 13.44 43.94 4.41
CA ASP H 17 12.43 43.79 3.36
C ASP H 17 11.24 42.97 3.83
N ASP H 18 11.19 42.63 5.12
CA ASP H 18 10.04 41.99 5.73
C ASP H 18 9.27 43.02 6.53
N GLU H 19 7.97 42.79 6.67
CA GLU H 19 7.08 43.74 7.32
C GLU H 19 6.77 43.23 8.73
N VAL H 20 7.03 44.08 9.72
CA VAL H 20 6.95 43.69 11.13
C VAL H 20 6.20 44.76 11.91
N VAL H 21 5.66 44.35 13.06
CA VAL H 21 5.02 45.26 13.99
C VAL H 21 5.77 45.18 15.33
N LEU H 22 6.04 46.34 15.92
CA LEU H 22 6.74 46.40 17.20
C LEU H 22 5.70 46.42 18.32
N GLN H 23 5.68 45.36 19.12
CA GLN H 23 4.70 45.21 20.19
C GLN H 23 5.35 45.40 21.55
N CYS H 24 4.62 46.07 22.44
CA CYS H 24 5.02 46.25 23.82
C CYS H 24 3.84 45.91 24.72
N THR H 25 4.14 45.44 25.92
CA THR H 25 3.13 45.01 26.88
C THR H 25 2.84 46.12 27.88
N ALA H 26 1.56 46.27 28.22
CA ALA H 26 1.12 47.26 29.20
C ALA H 26 0.28 46.55 30.25
N THR H 27 0.67 46.71 31.52
CA THR H 27 -0.03 46.07 32.63
C THR H 27 -0.99 47.09 33.25
N ILE H 28 -2.27 47.00 32.87
CA ILE H 28 -3.32 47.84 33.40
C ILE H 28 -4.36 46.95 34.05
N HIS H 29 -4.78 47.32 35.27
CA HIS H 29 -5.69 46.52 36.08
C HIS H 29 -5.11 45.13 36.34
N LYS H 30 -3.79 45.05 36.52
CA LYS H 30 -3.07 43.80 36.73
C LYS H 30 -3.27 42.85 35.54
N GLU H 31 -3.54 43.41 34.37
CA GLU H 31 -3.79 42.62 33.16
C GLU H 31 -2.92 43.18 32.04
N GLN H 32 -2.29 42.29 31.29
CA GLN H 32 -1.36 42.70 30.24
C GLN H 32 -2.09 42.94 28.93
N GLN H 33 -1.89 44.11 28.33
CA GLN H 33 -2.46 44.46 27.04
C GLN H 33 -1.32 44.72 26.06
N LYS H 34 -1.29 43.95 24.97
CA LYS H 34 -0.26 44.15 23.96
C LYS H 34 -0.64 45.32 23.06
N LEU H 35 0.35 46.18 22.78
CA LEU H 35 0.13 47.37 21.97
C LEU H 35 1.21 47.46 20.89
N CYS H 36 0.81 47.84 19.69
CA CYS H 36 1.75 48.06 18.60
C CYS H 36 2.01 49.54 18.43
N LEU H 37 3.26 49.89 18.15
CA LEU H 37 3.64 51.27 17.93
C LEU H 37 3.01 51.76 16.63
N ALA H 38 2.19 52.80 16.72
CA ALA H 38 1.43 53.31 15.59
C ALA H 38 1.72 54.79 15.41
N ALA H 39 1.66 55.23 14.15
CA ALA H 39 1.89 56.63 13.81
C ALA H 39 1.24 56.95 12.47
N GLU H 40 0.29 57.89 12.46
CA GLU H 40 -0.39 58.29 11.24
C GLU H 40 0.53 59.24 10.47
N GLY H 41 0.81 58.91 9.21
CA GLY H 41 1.78 59.64 8.43
C GLY H 41 1.52 61.13 8.29
N PHE H 42 0.48 61.49 7.54
CA PHE H 42 0.12 62.89 7.41
C PHE H 42 -0.72 63.32 8.61
N GLY H 43 -0.43 64.51 9.14
CA GLY H 43 -1.09 64.98 10.34
C GLY H 43 -0.21 64.89 11.56
N ASN H 44 -0.47 63.91 12.43
CA ASN H 44 0.24 63.77 13.69
C ASN H 44 1.49 62.92 13.48
N ARG H 45 2.65 63.58 13.44
CA ARG H 45 3.91 62.85 13.36
C ARG H 45 4.22 62.07 14.61
N LEU H 46 3.61 62.44 15.75
CA LEU H 46 3.89 61.76 17.01
C LEU H 46 3.34 60.34 16.97
N CYS H 47 4.13 59.40 17.49
CA CYS H 47 3.70 58.01 17.55
C CYS H 47 2.78 57.78 18.74
N PHE H 48 2.01 56.70 18.66
CA PHE H 48 1.10 56.32 19.73
C PHE H 48 0.93 54.81 19.72
N LEU H 49 -0.01 54.33 20.54
CA LEU H 49 -0.27 52.90 20.67
C LEU H 49 -1.75 52.63 20.48
N GLU H 50 -2.06 51.54 19.78
CA GLU H 50 -3.43 51.06 19.62
C GLU H 50 -3.48 49.61 20.07
N SER H 51 -4.58 49.22 20.72
CA SER H 51 -4.67 47.91 21.34
C SER H 51 -4.71 46.80 20.30
N THR H 52 -3.97 45.73 20.56
CA THR H 52 -4.00 44.53 19.73
C THR H 52 -4.49 43.31 20.49
N SER H 53 -4.73 43.45 21.81
CA SER H 53 -5.22 42.35 22.62
C SER H 53 -6.73 42.19 22.54
N ASN H 54 -7.44 43.25 22.16
CA ASN H 54 -8.90 43.24 22.07
C ASN H 54 -9.38 43.07 20.64
N SER H 55 -8.71 42.24 19.85
CA SER H 55 -9.03 42.08 18.44
C SER H 55 -10.47 41.60 18.23
N LYS H 56 -10.97 40.78 19.17
CA LYS H 56 -12.32 40.25 19.04
C LYS H 56 -13.36 41.37 19.07
N ASN H 57 -13.21 42.32 19.98
CA ASN H 57 -14.20 43.38 20.12
C ASN H 57 -13.87 44.56 19.22
N VAL H 58 -12.62 45.03 19.24
CA VAL H 58 -12.18 46.19 18.48
C VAL H 58 -11.10 45.76 17.51
N PRO H 59 -11.30 45.87 16.20
CA PRO H 59 -10.27 45.50 15.24
C PRO H 59 -9.04 46.38 15.40
N PRO H 60 -7.84 45.80 15.30
CA PRO H 60 -6.62 46.62 15.31
C PRO H 60 -6.30 47.14 13.92
N ASP H 61 -5.84 48.39 13.88
CA ASP H 61 -5.43 49.02 12.62
C ASP H 61 -3.92 48.83 12.48
N LEU H 62 -3.52 47.72 11.85
CA LEU H 62 -2.12 47.38 11.69
C LEU H 62 -1.44 48.11 10.55
N SER H 63 -2.21 48.78 9.68
CA SER H 63 -1.62 49.48 8.56
C SER H 63 -0.70 50.61 9.03
N ILE H 64 -0.91 51.11 10.24
CA ILE H 64 -0.07 52.17 10.79
C ILE H 64 0.86 51.61 11.85
N CYS H 65 0.76 50.30 12.11
CA CYS H 65 1.65 49.63 13.04
C CYS H 65 2.74 48.82 12.35
N THR H 66 2.60 48.55 11.06
CA THR H 66 3.59 47.78 10.32
C THR H 66 4.77 48.66 9.92
N PHE H 67 5.98 48.14 10.09
CA PHE H 67 7.21 48.81 9.68
C PHE H 67 8.06 47.86 8.85
N VAL H 68 8.94 48.44 8.03
CA VAL H 68 9.82 47.68 7.15
C VAL H 68 11.26 47.93 7.56
N LEU H 69 12.04 46.87 7.71
CA LEU H 69 13.46 46.95 8.05
C LEU H 69 14.22 47.31 6.78
N GLU H 70 14.80 48.51 6.73
CA GLU H 70 15.51 48.96 5.55
C GLU H 70 16.92 48.40 5.49
N GLN H 71 17.76 48.75 6.46
CA GLN H 71 19.16 48.36 6.45
C GLN H 71 19.61 48.03 7.87
N SER H 72 20.57 47.11 7.96
CA SER H 72 21.18 46.70 9.23
C SER H 72 22.69 46.79 9.08
N LEU H 73 23.25 47.94 9.45
CA LEU H 73 24.67 48.18 9.32
C LEU H 73 25.36 48.09 10.67
N SER H 74 26.64 47.72 10.64
CA SER H 74 27.43 47.68 11.86
C SER H 74 27.69 49.09 12.36
N VAL H 75 28.06 49.19 13.64
CA VAL H 75 28.31 50.49 14.25
C VAL H 75 29.43 51.23 13.51
N ARG H 76 30.51 50.50 13.20
CA ARG H 76 31.63 51.12 12.51
C ARG H 76 31.23 51.62 11.13
N ALA H 77 30.49 50.79 10.38
CA ALA H 77 30.08 51.15 9.03
C ALA H 77 29.17 52.37 9.05
N LEU H 78 28.18 52.37 9.95
CA LEU H 78 27.28 53.51 10.03
C LEU H 78 27.99 54.78 10.46
N GLN H 79 28.90 54.69 11.44
CA GLN H 79 29.69 55.86 11.83
C GLN H 79 30.50 56.40 10.66
N GLU H 80 31.16 55.51 9.92
CA GLU H 80 32.00 55.95 8.81
C GLU H 80 31.16 56.60 7.71
N MET H 81 30.01 56.00 7.37
CA MET H 81 29.22 56.53 6.27
C MET H 81 28.52 57.83 6.66
N LEU H 82 28.10 57.94 7.93
CA LEU H 82 27.57 59.20 8.43
C LEU H 82 28.65 60.28 8.43
N ALA H 83 29.90 59.90 8.69
CA ALA H 83 30.99 60.84 8.56
C ALA H 83 31.18 61.26 7.11
N ASN H 84 31.00 60.33 6.18
CA ASN H 84 31.06 60.65 4.76
C ASN H 84 29.89 61.55 4.35
N HIS H 110 20.51 41.38 1.05
CA HIS H 110 19.61 40.67 1.95
C HIS H 110 20.43 39.85 2.94
N ARG H 111 20.99 40.55 3.92
CA ARG H 111 21.88 39.99 4.93
C ARG H 111 21.07 39.27 6.01
N THR H 112 21.66 39.06 7.18
CA THR H 112 20.96 38.51 8.34
C THR H 112 21.19 39.40 9.56
N LEU H 113 20.10 39.74 10.28
CA LEU H 113 20.21 40.52 11.51
C LEU H 113 21.06 39.80 12.55
N LEU H 114 21.87 40.59 13.24
CA LEU H 114 22.61 40.15 14.41
C LEU H 114 22.42 41.20 15.50
N TYR H 115 22.34 40.77 16.76
CA TYR H 115 22.27 41.72 17.85
C TYR H 115 23.53 42.57 17.89
N GLY H 116 23.36 43.85 18.19
CA GLY H 116 24.44 44.82 18.12
C GLY H 116 24.47 45.64 16.86
N HIS H 117 23.53 45.45 15.95
CA HIS H 117 23.40 46.26 14.75
C HIS H 117 22.47 47.44 15.02
N ALA H 118 22.44 48.36 14.06
CA ALA H 118 21.48 49.46 14.06
C ALA H 118 20.54 49.28 12.89
N ILE H 119 19.24 49.28 13.18
CA ILE H 119 18.21 49.00 12.18
C ILE H 119 17.53 50.30 11.78
N LEU H 120 17.13 50.37 10.52
CA LEU H 120 16.41 51.51 9.97
C LEU H 120 14.96 51.07 9.74
N LEU H 121 14.06 51.56 10.59
CA LEU H 121 12.65 51.22 10.48
C LEU H 121 11.93 52.27 9.64
N ARG H 122 11.26 51.82 8.58
CA ARG H 122 10.50 52.68 7.69
C ARG H 122 9.03 52.34 7.81
N HIS H 123 8.21 53.34 8.09
CA HIS H 123 6.77 53.13 8.24
C HIS H 123 6.17 52.78 6.89
N SER H 124 5.54 51.60 6.82
CA SER H 124 5.09 51.06 5.53
C SER H 124 4.08 51.99 4.85
N TYR H 125 3.13 52.52 5.61
CA TYR H 125 2.10 53.37 5.03
C TYR H 125 2.68 54.71 4.60
N SER H 126 3.25 55.45 5.54
CA SER H 126 3.66 56.82 5.25
C SER H 126 4.92 56.87 4.40
N GLY H 127 5.79 55.86 4.53
CA GLY H 127 7.09 55.88 3.89
C GLY H 127 8.13 56.71 4.63
N MET H 128 7.86 57.10 5.87
CA MET H 128 8.78 57.87 6.68
C MET H 128 9.41 56.99 7.77
N TYR H 129 10.56 57.44 8.28
CA TYR H 129 11.38 56.62 9.16
C TYR H 129 11.19 57.00 10.63
N LEU H 130 11.16 55.99 11.49
CA LEU H 130 11.12 56.22 12.92
C LEU H 130 12.37 56.96 13.39
N CYS H 131 12.20 57.87 14.34
CA CYS H 131 13.30 58.69 14.81
C CYS H 131 12.94 59.26 16.18
N CYS H 132 13.96 59.82 16.83
CA CYS H 132 13.76 60.66 18.00
C CYS H 132 13.62 62.11 17.54
N LEU H 133 12.49 62.73 17.89
CA LEU H 133 12.14 64.02 17.31
C LEU H 133 13.04 65.15 17.79
N SER H 134 13.84 64.92 18.83
CA SER H 134 14.73 65.87 19.49
C SER H 134 13.94 66.94 20.24
N THR H 135 12.61 66.95 20.16
CA THR H 135 11.77 67.80 20.98
C THR H 135 11.14 66.94 22.08
N SER H 136 10.59 67.62 23.09
CA SER H 136 10.04 66.92 24.24
C SER H 136 8.80 67.63 24.74
N ARG H 137 7.70 66.88 24.85
CA ARG H 137 6.53 67.39 25.58
C ARG H 137 6.82 67.53 27.06
N SER H 138 7.84 66.82 27.57
CA SER H 138 8.28 66.90 28.95
C SER H 138 7.13 66.66 29.93
N SER H 139 6.29 65.68 29.62
CA SER H 139 5.18 65.33 30.50
C SER H 139 5.64 64.66 31.79
N THR H 140 6.74 63.91 31.76
CA THR H 140 7.24 63.29 32.97
C THR H 140 8.54 63.97 33.42
N ASP H 141 9.54 63.99 32.55
CA ASP H 141 10.83 64.58 32.86
C ASP H 141 11.37 65.36 31.67
N LYS H 142 12.55 65.93 31.86
CA LYS H 142 13.15 66.79 30.85
C LYS H 142 14.12 65.99 29.96
N LEU H 143 14.58 64.85 30.44
CA LEU H 143 15.53 64.05 29.67
C LEU H 143 14.85 63.35 28.50
N ALA H 144 13.66 62.79 28.73
CA ALA H 144 12.99 62.01 27.70
C ALA H 144 12.57 62.90 26.53
N PHE H 145 12.72 62.36 25.33
CA PHE H 145 12.32 63.05 24.10
C PHE H 145 11.16 62.31 23.45
N ASP H 146 10.58 62.93 22.43
CA ASP H 146 9.48 62.34 21.70
C ASP H 146 9.99 61.49 20.54
N VAL H 147 9.17 60.50 20.17
CA VAL H 147 9.50 59.57 19.09
C VAL H 147 8.47 59.79 17.98
N GLY H 148 8.94 60.13 16.79
CA GLY H 148 8.06 60.37 15.67
C GLY H 148 8.59 59.80 14.37
N LEU H 149 8.16 60.37 13.25
CA LEU H 149 8.55 59.93 11.92
C LEU H 149 9.22 61.07 11.17
N GLN H 150 10.30 60.76 10.45
CA GLN H 150 11.12 61.77 9.79
C GLN H 150 11.22 61.46 8.30
N GLU H 151 11.16 62.51 7.47
CA GLU H 151 11.35 62.35 6.02
C GLU H 151 12.75 61.87 5.70
N ASP H 152 13.76 62.49 6.30
CA ASP H 152 15.14 62.33 5.86
C ASP H 152 15.84 61.29 6.72
N THR H 153 16.59 60.38 6.08
CA THR H 153 17.38 59.39 6.78
C THR H 153 18.65 59.95 7.39
N THR H 154 19.26 60.95 6.75
CA THR H 154 20.53 61.50 7.22
C THR H 154 20.41 62.02 8.65
N GLY H 155 21.41 61.71 9.46
CA GLY H 155 21.37 61.98 10.88
C GLY H 155 21.20 60.70 11.69
N GLU H 156 21.62 60.76 12.95
CA GLU H 156 21.59 59.60 13.83
C GLU H 156 20.23 59.38 14.48
N ALA H 157 19.27 60.27 14.25
CA ALA H 157 17.94 60.11 14.85
C ALA H 157 17.19 58.93 14.26
N CYS H 158 17.32 58.71 12.94
CA CYS H 158 16.55 57.66 12.29
C CYS H 158 17.04 56.27 12.67
N TRP H 159 18.34 56.11 12.87
CA TRP H 159 18.92 54.80 13.15
C TRP H 159 18.68 54.40 14.60
N TRP H 160 18.31 53.14 14.80
CA TRP H 160 18.09 52.58 16.14
C TRP H 160 18.89 51.30 16.28
N THR H 161 19.68 51.22 17.35
CA THR H 161 20.52 50.06 17.60
C THR H 161 19.71 48.98 18.31
N ILE H 162 19.80 47.75 17.78
CA ILE H 162 19.12 46.61 18.39
C ILE H 162 20.05 45.99 19.43
N HIS H 163 19.55 45.85 20.66
CA HIS H 163 20.30 45.20 21.72
C HIS H 163 19.53 44.01 22.25
N PRO H 164 20.21 42.91 22.58
CA PRO H 164 19.49 41.72 23.06
C PRO H 164 18.97 41.95 24.48
N ALA H 165 17.66 41.81 24.64
CA ALA H 165 17.01 41.95 25.93
C ALA H 165 17.01 40.66 26.74
N SER H 166 17.49 39.56 26.17
CA SER H 166 17.54 38.27 26.84
C SER H 166 18.99 37.88 27.07
N LYS H 167 19.29 37.38 28.28
CA LYS H 167 20.64 36.94 28.59
C LYS H 167 21.03 35.74 27.76
N GLN H 168 20.07 35.03 27.20
CA GLN H 168 20.31 33.91 26.29
C GLN H 168 20.74 34.37 24.90
N ARG H 169 20.85 35.68 24.71
CA ARG H 169 21.26 36.26 23.45
C ARG H 169 22.48 37.14 23.68
N SER H 170 23.44 37.09 22.75
CA SER H 170 24.66 37.88 22.83
C SER H 170 24.84 38.66 21.55
N GLU H 171 25.66 39.70 21.61
CA GLU H 171 25.95 40.52 20.44
C GLU H 171 26.52 39.66 19.32
N GLY H 172 25.90 39.74 18.14
CA GLY H 172 26.26 38.94 16.99
C GLY H 172 25.37 37.74 16.77
N GLU H 173 24.55 37.38 17.75
CA GLU H 173 23.63 36.26 17.58
C GLU H 173 22.52 36.63 16.60
N LYS H 174 21.94 35.61 15.98
CA LYS H 174 20.86 35.83 15.02
C LYS H 174 19.59 36.23 15.74
N VAL H 175 18.93 37.29 15.25
CA VAL H 175 17.71 37.75 15.87
C VAL H 175 16.58 36.75 15.63
N ARG H 176 15.91 36.36 16.71
CA ARG H 176 14.86 35.35 16.64
C ARG H 176 13.50 35.99 16.54
N VAL H 177 12.57 35.30 15.88
CA VAL H 177 11.21 35.79 15.73
C VAL H 177 10.53 35.92 17.09
N GLY H 178 10.64 34.90 17.94
CA GLY H 178 10.05 34.93 19.26
C GLY H 178 10.83 35.69 20.29
N ASP H 179 11.99 36.25 19.92
CA ASP H 179 12.82 36.97 20.86
C ASP H 179 12.19 38.30 21.26
N ASP H 180 12.59 38.79 22.43
CA ASP H 180 12.13 40.06 22.96
C ASP H 180 13.29 41.04 22.92
N LEU H 181 13.03 42.27 22.47
CA LEU H 181 14.08 43.21 22.10
C LEU H 181 14.00 44.48 22.93
N ILE H 182 15.14 45.15 23.03
CA ILE H 182 15.26 46.49 23.59
C ILE H 182 15.99 47.35 22.57
N LEU H 183 15.46 48.54 22.30
CA LEU H 183 16.01 49.41 21.27
C LEU H 183 16.63 50.65 21.90
N VAL H 184 17.78 51.06 21.34
CA VAL H 184 18.49 52.26 21.77
C VAL H 184 18.71 53.15 20.56
N SER H 185 18.31 54.42 20.70
CA SER H 185 18.46 55.40 19.62
C SER H 185 19.93 55.78 19.50
N VAL H 186 20.40 55.91 18.25
CA VAL H 186 21.80 56.26 18.01
C VAL H 186 22.06 57.70 18.45
N SER H 187 21.13 58.61 18.12
CA SER H 187 21.36 60.02 18.40
C SER H 187 21.18 60.33 19.89
N SER H 188 20.06 59.91 20.47
CA SER H 188 19.74 60.27 21.84
C SER H 188 20.34 59.33 22.87
N GLU H 189 20.63 58.07 22.50
CA GLU H 189 21.05 57.04 23.45
C GLU H 189 20.03 56.85 24.55
N ARG H 190 18.76 57.05 24.23
CA ARG H 190 17.65 56.68 25.10
C ARG H 190 17.09 55.34 24.63
N TYR H 191 16.28 54.73 25.49
CA TYR H 191 15.63 53.47 25.19
C TYR H 191 14.19 53.74 24.75
N LEU H 192 13.73 52.98 23.77
CA LEU H 192 12.33 53.08 23.35
C LEU H 192 11.45 52.61 24.50
N HIS H 193 10.81 53.57 25.18
CA HIS H 193 10.21 53.33 26.48
C HIS H 193 8.72 53.61 26.44
N LEU H 194 7.93 52.69 26.95
CA LEU H 194 6.50 52.90 27.16
C LEU H 194 6.29 53.47 28.56
N SER H 195 5.75 54.68 28.63
CA SER H 195 5.66 55.42 29.89
C SER H 195 4.29 55.22 30.52
N TYR H 196 4.27 54.64 31.72
CA TYR H 196 3.04 54.54 32.51
C TYR H 196 2.75 55.80 33.30
N GLY H 197 3.73 56.69 33.46
CA GLY H 197 3.53 57.86 34.31
C GLY H 197 2.45 58.78 33.79
N ASN H 198 2.34 58.91 32.46
CA ASN H 198 1.29 59.72 31.87
C ASN H 198 -0.07 59.08 32.12
N GLY H 199 -1.11 59.91 32.07
CA GLY H 199 -2.47 59.39 32.22
C GLY H 199 -2.82 58.37 31.16
N SER H 200 -2.35 58.58 29.94
CA SER H 200 -2.53 57.64 28.84
C SER H 200 -1.18 57.02 28.49
N LEU H 201 -1.21 55.75 28.09
CA LEU H 201 0.01 55.06 27.68
C LEU H 201 0.68 55.79 26.53
N HIS H 202 1.97 56.07 26.67
CA HIS H 202 2.71 56.88 25.73
C HIS H 202 4.05 56.21 25.43
N VAL H 203 4.61 56.49 24.27
CA VAL H 203 5.94 56.02 23.89
C VAL H 203 6.87 57.23 23.86
N ASP H 204 7.99 57.11 24.57
CA ASP H 204 9.00 58.17 24.63
C ASP H 204 10.37 57.52 24.63
N ALA H 205 11.37 58.31 24.24
CA ALA H 205 12.76 57.89 24.30
C ALA H 205 13.30 58.26 25.69
N ALA H 206 13.45 57.27 26.55
CA ALA H 206 13.88 57.50 27.92
C ALA H 206 14.99 56.52 28.27
N PHE H 207 15.72 56.83 29.35
CA PHE H 207 16.82 55.97 29.78
C PHE H 207 16.29 54.72 30.48
N GLN H 208 15.05 54.75 30.94
CA GLN H 208 14.39 53.52 31.35
C GLN H 208 14.09 52.66 30.12
N GLN H 209 14.25 51.35 30.26
CA GLN H 209 14.16 50.44 29.13
C GLN H 209 12.88 49.62 29.20
N THR H 210 12.29 49.37 28.04
CA THR H 210 11.06 48.60 27.91
C THR H 210 11.23 47.52 26.85
N LEU H 211 10.75 46.33 27.17
CA LEU H 211 10.90 45.16 26.31
C LEU H 211 9.92 45.26 25.15
N TRP H 212 10.46 45.20 23.92
CA TRP H 212 9.64 45.27 22.71
C TRP H 212 9.70 43.95 21.97
N SER H 213 8.53 43.35 21.75
CA SER H 213 8.43 42.13 20.96
C SER H 213 8.01 42.48 19.55
N VAL H 214 8.70 41.92 18.57
CA VAL H 214 8.44 42.20 17.16
C VAL H 214 7.91 40.94 16.51
N ALA H 215 6.73 41.05 15.88
CA ALA H 215 6.02 39.94 15.26
C ALA H 215 5.91 40.17 13.76
N PRO H 216 6.30 39.20 12.94
CA PRO H 216 6.31 39.42 11.48
C PRO H 216 4.89 39.59 10.94
N ILE H 217 4.75 40.40 9.91
CA ILE H 217 3.50 40.53 9.18
C ILE H 217 3.55 39.75 7.87
N SER H 218 4.60 39.97 7.09
CA SER H 218 4.81 39.26 5.83
C SER H 218 6.26 39.45 5.41
N SER H 219 6.69 38.60 4.47
CA SER H 219 8.02 38.69 3.90
C SER H 219 7.90 38.94 2.41
N GLY H 220 8.64 39.94 1.91
CA GLY H 220 8.48 40.35 0.53
C GLY H 220 8.94 39.30 -0.47
N SER H 221 10.04 38.62 -0.18
CA SER H 221 10.62 37.68 -1.14
C SER H 221 9.68 36.51 -1.40
N GLU H 222 9.06 35.97 -0.35
CA GLU H 222 8.16 34.83 -0.52
C GLU H 222 6.78 35.22 -1.05
N ALA H 223 6.50 36.51 -1.16
CA ALA H 223 5.22 36.94 -1.70
C ALA H 223 5.13 36.57 -3.18
N ALA H 224 3.94 36.10 -3.59
CA ALA H 224 3.70 35.67 -4.96
C ALA H 224 2.87 36.71 -5.69
N GLN H 225 3.34 37.13 -6.86
CA GLN H 225 2.65 38.15 -7.64
C GLN H 225 1.32 37.61 -8.16
N GLY H 226 0.30 38.47 -8.14
CA GLY H 226 -1.00 38.11 -8.67
C GLY H 226 -1.87 37.28 -7.76
N TYR H 227 -1.51 37.14 -6.49
CA TYR H 227 -2.28 36.35 -5.54
C TYR H 227 -2.65 37.20 -4.34
N LEU H 228 -3.83 36.96 -3.80
CA LEU H 228 -4.33 37.74 -2.68
C LEU H 228 -3.53 37.45 -1.42
N ILE H 229 -3.08 38.52 -0.75
CA ILE H 229 -2.44 38.42 0.55
C ILE H 229 -3.18 39.33 1.52
N GLY H 230 -2.95 39.09 2.81
CA GLY H 230 -3.62 39.88 3.83
C GLY H 230 -3.20 41.33 3.80
N GLY H 231 -4.14 42.20 4.14
CA GLY H 231 -3.88 43.62 4.20
C GLY H 231 -3.98 44.36 2.88
N ASP H 232 -4.32 43.67 1.80
CA ASP H 232 -4.43 44.32 0.49
C ASP H 232 -5.65 45.22 0.44
N VAL H 233 -5.55 46.27 -0.38
CA VAL H 233 -6.70 47.09 -0.75
C VAL H 233 -7.17 46.62 -2.12
N LEU H 234 -8.40 46.14 -2.18
CA LEU H 234 -8.88 45.44 -3.37
C LEU H 234 -10.30 45.87 -3.70
N ARG H 235 -10.74 45.49 -4.89
CA ARG H 235 -12.07 45.81 -5.39
C ARG H 235 -12.85 44.52 -5.64
N LEU H 236 -14.08 44.47 -5.17
CA LEU H 236 -14.95 43.32 -5.36
C LEU H 236 -15.77 43.51 -6.64
N LEU H 237 -15.35 42.84 -7.71
CA LEU H 237 -15.94 43.01 -9.03
C LEU H 237 -16.82 41.81 -9.36
N HIS H 238 -18.05 42.09 -9.79
CA HIS H 238 -19.05 41.07 -10.07
C HIS H 238 -18.65 40.23 -11.28
N GLY H 239 -19.51 39.28 -11.64
CA GLY H 239 -19.17 38.32 -12.68
C GLY H 239 -18.90 38.97 -14.03
N HIS H 240 -19.59 40.07 -14.32
CA HIS H 240 -19.46 40.70 -15.63
C HIS H 240 -18.36 41.75 -15.66
N MET H 241 -17.71 42.01 -14.52
CA MET H 241 -16.71 43.06 -14.33
C MET H 241 -17.37 44.43 -14.32
N ASP H 242 -18.67 44.48 -14.65
CA ASP H 242 -19.31 45.76 -14.92
C ASP H 242 -19.74 46.48 -13.65
N GLU H 243 -20.16 45.76 -12.61
CA GLU H 243 -20.64 46.36 -11.38
C GLU H 243 -19.73 45.96 -10.23
N CYS H 244 -19.52 46.87 -9.30
CA CYS H 244 -18.64 46.66 -8.16
C CYS H 244 -19.37 47.00 -6.86
N LEU H 245 -19.09 46.21 -5.82
CA LEU H 245 -19.69 46.47 -4.52
C LEU H 245 -19.17 47.78 -3.96
N THR H 246 -20.09 48.68 -3.61
CA THR H 246 -19.72 50.02 -3.17
C THR H 246 -20.78 50.54 -2.21
N VAL H 247 -20.59 51.78 -1.78
CA VAL H 247 -21.52 52.47 -0.89
C VAL H 247 -22.14 53.61 -1.69
N PRO H 248 -23.22 54.21 -1.18
CA PRO H 248 -23.80 55.36 -1.89
C PRO H 248 -22.82 56.50 -2.02
N SER H 249 -23.07 57.38 -2.99
CA SER H 249 -22.21 58.53 -3.22
C SER H 249 -22.28 59.49 -2.04
N GLY H 250 -21.23 60.27 -1.88
CA GLY H 250 -21.14 61.18 -0.74
C GLY H 250 -22.11 62.35 -0.79
N GLU H 251 -23.13 62.31 0.05
CA GLU H 251 -24.00 63.46 0.28
C GLU H 251 -23.81 64.04 1.68
N HIS H 252 -22.62 63.89 2.25
CA HIS H 252 -22.24 64.41 3.56
C HIS H 252 -23.01 63.75 4.71
N GLY H 253 -23.56 62.56 4.49
CA GLY H 253 -24.21 61.83 5.57
C GLY H 253 -23.76 60.39 5.72
N GLU H 254 -23.09 60.09 6.83
CA GLU H 254 -22.61 58.73 7.05
C GLU H 254 -23.76 57.77 7.28
N GLU H 255 -24.87 58.27 7.85
CA GLU H 255 -26.02 57.40 8.11
C GLU H 255 -26.57 56.82 6.82
N GLN H 256 -26.47 57.56 5.71
CA GLN H 256 -26.93 57.05 4.43
C GLN H 256 -25.78 56.43 3.64
N ARG H 257 -24.54 56.81 3.93
CA ARG H 257 -23.38 56.12 3.37
C ARG H 257 -23.20 54.70 3.90
N ARG H 258 -23.79 54.40 5.05
CA ARG H 258 -23.61 53.12 5.73
C ARG H 258 -24.11 51.92 4.93
N THR H 259 -25.04 52.10 4.00
CA THR H 259 -25.52 50.97 3.22
C THR H 259 -24.48 50.57 2.17
N VAL H 260 -24.67 49.36 1.63
CA VAL H 260 -23.76 48.81 0.62
C VAL H 260 -24.61 48.26 -0.52
N HIS H 261 -24.11 48.40 -1.75
CA HIS H 261 -24.83 47.96 -2.93
C HIS H 261 -23.87 47.86 -4.10
N TYR H 262 -24.41 47.55 -5.27
CA TYR H 262 -23.62 47.40 -6.48
C TYR H 262 -23.86 48.57 -7.43
N GLU H 263 -22.77 49.12 -7.96
CA GLU H 263 -22.83 50.16 -8.98
C GLU H 263 -21.76 49.89 -10.03
N GLY H 264 -21.94 50.50 -11.21
CA GLY H 264 -21.01 50.33 -12.30
C GLY H 264 -20.68 51.66 -12.94
N GLY H 265 -19.63 51.62 -13.76
CA GLY H 265 -19.20 52.82 -14.48
C GLY H 265 -17.94 53.41 -13.86
N ALA H 266 -17.96 54.71 -13.59
CA ALA H 266 -16.80 55.37 -13.00
C ALA H 266 -16.58 54.94 -11.56
N VAL H 267 -17.59 54.33 -10.94
CA VAL H 267 -17.45 53.84 -9.57
C VAL H 267 -16.32 52.84 -9.46
N SER H 268 -16.08 52.06 -10.52
CA SER H 268 -15.02 51.05 -10.50
C SER H 268 -13.64 51.69 -10.39
N VAL H 269 -13.48 52.91 -10.89
CA VAL H 269 -12.17 53.56 -10.90
C VAL H 269 -12.14 54.63 -9.81
N HIS H 270 -13.27 54.84 -9.14
CA HIS H 270 -13.36 55.80 -8.05
C HIS H 270 -12.80 55.20 -6.77
N ALA H 271 -12.85 55.98 -5.69
CA ALA H 271 -12.29 55.59 -4.40
C ALA H 271 -13.35 55.11 -3.41
N ARG H 272 -14.60 54.94 -3.85
CA ARG H 272 -15.67 54.46 -3.00
C ARG H 272 -15.81 52.95 -2.99
N SER H 273 -15.08 52.25 -3.86
CA SER H 273 -15.20 50.79 -3.97
C SER H 273 -13.89 50.10 -3.58
N LEU H 274 -13.11 50.69 -2.69
CA LEU H 274 -11.86 50.13 -2.22
C LEU H 274 -12.07 49.53 -0.84
N TRP H 275 -11.73 48.26 -0.68
CA TRP H 275 -11.88 47.55 0.58
C TRP H 275 -10.54 46.95 1.00
N ARG H 276 -10.30 46.97 2.30
CA ARG H 276 -9.11 46.36 2.89
C ARG H 276 -9.51 45.05 3.55
N LEU H 277 -8.84 43.97 3.15
CA LEU H 277 -9.07 42.64 3.69
C LEU H 277 -8.10 42.44 4.85
N GLU H 278 -8.62 42.51 6.07
CA GLU H 278 -7.82 42.40 7.28
C GLU H 278 -8.06 41.03 7.91
N THR H 279 -6.98 40.29 8.15
CA THR H 279 -7.09 38.99 8.78
C THR H 279 -7.32 39.13 10.28
N LEU H 280 -7.75 38.03 10.90
CA LEU H 280 -8.04 38.02 12.33
C LEU H 280 -6.81 37.78 13.20
N ARG H 281 -5.67 37.44 12.61
CA ARG H 281 -4.45 37.18 13.36
C ARG H 281 -3.52 38.39 13.29
N VAL H 282 -2.86 38.69 14.40
CA VAL H 282 -1.97 39.83 14.46
C VAL H 282 -0.66 39.52 13.75
N ALA H 283 -0.06 38.36 14.05
CA ALA H 283 1.21 37.96 13.47
C ALA H 283 0.96 37.20 12.17
N TRP H 284 1.84 37.43 11.18
CA TRP H 284 1.70 36.83 9.85
C TRP H 284 0.34 37.18 9.22
N SER H 285 -0.09 38.42 9.42
CA SER H 285 -1.32 38.90 8.82
C SER H 285 -1.20 39.18 7.33
N GLY H 286 0.02 39.34 6.83
CA GLY H 286 0.27 39.54 5.42
C GLY H 286 0.48 38.27 4.63
N SER H 287 0.23 37.11 5.24
CA SER H 287 0.40 35.83 4.56
C SER H 287 -0.64 35.67 3.46
N HIS H 288 -0.38 34.75 2.54
CA HIS H 288 -1.31 34.47 1.46
C HIS H 288 -2.66 34.03 2.01
N ILE H 289 -3.73 34.65 1.52
CA ILE H 289 -5.07 34.29 1.96
C ILE H 289 -5.44 32.92 1.40
N ARG H 290 -6.16 32.15 2.21
CA ARG H 290 -6.55 30.79 1.86
C ARG H 290 -8.07 30.70 1.80
N TRP H 291 -8.56 29.67 1.11
CA TRP H 291 -9.99 29.44 1.04
C TRP H 291 -10.55 29.12 2.42
N GLY H 292 -11.71 29.72 2.73
CA GLY H 292 -12.31 29.53 4.04
C GLY H 292 -11.52 30.13 5.17
N GLN H 293 -10.88 31.28 4.96
CA GLN H 293 -10.12 31.97 5.98
C GLN H 293 -10.90 33.17 6.48
N PRO H 294 -11.21 33.24 7.77
CA PRO H 294 -11.95 34.40 8.29
C PRO H 294 -11.17 35.70 8.08
N PHE H 295 -11.89 36.73 7.66
CA PHE H 295 -11.30 38.06 7.49
C PHE H 295 -12.40 39.10 7.61
N ARG H 296 -11.98 40.34 7.87
CA ARG H 296 -12.88 41.46 7.99
C ARG H 296 -12.60 42.48 6.88
N LEU H 297 -13.68 43.02 6.32
CA LEU H 297 -13.59 44.01 5.25
C LEU H 297 -13.81 45.40 5.82
N ARG H 298 -12.98 46.34 5.38
CA ARG H 298 -13.04 47.73 5.84
C ARG H 298 -13.08 48.64 4.64
N HIS H 299 -14.11 49.48 4.56
CA HIS H 299 -14.17 50.47 3.50
C HIS H 299 -13.15 51.57 3.77
N VAL H 300 -12.21 51.75 2.84
CA VAL H 300 -11.07 52.64 3.08
C VAL H 300 -11.54 54.08 3.23
N THR H 301 -12.48 54.51 2.39
CA THR H 301 -12.89 55.91 2.39
C THR H 301 -13.64 56.27 3.68
N THR H 302 -14.56 55.42 4.11
CA THR H 302 -15.36 55.71 5.29
C THR H 302 -14.77 55.17 6.58
N GLY H 303 -14.00 54.08 6.51
CA GLY H 303 -13.42 53.48 7.69
C GLY H 303 -14.34 52.53 8.44
N LYS H 304 -15.58 52.38 8.00
CA LYS H 304 -16.51 51.47 8.65
C LYS H 304 -16.28 50.05 8.16
N TYR H 305 -16.63 49.09 9.01
CA TYR H 305 -16.43 47.68 8.72
C TYR H 305 -17.74 47.04 8.28
N LEU H 306 -17.67 46.28 7.18
CA LEU H 306 -18.85 45.57 6.69
C LEU H 306 -19.35 44.58 7.73
N SER H 307 -20.65 44.56 7.95
CA SER H 307 -21.24 43.75 9.00
C SER H 307 -22.67 43.38 8.64
N LEU H 308 -23.21 42.41 9.38
CA LEU H 308 -24.55 41.89 9.13
C LEU H 308 -25.44 42.20 10.33
N MET H 309 -26.59 42.82 10.09
CA MET H 309 -27.54 43.06 11.16
C MET H 309 -28.50 41.89 11.32
N GLU H 310 -29.34 41.98 12.35
CA GLU H 310 -30.29 40.91 12.66
C GLU H 310 -31.35 40.74 11.58
N ASP H 311 -31.66 41.80 10.84
CA ASP H 311 -32.62 41.70 9.74
C ASP H 311 -32.02 41.05 8.50
N LYS H 312 -30.81 40.50 8.60
CA LYS H 312 -30.07 39.84 7.52
C LYS H 312 -29.74 40.79 6.38
N ASN H 313 -29.64 42.09 6.64
CA ASN H 313 -29.23 43.07 5.65
C ASN H 313 -27.88 43.66 6.06
N LEU H 314 -26.97 43.75 5.10
CA LEU H 314 -25.63 44.28 5.39
C LEU H 314 -25.70 45.77 5.72
N LEU H 315 -24.86 46.18 6.67
CA LEU H 315 -24.79 47.58 7.07
C LEU H 315 -23.41 47.88 7.63
N LEU H 316 -22.86 49.04 7.27
CA LEU H 316 -21.57 49.46 7.79
C LEU H 316 -21.73 49.98 9.21
N MET H 317 -20.83 49.58 10.10
CA MET H 317 -20.83 50.08 11.47
C MET H 317 -19.41 50.48 11.88
N ASP H 318 -19.32 51.18 13.00
CA ASP H 318 -18.11 51.87 13.40
C ASP H 318 -17.05 50.88 13.89
N LYS H 319 -15.84 51.41 14.08
CA LYS H 319 -14.71 50.60 14.51
C LYS H 319 -14.92 50.04 15.92
N GLU H 320 -15.48 50.86 16.82
CA GLU H 320 -15.56 50.46 18.23
C GLU H 320 -16.45 49.24 18.43
N LYS H 321 -17.60 49.19 17.74
CA LYS H 321 -18.57 48.13 17.93
C LYS H 321 -18.51 47.07 16.84
N ALA H 322 -17.36 46.94 16.15
CA ALA H 322 -17.20 45.95 15.09
C ALA H 322 -16.78 44.62 15.71
N ASP H 323 -17.79 43.86 16.15
CA ASP H 323 -17.54 42.58 16.76
C ASP H 323 -17.18 41.54 15.70
N VAL H 324 -16.41 40.52 16.12
CA VAL H 324 -16.00 39.46 15.21
C VAL H 324 -17.20 38.65 14.74
N LYS H 325 -18.19 38.45 15.61
CA LYS H 325 -19.37 37.66 15.26
C LYS H 325 -20.27 38.35 14.24
N SER H 326 -20.00 39.62 13.91
CA SER H 326 -20.81 40.35 12.95
C SER H 326 -20.04 40.82 11.73
N THR H 327 -18.71 40.84 11.79
CA THR H 327 -17.89 41.47 10.74
C THR H 327 -16.95 40.49 10.04
N ALA H 328 -17.08 39.19 10.29
CA ALA H 328 -16.15 38.21 9.76
C ALA H 328 -16.78 37.49 8.56
N PHE H 329 -16.00 37.34 7.49
CA PHE H 329 -16.43 36.69 6.26
C PHE H 329 -15.33 35.77 5.74
N THR H 330 -15.74 34.79 4.92
CA THR H 330 -14.82 33.80 4.39
C THR H 330 -15.05 33.61 2.89
N PHE H 331 -13.96 33.57 2.14
CA PHE H 331 -14.03 33.21 0.72
C PHE H 331 -14.05 31.70 0.55
N ARG H 332 -14.89 31.22 -0.37
CA ARG H 332 -15.02 29.79 -0.64
C ARG H 332 -14.98 29.55 -2.14
N SER H 333 -14.39 28.41 -2.52
CA SER H 333 -14.12 28.14 -3.92
C SER H 333 -15.41 27.93 -4.71
N SER H 334 -16.32 27.11 -4.21
CA SER H 334 -17.54 26.75 -4.92
C SER H 334 -18.76 27.17 -4.12
N LYS H 335 -19.83 27.49 -4.84
CA LYS H 335 -21.06 27.96 -4.18
C LYS H 335 -21.71 26.86 -3.36
N GLU H 336 -21.58 25.61 -3.80
CA GLU H 336 -22.17 24.50 -3.07
C GLU H 336 -21.50 24.32 -1.73
N LYS H 337 -22.19 23.63 -0.82
CA LYS H 337 -21.72 23.49 0.56
C LYS H 337 -20.66 22.41 0.68
N LEU H 338 -19.49 22.63 0.08
CA LEU H 338 -18.38 21.70 0.26
C LEU H 338 -17.86 21.81 1.68
N ASP H 339 -17.27 20.73 2.19
CA ASP H 339 -16.74 20.75 3.54
C ASP H 339 -15.54 21.70 3.62
N VAL H 340 -15.74 22.87 4.20
CA VAL H 340 -14.65 23.83 4.34
C VAL H 340 -13.60 23.28 5.29
N GLY H 341 -14.02 22.71 6.41
CA GLY H 341 -13.10 22.12 7.36
C GLY H 341 -12.35 23.16 8.15
N VAL H 342 -11.51 22.66 9.06
CA VAL H 342 -10.65 23.51 9.88
C VAL H 342 -9.22 23.01 9.74
N ARG H 343 -8.34 23.88 9.24
CA ARG H 343 -6.92 23.59 9.16
C ARG H 343 -6.22 24.50 10.16
N LYS H 344 -5.21 23.96 10.84
CA LYS H 344 -4.51 24.75 11.84
C LYS H 344 -3.70 25.85 11.17
N GLU H 345 -3.86 27.08 11.66
CA GLU H 345 -3.17 28.21 11.07
C GLU H 345 -1.67 28.10 11.31
N VAL H 346 -0.89 28.42 10.29
CA VAL H 346 0.56 28.22 10.31
C VAL H 346 1.25 29.58 10.27
N ASP H 347 2.47 29.63 10.80
CA ASP H 347 3.26 30.85 10.85
C ASP H 347 4.15 30.92 9.60
N GLY H 348 3.52 31.29 8.49
CA GLY H 348 4.24 31.41 7.23
C GLY H 348 3.37 32.05 6.18
N MET H 349 4.00 32.37 5.05
CA MET H 349 3.28 33.01 3.95
C MET H 349 2.17 32.09 3.42
N GLY H 350 2.48 30.81 3.27
CA GLY H 350 1.47 29.84 2.89
C GLY H 350 1.22 29.75 1.41
N THR H 351 0.31 28.84 1.06
CA THR H 351 -0.04 28.59 -0.33
C THR H 351 -0.88 29.74 -0.89
N SER H 352 -0.70 29.98 -2.19
CA SER H 352 -1.41 31.05 -2.89
C SER H 352 -2.70 30.51 -3.52
N GLU H 353 -3.69 30.27 -2.67
CA GLU H 353 -4.93 29.64 -3.12
C GLU H 353 -5.81 30.58 -3.94
N ILE H 354 -5.79 31.88 -3.66
CA ILE H 354 -6.63 32.85 -4.36
C ILE H 354 -5.76 33.69 -5.28
N LYS H 355 -6.18 33.78 -6.54
CA LYS H 355 -5.46 34.54 -7.57
C LYS H 355 -6.31 35.73 -8.01
N TYR H 356 -5.65 36.86 -8.22
CA TYR H 356 -6.34 38.08 -8.62
C TYR H 356 -6.92 37.93 -10.02
N GLY H 357 -8.21 38.20 -10.15
CA GLY H 357 -8.88 38.13 -11.45
C GLY H 357 -9.23 36.73 -11.89
N ASP H 358 -8.23 35.84 -11.94
CA ASP H 358 -8.46 34.48 -12.43
C ASP H 358 -9.39 33.71 -11.49
N SER H 359 -9.12 33.74 -10.20
CA SER H 359 -9.91 32.99 -9.24
C SER H 359 -11.28 33.64 -9.05
N VAL H 360 -12.30 32.79 -8.90
CA VAL H 360 -13.66 33.22 -8.62
C VAL H 360 -13.99 32.85 -7.18
N CYS H 361 -14.44 33.83 -6.41
CA CYS H 361 -14.65 33.68 -4.98
C CYS H 361 -16.12 33.79 -4.63
N TYR H 362 -16.52 33.04 -3.61
CA TYR H 362 -17.86 33.12 -3.03
C TYR H 362 -17.71 33.48 -1.56
N ILE H 363 -18.42 34.52 -1.15
CA ILE H 363 -18.25 35.10 0.18
C ILE H 363 -19.48 34.80 1.03
N GLN H 364 -19.23 34.44 2.29
CA GLN H 364 -20.32 34.22 3.23
C GLN H 364 -19.92 34.73 4.61
N HIS H 365 -20.93 34.99 5.43
CA HIS H 365 -20.67 35.27 6.84
C HIS H 365 -20.22 33.99 7.54
N VAL H 366 -19.33 34.15 8.54
CA VAL H 366 -18.75 32.99 9.19
C VAL H 366 -19.79 32.24 10.01
N ASP H 367 -20.73 32.95 10.63
CA ASP H 367 -21.70 32.32 11.52
C ASP H 367 -22.95 31.87 10.78
N THR H 368 -23.65 32.81 10.14
CA THR H 368 -24.92 32.48 9.50
C THR H 368 -24.72 31.57 8.30
N GLY H 369 -23.64 31.77 7.55
CA GLY H 369 -23.39 30.97 6.37
C GLY H 369 -24.19 31.38 5.15
N LEU H 370 -24.98 32.44 5.24
CA LEU H 370 -25.72 32.95 4.09
C LEU H 370 -24.73 33.40 3.03
N TRP H 371 -25.19 33.63 1.80
CA TRP H 371 -24.31 34.10 0.73
C TRP H 371 -24.68 35.52 0.29
N LEU H 372 -23.66 36.36 0.14
CA LEU H 372 -23.87 37.71 -0.37
C LEU H 372 -24.37 37.66 -1.79
N THR H 373 -25.53 38.27 -2.04
CA THR H 373 -26.14 38.23 -3.36
C THR H 373 -26.99 39.47 -3.56
N TYR H 374 -27.26 39.75 -4.83
CA TYR H 374 -28.07 40.90 -5.20
C TYR H 374 -29.56 40.61 -5.07
N GLN H 375 -30.37 41.66 -5.04
CA GLN H 375 -31.80 41.52 -4.80
C GLN H 375 -32.52 40.78 -5.93
N SER H 376 -31.91 40.71 -7.12
CA SER H 376 -32.48 40.28 -8.39
C SER H 376 -33.42 41.34 -8.96
N VAL H 377 -33.62 42.46 -8.27
CA VAL H 377 -34.39 43.59 -8.77
C VAL H 377 -33.45 44.76 -8.97
N ASP H 378 -33.24 45.16 -10.22
CA ASP H 378 -32.31 46.23 -10.54
C ASP H 378 -33.02 47.58 -10.60
N SER H 386 -25.11 52.67 -13.41
CA SER H 386 -25.95 53.06 -12.28
C SER H 386 -27.04 52.03 -12.04
N ILE H 387 -26.63 50.76 -11.86
CA ILE H 387 -27.59 49.71 -11.61
C ILE H 387 -28.30 49.92 -10.27
N GLN H 388 -27.53 50.28 -9.23
CA GLN H 388 -28.07 50.58 -7.91
C GLN H 388 -28.89 49.39 -7.36
N ARG H 389 -28.37 48.18 -7.55
CA ARG H 389 -29.01 47.00 -6.99
C ARG H 389 -28.49 46.77 -5.58
N LYS H 390 -29.39 46.55 -4.63
CA LYS H 390 -28.99 46.33 -3.24
C LYS H 390 -28.42 44.92 -3.08
N ALA H 391 -27.54 44.76 -2.11
CA ALA H 391 -26.90 43.48 -1.83
C ALA H 391 -27.45 42.92 -0.53
N ILE H 392 -27.77 41.62 -0.51
CA ILE H 392 -28.42 40.99 0.62
C ILE H 392 -27.69 39.71 0.99
N MET H 393 -28.09 39.16 2.14
CA MET H 393 -27.41 38.06 2.80
C MET H 393 -28.40 36.90 2.76
N HIS H 394 -28.21 35.97 1.83
CA HIS H 394 -29.28 35.01 1.53
C HIS H 394 -28.77 33.58 1.65
N HIS H 395 -29.65 32.67 2.08
CA HIS H 395 -29.20 31.36 2.55
C HIS H 395 -28.70 30.49 1.40
N GLU H 396 -29.47 30.39 0.32
CA GLU H 396 -29.04 29.55 -0.79
C GLU H 396 -28.38 30.39 -1.89
N GLY H 397 -28.79 31.64 -2.03
CA GLY H 397 -28.15 32.58 -2.92
C GLY H 397 -28.41 32.27 -4.39
N HIS H 398 -28.25 33.30 -5.20
CA HIS H 398 -28.42 33.17 -6.64
C HIS H 398 -27.24 32.40 -7.24
N MET H 399 -27.42 31.93 -8.47
CA MET H 399 -26.37 31.17 -9.14
C MET H 399 -25.21 32.07 -9.56
N ASP H 400 -25.52 33.31 -9.95
CA ASP H 400 -24.50 34.25 -10.39
C ASP H 400 -24.10 35.21 -9.27
N ASP H 401 -23.45 34.65 -8.25
CA ASP H 401 -22.93 35.43 -7.13
C ASP H 401 -21.40 35.46 -7.12
N GLY H 402 -20.77 35.15 -8.24
CA GLY H 402 -19.32 35.13 -8.28
C GLY H 402 -18.75 36.54 -8.31
N ILE H 403 -17.78 36.79 -7.42
CA ILE H 403 -17.10 38.07 -7.35
C ILE H 403 -15.60 37.78 -7.44
N SER H 404 -14.93 38.38 -8.43
CA SER H 404 -13.49 38.21 -8.51
C SER H 404 -12.79 39.28 -7.67
N LEU H 405 -11.47 39.30 -7.77
CA LEU H 405 -10.65 40.22 -7.00
C LEU H 405 -9.71 40.97 -7.93
N SER H 406 -9.73 42.30 -7.86
CA SER H 406 -8.82 43.16 -8.59
C SER H 406 -8.04 44.01 -7.60
N ARG H 407 -6.72 43.97 -7.72
CA ARG H 407 -5.84 44.65 -6.78
C ARG H 407 -5.70 46.12 -7.13
N SER H 408 -5.68 46.96 -6.10
CA SER H 408 -5.53 48.40 -6.26
C SER H 408 -4.06 48.79 -6.11
N GLN H 409 -3.69 49.90 -6.73
CA GLN H 409 -2.32 50.37 -6.67
C GLN H 409 -2.04 51.10 -5.35
N HIS H 410 -0.77 51.17 -4.98
CA HIS H 410 -0.34 51.79 -3.74
C HIS H 410 -0.73 53.26 -3.70
N GLU H 411 -0.53 53.95 -4.83
CA GLU H 411 -0.90 55.36 -4.90
C GLU H 411 -2.39 55.56 -4.65
N GLU H 412 -3.23 54.74 -5.29
CA GLU H 412 -4.67 54.89 -5.16
C GLU H 412 -5.16 54.53 -3.76
N SER H 413 -4.55 53.52 -3.12
CA SER H 413 -4.89 53.20 -1.74
C SER H 413 -4.47 54.30 -0.77
N ARG H 414 -3.26 54.84 -0.97
CA ARG H 414 -2.78 55.93 -0.11
C ARG H 414 -3.65 57.17 -0.26
N THR H 415 -4.11 57.45 -1.48
CA THR H 415 -4.98 58.60 -1.69
C THR H 415 -6.29 58.43 -0.91
N ALA H 416 -6.88 57.24 -0.92
CA ALA H 416 -8.10 57.02 -0.16
C ALA H 416 -7.85 57.15 1.35
N ARG H 417 -6.73 56.62 1.82
CA ARG H 417 -6.42 56.75 3.25
C ARG H 417 -6.26 58.21 3.65
N VAL H 418 -5.55 58.99 2.82
CA VAL H 418 -5.40 60.43 3.08
C VAL H 418 -6.75 61.12 3.04
N ILE H 419 -7.62 60.70 2.10
CA ILE H 419 -8.95 61.29 2.01
C ILE H 419 -9.72 61.08 3.30
N ARG H 420 -9.72 59.86 3.84
CA ARG H 420 -10.43 59.62 5.10
C ARG H 420 -9.82 60.40 6.25
N SER H 421 -8.49 60.38 6.38
CA SER H 421 -7.82 61.09 7.46
C SER H 421 -8.00 62.60 7.36
N THR H 422 -8.28 63.13 6.17
CA THR H 422 -8.57 64.55 6.02
C THR H 422 -10.04 64.86 6.29
N VAL H 423 -10.94 63.98 5.86
CA VAL H 423 -12.37 64.16 6.14
C VAL H 423 -12.61 64.23 7.63
N PHE H 424 -12.01 63.30 8.38
CA PHE H 424 -12.23 63.28 9.83
C PHE H 424 -11.79 64.59 10.48
N LEU H 425 -10.57 65.04 10.16
CA LEU H 425 -10.03 66.24 10.79
C LEU H 425 -10.81 67.48 10.38
N PHE H 426 -11.18 67.59 9.11
CA PHE H 426 -11.91 68.77 8.65
C PHE H 426 -13.31 68.82 9.23
N ASN H 427 -13.97 67.67 9.37
CA ASN H 427 -15.26 67.63 10.05
C ASN H 427 -15.14 68.01 11.52
N ARG H 428 -14.09 67.57 12.21
CA ARG H 428 -13.86 68.01 13.58
C ARG H 428 -13.71 69.53 13.64
N PHE H 429 -12.92 70.09 12.71
CA PHE H 429 -12.68 71.53 12.69
C PHE H 429 -13.99 72.30 12.44
N ILE H 430 -14.80 71.83 11.50
CA ILE H 430 -16.06 72.49 11.19
C ILE H 430 -17.02 72.39 12.38
N ARG H 431 -17.07 71.24 13.05
CA ARG H 431 -17.93 71.10 14.21
C ARG H 431 -17.49 72.03 15.34
N GLY H 432 -16.17 72.17 15.53
CA GLY H 432 -15.70 73.11 16.54
C GLY H 432 -16.08 74.54 16.22
N LEU H 433 -15.93 74.95 14.96
CA LEU H 433 -16.34 76.29 14.57
C LEU H 433 -17.84 76.49 14.74
N ASP H 434 -18.64 75.47 14.43
CA ASP H 434 -20.08 75.57 14.61
C ASP H 434 -20.45 75.70 16.08
N ALA H 435 -19.76 74.96 16.96
CA ALA H 435 -20.01 75.12 18.40
C ALA H 435 -19.64 76.51 18.85
N LEU H 436 -18.52 77.05 18.36
CA LEU H 436 -18.14 78.41 18.70
C LEU H 436 -19.19 79.41 18.23
N SER H 437 -19.75 79.19 17.04
CA SER H 437 -20.84 80.05 16.55
C SER H 437 -22.08 79.95 17.43
N LYS H 438 -22.43 78.74 17.87
CA LYS H 438 -23.57 78.56 18.77
C LYS H 438 -23.18 78.88 20.22
N LYS H 439 -22.00 79.45 20.40
CA LYS H 439 -21.60 80.05 21.69
C LYS H 439 -21.33 78.98 22.75
N ALA H 440 -20.76 77.86 22.34
CA ALA H 440 -20.32 76.86 23.29
C ALA H 440 -19.12 77.38 24.07
N LYS H 441 -18.89 76.80 25.25
CA LYS H 441 -17.77 77.21 26.07
C LYS H 441 -16.45 76.97 25.35
N ALA H 442 -15.54 77.93 25.45
CA ALA H 442 -14.28 77.85 24.73
C ALA H 442 -13.47 76.63 25.17
N SER H 443 -13.44 76.36 26.47
CA SER H 443 -12.75 75.16 26.96
C SER H 443 -13.43 73.90 26.43
N THR H 444 -14.76 73.89 26.39
CA THR H 444 -15.49 72.73 25.87
C THR H 444 -15.24 72.57 24.37
N VAL H 445 -15.02 73.68 23.66
CA VAL H 445 -14.83 73.61 22.22
C VAL H 445 -13.51 72.91 21.91
N ASP H 446 -13.57 71.93 21.01
CA ASP H 446 -12.39 71.18 20.57
C ASP H 446 -12.03 71.69 19.17
N LEU H 447 -11.02 72.57 19.12
CA LEU H 447 -10.61 73.18 17.87
C LEU H 447 -9.20 72.73 17.53
N PRO H 448 -9.01 71.80 16.59
CA PRO H 448 -7.68 71.21 16.31
C PRO H 448 -6.80 72.11 15.45
N ILE H 449 -6.41 73.24 16.02
CA ILE H 449 -5.75 74.31 15.26
C ILE H 449 -4.43 73.83 14.67
N GLU H 450 -3.56 73.23 15.48
CA GLU H 450 -2.24 72.82 15.00
C GLU H 450 -2.34 71.70 13.97
N SER H 451 -3.22 70.73 14.22
CA SER H 451 -3.37 69.61 13.29
C SER H 451 -3.91 70.08 11.95
N VAL H 452 -4.85 71.03 11.97
CA VAL H 452 -5.34 71.58 10.71
C VAL H 452 -4.21 72.20 9.90
N SER H 453 -3.37 73.02 10.52
CA SER H 453 -2.28 73.67 9.80
C SER H 453 -1.29 72.65 9.26
N LEU H 454 -0.91 71.66 10.07
CA LEU H 454 0.11 70.73 9.63
C LEU H 454 -0.43 69.79 8.55
N SER H 455 -1.68 69.34 8.67
CA SER H 455 -2.31 68.55 7.62
C SER H 455 -2.51 69.35 6.35
N LEU H 456 -2.81 70.64 6.44
CA LEU H 456 -2.86 71.51 5.27
C LEU H 456 -1.51 71.63 4.58
N GLN H 457 -0.42 71.78 5.35
CA GLN H 457 0.91 71.74 4.77
C GLN H 457 1.17 70.41 4.06
N ASP H 458 0.80 69.30 4.70
CA ASP H 458 1.00 67.99 4.09
C ASP H 458 0.17 67.85 2.81
N LEU H 459 -1.07 68.33 2.84
CA LEU H 459 -1.92 68.23 1.64
C LEU H 459 -1.37 69.08 0.50
N ILE H 460 -0.88 70.29 0.80
CA ILE H 460 -0.26 71.11 -0.24
C ILE H 460 1.00 70.44 -0.78
N GLY H 461 1.82 69.81 0.06
CA GLY H 461 2.96 69.06 -0.41
C GLY H 461 2.56 67.89 -1.30
N TYR H 462 1.48 67.21 -0.92
CA TYR H 462 0.93 66.11 -1.70
C TYR H 462 0.42 66.56 -3.07
N PHE H 463 -0.18 67.74 -3.17
CA PHE H 463 -0.72 68.24 -4.42
C PHE H 463 0.24 69.20 -5.12
N HIS H 464 1.47 69.30 -4.64
CA HIS H 464 2.45 70.17 -5.27
C HIS H 464 2.74 69.70 -6.70
N PRO H 465 2.77 70.62 -7.68
CA PRO H 465 3.01 70.20 -9.05
C PRO H 465 4.44 69.74 -9.24
N PRO H 466 4.70 68.88 -10.22
CA PRO H 466 6.06 68.39 -10.44
C PRO H 466 7.03 69.50 -10.82
N ASP H 467 8.28 69.33 -10.40
CA ASP H 467 9.30 70.32 -10.69
C ASP H 467 9.82 70.13 -12.10
N GLU H 468 10.66 71.07 -12.54
CA GLU H 468 10.94 71.21 -13.95
C GLU H 468 12.23 70.52 -14.38
N HIS H 469 13.13 70.16 -13.45
CA HIS H 469 14.37 69.56 -13.96
C HIS H 469 14.04 68.30 -14.73
N LEU H 470 13.01 67.59 -14.24
CA LEU H 470 12.97 66.14 -14.29
C LEU H 470 13.02 65.68 -15.73
N GLU H 471 13.56 64.48 -15.92
CA GLU H 471 13.43 63.83 -17.21
C GLU H 471 11.95 63.74 -17.58
N HIS H 472 11.70 63.81 -18.88
CA HIS H 472 10.33 63.94 -19.39
C HIS H 472 9.43 62.82 -18.89
N GLU H 473 9.90 61.58 -18.89
CA GLU H 473 9.05 60.45 -18.51
C GLU H 473 8.70 60.49 -17.03
N ASP H 474 9.67 60.82 -16.17
CA ASP H 474 9.38 60.96 -14.74
C ASP H 474 8.40 62.08 -14.48
N LYS H 475 8.56 63.21 -15.18
CA LYS H 475 7.62 64.31 -15.04
C LYS H 475 6.23 63.88 -15.49
N GLN H 476 6.14 63.08 -16.55
CA GLN H 476 4.86 62.58 -17.02
C GLN H 476 4.20 61.70 -15.96
N ASN H 477 4.99 60.83 -15.33
CA ASN H 477 4.44 59.99 -14.26
C ASN H 477 3.92 60.83 -13.11
N ARG H 478 4.67 61.85 -12.73
CA ARG H 478 4.24 62.72 -11.63
C ARG H 478 2.96 63.47 -11.98
N LEU H 479 2.87 63.95 -13.23
CA LEU H 479 1.64 64.60 -13.68
C LEU H 479 0.45 63.65 -13.64
N ARG H 480 0.66 62.40 -14.08
CA ARG H 480 -0.41 61.40 -14.03
C ARG H 480 -0.87 61.16 -12.59
N ALA H 481 0.09 61.05 -11.67
CA ALA H 481 -0.24 60.84 -10.27
C ALA H 481 -1.04 62.02 -9.72
N LEU H 482 -0.65 63.24 -10.07
CA LEU H 482 -1.38 64.42 -9.62
C LEU H 482 -2.79 64.44 -10.19
N LYS H 483 -2.94 64.07 -11.47
CA LYS H 483 -4.28 63.98 -12.07
C LYS H 483 -5.15 62.99 -11.31
N ASN H 484 -4.61 61.80 -11.01
CA ASN H 484 -5.38 60.80 -10.31
C ASN H 484 -5.75 61.26 -8.91
N ARG H 485 -4.81 61.93 -8.21
CA ARG H 485 -5.09 62.43 -6.88
C ARG H 485 -6.22 63.46 -6.90
N GLN H 486 -6.16 64.40 -7.85
CA GLN H 486 -7.21 65.41 -7.96
C GLN H 486 -8.56 64.78 -8.28
N ASN H 487 -8.56 63.81 -9.20
CA ASN H 487 -9.81 63.15 -9.56
C ASN H 487 -10.42 62.41 -8.37
N LEU H 488 -9.59 61.68 -7.62
CA LEU H 488 -10.10 60.96 -6.45
C LEU H 488 -10.64 61.92 -5.40
N PHE H 489 -9.91 63.02 -5.16
CA PHE H 489 -10.36 64.00 -4.16
C PHE H 489 -11.70 64.61 -4.57
N GLN H 490 -11.86 64.98 -5.84
CA GLN H 490 -13.12 65.58 -6.25
C GLN H 490 -14.26 64.55 -6.26
N GLU H 491 -13.99 63.32 -6.69
CA GLU H 491 -15.02 62.29 -6.64
C GLU H 491 -15.46 61.97 -5.21
N GLU H 492 -14.55 62.09 -4.24
CA GLU H 492 -14.95 62.04 -2.84
C GLU H 492 -15.47 63.37 -2.34
N GLY H 493 -15.47 64.39 -3.20
CA GLY H 493 -16.11 65.65 -2.85
C GLY H 493 -15.31 66.49 -1.88
N MET H 494 -14.00 66.59 -2.09
CA MET H 494 -13.13 67.30 -1.17
C MET H 494 -13.11 68.81 -1.41
N ILE H 495 -13.66 69.27 -2.53
CA ILE H 495 -13.75 70.70 -2.77
C ILE H 495 -14.78 71.36 -1.87
N ASN H 496 -15.96 70.74 -1.71
CA ASN H 496 -17.02 71.31 -0.90
C ASN H 496 -16.63 71.42 0.57
N LEU H 497 -15.89 70.43 1.09
CA LEU H 497 -15.44 70.48 2.47
C LEU H 497 -14.50 71.66 2.71
N VAL H 498 -13.59 71.88 1.76
CA VAL H 498 -12.67 73.02 1.84
C VAL H 498 -13.46 74.33 1.76
N LEU H 499 -14.46 74.38 0.88
CA LEU H 499 -15.30 75.57 0.78
C LEU H 499 -16.05 75.84 2.08
N GLU H 500 -16.57 74.79 2.72
CA GLU H 500 -17.24 74.95 4.01
C GLU H 500 -16.29 75.46 5.08
N CYS H 501 -15.06 74.93 5.13
CA CYS H 501 -14.08 75.44 6.08
C CYS H 501 -13.77 76.91 5.81
N ILE H 502 -13.64 77.28 4.53
CA ILE H 502 -13.35 78.66 4.17
C ILE H 502 -14.49 79.58 4.61
N ASP H 503 -15.74 79.14 4.40
CA ASP H 503 -16.89 79.93 4.81
C ASP H 503 -16.95 80.09 6.33
N ARG H 504 -16.69 79.00 7.06
CA ARG H 504 -16.76 79.05 8.51
C ARG H 504 -15.65 79.92 9.09
N LEU H 505 -14.52 80.00 8.38
CA LEU H 505 -13.48 80.95 8.80
C LEU H 505 -13.82 82.38 8.41
N HIS H 506 -14.49 82.58 7.27
CA HIS H 506 -14.84 83.92 6.81
C HIS H 506 -15.99 84.55 7.57
N VAL H 507 -16.79 83.75 8.30
CA VAL H 507 -17.85 84.37 9.10
C VAL H 507 -17.29 85.37 10.09
N TYR H 508 -16.04 85.18 10.53
CA TYR H 508 -15.39 86.15 11.40
C TYR H 508 -14.69 87.21 10.56
N SER H 509 -14.82 88.47 10.96
CA SER H 509 -14.36 89.58 10.14
C SER H 509 -12.83 89.68 10.13
N SER H 510 -12.19 89.57 11.31
CA SER H 510 -10.77 89.85 11.42
C SER H 510 -10.11 88.83 12.33
N ALA H 511 -8.77 88.80 12.27
CA ALA H 511 -7.98 87.92 13.12
C ALA H 511 -8.12 88.26 14.60
N ALA H 512 -8.42 89.51 14.94
CA ALA H 512 -8.72 89.88 16.32
C ALA H 512 -10.13 89.50 16.75
N HIS H 513 -11.10 89.63 15.85
CA HIS H 513 -12.46 89.16 16.17
C HIS H 513 -12.46 87.65 16.39
N PHE H 514 -11.74 86.90 15.55
CA PHE H 514 -11.63 85.47 15.77
C PHE H 514 -10.81 85.17 17.03
N ALA H 515 -9.78 85.98 17.29
CA ALA H 515 -9.02 85.82 18.53
C ALA H 515 -9.85 86.06 19.77
N ASP H 516 -10.90 86.88 19.66
CA ASP H 516 -11.80 87.13 20.79
C ASP H 516 -12.85 86.03 20.93
N VAL H 517 -13.49 85.62 19.82
CA VAL H 517 -14.48 84.56 19.89
C VAL H 517 -13.83 83.23 20.28
N ALA H 518 -12.76 82.86 19.59
CA ALA H 518 -11.97 81.69 19.93
C ALA H 518 -10.83 82.09 20.85
N GLY H 519 -9.85 81.21 21.04
CA GLY H 519 -8.71 81.52 21.87
C GLY H 519 -7.70 82.38 21.11
N ARG H 520 -6.71 82.88 21.87
CA ARG H 520 -5.58 83.56 21.26
C ARG H 520 -5.15 82.87 20.00
N GLU H 521 -4.79 81.60 20.16
CA GLU H 521 -3.95 80.89 19.21
C GLU H 521 -4.71 80.55 17.95
N ALA H 522 -6.00 80.31 18.08
CA ALA H 522 -6.86 80.28 16.90
C ALA H 522 -6.83 81.63 16.22
N GLY H 523 -6.86 82.73 17.00
CA GLY H 523 -6.72 84.04 16.39
C GLY H 523 -5.38 84.23 15.68
N GLU H 524 -4.31 83.72 16.28
CA GLU H 524 -2.97 83.85 15.72
C GLU H 524 -2.84 83.13 14.38
N SER H 525 -3.39 81.93 14.26
CA SER H 525 -3.23 81.13 13.07
C SER H 525 -4.42 81.21 12.12
N TRP H 526 -5.42 82.05 12.42
CA TRP H 526 -6.56 82.23 11.52
C TRP H 526 -6.14 82.62 10.10
N LYS H 527 -5.30 83.64 9.95
CA LYS H 527 -4.86 84.10 8.64
C LYS H 527 -4.08 83.02 7.90
N SER H 528 -3.17 82.34 8.61
CA SER H 528 -2.39 81.28 7.98
C SER H 528 -3.28 80.14 7.50
N ILE H 529 -4.27 79.75 8.32
CA ILE H 529 -5.16 78.66 7.94
C ILE H 529 -6.00 79.06 6.73
N LEU H 530 -6.50 80.30 6.71
CA LEU H 530 -7.27 80.75 5.56
C LEU H 530 -6.44 80.76 4.29
N ASN H 531 -5.22 81.29 4.36
CA ASN H 531 -4.35 81.30 3.18
C ASN H 531 -4.02 79.89 2.72
N SER H 532 -3.75 78.98 3.66
CA SER H 532 -3.43 77.60 3.31
C SER H 532 -4.63 76.92 2.67
N LEU H 533 -5.84 77.20 3.17
CA LEU H 533 -7.03 76.61 2.57
C LEU H 533 -7.23 77.10 1.14
N TYR H 534 -7.03 78.40 0.91
CA TYR H 534 -7.16 78.92 -0.45
C TYR H 534 -6.10 78.32 -1.37
N GLU H 535 -4.86 78.19 -0.88
CA GLU H 535 -3.81 77.56 -1.67
C GLU H 535 -4.14 76.10 -1.97
N LEU H 536 -4.73 75.39 -1.01
CA LEU H 536 -5.11 74.01 -1.23
C LEU H 536 -6.21 73.90 -2.28
N LEU H 537 -7.19 74.81 -2.23
CA LEU H 537 -8.23 74.80 -3.26
C LEU H 537 -7.63 75.05 -4.64
N ALA H 538 -6.70 76.00 -4.73
CA ALA H 538 -6.03 76.27 -6.00
C ALA H 538 -5.26 75.04 -6.48
N ALA H 539 -4.58 74.35 -5.57
CA ALA H 539 -3.85 73.14 -5.91
C ALA H 539 -4.77 72.01 -6.38
N LEU H 540 -5.91 71.81 -5.74
CA LEU H 540 -6.85 70.78 -6.14
C LEU H 540 -7.57 71.10 -7.45
N ILE H 541 -7.71 72.37 -7.82
CA ILE H 541 -8.37 72.71 -9.07
C ILE H 541 -7.39 72.86 -10.24
N ARG H 542 -6.12 73.16 -9.96
CA ARG H 542 -5.19 73.55 -11.03
C ARG H 542 -4.97 72.42 -12.02
N GLY H 543 -5.08 72.75 -13.31
CA GLY H 543 -4.72 71.84 -14.37
C GLY H 543 -5.74 70.77 -14.68
N ASN H 544 -6.89 70.76 -14.00
CA ASN H 544 -7.90 69.72 -14.18
C ASN H 544 -9.13 70.35 -14.82
N ARG H 545 -9.38 69.99 -16.08
CA ARG H 545 -10.52 70.50 -16.82
C ARG H 545 -11.84 70.15 -16.17
N LYS H 546 -11.97 68.95 -15.61
CA LYS H 546 -13.23 68.63 -14.95
C LYS H 546 -13.39 69.41 -13.65
N ASN H 547 -12.35 69.46 -12.81
CA ASN H 547 -12.49 70.16 -11.53
C ASN H 547 -12.83 71.62 -11.73
N CYS H 548 -12.16 72.28 -12.68
CA CYS H 548 -12.52 73.66 -13.01
C CYS H 548 -13.89 73.78 -13.66
N ALA H 549 -14.49 72.68 -14.12
CA ALA H 549 -15.83 72.69 -14.67
C ALA H 549 -16.92 72.52 -13.63
N GLN H 550 -16.73 71.63 -12.64
CA GLN H 550 -17.67 71.56 -11.54
C GLN H 550 -17.43 72.62 -10.46
N PHE H 551 -16.35 73.40 -10.58
CA PHE H 551 -16.23 74.61 -9.77
C PHE H 551 -16.95 75.80 -10.38
N SER H 552 -17.52 75.64 -11.57
CA SER H 552 -18.17 76.75 -12.25
C SER H 552 -19.38 77.25 -11.46
N GLY H 553 -20.16 76.33 -10.90
CA GLY H 553 -21.33 76.72 -10.14
C GLY H 553 -20.98 77.54 -8.91
N SER H 554 -19.93 77.15 -8.20
CA SER H 554 -19.49 77.86 -7.00
C SER H 554 -18.60 79.06 -7.31
N LEU H 555 -18.24 79.27 -8.58
CA LEU H 555 -17.43 80.43 -8.94
C LEU H 555 -18.08 81.74 -8.48
N ASP H 556 -19.40 81.86 -8.62
CA ASP H 556 -20.06 83.12 -8.29
C ASP H 556 -19.92 83.45 -6.81
N TRP H 557 -20.07 82.46 -5.93
CA TRP H 557 -19.88 82.70 -4.50
C TRP H 557 -18.46 83.09 -4.17
N LEU H 558 -17.48 82.56 -4.90
CA LEU H 558 -16.07 82.85 -4.63
C LEU H 558 -15.76 84.32 -4.88
N ILE H 559 -16.27 84.87 -5.99
CA ILE H 559 -15.94 86.24 -6.38
C ILE H 559 -16.65 87.27 -5.51
N SER H 560 -17.64 86.83 -4.72
CA SER H 560 -18.36 87.73 -3.84
C SER H 560 -17.50 88.24 -2.68
N ARG H 561 -16.47 87.48 -2.29
CA ARG H 561 -15.58 87.85 -1.20
C ARG H 561 -14.24 88.37 -1.71
N LEU H 562 -14.18 88.82 -2.96
CA LEU H 562 -12.92 89.26 -3.55
C LEU H 562 -12.39 90.53 -2.88
N GLU H 563 -13.28 91.40 -2.42
CA GLU H 563 -12.85 92.69 -1.88
C GLU H 563 -12.13 92.55 -0.55
N ARG H 564 -12.37 91.47 0.18
CA ARG H 564 -11.76 91.30 1.49
C ARG H 564 -10.25 91.15 1.37
N LEU H 565 -9.52 91.81 2.26
CA LEU H 565 -8.07 91.88 2.20
C LEU H 565 -7.39 90.57 2.59
N GLU H 566 -8.04 89.74 3.40
CA GLU H 566 -7.40 88.51 3.88
C GLU H 566 -7.55 87.34 2.91
N ALA H 567 -8.23 87.54 1.78
CA ALA H 567 -8.46 86.47 0.83
C ALA H 567 -8.28 86.88 -0.63
N SER H 568 -7.85 88.12 -0.89
CA SER H 568 -7.80 88.60 -2.26
C SER H 568 -6.83 87.80 -3.12
N SER H 569 -5.63 87.53 -2.59
CA SER H 569 -4.62 86.83 -3.38
C SER H 569 -5.03 85.40 -3.68
N GLY H 570 -5.51 84.68 -2.66
CA GLY H 570 -5.95 83.31 -2.89
C GLY H 570 -7.14 83.23 -3.83
N ILE H 571 -8.11 84.14 -3.66
CA ILE H 571 -9.26 84.16 -4.55
C ILE H 571 -8.83 84.46 -5.98
N LEU H 572 -7.88 85.38 -6.15
CA LEU H 572 -7.38 85.69 -7.49
C LEU H 572 -6.69 84.48 -8.11
N GLU H 573 -5.88 83.76 -7.33
CA GLU H 573 -5.21 82.57 -7.86
C GLU H 573 -6.23 81.51 -8.27
N VAL H 574 -7.23 81.26 -7.43
CA VAL H 574 -8.25 80.26 -7.74
C VAL H 574 -9.03 80.67 -9.00
N LEU H 575 -9.43 81.94 -9.08
CA LEU H 575 -10.15 82.43 -10.24
C LEU H 575 -9.31 82.33 -11.51
N HIS H 576 -8.02 82.66 -11.42
CA HIS H 576 -7.13 82.52 -12.56
C HIS H 576 -7.03 81.09 -13.04
N CYS H 577 -6.85 80.13 -12.13
CA CYS H 577 -6.81 78.73 -12.52
C CYS H 577 -8.11 78.29 -13.19
N VAL H 578 -9.26 78.66 -12.60
CA VAL H 578 -10.55 78.26 -13.16
C VAL H 578 -10.74 78.85 -14.55
N LEU H 579 -10.41 80.13 -14.72
CA LEU H 579 -10.62 80.78 -16.01
C LEU H 579 -9.68 80.23 -17.07
N VAL H 580 -8.44 79.92 -16.70
CA VAL H 580 -7.51 79.36 -17.69
C VAL H 580 -7.95 77.97 -18.11
N GLU H 581 -8.41 77.15 -17.17
CA GLU H 581 -8.71 75.76 -17.52
C GLU H 581 -10.09 75.54 -18.11
N SER H 582 -11.13 76.14 -17.53
CA SER H 582 -12.50 75.84 -17.91
C SER H 582 -13.05 76.90 -18.84
N PRO H 583 -13.46 76.55 -20.07
CA PRO H 583 -14.14 77.54 -20.93
C PRO H 583 -15.61 77.70 -20.56
N GLU H 584 -16.06 76.93 -19.57
CA GLU H 584 -17.44 76.99 -19.09
C GLU H 584 -17.67 78.08 -18.06
N ALA H 585 -16.68 78.32 -17.20
CA ALA H 585 -16.82 79.37 -16.18
C ALA H 585 -16.91 80.75 -16.82
N LEU H 586 -16.31 80.91 -18.00
CA LEU H 586 -16.36 82.20 -18.69
C LEU H 586 -17.79 82.57 -19.07
N ASN H 587 -18.62 81.57 -19.40
CA ASN H 587 -20.03 81.84 -19.68
C ASN H 587 -20.73 82.39 -18.43
N ILE H 588 -20.40 81.84 -17.26
CA ILE H 588 -21.02 82.30 -16.02
C ILE H 588 -20.52 83.69 -15.65
N ILE H 589 -19.25 84.00 -15.94
CA ILE H 589 -18.72 85.32 -15.62
C ILE H 589 -19.50 86.38 -16.38
N LYS H 590 -19.96 87.40 -15.66
CA LYS H 590 -20.82 88.43 -16.21
C LYS H 590 -20.26 89.82 -15.91
N GLU H 591 -21.06 90.84 -16.27
CA GLU H 591 -20.65 92.23 -16.06
C GLU H 591 -20.51 92.55 -14.57
N GLY H 592 -21.40 92.02 -13.74
CA GLY H 592 -21.30 92.24 -12.31
C GLY H 592 -20.04 91.69 -11.68
N HIS H 593 -19.44 90.67 -12.29
CA HIS H 593 -18.16 90.15 -11.83
C HIS H 593 -16.97 90.88 -12.45
N ILE H 594 -17.06 91.23 -13.74
CA ILE H 594 -16.00 92.01 -14.38
C ILE H 594 -15.82 93.37 -13.71
N LYS H 595 -16.91 94.09 -13.43
CA LYS H 595 -16.82 95.35 -12.71
C LYS H 595 -16.29 95.20 -11.30
N SER H 596 -16.62 94.10 -10.62
CA SER H 596 -16.04 93.84 -9.30
C SER H 596 -14.53 93.63 -9.40
N ILE H 597 -14.08 92.89 -10.41
CA ILE H 597 -12.64 92.69 -10.59
C ILE H 597 -11.95 94.01 -10.89
N ILE H 598 -12.60 94.87 -11.68
CA ILE H 598 -12.01 96.18 -11.97
C ILE H 598 -11.97 97.05 -10.72
N SER H 599 -13.03 97.03 -9.91
CA SER H 599 -13.01 97.76 -8.65
C SER H 599 -11.95 97.21 -7.70
N LEU H 600 -11.62 95.93 -7.81
CA LEU H 600 -10.50 95.38 -7.07
C LEU H 600 -9.20 96.10 -7.42
N LEU H 601 -8.93 96.28 -8.72
CA LEU H 601 -7.76 97.04 -9.14
C LEU H 601 -7.83 98.49 -8.67
N ASP H 602 -9.02 99.09 -8.72
CA ASP H 602 -9.18 100.47 -8.30
C ASP H 602 -8.86 100.65 -6.81
N LYS H 603 -9.30 99.70 -5.98
CA LYS H 603 -9.19 99.84 -4.53
C LYS H 603 -7.86 99.34 -3.97
N HIS H 604 -7.40 98.16 -4.40
CA HIS H 604 -6.19 97.58 -3.82
C HIS H 604 -4.92 98.06 -4.48
N GLY H 605 -5.02 98.81 -5.57
CA GLY H 605 -3.87 99.38 -6.23
C GLY H 605 -3.48 98.63 -7.49
N ARG H 606 -2.39 99.09 -8.09
CA ARG H 606 -1.88 98.53 -9.33
C ARG H 606 -1.27 97.15 -9.11
N ASN H 607 -2.02 96.11 -9.42
CA ASN H 607 -1.58 94.72 -9.26
C ASN H 607 -1.69 94.01 -10.59
N HIS H 608 -0.61 93.33 -10.99
CA HIS H 608 -0.56 92.71 -12.31
C HIS H 608 -1.36 91.43 -12.41
N LYS H 609 -1.65 90.77 -11.28
CA LYS H 609 -2.43 89.54 -11.33
C LYS H 609 -3.88 89.81 -11.72
N VAL H 610 -4.44 90.94 -11.28
CA VAL H 610 -5.77 91.34 -11.74
C VAL H 610 -5.76 91.56 -13.25
N LEU H 611 -4.71 92.18 -13.77
CA LEU H 611 -4.58 92.37 -15.21
C LEU H 611 -4.50 91.03 -15.93
N ASP H 612 -3.75 90.08 -15.38
CA ASP H 612 -3.66 88.76 -15.99
C ASP H 612 -5.01 88.04 -15.99
N VAL H 613 -5.77 88.17 -14.91
CA VAL H 613 -7.11 87.59 -14.87
C VAL H 613 -8.00 88.23 -15.92
N LEU H 614 -7.92 89.56 -16.06
CA LEU H 614 -8.68 90.24 -17.10
C LEU H 614 -8.28 89.79 -18.50
N CYS H 615 -6.98 89.57 -18.74
CA CYS H 615 -6.54 89.02 -20.02
C CYS H 615 -7.11 87.63 -20.27
N SER H 616 -7.06 86.76 -19.27
CA SER H 616 -7.64 85.43 -19.39
C SER H 616 -9.15 85.48 -19.63
N LEU H 617 -9.83 86.52 -19.13
CA LEU H 617 -11.26 86.65 -19.37
C LEU H 617 -11.57 86.93 -20.83
N CYS H 618 -10.60 87.46 -21.59
CA CYS H 618 -10.86 87.82 -22.97
C CYS H 618 -10.77 86.61 -23.90
N VAL H 619 -9.62 85.94 -23.93
CA VAL H 619 -9.36 84.85 -24.86
C VAL H 619 -9.05 83.59 -24.04
N CYS H 620 -9.73 82.50 -24.37
CA CYS H 620 -9.49 81.20 -23.75
C CYS H 620 -9.33 80.15 -24.83
N HIS H 621 -8.20 79.44 -24.81
CA HIS H 621 -7.93 78.35 -25.74
C HIS H 621 -8.07 78.80 -27.19
N GLY H 622 -7.64 80.02 -27.47
CA GLY H 622 -7.72 80.57 -28.81
C GLY H 622 -9.09 81.08 -29.23
N VAL H 623 -10.02 81.24 -28.30
CA VAL H 623 -11.36 81.71 -28.60
C VAL H 623 -11.58 83.03 -27.87
N ALA H 624 -11.99 84.06 -28.61
CA ALA H 624 -12.17 85.40 -28.08
C ALA H 624 -13.63 85.62 -27.72
N VAL H 625 -13.87 86.16 -26.53
CA VAL H 625 -15.23 86.47 -26.07
C VAL H 625 -15.45 87.96 -26.32
N ARG H 626 -16.27 88.27 -27.32
CA ARG H 626 -16.52 89.65 -27.70
C ARG H 626 -17.18 90.44 -26.57
N SER H 627 -18.14 89.83 -25.87
CA SER H 627 -18.82 90.53 -24.79
C SER H 627 -17.84 90.87 -23.66
N ASN H 628 -16.98 89.93 -23.28
CA ASN H 628 -16.01 90.20 -22.23
C ASN H 628 -15.01 91.27 -22.67
N GLN H 629 -14.57 91.20 -23.93
CA GLN H 629 -13.65 92.21 -24.44
C GLN H 629 -14.27 93.60 -24.39
N HIS H 630 -15.52 93.72 -24.86
CA HIS H 630 -16.22 95.00 -24.86
C HIS H 630 -16.42 95.52 -23.44
N LEU H 631 -16.84 94.66 -22.52
CA LEU H 631 -17.03 95.08 -21.14
C LEU H 631 -15.74 95.56 -20.50
N ILE H 632 -14.64 94.80 -20.66
CA ILE H 632 -13.38 95.21 -20.07
C ILE H 632 -12.93 96.55 -20.66
N CYS H 633 -13.00 96.69 -21.99
CA CYS H 633 -12.59 97.94 -22.61
C CYS H 633 -13.41 99.12 -22.10
N ASP H 634 -14.73 99.04 -22.21
CA ASP H 634 -15.62 100.14 -21.87
C ASP H 634 -15.70 100.40 -20.38
N ASN H 635 -15.24 99.48 -19.54
CA ASN H 635 -15.26 99.71 -18.10
C ASN H 635 -13.90 100.09 -17.54
N LEU H 636 -12.81 99.86 -18.27
CA LEU H 636 -11.49 100.20 -17.77
C LEU H 636 -10.84 101.37 -18.51
N LEU H 637 -10.81 101.33 -19.84
CA LEU H 637 -10.04 102.31 -20.61
C LEU H 637 -10.49 103.76 -20.45
N PRO H 638 -11.79 104.07 -20.56
CA PRO H 638 -12.17 105.51 -20.59
C PRO H 638 -11.79 106.29 -19.35
N GLY H 639 -11.67 105.63 -18.20
CA GLY H 639 -11.38 106.36 -16.97
C GLY H 639 -10.05 107.06 -16.98
N ARG H 640 -9.01 106.38 -17.49
CA ARG H 640 -7.64 106.91 -17.49
C ARG H 640 -7.20 107.32 -16.10
N ASP H 641 -7.54 106.49 -15.11
CA ASP H 641 -7.20 106.76 -13.72
C ASP H 641 -6.44 105.63 -13.04
N LEU H 642 -6.42 104.43 -13.60
CA LEU H 642 -5.72 103.30 -13.01
C LEU H 642 -4.51 102.89 -13.84
N LEU H 643 -4.69 102.61 -15.13
CA LEU H 643 -3.57 102.26 -15.98
C LEU H 643 -2.72 103.48 -16.27
N LEU H 644 -1.41 103.26 -16.38
CA LEU H 644 -0.49 104.36 -16.66
C LEU H 644 -0.73 104.92 -18.06
N GLN H 645 -0.69 106.23 -18.17
CA GLN H 645 -0.97 106.92 -19.42
C GLN H 645 0.33 107.38 -20.08
N THR H 646 0.29 107.43 -21.41
CA THR H 646 1.49 107.63 -22.22
C THR H 646 1.24 108.72 -23.26
N ARG H 647 2.31 109.46 -23.57
CA ARG H 647 2.25 110.50 -24.60
C ARG H 647 3.67 110.84 -25.03
N LEU H 648 3.79 111.32 -26.26
CA LEU H 648 5.06 111.81 -26.81
C LEU H 648 5.15 113.31 -26.53
N VAL H 649 6.17 113.72 -25.79
CA VAL H 649 6.32 115.09 -25.32
C VAL H 649 7.59 115.68 -25.90
N ASN H 650 7.48 116.88 -26.48
CA ASN H 650 8.64 117.57 -27.02
C ASN H 650 9.60 117.97 -25.90
N HIS H 651 10.90 117.83 -26.17
CA HIS H 651 11.90 118.31 -25.21
C HIS H 651 11.90 119.83 -25.16
N VAL H 652 12.11 120.37 -23.96
CA VAL H 652 12.08 121.80 -23.74
C VAL H 652 13.35 122.23 -23.02
N SER H 653 14.01 123.26 -23.56
CA SER H 653 15.21 123.83 -22.98
C SER H 653 14.99 125.30 -22.71
N SER H 654 15.90 125.88 -21.91
CA SER H 654 15.74 127.25 -21.45
C SER H 654 17.05 128.02 -21.62
N MET H 655 16.92 129.30 -21.95
CA MET H 655 18.05 130.20 -22.16
C MET H 655 18.00 131.27 -21.08
N ARG H 656 19.15 131.60 -20.48
CA ARG H 656 19.13 132.70 -19.52
C ARG H 656 20.41 133.54 -19.60
N PRO H 657 20.33 134.82 -19.25
CA PRO H 657 21.54 135.64 -19.15
C PRO H 657 22.24 135.43 -17.81
N ASN H 658 23.41 136.07 -17.70
CA ASN H 658 24.20 135.97 -16.47
C ASN H 658 23.55 136.72 -15.31
N ILE H 659 22.76 137.76 -15.61
CA ILE H 659 22.30 138.67 -14.57
C ILE H 659 21.47 137.94 -13.53
N PHE H 660 21.78 138.19 -12.26
CA PHE H 660 21.05 137.64 -11.13
C PHE H 660 20.45 138.81 -10.37
N LEU H 661 19.12 138.94 -10.39
CA LEU H 661 18.43 140.08 -9.83
C LEU H 661 17.78 139.69 -8.52
N GLY H 662 18.18 140.36 -7.43
CA GLY H 662 17.61 140.10 -6.13
C GLY H 662 17.39 141.39 -5.36
N VAL H 663 16.53 141.29 -4.35
CA VAL H 663 16.20 142.42 -3.49
C VAL H 663 16.28 141.98 -2.04
N SER H 664 16.91 142.79 -1.21
CA SER H 664 17.00 142.55 0.22
C SER H 664 17.17 143.88 0.93
N GLU H 665 16.84 143.90 2.22
CA GLU H 665 16.91 145.15 2.98
C GLU H 665 18.35 145.60 3.15
N GLY H 666 18.57 146.90 2.94
CA GLY H 666 19.91 147.47 3.09
C GLY H 666 20.90 146.95 2.08
N SER H 667 20.47 146.73 0.85
CA SER H 667 21.33 146.20 -0.21
C SER H 667 21.19 147.06 -1.46
N ALA H 668 22.28 147.18 -2.21
CA ALA H 668 22.37 148.12 -3.34
C ALA H 668 22.06 147.42 -4.66
N GLN H 669 20.77 147.15 -4.88
CA GLN H 669 20.27 146.64 -6.14
C GLN H 669 19.01 147.41 -6.53
N TYR H 670 18.97 147.88 -7.78
CA TYR H 670 17.79 148.57 -8.26
C TYR H 670 16.62 147.59 -8.36
N LYS H 671 15.45 148.04 -7.91
CA LYS H 671 14.29 147.17 -7.76
C LYS H 671 13.46 147.06 -9.04
N LYS H 672 13.80 147.78 -10.10
CA LYS H 672 13.02 147.79 -11.33
C LYS H 672 13.92 147.44 -12.50
N TRP H 673 13.45 146.52 -13.34
CA TRP H 673 14.25 146.03 -14.47
C TRP H 673 13.34 145.79 -15.66
N TYR H 674 13.96 145.83 -16.85
CA TYR H 674 13.23 145.74 -18.11
C TYR H 674 14.11 145.11 -19.17
N TYR H 675 13.52 144.24 -19.99
CA TYR H 675 14.21 143.62 -21.10
C TYR H 675 13.20 143.21 -22.16
N GLU H 676 13.70 142.91 -23.35
CA GLU H 676 12.84 142.60 -24.50
C GLU H 676 13.31 141.33 -25.18
N LEU H 677 12.34 140.56 -25.68
CA LEU H 677 12.59 139.41 -26.52
C LEU H 677 11.80 139.57 -27.82
N MET H 678 12.44 139.26 -28.95
CA MET H 678 11.80 139.36 -30.25
C MET H 678 11.95 138.04 -30.99
N VAL H 679 10.85 137.55 -31.55
CA VAL H 679 10.85 136.28 -32.28
C VAL H 679 11.17 136.55 -33.74
N ASP H 680 12.35 136.11 -34.19
CA ASP H 680 12.71 136.26 -35.59
C ASP H 680 11.95 135.27 -36.47
N HIS H 681 11.80 134.03 -36.00
CA HIS H 681 11.07 133.02 -36.75
C HIS H 681 10.67 131.90 -35.80
N THR H 682 9.49 131.31 -36.04
CA THR H 682 9.05 130.15 -35.30
C THR H 682 8.10 129.34 -36.18
N GLU H 683 8.10 128.02 -35.99
CA GLU H 683 7.22 127.14 -36.74
C GLU H 683 6.10 126.67 -35.83
N PRO H 684 4.84 126.92 -36.19
CA PRO H 684 3.73 126.53 -35.30
C PRO H 684 3.67 125.05 -35.00
N PHE H 685 4.03 124.20 -35.97
CA PHE H 685 4.00 122.74 -35.79
C PHE H 685 5.20 122.14 -36.50
N VAL H 686 6.31 121.98 -35.75
CA VAL H 686 7.46 121.25 -36.25
C VAL H 686 7.28 119.74 -36.11
N THR H 687 6.24 119.31 -35.40
CA THR H 687 6.00 117.89 -35.13
C THR H 687 4.51 117.72 -34.85
N ALA H 688 4.14 116.57 -34.28
CA ALA H 688 2.74 116.29 -33.98
C ALA H 688 2.17 117.30 -33.00
N GLU H 689 2.93 117.67 -31.98
CA GLU H 689 2.48 118.61 -30.97
C GLU H 689 2.95 120.02 -31.28
N ALA H 690 2.29 120.99 -30.65
CA ALA H 690 2.55 122.40 -30.91
C ALA H 690 3.91 122.82 -30.37
N THR H 691 4.50 123.82 -31.03
CA THR H 691 5.78 124.36 -30.59
C THR H 691 5.62 125.11 -29.27
N HIS H 692 6.60 124.92 -28.38
CA HIS H 692 6.63 125.55 -27.08
C HIS H 692 7.48 126.81 -27.17
N LEU H 693 6.95 127.94 -26.69
CA LEU H 693 7.66 129.21 -26.67
C LEU H 693 7.06 130.08 -25.57
N ARG H 694 7.76 130.18 -24.44
CA ARG H 694 7.32 130.99 -23.31
C ARG H 694 8.48 131.89 -22.88
N VAL H 695 8.16 133.13 -22.51
CA VAL H 695 9.15 134.09 -22.07
C VAL H 695 8.68 134.71 -20.75
N GLY H 696 9.64 135.10 -19.94
CA GLY H 696 9.36 135.72 -18.66
C GLY H 696 10.55 135.63 -17.74
N TRP H 697 10.27 135.73 -16.44
CA TRP H 697 11.29 135.69 -15.41
C TRP H 697 11.21 134.39 -14.61
N ALA H 698 12.33 134.03 -14.00
CA ALA H 698 12.40 132.87 -13.13
C ALA H 698 13.20 133.24 -11.88
N SER H 699 12.96 132.49 -10.81
CA SER H 699 13.59 132.75 -9.53
C SER H 699 14.31 131.50 -9.03
N THR H 700 15.36 131.73 -8.24
CA THR H 700 16.15 130.67 -7.64
C THR H 700 15.82 130.56 -6.16
N GLU H 701 15.81 129.33 -5.64
CA GLU H 701 15.60 129.10 -4.23
C GLU H 701 16.87 129.48 -3.47
N GLY H 702 16.72 130.35 -2.47
CA GLY H 702 17.88 130.82 -1.74
C GLY H 702 18.80 131.67 -2.60
N TYR H 703 20.08 131.67 -2.23
CA TYR H 703 21.10 132.40 -2.99
C TYR H 703 21.88 131.49 -3.93
N SER H 704 21.50 130.23 -4.05
CA SER H 704 22.16 129.34 -5.00
C SER H 704 21.85 129.78 -6.43
N PRO H 705 22.85 129.92 -7.30
CA PRO H 705 22.59 130.31 -8.69
C PRO H 705 21.81 129.30 -9.49
N TYR H 706 21.69 128.07 -9.00
CA TYR H 706 20.96 127.02 -9.71
C TYR H 706 19.47 127.31 -9.69
N PRO H 707 18.81 127.30 -10.85
CA PRO H 707 17.35 127.51 -10.87
C PRO H 707 16.62 126.45 -10.05
N GLY H 708 15.58 126.89 -9.34
CA GLY H 708 14.87 126.03 -8.41
C GLY H 708 13.47 125.72 -8.88
N GLY H 709 12.94 124.59 -8.42
CA GLY H 709 11.56 124.22 -8.64
C GLY H 709 11.27 123.46 -9.91
N GLY H 710 12.22 123.39 -10.84
CA GLY H 710 12.01 122.75 -12.11
C GLY H 710 12.96 121.60 -12.34
N GLU H 711 12.48 120.59 -13.07
CA GLU H 711 13.32 119.45 -13.45
C GLU H 711 14.38 119.90 -14.46
N GLU H 712 15.55 119.27 -14.38
CA GLU H 712 16.66 119.67 -15.26
C GLU H 712 16.32 119.44 -16.73
N TRP H 713 15.55 118.40 -17.03
CA TRP H 713 15.19 118.06 -18.40
C TRP H 713 13.76 117.54 -18.45
N GLY H 714 13.16 117.62 -19.62
CA GLY H 714 11.81 117.19 -19.85
C GLY H 714 11.05 118.19 -20.68
N GLY H 715 9.73 118.15 -20.56
CA GLY H 715 8.87 119.06 -21.30
C GLY H 715 8.41 120.25 -20.49
N ASN H 716 9.11 120.53 -19.39
CA ASN H 716 8.76 121.63 -18.51
C ASN H 716 9.54 122.88 -18.88
N GLY H 717 8.84 124.02 -18.92
CA GLY H 717 9.42 125.29 -19.28
C GLY H 717 9.11 126.34 -18.23
N VAL H 718 9.04 127.59 -18.69
CA VAL H 718 8.78 128.72 -17.81
C VAL H 718 7.31 128.72 -17.43
N GLY H 719 7.04 128.83 -16.12
CA GLY H 719 5.68 128.83 -15.62
C GLY H 719 5.16 127.48 -15.19
N ASP H 720 5.93 126.41 -15.35
CA ASP H 720 5.53 125.07 -14.94
C ASP H 720 5.85 124.78 -13.48
N ASP H 721 6.18 125.83 -12.72
CA ASP H 721 6.43 125.71 -11.29
C ASP H 721 6.26 127.09 -10.68
N LEU H 722 6.21 127.13 -9.34
CA LEU H 722 6.02 128.38 -8.62
C LEU H 722 7.30 129.19 -8.48
N PHE H 723 8.32 128.89 -9.27
CA PHE H 723 9.56 129.64 -9.30
C PHE H 723 9.77 130.37 -10.63
N SER H 724 8.86 130.18 -11.59
CA SER H 724 8.99 130.77 -12.92
C SER H 724 7.68 131.44 -13.30
N TYR H 725 7.78 132.46 -14.14
CA TYR H 725 6.62 133.26 -14.53
C TYR H 725 6.75 133.54 -16.03
N GLY H 726 5.78 133.05 -16.82
CA GLY H 726 5.94 133.03 -18.26
C GLY H 726 4.77 133.64 -18.99
N PHE H 727 5.00 133.87 -20.28
CA PHE H 727 4.01 134.43 -21.19
C PHE H 727 4.15 133.75 -22.55
N ASP H 728 3.02 133.36 -23.13
CA ASP H 728 3.02 132.67 -24.42
C ASP H 728 2.28 133.44 -25.51
N GLY H 729 1.79 134.63 -25.20
CA GLY H 729 1.04 135.41 -26.17
C GLY H 729 -0.46 135.37 -25.92
N LEU H 730 -0.92 134.30 -25.27
CA LEU H 730 -2.34 134.13 -24.97
C LEU H 730 -2.63 133.90 -23.50
N HIS H 731 -1.74 133.26 -22.75
CA HIS H 731 -1.97 132.93 -21.35
C HIS H 731 -0.81 133.40 -20.49
N LEU H 732 -1.07 133.50 -19.20
CA LEU H 732 -0.06 133.78 -18.20
C LEU H 732 0.24 132.49 -17.44
N TRP H 733 1.49 132.06 -17.44
CA TRP H 733 1.88 130.75 -16.96
C TRP H 733 2.61 130.88 -15.63
N SER H 734 2.11 130.17 -14.62
CA SER H 734 2.76 130.08 -13.33
C SER H 734 2.17 128.91 -12.56
N GLY H 735 3.04 128.09 -11.97
CA GLY H 735 2.57 126.90 -11.27
C GLY H 735 1.94 125.86 -12.15
N CYS H 736 2.35 125.76 -13.42
CA CYS H 736 1.84 124.81 -14.39
C CYS H 736 0.35 125.00 -14.68
N ILE H 737 -0.19 126.16 -14.34
CA ILE H 737 -1.60 126.48 -14.60
C ILE H 737 -1.64 127.79 -15.39
N ALA H 738 -2.44 127.79 -16.45
CA ALA H 738 -2.50 128.91 -17.37
C ALA H 738 -3.85 129.61 -17.27
N ARG H 739 -3.82 130.95 -17.29
CA ARG H 739 -5.02 131.76 -17.36
C ARG H 739 -4.94 132.68 -18.57
N THR H 740 -6.02 132.73 -19.35
CA THR H 740 -6.06 133.52 -20.56
C THR H 740 -6.05 135.02 -20.21
N VAL H 741 -5.18 135.77 -20.87
CA VAL H 741 -5.04 137.20 -20.65
C VAL H 741 -5.39 137.93 -21.94
N SER H 742 -6.22 138.96 -21.83
CA SER H 742 -6.66 139.69 -23.01
C SER H 742 -5.59 140.67 -23.48
N SER H 743 -5.56 140.90 -24.79
CA SER H 743 -4.61 141.82 -25.39
C SER H 743 -5.16 142.23 -26.75
N PRO H 744 -4.71 143.37 -27.30
CA PRO H 744 -5.14 143.76 -28.65
C PRO H 744 -4.62 142.76 -29.68
N ASN H 745 -5.54 142.20 -30.47
CA ASN H 745 -5.21 141.20 -31.49
C ASN H 745 -4.49 139.99 -30.87
N GLN H 746 -5.22 139.27 -30.02
CA GLN H 746 -4.66 138.11 -29.34
C GLN H 746 -4.15 137.08 -30.35
N HIS H 747 -2.94 136.58 -30.11
CA HIS H 747 -2.34 135.55 -30.95
C HIS H 747 -1.22 134.88 -30.19
N LEU H 748 -1.02 133.60 -30.48
CA LEU H 748 0.17 132.92 -29.99
C LEU H 748 1.41 133.56 -30.60
N LEU H 749 2.49 133.60 -29.82
CA LEU H 749 3.72 134.26 -30.26
C LEU H 749 4.21 133.65 -31.57
N ARG H 750 4.41 134.52 -32.57
CA ARG H 750 4.82 134.08 -33.90
C ARG H 750 5.91 135.00 -34.42
N THR H 751 6.21 134.87 -35.71
CA THR H 751 7.28 135.61 -36.34
C THR H 751 7.06 137.12 -36.22
N ASP H 752 8.16 137.84 -35.98
CA ASP H 752 8.15 139.30 -35.91
C ASP H 752 7.26 139.81 -34.77
N ASP H 753 7.34 139.13 -33.62
CA ASP H 753 6.65 139.55 -32.42
C ASP H 753 7.67 139.97 -31.36
N VAL H 754 7.41 141.09 -30.71
CA VAL H 754 8.32 141.69 -29.75
C VAL H 754 7.66 141.67 -28.38
N ILE H 755 8.30 141.02 -27.42
CA ILE H 755 7.76 140.86 -26.07
C ILE H 755 8.65 141.64 -25.11
N SER H 756 8.04 142.53 -24.34
CA SER H 756 8.74 143.32 -23.34
C SER H 756 8.28 142.91 -21.95
N CYS H 757 9.22 142.57 -21.09
CA CYS H 757 8.93 142.09 -19.74
C CYS H 757 9.40 143.12 -18.71
N CYS H 758 8.58 143.32 -17.68
CA CYS H 758 8.87 144.28 -16.63
C CYS H 758 8.80 143.58 -15.28
N LEU H 759 9.82 143.79 -14.45
CA LEU H 759 9.89 143.22 -13.12
C LEU H 759 10.14 144.34 -12.12
N ASP H 760 9.29 144.42 -11.09
CA ASP H 760 9.42 145.41 -10.02
C ASP H 760 9.52 144.65 -8.70
N LEU H 761 10.71 144.66 -8.10
CA LEU H 761 10.94 143.96 -6.85
C LEU H 761 10.54 144.79 -5.63
N SER H 762 10.28 146.09 -5.79
CA SER H 762 9.80 146.89 -4.67
C SER H 762 8.42 146.43 -4.23
N ALA H 763 7.44 146.54 -5.11
CA ALA H 763 6.15 145.88 -4.93
C ALA H 763 6.09 144.73 -5.93
N PRO H 764 6.12 143.47 -5.46
CA PRO H 764 6.20 142.34 -6.40
C PRO H 764 5.14 142.40 -7.48
N SER H 765 5.57 142.57 -8.73
CA SER H 765 4.65 142.67 -9.87
C SER H 765 5.44 142.43 -11.14
N ILE H 766 5.01 141.49 -11.96
CA ILE H 766 5.62 141.20 -13.25
C ILE H 766 4.59 141.51 -14.33
N SER H 767 4.94 142.42 -15.24
CA SER H 767 4.03 142.87 -16.28
C SER H 767 4.69 142.73 -17.64
N PHE H 768 3.88 142.50 -18.66
CA PHE H 768 4.35 142.32 -20.03
C PHE H 768 3.65 143.32 -20.96
N ARG H 769 4.28 143.58 -22.10
CA ARG H 769 3.68 144.35 -23.18
C ARG H 769 4.09 143.72 -24.50
N ILE H 770 3.10 143.31 -25.29
CA ILE H 770 3.34 142.67 -26.57
C ILE H 770 3.26 143.72 -27.67
N ASN H 771 4.33 143.82 -28.47
CA ASN H 771 4.41 144.77 -29.58
C ASN H 771 4.11 146.21 -29.15
N GLY H 772 4.45 146.53 -27.91
CA GLY H 772 4.17 147.84 -27.35
C GLY H 772 2.80 148.02 -26.73
N GLN H 773 1.93 147.02 -26.85
CA GLN H 773 0.61 147.09 -26.24
C GLN H 773 0.58 146.28 -24.95
N PRO H 774 0.03 146.84 -23.87
CA PRO H 774 0.07 146.15 -22.58
C PRO H 774 -0.91 144.99 -22.53
N VAL H 775 -0.47 143.89 -21.92
CA VAL H 775 -1.35 142.75 -21.65
C VAL H 775 -2.11 143.03 -20.36
N GLN H 776 -3.36 142.59 -20.31
CA GLN H 776 -4.25 142.96 -19.21
C GLN H 776 -4.16 141.94 -18.06
N GLY H 777 -2.94 141.78 -17.56
CA GLY H 777 -2.70 140.88 -16.45
C GLY H 777 -1.27 141.01 -15.97
N MET H 778 -1.04 140.61 -14.73
CA MET H 778 0.29 140.68 -14.13
C MET H 778 0.43 139.64 -13.03
N PHE H 779 1.68 139.26 -12.76
CA PHE H 779 2.02 138.37 -11.66
C PHE H 779 2.49 139.23 -10.50
N GLU H 780 1.78 139.16 -9.37
CA GLU H 780 2.11 140.00 -8.23
C GLU H 780 2.14 139.16 -6.96
N ASN H 781 2.71 139.77 -5.91
CA ASN H 781 2.75 139.19 -4.56
C ASN H 781 3.38 137.80 -4.55
N PHE H 782 4.46 137.63 -5.30
CA PHE H 782 5.20 136.38 -5.28
C PHE H 782 6.34 136.46 -4.27
N ASN H 783 7.05 135.35 -4.10
CA ASN H 783 8.16 135.30 -3.16
C ASN H 783 9.35 136.08 -3.71
N ILE H 784 9.99 136.86 -2.85
CA ILE H 784 11.13 137.68 -3.23
C ILE H 784 12.37 137.31 -2.43
N ASP H 785 12.41 136.11 -1.87
CA ASP H 785 13.56 135.71 -1.06
C ASP H 785 14.80 135.46 -1.91
N GLY H 786 14.63 134.90 -3.10
CA GLY H 786 15.73 134.49 -3.94
C GLY H 786 16.07 135.50 -5.01
N LEU H 787 16.90 135.06 -5.96
CA LEU H 787 17.35 135.89 -7.06
C LEU H 787 16.50 135.63 -8.30
N PHE H 788 16.37 136.65 -9.14
CA PHE H 788 15.57 136.60 -10.35
C PHE H 788 16.45 136.79 -11.58
N PHE H 789 15.97 136.29 -12.71
CA PHE H 789 16.71 136.37 -13.97
C PHE H 789 15.75 136.14 -15.12
N PRO H 790 15.98 136.76 -16.27
CA PRO H 790 15.16 136.48 -17.45
C PRO H 790 15.40 135.06 -17.95
N VAL H 791 14.37 134.52 -18.62
CA VAL H 791 14.42 133.16 -19.12
C VAL H 791 13.41 133.00 -20.24
N VAL H 792 13.77 132.20 -21.24
CA VAL H 792 12.87 131.82 -22.33
C VAL H 792 12.89 130.30 -22.46
N SER H 793 11.72 129.70 -22.61
CA SER H 793 11.59 128.25 -22.75
C SER H 793 11.06 127.93 -24.14
N PHE H 794 11.68 126.95 -24.79
CA PHE H 794 11.37 126.58 -26.16
C PHE H 794 11.55 125.08 -26.36
N SER H 795 10.95 124.57 -27.43
CA SER H 795 11.01 123.14 -27.73
C SER H 795 11.81 122.87 -29.00
N ALA H 796 11.42 123.44 -30.14
CA ALA H 796 12.10 123.18 -31.40
C ALA H 796 11.55 124.12 -32.46
N GLY H 797 12.40 124.48 -33.42
CA GLY H 797 11.98 125.31 -34.52
C GLY H 797 11.75 126.76 -34.18
N ILE H 798 12.50 127.32 -33.24
CA ILE H 798 12.37 128.73 -32.87
C ILE H 798 13.56 129.49 -33.40
N LYS H 799 13.41 130.81 -33.45
CA LYS H 799 14.52 131.73 -33.71
C LYS H 799 14.15 133.05 -33.02
N VAL H 800 14.66 133.23 -31.80
CA VAL H 800 14.38 134.42 -31.01
C VAL H 800 15.70 135.03 -30.57
N ARG H 801 15.69 136.34 -30.32
CA ARG H 801 16.88 137.07 -29.91
C ARG H 801 16.59 137.94 -28.70
N PHE H 802 17.47 137.85 -27.69
CA PHE H 802 17.39 138.69 -26.51
C PHE H 802 17.81 140.10 -26.85
N LEU H 803 17.01 141.08 -26.46
CA LEU H 803 17.36 142.48 -26.55
C LEU H 803 17.51 143.02 -25.14
N LEU H 804 18.73 143.00 -24.61
CA LEU H 804 18.99 143.36 -23.22
C LEU H 804 19.36 144.83 -23.06
N GLY H 805 19.44 145.59 -24.15
CA GLY H 805 19.71 147.00 -24.09
C GLY H 805 21.18 147.32 -24.04
N GLY H 806 21.51 148.60 -24.27
CA GLY H 806 22.89 149.03 -24.21
C GLY H 806 23.72 148.48 -25.34
N ARG H 807 24.81 147.80 -24.98
CA ARG H 807 25.66 147.17 -25.99
C ARG H 807 25.15 145.79 -26.36
N HIS H 808 24.49 145.11 -25.43
CA HIS H 808 24.07 143.74 -25.67
C HIS H 808 22.78 143.70 -26.48
N GLY H 809 22.11 144.85 -26.59
CA GLY H 809 20.93 144.98 -27.43
C GLY H 809 20.48 146.42 -27.45
N GLU H 810 19.29 146.64 -27.98
CA GLU H 810 18.61 147.92 -27.82
C GLU H 810 17.11 147.70 -27.82
N PHE H 811 16.37 148.70 -27.37
CA PHE H 811 14.95 148.56 -27.12
C PHE H 811 14.16 149.30 -28.19
N LYS H 812 13.44 148.55 -29.02
CA LYS H 812 12.60 149.19 -30.04
C LYS H 812 11.47 149.98 -29.39
N PHE H 813 10.92 149.47 -28.29
CA PHE H 813 9.97 150.20 -27.48
C PHE H 813 10.68 150.70 -26.22
N LEU H 814 10.47 151.97 -25.91
CA LEU H 814 11.16 152.60 -24.79
C LEU H 814 10.77 151.94 -23.48
N PRO H 815 11.72 151.75 -22.56
CA PRO H 815 11.40 151.16 -21.26
C PRO H 815 10.40 152.02 -20.51
N PRO H 816 9.52 151.41 -19.72
CA PRO H 816 8.62 152.20 -18.89
C PRO H 816 9.41 153.05 -17.92
N PRO H 817 8.89 154.22 -17.55
CA PRO H 817 9.66 155.12 -16.67
C PRO H 817 10.03 154.44 -15.36
N GLY H 818 11.24 154.72 -14.90
CA GLY H 818 11.76 154.11 -13.70
C GLY H 818 12.52 152.82 -13.96
N TYR H 819 11.95 151.95 -14.80
CA TYR H 819 12.59 150.67 -15.08
C TYR H 819 13.91 150.87 -15.80
N ALA H 820 14.93 150.13 -15.37
CA ALA H 820 16.26 150.22 -15.94
C ALA H 820 16.54 149.01 -16.83
N PRO H 821 17.37 149.18 -17.86
CA PRO H 821 17.71 148.05 -18.72
C PRO H 821 18.48 146.98 -17.96
N CYS H 822 18.30 145.73 -18.42
CA CYS H 822 18.83 144.59 -17.69
C CYS H 822 20.34 144.44 -17.82
N TYR H 823 20.96 145.07 -18.82
CA TYR H 823 22.41 144.93 -18.96
C TYR H 823 23.15 145.66 -17.86
N GLU H 824 22.50 146.62 -17.21
CA GLU H 824 23.11 147.43 -16.16
C GLU H 824 23.31 146.66 -14.86
N ALA H 825 22.79 145.44 -14.77
CA ALA H 825 22.94 144.61 -13.57
C ALA H 825 24.18 143.73 -13.60
N VAL H 826 24.91 143.70 -14.71
CA VAL H 826 26.10 142.86 -14.82
C VAL H 826 27.17 143.39 -13.88
N LEU H 827 27.78 142.50 -13.11
CA LEU H 827 28.90 142.90 -12.26
C LEU H 827 30.07 143.33 -13.15
N PRO H 828 30.87 144.30 -12.70
CA PRO H 828 31.86 144.90 -13.61
C PRO H 828 32.86 143.93 -14.21
N LYS H 829 33.31 142.94 -13.45
CA LYS H 829 34.34 142.03 -13.96
C LYS H 829 33.77 141.05 -14.99
N GLU H 830 32.60 140.48 -14.72
CA GLU H 830 32.03 139.48 -15.60
C GLU H 830 31.49 140.12 -16.88
N LYS H 831 31.41 139.30 -17.93
CA LYS H 831 30.83 139.70 -19.20
C LYS H 831 29.50 138.98 -19.38
N LEU H 832 28.54 139.66 -19.98
CA LEU H 832 27.20 139.10 -20.11
C LEU H 832 27.18 138.04 -21.20
N LYS H 833 26.70 136.85 -20.84
CA LYS H 833 26.50 135.77 -21.80
C LYS H 833 25.05 135.30 -21.69
N VAL H 834 24.67 134.38 -22.58
CA VAL H 834 23.38 133.71 -22.48
C VAL H 834 23.66 132.20 -22.46
N GLU H 835 23.50 131.58 -21.30
CA GLU H 835 23.84 130.18 -21.11
C GLU H 835 22.56 129.34 -21.05
N HIS H 836 22.75 128.03 -21.02
CA HIS H 836 21.67 127.14 -20.62
C HIS H 836 21.36 127.33 -19.14
N SER H 837 20.08 127.35 -18.80
CA SER H 837 19.71 127.47 -17.38
C SER H 837 20.17 126.26 -16.59
N ARG H 838 20.12 125.08 -17.18
CA ARG H 838 20.56 123.87 -16.52
C ARG H 838 22.02 123.59 -16.82
N GLU H 839 22.61 122.71 -16.01
CA GLU H 839 24.07 122.53 -16.04
C GLU H 839 24.53 121.79 -17.29
N TYR H 840 23.84 120.73 -17.68
CA TYR H 840 24.32 119.81 -18.70
C TYR H 840 23.71 120.14 -20.05
N LYS H 841 24.53 120.08 -21.10
CA LYS H 841 24.15 120.43 -22.46
C LYS H 841 24.39 119.23 -23.37
N GLN H 842 24.05 119.34 -24.65
CA GLN H 842 24.37 118.30 -25.62
C GLN H 842 25.85 118.40 -26.00
N GLU H 843 26.59 117.31 -25.78
CA GLU H 843 28.00 117.25 -26.09
C GLU H 843 28.45 115.80 -26.04
N ARG H 844 29.73 115.56 -26.31
CA ARG H 844 30.28 114.22 -26.28
C ARG H 844 30.23 113.65 -24.87
N THR H 845 30.03 112.33 -24.77
CA THR H 845 29.88 111.68 -23.49
C THR H 845 31.14 111.80 -22.62
N TYR H 846 32.32 111.54 -23.19
CA TYR H 846 33.55 111.60 -22.42
C TYR H 846 34.05 113.02 -22.18
N THR H 847 33.59 113.99 -22.96
CA THR H 847 33.90 115.39 -22.72
C THR H 847 32.88 116.09 -21.84
N ARG H 848 31.78 115.41 -21.50
CA ARG H 848 30.77 116.00 -20.64
C ARG H 848 31.33 116.22 -19.25
N ASP H 849 31.33 117.47 -18.80
CA ASP H 849 31.89 117.84 -17.51
C ASP H 849 30.84 117.62 -16.43
N LEU H 850 31.01 116.56 -15.64
CA LEU H 850 30.12 116.30 -14.52
C LEU H 850 30.35 117.35 -13.44
N LEU H 851 29.27 117.95 -12.96
CA LEU H 851 29.35 119.05 -12.02
C LEU H 851 28.76 118.64 -10.67
N GLY H 852 29.45 119.02 -9.60
CA GLY H 852 28.95 118.82 -8.26
C GLY H 852 28.12 119.99 -7.81
N PRO H 853 27.73 120.00 -6.54
CA PRO H 853 26.98 121.14 -6.00
C PRO H 853 27.77 122.44 -6.14
N THR H 854 27.08 123.50 -6.54
CA THR H 854 27.75 124.78 -6.74
C THR H 854 27.73 125.61 -5.45
N VAL H 855 28.72 126.47 -5.31
CA VAL H 855 28.78 127.39 -4.18
C VAL H 855 27.64 128.38 -4.27
N SER H 856 26.99 128.63 -3.14
CA SER H 856 25.87 129.58 -3.12
C SER H 856 26.35 130.97 -3.50
N LEU H 857 25.62 131.61 -4.40
CA LEU H 857 26.01 132.91 -4.93
C LEU H 857 25.39 134.02 -4.07
N THR H 858 25.99 134.22 -2.90
CA THR H 858 25.54 135.24 -1.96
C THR H 858 26.18 136.60 -2.20
N GLN H 859 27.17 136.68 -3.08
CA GLN H 859 27.87 137.94 -3.30
C GLN H 859 27.08 138.91 -4.17
N ALA H 860 25.99 138.46 -4.80
CA ALA H 860 25.16 139.37 -5.58
C ALA H 860 24.53 140.44 -4.70
N ALA H 861 24.05 140.05 -3.53
CA ALA H 861 23.44 140.97 -2.58
C ALA H 861 24.55 141.59 -1.75
N PHE H 862 25.05 142.74 -2.18
CA PHE H 862 26.12 143.45 -1.47
C PHE H 862 25.49 144.31 -0.39
N THR H 863 25.36 143.74 0.80
CA THR H 863 24.88 144.48 1.96
C THR H 863 26.07 145.03 2.73
N PRO H 864 26.27 146.34 2.79
CA PRO H 864 27.42 146.89 3.52
C PRO H 864 27.23 146.70 5.03
N ILE H 865 27.98 145.77 5.60
CA ILE H 865 27.88 145.44 7.01
C ILE H 865 29.00 146.17 7.75
N PRO H 866 28.68 147.09 8.65
CA PRO H 866 29.72 147.76 9.44
C PRO H 866 30.00 146.99 10.72
N VAL H 867 31.25 147.04 11.17
CA VAL H 867 31.56 146.56 12.51
C VAL H 867 31.02 147.56 13.53
N ASP H 868 30.31 147.05 14.53
CA ASP H 868 29.67 147.92 15.50
C ASP H 868 30.72 148.48 16.47
N THR H 869 30.71 149.81 16.61
CA THR H 869 31.66 150.49 17.49
C THR H 869 31.01 151.44 18.47
N SER H 870 29.71 151.73 18.35
CA SER H 870 29.06 152.67 19.25
C SER H 870 29.09 152.18 20.68
N GLN H 871 29.07 150.86 20.87
CA GLN H 871 29.07 150.31 22.23
C GLN H 871 30.40 150.55 22.93
N ILE H 872 31.49 150.70 22.17
CA ILE H 872 32.81 150.84 22.76
C ILE H 872 33.06 152.29 23.14
N VAL H 873 33.69 152.50 24.29
CA VAL H 873 34.00 153.83 24.80
C VAL H 873 35.52 154.02 24.73
N LEU H 874 35.93 155.24 24.38
CA LEU H 874 37.34 155.54 24.22
C LEU H 874 38.09 155.33 25.53
N PRO H 875 39.20 154.58 25.52
CA PRO H 875 40.01 154.47 26.74
C PRO H 875 40.63 155.82 27.09
N PRO H 876 41.05 155.99 28.35
CA PRO H 876 41.52 157.33 28.78
C PRO H 876 42.68 157.89 27.97
N HIS H 877 43.60 157.03 27.51
CA HIS H 877 44.71 157.52 26.70
C HIS H 877 44.23 158.10 25.39
N LEU H 878 43.38 157.36 24.69
CA LEU H 878 42.81 157.86 23.45
C LEU H 878 41.97 159.09 23.71
N GLU H 879 41.32 159.15 24.88
CA GLU H 879 40.52 160.31 25.22
C GLU H 879 41.37 161.56 25.38
N ARG H 880 42.55 161.46 26.00
CA ARG H 880 43.31 162.71 26.13
C ARG H 880 44.05 163.03 24.84
N ILE H 881 44.29 162.03 23.98
CA ILE H 881 44.98 162.28 22.72
C ILE H 881 43.99 162.53 21.56
N ARG H 882 42.68 162.57 21.86
CA ARG H 882 41.70 162.87 20.82
C ARG H 882 41.97 164.22 20.15
N GLU H 883 42.37 165.23 20.91
CA GLU H 883 42.69 166.52 20.31
C GLU H 883 43.89 166.41 19.37
N LYS H 884 44.89 165.61 19.74
CA LYS H 884 46.05 165.43 18.88
C LYS H 884 45.70 164.64 17.62
N LEU H 885 44.78 163.68 17.71
CA LEU H 885 44.25 163.06 16.49
C LEU H 885 43.47 164.05 15.62
N ALA H 886 42.71 164.96 16.23
CA ALA H 886 42.04 165.98 15.42
C ALA H 886 43.06 166.86 14.71
N GLU H 887 44.12 167.24 15.41
CA GLU H 887 45.20 167.99 14.77
C GLU H 887 45.85 167.18 13.66
N ASN H 888 46.04 165.87 13.89
CA ASN H 888 46.66 165.01 12.90
C ASN H 888 45.82 164.92 11.63
N ILE H 889 44.52 164.74 11.76
CA ILE H 889 43.66 164.70 10.58
C ILE H 889 43.59 166.06 9.88
N HIS H 890 43.65 167.17 10.64
CA HIS H 890 43.74 168.46 9.99
C HIS H 890 45.03 168.57 9.16
N GLU H 891 46.15 168.11 9.74
CA GLU H 891 47.39 168.00 8.99
C GLU H 891 47.24 167.10 7.77
N LEU H 892 46.42 166.05 7.87
CA LEU H 892 46.17 165.19 6.72
C LEU H 892 45.48 165.93 5.58
N TRP H 893 44.43 166.71 5.86
CA TRP H 893 43.86 167.49 4.77
C TRP H 893 44.88 168.48 4.21
N VAL H 894 45.58 169.20 5.09
CA VAL H 894 46.44 170.27 4.62
C VAL H 894 47.70 169.74 3.93
N MET H 895 48.02 168.46 4.09
CA MET H 895 49.03 167.87 3.22
C MET H 895 48.45 167.33 1.93
N ASN H 896 47.36 166.57 1.99
CA ASN H 896 46.76 165.96 0.81
C ASN H 896 46.38 166.98 -0.25
N LYS H 897 45.59 167.98 0.12
CA LYS H 897 45.23 169.00 -0.85
C LYS H 897 46.43 169.83 -1.26
N ILE H 898 47.46 169.92 -0.40
CA ILE H 898 48.62 170.68 -0.86
C ILE H 898 49.63 169.81 -1.58
N GLU H 899 49.67 168.50 -1.32
CA GLU H 899 50.58 167.65 -2.08
C GLU H 899 50.04 167.39 -3.48
N LEU H 900 48.73 167.56 -3.69
CA LEU H 900 48.20 167.44 -5.05
C LEU H 900 48.19 168.76 -5.83
N GLY H 901 48.88 169.80 -5.38
CA GLY H 901 48.94 171.05 -6.12
C GLY H 901 47.71 171.94 -6.01
N TRP H 902 46.83 171.65 -5.07
CA TRP H 902 45.49 172.19 -4.90
C TRP H 902 45.56 173.43 -3.99
N GLN H 903 44.57 174.33 -4.05
CA GLN H 903 44.61 175.51 -3.18
C GLN H 903 43.30 175.67 -2.42
N TYR H 904 43.19 176.80 -1.72
CA TYR H 904 42.21 176.96 -0.65
C TYR H 904 41.08 177.89 -1.07
N GLY H 905 39.85 177.54 -0.68
CA GLY H 905 38.70 178.39 -0.89
C GLY H 905 37.44 177.83 -0.25
N PRO H 906 36.41 178.67 -0.12
CA PRO H 906 35.20 178.20 0.59
C PRO H 906 34.50 177.03 -0.09
N VAL H 907 34.13 177.16 -1.36
CA VAL H 907 33.37 176.11 -2.03
C VAL H 907 34.31 175.01 -2.49
N ARG H 908 33.93 173.77 -2.21
CA ARG H 908 34.73 172.59 -2.56
C ARG H 908 34.53 172.21 -4.03
N ASP H 909 34.85 173.17 -4.90
CA ASP H 909 34.67 173.00 -6.35
C ASP H 909 36.03 172.68 -6.96
N ASP H 910 36.09 171.60 -7.74
CA ASP H 910 37.37 171.13 -8.26
C ASP H 910 37.84 171.95 -9.47
N ASN H 911 36.93 172.63 -10.16
CA ASN H 911 37.32 173.37 -11.36
C ASN H 911 38.05 174.66 -11.03
N LYS H 912 37.50 175.48 -10.12
CA LYS H 912 38.20 176.66 -9.65
C LYS H 912 39.28 176.32 -8.63
N ARG H 913 39.40 175.04 -8.27
CA ARG H 913 40.46 174.54 -7.40
C ARG H 913 40.49 175.25 -6.04
N GLN H 914 39.34 175.30 -5.35
CA GLN H 914 39.27 175.93 -4.04
C GLN H 914 38.80 174.88 -3.03
N HIS H 915 39.49 174.80 -1.87
CA HIS H 915 39.12 173.88 -0.78
C HIS H 915 39.38 174.49 0.60
N PRO H 916 38.42 174.42 1.52
CA PRO H 916 38.66 174.94 2.88
C PRO H 916 39.50 174.01 3.74
N CYS H 917 39.82 172.81 3.27
CA CYS H 917 40.52 171.84 4.09
C CYS H 917 41.96 172.25 4.33
N LEU H 918 42.53 173.08 3.45
CA LEU H 918 43.91 173.52 3.63
C LEU H 918 44.03 174.56 4.74
N VAL H 919 42.90 175.06 5.25
CA VAL H 919 42.91 176.14 6.23
C VAL H 919 42.52 175.53 7.58
N GLU H 920 42.65 176.31 8.65
CA GLU H 920 42.39 175.86 10.00
C GLU H 920 41.01 175.19 10.12
N PHE H 921 40.91 174.31 11.12
CA PHE H 921 39.64 173.62 11.37
C PHE H 921 38.55 174.61 11.78
N SER H 922 38.94 175.79 12.24
CA SER H 922 37.94 176.80 12.62
C SER H 922 37.17 177.29 11.40
N LYS H 923 37.86 177.68 10.34
CA LYS H 923 37.17 178.10 9.12
C LYS H 923 36.66 176.88 8.36
N LEU H 924 37.36 175.75 8.49
CA LEU H 924 36.87 174.50 7.93
C LEU H 924 35.52 174.16 8.55
N PRO H 925 34.58 173.66 7.75
CA PRO H 925 33.25 173.35 8.28
C PRO H 925 33.31 172.41 9.48
N GLU H 926 32.80 172.87 10.62
CA GLU H 926 32.90 172.10 11.85
C GLU H 926 32.19 170.76 11.73
N GLN H 927 31.13 170.68 10.93
CA GLN H 927 30.41 169.41 10.81
C GLN H 927 31.30 168.32 10.19
N GLU H 928 31.98 168.61 9.08
CA GLU H 928 32.85 167.60 8.48
C GLU H 928 34.15 167.44 9.28
N ARG H 929 34.60 168.52 9.93
CA ARG H 929 35.76 168.39 10.81
C ARG H 929 35.49 167.38 11.90
N ASN H 930 34.31 167.46 12.54
CA ASN H 930 33.95 166.49 13.57
C ASN H 930 33.64 165.14 12.97
N TYR H 931 33.04 165.11 11.77
CA TYR H 931 32.80 163.82 11.11
C TYR H 931 34.11 163.05 10.97
N ASN H 932 35.14 163.68 10.42
CA ASN H 932 36.43 163.00 10.31
C ASN H 932 37.10 162.80 11.66
N LEU H 933 36.88 163.70 12.61
CA LEU H 933 37.39 163.52 13.97
C LEU H 933 36.91 162.20 14.55
N GLN H 934 35.60 161.97 14.55
CA GLN H 934 35.15 160.70 15.10
C GLN H 934 35.30 159.54 14.14
N MET H 935 35.36 159.73 12.83
CA MET H 935 35.55 158.53 12.03
C MET H 935 37.01 158.06 12.14
N SER H 936 37.91 158.96 12.53
CA SER H 936 39.23 158.54 13.00
C SER H 936 39.16 157.93 14.40
N LEU H 937 38.26 158.45 15.25
CA LEU H 937 38.08 157.86 16.57
C LEU H 937 37.60 156.41 16.48
N GLU H 938 36.53 156.16 15.71
CA GLU H 938 36.15 154.77 15.46
C GLU H 938 37.09 154.07 14.49
N THR H 939 38.00 154.79 13.84
CA THR H 939 39.13 154.07 13.22
C THR H 939 39.98 153.38 14.28
N LEU H 940 40.43 154.12 15.27
CA LEU H 940 41.20 153.50 16.35
C LEU H 940 40.33 152.56 17.18
N LYS H 941 39.02 152.82 17.23
CA LYS H 941 38.10 151.97 17.97
C LYS H 941 37.83 150.66 17.22
N THR H 942 37.84 150.71 15.89
CA THR H 942 37.79 149.51 15.08
C THR H 942 39.10 148.74 15.21
N LEU H 943 40.21 149.45 15.37
CA LEU H 943 41.46 148.78 15.71
C LEU H 943 41.32 148.05 17.05
N LEU H 944 40.74 148.70 18.05
CA LEU H 944 40.53 148.06 19.34
C LEU H 944 39.59 146.86 19.26
N ALA H 945 38.46 146.99 18.57
CA ALA H 945 37.54 145.89 18.35
C ALA H 945 38.14 144.79 17.48
N LEU H 946 39.20 145.11 16.72
CA LEU H 946 39.96 144.13 15.97
C LEU H 946 41.14 143.59 16.78
N GLY H 947 41.32 144.07 18.00
CA GLY H 947 42.39 143.60 18.85
C GLY H 947 43.67 144.43 18.78
N CYS H 948 43.65 145.56 18.10
CA CYS H 948 44.81 146.44 18.00
C CYS H 948 44.87 147.32 19.24
N HIS H 949 45.97 147.22 19.97
CA HIS H 949 46.04 147.70 21.35
C HIS H 949 46.89 148.98 21.37
N VAL H 950 46.26 150.07 20.93
CA VAL H 950 46.94 151.34 20.66
C VAL H 950 47.23 152.02 21.99
N GLY H 951 48.46 151.89 22.48
CA GLY H 951 48.91 152.56 23.70
C GLY H 951 50.20 153.31 23.46
N ILE H 952 50.43 154.35 24.26
CA ILE H 952 51.61 155.18 24.10
C ILE H 952 52.86 154.38 24.44
N SER H 953 53.94 154.60 23.68
CA SER H 953 55.21 153.97 24.00
C SER H 953 55.93 154.72 25.13
N ASP H 954 56.17 156.02 24.94
CA ASP H 954 56.82 156.85 25.94
C ASP H 954 56.55 158.32 25.63
N GLU H 955 56.86 159.19 26.58
CA GLU H 955 56.63 160.61 26.37
C GLU H 955 57.63 161.20 25.38
N HIS H 956 58.74 160.50 25.12
CA HIS H 956 59.66 160.89 24.06
C HIS H 956 58.96 160.94 22.71
N ALA H 957 58.17 159.92 22.39
CA ALA H 957 57.57 159.80 21.07
C ALA H 957 56.54 160.87 20.80
N GLU H 958 56.09 161.58 21.82
CA GLU H 958 55.23 162.74 21.66
C GLU H 958 56.00 164.05 21.79
N ASP H 959 57.06 164.09 22.59
CA ASP H 959 57.81 165.32 22.77
C ASP H 959 58.68 165.63 21.55
N LYS H 960 59.14 164.60 20.84
CA LYS H 960 60.00 164.79 19.67
C LYS H 960 59.10 164.85 18.44
N VAL H 961 59.34 165.84 17.57
CA VAL H 961 58.69 165.93 16.27
C VAL H 961 59.75 166.30 15.25
N LYS H 962 59.74 165.62 14.11
CA LYS H 962 60.73 165.87 13.06
C LYS H 962 60.23 166.98 12.15
N LYS H 963 61.12 167.56 11.35
CA LYS H 963 60.77 168.68 10.49
C LYS H 963 60.89 168.27 9.04
N MET H 964 59.84 168.53 8.27
CA MET H 964 59.84 168.17 6.86
C MET H 964 60.21 169.36 5.99
N LYS H 965 60.68 169.06 4.78
CA LYS H 965 60.93 170.08 3.79
C LYS H 965 59.61 170.73 3.40
N LEU H 966 59.54 172.05 3.56
CA LEU H 966 58.29 172.80 3.38
C LEU H 966 58.54 173.93 2.39
N PRO H 967 58.59 173.62 1.09
CA PRO H 967 58.70 174.67 0.08
C PRO H 967 57.40 175.45 -0.02
N LYS H 968 57.37 176.40 -0.96
CA LYS H 968 56.16 177.18 -1.16
C LYS H 968 55.03 176.33 -1.73
N ASN H 969 55.36 175.37 -2.60
CA ASN H 969 54.33 174.49 -3.15
C ASN H 969 53.69 173.64 -2.07
N TYR H 970 54.49 173.09 -1.16
CA TYR H 970 54.00 172.30 -0.04
C TYR H 970 53.49 173.17 1.10
N GLN H 971 53.67 174.49 1.02
CA GLN H 971 53.25 175.39 2.07
C GLN H 971 51.73 175.44 2.18
N LEU H 972 51.25 175.70 3.39
CA LEU H 972 49.84 175.73 3.73
C LEU H 972 49.46 177.10 4.26
N THR H 973 48.17 177.28 4.56
CA THR H 973 47.69 178.54 5.10
C THR H 973 47.33 178.44 6.58
N SER H 974 47.17 177.23 7.10
CA SER H 974 46.83 177.06 8.50
C SER H 974 48.09 176.89 9.35
N GLY H 975 47.92 177.04 10.66
CA GLY H 975 49.06 176.96 11.57
C GLY H 975 49.54 175.53 11.79
N TYR H 976 48.66 174.56 11.57
CA TYR H 976 49.00 173.15 11.81
C TYR H 976 49.90 172.67 10.68
N LYS H 977 51.21 172.87 10.87
CA LYS H 977 52.18 172.50 9.86
C LYS H 977 52.08 171.01 9.53
N PRO H 978 52.08 170.65 8.24
CA PRO H 978 52.01 169.22 7.88
C PRO H 978 53.39 168.58 7.86
N ALA H 979 54.17 168.79 8.91
CA ALA H 979 55.52 168.24 9.03
C ALA H 979 55.70 167.59 10.40
N PRO H 980 54.95 166.51 10.69
CA PRO H 980 55.14 165.82 11.98
C PRO H 980 56.46 165.08 12.02
N MET H 981 56.67 164.22 11.03
CA MET H 981 57.89 163.43 10.86
C MET H 981 57.77 162.69 9.54
N ASP H 982 58.91 162.39 8.92
CA ASP H 982 58.92 161.55 7.74
C ASP H 982 58.59 160.12 8.15
N LEU H 983 57.75 159.43 7.35
CA LEU H 983 57.24 158.15 7.80
C LEU H 983 58.14 157.01 7.36
N SER H 984 59.29 157.34 6.76
CA SER H 984 60.18 156.31 6.25
C SER H 984 60.75 155.45 7.37
N PHE H 985 61.17 156.07 8.48
CA PHE H 985 61.74 155.27 9.57
C PHE H 985 60.69 154.53 10.37
N ILE H 986 59.41 154.78 10.11
CA ILE H 986 58.30 154.14 10.80
C ILE H 986 57.76 153.04 9.90
N LYS H 987 57.80 151.81 10.40
CA LYS H 987 57.36 150.65 9.63
C LYS H 987 56.16 150.02 10.31
N LEU H 988 55.14 149.71 9.50
CA LEU H 988 53.93 149.07 9.96
C LEU H 988 54.04 147.57 9.70
N THR H 989 53.86 146.77 10.74
CA THR H 989 54.04 145.33 10.63
C THR H 989 53.04 144.74 9.62
N PRO H 990 53.41 143.64 8.96
CA PRO H 990 52.54 143.11 7.88
C PRO H 990 51.11 142.81 8.31
N SER H 991 50.93 142.24 9.51
CA SER H 991 49.58 142.02 10.02
C SER H 991 48.85 143.34 10.25
N GLN H 992 49.58 144.35 10.74
CA GLN H 992 49.00 145.67 10.92
C GLN H 992 48.60 146.30 9.58
N GLU H 993 49.39 146.10 8.54
CA GLU H 993 49.03 146.56 7.20
C GLU H 993 47.80 145.84 6.67
N ALA H 994 47.70 144.53 6.90
CA ALA H 994 46.50 143.79 6.51
C ALA H 994 45.27 144.31 7.25
N MET H 995 45.42 144.64 8.53
CA MET H 995 44.29 145.18 9.29
C MET H 995 43.98 146.61 8.84
N VAL H 996 44.98 147.35 8.38
CA VAL H 996 44.72 148.63 7.73
C VAL H 996 43.86 148.45 6.50
N ASP H 997 44.17 147.43 5.70
CA ASP H 997 43.34 147.09 4.54
C ASP H 997 41.92 146.75 4.98
N LYS H 998 41.79 145.96 6.05
CA LYS H 998 40.47 145.59 6.56
C LYS H 998 39.69 146.81 7.01
N LEU H 999 40.35 147.76 7.67
CA LEU H 999 39.64 148.93 8.17
C LEU H 999 39.30 149.89 7.05
N ALA H 1000 40.13 149.93 6.00
CA ALA H 1000 39.74 150.66 4.79
C ALA H 1000 38.51 150.03 4.15
N GLU H 1001 38.45 148.71 4.15
CA GLU H 1001 37.23 148.02 3.70
C GLU H 1001 36.03 148.42 4.56
N ASN H 1002 36.24 148.52 5.87
CA ASN H 1002 35.17 148.94 6.77
C ASN H 1002 34.71 150.36 6.47
N ALA H 1003 35.67 151.26 6.18
CA ALA H 1003 35.31 152.63 5.82
C ALA H 1003 34.54 152.68 4.51
N HIS H 1004 34.93 151.85 3.53
CA HIS H 1004 34.16 151.73 2.31
C HIS H 1004 32.75 151.23 2.59
N ASN H 1005 32.62 150.27 3.51
CA ASN H 1005 31.30 149.81 3.93
C ASN H 1005 30.49 150.93 4.56
N VAL H 1006 31.13 151.77 5.36
CA VAL H 1006 30.43 152.90 5.98
C VAL H 1006 29.92 153.86 4.91
N TRP H 1007 30.77 154.17 3.93
CA TRP H 1007 30.38 155.04 2.83
C TRP H 1007 29.19 154.46 2.06
N ALA H 1008 29.27 153.17 1.74
CA ALA H 1008 28.19 152.51 1.01
C ALA H 1008 26.92 152.50 1.84
N ARG H 1009 27.02 152.28 3.15
CA ARG H 1009 25.84 152.28 4.00
C ARG H 1009 25.18 153.65 4.04
N ASP H 1010 25.99 154.71 4.12
CA ASP H 1010 25.42 156.06 4.07
C ASP H 1010 24.69 156.27 2.75
N ARG H 1011 25.29 155.82 1.65
CA ARG H 1011 24.64 155.97 0.35
C ARG H 1011 23.32 155.17 0.29
N ILE H 1012 23.29 154.00 0.91
CA ILE H 1012 22.04 153.25 1.01
C ILE H 1012 21.00 154.03 1.81
N ARG H 1013 21.42 154.66 2.91
CA ARG H 1013 20.49 155.46 3.70
C ARG H 1013 19.92 156.61 2.88
N GLN H 1014 20.75 157.27 2.07
CA GLN H 1014 20.19 158.24 1.14
C GLN H 1014 19.38 157.58 0.03
N GLY H 1015 19.54 156.27 -0.17
CA GLY H 1015 18.81 155.55 -1.18
C GLY H 1015 19.59 155.21 -2.44
N TRP H 1016 20.90 155.46 -2.45
CA TRP H 1016 21.70 155.17 -3.63
C TRP H 1016 21.68 153.68 -3.95
N THR H 1017 21.59 153.36 -5.23
CA THR H 1017 21.65 151.98 -5.69
C THR H 1017 22.67 151.86 -6.81
N TYR H 1018 23.19 150.64 -6.98
CA TYR H 1018 24.32 150.43 -7.87
C TYR H 1018 23.87 150.48 -9.33
N GLY H 1019 24.71 151.08 -10.16
CA GLY H 1019 24.54 151.00 -11.62
C GLY H 1019 25.89 151.06 -12.29
N ILE H 1020 26.01 150.36 -13.41
CA ILE H 1020 27.31 150.29 -14.10
C ILE H 1020 27.77 151.68 -14.50
N GLN H 1021 26.87 152.48 -15.08
CA GLN H 1021 27.17 153.88 -15.31
C GLN H 1021 26.85 154.70 -14.05
N GLN H 1022 27.33 155.94 -14.03
CA GLN H 1022 27.11 156.84 -12.91
C GLN H 1022 26.04 157.85 -13.30
N ASP H 1023 25.02 157.99 -12.45
CA ASP H 1023 23.93 158.92 -12.67
C ASP H 1023 23.59 159.61 -11.36
N VAL H 1024 23.12 160.85 -11.46
CA VAL H 1024 22.63 161.60 -10.31
C VAL H 1024 21.12 161.76 -10.35
N LYS H 1025 20.52 161.73 -11.54
CA LYS H 1025 19.07 161.79 -11.64
C LYS H 1025 18.44 160.51 -11.08
N ASN H 1026 18.80 159.36 -11.65
CA ASN H 1026 18.51 158.08 -11.00
C ASN H 1026 19.34 157.89 -9.74
N ARG H 1027 20.38 158.69 -9.57
CA ARG H 1027 21.18 158.73 -8.35
C ARG H 1027 21.79 157.36 -8.08
N ARG H 1028 22.60 156.92 -9.04
CA ARG H 1028 23.14 155.57 -9.10
C ARG H 1028 24.66 155.65 -9.23
N ASN H 1029 25.37 154.77 -8.52
CA ASN H 1029 26.82 154.83 -8.47
C ASN H 1029 27.41 153.45 -8.74
N PRO H 1030 28.34 153.34 -9.71
CA PRO H 1030 29.15 152.11 -9.81
C PRO H 1030 30.09 151.90 -8.64
N ARG H 1031 30.37 152.94 -7.85
CA ARG H 1031 31.24 152.80 -6.70
C ARG H 1031 30.59 151.97 -5.59
N LEU H 1032 29.28 151.76 -5.65
CA LEU H 1032 28.57 150.96 -4.65
C LEU H 1032 28.85 149.48 -4.91
N VAL H 1033 30.06 149.05 -4.61
CA VAL H 1033 30.48 147.67 -4.82
C VAL H 1033 31.28 147.21 -3.60
N PRO H 1034 31.40 145.90 -3.35
CA PRO H 1034 32.28 145.44 -2.27
C PRO H 1034 33.73 145.83 -2.56
N TYR H 1035 34.50 145.97 -1.48
CA TYR H 1035 35.88 146.44 -1.61
C TYR H 1035 36.69 145.55 -2.53
N THR H 1036 36.41 144.25 -2.54
CA THR H 1036 37.10 143.35 -3.46
C THR H 1036 36.79 143.70 -4.90
N LEU H 1037 35.56 144.12 -5.19
CA LEU H 1037 35.18 144.51 -6.54
C LEU H 1037 35.43 145.98 -6.81
N LEU H 1038 35.91 146.73 -5.82
CA LEU H 1038 36.19 148.15 -6.01
C LEU H 1038 37.35 148.32 -6.99
N ASP H 1039 37.37 149.46 -7.68
CA ASP H 1039 38.44 149.70 -8.64
C ASP H 1039 39.74 150.09 -7.93
N ASP H 1040 40.86 149.73 -8.58
CA ASP H 1040 42.17 149.88 -7.96
C ASP H 1040 42.48 151.33 -7.65
N ARG H 1041 41.95 152.26 -8.44
CA ARG H 1041 42.22 153.68 -8.25
C ARG H 1041 41.63 154.20 -6.93
N THR H 1042 40.36 153.90 -6.65
CA THR H 1042 39.79 154.28 -5.36
C THR H 1042 40.41 153.46 -4.24
N LYS H 1043 40.72 152.19 -4.53
CA LYS H 1043 41.47 151.38 -3.56
C LYS H 1043 42.72 152.11 -3.10
N LYS H 1044 43.51 152.60 -4.05
CA LYS H 1044 44.78 153.22 -3.71
C LYS H 1044 44.59 154.58 -3.05
N SER H 1045 43.56 155.33 -3.46
CA SER H 1045 43.30 156.62 -2.79
C SER H 1045 42.99 156.40 -1.32
N ASN H 1046 42.00 155.56 -1.01
CA ASN H 1046 41.67 155.27 0.37
C ASN H 1046 42.85 154.64 1.09
N LYS H 1047 43.59 153.78 0.38
CA LYS H 1047 44.73 153.09 0.95
C LYS H 1047 45.79 154.09 1.42
N ASP H 1048 46.21 154.99 0.54
CA ASP H 1048 47.25 155.93 0.90
C ASP H 1048 46.78 156.85 2.03
N SER H 1049 45.53 157.33 1.96
CA SER H 1049 45.03 158.19 3.03
C SER H 1049 45.09 157.49 4.38
N LEU H 1050 44.53 156.28 4.46
CA LEU H 1050 44.38 155.63 5.74
C LEU H 1050 45.70 155.09 6.25
N ARG H 1051 46.56 154.61 5.35
CA ARG H 1051 47.90 154.17 5.73
C ARG H 1051 48.72 155.34 6.26
N GLU H 1052 48.64 156.50 5.61
CA GLU H 1052 49.34 157.67 6.12
C GLU H 1052 48.81 158.07 7.49
N ALA H 1053 47.49 158.00 7.68
CA ALA H 1053 46.92 158.29 8.99
C ALA H 1053 47.42 157.34 10.07
N VAL H 1054 47.42 156.04 9.81
CA VAL H 1054 47.87 155.07 10.81
C VAL H 1054 49.36 155.22 11.06
N ARG H 1055 50.13 155.51 10.01
CA ARG H 1055 51.56 155.75 10.15
C ARG H 1055 51.83 156.95 11.04
N THR H 1056 51.06 158.03 10.86
CA THR H 1056 51.25 159.20 11.70
C THR H 1056 50.81 158.95 13.13
N LEU H 1057 49.74 158.18 13.33
CA LEU H 1057 49.38 157.74 14.67
C LEU H 1057 50.49 156.96 15.35
N LEU H 1058 51.16 156.06 14.63
CA LEU H 1058 52.35 155.41 15.17
C LEU H 1058 53.47 156.41 15.45
N GLY H 1059 53.64 157.40 14.57
CA GLY H 1059 54.64 158.43 14.82
C GLY H 1059 54.36 159.22 16.08
N TYR H 1060 53.09 159.35 16.45
CA TYR H 1060 52.74 159.92 17.75
C TYR H 1060 53.16 159.04 18.92
N GLY H 1061 53.71 157.86 18.63
CA GLY H 1061 54.22 156.97 19.66
C GLY H 1061 53.21 156.05 20.29
N TYR H 1062 51.94 156.14 19.90
CA TYR H 1062 50.95 155.20 20.40
C TYR H 1062 51.09 153.89 19.65
N ASN H 1063 52.13 153.12 19.99
CA ASN H 1063 52.36 151.86 19.31
C ASN H 1063 51.23 150.88 19.62
N LEU H 1064 50.84 150.11 18.62
CA LEU H 1064 49.75 149.16 18.73
C LEU H 1064 50.31 147.76 18.51
N GLU H 1065 50.39 146.98 19.58
CA GLU H 1065 50.83 145.59 19.48
C GLU H 1065 49.72 144.79 18.78
N ALA H 1066 50.02 144.43 17.54
CA ALA H 1066 49.07 143.84 16.60
C ALA H 1066 48.48 142.55 17.12
N PRO H 1067 47.16 142.38 17.05
CA PRO H 1067 46.56 141.09 17.39
C PRO H 1067 47.04 140.00 16.45
N ASP H 1068 47.08 138.77 16.98
CA ASP H 1068 47.67 137.65 16.25
C ASP H 1068 46.93 137.36 14.96
N GLN H 1069 47.62 136.70 14.03
CA GLN H 1069 47.02 136.20 12.81
C GLN H 1069 46.19 134.96 13.15
N ASP H 1070 44.95 135.21 13.57
CA ASP H 1070 44.02 134.12 13.85
C ASP H 1070 43.62 133.46 12.54
N HIS H 1071 44.12 132.24 12.32
CA HIS H 1071 43.84 131.54 11.09
C HIS H 1071 42.36 131.18 11.01
N ALA H 1072 41.77 131.37 9.84
CA ALA H 1072 40.35 131.11 9.61
C ALA H 1072 40.18 129.89 8.72
N ALA H 1073 39.18 129.08 9.06
CA ALA H 1073 38.86 127.88 8.29
C ALA H 1073 37.49 128.06 7.67
N ARG H 1074 37.45 128.36 6.38
CA ARG H 1074 36.20 128.59 5.67
C ARG H 1074 35.33 127.34 5.58
N ALA H 1075 35.92 126.16 5.81
CA ALA H 1075 35.19 124.90 5.95
C ALA H 1075 34.50 124.47 4.65
N GLU H 1076 34.69 125.24 3.58
CA GLU H 1076 34.20 124.95 2.24
C GLU H 1076 32.73 124.52 2.22
N VAL H 1077 31.96 124.94 3.23
CA VAL H 1077 30.54 124.61 3.30
C VAL H 1077 29.70 125.82 2.90
N CYS H 1078 29.43 125.94 1.59
CA CYS H 1078 28.56 126.98 1.07
C CYS H 1078 27.66 126.46 -0.06
N SER H 1079 27.37 125.16 -0.05
CA SER H 1079 26.56 124.57 -1.11
C SER H 1079 25.12 125.04 -1.03
N GLY H 1080 24.54 125.34 -2.18
CA GLY H 1080 23.11 125.63 -2.24
C GLY H 1080 22.32 124.42 -1.81
N THR H 1081 21.34 124.65 -0.92
CA THR H 1081 20.54 123.58 -0.31
C THR H 1081 21.43 122.63 0.49
N GLY H 1082 20.81 121.60 1.07
CA GLY H 1082 21.55 120.68 1.92
C GLY H 1082 22.41 119.68 1.19
N GLU H 1083 22.37 119.67 -0.15
CA GLU H 1083 23.17 118.74 -0.94
C GLU H 1083 24.66 118.99 -0.75
N ARG H 1084 25.40 117.97 -0.33
CA ARG H 1084 26.84 118.08 -0.14
C ARG H 1084 27.64 117.47 -1.29
N PHE H 1085 27.10 116.46 -1.96
CA PHE H 1085 27.83 115.81 -3.04
C PHE H 1085 26.83 115.30 -4.08
N ARG H 1086 27.30 115.18 -5.31
CA ARG H 1086 26.51 114.66 -6.42
C ARG H 1086 27.15 113.34 -6.87
N ILE H 1087 26.35 112.28 -6.89
CA ILE H 1087 26.86 110.95 -7.22
C ILE H 1087 26.42 110.59 -8.63
N PHE H 1088 27.39 110.25 -9.48
CA PHE H 1088 27.14 109.83 -10.85
C PHE H 1088 27.50 108.37 -10.98
N ARG H 1089 26.65 107.60 -11.66
CA ARG H 1089 26.90 106.19 -11.90
C ARG H 1089 26.26 105.79 -13.22
N ALA H 1090 26.73 104.67 -13.76
CA ALA H 1090 26.12 104.11 -14.96
C ALA H 1090 24.87 103.32 -14.58
N GLU H 1091 24.13 102.91 -15.61
CA GLU H 1091 22.88 102.19 -15.40
C GLU H 1091 23.14 100.84 -14.75
N LYS H 1092 22.19 100.38 -13.93
CA LYS H 1092 22.33 99.10 -13.25
C LYS H 1092 22.42 97.91 -14.20
N THR H 1093 21.91 98.03 -15.42
CA THR H 1093 21.94 96.95 -16.38
C THR H 1093 23.34 96.64 -16.88
N TYR H 1094 24.27 97.58 -16.76
CA TYR H 1094 25.64 97.37 -17.20
C TYR H 1094 26.54 96.79 -16.12
N ALA H 1095 25.97 96.24 -15.05
CA ALA H 1095 26.77 95.66 -13.98
C ALA H 1095 27.58 94.48 -14.51
N VAL H 1096 28.82 94.36 -14.04
CA VAL H 1096 29.74 93.34 -14.49
C VAL H 1096 29.94 92.31 -13.39
N LYS H 1097 29.82 91.03 -13.73
CA LYS H 1097 30.05 89.94 -12.80
C LYS H 1097 31.35 89.19 -13.06
N ALA H 1098 31.94 89.35 -14.25
CA ALA H 1098 33.15 88.62 -14.60
C ALA H 1098 33.99 89.49 -15.54
N GLY H 1099 35.27 89.16 -15.63
CA GLY H 1099 36.18 89.80 -16.56
C GLY H 1099 37.00 90.91 -15.90
N ARG H 1100 37.86 91.50 -16.73
CA ARG H 1100 38.75 92.58 -16.32
C ARG H 1100 38.24 93.87 -16.95
N TRP H 1101 37.95 94.87 -16.12
CA TRP H 1101 37.32 96.10 -16.59
C TRP H 1101 38.11 97.32 -16.15
N TYR H 1102 38.13 98.33 -17.00
CA TYR H 1102 38.92 99.54 -16.80
C TYR H 1102 38.14 100.76 -17.29
N PHE H 1103 38.26 101.85 -16.55
CA PHE H 1103 37.68 103.13 -16.96
C PHE H 1103 38.47 104.25 -16.31
N GLU H 1104 38.38 105.44 -16.90
CA GLU H 1104 39.19 106.58 -16.50
C GLU H 1104 38.31 107.67 -15.91
N PHE H 1105 38.82 108.34 -14.87
CA PHE H 1105 38.19 109.50 -14.27
C PHE H 1105 39.15 110.67 -14.33
N GLU H 1106 38.79 111.71 -15.08
CA GLU H 1106 39.62 112.89 -15.27
C GLU H 1106 39.14 113.97 -14.31
N THR H 1107 40.05 114.46 -13.46
CA THR H 1107 39.70 115.48 -12.48
C THR H 1107 40.03 116.85 -13.03
N VAL H 1108 39.00 117.61 -13.39
CA VAL H 1108 39.21 118.98 -13.85
C VAL H 1108 39.76 119.84 -12.72
N THR H 1109 39.20 119.70 -11.51
CA THR H 1109 39.67 120.40 -10.33
C THR H 1109 40.13 119.41 -9.29
N ALA H 1110 40.70 119.93 -8.21
CA ALA H 1110 41.13 119.13 -7.07
C ALA H 1110 40.27 119.47 -5.86
N GLY H 1111 39.71 118.44 -5.25
CA GLY H 1111 38.82 118.65 -4.11
C GLY H 1111 38.19 117.34 -3.68
N ASP H 1112 37.04 117.46 -3.02
CA ASP H 1112 36.34 116.31 -2.45
C ASP H 1112 35.67 115.53 -3.57
N MET H 1113 36.42 114.61 -4.15
CA MET H 1113 35.93 113.71 -5.17
C MET H 1113 36.23 112.27 -4.78
N ARG H 1114 35.35 111.36 -5.17
CA ARG H 1114 35.55 109.93 -4.98
C ARG H 1114 35.16 109.19 -6.25
N VAL H 1115 36.01 108.26 -6.68
CA VAL H 1115 35.74 107.41 -7.83
C VAL H 1115 36.01 105.97 -7.44
N GLY H 1116 35.32 105.06 -8.09
CA GLY H 1116 35.46 103.65 -7.80
C GLY H 1116 34.31 102.86 -8.41
N TRP H 1117 34.04 101.71 -7.79
CA TRP H 1117 33.02 100.79 -8.26
C TRP H 1117 31.96 100.62 -7.17
N SER H 1118 30.70 100.67 -7.56
CA SER H 1118 29.59 100.58 -6.63
C SER H 1118 28.63 99.48 -7.03
N ARG H 1119 27.94 98.94 -6.04
CA ARG H 1119 26.92 97.93 -6.26
C ARG H 1119 25.62 98.58 -6.71
N PRO H 1120 24.73 97.82 -7.36
CA PRO H 1120 23.46 98.41 -7.83
C PRO H 1120 22.58 98.95 -6.71
N GLY H 1121 22.81 98.54 -5.47
CA GLY H 1121 22.05 99.03 -4.33
C GLY H 1121 22.62 100.28 -3.68
N CYS H 1122 23.52 100.99 -4.35
CA CYS H 1122 24.12 102.18 -3.76
C CYS H 1122 23.06 103.26 -3.56
N GLN H 1123 23.09 103.90 -2.38
CA GLN H 1123 22.13 104.94 -2.03
C GLN H 1123 22.66 106.29 -2.48
N PRO H 1124 21.86 107.08 -3.22
CA PRO H 1124 22.35 108.37 -3.72
C PRO H 1124 22.60 109.41 -2.64
N ASP H 1125 22.06 109.23 -1.43
CA ASP H 1125 22.21 110.23 -0.38
C ASP H 1125 23.43 110.00 0.50
N GLN H 1126 23.80 108.75 0.75
CA GLN H 1126 24.98 108.45 1.53
C GLN H 1126 26.24 108.63 0.68
N GLU H 1127 27.33 109.00 1.36
CA GLU H 1127 28.59 109.26 0.67
C GLU H 1127 29.25 107.93 0.29
N LEU H 1128 29.97 107.95 -0.83
CA LEU H 1128 30.57 106.72 -1.36
C LEU H 1128 31.61 106.16 -0.39
N GLY H 1129 31.56 104.84 -0.21
CA GLY H 1129 32.53 104.15 0.62
C GLY H 1129 32.27 104.22 2.11
N SER H 1130 31.29 105.00 2.55
CA SER H 1130 30.95 105.04 3.97
C SER H 1130 30.42 103.69 4.43
N ASP H 1131 29.66 103.01 3.58
CA ASP H 1131 29.12 101.69 3.86
C ASP H 1131 29.49 100.73 2.72
N GLU H 1132 28.91 99.53 2.75
CA GLU H 1132 29.39 98.41 1.96
C GLU H 1132 29.05 98.49 0.47
N ARG H 1133 28.12 99.35 0.06
CA ARG H 1133 27.65 99.32 -1.33
C ARG H 1133 28.73 99.77 -2.30
N ALA H 1134 29.63 100.65 -1.85
CA ALA H 1134 30.59 101.28 -2.76
C ALA H 1134 32.02 101.00 -2.33
N PHE H 1135 32.88 100.87 -3.33
CA PHE H 1135 34.33 100.80 -3.14
C PHE H 1135 34.93 101.97 -3.89
N ALA H 1136 35.31 103.02 -3.17
CA ALA H 1136 35.73 104.27 -3.79
C ALA H 1136 37.13 104.64 -3.32
N PHE H 1137 37.74 105.57 -4.06
CA PHE H 1137 39.06 106.10 -3.76
C PHE H 1137 38.94 107.62 -3.62
N ASP H 1138 39.28 108.13 -2.44
CA ASP H 1138 39.29 109.57 -2.19
C ASP H 1138 40.74 110.04 -2.14
N GLY H 1139 41.16 110.78 -3.16
CA GLY H 1139 42.52 111.25 -3.21
C GLY H 1139 42.75 112.54 -2.46
N PHE H 1140 41.67 113.29 -2.18
CA PHE H 1140 41.80 114.55 -1.46
C PHE H 1140 42.40 114.34 -0.08
N LYS H 1141 41.91 113.32 0.63
CA LYS H 1141 42.55 112.85 1.85
C LYS H 1141 43.45 111.64 1.63
N ALA H 1142 43.59 111.19 0.38
CA ALA H 1142 44.41 110.02 0.03
C ALA H 1142 43.98 108.79 0.84
N GLN H 1143 42.70 108.47 0.74
CA GLN H 1143 42.12 107.38 1.51
C GLN H 1143 41.20 106.54 0.64
N ARG H 1144 41.24 105.23 0.85
CA ARG H 1144 40.32 104.30 0.21
C ARG H 1144 39.10 104.10 1.11
N TRP H 1145 37.92 103.98 0.51
CA TRP H 1145 36.67 103.97 1.26
C TRP H 1145 35.87 102.72 0.94
N HIS H 1146 35.72 101.85 1.94
CA HIS H 1146 34.77 100.75 1.93
C HIS H 1146 34.41 100.38 3.36
N GLN H 1147 33.24 100.82 3.83
CA GLN H 1147 32.77 100.71 5.21
C GLN H 1147 33.66 101.52 6.15
N GLY H 1148 34.62 102.28 5.63
CA GLY H 1148 35.52 103.03 6.47
C GLY H 1148 36.48 103.83 5.61
N ASN H 1149 37.59 104.22 6.22
CA ASN H 1149 38.62 104.96 5.49
C ASN H 1149 40.00 104.57 6.02
N GLU H 1150 40.88 104.18 5.10
CA GLU H 1150 42.26 103.85 5.42
C GLU H 1150 43.16 104.57 4.43
N HIS H 1151 44.35 104.96 4.90
CA HIS H 1151 45.28 105.68 4.04
C HIS H 1151 45.67 104.82 2.84
N TYR H 1152 45.63 105.41 1.65
CA TYR H 1152 45.93 104.70 0.42
C TYR H 1152 46.34 105.69 -0.65
N GLY H 1153 47.46 105.40 -1.32
CA GLY H 1153 47.90 106.21 -2.42
C GLY H 1153 48.33 107.61 -2.00
N ARG H 1154 48.26 108.51 -2.97
CA ARG H 1154 48.65 109.91 -2.80
C ARG H 1154 47.47 110.81 -3.15
N SER H 1155 47.72 112.11 -3.17
CA SER H 1155 46.72 113.11 -3.55
C SER H 1155 46.99 113.61 -4.96
N TRP H 1156 45.91 113.82 -5.71
CA TRP H 1156 46.02 114.30 -7.08
C TRP H 1156 46.05 115.83 -7.12
N GLN H 1157 46.22 116.35 -8.33
CA GLN H 1157 46.14 117.77 -8.60
C GLN H 1157 45.17 117.99 -9.76
N ALA H 1158 44.98 119.25 -10.12
CA ALA H 1158 44.11 119.56 -11.25
C ALA H 1158 44.66 118.98 -12.54
N GLY H 1159 43.80 118.28 -13.27
CA GLY H 1159 44.17 117.64 -14.52
C GLY H 1159 44.62 116.19 -14.38
N ASP H 1160 44.84 115.73 -13.15
CA ASP H 1160 45.23 114.34 -12.94
C ASP H 1160 44.10 113.40 -13.34
N VAL H 1161 44.46 112.26 -13.92
CA VAL H 1161 43.51 111.30 -14.45
C VAL H 1161 43.62 110.02 -13.64
N VAL H 1162 42.52 109.61 -13.02
CA VAL H 1162 42.52 108.38 -12.23
C VAL H 1162 41.97 107.23 -13.09
N GLY H 1163 42.70 106.11 -13.09
CA GLY H 1163 42.28 104.94 -13.82
C GLY H 1163 41.90 103.81 -12.89
N CYS H 1164 40.63 103.39 -12.94
CA CYS H 1164 40.10 102.36 -12.06
C CYS H 1164 40.10 101.02 -12.77
N MET H 1165 40.61 99.98 -12.09
CA MET H 1165 40.61 98.63 -12.61
C MET H 1165 39.95 97.67 -11.62
N VAL H 1166 39.24 96.68 -12.15
CA VAL H 1166 38.59 95.65 -11.35
C VAL H 1166 38.84 94.29 -11.98
N ASP H 1167 39.18 93.31 -11.14
CA ASP H 1167 39.24 91.91 -11.53
C ASP H 1167 38.10 91.18 -10.82
N MET H 1168 37.09 90.80 -11.59
CA MET H 1168 35.93 90.10 -11.04
C MET H 1168 36.22 88.63 -10.77
N ASN H 1169 37.28 88.09 -11.38
CA ASN H 1169 37.69 86.70 -11.18
C ASN H 1169 38.71 86.56 -10.06
N GLU H 1170 39.74 87.41 -10.06
CA GLU H 1170 40.72 87.40 -8.98
C GLU H 1170 40.26 88.14 -7.74
N HIS H 1171 39.11 88.83 -7.83
CA HIS H 1171 38.54 89.57 -6.70
C HIS H 1171 39.53 90.60 -6.15
N THR H 1172 40.19 91.31 -7.06
CA THR H 1172 41.14 92.37 -6.73
C THR H 1172 40.74 93.65 -7.45
N MET H 1173 41.16 94.78 -6.88
CA MET H 1173 40.85 96.09 -7.42
C MET H 1173 41.96 97.07 -7.05
N MET H 1174 42.34 97.91 -8.01
CA MET H 1174 43.42 98.87 -7.83
C MET H 1174 43.21 100.06 -8.77
N PHE H 1175 43.98 101.12 -8.51
CA PHE H 1175 43.79 102.40 -9.18
C PHE H 1175 45.14 102.90 -9.71
N THR H 1176 45.07 103.89 -10.60
CA THR H 1176 46.27 104.51 -11.15
C THR H 1176 46.12 106.02 -11.09
N LEU H 1177 47.24 106.73 -10.91
CA LEU H 1177 47.30 108.18 -11.00
C LEU H 1177 48.29 108.55 -12.09
N ASN H 1178 47.77 109.00 -13.24
CA ASN H 1178 48.58 109.36 -14.41
C ASN H 1178 49.40 108.17 -14.93
N GLY H 1179 48.98 106.94 -14.60
CA GLY H 1179 49.61 105.74 -15.09
C GLY H 1179 50.22 104.87 -14.01
N GLU H 1180 50.90 105.48 -13.03
CA GLU H 1180 51.55 104.70 -11.99
C GLU H 1180 50.51 104.09 -11.06
N ILE H 1181 50.78 102.86 -10.61
CA ILE H 1181 49.86 102.15 -9.72
C ILE H 1181 49.98 102.76 -8.33
N LEU H 1182 48.84 103.15 -7.76
CA LEU H 1182 48.84 103.65 -6.39
C LEU H 1182 49.16 102.53 -5.40
N LEU H 1183 49.95 102.87 -4.39
CA LEU H 1183 50.39 101.90 -3.39
C LEU H 1183 49.62 102.08 -2.10
N ASP H 1184 49.35 100.96 -1.43
CA ASP H 1184 48.74 100.98 -0.10
C ASP H 1184 49.81 101.39 0.92
N ASP H 1185 49.42 101.43 2.20
CA ASP H 1185 50.40 101.62 3.26
C ASP H 1185 51.43 100.49 3.24
N SER H 1186 50.97 99.25 3.02
CA SER H 1186 51.86 98.16 2.71
C SER H 1186 52.26 98.21 1.24
N GLY H 1187 53.23 97.38 0.87
CA GLY H 1187 53.75 97.38 -0.48
C GLY H 1187 52.79 96.80 -1.52
N SER H 1188 51.68 96.23 -1.06
CA SER H 1188 50.73 95.61 -1.97
C SER H 1188 50.07 96.65 -2.85
N GLU H 1189 49.77 96.25 -4.09
CA GLU H 1189 49.18 97.14 -5.08
C GLU H 1189 47.67 97.05 -5.17
N LEU H 1190 47.04 96.20 -4.36
CA LEU H 1190 45.60 96.01 -4.42
C LEU H 1190 44.93 97.02 -3.49
N ALA H 1191 44.02 97.83 -4.04
CA ALA H 1191 43.30 98.79 -3.22
C ALA H 1191 42.39 98.09 -2.22
N PHE H 1192 41.72 97.02 -2.66
CA PHE H 1192 40.81 96.24 -1.81
C PHE H 1192 41.18 94.77 -1.97
N LYS H 1193 41.51 94.12 -0.85
CA LYS H 1193 42.12 92.80 -0.91
C LYS H 1193 41.18 91.76 -1.52
N ASP H 1194 39.96 91.65 -0.99
CA ASP H 1194 39.03 90.63 -1.45
C ASP H 1194 37.61 91.10 -1.15
N PHE H 1195 36.67 90.60 -1.95
CA PHE H 1195 35.26 90.95 -1.82
C PHE H 1195 34.44 89.83 -2.45
N ASP H 1196 33.13 90.04 -2.53
CA ASP H 1196 32.22 89.06 -3.10
C ASP H 1196 31.63 89.60 -4.40
N VAL H 1197 31.42 88.71 -5.36
CA VAL H 1197 30.86 89.12 -6.65
C VAL H 1197 29.48 89.72 -6.46
N GLY H 1198 28.61 89.04 -5.73
CA GLY H 1198 27.29 89.57 -5.44
C GLY H 1198 26.48 89.80 -6.71
N ASP H 1199 25.92 91.01 -6.82
CA ASP H 1199 25.10 91.40 -7.96
C ASP H 1199 25.85 92.21 -8.99
N GLY H 1200 27.17 92.32 -8.89
CA GLY H 1200 27.97 93.02 -9.86
C GLY H 1200 28.32 94.43 -9.43
N PHE H 1201 29.28 95.01 -10.15
CA PHE H 1201 29.78 96.35 -9.88
C PHE H 1201 29.52 97.26 -11.08
N ILE H 1202 29.35 98.55 -10.78
CA ILE H 1202 29.10 99.56 -11.81
C ILE H 1202 30.01 100.75 -11.51
N PRO H 1203 30.54 101.44 -12.51
CA PRO H 1203 31.34 102.64 -12.24
C PRO H 1203 30.51 103.71 -11.54
N VAL H 1204 31.15 104.43 -10.62
CA VAL H 1204 30.49 105.43 -9.80
C VAL H 1204 31.46 106.58 -9.55
N CYS H 1205 30.91 107.77 -9.31
CA CYS H 1205 31.71 108.93 -8.97
C CYS H 1205 30.87 109.89 -8.13
N SER H 1206 31.50 110.48 -7.12
CA SER H 1206 30.87 111.50 -6.29
C SER H 1206 31.70 112.78 -6.38
N LEU H 1207 31.02 113.91 -6.54
CA LEU H 1207 31.67 115.19 -6.71
C LEU H 1207 31.21 116.14 -5.60
N GLY H 1208 32.17 116.80 -4.95
CA GLY H 1208 31.87 117.71 -3.86
C GLY H 1208 31.47 119.08 -4.35
N VAL H 1209 31.55 120.05 -3.44
CA VAL H 1209 31.15 121.41 -3.75
C VAL H 1209 32.12 122.03 -4.74
N ALA H 1210 31.58 122.61 -5.81
CA ALA H 1210 32.37 123.28 -6.85
C ALA H 1210 33.43 122.35 -7.43
N GLN H 1211 33.00 121.14 -7.79
CA GLN H 1211 33.90 120.14 -8.34
C GLN H 1211 33.45 119.72 -9.74
N VAL H 1212 34.44 119.59 -10.64
CA VAL H 1212 34.20 119.24 -12.03
C VAL H 1212 35.00 117.97 -12.35
N GLY H 1213 34.33 116.96 -12.88
CA GLY H 1213 34.98 115.72 -13.21
C GLY H 1213 34.47 115.16 -14.54
N ARG H 1214 35.28 114.28 -15.11
CA ARG H 1214 34.95 113.65 -16.38
C ARG H 1214 35.19 112.15 -16.26
N MET H 1215 34.23 111.36 -16.72
CA MET H 1215 34.27 109.92 -16.64
C MET H 1215 34.30 109.39 -18.06
N ASN H 1216 35.35 108.66 -18.41
CA ASN H 1216 35.53 108.08 -19.74
C ASN H 1216 35.39 106.57 -19.65
N PHE H 1217 34.28 106.04 -20.18
CA PHE H 1217 34.03 104.61 -20.21
C PHE H 1217 34.84 103.89 -21.27
N GLY H 1218 35.64 104.60 -22.06
CA GLY H 1218 36.46 103.98 -23.07
C GLY H 1218 35.69 103.37 -24.21
N LYS H 1219 34.60 104.03 -24.63
CA LYS H 1219 33.93 103.63 -25.86
C LYS H 1219 34.87 103.79 -27.05
N ASP H 1220 35.61 104.89 -27.10
CA ASP H 1220 36.71 105.06 -28.02
C ASP H 1220 38.01 104.82 -27.27
N VAL H 1221 38.72 103.75 -27.64
CA VAL H 1221 39.94 103.38 -26.93
C VAL H 1221 41.01 104.46 -27.05
N SER H 1222 41.07 105.15 -28.19
CA SER H 1222 42.08 106.21 -28.36
C SER H 1222 41.89 107.34 -27.35
N THR H 1223 40.64 107.63 -26.99
CA THR H 1223 40.39 108.72 -26.04
C THR H 1223 40.94 108.43 -24.65
N LEU H 1224 41.13 107.16 -24.30
CA LEU H 1224 41.75 106.82 -23.02
C LEU H 1224 43.22 107.23 -23.05
N LYS H 1225 43.66 107.94 -22.00
CA LYS H 1225 44.96 108.59 -22.04
C LYS H 1225 46.07 107.73 -21.46
N TYR H 1226 45.79 106.93 -20.42
CA TYR H 1226 46.83 106.15 -19.76
C TYR H 1226 46.56 104.65 -19.87
N PHE H 1227 45.57 104.27 -20.70
CA PHE H 1227 45.27 102.87 -20.89
C PHE H 1227 46.45 102.12 -21.52
N THR H 1228 47.14 102.75 -22.47
CA THR H 1228 48.26 102.10 -23.13
C THR H 1228 49.39 101.77 -22.14
N ILE H 1229 49.76 102.74 -21.30
CA ILE H 1229 50.87 102.52 -20.38
C ILE H 1229 50.44 101.60 -19.24
N CYS H 1230 49.19 101.69 -18.80
CA CYS H 1230 48.71 100.81 -17.75
C CYS H 1230 47.30 100.34 -18.07
N GLY H 1231 47.10 99.02 -18.01
CA GLY H 1231 45.79 98.45 -18.25
C GLY H 1231 45.72 97.57 -19.50
N LEU H 1232 46.39 97.99 -20.56
CA LEU H 1232 46.34 97.26 -21.82
C LEU H 1232 47.13 95.95 -21.73
N GLN H 1233 48.34 96.00 -21.16
CA GLN H 1233 49.17 94.80 -21.04
C GLN H 1233 48.54 93.80 -20.09
N GLU H 1234 47.95 94.29 -18.99
CA GLU H 1234 47.36 93.42 -17.98
C GLU H 1234 46.09 92.72 -18.48
N GLY H 1235 45.57 93.09 -19.64
CA GLY H 1235 44.38 92.46 -20.16
C GLY H 1235 43.08 93.09 -19.73
N TYR H 1236 43.15 94.23 -19.05
CA TYR H 1236 41.92 94.91 -18.64
C TYR H 1236 41.18 95.46 -19.85
N GLU H 1237 39.86 95.37 -19.81
CA GLU H 1237 39.08 95.88 -20.92
C GLU H 1237 38.41 97.19 -20.54
N PRO H 1238 38.26 98.12 -21.50
CA PRO H 1238 37.43 99.30 -21.23
C PRO H 1238 36.01 98.89 -20.90
N PHE H 1239 35.37 99.66 -20.03
CA PHE H 1239 34.02 99.30 -19.59
C PHE H 1239 33.04 99.31 -20.76
N ALA H 1240 33.23 100.22 -21.71
CA ALA H 1240 32.42 100.29 -22.92
C ALA H 1240 33.20 99.82 -24.14
N VAL H 1241 34.03 98.78 -23.98
CA VAL H 1241 34.90 98.34 -25.07
C VAL H 1241 34.08 97.83 -26.25
N ASN H 1242 33.00 97.10 -25.98
CA ASN H 1242 32.15 96.54 -27.04
C ASN H 1242 30.71 97.01 -26.78
N THR H 1243 30.40 98.21 -27.26
CA THR H 1243 29.08 98.81 -27.14
C THR H 1243 28.81 99.66 -28.37
N ASN H 1244 27.62 99.48 -28.95
CA ASN H 1244 27.23 100.28 -30.11
C ASN H 1244 26.64 101.62 -29.68
N ARG H 1245 26.06 101.68 -28.48
CA ARG H 1245 25.45 102.87 -27.94
C ARG H 1245 26.24 103.40 -26.75
N ASP H 1246 26.11 104.70 -26.50
CA ASP H 1246 26.74 105.28 -25.33
C ASP H 1246 26.05 104.79 -24.06
N ILE H 1247 26.81 104.76 -22.96
CA ILE H 1247 26.32 104.22 -21.72
C ILE H 1247 25.42 105.24 -21.04
N THR H 1248 24.20 104.83 -20.71
CA THR H 1248 23.26 105.70 -20.00
C THR H 1248 23.78 105.95 -18.59
N MET H 1249 23.80 107.21 -18.16
CA MET H 1249 24.43 107.62 -16.92
C MET H 1249 23.36 108.13 -15.96
N TRP H 1250 23.31 107.56 -14.77
CA TRP H 1250 22.31 107.91 -13.76
C TRP H 1250 22.95 108.74 -12.64
N LEU H 1251 22.21 109.72 -12.15
CA LEU H 1251 22.68 110.67 -11.17
C LEU H 1251 21.70 110.79 -10.01
N SER H 1252 22.21 111.25 -8.87
CA SER H 1252 21.36 111.49 -7.71
C SER H 1252 20.43 112.67 -7.95
N LYS H 1253 19.15 112.46 -7.67
CA LYS H 1253 18.14 113.46 -7.95
C LYS H 1253 18.23 114.61 -6.95
N ARG H 1254 18.31 115.84 -7.48
CA ARG H 1254 18.31 117.03 -6.63
C ARG H 1254 16.96 117.28 -5.95
N LEU H 1255 15.88 117.10 -6.69
CA LEU H 1255 14.57 117.52 -6.21
C LEU H 1255 13.88 116.39 -5.47
N PRO H 1256 13.56 116.55 -4.19
CA PRO H 1256 12.94 115.45 -3.43
C PRO H 1256 11.53 115.15 -3.94
N GLN H 1257 11.13 113.88 -3.79
CA GLN H 1257 9.81 113.42 -4.18
C GLN H 1257 9.20 112.62 -3.05
N PHE H 1258 7.88 112.45 -3.11
CA PHE H 1258 7.14 111.68 -2.11
C PHE H 1258 7.08 110.21 -2.54
N LEU H 1259 7.37 109.32 -1.61
CA LEU H 1259 7.28 107.89 -1.83
C LEU H 1259 6.77 107.22 -0.56
N GLN H 1260 6.24 106.00 -0.72
CA GLN H 1260 5.67 105.25 0.39
C GLN H 1260 6.74 104.97 1.44
N VAL H 1261 6.34 105.07 2.71
CA VAL H 1261 7.27 104.89 3.83
C VAL H 1261 7.72 103.43 3.85
N PRO H 1262 9.03 103.17 3.78
CA PRO H 1262 9.49 101.79 3.83
C PRO H 1262 9.25 101.15 5.18
N SER H 1263 9.06 99.82 5.16
CA SER H 1263 8.88 99.09 6.41
C SER H 1263 10.16 99.00 7.21
N ASN H 1264 11.31 99.14 6.55
CA ASN H 1264 12.60 99.05 7.21
C ASN H 1264 13.20 100.42 7.54
N HIS H 1265 12.42 101.48 7.48
CA HIS H 1265 12.94 102.82 7.76
C HIS H 1265 13.46 102.89 9.19
N GLU H 1266 14.63 103.52 9.35
CA GLU H 1266 15.30 103.52 10.65
C GLU H 1266 14.76 104.59 11.60
N HIS H 1267 13.87 105.47 11.13
CA HIS H 1267 13.29 106.47 12.00
C HIS H 1267 11.77 106.54 11.97
N ILE H 1268 11.13 106.20 10.85
CA ILE H 1268 9.69 106.36 10.68
C ILE H 1268 9.04 104.99 10.60
N GLU H 1269 7.97 104.78 11.36
CA GLU H 1269 7.18 103.57 11.32
C GLU H 1269 5.70 103.95 11.32
N VAL H 1270 4.93 103.33 10.43
CA VAL H 1270 3.51 103.66 10.25
C VAL H 1270 2.69 102.39 10.50
N THR H 1271 1.66 102.51 11.32
CA THR H 1271 0.74 101.43 11.60
C THR H 1271 -0.63 101.76 11.04
N ARG H 1272 -1.35 100.72 10.59
CA ARG H 1272 -2.68 100.87 10.03
C ARG H 1272 -3.69 100.29 11.03
N ILE H 1273 -4.50 101.15 11.62
CA ILE H 1273 -5.52 100.75 12.58
C ILE H 1273 -6.84 100.62 11.83
N ASP H 1274 -7.42 99.42 11.84
CA ASP H 1274 -8.71 99.20 11.21
C ASP H 1274 -9.81 99.94 11.96
N GLY H 1275 -10.83 100.37 11.22
CA GLY H 1275 -11.94 101.07 11.83
C GLY H 1275 -12.90 100.11 12.51
N THR H 1276 -13.14 100.31 13.80
CA THR H 1276 -14.04 99.46 14.56
C THR H 1276 -15.46 100.00 14.43
N ILE H 1277 -16.39 99.49 15.24
CA ILE H 1277 -17.77 99.94 15.16
C ILE H 1277 -17.90 101.40 15.61
N ASP H 1278 -17.08 101.82 16.57
CA ASP H 1278 -17.15 103.16 17.13
C ASP H 1278 -15.97 104.03 16.75
N SER H 1279 -14.94 103.47 16.11
CA SER H 1279 -13.74 104.21 15.74
C SER H 1279 -13.55 104.16 14.23
N SER H 1280 -13.24 105.31 13.64
CA SER H 1280 -12.95 105.39 12.23
C SER H 1280 -11.59 104.76 11.93
N PRO H 1281 -11.37 104.27 10.71
CA PRO H 1281 -10.03 103.79 10.35
C PRO H 1281 -8.99 104.88 10.49
N CYS H 1282 -7.82 104.49 10.98
CA CYS H 1282 -6.77 105.44 11.32
C CYS H 1282 -5.43 104.99 10.75
N LEU H 1283 -4.58 105.98 10.46
CA LEU H 1283 -3.19 105.75 10.10
C LEU H 1283 -2.32 106.46 11.13
N LYS H 1284 -1.46 105.71 11.81
CA LYS H 1284 -0.70 106.20 12.94
C LYS H 1284 0.77 106.26 12.57
N VAL H 1285 1.39 107.42 12.81
CA VAL H 1285 2.80 107.64 12.50
C VAL H 1285 3.58 107.66 13.80
N THR H 1286 4.61 106.81 13.90
CA THR H 1286 5.44 106.72 15.08
C THR H 1286 6.90 106.77 14.67
N GLN H 1287 7.75 107.22 15.60
CA GLN H 1287 9.19 107.23 15.39
C GLN H 1287 9.83 106.20 16.31
N LYS H 1288 10.59 105.27 15.71
CA LYS H 1288 11.35 104.30 16.47
C LYS H 1288 12.70 104.84 16.95
N SER H 1289 13.14 105.98 16.38
CA SER H 1289 14.43 106.53 16.75
C SER H 1289 14.40 107.16 18.13
N PHE H 1290 13.23 107.61 18.58
CA PHE H 1290 13.12 108.25 19.88
C PHE H 1290 13.43 107.26 20.99
N GLY H 1291 14.00 107.78 22.08
CA GLY H 1291 14.55 106.95 23.12
C GLY H 1291 15.95 106.44 22.86
N SER H 1292 16.57 106.87 21.76
CA SER H 1292 17.91 106.43 21.40
C SER H 1292 18.59 107.53 20.59
N GLN H 1293 19.92 107.45 20.53
CA GLN H 1293 20.68 108.42 19.76
C GLN H 1293 20.47 108.17 18.27
N ASN H 1294 20.82 109.19 17.46
CA ASN H 1294 20.61 109.31 16.01
C ASN H 1294 19.18 109.69 15.68
N SER H 1295 18.34 110.00 16.67
CA SER H 1295 16.99 110.48 16.38
C SER H 1295 17.06 111.83 15.70
N ASN H 1296 16.51 111.91 14.48
CA ASN H 1296 16.60 113.10 13.65
C ASN H 1296 15.58 114.13 14.12
N THR H 1297 16.08 115.24 14.66
CA THR H 1297 15.21 116.35 15.08
C THR H 1297 15.01 117.30 13.89
N ASP H 1298 14.44 116.74 12.83
CA ASP H 1298 14.18 117.49 11.60
C ASP H 1298 12.72 117.33 11.22
N ILE H 1299 12.19 118.34 10.55
CA ILE H 1299 10.77 118.35 10.19
C ILE H 1299 10.53 117.36 9.06
N MET H 1300 9.90 116.24 9.39
CA MET H 1300 9.48 115.27 8.38
C MET H 1300 8.21 115.76 7.70
N PHE H 1301 8.13 115.54 6.39
CA PHE H 1301 6.98 115.92 5.59
C PHE H 1301 6.21 114.66 5.21
N TYR H 1302 4.94 114.59 5.59
CA TYR H 1302 4.10 113.43 5.31
C TYR H 1302 2.92 113.86 4.45
N ARG H 1303 2.41 112.93 3.65
CA ARG H 1303 1.24 113.17 2.83
C ARG H 1303 0.55 111.85 2.55
N LEU H 1304 -0.71 111.93 2.15
CA LEU H 1304 -1.46 110.75 1.73
C LEU H 1304 -1.26 110.53 0.23
N SER H 1305 -1.35 109.26 -0.18
CA SER H 1305 -0.96 108.87 -1.52
C SER H 1305 -1.99 109.24 -2.58
N MET H 1306 -3.21 109.63 -2.22
CA MET H 1306 -4.24 109.82 -3.22
C MET H 1306 -4.94 111.15 -3.04
N PRO H 1307 -5.16 111.89 -4.15
CA PRO H 1307 -5.64 113.29 -4.04
C PRO H 1307 -7.15 113.44 -4.18
N ILE H 1308 -7.65 114.63 -3.81
CA ILE H 1308 -9.03 115.01 -4.07
C ILE H 1308 -9.06 115.94 -5.27
N GLU H 1309 -9.98 115.67 -6.19
CA GLU H 1309 -10.15 116.48 -7.40
C GLU H 1309 -11.26 117.50 -7.16
N CYS H 1310 -10.91 118.78 -7.25
CA CYS H 1310 -11.93 119.82 -7.20
C CYS H 1310 -12.72 119.83 -8.51
N ALA H 1311 -13.91 120.43 -8.45
CA ALA H 1311 -14.80 120.45 -9.60
C ALA H 1311 -14.16 121.20 -10.76
N GLU H 1312 -14.43 120.70 -11.97
CA GLU H 1312 -13.87 121.32 -13.17
C GLU H 1312 -14.40 122.73 -13.35
N VAL H 1313 -15.66 122.97 -12.99
CA VAL H 1313 -16.25 124.31 -13.02
C VAL H 1313 -16.82 124.59 -11.64
N PHE H 1314 -16.62 125.80 -11.15
CA PHE H 1314 -17.14 126.21 -9.85
C PHE H 1314 -18.49 126.87 -10.02
N SER H 1315 -19.48 126.40 -9.25
CA SER H 1315 -20.80 127.00 -9.26
C SER H 1315 -20.74 128.41 -8.69
N LYS H 1316 -21.50 129.31 -9.32
CA LYS H 1316 -21.51 130.71 -8.90
C LYS H 1316 -22.55 130.94 -7.81
N ARG H 1414 -30.02 112.91 12.90
CA ARG H 1414 -29.13 112.35 11.90
C ARG H 1414 -29.01 113.28 10.70
N ASP H 1415 -27.83 113.29 10.07
CA ASP H 1415 -27.64 114.09 8.87
C ASP H 1415 -28.54 113.61 7.74
N ASP H 1416 -28.99 114.55 6.91
CA ASP H 1416 -29.92 114.20 5.84
C ASP H 1416 -29.27 113.29 4.83
N TYR H 1417 -29.97 112.20 4.49
CA TYR H 1417 -29.45 111.23 3.53
C TYR H 1417 -29.72 111.70 2.11
N ASP H 1418 -30.13 112.96 1.95
CA ASP H 1418 -30.23 113.61 0.65
C ASP H 1418 -29.18 114.70 0.49
N PHE H 1419 -29.01 115.52 1.53
CA PHE H 1419 -27.91 116.48 1.55
C PHE H 1419 -26.57 115.76 1.52
N LEU H 1420 -26.42 114.68 2.28
CA LEU H 1420 -25.20 113.89 2.28
C LEU H 1420 -24.94 113.21 0.96
N MET H 1421 -25.98 112.89 0.19
CA MET H 1421 -25.80 112.29 -1.12
C MET H 1421 -25.55 113.29 -2.23
N GLN H 1422 -26.07 114.51 -2.12
CA GLN H 1422 -25.82 115.54 -3.12
C GLN H 1422 -24.58 116.38 -2.81
N THR H 1423 -24.02 116.26 -1.61
CA THR H 1423 -22.90 117.11 -1.22
C THR H 1423 -21.60 116.65 -1.86
N SER H 1424 -20.63 117.56 -1.89
CA SER H 1424 -19.29 117.27 -2.40
C SER H 1424 -18.23 117.75 -1.42
N THR H 1425 -18.52 117.70 -0.12
CA THR H 1425 -17.64 118.22 0.91
C THR H 1425 -17.07 117.08 1.74
N TYR H 1426 -15.74 116.98 1.76
CA TYR H 1426 -15.06 115.84 2.37
C TYR H 1426 -14.20 116.30 3.55
N TYR H 1427 -13.94 115.34 4.44
CA TYR H 1427 -13.35 115.63 5.74
C TYR H 1427 -12.36 114.54 6.14
N TYR H 1428 -11.22 114.97 6.69
CA TYR H 1428 -10.34 114.09 7.45
C TYR H 1428 -9.85 114.86 8.67
N SER H 1429 -9.49 114.12 9.71
CA SER H 1429 -9.04 114.74 10.95
C SER H 1429 -7.69 114.16 11.35
N VAL H 1430 -6.90 114.98 12.04
CA VAL H 1430 -5.58 114.60 12.52
C VAL H 1430 -5.52 114.88 14.01
N ARG H 1431 -5.22 113.87 14.80
CA ARG H 1431 -5.12 113.98 16.25
C ARG H 1431 -3.65 114.02 16.64
N ILE H 1432 -3.24 115.09 17.30
CA ILE H 1432 -1.87 115.21 17.78
C ILE H 1432 -1.77 114.53 19.13
N PHE H 1433 -0.90 113.53 19.22
CA PHE H 1433 -0.79 112.75 20.45
C PHE H 1433 -0.19 113.59 21.56
N PRO H 1434 -0.66 113.39 22.80
CA PRO H 1434 -0.18 114.22 23.91
C PRO H 1434 1.32 114.08 24.10
N GLY H 1435 1.95 115.20 24.46
CA GLY H 1435 3.39 115.27 24.62
C GLY H 1435 4.14 115.65 23.36
N GLN H 1436 3.50 115.54 22.20
CA GLN H 1436 4.06 116.04 20.95
C GLN H 1436 3.75 117.54 20.87
N GLU H 1437 4.79 118.34 20.68
CA GLU H 1437 4.61 119.79 20.72
C GLU H 1437 3.74 120.22 19.53
N PRO H 1438 2.65 120.95 19.76
CA PRO H 1438 1.72 121.26 18.68
C PRO H 1438 2.22 122.28 17.66
N ALA H 1439 2.99 123.29 18.09
CA ALA H 1439 3.52 124.27 17.16
C ALA H 1439 4.54 123.67 16.20
N ASN H 1440 5.04 122.47 16.48
CA ASN H 1440 5.94 121.76 15.60
C ASN H 1440 5.21 120.92 14.56
N VAL H 1441 3.89 120.95 14.55
CA VAL H 1441 3.08 120.13 13.65
C VAL H 1441 2.17 121.05 12.84
N TRP H 1442 2.12 120.83 11.52
CA TRP H 1442 1.25 121.58 10.63
C TRP H 1442 0.34 120.61 9.90
N VAL H 1443 -0.92 120.99 9.73
CA VAL H 1443 -1.93 120.14 9.09
C VAL H 1443 -2.63 120.93 7.99
N GLY H 1444 -2.88 120.25 6.88
CA GLY H 1444 -3.60 120.86 5.77
C GLY H 1444 -3.42 120.02 4.51
N TRP H 1445 -3.48 120.70 3.37
CA TRP H 1445 -3.41 120.06 2.07
C TRP H 1445 -2.21 120.60 1.29
N ILE H 1446 -1.64 119.75 0.43
CA ILE H 1446 -0.57 120.15 -0.47
C ILE H 1446 -0.92 119.68 -1.87
N THR H 1447 -0.36 120.35 -2.87
CA THR H 1447 -0.55 119.97 -4.26
C THR H 1447 0.61 119.08 -4.73
N SER H 1448 0.58 118.72 -6.02
CA SER H 1448 1.63 117.87 -6.57
C SER H 1448 2.94 118.64 -6.74
N ASP H 1449 2.88 119.96 -6.76
CA ASP H 1449 4.08 120.77 -7.00
C ASP H 1449 4.95 120.93 -5.78
N PHE H 1450 4.52 120.48 -4.60
CA PHE H 1450 5.28 120.68 -3.38
C PHE H 1450 6.53 119.81 -3.42
N HIS H 1451 7.67 120.46 -3.65
CA HIS H 1451 8.97 119.79 -3.68
C HIS H 1451 9.99 120.52 -2.84
N GLN H 1452 9.54 121.18 -1.77
CA GLN H 1452 10.39 122.01 -0.93
C GLN H 1452 10.78 121.23 0.32
N TYR H 1453 12.08 121.02 0.50
CA TYR H 1453 12.61 120.34 1.68
C TYR H 1453 13.53 121.32 2.41
N ASP H 1454 13.00 121.94 3.47
CA ASP H 1454 13.75 122.86 4.30
C ASP H 1454 13.76 122.35 5.73
N THR H 1455 14.92 122.41 6.38
CA THR H 1455 15.02 122.00 7.78
C THR H 1455 14.14 122.87 8.66
N GLY H 1456 13.96 124.14 8.29
CA GLY H 1456 13.05 125.01 9.01
C GLY H 1456 11.86 125.40 8.15
N PHE H 1457 10.66 125.07 8.62
CA PHE H 1457 9.43 125.31 7.88
C PHE H 1457 8.57 126.34 8.60
N ASP H 1458 8.02 127.27 7.81
CA ASP H 1458 7.07 128.25 8.32
C ASP H 1458 6.04 128.52 7.23
N LEU H 1459 4.83 128.87 7.67
CA LEU H 1459 3.75 129.18 6.73
C LEU H 1459 3.99 130.45 5.95
N ASP H 1460 4.89 131.31 6.40
CA ASP H 1460 5.22 132.53 5.66
C ASP H 1460 6.15 132.24 4.48
N ARG H 1461 6.87 131.12 4.53
CA ARG H 1461 7.85 130.77 3.51
C ARG H 1461 7.25 130.02 2.33
N VAL H 1462 5.97 129.63 2.42
CA VAL H 1462 5.37 128.84 1.36
C VAL H 1462 5.35 129.63 0.06
N ARG H 1463 5.44 128.90 -1.05
CA ARG H 1463 5.47 129.51 -2.38
C ARG H 1463 4.09 129.97 -2.79
N THR H 1464 3.96 131.27 -3.08
CA THR H 1464 2.67 131.84 -3.44
C THR H 1464 2.85 132.77 -4.63
N VAL H 1465 1.76 132.96 -5.38
CA VAL H 1465 1.70 133.92 -6.47
C VAL H 1465 0.26 134.40 -6.59
N THR H 1466 0.09 135.65 -7.00
CA THR H 1466 -1.22 136.29 -7.12
C THR H 1466 -1.40 136.72 -8.57
N VAL H 1467 -2.11 135.90 -9.34
CA VAL H 1467 -2.40 136.24 -10.73
C VAL H 1467 -3.64 137.13 -10.76
N THR H 1468 -3.47 138.36 -11.25
CA THR H 1468 -4.56 139.33 -11.36
C THR H 1468 -4.84 139.59 -12.83
N LEU H 1469 -6.07 139.32 -13.26
CA LEU H 1469 -6.52 139.58 -14.62
C LEU H 1469 -7.49 140.74 -14.61
N GLY H 1470 -7.24 141.73 -15.47
CA GLY H 1470 -8.02 142.94 -15.47
C GLY H 1470 -8.65 143.21 -16.82
N ASP H 1471 -9.68 144.06 -16.80
CA ASP H 1471 -10.33 144.50 -18.03
C ASP H 1471 -9.48 145.59 -18.69
N GLU H 1472 -10.04 146.22 -19.73
CA GLU H 1472 -9.22 146.99 -20.65
C GLU H 1472 -8.74 148.34 -20.07
N LYS H 1473 -9.49 148.96 -19.15
CA LYS H 1473 -8.94 150.17 -18.54
C LYS H 1473 -7.78 149.83 -17.61
N GLY H 1474 -7.89 148.71 -16.88
CA GLY H 1474 -6.96 148.37 -15.84
C GLY H 1474 -7.61 147.95 -14.53
N LYS H 1475 -8.93 147.86 -14.49
CA LYS H 1475 -9.62 147.43 -13.27
C LYS H 1475 -9.40 145.93 -13.06
N VAL H 1476 -9.05 145.55 -11.83
CA VAL H 1476 -8.78 144.15 -11.53
C VAL H 1476 -10.10 143.42 -11.30
N HIS H 1477 -10.63 142.80 -12.36
CA HIS H 1477 -11.92 142.12 -12.24
C HIS H 1477 -11.78 140.77 -11.57
N GLU H 1478 -10.57 140.19 -11.54
CA GLU H 1478 -10.36 138.87 -10.98
C GLU H 1478 -8.96 138.79 -10.39
N SER H 1479 -8.86 138.24 -9.18
CA SER H 1479 -7.58 138.01 -8.52
C SER H 1479 -7.53 136.57 -8.05
N ILE H 1480 -6.49 135.85 -8.46
CA ILE H 1480 -6.30 134.45 -8.10
C ILE H 1480 -4.97 134.32 -7.38
N LYS H 1481 -4.98 133.66 -6.21
CA LYS H 1481 -3.76 133.36 -5.49
C LYS H 1481 -3.50 131.86 -5.57
N ARG H 1482 -2.32 131.49 -6.06
CA ARG H 1482 -1.92 130.11 -6.24
C ARG H 1482 -0.83 129.77 -5.23
N SER H 1483 -0.95 128.57 -4.65
CA SER H 1483 0.05 128.09 -3.71
C SER H 1483 0.08 126.57 -3.75
N ASN H 1484 1.22 126.00 -3.40
CA ASN H 1484 1.34 124.55 -3.37
C ASN H 1484 1.03 123.99 -1.99
N CYS H 1485 1.02 124.85 -0.96
CA CYS H 1485 0.79 124.43 0.41
C CYS H 1485 -0.38 125.23 0.99
N TYR H 1486 -1.41 124.52 1.44
CA TYR H 1486 -2.56 125.10 2.13
C TYR H 1486 -2.68 124.39 3.47
N MET H 1487 -1.93 124.86 4.47
CA MET H 1487 -1.83 124.16 5.74
C MET H 1487 -1.83 125.17 6.89
N VAL H 1488 -2.16 124.68 8.08
CA VAL H 1488 -2.26 125.50 9.28
C VAL H 1488 -1.43 124.86 10.39
N CYS H 1489 -1.07 125.68 11.38
CA CYS H 1489 -0.28 125.23 12.51
C CYS H 1489 -1.19 124.86 13.67
N ALA H 1490 -0.86 123.78 14.36
CA ALA H 1490 -1.63 123.34 15.51
C ALA H 1490 -1.44 124.23 16.73
N GLY H 1491 -0.23 124.76 16.92
CA GLY H 1491 0.01 125.61 18.08
C GLY H 1491 -0.83 126.87 18.07
N GLU H 1492 -1.01 127.47 16.90
CA GLU H 1492 -1.88 128.64 16.80
C GLU H 1492 -3.35 128.23 16.83
N SER H 1493 -3.69 127.06 16.29
CA SER H 1493 -5.09 126.62 16.29
C SER H 1493 -5.58 126.39 17.70
N MET H 1494 -4.72 125.84 18.56
CA MET H 1494 -5.09 125.54 19.94
C MET H 1494 -5.22 126.84 20.74
N SER H 1495 -6.33 126.97 21.48
CA SER H 1495 -6.50 128.15 22.33
C SER H 1495 -5.81 128.03 23.69
N PRO H 1496 -5.95 126.93 24.46
CA PRO H 1496 -5.59 126.97 25.89
C PRO H 1496 -4.09 127.06 26.15
N GLY H 1497 -3.26 126.94 25.13
CA GLY H 1497 -1.83 127.04 25.33
C GLY H 1497 -1.29 125.90 26.17
N GLN H 1498 -0.20 126.17 26.89
CA GLN H 1498 0.54 125.11 27.58
C GLN H 1498 -0.31 124.38 28.62
N GLY H 1499 -1.40 124.97 29.09
CA GLY H 1499 -2.32 124.25 29.96
C GLY H 1499 -2.96 123.05 29.31
N ARG H 1500 -2.95 122.99 27.97
CA ARG H 1500 -3.45 121.86 27.21
C ARG H 1500 -2.27 120.89 27.06
N ASN H 1501 -2.35 119.96 26.10
CA ASN H 1501 -1.45 118.83 25.88
C ASN H 1501 -1.84 117.73 26.86
N ASN H 1502 -2.98 117.92 27.49
CA ASN H 1502 -3.56 116.88 28.34
C ASN H 1502 -4.08 115.72 27.51
N ASN H 1503 -4.82 116.01 26.43
CA ASN H 1503 -5.30 115.00 25.49
C ASN H 1503 -5.97 115.69 24.32
N GLY H 1504 -6.00 115.02 23.17
CA GLY H 1504 -6.84 115.48 22.08
C GLY H 1504 -6.08 116.26 21.01
N LEU H 1505 -6.47 117.51 20.83
CA LEU H 1505 -6.03 118.34 19.71
C LEU H 1505 -6.31 117.65 18.38
N GLU H 1506 -7.60 117.45 18.08
CA GLU H 1506 -8.02 116.86 16.81
C GLU H 1506 -8.26 117.99 15.82
N ILE H 1507 -7.31 118.17 14.89
CA ILE H 1507 -7.48 119.17 13.85
C ILE H 1507 -8.31 118.60 12.72
N GLY H 1508 -9.35 119.32 12.34
CA GLY H 1508 -10.25 118.88 11.28
C GLY H 1508 -10.08 119.70 10.02
N CYS H 1509 -9.99 119.02 8.89
CA CYS H 1509 -9.84 119.66 7.59
C CYS H 1509 -11.10 119.40 6.77
N VAL H 1510 -11.69 120.47 6.27
CA VAL H 1510 -12.91 120.40 5.48
C VAL H 1510 -12.64 121.00 4.11
N VAL H 1511 -12.94 120.25 3.05
CA VAL H 1511 -12.72 120.67 1.68
C VAL H 1511 -14.04 120.63 0.93
N ASP H 1512 -14.34 121.70 0.19
CA ASP H 1512 -15.54 121.78 -0.63
C ASP H 1512 -15.10 121.66 -2.09
N ALA H 1513 -15.25 120.45 -2.64
CA ALA H 1513 -14.81 120.19 -4.01
C ALA H 1513 -15.62 120.96 -5.06
N ALA H 1514 -16.80 121.45 -4.71
CA ALA H 1514 -17.62 122.19 -5.66
C ALA H 1514 -17.31 123.68 -5.68
N SER H 1515 -16.78 124.22 -4.58
CA SER H 1515 -16.46 125.64 -4.49
C SER H 1515 -14.99 125.92 -4.23
N GLY H 1516 -14.19 124.92 -3.86
CA GLY H 1516 -12.79 125.15 -3.60
C GLY H 1516 -12.48 125.86 -2.30
N LEU H 1517 -13.38 125.78 -1.32
CA LEU H 1517 -13.20 126.43 -0.03
C LEU H 1517 -12.58 125.44 0.96
N LEU H 1518 -11.44 125.83 1.53
CA LEU H 1518 -10.74 125.01 2.51
C LEU H 1518 -10.94 125.63 3.89
N THR H 1519 -11.69 124.96 4.75
CA THR H 1519 -11.99 125.43 6.10
C THR H 1519 -11.45 124.43 7.10
N PHE H 1520 -10.83 124.92 8.16
CA PHE H 1520 -10.24 124.09 9.19
C PHE H 1520 -10.99 124.27 10.51
N ILE H 1521 -11.23 123.15 11.19
CA ILE H 1521 -11.87 123.16 12.51
C ILE H 1521 -10.90 122.54 13.51
N ALA H 1522 -10.91 123.06 14.73
CA ALA H 1522 -10.04 122.58 15.79
C ALA H 1522 -10.83 122.47 17.08
N ASN H 1523 -11.02 121.25 17.56
CA ASN H 1523 -11.78 120.97 18.78
C ASN H 1523 -13.19 121.55 18.71
N GLY H 1524 -13.80 121.47 17.53
CA GLY H 1524 -15.19 121.87 17.37
C GLY H 1524 -15.43 123.33 17.10
N LYS H 1525 -14.39 124.14 16.90
CA LYS H 1525 -14.55 125.55 16.56
C LYS H 1525 -13.96 125.80 15.18
N GLU H 1526 -14.63 126.68 14.41
CA GLU H 1526 -14.18 127.01 13.07
C GLU H 1526 -13.00 127.96 13.15
N LEU H 1527 -11.85 127.54 12.63
CA LEU H 1527 -10.65 128.38 12.66
C LEU H 1527 -10.81 129.54 11.67
N SER H 1528 -10.12 130.63 11.98
CA SER H 1528 -10.22 131.84 11.16
C SER H 1528 -9.59 131.66 9.78
N THR H 1529 -8.48 130.93 9.70
CA THR H 1529 -7.78 130.78 8.43
C THR H 1529 -8.60 129.94 7.45
N TYR H 1530 -8.71 130.42 6.22
CA TYR H 1530 -9.40 129.70 5.16
C TYR H 1530 -8.67 129.94 3.85
N TYR H 1531 -8.70 128.95 2.97
CA TYR H 1531 -8.01 129.03 1.68
C TYR H 1531 -9.01 128.79 0.56
N GLN H 1532 -8.98 129.64 -0.45
CA GLN H 1532 -9.79 129.47 -1.65
C GLN H 1532 -8.90 129.01 -2.79
N VAL H 1533 -9.18 127.82 -3.32
CA VAL H 1533 -8.34 127.24 -4.36
C VAL H 1533 -9.02 127.36 -5.71
N GLU H 1534 -8.25 127.27 -6.77
CA GLU H 1534 -8.53 127.32 -8.19
C GLU H 1534 -9.19 126.01 -8.65
N PRO H 1535 -10.08 126.08 -9.64
CA PRO H 1535 -10.76 124.86 -10.10
C PRO H 1535 -9.79 123.82 -10.61
N SER H 1536 -10.17 122.55 -10.46
CA SER H 1536 -9.43 121.37 -10.90
C SER H 1536 -8.12 121.18 -10.15
N THR H 1537 -7.97 121.76 -8.97
CA THR H 1537 -6.77 121.56 -8.18
C THR H 1537 -6.82 120.19 -7.48
N LYS H 1538 -5.69 119.49 -7.52
CA LYS H 1538 -5.54 118.19 -6.87
C LYS H 1538 -4.90 118.42 -5.51
N LEU H 1539 -5.62 118.11 -4.43
CA LEU H 1539 -5.17 118.37 -3.08
C LEU H 1539 -4.83 117.07 -2.38
N PHE H 1540 -3.61 116.98 -1.85
CA PHE H 1540 -3.14 115.81 -1.12
C PHE H 1540 -3.21 116.10 0.37
N PRO H 1541 -3.94 115.30 1.16
CA PRO H 1541 -3.87 115.46 2.62
C PRO H 1541 -2.46 115.27 3.13
N ALA H 1542 -1.94 116.27 3.85
CA ALA H 1542 -0.54 116.25 4.27
C ALA H 1542 -0.42 116.80 5.69
N VAL H 1543 0.59 116.33 6.41
CA VAL H 1543 0.90 116.78 7.75
C VAL H 1543 2.42 116.86 7.88
N PHE H 1544 2.94 118.03 8.23
CA PHE H 1544 4.36 118.23 8.47
C PHE H 1544 4.59 118.36 9.97
N ALA H 1545 5.54 117.60 10.50
CA ALA H 1545 5.74 117.57 11.94
C ALA H 1545 7.21 117.32 12.26
N GLN H 1546 7.71 118.04 13.25
CA GLN H 1546 8.99 117.74 13.90
C GLN H 1546 8.69 116.97 15.18
N ALA H 1547 9.16 115.73 15.24
CA ALA H 1547 8.72 114.80 16.28
C ALA H 1547 9.45 115.09 17.59
N THR H 1548 8.69 115.46 18.61
CA THR H 1548 9.21 115.64 19.96
C THR H 1548 8.73 114.53 20.90
N SER H 1549 7.99 113.56 20.39
CA SER H 1549 7.46 112.46 21.17
C SER H 1549 7.59 111.18 20.36
N PRO H 1550 7.65 110.02 21.02
CA PRO H 1550 7.65 108.76 20.25
C PRO H 1550 6.40 108.59 19.40
N ASN H 1551 5.26 109.09 19.86
CA ASN H 1551 4.00 109.04 19.12
C ASN H 1551 3.67 110.45 18.65
N VAL H 1552 3.75 110.68 17.35
CA VAL H 1552 3.50 111.98 16.75
C VAL H 1552 2.38 111.83 15.72
N PHE H 1553 1.25 112.49 15.99
CA PHE H 1553 0.05 112.61 15.16
C PHE H 1553 -0.48 111.30 14.57
N GLN H 1554 -1.71 111.32 14.08
CA GLN H 1554 -2.34 110.14 13.50
C GLN H 1554 -3.46 110.59 12.58
N PHE H 1555 -3.51 110.04 11.37
CA PHE H 1555 -4.59 110.33 10.45
C PHE H 1555 -5.86 109.60 10.88
N GLU H 1556 -6.96 110.33 10.98
CA GLU H 1556 -8.28 109.74 11.23
C GLU H 1556 -9.16 110.03 10.03
N LEU H 1557 -9.58 108.97 9.34
CA LEU H 1557 -10.35 109.09 8.10
C LEU H 1557 -11.85 109.05 8.41
N GLY H 1558 -12.25 109.90 9.35
CA GLY H 1558 -13.61 109.94 9.84
C GLY H 1558 -14.49 110.92 9.10
N ARG H 1559 -15.62 111.27 9.71
CA ARG H 1559 -16.56 112.20 9.12
C ARG H 1559 -17.33 112.90 10.23
N ILE H 1560 -17.85 114.08 9.92
CA ILE H 1560 -18.69 114.84 10.84
C ILE H 1560 -20.07 115.00 10.21
N LYS H 1561 -20.98 115.65 10.92
CA LYS H 1561 -22.35 115.80 10.44
C LYS H 1561 -22.39 116.55 9.11
N ASN H 1562 -23.15 116.01 8.17
CA ASN H 1562 -23.40 116.59 6.85
C ASN H 1562 -22.14 116.74 6.00
N VAL H 1563 -21.06 116.03 6.31
CA VAL H 1563 -19.81 116.13 5.58
C VAL H 1563 -19.40 114.75 5.12
N MET H 1564 -19.11 114.60 3.82
CA MET H 1564 -18.81 113.31 3.21
C MET H 1564 -17.47 112.81 3.72
N PRO H 1565 -17.30 111.50 3.83
CA PRO H 1565 -16.01 110.95 4.22
C PRO H 1565 -14.96 111.10 3.13
N LEU H 1566 -13.69 111.01 3.57
CA LEU H 1566 -12.56 111.23 2.67
C LEU H 1566 -12.47 110.17 1.58
N SER H 1567 -12.74 108.90 1.92
CA SER H 1567 -12.70 107.82 0.94
C SER H 1567 -13.70 108.02 -0.18
N ALA H 1568 -14.86 108.64 0.10
CA ALA H 1568 -15.82 108.93 -0.95
C ALA H 1568 -15.26 109.88 -1.99
N GLY H 1569 -14.57 110.92 -1.56
CA GLY H 1569 -13.91 111.81 -2.50
C GLY H 1569 -12.75 111.14 -3.22
N LEU H 1570 -11.98 110.34 -2.48
CA LEU H 1570 -10.77 109.75 -3.04
C LEU H 1570 -11.11 108.72 -4.13
N PHE H 1571 -12.04 107.82 -3.83
CA PHE H 1571 -12.37 106.73 -4.73
C PHE H 1571 -13.70 106.99 -5.43
N LYS H 1572 -13.83 106.45 -6.64
CA LYS H 1572 -15.03 106.58 -7.44
C LYS H 1572 -16.04 105.47 -7.21
N SER H 1573 -15.57 104.26 -6.88
CA SER H 1573 -16.50 103.18 -6.56
C SER H 1573 -17.21 103.41 -5.24
N GLU H 1574 -16.67 104.25 -4.37
CA GLU H 1574 -17.25 104.58 -3.07
C GLU H 1574 -17.77 106.02 -3.06
N HIS H 1575 -18.15 106.52 -4.23
CA HIS H 1575 -18.52 107.93 -4.35
C HIS H 1575 -19.77 108.24 -3.54
N LYS H 1576 -20.71 107.30 -3.46
CA LYS H 1576 -21.95 107.48 -2.72
C LYS H 1576 -22.00 106.64 -1.45
N ASN H 1577 -20.85 106.26 -0.91
CA ASN H 1577 -20.82 105.44 0.29
C ASN H 1577 -20.50 106.33 1.49
N PRO H 1578 -21.44 106.58 2.39
CA PRO H 1578 -21.15 107.44 3.55
C PRO H 1578 -20.26 106.79 4.58
N VAL H 1579 -20.15 105.46 4.58
CA VAL H 1579 -19.34 104.78 5.60
C VAL H 1579 -17.87 105.05 5.34
N PRO H 1580 -17.12 105.57 6.30
CA PRO H 1580 -15.69 105.80 6.08
C PRO H 1580 -14.95 104.50 5.84
N GLN H 1581 -13.97 104.54 4.94
CA GLN H 1581 -13.17 103.38 4.58
C GLN H 1581 -11.73 103.79 4.36
N CYS H 1582 -10.83 102.82 4.54
CA CYS H 1582 -9.40 103.01 4.30
C CYS H 1582 -8.90 101.88 3.43
N PRO H 1583 -9.10 101.97 2.12
CA PRO H 1583 -8.64 100.91 1.21
C PRO H 1583 -7.12 100.82 1.20
N PRO H 1584 -6.57 99.66 0.83
CA PRO H 1584 -5.10 99.49 0.91
C PRO H 1584 -4.33 100.43 0.00
N ARG H 1585 -4.96 100.99 -1.04
CA ARG H 1585 -4.25 101.92 -1.92
C ARG H 1585 -3.76 103.13 -1.15
N LEU H 1586 -4.60 103.68 -0.27
CA LEU H 1586 -4.20 104.83 0.53
C LEU H 1586 -3.13 104.43 1.54
N HIS H 1587 -2.02 105.14 1.53
CA HIS H 1587 -0.92 104.86 2.45
C HIS H 1587 -0.12 106.14 2.67
N VAL H 1588 0.59 106.20 3.79
CA VAL H 1588 1.35 107.39 4.14
C VAL H 1588 2.60 107.47 3.28
N GLN H 1589 2.86 108.65 2.73
CA GLN H 1589 4.06 108.90 1.93
C GLN H 1589 4.84 110.03 2.57
N PHE H 1590 6.17 109.97 2.43
CA PHE H 1590 7.06 110.94 3.07
C PHE H 1590 8.08 111.45 2.06
N LEU H 1591 8.51 112.70 2.28
CA LEU H 1591 9.49 113.32 1.41
C LEU H 1591 10.90 112.86 1.76
N SER H 1592 11.68 112.47 0.75
CA SER H 1592 13.06 112.07 0.95
C SER H 1592 13.86 112.40 -0.30
N HIS H 1593 15.19 112.26 -0.18
CA HIS H 1593 16.10 112.54 -1.28
C HIS H 1593 16.74 111.28 -1.84
N VAL H 1594 16.32 110.10 -1.40
CA VAL H 1594 16.94 108.86 -1.88
C VAL H 1594 16.23 108.40 -3.15
N LEU H 1595 16.62 108.98 -4.28
CA LEU H 1595 16.07 108.65 -5.58
C LEU H 1595 17.12 108.99 -6.65
N TRP H 1596 17.18 108.17 -7.68
CA TRP H 1596 18.09 108.42 -8.79
C TRP H 1596 17.36 109.06 -9.96
N SER H 1597 18.10 109.82 -10.75
CA SER H 1597 17.57 110.47 -11.94
C SER H 1597 18.41 110.06 -13.14
N ARG H 1598 17.74 109.93 -14.29
CA ARG H 1598 18.37 109.46 -15.51
C ARG H 1598 18.71 110.64 -16.41
N MET H 1599 19.99 110.79 -16.72
CA MET H 1599 20.42 111.81 -17.68
C MET H 1599 20.03 111.39 -19.09
N PRO H 1600 19.36 112.24 -19.85
CA PRO H 1600 18.94 111.87 -21.21
C PRO H 1600 20.14 111.53 -22.09
N ASN H 1601 19.94 110.55 -22.98
CA ASN H 1601 21.00 110.14 -23.89
C ASN H 1601 21.33 111.23 -24.89
N GLN H 1602 20.33 112.05 -25.25
CA GLN H 1602 20.50 113.11 -26.22
C GLN H 1602 19.80 114.36 -25.73
N PHE H 1603 20.38 115.51 -26.07
CA PHE H 1603 19.83 116.82 -25.70
C PHE H 1603 19.56 117.63 -26.96
N LEU H 1604 18.79 118.70 -26.79
CA LEU H 1604 18.47 119.57 -27.92
C LEU H 1604 19.71 120.29 -28.42
N LYS H 1605 19.79 120.49 -29.73
CA LYS H 1605 20.88 121.22 -30.35
C LYS H 1605 20.53 122.71 -30.34
N VAL H 1606 21.11 123.46 -29.42
CA VAL H 1606 20.87 124.88 -29.26
C VAL H 1606 22.18 125.62 -29.40
N ASP H 1607 22.21 126.63 -30.25
CA ASP H 1607 23.38 127.50 -30.41
C ASP H 1607 23.02 128.93 -29.99
N VAL H 1608 23.96 129.59 -29.32
CA VAL H 1608 23.77 130.94 -28.84
C VAL H 1608 24.99 131.77 -29.22
N SER H 1609 24.76 132.95 -29.77
CA SER H 1609 25.84 133.84 -30.18
C SER H 1609 25.33 135.27 -30.23
N ARG H 1610 26.27 136.22 -30.17
CA ARG H 1610 25.95 137.63 -30.33
C ARG H 1610 25.99 137.97 -31.82
N ILE H 1611 24.82 138.26 -32.39
CA ILE H 1611 24.77 138.67 -33.79
C ILE H 1611 25.53 139.97 -33.98
N SER H 1612 25.28 140.94 -33.12
CA SER H 1612 25.94 142.25 -33.15
C SER H 1612 25.47 143.04 -31.94
N GLU H 1613 26.12 144.18 -31.71
CA GLU H 1613 25.57 145.17 -30.81
C GLU H 1613 24.23 145.70 -31.33
N ARG H 1614 24.07 145.72 -32.64
CA ARG H 1614 22.82 146.19 -33.25
C ARG H 1614 21.69 145.20 -33.00
N GLN H 1615 21.98 143.90 -33.00
CA GLN H 1615 20.92 142.91 -33.01
C GLN H 1615 20.80 142.10 -31.72
N GLY H 1616 21.87 141.96 -30.95
CA GLY H 1616 21.75 141.24 -29.70
C GLY H 1616 22.19 139.79 -29.79
N TRP H 1617 21.74 139.01 -28.82
CA TRP H 1617 22.10 137.61 -28.69
C TRP H 1617 21.03 136.73 -29.34
N LEU H 1618 21.46 135.81 -30.19
CA LEU H 1618 20.57 134.93 -30.92
C LEU H 1618 20.65 133.52 -30.34
N VAL H 1619 19.49 132.92 -30.08
CA VAL H 1619 19.39 131.52 -29.71
C VAL H 1619 18.48 130.84 -30.74
N GLN H 1620 18.81 129.60 -31.09
CA GLN H 1620 18.16 128.93 -32.22
C GLN H 1620 18.21 127.42 -32.00
N CYS H 1621 17.03 126.80 -31.90
CA CYS H 1621 16.89 125.35 -31.87
C CYS H 1621 16.02 124.95 -33.05
N LEU H 1622 16.52 124.06 -33.90
CA LEU H 1622 15.83 123.69 -35.13
C LEU H 1622 15.64 122.19 -35.29
N ASP H 1623 16.00 121.38 -34.30
CA ASP H 1623 15.85 119.94 -34.39
C ASP H 1623 14.81 119.45 -33.39
N PRO H 1624 13.83 118.68 -33.82
CA PRO H 1624 12.81 118.20 -32.89
C PRO H 1624 13.20 116.91 -32.20
N LEU H 1625 13.09 116.92 -30.88
CA LEU H 1625 13.30 115.73 -30.05
C LEU H 1625 12.06 115.48 -29.20
N GLN H 1626 11.70 114.21 -29.07
CA GLN H 1626 10.51 113.83 -28.32
C GLN H 1626 10.85 112.64 -27.45
N PHE H 1627 10.09 112.48 -26.36
CA PHE H 1627 10.25 111.37 -25.44
C PHE H 1627 8.89 110.93 -24.91
N MET H 1628 8.76 109.64 -24.64
CA MET H 1628 7.56 109.10 -24.02
C MET H 1628 7.52 109.51 -22.56
N SER H 1629 6.36 109.97 -22.10
CA SER H 1629 6.17 110.33 -20.70
C SER H 1629 5.13 109.37 -20.10
N LEU H 1630 5.55 108.61 -19.09
CA LEU H 1630 4.65 107.72 -18.38
C LEU H 1630 3.99 108.50 -17.24
N HIS H 1631 2.69 108.73 -17.38
CA HIS H 1631 1.94 109.55 -16.42
C HIS H 1631 1.29 108.64 -15.38
N ILE H 1632 1.71 108.78 -14.13
CA ILE H 1632 1.07 108.08 -13.03
C ILE H 1632 -0.20 108.86 -12.69
N PRO H 1633 -1.38 108.25 -12.83
CA PRO H 1633 -2.62 109.02 -12.65
C PRO H 1633 -2.86 109.46 -11.22
N GLU H 1634 -2.59 108.60 -10.24
CA GLU H 1634 -2.91 108.94 -8.86
C GLU H 1634 -2.05 110.08 -8.34
N GLU H 1635 -0.75 110.06 -8.63
CA GLU H 1635 0.18 111.02 -8.07
C GLU H 1635 0.32 112.28 -8.92
N ASN H 1636 -0.35 112.35 -10.06
CA ASN H 1636 -0.36 113.55 -10.91
C ASN H 1636 1.05 113.96 -11.31
N ARG H 1637 1.90 112.98 -11.58
CA ARG H 1637 3.26 113.23 -12.04
C ARG H 1637 3.58 112.30 -13.20
N SER H 1638 4.52 112.73 -14.04
CA SER H 1638 4.90 111.98 -15.22
C SER H 1638 6.42 111.82 -15.24
N VAL H 1639 6.86 110.64 -15.67
CA VAL H 1639 8.29 110.34 -15.79
C VAL H 1639 8.56 109.78 -17.18
N ASP H 1640 9.81 109.94 -17.62
CA ASP H 1640 10.22 109.35 -18.88
C ASP H 1640 10.16 107.83 -18.80
N ILE H 1641 9.67 107.20 -19.87
CA ILE H 1641 9.49 105.75 -19.85
C ILE H 1641 10.82 105.02 -19.78
N LEU H 1642 11.90 105.66 -20.23
CA LEU H 1642 13.22 105.04 -20.18
C LEU H 1642 13.73 104.89 -18.74
N GLU H 1643 13.10 105.56 -17.78
CA GLU H 1643 13.43 105.39 -16.38
C GLU H 1643 12.89 104.09 -15.79
N LEU H 1644 12.02 103.38 -16.52
CA LEU H 1644 11.48 102.12 -16.03
C LEU H 1644 12.50 100.98 -16.05
N THR H 1645 13.67 101.20 -16.64
CA THR H 1645 14.74 100.20 -16.56
C THR H 1645 15.16 99.94 -15.12
N GLU H 1646 15.00 100.94 -14.25
CA GLU H 1646 15.38 100.82 -12.84
C GLU H 1646 14.18 100.77 -11.91
N GLN H 1647 12.96 100.86 -12.44
CA GLN H 1647 11.73 100.73 -11.66
C GLN H 1647 11.03 99.46 -12.13
N GLU H 1648 11.21 98.37 -11.36
CA GLU H 1648 10.77 97.06 -11.83
C GLU H 1648 9.26 96.90 -11.74
N GLU H 1649 8.65 97.39 -10.65
CA GLU H 1649 7.21 97.21 -10.46
C GLU H 1649 6.43 97.92 -11.56
N LEU H 1650 6.78 99.18 -11.86
CA LEU H 1650 6.13 99.89 -12.94
C LEU H 1650 6.35 99.21 -14.28
N LEU H 1651 7.55 98.69 -14.50
CA LEU H 1651 7.85 98.00 -15.76
C LEU H 1651 6.95 96.79 -15.94
N LYS H 1652 6.82 95.95 -14.90
CA LYS H 1652 5.97 94.77 -15.00
C LYS H 1652 4.51 95.15 -15.18
N PHE H 1653 4.05 96.14 -14.41
CA PHE H 1653 2.65 96.54 -14.51
C PHE H 1653 2.32 97.08 -15.90
N HIS H 1654 3.22 97.88 -16.48
CA HIS H 1654 3.00 98.40 -17.82
C HIS H 1654 3.12 97.32 -18.89
N TYR H 1655 4.01 96.35 -18.72
CA TYR H 1655 4.07 95.23 -19.67
C TYR H 1655 2.77 94.44 -19.67
N HIS H 1656 2.23 94.15 -18.49
CA HIS H 1656 0.95 93.45 -18.43
C HIS H 1656 -0.22 94.32 -18.89
N THR H 1657 -0.13 95.64 -18.72
CA THR H 1657 -1.12 96.53 -19.31
C THR H 1657 -1.08 96.45 -20.84
N LEU H 1658 0.12 96.41 -21.42
CA LEU H 1658 0.24 96.25 -22.86
C LEU H 1658 -0.33 94.90 -23.31
N ARG H 1659 -0.08 93.84 -22.54
CA ARG H 1659 -0.65 92.54 -22.88
C ARG H 1659 -2.17 92.57 -22.79
N LEU H 1660 -2.73 93.29 -21.81
CA LEU H 1660 -4.18 93.45 -21.75
C LEU H 1660 -4.71 94.22 -22.94
N TYR H 1661 -3.97 95.25 -23.38
CA TYR H 1661 -4.34 95.98 -24.59
C TYR H 1661 -4.37 95.05 -25.79
N SER H 1662 -3.39 94.17 -25.92
CA SER H 1662 -3.41 93.18 -26.99
C SER H 1662 -4.58 92.21 -26.87
N ALA H 1663 -4.86 91.73 -25.65
CA ALA H 1663 -5.91 90.75 -25.44
C ALA H 1663 -7.31 91.30 -25.71
N VAL H 1664 -7.57 92.55 -25.36
CA VAL H 1664 -8.93 93.09 -25.56
C VAL H 1664 -9.23 93.24 -27.04
N CYS H 1665 -8.21 93.46 -27.88
CA CYS H 1665 -8.39 93.62 -29.31
C CYS H 1665 -7.98 92.37 -30.09
N ALA H 1666 -7.66 91.28 -29.39
CA ALA H 1666 -7.25 90.05 -30.05
C ALA H 1666 -8.38 89.47 -30.90
N LEU H 1667 -7.98 88.78 -31.96
CA LEU H 1667 -8.90 88.09 -32.88
C LEU H 1667 -9.89 89.05 -33.52
N GLY H 1668 -9.34 90.15 -34.06
CA GLY H 1668 -10.12 91.04 -34.90
C GLY H 1668 -11.24 91.79 -34.25
N ASN H 1669 -11.04 92.30 -33.03
CA ASN H 1669 -12.01 93.21 -32.41
C ASN H 1669 -11.70 94.62 -32.91
N HIS H 1670 -12.30 94.96 -34.05
CA HIS H 1670 -11.95 96.19 -34.75
C HIS H 1670 -12.41 97.42 -33.98
N ARG H 1671 -13.58 97.35 -33.34
CA ARG H 1671 -14.04 98.47 -32.54
C ARG H 1671 -13.11 98.73 -31.36
N VAL H 1672 -12.66 97.65 -30.70
CA VAL H 1672 -11.71 97.80 -29.61
C VAL H 1672 -10.38 98.33 -30.11
N ALA H 1673 -9.99 97.94 -31.34
CA ALA H 1673 -8.76 98.47 -31.93
C ALA H 1673 -8.87 99.97 -32.16
N HIS H 1674 -10.01 100.43 -32.69
CA HIS H 1674 -10.23 101.86 -32.83
C HIS H 1674 -10.21 102.57 -31.49
N ALA H 1675 -10.82 101.96 -30.46
CA ALA H 1675 -10.78 102.56 -29.13
C ALA H 1675 -9.36 102.67 -28.60
N LEU H 1676 -8.56 101.63 -28.81
CA LEU H 1676 -7.17 101.60 -28.34
C LEU H 1676 -6.28 102.55 -29.14
N CYS H 1677 -6.66 102.89 -30.38
CA CYS H 1677 -5.89 103.90 -31.11
C CYS H 1677 -5.88 105.24 -30.39
N SER H 1678 -6.89 105.51 -29.57
CA SER H 1678 -6.89 106.74 -28.78
C SER H 1678 -5.89 106.69 -27.64
N HIS H 1679 -5.74 105.53 -27.01
CA HIS H 1679 -4.88 105.39 -25.84
C HIS H 1679 -3.41 105.23 -26.23
N VAL H 1680 -3.13 104.36 -27.20
CA VAL H 1680 -1.78 104.17 -27.72
C VAL H 1680 -1.79 104.74 -29.13
N ASP H 1681 -1.04 105.81 -29.34
CA ASP H 1681 -1.12 106.55 -30.59
C ASP H 1681 -0.09 106.05 -31.60
N GLU H 1682 -0.33 106.41 -32.86
CA GLU H 1682 0.60 106.08 -33.94
C GLU H 1682 2.00 106.64 -33.71
N PRO H 1683 2.21 107.92 -33.37
CA PRO H 1683 3.57 108.38 -33.08
C PRO H 1683 4.21 107.67 -31.90
N GLN H 1684 3.44 107.36 -30.84
CA GLN H 1684 3.98 106.60 -29.73
C GLN H 1684 4.44 105.21 -30.14
N LEU H 1685 3.67 104.51 -30.97
CA LEU H 1685 4.10 103.24 -31.50
C LEU H 1685 5.34 103.36 -32.36
N LEU H 1686 5.37 104.33 -33.29
CA LEU H 1686 6.49 104.53 -34.19
C LEU H 1686 7.76 104.93 -33.47
N TYR H 1687 7.66 105.60 -32.32
CA TYR H 1687 8.82 105.92 -31.49
C TYR H 1687 9.30 104.73 -30.68
N ALA H 1688 8.37 103.96 -30.09
CA ALA H 1688 8.75 102.79 -29.31
C ALA H 1688 9.38 101.72 -30.19
N ILE H 1689 8.99 101.67 -31.47
CA ILE H 1689 9.60 100.71 -32.39
C ILE H 1689 11.08 101.00 -32.60
N GLU H 1690 11.42 102.28 -32.79
CA GLU H 1690 12.79 102.63 -33.16
C GLU H 1690 13.72 102.88 -31.98
N ASN H 1691 13.23 103.40 -30.86
CA ASN H 1691 14.14 103.83 -29.81
C ASN H 1691 14.99 102.66 -29.32
N LYS H 1692 16.30 102.88 -29.29
CA LYS H 1692 17.26 101.84 -28.93
C LYS H 1692 17.37 101.63 -27.42
N TYR H 1693 17.01 102.62 -26.61
CA TYR H 1693 17.02 102.50 -25.17
C TYR H 1693 15.68 102.00 -24.65
N MET H 1694 14.79 101.60 -25.55
CA MET H 1694 13.56 100.92 -25.18
C MET H 1694 13.87 99.71 -24.31
N PRO H 1695 13.23 99.59 -23.15
CA PRO H 1695 13.36 98.36 -22.37
C PRO H 1695 12.84 97.18 -23.17
N GLY H 1696 13.41 95.99 -22.91
CA GLY H 1696 13.10 94.82 -23.72
C GLY H 1696 11.65 94.39 -23.61
N LEU H 1697 11.12 94.30 -22.39
CA LEU H 1697 9.76 93.83 -22.21
C LEU H 1697 8.76 94.80 -22.83
N LEU H 1698 8.93 96.10 -22.56
CA LEU H 1698 8.03 97.09 -23.13
C LEU H 1698 8.17 97.15 -24.65
N ARG H 1699 9.38 96.95 -25.16
CA ARG H 1699 9.61 96.90 -26.60
C ARG H 1699 8.82 95.76 -27.24
N ALA H 1700 8.94 94.56 -26.67
CA ALA H 1700 8.18 93.43 -27.18
C ALA H 1700 6.68 93.66 -27.09
N GLY H 1701 6.22 94.23 -25.97
CA GLY H 1701 4.83 94.55 -25.81
C GLY H 1701 4.32 95.54 -26.85
N TYR H 1702 5.13 96.55 -27.18
CA TYR H 1702 4.70 97.55 -28.15
C TYR H 1702 4.70 96.99 -29.56
N TYR H 1703 5.69 96.16 -29.91
CA TYR H 1703 5.66 95.47 -31.19
C TYR H 1703 4.42 94.60 -31.32
N ASP H 1704 4.11 93.81 -30.29
CA ASP H 1704 2.91 92.98 -30.31
C ASP H 1704 1.64 93.81 -30.38
N LEU H 1705 1.56 94.92 -29.66
CA LEU H 1705 0.39 95.78 -29.71
C LEU H 1705 0.19 96.38 -31.11
N LEU H 1706 1.28 96.85 -31.73
CA LEU H 1706 1.17 97.37 -33.09
C LEU H 1706 0.68 96.30 -34.04
N ILE H 1707 1.24 95.09 -33.94
CA ILE H 1707 0.82 94.00 -34.81
C ILE H 1707 -0.65 93.67 -34.60
N ASP H 1708 -1.09 93.63 -33.33
CA ASP H 1708 -2.47 93.26 -33.04
C ASP H 1708 -3.45 94.32 -33.54
N ILE H 1709 -3.18 95.59 -33.23
CA ILE H 1709 -4.12 96.65 -33.60
C ILE H 1709 -4.16 96.90 -35.09
N HIS H 1710 -3.03 96.84 -35.78
CA HIS H 1710 -3.08 97.34 -37.15
C HIS H 1710 -2.93 96.27 -38.22
N LEU H 1711 -2.30 95.14 -37.91
CA LEU H 1711 -1.89 94.19 -38.94
C LEU H 1711 -2.44 92.78 -38.75
N SER H 1712 -2.89 92.44 -37.54
CA SER H 1712 -3.20 91.05 -37.22
C SER H 1712 -4.36 90.51 -38.06
N SER H 1713 -5.42 91.31 -38.24
CA SER H 1713 -6.61 90.82 -38.92
C SER H 1713 -6.30 90.46 -40.37
N TYR H 1714 -5.69 91.40 -41.12
CA TYR H 1714 -5.37 91.11 -42.51
C TYR H 1714 -4.33 90.00 -42.61
N ALA H 1715 -3.34 89.99 -41.71
CA ALA H 1715 -2.34 88.92 -41.75
C ALA H 1715 -2.99 87.55 -41.60
N THR H 1716 -3.87 87.41 -40.61
CA THR H 1716 -4.56 86.16 -40.36
C THR H 1716 -5.43 85.72 -41.54
N ALA H 1717 -6.22 86.64 -42.11
CA ALA H 1717 -7.05 86.28 -43.25
C ALA H 1717 -6.21 85.83 -44.43
N ARG H 1718 -5.19 86.63 -44.78
CA ARG H 1718 -4.36 86.33 -45.93
C ARG H 1718 -3.52 85.08 -45.69
N LEU H 1719 -3.32 84.72 -44.44
CA LEU H 1719 -2.61 83.51 -44.11
C LEU H 1719 -3.46 82.28 -44.21
N MET H 1720 -4.67 82.30 -43.67
CA MET H 1720 -5.40 81.05 -43.71
C MET H 1720 -6.02 80.84 -45.07
N MET H 1721 -6.10 81.90 -45.89
CA MET H 1721 -6.44 81.81 -47.30
C MET H 1721 -5.22 81.48 -48.16
N ASN H 1722 -4.19 80.84 -47.59
CA ASN H 1722 -2.94 80.66 -48.32
C ASN H 1722 -2.97 79.40 -49.19
N ASN H 1723 -3.39 78.27 -48.63
CA ASN H 1723 -3.29 77.00 -49.31
C ASN H 1723 -4.35 76.80 -50.39
N GLU H 1724 -5.11 77.84 -50.73
CA GLU H 1724 -6.10 77.77 -51.80
C GLU H 1724 -5.63 78.67 -52.94
N TYR H 1725 -5.51 78.09 -54.13
CA TYR H 1725 -5.01 78.81 -55.31
C TYR H 1725 -6.15 78.93 -56.32
N ILE H 1726 -6.80 80.07 -56.33
CA ILE H 1726 -7.84 80.39 -57.31
C ILE H 1726 -7.22 81.37 -58.30
N VAL H 1727 -6.85 80.87 -59.47
CA VAL H 1727 -6.12 81.65 -60.45
C VAL H 1727 -7.05 81.97 -61.62
N PRO H 1728 -7.21 83.24 -62.00
CA PRO H 1728 -8.11 83.57 -63.10
C PRO H 1728 -7.50 83.22 -64.46
N MET H 1729 -8.35 83.20 -65.47
CA MET H 1729 -7.88 82.93 -66.84
C MET H 1729 -7.66 84.24 -67.61
N THR H 1730 -6.58 84.93 -67.26
CA THR H 1730 -6.27 86.23 -67.82
C THR H 1730 -5.01 86.15 -68.69
N GLU H 1731 -4.76 87.20 -69.48
CA GLU H 1731 -3.59 87.24 -70.35
C GLU H 1731 -2.30 87.34 -69.54
N GLU H 1732 -2.33 88.11 -68.45
CA GLU H 1732 -1.17 88.17 -67.56
C GLU H 1732 -0.91 86.82 -66.92
N THR H 1733 -1.96 86.03 -66.70
CA THR H 1733 -1.78 84.65 -66.25
C THR H 1733 -1.12 83.79 -67.32
N LYS H 1734 -1.52 83.96 -68.58
CA LYS H 1734 -0.89 83.23 -69.68
C LYS H 1734 0.59 83.60 -69.81
N SER H 1735 0.93 84.85 -69.50
CA SER H 1735 2.32 85.31 -69.64
C SER H 1735 3.25 84.63 -68.64
N ILE H 1736 2.72 84.06 -67.56
CA ILE H 1736 3.55 83.48 -66.51
C ILE H 1736 4.30 82.26 -67.05
N THR H 1737 5.56 82.13 -66.66
CA THR H 1737 6.40 80.99 -67.04
C THR H 1737 7.14 80.47 -65.81
N LEU H 1738 7.58 79.22 -65.91
CA LEU H 1738 8.34 78.62 -64.81
C LEU H 1738 9.66 79.35 -64.56
N PHE H 1739 10.39 79.70 -65.61
CA PHE H 1739 11.72 80.27 -65.47
C PHE H 1739 11.79 81.63 -66.15
N PRO H 1740 12.56 82.58 -65.60
CA PRO H 1740 12.59 83.92 -66.21
C PRO H 1740 13.11 83.95 -67.63
N ASP H 1741 14.05 83.08 -67.98
CA ASP H 1741 14.67 83.10 -69.30
C ASP H 1741 15.09 81.69 -69.69
N GLU H 1742 15.95 81.61 -70.72
CA GLU H 1742 16.42 80.32 -71.19
C GLU H 1742 17.23 79.60 -70.13
N ASN H 1743 18.07 80.33 -69.41
CA ASN H 1743 18.83 79.73 -68.31
C ASN H 1743 17.88 79.22 -67.24
N LYS H 1744 18.04 77.96 -66.86
CA LYS H 1744 17.15 77.33 -65.88
C LYS H 1744 17.62 77.68 -64.47
N LYS H 1745 17.74 78.98 -64.23
CA LYS H 1745 18.12 79.52 -62.93
C LYS H 1745 16.89 80.07 -62.24
N HIS H 1746 16.64 79.60 -61.01
CA HIS H 1746 15.49 80.07 -60.25
C HIS H 1746 15.61 81.56 -59.98
N GLY H 1747 14.53 82.29 -60.22
CA GLY H 1747 14.43 83.66 -59.76
C GLY H 1747 14.30 83.72 -58.26
N LEU H 1748 14.56 84.90 -57.72
CA LEU H 1748 14.45 85.09 -56.28
C LEU H 1748 13.00 84.87 -55.87
N PRO H 1749 12.74 84.20 -54.75
CA PRO H 1749 11.36 84.00 -54.30
C PRO H 1749 10.66 85.32 -54.04
N GLY H 1750 9.37 85.37 -54.35
CA GLY H 1750 8.59 86.57 -54.18
C GLY H 1750 8.43 87.42 -55.44
N ILE H 1751 9.50 87.63 -56.19
CA ILE H 1751 9.42 88.49 -57.38
C ILE H 1751 8.59 87.76 -58.43
N GLY H 1752 7.93 88.51 -59.29
CA GLY H 1752 7.23 87.94 -60.42
C GLY H 1752 5.82 88.47 -60.49
N LEU H 1753 5.09 87.99 -61.50
CA LEU H 1753 3.69 88.33 -61.72
C LEU H 1753 2.81 87.21 -61.17
N SER H 1754 2.29 87.41 -59.97
CA SER H 1754 1.41 86.45 -59.31
C SER H 1754 -0.03 86.90 -59.52
N THR H 1755 -0.82 86.07 -60.21
CA THR H 1755 -2.18 86.42 -60.58
C THR H 1755 -3.23 85.70 -59.75
N SER H 1756 -2.81 84.86 -58.80
CA SER H 1756 -3.76 84.13 -57.97
C SER H 1756 -4.57 85.10 -57.12
N LEU H 1757 -5.86 84.81 -56.97
CA LEU H 1757 -6.73 85.67 -56.19
C LEU H 1757 -6.40 85.58 -54.71
N ARG H 1758 -6.25 86.73 -54.08
CA ARG H 1758 -6.01 86.85 -52.65
C ARG H 1758 -6.95 87.91 -52.09
N PRO H 1759 -7.26 87.86 -50.80
CA PRO H 1759 -8.20 88.82 -50.22
C PRO H 1759 -7.75 90.26 -50.41
N ARG H 1760 -8.73 91.16 -50.26
CA ARG H 1760 -8.56 92.57 -50.58
C ARG H 1760 -8.18 93.36 -49.34
N MET H 1761 -7.19 94.24 -49.48
CA MET H 1761 -6.72 95.08 -48.38
C MET H 1761 -7.64 96.26 -48.19
N GLN H 1762 -8.17 96.42 -46.97
CA GLN H 1762 -9.02 97.56 -46.65
C GLN H 1762 -8.79 97.98 -45.20
N PHE H 1763 -8.76 99.31 -45.00
CA PHE H 1763 -8.54 99.90 -43.69
C PHE H 1763 -9.50 101.06 -43.49
N SER H 1764 -9.76 101.39 -42.24
CA SER H 1764 -10.66 102.48 -41.88
C SER H 1764 -9.91 103.56 -41.11
N SER H 1765 -10.36 104.80 -41.29
CA SER H 1765 -9.73 105.92 -40.60
C SER H 1765 -10.13 105.94 -39.13
N PRO H 1766 -9.16 105.98 -38.22
CA PRO H 1766 -9.50 105.99 -36.78
C PRO H 1766 -9.75 107.40 -36.26
N SER H 1767 -10.93 107.94 -36.54
CA SER H 1767 -11.33 109.26 -36.08
C SER H 1767 -12.36 109.15 -34.97
N PHE H 1768 -12.46 110.21 -34.17
CA PHE H 1768 -13.41 110.27 -33.08
C PHE H 1768 -14.31 111.49 -33.09
N VAL H 1769 -14.21 112.34 -34.11
CA VAL H 1769 -15.14 113.45 -34.25
C VAL H 1769 -16.30 113.10 -35.18
N SER H 1770 -16.20 111.98 -35.89
CA SER H 1770 -17.24 111.59 -36.83
C SER H 1770 -18.29 110.72 -36.14
N ILE H 1771 -19.56 111.01 -36.40
CA ILE H 1771 -20.64 110.20 -35.83
C ILE H 1771 -20.82 108.89 -36.60
N SER H 1772 -20.27 108.80 -37.81
CA SER H 1772 -20.41 107.57 -38.59
C SER H 1772 -19.77 106.39 -37.86
N ASN H 1773 -20.55 105.32 -37.71
CA ASN H 1773 -20.10 104.14 -36.99
C ASN H 1773 -19.84 102.95 -37.89
N GLU H 1774 -20.05 103.10 -39.21
CA GLU H 1774 -19.74 102.00 -40.13
C GLU H 1774 -18.25 101.78 -40.25
N CYS H 1775 -17.45 102.78 -39.86
CA CYS H 1775 -16.00 102.69 -39.91
C CYS H 1775 -15.42 101.72 -38.89
N TYR H 1776 -16.23 101.22 -37.95
CA TYR H 1776 -15.73 100.24 -36.99
C TYR H 1776 -15.29 98.96 -37.70
N GLN H 1777 -16.00 98.55 -38.74
CA GLN H 1777 -15.53 97.46 -39.57
C GLN H 1777 -14.22 97.85 -40.23
N TYR H 1778 -13.34 96.86 -40.43
CA TYR H 1778 -11.99 97.03 -40.97
C TYR H 1778 -11.06 97.59 -39.89
N SER H 1779 -9.85 97.05 -39.80
CA SER H 1779 -8.87 97.48 -38.80
C SER H 1779 -8.37 98.90 -39.11
N PRO H 1780 -7.85 99.61 -38.11
CA PRO H 1780 -7.46 101.01 -38.32
C PRO H 1780 -6.35 101.15 -39.34
N GLU H 1781 -6.12 102.39 -39.76
CA GLU H 1781 -5.18 102.70 -40.82
C GLU H 1781 -3.80 102.99 -40.25
N PHE H 1782 -2.78 102.52 -40.95
CA PHE H 1782 -1.39 102.68 -40.55
C PHE H 1782 -0.50 102.75 -41.78
N PRO H 1783 0.54 103.59 -41.73
CA PRO H 1783 1.41 103.76 -42.91
C PRO H 1783 2.31 102.57 -43.16
N LEU H 1784 1.96 101.77 -44.15
CA LEU H 1784 2.67 100.54 -44.46
C LEU H 1784 3.89 100.77 -45.32
N ASP H 1785 4.14 102.01 -45.74
CA ASP H 1785 5.39 102.38 -46.39
C ASP H 1785 6.42 102.93 -45.41
N ILE H 1786 5.98 103.81 -44.49
CA ILE H 1786 6.86 104.23 -43.41
C ILE H 1786 7.26 103.03 -42.55
N LEU H 1787 6.29 102.18 -42.21
CA LEU H 1787 6.61 100.98 -41.43
C LEU H 1787 7.57 100.07 -42.21
N LYS H 1788 7.34 99.92 -43.51
CA LYS H 1788 8.21 99.08 -44.33
C LYS H 1788 9.65 99.60 -44.34
N SER H 1789 9.83 100.88 -44.64
CA SER H 1789 11.17 101.46 -44.68
C SER H 1789 11.85 101.38 -43.32
N LYS H 1790 11.12 101.69 -42.24
CA LYS H 1790 11.70 101.62 -40.91
C LYS H 1790 12.12 100.19 -40.57
N THR H 1791 11.28 99.21 -40.89
CA THR H 1791 11.61 97.82 -40.60
C THR H 1791 12.87 97.40 -41.35
N ILE H 1792 12.96 97.77 -42.64
CA ILE H 1792 14.14 97.40 -43.42
C ILE H 1792 15.39 98.03 -42.84
N GLN H 1793 15.32 99.33 -42.51
CA GLN H 1793 16.49 100.03 -42.00
C GLN H 1793 16.94 99.47 -40.66
N MET H 1794 15.98 99.22 -39.76
CA MET H 1794 16.31 98.66 -38.46
C MET H 1794 16.88 97.25 -38.57
N LEU H 1795 16.31 96.40 -39.44
CA LEU H 1795 16.89 95.08 -39.62
C LEU H 1795 18.30 95.16 -40.21
N THR H 1796 18.52 96.10 -41.12
CA THR H 1796 19.85 96.28 -41.69
C THR H 1796 20.86 96.67 -40.61
N GLU H 1797 20.47 97.57 -39.71
CA GLU H 1797 21.34 97.90 -38.59
C GLU H 1797 21.58 96.70 -37.68
N ALA H 1798 20.52 95.95 -37.38
CA ALA H 1798 20.62 94.84 -36.43
C ALA H 1798 21.53 93.75 -36.96
N VAL H 1799 21.48 93.47 -38.26
CA VAL H 1799 22.30 92.41 -38.83
C VAL H 1799 23.78 92.72 -38.65
N LYS H 1800 24.18 93.95 -38.93
CA LYS H 1800 25.60 94.31 -38.84
C LYS H 1800 26.03 94.47 -37.38
N GLU H 1801 25.12 94.93 -36.51
CA GLU H 1801 25.50 95.15 -35.12
C GLU H 1801 25.61 93.83 -34.36
N GLY H 1802 24.70 92.89 -34.64
CA GLY H 1802 24.73 91.61 -33.93
C GLY H 1802 25.95 90.78 -34.25
N SER H 1803 26.43 90.86 -35.50
CA SER H 1803 27.59 90.07 -35.90
C SER H 1803 28.83 90.46 -35.10
N LEU H 1804 28.94 91.74 -34.72
CA LEU H 1804 30.06 92.17 -33.90
C LEU H 1804 29.97 91.60 -32.49
N HIS H 1805 28.78 91.11 -32.11
CA HIS H 1805 28.54 90.51 -30.79
C HIS H 1805 28.88 91.48 -29.67
N ALA H 1806 28.22 92.63 -29.64
CA ALA H 1806 28.42 93.62 -28.60
C ALA H 1806 27.74 93.16 -27.32
N ARG H 1807 27.90 93.96 -26.26
CA ARG H 1807 27.32 93.66 -24.95
C ARG H 1807 26.10 94.51 -24.64
N ASP H 1808 25.60 95.27 -25.61
CA ASP H 1808 24.45 96.15 -25.42
C ASP H 1808 23.44 95.96 -26.56
N PRO H 1809 22.79 94.79 -26.60
CA PRO H 1809 21.70 94.63 -27.57
C PRO H 1809 20.51 95.52 -27.22
N VAL H 1810 19.76 95.92 -28.24
CA VAL H 1810 18.56 96.72 -28.00
C VAL H 1810 17.57 95.89 -27.20
N GLY H 1811 17.19 96.39 -26.03
CA GLY H 1811 16.37 95.64 -25.11
C GLY H 1811 17.13 94.83 -24.09
N GLY H 1812 18.46 94.74 -24.21
CA GLY H 1812 19.28 94.06 -23.25
C GLY H 1812 19.67 92.63 -23.60
N THR H 1813 18.91 91.97 -24.48
CA THR H 1813 19.21 90.61 -24.88
C THR H 1813 19.03 90.47 -26.38
N THR H 1814 19.70 89.46 -26.95
CA THR H 1814 19.57 89.18 -28.37
C THR H 1814 18.13 88.80 -28.72
N GLU H 1815 17.47 88.04 -27.84
CA GLU H 1815 16.06 87.70 -28.08
C GLU H 1815 15.19 88.95 -28.14
N PHE H 1816 15.36 89.85 -27.17
CA PHE H 1816 14.57 91.07 -27.16
C PHE H 1816 14.88 91.94 -28.37
N LEU H 1817 16.13 91.90 -28.84
CA LEU H 1817 16.50 92.68 -30.02
C LEU H 1817 15.87 92.13 -31.30
N PHE H 1818 15.87 90.80 -31.46
CA PHE H 1818 15.54 90.20 -32.75
C PHE H 1818 14.10 89.72 -32.85
N VAL H 1819 13.56 89.06 -31.83
CA VAL H 1819 12.25 88.40 -31.97
C VAL H 1819 11.15 89.38 -32.35
N PRO H 1820 10.97 90.52 -31.68
CA PRO H 1820 9.91 91.45 -32.12
C PRO H 1820 10.12 91.99 -33.52
N LEU H 1821 11.36 92.35 -33.88
CA LEU H 1821 11.64 92.87 -35.21
C LEU H 1821 11.36 91.84 -36.29
N ILE H 1822 11.83 90.61 -36.08
CA ILE H 1822 11.60 89.56 -37.07
C ILE H 1822 10.13 89.21 -37.15
N LYS H 1823 9.42 89.26 -36.02
CA LYS H 1823 7.98 89.03 -36.03
C LYS H 1823 7.24 90.09 -36.85
N LEU H 1824 7.60 91.35 -36.68
CA LEU H 1824 6.99 92.41 -37.48
C LEU H 1824 7.32 92.26 -38.96
N PHE H 1825 8.57 91.90 -39.27
CA PHE H 1825 8.95 91.65 -40.65
C PHE H 1825 8.14 90.51 -41.24
N TYR H 1826 7.96 89.43 -40.47
CA TYR H 1826 7.17 88.30 -40.95
C TYR H 1826 5.72 88.68 -41.19
N THR H 1827 5.14 89.48 -40.30
CA THR H 1827 3.77 89.96 -40.50
C THR H 1827 3.64 90.79 -41.77
N LEU H 1828 4.59 91.71 -41.99
CA LEU H 1828 4.58 92.52 -43.20
C LEU H 1828 4.72 91.65 -44.45
N LEU H 1829 5.60 90.65 -44.39
CA LEU H 1829 5.81 89.75 -45.52
C LEU H 1829 4.55 88.95 -45.82
N ILE H 1830 3.90 88.44 -44.78
CA ILE H 1830 2.66 87.68 -44.97
C ILE H 1830 1.59 88.56 -45.60
N MET H 1831 1.46 89.80 -45.10
CA MET H 1831 0.46 90.70 -45.67
C MET H 1831 0.83 91.14 -47.08
N GLY H 1832 2.11 91.01 -47.44
CA GLY H 1832 2.55 91.25 -48.80
C GLY H 1832 2.89 92.67 -49.16
N ILE H 1833 3.19 93.52 -48.17
CA ILE H 1833 3.54 94.91 -48.46
C ILE H 1833 4.84 94.98 -49.25
N PHE H 1834 5.82 94.15 -48.89
CA PHE H 1834 7.11 94.16 -49.55
C PHE H 1834 6.96 93.79 -51.03
N HIS H 1835 7.64 94.54 -51.89
CA HIS H 1835 7.54 94.33 -53.32
C HIS H 1835 8.87 94.69 -53.99
N ASN H 1836 9.36 93.78 -54.84
CA ASN H 1836 10.48 94.03 -55.73
C ASN H 1836 11.78 94.33 -54.96
N GLU H 1837 12.24 95.58 -55.03
CA GLU H 1837 13.52 95.95 -54.44
C GLU H 1837 13.54 95.73 -52.93
N ASP H 1838 12.41 95.93 -52.26
CA ASP H 1838 12.33 95.64 -50.84
C ASP H 1838 12.61 94.18 -50.57
N LEU H 1839 12.00 93.30 -51.37
CA LEU H 1839 12.24 91.87 -51.24
C LEU H 1839 13.69 91.52 -51.53
N LYS H 1840 14.27 92.14 -52.56
CA LYS H 1840 15.67 91.87 -52.89
C LYS H 1840 16.59 92.25 -51.73
N HIS H 1841 16.41 93.45 -51.17
CA HIS H 1841 17.26 93.89 -50.07
C HIS H 1841 17.06 93.02 -48.84
N ILE H 1842 15.81 92.67 -48.53
CA ILE H 1842 15.56 91.92 -47.29
C ILE H 1842 16.00 90.47 -47.44
N LEU H 1843 16.04 89.95 -48.67
CA LEU H 1843 16.61 88.62 -48.90
C LEU H 1843 18.13 88.65 -48.88
N GLN H 1844 18.73 89.74 -49.36
CA GLN H 1844 20.17 89.91 -49.20
C GLN H 1844 20.56 89.95 -47.73
N LEU H 1845 19.75 90.62 -46.91
CA LEU H 1845 20.01 90.63 -45.47
C LEU H 1845 19.90 89.24 -44.87
N ILE H 1846 18.91 88.45 -45.30
CA ILE H 1846 18.74 87.10 -44.77
C ILE H 1846 19.94 86.22 -45.17
N GLU H 1847 20.30 86.24 -46.45
CA GLU H 1847 21.45 85.49 -46.93
C GLU H 1847 21.99 86.15 -48.20
N PRO H 1848 23.20 86.70 -48.16
CA PRO H 1848 23.70 87.44 -49.32
C PRO H 1848 24.11 86.54 -50.48
N SER H 1849 24.79 85.42 -50.20
CA SER H 1849 25.34 84.60 -51.27
C SER H 1849 24.22 83.90 -52.06
N VAL H 1850 23.26 83.32 -51.36
CA VAL H 1850 22.21 82.55 -52.03
C VAL H 1850 21.35 83.46 -52.89
N PHE H 1851 20.91 84.58 -52.33
CA PHE H 1851 20.08 85.54 -53.07
C PHE H 1851 20.93 86.63 -53.71
N LYS H 1852 21.86 86.22 -54.58
CA LYS H 1852 22.75 87.16 -55.24
C LYS H 1852 22.14 87.61 -56.56
N GLU H 1853 22.08 88.93 -56.77
CA GLU H 1853 21.52 89.50 -57.99
C GLU H 1853 22.58 89.49 -59.08
N ALA H 1854 22.23 88.94 -60.24
CA ALA H 1854 23.13 88.86 -61.37
C ALA H 1854 22.38 88.79 -62.69
N PRO H 1889 33.96 89.16 -43.88
CA PRO H 1889 32.83 88.58 -44.61
C PRO H 1889 31.48 89.00 -44.04
N LYS H 1890 30.48 89.15 -44.91
CA LYS H 1890 29.14 89.54 -44.49
C LYS H 1890 28.33 88.28 -44.23
N GLU H 1891 28.00 88.03 -42.97
CA GLU H 1891 27.26 86.84 -42.56
C GLU H 1891 25.82 87.22 -42.28
N GLY H 1892 24.89 86.45 -42.85
CA GLY H 1892 23.47 86.73 -42.67
C GLY H 1892 22.92 86.25 -41.34
N LEU H 1893 21.62 86.48 -41.17
CA LEU H 1893 20.95 86.03 -39.95
C LEU H 1893 21.00 84.52 -39.81
N LEU H 1894 20.85 83.79 -40.93
CA LEU H 1894 20.87 82.35 -40.88
C LEU H 1894 22.20 81.82 -40.37
N GLN H 1895 23.26 82.60 -40.49
CA GLN H 1895 24.60 82.18 -40.07
C GLN H 1895 25.13 82.98 -38.88
N MET H 1896 24.32 83.86 -38.29
CA MET H 1896 24.81 84.72 -37.21
C MET H 1896 24.64 84.03 -35.84
N LYS H 1897 24.25 82.76 -35.81
CA LYS H 1897 24.19 81.97 -34.58
C LYS H 1897 23.19 82.57 -33.59
N LEU H 1898 21.92 82.51 -33.98
CA LEU H 1898 20.71 83.05 -33.36
C LEU H 1898 20.24 82.18 -32.20
N PRO H 1899 19.52 82.76 -31.25
CA PRO H 1899 18.86 81.96 -30.21
C PRO H 1899 17.71 81.15 -30.79
N GLU H 1900 17.16 80.28 -29.95
CA GLU H 1900 16.12 79.36 -30.41
C GLU H 1900 14.83 80.04 -30.89
N PRO H 1901 14.25 81.03 -30.18
CA PRO H 1901 13.08 81.71 -30.73
C PRO H 1901 13.36 82.39 -32.06
N VAL H 1902 14.55 82.99 -32.20
CA VAL H 1902 14.90 83.65 -33.45
C VAL H 1902 15.04 82.62 -34.57
N LYS H 1903 15.57 81.45 -34.24
CA LYS H 1903 15.60 80.35 -35.19
C LYS H 1903 14.21 79.90 -35.60
N LEU H 1904 13.27 79.84 -34.66
CA LEU H 1904 11.88 79.52 -34.99
C LEU H 1904 11.29 80.54 -35.96
N GLN H 1905 11.51 81.83 -35.71
CA GLN H 1905 11.04 82.87 -36.63
C GLN H 1905 11.70 82.75 -38.01
N MET H 1906 13.00 82.45 -38.05
CA MET H 1906 13.68 82.22 -39.32
C MET H 1906 13.05 81.04 -40.06
N CYS H 1907 12.70 79.98 -39.34
CA CYS H 1907 12.02 78.84 -39.94
C CYS H 1907 10.68 79.27 -40.52
N LEU H 1908 9.94 80.13 -39.81
CA LEU H 1908 8.68 80.63 -40.35
C LEU H 1908 8.90 81.41 -41.65
N LEU H 1909 9.92 82.26 -41.68
CA LEU H 1909 10.20 83.03 -42.89
C LEU H 1909 10.57 82.12 -44.06
N LEU H 1910 11.41 81.12 -43.81
CA LEU H 1910 11.76 80.18 -44.87
C LEU H 1910 10.54 79.38 -45.34
N GLN H 1911 9.65 79.01 -44.43
CA GLN H 1911 8.39 78.38 -44.79
C GLN H 1911 7.56 79.25 -45.73
N TYR H 1912 7.47 80.55 -45.42
CA TYR H 1912 6.74 81.45 -46.31
C TYR H 1912 7.39 81.54 -47.69
N LEU H 1913 8.72 81.59 -47.73
CA LEU H 1913 9.41 81.64 -49.02
C LEU H 1913 9.12 80.39 -49.84
N CYS H 1914 9.15 79.21 -49.20
CA CYS H 1914 8.82 77.97 -49.90
C CYS H 1914 7.38 77.99 -50.39
N ASP H 1915 6.46 78.54 -49.60
CA ASP H 1915 5.07 78.64 -50.03
C ASP H 1915 4.94 79.53 -51.25
N CYS H 1916 5.69 80.64 -51.28
CA CYS H 1916 5.67 81.51 -52.45
C CYS H 1916 6.17 80.77 -53.69
N GLN H 1917 7.25 79.99 -53.54
CA GLN H 1917 7.73 79.19 -54.66
C GLN H 1917 6.67 78.21 -55.15
N VAL H 1918 5.97 77.56 -54.21
CA VAL H 1918 4.92 76.61 -54.58
C VAL H 1918 3.80 77.30 -55.35
N ARG H 1919 3.37 78.48 -54.90
CA ARG H 1919 2.32 79.19 -55.62
C ARG H 1919 2.76 79.61 -57.01
N HIS H 1920 4.02 80.04 -57.15
CA HIS H 1920 4.54 80.37 -58.48
C HIS H 1920 4.51 79.16 -59.38
N ARG H 1921 4.89 78.00 -58.85
CA ARG H 1921 4.84 76.76 -59.64
C ARG H 1921 3.41 76.46 -60.08
N ILE H 1922 2.45 76.60 -59.18
CA ILE H 1922 1.05 76.32 -59.50
C ILE H 1922 0.55 77.24 -60.61
N GLU H 1923 0.86 78.53 -60.51
CA GLU H 1923 0.46 79.47 -61.55
C GLU H 1923 1.12 79.16 -62.89
N ALA H 1924 2.39 78.76 -62.90
CA ALA H 1924 3.02 78.37 -64.16
C ALA H 1924 2.36 77.15 -64.78
N ILE H 1925 2.02 76.14 -63.96
CA ILE H 1925 1.31 74.99 -64.48
C ILE H 1925 -0.03 75.37 -65.08
N VAL H 1926 -0.80 76.23 -64.39
CA VAL H 1926 -2.06 76.72 -64.95
C VAL H 1926 -1.84 77.49 -66.26
N ALA H 1927 -0.78 78.28 -66.35
CA ALA H 1927 -0.45 79.00 -67.59
C ALA H 1927 -0.20 78.04 -68.75
N PHE H 1928 0.54 76.96 -68.51
CA PHE H 1928 0.75 75.94 -69.54
C PHE H 1928 -0.57 75.27 -69.92
N SER H 1929 -1.43 75.05 -68.91
CA SER H 1929 -2.67 74.30 -69.11
C SER H 1929 -3.53 74.90 -70.22
N ASP H 1930 -3.58 76.23 -70.32
CA ASP H 1930 -4.46 76.86 -71.30
C ASP H 1930 -4.12 76.44 -72.72
N ASP H 1931 -2.86 76.61 -73.12
CA ASP H 1931 -2.43 76.27 -74.48
C ASP H 1931 -2.51 74.77 -74.70
N PHE H 1932 -2.08 73.97 -73.70
CA PHE H 1932 -2.06 72.53 -73.89
C PHE H 1932 -3.47 71.99 -74.11
N VAL H 1933 -4.41 72.37 -73.23
CA VAL H 1933 -5.79 71.91 -73.35
C VAL H 1933 -6.50 72.48 -74.57
N ALA H 1934 -6.17 73.69 -75.00
CA ALA H 1934 -6.76 74.23 -76.23
C ALA H 1934 -6.33 73.45 -77.47
N LYS H 1935 -5.03 73.17 -77.60
CA LYS H 1935 -4.60 72.35 -78.73
C LYS H 1935 -5.16 70.94 -78.64
N LEU H 1936 -5.24 70.39 -77.42
CA LEU H 1936 -5.85 69.08 -77.26
C LEU H 1936 -7.30 69.05 -77.70
N GLN H 1937 -8.07 70.09 -77.34
CA GLN H 1937 -9.48 70.18 -77.73
C GLN H 1937 -9.63 70.30 -79.25
N ASP H 1938 -8.80 71.14 -79.87
CA ASP H 1938 -8.87 71.28 -81.32
C ASP H 1938 -8.53 69.96 -82.01
N ASN H 1939 -7.49 69.27 -81.55
CA ASN H 1939 -7.10 68.02 -82.20
C ASN H 1939 -8.13 66.93 -81.95
N GLN H 1940 -8.78 66.95 -80.79
CA GLN H 1940 -9.86 66.02 -80.51
C GLN H 1940 -11.08 66.26 -81.39
N ARG H 1941 -11.43 67.52 -81.64
CA ARG H 1941 -12.47 67.81 -82.63
C ARG H 1941 -12.12 67.32 -84.02
N PHE H 1942 -10.88 67.56 -84.45
CA PHE H 1942 -10.41 67.02 -85.73
C PHE H 1942 -10.53 65.51 -85.78
N ARG H 1943 -10.00 64.81 -84.77
CA ARG H 1943 -10.08 63.36 -84.73
C ARG H 1943 -11.52 62.89 -84.76
N TYR H 1944 -12.43 63.61 -84.10
CA TYR H 1944 -13.85 63.28 -84.16
C TYR H 1944 -14.37 63.36 -85.60
N ASN H 1945 -13.96 64.41 -86.31
CA ASN H 1945 -14.38 64.58 -87.70
C ASN H 1945 -13.94 63.39 -88.56
N GLU H 1946 -12.67 63.02 -88.48
CA GLU H 1946 -12.20 61.87 -89.26
C GLU H 1946 -12.78 60.54 -88.75
N VAL H 1947 -13.11 60.46 -87.45
CA VAL H 1947 -13.74 59.25 -86.95
C VAL H 1947 -15.09 59.03 -87.59
N MET H 1948 -15.93 60.06 -87.63
CA MET H 1948 -17.25 59.82 -88.20
C MET H 1948 -17.43 60.37 -89.61
N GLN H 1949 -16.34 60.54 -90.37
CA GLN H 1949 -16.48 60.69 -91.82
C GLN H 1949 -17.21 59.52 -92.46
N ALA H 1950 -16.62 58.32 -92.42
CA ALA H 1950 -17.23 57.16 -93.08
C ALA H 1950 -16.48 55.90 -92.69
N LEU H 1951 -17.23 54.79 -92.65
CA LEU H 1951 -16.68 53.43 -92.50
C LEU H 1951 -17.36 52.49 -93.49
N ASN H 1952 -17.45 52.92 -94.75
CA ASN H 1952 -18.20 52.16 -95.74
C ASN H 1952 -17.57 50.79 -96.00
N MET H 1953 -16.24 50.69 -95.85
CA MET H 1953 -15.57 49.41 -96.00
C MET H 1953 -16.10 48.40 -94.98
N SER H 1954 -16.16 48.81 -93.71
CA SER H 1954 -16.70 47.98 -92.64
C SER H 1954 -17.03 48.83 -91.42
N ALA H 1955 -18.23 48.68 -90.88
CA ALA H 1955 -18.70 49.51 -89.78
C ALA H 1955 -18.76 48.76 -88.46
N ALA H 1956 -18.08 47.62 -88.35
CA ALA H 1956 -18.07 46.88 -87.09
C ALA H 1956 -17.15 47.52 -86.06
N LEU H 1957 -16.26 48.41 -86.50
CA LEU H 1957 -15.27 49.04 -85.62
C LEU H 1957 -15.75 50.38 -85.07
N THR H 1958 -16.99 50.77 -85.34
CA THR H 1958 -17.49 52.07 -84.88
C THR H 1958 -17.51 52.15 -83.37
N ALA H 1959 -17.87 51.05 -82.70
CA ALA H 1959 -17.93 51.05 -81.24
C ALA H 1959 -16.56 51.35 -80.65
N ARG H 1960 -15.51 50.68 -81.13
CA ARG H 1960 -14.19 50.90 -80.57
C ARG H 1960 -13.65 52.27 -80.96
N LYS H 1961 -13.98 52.74 -82.17
CA LYS H 1961 -13.44 54.02 -82.60
C LYS H 1961 -14.09 55.18 -81.85
N THR H 1962 -15.35 55.04 -81.43
CA THR H 1962 -16.06 56.12 -80.78
C THR H 1962 -16.22 55.91 -79.27
N LYS H 1963 -15.68 54.81 -78.72
CA LYS H 1963 -15.69 54.67 -77.27
C LYS H 1963 -14.94 55.81 -76.60
N GLU H 1964 -13.90 56.32 -77.24
CA GLU H 1964 -13.21 57.52 -76.77
C GLU H 1964 -14.19 58.65 -76.52
N PHE H 1965 -15.00 58.97 -77.52
CA PHE H 1965 -15.94 60.09 -77.43
C PHE H 1965 -17.17 59.74 -76.61
N ARG H 1966 -17.40 58.45 -76.34
CA ARG H 1966 -18.48 58.01 -75.46
C ARG H 1966 -18.07 57.96 -73.99
N SER H 1967 -16.78 58.04 -73.69
CA SER H 1967 -16.32 58.05 -72.31
C SER H 1967 -16.47 59.44 -71.71
N PRO H 1968 -16.81 59.54 -70.43
CA PRO H 1968 -17.04 60.86 -69.82
C PRO H 1968 -15.75 61.66 -69.77
N PRO H 1969 -15.86 62.98 -69.60
CA PRO H 1969 -14.66 63.84 -69.76
C PRO H 1969 -13.50 63.51 -68.82
N GLN H 1970 -13.79 63.06 -67.60
CA GLN H 1970 -12.71 62.74 -66.67
C GLN H 1970 -11.83 61.61 -67.22
N GLU H 1971 -12.45 60.50 -67.60
CA GLU H 1971 -11.71 59.43 -68.26
C GLU H 1971 -11.14 59.85 -69.61
N GLN H 1972 -11.81 60.75 -70.32
CA GLN H 1972 -11.26 61.27 -71.57
C GLN H 1972 -9.90 61.91 -71.35
N ILE H 1973 -9.82 62.84 -70.40
CA ILE H 1973 -8.55 63.51 -70.15
C ILE H 1973 -7.54 62.54 -69.54
N ASN H 1974 -8.01 61.62 -68.69
CA ASN H 1974 -7.10 60.64 -68.11
C ASN H 1974 -6.42 59.80 -69.18
N MET H 1975 -7.18 59.35 -70.19
CA MET H 1975 -6.61 58.47 -71.22
C MET H 1975 -5.94 59.27 -72.33
N LEU H 1976 -6.25 60.56 -72.46
CA LEU H 1976 -5.49 61.41 -73.35
C LEU H 1976 -4.14 61.73 -72.71
N LEU H 1977 -4.03 61.57 -71.40
CA LEU H 1977 -2.81 61.89 -70.67
C LEU H 1977 -1.98 60.65 -70.30
N ASN H 1978 -2.16 59.53 -70.99
CA ASN H 1978 -1.35 58.34 -70.74
C ASN H 1978 -0.21 58.16 -71.74
N PHE H 1979 0.41 59.26 -72.22
CA PHE H 1979 1.61 59.08 -73.00
C PHE H 1979 2.87 59.06 -72.15
N LYS H 1980 2.75 59.12 -70.82
CA LYS H 1980 3.90 58.89 -69.96
C LYS H 1980 4.38 57.45 -70.12
N ASP H 1981 5.68 57.25 -69.86
CA ASP H 1981 6.35 55.99 -70.13
C ASP H 1981 6.28 55.67 -71.62
N ASP H 1982 6.17 54.40 -71.97
CA ASP H 1982 6.12 54.02 -73.38
C ASP H 1982 4.98 53.07 -73.71
N LYS H 1983 3.93 53.02 -72.87
CA LYS H 1983 2.77 52.21 -73.18
C LYS H 1983 2.08 52.66 -74.46
N SER H 1984 1.90 53.98 -74.64
CA SER H 1984 1.56 54.58 -75.93
C SER H 1984 0.26 54.04 -76.52
N GLU H 1985 -0.73 53.77 -75.67
CA GLU H 1985 -2.06 53.45 -76.18
C GLU H 1985 -2.94 54.68 -76.32
N CYS H 1986 -2.47 55.85 -75.87
CA CYS H 1986 -3.27 57.06 -75.96
C CYS H 1986 -3.31 57.56 -77.40
N PRO H 1987 -4.39 58.21 -77.81
CA PRO H 1987 -4.47 58.81 -79.15
C PRO H 1987 -3.79 60.17 -79.27
N CYS H 1988 -3.01 60.58 -78.27
CA CYS H 1988 -2.39 61.89 -78.31
C CYS H 1988 -1.32 61.94 -79.41
N PRO H 1989 -1.32 62.98 -80.23
CA PRO H 1989 -0.29 63.10 -81.27
C PRO H 1989 1.08 63.40 -80.69
N GLU H 1990 2.11 63.15 -81.51
CA GLU H 1990 3.48 63.20 -81.03
C GLU H 1990 3.89 64.60 -80.57
N GLU H 1991 3.51 65.64 -81.31
CA GLU H 1991 3.90 67.00 -80.92
C GLU H 1991 3.24 67.41 -79.60
N ILE H 1992 1.97 67.05 -79.41
CA ILE H 1992 1.29 67.37 -78.16
C ILE H 1992 1.91 66.58 -77.01
N ARG H 1993 2.32 65.34 -77.29
CA ARG H 1993 3.04 64.56 -76.28
C ARG H 1993 4.35 65.23 -75.90
N ASP H 1994 5.11 65.70 -76.90
CA ASP H 1994 6.42 66.29 -76.65
C ASP H 1994 6.31 67.59 -75.87
N GLN H 1995 5.26 68.39 -76.13
CA GLN H 1995 5.11 69.63 -75.39
C GLN H 1995 5.00 69.37 -73.89
N LEU H 1996 4.13 68.43 -73.49
CA LEU H 1996 4.00 68.12 -72.08
C LEU H 1996 5.24 67.40 -71.56
N LEU H 1997 5.89 66.59 -72.40
CA LEU H 1997 7.12 65.93 -71.98
C LEU H 1997 8.23 66.93 -71.69
N ASP H 1998 8.23 68.09 -72.35
CA ASP H 1998 9.20 69.14 -72.05
C ASP H 1998 8.78 69.96 -70.84
N PHE H 1999 7.49 70.29 -70.75
CA PHE H 1999 7.01 71.09 -69.62
C PHE H 1999 7.20 70.34 -68.31
N HIS H 2000 6.96 69.03 -68.31
CA HIS H 2000 7.15 68.23 -67.11
C HIS H 2000 8.60 68.19 -66.67
N GLU H 2001 9.55 68.05 -67.59
CA GLU H 2001 10.95 68.11 -67.23
C GLU H 2001 11.34 69.48 -66.68
N ASP H 2002 10.82 70.56 -67.27
CA ASP H 2002 11.09 71.89 -66.73
C ASP H 2002 10.52 72.03 -65.32
N LEU H 2003 9.31 71.53 -65.10
CA LEU H 2003 8.70 71.60 -63.78
C LEU H 2003 9.46 70.78 -62.74
N MET H 2004 9.93 69.59 -63.13
CA MET H 2004 10.75 68.79 -62.22
C MET H 2004 12.09 69.48 -61.92
N THR H 2005 12.70 70.11 -62.91
CA THR H 2005 13.93 70.87 -62.66
C THR H 2005 13.66 72.01 -61.67
N HIS H 2006 12.53 72.70 -61.85
CA HIS H 2006 12.17 73.76 -60.89
C HIS H 2006 11.94 73.19 -59.50
N CYS H 2007 11.26 72.06 -59.40
CA CYS H 2007 11.00 71.40 -58.12
C CYS H 2007 12.26 70.81 -57.49
N GLY H 2008 13.33 70.65 -58.25
CA GLY H 2008 14.58 70.15 -57.70
C GLY H 2008 14.74 68.66 -57.77
N ILE H 2009 13.96 67.96 -58.59
CA ILE H 2009 14.07 66.52 -58.76
C ILE H 2009 14.92 66.29 -60.00
N GLU H 2010 16.17 65.88 -59.78
CA GLU H 2010 17.10 65.64 -60.88
C GLU H 2010 16.91 64.22 -61.42
N LYS H 2053 30.30 74.95 -53.38
CA LYS H 2053 30.20 75.32 -51.98
C LYS H 2053 28.92 76.10 -51.70
N LYS H 2054 28.59 77.04 -52.57
CA LYS H 2054 27.36 77.81 -52.41
C LYS H 2054 26.15 76.96 -52.80
N SER H 2055 25.11 77.02 -51.98
CA SER H 2055 23.92 76.21 -52.25
C SER H 2055 23.26 76.61 -53.56
N SER H 2056 23.19 77.92 -53.82
CA SER H 2056 22.68 78.55 -55.04
C SER H 2056 21.17 78.38 -55.21
N THR H 2057 20.51 77.62 -54.33
CA THR H 2057 19.06 77.48 -54.38
C THR H 2057 18.52 77.52 -52.96
N LEU H 2058 17.26 77.97 -52.84
CA LEU H 2058 16.62 78.03 -51.53
C LEU H 2058 16.50 76.64 -50.91
N GLN H 2059 16.15 75.63 -51.73
CA GLN H 2059 16.04 74.27 -51.25
C GLN H 2059 17.35 73.77 -50.65
N GLN H 2060 18.46 73.93 -51.38
CA GLN H 2060 19.76 73.50 -50.87
C GLN H 2060 20.15 74.28 -49.63
N LEU H 2061 19.91 75.60 -49.61
CA LEU H 2061 20.27 76.40 -48.46
C LEU H 2061 19.52 75.96 -47.20
N ILE H 2062 18.21 75.72 -47.34
CA ILE H 2062 17.42 75.29 -46.18
C ILE H 2062 17.83 73.89 -45.74
N SER H 2063 18.07 73.00 -46.71
CA SER H 2063 18.49 71.65 -46.37
C SER H 2063 19.81 71.65 -45.61
N GLU H 2064 20.74 72.52 -46.00
CA GLU H 2064 21.99 72.63 -45.27
C GLU H 2064 21.78 73.23 -43.88
N THR H 2065 21.00 74.30 -43.78
CA THR H 2065 20.94 75.05 -42.52
C THR H 2065 20.16 74.28 -41.45
N MET H 2066 19.14 73.52 -41.85
CA MET H 2066 18.39 72.73 -40.87
C MET H 2066 19.29 71.70 -40.19
N VAL H 2067 19.99 70.91 -41.00
CA VAL H 2067 20.90 69.90 -40.47
C VAL H 2067 22.04 70.56 -39.70
N ARG H 2068 22.52 71.71 -40.17
CA ARG H 2068 23.60 72.39 -39.47
C ARG H 2068 23.17 72.83 -38.08
N TRP H 2069 21.99 73.43 -37.96
CA TRP H 2069 21.47 73.81 -36.65
C TRP H 2069 21.26 72.59 -35.77
N ALA H 2070 20.66 71.54 -36.32
CA ALA H 2070 20.33 70.36 -35.53
C ALA H 2070 21.58 69.69 -34.98
N GLN H 2071 22.65 69.62 -35.78
CA GLN H 2071 23.87 69.01 -35.30
C GLN H 2071 24.73 70.00 -34.52
N GLU H 2072 24.42 71.30 -34.63
CA GLU H 2072 25.15 72.29 -33.84
C GLU H 2072 24.67 72.32 -32.40
N SER H 2073 23.37 72.23 -32.18
CA SER H 2073 22.84 72.37 -30.83
C SER H 2073 21.81 71.29 -30.56
N VAL H 2074 21.67 70.94 -29.29
CA VAL H 2074 20.59 70.07 -28.82
C VAL H 2074 19.38 70.97 -28.59
N ILE H 2075 18.45 70.99 -29.55
CA ILE H 2075 17.34 71.92 -29.48
C ILE H 2075 16.38 71.49 -28.38
N GLU H 2076 16.10 72.41 -27.45
CA GLU H 2076 15.24 72.11 -26.32
C GLU H 2076 13.76 72.37 -26.62
N ASP H 2077 13.46 73.07 -27.70
CA ASP H 2077 12.08 73.42 -28.01
C ASP H 2077 11.46 72.38 -28.94
N PRO H 2078 10.45 71.63 -28.50
CA PRO H 2078 9.78 70.69 -29.40
C PRO H 2078 9.19 71.36 -30.63
N GLU H 2079 8.64 72.57 -30.47
CA GLU H 2079 8.12 73.31 -31.62
C GLU H 2079 9.22 73.65 -32.62
N LEU H 2080 10.40 74.07 -32.12
CA LEU H 2080 11.51 74.36 -33.01
C LEU H 2080 11.96 73.09 -33.74
N VAL H 2081 12.04 71.98 -33.03
CA VAL H 2081 12.46 70.72 -33.66
C VAL H 2081 11.46 70.33 -34.75
N ARG H 2082 10.17 70.44 -34.43
CA ARG H 2082 9.14 70.08 -35.40
C ARG H 2082 9.21 70.98 -36.63
N ALA H 2083 9.39 72.28 -36.43
CA ALA H 2083 9.46 73.20 -37.57
C ALA H 2083 10.68 72.92 -38.43
N MET H 2084 11.84 72.70 -37.80
CA MET H 2084 13.04 72.38 -38.55
C MET H 2084 12.85 71.13 -39.40
N PHE H 2085 12.32 70.06 -38.81
CA PHE H 2085 12.22 68.81 -39.55
C PHE H 2085 11.12 68.86 -40.61
N VAL H 2086 10.03 69.59 -40.35
CA VAL H 2086 9.00 69.70 -41.38
C VAL H 2086 9.51 70.54 -42.54
N LEU H 2087 10.32 71.56 -42.26
CA LEU H 2087 10.91 72.35 -43.35
C LEU H 2087 11.89 71.50 -44.15
N LEU H 2088 12.70 70.68 -43.48
CA LEU H 2088 13.61 69.80 -44.20
C LEU H 2088 12.84 68.79 -45.06
N HIS H 2089 11.77 68.23 -44.53
CA HIS H 2089 10.95 67.29 -45.29
C HIS H 2089 10.31 67.98 -46.50
N ARG H 2090 9.85 69.21 -46.33
CA ARG H 2090 9.31 69.94 -47.47
C ARG H 2090 10.36 70.21 -48.53
N GLN H 2091 11.59 70.53 -48.12
CA GLN H 2091 12.66 70.70 -49.10
C GLN H 2091 12.94 69.42 -49.87
N TYR H 2092 13.00 68.29 -49.17
CA TYR H 2092 13.35 67.03 -49.84
C TYR H 2092 12.20 66.52 -50.70
N ASP H 2093 10.98 66.55 -50.19
CA ASP H 2093 9.81 66.09 -50.95
C ASP H 2093 9.18 67.27 -51.68
N GLY H 2094 9.89 67.72 -52.73
CA GLY H 2094 9.42 68.85 -53.49
C GLY H 2094 8.13 68.55 -54.24
N ILE H 2095 7.98 67.33 -54.75
CA ILE H 2095 6.79 66.97 -55.50
C ILE H 2095 5.56 66.92 -54.60
N GLY H 2096 5.74 66.70 -53.29
CA GLY H 2096 4.62 66.68 -52.38
C GLY H 2096 3.86 67.98 -52.29
N GLY H 2097 4.56 69.11 -52.42
CA GLY H 2097 3.87 70.39 -52.48
C GLY H 2097 2.89 70.46 -53.62
N LEU H 2098 3.31 70.03 -54.82
CA LEU H 2098 2.39 69.98 -55.95
C LEU H 2098 1.28 68.96 -55.72
N VAL H 2099 1.60 67.80 -55.16
CA VAL H 2099 0.59 66.78 -54.88
C VAL H 2099 -0.50 67.32 -53.98
N ARG H 2100 -0.15 68.11 -52.97
CA ARG H 2100 -1.12 68.74 -52.09
C ARG H 2100 -1.81 69.94 -52.71
N ALA H 2101 -1.12 70.72 -53.55
CA ALA H 2101 -1.68 71.97 -54.03
C ALA H 2101 -2.63 71.77 -55.20
N LEU H 2102 -2.35 70.81 -56.08
CA LEU H 2102 -3.19 70.61 -57.25
C LEU H 2102 -4.65 70.32 -56.92
N PRO H 2103 -4.99 69.50 -55.91
CA PRO H 2103 -6.40 69.34 -55.55
C PRO H 2103 -7.10 70.64 -55.16
N LYS H 2104 -6.36 71.59 -54.57
CA LYS H 2104 -6.93 72.86 -54.14
C LYS H 2104 -6.71 73.98 -55.14
N THR H 2105 -6.43 73.64 -56.40
CA THR H 2105 -6.26 74.61 -57.46
C THR H 2105 -7.50 74.63 -58.36
N TYR H 2106 -8.09 75.81 -58.50
CA TYR H 2106 -9.26 76.00 -59.35
C TYR H 2106 -9.03 77.21 -60.24
N THR H 2107 -9.56 77.14 -61.45
CA THR H 2107 -9.39 78.19 -62.45
C THR H 2107 -10.75 78.72 -62.87
N ILE H 2108 -10.86 80.04 -62.99
CA ILE H 2108 -12.11 80.69 -63.32
C ILE H 2108 -11.89 81.63 -64.51
N ASN H 2109 -12.98 81.91 -65.21
CA ASN H 2109 -12.93 82.90 -66.29
C ASN H 2109 -12.81 84.30 -65.70
N GLY H 2110 -12.34 85.23 -66.54
CA GLY H 2110 -12.20 86.60 -66.11
C GLY H 2110 -13.51 87.30 -65.79
N VAL H 2111 -14.62 86.81 -66.34
CA VAL H 2111 -15.92 87.42 -66.09
C VAL H 2111 -16.36 87.19 -64.65
N SER H 2112 -15.91 86.09 -64.03
CA SER H 2112 -16.34 85.73 -62.68
C SER H 2112 -15.36 86.17 -61.60
N VAL H 2113 -14.39 87.02 -61.94
CA VAL H 2113 -13.38 87.42 -60.96
C VAL H 2113 -14.04 88.16 -59.80
N GLU H 2114 -14.94 89.10 -60.10
CA GLU H 2114 -15.51 89.94 -59.05
C GLU H 2114 -16.39 89.13 -58.10
N ASP H 2115 -17.24 88.24 -58.63
CA ASP H 2115 -18.12 87.49 -57.74
C ASP H 2115 -17.35 86.39 -57.01
N THR H 2116 -16.28 85.86 -57.62
CA THR H 2116 -15.41 84.96 -56.88
C THR H 2116 -14.74 85.68 -55.73
N ILE H 2117 -14.31 86.93 -55.93
CA ILE H 2117 -13.72 87.72 -54.86
C ILE H 2117 -14.74 87.95 -53.76
N ASN H 2118 -15.99 88.27 -54.13
CA ASN H 2118 -17.03 88.49 -53.14
C ASN H 2118 -17.30 87.23 -52.31
N LEU H 2119 -17.39 86.07 -52.98
CA LEU H 2119 -17.60 84.83 -52.26
C LEU H 2119 -16.41 84.48 -51.37
N LEU H 2120 -15.19 84.76 -51.83
CA LEU H 2120 -14.02 84.55 -51.00
C LEU H 2120 -14.03 85.42 -49.75
N ALA H 2121 -14.43 86.69 -49.88
CA ALA H 2121 -14.58 87.54 -48.71
C ALA H 2121 -15.65 87.03 -47.75
N SER H 2122 -16.79 86.58 -48.29
CA SER H 2122 -17.84 86.02 -47.43
C SER H 2122 -17.35 84.78 -46.69
N LEU H 2123 -16.66 83.90 -47.40
CA LEU H 2123 -16.11 82.71 -46.78
C LEU H 2123 -15.04 83.06 -45.74
N GLY H 2124 -14.25 84.10 -46.00
CA GLY H 2124 -13.30 84.55 -45.00
C GLY H 2124 -13.98 85.04 -43.74
N GLN H 2125 -15.07 85.79 -43.89
CA GLN H 2125 -15.83 86.22 -42.72
C GLN H 2125 -16.38 85.02 -41.94
N ILE H 2126 -16.97 84.05 -42.66
CA ILE H 2126 -17.54 82.89 -41.98
C ILE H 2126 -16.46 82.10 -41.27
N ARG H 2127 -15.31 81.89 -41.92
CA ARG H 2127 -14.21 81.15 -41.32
C ARG H 2127 -13.62 81.87 -40.12
N SER H 2128 -13.42 83.18 -40.20
CA SER H 2128 -12.89 83.96 -39.10
C SER H 2128 -13.85 84.03 -37.92
N LEU H 2129 -15.16 83.93 -38.16
CA LEU H 2129 -16.10 83.91 -37.06
C LEU H 2129 -16.06 82.60 -36.28
N LEU H 2130 -15.35 81.59 -36.77
CA LEU H 2130 -15.17 80.35 -36.01
C LEU H 2130 -14.30 80.58 -34.78
N SER H 2131 -13.29 81.45 -34.91
CA SER H 2131 -12.33 81.65 -33.82
C SER H 2131 -12.93 82.41 -32.64
N VAL H 2132 -14.12 82.96 -32.79
CA VAL H 2132 -14.77 83.69 -31.72
C VAL H 2132 -15.88 82.83 -31.13
N ARG H 2133 -16.38 83.24 -29.98
CA ARG H 2133 -17.38 82.47 -29.25
C ARG H 2133 -18.78 82.74 -29.79
N MET H 2134 -19.61 81.69 -29.77
CA MET H 2134 -20.98 81.80 -30.26
C MET H 2134 -21.74 82.86 -29.47
N GLY H 2135 -22.47 83.72 -30.19
CA GLY H 2135 -23.23 84.79 -29.56
C GLY H 2135 -24.27 85.35 -30.50
N LYS H 2136 -24.96 86.38 -30.00
CA LYS H 2136 -26.08 86.96 -30.73
C LYS H 2136 -25.59 87.63 -32.01
N GLU H 2137 -24.59 88.51 -31.88
CA GLU H 2137 -24.05 89.25 -33.01
C GLU H 2137 -23.36 88.31 -34.00
N GLU H 2138 -22.64 87.30 -33.49
CA GLU H 2138 -22.00 86.33 -34.37
C GLU H 2138 -23.02 85.52 -35.15
N GLU H 2139 -24.13 85.16 -34.50
CA GLU H 2139 -25.22 84.49 -35.20
C GLU H 2139 -25.76 85.36 -36.32
N LYS H 2140 -25.99 86.64 -36.03
CA LYS H 2140 -26.44 87.57 -37.08
C LYS H 2140 -25.43 87.63 -38.23
N LEU H 2141 -24.14 87.71 -37.89
CA LEU H 2141 -23.10 87.88 -38.89
C LEU H 2141 -23.01 86.66 -39.80
N MET H 2142 -23.03 85.46 -39.24
CA MET H 2142 -22.97 84.28 -40.08
C MET H 2142 -24.27 84.05 -40.85
N ILE H 2143 -25.41 84.49 -40.30
CA ILE H 2143 -26.63 84.44 -41.09
C ILE H 2143 -26.51 85.29 -42.34
N ARG H 2144 -26.04 86.53 -42.19
CA ARG H 2144 -25.84 87.40 -43.34
C ARG H 2144 -24.80 86.83 -44.30
N GLY H 2145 -23.68 86.33 -43.78
CA GLY H 2145 -22.63 85.75 -44.59
C GLY H 2145 -23.02 84.51 -45.34
N LEU H 2146 -23.87 83.66 -44.78
CA LEU H 2146 -24.40 82.49 -45.48
C LEU H 2146 -25.50 82.86 -46.47
N GLY H 2147 -26.21 83.97 -46.23
CA GLY H 2147 -27.12 84.47 -47.23
C GLY H 2147 -26.40 84.98 -48.47
N ASP H 2148 -25.30 85.72 -48.25
CA ASP H 2148 -24.51 86.21 -49.37
C ASP H 2148 -24.00 85.08 -50.23
N ILE H 2149 -23.52 84.02 -49.58
CA ILE H 2149 -22.93 82.89 -50.28
C ILE H 2149 -23.95 82.21 -51.17
N MET H 2150 -25.16 82.00 -50.65
CA MET H 2150 -26.24 81.48 -51.49
C MET H 2150 -26.55 82.42 -52.64
N ASN H 2151 -26.61 83.73 -52.38
CA ASN H 2151 -26.98 84.67 -53.43
C ASN H 2151 -25.93 84.73 -54.53
N ASN H 2152 -24.68 84.39 -54.22
CA ASN H 2152 -23.63 84.39 -55.23
C ASN H 2152 -23.87 83.29 -56.26
N LYS H 2153 -23.62 83.60 -57.53
CA LYS H 2153 -23.93 82.66 -58.61
C LYS H 2153 -22.87 81.57 -58.74
N VAL H 2154 -21.62 81.85 -58.37
CA VAL H 2154 -20.57 80.84 -58.48
C VAL H 2154 -20.82 79.69 -57.53
N PHE H 2155 -21.61 79.90 -56.48
CA PHE H 2155 -22.04 78.81 -55.62
C PHE H 2155 -22.77 77.75 -56.42
N TYR H 2156 -23.51 78.16 -57.45
CA TYR H 2156 -24.19 77.22 -58.33
C TYR H 2156 -23.28 76.78 -59.46
N GLN H 2157 -22.56 77.73 -60.06
CA GLN H 2157 -21.84 77.46 -61.30
C GLN H 2157 -20.63 76.56 -61.07
N HIS H 2158 -19.96 76.69 -59.92
CA HIS H 2158 -18.72 75.98 -59.64
C HIS H 2158 -18.85 75.24 -58.31
N PRO H 2159 -19.60 74.13 -58.29
CA PRO H 2159 -19.64 73.33 -57.06
C PRO H 2159 -18.30 72.74 -56.67
N ASN H 2160 -17.45 72.42 -57.66
CA ASN H 2160 -16.13 71.86 -57.36
C ASN H 2160 -15.28 72.88 -56.60
N LEU H 2161 -15.32 74.14 -57.00
CA LEU H 2161 -14.63 75.18 -56.23
C LEU H 2161 -15.21 75.28 -54.82
N MET H 2162 -16.52 75.16 -54.70
CA MET H 2162 -17.16 75.28 -53.39
C MET H 2162 -16.69 74.17 -52.46
N ARG H 2163 -16.58 72.95 -52.98
CA ARG H 2163 -16.09 71.81 -52.21
C ARG H 2163 -14.60 71.89 -51.94
N ALA H 2164 -13.80 72.41 -52.88
CA ALA H 2164 -12.36 72.53 -52.68
C ALA H 2164 -12.02 73.59 -51.65
N LEU H 2165 -12.79 74.68 -51.60
CA LEU H 2165 -12.58 75.71 -50.59
C LEU H 2165 -12.99 75.21 -49.21
N GLY H 2166 -13.64 74.04 -49.16
CA GLY H 2166 -13.98 73.41 -47.92
C GLY H 2166 -15.00 74.17 -47.08
N MET H 2167 -16.12 74.53 -47.72
CA MET H 2167 -17.16 75.29 -47.02
C MET H 2167 -18.09 74.36 -46.24
N HIS H 2168 -18.33 73.17 -46.79
CA HIS H 2168 -19.26 72.24 -46.16
C HIS H 2168 -18.80 71.83 -44.77
N GLU H 2169 -17.51 71.52 -44.59
CA GLU H 2169 -17.05 71.17 -43.25
C GLU H 2169 -16.94 72.38 -42.34
N THR H 2170 -16.75 73.58 -42.88
CA THR H 2170 -16.80 74.78 -42.05
C THR H 2170 -18.20 74.95 -41.45
N VAL H 2171 -19.23 74.83 -42.28
CA VAL H 2171 -20.60 74.89 -41.77
C VAL H 2171 -20.88 73.72 -40.84
N MET H 2172 -20.32 72.55 -41.15
CA MET H 2172 -20.44 71.38 -40.27
C MET H 2172 -19.88 71.69 -38.89
N GLU H 2173 -18.69 72.28 -38.84
CA GLU H 2173 -18.05 72.63 -37.57
C GLU H 2173 -18.82 73.69 -36.81
N VAL H 2174 -19.38 74.69 -37.51
CA VAL H 2174 -20.21 75.68 -36.84
C VAL H 2174 -21.42 75.01 -36.20
N MET H 2175 -22.09 74.11 -36.94
CA MET H 2175 -23.21 73.37 -36.36
C MET H 2175 -22.77 72.51 -35.18
N VAL H 2176 -21.60 71.87 -35.28
CA VAL H 2176 -21.11 71.06 -34.17
C VAL H 2176 -20.90 71.93 -32.94
N ASN H 2177 -20.31 73.11 -33.10
CA ASN H 2177 -20.12 74.00 -31.96
C ASN H 2177 -21.45 74.39 -31.33
N VAL H 2178 -22.41 74.80 -32.16
CA VAL H 2178 -23.70 75.25 -31.62
C VAL H 2178 -24.42 74.11 -30.92
N LEU H 2179 -24.42 72.92 -31.53
CA LEU H 2179 -25.15 71.78 -30.98
C LEU H 2179 -24.43 71.12 -29.82
N GLY H 2180 -23.13 71.38 -29.66
CA GLY H 2180 -22.39 70.83 -28.54
C GLY H 2180 -22.38 71.74 -27.34
N GLY H 2181 -22.47 73.05 -27.58
CA GLY H 2181 -22.58 73.99 -26.49
C GLY H 2181 -23.88 73.82 -25.72
N GLY H 2182 -23.78 73.31 -24.49
CA GLY H 2182 -24.97 73.08 -23.68
C GLY H 2182 -25.90 72.02 -24.24
N GLU H 2183 -25.37 70.82 -24.48
CA GLU H 2183 -26.21 69.72 -24.96
C GLU H 2183 -27.30 69.40 -23.95
N SER H 2184 -26.97 69.46 -22.65
CA SER H 2184 -27.96 69.15 -21.62
C SER H 2184 -29.11 70.16 -21.62
N LYS H 2185 -28.81 71.44 -21.81
CA LYS H 2185 -29.84 72.48 -21.79
C LYS H 2185 -30.51 72.69 -23.13
N GLU H 2186 -30.98 71.61 -23.75
CA GLU H 2186 -31.69 71.62 -25.04
C GLU H 2186 -30.75 72.26 -26.07
N ILE H 2187 -31.21 73.21 -26.87
CA ILE H 2187 -30.41 73.82 -27.93
C ILE H 2187 -30.39 75.32 -27.72
N THR H 2188 -29.21 75.91 -27.77
CA THR H 2188 -29.04 77.35 -27.78
C THR H 2188 -28.81 77.84 -29.20
N PHE H 2189 -29.25 79.06 -29.48
CA PHE H 2189 -29.22 79.64 -30.81
C PHE H 2189 -29.89 78.71 -31.83
N PRO H 2190 -31.21 78.55 -31.77
CA PRO H 2190 -31.90 77.62 -32.68
C PRO H 2190 -31.99 78.10 -34.12
N LYS H 2191 -31.46 79.28 -34.43
CA LYS H 2191 -31.47 79.81 -35.78
C LYS H 2191 -30.15 79.53 -36.50
N MET H 2192 -29.05 79.46 -35.75
CA MET H 2192 -27.76 79.03 -36.28
C MET H 2192 -27.90 77.66 -36.93
N VAL H 2193 -28.51 76.72 -36.20
CA VAL H 2193 -28.70 75.37 -36.70
C VAL H 2193 -29.60 75.35 -37.94
N ALA H 2194 -30.70 76.09 -37.91
CA ALA H 2194 -31.61 76.12 -39.04
C ALA H 2194 -30.94 76.64 -40.30
N ASN H 2195 -30.20 77.75 -40.18
CA ASN H 2195 -29.50 78.28 -41.34
C ASN H 2195 -28.44 77.31 -41.84
N CYS H 2196 -27.69 76.70 -40.92
CA CYS H 2196 -26.65 75.76 -41.33
C CYS H 2196 -27.25 74.56 -42.06
N CYS H 2197 -28.35 74.02 -41.53
CA CYS H 2197 -28.98 72.86 -42.15
C CYS H 2197 -29.56 73.20 -43.51
N ARG H 2198 -30.18 74.39 -43.64
CA ARG H 2198 -30.68 74.81 -44.94
C ARG H 2198 -29.53 74.95 -45.94
N PHE H 2199 -28.41 75.53 -45.51
CA PHE H 2199 -27.26 75.70 -46.39
C PHE H 2199 -26.71 74.36 -46.83
N LEU H 2200 -26.61 73.40 -45.91
CA LEU H 2200 -26.08 72.09 -46.28
C LEU H 2200 -27.04 71.32 -47.18
N CYS H 2201 -28.35 71.46 -46.95
CA CYS H 2201 -29.31 70.84 -47.87
C CYS H 2201 -29.18 71.41 -49.27
N TYR H 2202 -29.05 72.73 -49.39
CA TYR H 2202 -28.85 73.33 -50.70
C TYR H 2202 -27.54 72.89 -51.33
N PHE H 2203 -26.48 72.78 -50.54
CA PHE H 2203 -25.20 72.29 -51.03
C PHE H 2203 -25.34 70.86 -51.55
N CYS H 2204 -26.11 70.03 -50.85
CA CYS H 2204 -26.41 68.69 -51.35
C CYS H 2204 -27.12 68.74 -52.69
N ARG H 2205 -28.15 69.58 -52.80
CA ARG H 2205 -28.93 69.63 -54.03
C ARG H 2205 -28.14 70.20 -55.20
N ILE H 2206 -27.08 70.97 -54.93
CA ILE H 2206 -26.31 71.57 -56.01
C ILE H 2206 -25.68 70.50 -56.91
N SER H 2207 -24.99 69.53 -56.32
CA SER H 2207 -24.24 68.57 -57.12
C SER H 2207 -24.31 67.20 -56.48
N ARG H 2208 -24.08 66.16 -57.29
CA ARG H 2208 -24.10 64.79 -56.79
C ARG H 2208 -22.84 64.46 -55.99
N GLN H 2209 -21.69 64.98 -56.42
CA GLN H 2209 -20.47 64.82 -55.63
C GLN H 2209 -20.54 65.53 -54.29
N ASN H 2210 -21.28 66.64 -54.22
CA ASN H 2210 -21.51 67.28 -52.94
C ASN H 2210 -22.30 66.39 -52.01
N GLN H 2211 -23.25 65.62 -52.54
CA GLN H 2211 -23.96 64.63 -51.73
C GLN H 2211 -23.00 63.57 -51.20
N LYS H 2212 -22.07 63.12 -52.04
CA LYS H 2212 -21.08 62.14 -51.58
C LYS H 2212 -20.19 62.71 -50.47
N ALA H 2213 -19.80 63.98 -50.61
CA ALA H 2213 -19.01 64.62 -49.56
C ALA H 2213 -19.81 64.74 -48.27
N MET H 2214 -21.10 65.08 -48.39
CA MET H 2214 -21.96 65.22 -47.21
C MET H 2214 -22.25 63.88 -46.55
N PHE H 2215 -22.27 62.78 -47.32
CA PHE H 2215 -22.70 61.50 -46.80
C PHE H 2215 -21.74 60.97 -45.74
N ASP H 2216 -20.49 61.44 -45.73
CA ASP H 2216 -19.53 61.02 -44.72
C ASP H 2216 -19.85 61.54 -43.34
N HIS H 2217 -20.76 62.51 -43.21
CA HIS H 2217 -21.19 63.04 -41.92
C HIS H 2217 -22.55 62.49 -41.51
N LEU H 2218 -22.98 61.37 -42.11
CA LEU H 2218 -24.29 60.81 -41.80
C LEU H 2218 -24.38 60.37 -40.34
N SER H 2219 -23.30 59.81 -39.80
CA SER H 2219 -23.34 59.26 -38.45
C SER H 2219 -23.63 60.34 -37.41
N TYR H 2220 -22.92 61.47 -37.50
CA TYR H 2220 -23.12 62.54 -36.52
C TYR H 2220 -24.48 63.21 -36.72
N LEU H 2221 -24.88 63.41 -37.98
CA LEU H 2221 -26.18 64.01 -38.26
C LEU H 2221 -27.31 63.14 -37.72
N LEU H 2222 -27.21 61.83 -37.91
CA LEU H 2222 -28.21 60.92 -37.35
C LEU H 2222 -28.16 60.91 -35.83
N GLU H 2223 -26.97 61.10 -35.25
CA GLU H 2223 -26.85 61.21 -33.80
C GLU H 2223 -27.59 62.44 -33.29
N ASN H 2224 -27.50 63.56 -34.02
CA ASN H 2224 -28.15 64.80 -33.65
C ASN H 2224 -29.46 65.01 -34.40
N SER H 2225 -30.07 63.95 -34.90
CA SER H 2225 -31.31 64.08 -35.67
C SER H 2225 -32.49 64.57 -34.84
N SER H 2226 -32.38 64.53 -33.51
CA SER H 2226 -33.49 64.91 -32.64
C SER H 2226 -33.45 66.37 -32.22
N VAL H 2227 -32.76 67.24 -32.96
CA VAL H 2227 -32.58 68.63 -32.54
C VAL H 2227 -33.88 69.41 -32.69
N GLY H 2228 -34.41 69.49 -33.91
CA GLY H 2228 -35.56 70.33 -34.16
C GLY H 2228 -36.69 69.67 -34.91
N LEU H 2229 -36.84 68.35 -34.74
CA LEU H 2229 -37.90 67.62 -35.40
C LEU H 2229 -39.29 68.00 -34.88
N ALA H 2230 -39.44 68.20 -33.57
CA ALA H 2230 -40.75 68.44 -32.99
C ALA H 2230 -41.33 69.78 -33.43
N SER H 2231 -40.49 70.82 -33.45
CA SER H 2231 -40.99 72.15 -33.75
C SER H 2231 -41.22 72.29 -35.25
N PRO H 2232 -42.45 72.58 -35.69
CA PRO H 2232 -42.70 72.82 -37.11
C PRO H 2232 -42.16 74.18 -37.55
N ALA H 2233 -42.32 74.48 -38.85
CA ALA H 2233 -41.75 75.65 -39.49
C ALA H 2233 -40.23 75.53 -39.57
N MET H 2234 -39.69 74.46 -38.99
CA MET H 2234 -38.30 74.06 -39.17
C MET H 2234 -38.17 72.94 -40.21
N ARG H 2235 -39.24 72.61 -40.92
CA ARG H 2235 -39.23 71.48 -41.85
C ARG H 2235 -38.27 71.77 -43.01
N GLY H 2236 -37.40 70.81 -43.29
CA GLY H 2236 -36.34 71.00 -44.28
C GLY H 2236 -35.08 71.67 -43.76
N SER H 2237 -35.05 72.03 -42.47
CA SER H 2237 -33.88 72.68 -41.88
C SER H 2237 -33.41 71.98 -40.61
N THR H 2238 -33.57 70.65 -40.51
CA THR H 2238 -33.04 69.89 -39.40
C THR H 2238 -31.89 69.02 -39.89
N PRO H 2239 -31.00 68.58 -38.98
CA PRO H 2239 -29.93 67.66 -39.40
C PRO H 2239 -30.46 66.39 -40.04
N LEU H 2240 -31.64 65.93 -39.62
CA LEU H 2240 -32.27 64.81 -40.30
C LEU H 2240 -32.61 65.16 -41.74
N ASP H 2241 -33.04 66.40 -41.99
CA ASP H 2241 -33.27 66.83 -43.37
C ASP H 2241 -31.98 66.87 -44.16
N VAL H 2242 -30.87 67.27 -43.53
CA VAL H 2242 -29.58 67.25 -44.22
C VAL H 2242 -29.19 65.83 -44.59
N ALA H 2243 -29.41 64.89 -43.66
CA ALA H 2243 -29.14 63.48 -43.95
C ALA H 2243 -30.02 62.98 -45.10
N ALA H 2244 -31.30 63.34 -45.09
CA ALA H 2244 -32.21 62.93 -46.15
C ALA H 2244 -31.78 63.49 -47.49
N ALA H 2245 -31.36 64.76 -47.52
CA ALA H 2245 -30.85 65.36 -48.74
C ALA H 2245 -29.55 64.73 -49.22
N SER H 2246 -28.68 64.32 -48.30
CA SER H 2246 -27.46 63.63 -48.70
C SER H 2246 -27.78 62.27 -49.33
N VAL H 2247 -28.74 61.54 -48.76
CA VAL H 2247 -29.11 60.24 -49.29
C VAL H 2247 -30.23 60.32 -50.32
N MET H 2248 -30.60 61.51 -50.76
CA MET H 2248 -31.76 61.71 -51.63
C MET H 2248 -31.47 61.39 -53.09
N ASP H 2249 -32.24 60.46 -53.66
CA ASP H 2249 -32.21 60.16 -55.09
C ASP H 2249 -30.79 59.85 -55.58
N ASN H 2250 -30.07 59.06 -54.79
CA ASN H 2250 -28.72 58.64 -55.13
C ASN H 2250 -28.63 57.15 -54.80
N ASN H 2251 -28.73 56.31 -55.83
CA ASN H 2251 -28.68 54.87 -55.60
C ASN H 2251 -27.34 54.43 -55.03
N GLU H 2252 -26.25 55.09 -55.46
CA GLU H 2252 -24.93 54.74 -54.94
C GLU H 2252 -24.85 54.95 -53.43
N LEU H 2253 -25.24 56.14 -52.97
CA LEU H 2253 -25.23 56.43 -51.54
C LEU H 2253 -26.25 55.60 -50.77
N ALA H 2254 -27.42 55.34 -51.37
CA ALA H 2254 -28.41 54.50 -50.70
C ALA H 2254 -27.88 53.08 -50.51
N LEU H 2255 -27.18 52.54 -51.51
CA LEU H 2255 -26.61 51.21 -51.38
C LEU H 2255 -25.43 51.20 -50.41
N ALA H 2256 -24.63 52.26 -50.41
CA ALA H 2256 -23.50 52.33 -49.49
C ALA H 2256 -23.95 52.56 -48.05
N LEU H 2257 -25.17 53.04 -47.86
CA LEU H 2257 -25.70 53.26 -46.52
C LEU H 2257 -25.70 51.95 -45.73
N ARG H 2258 -25.21 52.02 -44.50
CA ARG H 2258 -24.98 50.83 -43.69
C ARG H 2258 -26.21 50.49 -42.86
N GLU H 2259 -26.14 49.33 -42.20
CA GLU H 2259 -27.23 48.81 -41.39
C GLU H 2259 -27.32 49.48 -40.02
N PRO H 2260 -26.21 49.73 -39.31
CA PRO H 2260 -26.33 50.46 -38.03
C PRO H 2260 -26.93 51.84 -38.18
N ASP H 2261 -26.71 52.50 -39.32
CA ASP H 2261 -27.33 53.80 -39.56
C ASP H 2261 -28.85 53.69 -39.56
N LEU H 2262 -29.36 52.64 -40.21
CA LEU H 2262 -30.79 52.36 -40.16
C LEU H 2262 -31.25 51.97 -38.76
N GLU H 2263 -30.44 51.20 -38.03
CA GLU H 2263 -30.78 50.78 -36.68
C GLU H 2263 -30.95 51.97 -35.74
N LYS H 2264 -30.10 52.99 -35.89
CA LYS H 2264 -30.22 54.19 -35.06
C LYS H 2264 -31.57 54.86 -35.26
N VAL H 2265 -32.00 55.01 -36.52
CA VAL H 2265 -33.30 55.62 -36.82
C VAL H 2265 -34.42 54.74 -36.31
N VAL H 2266 -34.25 53.41 -36.40
CA VAL H 2266 -35.27 52.50 -35.91
C VAL H 2266 -35.43 52.65 -34.39
N ARG H 2267 -34.32 52.75 -33.66
CA ARG H 2267 -34.39 52.95 -32.22
C ARG H 2267 -35.05 54.29 -31.88
N TYR H 2268 -34.72 55.34 -32.64
CA TYR H 2268 -35.37 56.63 -32.41
C TYR H 2268 -36.88 56.53 -32.62
N LEU H 2269 -37.30 55.85 -33.69
CA LEU H 2269 -38.72 55.68 -33.96
C LEU H 2269 -39.40 54.85 -32.88
N ALA H 2270 -38.73 53.81 -32.39
CA ALA H 2270 -39.30 53.01 -31.30
C ALA H 2270 -39.48 53.82 -30.04
N GLY H 2271 -38.47 54.63 -29.68
CA GLY H 2271 -38.60 55.49 -28.53
C GLY H 2271 -39.72 56.51 -28.69
N CYS H 2272 -39.85 57.07 -29.90
CA CYS H 2272 -40.91 58.02 -30.19
C CYS H 2272 -42.29 57.40 -30.15
N GLY H 2273 -42.42 56.13 -30.54
CA GLY H 2273 -43.69 55.44 -30.44
C GLY H 2273 -44.04 55.03 -29.03
N LEU H 2274 -43.03 54.68 -28.23
CA LEU H 2274 -43.28 54.30 -26.85
C LEU H 2274 -43.64 55.51 -25.99
N GLN H 2275 -42.88 56.60 -26.12
CA GLN H 2275 -43.02 57.74 -25.24
C GLN H 2275 -43.74 58.90 -25.94
N SER H 2276 -44.19 59.85 -25.13
CA SER H 2276 -44.85 61.04 -25.62
C SER H 2276 -43.84 62.18 -25.77
N CYS H 2277 -44.24 63.23 -26.47
CA CYS H 2277 -43.38 64.40 -26.63
C CYS H 2277 -43.36 65.22 -25.36
N GLN H 2278 -42.16 65.68 -24.97
CA GLN H 2278 -42.04 66.47 -23.75
C GLN H 2278 -42.38 67.94 -23.97
N MET H 2279 -41.91 68.54 -25.08
CA MET H 2279 -42.18 69.95 -25.28
C MET H 2279 -43.65 70.22 -25.57
N LEU H 2280 -44.35 69.29 -26.23
CA LEU H 2280 -45.77 69.51 -26.50
C LEU H 2280 -46.59 69.51 -25.21
N VAL H 2281 -46.34 68.53 -24.33
CA VAL H 2281 -47.06 68.50 -23.06
C VAL H 2281 -46.62 69.66 -22.17
N SER H 2282 -45.38 70.13 -22.31
CA SER H 2282 -44.95 71.32 -21.59
C SER H 2282 -45.67 72.58 -22.08
N LYS H 2283 -45.90 72.70 -23.39
CA LYS H 2283 -46.64 73.81 -23.96
C LYS H 2283 -48.15 73.65 -23.79
N GLY H 2284 -48.59 72.48 -23.34
CA GLY H 2284 -49.99 72.29 -22.99
C GLY H 2284 -50.76 71.31 -23.84
N TYR H 2285 -50.13 70.68 -24.81
CA TYR H 2285 -50.84 69.73 -25.66
C TYR H 2285 -51.28 68.51 -24.85
N PRO H 2286 -52.40 67.90 -25.18
CA PRO H 2286 -52.84 66.68 -24.48
C PRO H 2286 -51.82 65.57 -24.65
N ASP H 2287 -51.63 64.80 -23.58
CA ASP H 2287 -50.58 63.80 -23.50
C ASP H 2287 -51.12 62.45 -23.96
N ILE H 2288 -51.00 62.20 -25.27
CA ILE H 2288 -51.22 60.85 -25.78
C ILE H 2288 -49.98 60.01 -25.50
N GLY H 2289 -50.12 58.70 -25.72
CA GLY H 2289 -49.03 57.79 -25.40
C GLY H 2289 -47.80 57.99 -26.28
N TRP H 2290 -48.01 58.33 -27.55
CA TRP H 2290 -46.95 58.30 -28.53
C TRP H 2290 -46.72 59.69 -29.16
N ASN H 2291 -45.75 59.73 -30.09
CA ASN H 2291 -45.23 60.99 -30.62
C ASN H 2291 -45.32 61.04 -32.14
N PRO H 2292 -46.46 61.48 -32.69
CA PRO H 2292 -46.61 61.45 -34.15
C PRO H 2292 -45.69 62.43 -34.88
N VAL H 2293 -45.51 63.64 -34.34
CA VAL H 2293 -44.72 64.65 -35.03
C VAL H 2293 -43.27 64.19 -35.16
N GLU H 2294 -42.70 63.66 -34.08
CA GLU H 2294 -41.36 63.07 -34.16
C GLU H 2294 -41.33 61.85 -35.06
N GLY H 2295 -42.35 60.99 -34.97
CA GLY H 2295 -42.31 59.75 -35.73
C GLY H 2295 -42.34 59.96 -37.22
N GLU H 2296 -43.12 60.95 -37.70
CA GLU H 2296 -43.24 61.17 -39.13
C GLU H 2296 -41.91 61.59 -39.75
N ARG H 2297 -41.16 62.46 -39.07
CA ARG H 2297 -39.88 62.91 -39.60
C ARG H 2297 -38.90 61.76 -39.76
N TYR H 2298 -38.85 60.87 -38.75
CA TYR H 2298 -38.02 59.68 -38.86
C TYR H 2298 -38.49 58.74 -39.95
N LEU H 2299 -39.81 58.61 -40.14
CA LEU H 2299 -40.33 57.75 -41.20
C LEU H 2299 -39.97 58.27 -42.58
N ASP H 2300 -39.92 59.60 -42.75
CA ASP H 2300 -39.57 60.17 -44.05
C ASP H 2300 -38.15 59.78 -44.45
N PHE H 2301 -37.22 59.82 -43.50
CA PHE H 2301 -35.83 59.44 -43.80
C PHE H 2301 -35.75 57.98 -44.20
N LEU H 2302 -36.47 57.11 -43.50
CA LEU H 2302 -36.49 55.69 -43.85
C LEU H 2302 -37.10 55.48 -45.24
N ARG H 2303 -38.16 56.21 -45.58
CA ARG H 2303 -38.70 56.17 -46.93
C ARG H 2303 -37.68 56.58 -47.97
N PHE H 2304 -36.97 57.67 -47.75
CA PHE H 2304 -35.93 58.12 -48.69
C PHE H 2304 -34.78 57.13 -48.80
N ALA H 2305 -34.48 56.42 -47.71
CA ALA H 2305 -33.40 55.44 -47.75
C ALA H 2305 -33.81 54.18 -48.51
N VAL H 2306 -35.06 53.72 -48.32
CA VAL H 2306 -35.46 52.45 -48.91
C VAL H 2306 -35.88 52.63 -50.36
N PHE H 2307 -36.39 53.80 -50.71
CA PHE H 2307 -36.99 54.04 -52.03
C PHE H 2307 -36.21 55.14 -52.73
N CYS H 2308 -35.76 54.87 -53.94
CA CYS H 2308 -34.95 55.83 -54.70
C CYS H 2308 -35.20 55.68 -56.19
N ASN H 2309 -35.48 56.80 -56.85
CA ASN H 2309 -35.63 56.87 -58.30
C ASN H 2309 -36.74 55.96 -58.84
N GLY H 2310 -37.81 55.79 -58.06
CA GLY H 2310 -38.95 55.03 -58.54
C GLY H 2310 -38.87 53.54 -58.25
N GLU H 2311 -37.67 53.05 -57.98
CA GLU H 2311 -37.45 51.64 -57.72
C GLU H 2311 -37.01 51.44 -56.26
N SER H 2312 -37.48 50.36 -55.66
CA SER H 2312 -37.29 50.12 -54.23
C SER H 2312 -35.97 49.38 -54.00
N VAL H 2313 -35.08 49.99 -53.22
CA VAL H 2313 -33.80 49.38 -52.89
C VAL H 2313 -34.09 48.18 -51.98
N GLU H 2314 -33.92 46.97 -52.52
CA GLU H 2314 -34.30 45.77 -51.79
C GLU H 2314 -33.45 45.55 -50.55
N GLU H 2315 -32.14 45.80 -50.65
CA GLU H 2315 -31.25 45.58 -49.51
C GLU H 2315 -31.60 46.50 -48.34
N ASN H 2316 -31.88 47.77 -48.62
CA ASN H 2316 -32.28 48.70 -47.57
C ASN H 2316 -33.73 48.55 -47.15
N ALA H 2317 -34.56 47.88 -47.95
CA ALA H 2317 -35.94 47.64 -47.56
C ALA H 2317 -36.08 46.43 -46.64
N ASN H 2318 -35.35 45.36 -46.93
CA ASN H 2318 -35.41 44.18 -46.08
C ASN H 2318 -34.90 44.46 -44.67
N VAL H 2319 -33.80 45.20 -44.55
CA VAL H 2319 -33.27 45.53 -43.23
C VAL H 2319 -34.26 46.37 -42.45
N VAL H 2320 -34.86 47.36 -43.10
CA VAL H 2320 -35.82 48.24 -42.42
C VAL H 2320 -37.04 47.45 -41.96
N VAL H 2321 -37.58 46.58 -42.82
CA VAL H 2321 -38.76 45.84 -42.42
C VAL H 2321 -38.42 44.88 -41.29
N ARG H 2322 -37.25 44.23 -41.34
CA ARG H 2322 -36.86 43.37 -40.23
C ARG H 2322 -36.70 44.14 -38.93
N LEU H 2323 -36.11 45.33 -38.97
CA LEU H 2323 -35.91 46.07 -37.72
C LEU H 2323 -37.24 46.57 -37.15
N LEU H 2324 -38.08 47.16 -38.00
CA LEU H 2324 -39.39 47.61 -37.52
C LEU H 2324 -40.30 46.47 -37.12
N ILE H 2325 -40.02 45.23 -37.55
CA ILE H 2325 -40.83 44.12 -37.09
C ILE H 2325 -40.23 43.45 -35.85
N ARG H 2326 -38.91 43.56 -35.67
CA ARG H 2326 -38.31 43.15 -34.40
C ARG H 2326 -38.79 44.06 -33.28
N ARG H 2327 -38.90 45.35 -33.55
CA ARG H 2327 -39.44 46.31 -32.58
C ARG H 2327 -40.80 46.79 -33.07
N PRO H 2328 -41.89 46.08 -32.72
CA PRO H 2328 -43.20 46.41 -33.31
C PRO H 2328 -43.84 47.67 -32.75
N GLU H 2329 -43.30 48.26 -31.69
CA GLU H 2329 -43.89 49.49 -31.16
C GLU H 2329 -43.68 50.67 -32.10
N CYS H 2330 -42.83 50.51 -33.11
CA CYS H 2330 -42.64 51.54 -34.13
C CYS H 2330 -43.88 51.77 -34.97
N PHE H 2331 -44.83 50.85 -34.96
CA PHE H 2331 -45.97 50.87 -35.86
C PHE H 2331 -47.14 51.69 -35.33
N GLY H 2332 -47.00 52.31 -34.16
CA GLY H 2332 -48.08 53.06 -33.56
C GLY H 2332 -48.92 52.18 -32.66
N PRO H 2333 -49.65 52.80 -31.72
CA PRO H 2333 -50.49 51.98 -30.82
C PRO H 2333 -51.56 51.18 -31.52
N ALA H 2334 -52.11 51.71 -32.62
CA ALA H 2334 -53.20 51.02 -33.30
C ALA H 2334 -52.71 49.73 -33.97
N LEU H 2335 -51.59 49.80 -34.69
CA LEU H 2335 -51.03 48.65 -35.38
C LEU H 2335 -50.03 47.88 -34.52
N ARG H 2336 -49.87 48.28 -33.26
CA ARG H 2336 -48.94 47.58 -32.37
C ARG H 2336 -49.37 46.13 -32.15
N GLY H 2337 -50.67 45.91 -31.90
CA GLY H 2337 -51.23 44.58 -31.90
C GLY H 2337 -51.40 43.90 -30.55
N GLU H 2338 -51.23 44.60 -29.43
CA GLU H 2338 -51.50 44.00 -28.13
C GLU H 2338 -52.91 44.39 -27.67
N GLY H 2339 -53.76 44.63 -28.67
CA GLY H 2339 -55.10 45.12 -28.42
C GLY H 2339 -55.40 46.43 -29.10
N GLY H 2340 -54.59 46.81 -30.09
CA GLY H 2340 -54.87 48.04 -30.83
C GLY H 2340 -56.15 47.91 -31.63
N ASN H 2341 -56.85 49.04 -31.78
CA ASN H 2341 -58.13 49.04 -32.48
C ASN H 2341 -57.96 48.68 -33.95
N GLY H 2342 -56.91 49.20 -34.59
CA GLY H 2342 -56.67 48.95 -36.00
C GLY H 2342 -56.39 50.21 -36.78
N LEU H 2343 -55.91 50.05 -38.01
CA LEU H 2343 -55.57 51.22 -38.83
C LEU H 2343 -56.80 52.06 -39.13
N LEU H 2344 -57.88 51.42 -39.59
CA LEU H 2344 -59.10 52.15 -39.90
C LEU H 2344 -59.71 52.79 -38.66
N ALA H 2345 -59.79 52.05 -37.56
CA ALA H 2345 -60.37 52.58 -36.33
C ALA H 2345 -59.58 53.79 -35.84
N ALA H 2346 -58.25 53.69 -35.89
CA ALA H 2346 -57.42 54.86 -35.55
C ALA H 2346 -57.65 55.99 -36.53
N MET H 2347 -57.95 55.67 -37.80
CA MET H 2347 -58.20 56.70 -38.79
C MET H 2347 -59.41 57.54 -38.40
N GLU H 2348 -60.55 56.89 -38.13
CA GLU H 2348 -61.71 57.67 -37.70
C GLU H 2348 -61.51 58.27 -36.30
N GLU H 2349 -60.73 57.63 -35.43
CA GLU H 2349 -60.46 58.23 -34.13
C GLU H 2349 -59.69 59.54 -34.28
N ALA H 2350 -58.72 59.58 -35.19
CA ALA H 2350 -58.01 60.82 -35.47
C ALA H 2350 -58.91 61.84 -36.15
N ILE H 2351 -59.87 61.37 -36.97
CA ILE H 2351 -60.93 62.29 -37.43
C ILE H 2351 -61.64 62.93 -36.25
N LYS H 2352 -62.05 62.11 -35.28
CA LYS H 2352 -62.73 62.61 -34.09
C LYS H 2352 -61.91 63.65 -33.36
N ILE H 2353 -60.62 63.35 -33.17
CA ILE H 2353 -59.70 64.27 -32.51
C ILE H 2353 -59.56 65.56 -33.31
N ALA H 2354 -59.53 65.45 -34.64
CA ALA H 2354 -59.46 66.61 -35.51
C ALA H 2354 -60.67 67.54 -35.37
N GLU H 2355 -61.88 66.99 -35.31
CA GLU H 2355 -63.04 67.85 -35.05
C GLU H 2355 -63.06 68.39 -33.62
N ASP H 2356 -62.64 67.61 -32.63
CA ASP H 2356 -62.69 68.10 -31.26
C ASP H 2356 -61.57 69.10 -31.02
N PRO H 2357 -61.86 70.32 -30.58
CA PRO H 2357 -60.81 71.32 -30.38
C PRO H 2357 -59.90 71.00 -29.19
N SER H 2358 -60.47 70.44 -28.13
CA SER H 2358 -59.69 70.17 -26.91
C SER H 2358 -58.59 69.15 -27.17
N ARG H 2359 -58.91 68.06 -27.87
CA ARG H 2359 -57.91 67.02 -28.11
C ARG H 2359 -56.91 67.44 -29.17
N ASP H 2360 -57.28 68.44 -29.99
CA ASP H 2360 -56.42 68.82 -31.11
C ASP H 2360 -55.40 69.88 -30.69
N GLY H 2361 -55.87 70.99 -30.15
CA GLY H 2361 -54.99 72.06 -29.72
C GLY H 2361 -54.57 71.91 -28.27
N PRO H 2362 -53.55 72.66 -27.86
CA PRO H 2362 -53.12 72.59 -26.45
C PRO H 2362 -54.20 73.00 -25.46
N SER H 2363 -55.02 73.99 -25.80
CA SER H 2363 -56.08 74.49 -24.94
C SER H 2363 -55.56 74.84 -23.54
N PRO H 2364 -54.77 75.92 -23.38
CA PRO H 2364 -54.21 76.30 -22.09
C PRO H 2364 -55.27 76.66 -21.07
N GLU H 2377 -49.49 79.35 -36.16
CA GLU H 2377 -50.28 78.60 -37.13
C GLU H 2377 -50.24 77.11 -36.83
N GLU H 2378 -49.89 76.32 -37.85
CA GLU H 2378 -49.82 74.87 -37.67
C GLU H 2378 -48.72 74.49 -36.70
N ASP H 2379 -47.77 75.40 -36.45
CA ASP H 2379 -46.75 75.14 -35.43
C ASP H 2379 -47.24 75.55 -34.05
N ASP H 2380 -47.96 76.68 -33.96
CA ASP H 2380 -48.54 77.07 -32.68
C ASP H 2380 -49.76 76.24 -32.33
N THR H 2381 -50.48 75.75 -33.35
CA THR H 2381 -51.70 74.99 -33.19
C THR H 2381 -51.56 73.61 -33.81
N ILE H 2382 -50.47 72.91 -33.48
CA ILE H 2382 -50.20 71.59 -34.04
C ILE H 2382 -51.42 70.71 -33.86
N HIS H 2383 -52.00 70.29 -34.97
CA HIS H 2383 -53.27 69.56 -34.95
C HIS H 2383 -52.98 68.09 -34.69
N MET H 2384 -53.29 67.64 -33.48
CA MET H 2384 -52.93 66.29 -33.06
C MET H 2384 -53.54 65.24 -33.97
N GLY H 2385 -54.79 65.46 -34.40
CA GLY H 2385 -55.40 64.57 -35.35
C GLY H 2385 -54.59 64.46 -36.63
N ASN H 2386 -54.32 65.60 -37.28
CA ASN H 2386 -53.56 65.59 -38.53
C ASN H 2386 -52.19 64.96 -38.32
N ALA H 2387 -51.58 65.17 -37.15
CA ALA H 2387 -50.28 64.56 -36.89
C ALA H 2387 -50.37 63.04 -36.84
N ILE H 2388 -51.37 62.51 -36.13
CA ILE H 2388 -51.58 61.07 -36.07
C ILE H 2388 -51.81 60.52 -37.48
N MET H 2389 -52.63 61.24 -38.24
CA MET H 2389 -53.03 60.82 -39.57
C MET H 2389 -51.84 60.81 -40.52
N THR H 2390 -51.00 61.84 -40.44
CA THR H 2390 -49.80 61.91 -41.25
C THR H 2390 -48.80 60.83 -40.86
N PHE H 2391 -48.69 60.54 -39.56
CA PHE H 2391 -47.83 59.45 -39.12
C PHE H 2391 -48.27 58.12 -39.73
N TYR H 2392 -49.57 57.83 -39.66
CA TYR H 2392 -50.04 56.56 -40.20
C TYR H 2392 -49.88 56.51 -41.72
N SER H 2393 -50.14 57.64 -42.40
CA SER H 2393 -49.93 57.68 -43.84
C SER H 2393 -48.46 57.46 -44.20
N ALA H 2394 -47.54 58.07 -43.44
CA ALA H 2394 -46.11 57.88 -43.67
C ALA H 2394 -45.68 56.44 -43.43
N LEU H 2395 -46.20 55.80 -42.37
CA LEU H 2395 -45.87 54.40 -42.12
C LEU H 2395 -46.38 53.52 -43.25
N ILE H 2396 -47.61 53.75 -43.70
CA ILE H 2396 -48.17 52.98 -44.80
C ILE H 2396 -47.34 53.17 -46.07
N ASP H 2397 -46.96 54.41 -46.35
CA ASP H 2397 -46.14 54.70 -47.53
C ASP H 2397 -44.79 54.01 -47.44
N LEU H 2398 -44.17 54.04 -46.26
CA LEU H 2398 -42.87 53.40 -46.09
C LEU H 2398 -42.97 51.90 -46.31
N LEU H 2399 -44.02 51.27 -45.77
CA LEU H 2399 -44.21 49.84 -45.98
C LEU H 2399 -44.43 49.52 -47.45
N GLY H 2400 -45.28 50.31 -48.12
CA GLY H 2400 -45.55 50.07 -49.53
C GLY H 2400 -44.31 50.25 -50.40
N ARG H 2401 -43.47 51.22 -50.06
CA ARG H 2401 -42.23 51.41 -50.80
C ARG H 2401 -41.24 50.30 -50.50
N CYS H 2402 -41.25 49.79 -49.26
CA CYS H 2402 -40.40 48.65 -48.92
C CYS H 2402 -40.88 47.36 -49.58
N ALA H 2403 -42.12 47.34 -50.07
CA ALA H 2403 -42.62 46.15 -50.76
C ALA H 2403 -41.77 45.86 -52.00
N PRO H 2404 -41.50 44.58 -52.30
CA PRO H 2404 -40.65 44.26 -53.44
C PRO H 2404 -41.36 44.49 -54.77
N GLU H 2405 -40.57 44.52 -55.83
CA GLU H 2405 -41.10 44.75 -57.17
C GLU H 2405 -41.83 43.50 -57.70
N MET H 2406 -42.61 43.69 -58.77
CA MET H 2406 -43.40 42.60 -59.32
C MET H 2406 -42.52 41.57 -60.03
N HIS H 2407 -41.37 41.99 -60.56
CA HIS H 2407 -40.53 41.05 -61.30
C HIS H 2407 -39.86 40.04 -60.38
N LEU H 2408 -39.49 40.46 -59.17
CA LEU H 2408 -38.97 39.51 -58.18
C LEU H 2408 -40.00 38.47 -57.79
N ILE H 2409 -41.25 38.87 -57.61
CA ILE H 2409 -42.30 37.91 -57.29
C ILE H 2409 -42.56 36.99 -58.48
N HIS H 2410 -42.49 37.50 -59.70
CA HIS H 2410 -42.59 36.61 -60.86
C HIS H 2410 -41.45 35.59 -60.87
N ALA H 2411 -40.23 36.04 -60.60
CA ALA H 2411 -39.09 35.13 -60.52
C ALA H 2411 -39.25 34.14 -59.39
N GLY H 2412 -40.03 34.49 -58.37
CA GLY H 2412 -40.26 33.59 -57.25
C GLY H 2412 -39.25 33.67 -56.14
N LYS H 2413 -38.63 34.84 -55.93
CA LYS H 2413 -37.65 34.98 -54.87
C LYS H 2413 -38.29 34.75 -53.51
N GLY H 2414 -37.74 33.79 -52.77
CA GLY H 2414 -38.34 33.42 -51.49
C GLY H 2414 -38.38 34.58 -50.52
N GLU H 2415 -37.29 35.36 -50.44
CA GLU H 2415 -37.26 36.50 -49.54
C GLU H 2415 -38.29 37.55 -49.93
N ALA H 2416 -38.45 37.82 -51.22
CA ALA H 2416 -39.43 38.81 -51.66
C ALA H 2416 -40.85 38.35 -51.34
N ILE H 2417 -41.14 37.08 -51.62
CA ILE H 2417 -42.47 36.54 -51.30
C ILE H 2417 -42.72 36.61 -49.81
N ARG H 2418 -41.71 36.29 -49.01
CA ARG H 2418 -41.81 36.36 -47.56
C ARG H 2418 -42.10 37.78 -47.09
N ILE H 2419 -41.38 38.76 -47.64
CA ILE H 2419 -41.57 40.14 -47.22
C ILE H 2419 -42.97 40.63 -47.58
N ARG H 2420 -43.44 40.26 -48.78
CA ARG H 2420 -44.80 40.61 -49.17
C ARG H 2420 -45.85 39.96 -48.26
N SER H 2421 -45.66 38.69 -47.90
CA SER H 2421 -46.59 38.04 -46.97
C SER H 2421 -46.58 38.72 -45.61
N ILE H 2422 -45.40 39.09 -45.11
CA ILE H 2422 -45.33 39.80 -43.83
C ILE H 2422 -46.05 41.14 -43.92
N LEU H 2423 -45.87 41.86 -45.03
CA LEU H 2423 -46.54 43.15 -45.18
C LEU H 2423 -48.05 43.00 -45.21
N ARG H 2424 -48.55 41.97 -45.91
CA ARG H 2424 -49.99 41.73 -45.89
C ARG H 2424 -50.47 41.33 -44.51
N SER H 2425 -49.64 40.63 -43.72
CA SER H 2425 -50.01 40.34 -42.34
C SER H 2425 -50.09 41.63 -41.51
N LEU H 2426 -49.15 42.55 -41.72
CA LEU H 2426 -49.18 43.83 -41.01
C LEU H 2426 -50.42 44.63 -41.34
N ILE H 2427 -50.78 44.70 -42.62
CA ILE H 2427 -51.89 45.54 -43.05
C ILE H 2427 -52.97 44.67 -43.66
N PRO H 2428 -54.13 44.51 -43.01
CA PRO H 2428 -55.24 43.81 -43.66
C PRO H 2428 -55.78 44.60 -44.83
N LEU H 2429 -56.33 43.88 -45.81
CA LEU H 2429 -56.90 44.53 -46.98
C LEU H 2429 -58.13 45.35 -46.62
N GLY H 2430 -58.94 44.85 -45.69
CA GLY H 2430 -60.17 45.53 -45.32
C GLY H 2430 -59.92 46.92 -44.74
N ASP H 2431 -58.87 47.04 -43.93
CA ASP H 2431 -58.52 48.36 -43.38
C ASP H 2431 -58.14 49.33 -44.49
N LEU H 2432 -57.35 48.87 -45.46
CA LEU H 2432 -57.01 49.71 -46.61
C LEU H 2432 -58.27 50.16 -47.34
N VAL H 2433 -59.18 49.22 -47.61
CA VAL H 2433 -60.41 49.55 -48.33
C VAL H 2433 -61.25 50.54 -47.53
N GLY H 2434 -61.34 50.37 -46.21
CA GLY H 2434 -62.13 51.30 -45.41
C GLY H 2434 -61.54 52.70 -45.39
N VAL H 2435 -60.23 52.81 -45.22
CA VAL H 2435 -59.59 54.12 -45.21
C VAL H 2435 -59.75 54.80 -46.56
N ILE H 2436 -59.69 54.03 -47.65
CA ILE H 2436 -59.98 54.59 -48.96
C ILE H 2436 -61.44 55.01 -49.05
N SER H 2437 -62.32 54.26 -48.40
CA SER H 2437 -63.75 54.57 -48.46
C SER H 2437 -64.09 55.86 -47.73
N ILE H 2438 -63.31 56.20 -46.70
CA ILE H 2438 -63.54 57.46 -46.01
C ILE H 2438 -63.42 58.63 -46.99
N ALA H 2439 -64.36 59.56 -46.91
CA ALA H 2439 -64.46 60.67 -47.85
C ALA H 2439 -64.02 61.98 -47.21
N PHE H 2440 -64.05 63.04 -48.01
CA PHE H 2440 -63.62 64.37 -47.60
C PHE H 2440 -64.81 65.28 -47.35
N GLN H 2441 -64.57 66.38 -46.66
CA GLN H 2441 -65.54 67.47 -46.61
C GLN H 2441 -65.09 68.58 -47.55
N MET H 2442 -66.01 69.02 -48.40
CA MET H 2442 -65.46 69.98 -49.35
C MET H 2442 -65.91 71.39 -49.03
N PRO H 2443 -65.12 72.39 -49.43
CA PRO H 2443 -65.52 73.77 -49.22
C PRO H 2443 -66.82 74.08 -49.93
N THR H 2444 -67.64 74.92 -49.29
CA THR H 2444 -68.89 75.38 -49.86
C THR H 2444 -68.92 76.90 -49.80
N ILE H 2445 -69.69 77.49 -50.72
CA ILE H 2445 -69.85 78.95 -50.70
C ILE H 2445 -70.75 79.34 -49.55
N ALA H 2446 -70.30 80.27 -48.72
CA ALA H 2446 -71.11 80.74 -47.61
C ALA H 2446 -72.21 81.64 -48.13
N LYS H 2447 -73.05 82.12 -47.20
CA LYS H 2447 -74.25 82.82 -47.62
C LYS H 2447 -73.92 84.20 -48.17
N ASP H 2448 -72.83 84.80 -47.70
CA ASP H 2448 -72.38 86.09 -48.23
C ASP H 2448 -71.81 85.96 -49.64
N GLY H 2449 -71.46 84.74 -50.05
CA GLY H 2449 -70.81 84.51 -51.32
C GLY H 2449 -69.35 84.12 -51.22
N ASN H 2450 -68.82 83.95 -50.02
CA ASN H 2450 -67.44 83.54 -49.81
C ASN H 2450 -67.40 82.03 -49.58
N VAL H 2451 -66.51 81.33 -50.29
CA VAL H 2451 -66.36 79.90 -50.08
C VAL H 2451 -65.59 79.67 -48.79
N VAL H 2452 -66.23 79.04 -47.82
CA VAL H 2452 -65.56 78.70 -46.57
C VAL H 2452 -64.49 77.65 -46.88
N GLU H 2453 -63.28 77.88 -46.40
CA GLU H 2453 -62.16 77.02 -46.75
C GLU H 2453 -61.75 76.22 -45.53
N PRO H 2454 -62.16 74.95 -45.40
CA PRO H 2454 -61.70 74.14 -44.28
C PRO H 2454 -60.20 73.91 -44.35
N ASP H 2455 -59.51 74.33 -43.29
CA ASP H 2455 -58.06 74.20 -43.23
C ASP H 2455 -57.67 72.72 -43.27
N MET H 2456 -56.88 72.36 -44.29
CA MET H 2456 -56.51 70.95 -44.45
C MET H 2456 -55.32 70.59 -43.57
N SER H 2457 -54.68 71.57 -42.95
CA SER H 2457 -53.67 71.27 -41.95
C SER H 2457 -54.29 70.73 -40.66
N ALA H 2458 -55.60 70.86 -40.51
CA ALA H 2458 -56.33 70.32 -39.37
C ALA H 2458 -57.37 69.28 -39.78
N GLY H 2459 -57.29 68.76 -41.01
CA GLY H 2459 -58.28 67.84 -41.52
C GLY H 2459 -57.68 66.77 -42.39
N PHE H 2460 -58.52 65.79 -42.72
CA PHE H 2460 -58.11 64.68 -43.58
C PHE H 2460 -57.80 65.19 -44.99
N CYS H 2461 -56.63 64.81 -45.50
CA CYS H 2461 -56.12 65.33 -46.77
C CYS H 2461 -55.94 64.21 -47.78
N PRO H 2462 -56.05 64.51 -49.07
CA PRO H 2462 -55.88 63.46 -50.10
C PRO H 2462 -54.52 62.79 -50.09
N ASP H 2463 -53.47 63.48 -49.63
CA ASP H 2463 -52.16 62.86 -49.54
C ASP H 2463 -52.19 61.67 -48.58
N HIS H 2464 -53.07 61.71 -47.58
CA HIS H 2464 -53.21 60.58 -46.67
C HIS H 2464 -53.70 59.33 -47.39
N LYS H 2465 -54.68 59.47 -48.28
CA LYS H 2465 -55.14 58.35 -49.09
C LYS H 2465 -54.16 57.98 -50.19
N ALA H 2466 -53.29 58.90 -50.58
CA ALA H 2466 -52.28 58.58 -51.59
C ALA H 2466 -51.41 57.41 -51.14
N ALA H 2467 -50.95 57.43 -49.88
CA ALA H 2467 -50.19 56.33 -49.33
C ALA H 2467 -51.02 55.05 -49.24
N MET H 2468 -52.29 55.17 -48.88
CA MET H 2468 -53.18 54.01 -48.84
C MET H 2468 -53.23 53.34 -50.21
N VAL H 2469 -53.41 54.13 -51.26
CA VAL H 2469 -53.47 53.62 -52.63
C VAL H 2469 -52.13 53.02 -53.04
N LEU H 2470 -51.02 53.67 -52.67
CA LEU H 2470 -49.70 53.15 -53.01
C LEU H 2470 -49.48 51.78 -52.39
N PHE H 2471 -49.80 51.63 -51.11
CA PHE H 2471 -49.69 50.32 -50.46
C PHE H 2471 -50.63 49.32 -51.11
N LEU H 2472 -51.85 49.75 -51.46
CA LEU H 2472 -52.80 48.85 -52.08
C LEU H 2472 -52.27 48.29 -53.39
N ASP H 2473 -51.65 49.13 -54.21
CA ASP H 2473 -51.21 48.66 -55.52
C ASP H 2473 -49.86 47.96 -55.45
N ARG H 2474 -49.04 48.26 -54.45
CA ARG H 2474 -47.71 47.65 -54.40
C ARG H 2474 -47.64 46.37 -53.57
N VAL H 2475 -48.51 46.22 -52.57
CA VAL H 2475 -48.43 45.05 -51.70
C VAL H 2475 -49.55 44.07 -52.06
N TYR H 2476 -50.80 44.51 -51.89
CA TYR H 2476 -51.92 43.61 -52.16
C TYR H 2476 -52.13 43.44 -53.66
N GLY H 2477 -52.04 44.53 -54.41
CA GLY H 2477 -52.24 44.48 -55.85
C GLY H 2477 -53.69 44.30 -56.25
N ILE H 2478 -54.05 44.80 -57.43
CA ILE H 2478 -55.40 44.64 -57.95
C ILE H 2478 -55.30 43.58 -59.04
N GLU H 2479 -55.61 42.34 -58.67
CA GLU H 2479 -55.55 41.20 -59.57
C GLU H 2479 -56.91 40.62 -59.90
N VAL H 2480 -57.95 40.98 -59.14
CA VAL H 2480 -59.28 40.42 -59.31
C VAL H 2480 -60.18 41.50 -59.89
N GLN H 2481 -60.93 41.13 -60.94
CA GLN H 2481 -61.90 42.05 -61.54
C GLN H 2481 -62.98 42.46 -60.55
N ASP H 2482 -63.54 41.50 -59.81
CA ASP H 2482 -64.54 41.82 -58.80
C ASP H 2482 -63.98 42.72 -57.72
N PHE H 2483 -62.75 42.44 -57.27
CA PHE H 2483 -62.09 43.31 -56.29
C PHE H 2483 -61.89 44.71 -56.84
N LEU H 2484 -61.53 44.81 -58.12
CA LEU H 2484 -61.32 46.13 -58.74
C LEU H 2484 -62.60 46.94 -58.71
N LEU H 2485 -63.70 46.38 -59.21
CA LEU H 2485 -64.94 47.16 -59.20
C LEU H 2485 -65.46 47.40 -57.80
N HIS H 2486 -65.24 46.46 -56.87
CA HIS H 2486 -65.66 46.71 -55.48
C HIS H 2486 -64.92 47.88 -54.88
N LEU H 2487 -63.58 47.90 -54.97
CA LEU H 2487 -62.82 49.00 -54.41
C LEU H 2487 -63.17 50.31 -55.11
N LEU H 2488 -63.33 50.27 -56.44
CA LEU H 2488 -63.71 51.46 -57.17
C LEU H 2488 -65.04 52.01 -56.65
N GLU H 2489 -66.07 51.17 -56.61
CA GLU H 2489 -67.39 51.61 -56.19
C GLU H 2489 -67.39 52.14 -54.77
N VAL H 2490 -66.67 51.48 -53.86
CA VAL H 2490 -66.71 51.92 -52.46
C VAL H 2490 -65.96 53.24 -52.28
N GLY H 2491 -64.77 53.37 -52.89
CA GLY H 2491 -63.95 54.51 -52.55
C GLY H 2491 -63.59 55.52 -53.62
N PHE H 2492 -63.43 55.09 -54.87
CA PHE H 2492 -62.85 55.97 -55.88
C PHE H 2492 -63.93 56.77 -56.60
N LEU H 2493 -65.03 56.12 -56.98
CA LEU H 2493 -66.10 56.83 -57.68
C LEU H 2493 -66.67 57.98 -56.86
N PRO H 2494 -66.92 57.83 -55.56
CA PRO H 2494 -67.32 59.02 -54.78
C PRO H 2494 -66.30 60.15 -54.81
N ASP H 2495 -65.02 59.83 -54.80
CA ASP H 2495 -63.98 60.86 -54.88
C ASP H 2495 -64.05 61.58 -56.23
N LEU H 2496 -64.23 60.80 -57.31
CA LEU H 2496 -64.34 61.40 -58.64
C LEU H 2496 -65.58 62.29 -58.74
N ARG H 2497 -66.69 61.84 -58.13
CA ARG H 2497 -67.91 62.64 -58.14
C ARG H 2497 -67.72 63.94 -57.37
N ALA H 2498 -67.01 63.88 -56.24
CA ALA H 2498 -66.67 65.08 -55.49
C ALA H 2498 -65.80 66.04 -56.31
N ALA H 2499 -64.79 65.51 -56.99
CA ALA H 2499 -63.95 66.35 -57.84
C ALA H 2499 -64.77 66.99 -58.95
N ALA H 2500 -65.70 66.23 -59.53
CA ALA H 2500 -66.61 66.75 -60.56
C ALA H 2500 -67.53 67.84 -60.02
N SER H 2501 -68.05 67.70 -58.80
CA SER H 2501 -68.82 68.76 -58.17
C SER H 2501 -67.97 69.98 -57.81
N LEU H 2502 -66.65 69.80 -57.70
CA LEU H 2502 -65.73 70.94 -57.52
C LEU H 2502 -65.31 71.58 -58.85
N ASP H 2503 -66.09 71.42 -59.92
CA ASP H 2503 -65.63 71.84 -61.25
C ASP H 2503 -65.80 73.33 -61.48
N THR H 2504 -66.76 73.96 -60.80
CA THR H 2504 -67.02 75.38 -61.03
C THR H 2504 -65.80 76.21 -60.65
N ALA H 2505 -65.57 77.27 -61.42
CA ALA H 2505 -64.29 77.99 -61.36
C ALA H 2505 -64.02 78.55 -59.96
N ALA H 2506 -65.02 79.20 -59.36
CA ALA H 2506 -64.83 79.75 -58.02
C ALA H 2506 -64.56 78.64 -57.01
N LEU H 2507 -65.30 77.53 -57.14
CA LEU H 2507 -65.09 76.39 -56.25
C LEU H 2507 -63.82 75.63 -56.62
N SER H 2508 -63.44 75.67 -57.90
CA SER H 2508 -62.20 75.01 -58.33
C SER H 2508 -60.97 75.74 -57.81
N ALA H 2509 -61.10 77.06 -57.59
CA ALA H 2509 -59.96 77.84 -57.15
C ALA H 2509 -59.48 77.44 -55.76
N THR H 2510 -60.31 76.72 -55.00
CA THR H 2510 -59.91 76.30 -53.66
C THR H 2510 -58.74 75.34 -53.72
N ASP H 2511 -57.78 75.53 -52.81
CA ASP H 2511 -56.62 74.64 -52.74
C ASP H 2511 -57.03 73.22 -52.36
N MET H 2512 -58.19 73.06 -51.72
CA MET H 2512 -58.73 71.73 -51.47
C MET H 2512 -58.99 71.00 -52.78
N ALA H 2513 -59.60 71.69 -53.74
CA ALA H 2513 -59.82 71.10 -55.06
C ALA H 2513 -58.51 70.77 -55.74
N LEU H 2514 -57.52 71.65 -55.61
CA LEU H 2514 -56.21 71.41 -56.21
C LEU H 2514 -55.56 70.16 -55.64
N ALA H 2515 -55.60 70.01 -54.31
CA ALA H 2515 -55.02 68.83 -53.68
C ALA H 2515 -55.77 67.57 -54.08
N LEU H 2516 -57.10 67.64 -54.17
CA LEU H 2516 -57.87 66.48 -54.59
C LEU H 2516 -57.53 66.07 -56.01
N ASN H 2517 -57.43 67.04 -56.92
CA ASN H 2517 -57.05 66.73 -58.30
C ASN H 2517 -55.65 66.14 -58.37
N ARG H 2518 -54.72 66.70 -57.58
CA ARG H 2518 -53.38 66.15 -57.52
C ARG H 2518 -53.38 64.70 -57.09
N TYR H 2519 -54.10 64.38 -56.01
CA TYR H 2519 -54.20 63.00 -55.54
C TYR H 2519 -54.78 62.08 -56.61
N LEU H 2520 -55.89 62.50 -57.22
CA LEU H 2520 -56.53 61.63 -58.22
C LEU H 2520 -55.59 61.37 -59.39
N CYS H 2521 -55.05 62.43 -60.00
CA CYS H 2521 -54.18 62.27 -61.16
C CYS H 2521 -52.84 61.66 -60.83
N THR H 2522 -52.47 61.60 -59.55
CA THR H 2522 -51.20 60.98 -59.16
C THR H 2522 -51.37 59.50 -58.87
N ALA H 2523 -52.47 59.12 -58.20
CA ALA H 2523 -52.65 57.75 -57.73
C ALA H 2523 -53.74 57.00 -58.47
N VAL H 2524 -54.95 57.55 -58.52
CA VAL H 2524 -56.12 56.77 -58.93
C VAL H 2524 -56.08 56.52 -60.43
N LEU H 2525 -55.90 57.58 -61.21
CA LEU H 2525 -55.88 57.43 -62.66
C LEU H 2525 -54.73 56.56 -63.15
N PRO H 2526 -53.48 56.73 -62.69
CA PRO H 2526 -52.44 55.75 -63.06
C PRO H 2526 -52.78 54.33 -62.64
N LEU H 2527 -53.41 54.16 -61.47
CA LEU H 2527 -53.77 52.81 -61.02
C LEU H 2527 -54.82 52.19 -61.95
N LEU H 2528 -55.84 52.97 -62.32
CA LEU H 2528 -56.85 52.50 -63.25
C LEU H 2528 -56.31 52.29 -64.66
N THR H 2529 -55.25 53.01 -65.04
CA THR H 2529 -54.60 52.78 -66.33
C THR H 2529 -53.79 51.51 -66.34
N ARG H 2530 -53.08 51.22 -65.25
CA ARG H 2530 -52.36 49.96 -65.12
C ARG H 2530 -53.28 48.77 -64.96
N CYS H 2531 -54.46 48.95 -64.35
CA CYS H 2531 -55.45 47.90 -64.22
C CYS H 2531 -56.52 47.95 -65.30
N ALA H 2532 -56.23 48.65 -66.41
CA ALA H 2532 -57.20 48.76 -67.51
C ALA H 2532 -57.62 47.42 -68.10
N PRO H 2533 -56.72 46.46 -68.34
CA PRO H 2533 -57.17 45.19 -68.96
C PRO H 2533 -58.21 44.44 -68.14
N LEU H 2534 -58.27 44.67 -66.82
CA LEU H 2534 -59.26 43.98 -66.00
C LEU H 2534 -60.66 44.52 -66.24
N PHE H 2535 -60.77 45.61 -67.00
CA PHE H 2535 -62.07 46.23 -67.27
C PHE H 2535 -62.80 45.52 -68.41
N ALA H 2536 -62.39 44.29 -68.72
CA ALA H 2536 -62.92 43.59 -69.88
C ALA H 2536 -64.43 43.34 -69.75
N GLY H 2537 -64.85 42.74 -68.64
CA GLY H 2537 -66.23 42.35 -68.44
C GLY H 2537 -66.86 43.12 -67.29
N THR H 2538 -67.78 44.03 -67.64
CA THR H 2538 -68.52 44.81 -66.66
C THR H 2538 -70.01 44.82 -66.93
N GLU H 2539 -70.57 43.75 -67.51
CA GLU H 2539 -71.99 43.75 -67.87
C GLU H 2539 -72.87 43.73 -66.62
N HIS H 2540 -72.29 43.38 -65.47
CA HIS H 2540 -73.08 43.25 -64.25
C HIS H 2540 -73.05 44.54 -63.42
N HIS H 2541 -72.09 45.42 -63.69
CA HIS H 2541 -72.11 46.80 -63.18
C HIS H 2541 -71.89 47.77 -64.34
N ALA H 2542 -72.68 47.57 -65.40
CA ALA H 2542 -72.64 48.48 -66.55
C ALA H 2542 -72.96 49.91 -66.13
N SER H 2543 -73.96 50.06 -65.24
CA SER H 2543 -74.29 51.40 -64.75
C SER H 2543 -73.10 52.00 -63.99
N LEU H 2544 -72.41 51.19 -63.18
CA LEU H 2544 -71.27 51.68 -62.43
C LEU H 2544 -70.14 52.14 -63.36
N ILE H 2545 -69.83 51.36 -64.39
CA ILE H 2545 -68.74 51.75 -65.29
C ILE H 2545 -69.15 52.95 -66.13
N ASP H 2546 -70.44 53.05 -66.49
CA ASP H 2546 -70.92 54.24 -67.18
C ASP H 2546 -70.78 55.48 -66.31
N SER H 2547 -71.10 55.35 -65.01
CA SER H 2547 -70.88 56.47 -64.08
C SER H 2547 -69.41 56.84 -63.99
N LEU H 2548 -68.52 55.85 -63.96
CA LEU H 2548 -67.09 56.14 -63.99
C LEU H 2548 -66.72 56.94 -65.23
N LEU H 2549 -67.16 56.48 -66.40
CA LEU H 2549 -66.80 57.19 -67.63
C LEU H 2549 -67.34 58.62 -67.62
N HIS H 2550 -68.58 58.79 -67.16
CA HIS H 2550 -69.18 60.12 -67.12
C HIS H 2550 -68.41 61.05 -66.18
N THR H 2551 -68.06 60.57 -64.98
CA THR H 2551 -67.29 61.38 -64.05
C THR H 2551 -65.91 61.71 -64.59
N VAL H 2552 -65.24 60.73 -65.21
CA VAL H 2552 -63.91 60.96 -65.77
C VAL H 2552 -63.96 61.99 -66.89
N TYR H 2553 -64.97 61.91 -67.76
CA TYR H 2553 -65.09 62.89 -68.83
C TYR H 2553 -65.45 64.26 -68.29
N ARG H 2554 -66.22 64.34 -67.20
CA ARG H 2554 -66.48 65.62 -66.55
C ARG H 2554 -65.19 66.23 -66.00
N LEU H 2555 -64.36 65.41 -65.34
CA LEU H 2555 -63.07 65.91 -64.85
C LEU H 2555 -62.20 66.37 -66.00
N SER H 2556 -62.18 65.62 -67.10
CA SER H 2556 -61.46 66.01 -68.31
C SER H 2556 -61.93 67.33 -68.88
N LYS H 2557 -63.25 67.55 -68.95
CA LYS H 2557 -63.78 68.84 -69.39
C LYS H 2557 -63.46 69.96 -68.41
N GLY H 2558 -63.24 69.63 -67.14
CA GLY H 2558 -62.81 70.63 -66.18
C GLY H 2558 -61.49 71.26 -66.60
N CYS H 2559 -61.34 72.55 -66.28
CA CYS H 2559 -60.22 73.33 -66.79
C CYS H 2559 -59.21 73.70 -65.71
N SER H 2560 -59.47 73.41 -64.45
CA SER H 2560 -58.54 73.76 -63.39
C SER H 2560 -57.30 72.88 -63.35
N LEU H 2561 -57.28 71.79 -64.11
CA LEU H 2561 -56.17 70.85 -64.07
C LEU H 2561 -54.95 71.40 -64.78
N THR H 2562 -53.78 70.96 -64.34
CA THR H 2562 -52.53 71.31 -65.00
C THR H 2562 -52.40 70.54 -66.32
N LYS H 2563 -51.35 70.87 -67.08
CA LYS H 2563 -51.11 70.18 -68.34
C LYS H 2563 -50.82 68.70 -68.11
N ALA H 2564 -49.99 68.39 -67.11
CA ALA H 2564 -49.71 67.00 -66.78
C ALA H 2564 -50.96 66.28 -66.31
N GLN H 2565 -51.79 66.97 -65.52
CA GLN H 2565 -53.04 66.36 -65.06
C GLN H 2565 -53.96 66.06 -66.24
N ARG H 2566 -54.05 66.99 -67.21
CA ARG H 2566 -54.84 66.74 -68.41
C ARG H 2566 -54.29 65.56 -69.19
N ASP H 2567 -52.96 65.48 -69.31
CA ASP H 2567 -52.37 64.35 -70.01
C ASP H 2567 -52.72 63.03 -69.32
N SER H 2568 -52.63 63.00 -67.99
CA SER H 2568 -52.93 61.78 -67.25
C SER H 2568 -54.39 61.38 -67.40
N ILE H 2569 -55.31 62.36 -67.30
CA ILE H 2569 -56.73 62.04 -67.42
C ILE H 2569 -57.04 61.56 -68.84
N GLU H 2570 -56.42 62.18 -69.85
CA GLU H 2570 -56.64 61.74 -71.22
C GLU H 2570 -56.15 60.32 -71.44
N VAL H 2571 -54.94 60.00 -70.96
CA VAL H 2571 -54.41 58.65 -71.13
C VAL H 2571 -55.29 57.63 -70.42
N CYS H 2572 -55.69 57.94 -69.18
CA CYS H 2572 -56.54 57.02 -68.41
C CYS H 2572 -57.87 56.78 -69.12
N LEU H 2573 -58.51 57.85 -69.58
CA LEU H 2573 -59.80 57.70 -70.24
C LEU H 2573 -59.68 56.93 -71.55
N LEU H 2574 -58.67 57.25 -72.36
CA LEU H 2574 -58.52 56.55 -73.63
C LEU H 2574 -58.18 55.08 -73.43
N SER H 2575 -57.43 54.74 -72.38
CA SER H 2575 -57.17 53.34 -72.06
C SER H 2575 -58.43 52.63 -71.60
N ILE H 2576 -59.16 53.21 -70.65
CA ILE H 2576 -60.34 52.53 -70.12
C ILE H 2576 -61.37 52.31 -71.23
N CYS H 2577 -61.60 53.34 -72.04
CA CYS H 2577 -62.51 53.18 -73.17
C CYS H 2577 -61.92 52.27 -74.24
N GLY H 2578 -60.59 52.28 -74.38
CA GLY H 2578 -59.96 51.46 -75.39
CA GLY H 2578 -59.96 51.46 -75.39
C GLY H 2578 -60.16 49.97 -75.16
N GLN H 2579 -59.95 49.52 -73.91
CA GLN H 2579 -60.25 48.12 -73.62
C GLN H 2579 -61.70 47.92 -73.20
N LEU H 2580 -62.49 48.98 -73.15
CA LEU H 2580 -63.87 48.87 -72.69
C LEU H 2580 -64.75 48.14 -73.70
N ARG H 2581 -65.76 47.44 -73.19
CA ARG H 2581 -66.65 46.65 -74.03
C ARG H 2581 -67.51 47.57 -74.89
N PRO H 2582 -67.58 47.32 -76.21
CA PRO H 2582 -68.09 48.36 -77.13
C PRO H 2582 -69.51 48.84 -76.87
N SER H 2583 -70.41 47.99 -76.38
CA SER H 2583 -71.80 48.42 -76.26
C SER H 2583 -71.99 49.36 -75.07
N MET H 2584 -71.12 49.27 -74.07
CA MET H 2584 -71.33 49.98 -72.81
C MET H 2584 -71.14 51.48 -72.95
N MET H 2585 -70.40 51.92 -73.95
CA MET H 2585 -70.01 53.32 -74.14
C MET H 2585 -71.08 54.16 -74.80
N GLN H 2586 -72.34 53.71 -74.84
CA GLN H 2586 -73.38 54.44 -75.56
C GLN H 2586 -73.68 55.78 -74.89
N HIS H 2587 -73.84 55.77 -73.56
CA HIS H 2587 -74.10 57.01 -72.84
C HIS H 2587 -72.94 57.99 -72.98
N LEU H 2588 -71.71 57.48 -72.96
CA LEU H 2588 -70.56 58.36 -73.14
C LEU H 2588 -70.52 58.93 -74.55
N LEU H 2589 -70.87 58.14 -75.58
CA LEU H 2589 -70.98 58.73 -76.91
C LEU H 2589 -71.98 59.86 -76.92
N ARG H 2590 -73.19 59.61 -76.40
CA ARG H 2590 -74.25 60.59 -76.54
C ARG H 2590 -74.00 61.83 -75.69
N ARG H 2591 -73.18 61.70 -74.64
CA ARG H 2591 -72.70 62.91 -73.97
C ARG H 2591 -71.65 63.64 -74.81
N LEU H 2592 -70.79 62.89 -75.50
CA LEU H 2592 -69.76 63.52 -76.32
C LEU H 2592 -70.34 64.16 -77.58
N VAL H 2593 -71.55 63.75 -77.97
CA VAL H 2593 -72.08 64.10 -79.29
C VAL H 2593 -72.13 65.60 -79.49
N PHE H 2594 -72.62 66.34 -78.50
CA PHE H 2594 -72.74 67.79 -78.65
C PHE H 2594 -71.46 68.55 -78.29
N ASP H 2595 -70.57 67.95 -77.49
CA ASP H 2595 -69.32 68.60 -77.12
C ASP H 2595 -68.24 68.49 -78.17
N VAL H 2596 -68.26 67.46 -79.02
CA VAL H 2596 -67.27 67.31 -80.08
C VAL H 2596 -67.33 68.46 -81.08
N PRO H 2597 -68.50 68.86 -81.62
CA PRO H 2597 -68.52 69.88 -82.67
C PRO H 2597 -67.99 71.24 -82.24
N LEU H 2598 -67.86 71.49 -80.93
CA LEU H 2598 -67.31 72.75 -80.47
C LEU H 2598 -65.89 72.95 -80.99
N LEU H 2599 -65.11 71.87 -81.05
CA LEU H 2599 -63.70 71.91 -81.47
C LEU H 2599 -62.91 72.93 -80.67
N ASN H 2600 -63.15 72.99 -79.37
CA ASN H 2600 -62.40 73.87 -78.49
C ASN H 2600 -61.05 73.22 -78.17
N GLU H 2601 -60.32 73.79 -77.20
CA GLU H 2601 -59.06 73.18 -76.78
C GLU H 2601 -59.29 71.80 -76.18
N HIS H 2602 -60.44 71.60 -75.54
CA HIS H 2602 -60.74 70.34 -74.86
C HIS H 2602 -61.07 69.23 -75.84
N ALA H 2603 -61.29 69.58 -77.12
CA ALA H 2603 -61.91 68.66 -78.07
C ALA H 2603 -60.94 67.65 -78.68
N LYS H 2604 -59.63 67.84 -78.53
CA LYS H 2604 -58.68 66.87 -79.08
C LYS H 2604 -58.85 65.50 -78.45
N MET H 2605 -59.12 65.46 -77.14
CA MET H 2605 -59.37 64.18 -76.49
C MET H 2605 -60.63 63.50 -77.01
N PRO H 2606 -61.78 64.18 -77.15
CA PRO H 2606 -62.91 63.54 -77.83
C PRO H 2606 -62.60 63.09 -79.24
N LEU H 2607 -61.83 63.85 -80.01
CA LEU H 2607 -61.49 63.42 -81.36
C LEU H 2607 -60.67 62.15 -81.35
N LYS H 2608 -59.65 62.08 -80.48
CA LYS H 2608 -58.84 60.87 -80.40
C LYS H 2608 -59.65 59.67 -79.92
N LEU H 2609 -60.53 59.88 -78.93
CA LEU H 2609 -61.38 58.80 -78.46
C LEU H 2609 -62.30 58.29 -79.57
N LEU H 2610 -62.93 59.22 -80.31
CA LEU H 2610 -63.75 58.85 -81.44
C LEU H 2610 -62.95 58.00 -82.42
N THR H 2611 -61.77 58.48 -82.82
CA THR H 2611 -60.94 57.78 -83.78
C THR H 2611 -60.62 56.36 -83.31
N ASN H 2612 -60.09 56.23 -82.09
CA ASN H 2612 -59.60 54.93 -81.66
C ASN H 2612 -60.73 53.94 -81.46
N HIS H 2613 -61.83 54.36 -80.83
CA HIS H 2613 -62.87 53.38 -80.52
C HIS H 2613 -63.63 52.99 -81.79
N TYR H 2614 -63.81 53.94 -82.73
CA TYR H 2614 -64.43 53.56 -83.99
C TYR H 2614 -63.53 52.66 -84.83
N GLU H 2615 -62.22 52.94 -84.88
CA GLU H 2615 -61.30 52.03 -85.55
C GLU H 2615 -61.29 50.64 -84.91
N ARG H 2616 -61.39 50.56 -83.58
CA ARG H 2616 -61.54 49.26 -82.94
C ARG H 2616 -62.83 48.57 -83.38
N CYS H 2617 -63.95 49.30 -83.35
CA CYS H 2617 -65.23 48.77 -83.82
C CYS H 2617 -65.48 49.10 -85.28
N TRP H 2618 -64.49 48.88 -86.14
CA TRP H 2618 -64.70 48.97 -87.59
C TRP H 2618 -65.55 47.79 -88.08
N LYS H 2619 -65.20 46.57 -87.67
CA LYS H 2619 -65.99 45.40 -88.04
C LYS H 2619 -67.39 45.45 -87.44
N TYR H 2620 -67.50 45.87 -86.17
CA TYR H 2620 -68.71 45.65 -85.39
C TYR H 2620 -69.90 46.41 -85.97
N TYR H 2621 -69.75 47.71 -86.19
CA TYR H 2621 -70.90 48.53 -86.55
C TYR H 2621 -71.26 48.37 -88.02
N CYS H 2622 -70.32 47.88 -88.83
CA CYS H 2622 -70.60 47.66 -90.24
C CYS H 2622 -71.33 46.35 -90.47
N LEU H 2623 -70.83 45.27 -89.87
CA LEU H 2623 -71.44 43.97 -90.05
C LEU H 2623 -72.83 43.96 -89.44
N PRO H 2624 -73.85 43.53 -90.16
CA PRO H 2624 -75.19 43.41 -89.54
C PRO H 2624 -75.19 42.47 -88.35
N GLY H 2625 -74.35 41.44 -88.37
CA GLY H 2625 -74.21 40.59 -87.20
C GLY H 2625 -73.24 41.15 -86.18
N GLY H 2626 -72.31 42.00 -86.63
CA GLY H 2626 -71.29 42.52 -85.74
C GLY H 2626 -70.37 41.40 -85.28
N TRP H 2627 -69.79 41.59 -84.10
CA TRP H 2627 -69.09 40.49 -83.44
C TRP H 2627 -70.11 39.68 -82.65
N GLY H 2628 -70.19 38.37 -82.92
CA GLY H 2628 -71.23 37.54 -82.37
C GLY H 2628 -71.31 37.56 -80.86
N ASN H 2629 -70.14 37.59 -80.21
CA ASN H 2629 -70.11 37.62 -78.76
C ASN H 2629 -70.58 38.98 -78.26
N PHE H 2630 -70.17 40.06 -78.93
CA PHE H 2630 -70.55 41.42 -78.58
C PHE H 2630 -71.83 41.88 -79.28
N GLY H 2631 -72.44 41.02 -80.09
CA GLY H 2631 -73.69 41.39 -80.72
C GLY H 2631 -73.49 42.30 -81.92
N ALA H 2632 -74.38 43.27 -82.09
CA ALA H 2632 -74.34 44.15 -83.25
C ALA H 2632 -74.85 45.53 -82.86
N ALA H 2633 -75.08 46.37 -83.86
CA ALA H 2633 -75.51 47.73 -83.63
C ALA H 2633 -76.97 47.79 -83.21
N SER H 2634 -77.33 48.91 -82.57
CA SER H 2634 -78.70 49.17 -82.14
C SER H 2634 -79.40 50.22 -83.01
N GLU H 2635 -78.64 50.87 -83.91
CA GLU H 2635 -79.11 51.87 -84.86
C GLU H 2635 -79.44 53.20 -84.18
N GLU H 2636 -79.56 53.20 -82.85
CA GLU H 2636 -79.67 54.47 -82.14
C GLU H 2636 -78.32 55.16 -82.11
N GLU H 2637 -77.27 54.41 -81.78
CA GLU H 2637 -75.92 54.94 -81.88
C GLU H 2637 -75.55 55.25 -83.33
N LEU H 2638 -76.18 54.55 -84.28
CA LEU H 2638 -75.93 54.84 -85.69
C LEU H 2638 -76.52 56.19 -86.08
N HIS H 2639 -77.75 56.46 -85.66
CA HIS H 2639 -78.35 57.78 -85.85
C HIS H 2639 -77.53 58.87 -85.15
N LEU H 2640 -77.03 58.59 -83.95
CA LEU H 2640 -76.16 59.53 -83.25
C LEU H 2640 -74.85 59.76 -84.00
N SER H 2641 -74.28 58.70 -84.58
CA SER H 2641 -72.97 58.80 -85.22
C SER H 2641 -73.06 59.50 -86.57
N ARG H 2642 -74.18 59.35 -87.27
CA ARG H 2642 -74.36 60.14 -88.49
C ARG H 2642 -74.44 61.62 -88.16
N LYS H 2643 -75.13 61.98 -87.07
CA LYS H 2643 -75.13 63.36 -86.60
C LYS H 2643 -73.72 63.80 -86.23
N LEU H 2644 -72.96 62.93 -85.56
CA LEU H 2644 -71.56 63.22 -85.27
C LEU H 2644 -70.80 63.57 -86.54
N PHE H 2645 -70.87 62.71 -87.54
CA PHE H 2645 -70.12 62.91 -88.77
C PHE H 2645 -70.53 64.21 -89.46
N TRP H 2646 -71.83 64.45 -89.57
CA TRP H 2646 -72.30 65.64 -90.26
C TRP H 2646 -71.92 66.91 -89.50
N GLY H 2647 -72.14 66.93 -88.19
CA GLY H 2647 -71.77 68.10 -87.41
C GLY H 2647 -70.29 68.41 -87.49
N ILE H 2648 -69.46 67.39 -87.30
CA ILE H 2648 -68.01 67.60 -87.36
C ILE H 2648 -67.61 68.09 -88.75
N PHE H 2649 -68.11 67.43 -89.79
CA PHE H 2649 -67.69 67.76 -91.15
C PHE H 2649 -68.10 69.18 -91.53
N ASP H 2650 -69.36 69.53 -91.29
CA ASP H 2650 -69.83 70.88 -91.64
C ASP H 2650 -69.13 71.95 -90.80
N ALA H 2651 -68.96 71.70 -89.50
CA ALA H 2651 -68.26 72.67 -88.67
C ALA H 2651 -66.85 72.90 -89.19
N LEU H 2652 -66.08 71.83 -89.36
CA LEU H 2652 -64.71 71.92 -89.87
C LEU H 2652 -64.68 72.62 -91.23
N SER H 2653 -65.70 72.40 -92.06
CA SER H 2653 -65.76 73.08 -93.34
C SER H 2653 -65.93 74.58 -93.18
N GLN H 2654 -66.81 75.02 -92.26
CA GLN H 2654 -67.07 76.44 -92.13
C GLN H 2654 -66.05 77.18 -91.27
N LYS H 2655 -65.22 76.50 -90.50
CA LYS H 2655 -64.38 77.21 -89.54
C LYS H 2655 -62.90 76.95 -89.76
N LYS H 2656 -62.08 77.86 -89.22
CA LYS H 2656 -60.76 78.19 -89.76
C LYS H 2656 -59.81 77.00 -89.72
N TYR H 2657 -58.94 76.94 -90.73
CA TYR H 2657 -57.99 75.84 -90.89
C TYR H 2657 -56.87 75.90 -89.86
N GLU H 2658 -56.85 74.92 -88.95
CA GLU H 2658 -55.74 74.71 -88.04
C GLU H 2658 -55.13 73.36 -88.41
N GLN H 2659 -53.85 73.36 -88.77
CA GLN H 2659 -53.21 72.18 -89.34
C GLN H 2659 -53.23 70.99 -88.39
N GLU H 2660 -52.83 71.20 -87.13
CA GLU H 2660 -52.76 70.10 -86.17
C GLU H 2660 -54.16 69.56 -85.85
N LEU H 2661 -55.10 70.45 -85.55
CA LEU H 2661 -56.43 70.01 -85.18
C LEU H 2661 -57.10 69.27 -86.32
N PHE H 2662 -56.88 69.72 -87.56
CA PHE H 2662 -57.55 69.04 -88.66
C PHE H 2662 -56.80 67.82 -89.18
N LYS H 2663 -55.51 67.67 -88.87
CA LYS H 2663 -54.95 66.35 -89.13
C LYS H 2663 -55.33 65.37 -88.04
N LEU H 2664 -55.70 65.87 -86.86
CA LEU H 2664 -56.20 64.99 -85.80
C LEU H 2664 -57.65 64.60 -86.05
N ALA H 2665 -58.44 65.50 -86.62
CA ALA H 2665 -59.86 65.24 -86.81
C ALA H 2665 -60.14 64.43 -88.08
N LEU H 2666 -59.23 64.46 -89.05
CA LEU H 2666 -59.40 63.71 -90.29
C LEU H 2666 -59.54 62.20 -90.05
N PRO H 2667 -58.66 61.57 -89.24
CA PRO H 2667 -58.86 60.14 -88.94
C PRO H 2667 -60.18 59.88 -88.21
N CYS H 2668 -60.63 60.85 -87.41
CA CYS H 2668 -61.93 60.71 -86.76
C CYS H 2668 -63.05 60.63 -87.78
N LEU H 2669 -63.04 61.55 -88.76
CA LEU H 2669 -64.02 61.49 -89.83
C LEU H 2669 -63.92 60.19 -90.62
N SER H 2670 -62.69 59.74 -90.90
CA SER H 2670 -62.52 58.49 -91.63
C SER H 2670 -63.12 57.32 -90.86
N ALA H 2671 -62.85 57.26 -89.55
CA ALA H 2671 -63.35 56.16 -88.73
C ALA H 2671 -64.88 56.18 -88.66
N VAL H 2672 -65.46 57.37 -88.46
CA VAL H 2672 -66.92 57.45 -88.40
C VAL H 2672 -67.54 57.06 -89.74
N ALA H 2673 -66.98 57.57 -90.84
CA ALA H 2673 -67.53 57.27 -92.15
C ALA H 2673 -67.45 55.78 -92.46
N GLY H 2674 -66.31 55.16 -92.12
CA GLY H 2674 -66.19 53.73 -92.31
C GLY H 2674 -67.16 52.93 -91.46
N ALA H 2675 -67.25 53.27 -90.17
CA ALA H 2675 -68.10 52.52 -89.25
C ALA H 2675 -69.57 52.64 -89.64
N LEU H 2676 -70.00 53.81 -90.08
CA LEU H 2676 -71.37 53.97 -90.54
C LEU H 2676 -71.62 53.12 -91.78
N PRO H 2677 -72.60 52.24 -91.76
CA PRO H 2677 -72.91 51.46 -92.96
C PRO H 2677 -73.40 52.36 -94.08
N PRO H 2678 -72.74 52.33 -95.24
CA PRO H 2678 -73.22 53.13 -96.38
C PRO H 2678 -74.62 52.76 -96.80
N ASP H 2679 -74.97 51.48 -96.69
CA ASP H 2679 -76.29 51.02 -97.06
C ASP H 2679 -77.36 51.44 -96.06
N TYR H 2680 -76.99 52.03 -94.93
CA TYR H 2680 -77.92 52.32 -93.84
C TYR H 2680 -79.13 53.15 -94.25
N MET H 2681 -80.31 52.71 -93.85
CA MET H 2681 -81.57 53.37 -94.17
C MET H 2681 -81.85 54.44 -93.13
N GLU H 2682 -81.73 55.70 -93.52
CA GLU H 2682 -82.15 56.75 -92.60
C GLU H 2682 -83.66 56.66 -92.41
N SER H 2683 -84.08 56.10 -91.28
CA SER H 2683 -85.49 55.89 -91.01
C SER H 2683 -86.21 57.23 -90.88
N ASN H 2684 -87.44 57.28 -91.39
CA ASN H 2684 -88.28 58.45 -91.17
C ASN H 2684 -88.62 58.58 -89.70
N TYR H 2685 -88.59 57.46 -88.97
CA TYR H 2685 -88.79 57.46 -87.53
C TYR H 2685 -87.44 57.23 -86.85
N VAL H 2686 -86.90 58.28 -86.23
CA VAL H 2686 -85.59 58.21 -85.59
C VAL H 2686 -85.76 58.50 -84.11
N SER H 2687 -84.64 58.59 -83.39
CA SER H 2687 -84.68 58.89 -81.97
C SER H 2687 -85.20 60.30 -81.73
N MET H 2688 -86.25 60.41 -80.92
CA MET H 2688 -86.91 61.68 -80.67
C MET H 2688 -87.17 61.84 -79.19
N MET H 2689 -87.81 62.96 -78.81
CA MET H 2689 -87.85 63.45 -77.43
C MET H 2689 -86.47 63.43 -76.78
N GLU H 2690 -85.47 64.04 -77.41
CA GLU H 2690 -84.10 63.97 -76.92
C GLU H 2690 -83.96 64.52 -75.50
N LYS H 2691 -83.63 63.60 -74.60
CA LYS H 2691 -83.31 63.90 -73.23
C LYS H 2691 -82.32 65.07 -73.14
N GLN H 2692 -82.82 66.17 -72.58
CA GLN H 2692 -82.14 67.46 -72.61
C GLN H 2692 -81.29 67.72 -71.38
N SER H 2693 -81.36 66.85 -70.37
CA SER H 2693 -80.54 67.03 -69.18
C SER H 2693 -79.07 67.07 -69.55
N SER H 2694 -78.64 66.17 -70.44
CA SER H 2694 -77.30 66.22 -70.99
C SER H 2694 -77.10 67.38 -71.96
N MET H 2695 -78.19 67.95 -72.48
CA MET H 2695 -78.13 69.08 -73.40
C MET H 2695 -78.08 70.44 -72.70
N ASP H 2696 -77.74 70.47 -71.41
CA ASP H 2696 -77.46 71.76 -70.78
C ASP H 2696 -76.12 72.28 -71.28
N SER H 2697 -76.10 73.56 -71.69
CA SER H 2697 -74.93 74.11 -72.35
C SER H 2697 -73.71 74.10 -71.43
N GLU H 2698 -73.94 74.26 -70.12
CA GLU H 2698 -72.87 74.25 -69.13
C GLU H 2698 -73.19 73.19 -68.07
N GLY H 2699 -72.22 72.31 -67.82
CA GLY H 2699 -72.37 71.28 -66.82
C GLY H 2699 -73.30 70.15 -67.20
N ASN H 2700 -73.78 70.12 -68.46
CA ASN H 2700 -74.62 69.04 -69.02
C ASN H 2700 -75.64 68.50 -68.03
N PHE H 2701 -76.29 69.40 -67.29
CA PHE H 2701 -77.33 69.02 -66.34
C PHE H 2701 -78.42 70.09 -66.32
N ASN H 2702 -79.46 69.90 -67.11
CA ASN H 2702 -80.68 70.70 -67.03
C ASN H 2702 -81.85 69.75 -66.94
N PRO H 2703 -82.28 69.36 -65.73
CA PRO H 2703 -83.21 68.24 -65.58
C PRO H 2703 -84.68 68.64 -65.62
N GLN H 2704 -85.08 69.32 -66.69
CA GLN H 2704 -86.49 69.67 -66.82
C GLN H 2704 -87.26 68.43 -67.27
N PRO H 2705 -88.34 68.06 -66.60
CA PRO H 2705 -89.15 66.92 -67.05
C PRO H 2705 -90.19 67.37 -68.06
N VAL H 2706 -90.95 66.41 -68.57
CA VAL H 2706 -92.04 66.68 -69.50
C VAL H 2706 -93.27 67.09 -68.70
N ASP H 2707 -93.76 68.29 -68.94
CA ASP H 2707 -94.93 68.79 -68.23
C ASP H 2707 -96.16 67.96 -68.58
N THR H 2708 -96.97 67.67 -67.56
CA THR H 2708 -98.16 66.84 -67.75
C THR H 2708 -99.42 67.40 -67.12
N SER H 2709 -99.42 68.67 -66.69
CA SER H 2709 -100.63 69.24 -66.08
C SER H 2709 -101.75 69.37 -67.09
N ASN H 2710 -101.42 69.55 -68.37
CA ASN H 2710 -102.44 69.77 -69.39
C ASN H 2710 -103.32 68.54 -69.57
N ILE H 2711 -102.72 67.35 -69.57
CA ILE H 2711 -103.47 66.12 -69.83
C ILE H 2711 -104.26 65.73 -68.59
N THR H 2712 -105.28 64.89 -68.78
CA THR H 2712 -106.15 64.47 -67.69
C THR H 2712 -106.39 62.97 -67.77
N ILE H 2713 -106.33 62.31 -66.62
CA ILE H 2713 -106.55 60.86 -66.53
C ILE H 2713 -108.00 60.56 -66.87
N PRO H 2714 -108.28 59.48 -67.61
CA PRO H 2714 -109.69 59.15 -67.92
C PRO H 2714 -110.37 58.37 -66.81
N GLU H 2715 -111.61 57.95 -67.07
CA GLU H 2715 -112.46 57.44 -65.99
C GLU H 2715 -112.24 55.96 -65.70
N LYS H 2716 -111.88 55.16 -66.71
CA LYS H 2716 -111.73 53.72 -66.47
C LYS H 2716 -110.55 53.42 -65.55
N LEU H 2717 -109.67 54.41 -65.35
CA LEU H 2717 -108.49 54.20 -64.52
C LEU H 2717 -108.78 54.36 -63.03
N GLU H 2718 -110.01 54.70 -62.65
CA GLU H 2718 -110.28 54.91 -61.23
C GLU H 2718 -110.23 53.59 -60.46
N TYR H 2719 -110.64 52.49 -61.08
CA TYR H 2719 -110.54 51.19 -60.42
C TYR H 2719 -109.08 50.77 -60.27
N PHE H 2720 -108.26 51.03 -61.29
CA PHE H 2720 -106.81 50.87 -61.15
C PHE H 2720 -106.26 51.72 -60.02
N ILE H 2721 -106.74 52.95 -59.89
CA ILE H 2721 -106.28 53.84 -58.82
C ILE H 2721 -106.63 53.26 -57.47
N ASN H 2722 -107.87 52.78 -57.30
CA ASN H 2722 -108.27 52.19 -56.03
C ASN H 2722 -107.45 50.95 -55.70
N LYS H 2723 -107.19 50.09 -56.69
CA LYS H 2723 -106.46 48.86 -56.43
C LYS H 2723 -104.99 49.17 -56.11
N TYR H 2724 -104.40 50.15 -56.79
CA TYR H 2724 -103.00 50.46 -56.54
C TYR H 2724 -102.83 51.20 -55.22
N ALA H 2725 -103.84 52.00 -54.83
CA ALA H 2725 -103.84 52.59 -53.50
C ALA H 2725 -104.05 51.53 -52.43
N GLU H 2726 -104.82 50.49 -52.75
CA GLU H 2726 -104.91 49.33 -51.87
C GLU H 2726 -103.54 48.70 -51.68
N HIS H 2727 -102.79 48.49 -52.76
CA HIS H 2727 -101.42 47.98 -52.65
C HIS H 2727 -100.54 48.90 -51.82
N SER H 2728 -100.66 50.21 -52.01
CA SER H 2728 -99.87 51.15 -51.21
C SER H 2728 -100.22 51.07 -49.73
N HIS H 2729 -101.51 51.02 -49.40
CA HIS H 2729 -101.93 50.86 -48.01
C HIS H 2729 -101.45 49.53 -47.45
N ASP H 2730 -101.42 48.48 -48.27
CA ASP H 2730 -100.89 47.21 -47.81
C ASP H 2730 -99.40 47.26 -47.51
N LYS H 2731 -98.59 47.78 -48.43
CA LYS H 2731 -97.16 47.83 -48.15
C LYS H 2731 -96.87 48.78 -47.00
N TRP H 2732 -97.74 49.75 -46.70
CA TRP H 2732 -97.44 50.54 -45.50
C TRP H 2732 -98.02 49.87 -44.25
N SER H 2733 -99.02 48.99 -44.41
CA SER H 2733 -99.34 48.09 -43.29
C SER H 2733 -98.13 47.26 -42.91
N MET H 2734 -97.44 46.70 -43.91
CA MET H 2734 -96.21 45.99 -43.62
C MET H 2734 -95.11 46.93 -43.12
N ASP H 2735 -95.04 48.16 -43.62
CA ASP H 2735 -94.01 49.08 -43.14
C ASP H 2735 -94.20 49.42 -41.67
N LYS H 2736 -95.44 49.72 -41.27
CA LYS H 2736 -95.69 50.03 -39.87
C LYS H 2736 -95.49 48.82 -38.98
N LEU H 2737 -95.86 47.63 -39.47
CA LEU H 2737 -95.59 46.43 -38.69
C LEU H 2737 -94.09 46.19 -38.54
N ALA H 2738 -93.32 46.47 -39.61
CA ALA H 2738 -91.89 46.16 -39.58
C ALA H 2738 -91.12 47.10 -38.67
N ASN H 2739 -91.35 48.41 -38.77
CA ASN H 2739 -90.67 49.34 -37.88
C ASN H 2739 -91.33 49.42 -36.51
N GLY H 2740 -92.48 48.74 -36.32
CA GLY H 2740 -92.96 48.49 -34.98
C GLY H 2740 -94.26 49.15 -34.59
N TRP H 2741 -94.80 50.03 -35.43
CA TRP H 2741 -95.98 50.80 -35.04
C TRP H 2741 -97.24 49.93 -35.02
N ILE H 2742 -98.11 50.15 -34.02
CA ILE H 2742 -99.35 49.39 -33.86
C ILE H 2742 -100.53 50.35 -33.71
N TYR H 2743 -101.75 49.79 -33.70
CA TYR H 2743 -102.97 50.58 -33.63
C TYR H 2743 -103.09 51.36 -32.33
N GLY H 2744 -103.66 52.57 -32.42
CA GLY H 2744 -103.92 53.41 -31.28
C GLY H 2744 -104.81 54.59 -31.64
N GLU H 2745 -104.85 55.55 -30.71
CA GLU H 2745 -105.71 56.71 -30.91
C GLU H 2745 -105.10 57.71 -31.89
N ILE H 2746 -103.81 58.02 -31.73
CA ILE H 2746 -103.14 59.06 -32.52
C ILE H 2746 -101.76 58.54 -32.90
N TYR H 2747 -101.14 59.18 -33.90
CA TYR H 2747 -99.88 58.65 -34.41
C TYR H 2747 -98.72 59.13 -33.54
N SER H 2748 -97.80 58.21 -33.21
CA SER H 2748 -96.71 58.50 -32.28
C SER H 2748 -95.49 57.66 -32.63
N ASP H 2749 -94.35 58.31 -32.83
CA ASP H 2749 -93.10 57.58 -33.03
C ASP H 2749 -92.48 57.17 -31.69
N SER H 2750 -93.03 57.69 -30.59
CA SER H 2750 -92.45 57.42 -29.27
C SER H 2750 -92.72 55.98 -28.82
N SER H 2751 -94.00 55.61 -28.73
CA SER H 2751 -94.39 54.30 -28.22
C SER H 2751 -94.82 53.34 -29.32
N LYS H 2752 -94.54 53.67 -30.57
CA LYS H 2752 -94.88 52.81 -31.72
C LYS H 2752 -96.37 52.49 -31.71
N VAL H 2753 -97.17 53.54 -31.55
CA VAL H 2753 -98.63 53.46 -31.52
C VAL H 2753 -99.16 54.39 -32.63
N GLN H 2754 -100.02 53.87 -33.48
CA GLN H 2754 -100.14 54.46 -34.82
C GLN H 2754 -101.41 53.97 -35.51
N PRO H 2755 -102.36 54.87 -35.81
CA PRO H 2755 -103.79 54.51 -35.83
C PRO H 2755 -104.32 53.99 -37.16
N LEU H 2756 -103.46 53.73 -38.13
CA LEU H 2756 -103.86 53.45 -39.50
C LEU H 2756 -104.20 51.99 -39.72
N MET H 2757 -104.48 51.26 -38.65
CA MET H 2757 -104.95 49.89 -38.79
C MET H 2757 -106.24 49.80 -39.59
N LYS H 2758 -107.01 50.88 -39.64
CA LYS H 2758 -108.30 50.89 -40.31
C LYS H 2758 -108.13 50.60 -41.80
N PRO H 2759 -109.12 49.92 -42.41
CA PRO H 2759 -108.98 49.53 -43.81
C PRO H 2759 -109.08 50.69 -44.80
N TYR H 2760 -108.66 50.38 -46.03
CA TYR H 2760 -108.70 51.32 -47.14
C TYR H 2760 -110.11 51.74 -47.49
N LYS H 2761 -111.08 50.81 -47.38
CA LYS H 2761 -112.45 51.12 -47.72
C LYS H 2761 -112.98 52.29 -46.89
N LEU H 2762 -112.71 52.27 -45.59
CA LEU H 2762 -113.15 53.33 -44.69
C LEU H 2762 -112.09 54.40 -44.44
N LEU H 2763 -110.94 54.35 -45.08
CA LEU H 2763 -109.96 55.40 -44.83
C LEU H 2763 -110.45 56.74 -45.39
N SER H 2764 -110.13 57.80 -44.65
CA SER H 2764 -110.53 59.15 -44.99
C SER H 2764 -109.88 59.60 -46.29
N GLU H 2765 -110.67 60.32 -47.11
CA GLU H 2765 -110.25 60.57 -48.49
C GLU H 2765 -109.15 61.62 -48.54
N LYS H 2766 -109.09 62.52 -47.55
CA LYS H 2766 -107.92 63.37 -47.38
C LYS H 2766 -106.66 62.52 -47.22
N GLU H 2767 -106.67 61.59 -46.26
CA GLU H 2767 -105.53 60.70 -46.09
C GLU H 2767 -105.39 59.78 -47.29
N LYS H 2768 -106.49 59.46 -47.95
CA LYS H 2768 -106.41 58.75 -49.22
C LYS H 2768 -105.78 59.63 -50.29
N GLU H 2769 -106.09 60.94 -50.30
CA GLU H 2769 -105.54 61.82 -51.33
C GLU H 2769 -104.04 61.99 -51.16
N ILE H 2770 -103.55 61.83 -49.93
CA ILE H 2770 -102.11 61.82 -49.69
C ILE H 2770 -101.46 60.69 -50.49
N TYR H 2771 -102.17 59.56 -50.62
CA TYR H 2771 -101.68 58.49 -51.47
C TYR H 2771 -101.94 58.77 -52.96
N ARG H 2772 -103.06 59.43 -53.28
CA ARG H 2772 -103.33 59.76 -54.68
C ARG H 2772 -102.20 60.60 -55.28
N TRP H 2773 -101.78 61.64 -54.57
CA TRP H 2773 -101.07 62.73 -55.24
C TRP H 2773 -99.78 62.23 -55.90
N PRO H 2774 -98.95 61.44 -55.23
CA PRO H 2774 -97.87 60.76 -55.96
C PRO H 2774 -98.38 59.85 -57.07
N ILE H 2775 -99.41 59.05 -56.78
CA ILE H 2775 -99.99 58.17 -57.80
C ILE H 2775 -100.60 58.99 -58.93
N LYS H 2776 -101.28 60.08 -58.60
CA LYS H 2776 -101.90 60.93 -59.60
C LYS H 2776 -100.85 61.54 -60.52
N GLU H 2777 -99.76 62.07 -59.95
CA GLU H 2777 -98.70 62.65 -60.76
C GLU H 2777 -97.99 61.59 -61.61
N SER H 2778 -97.78 60.40 -61.03
CA SER H 2778 -97.16 59.32 -61.80
C SER H 2778 -98.01 58.93 -62.99
N LEU H 2779 -99.32 58.82 -62.77
CA LEU H 2779 -100.23 58.44 -63.87
C LEU H 2779 -100.31 59.56 -64.91
N LYS H 2780 -100.29 60.82 -64.47
CA LYS H 2780 -100.31 61.93 -65.42
C LYS H 2780 -99.04 61.93 -66.28
N THR H 2781 -97.88 61.74 -65.66
CA THR H 2781 -96.65 61.65 -66.42
C THR H 2781 -96.63 60.44 -67.34
N MET H 2782 -97.23 59.34 -66.91
CA MET H 2782 -97.39 58.17 -67.77
C MET H 2782 -98.25 58.49 -68.99
N LEU H 2783 -99.34 59.22 -68.80
CA LEU H 2783 -100.26 59.48 -69.90
C LEU H 2783 -99.70 60.53 -70.85
N ALA H 2784 -98.95 61.51 -70.35
CA ALA H 2784 -98.42 62.56 -71.22
C ALA H 2784 -97.38 62.02 -72.18
N TRP H 2785 -96.63 61.00 -71.76
CA TRP H 2785 -95.62 60.43 -72.64
C TRP H 2785 -96.29 59.78 -73.83
N GLY H 2786 -97.59 59.51 -73.74
CA GLY H 2786 -98.37 58.95 -74.83
C GLY H 2786 -98.60 57.47 -74.77
N TRP H 2787 -98.26 56.80 -73.67
CA TRP H 2787 -98.25 55.34 -73.66
C TRP H 2787 -99.69 54.84 -73.80
N ARG H 2788 -99.95 54.04 -74.83
CA ARG H 2788 -101.30 53.48 -74.99
C ARG H 2788 -101.56 52.44 -73.90
N ILE H 2789 -102.71 52.54 -73.26
CA ILE H 2789 -103.11 51.61 -72.20
C ILE H 2789 -104.36 50.87 -72.65
N GLU H 2790 -104.29 49.53 -72.67
CA GLU H 2790 -105.39 48.70 -73.14
C GLU H 2790 -105.89 47.78 -72.04
N ARG H 2791 -107.18 47.49 -72.06
CA ARG H 2791 -107.90 46.84 -70.98
C ARG H 2791 -108.26 45.42 -71.38
N THR H 2792 -108.05 44.48 -70.45
CA THR H 2792 -108.23 43.07 -70.71
C THR H 2792 -109.40 42.52 -69.88
N ARG H 2793 -109.68 41.23 -70.06
CA ARG H 2793 -110.82 40.62 -69.37
C ARG H 2793 -110.48 40.25 -67.93
N GLU H 2794 -109.19 40.10 -67.62
CA GLU H 2794 -108.79 39.87 -66.23
C GLU H 2794 -109.27 40.99 -65.33
N GLY H 2795 -109.44 42.20 -65.87
CA GLY H 2795 -109.97 43.30 -65.07
C GLY H 2795 -111.41 43.07 -64.65
N ASP H 2796 -112.26 42.65 -65.57
CA ASP H 2796 -113.65 42.39 -65.20
C ASP H 2796 -113.77 41.08 -64.43
N SER H 2797 -112.72 40.25 -64.45
CA SER H 2797 -112.68 39.12 -63.54
C SER H 2797 -112.81 39.63 -62.11
N MET H 2798 -112.09 40.73 -61.81
CA MET H 2798 -112.17 41.35 -60.49
C MET H 2798 -113.60 41.82 -60.19
N ALA H 2799 -114.25 42.44 -61.18
CA ALA H 2799 -115.61 42.92 -60.97
C ALA H 2799 -116.57 41.79 -60.66
N LEU H 2800 -116.44 40.67 -61.39
CA LEU H 2800 -117.28 39.51 -61.08
C LEU H 2800 -116.93 38.92 -59.72
N TYR H 2801 -115.66 39.01 -59.32
CA TYR H 2801 -115.27 38.51 -58.00
C TYR H 2801 -115.94 39.32 -56.90
N ASN H 2802 -116.01 40.64 -57.07
CA ASN H 2802 -116.68 41.49 -56.10
C ASN H 2802 -118.19 41.28 -56.14
N GLY H 2820 -110.48 45.87 -38.58
CA GLY H 2820 -110.09 45.97 -39.98
C GLY H 2820 -109.64 44.65 -40.56
N TYR H 2821 -108.67 44.70 -41.48
CA TYR H 2821 -108.11 43.48 -42.04
C TYR H 2821 -106.59 43.57 -42.01
N SER H 2822 -105.95 42.41 -42.13
CA SER H 2822 -104.52 42.33 -42.29
C SER H 2822 -104.22 42.11 -43.77
N PRO H 2823 -103.53 43.03 -44.45
CA PRO H 2823 -103.09 42.73 -45.83
C PRO H 2823 -102.23 41.47 -45.82
N ARG H 2824 -102.77 40.41 -46.41
CA ARG H 2824 -102.17 39.10 -46.24
C ARG H 2824 -101.13 38.84 -47.32
N ALA H 2825 -100.20 37.92 -47.03
CA ALA H 2825 -98.97 37.77 -47.79
C ALA H 2825 -99.21 37.70 -49.29
N ILE H 2826 -98.73 38.72 -49.98
CA ILE H 2826 -98.64 38.78 -51.43
C ILE H 2826 -97.22 38.49 -51.84
N ASP H 2827 -97.03 38.05 -53.09
CA ASP H 2827 -95.72 37.60 -53.58
C ASP H 2827 -95.34 38.40 -54.84
N MET H 2828 -94.52 39.45 -54.66
CA MET H 2828 -94.23 40.32 -55.79
C MET H 2828 -93.22 39.70 -56.76
N SER H 2829 -92.15 39.13 -56.23
CA SER H 2829 -90.86 39.14 -56.94
C SER H 2829 -90.83 38.16 -58.11
N ASN H 2830 -91.77 37.22 -58.16
CA ASN H 2830 -91.62 36.12 -59.12
C ASN H 2830 -91.86 36.57 -60.56
N VAL H 2831 -92.68 37.60 -60.77
CA VAL H 2831 -92.96 38.07 -62.12
C VAL H 2831 -91.73 38.80 -62.69
N THR H 2832 -91.71 38.92 -64.02
CA THR H 2832 -90.61 39.55 -64.73
C THR H 2832 -91.15 40.33 -65.92
N LEU H 2833 -90.44 41.40 -66.30
CA LEU H 2833 -90.83 42.25 -67.41
C LEU H 2833 -90.11 41.84 -68.70
N SER H 2834 -90.37 42.59 -69.77
CA SER H 2834 -89.72 42.41 -71.05
C SER H 2834 -88.66 43.49 -71.26
N ARG H 2835 -87.82 43.29 -72.28
CA ARG H 2835 -86.70 44.20 -72.51
C ARG H 2835 -87.16 45.56 -73.03
N ASP H 2836 -88.14 45.58 -73.94
CA ASP H 2836 -88.67 46.85 -74.41
C ASP H 2836 -89.30 47.64 -73.26
N LEU H 2837 -90.06 46.95 -72.40
CA LEU H 2837 -90.61 47.62 -71.23
C LEU H 2837 -89.51 48.03 -70.26
N HIS H 2838 -88.37 47.32 -70.27
CA HIS H 2838 -87.24 47.72 -69.44
CA HIS H 2838 -87.24 47.72 -69.44
C HIS H 2838 -86.66 49.05 -69.90
N ALA H 2839 -86.44 49.21 -71.21
CA ALA H 2839 -85.96 50.50 -71.70
C ALA H 2839 -87.00 51.59 -71.43
N MET H 2840 -88.28 51.23 -71.61
CA MET H 2840 -89.39 52.12 -71.33
C MET H 2840 -89.33 52.61 -69.88
N ALA H 2841 -89.14 51.68 -68.96
CA ALA H 2841 -89.07 51.99 -67.55
C ALA H 2841 -87.77 52.69 -67.19
N GLU H 2842 -86.70 52.46 -67.94
CA GLU H 2842 -85.46 53.18 -67.71
C GLU H 2842 -85.67 54.66 -67.98
N MET H 2843 -86.34 54.99 -69.07
CA MET H 2843 -86.68 56.39 -69.33
C MET H 2843 -87.71 56.95 -68.35
N MET H 2844 -88.67 56.15 -67.90
CA MET H 2844 -89.56 56.73 -66.88
C MET H 2844 -88.79 57.00 -65.59
N ALA H 2845 -87.87 56.10 -65.20
CA ALA H 2845 -87.04 56.36 -64.02
C ALA H 2845 -86.16 57.58 -64.20
N GLU H 2846 -85.60 57.77 -65.40
CA GLU H 2846 -84.85 58.98 -65.68
C GLU H 2846 -85.74 60.21 -65.55
N ASN H 2847 -86.99 60.12 -66.02
CA ASN H 2847 -87.93 61.23 -65.88
C ASN H 2847 -88.20 61.54 -64.40
N TYR H 2848 -88.35 60.50 -63.59
CA TYR H 2848 -88.62 60.71 -62.16
C TYR H 2848 -87.40 61.33 -61.47
N HIS H 2849 -86.19 60.89 -61.87
CA HIS H 2849 -84.97 61.54 -61.39
C HIS H 2849 -84.91 62.99 -61.83
N ASN H 2850 -85.40 63.29 -63.04
CA ASN H 2850 -85.46 64.68 -63.49
C ASN H 2850 -86.42 65.52 -62.66
N ILE H 2851 -87.57 64.95 -62.27
CA ILE H 2851 -88.48 65.67 -61.39
C ILE H 2851 -87.82 65.90 -60.02
N TRP H 2852 -87.21 64.86 -59.48
CA TRP H 2852 -86.49 64.97 -58.21
C TRP H 2852 -85.38 66.01 -58.29
N ALA H 2853 -84.68 66.05 -59.42
CA ALA H 2853 -83.58 66.97 -59.61
C ALA H 2853 -84.07 68.40 -59.81
N LYS H 2854 -85.22 68.59 -60.44
CA LYS H 2854 -85.84 69.91 -60.44
C LYS H 2854 -86.16 70.37 -59.02
N LYS H 2855 -86.79 69.51 -58.22
CA LYS H 2855 -87.10 69.90 -56.84
C LYS H 2855 -85.82 70.25 -56.09
N LYS H 2856 -84.76 69.47 -56.30
CA LYS H 2856 -83.49 69.75 -55.64
C LYS H 2856 -82.87 71.03 -56.17
N LYS H 2857 -83.08 71.35 -57.44
CA LYS H 2857 -82.57 72.61 -57.98
C LYS H 2857 -83.30 73.81 -57.36
N MET H 2858 -84.62 73.72 -57.23
CA MET H 2858 -85.32 74.81 -56.54
C MET H 2858 -84.87 74.95 -55.10
N GLU H 2859 -84.72 73.83 -54.36
CA GLU H 2859 -84.34 73.97 -52.96
C GLU H 2859 -82.90 74.45 -52.83
N LEU H 2860 -82.03 74.04 -53.74
CA LEU H 2860 -80.64 74.49 -53.72
C LEU H 2860 -80.49 75.95 -54.11
N GLU H 2861 -81.27 76.45 -55.07
CA GLU H 2861 -81.28 77.87 -55.38
C GLU H 2861 -81.90 78.71 -54.27
N SER H 2862 -82.92 78.18 -53.59
CA SER H 2862 -83.45 78.87 -52.42
C SER H 2862 -82.40 78.92 -51.30
N LYS H 2863 -81.63 77.85 -51.14
CA LYS H 2863 -80.52 77.86 -50.20
C LYS H 2863 -79.48 78.90 -50.59
N GLY H 2864 -79.15 78.97 -51.88
CA GLY H 2864 -78.18 79.93 -52.38
C GLY H 2864 -76.78 79.39 -52.61
N GLY H 2865 -76.50 78.16 -52.22
CA GLY H 2865 -75.18 77.60 -52.43
C GLY H 2865 -75.01 76.18 -51.93
N GLY H 2866 -74.15 75.42 -52.59
CA GLY H 2866 -73.83 74.06 -52.19
C GLY H 2866 -73.96 73.12 -53.36
N ASN H 2867 -73.71 71.84 -53.08
CA ASN H 2867 -73.81 70.79 -54.10
C ASN H 2867 -74.30 69.52 -53.41
N HIS H 2868 -74.83 68.60 -54.22
CA HIS H 2868 -75.33 67.35 -53.71
C HIS H 2868 -74.68 66.19 -54.46
N PRO H 2869 -74.40 65.07 -53.79
CA PRO H 2869 -73.76 63.94 -54.49
C PRO H 2869 -74.57 63.41 -55.67
N LEU H 2870 -75.89 63.47 -55.58
CA LEU H 2870 -76.76 62.98 -56.64
C LEU H 2870 -77.12 64.04 -57.67
N LEU H 2871 -76.51 65.22 -57.58
CA LEU H 2871 -76.80 66.29 -58.54
C LEU H 2871 -76.42 65.92 -59.97
N VAL H 2872 -75.54 64.93 -60.15
CA VAL H 2872 -75.13 64.49 -61.47
C VAL H 2872 -76.34 63.85 -62.16
N PRO H 2873 -76.39 63.85 -63.49
CA PRO H 2873 -77.56 63.30 -64.19
C PRO H 2873 -77.77 61.82 -63.88
N TYR H 2874 -78.94 61.32 -64.28
CA TYR H 2874 -79.31 59.94 -63.98
C TYR H 2874 -78.35 58.95 -64.62
N ASP H 2875 -77.94 59.21 -65.86
CA ASP H 2875 -76.95 58.36 -66.51
C ASP H 2875 -75.61 58.42 -65.79
N THR H 2876 -75.29 59.57 -65.19
CA THR H 2876 -74.06 59.68 -64.41
C THR H 2876 -74.20 59.01 -63.05
N LEU H 2877 -75.43 58.73 -62.62
CA LEU H 2877 -75.65 58.15 -61.30
C LEU H 2877 -75.10 56.74 -61.20
N THR H 2878 -75.08 56.23 -59.97
CA THR H 2878 -74.63 54.89 -59.64
C THR H 2878 -75.84 54.01 -59.30
N ALA H 2879 -75.63 52.69 -59.34
CA ALA H 2879 -76.74 51.75 -59.21
C ALA H 2879 -77.47 51.91 -57.88
N LYS H 2880 -76.75 52.26 -56.81
CA LYS H 2880 -77.38 52.27 -55.48
C LYS H 2880 -78.49 53.31 -55.40
N GLU H 2881 -78.28 54.49 -55.98
CA GLU H 2881 -79.34 55.50 -55.96
C GLU H 2881 -80.34 55.27 -57.09
N LYS H 2882 -79.91 54.58 -58.15
CA LYS H 2882 -80.84 54.13 -59.17
C LYS H 2882 -81.83 53.10 -58.64
N ALA H 2883 -81.49 52.43 -57.54
CA ALA H 2883 -82.28 51.31 -57.04
C ALA H 2883 -83.69 51.75 -56.65
N LYS H 2884 -83.81 52.91 -56.00
CA LYS H 2884 -85.13 53.36 -55.55
C LYS H 2884 -86.06 53.63 -56.73
N ASP H 2885 -85.58 54.38 -57.72
CA ASP H 2885 -86.39 54.63 -58.92
C ASP H 2885 -86.71 53.31 -59.63
N ARG H 2886 -85.71 52.43 -59.73
CA ARG H 2886 -85.92 51.17 -60.43
C ARG H 2886 -87.01 50.34 -59.76
N GLU H 2887 -86.91 50.15 -58.44
CA GLU H 2887 -87.89 49.34 -57.73
C GLU H 2887 -89.28 49.97 -57.75
N LYS H 2888 -89.39 51.30 -57.61
CA LYS H 2888 -90.71 51.90 -57.55
C LYS H 2888 -91.38 51.90 -58.92
N ALA H 2889 -90.57 51.90 -59.99
CA ALA H 2889 -91.14 51.69 -61.32
C ALA H 2889 -91.56 50.25 -61.53
N GLN H 2890 -90.68 49.31 -61.14
CA GLN H 2890 -91.01 47.88 -61.19
C GLN H 2890 -92.37 47.61 -60.57
N ASP H 2891 -92.56 48.08 -59.32
CA ASP H 2891 -93.76 47.71 -58.56
C ASP H 2891 -95.05 48.11 -59.28
N ILE H 2892 -95.11 49.37 -59.73
CA ILE H 2892 -96.31 49.83 -60.42
C ILE H 2892 -96.49 49.05 -61.71
N LEU H 2893 -95.40 48.73 -62.41
CA LEU H 2893 -95.54 47.96 -63.64
C LEU H 2893 -96.10 46.57 -63.39
N LYS H 2894 -95.54 45.83 -62.43
CA LYS H 2894 -95.99 44.46 -62.21
C LYS H 2894 -97.43 44.45 -61.73
N PHE H 2895 -97.81 45.44 -60.92
CA PHE H 2895 -99.21 45.50 -60.51
C PHE H 2895 -100.10 45.86 -61.69
N LEU H 2896 -99.53 46.55 -62.68
CA LEU H 2896 -100.28 46.83 -63.90
C LEU H 2896 -100.49 45.57 -64.74
N GLN H 2897 -99.48 44.70 -64.89
CA GLN H 2897 -99.82 43.40 -65.47
C GLN H 2897 -100.89 42.66 -64.68
N ILE H 2898 -100.72 42.57 -63.34
CA ILE H 2898 -101.69 41.83 -62.55
C ILE H 2898 -103.09 42.42 -62.69
N ASN H 2899 -103.17 43.74 -62.90
CA ASN H 2899 -104.46 44.39 -63.14
C ASN H 2899 -104.95 44.22 -64.57
N GLY H 2900 -104.05 43.85 -65.48
CA GLY H 2900 -104.43 43.48 -66.82
C GLY H 2900 -104.25 44.52 -67.90
N TYR H 2901 -103.86 45.75 -67.56
CA TYR H 2901 -103.62 46.75 -68.59
C TYR H 2901 -102.42 46.37 -69.46
N ALA H 2902 -102.44 46.86 -70.70
CA ALA H 2902 -101.34 46.64 -71.62
C ALA H 2902 -100.75 47.98 -72.00
N VAL H 2903 -99.53 48.25 -71.53
CA VAL H 2903 -98.83 49.47 -71.87
C VAL H 2903 -97.99 49.21 -73.11
N SER H 2904 -97.90 50.21 -73.98
CA SER H 2904 -97.24 50.09 -75.27
C SER H 2904 -96.28 51.26 -75.39
N ARG H 2905 -95.87 51.59 -76.61
CA ARG H 2905 -94.97 52.73 -76.81
C ARG H 2905 -95.78 54.03 -76.84
N GLY H 2906 -95.06 55.16 -76.78
CA GLY H 2906 -95.73 56.45 -76.72
C GLY H 2906 -96.49 56.82 -77.99
N PHE H 2907 -95.90 56.56 -79.15
CA PHE H 2907 -96.53 56.97 -80.41
C PHE H 2907 -96.21 55.97 -81.51
N LYS H 2908 -97.19 55.70 -82.37
CA LYS H 2908 -96.99 54.79 -83.48
C LYS H 2908 -96.05 55.39 -84.51
N ASP H 2909 -95.45 54.53 -85.34
CA ASP H 2909 -94.61 54.99 -86.42
C ASP H 2909 -95.41 55.82 -87.42
N LEU H 2910 -94.80 56.92 -87.88
CA LEU H 2910 -95.53 57.84 -88.75
C LEU H 2910 -95.42 57.44 -90.21
N GLU H 2911 -94.22 57.08 -90.66
CA GLU H 2911 -93.99 56.74 -92.05
C GLU H 2911 -92.60 56.12 -92.15
N LEU H 2912 -92.33 55.47 -93.28
CA LEU H 2912 -91.05 54.83 -93.53
C LEU H 2912 -90.37 55.49 -94.72
N ASP H 2913 -89.12 55.91 -94.53
CA ASP H 2913 -88.31 56.48 -95.59
C ASP H 2913 -87.39 55.43 -96.23
N THR H 2914 -87.58 54.15 -95.90
CA THR H 2914 -86.77 53.10 -96.50
C THR H 2914 -87.01 52.91 -97.99
N PRO H 2915 -88.21 53.11 -98.57
CA PRO H 2915 -88.35 52.91 -100.02
C PRO H 2915 -87.42 53.78 -100.85
N SER H 2916 -87.16 55.01 -100.41
CA SER H 2916 -86.30 55.91 -101.18
C SER H 2916 -84.83 55.57 -100.94
N ILE H 2917 -84.07 55.45 -102.04
CA ILE H 2917 -82.63 55.23 -101.91
C ILE H 2917 -81.93 56.52 -101.52
N GLU H 2918 -82.64 57.65 -101.53
CA GLU H 2918 -82.04 58.91 -101.09
C GLU H 2918 -81.67 58.86 -99.61
N LYS H 2919 -82.50 58.21 -98.78
CA LYS H 2919 -82.24 58.17 -97.35
C LYS H 2919 -81.08 57.23 -97.02
N ARG H 2920 -80.62 56.45 -97.99
CA ARG H 2920 -79.44 55.63 -97.78
C ARG H 2920 -78.26 56.51 -97.41
N PHE H 2921 -77.52 56.10 -96.37
CA PHE H 2921 -76.51 56.99 -95.78
C PHE H 2921 -75.47 57.38 -96.82
N ALA H 2922 -75.01 56.42 -97.62
CA ALA H 2922 -74.04 56.72 -98.66
C ALA H 2922 -74.61 57.70 -99.68
N TYR H 2923 -75.91 57.60 -99.97
CA TYR H 2923 -76.51 58.49 -100.95
C TYR H 2923 -76.43 59.94 -100.50
N SER H 2924 -76.84 60.23 -99.26
CA SER H 2924 -76.75 61.60 -98.77
C SER H 2924 -75.31 62.02 -98.56
N PHE H 2925 -74.45 61.11 -98.10
CA PHE H 2925 -73.04 61.43 -97.92
C PHE H 2925 -72.42 61.91 -99.22
N LEU H 2926 -72.54 61.12 -100.28
CA LEU H 2926 -72.00 61.52 -101.57
C LEU H 2926 -72.83 62.62 -102.22
N GLN H 2927 -74.07 62.84 -101.77
CA GLN H 2927 -74.81 64.03 -102.19
C GLN H 2927 -74.13 65.32 -101.76
N GLN H 2928 -74.02 65.53 -100.44
CA GLN H 2928 -73.29 66.72 -100.00
C GLN H 2928 -71.84 66.67 -100.44
N LEU H 2929 -71.30 65.48 -100.68
CA LEU H 2929 -69.92 65.37 -101.15
C LEU H 2929 -69.78 65.89 -102.57
N ILE H 2930 -70.77 65.64 -103.44
CA ILE H 2930 -70.68 66.11 -104.81
C ILE H 2930 -71.01 67.59 -104.88
N ARG H 2931 -71.88 68.07 -103.99
CA ARG H 2931 -72.03 69.53 -103.89
C ARG H 2931 -70.72 70.19 -103.48
N TYR H 2932 -70.02 69.63 -102.48
CA TYR H 2932 -68.75 70.23 -102.07
C TYR H 2932 -67.70 70.10 -103.16
N VAL H 2933 -67.69 68.98 -103.89
CA VAL H 2933 -66.73 68.80 -104.97
C VAL H 2933 -66.99 69.77 -106.12
N ASP H 2934 -68.25 69.98 -106.49
CA ASP H 2934 -68.58 70.93 -107.54
C ASP H 2934 -68.28 72.36 -107.08
N GLU H 2935 -68.52 72.65 -105.80
CA GLU H 2935 -68.14 73.95 -105.27
C GLU H 2935 -66.65 74.18 -105.37
N ALA H 2936 -65.85 73.16 -105.01
CA ALA H 2936 -64.40 73.28 -105.12
C ALA H 2936 -63.96 73.42 -106.58
N HIS H 2937 -64.65 72.73 -107.48
CA HIS H 2937 -64.29 72.81 -108.90
C HIS H 2937 -64.60 74.20 -109.45
N GLN H 2938 -65.72 74.79 -109.06
CA GLN H 2938 -65.98 76.15 -109.52
C GLN H 2938 -65.07 77.16 -108.85
N TYR H 2939 -64.68 76.93 -107.58
CA TYR H 2939 -63.67 77.80 -106.97
C TYR H 2939 -62.35 77.73 -107.72
N ILE H 2940 -61.91 76.54 -108.14
CA ILE H 2940 -60.68 76.46 -108.90
C ILE H 2940 -60.86 77.02 -110.31
N LEU H 2941 -62.09 77.03 -110.83
CA LEU H 2941 -62.34 77.72 -112.09
C LEU H 2941 -62.15 79.23 -111.96
N GLU H 2942 -62.78 79.85 -110.96
CA GLU H 2942 -62.55 81.28 -110.76
C GLU H 2942 -61.10 81.56 -110.34
N PHE H 2943 -60.41 80.57 -109.79
CA PHE H 2943 -58.99 80.77 -109.57
C PHE H 2943 -58.15 80.68 -110.83
N ASP H 2944 -58.52 79.81 -111.79
CA ASP H 2944 -57.88 79.87 -113.08
C ASP H 2944 -58.12 81.22 -113.73
N GLY H 2945 -59.31 81.78 -113.52
CA GLY H 2945 -59.60 83.11 -114.04
C GLY H 2945 -58.80 84.21 -113.37
N GLY H 2946 -58.69 84.17 -112.04
CA GLY H 2946 -58.09 85.29 -111.32
C GLY H 2946 -56.62 85.10 -111.02
N SER H 2947 -56.07 83.93 -111.36
CA SER H 2947 -54.68 83.62 -111.12
C SER H 2947 -53.74 84.39 -112.04
N ARG H 2948 -54.26 84.96 -113.12
CA ARG H 2948 -53.50 85.91 -113.93
C ARG H 2948 -53.47 87.29 -113.30
N GLY H 2949 -54.31 87.53 -112.29
CA GLY H 2949 -54.22 88.76 -111.51
C GLY H 2949 -53.09 88.64 -110.50
N LYS H 2950 -52.59 89.79 -110.05
CA LYS H 2950 -51.45 89.80 -109.13
C LYS H 2950 -51.80 89.11 -107.82
N GLY H 2951 -52.97 89.39 -107.27
CA GLY H 2951 -53.37 88.81 -106.01
C GLY H 2951 -53.52 87.30 -106.06
N GLU H 2952 -52.57 86.58 -105.48
CA GLU H 2952 -52.63 85.13 -105.44
C GLU H 2952 -53.25 84.62 -104.15
N HIS H 2953 -53.74 85.51 -103.30
CA HIS H 2953 -54.33 85.10 -102.03
C HIS H 2953 -55.61 84.33 -102.27
N PHE H 2954 -55.94 83.43 -101.35
CA PHE H 2954 -57.10 82.58 -101.46
C PHE H 2954 -58.18 83.06 -100.51
N PRO H 2955 -59.24 83.72 -100.99
CA PRO H 2955 -60.39 84.00 -100.11
C PRO H 2955 -61.03 82.74 -99.57
N TYR H 2956 -61.04 81.68 -100.38
CA TYR H 2956 -61.52 80.35 -100.02
C TYR H 2956 -60.37 79.41 -99.64
N GLU H 2957 -59.33 79.96 -99.02
CA GLU H 2957 -58.15 79.20 -98.60
C GLU H 2957 -58.54 77.96 -97.81
N GLN H 2958 -59.22 78.15 -96.67
CA GLN H 2958 -59.54 77.02 -95.83
C GLN H 2958 -60.53 76.10 -96.52
N GLU H 2959 -61.35 76.64 -97.42
CA GLU H 2959 -62.23 75.79 -98.22
C GLU H 2959 -61.43 74.73 -98.99
N ILE H 2960 -60.45 75.16 -99.79
CA ILE H 2960 -59.76 74.19 -100.66
C ILE H 2960 -58.76 73.35 -99.87
N LYS H 2961 -58.12 73.92 -98.85
CA LYS H 2961 -57.24 73.07 -98.04
C LYS H 2961 -58.02 72.01 -97.28
N PHE H 2962 -59.15 72.39 -96.69
CA PHE H 2962 -60.03 71.40 -96.08
C PHE H 2962 -60.45 70.36 -97.11
N PHE H 2963 -60.85 70.80 -98.31
CA PHE H 2963 -61.23 69.85 -99.35
C PHE H 2963 -60.10 68.88 -99.64
N ALA H 2964 -58.97 69.38 -100.13
CA ALA H 2964 -57.87 68.54 -100.59
C ALA H 2964 -57.32 67.63 -99.50
N LYS H 2965 -57.27 68.08 -98.24
CA LYS H 2965 -56.58 67.27 -97.24
C LYS H 2965 -57.54 66.64 -96.24
N VAL H 2966 -58.86 66.77 -96.43
CA VAL H 2966 -59.81 66.03 -95.61
C VAL H 2966 -60.78 65.29 -96.52
N VAL H 2967 -61.47 66.04 -97.38
CA VAL H 2967 -62.52 65.47 -98.23
C VAL H 2967 -61.95 64.42 -99.17
N LEU H 2968 -60.86 64.76 -99.86
CA LEU H 2968 -60.20 63.80 -100.74
C LEU H 2968 -59.67 62.60 -99.97
N PRO H 2969 -58.96 62.77 -98.84
CA PRO H 2969 -58.68 61.60 -98.00
C PRO H 2969 -59.94 60.94 -97.47
N LEU H 2970 -61.00 61.70 -97.19
CA LEU H 2970 -62.25 61.10 -96.75
C LEU H 2970 -62.83 60.22 -97.85
N ILE H 2971 -62.82 60.71 -99.09
CA ILE H 2971 -63.30 59.91 -100.22
C ILE H 2971 -62.46 58.65 -100.35
N ASP H 2972 -61.13 58.81 -100.26
CA ASP H 2972 -60.22 57.68 -100.41
C ASP H 2972 -60.50 56.61 -99.36
N GLN H 2973 -60.54 57.00 -98.09
CA GLN H 2973 -60.77 56.03 -97.03
C GLN H 2973 -62.16 55.42 -97.12
N TYR H 2974 -63.16 56.22 -97.53
CA TYR H 2974 -64.52 55.69 -97.66
C TYR H 2974 -64.59 54.61 -98.71
N PHE H 2975 -64.07 54.89 -99.91
CA PHE H 2975 -64.11 53.91 -100.98
C PHE H 2975 -63.20 52.73 -100.72
N LYS H 2976 -62.10 52.90 -99.97
CA LYS H 2976 -61.28 51.77 -99.56
C LYS H 2976 -62.01 50.88 -98.56
N ASN H 2977 -62.65 51.48 -97.55
CA ASN H 2977 -63.41 50.71 -96.58
C ASN H 2977 -64.58 50.00 -97.23
N HIS H 2978 -65.14 50.59 -98.29
CA HIS H 2978 -66.27 50.03 -99.00
C HIS H 2978 -65.93 49.64 -100.43
N ARG H 2979 -64.75 49.05 -100.63
CA ARG H 2979 -64.42 48.35 -101.87
C ARG H 2979 -65.62 47.55 -102.38
N LEU H 2980 -66.11 46.61 -101.58
CA LEU H 2980 -67.12 45.69 -102.06
C LEU H 2980 -68.51 46.33 -102.07
N TYR H 2981 -68.77 47.27 -101.16
CA TYR H 2981 -70.10 47.88 -101.10
C TYR H 2981 -70.40 48.64 -102.38
N PHE H 2982 -69.47 49.49 -102.83
CA PHE H 2982 -69.69 50.24 -104.05
C PHE H 2982 -69.79 49.31 -105.25
N LEU H 2983 -69.05 48.21 -105.23
CA LEU H 2983 -69.20 47.19 -106.27
C LEU H 2983 -70.46 46.36 -106.06
N SER H 2984 -71.05 46.42 -104.88
CA SER H 2984 -72.23 45.60 -104.58
C SER H 2984 -73.48 46.22 -105.21
N ALA H 2985 -74.20 45.42 -105.98
CA ALA H 2985 -75.49 45.79 -106.51
C ALA H 2985 -76.57 44.77 -106.17
N ALA H 2986 -76.36 44.00 -105.10
CA ALA H 2986 -77.26 42.90 -104.69
C ALA H 2986 -77.33 41.83 -105.77
N SER H 2987 -76.42 41.91 -106.75
CA SER H 2987 -76.38 40.95 -107.85
C SER H 2987 -75.25 39.95 -107.65
N ARG H 2988 -74.89 39.70 -106.36
CA ARG H 2988 -73.93 38.75 -105.78
C ARG H 2988 -72.67 39.41 -105.22
N PRO H 2989 -72.18 40.52 -105.75
CA PRO H 2989 -71.18 41.30 -105.00
C PRO H 2989 -71.75 41.72 -103.66
N LEU H 2990 -71.05 41.31 -102.58
CA LEU H 2990 -71.57 41.43 -101.22
C LEU H 2990 -72.98 40.87 -101.16
N CYS H 2991 -73.11 39.57 -101.42
CA CYS H 2991 -74.43 38.94 -101.51
C CYS H 2991 -75.18 38.98 -100.18
N SER H 2992 -74.48 39.23 -99.08
CA SER H 2992 -75.13 39.33 -97.78
C SER H 2992 -76.14 40.47 -97.75
N GLY H 2993 -75.97 41.46 -98.62
CA GLY H 2993 -76.85 42.61 -98.69
C GLY H 2993 -76.02 43.87 -98.84
N GLY H 2994 -76.62 44.99 -98.47
CA GLY H 2994 -75.92 46.26 -98.49
C GLY H 2994 -75.35 46.64 -99.83
N HIS H 2995 -76.22 46.94 -100.79
CA HIS H 2995 -75.78 47.27 -102.14
C HIS H 2995 -75.72 48.77 -102.33
N ALA H 2996 -74.68 49.23 -103.01
CA ALA H 2996 -74.69 50.59 -103.53
C ALA H 2996 -75.72 50.67 -104.66
N SER H 2997 -76.61 51.66 -104.56
CA SER H 2997 -77.70 51.76 -105.52
C SER H 2997 -77.15 52.08 -106.91
N ASN H 2998 -77.98 51.80 -107.93
CA ASN H 2998 -77.59 52.13 -109.29
C ASN H 2998 -77.36 53.63 -109.45
N LYS H 2999 -78.24 54.44 -108.85
CA LYS H 2999 -78.04 55.88 -108.88
C LYS H 2999 -76.80 56.27 -108.08
N GLU H 3000 -76.51 55.55 -107.00
CA GLU H 3000 -75.29 55.81 -106.24
C GLU H 3000 -74.04 55.55 -107.07
N LYS H 3001 -74.06 54.50 -107.89
CA LYS H 3001 -72.88 54.22 -108.72
C LYS H 3001 -72.81 55.18 -109.90
N GLU H 3002 -73.97 55.64 -110.39
CA GLU H 3002 -74.00 56.71 -111.38
C GLU H 3002 -73.32 57.97 -110.83
N MET H 3003 -73.66 58.33 -109.60
CA MET H 3003 -73.12 59.53 -108.96
C MET H 3003 -71.69 59.31 -108.45
N VAL H 3004 -71.27 58.06 -108.25
CA VAL H 3004 -69.86 57.75 -108.09
C VAL H 3004 -69.09 58.04 -109.38
N THR H 3005 -69.65 57.62 -110.51
CA THR H 3005 -69.03 57.92 -111.80
C THR H 3005 -68.97 59.41 -112.07
N SER H 3006 -70.02 60.15 -111.70
CA SER H 3006 -69.99 61.61 -111.84
C SER H 3006 -68.94 62.22 -110.92
N LEU H 3007 -68.73 61.64 -109.73
CA LEU H 3007 -67.64 62.10 -108.87
C LEU H 3007 -66.29 61.86 -109.53
N PHE H 3008 -66.13 60.71 -110.18
CA PHE H 3008 -64.90 60.44 -110.93
C PHE H 3008 -64.69 61.48 -112.03
N CYS H 3009 -65.75 61.80 -112.77
CA CYS H 3009 -65.66 62.81 -113.82
C CYS H 3009 -65.28 64.17 -113.25
N LYS H 3010 -65.88 64.54 -112.11
CA LYS H 3010 -65.58 65.81 -111.48
C LYS H 3010 -64.13 65.84 -111.00
N LEU H 3011 -63.64 64.75 -110.43
CA LEU H 3011 -62.24 64.69 -110.02
C LEU H 3011 -61.31 64.84 -111.22
N GLY H 3012 -61.64 64.17 -112.33
CA GLY H 3012 -60.82 64.33 -113.53
C GLY H 3012 -60.78 65.78 -114.00
N VAL H 3013 -61.94 66.38 -114.20
CA VAL H 3013 -61.97 67.76 -114.69
C VAL H 3013 -61.38 68.71 -113.66
N LEU H 3014 -61.32 68.29 -112.39
CA LEU H 3014 -60.64 69.08 -111.37
C LEU H 3014 -59.14 68.95 -111.48
N VAL H 3015 -58.64 67.81 -111.98
CA VAL H 3015 -57.21 67.55 -111.98
C VAL H 3015 -56.57 67.84 -113.34
N ARG H 3016 -57.37 68.18 -114.37
CA ARG H 3016 -56.77 68.55 -115.65
C ARG H 3016 -55.90 69.81 -115.51
N HIS H 3017 -54.59 69.62 -115.57
CA HIS H 3017 -53.62 70.71 -115.71
C HIS H 3017 -53.67 71.69 -114.53
N ARG H 3018 -53.76 71.15 -113.32
CA ARG H 3018 -53.67 71.94 -112.10
C ARG H 3018 -52.63 71.41 -111.12
N ILE H 3019 -51.67 70.62 -111.60
CA ILE H 3019 -50.66 70.03 -110.72
C ILE H 3019 -49.83 71.12 -110.05
N SER H 3020 -49.40 72.12 -110.84
CA SER H 3020 -48.61 73.20 -110.27
C SER H 3020 -49.41 73.99 -109.24
N LEU H 3021 -50.71 74.19 -109.49
CA LEU H 3021 -51.56 74.86 -108.52
C LEU H 3021 -51.79 74.04 -107.26
N PHE H 3022 -51.70 72.71 -107.35
CA PHE H 3022 -51.75 71.87 -106.16
C PHE H 3022 -50.45 71.99 -105.39
N GLY H 3023 -50.57 72.07 -104.07
CA GLY H 3023 -49.39 72.16 -103.22
C GLY H 3023 -48.80 70.79 -102.89
N ASN H 3024 -48.37 70.08 -103.92
CA ASN H 3024 -47.84 68.72 -103.90
C ASN H 3024 -48.91 67.70 -103.51
N ASP H 3025 -50.15 68.11 -103.27
CA ASP H 3025 -51.23 67.17 -103.02
C ASP H 3025 -51.72 66.50 -104.30
N ALA H 3026 -51.10 66.80 -105.44
CA ALA H 3026 -51.44 66.13 -106.68
C ALA H 3026 -51.22 64.63 -106.59
N THR H 3027 -50.23 64.18 -105.82
CA THR H 3027 -50.08 62.74 -105.59
C THR H 3027 -51.28 62.18 -104.85
N SER H 3028 -51.77 62.90 -103.83
CA SER H 3028 -52.98 62.48 -103.16
C SER H 3028 -54.15 62.41 -104.15
N ILE H 3029 -54.22 63.38 -105.06
CA ILE H 3029 -55.31 63.39 -106.03
C ILE H 3029 -55.20 62.23 -107.02
N VAL H 3030 -53.98 61.86 -107.43
CA VAL H 3030 -53.86 60.72 -108.35
C VAL H 3030 -54.22 59.43 -107.63
N ASN H 3031 -53.89 59.29 -106.35
CA ASN H 3031 -54.39 58.15 -105.58
C ASN H 3031 -55.92 58.18 -105.47
N CYS H 3032 -56.50 59.37 -105.34
CA CYS H 3032 -57.96 59.48 -105.32
C CYS H 3032 -58.57 58.99 -106.63
N LEU H 3033 -58.00 59.42 -107.75
CA LEU H 3033 -58.49 58.96 -109.05
C LEU H 3033 -58.30 57.46 -109.21
N HIS H 3034 -57.18 56.93 -108.71
CA HIS H 3034 -56.95 55.48 -108.71
C HIS H 3034 -58.07 54.76 -107.96
N ILE H 3035 -58.38 55.20 -106.75
CA ILE H 3035 -59.40 54.55 -105.93
C ILE H 3035 -60.77 54.64 -106.59
N LEU H 3036 -61.11 55.82 -107.12
CA LEU H 3036 -62.38 55.97 -107.83
C LEU H 3036 -62.42 55.11 -109.08
N GLY H 3037 -61.26 54.85 -109.69
CA GLY H 3037 -61.18 53.91 -110.79
C GLY H 3037 -61.45 52.48 -110.38
N GLN H 3038 -60.93 52.06 -109.23
CA GLN H 3038 -61.31 50.74 -108.72
C GLN H 3038 -62.80 50.66 -108.42
N THR H 3039 -63.39 51.76 -107.96
CA THR H 3039 -64.83 51.76 -107.65
C THR H 3039 -65.63 52.18 -108.89
N LEU H 3040 -66.02 51.18 -109.68
CA LEU H 3040 -66.83 51.40 -110.88
C LEU H 3040 -67.70 50.17 -111.14
N ASP H 3041 -68.83 50.37 -111.79
CA ASP H 3041 -69.76 49.28 -112.16
C ASP H 3041 -70.43 49.62 -113.49
N ALA H 3042 -69.82 49.12 -114.57
CA ALA H 3042 -70.19 49.55 -115.91
C ALA H 3042 -71.58 49.08 -116.31
N ARG H 3043 -71.88 47.79 -116.11
CA ARG H 3043 -73.21 47.26 -116.39
C ARG H 3043 -74.29 48.13 -115.75
N THR H 3044 -74.12 48.46 -114.46
CA THR H 3044 -75.14 49.25 -113.76
C THR H 3044 -75.25 50.64 -114.37
N VAL H 3045 -74.10 51.27 -114.63
CA VAL H 3045 -74.12 52.61 -115.20
C VAL H 3045 -74.83 52.62 -116.56
N MET H 3046 -74.54 51.63 -117.41
CA MET H 3046 -75.15 51.64 -118.74
C MET H 3046 -76.64 51.29 -118.69
N LYS H 3047 -77.02 50.22 -118.01
CA LYS H 3047 -78.43 49.83 -118.05
C LYS H 3047 -79.31 50.82 -117.28
N THR H 3048 -78.76 51.45 -116.24
CA THR H 3048 -79.48 52.50 -115.53
C THR H 3048 -78.53 53.66 -115.31
N GLY H 3049 -78.70 54.73 -116.08
CA GLY H 3049 -77.83 55.87 -115.96
C GLY H 3049 -78.47 57.13 -116.50
N LEU H 3050 -78.39 58.18 -115.69
CA LEU H 3050 -78.89 59.48 -116.11
C LEU H 3050 -78.07 59.99 -117.28
N GLU H 3051 -78.75 60.61 -118.26
CA GLU H 3051 -78.07 61.00 -119.48
C GLU H 3051 -76.99 62.04 -119.23
N SER H 3052 -77.18 62.89 -118.21
CA SER H 3052 -76.14 63.86 -117.86
C SER H 3052 -74.87 63.16 -117.40
N VAL H 3053 -75.00 62.14 -116.55
CA VAL H 3053 -73.83 61.40 -116.08
C VAL H 3053 -73.21 60.60 -117.23
N LYS H 3054 -74.06 60.06 -118.11
CA LYS H 3054 -73.55 59.34 -119.28
C LYS H 3054 -72.70 60.25 -120.15
N SER H 3055 -73.21 61.46 -120.44
CA SER H 3055 -72.45 62.43 -121.21
C SER H 3055 -71.20 62.86 -120.47
N ALA H 3056 -71.28 62.95 -119.14
CA ALA H 3056 -70.11 63.31 -118.34
C ALA H 3056 -68.99 62.28 -118.52
N LEU H 3057 -69.33 60.99 -118.43
CA LEU H 3057 -68.35 59.93 -118.63
C LEU H 3057 -67.82 59.88 -120.06
N ARG H 3058 -68.69 60.08 -121.05
CA ARG H 3058 -68.23 60.11 -122.45
C ARG H 3058 -67.28 61.29 -122.69
N ALA H 3059 -67.64 62.47 -122.20
CA ALA H 3059 -66.77 63.63 -122.32
C ALA H 3059 -65.48 63.43 -121.54
N PHE H 3060 -65.54 62.73 -120.40
CA PHE H 3060 -64.36 62.28 -119.70
C PHE H 3060 -63.40 61.50 -120.58
N LEU H 3061 -63.85 60.40 -121.15
CA LEU H 3061 -62.99 59.56 -121.98
C LEU H 3061 -62.49 60.30 -123.22
N ASP H 3062 -63.35 61.07 -123.87
CA ASP H 3062 -62.96 61.88 -125.03
C ASP H 3062 -61.92 62.94 -124.67
N ASN H 3063 -62.09 63.63 -123.53
CA ASN H 3063 -61.12 64.64 -123.12
C ASN H 3063 -59.78 64.01 -122.75
N ALA H 3064 -59.80 62.86 -122.09
CA ALA H 3064 -58.54 62.17 -121.79
C ALA H 3064 -57.83 61.77 -123.08
N ALA H 3065 -58.58 61.23 -124.04
CA ALA H 3065 -57.98 60.87 -125.33
C ALA H 3065 -57.41 62.10 -126.03
N GLU H 3066 -58.14 63.22 -126.01
CA GLU H 3066 -57.67 64.43 -126.66
C GLU H 3066 -56.43 65.00 -125.98
N ASP H 3067 -56.39 64.96 -124.65
CA ASP H 3067 -55.21 65.41 -123.93
C ASP H 3067 -53.99 64.58 -124.31
N LEU H 3068 -54.16 63.25 -124.39
CA LEU H 3068 -53.05 62.41 -124.84
C LEU H 3068 -52.69 62.67 -126.30
N GLU H 3069 -53.67 62.96 -127.16
CA GLU H 3069 -53.35 63.22 -128.56
C GLU H 3069 -52.54 64.50 -128.72
N LYS H 3070 -52.87 65.53 -127.93
CA LYS H 3070 -52.11 66.78 -128.00
C LYS H 3070 -50.71 66.59 -127.42
N THR H 3071 -50.57 65.76 -126.38
CA THR H 3071 -49.22 65.49 -125.86
C THR H 3071 -48.38 64.67 -126.85
N MET H 3072 -48.99 63.66 -127.51
CA MET H 3072 -48.35 63.02 -128.66
C MET H 3072 -47.92 64.00 -129.76
N GLU H 3073 -48.80 64.92 -130.16
CA GLU H 3073 -48.40 65.82 -131.25
C GLU H 3073 -47.31 66.80 -130.82
N ASN H 3074 -47.37 67.30 -129.58
CA ASN H 3074 -46.31 68.18 -129.10
C ASN H 3074 -45.02 67.44 -128.82
N LEU H 3075 -45.06 66.11 -128.63
CA LEU H 3075 -43.84 65.33 -128.51
C LEU H 3075 -43.24 64.93 -129.85
N LYS H 3076 -44.06 64.72 -130.89
CA LYS H 3076 -43.44 64.62 -132.22
C LYS H 3076 -42.80 65.94 -132.63
N GLN H 3077 -43.55 67.05 -132.51
CA GLN H 3077 -42.95 68.34 -132.87
C GLN H 3077 -41.83 68.69 -131.89
N GLY H 3078 -41.99 68.34 -130.61
CA GLY H 3078 -40.93 68.47 -129.65
C GLY H 3078 -40.15 67.18 -129.47
N GLN H 3079 -39.73 66.57 -130.59
CA GLN H 3079 -38.93 65.36 -130.51
C GLN H 3079 -37.61 65.62 -129.80
N PHE H 3080 -37.00 66.77 -130.10
CA PHE H 3080 -35.83 67.20 -129.34
C PHE H 3080 -36.21 67.48 -127.89
N THR H 3081 -35.43 66.94 -126.97
CA THR H 3081 -35.71 67.11 -125.54
C THR H 3081 -34.44 67.52 -124.79
N LYS H 3088 -40.39 74.84 -119.98
CA LYS H 3088 -41.48 75.81 -119.95
C LYS H 3088 -42.82 75.13 -119.66
N GLY H 3089 -43.90 75.70 -120.22
CA GLY H 3089 -45.22 75.15 -119.98
C GLY H 3089 -45.38 73.73 -120.50
N VAL H 3090 -44.65 73.41 -121.57
CA VAL H 3090 -44.73 72.06 -122.14
C VAL H 3090 -44.19 71.03 -121.15
N THR H 3091 -43.16 71.42 -120.39
CA THR H 3091 -42.64 70.53 -119.35
C THR H 3091 -43.69 70.27 -118.28
N GLN H 3092 -44.41 71.32 -117.86
CA GLN H 3092 -45.49 71.12 -116.89
C GLN H 3092 -46.58 70.23 -117.46
N ILE H 3093 -46.89 70.40 -118.74
CA ILE H 3093 -47.95 69.59 -119.37
C ILE H 3093 -47.54 68.12 -119.39
N ILE H 3094 -46.31 67.84 -119.81
CA ILE H 3094 -45.89 66.44 -119.91
C ILE H 3094 -45.74 65.82 -118.52
N ASN H 3095 -45.29 66.59 -117.53
CA ASN H 3095 -45.25 66.07 -116.16
C ASN H 3095 -46.64 65.78 -115.64
N TYR H 3096 -47.60 66.69 -115.88
CA TYR H 3096 -48.99 66.41 -115.54
C TYR H 3096 -49.46 65.12 -116.19
N THR H 3097 -49.20 64.95 -117.49
CA THR H 3097 -49.59 63.73 -118.17
C THR H 3097 -49.02 62.51 -117.46
N THR H 3098 -47.69 62.40 -117.43
CA THR H 3098 -47.01 61.22 -116.91
C THR H 3098 -47.25 60.96 -115.43
N VAL H 3099 -47.68 61.96 -114.66
CA VAL H 3099 -47.90 61.75 -113.23
C VAL H 3099 -49.35 61.46 -112.92
N ALA H 3100 -50.30 62.08 -113.64
CA ALA H 3100 -51.70 61.88 -113.32
C ALA H 3100 -52.44 61.13 -114.42
N LEU H 3101 -52.38 61.65 -115.65
CA LEU H 3101 -53.31 61.21 -116.69
C LEU H 3101 -53.04 59.77 -117.09
N LEU H 3102 -51.79 59.44 -117.39
CA LEU H 3102 -51.44 58.06 -117.75
C LEU H 3102 -51.70 57.09 -116.61
N PRO H 3103 -51.27 57.36 -115.37
CA PRO H 3103 -51.59 56.42 -114.28
C PRO H 3103 -53.09 56.22 -114.05
N MET H 3104 -53.90 57.27 -114.18
CA MET H 3104 -55.32 57.12 -113.86
C MET H 3104 -56.06 56.39 -114.99
N LEU H 3105 -55.70 56.68 -116.24
CA LEU H 3105 -56.22 55.86 -117.34
C LEU H 3105 -55.80 54.41 -117.18
N SER H 3106 -54.54 54.17 -116.80
CA SER H 3106 -54.08 52.81 -116.55
C SER H 3106 -54.87 52.14 -115.45
N SER H 3107 -55.19 52.86 -114.37
CA SER H 3107 -56.01 52.29 -113.30
C SER H 3107 -57.41 51.95 -113.80
N LEU H 3108 -58.02 52.85 -114.57
CA LEU H 3108 -59.31 52.56 -115.20
C LEU H 3108 -59.24 51.28 -116.02
N PHE H 3109 -58.17 51.15 -116.79
CA PHE H 3109 -58.00 50.02 -117.70
C PHE H 3109 -57.82 48.72 -116.94
N GLU H 3110 -56.98 48.75 -115.90
CA GLU H 3110 -56.78 47.59 -115.04
C GLU H 3110 -58.08 47.17 -114.38
N HIS H 3111 -58.80 48.11 -113.78
CA HIS H 3111 -60.06 47.77 -113.14
C HIS H 3111 -61.05 47.18 -114.13
N ILE H 3112 -61.20 47.81 -115.29
CA ILE H 3112 -62.25 47.40 -116.21
C ILE H 3112 -61.94 46.02 -116.77
N GLY H 3113 -60.67 45.78 -117.14
CA GLY H 3113 -60.28 44.47 -117.65
C GLY H 3113 -60.37 43.38 -116.59
N GLN H 3114 -59.89 43.66 -115.38
CA GLN H 3114 -59.97 42.68 -114.30
C GLN H 3114 -61.40 42.37 -113.91
N HIS H 3115 -62.29 43.36 -113.94
CA HIS H 3115 -63.63 43.19 -113.44
C HIS H 3115 -64.59 42.87 -114.59
N GLN H 3116 -64.03 42.60 -115.77
CA GLN H 3116 -64.60 41.89 -116.92
C GLN H 3116 -65.52 42.81 -117.72
N PHE H 3117 -65.83 43.99 -117.20
CA PHE H 3117 -66.66 44.96 -117.90
C PHE H 3117 -65.93 45.75 -118.98
N GLY H 3118 -64.74 45.33 -119.42
CA GLY H 3118 -64.13 46.01 -120.56
C GLY H 3118 -64.95 45.92 -121.83
N GLU H 3119 -65.29 44.69 -122.23
CA GLU H 3119 -65.99 44.48 -123.50
C GLU H 3119 -67.33 45.19 -123.53
N ASP H 3120 -67.99 45.32 -122.39
CA ASP H 3120 -69.33 45.92 -122.42
C ASP H 3120 -69.35 47.38 -122.00
N LEU H 3121 -68.30 47.86 -121.33
CA LEU H 3121 -68.10 49.30 -121.27
C LEU H 3121 -67.77 49.84 -122.66
N ILE H 3122 -67.19 48.99 -123.50
CA ILE H 3122 -66.75 49.40 -124.83
C ILE H 3122 -67.80 48.92 -125.85
N LEU H 3123 -68.78 49.77 -126.17
CA LEU H 3123 -69.67 49.42 -127.27
C LEU H 3123 -69.57 50.34 -128.48
N GLU H 3124 -69.86 51.63 -128.33
CA GLU H 3124 -70.06 52.44 -129.53
C GLU H 3124 -69.59 53.87 -129.29
N ASP H 3125 -68.65 54.29 -130.13
CA ASP H 3125 -67.96 55.58 -130.15
C ASP H 3125 -67.01 55.68 -128.96
N VAL H 3126 -67.24 54.85 -127.95
CA VAL H 3126 -66.20 54.63 -126.96
C VAL H 3126 -65.13 53.74 -127.57
N GLN H 3127 -65.51 52.92 -128.54
CA GLN H 3127 -64.54 52.15 -129.31
C GLN H 3127 -63.63 53.03 -130.14
N VAL H 3128 -64.15 54.06 -130.81
CA VAL H 3128 -63.24 54.94 -131.55
C VAL H 3128 -62.44 55.82 -130.58
N SER H 3129 -63.01 56.20 -129.43
CA SER H 3129 -62.23 56.88 -128.42
C SER H 3129 -61.04 56.03 -127.97
N CYS H 3130 -61.28 54.74 -127.71
CA CYS H 3130 -60.19 53.87 -127.29
C CYS H 3130 -59.26 53.53 -128.44
N TYR H 3131 -59.74 53.61 -129.68
CA TYR H 3131 -58.84 53.52 -130.83
C TYR H 3131 -57.85 54.69 -130.83
N ARG H 3132 -58.36 55.90 -130.56
CA ARG H 3132 -57.48 57.06 -130.44
C ARG H 3132 -56.48 56.89 -129.31
N ILE H 3133 -56.97 56.41 -128.15
CA ILE H 3133 -56.08 56.18 -127.01
C ILE H 3133 -55.02 55.13 -127.34
N LEU H 3134 -55.41 54.09 -128.09
CA LEU H 3134 -54.46 53.06 -128.49
C LEU H 3134 -53.40 53.63 -129.43
N THR H 3135 -53.81 54.47 -130.38
CA THR H 3135 -52.82 55.09 -131.27
C THR H 3135 -51.85 55.95 -130.48
N SER H 3136 -52.36 56.75 -129.54
CA SER H 3136 -51.49 57.58 -128.71
C SER H 3136 -50.56 56.73 -127.86
N LEU H 3137 -51.08 55.65 -127.27
CA LEU H 3137 -50.28 54.82 -126.39
C LEU H 3137 -49.19 54.08 -127.15
N TYR H 3138 -49.51 53.61 -128.36
CA TYR H 3138 -48.48 53.00 -129.20
C TYR H 3138 -47.45 54.01 -129.67
N ALA H 3139 -47.86 55.26 -129.94
CA ALA H 3139 -46.89 56.30 -130.22
C ALA H 3139 -45.99 56.57 -129.02
N LEU H 3140 -46.56 56.50 -127.81
CA LEU H 3140 -45.74 56.60 -126.60
C LEU H 3140 -44.73 55.46 -126.52
N GLY H 3141 -45.17 54.24 -126.78
CA GLY H 3141 -44.29 53.10 -126.80
C GLY H 3141 -43.20 53.16 -127.84
N THR H 3142 -43.46 53.81 -128.98
CA THR H 3142 -42.45 54.00 -130.01
C THR H 3142 -41.65 55.29 -129.84
N SER H 3143 -42.02 56.15 -128.91
CA SER H 3143 -41.26 57.38 -128.65
C SER H 3143 -40.12 57.09 -127.68
N LYS H 3144 -39.01 57.81 -127.86
CA LYS H 3144 -37.75 57.46 -127.21
C LYS H 3144 -37.03 58.74 -126.76
N SER H 3145 -36.96 58.95 -125.45
CA SER H 3145 -36.25 60.10 -124.89
C SER H 3145 -35.71 59.73 -123.52
N ILE H 3146 -34.91 60.63 -122.95
CA ILE H 3146 -34.33 60.40 -121.63
C ILE H 3146 -35.41 60.50 -120.55
N TYR H 3147 -36.28 61.50 -120.65
CA TYR H 3147 -37.40 61.58 -119.72
C TYR H 3147 -38.39 60.45 -119.94
N VAL H 3148 -38.53 59.99 -121.19
CA VAL H 3148 -39.30 58.79 -121.48
C VAL H 3148 -38.72 57.57 -120.77
N GLU H 3149 -37.40 57.41 -120.79
CA GLU H 3149 -36.76 56.33 -120.05
C GLU H 3149 -36.97 56.48 -118.55
N ARG H 3150 -36.90 57.71 -118.02
CA ARG H 3150 -37.10 57.91 -116.59
C ARG H 3150 -38.51 57.53 -116.16
N GLN H 3151 -39.51 57.95 -116.94
CA GLN H 3151 -40.91 57.65 -116.64
C GLN H 3151 -41.40 56.41 -117.40
N ARG H 3152 -40.47 55.55 -117.81
CA ARG H 3152 -40.80 54.43 -118.69
C ARG H 3152 -41.66 53.38 -118.00
N SER H 3153 -41.46 53.17 -116.70
CA SER H 3153 -42.25 52.16 -115.99
C SER H 3153 -43.73 52.52 -116.00
N ALA H 3154 -44.06 53.79 -115.76
CA ALA H 3154 -45.45 54.23 -115.86
C ALA H 3154 -45.98 54.04 -117.27
N LEU H 3155 -45.17 54.37 -118.28
CA LEU H 3155 -45.58 54.12 -119.66
C LEU H 3155 -45.88 52.65 -119.88
N GLY H 3156 -44.95 51.76 -119.49
CA GLY H 3156 -45.14 50.34 -119.69
C GLY H 3156 -46.34 49.75 -118.98
N GLU H 3157 -46.58 50.17 -117.74
CA GLU H 3157 -47.77 49.70 -117.05
C GLU H 3157 -49.05 50.23 -117.71
N CYS H 3158 -48.99 51.45 -118.26
CA CYS H 3158 -50.14 51.96 -119.01
C CYS H 3158 -50.38 51.11 -120.25
N LEU H 3159 -49.32 50.71 -120.93
CA LEU H 3159 -49.43 49.84 -122.10
C LEU H 3159 -50.09 48.52 -121.73
N ALA H 3160 -49.58 47.87 -120.68
CA ALA H 3160 -50.13 46.59 -120.24
C ALA H 3160 -51.56 46.70 -119.76
N ALA H 3161 -51.90 47.76 -119.03
CA ALA H 3161 -53.29 47.99 -118.62
C ALA H 3161 -54.22 48.18 -119.80
N PHE H 3162 -53.83 49.00 -120.78
CA PHE H 3162 -54.73 49.25 -121.91
C PHE H 3162 -54.87 48.04 -122.82
N ALA H 3163 -53.84 47.22 -122.92
CA ALA H 3163 -54.01 46.03 -123.76
C ALA H 3163 -55.14 45.18 -123.21
N GLY H 3164 -55.18 45.01 -121.89
CA GLY H 3164 -56.29 44.30 -121.27
C GLY H 3164 -57.63 45.00 -121.46
N ALA H 3165 -57.63 46.34 -121.38
CA ALA H 3165 -58.91 47.07 -121.52
C ALA H 3165 -59.45 47.00 -122.94
N PHE H 3166 -58.57 47.03 -123.94
CA PHE H 3166 -58.95 47.21 -125.34
C PHE H 3166 -59.58 45.93 -125.87
N PRO H 3167 -60.74 45.99 -126.51
CA PRO H 3167 -61.50 44.76 -126.83
C PRO H 3167 -61.14 44.11 -128.16
N VAL H 3168 -60.31 44.73 -128.99
CA VAL H 3168 -60.05 44.27 -130.34
C VAL H 3168 -58.63 43.71 -130.42
N ALA H 3169 -58.49 42.57 -131.08
CA ALA H 3169 -57.18 41.93 -131.26
C ALA H 3169 -56.40 42.72 -132.32
N PHE H 3170 -56.09 43.97 -131.97
CA PHE H 3170 -55.56 44.91 -132.96
C PHE H 3170 -54.27 44.37 -133.59
N LEU H 3171 -53.53 43.56 -132.84
CA LEU H 3171 -52.39 42.87 -133.44
C LEU H 3171 -52.84 41.94 -134.55
N GLU H 3172 -53.97 41.25 -134.37
CA GLU H 3172 -54.41 40.22 -135.32
C GLU H 3172 -54.98 40.89 -136.57
N THR H 3173 -54.06 41.42 -137.38
CA THR H 3173 -54.41 42.19 -138.56
C THR H 3173 -55.32 41.40 -139.49
N HIS H 3174 -55.00 40.13 -139.76
CA HIS H 3174 -55.82 39.34 -140.66
C HIS H 3174 -57.18 39.04 -140.05
N LEU H 3175 -57.21 38.57 -138.81
CA LEU H 3175 -58.48 38.29 -138.12
C LEU H 3175 -58.85 39.40 -137.14
N ASP H 3176 -59.02 40.62 -137.66
CA ASP H 3176 -59.75 41.67 -136.96
C ASP H 3176 -61.19 41.84 -137.43
N LYS H 3177 -61.42 41.89 -138.75
CA LYS H 3177 -62.66 42.42 -139.30
C LYS H 3177 -63.88 41.57 -138.92
N HIS H 3178 -63.72 40.25 -138.92
CA HIS H 3178 -64.87 39.35 -138.93
C HIS H 3178 -65.71 39.42 -137.66
N ASN H 3179 -65.19 40.02 -136.60
CA ASN H 3179 -65.89 40.07 -135.32
C ASN H 3179 -67.07 41.02 -135.42
N ILE H 3180 -68.28 40.47 -135.31
CA ILE H 3180 -69.50 41.29 -135.43
C ILE H 3180 -69.65 42.19 -134.21
N TYR H 3181 -68.93 41.90 -133.13
CA TYR H 3181 -69.07 42.61 -131.87
C TYR H 3181 -68.42 43.99 -131.92
N SER H 3182 -67.82 44.38 -133.04
CA SER H 3182 -67.05 45.62 -133.10
C SER H 3182 -67.85 46.75 -133.76
N ILE H 3183 -67.38 47.98 -133.49
CA ILE H 3183 -67.93 49.16 -134.18
C ILE H 3183 -67.80 49.00 -135.69
N TYR H 3184 -66.74 48.33 -136.14
CA TYR H 3184 -66.47 48.24 -137.57
C TYR H 3184 -67.47 47.31 -138.25
N ASN H 3185 -68.26 46.59 -137.46
CA ASN H 3185 -69.36 45.81 -138.01
C ASN H 3185 -70.70 46.47 -137.73
N THR H 3186 -70.85 47.08 -136.55
CA THR H 3186 -72.12 47.74 -136.23
C THR H 3186 -72.22 49.11 -136.88
N LYS H 3187 -71.29 49.45 -137.76
CA LYS H 3187 -71.09 50.85 -138.13
C LYS H 3187 -72.03 51.28 -139.25
N SER H 3188 -72.91 50.36 -139.71
CA SER H 3188 -73.91 50.60 -140.76
C SER H 3188 -73.14 51.07 -142.00
N SER H 3189 -73.70 51.95 -142.84
CA SER H 3189 -72.95 52.61 -143.90
C SER H 3189 -73.14 54.12 -143.90
N ARG H 3190 -74.38 54.57 -143.71
CA ARG H 3190 -74.67 56.00 -143.66
C ARG H 3190 -73.78 56.69 -142.65
N GLU H 3191 -73.46 56.01 -141.54
CA GLU H 3191 -72.66 56.71 -140.54
C GLU H 3191 -71.20 56.28 -140.57
N ARG H 3192 -70.81 55.27 -141.38
CA ARG H 3192 -69.45 55.40 -141.90
C ARG H 3192 -69.27 56.78 -142.50
N ALA H 3193 -70.10 57.10 -143.50
CA ALA H 3193 -69.93 58.37 -144.21
C ALA H 3193 -70.10 59.57 -143.29
N ALA H 3194 -70.98 59.46 -142.30
CA ALA H 3194 -71.13 60.53 -141.31
C ALA H 3194 -69.85 60.75 -140.52
N LEU H 3195 -69.22 59.67 -140.04
CA LEU H 3195 -67.95 59.86 -139.35
C LEU H 3195 -66.79 59.96 -140.34
N SER H 3196 -65.62 60.28 -139.84
CA SER H 3196 -64.39 60.33 -140.63
C SER H 3196 -63.56 59.09 -140.30
N LEU H 3197 -63.51 58.15 -141.22
CA LEU H 3197 -62.90 56.86 -140.96
C LEU H 3197 -61.96 56.49 -142.09
N PRO H 3198 -60.83 55.84 -141.78
CA PRO H 3198 -59.97 55.30 -142.84
C PRO H 3198 -60.53 54.05 -143.51
N THR H 3199 -61.73 53.59 -143.11
CA THR H 3199 -62.53 52.53 -143.72
C THR H 3199 -61.94 51.15 -143.43
N ASN H 3200 -60.76 51.07 -142.82
CA ASN H 3200 -60.14 49.79 -142.51
C ASN H 3200 -59.68 49.80 -141.06
N VAL H 3201 -59.84 48.65 -140.39
CA VAL H 3201 -59.32 48.48 -139.04
C VAL H 3201 -57.81 48.62 -138.99
N GLU H 3202 -57.12 48.37 -140.10
CA GLU H 3202 -55.68 48.57 -140.12
C GLU H 3202 -55.30 49.96 -140.62
N ASP H 3203 -56.15 50.59 -141.45
CA ASP H 3203 -55.85 51.94 -141.91
C ASP H 3203 -56.14 52.97 -140.82
N VAL H 3204 -57.03 52.63 -139.88
CA VAL H 3204 -57.27 53.52 -138.74
C VAL H 3204 -56.09 53.49 -137.79
N CYS H 3205 -55.35 52.38 -137.76
CA CYS H 3205 -54.15 52.24 -136.93
C CYS H 3205 -53.03 51.75 -137.84
N PRO H 3206 -52.52 52.62 -138.72
CA PRO H 3206 -51.52 52.15 -139.69
C PRO H 3206 -50.22 51.68 -139.05
N ASN H 3207 -49.81 52.28 -137.94
CA ASN H 3207 -48.47 52.04 -137.43
C ASN H 3207 -48.38 50.71 -136.71
N ILE H 3208 -49.47 50.28 -136.07
CA ILE H 3208 -49.45 49.03 -135.30
C ILE H 3208 -49.16 47.86 -136.25
N PRO H 3209 -48.29 46.93 -135.88
CA PRO H 3209 -47.92 45.85 -136.80
C PRO H 3209 -48.85 44.65 -136.67
N SER H 3210 -48.75 43.76 -137.66
CA SER H 3210 -49.52 42.52 -137.67
C SER H 3210 -48.95 41.53 -136.67
N LEU H 3211 -49.86 40.79 -136.01
CA LEU H 3211 -49.49 39.96 -134.87
C LEU H 3211 -48.39 38.97 -135.23
N GLU H 3212 -48.52 38.30 -136.37
CA GLU H 3212 -47.49 37.35 -136.80
C GLU H 3212 -46.18 38.06 -137.11
N LYS H 3213 -46.24 39.33 -137.51
CA LYS H 3213 -45.01 40.06 -137.76
C LYS H 3213 -44.32 40.44 -136.46
N LEU H 3214 -45.09 40.88 -135.45
CA LEU H 3214 -44.47 41.07 -134.14
C LEU H 3214 -43.96 39.76 -133.55
N MET H 3215 -44.60 38.63 -133.86
CA MET H 3215 -44.11 37.38 -133.31
C MET H 3215 -42.86 36.90 -134.05
N GLU H 3216 -42.75 37.23 -135.35
CA GLU H 3216 -41.46 37.11 -136.02
C GLU H 3216 -40.41 37.99 -135.34
N GLU H 3217 -40.80 39.20 -134.97
CA GLU H 3217 -39.88 40.08 -134.23
C GLU H 3217 -39.47 39.44 -132.91
N ILE H 3218 -40.43 38.81 -132.22
CA ILE H 3218 -40.15 38.24 -130.91
C ILE H 3218 -39.22 37.04 -131.05
N VAL H 3219 -39.42 36.21 -132.07
CA VAL H 3219 -38.52 35.07 -132.26
C VAL H 3219 -37.13 35.57 -132.67
N GLU H 3220 -37.04 36.55 -133.56
CA GLU H 3220 -35.71 37.01 -133.98
C GLU H 3220 -34.97 37.66 -132.82
N LEU H 3221 -35.70 38.31 -131.91
CA LEU H 3221 -35.05 38.82 -130.72
C LEU H 3221 -34.70 37.68 -129.75
N ALA H 3222 -35.36 36.52 -129.89
CA ALA H 3222 -34.82 35.33 -129.23
C ALA H 3222 -33.43 34.99 -129.74
N GLU H 3223 -33.27 34.81 -131.06
CA GLU H 3223 -31.95 34.42 -131.53
C GLU H 3223 -30.94 35.55 -131.37
N SER H 3224 -31.42 36.78 -131.16
CA SER H 3224 -30.49 37.89 -130.95
C SER H 3224 -29.99 37.93 -129.51
N GLY H 3225 -30.90 37.90 -128.53
CA GLY H 3225 -30.50 38.04 -127.14
C GLY H 3225 -29.88 39.39 -126.87
N ILE H 3226 -30.54 40.44 -127.37
CA ILE H 3226 -30.01 41.80 -127.27
C ILE H 3226 -29.91 42.27 -125.82
N ARG H 3227 -28.95 43.17 -125.58
CA ARG H 3227 -28.62 43.60 -124.23
C ARG H 3227 -29.62 44.64 -123.72
N TYR H 3228 -29.85 44.63 -122.41
CA TYR H 3228 -30.79 45.58 -121.80
C TYR H 3228 -30.23 47.00 -121.75
N THR H 3229 -28.93 47.18 -121.92
CA THR H 3229 -28.41 48.54 -121.98
C THR H 3229 -28.04 48.97 -123.39
N GLN H 3230 -27.97 48.03 -124.33
CA GLN H 3230 -27.68 48.36 -125.72
C GLN H 3230 -28.95 48.61 -126.52
N MET H 3231 -29.92 47.70 -126.45
CA MET H 3231 -31.10 47.75 -127.31
C MET H 3231 -32.34 47.51 -126.44
N PRO H 3232 -32.64 48.42 -125.50
CA PRO H 3232 -33.72 48.13 -124.54
C PRO H 3232 -35.12 48.53 -125.00
N HIS H 3233 -35.24 49.48 -125.93
CA HIS H 3233 -36.54 50.12 -126.17
C HIS H 3233 -37.60 49.15 -126.69
N VAL H 3234 -37.42 48.61 -127.91
CA VAL H 3234 -38.44 47.74 -128.48
C VAL H 3234 -38.64 46.52 -127.59
N MET H 3235 -37.55 45.99 -127.05
CA MET H 3235 -37.52 44.70 -126.39
C MET H 3235 -38.19 44.78 -125.01
N GLU H 3236 -38.17 45.95 -124.36
CA GLU H 3236 -38.92 46.13 -123.11
C GLU H 3236 -40.32 46.69 -123.35
N VAL H 3237 -40.55 47.37 -124.48
CA VAL H 3237 -41.89 47.92 -124.71
C VAL H 3237 -42.84 46.84 -125.20
N ILE H 3238 -42.34 45.86 -125.95
CA ILE H 3238 -43.25 44.93 -126.63
C ILE H 3238 -43.67 43.81 -125.68
N LEU H 3239 -42.75 43.40 -124.80
CA LEU H 3239 -43.00 42.22 -123.97
C LEU H 3239 -44.19 42.39 -123.03
N PRO H 3240 -44.30 43.45 -122.23
CA PRO H 3240 -45.57 43.66 -121.49
C PRO H 3240 -46.78 43.79 -122.37
N MET H 3241 -46.64 44.45 -123.52
CA MET H 3241 -47.72 44.50 -124.49
C MET H 3241 -48.27 43.11 -124.80
N LEU H 3242 -47.41 42.22 -125.30
CA LEU H 3242 -47.86 40.90 -125.73
C LEU H 3242 -48.36 40.10 -124.54
N CYS H 3243 -47.67 40.20 -123.40
CA CYS H 3243 -48.11 39.44 -122.24
C CYS H 3243 -49.51 39.85 -121.81
N SER H 3244 -49.79 41.16 -121.74
CA SER H 3244 -51.12 41.61 -121.36
C SER H 3244 -52.15 41.28 -122.42
N TYR H 3245 -51.75 41.26 -123.70
CA TYR H 3245 -52.61 40.72 -124.75
C TYR H 3245 -52.98 39.27 -124.49
N MET H 3246 -52.00 38.37 -124.63
CA MET H 3246 -52.35 36.96 -124.66
C MET H 3246 -52.90 36.48 -123.32
N SER H 3247 -52.60 37.19 -122.21
CA SER H 3247 -53.20 36.82 -120.93
C SER H 3247 -54.72 36.72 -121.02
N ARG H 3248 -55.34 37.63 -121.77
CA ARG H 3248 -56.79 37.61 -121.88
C ARG H 3248 -57.25 36.95 -123.19
N TRP H 3249 -56.52 37.15 -124.28
CA TRP H 3249 -56.97 36.54 -125.54
C TRP H 3249 -56.52 35.10 -125.75
N TRP H 3250 -55.81 34.49 -124.80
CA TRP H 3250 -55.81 33.03 -124.79
C TRP H 3250 -57.16 32.49 -124.40
N GLU H 3251 -57.66 32.87 -123.23
CA GLU H 3251 -58.97 32.42 -122.81
C GLU H 3251 -60.06 33.01 -123.71
N HIS H 3252 -59.72 34.03 -124.49
CA HIS H 3252 -60.53 34.41 -125.65
C HIS H 3252 -60.03 33.79 -126.96
N GLY H 3253 -59.19 32.77 -126.91
CA GLY H 3253 -58.67 32.15 -128.12
C GLY H 3253 -59.62 31.17 -128.77
N PRO H 3254 -59.13 30.47 -129.80
CA PRO H 3254 -60.00 29.59 -130.59
C PRO H 3254 -60.29 28.26 -129.93
N GLU H 3255 -59.38 27.77 -129.08
CA GLU H 3255 -59.66 26.55 -128.35
C GLU H 3255 -60.36 26.84 -127.04
N ASN H 3256 -60.14 28.04 -126.49
CA ASN H 3256 -60.75 28.40 -125.21
C ASN H 3256 -62.21 28.82 -125.40
N ASN H 3257 -62.54 29.32 -126.59
CA ASN H 3257 -63.94 29.53 -126.95
C ASN H 3257 -64.37 28.41 -127.88
N PRO H 3258 -65.01 27.34 -127.36
CA PRO H 3258 -65.49 26.29 -128.27
C PRO H 3258 -66.48 26.79 -129.29
N GLU H 3259 -67.32 27.76 -128.92
CA GLU H 3259 -68.25 28.37 -129.86
C GLU H 3259 -67.49 29.28 -130.82
N ARG H 3260 -67.78 29.13 -132.11
CA ARG H 3260 -67.16 29.94 -133.16
C ARG H 3260 -65.64 29.76 -133.16
N ALA H 3261 -65.19 28.51 -133.05
CA ALA H 3261 -63.77 28.21 -132.92
C ALA H 3261 -63.01 28.56 -134.18
N GLU H 3262 -61.87 29.23 -134.01
CA GLU H 3262 -61.01 29.71 -135.11
C GLU H 3262 -61.72 30.77 -135.95
N MET H 3263 -62.98 31.05 -135.59
CA MET H 3263 -63.74 32.16 -136.17
C MET H 3263 -64.03 33.23 -135.13
N CYS H 3264 -63.69 32.96 -133.87
CA CYS H 3264 -63.92 33.87 -132.75
C CYS H 3264 -62.87 34.97 -132.70
N CYS H 3265 -62.80 35.67 -131.57
CA CYS H 3265 -62.01 36.90 -131.47
C CYS H 3265 -60.56 36.70 -131.88
N THR H 3266 -59.95 35.60 -131.47
CA THR H 3266 -58.52 35.43 -131.69
C THR H 3266 -58.22 34.00 -132.13
N ALA H 3267 -56.93 33.76 -132.42
CA ALA H 3267 -56.42 32.47 -132.84
C ALA H 3267 -55.22 32.04 -132.01
N LEU H 3268 -54.91 32.77 -130.95
CA LEU H 3268 -53.72 32.52 -130.13
C LEU H 3268 -53.94 31.34 -129.21
N ASN H 3269 -52.98 30.40 -129.18
CA ASN H 3269 -53.18 29.13 -128.50
C ASN H 3269 -52.01 28.81 -127.57
N SER H 3270 -52.19 27.71 -126.82
CA SER H 3270 -51.27 27.27 -125.78
C SER H 3270 -49.87 26.96 -126.31
N GLU H 3271 -49.76 26.26 -127.43
CA GLU H 3271 -48.44 25.98 -128.00
C GLU H 3271 -47.72 27.26 -128.37
N HIS H 3272 -48.44 28.20 -128.97
CA HIS H 3272 -47.82 29.45 -129.38
C HIS H 3272 -47.35 30.29 -128.20
N MET H 3273 -48.18 30.41 -127.16
CA MET H 3273 -47.71 31.14 -125.98
C MET H 3273 -46.60 30.40 -125.28
N ASN H 3274 -46.57 29.06 -125.38
CA ASN H 3274 -45.49 28.31 -124.76
C ASN H 3274 -44.17 28.61 -125.47
N THR H 3275 -44.22 28.70 -126.79
CA THR H 3275 -43.07 29.18 -127.56
C THR H 3275 -42.67 30.58 -127.13
N LEU H 3276 -43.66 31.44 -126.87
CA LEU H 3276 -43.35 32.80 -126.42
C LEU H 3276 -42.72 32.80 -125.02
N LEU H 3277 -43.16 31.90 -124.14
CA LEU H 3277 -42.51 31.72 -122.85
C LEU H 3277 -41.04 31.34 -123.00
N GLY H 3278 -40.78 30.26 -123.75
CA GLY H 3278 -39.41 29.85 -123.98
C GLY H 3278 -38.59 30.93 -124.65
N ASN H 3279 -39.21 31.69 -125.54
CA ASN H 3279 -38.57 32.83 -126.18
C ASN H 3279 -38.12 33.90 -125.20
N ILE H 3280 -39.04 34.41 -124.37
CA ILE H 3280 -38.67 35.45 -123.41
C ILE H 3280 -37.60 34.91 -122.46
N LEU H 3281 -37.76 33.67 -122.04
CA LEU H 3281 -36.84 33.10 -121.07
C LEU H 3281 -35.50 32.70 -121.71
N LYS H 3282 -35.46 32.71 -123.04
CA LYS H 3282 -34.21 32.57 -123.79
C LYS H 3282 -33.49 33.90 -123.94
N ILE H 3283 -34.23 35.00 -124.17
CA ILE H 3283 -33.58 36.31 -124.15
C ILE H 3283 -32.99 36.63 -122.78
N ILE H 3284 -33.70 36.34 -121.69
CA ILE H 3284 -33.15 36.68 -120.38
C ILE H 3284 -31.82 35.96 -120.15
N TYR H 3285 -31.61 34.82 -120.83
CA TYR H 3285 -30.35 34.10 -120.72
C TYR H 3285 -29.18 34.96 -121.18
N ASN H 3286 -29.33 35.63 -122.32
CA ASN H 3286 -28.30 36.57 -122.77
C ASN H 3286 -28.33 37.84 -121.94
N ASN H 3287 -29.50 38.19 -121.40
CA ASN H 3287 -29.65 39.44 -120.67
C ASN H 3287 -28.94 39.36 -119.32
N LEU H 3288 -28.67 38.15 -118.84
CA LEU H 3288 -27.96 37.99 -117.57
C LEU H 3288 -26.58 38.63 -117.61
N GLY H 3289 -25.99 38.77 -118.80
CA GLY H 3289 -24.65 39.32 -118.92
C GLY H 3289 -24.54 40.78 -118.53
N ILE H 3290 -25.66 41.50 -118.49
CA ILE H 3290 -25.65 42.91 -118.14
C ILE H 3290 -26.39 43.09 -116.82
N ASP H 3291 -26.49 42.00 -116.05
CA ASP H 3291 -27.06 41.99 -114.71
C ASP H 3291 -28.56 42.27 -114.71
N GLU H 3292 -29.15 42.45 -115.90
CA GLU H 3292 -30.60 42.51 -116.06
C GLU H 3292 -31.21 43.72 -115.37
N GLY H 3293 -32.54 43.79 -115.34
CA GLY H 3293 -33.26 44.89 -114.73
C GLY H 3293 -34.56 44.44 -114.09
N ALA H 3294 -35.21 45.34 -113.35
CA ALA H 3294 -36.39 44.98 -112.56
C ALA H 3294 -37.64 44.75 -113.40
N TRP H 3295 -37.69 45.26 -114.63
CA TRP H 3295 -38.96 45.24 -115.34
C TRP H 3295 -39.30 43.82 -115.78
N MET H 3296 -38.29 42.97 -115.98
CA MET H 3296 -38.60 41.56 -116.24
C MET H 3296 -39.01 40.83 -114.97
N LYS H 3297 -38.60 41.29 -113.78
CA LYS H 3297 -39.26 40.81 -112.59
C LYS H 3297 -40.72 41.24 -112.56
N ARG H 3298 -41.01 42.43 -113.06
CA ARG H 3298 -42.41 42.82 -113.25
C ARG H 3298 -43.12 41.92 -114.25
N LEU H 3299 -42.42 41.51 -115.33
CA LEU H 3299 -43.00 40.53 -116.24
C LEU H 3299 -43.26 39.20 -115.54
N ALA H 3300 -42.34 38.74 -114.70
CA ALA H 3300 -42.58 37.52 -113.93
C ALA H 3300 -43.82 37.69 -113.06
N VAL H 3301 -44.01 38.88 -112.49
CA VAL H 3301 -45.22 39.18 -111.73
C VAL H 3301 -46.45 39.05 -112.62
N PHE H 3302 -46.38 39.59 -113.83
CA PHE H 3302 -47.48 39.47 -114.79
C PHE H 3302 -47.72 38.00 -115.16
N SER H 3303 -46.67 37.20 -115.15
CA SER H 3303 -46.71 35.87 -115.76
C SER H 3303 -47.00 34.75 -114.77
N GLN H 3304 -46.92 34.98 -113.46
CA GLN H 3304 -47.43 33.88 -112.62
C GLN H 3304 -48.90 33.60 -112.95
N PRO H 3305 -49.74 34.62 -113.18
CA PRO H 3305 -51.07 34.31 -113.75
C PRO H 3305 -50.98 33.53 -115.04
N ILE H 3306 -50.04 33.85 -115.92
CA ILE H 3306 -49.84 33.09 -117.14
C ILE H 3306 -49.47 31.65 -116.82
N ILE H 3307 -48.55 31.45 -115.89
CA ILE H 3307 -48.11 30.10 -115.55
C ILE H 3307 -49.27 29.29 -114.98
N ASN H 3308 -50.05 29.89 -114.09
CA ASN H 3308 -51.22 29.22 -113.53
C ASN H 3308 -52.26 28.87 -114.58
N LYS H 3309 -52.55 29.78 -115.52
CA LYS H 3309 -53.63 29.54 -116.46
C LYS H 3309 -53.18 28.65 -117.61
N VAL H 3310 -51.86 28.49 -117.80
CA VAL H 3310 -51.36 27.45 -118.69
C VAL H 3310 -51.49 26.08 -118.02
N LYS H 3311 -51.82 25.07 -118.82
CA LYS H 3311 -52.11 23.76 -118.30
C LYS H 3311 -50.88 23.16 -117.62
N PRO H 3312 -51.05 22.45 -116.49
CA PRO H 3312 -49.89 21.88 -115.79
C PRO H 3312 -49.13 20.85 -116.62
N GLN H 3313 -49.76 20.27 -117.64
CA GLN H 3313 -49.03 19.36 -118.52
C GLN H 3313 -47.90 20.10 -119.23
N LEU H 3314 -48.17 21.32 -119.69
CA LEU H 3314 -47.10 22.13 -120.26
C LEU H 3314 -46.07 22.50 -119.21
N LEU H 3315 -46.46 22.58 -117.94
CA LEU H 3315 -45.48 22.78 -116.89
C LEU H 3315 -44.51 21.59 -116.82
N LYS H 3316 -45.05 20.39 -116.63
CA LYS H 3316 -44.20 19.21 -116.66
C LYS H 3316 -43.45 19.09 -117.98
N THR H 3317 -42.14 18.80 -117.88
CA THR H 3317 -41.23 18.47 -118.96
C THR H 3317 -40.84 19.66 -119.84
N HIS H 3318 -41.45 20.83 -119.64
CA HIS H 3318 -40.96 22.00 -120.36
C HIS H 3318 -40.62 23.14 -119.40
N PHE H 3319 -41.53 23.44 -118.47
CA PHE H 3319 -41.35 24.52 -117.52
C PHE H 3319 -40.58 24.05 -116.29
N LEU H 3320 -40.66 22.76 -115.95
CA LEU H 3320 -39.74 22.17 -114.97
C LEU H 3320 -38.29 22.25 -115.41
N PRO H 3321 -37.91 21.87 -116.64
CA PRO H 3321 -36.57 22.20 -117.11
C PRO H 3321 -36.30 23.69 -117.08
N LEU H 3322 -37.32 24.52 -117.19
CA LEU H 3322 -37.11 25.94 -116.96
C LEU H 3322 -36.79 26.28 -115.51
N MET H 3323 -37.44 25.62 -114.55
CA MET H 3323 -37.08 25.74 -113.14
C MET H 3323 -35.66 25.28 -112.85
N GLU H 3324 -35.18 24.25 -113.54
CA GLU H 3324 -33.79 23.85 -113.35
C GLU H 3324 -32.83 24.80 -114.09
N LYS H 3325 -33.27 25.33 -115.24
CA LYS H 3325 -32.50 26.33 -115.96
C LYS H 3325 -32.38 27.63 -115.17
N LEU H 3326 -33.48 28.08 -114.59
CA LEU H 3326 -33.52 29.20 -113.67
C LEU H 3326 -32.83 28.86 -112.35
N LYS H 3327 -32.73 27.57 -112.00
CA LYS H 3327 -31.85 27.13 -110.94
C LYS H 3327 -30.39 27.40 -111.28
N LYS H 3328 -30.00 27.26 -112.56
CA LYS H 3328 -28.70 27.82 -112.94
C LYS H 3328 -28.70 29.34 -112.79
N LYS H 3329 -29.81 29.99 -113.15
CA LYS H 3329 -29.90 31.44 -113.07
C LYS H 3329 -29.92 31.96 -111.63
N ALA H 3330 -30.04 31.07 -110.65
CA ALA H 3330 -30.02 31.46 -109.24
C ALA H 3330 -28.68 32.05 -108.80
N ALA H 3331 -27.67 32.08 -109.69
CA ALA H 3331 -26.40 32.72 -109.35
C ALA H 3331 -26.58 34.21 -109.10
N THR H 3332 -27.50 34.84 -109.84
CA THR H 3332 -27.78 36.25 -109.64
C THR H 3332 -28.40 36.49 -108.27
N VAL H 3333 -28.07 37.63 -107.66
CA VAL H 3333 -28.57 37.95 -106.33
C VAL H 3333 -30.07 38.16 -106.35
N VAL H 3334 -30.62 38.56 -107.49
CA VAL H 3334 -32.05 38.83 -107.59
C VAL H 3334 -32.83 37.53 -107.36
N SER H 3335 -34.04 37.66 -106.83
CA SER H 3335 -34.90 36.52 -106.54
C SER H 3335 -35.55 36.04 -107.84
N GLU H 3336 -35.32 34.78 -108.16
CA GLU H 3336 -35.81 34.18 -109.41
C GLU H 3336 -37.15 33.51 -109.16
N GLU H 3337 -38.23 34.21 -109.48
CA GLU H 3337 -39.59 33.73 -109.29
C GLU H 3337 -39.84 33.29 -107.85
N VAL H 3599 -26.42 54.31 -76.27
CA VAL H 3599 -26.33 54.96 -77.56
C VAL H 3599 -26.66 56.45 -77.42
N VAL H 3600 -27.96 56.76 -77.35
CA VAL H 3600 -28.38 58.15 -77.26
C VAL H 3600 -27.79 58.82 -76.01
N ALA H 3601 -27.62 58.06 -74.93
CA ALA H 3601 -27.06 58.64 -73.71
C ALA H 3601 -25.62 59.08 -73.92
N CYS H 3602 -24.81 58.26 -74.61
CA CYS H 3602 -23.40 58.60 -74.77
C CYS H 3602 -23.21 59.63 -75.88
N PHE H 3603 -24.11 59.66 -76.86
CA PHE H 3603 -24.06 60.77 -77.84
C PHE H 3603 -24.50 62.08 -77.22
N ARG H 3604 -25.45 62.06 -76.27
CA ARG H 3604 -25.92 63.28 -75.64
C ARG H 3604 -24.93 63.78 -74.59
N MET H 3605 -23.95 62.95 -74.24
CA MET H 3605 -22.79 63.41 -73.47
C MET H 3605 -21.84 64.16 -74.39
N ALA H 3606 -21.60 65.43 -74.12
CA ALA H 3606 -20.74 66.23 -74.99
C ALA H 3606 -19.28 65.84 -74.81
N PRO H 3607 -18.54 65.59 -75.89
CA PRO H 3607 -17.11 65.29 -75.75
C PRO H 3607 -16.33 66.46 -75.16
N LEU H 3608 -15.06 66.19 -74.84
CA LEU H 3608 -14.23 67.17 -74.15
C LEU H 3608 -14.08 68.47 -74.93
N TYR H 3609 -14.12 68.40 -76.27
CA TYR H 3609 -13.88 69.60 -77.07
C TYR H 3609 -15.05 70.58 -76.97
N ASN H 3610 -16.25 70.07 -76.69
CA ASN H 3610 -17.41 70.96 -76.57
C ASN H 3610 -17.40 71.73 -75.25
N LEU H 3611 -16.74 71.19 -74.22
CA LEU H 3611 -16.77 71.83 -72.92
C LEU H 3611 -16.06 73.18 -72.95
N PRO H 3612 -16.48 74.14 -72.13
CA PRO H 3612 -15.75 75.41 -72.05
C PRO H 3612 -14.32 75.20 -71.59
N ARG H 3613 -13.44 76.09 -72.04
CA ARG H 3613 -12.01 75.84 -71.91
C ARG H 3613 -11.56 75.81 -70.45
N HIS H 3614 -12.19 76.60 -69.58
CA HIS H 3614 -11.80 76.61 -68.18
C HIS H 3614 -12.14 75.29 -67.49
N ARG H 3615 -13.29 74.71 -67.82
CA ARG H 3615 -13.63 73.39 -67.30
C ARG H 3615 -12.62 72.34 -67.76
N ALA H 3616 -12.21 72.42 -69.02
CA ALA H 3616 -11.18 71.52 -69.54
C ALA H 3616 -9.86 71.73 -68.82
N VAL H 3617 -9.56 72.98 -68.47
CA VAL H 3617 -8.33 73.26 -67.70
C VAL H 3617 -8.39 72.61 -66.33
N ASN H 3618 -9.53 72.71 -65.64
CA ASN H 3618 -9.66 72.08 -64.34
C ASN H 3618 -9.54 70.55 -64.44
N LEU H 3619 -10.20 69.97 -65.43
CA LEU H 3619 -10.11 68.52 -65.63
C LEU H 3619 -8.68 68.10 -65.96
N PHE H 3620 -7.99 68.89 -66.78
CA PHE H 3620 -6.61 68.57 -67.13
C PHE H 3620 -5.71 68.69 -65.90
N LEU H 3621 -5.95 69.68 -65.04
CA LEU H 3621 -5.16 69.80 -63.82
C LEU H 3621 -5.32 68.56 -62.95
N GLN H 3622 -6.56 68.12 -62.74
CA GLN H 3622 -6.77 66.92 -61.93
C GLN H 3622 -6.14 65.69 -62.56
N GLY H 3623 -6.33 65.51 -63.87
CA GLY H 3623 -5.76 64.36 -64.55
C GLY H 3623 -4.25 64.38 -64.56
N TYR H 3624 -3.66 65.55 -64.80
CA TYR H 3624 -2.21 65.71 -64.75
C TYR H 3624 -1.67 65.35 -63.39
N GLU H 3625 -2.28 65.87 -62.32
CA GLU H 3625 -1.90 65.45 -60.98
C GLU H 3625 -1.88 63.93 -60.87
N LYS H 3626 -3.05 63.31 -61.06
CA LYS H 3626 -3.19 61.89 -60.79
C LYS H 3626 -2.26 61.05 -61.66
N SER H 3627 -2.01 61.47 -62.88
CA SER H 3627 -1.31 60.60 -63.83
C SER H 3627 0.20 60.81 -63.79
N TRP H 3628 0.66 62.01 -63.48
CA TRP H 3628 2.08 62.33 -63.56
C TRP H 3628 2.67 62.66 -62.18
N ILE H 3629 2.04 63.58 -61.44
CA ILE H 3629 2.68 64.10 -60.23
C ILE H 3629 2.70 63.02 -59.15
N GLU H 3630 1.58 62.30 -59.00
CA GLU H 3630 1.53 61.21 -58.04
C GLU H 3630 2.44 60.06 -58.46
N THR H 3631 2.50 59.77 -59.76
CA THR H 3631 3.29 58.63 -60.23
C THR H 3631 4.77 58.92 -60.23
N GLU H 3632 5.17 60.19 -60.17
CA GLU H 3632 6.59 60.53 -60.13
C GLU H 3632 7.23 59.96 -58.86
N GLU H 3633 8.41 59.35 -59.04
CA GLU H 3633 9.06 58.61 -57.97
C GLU H 3633 10.53 59.00 -57.92
N HIS H 3634 11.06 59.12 -56.71
CA HIS H 3634 12.47 59.46 -56.51
C HIS H 3634 12.96 58.89 -55.20
N TYR H 3635 14.23 58.47 -55.18
CA TYR H 3635 14.83 57.74 -54.06
C TYR H 3635 15.86 58.64 -53.37
N PHE H 3636 15.45 59.23 -52.24
CA PHE H 3636 16.30 60.11 -51.45
C PHE H 3636 16.44 59.65 -50.00
N GLU H 3637 15.71 58.59 -49.62
CA GLU H 3637 15.54 58.27 -48.20
C GLU H 3637 16.86 57.90 -47.55
N ASP H 3638 17.67 57.08 -48.23
CA ASP H 3638 18.93 56.64 -47.66
C ASP H 3638 19.89 57.81 -47.49
N LYS H 3639 19.98 58.69 -48.50
CA LYS H 3639 20.81 59.88 -48.39
C LYS H 3639 20.37 60.76 -47.23
N LEU H 3640 19.06 61.00 -47.11
CA LEU H 3640 18.55 61.85 -46.05
C LEU H 3640 18.85 61.27 -44.68
N ILE H 3641 18.62 59.95 -44.52
CA ILE H 3641 18.82 59.32 -43.22
C ILE H 3641 20.30 59.32 -42.85
N GLU H 3642 21.18 59.05 -43.83
CA GLU H 3642 22.62 59.08 -43.54
C GLU H 3642 23.07 60.48 -43.17
N ASP H 3643 22.60 61.50 -43.89
CA ASP H 3643 22.97 62.88 -43.57
C ASP H 3643 22.48 63.29 -42.19
N LEU H 3644 21.27 62.88 -41.80
CA LEU H 3644 20.79 63.16 -40.46
C LEU H 3644 21.56 62.37 -39.40
N ALA H 3645 21.99 61.16 -39.72
CA ALA H 3645 22.66 60.32 -38.74
C ALA H 3645 24.11 60.75 -38.53
N LYS H 3646 24.69 61.45 -39.51
CA LYS H 3646 26.07 61.87 -39.40
C LYS H 3646 26.26 62.82 -38.21
N PRO H 3647 27.16 62.50 -37.27
CA PRO H 3647 27.49 63.46 -36.21
C PRO H 3647 28.39 64.56 -36.77
N GLY H 3648 27.89 65.78 -36.81
CA GLY H 3648 28.59 66.84 -37.50
C GLY H 3648 29.49 67.69 -36.64
N ALA H 3649 30.78 67.71 -36.98
CA ALA H 3649 31.77 68.60 -36.37
C ALA H 3649 31.78 68.47 -34.85
N GLU H 3650 31.73 67.24 -34.35
CA GLU H 3650 31.69 67.01 -32.91
C GLU H 3650 32.89 67.62 -32.19
N PRO H 3651 34.11 67.49 -32.69
CA PRO H 3651 35.24 68.19 -32.04
C PRO H 3651 35.07 69.71 -32.08
N PRO H 3652 34.61 70.30 -33.19
CA PRO H 3652 34.29 71.74 -33.13
C PRO H 3652 33.25 72.15 -32.09
N GLU H 3653 32.18 71.38 -31.87
CA GLU H 3653 31.31 71.68 -30.73
C GLU H 3653 31.80 70.91 -29.51
N GLU H 3654 32.64 71.56 -28.71
CA GLU H 3654 33.16 71.00 -27.45
C GLU H 3654 32.05 71.07 -26.40
N ASP H 3655 31.47 69.92 -26.10
CA ASP H 3655 30.46 69.84 -25.04
C ASP H 3655 31.10 69.56 -23.68
N GLU H 3656 32.32 69.03 -23.68
CA GLU H 3656 33.02 68.63 -22.45
C GLU H 3656 32.15 67.70 -21.60
N GLY H 3657 31.52 66.72 -22.26
CA GLY H 3657 30.66 65.81 -21.55
C GLY H 3657 30.31 64.61 -22.40
N THR H 3658 29.07 64.17 -22.26
CA THR H 3658 28.60 63.00 -23.00
C THR H 3658 28.50 63.30 -24.50
N LYS H 3659 28.45 62.25 -25.31
CA LYS H 3659 28.38 62.40 -26.76
C LYS H 3659 27.09 63.12 -27.15
N ARG H 3660 27.19 63.96 -28.17
CA ARG H 3660 26.08 64.84 -28.53
C ARG H 3660 25.10 64.12 -29.44
N VAL H 3661 23.81 64.32 -29.16
CA VAL H 3661 22.76 63.63 -29.92
C VAL H 3661 22.74 64.13 -31.37
N ASP H 3662 22.71 63.17 -32.29
CA ASP H 3662 22.63 63.49 -33.71
C ASP H 3662 21.21 63.96 -34.06
N PRO H 3663 21.05 64.64 -35.21
CA PRO H 3663 19.70 65.11 -35.59
C PRO H 3663 18.67 63.99 -35.71
N LEU H 3664 19.06 62.83 -36.23
CA LEU H 3664 18.13 61.71 -36.30
C LEU H 3664 17.72 61.25 -34.91
N HIS H 3665 18.69 61.19 -33.98
CA HIS H 3665 18.39 60.82 -32.61
C HIS H 3665 17.45 61.82 -31.97
N GLN H 3666 17.64 63.12 -32.25
CA GLN H 3666 16.73 64.15 -31.76
C GLN H 3666 15.32 63.99 -32.32
N LEU H 3667 15.19 63.69 -33.62
CA LEU H 3667 13.86 63.47 -34.18
C LEU H 3667 13.17 62.27 -33.53
N ILE H 3668 13.92 61.17 -33.33
CA ILE H 3668 13.38 60.01 -32.65
C ILE H 3668 12.98 60.31 -31.21
N LEU H 3669 13.79 61.08 -30.48
CA LEU H 3669 13.42 61.51 -29.13
C LEU H 3669 12.17 62.38 -29.12
N LEU H 3670 12.04 63.30 -30.07
CA LEU H 3670 10.82 64.11 -30.16
C LEU H 3670 9.60 63.22 -30.35
N PHE H 3671 9.66 62.30 -31.31
CA PHE H 3671 8.53 61.42 -31.54
C PHE H 3671 8.23 60.52 -30.33
N SER H 3672 9.27 60.00 -29.68
CA SER H 3672 9.08 59.16 -28.50
C SER H 3672 8.43 59.93 -27.36
N ARG H 3673 8.88 61.17 -27.12
CA ARG H 3673 8.26 61.99 -26.09
C ARG H 3673 6.81 62.31 -26.43
N THR H 3674 6.53 62.60 -27.70
CA THR H 3674 5.14 62.85 -28.10
C THR H 3674 4.27 61.62 -27.87
N ALA H 3675 4.80 60.44 -28.19
CA ALA H 3675 4.05 59.20 -27.95
C ALA H 3675 3.82 58.97 -26.46
N LEU H 3676 4.85 59.23 -25.63
CA LEU H 3676 4.75 58.97 -24.21
C LEU H 3676 3.88 60.00 -23.50
N THR H 3677 3.66 61.17 -24.08
CA THR H 3677 2.77 62.16 -23.49
C THR H 3677 1.36 61.58 -23.37
N GLU H 3678 0.78 61.72 -22.18
CA GLU H 3678 -0.52 61.10 -21.92
C GLU H 3678 -1.63 61.85 -22.66
N LYS H 3679 -2.30 61.16 -23.57
CA LYS H 3679 -3.45 61.70 -24.29
C LYS H 3679 -4.51 60.62 -24.41
N CYS H 3680 -5.77 61.05 -24.48
CA CYS H 3680 -6.87 60.10 -24.61
C CYS H 3680 -6.94 59.46 -25.98
N LYS H 3681 -6.34 60.08 -27.00
CA LYS H 3681 -6.37 59.55 -28.36
C LYS H 3681 -5.04 59.85 -29.04
N LEU H 3682 -4.66 58.97 -29.96
CA LEU H 3682 -3.45 59.15 -30.75
C LEU H 3682 -3.75 60.13 -31.88
N GLU H 3683 -3.38 61.39 -31.68
CA GLU H 3683 -3.65 62.42 -32.66
C GLU H 3683 -2.74 62.24 -33.88
N GLU H 3684 -3.33 62.36 -35.07
CA GLU H 3684 -2.59 62.17 -36.30
C GLU H 3684 -1.51 63.23 -36.44
N ASP H 3685 -0.30 62.80 -36.80
CA ASP H 3685 0.83 63.70 -36.98
C ASP H 3685 1.43 63.49 -38.36
N PHE H 3686 1.35 64.52 -39.20
CA PHE H 3686 1.89 64.44 -40.55
C PHE H 3686 3.40 64.23 -40.53
N LEU H 3687 4.09 64.89 -39.60
CA LEU H 3687 5.54 64.70 -39.49
C LEU H 3687 5.87 63.24 -39.19
N TYR H 3688 5.09 62.60 -38.32
CA TYR H 3688 5.33 61.19 -38.04
C TYR H 3688 5.02 60.34 -39.26
N MET H 3689 3.86 60.52 -39.89
CA MET H 3689 3.55 59.71 -41.07
C MET H 3689 4.56 59.88 -42.20
N ALA H 3690 5.25 61.02 -42.26
CA ALA H 3690 6.25 61.21 -43.30
C ALA H 3690 7.60 60.62 -42.91
N TYR H 3691 8.10 60.96 -41.72
CA TYR H 3691 9.45 60.53 -41.35
C TYR H 3691 9.51 59.05 -41.00
N ALA H 3692 8.44 58.47 -40.45
CA ALA H 3692 8.42 57.03 -40.24
C ALA H 3692 8.50 56.29 -41.56
N ASP H 3693 7.77 56.76 -42.58
CA ASP H 3693 7.85 56.16 -43.90
C ASP H 3693 9.25 56.31 -44.49
N ILE H 3694 9.87 57.48 -44.31
CA ILE H 3694 11.24 57.67 -44.80
C ILE H 3694 12.19 56.68 -44.13
N MET H 3695 12.10 56.55 -42.81
CA MET H 3695 12.93 55.59 -42.10
C MET H 3695 12.67 54.16 -42.56
N ALA H 3696 11.40 53.78 -42.75
CA ALA H 3696 11.07 52.43 -43.18
C ALA H 3696 11.63 52.11 -44.55
N LYS H 3697 11.57 53.06 -45.50
CA LYS H 3697 12.17 52.79 -46.81
C LYS H 3697 13.70 52.79 -46.73
N SER H 3698 14.28 53.58 -45.82
CA SER H 3698 15.73 53.57 -45.66
C SER H 3698 16.23 52.22 -45.19
N CYS H 3699 15.43 51.51 -44.38
CA CYS H 3699 15.84 50.20 -43.91
C CYS H 3699 15.96 49.17 -45.03
N HIS H 3700 15.08 49.21 -46.02
CA HIS H 3700 15.10 48.17 -47.06
C HIS H 3700 15.92 48.59 -48.27
N ASP H 3701 15.68 49.78 -48.82
CA ASP H 3701 16.46 50.33 -49.94
C ASP H 3701 16.74 49.29 -51.03
N GLU H 3702 15.69 48.76 -51.65
CA GLU H 3702 15.88 47.94 -52.85
C GLU H 3702 15.26 48.64 -54.06
N GLU H 3710 18.71 34.56 -61.77
CA GLU H 3710 19.09 35.76 -61.03
C GLU H 3710 19.39 35.44 -59.57
N VAL H 3711 19.59 34.14 -59.29
CA VAL H 3711 19.86 33.72 -57.92
C VAL H 3711 21.19 34.30 -57.47
N LYS H 3712 21.14 35.13 -56.43
CA LYS H 3712 22.35 35.74 -55.91
C LYS H 3712 23.25 34.69 -55.28
N SER H 3713 24.56 34.89 -55.44
CA SER H 3713 25.53 33.98 -54.85
C SER H 3713 25.57 34.16 -53.34
N PHE H 3714 26.32 33.27 -52.68
CA PHE H 3714 26.46 33.33 -51.24
C PHE H 3714 27.09 34.65 -50.79
N GLU H 3715 28.10 35.13 -51.52
CA GLU H 3715 28.71 36.41 -51.18
C GLU H 3715 27.70 37.54 -51.27
N GLU H 3716 26.89 37.55 -52.34
CA GLU H 3716 25.88 38.59 -52.50
C GLU H 3716 24.85 38.54 -51.38
N LYS H 3717 24.40 37.34 -51.02
CA LYS H 3717 23.40 37.21 -49.97
C LYS H 3717 23.96 37.70 -48.63
N GLU H 3718 25.20 37.30 -48.30
CA GLU H 3718 25.78 37.73 -47.03
C GLU H 3718 26.06 39.23 -47.03
N MET H 3719 26.48 39.78 -48.16
CA MET H 3719 26.69 41.22 -48.31
C MET H 3719 25.42 42.01 -48.14
N GLU H 3720 24.30 41.53 -48.66
CA GLU H 3720 23.00 42.15 -48.46
C GLU H 3720 22.49 42.03 -47.03
N LYS H 3721 22.68 40.87 -46.39
CA LYS H 3721 22.31 40.74 -44.98
C LYS H 3721 23.10 41.70 -44.10
N GLN H 3722 24.40 41.82 -44.33
CA GLN H 3722 25.22 42.76 -43.57
C GLN H 3722 24.79 44.20 -43.76
N LYS H 3723 24.50 44.61 -45.00
CA LYS H 3723 24.03 45.96 -45.27
C LYS H 3723 22.66 46.23 -44.66
N LEU H 3724 21.76 45.25 -44.69
CA LEU H 3724 20.48 45.38 -44.01
C LEU H 3724 20.68 45.56 -42.51
N LEU H 3725 21.59 44.78 -41.91
CA LEU H 3725 21.88 44.91 -40.49
C LEU H 3725 22.43 46.30 -40.17
N TYR H 3726 23.32 46.81 -41.01
CA TYR H 3726 23.86 48.16 -40.79
C TYR H 3726 22.78 49.22 -40.90
N GLN H 3727 21.90 49.10 -41.89
CA GLN H 3727 20.81 50.06 -42.06
C GLN H 3727 19.82 50.01 -40.89
N GLN H 3728 19.56 48.82 -40.35
CA GLN H 3728 18.70 48.71 -39.18
C GLN H 3728 19.38 49.21 -37.91
N ALA H 3729 20.70 49.06 -37.82
CA ALA H 3729 21.47 49.65 -36.73
C ALA H 3729 21.42 51.17 -36.75
N ARG H 3730 21.53 51.78 -37.94
CA ARG H 3730 21.44 53.23 -38.07
C ARG H 3730 20.15 53.79 -37.48
N LEU H 3731 19.14 52.95 -37.22
CA LEU H 3731 17.92 53.40 -36.57
C LEU H 3731 17.77 52.91 -35.15
N HIS H 3732 17.92 51.60 -34.88
CA HIS H 3732 17.62 51.14 -33.53
C HIS H 3732 18.76 51.43 -32.58
N ASP H 3733 19.90 51.90 -33.10
CA ASP H 3733 20.94 52.43 -32.22
C ASP H 3733 20.50 53.74 -31.60
N ARG H 3734 19.61 54.46 -32.27
CA ARG H 3734 19.14 55.75 -31.80
C ARG H 3734 17.81 55.66 -31.04
N GLY H 3735 17.28 54.45 -30.84
CA GLY H 3735 16.09 54.27 -30.03
C GLY H 3735 14.78 54.26 -30.78
N ALA H 3736 14.72 53.54 -31.90
CA ALA H 3736 13.51 53.48 -32.71
C ALA H 3736 12.55 52.37 -32.29
N ALA H 3737 13.07 51.26 -31.76
CA ALA H 3737 12.21 50.17 -31.32
C ALA H 3737 11.31 50.60 -30.18
N GLU H 3738 11.87 51.34 -29.22
CA GLU H 3738 11.06 51.87 -28.12
C GLU H 3738 9.98 52.82 -28.61
N MET H 3739 10.29 53.68 -29.58
CA MET H 3739 9.27 54.52 -30.19
C MET H 3739 8.17 53.69 -30.86
N VAL H 3740 8.56 52.65 -31.59
CA VAL H 3740 7.58 51.82 -32.29
C VAL H 3740 6.65 51.15 -31.30
N LEU H 3741 7.19 50.66 -30.18
CA LEU H 3741 6.34 50.08 -29.14
C LEU H 3741 5.47 51.15 -28.49
N GLN H 3742 6.02 52.33 -28.24
CA GLN H 3742 5.26 53.38 -27.55
C GLN H 3742 4.08 53.86 -28.38
N THR H 3743 4.29 54.03 -29.69
CA THR H 3743 3.20 54.50 -30.54
C THR H 3743 2.07 53.47 -30.60
N ILE H 3744 2.42 52.20 -30.71
CA ILE H 3744 1.40 51.14 -30.71
C ILE H 3744 0.65 51.12 -29.38
N SER H 3745 1.38 51.26 -28.27
CA SER H 3745 0.73 51.30 -26.97
C SER H 3745 -0.21 52.49 -26.82
N ALA H 3746 0.20 53.66 -27.31
CA ALA H 3746 -0.63 54.85 -27.19
C ALA H 3746 -1.80 54.83 -28.16
N SER H 3747 -1.70 54.02 -29.22
CA SER H 3747 -2.81 53.91 -30.17
C SER H 3747 -4.08 53.37 -29.52
N LYS H 3748 -3.96 52.58 -28.45
CA LYS H 3748 -5.10 52.06 -27.71
C LYS H 3748 -6.03 51.25 -28.61
N GLY H 3749 -5.45 50.49 -29.53
CA GLY H 3749 -6.24 49.62 -30.39
C GLY H 3749 -7.18 50.31 -31.34
N GLU H 3750 -6.74 51.40 -31.98
CA GLU H 3750 -7.53 52.11 -32.97
C GLU H 3750 -6.76 52.11 -34.28
N THR H 3751 -7.30 51.42 -35.29
CA THR H 3751 -6.62 51.33 -36.58
C THR H 3751 -6.60 52.71 -37.25
N GLY H 3752 -5.42 53.08 -37.74
CA GLY H 3752 -5.24 54.36 -38.37
C GLY H 3752 -3.93 54.49 -39.12
N PRO H 3753 -3.73 55.62 -39.81
CA PRO H 3753 -2.49 55.82 -40.55
C PRO H 3753 -1.24 55.80 -39.67
N MET H 3754 -1.32 56.36 -38.46
CA MET H 3754 -0.17 56.28 -37.55
C MET H 3754 0.17 54.84 -37.20
N VAL H 3755 -0.86 54.02 -36.93
CA VAL H 3755 -0.62 52.62 -36.60
C VAL H 3755 -0.02 51.89 -37.80
N ALA H 3756 -0.53 52.18 -39.00
CA ALA H 3756 0.00 51.54 -40.19
C ALA H 3756 1.47 51.90 -40.42
N ALA H 3757 1.80 53.19 -40.29
CA ALA H 3757 3.18 53.64 -40.42
C ALA H 3757 4.09 53.04 -39.35
N THR H 3758 3.63 52.98 -38.10
CA THR H 3758 4.43 52.39 -37.04
C THR H 3758 4.68 50.91 -37.30
N LEU H 3759 3.66 50.19 -37.77
CA LEU H 3759 3.83 48.78 -38.09
C LEU H 3759 4.81 48.59 -39.25
N LYS H 3760 4.73 49.45 -40.26
CA LYS H 3760 5.67 49.38 -41.37
C LYS H 3760 7.10 49.63 -40.90
N LEU H 3761 7.28 50.64 -40.03
CA LEU H 3761 8.62 50.91 -39.51
C LEU H 3761 9.14 49.77 -38.66
N GLY H 3762 8.27 49.16 -37.85
CA GLY H 3762 8.67 48.01 -37.07
C GLY H 3762 9.08 46.83 -37.93
N ILE H 3763 8.32 46.58 -39.00
CA ILE H 3763 8.71 45.53 -39.95
C ILE H 3763 10.04 45.85 -40.59
N ALA H 3764 10.25 47.12 -40.94
CA ALA H 3764 11.51 47.52 -41.57
C ALA H 3764 12.70 47.28 -40.64
N ILE H 3765 12.54 47.61 -39.35
CA ILE H 3765 13.66 47.48 -38.43
C ILE H 3765 13.84 46.04 -37.96
N LEU H 3766 12.79 45.23 -38.00
CA LEU H 3766 12.86 43.84 -37.54
C LEU H 3766 12.99 42.85 -38.68
N ASN H 3767 13.08 43.31 -39.92
CA ASN H 3767 13.10 42.40 -41.06
C ASN H 3767 14.36 41.52 -41.04
N GLY H 3768 14.17 40.24 -41.35
CA GLY H 3768 15.25 39.28 -41.30
C GLY H 3768 15.43 38.60 -39.97
N GLY H 3769 14.68 39.00 -38.94
CA GLY H 3769 14.82 38.40 -37.62
C GLY H 3769 15.92 39.05 -36.81
N ASN H 3770 15.84 40.36 -36.60
CA ASN H 3770 16.88 41.08 -35.88
C ASN H 3770 16.83 40.75 -34.39
N SER H 3771 17.78 39.93 -33.95
CA SER H 3771 17.87 39.54 -32.55
C SER H 3771 18.13 40.72 -31.62
N THR H 3772 18.97 41.67 -32.03
CA THR H 3772 19.24 42.84 -31.21
C THR H 3772 17.98 43.67 -30.99
N VAL H 3773 17.21 43.90 -32.06
CA VAL H 3773 15.96 44.64 -31.94
C VAL H 3773 14.94 43.88 -31.13
N GLN H 3774 14.86 42.56 -31.30
CA GLN H 3774 13.94 41.76 -30.49
C GLN H 3774 14.29 41.88 -29.01
N GLN H 3775 15.58 41.78 -28.68
CA GLN H 3775 16.02 41.91 -27.29
C GLN H 3775 15.70 43.29 -26.74
N LYS H 3776 15.94 44.34 -27.53
CA LYS H 3776 15.64 45.69 -27.08
C LYS H 3776 14.15 45.86 -26.79
N MET H 3777 13.30 45.36 -27.70
CA MET H 3777 11.86 45.51 -27.51
C MET H 3777 11.37 44.74 -26.29
N LEU H 3778 11.81 43.49 -26.13
CA LEU H 3778 11.39 42.70 -24.98
C LEU H 3778 11.87 43.31 -23.66
N ASP H 3779 13.12 43.76 -23.62
CA ASP H 3779 13.64 44.39 -22.42
C ASP H 3779 12.87 45.66 -22.09
N TYR H 3780 12.55 46.47 -23.11
CA TYR H 3780 11.80 47.69 -22.89
C TYR H 3780 10.42 47.39 -22.30
N LEU H 3781 9.73 46.39 -22.86
CA LEU H 3781 8.40 46.04 -22.35
C LEU H 3781 8.47 45.57 -20.91
N LYS H 3782 9.38 44.63 -20.63
CA LYS H 3782 9.49 44.07 -19.29
C LYS H 3782 9.85 45.15 -18.27
N GLU H 3783 10.73 46.07 -18.65
CA GLU H 3783 11.07 47.18 -17.77
C GLU H 3783 9.88 48.11 -17.57
N LYS H 3784 9.12 48.37 -18.63
CA LYS H 3784 8.10 49.40 -18.60
C LYS H 3784 6.81 48.95 -17.89
N LYS H 3785 6.62 47.65 -17.66
CA LYS H 3785 5.50 47.20 -16.83
C LYS H 3785 4.17 47.42 -17.54
N ASP H 3786 4.19 47.36 -18.86
CA ASP H 3786 3.06 47.86 -19.65
C ASP H 3786 2.13 46.74 -20.08
N VAL H 3787 0.83 46.96 -19.88
CA VAL H 3787 -0.21 46.10 -20.45
C VAL H 3787 -0.88 46.77 -21.65
N GLY H 3788 -0.70 48.07 -21.84
CA GLY H 3788 -1.32 48.79 -22.94
C GLY H 3788 -0.87 48.36 -24.31
N PHE H 3789 0.40 47.96 -24.46
CA PHE H 3789 0.86 47.45 -25.74
C PHE H 3789 0.06 46.23 -26.17
N PHE H 3790 -0.08 45.25 -25.26
CA PHE H 3790 -0.81 44.03 -25.60
C PHE H 3790 -2.30 44.29 -25.75
N GLN H 3791 -2.86 45.19 -24.93
CA GLN H 3791 -4.26 45.54 -25.09
C GLN H 3791 -4.52 46.20 -26.43
N SER H 3792 -3.63 47.08 -26.86
CA SER H 3792 -3.77 47.73 -28.17
C SER H 3792 -3.62 46.72 -29.30
N LEU H 3793 -2.69 45.77 -29.14
CA LEU H 3793 -2.55 44.71 -30.13
C LEU H 3793 -3.84 43.90 -30.25
N ALA H 3794 -4.44 43.53 -29.12
CA ALA H 3794 -5.70 42.80 -29.16
C ALA H 3794 -6.82 43.62 -29.79
N GLY H 3795 -6.90 44.91 -29.46
CA GLY H 3795 -7.90 45.76 -30.07
C GLY H 3795 -7.76 45.86 -31.58
N LEU H 3796 -6.52 46.08 -32.05
CA LEU H 3796 -6.30 46.16 -33.49
C LEU H 3796 -6.62 44.84 -34.18
N MET H 3797 -6.23 43.71 -33.56
CA MET H 3797 -6.49 42.42 -34.18
C MET H 3797 -7.98 42.13 -34.24
N GLN H 3798 -8.73 42.55 -33.23
CA GLN H 3798 -10.18 42.44 -33.29
C GLN H 3798 -10.76 43.36 -34.37
N SER H 3799 -10.17 44.55 -34.52
CA SER H 3799 -10.67 45.51 -35.50
C SER H 3799 -10.31 45.14 -36.93
N CYS H 3800 -9.39 44.20 -37.13
CA CYS H 3800 -9.04 43.77 -38.47
C CYS H 3800 -10.27 43.18 -39.19
N SER H 3801 -10.37 43.46 -40.48
CA SER H 3801 -11.57 43.15 -41.24
C SER H 3801 -11.45 41.82 -41.99
N VAL H 3802 -12.58 41.36 -42.51
CA VAL H 3802 -12.65 40.14 -43.31
C VAL H 3802 -13.54 40.39 -44.52
N LEU H 3803 -13.76 39.34 -45.33
CA LEU H 3803 -14.62 39.41 -46.49
C LEU H 3803 -16.04 39.75 -46.05
N ASP H 3804 -16.68 40.69 -46.75
CA ASP H 3804 -18.05 41.09 -46.46
C ASP H 3804 -18.91 40.82 -47.69
N LEU H 3805 -19.65 39.71 -47.65
CA LEU H 3805 -20.44 39.30 -48.81
C LEU H 3805 -21.56 40.28 -49.10
N ASN H 3806 -22.12 40.91 -48.06
CA ASN H 3806 -23.17 41.90 -48.27
C ASN H 3806 -22.63 43.10 -49.05
N ALA H 3807 -21.45 43.59 -48.66
CA ALA H 3807 -20.83 44.70 -49.39
C ALA H 3807 -20.48 44.28 -50.81
N PHE H 3808 -19.99 43.05 -51.00
CA PHE H 3808 -19.70 42.58 -52.35
C PHE H 3808 -20.96 42.53 -53.21
N GLU H 3809 -22.06 42.03 -52.65
CA GLU H 3809 -23.32 41.97 -53.40
C GLU H 3809 -23.81 43.37 -53.75
N ARG H 3810 -23.70 44.32 -52.81
CA ARG H 3810 -24.10 45.69 -53.11
C ARG H 3810 -23.25 46.30 -54.22
N GLN H 3811 -21.94 46.11 -54.16
CA GLN H 3811 -21.05 46.62 -55.19
C GLN H 3811 -21.31 45.97 -56.55
N ASN H 3812 -21.57 44.66 -56.58
CA ASN H 3812 -21.91 43.99 -57.84
C ASN H 3812 -23.25 44.47 -58.38
N LYS H 3813 -24.24 44.70 -57.51
CA LYS H 3813 -25.52 45.20 -57.96
C LYS H 3813 -25.40 46.61 -58.53
N ALA H 3814 -24.49 47.42 -57.98
CA ALA H 3814 -24.26 48.73 -58.56
C ALA H 3814 -23.82 48.64 -60.01
N GLU H 3815 -22.82 47.82 -60.30
CA GLU H 3815 -22.35 47.65 -61.68
C GLU H 3815 -23.41 46.97 -62.55
N GLY H 3816 -24.19 46.06 -61.99
CA GLY H 3816 -25.27 45.44 -62.75
C GLY H 3816 -26.33 46.45 -63.17
N LEU H 3817 -26.70 47.34 -62.24
CA LEU H 3817 -27.53 48.48 -62.59
C LEU H 3817 -26.83 49.40 -63.59
N GLY H 3818 -25.51 49.38 -63.60
CA GLY H 3818 -24.75 50.17 -64.56
C GLY H 3818 -24.17 51.45 -64.04
N MET H 3819 -24.23 51.71 -62.74
CA MET H 3819 -23.68 52.94 -62.20
C MET H 3819 -22.17 53.00 -62.39
N VAL H 3820 -21.69 54.22 -62.63
CA VAL H 3820 -20.26 54.47 -62.74
C VAL H 3820 -19.56 54.08 -61.44
N THR H 3821 -18.44 53.38 -61.56
CA THR H 3821 -17.69 52.97 -60.39
C THR H 3821 -17.09 54.18 -59.68
N GLU H 3822 -17.19 54.19 -58.36
CA GLU H 3822 -16.61 55.26 -57.56
C GLU H 3822 -15.12 55.02 -57.37
N GLU H 3823 -14.77 53.89 -56.76
CA GLU H 3823 -13.38 53.50 -56.61
C GLU H 3823 -13.07 52.29 -57.47
N GLY H 3824 -12.01 52.38 -58.26
CA GLY H 3824 -11.65 51.27 -59.13
C GLY H 3824 -11.32 50.02 -58.37
N SER H 3825 -10.64 50.16 -57.22
CA SER H 3825 -10.31 49.01 -56.40
C SER H 3825 -11.57 48.37 -55.80
N GLY H 3826 -12.54 49.19 -55.38
CA GLY H 3826 -13.71 48.67 -54.70
C GLY H 3826 -13.33 47.98 -53.40
N GLU H 3827 -12.48 48.65 -52.62
CA GLU H 3827 -11.87 48.06 -51.43
C GLU H 3827 -12.82 48.02 -50.24
N LYS H 3828 -14.12 48.25 -50.45
CA LYS H 3828 -15.08 48.12 -49.35
C LYS H 3828 -15.08 46.70 -48.80
N VAL H 3829 -15.03 45.71 -49.69
CA VAL H 3829 -14.81 44.33 -49.27
C VAL H 3829 -13.34 44.17 -48.89
N LEU H 3830 -13.08 43.60 -47.71
CA LEU H 3830 -11.73 43.49 -47.18
C LEU H 3830 -11.11 44.89 -47.09
N GLN H 3831 -11.67 45.72 -46.22
CA GLN H 3831 -11.36 47.15 -46.16
C GLN H 3831 -9.86 47.43 -46.06
N ASP H 3832 -9.18 46.76 -45.14
CA ASP H 3832 -7.74 46.92 -44.95
C ASP H 3832 -7.08 45.55 -44.98
N ASP H 3833 -6.39 45.26 -46.08
CA ASP H 3833 -5.64 44.02 -46.23
C ASP H 3833 -4.14 44.23 -46.14
N GLU H 3834 -3.66 45.44 -46.43
CA GLU H 3834 -2.26 45.79 -46.23
C GLU H 3834 -1.96 46.01 -44.75
N PHE H 3835 -2.88 46.65 -44.03
CA PHE H 3835 -2.71 46.85 -42.60
C PHE H 3835 -2.70 45.53 -41.83
N THR H 3836 -3.63 44.63 -42.15
CA THR H 3836 -3.67 43.34 -41.45
C THR H 3836 -2.42 42.52 -41.73
N CYS H 3837 -1.98 42.52 -42.99
CA CYS H 3837 -0.75 41.83 -43.35
C CYS H 3837 0.45 42.43 -42.63
N ASP H 3838 0.53 43.76 -42.54
CA ASP H 3838 1.62 44.39 -41.80
C ASP H 3838 1.58 44.03 -40.33
N LEU H 3839 0.38 44.03 -39.72
CA LEU H 3839 0.26 43.69 -38.31
C LEU H 3839 0.71 42.26 -38.02
N PHE H 3840 0.27 41.29 -38.83
CA PHE H 3840 0.69 39.92 -38.59
C PHE H 3840 2.13 39.66 -39.01
N ARG H 3841 2.65 40.39 -40.00
CA ARG H 3841 4.07 40.32 -40.31
C ARG H 3841 4.91 40.85 -39.14
N PHE H 3842 4.44 41.91 -38.49
CA PHE H 3842 5.11 42.41 -37.29
C PHE H 3842 5.07 41.37 -36.17
N LEU H 3843 3.90 40.79 -35.93
CA LEU H 3843 3.76 39.77 -34.90
C LEU H 3843 4.58 38.51 -35.20
N GLN H 3844 4.87 38.23 -36.46
CA GLN H 3844 5.74 37.13 -36.85
C GLN H 3844 7.21 37.47 -36.72
N LEU H 3845 7.63 38.63 -37.23
CA LEU H 3845 9.02 39.05 -37.10
C LEU H 3845 9.41 39.23 -35.64
N LEU H 3846 8.42 39.49 -34.77
CA LEU H 3846 8.71 39.60 -33.35
C LEU H 3846 9.18 38.27 -32.77
N CYS H 3847 8.76 37.15 -33.35
CA CYS H 3847 9.16 35.82 -32.90
C CYS H 3847 10.07 35.11 -33.89
N GLU H 3848 10.47 35.79 -34.97
CA GLU H 3848 11.34 35.19 -35.97
C GLU H 3848 12.67 34.78 -35.35
N GLY H 3849 13.18 33.64 -35.80
CA GLY H 3849 14.40 33.07 -35.25
C GLY H 3849 14.21 32.25 -33.99
N HIS H 3850 12.97 31.84 -33.68
CA HIS H 3850 12.66 31.06 -32.49
C HIS H 3850 13.08 31.79 -31.22
N ASN H 3851 12.54 32.99 -31.02
CA ASN H 3851 12.78 33.77 -29.81
C ASN H 3851 11.83 33.27 -28.72
N SER H 3852 12.19 32.11 -28.15
CA SER H 3852 11.32 31.37 -27.23
C SER H 3852 10.83 32.22 -26.07
N ASP H 3853 11.73 33.04 -25.51
CA ASP H 3853 11.34 33.91 -24.41
C ASP H 3853 10.25 34.88 -24.83
N PHE H 3854 10.38 35.44 -26.04
CA PHE H 3854 9.39 36.41 -26.49
C PHE H 3854 8.07 35.72 -26.85
N GLN H 3855 8.15 34.49 -27.38
CA GLN H 3855 6.93 33.73 -27.62
C GLN H 3855 6.19 33.45 -26.31
N ASN H 3856 6.93 33.07 -25.27
CA ASN H 3856 6.32 32.86 -23.97
C ASN H 3856 5.72 34.14 -23.42
N TYR H 3857 6.42 35.27 -23.61
CA TYR H 3857 5.87 36.55 -23.18
C TYR H 3857 4.58 36.89 -23.91
N LEU H 3858 4.53 36.64 -25.22
CA LEU H 3858 3.32 36.90 -25.98
C LEU H 3858 2.18 36.01 -25.52
N ARG H 3859 2.45 34.73 -25.25
CA ARG H 3859 1.39 33.85 -24.75
C ARG H 3859 0.88 34.30 -23.40
N THR H 3860 1.79 34.50 -22.43
CA THR H 3860 1.42 34.93 -21.09
C THR H 3860 2.45 35.95 -20.62
N GLN H 3861 2.01 37.20 -20.45
CA GLN H 3861 2.88 38.23 -19.90
C GLN H 3861 3.01 38.04 -18.39
N THR H 3862 4.17 37.54 -17.95
CA THR H 3862 4.37 37.17 -16.55
C THR H 3862 4.35 38.38 -15.63
N GLY H 3863 5.25 39.33 -15.86
CA GLY H 3863 5.38 40.49 -14.99
C GLY H 3863 4.17 41.40 -14.98
N ASN H 3864 3.50 41.51 -16.13
CA ASN H 3864 2.36 42.41 -16.25
C ASN H 3864 1.22 41.97 -15.34
N ASN H 3865 0.51 42.96 -14.79
CA ASN H 3865 -0.61 42.67 -13.91
C ASN H 3865 -1.72 41.93 -14.64
N THR H 3866 -2.04 42.35 -15.87
CA THR H 3866 -3.08 41.72 -16.67
C THR H 3866 -2.46 41.21 -17.96
N THR H 3867 -2.77 39.97 -18.32
CA THR H 3867 -2.20 39.34 -19.49
C THR H 3867 -3.26 39.16 -20.59
N VAL H 3868 -2.79 39.25 -21.83
CA VAL H 3868 -3.63 39.07 -23.01
C VAL H 3868 -2.98 38.02 -23.89
N ASN H 3869 -3.75 37.06 -24.37
CA ASN H 3869 -3.21 35.92 -25.11
C ASN H 3869 -3.31 36.19 -26.60
N ILE H 3870 -2.28 36.83 -27.15
CA ILE H 3870 -2.21 37.09 -28.58
C ILE H 3870 -2.23 35.78 -29.36
N ILE H 3871 -1.73 34.69 -28.77
CA ILE H 3871 -1.76 33.39 -29.43
C ILE H 3871 -3.19 32.96 -29.73
N ILE H 3872 -4.10 33.10 -28.76
CA ILE H 3872 -5.50 32.76 -28.98
C ILE H 3872 -6.19 33.80 -29.87
N SER H 3873 -5.82 35.07 -29.73
CA SER H 3873 -6.42 36.09 -30.60
C SER H 3873 -6.10 35.81 -32.07
N THR H 3874 -4.88 35.35 -32.35
CA THR H 3874 -4.48 35.06 -33.73
C THR H 3874 -5.32 33.94 -34.33
N VAL H 3875 -5.53 32.84 -33.59
CA VAL H 3875 -6.36 31.76 -34.10
C VAL H 3875 -7.83 32.15 -34.20
N ASP H 3876 -8.30 33.04 -33.33
CA ASP H 3876 -9.65 33.57 -33.49
C ASP H 3876 -9.80 34.34 -34.79
N TYR H 3877 -8.83 35.19 -35.11
CA TYR H 3877 -8.88 35.90 -36.38
C TYR H 3877 -8.77 34.95 -37.56
N LEU H 3878 -7.95 33.91 -37.42
CA LEU H 3878 -7.84 32.90 -38.49
C LEU H 3878 -9.18 32.22 -38.73
N LEU H 3879 -9.90 31.87 -37.66
CA LEU H 3879 -11.24 31.31 -37.80
C LEU H 3879 -12.21 32.27 -38.45
N ARG H 3880 -12.17 33.55 -38.10
CA ARG H 3880 -13.02 34.53 -38.78
C ARG H 3880 -12.72 34.62 -40.28
N VAL H 3881 -11.43 34.65 -40.65
CA VAL H 3881 -11.07 34.68 -42.06
C VAL H 3881 -11.53 33.42 -42.77
N GLN H 3882 -11.40 32.27 -42.10
CA GLN H 3882 -11.88 31.02 -42.68
C GLN H 3882 -13.38 31.07 -42.94
N GLU H 3883 -14.15 31.57 -41.98
CA GLU H 3883 -15.59 31.67 -42.18
C GLU H 3883 -15.94 32.60 -43.34
N SER H 3884 -15.25 33.74 -43.43
CA SER H 3884 -15.50 34.66 -44.54
C SER H 3884 -15.20 34.01 -45.88
N ILE H 3885 -14.06 33.31 -45.98
CA ILE H 3885 -13.69 32.65 -47.23
C ILE H 3885 -14.69 31.54 -47.58
N SER H 3886 -15.14 30.79 -46.58
CA SER H 3886 -16.12 29.74 -46.84
C SER H 3886 -17.42 30.32 -47.37
N ASP H 3887 -17.89 31.42 -46.76
CA ASP H 3887 -19.11 32.06 -47.27
C ASP H 3887 -18.94 32.59 -48.67
N PHE H 3888 -17.80 33.19 -48.98
CA PHE H 3888 -17.57 33.73 -50.32
C PHE H 3888 -17.52 32.61 -51.36
N TYR H 3889 -16.86 31.50 -51.02
CA TYR H 3889 -16.86 30.34 -51.91
C TYR H 3889 -18.27 29.79 -52.09
N TRP H 3890 -19.06 29.76 -51.03
CA TRP H 3890 -20.43 29.29 -51.15
C TRP H 3890 -21.23 30.18 -52.10
N TYR H 3891 -20.98 31.49 -52.06
CA TYR H 3891 -21.68 32.38 -52.97
C TYR H 3891 -21.23 32.15 -54.42
N TYR H 3892 -19.97 31.78 -54.62
CA TYR H 3892 -19.51 31.36 -55.95
C TYR H 3892 -19.68 29.88 -56.26
N SER H 3893 -20.37 29.12 -55.42
CA SER H 3893 -20.48 27.68 -55.65
C SER H 3893 -21.28 27.37 -56.91
N GLY H 3894 -22.47 27.96 -57.03
CA GLY H 3894 -23.31 27.68 -58.19
C GLY H 3894 -22.76 28.24 -59.49
N LYS H 3895 -22.16 29.42 -59.43
CA LYS H 3895 -21.73 30.11 -60.64
C LYS H 3895 -20.63 29.33 -61.36
N ASP H 3896 -20.74 29.26 -62.69
CA ASP H 3896 -19.80 28.48 -63.48
C ASP H 3896 -18.42 29.13 -63.53
N VAL H 3897 -18.38 30.45 -63.72
CA VAL H 3897 -17.14 31.18 -63.93
C VAL H 3897 -16.98 32.20 -62.79
N ILE H 3898 -15.74 32.36 -62.33
CA ILE H 3898 -15.46 33.32 -61.26
C ILE H 3898 -15.18 34.68 -61.88
N ASP H 3899 -15.83 35.71 -61.36
CA ASP H 3899 -15.65 37.06 -61.87
C ASP H 3899 -14.28 37.59 -61.46
N GLU H 3900 -13.80 38.60 -62.21
CA GLU H 3900 -12.48 39.15 -61.96
C GLU H 3900 -12.38 39.78 -60.57
N GLN H 3901 -13.42 40.51 -60.16
CA GLN H 3901 -13.43 41.10 -58.83
C GLN H 3901 -13.41 40.02 -57.75
N GLY H 3902 -14.13 38.93 -57.96
CA GLY H 3902 -14.08 37.82 -57.02
C GLY H 3902 -12.71 37.17 -56.96
N GLN H 3903 -12.04 37.05 -58.11
CA GLN H 3903 -10.68 36.53 -58.12
C GLN H 3903 -9.75 37.44 -57.34
N ARG H 3904 -9.92 38.76 -57.48
CA ARG H 3904 -9.12 39.72 -56.71
C ARG H 3904 -9.38 39.55 -55.22
N ASN H 3905 -10.64 39.42 -54.82
CA ASN H 3905 -10.98 39.24 -53.42
C ASN H 3905 -10.40 37.95 -52.86
N PHE H 3906 -10.49 36.86 -53.64
CA PHE H 3906 -9.87 35.60 -53.23
C PHE H 3906 -8.37 35.75 -53.06
N SER H 3907 -7.71 36.44 -53.99
CA SER H 3907 -6.27 36.63 -53.87
C SER H 3907 -5.92 37.40 -52.59
N LYS H 3908 -6.65 38.47 -52.31
CA LYS H 3908 -6.40 39.25 -51.09
C LYS H 3908 -6.64 38.44 -49.82
N ALA H 3909 -7.77 37.73 -49.75
CA ALA H 3909 -8.05 36.88 -48.59
C ALA H 3909 -7.05 35.74 -48.44
N ILE H 3910 -6.59 35.16 -49.55
CA ILE H 3910 -5.59 34.11 -49.49
C ILE H 3910 -4.27 34.66 -48.96
N GLN H 3911 -3.89 35.86 -49.39
CA GLN H 3911 -2.68 36.47 -48.84
C GLN H 3911 -2.82 36.70 -47.34
N VAL H 3912 -3.98 37.20 -46.90
CA VAL H 3912 -4.19 37.44 -45.47
C VAL H 3912 -4.10 36.13 -44.68
N ALA H 3913 -4.77 35.08 -45.17
CA ALA H 3913 -4.74 33.79 -44.49
C ALA H 3913 -3.34 33.20 -44.50
N LYS H 3914 -2.59 33.38 -45.59
CA LYS H 3914 -1.22 32.93 -45.67
C LYS H 3914 -0.35 33.59 -44.61
N GLN H 3915 -0.50 34.92 -44.45
CA GLN H 3915 0.27 35.61 -43.43
C GLN H 3915 -0.12 35.18 -42.03
N VAL H 3916 -1.42 34.97 -41.77
CA VAL H 3916 -1.83 34.50 -40.45
C VAL H 3916 -1.27 33.10 -40.17
N PHE H 3917 -1.31 32.21 -41.16
CA PHE H 3917 -0.76 30.87 -40.99
C PHE H 3917 0.74 30.92 -40.73
N ASN H 3918 1.45 31.80 -41.44
CA ASN H 3918 2.88 31.96 -41.18
C ASN H 3918 3.15 32.50 -39.78
N THR H 3919 2.33 33.44 -39.31
CA THR H 3919 2.49 33.95 -37.95
C THR H 3919 2.28 32.84 -36.93
N LEU H 3920 1.25 32.02 -37.12
CA LEU H 3920 1.04 30.88 -36.23
C LEU H 3920 2.22 29.91 -36.29
N THR H 3921 2.72 29.64 -37.50
CA THR H 3921 3.84 28.72 -37.66
C THR H 3921 5.08 29.25 -36.94
N GLU H 3922 5.29 30.56 -36.95
CA GLU H 3922 6.42 31.13 -36.23
C GLU H 3922 6.19 31.13 -34.72
N TYR H 3923 4.94 31.23 -34.30
CA TYR H 3923 4.63 30.99 -32.89
C TYR H 3923 5.01 29.58 -32.48
N ILE H 3924 4.78 28.62 -33.37
CA ILE H 3924 4.85 27.21 -32.98
C ILE H 3924 6.28 26.67 -33.12
N GLN H 3925 6.99 27.09 -34.16
CA GLN H 3925 8.28 26.51 -34.49
C GLN H 3925 9.30 26.74 -33.37
N GLY H 3926 10.13 25.73 -33.16
CA GLY H 3926 10.90 25.62 -31.94
C GLY H 3926 9.98 25.04 -30.89
N PRO H 3927 10.42 24.00 -30.19
CA PRO H 3927 9.48 23.25 -29.35
C PRO H 3927 8.93 24.09 -28.20
N CYS H 3928 8.06 25.03 -28.54
CA CYS H 3928 7.39 25.89 -27.57
C CYS H 3928 6.13 25.16 -27.11
N THR H 3929 6.30 24.38 -26.03
CA THR H 3929 5.22 23.50 -25.58
C THR H 3929 4.00 24.29 -25.14
N GLY H 3930 4.21 25.46 -24.53
CA GLY H 3930 3.09 26.29 -24.11
C GLY H 3930 2.21 26.73 -25.26
N ASN H 3931 2.82 27.27 -26.31
CA ASN H 3931 2.05 27.67 -27.49
C ASN H 3931 1.43 26.47 -28.17
N GLN H 3932 2.17 25.36 -28.25
CA GLN H 3932 1.63 24.14 -28.86
C GLN H 3932 0.40 23.63 -28.12
N GLN H 3933 0.40 23.68 -26.79
CA GLN H 3933 -0.74 23.27 -25.99
C GLN H 3933 -1.90 24.25 -26.10
N SER H 3934 -1.61 25.55 -26.08
CA SER H 3934 -2.67 26.55 -26.18
C SER H 3934 -3.38 26.45 -27.52
N LEU H 3935 -2.63 26.31 -28.61
CA LEU H 3935 -3.27 26.17 -29.92
C LEU H 3935 -3.98 24.83 -30.05
N ALA H 3936 -3.45 23.79 -29.42
CA ALA H 3936 -4.12 22.49 -29.44
C ALA H 3936 -5.48 22.57 -28.76
N HIS H 3937 -5.56 23.25 -27.62
CA HIS H 3937 -6.83 23.41 -26.92
C HIS H 3937 -7.69 24.52 -27.49
N SER H 3938 -7.15 25.34 -28.40
CA SER H 3938 -7.93 26.38 -29.04
C SER H 3938 -8.79 25.83 -30.18
N ARG H 3939 -9.35 26.72 -30.99
CA ARG H 3939 -10.22 26.34 -32.11
C ARG H 3939 -9.47 26.31 -33.44
N LEU H 3940 -8.18 25.98 -33.42
CA LEU H 3940 -7.42 25.86 -34.65
C LEU H 3940 -7.95 24.73 -35.53
N TRP H 3941 -8.42 23.65 -34.89
CA TRP H 3941 -8.88 22.48 -35.64
C TRP H 3941 -10.09 22.80 -36.51
N ASP H 3942 -11.00 23.64 -36.01
CA ASP H 3942 -12.15 24.04 -36.81
C ASP H 3942 -11.73 24.83 -38.05
N ALA H 3943 -10.78 25.76 -37.88
CA ALA H 3943 -10.27 26.49 -39.03
C ALA H 3943 -9.60 25.56 -40.03
N VAL H 3944 -8.81 24.61 -39.54
CA VAL H 3944 -8.13 23.69 -40.44
C VAL H 3944 -9.12 22.82 -41.21
N VAL H 3945 -10.14 22.29 -40.51
CA VAL H 3945 -11.12 21.45 -41.17
C VAL H 3945 -11.98 22.24 -42.15
N GLY H 3946 -12.19 23.53 -41.90
CA GLY H 3946 -12.87 24.36 -42.86
C GLY H 3946 -12.05 24.65 -44.10
N PHE H 3947 -10.79 25.02 -43.91
CA PHE H 3947 -9.90 25.23 -45.05
C PHE H 3947 -9.72 23.96 -45.86
N LEU H 3948 -9.79 22.78 -45.21
CA LEU H 3948 -9.67 21.53 -45.95
C LEU H 3948 -10.83 21.36 -46.92
N HIS H 3949 -12.06 21.62 -46.47
CA HIS H 3949 -13.22 21.58 -47.36
C HIS H 3949 -13.10 22.61 -48.47
N VAL H 3950 -12.68 23.83 -48.12
CA VAL H 3950 -12.53 24.88 -49.11
C VAL H 3950 -11.53 24.47 -50.18
N PHE H 3951 -10.37 23.94 -49.76
CA PHE H 3951 -9.37 23.48 -50.71
C PHE H 3951 -9.87 22.32 -51.56
N ALA H 3952 -10.57 21.37 -50.97
CA ALA H 3952 -11.05 20.19 -51.68
C ALA H 3952 -12.05 20.55 -52.78
N HIS H 3953 -12.96 21.50 -52.51
CA HIS H 3953 -13.91 21.87 -53.55
C HIS H 3953 -13.39 22.96 -54.50
N MET H 3954 -12.64 23.91 -53.95
CA MET H 3954 -12.07 25.00 -54.73
C MET H 3954 -11.19 24.47 -55.84
N GLN H 3955 -10.25 23.57 -55.50
CA GLN H 3955 -9.32 23.02 -56.48
C GLN H 3955 -10.05 22.24 -57.55
N MET H 3956 -11.07 21.46 -57.16
CA MET H 3956 -11.87 20.73 -58.12
C MET H 3956 -12.59 21.64 -59.11
N LYS H 3957 -13.15 22.76 -58.62
CA LYS H 3957 -13.87 23.65 -59.52
C LYS H 3957 -12.93 24.42 -60.43
N LEU H 3958 -11.84 24.96 -59.86
CA LEU H 3958 -10.98 25.87 -60.63
C LEU H 3958 -10.14 25.13 -61.66
N SER H 3959 -9.86 23.85 -61.44
CA SER H 3959 -8.97 23.12 -62.34
C SER H 3959 -9.55 23.02 -63.75
N GLN H 3960 -10.85 22.77 -63.86
CA GLN H 3960 -11.46 22.64 -65.18
C GLN H 3960 -11.36 23.94 -65.97
N ASP H 3961 -11.62 25.07 -65.32
CA ASP H 3961 -11.53 26.36 -66.00
C ASP H 3961 -10.07 26.75 -66.20
N SER H 3962 -9.81 27.47 -67.29
CA SER H 3962 -8.44 27.84 -67.66
C SER H 3962 -8.07 29.26 -67.27
N SER H 3963 -9.00 30.05 -66.75
CA SER H 3963 -8.71 31.46 -66.47
C SER H 3963 -8.17 31.65 -65.05
N GLN H 3964 -8.41 30.69 -64.17
CA GLN H 3964 -8.03 30.80 -62.77
C GLN H 3964 -6.81 29.96 -62.40
N ILE H 3965 -5.83 29.86 -63.30
CA ILE H 3965 -4.61 29.12 -63.00
C ILE H 3965 -3.86 29.78 -61.84
N GLU H 3966 -3.74 31.11 -61.88
CA GLU H 3966 -3.06 31.82 -60.80
C GLU H 3966 -3.81 31.70 -59.48
N LEU H 3967 -5.15 31.73 -59.52
CA LEU H 3967 -5.92 31.55 -58.29
C LEU H 3967 -5.74 30.16 -57.72
N LEU H 3968 -5.73 29.14 -58.58
CA LEU H 3968 -5.48 27.78 -58.11
C LEU H 3968 -4.08 27.65 -57.50
N LYS H 3969 -3.08 28.27 -58.12
CA LYS H 3969 -1.73 28.29 -57.58
C LYS H 3969 -1.67 28.97 -56.21
N GLU H 3970 -2.32 30.13 -56.05
CA GLU H 3970 -2.36 30.79 -54.76
C GLU H 3970 -3.04 29.93 -53.71
N LEU H 3971 -4.14 29.27 -54.08
CA LEU H 3971 -4.85 28.39 -53.15
C LEU H 3971 -3.96 27.24 -52.70
N MET H 3972 -3.25 26.61 -53.63
CA MET H 3972 -2.39 25.50 -53.24
C MET H 3972 -1.18 25.98 -52.45
N ASP H 3973 -0.74 27.22 -52.68
CA ASP H 3973 0.27 27.82 -51.82
C ASP H 3973 -0.24 27.94 -50.39
N LEU H 3974 -1.48 28.40 -50.24
CA LEU H 3974 -2.09 28.47 -48.91
C LEU H 3974 -2.20 27.09 -48.28
N GLN H 3975 -2.54 26.08 -49.09
CA GLN H 3975 -2.59 24.71 -48.60
C GLN H 3975 -1.23 24.25 -48.10
N LYS H 3976 -0.17 24.58 -48.86
CA LYS H 3976 1.17 24.23 -48.43
C LYS H 3976 1.51 24.88 -47.10
N ASP H 3977 1.15 26.15 -46.93
CA ASP H 3977 1.43 26.82 -45.66
C ASP H 3977 0.65 26.19 -44.51
N MET H 3978 -0.60 25.77 -44.77
CA MET H 3978 -1.38 25.09 -43.74
C MET H 3978 -0.72 23.78 -43.33
N VAL H 3979 -0.26 22.99 -44.30
CA VAL H 3979 0.42 21.74 -43.97
C VAL H 3979 1.73 22.01 -43.24
N VAL H 3980 2.42 23.10 -43.58
CA VAL H 3980 3.62 23.48 -42.84
C VAL H 3980 3.27 23.77 -41.38
N MET H 3981 2.18 24.49 -41.13
CA MET H 3981 1.82 24.81 -39.76
C MET H 3981 1.45 23.54 -39.00
N LEU H 3982 0.81 22.59 -39.70
CA LEU H 3982 0.49 21.31 -39.05
C LEU H 3982 1.77 20.54 -38.72
N LEU H 3983 2.76 20.56 -39.62
CA LEU H 3983 4.04 19.92 -39.31
C LEU H 3983 4.70 20.60 -38.11
N SER H 3984 4.54 21.93 -37.99
CA SER H 3984 5.09 22.64 -36.84
C SER H 3984 4.37 22.25 -35.55
N MET H 3985 3.03 22.18 -35.59
CA MET H 3985 2.22 21.47 -34.58
C MET H 3985 2.80 20.13 -34.17
N LEU H 3986 3.35 19.38 -35.12
CA LEU H 3986 3.88 18.04 -34.84
C LEU H 3986 5.39 18.04 -34.52
N GLU H 3987 5.90 19.04 -33.82
CA GLU H 3987 7.28 19.05 -33.39
C GLU H 3987 7.35 18.64 -31.93
N GLY H 3988 8.23 17.68 -31.63
CA GLY H 3988 8.37 17.14 -30.30
C GLY H 3988 7.34 16.09 -29.92
N ASN H 3989 6.50 15.65 -30.86
CA ASN H 3989 5.46 14.69 -30.54
C ASN H 3989 6.07 13.32 -30.26
N VAL H 3990 5.68 12.73 -29.14
CA VAL H 3990 6.08 11.37 -28.78
C VAL H 3990 5.13 10.40 -29.48
N VAL H 3991 5.49 9.11 -29.48
CA VAL H 3991 4.61 8.10 -30.05
C VAL H 3991 3.31 8.07 -29.27
N ASN H 3992 2.20 8.05 -30.00
CA ASN H 3992 0.84 8.11 -29.43
C ASN H 3992 0.66 9.39 -28.60
N GLY H 3993 1.01 10.50 -29.23
CA GLY H 3993 0.90 11.80 -28.60
C GLY H 3993 -0.50 12.38 -28.70
N THR H 3994 -0.81 13.28 -27.75
CA THR H 3994 -2.13 13.91 -27.73
C THR H 3994 -2.36 14.76 -28.97
N ILE H 3995 -1.33 15.52 -29.38
CA ILE H 3995 -1.47 16.36 -30.56
C ILE H 3995 -1.68 15.50 -31.81
N GLY H 3996 -0.95 14.40 -31.92
CA GLY H 3996 -1.15 13.50 -33.05
C GLY H 3996 -2.54 12.88 -33.05
N LYS H 3997 -3.03 12.50 -31.86
CA LYS H 3997 -4.38 11.96 -31.77
C LYS H 3997 -5.41 13.00 -32.21
N GLN H 3998 -5.25 14.25 -31.77
CA GLN H 3998 -6.18 15.31 -32.18
C GLN H 3998 -6.11 15.53 -33.68
N MET H 3999 -4.90 15.44 -34.25
CA MET H 3999 -4.74 15.58 -35.69
C MET H 3999 -5.47 14.50 -36.46
N VAL H 4000 -5.32 13.24 -36.01
CA VAL H 4000 -5.99 12.15 -36.70
C VAL H 4000 -7.49 12.28 -36.56
N ASP H 4001 -7.95 12.79 -35.42
CA ASP H 4001 -9.37 13.09 -35.25
C ASP H 4001 -9.82 14.15 -36.24
N MET H 4002 -9.03 15.20 -36.44
CA MET H 4002 -9.37 16.23 -37.42
C MET H 4002 -9.42 15.66 -38.82
N LEU H 4003 -8.47 14.81 -39.17
CA LEU H 4003 -8.48 14.17 -40.49
C LEU H 4003 -9.69 13.27 -40.66
N VAL H 4004 -10.07 12.55 -39.61
CA VAL H 4004 -11.27 11.71 -39.65
C VAL H 4004 -12.51 12.57 -39.88
N GLU H 4005 -12.59 13.72 -39.19
CA GLU H 4005 -13.71 14.62 -39.40
C GLU H 4005 -13.73 15.15 -40.83
N SER H 4006 -12.57 15.45 -41.39
CA SER H 4006 -12.45 15.94 -42.76
C SER H 4006 -12.07 14.83 -43.74
N SER H 4007 -12.55 13.61 -43.50
CA SER H 4007 -12.16 12.47 -44.32
C SER H 4007 -12.46 12.68 -45.80
N ASN H 4008 -13.68 13.11 -46.13
CA ASN H 4008 -14.07 13.25 -47.54
C ASN H 4008 -13.20 14.28 -48.26
N ASN H 4009 -12.96 15.44 -47.64
CA ASN H 4009 -12.13 16.46 -48.26
C ASN H 4009 -10.70 15.96 -48.46
N VAL H 4010 -10.17 15.25 -47.47
CA VAL H 4010 -8.83 14.66 -47.61
C VAL H 4010 -8.82 13.66 -48.76
N GLU H 4011 -9.86 12.83 -48.86
CA GLU H 4011 -9.96 11.88 -49.97
C GLU H 4011 -9.94 12.59 -51.32
N MET H 4012 -10.71 13.67 -51.45
CA MET H 4012 -10.84 14.36 -52.72
C MET H 4012 -9.54 15.08 -53.10
N ILE H 4013 -8.88 15.69 -52.12
CA ILE H 4013 -7.58 16.30 -52.35
C ILE H 4013 -6.56 15.26 -52.78
N LEU H 4014 -6.57 14.08 -52.13
CA LEU H 4014 -5.63 13.03 -52.49
C LEU H 4014 -5.87 12.52 -53.91
N LYS H 4015 -7.14 12.39 -54.31
CA LYS H 4015 -7.44 12.03 -55.69
C LYS H 4015 -6.95 13.07 -56.68
N PHE H 4016 -7.18 14.36 -56.39
CA PHE H 4016 -6.64 15.43 -57.22
C PHE H 4016 -5.14 15.26 -57.41
N PHE H 4017 -4.41 15.10 -56.30
CA PHE H 4017 -2.96 14.97 -56.37
C PHE H 4017 -2.54 13.71 -57.12
N ASP H 4018 -3.23 12.59 -56.90
CA ASP H 4018 -2.75 11.35 -57.51
C ASP H 4018 -2.93 11.37 -59.02
N MET H 4019 -4.06 11.91 -59.51
CA MET H 4019 -4.21 12.01 -60.96
C MET H 4019 -3.21 12.99 -61.56
N PHE H 4020 -3.04 14.17 -60.93
CA PHE H 4020 -2.09 15.12 -61.51
C PHE H 4020 -0.63 14.75 -61.26
N LEU H 4021 -0.36 13.70 -60.47
CA LEU H 4021 0.97 13.15 -60.38
C LEU H 4021 1.21 12.01 -61.37
N LYS H 4022 0.21 11.15 -61.59
CA LYS H 4022 0.33 10.13 -62.62
C LYS H 4022 0.31 10.71 -64.03
N LEU H 4023 -0.13 11.96 -64.18
CA LEU H 4023 -0.05 12.60 -65.49
C LEU H 4023 1.37 12.56 -66.06
N LYS H 4024 2.38 12.69 -65.19
CA LYS H 4024 3.77 12.74 -65.66
C LYS H 4024 4.18 11.45 -66.36
N ASP H 4025 4.05 10.31 -65.68
CA ASP H 4025 4.49 9.08 -66.34
C ASP H 4025 3.49 8.62 -67.40
N LEU H 4026 2.24 9.09 -67.33
CA LEU H 4026 1.33 8.89 -68.45
C LEU H 4026 1.86 9.57 -69.70
N THR H 4027 2.36 10.80 -69.57
CA THR H 4027 2.90 11.52 -70.71
C THR H 4027 4.23 10.92 -71.17
N SER H 4028 5.06 10.49 -70.22
CA SER H 4028 6.40 10.01 -70.54
C SER H 4028 6.44 8.54 -70.93
N SER H 4029 5.33 7.83 -70.85
CA SER H 4029 5.31 6.43 -71.24
C SER H 4029 5.45 6.29 -72.76
N ASP H 4030 5.88 5.10 -73.19
CA ASP H 4030 6.07 4.87 -74.62
C ASP H 4030 4.75 4.72 -75.36
N THR H 4031 3.67 4.31 -74.67
CA THR H 4031 2.36 4.27 -75.31
C THR H 4031 1.92 5.66 -75.76
N PHE H 4032 2.13 6.66 -74.90
CA PHE H 4032 1.85 8.05 -75.30
C PHE H 4032 2.77 8.49 -76.44
N LYS H 4033 4.04 8.09 -76.40
CA LYS H 4033 4.98 8.46 -77.45
C LYS H 4033 4.74 7.74 -78.75
N GLU H 4034 3.94 6.67 -78.77
CA GLU H 4034 3.57 6.05 -80.03
C GLU H 4034 2.20 6.51 -80.50
N TYR H 4035 1.34 6.95 -79.59
CA TYR H 4035 0.16 7.70 -80.01
C TYR H 4035 0.54 9.06 -80.58
N ASP H 4036 1.71 9.56 -80.18
CA ASP H 4036 2.31 10.74 -80.80
C ASP H 4036 3.72 10.39 -81.26
N PRO H 4037 3.88 9.66 -82.37
CA PRO H 4037 5.22 9.21 -82.77
C PRO H 4037 6.20 10.35 -82.98
N ASP H 4038 5.74 11.47 -83.52
CA ASP H 4038 6.63 12.61 -83.76
C ASP H 4038 6.96 13.31 -82.44
N GLY H 4039 8.08 14.01 -82.44
CA GLY H 4039 8.51 14.76 -81.27
C GLY H 4039 7.97 16.17 -81.26
N LYS H 4040 6.94 16.42 -82.07
CA LYS H 4040 6.37 17.76 -82.16
C LYS H 4040 5.79 18.22 -80.84
N GLY H 4041 5.13 17.32 -80.11
CA GLY H 4041 4.59 17.65 -78.81
C GLY H 4041 3.12 17.96 -78.75
N VAL H 4042 2.37 17.67 -79.82
CA VAL H 4042 0.93 17.87 -79.85
C VAL H 4042 0.27 16.54 -80.20
N ILE H 4043 -0.78 16.19 -79.46
CA ILE H 4043 -1.49 14.94 -79.63
C ILE H 4043 -2.98 15.22 -79.75
N SER H 4044 -3.66 14.44 -80.58
CA SER H 4044 -5.09 14.62 -80.78
C SER H 4044 -5.85 14.32 -79.49
N LYS H 4045 -7.07 14.86 -79.40
CA LYS H 4045 -7.93 14.53 -78.26
C LYS H 4045 -8.29 13.05 -78.25
N ARG H 4046 -8.64 12.50 -79.42
CA ARG H 4046 -8.95 11.08 -79.50
C ARG H 4046 -7.72 10.23 -79.18
N ASP H 4047 -6.56 10.63 -79.68
CA ASP H 4047 -5.33 9.90 -79.39
C ASP H 4047 -4.99 9.98 -77.91
N PHE H 4048 -5.24 11.13 -77.28
CA PHE H 4048 -5.01 11.29 -75.85
C PHE H 4048 -5.95 10.39 -75.04
N HIS H 4049 -7.23 10.36 -75.43
CA HIS H 4049 -8.19 9.45 -74.82
C HIS H 4049 -7.75 8.01 -74.94
N LYS H 4050 -7.28 7.59 -76.12
CA LYS H 4050 -6.81 6.23 -76.35
C LYS H 4050 -5.53 5.93 -75.58
N ALA H 4051 -4.68 6.94 -75.41
CA ALA H 4051 -3.44 6.75 -74.67
C ALA H 4051 -3.70 6.53 -73.19
N MET H 4052 -4.65 7.29 -72.62
CA MET H 4052 -4.97 7.10 -71.20
C MET H 4052 -5.77 5.82 -70.96
N GLU H 4053 -6.28 5.18 -72.01
CA GLU H 4053 -6.87 3.86 -71.87
C GLU H 4053 -5.87 2.73 -72.11
N SER H 4054 -4.89 2.95 -72.99
CA SER H 4054 -3.80 1.98 -73.12
C SER H 4054 -2.97 1.94 -71.85
N HIS H 4055 -2.68 3.11 -71.27
CA HIS H 4055 -2.06 3.15 -69.96
C HIS H 4055 -2.97 2.54 -68.91
N LYS H 4056 -4.25 2.90 -68.93
CA LYS H 4056 -5.34 2.32 -68.14
C LYS H 4056 -5.13 2.52 -66.64
N HIS H 4057 -4.09 3.24 -66.23
CA HIS H 4057 -3.95 3.61 -64.83
C HIS H 4057 -5.04 4.59 -64.41
N TYR H 4058 -5.73 5.19 -65.37
CA TYR H 4058 -6.80 6.13 -65.12
C TYR H 4058 -8.16 5.49 -65.39
N THR H 4059 -9.10 5.70 -64.47
CA THR H 4059 -10.46 5.28 -64.69
C THR H 4059 -11.15 6.21 -65.70
N GLN H 4060 -12.41 5.93 -65.99
CA GLN H 4060 -13.14 6.76 -66.94
C GLN H 4060 -13.48 8.12 -66.34
N SER H 4061 -13.76 8.16 -65.03
CA SER H 4061 -14.01 9.44 -64.38
C SER H 4061 -12.76 10.31 -64.39
N GLU H 4062 -11.61 9.72 -64.08
CA GLU H 4062 -10.35 10.45 -64.18
C GLU H 4062 -10.08 10.87 -65.62
N THR H 4063 -10.41 10.00 -66.58
CA THR H 4063 -10.26 10.32 -67.99
C THR H 4063 -11.03 11.58 -68.36
N GLU H 4064 -12.33 11.60 -68.03
CA GLU H 4064 -13.17 12.74 -68.42
C GLU H 4064 -12.77 14.00 -67.65
N PHE H 4065 -12.36 13.85 -66.39
CA PHE H 4065 -11.90 15.02 -65.64
C PHE H 4065 -10.64 15.62 -66.24
N LEU H 4066 -9.67 14.78 -66.62
CA LEU H 4066 -8.47 15.29 -67.26
C LEU H 4066 -8.80 15.93 -68.61
N LEU H 4067 -9.73 15.34 -69.37
CA LEU H 4067 -10.13 15.94 -70.64
C LEU H 4067 -10.74 17.31 -70.42
N SER H 4068 -11.61 17.44 -69.40
CA SER H 4068 -12.23 18.72 -69.11
C SER H 4068 -11.20 19.75 -68.65
N CYS H 4069 -10.24 19.34 -67.82
CA CYS H 4069 -9.20 20.24 -67.35
C CYS H 4069 -8.18 20.59 -68.43
N ALA H 4070 -8.10 19.81 -69.50
CA ALA H 4070 -7.18 20.08 -70.59
C ALA H 4070 -7.80 21.08 -71.55
N GLU H 4071 -7.02 22.09 -71.93
CA GLU H 4071 -7.52 23.13 -72.83
C GLU H 4071 -7.73 22.56 -74.23
N THR H 4072 -8.90 22.83 -74.82
CA THR H 4072 -9.16 22.37 -76.17
C THR H 4072 -8.64 23.36 -77.20
N ASP H 4073 -8.23 22.83 -78.35
CA ASP H 4073 -7.69 23.64 -79.43
C ASP H 4073 -8.47 23.39 -80.71
N GLU H 4074 -8.45 24.37 -81.61
CA GLU H 4074 -9.13 24.23 -82.89
C GLU H 4074 -8.49 23.15 -83.75
N ASN H 4075 -7.18 22.95 -83.59
CA ASN H 4075 -6.49 21.87 -84.30
C ASN H 4075 -6.73 20.52 -83.65
N GLU H 4076 -7.42 20.47 -82.51
CA GLU H 4076 -7.66 19.26 -81.74
C GLU H 4076 -6.37 18.61 -81.26
N THR H 4077 -5.27 19.36 -81.21
CA THR H 4077 -3.98 18.87 -80.73
C THR H 4077 -3.46 19.84 -79.69
N LEU H 4078 -3.52 19.44 -78.42
CA LEU H 4078 -3.07 20.28 -77.32
C LEU H 4078 -1.60 20.03 -77.03
N ASP H 4079 -0.93 21.03 -76.47
CA ASP H 4079 0.46 20.89 -76.06
C ASP H 4079 0.49 20.17 -74.71
N TYR H 4080 0.70 18.85 -74.76
CA TYR H 4080 0.72 18.08 -73.53
C TYR H 4080 1.93 18.43 -72.67
N GLU H 4081 3.00 18.95 -73.29
CA GLU H 4081 4.08 19.53 -72.49
C GLU H 4081 3.56 20.71 -71.66
N GLU H 4082 2.75 21.58 -72.27
CA GLU H 4082 2.16 22.68 -71.51
C GLU H 4082 1.24 22.16 -70.43
N PHE H 4083 0.44 21.14 -70.75
CA PHE H 4083 -0.44 20.51 -69.75
C PHE H 4083 0.36 20.06 -68.53
N VAL H 4084 1.43 19.30 -68.77
CA VAL H 4084 2.18 18.73 -67.65
C VAL H 4084 2.94 19.81 -66.90
N LYS H 4085 3.55 20.76 -67.60
CA LYS H 4085 4.35 21.76 -66.89
C LYS H 4085 3.46 22.83 -66.27
N ARG H 4086 2.15 22.77 -66.54
CA ARG H 4086 1.23 23.61 -65.78
C ARG H 4086 0.72 22.88 -64.55
N PHE H 4087 0.41 21.59 -64.66
CA PHE H 4087 -0.24 20.90 -63.55
C PHE H 4087 0.69 20.10 -62.65
N HIS H 4088 1.58 19.28 -63.21
CA HIS H 4088 2.34 18.33 -62.40
C HIS H 4088 3.29 18.98 -61.41
N GLU H 4089 4.06 19.99 -61.85
CA GLU H 4089 5.06 20.61 -60.98
C GLU H 4089 4.44 21.23 -59.73
N PRO H 4090 3.33 21.98 -59.84
CA PRO H 4090 2.64 22.38 -58.60
C PRO H 4090 2.20 21.20 -57.75
N ALA H 4091 1.71 20.14 -58.38
CA ALA H 4091 1.36 18.94 -57.61
C ALA H 4091 2.59 18.37 -56.90
N LYS H 4092 3.71 18.26 -57.62
CA LYS H 4092 4.94 17.77 -57.00
C LYS H 4092 5.37 18.65 -55.84
N ASP H 4093 5.24 19.97 -55.97
CA ASP H 4093 5.71 20.87 -54.93
C ASP H 4093 4.85 20.81 -53.68
N ILE H 4094 3.51 20.86 -53.84
CA ILE H 4094 2.66 20.98 -52.66
C ILE H 4094 2.35 19.60 -52.05
N GLY H 4095 2.20 18.56 -52.87
CA GLY H 4095 1.83 17.26 -52.32
C GLY H 4095 2.92 16.65 -51.46
N PHE H 4096 4.15 17.17 -51.57
CA PHE H 4096 5.25 16.67 -50.75
C PHE H 4096 4.97 16.88 -49.27
N ASN H 4097 4.45 18.05 -48.91
CA ASN H 4097 4.15 18.33 -47.51
C ASN H 4097 3.04 17.41 -46.99
N VAL H 4098 2.04 17.14 -47.82
CA VAL H 4098 0.97 16.22 -47.41
C VAL H 4098 1.53 14.83 -47.20
N ALA H 4099 2.40 14.37 -48.11
CA ALA H 4099 3.00 13.05 -47.96
C ALA H 4099 3.86 12.98 -46.69
N VAL H 4100 4.63 14.03 -46.43
CA VAL H 4100 5.45 14.08 -45.22
C VAL H 4100 4.60 14.05 -43.97
N LEU H 4101 3.51 14.83 -43.93
CA LEU H 4101 2.63 14.83 -42.78
C LEU H 4101 2.00 13.47 -42.55
N LEU H 4102 1.52 12.83 -43.63
CA LEU H 4102 0.95 11.49 -43.51
C LEU H 4102 1.96 10.45 -43.03
N THR H 4103 3.19 10.47 -43.56
CA THR H 4103 4.22 9.56 -43.10
C THR H 4103 4.59 9.80 -41.63
N ASN H 4104 4.71 11.07 -41.23
CA ASN H 4104 5.01 11.39 -39.85
C ASN H 4104 3.92 10.89 -38.92
N LEU H 4105 2.65 11.11 -39.29
CA LEU H 4105 1.55 10.62 -38.49
C LEU H 4105 1.53 9.09 -38.42
N SER H 4106 1.79 8.42 -39.55
CA SER H 4106 1.80 6.97 -39.56
C SER H 4106 2.89 6.42 -38.66
N GLU H 4107 4.07 7.03 -38.68
CA GLU H 4107 5.17 6.54 -37.86
C GLU H 4107 4.94 6.84 -36.38
N HIS H 4108 4.42 8.03 -36.06
CA HIS H 4108 4.26 8.41 -34.67
C HIS H 4108 3.03 7.76 -34.04
N MET H 4109 2.09 7.29 -34.87
CA MET H 4109 0.92 6.58 -34.38
C MET H 4109 0.78 5.29 -35.16
N PRO H 4110 1.44 4.21 -34.75
CA PRO H 4110 1.53 3.02 -35.59
C PRO H 4110 0.43 2.01 -35.32
N ASN H 4111 -0.55 2.36 -34.50
CA ASN H 4111 -1.59 1.41 -34.13
C ASN H 4111 -2.99 1.89 -34.47
N ASP H 4112 -3.21 3.19 -34.54
CA ASP H 4112 -4.54 3.74 -34.82
C ASP H 4112 -5.03 3.32 -36.20
N THR H 4113 -6.12 2.55 -36.23
CA THR H 4113 -6.60 1.95 -37.46
C THR H 4113 -7.20 2.99 -38.41
N ARG H 4114 -7.67 4.12 -37.87
CA ARG H 4114 -8.35 5.10 -38.71
C ARG H 4114 -7.40 5.76 -39.69
N LEU H 4115 -6.11 5.87 -39.34
CA LEU H 4115 -5.14 6.47 -40.24
C LEU H 4115 -4.79 5.53 -41.38
N GLN H 4116 -4.99 4.22 -41.18
CA GLN H 4116 -4.82 3.27 -42.28
C GLN H 4116 -5.68 3.67 -43.47
N THR H 4117 -6.97 3.89 -43.25
CA THR H 4117 -7.87 4.27 -44.35
C THR H 4117 -7.22 5.32 -45.25
N PHE H 4118 -6.66 6.37 -44.65
CA PHE H 4118 -5.96 7.38 -45.43
C PHE H 4118 -4.72 6.81 -46.12
N LEU H 4119 -3.97 5.94 -45.43
CA LEU H 4119 -2.73 5.42 -46.02
C LEU H 4119 -3.01 4.54 -47.24
N GLU H 4120 -3.90 3.56 -47.11
CA GLU H 4120 -4.27 2.71 -48.24
C GLU H 4120 -5.19 3.44 -49.22
N LEU H 4121 -5.61 4.67 -48.91
CA LEU H 4121 -6.20 5.49 -49.96
C LEU H 4121 -5.13 6.29 -50.69
N ALA H 4122 -4.00 6.55 -50.05
CA ALA H 4122 -2.94 7.36 -50.63
C ALA H 4122 -1.61 6.62 -50.78
N GLU H 4123 -1.63 5.34 -51.16
CA GLU H 4123 -0.38 4.72 -51.61
C GLU H 4123 0.30 5.55 -52.68
N SER H 4124 -0.47 5.96 -53.70
CA SER H 4124 0.12 6.48 -54.93
C SER H 4124 0.94 7.74 -54.69
N VAL H 4125 0.40 8.68 -53.90
CA VAL H 4125 1.16 9.88 -53.58
C VAL H 4125 2.41 9.53 -52.77
N LEU H 4126 2.26 8.65 -51.78
CA LEU H 4126 3.40 8.21 -50.99
C LEU H 4126 4.42 7.45 -51.84
N ASN H 4127 3.94 6.59 -52.75
CA ASN H 4127 4.84 5.87 -53.65
C ASN H 4127 5.58 6.80 -54.59
N TYR H 4128 4.94 7.87 -55.08
CA TYR H 4128 5.63 8.83 -55.93
C TYR H 4128 6.67 9.61 -55.14
N PHE H 4129 6.32 10.04 -53.92
CA PHE H 4129 7.22 10.87 -53.14
C PHE H 4129 8.23 10.07 -52.33
N GLN H 4130 8.19 8.74 -52.39
CA GLN H 4130 9.13 7.92 -51.63
C GLN H 4130 10.59 8.18 -51.98
N PRO H 4131 11.02 8.24 -53.24
CA PRO H 4131 12.43 8.54 -53.52
C PRO H 4131 12.86 9.91 -52.99
N PHE H 4132 11.97 10.90 -53.02
CA PHE H 4132 12.37 12.27 -52.68
C PHE H 4132 12.42 12.48 -51.17
N LEU H 4133 11.58 11.76 -50.42
CA LEU H 4133 11.52 11.95 -48.99
C LEU H 4133 12.80 11.43 -48.32
N GLY H 4134 13.37 12.25 -47.43
CA GLY H 4134 14.56 11.87 -46.70
C GLY H 4134 14.29 11.73 -45.22
N ARG H 4135 14.79 10.64 -44.62
CA ARG H 4135 14.48 10.29 -43.24
C ARG H 4135 15.77 10.11 -42.45
N ILE H 4136 15.86 10.80 -41.32
CA ILE H 4136 17.01 10.69 -40.42
C ILE H 4136 16.50 10.67 -38.98
N GLU H 4137 17.41 10.43 -38.04
CA GLU H 4137 17.14 10.48 -36.61
C GLU H 4137 18.22 11.30 -35.93
N ILE H 4138 17.83 12.15 -34.99
CA ILE H 4138 18.75 13.05 -34.33
C ILE H 4138 18.49 13.07 -32.82
N MET H 4139 19.48 13.59 -32.09
CA MET H 4139 19.36 13.85 -30.66
C MET H 4139 18.57 15.15 -30.50
N GLY H 4140 17.29 15.03 -30.14
CA GLY H 4140 16.44 16.19 -29.99
C GLY H 4140 16.82 17.02 -28.78
N SER H 4141 16.31 18.25 -28.77
CA SER H 4141 16.53 19.14 -27.64
C SER H 4141 15.91 18.59 -26.35
N ALA H 4142 14.89 17.74 -26.46
CA ALA H 4142 14.32 17.06 -25.32
C ALA H 4142 15.00 15.74 -25.01
N LYS H 4143 16.19 15.51 -25.57
CA LYS H 4143 16.98 14.30 -25.33
C LYS H 4143 16.20 13.04 -25.73
N ARG H 4144 15.58 13.09 -26.90
CA ARG H 4144 14.89 11.94 -27.48
C ARG H 4144 15.20 11.84 -28.97
N ILE H 4145 14.97 10.66 -29.53
CA ILE H 4145 15.11 10.45 -30.97
C ILE H 4145 13.94 11.12 -31.67
N GLU H 4146 14.25 11.92 -32.69
CA GLU H 4146 13.23 12.56 -33.51
C GLU H 4146 13.53 12.29 -34.97
N ARG H 4147 12.53 11.77 -35.69
CA ARG H 4147 12.65 11.52 -37.11
C ARG H 4147 12.36 12.81 -37.87
N VAL H 4148 13.28 13.19 -38.75
CA VAL H 4148 13.20 14.44 -39.50
C VAL H 4148 13.00 14.08 -40.97
N TYR H 4149 12.04 14.77 -41.61
CA TYR H 4149 11.71 14.54 -43.01
C TYR H 4149 12.03 15.79 -43.81
N PHE H 4150 12.70 15.62 -44.95
CA PHE H 4150 13.10 16.71 -45.81
C PHE H 4150 13.00 16.26 -47.27
N GLU H 4151 13.34 17.17 -48.18
CA GLU H 4151 13.20 16.95 -49.60
C GLU H 4151 14.57 16.70 -50.21
N ILE H 4152 14.70 15.60 -50.95
CA ILE H 4152 15.93 15.25 -51.66
C ILE H 4152 15.65 15.43 -53.15
N SER H 4153 16.42 16.31 -53.80
CA SER H 4153 16.20 16.57 -55.20
C SER H 4153 16.80 15.47 -56.06
N GLU H 4154 16.10 15.17 -57.16
CA GLU H 4154 16.53 14.08 -58.05
C GLU H 4154 17.89 14.40 -58.67
N SER H 4155 18.13 15.66 -59.02
CA SER H 4155 19.44 16.04 -59.56
C SER H 4155 20.53 15.78 -58.54
N SER H 4156 20.29 16.12 -57.27
CA SER H 4156 21.28 15.82 -56.23
C SER H 4156 21.49 14.32 -56.08
N ARG H 4157 20.43 13.52 -56.18
CA ARG H 4157 20.60 12.08 -56.09
C ARG H 4157 21.43 11.54 -57.25
N THR H 4158 21.22 12.06 -58.45
CA THR H 4158 22.06 11.65 -59.58
C THR H 4158 23.52 12.06 -59.37
N GLN H 4159 23.74 13.27 -58.84
CA GLN H 4159 25.12 13.69 -58.51
C GLN H 4159 25.74 12.74 -57.50
N TRP H 4160 24.94 12.27 -56.53
CA TRP H 4160 25.42 11.28 -55.57
C TRP H 4160 25.77 9.97 -56.27
N GLU H 4161 24.95 9.55 -57.24
CA GLU H 4161 25.18 8.29 -57.94
C GLU H 4161 26.26 8.38 -59.01
N LYS H 4162 26.80 9.56 -59.29
CA LYS H 4162 27.89 9.66 -60.25
C LYS H 4162 29.13 8.92 -59.74
N PRO H 4163 29.96 8.37 -60.65
CA PRO H 4163 30.97 7.39 -60.21
C PRO H 4163 32.05 7.95 -59.29
N GLN H 4164 32.55 9.16 -59.54
CA GLN H 4164 33.64 9.68 -58.72
C GLN H 4164 33.21 9.87 -57.27
N VAL H 4165 31.96 10.31 -57.06
CA VAL H 4165 31.42 10.41 -55.72
C VAL H 4165 31.36 9.04 -55.06
N LYS H 4166 30.98 8.01 -55.82
CA LYS H 4166 30.95 6.65 -55.29
C LYS H 4166 32.35 6.21 -54.86
N GLU H 4167 33.36 6.48 -55.69
CA GLU H 4167 34.72 6.09 -55.34
C GLU H 4167 35.21 6.82 -54.10
N SER H 4168 34.91 8.12 -54.01
CA SER H 4168 35.29 8.88 -52.82
C SER H 4168 34.60 8.33 -51.58
N LYS H 4169 33.33 7.96 -51.71
CA LYS H 4169 32.60 7.38 -50.58
C LYS H 4169 33.24 6.05 -50.15
N ARG H 4170 33.61 5.21 -51.11
CA ARG H 4170 34.25 3.94 -50.77
C ARG H 4170 35.56 4.19 -50.03
N GLN H 4171 36.38 5.12 -50.54
CA GLN H 4171 37.67 5.40 -49.91
C GLN H 4171 37.49 5.92 -48.50
N PHE H 4172 36.59 6.89 -48.31
CA PHE H 4172 36.33 7.44 -46.98
C PHE H 4172 35.78 6.39 -46.02
N ILE H 4173 34.86 5.54 -46.48
CA ILE H 4173 34.32 4.47 -45.65
C ILE H 4173 35.42 3.52 -45.22
N PHE H 4174 36.31 3.12 -46.13
CA PHE H 4174 37.42 2.27 -45.71
C PHE H 4174 38.32 2.98 -44.71
N ASP H 4175 38.64 4.25 -44.93
CA ASP H 4175 39.57 4.96 -44.06
C ASP H 4175 39.04 5.08 -42.64
N VAL H 4176 37.78 5.51 -42.49
CA VAL H 4176 37.27 5.78 -41.14
C VAL H 4176 37.11 4.47 -40.36
N VAL H 4177 36.69 3.40 -41.04
CA VAL H 4177 36.54 2.12 -40.35
C VAL H 4177 37.89 1.54 -39.97
N ASN H 4178 38.89 1.65 -40.85
CA ASN H 4178 40.20 1.07 -40.54
C ASN H 4178 40.90 1.88 -39.44
N GLU H 4179 40.90 3.21 -39.53
CA GLU H 4179 41.39 4.06 -38.45
C GLU H 4179 40.27 5.05 -38.11
N GLY H 4180 39.86 5.08 -36.84
CA GLY H 4180 38.82 5.99 -36.42
C GLY H 4180 38.57 6.02 -34.93
N GLY H 4181 38.44 7.22 -34.37
CA GLY H 4181 38.10 7.40 -32.97
C GLY H 4181 36.62 7.75 -32.84
N GLU H 4182 36.05 7.38 -31.68
CA GLU H 4182 34.61 7.58 -31.48
C GLU H 4182 34.25 9.06 -31.58
N LYS H 4183 35.09 9.94 -31.02
CA LYS H 4183 34.87 11.37 -31.21
C LYS H 4183 35.28 11.78 -32.63
N GLU H 4184 36.39 11.24 -33.14
CA GLU H 4184 36.88 11.67 -34.44
C GLU H 4184 36.08 11.08 -35.59
N LYS H 4185 35.33 10.00 -35.34
CA LYS H 4185 34.51 9.40 -36.38
C LYS H 4185 33.50 10.39 -36.92
N MET H 4186 32.77 11.05 -36.02
CA MET H 4186 31.66 11.89 -36.42
C MET H 4186 32.13 13.19 -37.06
N GLU H 4187 33.35 13.62 -36.73
CA GLU H 4187 34.03 14.74 -37.37
C GLU H 4187 34.56 14.41 -38.75
N LEU H 4188 35.21 13.25 -38.91
CA LEU H 4188 35.63 12.84 -40.24
C LEU H 4188 34.43 12.65 -41.16
N PHE H 4189 33.32 12.16 -40.62
CA PHE H 4189 32.13 11.98 -41.44
C PHE H 4189 31.61 13.33 -41.96
N VAL H 4190 31.56 14.35 -41.10
CA VAL H 4190 31.06 15.64 -41.57
C VAL H 4190 32.06 16.34 -42.49
N ASN H 4191 33.37 16.17 -42.27
CA ASN H 4191 34.34 16.68 -43.24
C ASN H 4191 34.15 16.04 -44.60
N PHE H 4192 33.97 14.71 -44.62
CA PHE H 4192 33.69 14.02 -45.88
C PHE H 4192 32.38 14.51 -46.49
N CYS H 4193 31.39 14.83 -45.65
CA CYS H 4193 30.13 15.34 -46.15
C CYS H 4193 30.31 16.67 -46.87
N GLU H 4194 31.08 17.58 -46.27
CA GLU H 4194 31.34 18.86 -46.94
C GLU H 4194 32.12 18.67 -48.23
N ASP H 4195 33.14 17.80 -48.21
CA ASP H 4195 33.89 17.54 -49.43
C ASP H 4195 33.01 16.93 -50.51
N THR H 4196 32.11 16.03 -50.14
CA THR H 4196 31.21 15.41 -51.11
C THR H 4196 30.20 16.41 -51.65
N ILE H 4197 29.73 17.34 -50.81
CA ILE H 4197 28.85 18.39 -51.30
C ILE H 4197 29.55 19.23 -52.34
N PHE H 4198 30.80 19.63 -52.07
CA PHE H 4198 31.57 20.36 -53.07
C PHE H 4198 31.78 19.54 -54.34
N GLU H 4199 32.06 18.25 -54.19
CA GLU H 4199 32.27 17.38 -55.33
C GLU H 4199 31.02 17.26 -56.19
N MET H 4200 29.85 17.12 -55.56
CA MET H 4200 28.62 17.03 -56.34
C MET H 4200 28.29 18.36 -57.01
N GLN H 4201 28.57 19.50 -56.34
CA GLN H 4201 28.42 20.80 -56.99
C GLN H 4201 29.31 20.91 -58.22
N LEU H 4202 30.56 20.46 -58.13
CA LEU H 4202 31.45 20.47 -59.29
C LEU H 4202 30.99 19.50 -60.37
N ALA H 4203 30.42 18.36 -60.00
CA ALA H 4203 29.96 17.40 -60.99
C ALA H 4203 28.82 17.94 -61.84
N ALA H 4204 27.88 18.65 -61.24
CA ALA H 4204 26.80 19.26 -62.01
C ALA H 4204 27.36 20.29 -62.98
N GLN H 4205 28.38 21.03 -62.57
CA GLN H 4205 29.00 22.02 -63.45
C GLN H 4205 29.69 21.34 -64.63
N ILE H 4206 30.46 20.29 -64.36
CA ILE H 4206 31.25 19.67 -65.42
C ILE H 4206 30.34 18.92 -66.39
N SER H 4207 29.28 18.30 -65.88
CA SER H 4207 28.36 17.53 -66.71
C SER H 4207 27.15 18.39 -67.09
N GLU H 4208 27.39 19.35 -67.97
CA GLU H 4208 26.33 20.23 -68.44
C GLU H 4208 25.38 19.48 -69.36
N SER H 4209 24.15 19.97 -69.44
CA SER H 4209 23.13 19.36 -70.28
C SER H 4209 23.10 20.01 -71.66
N SER H 4237 29.23 -11.75 -73.89
CA SER H 4237 28.33 -12.47 -73.01
C SER H 4237 27.04 -12.84 -73.71
N ILE H 4238 26.39 -11.83 -74.31
CA ILE H 4238 25.13 -12.08 -75.02
C ILE H 4238 25.35 -12.97 -76.23
N LEU H 4239 26.47 -12.78 -76.95
CA LEU H 4239 26.77 -13.65 -78.09
C LEU H 4239 26.98 -15.09 -77.64
N THR H 4240 27.72 -15.29 -76.55
CA THR H 4240 27.94 -16.63 -76.01
C THR H 4240 26.63 -17.26 -75.54
N VAL H 4241 25.73 -16.47 -74.96
CA VAL H 4241 24.41 -16.96 -74.59
C VAL H 4241 23.60 -17.38 -75.82
N ARG H 4242 23.60 -16.54 -76.85
CA ARG H 4242 22.77 -16.80 -78.03
C ARG H 4242 23.29 -18.00 -78.82
N SER H 4243 24.60 -18.17 -78.89
CA SER H 4243 25.16 -19.33 -79.58
C SER H 4243 24.78 -20.63 -78.87
N ALA H 4244 24.88 -20.63 -77.54
CA ALA H 4244 24.49 -21.80 -76.77
C ALA H 4244 23.00 -22.08 -76.94
N LEU H 4245 22.17 -21.04 -76.95
CA LEU H 4245 20.74 -21.24 -77.17
C LEU H 4245 20.45 -21.81 -78.55
N PHE H 4246 21.15 -21.34 -79.59
CA PHE H 4246 20.94 -21.87 -80.93
C PHE H 4246 21.35 -23.33 -81.01
N ALA H 4247 22.49 -23.68 -80.39
CA ALA H 4247 22.91 -25.08 -80.36
C ALA H 4247 21.88 -25.94 -79.63
N LEU H 4248 21.41 -25.48 -78.48
CA LEU H 4248 20.40 -26.22 -77.74
C LEU H 4248 19.12 -26.38 -78.54
N ARG H 4249 18.71 -25.33 -79.26
CA ARG H 4249 17.52 -25.43 -80.09
C ARG H 4249 17.70 -26.47 -81.19
N TYR H 4250 18.58 -26.19 -82.15
CA TYR H 4250 18.72 -27.08 -83.30
C TYR H 4250 19.87 -28.07 -83.11
N ASN H 4251 19.94 -28.70 -81.95
CA ASN H 4251 20.59 -30.00 -81.87
C ASN H 4251 19.64 -31.02 -81.27
N ILE H 4252 18.89 -30.61 -80.26
CA ILE H 4252 17.74 -31.37 -79.81
C ILE H 4252 16.62 -31.38 -80.85
N LEU H 4253 16.54 -30.35 -81.71
CA LEU H 4253 15.69 -30.45 -82.88
C LEU H 4253 16.18 -31.56 -83.81
N THR H 4254 17.50 -31.79 -83.87
CA THR H 4254 18.03 -32.90 -84.64
C THR H 4254 17.60 -34.24 -84.04
N LEU H 4255 17.64 -34.33 -82.70
CA LEU H 4255 17.14 -35.52 -82.03
C LEU H 4255 15.67 -35.77 -82.36
N MET H 4256 14.87 -34.70 -82.32
CA MET H 4256 13.47 -34.80 -82.71
C MET H 4256 13.29 -35.19 -84.16
N ARG H 4257 14.12 -34.68 -85.07
CA ARG H 4257 14.02 -35.06 -86.48
C ARG H 4257 14.33 -36.54 -86.68
N MET H 4258 15.38 -37.04 -86.04
CA MET H 4258 15.71 -38.46 -86.22
C MET H 4258 14.83 -39.40 -85.41
N LEU H 4259 14.07 -38.88 -84.44
CA LEU H 4259 13.01 -39.66 -83.81
C LEU H 4259 11.66 -39.47 -84.49
N SER H 4260 11.55 -38.53 -85.43
CA SER H 4260 10.28 -38.29 -86.11
C SER H 4260 10.01 -39.32 -87.20
N LEU H 4261 10.97 -40.21 -87.45
CA LEU H 4261 10.75 -41.27 -88.43
C LEU H 4261 9.55 -42.14 -88.07
N LYS H 4262 9.25 -42.23 -86.78
CA LYS H 4262 8.07 -42.96 -86.28
C LYS H 4262 8.11 -44.42 -86.71
N SER H 4263 9.17 -45.10 -86.27
CA SER H 4263 9.37 -46.52 -86.56
C SER H 4263 8.86 -47.43 -85.46
N LEU H 4264 7.99 -46.93 -84.58
CA LEU H 4264 7.48 -47.77 -83.49
C LEU H 4264 6.63 -48.91 -84.01
N LYS H 4265 5.82 -48.64 -85.04
CA LYS H 4265 5.02 -49.71 -85.63
C LYS H 4265 5.90 -50.77 -86.29
N LYS H 4266 6.98 -50.35 -86.96
CA LYS H 4266 7.90 -51.32 -87.54
C LYS H 4266 8.61 -52.12 -86.46
N GLN H 4267 8.98 -51.46 -85.35
CA GLN H 4267 9.57 -52.19 -84.23
C GLN H 4267 8.60 -53.17 -83.59
N MET H 4268 7.30 -52.85 -83.59
CA MET H 4268 6.31 -53.82 -83.10
C MET H 4268 6.06 -54.94 -84.09
N LYS H 4269 6.22 -54.69 -85.40
CA LYS H 4269 6.25 -55.79 -86.36
C LYS H 4269 7.45 -56.70 -86.08
N LYS H 4270 8.61 -56.11 -85.80
CA LYS H 4270 9.80 -56.89 -85.46
C LYS H 4270 9.58 -57.73 -84.22
N VAL H 4271 9.08 -57.11 -83.15
CA VAL H 4271 8.77 -57.82 -81.92
C VAL H 4271 7.28 -58.17 -81.98
N LYS H 4272 6.95 -59.29 -82.62
CA LYS H 4272 5.56 -59.71 -82.73
C LYS H 4272 5.16 -60.57 -81.55
N LYS H 4273 6.11 -61.32 -81.00
CA LYS H 4273 6.02 -61.91 -79.68
C LYS H 4273 7.15 -61.31 -78.86
N MET H 4274 7.10 -61.43 -77.54
CA MET H 4274 8.06 -60.73 -76.70
C MET H 4274 9.48 -61.17 -77.03
N THR H 4275 10.39 -60.19 -77.13
CA THR H 4275 11.81 -60.45 -77.22
C THR H 4275 12.52 -59.47 -76.29
N VAL H 4276 13.10 -60.01 -75.22
CA VAL H 4276 13.75 -59.16 -74.23
C VAL H 4276 14.93 -58.42 -74.85
N LYS H 4277 15.69 -59.10 -75.72
CA LYS H 4277 16.89 -58.49 -76.28
C LYS H 4277 16.54 -57.40 -77.30
N ASP H 4278 15.71 -57.73 -78.30
CA ASP H 4278 15.26 -56.72 -79.26
C ASP H 4278 14.56 -55.58 -78.53
N MET H 4279 14.00 -55.89 -77.37
CA MET H 4279 13.12 -54.99 -76.65
C MET H 4279 13.95 -53.96 -75.87
N VAL H 4280 15.04 -54.43 -75.25
CA VAL H 4280 15.92 -53.53 -74.50
C VAL H 4280 16.83 -52.75 -75.44
N THR H 4281 17.25 -53.35 -76.56
CA THR H 4281 18.17 -52.65 -77.46
C THR H 4281 17.57 -51.35 -77.99
N ALA H 4282 16.24 -51.28 -78.08
CA ALA H 4282 15.59 -50.07 -78.57
C ALA H 4282 15.91 -48.88 -77.67
N PHE H 4283 15.56 -48.97 -76.38
CA PHE H 4283 15.82 -47.83 -75.50
C PHE H 4283 17.30 -47.67 -75.22
N PHE H 4284 18.08 -48.76 -75.31
CA PHE H 4284 19.53 -48.63 -75.18
C PHE H 4284 20.08 -47.73 -76.27
N SER H 4285 19.66 -47.96 -77.51
CA SER H 4285 20.07 -47.11 -78.62
C SER H 4285 19.52 -45.69 -78.45
N SER H 4286 18.31 -45.58 -77.91
CA SER H 4286 17.74 -44.25 -77.68
C SER H 4286 18.58 -43.43 -76.71
N TYR H 4287 18.97 -44.04 -75.58
CA TYR H 4287 19.79 -43.33 -74.60
C TYR H 4287 21.18 -43.05 -75.14
N TRP H 4288 21.74 -44.00 -75.91
CA TRP H 4288 23.04 -43.79 -76.53
C TRP H 4288 22.98 -42.60 -77.49
N SER H 4289 21.90 -42.50 -78.26
CA SER H 4289 21.69 -41.34 -79.13
C SER H 4289 21.50 -40.05 -78.34
N ILE H 4290 20.84 -40.11 -77.19
CA ILE H 4290 20.72 -38.91 -76.35
C ILE H 4290 22.09 -38.42 -75.94
N PHE H 4291 22.96 -39.35 -75.51
CA PHE H 4291 24.32 -38.96 -75.15
C PHE H 4291 25.11 -38.43 -76.36
N MET H 4292 24.93 -39.04 -77.53
CA MET H 4292 25.64 -38.56 -78.71
C MET H 4292 25.16 -37.16 -79.11
N THR H 4293 23.87 -36.88 -78.90
CA THR H 4293 23.38 -35.53 -79.10
C THR H 4293 23.98 -34.56 -78.09
N LEU H 4294 24.18 -35.01 -76.85
CA LEU H 4294 24.89 -34.16 -75.89
C LEU H 4294 26.30 -33.85 -76.39
N LEU H 4295 26.99 -34.87 -76.92
CA LEU H 4295 28.33 -34.64 -77.46
C LEU H 4295 28.30 -33.65 -78.62
N HIS H 4296 27.32 -33.80 -79.51
CA HIS H 4296 27.19 -32.86 -80.62
C HIS H 4296 26.94 -31.45 -80.10
N PHE H 4297 26.19 -31.33 -79.01
CA PHE H 4297 25.95 -30.03 -78.40
C PHE H 4297 27.23 -29.43 -77.83
N VAL H 4298 28.03 -30.25 -77.16
CA VAL H 4298 29.30 -29.76 -76.61
C VAL H 4298 30.22 -29.30 -77.74
N ALA H 4299 30.28 -30.07 -78.82
CA ALA H 4299 31.08 -29.68 -79.97
C ALA H 4299 30.56 -28.39 -80.59
N SER H 4300 29.24 -28.25 -80.68
CA SER H 4300 28.65 -27.04 -81.23
C SER H 4300 28.96 -25.83 -80.36
N VAL H 4301 28.92 -25.98 -79.04
CA VAL H 4301 29.27 -24.88 -78.15
C VAL H 4301 30.75 -24.51 -78.30
N PHE H 4302 31.62 -25.51 -78.41
CA PHE H 4302 33.04 -25.21 -78.65
C PHE H 4302 33.22 -24.46 -79.96
N ARG H 4303 32.54 -24.91 -81.02
CA ARG H 4303 32.63 -24.24 -82.32
C ARG H 4303 32.09 -22.81 -82.24
N GLY H 4304 30.98 -22.60 -81.54
CA GLY H 4304 30.45 -21.26 -81.40
C GLY H 4304 31.37 -20.34 -80.60
N PHE H 4305 31.98 -20.86 -79.54
CA PHE H 4305 32.92 -20.06 -78.77
C PHE H 4305 34.15 -19.71 -79.60
N PHE H 4306 34.64 -20.66 -80.40
CA PHE H 4306 35.73 -20.38 -81.33
C PHE H 4306 35.32 -19.33 -82.35
N ARG H 4307 34.09 -19.41 -82.84
CA ARG H 4307 33.58 -18.41 -83.78
C ARG H 4307 33.55 -17.03 -83.14
N ILE H 4308 33.10 -16.95 -81.88
CA ILE H 4308 33.01 -15.65 -81.20
C ILE H 4308 34.41 -15.07 -80.99
N ILE H 4309 35.35 -15.88 -80.52
CA ILE H 4309 36.68 -15.36 -80.22
C ILE H 4309 37.41 -15.02 -81.51
N CYS H 4310 37.17 -15.77 -82.58
CA CYS H 4310 37.83 -15.54 -83.86
C CYS H 4310 37.04 -16.17 -85.01
N PHE H 4480 33.69 37.76 -79.01
CA PHE H 4480 34.93 37.01 -79.21
C PHE H 4480 35.35 36.28 -77.95
N TRP H 4481 35.82 37.05 -76.97
CA TRP H 4481 36.34 36.47 -75.73
C TRP H 4481 35.31 35.59 -75.05
N LYS H 4482 34.02 35.97 -75.12
CA LYS H 4482 32.96 35.11 -74.60
C LYS H 4482 33.00 33.75 -75.29
N LYS H 4483 33.10 33.75 -76.62
CA LYS H 4483 33.14 32.51 -77.37
C LYS H 4483 34.36 31.67 -77.00
N ILE H 4484 35.53 32.32 -76.84
CA ILE H 4484 36.73 31.54 -76.59
C ILE H 4484 36.65 30.91 -75.21
N ILE H 4485 36.14 31.66 -74.23
CA ILE H 4485 36.02 31.13 -72.88
C ILE H 4485 35.01 29.99 -72.85
N ALA H 4486 33.89 30.15 -73.56
CA ALA H 4486 32.90 29.09 -73.63
C ALA H 4486 33.45 27.82 -74.25
N TYR H 4487 34.17 27.92 -75.37
CA TYR H 4487 34.74 26.73 -76.01
C TYR H 4487 35.79 26.09 -75.11
N GLN H 4488 36.65 26.90 -74.48
CA GLN H 4488 37.66 26.38 -73.56
C GLN H 4488 37.00 25.59 -72.43
N GLN H 4489 35.96 26.16 -71.83
CA GLN H 4489 35.32 25.52 -70.70
C GLN H 4489 34.60 24.25 -71.13
N LYS H 4490 33.97 24.27 -72.32
CA LYS H 4490 33.31 23.07 -72.82
C LYS H 4490 34.31 21.94 -73.01
N LEU H 4491 35.48 22.25 -73.58
CA LEU H 4491 36.45 21.19 -73.81
C LEU H 4491 37.08 20.71 -72.49
N LEU H 4492 37.26 21.63 -71.54
CA LEU H 4492 37.78 21.23 -70.23
C LEU H 4492 36.80 20.30 -69.53
N ASN H 4493 35.50 20.59 -69.62
CA ASN H 4493 34.48 19.67 -69.13
C ASN H 4493 34.48 18.35 -69.87
N TYR H 4494 34.75 18.36 -71.18
CA TYR H 4494 34.87 17.11 -71.92
C TYR H 4494 35.96 16.22 -71.33
N PHE H 4495 37.15 16.78 -71.12
CA PHE H 4495 38.23 15.99 -70.52
C PHE H 4495 37.87 15.54 -69.10
N ALA H 4496 37.28 16.44 -68.30
CA ALA H 4496 36.93 16.08 -66.93
C ALA H 4496 35.93 14.93 -66.90
N ARG H 4497 34.96 14.95 -67.81
CA ARG H 4497 33.99 13.86 -67.90
C ARG H 4497 34.66 12.56 -68.33
N ASN H 4498 35.55 12.62 -69.31
CA ASN H 4498 36.14 11.43 -69.89
C ASN H 4498 37.49 11.06 -69.27
N PHE H 4499 37.75 11.52 -68.05
CA PHE H 4499 39.01 11.15 -67.38
C PHE H 4499 39.19 9.64 -67.27
N TYR H 4500 38.19 8.92 -66.75
CA TYR H 4500 38.36 7.49 -66.48
C TYR H 4500 38.44 6.65 -67.76
N ASN H 4501 37.59 6.93 -68.76
CA ASN H 4501 37.64 6.15 -69.99
C ASN H 4501 39.00 6.26 -70.67
N MET H 4502 39.56 7.47 -70.69
CA MET H 4502 40.90 7.66 -71.22
C MET H 4502 41.95 7.01 -70.32
N ARG H 4503 41.76 7.06 -69.00
CA ARG H 4503 42.62 6.31 -68.08
C ARG H 4503 42.66 4.83 -68.42
N MET H 4504 41.55 4.30 -68.94
CA MET H 4504 41.41 2.89 -69.28
C MET H 4504 42.05 2.58 -70.64
N LEU H 4505 41.74 3.41 -71.63
CA LEU H 4505 42.27 3.21 -72.97
C LEU H 4505 43.79 3.41 -73.00
N ALA H 4506 44.32 4.25 -72.11
CA ALA H 4506 45.77 4.40 -72.02
C ALA H 4506 46.43 3.09 -71.60
N LEU H 4507 45.84 2.40 -70.63
CA LEU H 4507 46.35 1.09 -70.23
C LEU H 4507 46.22 0.08 -71.35
N PHE H 4508 45.11 0.14 -72.10
CA PHE H 4508 44.97 -0.74 -73.25
C PHE H 4508 46.06 -0.51 -74.28
N VAL H 4509 46.38 0.75 -74.59
CA VAL H 4509 47.44 1.05 -75.55
C VAL H 4509 48.79 0.62 -75.00
N ALA H 4510 49.00 0.77 -73.69
CA ALA H 4510 50.23 0.29 -73.07
C ALA H 4510 50.40 -1.21 -73.21
N PHE H 4511 49.32 -1.99 -73.05
CA PHE H 4511 49.35 -3.42 -73.34
C PHE H 4511 49.64 -3.73 -74.79
N ALA H 4512 49.01 -3.01 -75.72
CA ALA H 4512 49.22 -3.28 -77.14
C ALA H 4512 50.67 -3.02 -77.53
N ILE H 4513 51.25 -1.94 -77.01
CA ILE H 4513 52.64 -1.62 -77.33
C ILE H 4513 53.58 -2.71 -76.84
N ASN H 4514 53.37 -3.20 -75.62
CA ASN H 4514 54.20 -4.27 -75.10
C ASN H 4514 54.02 -5.56 -75.90
N PHE H 4515 52.79 -5.87 -76.30
CA PHE H 4515 52.57 -7.06 -77.11
C PHE H 4515 53.28 -6.96 -78.45
N ILE H 4516 53.27 -5.77 -79.07
CA ILE H 4516 54.03 -5.58 -80.30
C ILE H 4516 55.52 -5.74 -80.06
N LEU H 4517 56.02 -5.15 -78.97
CA LEU H 4517 57.44 -5.24 -78.64
C LEU H 4517 57.88 -6.67 -78.35
N LEU H 4518 56.96 -7.55 -77.94
CA LEU H 4518 57.32 -8.91 -77.61
C LEU H 4518 58.01 -9.66 -78.76
N PHE H 4519 57.69 -9.31 -80.01
CA PHE H 4519 58.35 -9.92 -81.18
C PHE H 4519 59.44 -8.99 -81.68
N TYR H 4520 60.54 -8.94 -80.93
CA TYR H 4520 61.60 -7.97 -81.19
C TYR H 4520 62.92 -8.72 -81.35
N LYS H 4521 63.72 -8.30 -82.33
CA LYS H 4521 64.95 -8.98 -82.71
C LYS H 4521 66.17 -8.13 -82.40
N VAL H 4522 67.34 -8.76 -82.55
CA VAL H 4522 68.61 -8.06 -82.69
C VAL H 4522 69.26 -8.57 -83.97
N SER H 4523 69.88 -7.66 -84.73
CA SER H 4523 70.49 -8.00 -86.01
C SER H 4523 71.97 -7.67 -85.99
N THR H 4524 72.76 -8.55 -86.58
CA THR H 4524 74.20 -8.37 -86.65
C THR H 4524 74.59 -7.53 -87.86
N ILE H 4555 81.09 -3.37 -84.80
CA ILE H 4555 79.98 -4.30 -84.56
C ILE H 4555 78.65 -3.59 -84.80
N ALA H 4556 77.85 -4.14 -85.70
CA ALA H 4556 76.55 -3.57 -86.06
C ALA H 4556 75.48 -4.25 -85.22
N VAL H 4557 74.89 -3.50 -84.29
CA VAL H 4557 73.84 -4.01 -83.42
C VAL H 4557 72.63 -3.09 -83.58
N HIS H 4558 71.70 -3.50 -84.45
CA HIS H 4558 70.41 -2.84 -84.60
C HIS H 4558 69.37 -3.58 -83.80
N TYR H 4559 68.58 -2.85 -83.02
CA TYR H 4559 67.41 -3.40 -82.37
C TYR H 4559 66.25 -3.34 -83.36
N VAL H 4560 66.07 -4.41 -84.14
CA VAL H 4560 65.18 -4.43 -85.28
C VAL H 4560 63.88 -5.13 -84.91
N LEU H 4561 62.76 -4.56 -85.34
CA LEU H 4561 61.44 -5.14 -85.12
C LEU H 4561 61.16 -6.11 -86.27
N GLU H 4562 61.04 -7.40 -85.96
CA GLU H 4562 60.79 -8.43 -86.95
C GLU H 4562 59.29 -8.65 -87.07
N GLU H 4563 58.80 -8.76 -88.30
CA GLU H 4563 57.37 -8.94 -88.55
C GLU H 4563 57.19 -10.03 -89.60
N SER H 4564 56.33 -11.00 -89.29
CA SER H 4564 55.88 -11.93 -90.33
C SER H 4564 54.90 -11.24 -91.27
N SER H 4565 54.11 -10.30 -90.74
CA SER H 4565 53.17 -9.56 -91.58
C SER H 4565 53.86 -8.41 -92.29
N GLY H 4566 54.57 -7.56 -91.54
CA GLY H 4566 55.32 -6.46 -92.09
C GLY H 4566 54.87 -5.09 -91.61
N TYR H 4567 53.58 -4.90 -91.38
CA TYR H 4567 53.02 -3.61 -91.02
C TYR H 4567 52.94 -3.37 -89.51
N MET H 4568 53.73 -4.08 -88.71
CA MET H 4568 53.71 -3.82 -87.27
C MET H 4568 54.43 -2.54 -86.89
N GLU H 4569 55.50 -2.17 -87.60
CA GLU H 4569 56.30 -1.02 -87.16
C GLU H 4569 55.50 0.27 -87.26
N PRO H 4570 54.79 0.58 -88.36
CA PRO H 4570 53.89 1.74 -88.33
C PRO H 4570 52.83 1.64 -87.25
N THR H 4571 52.30 0.45 -87.00
CA THR H 4571 51.29 0.28 -85.95
C THR H 4571 51.86 0.66 -84.58
N LEU H 4572 53.09 0.21 -84.30
CA LEU H 4572 53.75 0.56 -83.05
C LEU H 4572 54.00 2.06 -82.95
N ARG H 4573 54.41 2.68 -84.05
CA ARG H 4573 54.62 4.13 -84.02
C ARG H 4573 53.32 4.88 -83.72
N ILE H 4574 52.24 4.51 -84.40
CA ILE H 4574 50.95 5.16 -84.16
C ILE H 4574 50.48 4.90 -82.73
N LEU H 4575 50.70 3.68 -82.23
CA LEU H 4575 50.28 3.36 -80.87
C LEU H 4575 51.06 4.18 -79.84
N ALA H 4576 52.37 4.36 -80.06
CA ALA H 4576 53.15 5.19 -79.15
C ALA H 4576 52.67 6.64 -79.17
N ILE H 4577 52.43 7.19 -80.37
CA ILE H 4577 51.94 8.55 -80.46
C ILE H 4577 50.58 8.71 -79.78
N LEU H 4578 49.68 7.75 -80.02
CA LEU H 4578 48.36 7.81 -79.40
C LEU H 4578 48.44 7.67 -77.88
N HIS H 4579 49.33 6.80 -77.39
CA HIS H 4579 49.52 6.67 -75.96
C HIS H 4579 49.98 7.97 -75.33
N THR H 4580 50.95 8.64 -75.96
CA THR H 4580 51.37 9.93 -75.44
C THR H 4580 50.27 10.99 -75.48
N VAL H 4581 49.50 11.05 -76.56
CA VAL H 4581 48.42 12.04 -76.64
C VAL H 4581 47.35 11.78 -75.58
N ILE H 4582 46.93 10.53 -75.43
CA ILE H 4582 45.89 10.20 -74.47
C ILE H 4582 46.42 10.39 -73.04
N SER H 4583 47.72 10.22 -72.83
CA SER H 4583 48.28 10.41 -71.50
C SER H 4583 48.25 11.88 -71.10
N PHE H 4584 48.63 12.77 -72.02
CA PHE H 4584 48.50 14.20 -71.79
C PHE H 4584 47.05 14.59 -71.54
N PHE H 4585 46.13 14.03 -72.33
CA PHE H 4585 44.71 14.28 -72.11
C PHE H 4585 44.23 13.77 -70.75
N CYS H 4586 44.76 12.64 -70.26
CA CYS H 4586 44.46 12.15 -68.93
C CYS H 4586 44.97 13.08 -67.82
N ILE H 4587 46.16 13.64 -67.97
CA ILE H 4587 46.62 14.67 -67.04
C ILE H 4587 45.71 15.90 -67.07
N ILE H 4588 45.28 16.34 -68.26
CA ILE H 4588 44.34 17.46 -68.32
C ILE H 4588 43.03 17.12 -67.61
N GLY H 4589 42.54 15.90 -67.83
CA GLY H 4589 41.32 15.48 -67.16
C GLY H 4589 41.44 15.46 -65.66
N TYR H 4590 42.55 14.92 -65.14
CA TYR H 4590 42.77 14.94 -63.70
C TYR H 4590 42.83 16.36 -63.17
N TYR H 4591 43.58 17.24 -63.86
CA TYR H 4591 43.69 18.63 -63.43
C TYR H 4591 42.35 19.35 -63.42
N CYS H 4592 41.43 18.99 -64.32
CA CYS H 4592 40.11 19.63 -64.35
C CYS H 4592 39.07 18.89 -63.53
N LEU H 4593 39.38 17.71 -62.99
CA LEU H 4593 38.40 16.90 -62.27
C LEU H 4593 38.70 16.82 -60.77
N LYS H 4594 39.92 16.40 -60.39
CA LYS H 4594 40.20 16.12 -58.98
C LYS H 4594 40.92 17.25 -58.28
N VAL H 4595 41.67 18.05 -59.02
CA VAL H 4595 42.46 19.15 -58.45
C VAL H 4595 41.58 20.12 -57.64
N PRO H 4596 40.40 20.52 -58.12
CA PRO H 4596 39.55 21.38 -57.29
C PRO H 4596 39.20 20.78 -55.93
N LEU H 4597 38.99 19.46 -55.86
CA LEU H 4597 38.68 18.84 -54.57
C LEU H 4597 39.85 18.92 -53.61
N VAL H 4598 41.06 18.65 -54.10
CA VAL H 4598 42.25 18.75 -53.26
C VAL H 4598 42.46 20.19 -52.80
N ILE H 4599 42.28 21.16 -53.70
CA ILE H 4599 42.42 22.56 -53.35
C ILE H 4599 41.38 22.94 -52.29
N PHE H 4600 40.14 22.46 -52.44
CA PHE H 4600 39.10 22.76 -51.47
C PHE H 4600 39.45 22.17 -50.10
N LYS H 4601 39.94 20.93 -50.08
CA LYS H 4601 40.31 20.31 -48.80
C LYS H 4601 41.43 21.08 -48.12
N ARG H 4602 42.48 21.43 -48.87
CA ARG H 4602 43.60 22.17 -48.30
C ARG H 4602 43.14 23.55 -47.81
N GLU H 4603 42.30 24.23 -48.60
CA GLU H 4603 41.88 25.58 -48.29
C GLU H 4603 40.85 25.62 -47.18
N LYS H 4604 40.15 24.52 -46.91
CA LYS H 4604 39.31 24.38 -45.72
C LYS H 4604 40.15 24.07 -44.49
N GLU H 4605 41.13 23.19 -44.62
CA GLU H 4605 41.99 22.86 -43.49
C GLU H 4605 42.74 24.08 -43.00
N VAL H 4606 43.33 24.84 -43.93
CA VAL H 4606 44.11 26.02 -43.53
C VAL H 4606 43.19 27.08 -42.94
N ALA H 4607 41.99 27.22 -43.50
CA ALA H 4607 41.05 28.21 -42.98
C ALA H 4607 40.62 27.88 -41.56
N ARG H 4608 40.29 26.60 -41.31
CA ARG H 4608 39.88 26.21 -39.97
C ARG H 4608 41.03 26.26 -38.97
N LYS H 4609 42.25 25.95 -39.40
CA LYS H 4609 43.40 26.09 -38.50
C LYS H 4609 43.66 27.57 -38.18
N LEU H 4610 43.49 28.45 -39.16
CA LEU H 4610 43.67 29.87 -38.91
C LEU H 4610 42.60 30.42 -37.99
N GLU H 4611 41.35 29.96 -38.15
CA GLU H 4611 40.25 30.52 -37.38
C GLU H 4611 40.19 29.94 -35.98
N PHE H 4612 40.13 28.61 -35.87
CA PHE H 4612 39.97 27.98 -34.56
C PHE H 4612 41.24 28.11 -33.72
N ASP H 4613 42.40 27.88 -34.32
CA ASP H 4613 43.65 27.79 -33.57
C ASP H 4613 44.62 28.93 -33.85
N GLY H 4614 44.47 29.64 -34.97
CA GLY H 4614 45.40 30.69 -35.30
C GLY H 4614 46.81 30.19 -35.54
N LEU H 4615 46.93 29.12 -36.32
CA LEU H 4615 48.21 28.47 -36.59
C LEU H 4615 49.17 29.36 -37.38
N TYR H 4616 48.68 30.45 -37.95
CA TYR H 4616 49.56 31.41 -38.61
C TYR H 4616 49.50 32.78 -37.96
N ILE H 4617 48.84 32.92 -36.81
CA ILE H 4617 48.69 34.20 -36.14
C ILE H 4617 49.32 34.14 -34.75
N THR H 4618 48.82 33.23 -33.91
CA THR H 4618 49.29 33.12 -32.54
C THR H 4618 50.49 32.21 -32.45
N GLU H 4619 50.32 30.95 -32.85
CA GLU H 4619 51.37 29.94 -32.76
C GLU H 4619 51.77 29.48 -34.16
N GLN H 4620 53.00 29.78 -34.54
CA GLN H 4620 53.55 29.50 -35.86
C GLN H 4620 53.76 28.00 -36.03
N PRO H 4621 53.78 27.52 -37.27
CA PRO H 4621 53.98 26.08 -37.50
C PRO H 4621 55.30 25.59 -36.97
N SER H 4622 55.43 24.26 -36.91
CA SER H 4622 56.60 23.63 -36.30
C SER H 4622 57.86 23.83 -37.13
N GLU H 4623 57.72 24.37 -38.34
CA GLU H 4623 58.75 24.61 -39.34
C GLU H 4623 59.18 23.30 -40.00
N ASP H 4624 58.71 22.15 -39.53
CA ASP H 4624 58.96 20.87 -40.19
C ASP H 4624 57.77 20.39 -41.01
N ASP H 4625 56.64 21.10 -40.95
CA ASP H 4625 55.45 20.75 -41.73
C ASP H 4625 55.50 21.54 -43.02
N ILE H 4626 56.00 20.89 -44.09
CA ILE H 4626 56.23 21.58 -45.35
C ILE H 4626 54.92 22.12 -45.88
N LYS H 4627 53.82 21.41 -45.63
CA LYS H 4627 52.50 21.93 -45.98
C LYS H 4627 52.20 23.23 -45.24
N GLY H 4628 52.58 23.30 -43.96
CA GLY H 4628 52.36 24.52 -43.19
C GLY H 4628 53.16 25.70 -43.72
N GLN H 4629 54.45 25.48 -44.00
CA GLN H 4629 55.25 26.58 -44.55
C GLN H 4629 54.78 26.98 -45.95
N TRP H 4630 54.24 26.03 -46.71
CA TRP H 4630 53.74 26.39 -48.03
C TRP H 4630 52.42 27.14 -47.94
N ASP H 4631 51.56 26.79 -46.98
CA ASP H 4631 50.32 27.52 -46.75
C ASP H 4631 50.53 28.85 -46.04
N ARG H 4632 51.73 29.09 -45.50
CA ARG H 4632 52.04 30.44 -45.02
C ARG H 4632 51.91 31.46 -46.14
N LEU H 4633 52.10 31.03 -47.39
CA LEU H 4633 52.09 31.96 -48.51
C LEU H 4633 50.67 32.33 -48.93
N VAL H 4634 49.69 31.46 -48.66
CA VAL H 4634 48.34 31.67 -49.16
C VAL H 4634 47.50 32.53 -48.22
N ILE H 4635 47.91 32.68 -46.96
CA ILE H 4635 47.10 33.43 -45.99
C ILE H 4635 46.95 34.90 -46.34
N ASN H 4636 47.85 35.47 -47.15
CA ASN H 4636 47.76 36.86 -47.55
C ASN H 4636 47.29 37.04 -48.99
N THR H 4637 46.92 35.95 -49.67
CA THR H 4637 46.44 36.06 -51.04
C THR H 4637 45.08 36.74 -51.08
N GLN H 4638 44.90 37.63 -52.06
CA GLN H 4638 43.64 38.36 -52.18
C GLN H 4638 42.49 37.41 -52.51
N SER H 4639 42.71 36.48 -53.42
CA SER H 4639 41.65 35.57 -53.88
C SER H 4639 41.66 34.29 -53.04
N PHE H 4640 41.28 34.45 -51.77
CA PHE H 4640 41.22 33.35 -50.83
C PHE H 4640 39.76 32.90 -50.74
N PRO H 4641 39.43 31.90 -49.87
CA PRO H 4641 38.47 30.85 -50.27
C PRO H 4641 37.85 30.94 -51.65
N ASN H 4642 38.67 30.79 -52.70
CA ASN H 4642 38.10 30.67 -54.04
C ASN H 4642 37.26 29.41 -54.18
N ASN H 4643 37.76 28.29 -53.65
CA ASN H 4643 37.03 27.02 -53.67
C ASN H 4643 36.21 26.81 -52.40
N TYR H 4644 36.73 27.23 -51.25
CA TYR H 4644 36.00 27.14 -50.00
C TYR H 4644 34.80 28.08 -50.01
N TRP H 4645 33.71 27.68 -49.36
CA TRP H 4645 32.46 28.43 -49.43
C TRP H 4645 32.46 29.69 -48.58
N ASP H 4646 33.21 29.71 -47.47
CA ASP H 4646 33.18 30.82 -46.52
C ASP H 4646 34.21 31.87 -46.95
N LYS H 4647 33.76 32.87 -47.71
CA LYS H 4647 34.62 33.94 -48.19
C LYS H 4647 34.76 35.08 -47.18
N PHE H 4648 34.51 34.81 -45.89
CA PHE H 4648 34.63 35.81 -44.84
C PHE H 4648 35.51 35.33 -43.69
N VAL H 4649 36.34 34.31 -43.90
CA VAL H 4649 37.17 33.74 -42.85
C VAL H 4649 38.17 34.79 -42.36
N LYS H 4650 38.70 35.59 -43.28
CA LYS H 4650 39.58 36.68 -42.88
C LYS H 4650 38.84 37.70 -42.03
N ARG H 4651 37.61 38.03 -42.40
CA ARG H 4651 36.81 38.97 -41.62
C ARG H 4651 36.52 38.45 -40.22
N LYS H 4652 36.29 37.14 -40.09
CA LYS H 4652 36.07 36.55 -38.77
C LYS H 4652 37.34 36.47 -37.93
N VAL H 4653 38.48 36.09 -38.53
CA VAL H 4653 39.71 35.98 -37.74
C VAL H 4653 40.15 37.38 -37.29
N MET H 4654 39.90 38.40 -38.13
CA MET H 4654 40.14 39.77 -37.68
C MET H 4654 39.36 40.13 -36.43
N ASP H 4655 38.06 39.87 -36.39
CA ASP H 4655 37.26 40.13 -35.20
C ASP H 4655 37.71 39.29 -34.01
N LYS H 4656 38.13 38.05 -34.25
CA LYS H 4656 38.50 37.15 -33.16
C LYS H 4656 39.81 37.59 -32.50
N TYR H 4657 40.85 37.85 -33.31
CA TYR H 4657 42.19 38.07 -32.78
C TYR H 4657 42.72 39.48 -33.03
N GLY H 4658 41.85 40.45 -33.29
CA GLY H 4658 42.33 41.79 -33.59
C GLY H 4658 42.82 42.54 -32.37
N GLU H 4659 41.96 42.66 -31.35
CA GLU H 4659 42.24 43.54 -30.22
C GLU H 4659 43.40 43.07 -29.36
N PHE H 4660 43.64 41.77 -29.26
CA PHE H 4660 44.72 41.27 -28.42
C PHE H 4660 46.05 41.24 -29.17
N TYR H 4661 46.06 40.79 -30.41
CA TYR H 4661 47.29 40.59 -31.17
C TYR H 4661 47.56 41.72 -32.17
N GLY H 4662 46.81 42.80 -32.11
CA GLY H 4662 47.07 43.93 -32.98
C GLY H 4662 46.17 43.98 -34.20
N ARG H 4663 45.24 44.94 -34.21
CA ARG H 4663 44.34 45.13 -35.35
C ARG H 4663 45.11 45.18 -36.65
N ASP H 4664 46.00 46.18 -36.78
CA ASP H 4664 46.71 46.40 -38.03
C ASP H 4664 47.71 45.28 -38.31
N ARG H 4665 48.34 44.75 -37.25
CA ARG H 4665 49.36 43.72 -37.48
C ARG H 4665 48.74 42.46 -38.06
N ILE H 4666 47.61 42.02 -37.48
CA ILE H 4666 46.93 40.84 -38.03
C ILE H 4666 46.31 41.17 -39.38
N SER H 4667 45.88 42.42 -39.58
CA SER H 4667 45.36 42.81 -40.89
C SER H 4667 46.41 42.67 -41.99
N GLU H 4668 47.62 43.16 -41.74
CA GLU H 4668 48.68 43.07 -42.74
C GLU H 4668 49.29 41.67 -42.79
N LEU H 4669 49.11 40.87 -41.73
CA LEU H 4669 49.45 39.46 -41.82
C LEU H 4669 48.51 38.72 -42.78
N LEU H 4670 47.22 39.03 -42.71
CA LEU H 4670 46.24 38.48 -43.64
C LEU H 4670 46.25 39.18 -45.00
N GLY H 4671 47.00 40.27 -45.13
CA GLY H 4671 47.07 40.96 -46.41
C GLY H 4671 45.75 41.59 -46.82
N MET H 4672 45.04 42.18 -45.88
CA MET H 4672 43.73 42.76 -46.10
C MET H 4672 43.79 44.27 -45.89
N ASP H 4673 43.17 45.02 -46.79
CA ASP H 4673 43.20 46.48 -46.73
C ASP H 4673 42.17 47.00 -45.73
N LYS H 4674 42.52 48.11 -45.09
CA LYS H 4674 41.64 48.71 -44.08
C LYS H 4674 40.50 49.51 -44.68
N ALA H 4675 40.64 49.94 -45.95
CA ALA H 4675 39.70 50.90 -46.51
C ALA H 4675 38.31 50.29 -46.69
N ALA H 4676 38.23 49.01 -47.05
CA ALA H 4676 36.95 48.44 -47.47
C ALA H 4676 36.08 48.05 -46.28
N LEU H 4677 36.62 48.02 -45.06
CA LEU H 4677 35.92 47.41 -43.94
C LEU H 4677 34.58 48.09 -43.66
N ASP H 4678 34.58 49.41 -43.45
CA ASP H 4678 33.37 50.08 -43.01
C ASP H 4678 32.34 50.16 -44.13
N PHE H 4679 32.77 50.54 -45.33
CA PHE H 4679 31.86 50.75 -46.44
C PHE H 4679 31.52 49.46 -47.19
N SER H 4680 32.07 48.32 -46.77
CA SER H 4680 31.54 47.04 -47.22
C SER H 4680 30.14 46.79 -46.67
N ASP H 4681 29.98 46.95 -45.36
CA ASP H 4681 28.63 46.93 -44.79
C ASP H 4681 27.82 48.14 -45.25
N ALA H 4682 28.48 49.30 -45.35
CA ALA H 4682 27.80 50.51 -45.77
C ALA H 4682 27.71 50.62 -47.28
N ARG H 4683 27.36 51.80 -47.78
CA ARG H 4683 27.12 52.05 -49.19
C ARG H 4683 28.37 52.65 -49.83
N GLU H 4684 28.73 52.15 -51.01
CA GLU H 4684 29.96 52.54 -51.68
C GLU H 4684 29.83 52.26 -53.17
N LYS H 4685 30.91 52.54 -53.90
CA LYS H 4685 30.96 52.32 -55.34
C LYS H 4685 31.41 50.91 -55.67
N LYS H 4686 30.98 50.43 -56.83
CA LYS H 4686 31.32 49.08 -57.29
C LYS H 4686 31.99 49.17 -58.67
N LYS H 4687 32.73 48.12 -59.01
CA LYS H 4687 33.49 48.07 -60.25
C LYS H 4687 33.07 46.85 -61.08
N PRO H 4688 32.42 47.04 -62.24
CA PRO H 4688 32.12 45.92 -63.12
C PRO H 4688 33.35 45.49 -63.90
N LYS H 4689 33.16 44.48 -64.75
CA LYS H 4689 34.23 43.87 -65.51
C LYS H 4689 33.82 43.68 -66.96
N LYS H 4690 34.81 43.75 -67.85
CA LYS H 4690 34.61 43.48 -69.26
C LYS H 4690 35.58 42.39 -69.70
N ASP H 4691 35.07 41.45 -70.50
CA ASP H 4691 35.88 40.30 -70.89
C ASP H 4691 37.06 40.72 -71.76
N SER H 4692 36.86 41.67 -72.67
CA SER H 4692 37.94 42.09 -73.57
C SER H 4692 39.06 42.78 -72.80
N SER H 4693 38.71 43.57 -71.78
CA SER H 4693 39.70 44.24 -70.95
C SER H 4693 40.63 43.24 -70.29
N LEU H 4694 41.91 43.25 -70.66
CA LEU H 4694 42.86 42.24 -70.23
C LEU H 4694 43.80 42.70 -69.13
N SER H 4695 44.03 44.00 -68.96
CA SER H 4695 44.86 44.48 -67.86
C SER H 4695 44.22 44.12 -66.52
N ALA H 4696 42.90 44.29 -66.41
CA ALA H 4696 42.20 43.91 -65.19
C ALA H 4696 42.29 42.41 -64.95
N VAL H 4697 42.20 41.61 -66.01
CA VAL H 4697 42.32 40.16 -65.86
C VAL H 4697 43.71 39.78 -65.36
N LEU H 4698 44.75 40.40 -65.95
CA LEU H 4698 46.11 40.10 -65.53
C LEU H 4698 46.36 40.52 -64.09
N ASN H 4699 45.79 41.66 -63.67
CA ASN H 4699 45.92 42.06 -62.28
C ASN H 4699 45.16 41.12 -61.34
N SER H 4700 43.98 40.66 -61.77
CA SER H 4700 43.16 39.79 -60.93
C SER H 4700 43.76 38.39 -60.83
N ILE H 4701 44.55 37.98 -61.81
CA ILE H 4701 45.25 36.71 -61.69
C ILE H 4701 46.30 36.85 -60.61
N ASP H 4702 46.01 36.29 -59.44
CA ASP H 4702 46.84 36.51 -58.25
C ASP H 4702 48.07 35.62 -58.34
N VAL H 4703 49.20 36.23 -58.74
CA VAL H 4703 50.44 35.48 -58.92
C VAL H 4703 50.76 34.64 -57.68
N LYS H 4704 50.50 35.20 -56.49
CA LYS H 4704 50.73 34.46 -55.26
C LYS H 4704 49.74 33.32 -55.09
N TYR H 4705 48.50 33.51 -55.52
CA TYR H 4705 47.50 32.47 -55.30
C TYR H 4705 47.76 31.24 -56.18
N GLN H 4706 47.99 31.45 -57.48
CA GLN H 4706 48.30 30.32 -58.36
C GLN H 4706 49.70 29.78 -58.10
N MET H 4707 50.60 30.66 -57.66
CA MET H 4707 51.85 30.25 -57.04
C MET H 4707 51.61 29.14 -56.03
N TRP H 4708 50.82 29.44 -55.01
CA TRP H 4708 50.50 28.46 -53.98
C TRP H 4708 49.72 27.26 -54.53
N LYS H 4709 48.82 27.51 -55.48
CA LYS H 4709 47.99 26.44 -56.01
C LYS H 4709 48.82 25.39 -56.75
N LEU H 4710 49.74 25.85 -57.62
CA LEU H 4710 50.65 24.93 -58.30
C LEU H 4710 51.58 24.25 -57.31
N GLY H 4711 51.97 24.95 -56.24
CA GLY H 4711 52.69 24.25 -55.18
C GLY H 4711 51.90 23.07 -54.62
N VAL H 4712 50.61 23.29 -54.32
CA VAL H 4712 49.78 22.23 -53.78
C VAL H 4712 49.63 21.08 -54.78
N VAL H 4713 49.38 21.43 -56.04
CA VAL H 4713 49.18 20.41 -57.07
C VAL H 4713 50.44 19.56 -57.22
N PHE H 4714 51.61 20.20 -57.20
CA PHE H 4714 52.86 19.45 -57.29
C PHE H 4714 53.06 18.55 -56.07
N THR H 4715 52.69 19.04 -54.88
CA THR H 4715 52.83 18.20 -53.69
C THR H 4715 51.83 17.03 -53.69
N ASP H 4716 50.75 17.14 -54.47
CA ASP H 4716 49.79 16.05 -54.55
C ASP H 4716 50.42 14.81 -55.17
N ASN H 4717 50.10 13.63 -54.61
CA ASN H 4717 50.76 12.40 -55.03
C ASN H 4717 50.24 11.90 -56.37
N SER H 4718 48.92 11.97 -56.58
CA SER H 4718 48.35 11.42 -57.81
C SER H 4718 48.81 12.19 -59.03
N PHE H 4719 48.92 13.52 -58.92
CA PHE H 4719 49.46 14.30 -60.03
C PHE H 4719 50.91 13.93 -60.31
N LEU H 4720 51.68 13.64 -59.26
CA LEU H 4720 53.05 13.15 -59.45
C LEU H 4720 53.08 11.82 -60.18
N TYR H 4721 52.15 10.91 -59.83
CA TYR H 4721 52.06 9.64 -60.53
C TYR H 4721 51.76 9.83 -62.00
N LEU H 4722 50.77 10.66 -62.32
CA LEU H 4722 50.43 10.93 -63.71
C LEU H 4722 51.54 11.64 -64.46
N ALA H 4723 52.32 12.50 -63.81
CA ALA H 4723 53.43 13.16 -64.48
C ALA H 4723 54.60 12.20 -64.68
N TRP H 4724 54.80 11.26 -63.77
CA TRP H 4724 55.75 10.18 -64.01
C TRP H 4724 55.33 9.35 -65.21
N TYR H 4725 54.03 9.10 -65.34
CA TYR H 4725 53.49 8.38 -66.49
C TYR H 4725 53.76 9.16 -67.79
N MET H 4726 53.47 10.46 -67.78
CA MET H 4726 53.91 11.37 -68.83
C MET H 4726 55.38 11.15 -69.21
N THR H 4727 56.26 11.24 -68.23
CA THR H 4727 57.69 11.18 -68.49
C THR H 4727 58.07 9.85 -69.11
N MET H 4728 57.50 8.76 -68.59
CA MET H 4728 57.82 7.45 -69.14
C MET H 4728 57.37 7.35 -70.58
N SER H 4729 56.23 7.97 -70.92
CA SER H 4729 55.79 7.94 -72.32
C SER H 4729 56.73 8.77 -73.22
N VAL H 4730 57.11 9.95 -72.76
CA VAL H 4730 57.95 10.82 -73.60
C VAL H 4730 59.33 10.22 -73.76
N LEU H 4731 59.81 9.46 -72.75
CA LEU H 4731 61.05 8.72 -72.92
C LEU H 4731 60.85 7.47 -73.77
N GLY H 4732 59.63 6.92 -73.76
CA GLY H 4732 59.33 5.79 -74.64
C GLY H 4732 59.41 6.16 -76.09
N HIS H 4733 59.10 7.42 -76.43
CA HIS H 4733 59.37 7.87 -77.80
C HIS H 4733 60.84 7.77 -78.15
N TYR H 4734 61.74 8.23 -77.27
CA TYR H 4734 63.16 8.16 -77.55
C TYR H 4734 63.64 6.71 -77.64
N ASN H 4735 63.20 5.88 -76.70
CA ASN H 4735 63.53 4.46 -76.69
C ASN H 4735 62.25 3.68 -76.45
N ASN H 4736 61.91 2.80 -77.39
CA ASN H 4736 60.61 2.13 -77.35
C ASN H 4736 60.42 1.29 -76.10
N PHE H 4737 61.51 0.95 -75.41
CA PHE H 4737 61.44 0.03 -74.29
C PHE H 4737 60.98 0.70 -73.01
N PHE H 4738 60.92 2.02 -72.95
CA PHE H 4738 60.42 2.73 -71.78
C PHE H 4738 58.91 2.60 -71.63
N PHE H 4739 58.22 2.04 -72.63
CA PHE H 4739 56.80 1.78 -72.56
C PHE H 4739 56.48 0.58 -71.67
N ALA H 4740 57.48 -0.21 -71.29
CA ALA H 4740 57.26 -1.34 -70.40
C ALA H 4740 57.02 -0.93 -68.96
N ALA H 4741 57.43 0.27 -68.57
CA ALA H 4741 57.13 0.75 -67.22
C ALA H 4741 55.67 1.13 -67.07
N HIS H 4742 55.00 1.50 -68.17
CA HIS H 4742 53.57 1.74 -68.13
C HIS H 4742 52.77 0.48 -67.86
N LEU H 4743 53.38 -0.70 -68.04
CA LEU H 4743 52.72 -1.97 -67.79
C LEU H 4743 52.38 -2.17 -66.31
N LEU H 4744 53.13 -1.52 -65.41
CA LEU H 4744 52.85 -1.63 -63.98
C LEU H 4744 51.58 -0.88 -63.57
N ASP H 4745 50.98 -0.10 -64.47
CA ASP H 4745 49.79 0.66 -64.13
C ASP H 4745 48.61 -0.27 -63.85
N ILE H 4746 48.63 -1.50 -64.35
CA ILE H 4746 47.59 -2.45 -63.98
C ILE H 4746 47.70 -2.83 -62.50
N ALA H 4747 48.91 -2.91 -61.98
CA ALA H 4747 49.12 -3.16 -60.55
C ALA H 4747 48.63 -2.01 -59.69
N MET H 4748 48.62 -0.79 -60.23
CA MET H 4748 48.03 0.38 -59.59
C MET H 4748 46.51 0.40 -59.74
N GLY H 4749 45.98 -0.12 -60.85
CA GLY H 4749 44.54 -0.14 -61.04
C GLY H 4749 43.84 -1.18 -60.17
N PHE H 4750 44.39 -2.39 -60.13
CA PHE H 4750 43.71 -3.47 -59.41
C PHE H 4750 43.89 -3.33 -57.90
N LYS H 4751 42.84 -3.69 -57.16
CA LYS H 4751 42.84 -3.54 -55.70
C LYS H 4751 43.82 -4.49 -55.04
N THR H 4752 43.75 -5.80 -55.35
CA THR H 4752 44.60 -6.75 -54.68
C THR H 4752 46.06 -6.59 -55.10
N LEU H 4753 46.30 -6.11 -56.31
CA LEU H 4753 47.67 -5.82 -56.72
C LEU H 4753 48.25 -4.66 -55.90
N ARG H 4754 47.44 -3.64 -55.64
CA ARG H 4754 47.86 -2.58 -54.72
C ARG H 4754 48.09 -3.12 -53.32
N THR H 4755 47.25 -4.07 -52.88
CA THR H 4755 47.47 -4.69 -51.58
C THR H 4755 48.83 -5.39 -51.52
N ILE H 4756 49.17 -6.14 -52.57
CA ILE H 4756 50.46 -6.81 -52.63
C ILE H 4756 51.60 -5.80 -52.63
N LEU H 4757 51.47 -4.73 -53.42
CA LEU H 4757 52.54 -3.74 -53.48
C LEU H 4757 52.73 -3.04 -52.14
N SER H 4758 51.63 -2.70 -51.47
CA SER H 4758 51.70 -2.03 -50.17
C SER H 4758 52.10 -2.97 -49.05
N SER H 4759 52.02 -4.29 -49.26
CA SER H 4759 52.49 -5.23 -48.25
C SER H 4759 53.98 -5.10 -47.97
N VAL H 4760 54.75 -4.56 -48.91
CA VAL H 4760 56.18 -4.35 -48.71
C VAL H 4760 56.45 -3.12 -47.87
N THR H 4761 55.77 -2.01 -48.18
CA THR H 4761 55.99 -0.77 -47.43
C THR H 4761 55.39 -0.87 -46.02
N HIS H 4762 54.40 -1.74 -45.83
CA HIS H 4762 53.70 -1.87 -44.57
C HIS H 4762 54.66 -2.09 -43.39
N ASN H 4763 55.41 -3.18 -43.42
CA ASN H 4763 56.42 -3.45 -42.40
C ASN H 4763 57.79 -2.93 -42.83
N GLY H 4764 57.84 -1.65 -43.21
CA GLY H 4764 59.08 -1.11 -43.77
C GLY H 4764 60.22 -1.09 -42.77
N LYS H 4765 59.96 -0.60 -41.55
CA LYS H 4765 61.02 -0.48 -40.56
C LYS H 4765 61.57 -1.85 -40.17
N GLN H 4766 60.67 -2.78 -39.83
CA GLN H 4766 61.10 -4.11 -39.44
C GLN H 4766 61.82 -4.81 -40.59
N LEU H 4767 61.31 -4.65 -41.82
CA LEU H 4767 61.96 -5.27 -42.96
C LEU H 4767 63.37 -4.73 -43.17
N VAL H 4768 63.54 -3.41 -43.12
CA VAL H 4768 64.86 -2.82 -43.31
C VAL H 4768 65.82 -3.29 -42.23
N LEU H 4769 65.35 -3.33 -40.97
CA LEU H 4769 66.23 -3.75 -39.89
C LEU H 4769 66.58 -5.23 -40.00
N THR H 4770 65.64 -6.06 -40.48
CA THR H 4770 65.94 -7.48 -40.67
C THR H 4770 66.97 -7.69 -41.77
N VAL H 4771 66.83 -7.02 -42.91
CA VAL H 4771 67.87 -7.18 -43.93
C VAL H 4771 69.19 -6.59 -43.47
N GLY H 4772 69.17 -5.54 -42.63
CA GLY H 4772 70.40 -5.05 -42.06
C GLY H 4772 71.08 -6.06 -41.16
N LEU H 4773 70.29 -6.74 -40.34
CA LEU H 4773 70.84 -7.81 -39.50
C LEU H 4773 71.37 -8.96 -40.34
N LEU H 4774 70.68 -9.28 -41.44
CA LEU H 4774 71.17 -10.28 -42.37
C LEU H 4774 72.50 -9.89 -42.98
N ALA H 4775 72.67 -8.62 -43.34
CA ALA H 4775 73.95 -8.11 -43.80
C ALA H 4775 75.03 -8.19 -42.72
N VAL H 4776 74.67 -7.86 -41.47
CA VAL H 4776 75.63 -7.89 -40.37
C VAL H 4776 76.14 -9.31 -40.12
N VAL H 4777 75.22 -10.28 -40.06
CA VAL H 4777 75.62 -11.66 -39.76
C VAL H 4777 76.52 -12.19 -40.87
N VAL H 4778 76.15 -11.93 -42.13
CA VAL H 4778 76.98 -12.31 -43.26
C VAL H 4778 78.33 -11.60 -43.23
N TYR H 4779 78.39 -10.36 -42.77
CA TYR H 4779 79.67 -9.68 -42.62
C TYR H 4779 80.55 -10.34 -41.56
N LEU H 4780 79.97 -10.77 -40.45
CA LEU H 4780 80.75 -11.52 -39.45
C LEU H 4780 81.27 -12.83 -40.06
N TYR H 4781 80.44 -13.53 -40.82
CA TYR H 4781 80.89 -14.75 -41.48
C TYR H 4781 82.03 -14.45 -42.46
N THR H 4782 81.91 -13.34 -43.19
CA THR H 4782 82.99 -12.93 -44.10
C THR H 4782 84.28 -12.66 -43.33
N VAL H 4783 84.17 -11.98 -42.18
CA VAL H 4783 85.36 -11.71 -41.38
C VAL H 4783 86.02 -13.01 -40.94
N VAL H 4784 85.21 -13.97 -40.47
CA VAL H 4784 85.77 -15.24 -40.01
C VAL H 4784 86.44 -15.98 -41.17
N ALA H 4785 85.79 -16.05 -42.33
CA ALA H 4785 86.36 -16.74 -43.48
C ALA H 4785 87.62 -16.06 -43.96
N PHE H 4786 87.62 -14.73 -44.02
CA PHE H 4786 88.78 -13.96 -44.45
C PHE H 4786 89.96 -14.16 -43.50
N ASN H 4787 89.69 -14.26 -42.20
CA ASN H 4787 90.75 -14.52 -41.23
C ASN H 4787 91.31 -15.94 -41.33
N PHE H 4788 90.45 -16.95 -41.39
CA PHE H 4788 90.88 -18.33 -41.30
C PHE H 4788 90.62 -19.11 -42.58
N PHE H 4789 89.38 -19.14 -43.07
CA PHE H 4789 88.98 -20.05 -44.14
C PHE H 4789 89.13 -19.35 -45.49
N ARG H 4790 90.36 -19.35 -46.01
CA ARG H 4790 90.65 -18.74 -47.31
C ARG H 4790 91.13 -19.72 -48.35
N LYS H 4791 91.83 -20.80 -47.95
CA LYS H 4791 92.28 -21.80 -48.92
C LYS H 4791 91.11 -22.48 -49.61
N PHE H 4792 89.96 -22.55 -48.93
CA PHE H 4792 88.79 -23.23 -49.46
C PHE H 4792 88.03 -22.42 -50.49
N TYR H 4793 88.40 -21.16 -50.71
CA TYR H 4793 87.62 -20.26 -51.56
C TYR H 4793 88.18 -20.12 -52.96
N ASN H 4794 89.05 -21.03 -53.39
CA ASN H 4794 89.45 -21.05 -54.79
C ASN H 4794 88.28 -21.46 -55.67
N LYS H 4795 88.00 -20.66 -56.69
CA LYS H 4795 86.81 -20.83 -57.53
C LYS H 4795 87.21 -20.83 -59.00
N SER H 4796 88.24 -21.60 -59.33
CA SER H 4796 88.73 -21.72 -60.70
C SER H 4796 88.62 -23.16 -61.16
N GLU H 4797 88.02 -23.37 -62.32
CA GLU H 4797 87.93 -24.72 -62.88
C GLU H 4797 89.31 -25.27 -63.21
N ASP H 4798 90.17 -24.43 -63.80
CA ASP H 4798 91.55 -24.82 -64.09
C ASP H 4798 92.46 -24.29 -62.97
N GLY H 4799 93.31 -25.18 -62.45
CA GLY H 4799 94.11 -24.83 -61.30
C GLY H 4799 95.27 -23.89 -61.62
N ASP H 4800 95.57 -23.71 -62.91
CA ASP H 4800 96.70 -22.85 -63.29
C ASP H 4800 96.47 -21.40 -62.86
N THR H 4801 95.25 -20.90 -63.02
CA THR H 4801 94.95 -19.52 -62.64
C THR H 4801 93.86 -19.50 -61.58
N PRO H 4802 94.23 -19.50 -60.30
CA PRO H 4802 93.22 -19.49 -59.24
C PRO H 4802 92.42 -18.20 -59.24
N ASP H 4803 91.11 -18.33 -59.04
CA ASP H 4803 90.27 -17.14 -58.94
C ASP H 4803 90.45 -16.47 -57.58
N MET H 4804 90.57 -17.26 -56.51
CA MET H 4804 90.95 -16.81 -55.18
C MET H 4804 90.07 -15.66 -54.72
N LYS H 4805 88.76 -15.89 -54.60
CA LYS H 4805 87.82 -14.78 -54.50
C LYS H 4805 87.61 -14.27 -53.08
N CYS H 4806 88.31 -14.82 -52.09
CA CYS H 4806 88.27 -14.27 -50.73
C CYS H 4806 89.58 -13.58 -50.36
N ASP H 4807 90.43 -13.29 -51.35
CA ASP H 4807 91.65 -12.54 -51.06
C ASP H 4807 91.35 -11.12 -50.59
N ASP H 4808 90.35 -10.47 -51.19
CA ASP H 4808 89.94 -9.13 -50.80
C ASP H 4808 88.66 -9.22 -49.98
N MET H 4809 88.59 -8.43 -48.90
CA MET H 4809 87.42 -8.50 -48.04
C MET H 4809 86.16 -8.02 -48.75
N LEU H 4810 86.26 -6.98 -49.56
CA LEU H 4810 85.08 -6.52 -50.29
C LEU H 4810 84.57 -7.60 -51.23
N THR H 4811 85.48 -8.28 -51.94
CA THR H 4811 85.07 -9.35 -52.85
C THR H 4811 84.48 -10.52 -52.08
N CYS H 4812 85.07 -10.87 -50.94
CA CYS H 4812 84.58 -12.02 -50.18
C CYS H 4812 83.24 -11.73 -49.54
N TYR H 4813 83.04 -10.51 -49.05
CA TYR H 4813 81.73 -10.10 -48.55
C TYR H 4813 80.70 -10.05 -49.68
N MET H 4814 81.15 -9.69 -50.88
CA MET H 4814 80.24 -9.66 -52.02
C MET H 4814 79.84 -11.09 -52.41
N PHE H 4815 80.76 -12.04 -52.29
CA PHE H 4815 80.51 -13.45 -52.53
C PHE H 4815 79.72 -14.13 -51.42
N HIS H 4816 79.71 -13.57 -50.22
CA HIS H 4816 78.81 -14.04 -49.17
C HIS H 4816 77.44 -13.38 -49.23
N MET H 4817 77.35 -12.19 -49.82
CA MET H 4817 76.09 -11.51 -50.06
C MET H 4817 75.35 -12.15 -51.23
N TYR H 4818 75.96 -12.13 -52.41
CA TYR H 4818 75.56 -12.90 -53.58
C TYR H 4818 76.22 -14.27 -53.67
N VAL H 4819 75.45 -15.24 -54.17
CA VAL H 4819 75.80 -16.65 -54.34
C VAL H 4819 75.65 -17.35 -53.00
N GLY H 4820 76.18 -16.75 -51.93
CA GLY H 4820 76.06 -17.36 -50.62
C GLY H 4820 74.64 -17.43 -50.12
N VAL H 4821 73.95 -16.29 -50.10
CA VAL H 4821 72.59 -16.25 -49.55
C VAL H 4821 71.62 -16.97 -50.47
N ARG H 4822 71.69 -16.71 -51.78
CA ARG H 4822 70.84 -17.40 -52.76
C ARG H 4822 71.55 -18.66 -53.25
N ALA H 4823 71.65 -19.63 -52.35
CA ALA H 4823 72.19 -20.94 -52.68
C ALA H 4823 71.25 -22.10 -52.34
N GLY H 4824 70.37 -21.96 -51.35
CA GLY H 4824 69.49 -23.04 -50.96
C GLY H 4824 70.07 -24.03 -49.98
N GLY H 4825 71.39 -24.01 -49.77
CA GLY H 4825 72.02 -24.90 -48.81
C GLY H 4825 73.14 -24.23 -48.05
N GLY H 4826 73.37 -22.94 -48.32
CA GLY H 4826 74.44 -22.22 -47.68
C GLY H 4826 75.67 -22.09 -48.54
N ILE H 4827 76.67 -21.41 -47.98
CA ILE H 4827 77.91 -21.12 -48.70
C ILE H 4827 78.73 -22.37 -49.00
N GLY H 4828 78.56 -23.42 -48.20
CA GLY H 4828 79.33 -24.65 -48.37
C GLY H 4828 79.06 -25.37 -49.67
N ASP H 4829 77.94 -25.08 -50.33
CA ASP H 4829 77.66 -25.65 -51.65
C ASP H 4829 78.69 -25.16 -52.67
N GLU H 4830 78.96 -23.85 -52.67
CA GLU H 4830 79.92 -23.30 -53.63
C GLU H 4830 81.35 -23.46 -53.14
N ILE H 4831 81.57 -23.36 -51.82
CA ILE H 4831 82.91 -23.52 -51.29
C ILE H 4831 83.30 -25.00 -51.35
N GLU H 4832 84.58 -25.26 -51.62
CA GLU H 4832 85.03 -26.63 -51.88
C GLU H 4832 84.97 -27.48 -50.62
N ASP H 4833 85.02 -28.79 -50.81
CA ASP H 4833 84.86 -29.74 -49.72
C ASP H 4833 86.05 -29.65 -48.76
N PRO H 4834 85.81 -29.73 -47.46
CA PRO H 4834 86.90 -29.59 -46.48
C PRO H 4834 87.53 -30.90 -46.00
N ALA H 4835 87.21 -32.03 -46.59
CA ALA H 4835 87.73 -33.30 -46.12
C ALA H 4835 89.25 -33.36 -46.21
N GLY H 4836 89.86 -33.95 -45.20
CA GLY H 4836 91.31 -34.07 -45.14
C GLY H 4836 92.04 -32.85 -44.62
N ASP H 4837 91.38 -31.99 -43.85
CA ASP H 4837 91.95 -30.76 -43.36
C ASP H 4837 91.81 -30.69 -41.84
N GLU H 4838 92.73 -29.97 -41.19
CA GLU H 4838 92.67 -29.87 -39.74
C GLU H 4838 91.59 -28.90 -39.28
N TYR H 4839 91.11 -28.03 -40.17
CA TYR H 4839 89.95 -27.18 -39.89
C TYR H 4839 88.66 -27.79 -40.39
N GLU H 4840 88.61 -29.12 -40.49
CA GLU H 4840 87.43 -29.80 -41.03
C GLU H 4840 86.21 -29.59 -40.14
N ILE H 4841 86.37 -29.85 -38.84
CA ILE H 4841 85.26 -29.67 -37.89
C ILE H 4841 84.88 -28.20 -37.76
N TYR H 4842 85.88 -27.31 -37.76
CA TYR H 4842 85.59 -25.89 -37.63
C TYR H 4842 84.81 -25.37 -38.83
N ARG H 4843 85.19 -25.81 -40.03
CA ARG H 4843 84.43 -25.42 -41.21
C ARG H 4843 83.03 -26.01 -41.19
N ILE H 4844 82.89 -27.26 -40.73
CA ILE H 4844 81.55 -27.84 -40.59
C ILE H 4844 80.68 -26.95 -39.70
N ILE H 4845 81.19 -26.55 -38.54
CA ILE H 4845 80.41 -25.70 -37.66
C ILE H 4845 80.12 -24.34 -38.32
N PHE H 4846 81.13 -23.72 -38.93
CA PHE H 4846 80.96 -22.47 -39.66
C PHE H 4846 79.77 -22.54 -40.62
N ASP H 4847 79.81 -23.49 -41.55
CA ASP H 4847 78.81 -23.54 -42.60
C ASP H 4847 77.45 -24.01 -42.09
N ILE H 4848 77.41 -24.95 -41.14
CA ILE H 4848 76.13 -25.38 -40.61
C ILE H 4848 75.43 -24.23 -39.90
N THR H 4849 76.20 -23.45 -39.12
CA THR H 4849 75.64 -22.25 -38.50
C THR H 4849 75.22 -21.23 -39.55
N PHE H 4850 75.96 -21.11 -40.64
CA PHE H 4850 75.55 -20.23 -41.74
C PHE H 4850 74.19 -20.67 -42.29
N PHE H 4851 74.03 -21.96 -42.55
CA PHE H 4851 72.78 -22.47 -43.11
C PHE H 4851 71.62 -22.22 -42.16
N PHE H 4852 71.83 -22.45 -40.86
CA PHE H 4852 70.74 -22.27 -39.90
C PHE H 4852 70.40 -20.80 -39.69
N PHE H 4853 71.42 -19.96 -39.49
CA PHE H 4853 71.17 -18.56 -39.09
C PHE H 4853 70.78 -17.69 -40.27
N VAL H 4854 71.31 -17.97 -41.46
CA VAL H 4854 71.12 -17.11 -42.63
C VAL H 4854 70.06 -17.62 -43.58
N ILE H 4855 70.01 -18.93 -43.85
CA ILE H 4855 69.07 -19.50 -44.81
C ILE H 4855 67.77 -19.89 -44.12
N VAL H 4856 67.85 -20.74 -43.12
CA VAL H 4856 66.64 -21.16 -42.39
C VAL H 4856 66.05 -19.97 -41.64
N ILE H 4857 66.89 -19.10 -41.12
CA ILE H 4857 66.46 -18.00 -40.28
C ILE H 4857 66.82 -16.67 -40.93
N LEU H 4858 66.00 -15.67 -40.66
CA LEU H 4858 66.05 -14.28 -41.14
C LEU H 4858 65.63 -14.18 -42.60
N LEU H 4859 65.65 -15.29 -43.32
CA LEU H 4859 65.14 -15.30 -44.69
C LEU H 4859 63.68 -15.71 -44.68
N ALA H 4860 63.38 -16.81 -44.00
CA ALA H 4860 62.00 -17.09 -43.63
C ALA H 4860 61.41 -15.94 -42.84
N ILE H 4861 62.22 -15.23 -42.05
CA ILE H 4861 61.69 -14.09 -41.31
C ILE H 4861 61.30 -12.95 -42.24
N ILE H 4862 62.16 -12.59 -43.20
CA ILE H 4862 61.80 -11.54 -44.15
C ILE H 4862 60.55 -11.94 -44.95
N GLN H 4863 60.55 -13.18 -45.45
CA GLN H 4863 59.41 -13.67 -46.22
C GLN H 4863 58.14 -13.64 -45.39
N GLY H 4864 58.23 -14.07 -44.13
CA GLY H 4864 57.08 -14.07 -43.25
C GLY H 4864 56.58 -12.67 -42.96
N LEU H 4865 57.50 -11.73 -42.74
CA LEU H 4865 57.08 -10.35 -42.53
C LEU H 4865 56.26 -9.85 -43.72
N ILE H 4866 56.77 -10.07 -44.94
CA ILE H 4866 56.07 -9.53 -46.11
C ILE H 4866 54.71 -10.22 -46.30
N ILE H 4867 54.70 -11.56 -46.22
CA ILE H 4867 53.45 -12.28 -46.49
C ILE H 4867 52.43 -12.01 -45.38
N ASP H 4868 52.89 -11.87 -44.14
CA ASP H 4868 51.99 -11.57 -43.04
C ASP H 4868 51.43 -10.16 -43.16
N ALA H 4869 52.25 -9.22 -43.65
CA ALA H 4869 51.72 -7.88 -43.92
C ALA H 4869 50.62 -7.93 -44.98
N PHE H 4870 50.84 -8.70 -46.04
CA PHE H 4870 49.81 -8.85 -47.06
C PHE H 4870 48.54 -9.48 -46.49
N GLY H 4871 48.70 -10.52 -45.68
CA GLY H 4871 47.55 -11.18 -45.07
C GLY H 4871 46.80 -10.26 -44.12
N GLU H 4872 47.53 -9.49 -43.32
CA GLU H 4872 46.90 -8.55 -42.40
C GLU H 4872 46.15 -7.46 -43.14
N LEU H 4873 46.71 -6.97 -44.26
CA LEU H 4873 45.98 -5.98 -45.05
C LEU H 4873 44.69 -6.55 -45.61
N ARG H 4874 44.74 -7.77 -46.15
CA ARG H 4874 43.53 -8.39 -46.69
C ARG H 4874 42.51 -8.63 -45.57
N ASP H 4875 42.98 -9.08 -44.41
CA ASP H 4875 42.08 -9.31 -43.28
C ASP H 4875 41.48 -8.01 -42.75
N GLN H 4876 42.24 -6.92 -42.80
CA GLN H 4876 41.68 -5.62 -42.41
C GLN H 4876 40.58 -5.20 -43.39
N GLN H 4877 40.79 -5.43 -44.68
CA GLN H 4877 39.73 -5.13 -45.65
C GLN H 4877 38.48 -5.97 -45.37
N GLU H 4878 38.67 -7.27 -45.13
CA GLU H 4878 37.53 -8.12 -44.78
C GLU H 4878 36.86 -7.68 -43.49
N GLN H 4879 37.65 -7.25 -42.50
CA GLN H 4879 37.07 -6.79 -41.24
C GLN H 4879 36.28 -5.51 -41.43
N VAL H 4880 36.75 -4.62 -42.30
CA VAL H 4880 36.00 -3.40 -42.60
C VAL H 4880 34.65 -3.76 -43.21
N LYS H 4881 34.66 -4.66 -44.20
CA LYS H 4881 33.41 -5.07 -44.82
C LYS H 4881 32.50 -5.78 -43.80
N GLU H 4882 33.11 -6.60 -42.94
CA GLU H 4882 32.35 -7.36 -41.95
C GLU H 4882 31.67 -6.41 -40.95
N ASP H 4883 32.40 -5.42 -40.46
CA ASP H 4883 31.83 -4.44 -39.54
C ASP H 4883 30.74 -3.62 -40.22
N MET H 4884 30.95 -3.28 -41.49
CA MET H 4884 29.89 -2.60 -42.25
C MET H 4884 28.61 -3.41 -42.29
N GLU H 4885 28.73 -4.71 -42.55
CA GLU H 4885 27.54 -5.56 -42.65
C GLU H 4885 26.97 -5.96 -41.30
N THR H 4886 27.71 -5.80 -40.21
CA THR H 4886 27.20 -6.22 -38.91
C THR H 4886 26.90 -5.10 -37.93
N LYS H 4887 27.21 -3.84 -38.27
CA LYS H 4887 26.84 -2.74 -37.39
C LYS H 4887 26.58 -1.48 -38.20
N CYS H 4888 25.61 -0.70 -37.73
CA CYS H 4888 25.25 0.55 -38.41
C CYS H 4888 26.33 1.59 -38.20
N PHE H 4889 26.49 2.47 -39.19
CA PHE H 4889 27.59 3.43 -39.17
C PHE H 4889 27.37 4.51 -38.09
N ILE H 4890 26.18 5.07 -38.03
CA ILE H 4890 25.96 6.24 -37.18
C ILE H 4890 25.72 5.82 -35.73
N CYS H 4891 24.67 5.06 -35.47
CA CYS H 4891 24.34 4.71 -34.09
C CYS H 4891 25.32 3.67 -33.54
N GLY H 4892 25.79 2.76 -34.37
CA GLY H 4892 26.72 1.74 -33.93
C GLY H 4892 26.08 0.53 -33.28
N ILE H 4893 24.75 0.47 -33.24
CA ILE H 4893 24.06 -0.68 -32.65
C ILE H 4893 24.26 -1.90 -33.55
N GLY H 4894 24.37 -3.07 -32.92
CA GLY H 4894 24.60 -4.30 -33.67
C GLY H 4894 23.45 -4.61 -34.62
N ASN H 4895 23.79 -5.27 -35.72
CA ASN H 4895 22.80 -5.58 -36.74
C ASN H 4895 21.73 -6.53 -36.22
N ASP H 4896 22.07 -7.39 -35.26
CA ASP H 4896 21.13 -8.40 -34.77
C ASP H 4896 19.94 -7.76 -34.08
N TYR H 4897 20.18 -6.65 -33.37
CA TYR H 4897 19.10 -6.00 -32.63
C TYR H 4897 17.97 -5.57 -33.57
N PHE H 4898 18.33 -5.00 -34.71
CA PHE H 4898 17.33 -4.69 -35.73
C PHE H 4898 16.83 -5.96 -36.41
N ASP H 4899 17.74 -6.91 -36.69
CA ASP H 4899 17.38 -8.12 -37.41
C ASP H 4899 16.49 -9.05 -36.60
N THR H 4900 16.17 -8.71 -35.36
CA THR H 4900 15.17 -9.46 -34.61
C THR H 4900 13.87 -9.56 -35.42
N VAL H 4901 13.43 -8.45 -36.00
CA VAL H 4901 12.35 -8.46 -36.98
C VAL H 4901 12.99 -8.73 -38.34
N PRO H 4902 12.24 -9.28 -39.30
CA PRO H 4902 12.82 -9.51 -40.63
C PRO H 4902 13.22 -8.21 -41.31
N HIS H 4903 14.36 -8.24 -42.01
CA HIS H 4903 14.88 -7.06 -42.73
C HIS H 4903 15.09 -5.87 -41.81
N GLY H 4904 15.29 -6.14 -40.51
CA GLY H 4904 15.46 -5.05 -39.56
C GLY H 4904 16.70 -4.21 -39.83
N PHE H 4905 17.84 -4.86 -40.04
CA PHE H 4905 19.07 -4.12 -40.33
C PHE H 4905 19.00 -3.39 -41.66
N GLU H 4906 18.41 -4.03 -42.67
CA GLU H 4906 18.26 -3.38 -43.98
C GLU H 4906 17.39 -2.13 -43.87
N THR H 4907 16.27 -2.23 -43.15
CA THR H 4907 15.41 -1.07 -42.97
C THR H 4907 16.12 0.02 -42.18
N HIS H 4908 16.82 -0.36 -41.12
CA HIS H 4908 17.50 0.63 -40.28
C HIS H 4908 18.59 1.35 -41.05
N THR H 4909 19.35 0.63 -41.87
CA THR H 4909 20.45 1.23 -42.61
C THR H 4909 20.05 1.83 -43.94
N LEU H 4910 18.82 1.60 -44.40
CA LEU H 4910 18.35 2.18 -45.65
C LEU H 4910 17.44 3.38 -45.43
N GLN H 4911 16.60 3.36 -44.40
CA GLN H 4911 15.65 4.45 -44.17
C GLN H 4911 15.83 5.13 -42.82
N GLU H 4912 15.94 4.36 -41.74
CA GLU H 4912 16.01 4.95 -40.41
C GLU H 4912 17.32 5.70 -40.21
N HIS H 4913 18.45 5.05 -40.53
CA HIS H 4913 19.77 5.59 -40.29
C HIS H 4913 20.64 5.52 -41.54
N ASN H 4914 20.09 5.95 -42.67
CA ASN H 4914 20.84 5.90 -43.92
C ASN H 4914 22.01 6.88 -43.88
N LEU H 4915 23.15 6.44 -44.42
CA LEU H 4915 24.36 7.26 -44.40
C LEU H 4915 24.21 8.49 -45.28
N ALA H 4916 23.72 8.30 -46.51
CA ALA H 4916 23.61 9.42 -47.44
C ALA H 4916 22.50 10.37 -47.05
N ASN H 4917 21.57 9.91 -46.21
CA ASN H 4917 20.46 10.77 -45.80
C ASN H 4917 20.96 11.97 -45.00
N TYR H 4918 21.96 11.77 -44.14
CA TYR H 4918 22.52 12.89 -43.40
C TYR H 4918 23.21 13.89 -44.31
N LEU H 4919 23.91 13.39 -45.34
CA LEU H 4919 24.50 14.28 -46.34
C LEU H 4919 23.43 15.08 -47.07
N PHE H 4920 22.35 14.43 -47.48
CA PHE H 4920 21.26 15.13 -48.16
C PHE H 4920 20.62 16.17 -47.24
N PHE H 4921 20.48 15.83 -45.95
CA PHE H 4921 19.91 16.77 -44.98
C PHE H 4921 20.81 17.97 -44.76
N LEU H 4922 22.13 17.75 -44.64
CA LEU H 4922 23.04 18.86 -44.51
C LEU H 4922 22.98 19.77 -45.73
N MET H 4923 22.93 19.18 -46.93
CA MET H 4923 22.82 19.98 -48.15
C MET H 4923 21.50 20.76 -48.18
N TYR H 4924 20.42 20.12 -47.74
CA TYR H 4924 19.12 20.76 -47.70
C TYR H 4924 19.13 21.96 -46.75
N LEU H 4925 19.77 21.80 -45.59
CA LEU H 4925 19.98 22.91 -44.67
C LEU H 4925 20.80 24.03 -45.27
N ILE H 4926 21.88 23.71 -45.98
CA ILE H 4926 22.71 24.73 -46.62
C ILE H 4926 21.91 25.52 -47.66
N ASN H 4927 21.14 24.82 -48.51
CA ASN H 4927 20.38 25.51 -49.54
C ASN H 4927 19.21 26.31 -48.95
N LYS H 4928 18.57 25.78 -47.91
CA LYS H 4928 17.41 26.45 -47.35
C LYS H 4928 17.80 27.74 -46.64
N ASP H 4929 16.88 28.72 -46.68
CA ASP H 4929 17.08 29.95 -45.93
C ASP H 4929 16.93 29.69 -44.44
N GLU H 4930 17.76 30.37 -43.65
CA GLU H 4930 17.74 30.20 -42.20
C GLU H 4930 16.41 30.66 -41.61
N THR H 4931 15.76 31.62 -42.28
CA THR H 4931 14.48 32.13 -41.77
C THR H 4931 13.39 31.08 -41.89
N GLU H 4932 13.48 30.19 -42.87
CA GLU H 4932 12.49 29.12 -43.06
C GLU H 4932 12.85 27.85 -42.31
N HIS H 4933 13.92 27.85 -41.53
CA HIS H 4933 14.32 26.67 -40.78
C HIS H 4933 13.27 26.32 -39.73
N THR H 4934 12.98 25.04 -39.61
CA THR H 4934 12.14 24.56 -38.52
C THR H 4934 12.94 24.53 -37.22
N GLY H 4935 12.30 24.10 -36.14
CA GLY H 4935 13.02 24.00 -34.88
C GLY H 4935 14.16 23.01 -34.93
N GLN H 4936 13.88 21.81 -35.44
CA GLN H 4936 14.92 20.78 -35.55
C GLN H 4936 16.02 21.23 -36.51
N GLU H 4937 15.63 21.83 -37.64
CA GLU H 4937 16.60 22.28 -38.62
C GLU H 4937 17.51 23.36 -38.03
N SER H 4938 16.92 24.31 -37.31
CA SER H 4938 17.72 25.36 -36.68
C SER H 4938 18.64 24.80 -35.61
N TYR H 4939 18.16 23.81 -34.84
CA TYR H 4939 18.98 23.16 -33.83
C TYR H 4939 20.21 22.51 -34.45
N VAL H 4940 19.98 21.71 -35.49
CA VAL H 4940 21.09 21.02 -36.17
C VAL H 4940 22.04 22.03 -36.79
N TRP H 4941 21.51 23.07 -37.42
CA TRP H 4941 22.34 24.12 -38.01
C TRP H 4941 23.20 24.80 -36.96
N LYS H 4942 22.60 25.17 -35.83
CA LYS H 4942 23.32 25.86 -34.78
C LYS H 4942 24.46 25.01 -34.24
N MET H 4943 24.18 23.75 -33.91
CA MET H 4943 25.26 22.94 -33.32
C MET H 4943 26.24 22.47 -34.39
N TYR H 4944 25.85 22.53 -35.66
CA TYR H 4944 26.81 22.28 -36.73
C TYR H 4944 27.83 23.41 -36.83
N GLN H 4945 27.37 24.65 -36.83
CA GLN H 4945 28.33 25.76 -36.82
C GLN H 4945 29.01 25.95 -35.47
N GLU H 4946 28.50 25.34 -34.41
CA GLU H 4946 29.25 25.24 -33.15
C GLU H 4946 30.11 23.99 -33.10
N ARG H 4947 30.09 23.17 -34.14
CA ARG H 4947 30.90 21.96 -34.24
C ARG H 4947 30.61 21.01 -33.07
N CYS H 4948 29.31 20.87 -32.79
CA CYS H 4948 28.82 19.97 -31.76
C CYS H 4948 28.06 18.84 -32.44
N TRP H 4949 28.65 17.64 -32.42
CA TRP H 4949 28.08 16.48 -33.09
C TRP H 4949 27.26 15.60 -32.17
N GLU H 4950 26.75 16.15 -31.06
CA GLU H 4950 25.90 15.37 -30.16
C GLU H 4950 24.54 15.08 -30.76
N PHE H 4951 24.13 15.83 -31.80
CA PHE H 4951 22.81 15.59 -32.39
C PHE H 4951 22.78 14.24 -33.10
N PHE H 4952 23.94 13.71 -33.46
CA PHE H 4952 24.00 12.37 -34.03
C PHE H 4952 23.62 11.33 -32.98
N PRO H 4953 22.79 10.35 -33.33
CA PRO H 4953 22.48 9.28 -32.36
C PRO H 4953 23.72 8.51 -31.95
N ALA H 4954 23.76 8.12 -30.68
CA ALA H 4954 24.88 7.38 -30.12
C ALA H 4954 24.34 6.17 -29.36
N GLY H 4955 24.39 5.01 -29.99
CA GLY H 4955 23.89 3.79 -29.39
C GLY H 4955 22.41 3.85 -29.09
N ASP H 4956 21.64 4.48 -29.97
CA ASP H 4956 20.20 4.61 -29.77
C ASP H 4956 19.54 4.82 -31.12
N CYS H 4957 18.24 4.55 -31.17
CA CYS H 4957 17.45 4.74 -32.38
C CYS H 4957 16.01 5.02 -31.98
N PHE H 4958 15.17 5.28 -32.98
CA PHE H 4958 13.75 5.50 -32.72
C PHE H 4958 13.10 4.25 -32.15
N ARG H 4959 13.45 3.09 -32.70
CA ARG H 4959 12.90 1.83 -32.24
C ARG H 4959 13.27 1.56 -30.79
N LYS H 4960 14.52 1.81 -30.42
CA LYS H 4960 14.94 1.63 -29.04
C LYS H 4960 14.30 2.66 -28.12
N GLN H 4961 14.19 3.90 -28.59
CA GLN H 4961 13.62 4.97 -27.77
C GLN H 4961 12.17 4.69 -27.42
N TYR H 4962 11.38 4.23 -28.38
CA TYR H 4962 9.97 3.97 -28.12
C TYR H 4962 9.62 2.49 -28.26
N GLU H 4963 10.55 1.61 -27.88
CA GLU H 4963 10.36 0.18 -28.06
C GLU H 4963 9.15 -0.33 -27.26
N ASP H 4964 9.04 0.07 -26.00
CA ASP H 4964 7.89 -0.35 -25.20
C ASP H 4964 6.60 0.20 -25.76
N GLN H 4965 6.62 1.46 -26.23
CA GLN H 4965 5.43 2.05 -26.81
C GLN H 4965 5.14 1.48 -28.20
N LEU H 4966 6.18 1.30 -29.02
CA LEU H 4966 5.98 0.75 -30.36
C LEU H 4966 5.52 -0.69 -30.31
N ASN H 4967 6.18 -1.51 -29.50
CA ASN H 4967 5.85 -2.93 -29.40
C ASN H 4967 6.36 -3.55 -28.10
ZN ZN I . 14.85 -25.82 -31.49
PG ATP J . 21.32 -38.35 -39.16
O1G ATP J . 20.16 -38.75 -38.33
O2G ATP J . 22.40 -39.44 -39.26
O3G ATP J . 20.96 -37.88 -40.57
PB ATP J . 23.46 -36.76 -37.77
O1B ATP J . 23.52 -37.35 -36.42
O2B ATP J . 24.59 -37.17 -38.71
O3B ATP J . 22.10 -37.11 -38.51
PA ATP J . 22.49 -34.02 -38.31
O1A ATP J . 21.89 -34.41 -39.60
O2A ATP J . 23.33 -32.74 -38.36
O3A ATP J . 23.43 -35.18 -37.74
O5' ATP J . 21.40 -33.85 -37.19
C5' ATP J . 21.59 -34.39 -35.86
C4' ATP J . 22.57 -33.53 -35.12
O4' ATP J . 22.26 -32.13 -35.32
C3' ATP J . 22.61 -33.74 -33.61
O3' ATP J . 23.92 -33.53 -33.10
C2' ATP J . 21.64 -32.67 -33.10
O2' ATP J . 21.94 -32.26 -31.78
C1' ATP J . 21.91 -31.53 -34.10
N9 ATP J . 20.76 -30.65 -34.32
C8 ATP J . 20.71 -29.30 -34.06
N7 ATP J . 19.55 -28.76 -34.35
C5 ATP J . 18.80 -29.82 -34.84
C6 ATP J . 17.48 -29.91 -35.32
N6 ATP J . 16.65 -28.87 -35.40
N1 ATP J . 17.04 -31.13 -35.73
C2 ATP J . 17.87 -32.16 -35.66
N3 ATP J . 19.13 -32.20 -35.22
C4 ATP J . 19.54 -30.99 -34.82
CA CA K . -13.92 -29.33 -40.24
N9 XAN L . 2.62 -31.83 -53.16
C4 XAN L . 2.00 -30.76 -52.66
N3 XAN L . 0.70 -30.41 -52.59
C2 XAN L . 0.35 -29.24 -52.02
O2 XAN L . -0.80 -28.93 -51.96
N1 XAN L . 1.29 -28.41 -51.51
C6 XAN L . 2.57 -28.75 -51.58
O6 XAN L . 3.40 -28.03 -51.14
C5 XAN L . 2.94 -29.94 -52.16
N7 XAN L . 4.13 -30.52 -52.35
C8 XAN L . 3.93 -31.69 -52.97
PG ATP M . -114.45 20.22 -113.32
O1G ATP M . -113.17 19.56 -113.71
O2G ATP M . -115.68 19.34 -113.53
O3G ATP M . -114.45 20.78 -111.90
PB ATP M . -114.13 22.96 -114.51
O1B ATP M . -114.39 23.86 -113.36
O2B ATP M . -112.68 22.80 -114.92
O3B ATP M . -114.71 21.49 -114.25
PA ATP M . -114.68 24.28 -117.10
O1A ATP M . -115.16 23.62 -118.32
O2A ATP M . -113.18 24.62 -117.10
O3A ATP M . -114.95 23.41 -115.80
O5' ATP M . -115.47 25.61 -116.79
C5' ATP M . -114.93 26.64 -115.95
C4' ATP M . -115.92 27.77 -115.85
O4' ATP M . -115.56 28.82 -116.77
C3' ATP M . -117.36 27.41 -116.23
O3' ATP M . -118.05 26.84 -115.13
C2' ATP M . -117.94 28.77 -116.64
O2' ATP M . -118.41 29.49 -115.50
C1' ATP M . -116.72 29.47 -117.26
N9 ATP M . -116.69 29.45 -118.72
C8 ATP M . -117.10 30.44 -119.56
N7 ATP M . -116.98 30.16 -120.83
C5 ATP M . -116.44 28.88 -120.83
C6 ATP M . -116.05 28.01 -121.87
N6 ATP M . -116.16 28.31 -123.17
N1 ATP M . -115.54 26.80 -121.52
C2 ATP M . -115.43 26.50 -120.23
N3 ATP M . -115.76 27.25 -119.17
C4 ATP M . -116.25 28.43 -119.54
ZN ZN N . 34.40 -25.15 -7.74
PG ATP O . 49.45 -30.71 -8.13
O1G ATP O . 48.98 -30.44 -6.75
O2G ATP O . 50.96 -30.49 -8.34
O3G ATP O . 49.08 -32.11 -8.64
PB ATP O . 49.12 -28.48 -10.10
O1B ATP O . 49.41 -27.25 -9.32
O2B ATP O . 50.24 -28.93 -11.05
O3B ATP O . 48.76 -29.71 -9.17
PA ATP O . 46.43 -29.12 -11.16
O1A ATP O . 46.62 -30.56 -10.96
O2A ATP O . 45.86 -28.71 -12.52
O3A ATP O . 47.81 -28.32 -10.97
O5' ATP O . 45.50 -28.50 -10.03
C5' ATP O . 45.83 -27.26 -9.39
C4' ATP O . 45.57 -26.12 -10.33
O4' ATP O . 44.28 -26.31 -10.97
C3' ATP O . 45.52 -24.73 -9.68
O3' ATP O . 46.00 -23.74 -10.57
C2' ATP O . 44.01 -24.56 -9.40
O2' ATP O . 43.65 -23.19 -9.36
C1' ATP O . 43.40 -25.25 -10.60
N9 ATP O . 42.08 -25.83 -10.36
C8 ATP O . 40.91 -25.51 -10.98
N7 ATP O . 39.86 -26.18 -10.56
C5 ATP O . 40.40 -27.01 -9.58
C6 ATP O . 39.81 -27.98 -8.74
N6 ATP O . 38.52 -28.28 -8.75
N1 ATP O . 40.63 -28.62 -7.87
C2 ATP O . 41.92 -28.33 -7.85
N3 ATP O . 42.59 -27.43 -8.60
C4 ATP O . 41.76 -26.80 -9.44
CA CA P . 22.65 -44.68 12.16
N9 XAN Q . 35.97 -50.30 -3.26
C4 XAN Q . 34.67 -49.98 -3.25
N3 XAN Q . 33.65 -50.40 -2.48
C2 XAN Q . 32.41 -49.91 -2.68
O2 XAN Q . 31.51 -50.28 -1.99
N1 XAN Q . 32.18 -49.00 -3.66
C6 XAN Q . 33.17 -48.60 -4.42
O6 XAN Q . 32.97 -47.81 -5.28
C5 XAN Q . 34.45 -49.09 -4.22
N7 XAN Q . 35.62 -48.85 -4.84
C8 XAN Q . 36.56 -49.59 -4.24
PG ATP R . -61.98 -146.64 30.75
O1G ATP R . -60.66 -146.56 30.06
O2G ATP R . -61.91 -147.38 32.10
O3G ATP R . -62.66 -145.28 30.96
PB ATP R . -63.85 -147.36 28.53
O1B ATP R . -64.90 -146.34 28.62
O2B ATP R . -62.84 -147.18 27.40
O3B ATP R . -63.02 -147.48 29.89
PA ATP R . -64.81 -149.83 27.21
O1A ATP R . -64.35 -151.20 27.51
O2A ATP R . -64.26 -149.22 25.92
O3A ATP R . -64.46 -148.83 28.39
O5' ATP R . -66.39 -149.75 27.16
C5' ATP R . -67.06 -148.67 26.48
C4' ATP R . -68.55 -148.88 26.59
O4' ATP R . -69.05 -149.48 25.39
C3' ATP R . -68.99 -149.82 27.71
O3' ATP R . -69.09 -149.13 28.95
C2' ATP R . -70.35 -150.30 27.21
O2' ATP R . -71.39 -149.38 27.57
C1' ATP R . -70.15 -150.33 25.70
N9 ATP R . -69.88 -151.66 25.16
C8 ATP R . -70.80 -152.50 24.57
N7 ATP R . -70.29 -153.64 24.17
C5 ATP R . -68.94 -153.54 24.51
C6 ATP R . -67.85 -154.42 24.35
N6 ATP R . -67.95 -155.62 23.78
N1 ATP R . -66.65 -154.01 24.79
C2 ATP R . -66.55 -152.80 25.35
N3 ATP R . -67.50 -151.90 25.56
C4 ATP R . -68.68 -152.33 25.10
ZN ZN S . 40.85 3.84 -13.77
PG ATP T . 53.81 8.73 -21.88
O1G ATP T . 53.11 9.86 -21.19
O2G ATP T . 54.49 9.13 -23.19
O3G ATP T . 54.83 8.01 -20.99
PB ATP T . 52.10 6.98 -23.61
O1B ATP T . 51.14 7.91 -24.24
O2B ATP T . 53.24 6.49 -24.51
O3B ATP T . 52.77 7.59 -22.30
PA ATP T . 51.30 4.94 -21.63
O1A ATP T . 52.56 5.06 -20.86
O2A ATP T . 50.87 3.50 -21.91
O3A ATP T . 51.38 5.69 -23.02
O5' ATP T . 50.11 5.67 -20.89
C5' ATP T . 49.17 6.49 -21.61
C4' ATP T . 48.24 5.61 -22.39
O4' ATP T . 47.78 4.52 -21.57
C3' ATP T . 46.98 6.30 -22.92
O3' ATP T . 46.57 5.74 -24.17
C2' ATP T . 45.96 6.01 -21.82
O2' ATP T . 44.63 6.00 -22.31
C1' ATP T . 46.38 4.60 -21.38
N9 ATP T . 46.08 4.29 -19.99
C8 ATP T . 45.26 3.29 -19.52
N7 ATP T . 45.17 3.23 -18.22
C5 ATP T . 45.98 4.28 -17.79
C6 ATP T . 46.32 4.75 -16.51
N6 ATP T . 45.86 4.22 -15.37
N1 ATP T . 47.16 5.80 -16.44
C2 ATP T . 47.64 6.34 -17.56
N3 ATP T . 47.39 5.97 -18.83
C4 ATP T . 46.55 4.93 -18.88
CA CA U . 47.19 16.18 13.14
N9 XAN V . 61.57 6.55 1.01
C4 XAN V . 60.59 6.10 1.80
N3 XAN V . 60.25 6.39 3.06
C2 XAN V . 59.19 5.78 3.65
O2 XAN V . 58.88 6.04 4.75
N1 XAN V . 58.48 4.85 2.95
C6 XAN V . 58.82 4.56 1.70
O6 XAN V . 58.19 3.76 1.09
C5 XAN V . 59.89 5.19 1.11
N7 XAN V . 60.44 5.08 -0.11
C8 XAN V . 61.47 5.93 -0.17
PG ATP W . 80.67 -6.89 140.61
O1G ATP W . 81.44 -7.02 139.34
O2G ATP W . 81.10 -5.69 141.46
O3G ATP W . 79.15 -6.85 140.41
PB ATP W . 80.57 -9.70 141.62
O1B ATP W . 79.14 -9.94 141.84
O2B ATP W . 81.17 -10.35 140.36
O3B ATP W . 80.92 -8.15 141.55
PA ATP W . 82.26 -11.48 143.27
O1A ATP W . 83.60 -11.15 143.82
O2A ATP W . 82.28 -12.41 142.06
O3A ATP W . 81.46 -10.18 142.86
O5' ATP W . 81.34 -12.12 144.38
C5' ATP W . 80.19 -12.92 144.02
C4' ATP W . 79.51 -13.39 145.28
O4' ATP W . 79.92 -14.74 145.57
C3' ATP W . 79.86 -12.60 146.54
O3' ATP W . 79.05 -11.44 146.66
C2' ATP W . 79.58 -13.61 147.64
O2' ATP W . 78.20 -13.61 148.02
C1' ATP W . 79.95 -14.94 146.98
N9 ATP W . 81.27 -15.45 147.35
C8 ATP W . 81.55 -16.39 148.30
N7 ATP W . 82.82 -16.66 148.43
C5 ATP W . 83.43 -15.84 147.50
C6 ATP W . 84.78 -15.65 147.13
N6 ATP W . 85.80 -16.30 147.69
N1 ATP W . 85.04 -14.75 146.16
C2 ATP W . 84.03 -14.09 145.60
N3 ATP W . 82.72 -14.19 145.86
C4 ATP W . 82.49 -15.09 146.82
ZN ZN X . 21.93 3.44 -37.16
PG ATP Y . 26.28 1.37 -52.48
O1G ATP Y . 24.86 1.82 -52.35
O2G ATP Y . 26.53 0.45 -53.68
O3G ATP Y . 27.30 2.51 -52.50
PB ATP Y . 27.04 -1.03 -50.85
O1B ATP Y . 25.85 -1.89 -50.88
O2B ATP Y . 28.21 -1.46 -51.74
O3B ATP Y . 26.71 0.48 -51.22
PA ATP Y . 27.97 0.31 -48.37
O1A ATP Y . 28.45 1.51 -49.11
O2A ATP Y . 28.96 -0.24 -47.34
O3A ATP Y . 27.62 -0.88 -49.37
O5' ATP Y . 26.61 0.59 -47.63
C5' ATP Y . 25.52 -0.36 -47.67
C4' ATP Y . 25.86 -1.51 -46.77
O4' ATP Y . 26.38 -1.02 -45.51
C3' ATP Y . 24.68 -2.42 -46.40
O3' ATP Y . 25.11 -3.77 -46.24
C2' ATP Y . 24.19 -1.81 -45.09
O2' ATP Y . 23.53 -2.78 -44.28
C1' ATP Y . 25.51 -1.38 -44.45
N9 ATP Y . 25.39 -0.25 -43.55
C8 ATP Y . 25.69 -0.22 -42.21
N7 ATP Y . 25.48 0.95 -41.64
C5 ATP Y . 25.02 1.74 -42.67
C6 ATP Y . 24.61 3.09 -42.73
N6 ATP Y . 24.61 3.92 -41.67
N1 ATP Y . 24.20 3.58 -43.92
C2 ATP Y . 24.19 2.76 -44.98
N3 ATP Y . 24.55 1.48 -45.05
C4 ATP Y . 24.95 1.02 -43.86
CA CA Z . 11.17 31.67 -39.10
N9 XAN AA . 28.83 25.21 -48.72
C4 XAN AA . 28.55 25.51 -47.45
N3 XAN AA . 27.92 26.57 -46.91
C2 XAN AA . 27.76 26.64 -45.56
O2 XAN AA . 27.20 27.57 -45.08
N1 XAN AA . 28.23 25.65 -44.77
C6 XAN AA . 28.85 24.61 -45.31
O6 XAN AA . 29.26 23.75 -44.61
C5 XAN AA . 29.02 24.53 -46.67
N7 XAN AA . 29.58 23.62 -47.46
C8 XAN AA . 29.48 24.03 -48.72
PG ATP BA . 29.03 159.76 -4.81
O1G ATP BA . 29.76 158.87 -5.75
O2G ATP BA . 28.15 160.81 -5.50
O3G ATP BA . 28.18 159.00 -3.77
PB ATP BA . 31.14 160.40 -2.78
O1B ATP BA . 30.50 160.05 -1.49
O2B ATP BA . 32.19 159.43 -3.30
O3B ATP BA . 30.05 160.61 -3.93
PA ATP BA . 33.27 162.43 -2.43
O1A ATP BA . 33.64 163.46 -3.41
O2A ATP BA . 34.23 161.23 -2.35
O3A ATP BA . 31.82 161.85 -2.71
O5' ATP BA . 33.12 163.03 -0.98
C5' ATP BA . 33.19 162.19 0.20
C4' ATP BA . 33.01 163.05 1.42
O4' ATP BA . 34.30 163.37 1.99
C3' ATP BA . 32.37 164.41 1.17
O3' ATP BA . 30.95 164.31 1.16
C2' ATP BA . 32.87 165.23 2.35
O2' ATP BA . 32.06 165.05 3.51
C1' ATP BA . 34.28 164.65 2.58
N9 ATP BA . 35.36 165.45 2.02
C8 ATP BA . 36.14 166.36 2.70
N7 ATP BA . 37.05 166.94 1.94
C5 ATP BA . 36.85 166.39 0.70
C6 ATP BA . 37.48 166.58 -0.54
N6 ATP BA . 38.50 167.43 -0.74
N1 ATP BA . 37.04 165.87 -1.61
C2 ATP BA . 36.02 165.01 -1.42
N3 ATP BA . 35.34 164.74 -0.30
C4 ATP BA . 35.81 165.47 0.72
#